data_2PFF
#
_entry.id   2PFF
#
_cell.length_a   231.343
_cell.length_b   231.343
_cell.length_c   754.288
_cell.angle_alpha   90.00
_cell.angle_beta   90.00
_cell.angle_gamma   90.00
#
_symmetry.space_group_name_H-M   'P 43 21 2'
#
loop_
_entity.id
_entity.type
_entity.pdbx_description
1 polymer 'Fatty acid synthase subunit alpha'
2 polymer 'Fatty acid synthase subunit beta'
3 polymer 'Tail protein'
#
loop_
_entity_poly.entity_id
_entity_poly.type
_entity_poly.pdbx_seq_one_letter_code
_entity_poly.pdbx_strand_id
1 'polypeptide(L)'
;(UNK)(UNK)(UNK)(UNK)(UNK)(UNK)(UNK)(UNK)(UNK)(UNK)(UNK)(UNK)(UNK)(UNK)(UNK)(UNK)
(UNK)(UNK)(UNK)(UNK)(UNK)(UNK)(UNK)(UNK)(UNK)(UNK)(UNK)(UNK)(UNK)(UNK)(UNK)(UNK)
(UNK)(UNK)(UNK)(UNK)(UNK)(UNK)(UNK)(UNK)(UNK)(UNK)(UNK)(UNK)(UNK)(UNK)(UNK)(UNK)
(UNK)(UNK)(UNK)(UNK)(UNK)(UNK)(UNK)(UNK)(UNK)(UNK)(UNK)(UNK)(UNK)(UNK)(UNK)(UNK)
(UNK)(UNK)(UNK)(UNK)(UNK)(UNK)(UNK)(UNK)(UNK)(UNK)(UNK)(UNK)(UNK)(UNK)(UNK)(UNK)
(UNK)(UNK)(UNK)(UNK)(UNK)(UNK)(UNK)(UNK)(UNK)(UNK)(UNK)(UNK)(UNK)(UNK)(UNK)(UNK)
(UNK)(UNK)(UNK)(UNK)(UNK)(UNK)(UNK)(UNK)(UNK)(UNK)(UNK)(UNK)(UNK)(UNK)(UNK)(UNK)
(UNK)(UNK)(UNK)(UNK)(UNK)(UNK)(UNK)(UNK)(UNK)(UNK)(UNK)(UNK)(UNK)(UNK)(UNK)(UNK)
(UNK)(UNK)(UNK)(UNK)(UNK)(UNK)(UNK)(UNK)(UNK)(UNK)(UNK)(UNK)(UNK)(UNK)(UNK)(UNK)
(UNK)(UNK)(UNK)(UNK)(UNK)(UNK)(UNK)(UNK)(UNK)(UNK)(UNK)(UNK)(UNK)(UNK)(UNK)(UNK)
(UNK)(UNK)(UNK)(UNK)(UNK)(UNK)(UNK)(UNK)(UNK)(UNK)(UNK)(UNK)(UNK)(UNK)(UNK)(UNK)
(UNK)(UNK)(UNK)(UNK)(UNK)(UNK)(UNK)(UNK)(UNK)(UNK)(UNK)(UNK)(UNK)(UNK)(UNK)(UNK)
(UNK)(UNK)(UNK)(UNK)(UNK)(UNK)(UNK)(UNK)(UNK)(UNK)(UNK)(UNK)(UNK)(UNK)(UNK)(UNK)
(UNK)(UNK)(UNK)(UNK)(UNK)(UNK)(UNK)(UNK)(UNK)(UNK)(UNK)(UNK)(UNK)(UNK)(UNK)(UNK)
(UNK)(UNK)(UNK)(UNK)(UNK)(UNK)(UNK)(UNK)(UNK)(UNK)(UNK)(UNK)(UNK)(UNK)(UNK)(UNK)
(UNK)(UNK)(UNK)(UNK)(UNK)(UNK)(UNK)(UNK)(UNK)(UNK)(UNK)(UNK)(UNK)(UNK)(UNK)(UNK)
(UNK)(UNK)(UNK)(UNK)(UNK)(UNK)(UNK)(UNK)(UNK)(UNK)(UNK)(UNK)(UNK)(UNK)(UNK)(UNK)
(UNK)(UNK)(UNK)(UNK)(UNK)(UNK)(UNK)(UNK)(UNK)(UNK)(UNK)(UNK)(UNK)(UNK)(UNK)(UNK)
(UNK)(UNK)(UNK)(UNK)(UNK)(UNK)(UNK)(UNK)(UNK)(UNK)(UNK)(UNK)(UNK)(UNK)(UNK)(UNK)
(UNK)(UNK)(UNK)(UNK)(UNK)(UNK)(UNK)(UNK)(UNK)(UNK)(UNK)(UNK)(UNK)(UNK)(UNK)(UNK)
(UNK)(UNK)(UNK)(UNK)(UNK)(UNK)(UNK)(UNK)(UNK)(UNK)(UNK)(UNK)(UNK)(UNK)(UNK)(UNK)
(UNK)(UNK)(UNK)(UNK)(UNK)(UNK)(UNK)(UNK)(UNK)(UNK)(UNK)(UNK)(UNK)(UNK)(UNK)(UNK)
(UNK)(UNK)(UNK)(UNK)(UNK)(UNK)(UNK)(UNK)(UNK)(UNK)(UNK)(UNK)(UNK)(UNK)(UNK)(UNK)
(UNK)(UNK)(UNK)(UNK)(UNK)(UNK)(UNK)(UNK)(UNK)(UNK)(UNK)(UNK)(UNK)(UNK)(UNK)(UNK)
(UNK)(UNK)(UNK)(UNK)(UNK)(UNK)(UNK)(UNK)(UNK)(UNK)(UNK)(UNK)(UNK)(UNK)(UNK)(UNK)
(UNK)(UNK)(UNK)(UNK)(UNK)(UNK)(UNK)(UNK)(UNK)(UNK)(UNK)(UNK)(UNK)(UNK)(UNK)(UNK)
(UNK)(UNK)(UNK)(UNK)(UNK)(UNK)(UNK)(UNK)(UNK)(UNK)(UNK)(UNK)(UNK)(UNK)(UNK)(UNK)
(UNK)(UNK)(UNK)(UNK)(UNK)(UNK)(UNK)(UNK)(UNK)(UNK)(UNK)(UNK)(UNK)(UNK)(UNK)(UNK)
(UNK)(UNK)(UNK)(UNK)(UNK)(UNK)(UNK)(UNK)(UNK)(UNK)(UNK)(UNK)(UNK)(UNK)(UNK)(UNK)
(UNK)(UNK)(UNK)(UNK)(UNK)(UNK)(UNK)VTFKDKYVLITGAGKGSIGAEVLQGLLQGGAKVVVTTSRFSKQVT
DYYQSIYAKYGAKGSTLIVVPFNQGSKQDVEALIEFIYDTEKNGGLGWDLDAIIPFAAIPEQGIELEHIDSKSEFAHRIM
LTNILRMMGCVKKQKSARGIETRPAQVILPMSPNHGTFGGDGMYSESKLSLETLFNRWHSESWANQLTVCGAIIGWTRGT
GLMSANNIIAEGIEKMGVRTFSQKEMAFNLLGLLTPEVVELCQKSPVMADLNGGLQFVPELKEFTAKLRKELVETSEVRK
AVSIETALEHKVVNGNSADAAYAQVEIQPRANIQLDFPELKPYKQVKQIAPAELEGLLDLERVIVVTGFAEVGPWGSART
RWEMEAFGEFSLEGCVEMAWIMGFISYHNGNLKGRPYTGWVDSKTKEPVDDKDVKAKYETSILEHSGIRLIEPELFNGYN
PEKKEMIQEVIVEEDLEPFEASKETAEQFKHQHGDKVDIFEIPETGEYSVKLLKGATLYIPKALRFDRLVAGQIPTGWNA
KTYGISDDIISQVDPITLFVLVSVVEAFIASGITDPYEMYKYVHVSEVGNCSGSGMGGVSALRGMFKDRFKDEPVQNDIL
QESFINTMSAWVNMLLISSSGPIKTPVGACATSVESVDIGVETILSGKARICIVGGYDDFQEEGSFEFGNMKATSNTLEE
FEHGRTPAEMSRPATTTRNGFMEAQGAGIQIIMQADLALKMGVPIYGIVAMAATATDKIGRSVPAPGKGILTTAREHHSS
VKYASPNLNMKYRKRQLVTREAQIKDWVENELEALKLEAEEIPSEDQNEFLLERTREIHNEAESQLRAAQQQWGNDFYKR
DPRIAPLRGALATYGLTIDDLGVASFHGTSTKANDKNESATINEMMKHLGRSEGNPVIGVFQKFLTGHPKGAAGAWMMNG
ALQILNSGIIPGNRNADNVDKILEQFEYVLYPSKTLKTDGVRAVSITSFGFGQKGGQAIVVHPDYLYGAITEDRYNEYVA
KVSAREKSAYKFFHNGMIYNKLFVSKEHAPYTDELEEDVYLDPLARVSKDKKSGSLTFNSKNIQSKDSY(UNK)(UNK)
(UNK)(UNK)(UNK)(UNK)(UNK)(UNK)(UNK)(UNK)(UNK)(UNK)(UNK)(UNK)(UNK)(UNK)(UNK)(UNK)
(UNK)(UNK)(UNK)(UNK)(UNK)(UNK)(UNK)(UNK)(UNK)(UNK)(UNK)(UNK)(UNK)(UNK)(UNK)(UNK)
(UNK)(UNK)(UNK)(UNK)(UNK)(UNK)(UNK)(UNK)(UNK)(UNK)(UNK)(UNK)(UNK)(UNK)(UNK)(UNK)
(UNK)(UNK)(UNK)(UNK)(UNK)(UNK)(UNK)(UNK)(UNK)(UNK)(UNK)(UNK)(UNK)(UNK)(UNK)(UNK)
(UNK)(UNK)(UNK)(UNK)(UNK)(UNK)(UNK)(UNK)(UNK)(UNK)(UNK)(UNK)(UNK)(UNK)(UNK)(UNK)
(UNK)(UNK)(UNK)(UNK)(UNK)(UNK)(UNK)(UNK)(UNK)(UNK)(UNK)(UNK)(UNK)(UNK)(UNK)(UNK)
(UNK)(UNK)(UNK)(UNK)(UNK)(UNK)(UNK)(UNK)(UNK)(UNK)(UNK)(UNK)(UNK)(UNK)(UNK)(UNK)
(UNK)(UNK)(UNK)(UNK)(UNK)(UNK)(UNK)(UNK)(UNK)(UNK)(UNK)(UNK)(UNK)(UNK)(UNK)(UNK)
(UNK)(UNK)(UNK)(UNK)(UNK)(UNK)(UNK)(UNK)(UNK)(UNK)(UNK)(UNK)(UNK)
;
A,D,G
2 'polypeptide(L)'
;MDAYSTRPLTLSHGSLEHVLLVPTASFFIASQLQEQFNKILPEPTEGFAADDEPTTPAELVGKFLGYVSSLVEPSKVGQF
DQVLNLCLTEFENCYLEGNDIHALAAKLLQENDTTLVKTKELIKNYITARIMAKRPFDKKSNSALFRAVGEGNAQLVAIF
GGQGNTDDYFEELRDLYQTYHVLVGDLIKFSAETLSELIRTTLDAEKVFTQGLNILEWLENPSNTPDKDYLLSIPISCPL
IGVIQLAHYVVTAKLLGFTPGELRSYLKGATGHSQGLVTAVAIAETDSWESFFVSVRKAITVLFFIGVRCYEAYPNTSLP
PSILEDSLENNEGVPSPMLSISNLTQEQVQDYVNKTNSHLPAGKQVEISLVNGAKNLVVSGPPQSLYGLNLTLRKAKAPS
GLDQSRIPFSERKLKFSNRFLPVASPFHSHLLVPASDLINKDLVKNNVSFNAKDIQIPVYDTFDGSDLRVLSGSISERIV
DCIIRLPVKWETTTQFKATHILDFGPGGASGLGVLTHRNKDGTGVRVIVAGTLDINPDDDYGFKQ(UNK)(UNK)(UNK)
(UNK)(UNK)(UNK)(UNK)(UNK)(UNK)(UNK)(UNK)(UNK)(UNK)(UNK)(UNK)(UNK)(UNK)(UNK)(UNK)
(UNK)(UNK)(UNK)(UNK)(UNK)(UNK)(UNK)(UNK)(UNK)(UNK)(UNK)(UNK)(UNK)(UNK)(UNK)(UNK)
(UNK)(UNK)(UNK)(UNK)(UNK)(UNK)(UNK)(UNK)(UNK)(UNK)(UNK)(UNK)(UNK)(UNK)(UNK)(UNK)
(UNK)(UNK)(UNK)(UNK)(UNK)(UNK)(UNK)(UNK)(UNK)(UNK)(UNK)(UNK)(UNK)(UNK)(UNK)(UNK)
(UNK)(UNK)(UNK)(UNK)(UNK)(UNK)(UNK)(UNK)(UNK)(UNK)(UNK)(UNK)(UNK)(UNK)(UNK)(UNK)
(UNK)(UNK)(UNK)(UNK)(UNK)(UNK)(UNK)(UNK)(UNK)(UNK)(UNK)(UNK)(UNK)(UNK)(UNK)(UNK)
(UNK)(UNK)(UNK)(UNK)(UNK)(UNK)(UNK)(UNK)(UNK)(UNK)(UNK)(UNK)(UNK)(UNK)(UNK)(UNK)
(UNK)(UNK)(UNK)(UNK)(UNK)(UNK)(UNK)(UNK)(UNK)(UNK)(UNK)(UNK)(UNK)(UNK)(UNK)(UNK)
(UNK)(UNK)(UNK)(UNK)(UNK)(UNK)(UNK)(UNK)(UNK)(UNK)(UNK)(UNK)(UNK)(UNK)(UNK)(UNK)
(UNK)(UNK)(UNK)(UNK)(UNK)(UNK)(UNK)(UNK)(UNK)(UNK)(UNK)(UNK)(UNK)(UNK)(UNK)(UNK)
(UNK)(UNK)(UNK)(UNK)(UNK)(UNK)(UNK)(UNK)(UNK)(UNK)(UNK)(UNK)(UNK)(UNK)(UNK)(UNK)
(UNK)(UNK)(UNK)(UNK)(UNK)(UNK)(UNK)(UNK)(UNK)(UNK)(UNK)(UNK)(UNK)(UNK)(UNK)(UNK)
(UNK)(UNK)(UNK)(UNK)(UNK)(UNK)(UNK)(UNK)(UNK)(UNK)(UNK)(UNK)(UNK)(UNK)(UNK)(UNK)
(UNK)(UNK)(UNK)(UNK)(UNK)(UNK)(UNK)(UNK)(UNK)(UNK)(UNK)(UNK)(UNK)(UNK)(UNK)(UNK)
(UNK)(UNK)(UNK)(UNK)(UNK)(UNK)(UNK)(UNK)(UNK)(UNK)(UNK)(UNK)(UNK)(UNK)(UNK)(UNK)
(UNK)(UNK)(UNK)(UNK)(UNK)(UNK)(UNK)(UNK)(UNK)(UNK)(UNK)(UNK)(UNK)(UNK)(UNK)(UNK)
(UNK)(UNK)(UNK)(UNK)(UNK)(UNK)(UNK)(UNK)(UNK)(UNK)(UNK)(UNK)(UNK)(UNK)(UNK)(UNK)
(UNK)(UNK)(UNK)(UNK)(UNK)(UNK)(UNK)(UNK)(UNK)(UNK)(UNK)(UNK)(UNK)(UNK)(UNK)(UNK)
(UNK)(UNK)(UNK)(UNK)(UNK)(UNK)(UNK)(UNK)(UNK)(UNK)(UNK)(UNK)(UNK)(UNK)(UNK)(UNK)
(UNK)(UNK)(UNK)(UNK)(UNK)(UNK)(UNK)(UNK)(UNK)(UNK)(UNK)(UNK)(UNK)(UNK)(UNK)(UNK)
(UNK)(UNK)(UNK)(UNK)(UNK)(UNK)(UNK)(UNK)(UNK)(UNK)(UNK)(UNK)(UNK)(UNK)(UNK)(UNK)
(UNK)(UNK)(UNK)(UNK)(UNK)(UNK)(UNK)(UNK)(UNK)(UNK)(UNK)(UNK)(UNK)(UNK)(UNK)(UNK)
(UNK)(UNK)(UNK)(UNK)(UNK)(UNK)(UNK)(UNK)(UNK)(UNK)(UNK)(UNK)(UNK)(UNK)(UNK)(UNK)
(UNK)(UNK)(UNK)(UNK)(UNK)(UNK)(UNK)(UNK)(UNK)(UNK)(UNK)(UNK)(UNK)(UNK)(UNK)(UNK)
(UNK)(UNK)(UNK)(UNK)(UNK)(UNK)(UNK)(UNK)(UNK)(UNK)(UNK)(UNK)(UNK)(UNK)(UNK)(UNK)
(UNK)(UNK)(UNK)(UNK)(UNK)(UNK)(UNK)(UNK)(UNK)(UNK)(UNK)(UNK)(UNK)(UNK)(UNK)(UNK)
(UNK)(UNK)(UNK)(UNK)(UNK)(UNK)(UNK)(UNK)(UNK)(UNK)(UNK)(UNK)(UNK)(UNK)(UNK)(UNK)
(UNK)(UNK)(UNK)(UNK)(UNK)(UNK)(UNK)(UNK)(UNK)(UNK)(UNK)(UNK)(UNK)(UNK)(UNK)(UNK)
(UNK)(UNK)(UNK)(UNK)(UNK)(UNK)(UNK)(UNK)(UNK)(UNK)(UNK)(UNK)(UNK)(UNK)(UNK)(UNK)
(UNK)(UNK)(UNK)(UNK)(UNK)(UNK)(UNK)(UNK)(UNK)(UNK)(UNK)(UNK)(UNK)(UNK)(UNK)(UNK)
(UNK)(UNK)(UNK)(UNK)(UNK)(UNK)(UNK)(UNK)(UNK)(UNK)(UNK)(UNK)(UNK)(UNK)(UNK)(UNK)
(UNK)(UNK)(UNK)(UNK)(UNK)(UNK)(UNK)(UNK)(UNK)(UNK)(UNK)(UNK)(UNK)(UNK)(UNK)(UNK)
(UNK)(UNK)(UNK)(UNK)(UNK)(UNK)(UNK)(UNK)(UNK)(UNK)(UNK)(UNK)(UNK)(UNK)(UNK)(UNK)
(UNK)(UNK)(UNK)(UNK)(UNK)(UNK)(UNK)(UNK)(UNK)(UNK)(UNK)(UNK)(UNK)(UNK)(UNK)(UNK)
(UNK)(UNK)(UNK)(UNK)(UNK)(UNK)(UNK)(UNK)(UNK)(UNK)(UNK)(UNK)(UNK)(UNK)(UNK)(UNK)
(UNK)(UNK)(UNK)(UNK)(UNK)(UNK)(UNK)(UNK)(UNK)(UNK)(UNK)(UNK)(UNK)(UNK)(UNK)(UNK)
(UNK)(UNK)(UNK)(UNK)(UNK)(UNK)(UNK)(UNK)(UNK)(UNK)(UNK)(UNK)(UNK)(UNK)(UNK)(UNK)
(UNK)(UNK)(UNK)(UNK)(UNK)(UNK)(UNK)(UNK)(UNK)(UNK)(UNK)(UNK)(UNK)(UNK)(UNK)(UNK)
(UNK)(UNK)(UNK)(UNK)(UNK)(UNK)(UNK)(UNK)(UNK)(UNK)(UNK)(UNK)(UNK)(UNK)(UNK)(UNK)
(UNK)(UNK)(UNK)(UNK)(UNK)(UNK)(UNK)(UNK)(UNK)(UNK)(UNK)(UNK)(UNK)(UNK)(UNK)(UNK)
(UNK)(UNK)(UNK)(UNK)(UNK)(UNK)(UNK)(UNK)(UNK)(UNK)(UNK)(UNK)(UNK)(UNK)(UNK)(UNK)
(UNK)(UNK)(UNK)(UNK)(UNK)(UNK)(UNK)(UNK)(UNK)(UNK)(UNK)(UNK)(UNK)(UNK)(UNK)(UNK)
(UNK)(UNK)(UNK)(UNK)(UNK)(UNK)(UNK)(UNK)(UNK)(UNK)(UNK)(UNK)(UNK)(UNK)(UNK)(UNK)
(UNK)(UNK)(UNK)(UNK)(UNK)(UNK)(UNK)(UNK)(UNK)(UNK)(UNK)(UNK)(UNK)(UNK)(UNK)(UNK)
(UNK)(UNK)(UNK)(UNK)(UNK)(UNK)(UNK)(UNK)(UNK)(UNK)(UNK)(UNK)(UNK)(UNK)(UNK)(UNK)
(UNK)(UNK)(UNK)(UNK)(UNK)(UNK)(UNK)(UNK)(UNK)(UNK)(UNK)(UNK)(UNK)(UNK)(UNK)(UNK)
(UNK)(UNK)(UNK)(UNK)(UNK)(UNK)(UNK)(UNK)(UNK)(UNK)(UNK)(UNK)(UNK)(UNK)(UNK)(UNK)
(UNK)(UNK)(UNK)(UNK)(UNK)(UNK)(UNK)(UNK)(UNK)(UNK)(UNK)(UNK)(UNK)(UNK)(UNK)(UNK)
(UNK)(UNK)(UNK)(UNK)(UNK)(UNK)(UNK)(UNK)(UNK)(UNK)(UNK)(UNK)(UNK)(UNK)(UNK)(UNK)
(UNK)(UNK)(UNK)(UNK)(UNK)(UNK)(UNK)(UNK)(UNK)(UNK)(UNK)(UNK)(UNK)(UNK)(UNK)(UNK)
(UNK)(UNK)(UNK)(UNK)(UNK)(UNK)(UNK)(UNK)(UNK)(UNK)(UNK)(UNK)(UNK)(UNK)(UNK)(UNK)
(UNK)(UNK)(UNK)(UNK)(UNK)(UNK)(UNK)(UNK)(UNK)(UNK)(UNK)(UNK)(UNK)(UNK)(UNK)(UNK)
(UNK)(UNK)(UNK)(UNK)(UNK)(UNK)(UNK)(UNK)(UNK)(UNK)(UNK)(UNK)(UNK)(UNK)(UNK)(UNK)
(UNK)(UNK)(UNK)(UNK)(UNK)(UNK)(UNK)(UNK)(UNK)(UNK)(UNK)(UNK)(UNK)(UNK)(UNK)(UNK)
(UNK)(UNK)(UNK)(UNK)(UNK)(UNK)(UNK)(UNK)(UNK)(UNK)(UNK)(UNK)(UNK)(UNK)(UNK)(UNK)
(UNK)(UNK)(UNK)(UNK)(UNK)(UNK)(UNK)(UNK)(UNK)(UNK)(UNK)(UNK)(UNK)(UNK)(UNK)(UNK)
(UNK)(UNK)(UNK)(UNK)(UNK)(UNK)(UNK)(UNK)(UNK)(UNK)(UNK)(UNK)(UNK)(UNK)(UNK)(UNK)
(UNK)(UNK)(UNK)(UNK)(UNK)(UNK)(UNK)(UNK)(UNK)(UNK)(UNK)(UNK)(UNK)(UNK)(UNK)(UNK)
(UNK)(UNK)(UNK)(UNK)(UNK)(UNK)(UNK)(UNK)(UNK)(UNK)(UNK)(UNK)(UNK)(UNK)(UNK)(UNK)
(UNK)(UNK)(UNK)(UNK)(UNK)(UNK)(UNK)(UNK)(UNK)(UNK)(UNK)(UNK)(UNK)(UNK)(UNK)(UNK)
(UNK)(UNK)(UNK)(UNK)(UNK)(UNK)(UNK)(UNK)(UNK)(UNK)(UNK)(UNK)(UNK)(UNK)(UNK)(UNK)
(UNK)(UNK)(UNK)(UNK)(UNK)(UNK)(UNK)(UNK)(UNK)(UNK)(UNK)(UNK)(UNK)(UNK)(UNK)(UNK)
(UNK)(UNK)(UNK)(UNK)(UNK)(UNK)(UNK)(UNK)(UNK)(UNK)(UNK)(UNK)(UNK)(UNK)(UNK)(UNK)
(UNK)(UNK)(UNK)(UNK)(UNK)(UNK)(UNK)(UNK)(UNK)(UNK)(UNK)(UNK)(UNK)(UNK)(UNK)(UNK)
(UNK)(UNK)(UNK)(UNK)(UNK)(UNK)(UNK)(UNK)(UNK)(UNK)(UNK)(UNK)(UNK)(UNK)(UNK)(UNK)
(UNK)(UNK)(UNK)(UNK)(UNK)(UNK)(UNK)(UNK)(UNK)(UNK)(UNK)(UNK)(UNK)(UNK)(UNK)(UNK)
(UNK)(UNK)(UNK)(UNK)(UNK)(UNK)(UNK)(UNK)(UNK)(UNK)(UNK)(UNK)(UNK)(UNK)(UNK)(UNK)
(UNK)(UNK)(UNK)QGSQEQGMGMDLYKTSKAAQDVWNRADNHFKDTYGFSILDIVINNPVNLTIHFGGEKGKRIRENY
SAMIFETIVDGKLKTEKIFKEINEHSTSYTFRSEKGLLSATQFTQPALTLMEKAAFEDLKSKGLIPADATFAGHSLGEYA
ALASLADVMSIESLVEVVFYRGMTMQVAVPRDELGRSNYGMIAINPGRVAASFSQEALQYVVERVGKRTGWLVEIVNYNV
ENQQYVAAGDLRALDTVTNVLNFIKLQKIDIIELQKSLSLEEVEGHLF(UNK)(UNK)(UNK)(UNK)(UNK)(UNK)
(UNK)(UNK)(UNK)(UNK)(UNK)(UNK)(UNK)(UNK)(UNK)(UNK)(UNK)(UNK)(UNK)(UNK)(UNK)(UNK)
(UNK)(UNK)(UNK)(UNK)(UNK)(UNK)(UNK)(UNK)(UNK)(UNK)(UNK)(UNK)(UNK)(UNK)(UNK)(UNK)
(UNK)(UNK)(UNK)(UNK)(UNK)(UNK)(UNK)(UNK)(UNK)(UNK)(UNK)(UNK)(UNK)(UNK)(UNK)(UNK)
(UNK)(UNK)(UNK)(UNK)(UNK)(UNK)(UNK)(UNK)(UNK)(UNK)(UNK)(UNK)(UNK)(UNK)(UNK)(UNK)
(UNK)(UNK)(UNK)(UNK)(UNK)(UNK)(UNK)(UNK)(UNK)(UNK)(UNK)(UNK)(UNK)(UNK)(UNK)(UNK)
(UNK)(UNK)(UNK)(UNK)(UNK)(UNK)(UNK)(UNK)(UNK)(UNK)(UNK)(UNK)(UNK)(UNK)(UNK)(UNK)
(UNK)(UNK)(UNK)(UNK)(UNK)(UNK)(UNK)(UNK)
;
B,E,H
3 'polypeptide(L)'
;(UNK)(UNK)(UNK)(UNK)(UNK)(UNK)(UNK)(UNK)(UNK)(UNK)(UNK)(UNK)(UNK)(UNK)(UNK)(UNK)
(UNK)(UNK)(UNK)(UNK)(UNK)(UNK)(UNK)(UNK)(UNK)(UNK)(UNK)(UNK)(UNK)(UNK)(UNK)(UNK)
(UNK)(UNK)(UNK)(UNK)(UNK)(UNK)(UNK)(UNK)(UNK)(UNK)(UNK)(UNK)(UNK)(UNK)(UNK)(UNK)
(UNK)(UNK)(UNK)(UNK)(UNK)(UNK)(UNK)(UNK)(UNK)(UNK)(UNK)(UNK)(UNK)(UNK)(UNK)(UNK)
(UNK)
;
C,F,I
#
# COMPACT_ATOMS: atom_id res chain seq x y z
N UNK A 1 2.62 -9.31 22.00
CA UNK A 1 1.61 -8.21 21.95
C UNK A 1 1.94 -7.10 22.94
N UNK A 2 2.87 -7.38 23.85
CA UNK A 2 3.30 -6.41 24.88
C UNK A 2 4.29 -7.04 25.87
N UNK A 3 4.31 -6.53 27.10
CA UNK A 3 5.20 -7.03 28.16
C UNK A 3 5.07 -6.17 29.41
N UNK A 4 5.86 -6.51 30.43
CA UNK A 4 5.86 -5.76 31.70
C UNK A 4 7.13 -6.09 32.49
N UNK A 5 6.99 -6.97 33.49
CA UNK A 5 8.08 -7.39 34.36
C UNK A 5 7.46 -8.03 35.60
N UNK A 6 8.19 -8.92 36.28
CA UNK A 6 7.67 -9.58 37.49
C UNK A 6 7.47 -8.57 38.63
N UNK A 7 7.62 -7.29 38.30
CA UNK A 7 7.44 -6.18 39.24
C UNK A 7 6.17 -5.39 38.92
N UNK A 8 5.55 -5.71 37.79
CA UNK A 8 4.29 -5.08 37.33
C UNK A 8 3.11 -6.01 37.63
N UNK A 9 3.35 -6.94 38.55
CA UNK A 9 2.37 -7.94 39.00
C UNK A 9 2.70 -8.40 40.42
N UNK A 10 3.90 -8.96 40.59
CA UNK A 10 4.36 -9.45 41.89
C UNK A 10 4.99 -8.32 42.69
N UNK A 11 4.19 -7.29 42.98
CA UNK A 11 4.64 -6.13 43.74
C UNK A 11 4.71 -6.43 45.24
N UNK A 12 4.54 -7.71 45.60
CA UNK A 12 4.58 -8.18 46.99
C UNK A 12 3.43 -7.70 47.87
N UNK A 13 3.31 -6.38 48.05
CA UNK A 13 2.25 -5.80 48.88
C UNK A 13 1.05 -5.30 48.08
N UNK A 14 1.28 -4.88 46.84
CA UNK A 14 0.20 -4.38 45.99
C UNK A 14 -0.96 -5.37 45.93
N UNK A 15 -0.64 -6.66 45.92
CA UNK A 15 -1.67 -7.70 45.86
C UNK A 15 -1.30 -8.96 46.63
N UNK A 16 -0.05 -9.41 46.50
CA UNK A 16 0.39 -10.63 47.18
C UNK A 16 0.36 -10.53 48.71
N UNK A 17 -0.30 -9.50 49.23
CA UNK A 17 -0.41 -9.29 50.67
C UNK A 17 -1.77 -8.69 51.04
N UNK A 18 -2.45 -8.12 50.06
CA UNK A 18 -3.77 -7.51 50.27
C UNK A 18 -4.84 -8.26 49.51
N UNK A 19 -4.43 -9.23 48.69
CA UNK A 19 -5.35 -10.05 47.91
C UNK A 19 -5.51 -11.39 48.62
N UNK A 20 -4.78 -11.55 49.72
CA UNK A 20 -4.84 -12.77 50.52
C UNK A 20 -5.61 -12.46 51.78
N UNK A 21 -5.71 -11.16 52.10
CA UNK A 21 -6.44 -10.70 53.27
C UNK A 21 -7.85 -10.36 52.83
N UNK A 22 -8.14 -10.69 51.58
CA UNK A 22 -9.44 -10.44 50.98
C UNK A 22 -10.18 -11.77 50.73
N UNK A 23 -9.70 -12.59 49.79
CA UNK A 23 -10.32 -13.89 49.45
C UNK A 23 -10.14 -14.92 50.57
N UNK A 24 -10.14 -14.40 51.81
CA UNK A 24 -9.99 -15.19 53.03
C UNK A 24 -11.01 -14.69 54.07
N UNK A 25 -11.24 -13.37 54.10
CA UNK A 25 -12.18 -12.78 55.03
C UNK A 25 -13.49 -12.40 54.35
N UNK A 26 -13.57 -12.66 53.05
CA UNK A 26 -14.74 -12.35 52.22
C UNK A 26 -14.88 -10.86 51.93
N UNK A 27 -13.83 -10.29 51.32
CA UNK A 27 -13.80 -8.86 50.96
C UNK A 27 -13.59 -8.65 49.45
N UNK A 28 -13.22 -7.43 49.06
CA UNK A 28 -13.01 -7.12 47.63
C UNK A 28 -11.91 -6.09 47.35
N UNK A 29 -12.34 -4.89 46.96
CA UNK A 29 -11.43 -3.78 46.65
C UNK A 29 -11.42 -2.75 47.78
N UNK A 30 -12.23 -3.00 48.81
CA UNK A 30 -12.33 -2.11 49.96
C UNK A 30 -12.24 -2.92 51.27
N UNK A 31 -11.15 -3.64 51.45
CA UNK A 31 -10.94 -4.45 52.65
C UNK A 31 -10.40 -3.57 53.76
N UNK A 32 -9.45 -2.72 53.40
CA UNK A 32 -8.85 -1.80 54.34
C UNK A 32 -8.25 -0.63 53.57
N UNK A 33 -7.23 -0.93 52.77
CA UNK A 33 -6.52 0.07 51.95
C UNK A 33 -5.72 1.02 52.86
N UNK A 34 -4.99 0.42 53.81
CA UNK A 34 -4.16 1.12 54.79
C UNK A 34 -4.90 1.35 56.11
N UNK A 35 -4.51 0.60 57.14
CA UNK A 35 -5.07 0.67 58.50
C UNK A 35 -6.17 -0.34 58.84
N UNK A 36 -5.76 -1.59 59.04
CA UNK A 36 -6.67 -2.67 59.42
C UNK A 36 -6.14 -3.15 60.77
N UNK A 37 -4.81 -3.24 60.86
CA UNK A 37 -4.07 -3.66 62.06
C UNK A 37 -4.49 -4.99 62.69
N UNK A 38 -4.51 -6.05 61.88
CA UNK A 38 -4.90 -7.39 62.36
C UNK A 38 -6.06 -7.32 63.37
N UNK A 39 -7.00 -6.42 63.09
CA UNK A 39 -8.19 -6.21 63.91
C UNK A 39 -9.32 -5.68 63.03
N UNK A 40 -9.36 -6.16 61.79
CA UNK A 40 -10.40 -5.77 60.82
C UNK A 40 -11.53 -6.80 60.90
N UNK A 41 -11.56 -7.52 62.04
CA UNK A 41 -12.55 -8.56 62.34
C UNK A 41 -12.21 -9.19 63.71
N UNK A 42 -13.22 -9.42 64.56
CA UNK A 42 -13.00 -10.01 65.89
C UNK A 42 -11.91 -11.10 65.89
N UNK A 43 -11.14 -11.11 66.98
CA UNK A 43 -9.99 -12.02 67.21
C UNK A 43 -10.28 -13.47 67.65
N UNK A 44 -9.23 -14.17 68.11
CA UNK A 44 -9.34 -15.56 68.55
C UNK A 44 -9.36 -16.64 67.45
N UNK A 45 -10.35 -16.61 66.57
CA UNK A 45 -10.46 -17.58 65.45
C UNK A 45 -10.11 -16.97 64.09
N UNK A 46 -10.07 -15.64 64.06
CA UNK A 46 -9.79 -14.87 62.84
C UNK A 46 -8.51 -14.01 62.92
N UNK A 47 -8.29 -13.37 64.06
CA UNK A 47 -7.10 -12.55 64.26
C UNK A 47 -6.04 -13.42 64.94
N UNK A 48 -6.27 -14.74 64.83
CA UNK A 48 -5.37 -15.74 65.38
C UNK A 48 -5.24 -16.85 64.34
N UNK A 49 -5.68 -16.54 63.11
CA UNK A 49 -5.62 -17.48 62.00
C UNK A 49 -5.17 -16.77 60.72
N UNK A 50 -5.47 -15.47 60.62
CA UNK A 50 -5.09 -14.68 59.45
C UNK A 50 -3.68 -14.12 59.65
N UNK A 51 -2.89 -14.81 60.47
CA UNK A 51 -1.51 -14.42 60.76
C UNK A 51 -0.53 -15.55 60.46
N UNK A 52 -1.04 -16.79 60.38
CA UNK A 52 -0.24 -17.97 60.07
C UNK A 52 -0.27 -18.19 58.56
N UNK A 53 -1.16 -17.44 57.91
CA UNK A 53 -1.32 -17.47 56.47
C UNK A 53 -0.57 -16.25 55.93
N UNK A 54 -0.62 -15.14 56.69
CA UNK A 54 0.07 -13.91 56.33
C UNK A 54 1.55 -14.09 56.64
N UNK A 55 1.87 -15.28 57.13
CA UNK A 55 3.23 -15.69 57.50
C UNK A 55 3.54 -17.01 56.81
N UNK A 56 3.77 -16.94 55.50
CA UNK A 56 4.08 -18.11 54.68
C UNK A 56 4.46 -17.62 53.28
N UNK A 57 3.62 -16.76 52.71
CA UNK A 57 3.86 -16.19 51.38
C UNK A 57 4.54 -14.84 51.53
N UNK A 58 4.20 -14.13 52.61
CA UNK A 58 4.79 -12.82 52.89
C UNK A 58 6.27 -13.03 53.14
N UNK A 59 6.59 -14.21 53.69
CA UNK A 59 7.96 -14.66 54.00
C UNK A 59 8.52 -14.25 55.39
N UNK A 60 8.66 -15.26 56.26
CA UNK A 60 9.19 -15.11 57.65
C UNK A 60 8.12 -14.83 58.72
N UNK A 61 8.26 -13.70 59.41
CA UNK A 61 7.33 -13.26 60.47
C UNK A 61 7.74 -11.86 60.94
N UNK A 62 8.03 -10.98 59.96
CA UNK A 62 8.45 -9.59 60.18
C UNK A 62 8.43 -9.13 61.63
N UNK A 63 7.29 -8.54 62.05
CA UNK A 63 7.11 -8.06 63.42
C UNK A 63 5.96 -8.82 64.09
N UNK A 64 4.96 -8.08 64.59
CA UNK A 64 3.80 -8.69 65.23
C UNK A 64 2.55 -8.26 64.45
N UNK A 65 1.36 -8.66 64.93
CA UNK A 65 0.12 -8.29 64.26
C UNK A 65 -0.22 -6.81 64.51
N UNK A 66 0.59 -5.91 63.95
CA UNK A 66 0.40 -4.46 64.12
C UNK A 66 0.33 -3.66 62.81
N UNK A 67 -0.76 -2.90 62.65
CA UNK A 67 -1.00 -2.07 61.47
C UNK A 67 -0.49 -2.63 60.15
N UNK A 68 -1.41 -3.16 59.33
CA UNK A 68 -1.06 -3.74 58.04
C UNK A 68 -1.96 -3.26 56.90
N UNK A 69 -2.30 -4.16 55.98
CA UNK A 69 -3.14 -3.86 54.82
C UNK A 69 -2.41 -2.96 53.82
N UNK A 70 -1.31 -2.39 54.29
CA UNK A 70 -0.48 -1.51 53.48
C UNK A 70 0.73 -1.04 54.30
N UNK A 71 0.71 -1.34 55.60
CA UNK A 71 1.79 -0.96 56.52
C UNK A 71 2.82 -2.09 56.71
N UNK A 72 2.44 -3.30 56.34
CA UNK A 72 3.33 -4.44 56.42
C UNK A 72 3.81 -4.66 54.98
N UNK A 73 3.86 -3.56 54.23
CA UNK A 73 4.26 -3.54 52.82
C UNK A 73 5.75 -3.20 52.64
N UNK A 74 6.18 -2.08 53.21
CA UNK A 74 7.59 -1.66 53.12
C UNK A 74 8.40 -2.40 54.19
N UNK A 75 7.69 -3.19 55.00
CA UNK A 75 8.30 -3.99 56.07
C UNK A 75 8.33 -5.47 55.61
N UNK A 76 8.15 -5.67 54.30
CA UNK A 76 8.14 -7.01 53.69
C UNK A 76 8.18 -6.92 52.15
N UNK A 77 8.52 -5.74 51.63
CA UNK A 77 8.61 -5.54 50.18
C UNK A 77 10.08 -5.63 49.77
N UNK A 78 10.97 -5.39 50.73
CA UNK A 78 12.41 -5.48 50.52
C UNK A 78 12.94 -6.59 51.41
N UNK A 79 12.08 -7.57 51.71
CA UNK A 79 12.40 -8.73 52.55
C UNK A 79 11.94 -10.05 51.91
N UNK A 80 11.27 -9.95 50.75
CA UNK A 80 10.79 -11.12 50.01
C UNK A 80 9.93 -10.73 48.79
N UNK A 81 10.60 -10.32 47.72
CA UNK A 81 9.91 -9.93 46.49
C UNK A 81 9.92 -11.08 45.49
N UNK A 82 9.23 -12.16 45.85
CA UNK A 82 9.13 -13.35 45.01
C UNK A 82 7.92 -13.22 44.06
N UNK A 83 7.22 -14.32 43.82
CA UNK A 83 6.05 -14.30 42.94
C UNK A 83 5.11 -15.49 43.17
N UNK A 84 4.40 -15.47 44.29
CA UNK A 84 3.46 -16.53 44.67
C UNK A 84 4.15 -17.74 45.30
N UNK A 85 4.02 -17.87 46.62
CA UNK A 85 4.64 -18.97 47.36
C UNK A 85 3.72 -19.53 48.46
N UNK A 86 4.27 -20.44 49.26
CA UNK A 86 3.56 -21.08 50.37
C UNK A 86 2.05 -21.21 50.17
N UNK A 87 1.27 -20.41 50.92
CA UNK A 87 -0.19 -20.45 50.84
C UNK A 87 -0.75 -19.43 49.84
N UNK A 88 -0.14 -19.37 48.66
CA UNK A 88 -0.55 -18.47 47.58
C UNK A 88 -0.26 -19.13 46.22
N UNK A 89 0.37 -20.30 46.28
CA UNK A 89 0.73 -21.09 45.09
C UNK A 89 0.19 -22.51 45.24
N UNK A 90 -0.32 -22.80 46.44
CA UNK A 90 -0.90 -24.10 46.79
C UNK A 90 -2.28 -23.80 47.37
N UNK A 91 -2.66 -22.52 47.28
CA UNK A 91 -3.94 -22.02 47.77
C UNK A 91 -4.58 -21.21 46.64
N UNK A 92 -3.74 -20.57 45.83
CA UNK A 92 -4.20 -19.78 44.70
C UNK A 92 -4.09 -20.62 43.43
N UNK A 93 -3.44 -21.78 43.55
CA UNK A 93 -3.27 -22.70 42.42
C UNK A 93 -4.38 -23.75 42.46
N UNK A 94 -5.21 -23.68 43.49
CA UNK A 94 -6.32 -24.60 43.66
C UNK A 94 -7.60 -23.95 43.14
N UNK A 95 -7.72 -22.63 43.32
CA UNK A 95 -8.88 -21.88 42.88
C UNK A 95 -9.07 -21.96 41.37
N UNK A 96 -8.03 -22.40 40.66
CA UNK A 96 -8.08 -22.55 39.20
C UNK A 96 -8.26 -24.03 38.89
N UNK A 97 -8.71 -24.78 39.89
CA UNK A 97 -8.94 -26.22 39.77
C UNK A 97 -10.32 -26.62 40.28
N UNK A 98 -11.09 -25.65 40.79
CA UNK A 98 -12.45 -25.89 41.30
C UNK A 98 -13.45 -25.12 40.44
N UNK A 99 -13.03 -23.95 39.97
CA UNK A 99 -13.86 -23.09 39.12
C UNK A 99 -13.55 -23.34 37.63
N UNK A 100 -12.79 -22.43 37.00
CA UNK A 100 -12.40 -22.52 35.58
C UNK A 100 -12.76 -23.87 34.95
N UNK A 101 -13.69 -23.81 34.00
CA UNK A 101 -14.21 -24.98 33.28
C UNK A 101 -13.20 -26.08 32.98
N UNK A 102 -13.73 -27.22 32.55
CA UNK A 102 -12.90 -28.38 32.20
C UNK A 102 -11.85 -27.94 31.19
N UNK A 103 -10.71 -28.64 31.18
CA UNK A 103 -9.62 -28.32 30.26
C UNK A 103 -8.79 -27.14 30.75
N UNK A 104 -9.30 -25.91 30.58
CA UNK A 104 -8.59 -24.69 31.00
C UNK A 104 -7.85 -24.84 32.34
N UNK A 105 -6.66 -25.44 32.30
CA UNK A 105 -5.84 -25.69 33.48
C UNK A 105 -4.93 -24.51 33.82
N UNK A 106 -4.42 -24.50 35.05
CA UNK A 106 -3.54 -23.44 35.52
C UNK A 106 -2.32 -23.24 34.61
N UNK A 107 -2.00 -24.26 33.81
CA UNK A 107 -0.86 -24.21 32.90
C UNK A 107 -1.22 -23.78 31.47
N UNK A 108 -2.37 -24.25 30.99
CA UNK A 108 -2.83 -23.91 29.64
C UNK A 108 -3.74 -22.68 29.73
N UNK A 109 -3.60 -21.92 30.82
CA UNK A 109 -4.40 -20.72 31.06
C UNK A 109 -3.50 -19.49 31.28
N UNK A 110 -2.27 -19.72 31.74
CA UNK A 110 -1.34 -18.63 31.98
C UNK A 110 -0.82 -18.17 30.61
N UNK A 111 -1.13 -18.96 29.59
CA UNK A 111 -0.73 -18.67 28.21
C UNK A 111 -1.92 -18.08 27.42
N UNK A 112 -3.14 -18.45 27.83
CA UNK A 112 -4.37 -17.95 27.20
C UNK A 112 -4.69 -16.60 27.83
N UNK A 113 -3.77 -16.16 28.70
CA UNK A 113 -3.84 -14.89 29.39
C UNK A 113 -2.48 -14.27 29.10
N UNK A 114 -1.96 -14.58 27.92
CA UNK A 114 -0.66 -14.09 27.42
C UNK A 114 -0.78 -13.72 25.94
N UNK A 115 -1.74 -14.34 25.24
CA UNK A 115 -1.96 -14.08 23.83
C UNK A 115 -3.11 -13.09 23.62
N UNK A 116 -4.27 -13.39 24.21
CA UNK A 116 -5.46 -12.54 24.09
C UNK A 116 -5.25 -11.13 24.65
N UNK A 117 -5.70 -10.92 25.89
CA UNK A 117 -5.55 -9.62 26.54
C UNK A 117 -4.08 -9.38 26.92
N UNK A 118 -3.20 -9.54 25.94
CA UNK A 118 -1.74 -9.35 26.07
C UNK A 118 -1.13 -9.72 27.44
N UNK A 119 -0.24 -8.86 27.94
CA UNK A 119 0.44 -9.05 29.23
C UNK A 119 1.44 -10.22 29.22
N UNK A 120 2.61 -10.00 29.82
CA UNK A 120 3.63 -11.03 29.90
C UNK A 120 3.01 -12.26 30.56
N UNK A 121 3.52 -13.44 30.24
CA UNK A 121 2.99 -14.69 30.80
C UNK A 121 3.63 -15.16 32.11
N UNK A 122 4.86 -14.73 32.36
CA UNK A 122 5.60 -15.09 33.58
C UNK A 122 5.88 -13.84 34.44
N UNK A 123 5.65 -12.67 33.83
CA UNK A 123 5.87 -11.41 34.50
C UNK A 123 4.59 -10.88 35.15
N UNK A 124 3.82 -10.11 34.39
CA UNK A 124 2.57 -9.52 34.88
C UNK A 124 1.35 -10.45 34.81
N UNK A 125 1.59 -11.76 34.78
CA UNK A 125 0.52 -12.76 34.72
C UNK A 125 0.14 -13.26 36.11
N UNK A 126 1.03 -13.07 37.08
CA UNK A 126 0.77 -13.46 38.45
C UNK A 126 -0.15 -12.39 39.03
N UNK A 127 -0.59 -11.48 38.15
CA UNK A 127 -1.50 -10.38 38.49
C UNK A 127 -2.84 -10.61 37.79
N UNK A 128 -2.79 -11.38 36.70
CA UNK A 128 -3.98 -11.70 35.93
C UNK A 128 -4.74 -12.83 36.63
N UNK A 129 -4.16 -13.34 37.71
CA UNK A 129 -4.77 -14.43 38.48
C UNK A 129 -4.89 -14.06 39.96
N UNK A 130 -3.84 -13.44 40.50
CA UNK A 130 -3.82 -13.03 41.91
C UNK A 130 -4.78 -11.85 42.09
N UNK A 131 -5.24 -11.31 40.96
CA UNK A 131 -6.17 -10.18 40.96
C UNK A 131 -7.55 -10.65 40.49
N UNK A 132 -7.66 -11.94 40.23
CA UNK A 132 -8.93 -12.52 39.81
C UNK A 132 -9.41 -13.42 40.93
N UNK A 133 -8.56 -13.62 41.93
CA UNK A 133 -8.87 -14.45 43.08
C UNK A 133 -9.28 -13.59 44.28
N UNK A 134 -8.95 -12.30 44.22
CA UNK A 134 -9.27 -11.35 45.29
C UNK A 134 -10.62 -10.64 45.05
N UNK A 135 -10.69 -9.83 44.01
CA UNK A 135 -11.90 -9.08 43.67
C UNK A 135 -12.93 -9.97 42.97
N UNK A 136 -12.57 -11.23 42.77
CA UNK A 136 -13.44 -12.22 42.13
C UNK A 136 -13.15 -13.61 42.69
N UNK A 137 -14.18 -14.46 42.71
CA UNK A 137 -14.06 -15.82 43.22
C UNK A 137 -15.36 -16.60 42.94
N UNK A 138 -15.67 -16.75 41.66
CA UNK A 138 -16.88 -17.42 41.20
C UNK A 138 -17.17 -18.77 41.85
N UNK A 139 -18.16 -19.48 41.30
CA UNK A 139 -18.54 -20.79 41.79
C UNK A 139 -18.88 -21.73 40.61
N UNK A 140 -17.85 -22.39 40.09
CA UNK A 140 -17.96 -23.34 38.97
C UNK A 140 -18.46 -22.72 37.66
N UNK A 141 -17.70 -21.76 37.14
CA UNK A 141 -18.07 -21.09 35.88
C UNK A 141 -17.69 -21.94 34.67
N UNK A 142 -18.63 -22.74 34.18
CA UNK A 142 -18.40 -23.62 33.03
C UNK A 142 -18.73 -23.00 31.65
N UNK A 143 -17.88 -23.32 30.67
CA UNK A 143 -17.97 -22.86 29.27
C UNK A 143 -16.55 -22.54 28.80
N UNK A 144 -16.13 -23.13 27.68
CA UNK A 144 -14.79 -22.88 27.16
C UNK A 144 -14.67 -21.46 26.59
N UNK A 145 -15.52 -20.55 27.11
CA UNK A 145 -15.55 -19.16 26.68
C UNK A 145 -15.88 -18.23 27.85
N UNK A 146 -16.95 -18.53 28.57
CA UNK A 146 -17.35 -17.73 29.73
C UNK A 146 -16.27 -17.88 30.80
N UNK A 147 -15.24 -18.66 30.46
CA UNK A 147 -14.10 -18.92 31.33
C UNK A 147 -12.86 -18.23 30.77
N UNK A 148 -12.94 -17.79 29.52
CA UNK A 148 -11.85 -17.08 28.86
C UNK A 148 -12.13 -15.60 29.02
N UNK A 149 -13.17 -15.33 29.81
CA UNK A 149 -13.62 -13.96 30.11
C UNK A 149 -13.49 -13.71 31.61
N UNK A 150 -13.29 -14.78 32.39
CA UNK A 150 -13.13 -14.67 33.84
C UNK A 150 -11.66 -14.44 34.20
N UNK A 151 -10.78 -14.82 33.27
CA UNK A 151 -9.34 -14.66 33.44
C UNK A 151 -8.82 -13.60 32.47
N UNK A 152 -9.74 -12.77 31.98
CA UNK A 152 -9.45 -11.67 31.05
C UNK A 152 -10.22 -10.43 31.48
N UNK A 153 -11.23 -10.63 32.34
CA UNK A 153 -12.06 -9.55 32.87
C UNK A 153 -11.40 -9.01 34.13
N UNK A 154 -10.66 -9.88 34.80
CA UNK A 154 -9.93 -9.52 36.01
C UNK A 154 -8.48 -9.24 35.57
N UNK A 155 -8.28 -9.20 34.25
CA UNK A 155 -6.98 -8.94 33.64
C UNK A 155 -6.89 -7.46 33.27
N UNK A 156 -8.05 -6.81 33.30
CA UNK A 156 -8.13 -5.39 33.01
C UNK A 156 -8.21 -4.69 34.36
N UNK A 157 -8.33 -5.49 35.42
CA UNK A 157 -8.38 -4.99 36.79
C UNK A 157 -6.99 -5.14 37.40
N UNK A 158 -6.10 -5.83 36.68
CA UNK A 158 -4.71 -6.07 37.09
C UNK A 158 -3.80 -5.09 36.35
N UNK A 159 -4.44 -4.30 35.47
CA UNK A 159 -3.78 -3.27 34.67
C UNK A 159 -4.51 -2.00 35.09
N UNK A 160 -5.20 -2.11 36.23
CA UNK A 160 -5.95 -1.01 36.82
C UNK A 160 -5.54 -0.90 38.29
N UNK A 161 -4.63 -1.78 38.68
CA UNK A 161 -4.12 -1.81 40.06
C UNK A 161 -2.60 -1.98 39.99
N UNK A 162 -2.09 -2.18 38.76
CA UNK A 162 -0.67 -2.34 38.50
C UNK A 162 -0.25 -1.31 37.45
N UNK A 163 -0.57 -0.05 37.72
CA UNK A 163 -0.28 1.12 36.86
C UNK A 163 0.43 0.85 35.53
N UNK A 164 -0.36 0.53 34.50
CA UNK A 164 0.16 0.26 33.16
C UNK A 164 -0.99 0.25 32.15
N UNK A 165 -0.64 0.31 30.86
CA UNK A 165 -1.63 0.33 29.79
C UNK A 165 -2.28 -1.04 29.57
N UNK A 166 -3.39 -1.06 28.82
CA UNK A 166 -4.12 -2.29 28.51
C UNK A 166 -3.80 -2.78 27.09
N UNK A 167 -2.61 -2.42 26.61
CA UNK A 167 -2.08 -2.79 25.29
C UNK A 167 -2.98 -2.52 24.08
N UNK A 168 -2.54 -3.02 22.92
CA UNK A 168 -3.26 -2.87 21.66
C UNK A 168 -4.09 -4.13 21.39
N UNK A 169 -5.37 -4.08 21.77
CA UNK A 169 -6.35 -5.16 21.62
C UNK A 169 -6.55 -5.92 22.94
N UNK A 170 2.23 -9.78 7.90
CA UNK A 170 1.23 -10.13 8.91
C UNK A 170 0.51 -11.47 8.61
N UNK A 171 1.28 -12.47 8.19
CA UNK A 171 0.75 -13.82 7.89
C UNK A 171 1.44 -14.86 8.79
N UNK A 172 1.57 -14.51 10.07
CA UNK A 172 2.21 -15.35 11.09
C UNK A 172 1.21 -16.06 12.01
N UNK A 173 -0.09 -15.84 11.75
CA UNK A 173 -1.18 -16.46 12.52
C UNK A 173 -2.34 -16.85 11.57
N UNK A 174 -2.10 -16.70 10.28
CA UNK A 174 -3.08 -17.03 9.23
C UNK A 174 -2.60 -18.29 8.50
N UNK A 175 -1.36 -18.66 8.77
CA UNK A 175 -0.75 -19.84 8.19
C UNK A 175 -0.27 -20.76 9.32
N UNK A 176 -0.36 -20.30 10.57
CA UNK A 176 0.07 -21.07 11.75
C UNK A 176 -1.05 -21.30 12.79
N UNK A 177 -2.25 -20.81 12.49
CA UNK A 177 -3.38 -20.98 13.39
C UNK A 177 -3.83 -22.44 13.28
N UNK A 178 -3.80 -22.96 12.06
CA UNK A 178 -4.19 -24.34 11.78
C UNK A 178 -2.98 -25.26 11.90
N UNK A 179 -1.79 -24.67 11.88
CA UNK A 179 -0.55 -25.45 12.03
C UNK A 179 -0.62 -26.11 13.40
N UNK A 180 -1.67 -25.75 14.13
CA UNK A 180 -1.95 -26.29 15.45
C UNK A 180 -3.17 -27.18 15.26
N UNK A 181 -4.35 -26.58 15.28
CA UNK A 181 -5.61 -27.30 15.13
C UNK A 181 -5.52 -28.49 14.17
N UNK A 182 -4.74 -28.34 13.11
CA UNK A 182 -4.58 -29.40 12.12
C UNK A 182 -3.49 -30.40 12.51
N UNK A 183 -2.32 -29.89 12.88
CA UNK A 183 -1.21 -30.73 13.28
C UNK A 183 -1.56 -31.34 14.63
N UNK A 184 -2.15 -30.53 15.50
CA UNK A 184 -2.52 -30.98 16.84
C UNK A 184 -3.48 -32.14 16.79
N UNK A 185 -4.74 -31.84 16.52
CA UNK A 185 -5.74 -32.88 16.46
C UNK A 185 -5.10 -34.16 15.91
N UNK A 186 -4.45 -34.06 14.75
CA UNK A 186 -3.82 -35.22 14.10
C UNK A 186 -2.91 -36.03 15.03
N UNK A 187 -1.96 -35.34 15.63
CA UNK A 187 -1.03 -35.99 16.54
C UNK A 187 -1.82 -36.74 17.60
N UNK A 188 -2.88 -36.13 18.11
CA UNK A 188 -3.69 -36.78 19.13
C UNK A 188 -4.12 -38.21 18.68
N UNK A 189 -4.64 -38.32 17.47
CA UNK A 189 -5.10 -39.61 16.95
C UNK A 189 -3.98 -40.61 17.10
N UNK A 190 -2.77 -40.07 17.17
CA UNK A 190 -1.58 -40.87 17.31
C UNK A 190 -1.50 -41.48 18.68
N UNK A 191 -0.93 -40.70 19.60
CA UNK A 191 -0.74 -41.14 20.96
C UNK A 191 -1.91 -42.03 21.28
N UNK A 192 -3.12 -41.50 21.07
CA UNK A 192 -4.31 -42.26 21.36
C UNK A 192 -4.11 -43.69 20.80
N UNK A 193 -3.87 -43.78 19.51
CA UNK A 193 -3.68 -45.09 18.90
C UNK A 193 -2.46 -45.83 19.48
N UNK A 194 -1.35 -45.09 19.67
CA UNK A 194 -0.11 -45.66 20.19
C UNK A 194 -0.30 -46.29 21.55
N UNK A 195 -1.11 -45.61 22.36
CA UNK A 195 -1.41 -46.06 23.72
C UNK A 195 -2.29 -47.29 23.56
N UNK A 196 -3.29 -47.18 22.68
CA UNK A 196 -4.22 -48.28 22.44
C UNK A 196 -3.48 -49.56 21.98
N UNK A 197 -2.66 -49.38 20.94
CA UNK A 197 -1.87 -50.47 20.37
C UNK A 197 -0.93 -50.92 21.47
N UNK A 198 -0.91 -50.16 22.56
CA UNK A 198 -0.05 -50.49 23.65
C UNK A 198 -0.63 -51.62 24.44
N UNK A 199 -1.67 -51.31 25.21
CA UNK A 199 -2.31 -52.32 26.02
C UNK A 199 -2.47 -53.58 25.20
N UNK A 200 -3.01 -53.40 23.99
CA UNK A 200 -3.26 -54.50 23.04
C UNK A 200 -2.06 -55.45 22.91
N UNK A 201 -0.90 -54.91 23.35
CA UNK A 201 0.40 -55.57 23.35
C UNK A 201 0.81 -55.85 24.78
N UNK A 202 0.14 -55.20 25.74
CA UNK A 202 0.43 -55.37 27.16
C UNK A 202 1.83 -54.89 27.55
N UNK A 203 2.22 -53.71 27.04
CA UNK A 203 3.52 -53.08 27.32
C UNK A 203 3.23 -52.07 28.44
N UNK A 204 4.19 -51.84 29.36
CA UNK A 204 3.99 -50.89 30.47
C UNK A 204 4.54 -49.49 30.21
N UNK A 205 4.87 -49.23 28.95
CA UNK A 205 5.44 -47.96 28.51
C UNK A 205 6.08 -47.19 29.65
N UNK A 206 5.34 -46.27 30.26
CA UNK A 206 5.84 -45.42 31.34
C UNK A 206 6.70 -46.04 32.49
N UNK A 207 6.52 -47.33 32.80
CA UNK A 207 7.26 -48.02 33.91
C UNK A 207 8.79 -47.91 33.92
N UNK A 208 9.33 -47.06 33.06
CA UNK A 208 10.77 -46.86 32.98
C UNK A 208 11.15 -45.62 33.79
N UNK A 209 10.72 -44.44 33.34
CA UNK A 209 11.00 -43.18 34.06
C UNK A 209 10.37 -43.29 35.44
N UNK A 210 9.91 -44.50 35.76
CA UNK A 210 9.34 -44.82 37.07
C UNK A 210 10.58 -45.26 37.85
N UNK A 211 11.36 -46.15 37.25
CA UNK A 211 12.57 -46.61 37.91
C UNK A 211 13.57 -45.45 38.03
N UNK A 212 13.69 -44.64 36.97
CA UNK A 212 14.62 -43.50 37.00
C UNK A 212 14.08 -42.38 37.86
N UNK A 213 13.20 -42.78 38.78
CA UNK A 213 12.60 -41.90 39.75
C UNK A 213 13.07 -42.55 41.04
N UNK A 214 12.78 -43.84 41.20
CA UNK A 214 13.23 -44.57 42.39
C UNK A 214 14.72 -44.37 42.61
N UNK A 215 15.54 -45.13 41.88
CA UNK A 215 17.00 -45.02 42.04
C UNK A 215 17.46 -43.57 42.19
N UNK A 216 16.77 -42.61 41.57
CA UNK A 216 17.18 -41.20 41.68
C UNK A 216 16.77 -40.57 43.00
N UNK A 217 15.73 -41.12 43.63
CA UNK A 217 15.30 -40.61 44.93
C UNK A 217 16.32 -41.24 45.89
N UNK A 218 16.63 -42.52 45.68
CA UNK A 218 17.61 -43.21 46.51
C UNK A 218 18.96 -42.60 46.19
N UNK A 219 19.00 -41.64 45.28
CA UNK A 219 20.26 -41.01 44.95
C UNK A 219 20.62 -40.02 46.05
N UNK A 220 19.94 -38.88 46.09
CA UNK A 220 20.22 -37.84 47.10
C UNK A 220 20.14 -38.33 48.56
N UNK A 221 19.60 -39.54 48.75
CA UNK A 221 19.51 -40.11 50.08
C UNK A 221 20.93 -40.50 50.49
N UNK A 222 21.68 -41.09 49.55
CA UNK A 222 23.06 -41.46 49.80
C UNK A 222 23.86 -40.16 49.79
N UNK A 223 23.98 -39.51 48.63
CA UNK A 223 24.75 -38.25 48.52
C UNK A 223 24.48 -37.23 49.63
N UNK A 224 23.58 -37.59 50.54
CA UNK A 224 23.21 -36.74 51.69
C UNK A 224 23.85 -37.23 53.00
N UNK A 225 24.12 -38.53 53.09
CA UNK A 225 24.79 -39.05 54.27
C UNK A 225 26.25 -38.73 53.98
N UNK A 226 26.72 -39.11 52.78
CA UNK A 226 28.11 -38.85 52.40
C UNK A 226 28.32 -37.35 52.41
N UNK A 227 27.23 -36.61 52.63
CA UNK A 227 27.29 -35.16 52.72
C UNK A 227 27.49 -34.77 54.20
N UNK A 228 26.82 -35.46 55.13
CA UNK A 228 27.03 -35.15 56.55
C UNK A 228 28.41 -35.68 56.89
N UNK A 229 28.56 -37.00 56.82
CA UNK A 229 29.84 -37.61 57.12
C UNK A 229 30.96 -36.73 56.58
N UNK A 230 30.79 -36.19 55.37
CA UNK A 230 31.81 -35.32 54.78
C UNK A 230 31.65 -33.91 55.34
N UNK A 231 31.22 -33.82 56.59
CA UNK A 231 31.02 -32.53 57.21
C UNK A 231 31.16 -32.64 58.71
N UNK A 232 31.17 -33.88 59.20
CA UNK A 232 31.35 -34.17 60.62
C UNK A 232 32.85 -34.42 60.72
N UNK A 233 33.35 -35.21 59.78
CA UNK A 233 34.77 -35.50 59.72
C UNK A 233 35.35 -34.31 58.93
N UNK A 234 36.65 -34.35 58.68
CA UNK A 234 37.35 -33.27 57.96
C UNK A 234 37.31 -33.32 56.43
N UNK A 235 37.34 -32.14 55.81
CA UNK A 235 37.39 -32.07 54.35
C UNK A 235 38.71 -32.77 54.03
N UNK A 236 39.74 -32.48 54.83
CA UNK A 236 41.02 -33.12 54.65
C UNK A 236 40.82 -34.58 55.12
N UNK A 237 40.49 -34.79 56.40
CA UNK A 237 40.30 -36.17 56.95
C UNK A 237 39.66 -37.12 55.95
N UNK A 238 38.61 -36.64 55.29
CA UNK A 238 37.89 -37.43 54.29
C UNK A 238 38.72 -37.52 53.03
N UNK A 239 38.91 -36.39 52.36
CA UNK A 239 39.71 -36.37 51.15
C UNK A 239 41.15 -36.70 51.56
N UNK A 240 41.31 -37.49 52.61
CA UNK A 240 42.63 -37.85 53.09
C UNK A 240 42.71 -39.29 53.53
N UNK A 241 41.72 -39.75 54.28
CA UNK A 241 41.74 -41.13 54.72
C UNK A 241 41.82 -42.01 53.49
N UNK A 242 41.76 -43.33 53.69
CA UNK A 242 41.83 -44.35 52.62
C UNK A 242 42.78 -44.01 51.45
N UNK A 243 42.71 -44.82 50.38
CA UNK A 243 43.53 -44.63 49.20
C UNK A 243 44.78 -45.50 49.21
N UNK A 244 45.88 -44.92 48.69
CA UNK A 244 47.23 -45.52 48.52
C UNK A 244 47.72 -46.54 49.57
N UNK A 245 48.39 -47.59 49.11
CA UNK A 245 48.89 -48.60 50.02
C UNK A 245 49.34 -49.84 49.29
N UNK A 246 48.85 -49.94 48.05
CA UNK A 246 49.08 -51.04 47.09
C UNK A 246 49.91 -52.25 47.53
N UNK A 247 50.21 -53.09 46.55
CA UNK A 247 51.05 -54.26 46.79
C UNK A 247 51.91 -54.35 45.52
N UNK A 248 52.07 -53.21 44.87
CA UNK A 248 52.90 -53.16 43.69
C UNK A 248 53.82 -51.97 43.89
N UNK A 249 54.83 -52.18 44.74
CA UNK A 249 55.89 -51.22 45.09
C UNK A 249 57.22 -51.95 44.91
N UNK A 250 58.07 -51.35 44.10
CA UNK A 250 59.36 -51.94 43.78
C UNK A 250 60.24 -52.35 44.97
N UNK A 251 60.91 -53.49 44.82
CA UNK A 251 61.83 -54.03 45.80
C UNK A 251 63.19 -53.85 45.14
N UNK A 252 63.85 -52.72 45.41
CA UNK A 252 65.16 -52.39 44.86
C UNK A 252 66.24 -52.95 45.78
N UNK A 253 66.92 -54.01 45.34
CA UNK A 253 67.96 -54.61 46.19
C UNK A 253 68.86 -55.67 45.55
N UNK A 254 70.06 -55.25 45.18
CA UNK A 254 71.07 -56.15 44.61
C UNK A 254 72.40 -55.40 44.39
N UNK A 255 73.32 -55.55 45.35
CA UNK A 255 74.65 -54.95 45.27
C UNK A 255 75.43 -55.96 44.42
N UNK A 256 74.86 -57.16 44.34
CA UNK A 256 75.40 -58.28 43.60
C UNK A 256 75.48 -57.91 42.13
N UNK A 257 76.33 -56.91 41.85
CA UNK A 257 76.61 -56.36 40.52
C UNK A 257 76.43 -54.85 40.47
N UNK A 258 76.13 -54.27 41.62
CA UNK A 258 76.00 -52.82 41.72
C UNK A 258 77.16 -52.54 42.68
N UNK A 259 77.26 -51.31 43.22
CA UNK A 259 78.35 -50.89 44.12
C UNK A 259 79.66 -50.95 43.33
N UNK A 260 79.92 -52.09 42.68
CA UNK A 260 81.12 -52.29 41.85
C UNK A 260 81.18 -51.16 40.81
N UNK A 261 80.15 -50.33 40.83
CA UNK A 261 80.03 -49.18 39.96
C UNK A 261 80.69 -48.05 40.70
N UNK A 262 80.11 -47.72 41.86
CA UNK A 262 80.64 -46.64 42.69
C UNK A 262 82.19 -46.66 42.72
N UNK A 263 82.76 -47.87 42.60
CA UNK A 263 84.23 -48.09 42.59
C UNK A 263 84.76 -47.82 41.18
N UNK A 264 84.12 -48.43 40.18
CA UNK A 264 84.51 -48.21 38.79
C UNK A 264 84.28 -46.73 38.47
N UNK A 265 83.79 -45.98 39.47
CA UNK A 265 83.54 -44.55 39.33
C UNK A 265 84.64 -43.79 40.07
N UNK A 266 84.73 -44.01 41.38
CA UNK A 266 85.76 -43.34 42.17
C UNK A 266 87.13 -43.45 41.46
N UNK A 267 87.37 -44.60 40.82
CA UNK A 267 88.62 -44.86 40.11
C UNK A 267 88.68 -44.20 38.73
N UNK A 268 87.56 -43.65 38.29
CA UNK A 268 87.45 -42.95 37.02
C UNK A 268 87.33 -41.50 37.45
N UNK A 269 87.11 -41.33 38.75
CA UNK A 269 86.96 -40.02 39.39
C UNK A 269 88.33 -39.61 39.94
N UNK A 270 88.95 -40.51 40.71
CA UNK A 270 90.27 -40.23 41.26
C UNK A 270 91.14 -39.94 40.05
N UNK A 271 91.09 -40.85 39.07
CA UNK A 271 91.86 -40.73 37.84
C UNK A 271 91.60 -39.42 37.13
N UNK A 272 90.81 -38.56 37.77
CA UNK A 272 90.48 -37.27 37.23
C UNK A 272 90.38 -36.31 38.39
N UNK A 273 90.06 -35.06 38.10
CA UNK A 273 89.95 -34.03 39.13
C UNK A 273 88.72 -34.14 40.03
N UNK A 274 88.33 -35.38 40.38
CA UNK A 274 87.15 -35.60 41.23
C UNK A 274 87.41 -35.20 42.68
N UNK A 275 87.54 -36.20 43.54
CA UNK A 275 87.82 -35.94 44.94
C UNK A 275 89.34 -36.01 45.02
N UNK A 276 89.94 -35.14 45.83
CA UNK A 276 91.40 -35.08 45.97
C UNK A 276 91.99 -35.99 47.06
N UNK A 277 93.23 -36.43 46.84
CA UNK A 277 93.93 -37.32 47.74
C UNK A 277 93.90 -36.96 49.22
N UNK A 278 94.06 -38.03 50.01
CA UNK A 278 94.07 -38.04 51.46
C UNK A 278 93.98 -39.53 51.67
N UNK A 279 94.45 -40.25 50.65
CA UNK A 279 94.48 -41.72 50.63
C UNK A 279 95.18 -42.15 51.90
N UNK A 280 95.53 -41.14 52.70
CA UNK A 280 96.18 -41.34 53.98
C UNK A 280 95.17 -42.02 54.91
N UNK A 281 94.05 -41.35 55.18
CA UNK A 281 93.02 -41.92 56.03
C UNK A 281 92.32 -43.07 55.30
N UNK A 282 92.73 -43.30 54.05
CA UNK A 282 92.16 -44.35 53.21
C UNK A 282 92.08 -45.67 53.95
N UNK A 283 93.22 -46.32 54.14
CA UNK A 283 93.23 -47.60 54.86
C UNK A 283 93.12 -47.34 56.36
N UNK A 284 92.91 -46.07 56.73
CA UNK A 284 92.79 -45.63 58.13
C UNK A 284 91.40 -45.86 58.71
N UNK A 285 90.61 -46.65 58.01
CA UNK A 285 89.26 -47.03 58.42
C UNK A 285 89.24 -48.55 58.31
N UNK A 286 90.15 -49.07 57.49
CA UNK A 286 90.32 -50.49 57.31
C UNK A 286 91.13 -50.86 58.55
N UNK A 287 91.72 -49.83 59.15
CA UNK A 287 92.54 -49.94 60.36
C UNK A 287 91.80 -49.36 61.58
N UNK A 288 90.95 -48.36 61.34
CA UNK A 288 90.16 -47.76 62.41
C UNK A 288 89.07 -48.77 62.75
N UNK A 289 88.69 -49.55 61.74
CA UNK A 289 87.67 -50.60 61.87
C UNK A 289 88.38 -51.94 62.03
N UNK A 290 89.65 -51.89 62.43
CA UNK A 290 90.46 -53.08 62.67
C UNK A 290 90.30 -53.44 64.14
N UNK A 291 89.10 -53.14 64.65
CA UNK A 291 88.73 -53.38 66.05
C UNK A 291 89.34 -52.32 66.97
N UNK A 292 89.30 -51.06 66.55
CA UNK A 292 89.84 -49.96 67.34
C UNK A 292 89.27 -49.98 68.75
N UNK A 293 89.92 -50.73 69.64
CA UNK A 293 89.48 -50.88 71.03
C UNK A 293 89.74 -49.63 71.88
N UNK A 294 88.73 -49.27 72.68
CA UNK A 294 88.80 -48.09 73.56
C UNK A 294 90.02 -48.09 74.47
N UNK A 295 90.36 -46.92 74.99
CA UNK A 295 91.49 -46.78 75.89
C UNK A 295 91.01 -46.88 77.34
N UNK A 296 91.17 -48.06 77.94
CA UNK A 296 90.78 -48.34 79.32
C UNK A 296 89.33 -47.98 79.66
N UNK A 297 89.06 -46.68 79.76
CA UNK A 297 87.72 -46.20 80.11
C UNK A 297 86.93 -45.70 78.89
N UNK A 298 87.31 -44.53 78.38
CA UNK A 298 86.67 -43.92 77.22
C UNK A 298 85.17 -43.70 77.48
N UNK A 299 84.43 -44.80 77.48
CA UNK A 299 82.99 -44.83 77.69
C UNK A 299 82.51 -43.74 78.65
N UNK A 300 81.78 -44.14 79.69
CA UNK A 300 81.29 -43.18 80.66
C UNK A 300 82.48 -42.28 80.94
N UNK A 301 83.44 -42.79 81.69
CA UNK A 301 84.66 -42.07 82.02
C UNK A 301 84.56 -40.58 81.72
N UNK A 302 85.32 -40.14 80.71
CA UNK A 302 85.37 -38.73 80.28
C UNK A 302 84.04 -38.02 80.44
N UNK A 303 82.97 -38.79 80.26
CA UNK A 303 81.62 -38.28 80.39
C UNK A 303 81.24 -38.29 81.86
N UNK A 304 81.21 -39.49 82.43
CA UNK A 304 80.88 -39.66 83.84
C UNK A 304 81.52 -38.47 84.52
N UNK A 305 82.64 -38.03 83.93
CA UNK A 305 83.39 -36.88 84.41
C UNK A 305 82.46 -35.69 84.55
N UNK A 306 82.37 -34.89 83.49
CA UNK A 306 81.50 -33.72 83.52
C UNK A 306 80.12 -34.14 84.01
N UNK A 307 79.88 -35.45 84.04
CA UNK A 307 78.60 -36.00 84.47
C UNK A 307 78.37 -35.80 85.97
N UNK A 308 78.79 -36.77 86.79
CA UNK A 308 78.62 -36.69 88.23
C UNK A 308 79.19 -35.39 88.77
N UNK A 309 79.64 -34.53 87.85
CA UNK A 309 80.20 -33.21 88.18
C UNK A 309 79.16 -32.12 87.88
N UNK A 310 78.67 -32.09 86.64
CA UNK A 310 77.65 -31.11 86.25
C UNK A 310 76.30 -31.71 86.61
N UNK A 311 76.36 -32.77 87.43
CA UNK A 311 75.19 -33.50 87.93
C UNK A 311 75.33 -33.65 89.45
N UNK A 312 76.18 -32.81 90.03
CA UNK A 312 76.45 -32.78 91.47
C UNK A 312 76.53 -31.30 91.92
N UNK A 313 75.89 -30.43 91.13
CA UNK A 313 75.83 -29.00 91.39
C UNK A 313 74.93 -28.27 90.37
N UNK A 314 75.05 -28.63 89.09
CA UNK A 314 74.23 -28.03 88.03
C UNK A 314 72.78 -28.41 88.27
N UNK A 315 72.57 -29.23 89.28
CA UNK A 315 71.26 -29.71 89.68
C UNK A 315 71.32 -30.46 91.00
N UNK A 316 72.04 -29.92 91.98
CA UNK A 316 72.18 -30.54 93.30
C UNK A 316 72.91 -29.62 94.27
N UNK A 317 89.69 -40.46 74.29
CA UNK A 317 91.03 -40.61 73.72
C UNK A 317 91.32 -39.54 72.65
N UNK A 318 92.12 -39.88 71.65
CA UNK A 318 92.48 -38.97 70.56
C UNK A 318 93.56 -39.59 69.64
N UNK A 319 93.45 -39.36 68.33
CA UNK A 319 94.42 -39.88 67.37
C UNK A 319 94.67 -38.87 66.24
N UNK A 320 94.78 -39.37 65.01
CA UNK A 320 95.02 -38.50 63.84
C UNK A 320 93.78 -38.31 62.96
N UNK A 321 94.01 -37.97 61.70
CA UNK A 321 92.93 -37.75 60.73
C UNK A 321 93.51 -37.16 59.45
N UNK A 322 93.54 -37.95 58.37
CA UNK A 322 94.08 -37.48 57.10
C UNK A 322 93.25 -36.36 56.52
N UNK A 323 92.25 -35.94 57.28
CA UNK A 323 91.32 -34.86 56.91
C UNK A 323 91.78 -34.01 55.74
N UNK A 324 91.61 -34.55 54.52
CA UNK A 324 91.98 -33.85 53.30
C UNK A 324 90.83 -33.88 52.29
N UNK A 325 91.04 -33.25 51.14
CA UNK A 325 90.02 -33.17 50.08
C UNK A 325 89.28 -34.48 49.82
N UNK A 326 89.85 -35.57 50.32
CA UNK A 326 89.26 -36.88 50.14
C UNK A 326 87.91 -36.94 50.85
N UNK A 327 87.89 -36.60 52.13
CA UNK A 327 86.68 -36.62 52.94
C UNK A 327 85.77 -37.75 52.44
N UNK A 328 84.94 -37.44 51.45
CA UNK A 328 84.04 -38.42 50.87
C UNK A 328 84.79 -39.58 50.21
N UNK A 329 86.10 -39.43 50.02
CA UNK A 329 86.87 -40.50 49.43
C UNK A 329 87.02 -41.56 50.51
N UNK A 330 86.35 -41.33 51.64
CA UNK A 330 86.37 -42.24 52.79
C UNK A 330 84.96 -42.73 53.09
N UNK A 331 83.99 -41.85 52.89
CA UNK A 331 82.60 -42.18 53.11
C UNK A 331 82.20 -43.12 51.98
N UNK A 332 82.59 -42.77 50.75
CA UNK A 332 82.30 -43.59 49.58
C UNK A 332 83.33 -44.72 49.62
N UNK A 333 84.30 -44.56 50.49
CA UNK A 333 85.31 -45.57 50.64
C UNK A 333 84.72 -46.57 51.62
N UNK A 334 84.33 -46.04 52.78
CA UNK A 334 83.74 -46.81 53.87
C UNK A 334 82.77 -47.86 53.33
N UNK A 335 81.81 -47.38 52.54
CA UNK A 335 80.79 -48.23 51.93
C UNK A 335 81.40 -49.13 50.84
N UNK A 336 82.36 -48.60 50.07
CA UNK A 336 83.00 -49.39 49.03
C UNK A 336 83.50 -50.65 49.75
N UNK A 337 83.86 -50.49 51.02
CA UNK A 337 84.35 -51.56 51.87
C UNK A 337 83.16 -52.31 52.48
N UNK A 338 82.17 -51.54 52.95
CA UNK A 338 80.95 -52.06 53.56
C UNK A 338 80.52 -53.31 52.80
N UNK A 339 80.66 -53.22 51.48
CA UNK A 339 80.34 -54.31 50.57
C UNK A 339 81.66 -55.04 50.33
N UNK A 340 81.70 -56.33 50.71
CA UNK A 340 82.88 -57.16 50.57
C UNK A 340 83.05 -57.66 49.15
N UNK A 341 82.02 -58.32 48.62
CA UNK A 341 82.08 -58.85 47.28
C UNK A 341 83.21 -59.88 47.26
N UNK A 342 83.02 -60.96 48.01
CA UNK A 342 84.00 -62.03 48.10
C UNK A 342 84.35 -62.63 46.72
N UNK A 343 85.62 -62.51 46.33
CA UNK A 343 86.11 -63.01 45.04
C UNK A 343 85.48 -62.22 43.90
N UNK A 344 84.57 -61.33 44.26
CA UNK A 344 83.87 -60.48 43.31
C UNK A 344 84.63 -59.18 43.13
N UNK A 345 84.25 -58.15 43.88
CA UNK A 345 84.90 -56.85 43.80
C UNK A 345 86.39 -57.04 44.11
N UNK A 346 86.73 -58.17 44.72
CA UNK A 346 88.12 -58.49 45.04
C UNK A 346 88.84 -58.66 43.70
N UNK A 347 88.38 -59.62 42.91
CA UNK A 347 88.98 -59.87 41.60
C UNK A 347 88.85 -58.66 40.67
N UNK A 348 87.88 -57.79 40.93
CA UNK A 348 87.69 -56.58 40.13
C UNK A 348 88.52 -55.45 40.72
N UNK A 349 88.32 -55.12 41.99
CA UNK A 349 89.11 -54.06 42.62
C UNK A 349 90.57 -54.50 42.48
N UNK A 350 90.75 -55.65 41.81
CA UNK A 350 92.07 -56.25 41.54
C UNK A 350 92.68 -55.70 40.25
N UNK A 351 91.89 -55.65 39.16
CA UNK A 351 92.42 -55.10 37.92
C UNK A 351 92.44 -53.60 38.11
N UNK A 352 92.78 -53.20 39.35
CA UNK A 352 92.92 -51.81 39.81
C UNK A 352 94.33 -51.47 39.39
N UNK A 353 95.15 -52.52 39.35
CA UNK A 353 96.52 -52.44 38.91
C UNK A 353 96.31 -52.64 37.42
N UNK A 354 96.16 -53.91 37.03
CA UNK A 354 95.92 -54.39 35.65
C UNK A 354 96.52 -53.59 34.47
N UNK A 355 96.47 -52.26 34.56
CA UNK A 355 97.01 -51.36 33.54
C UNK A 355 97.13 -49.96 34.18
N UNK A 356 97.29 -49.96 35.50
CA UNK A 356 97.43 -48.74 36.27
C UNK A 356 98.94 -48.49 36.48
N UNK A 357 99.62 -48.02 35.42
CA UNK A 357 101.06 -47.73 35.44
C UNK A 357 101.29 -46.22 35.57
N UNK A 358 101.16 -45.73 36.80
CA UNK A 358 101.30 -44.34 37.22
C UNK A 358 102.15 -43.38 36.39
N UNK A 359 102.40 -43.72 35.13
CA UNK A 359 103.19 -42.86 34.26
C UNK A 359 102.48 -41.54 34.05
N UNK A 360 101.54 -41.22 34.95
CA UNK A 360 100.76 -39.99 34.89
C UNK A 360 100.80 -39.23 36.23
N UNK A 361 100.22 -38.02 36.24
CA UNK A 361 100.18 -37.13 37.42
C UNK A 361 99.56 -37.67 38.71
N UNK A 362 98.25 -37.47 38.86
CA UNK A 362 97.54 -37.96 40.04
C UNK A 362 97.14 -39.43 39.84
N UNK A 363 97.24 -39.90 38.59
CA UNK A 363 96.91 -41.29 38.24
C UNK A 363 97.35 -42.26 39.32
N UNK A 364 98.53 -42.02 39.90
CA UNK A 364 99.04 -42.87 40.96
C UNK A 364 98.27 -42.59 42.25
N UNK A 365 97.98 -41.31 42.50
CA UNK A 365 97.25 -40.89 43.70
C UNK A 365 96.11 -41.86 43.98
N UNK A 366 95.68 -42.52 42.91
CA UNK A 366 94.61 -43.51 42.96
C UNK A 366 95.28 -44.89 43.04
N UNK A 367 96.24 -45.13 42.15
CA UNK A 367 96.95 -46.40 42.13
C UNK A 367 97.40 -46.79 43.54
N UNK A 368 97.47 -45.80 44.41
CA UNK A 368 97.86 -45.99 45.81
C UNK A 368 96.61 -46.22 46.65
N UNK A 369 95.63 -45.31 46.55
CA UNK A 369 94.37 -45.42 47.30
C UNK A 369 93.69 -46.71 46.87
N UNK A 370 94.14 -47.22 45.72
CA UNK A 370 93.63 -48.47 45.15
C UNK A 370 94.24 -49.63 45.90
N UNK A 371 95.55 -49.54 46.15
CA UNK A 371 96.27 -50.58 46.88
C UNK A 371 95.58 -50.79 48.23
N UNK A 372 95.30 -49.68 48.93
CA UNK A 372 94.64 -49.72 50.23
C UNK A 372 93.37 -50.56 50.16
N UNK A 373 92.35 -50.04 49.49
CA UNK A 373 91.09 -50.75 49.37
C UNK A 373 91.31 -52.17 48.84
N UNK A 374 92.29 -52.32 47.95
CA UNK A 374 92.61 -53.62 47.37
C UNK A 374 92.90 -54.63 48.46
N UNK A 375 92.93 -54.14 49.70
CA UNK A 375 93.20 -54.99 50.85
C UNK A 375 92.35 -54.49 52.00
N UNK A 376 92.35 -53.17 52.19
CA UNK A 376 91.57 -52.54 53.23
C UNK A 376 90.18 -53.15 53.10
N UNK A 377 89.89 -53.61 51.89
CA UNK A 377 88.62 -54.23 51.56
C UNK A 377 88.80 -55.73 51.33
N UNK A 378 90.06 -56.16 51.16
CA UNK A 378 90.35 -57.57 50.94
C UNK A 378 90.26 -58.34 52.25
N UNK A 379 90.59 -57.65 53.34
CA UNK A 379 90.53 -58.24 54.65
C UNK A 379 89.11 -58.14 55.17
N UNK A 380 88.44 -57.03 54.84
CA UNK A 380 87.07 -56.81 55.28
C UNK A 380 86.15 -57.92 54.78
N UNK A 381 86.61 -58.66 53.76
CA UNK A 381 85.83 -59.75 53.17
C UNK A 381 85.34 -60.70 54.27
N UNK A 382 84.50 -61.65 53.89
CA UNK A 382 83.95 -62.62 54.83
C UNK A 382 83.77 -62.06 56.26
N UNK A 383 83.46 -60.77 56.38
CA UNK A 383 83.25 -60.13 57.69
C UNK A 383 81.90 -59.40 57.74
N UNK A 384 81.28 -59.35 58.92
CA UNK A 384 79.98 -58.69 59.07
C UNK A 384 80.04 -57.29 58.46
N UNK A 385 79.21 -57.09 57.43
CA UNK A 385 79.15 -55.84 56.68
C UNK A 385 79.10 -54.53 57.49
N UNK A 386 79.62 -53.49 56.84
CA UNK A 386 79.73 -52.11 57.34
C UNK A 386 79.18 -51.70 58.70
N UNK A 387 78.95 -50.40 58.82
CA UNK A 387 78.43 -49.80 60.02
C UNK A 387 77.81 -48.48 59.65
N UNK A 388 76.87 -48.03 60.48
CA UNK A 388 76.20 -46.76 60.27
C UNK A 388 77.19 -45.63 60.53
N UNK A 389 78.45 -45.90 60.19
CA UNK A 389 79.59 -44.99 60.38
C UNK A 389 79.50 -43.71 59.59
N UNK A 390 79.05 -42.65 60.27
CA UNK A 390 78.90 -41.33 59.65
C UNK A 390 80.22 -40.58 59.51
N UNK A 391 81.19 -41.23 58.87
CA UNK A 391 82.52 -40.67 58.64
C UNK A 391 82.42 -39.40 57.82
N UNK A 392 81.93 -38.33 58.43
CA UNK A 392 81.76 -37.05 57.76
C UNK A 392 81.83 -35.91 58.76
N UNK A 393 82.84 -35.06 58.60
CA UNK A 393 83.03 -33.93 59.49
C UNK A 393 81.69 -33.23 59.72
N UNK A 394 81.18 -33.31 60.94
CA UNK A 394 79.90 -32.69 61.29
C UNK A 394 80.01 -31.17 61.34
N UNK A 395 78.87 -30.49 61.24
CA UNK A 395 78.84 -29.02 61.25
C UNK A 395 77.97 -28.42 62.35
N UNK A 396 77.51 -27.20 62.11
CA UNK A 396 76.66 -26.49 63.07
C UNK A 396 75.91 -25.32 62.43
N UNK A 397 75.74 -24.24 63.20
CA UNK A 397 75.01 -23.06 62.73
C UNK A 397 75.98 -21.96 62.29
N UNK A 398 75.56 -21.18 61.28
CA UNK A 398 76.39 -20.07 60.73
C UNK A 398 75.54 -18.92 60.19
N UNK A 399 74.39 -18.67 60.81
CA UNK A 399 73.48 -17.60 60.41
C UNK A 399 74.10 -16.22 60.66
N UNK A 400 74.28 -15.46 59.60
CA UNK A 400 74.88 -14.12 59.70
C UNK A 400 74.13 -13.02 58.94
N UNK A 401 73.77 -11.96 59.65
CA UNK A 401 73.06 -10.82 59.06
C UNK A 401 74.07 -9.85 58.48
N UNK A 402 73.91 -9.50 57.20
CA UNK A 402 74.84 -8.58 56.56
C UNK A 402 74.43 -7.13 56.77
N UNK A 403 75.15 -6.22 56.12
CA UNK A 403 74.87 -4.81 56.27
C UNK A 403 74.01 -4.25 55.14
N UNK A 404 74.61 -3.33 54.38
CA UNK A 404 73.98 -2.65 53.26
C UNK A 404 72.89 -3.46 52.54
N UNK A 405 73.17 -3.86 51.30
CA UNK A 405 72.21 -4.62 50.50
C UNK A 405 72.33 -6.14 50.71
N UNK A 406 72.41 -6.55 51.97
CA UNK A 406 72.51 -7.97 52.31
C UNK A 406 71.76 -8.25 53.61
N UNK A 407 70.89 -9.26 53.56
CA UNK A 407 70.09 -9.64 54.72
C UNK A 407 70.60 -10.90 55.41
N UNK A 408 69.92 -12.02 55.18
CA UNK A 408 70.28 -13.30 55.80
C UNK A 408 71.47 -14.02 55.16
N UNK A 409 72.09 -14.91 55.93
CA UNK A 409 73.24 -15.69 55.48
C UNK A 409 72.82 -17.14 55.19
N UNK A 410 73.27 -18.08 56.01
CA UNK A 410 72.93 -19.49 55.80
C UNK A 410 73.22 -20.35 57.02
N UNK A 411 72.98 -21.66 56.88
CA UNK A 411 73.22 -22.61 57.96
C UNK A 411 74.56 -23.32 57.77
N UNK A 412 74.71 -24.46 58.44
CA UNK A 412 75.92 -25.30 58.40
C UNK A 412 77.23 -24.60 57.98
N UNK A 413 78.18 -24.55 58.93
CA UNK A 413 79.49 -23.93 58.70
C UNK A 413 80.60 -24.99 58.71
N UNK A 414 81.06 -25.36 59.90
CA UNK A 414 82.12 -26.38 60.03
C UNK A 414 82.45 -26.71 61.48
N UNK A 415 82.16 -25.78 62.39
CA UNK A 415 82.41 -25.94 63.83
C UNK A 415 83.77 -26.55 64.21
N UNK A 416 84.57 -25.80 64.95
CA UNK A 416 85.90 -26.25 65.38
C UNK A 416 85.80 -27.25 66.54
N UNK A 417 86.92 -27.92 66.83
CA UNK A 417 86.98 -28.91 67.91
C UNK A 417 86.09 -30.12 67.60
N UNK A 418 85.32 -30.03 66.52
CA UNK A 418 84.44 -31.11 66.10
C UNK A 418 85.28 -32.02 65.23
N UNK A 419 85.03 -31.99 63.93
CA UNK A 419 85.77 -32.79 62.96
C UNK A 419 85.63 -34.32 63.01
N UNK A 420 85.95 -34.93 64.16
CA UNK A 420 85.87 -36.39 64.29
C UNK A 420 84.57 -36.90 64.90
N UNK A 421 84.04 -37.97 64.32
CA UNK A 421 82.81 -38.56 64.83
C UNK A 421 83.00 -38.83 66.33
N UNK A 422 84.12 -39.46 66.67
CA UNK A 422 84.45 -39.78 68.06
C UNK A 422 84.07 -38.60 68.94
N UNK A 423 84.49 -37.42 68.49
CA UNK A 423 84.22 -36.18 69.21
C UNK A 423 82.74 -36.08 69.53
N UNK A 424 81.92 -36.20 68.49
CA UNK A 424 80.45 -36.09 68.63
C UNK A 424 79.96 -36.76 69.92
N UNK A 425 80.69 -37.79 70.35
CA UNK A 425 80.38 -38.55 71.57
C UNK A 425 80.80 -37.76 72.80
N UNK A 426 82.10 -37.72 73.06
CA UNK A 426 82.61 -36.99 74.21
C UNK A 426 81.99 -35.59 74.15
N UNK A 427 82.05 -34.98 72.98
CA UNK A 427 81.50 -33.65 72.77
C UNK A 427 80.21 -33.49 73.53
N UNK A 428 79.18 -34.22 73.10
CA UNK A 428 77.89 -34.16 73.76
C UNK A 428 77.99 -34.82 75.14
N UNK A 429 78.98 -35.68 75.33
CA UNK A 429 79.15 -36.38 76.60
C UNK A 429 79.09 -35.42 77.79
N UNK A 430 79.83 -34.32 77.68
CA UNK A 430 79.89 -33.30 78.72
C UNK A 430 79.28 -32.01 78.21
N UNK A 431 78.59 -31.28 79.07
CA UNK A 431 77.97 -30.02 78.65
C UNK A 431 78.03 -28.91 79.69
N UNK A 432 78.34 -27.70 79.21
CA UNK A 432 78.44 -26.51 80.04
C UNK A 432 77.16 -26.22 80.80
N UNK A 433 77.19 -25.17 81.61
CA UNK A 433 76.04 -24.80 82.43
C UNK A 433 75.42 -26.07 83.02
N UNK A 434 74.18 -25.98 83.47
CA UNK A 434 73.52 -27.14 84.03
C UNK A 434 73.53 -28.22 82.94
N UNK A 435 74.03 -29.41 83.27
CA UNK A 435 74.09 -30.51 82.31
C UNK A 435 74.47 -31.85 82.94
N UNK A 436 73.72 -32.90 82.59
CA UNK A 436 73.99 -34.25 83.09
C UNK A 436 74.58 -35.04 81.94
N UNK A 437 74.80 -34.30 80.84
CA UNK A 437 75.34 -34.78 79.57
C UNK A 437 74.27 -34.48 78.51
N UNK A 438 74.64 -33.75 77.45
CA UNK A 438 73.70 -33.42 76.36
C UNK A 438 73.43 -34.69 75.55
N UNK A 439 72.57 -35.54 76.12
CA UNK A 439 72.14 -36.84 75.58
C UNK A 439 71.98 -37.81 76.75
N UNK A 440 70.99 -37.56 77.62
CA UNK A 440 70.72 -38.39 78.81
C UNK A 440 70.14 -39.79 78.50
N UNK A 441 69.27 -40.25 79.39
CA UNK A 441 68.60 -41.56 79.28
C UNK A 441 68.15 -41.90 80.69
N UNK A 442 66.99 -41.34 81.11
CA UNK A 442 66.41 -41.52 82.46
C UNK A 442 65.72 -42.86 82.71
N UNK A 443 65.12 -43.02 83.90
CA UNK A 443 64.43 -44.27 84.23
C UNK A 443 63.29 -44.12 85.22
N UNK A 444 62.68 -45.26 85.56
CA UNK A 444 61.54 -45.36 86.49
C UNK A 444 61.75 -44.71 87.86
N UNK A 445 61.16 -43.53 88.08
CA UNK A 445 61.31 -42.86 89.36
C UNK A 445 60.65 -43.62 90.50
N UNK A 446 60.38 -44.90 90.26
CA UNK A 446 59.75 -45.80 91.24
C UNK A 446 58.49 -45.23 91.86
N UNK A 447 58.23 -43.95 91.60
CA UNK A 447 57.06 -43.28 92.12
C UNK A 447 56.79 -41.95 91.40
N UNK A 448 57.70 -41.52 90.53
CA UNK A 448 57.51 -40.26 89.80
C UNK A 448 58.15 -40.22 88.41
N UNK A 449 58.54 -39.02 87.99
CA UNK A 449 59.16 -38.77 86.68
C UNK A 449 60.31 -39.71 86.30
N UNK A 450 61.33 -39.16 85.65
CA UNK A 450 62.49 -39.94 85.22
C UNK A 450 63.72 -39.05 85.10
N UNK A 451 64.57 -39.07 86.12
CA UNK A 451 65.79 -38.26 86.16
C UNK A 451 66.95 -38.97 85.46
N UNK A 452 67.99 -38.19 85.14
CA UNK A 452 69.19 -38.66 84.43
C UNK A 452 70.02 -39.74 85.08
N UNK A 453 69.39 -40.85 85.49
CA UNK A 453 70.10 -41.96 86.11
C UNK A 453 71.09 -42.53 85.11
N UNK A 454 72.17 -41.78 84.89
CA UNK A 454 73.22 -42.17 83.97
C UNK A 454 73.59 -43.62 84.17
N UNK A 455 72.99 -44.23 85.18
CA UNK A 455 73.22 -45.65 85.51
C UNK A 455 73.33 -46.39 84.20
N UNK A 456 72.26 -46.27 83.38
CA UNK A 456 72.22 -46.92 82.07
C UNK A 456 72.74 -45.94 81.04
N UNK A 457 72.48 -44.65 81.28
CA UNK A 457 72.93 -43.59 80.38
C UNK A 457 74.39 -43.84 80.02
N UNK A 458 75.02 -44.70 80.81
CA UNK A 458 76.40 -45.07 80.58
C UNK A 458 76.40 -45.77 79.23
N UNK A 459 75.90 -47.01 79.21
CA UNK A 459 75.84 -47.83 78.02
C UNK A 459 75.44 -47.09 76.73
N UNK A 460 74.42 -46.23 76.84
CA UNK A 460 73.89 -45.47 75.69
C UNK A 460 74.90 -44.50 75.09
N UNK A 461 75.65 -43.81 75.95
CA UNK A 461 76.65 -42.85 75.50
C UNK A 461 77.90 -43.66 75.20
N UNK A 462 78.11 -44.69 76.00
CA UNK A 462 79.28 -45.58 75.87
C UNK A 462 79.36 -46.23 74.49
N UNK A 463 78.47 -47.17 74.22
CA UNK A 463 78.46 -47.86 72.93
C UNK A 463 78.31 -46.90 71.75
N UNK A 464 77.49 -45.86 71.94
CA UNK A 464 77.30 -44.86 70.88
C UNK A 464 78.70 -44.49 70.44
N UNK A 465 79.57 -44.31 71.43
CA UNK A 465 80.96 -43.99 71.17
C UNK A 465 81.62 -45.20 70.50
N UNK A 466 81.39 -46.38 71.09
CA UNK A 466 81.95 -47.63 70.56
C UNK A 466 81.68 -47.75 69.07
N UNK A 467 81.00 -46.75 68.51
CA UNK A 467 80.71 -46.67 67.09
C UNK A 467 81.91 -45.98 66.45
N UNK A 468 81.72 -44.72 66.04
CA UNK A 468 82.78 -43.91 65.43
C UNK A 468 84.00 -44.69 64.90
N UNK A 469 84.96 -44.97 65.78
CA UNK A 469 86.16 -45.71 65.37
C UNK A 469 85.75 -47.11 64.93
N UNK A 470 85.46 -47.97 65.91
CA UNK A 470 85.02 -49.34 65.64
C UNK A 470 83.59 -49.31 65.13
N UNK A 471 83.38 -49.90 63.95
CA UNK A 471 82.08 -49.96 63.26
C UNK A 471 80.80 -50.23 64.09
N VAL A 472 79.69 -50.53 63.39
CA VAL A 472 78.38 -50.84 63.96
C VAL A 472 77.49 -51.45 62.87
N THR A 473 77.50 -52.79 62.78
CA THR A 473 76.70 -53.49 61.76
C THR A 473 75.25 -53.66 62.22
N PHE A 474 74.37 -53.92 61.26
CA PHE A 474 72.95 -54.07 61.53
C PHE A 474 72.30 -55.31 60.91
N LYS A 475 73.02 -55.97 60.01
CA LYS A 475 72.47 -57.15 59.36
C LYS A 475 71.54 -57.89 60.29
N ASP A 476 70.50 -58.49 59.72
CA ASP A 476 69.52 -59.22 60.49
C ASP A 476 68.84 -58.31 61.50
N LYS A 477 67.97 -57.46 60.97
CA LYS A 477 67.21 -56.51 61.76
C LYS A 477 65.81 -56.29 61.19
N TYR A 478 65.69 -56.10 59.88
CA TYR A 478 64.38 -55.91 59.27
C TYR A 478 63.62 -54.74 59.89
N VAL A 479 63.36 -53.69 59.11
CA VAL A 479 62.61 -52.55 59.65
C VAL A 479 61.84 -51.70 58.65
N LEU A 480 60.70 -51.17 59.09
CA LEU A 480 59.89 -50.30 58.27
C LEU A 480 59.92 -48.89 58.86
N ILE A 481 59.89 -47.89 57.97
CA ILE A 481 59.97 -46.50 58.41
C ILE A 481 58.85 -45.61 57.92
N THR A 482 58.26 -44.88 58.85
CA THR A 482 57.21 -43.94 58.51
C THR A 482 57.93 -42.72 57.97
N GLY A 483 58.85 -42.21 58.79
CA GLY A 483 59.65 -41.05 58.43
C GLY A 483 60.01 -40.87 56.97
N ALA A 484 59.94 -39.62 56.52
CA ALA A 484 60.23 -39.26 55.14
C ALA A 484 61.45 -39.92 54.51
N GLY A 485 61.71 -39.51 53.27
CA GLY A 485 62.85 -40.02 52.53
C GLY A 485 63.85 -38.90 52.33
N LYS A 486 63.98 -38.39 51.10
CA LYS A 486 64.91 -37.30 50.84
C LYS A 486 64.64 -36.22 51.88
N GLY A 487 63.44 -36.25 52.46
CA GLY A 487 63.08 -35.28 53.48
C GLY A 487 64.16 -35.11 54.54
N SER A 488 64.23 -36.05 55.48
CA SER A 488 65.21 -35.95 56.56
C SER A 488 65.18 -37.10 57.57
N ILE A 489 65.92 -36.90 58.65
CA ILE A 489 65.99 -37.82 59.76
C ILE A 489 66.16 -39.26 59.33
N GLY A 490 65.05 -39.92 59.06
CA GLY A 490 65.11 -41.31 58.64
C GLY A 490 65.99 -41.40 57.42
N ALA A 491 65.91 -40.35 56.60
CA ALA A 491 66.70 -40.28 55.38
C ALA A 491 68.04 -40.94 55.64
N GLU A 492 68.82 -40.31 56.53
CA GLU A 492 70.13 -40.79 56.92
C GLU A 492 69.94 -42.16 57.55
N VAL A 493 69.09 -42.20 58.57
CA VAL A 493 68.78 -43.41 59.30
C VAL A 493 68.83 -44.60 58.36
N LEU A 494 68.02 -44.54 57.31
CA LEU A 494 67.96 -45.59 56.32
C LEU A 494 69.36 -45.76 55.75
N GLN A 495 69.88 -44.70 55.15
CA GLN A 495 71.21 -44.74 54.58
C GLN A 495 72.01 -45.58 55.56
N GLY A 496 71.72 -45.40 56.84
CA GLY A 496 72.38 -46.17 57.87
C GLY A 496 71.97 -47.62 57.82
N LEU A 497 70.76 -47.90 58.29
CA LEU A 497 70.20 -49.25 58.29
C LEU A 497 70.75 -50.04 57.13
N LEU A 498 70.90 -49.35 56.02
CA LEU A 498 71.40 -49.89 54.77
C LEU A 498 72.87 -50.18 54.81
N GLN A 499 73.68 -49.14 55.03
CA GLN A 499 75.11 -49.36 55.11
C GLN A 499 75.25 -50.30 56.27
N GLY A 500 74.27 -50.28 57.17
CA GLY A 500 74.27 -51.15 58.31
C GLY A 500 74.31 -52.58 57.81
N GLY A 501 73.52 -52.85 56.77
CA GLY A 501 73.48 -54.17 56.20
C GLY A 501 72.16 -54.89 56.41
N ALA A 502 71.28 -54.21 57.13
CA ALA A 502 69.96 -54.75 57.43
C ALA A 502 69.13 -54.98 56.16
N LYS A 503 67.82 -55.05 56.35
CA LYS A 503 66.89 -55.26 55.26
C LYS A 503 65.72 -54.36 55.65
N VAL A 504 65.41 -53.39 54.80
CA VAL A 504 64.35 -52.45 55.15
C VAL A 504 63.23 -52.16 54.14
N VAL A 505 62.09 -51.77 54.71
CA VAL A 505 60.86 -51.43 54.00
C VAL A 505 60.50 -49.97 54.27
N VAL A 506 60.63 -49.12 53.27
CA VAL A 506 60.33 -47.71 53.47
C VAL A 506 58.94 -47.30 53.01
N THR A 507 58.40 -46.32 53.71
CA THR A 507 57.07 -45.81 53.42
C THR A 507 57.12 -44.42 52.80
N THR A 508 56.37 -44.22 51.71
CA THR A 508 56.32 -42.93 51.01
C THR A 508 54.97 -42.26 50.97
N SER A 509 54.97 -40.97 51.22
CA SER A 509 53.75 -40.20 51.19
C SER A 509 53.43 -39.88 49.74
N ARG A 510 54.41 -40.01 48.87
CA ARG A 510 54.18 -39.76 47.45
C ARG A 510 54.66 -40.98 46.72
N PHE A 511 55.26 -40.75 45.56
CA PHE A 511 55.80 -41.83 44.76
C PHE A 511 56.35 -41.20 43.51
N SER A 512 56.36 -41.98 42.44
CA SER A 512 56.85 -41.54 41.13
C SER A 512 58.34 -41.77 40.92
N LYS A 513 58.75 -41.80 39.66
CA LYS A 513 60.16 -41.98 39.30
C LYS A 513 60.95 -41.00 40.15
N GLN A 514 60.26 -39.94 40.60
CA GLN A 514 60.87 -38.94 41.45
C GLN A 514 61.54 -39.74 42.54
N VAL A 515 60.76 -40.60 43.17
CA VAL A 515 61.24 -41.44 44.22
C VAL A 515 61.58 -42.83 43.79
N THR A 516 60.90 -43.37 42.77
CA THR A 516 61.25 -44.72 42.30
C THR A 516 62.68 -44.60 41.76
N ASP A 517 63.29 -43.44 42.02
CA ASP A 517 64.66 -43.16 41.61
C ASP A 517 65.47 -42.63 42.77
N TYR A 518 64.80 -42.08 43.77
CA TYR A 518 65.56 -41.60 44.92
C TYR A 518 66.08 -42.85 45.60
N TYR A 519 65.19 -43.65 46.17
CA TYR A 519 65.59 -44.89 46.82
C TYR A 519 66.12 -45.81 45.74
N GLN A 520 66.76 -45.22 44.76
CA GLN A 520 67.36 -45.96 43.68
C GLN A 520 68.83 -45.89 44.02
N SER A 521 69.44 -44.73 43.80
CA SER A 521 70.85 -44.57 44.11
C SER A 521 71.01 -44.86 45.59
N ILE A 522 70.14 -44.25 46.39
CA ILE A 522 70.19 -44.43 47.82
C ILE A 522 70.49 -45.86 48.18
N TYR A 523 69.99 -46.83 47.42
CA TYR A 523 70.34 -48.19 47.75
C TYR A 523 71.74 -48.31 47.23
N ALA A 524 71.88 -48.87 46.02
CA ALA A 524 73.19 -49.05 45.42
C ALA A 524 74.08 -47.82 45.66
N LYS A 525 74.69 -47.80 46.84
CA LYS A 525 75.61 -46.74 47.30
C LYS A 525 75.75 -46.78 48.83
N TYR A 526 74.75 -47.34 49.50
CA TYR A 526 74.76 -47.47 50.95
C TYR A 526 74.27 -48.87 51.28
N GLY A 527 73.64 -49.50 50.29
CA GLY A 527 73.13 -50.82 50.50
C GLY A 527 74.33 -51.68 50.81
N ALA A 528 74.38 -52.23 52.03
CA ALA A 528 75.48 -53.06 52.45
C ALA A 528 75.45 -54.49 51.91
N LYS A 529 76.60 -55.16 51.97
CA LYS A 529 76.79 -56.53 51.51
C LYS A 529 75.48 -57.30 51.30
N GLY A 530 74.74 -57.51 52.39
CA GLY A 530 73.48 -58.25 52.30
C GLY A 530 72.22 -57.48 52.67
N SER A 531 72.13 -56.25 52.18
CA SER A 531 70.96 -55.41 52.44
C SER A 531 69.91 -55.68 51.36
N THR A 532 68.72 -55.15 51.60
CA THR A 532 67.59 -55.27 50.69
C THR A 532 66.65 -54.11 51.00
N LEU A 533 66.25 -53.36 49.98
CA LEU A 533 65.38 -52.23 50.21
C LEU A 533 64.04 -52.29 49.52
N ILE A 534 62.97 -52.26 50.31
CA ILE A 534 61.64 -52.27 49.74
C ILE A 534 61.02 -50.92 49.97
N VAL A 535 60.69 -50.29 48.84
CA VAL A 535 60.08 -48.97 48.80
C VAL A 535 58.60 -49.17 48.56
N VAL A 536 57.81 -48.70 49.51
CA VAL A 536 56.39 -48.86 49.39
C VAL A 536 55.62 -47.59 49.65
N PRO A 537 54.54 -47.39 48.89
CA PRO A 537 53.66 -46.23 48.99
C PRO A 537 52.71 -46.53 50.14
N PHE A 538 52.30 -45.51 50.87
CA PHE A 538 51.43 -45.74 52.03
C PHE A 538 51.07 -44.40 52.69
N ASN A 539 49.89 -44.32 53.31
CA ASN A 539 49.44 -43.10 54.01
C ASN A 539 48.98 -43.55 55.38
N GLN A 540 49.72 -43.19 56.41
CA GLN A 540 49.35 -43.65 57.74
C GLN A 540 47.90 -43.40 58.20
N GLY A 541 47.11 -42.67 57.41
CA GLY A 541 45.73 -42.42 57.80
C GLY A 541 44.82 -43.61 57.53
N SER A 542 43.64 -43.64 58.16
CA SER A 542 42.67 -44.74 57.99
C SER A 542 43.32 -46.11 57.87
N LYS A 543 43.32 -46.85 58.97
CA LYS A 543 43.95 -48.17 58.98
C LYS A 543 44.08 -48.77 57.60
N GLN A 544 43.23 -49.74 57.25
CA GLN A 544 43.30 -50.37 55.93
C GLN A 544 44.75 -50.35 55.48
N ASP A 545 45.06 -49.36 54.63
CA ASP A 545 46.41 -49.14 54.11
C ASP A 545 47.40 -49.61 55.16
N VAL A 546 47.09 -49.28 56.40
CA VAL A 546 47.90 -49.67 57.52
C VAL A 546 47.80 -51.18 57.65
N GLU A 547 46.67 -51.63 58.18
CA GLU A 547 46.42 -53.03 58.38
C GLU A 547 47.06 -53.88 57.31
N ALA A 548 47.07 -53.38 56.09
CA ALA A 548 47.66 -54.13 54.98
C ALA A 548 49.17 -54.00 54.90
N LEU A 549 49.68 -52.79 55.08
CA LEU A 549 51.10 -52.61 55.04
C LEU A 549 51.69 -53.67 55.96
N ILE A 550 51.36 -53.55 57.25
CA ILE A 550 51.80 -54.51 58.26
C ILE A 550 51.61 -55.88 57.64
N GLU A 551 50.38 -56.14 57.27
CA GLU A 551 49.96 -57.39 56.64
C GLU A 551 50.95 -57.80 55.58
N PHE A 552 50.93 -57.09 54.46
CA PHE A 552 51.83 -57.37 53.35
C PHE A 552 53.24 -57.79 53.77
N ILE A 553 53.68 -57.28 54.91
CA ILE A 553 55.01 -57.56 55.41
C ILE A 553 55.26 -58.95 55.96
N TYR A 554 54.20 -59.64 56.34
CA TYR A 554 54.36 -60.97 56.88
C TYR A 554 53.93 -62.09 55.96
N ASP A 555 52.92 -61.85 55.15
CA ASP A 555 52.44 -62.90 54.26
C ASP A 555 53.60 -63.53 53.50
N THR A 556 53.43 -64.79 53.10
CA THR A 556 54.45 -65.52 52.35
C THR A 556 54.65 -65.10 50.93
N GLU A 557 55.89 -65.19 50.48
CA GLU A 557 56.24 -64.84 49.11
C GLU A 557 55.35 -65.65 48.17
N LYS A 558 54.96 -66.84 48.62
CA LYS A 558 54.10 -67.69 47.79
C LYS A 558 52.71 -67.11 47.72
N ASN A 559 52.47 -66.10 48.56
CA ASN A 559 51.20 -65.40 48.58
C ASN A 559 51.56 -63.95 48.27
N GLY A 560 51.17 -63.01 49.13
CA GLY A 560 51.52 -61.63 48.90
C GLY A 560 53.01 -61.46 48.69
N GLY A 561 53.78 -61.70 49.74
CA GLY A 561 55.23 -61.57 49.64
C GLY A 561 55.81 -60.94 50.88
N LEU A 562 57.10 -60.59 50.81
CA LEU A 562 57.76 -59.99 51.95
C LEU A 562 57.61 -60.95 53.11
N GLY A 563 58.15 -62.14 52.92
CA GLY A 563 58.06 -63.17 53.95
C GLY A 563 58.96 -62.86 55.12
N TRP A 564 58.65 -61.76 55.81
CA TRP A 564 59.46 -61.33 56.92
C TRP A 564 58.81 -61.47 58.28
N ASP A 565 59.47 -60.87 59.28
CA ASP A 565 59.00 -60.89 60.66
C ASP A 565 59.10 -59.50 61.28
N LEU A 566 59.99 -58.67 60.76
CA LEU A 566 60.14 -57.32 61.26
C LEU A 566 60.60 -57.26 62.73
N ASP A 567 61.78 -56.70 62.97
CA ASP A 567 62.35 -56.59 64.32
C ASP A 567 62.38 -55.19 64.90
N ALA A 568 61.89 -54.21 64.14
CA ALA A 568 61.89 -52.84 64.63
C ALA A 568 61.03 -51.89 63.83
N ILE A 569 60.42 -50.95 64.54
CA ILE A 569 59.55 -49.96 63.93
C ILE A 569 59.97 -48.54 64.23
N ILE A 570 60.02 -47.72 63.17
CA ILE A 570 60.39 -46.33 63.28
C ILE A 570 59.28 -45.54 62.60
N PRO A 571 58.17 -45.32 63.34
CA PRO A 571 56.91 -44.64 63.02
C PRO A 571 56.86 -43.14 63.05
N PHE A 572 57.54 -42.48 62.12
CA PHE A 572 57.53 -41.02 62.14
C PHE A 572 56.54 -40.39 61.18
N ALA A 573 55.45 -39.88 61.77
CA ALA A 573 54.35 -39.24 61.08
C ALA A 573 54.77 -38.27 60.00
N ALA A 574 54.02 -37.18 59.90
CA ALA A 574 54.29 -36.15 58.91
C ALA A 574 53.27 -35.04 59.07
N ILE A 575 53.06 -34.26 58.02
CA ILE A 575 52.11 -33.18 58.06
C ILE A 575 52.58 -32.08 58.96
N PRO A 576 52.35 -30.83 58.55
CA PRO A 576 52.76 -29.66 59.33
C PRO A 576 51.91 -29.45 60.57
N GLU A 577 51.17 -28.34 60.55
CA GLU A 577 50.31 -27.89 61.62
C GLU A 577 50.96 -26.61 62.11
N GLN A 578 50.51 -25.48 61.58
CA GLN A 578 51.06 -24.18 61.96
C GLN A 578 49.98 -23.11 61.89
N GLY A 579 50.04 -22.18 62.82
CA GLY A 579 49.06 -21.11 62.83
C GLY A 579 47.73 -21.61 63.35
N ILE A 580 47.78 -22.70 64.11
CA ILE A 580 46.56 -23.28 64.66
C ILE A 580 46.59 -23.39 66.18
N GLU A 581 45.90 -22.47 66.84
CA GLU A 581 45.81 -22.46 68.28
C GLU A 581 44.59 -23.31 68.62
N LEU A 582 44.33 -23.51 69.91
CA LEU A 582 43.18 -24.30 70.30
C LEU A 582 42.03 -23.96 69.37
N GLU A 583 41.73 -22.66 69.25
CA GLU A 583 40.65 -22.18 68.39
C GLU A 583 40.44 -23.00 67.14
N HIS A 584 40.85 -22.41 66.02
CA HIS A 584 40.75 -23.04 64.72
C HIS A 584 41.52 -24.34 64.86
N ILE A 585 40.91 -25.47 64.55
CA ILE A 585 41.66 -26.70 64.70
C ILE A 585 41.18 -27.96 63.99
N ASP A 586 39.87 -28.14 63.84
CA ASP A 586 39.35 -29.35 63.18
C ASP A 586 40.09 -29.73 61.91
N SER A 587 39.69 -30.85 61.33
CA SER A 587 40.31 -31.34 60.10
C SER A 587 41.79 -31.61 60.29
N LYS A 588 42.57 -31.23 59.27
CA LYS A 588 44.01 -31.43 59.26
C LYS A 588 44.56 -31.90 60.60
N SER A 589 44.47 -31.05 61.62
CA SER A 589 44.97 -31.39 62.95
C SER A 589 44.45 -32.77 63.29
N GLU A 590 43.12 -32.85 63.34
CA GLU A 590 42.43 -34.09 63.65
C GLU A 590 43.06 -35.22 62.86
N PHE A 591 43.20 -35.01 61.56
CA PHE A 591 43.79 -36.01 60.70
C PHE A 591 45.10 -36.35 61.36
N ALA A 592 46.03 -35.41 61.25
CA ALA A 592 47.34 -35.54 61.83
C ALA A 592 47.26 -36.37 63.09
N HIS A 593 46.75 -35.74 64.14
CA HIS A 593 46.58 -36.32 65.46
C HIS A 593 46.46 -37.85 65.40
N ARG A 594 45.67 -38.32 64.45
CA ARG A 594 45.43 -39.75 64.24
C ARG A 594 46.61 -40.36 63.51
N ILE A 595 46.93 -39.78 62.36
CA ILE A 595 48.04 -40.28 61.56
C ILE A 595 49.30 -40.13 62.36
N MET A 596 49.26 -39.19 63.28
CA MET A 596 50.38 -38.88 64.14
C MET A 596 50.47 -39.70 65.41
N LEU A 597 49.49 -40.59 65.63
CA LEU A 597 49.48 -41.45 66.84
C LEU A 597 48.65 -42.73 66.70
N THR A 598 47.33 -42.57 66.68
CA THR A 598 46.37 -43.66 66.58
C THR A 598 46.85 -44.87 65.80
N ASN A 599 46.71 -44.83 64.49
CA ASN A 599 47.14 -45.93 63.64
C ASN A 599 48.45 -46.49 64.15
N ILE A 600 49.40 -45.62 64.47
CA ILE A 600 50.68 -46.08 64.97
C ILE A 600 50.34 -47.13 65.99
N LEU A 601 49.47 -46.76 66.95
CA LEU A 601 49.01 -47.69 67.97
C LEU A 601 48.66 -48.95 67.21
N ARG A 602 47.57 -48.86 66.44
CA ARG A 602 47.05 -49.96 65.63
C ARG A 602 48.20 -50.65 64.89
N MET A 603 49.12 -49.85 64.34
CA MET A 603 50.29 -50.35 63.62
C MET A 603 50.89 -51.41 64.51
N MET A 604 51.28 -50.97 65.70
CA MET A 604 51.85 -51.85 66.70
C MET A 604 50.88 -53.02 66.82
N GLY A 605 49.63 -52.68 67.12
CA GLY A 605 48.60 -53.68 67.27
C GLY A 605 48.74 -54.80 66.27
N CYS A 606 48.50 -54.46 65.01
CA CYS A 606 48.60 -55.45 63.94
C CYS A 606 49.90 -56.25 64.06
N VAL A 607 51.02 -55.55 64.22
CA VAL A 607 52.29 -56.24 64.35
C VAL A 607 52.19 -57.21 65.50
N LYS A 608 51.59 -56.74 66.59
CA LYS A 608 51.43 -57.60 67.75
C LYS A 608 50.78 -58.86 67.29
N LYS A 609 49.52 -58.71 66.92
CA LYS A 609 48.78 -59.86 66.50
C LYS A 609 49.61 -60.65 65.53
N GLN A 610 49.87 -60.06 64.37
CA GLN A 610 50.63 -60.75 63.34
C GLN A 610 51.62 -61.74 63.94
N LYS A 611 52.47 -61.25 64.84
CA LYS A 611 53.44 -62.13 65.50
C LYS A 611 52.66 -63.09 66.39
N SER A 612 52.16 -62.54 67.50
CA SER A 612 51.39 -63.30 68.47
C SER A 612 50.55 -64.36 67.78
N ALA A 613 50.12 -64.04 66.57
CA ALA A 613 49.35 -64.96 65.79
C ALA A 613 50.14 -66.25 65.68
N ARG A 614 51.18 -66.20 64.85
CA ARG A 614 52.02 -67.36 64.62
C ARG A 614 52.58 -68.00 65.88
N GLY A 615 53.35 -67.23 66.66
CA GLY A 615 53.94 -67.78 67.88
C GLY A 615 55.29 -67.15 68.17
N ILE A 616 55.49 -65.99 67.55
CA ILE A 616 56.72 -65.21 67.68
C ILE A 616 56.73 -64.43 69.01
N GLU A 617 56.42 -65.12 70.11
CA GLU A 617 56.40 -64.46 71.41
C GLU A 617 57.78 -64.46 72.06
N THR A 618 58.79 -64.73 71.24
CA THR A 618 60.17 -64.77 71.70
C THR A 618 61.13 -64.04 70.74
N ARG A 619 60.76 -62.81 70.35
CA ARG A 619 61.56 -62.00 69.43
C ARG A 619 60.82 -60.72 69.13
N PRO A 620 60.38 -60.01 70.17
CA PRO A 620 59.64 -58.76 69.94
C PRO A 620 60.42 -57.82 69.03
N ALA A 621 59.77 -56.72 68.67
CA ALA A 621 60.37 -55.71 67.81
C ALA A 621 60.38 -54.37 68.55
N GLN A 622 61.45 -53.61 68.39
CA GLN A 622 61.58 -52.33 69.06
C GLN A 622 60.80 -51.23 68.32
N VAL A 623 60.35 -50.21 69.06
CA VAL A 623 59.60 -49.12 68.43
C VAL A 623 60.01 -47.73 68.88
N ILE A 624 60.93 -47.15 68.13
CA ILE A 624 61.45 -45.80 68.39
C ILE A 624 60.46 -44.65 68.27
N LEU A 625 59.51 -44.58 69.20
CA LEU A 625 58.50 -43.52 69.15
C LEU A 625 59.09 -42.14 69.16
N PRO A 626 59.00 -41.41 68.06
CA PRO A 626 59.56 -40.08 68.14
C PRO A 626 58.75 -39.30 69.19
N MET A 627 59.40 -38.99 70.30
CA MET A 627 58.81 -38.28 71.42
C MET A 627 59.00 -36.80 71.24
N SER A 628 58.37 -36.00 72.09
CA SER A 628 58.57 -34.56 72.01
C SER A 628 58.92 -34.00 73.37
N PRO A 629 59.87 -33.03 73.39
CA PRO A 629 60.27 -32.44 74.66
C PRO A 629 59.38 -31.25 75.00
N ASN A 630 58.96 -30.56 73.96
CA ASN A 630 58.18 -29.34 74.09
C ASN A 630 56.75 -29.40 73.55
N HIS A 631 55.89 -30.11 74.25
CA HIS A 631 54.50 -30.20 73.84
C HIS A 631 53.60 -29.25 74.62
N GLY A 632 52.94 -28.35 73.89
CA GLY A 632 52.08 -27.37 74.49
C GLY A 632 52.98 -26.18 74.74
N THR A 633 54.25 -26.43 74.52
CA THR A 633 55.30 -25.45 74.73
C THR A 633 55.17 -24.19 73.89
N PHE A 634 55.64 -24.25 72.65
CA PHE A 634 55.60 -23.09 71.76
C PHE A 634 54.25 -22.38 71.71
N GLY A 635 53.68 -22.27 70.52
CA GLY A 635 52.40 -21.62 70.33
C GLY A 635 51.43 -22.45 69.49
N GLY A 636 51.13 -21.96 68.29
CA GLY A 636 50.20 -22.65 67.41
C GLY A 636 50.68 -24.01 66.96
N ASP A 637 50.68 -24.97 67.89
CA ASP A 637 51.12 -26.32 67.58
C ASP A 637 50.08 -27.11 66.77
N GLY A 638 48.81 -26.95 67.11
CA GLY A 638 47.76 -27.68 66.42
C GLY A 638 47.41 -28.85 67.31
N MET A 639 48.05 -29.98 67.08
CA MET A 639 47.83 -31.14 67.92
C MET A 639 49.07 -31.99 67.89
N TYR A 640 50.15 -31.41 67.36
CA TYR A 640 51.45 -32.06 67.29
C TYR A 640 51.89 -32.32 68.72
N SER A 641 51.36 -31.51 69.61
CA SER A 641 51.65 -31.64 71.01
C SER A 641 50.89 -32.87 71.49
N GLU A 642 49.61 -32.66 71.81
CA GLU A 642 48.74 -33.72 72.29
C GLU A 642 48.99 -35.04 71.61
N SER A 643 49.35 -35.01 70.33
CA SER A 643 49.65 -36.24 69.59
C SER A 643 50.83 -36.93 70.27
N LYS A 644 51.98 -36.26 70.21
CA LYS A 644 53.21 -36.76 70.80
C LYS A 644 52.94 -37.21 72.23
N LEU A 645 52.73 -36.24 73.10
CA LEU A 645 52.43 -36.47 74.51
C LEU A 645 51.77 -37.84 74.79
N SER A 646 50.70 -38.11 74.06
CA SER A 646 49.99 -39.37 74.24
C SER A 646 50.94 -40.56 74.11
N LEU A 647 51.74 -40.57 73.05
CA LEU A 647 52.71 -41.63 72.80
C LEU A 647 53.34 -42.19 74.06
N GLU A 648 53.52 -41.32 75.04
CA GLU A 648 54.12 -41.69 76.31
C GLU A 648 53.29 -42.71 77.06
N THR A 649 52.01 -42.75 76.77
CA THR A 649 51.15 -43.72 77.44
C THR A 649 51.75 -45.08 77.14
N LEU A 650 52.21 -45.22 75.89
CA LEU A 650 52.81 -46.45 75.43
C LEU A 650 53.82 -47.03 76.41
N PHE A 651 54.33 -46.19 77.29
CA PHE A 651 55.31 -46.66 78.27
C PHE A 651 54.64 -47.47 79.36
N ASN A 652 53.53 -46.96 79.87
CA ASN A 652 52.79 -47.65 80.92
C ASN A 652 51.98 -48.76 80.28
N ARG A 653 51.85 -48.67 78.97
CA ARG A 653 51.13 -49.67 78.23
C ARG A 653 51.95 -50.94 78.36
N TRP A 654 53.15 -50.90 77.80
CA TRP A 654 54.06 -52.03 77.80
C TRP A 654 53.90 -52.94 78.99
N HIS A 655 53.50 -52.34 80.11
CA HIS A 655 53.26 -53.08 81.33
C HIS A 655 51.76 -53.23 81.46
N SER A 656 51.32 -54.47 81.71
CA SER A 656 49.91 -54.83 81.91
C SER A 656 49.26 -55.48 80.69
N GLU A 657 49.48 -54.91 79.51
CA GLU A 657 48.89 -55.46 78.31
C GLU A 657 49.83 -56.50 77.70
N SER A 658 49.31 -57.70 77.54
CA SER A 658 50.06 -58.82 76.98
C SER A 658 50.59 -58.60 75.57
N TRP A 659 51.80 -58.07 75.46
CA TRP A 659 52.38 -57.83 74.14
C TRP A 659 53.82 -57.40 74.18
N ALA A 660 54.39 -57.43 75.37
CA ALA A 660 55.78 -57.05 75.53
C ALA A 660 56.67 -58.11 74.90
N ASN A 661 56.06 -59.19 74.42
CA ASN A 661 56.81 -60.28 73.81
C ASN A 661 56.83 -60.17 72.28
N GLN A 662 56.35 -59.04 71.79
CA GLN A 662 56.31 -58.78 70.36
C GLN A 662 56.74 -57.36 70.11
N LEU A 663 56.45 -56.49 71.07
CA LEU A 663 56.82 -55.10 70.93
C LEU A 663 57.67 -54.60 72.06
N THR A 664 58.48 -53.59 71.78
CA THR A 664 59.37 -53.01 72.79
C THR A 664 59.37 -51.49 72.73
N VAL A 665 58.81 -50.86 73.75
CA VAL A 665 58.77 -49.41 73.77
C VAL A 665 60.20 -48.92 73.75
N CYS A 666 60.36 -47.61 73.58
CA CYS A 666 61.67 -47.02 73.49
C CYS A 666 61.48 -45.57 73.05
N GLY A 667 61.47 -44.65 74.01
CA GLY A 667 61.31 -43.25 73.69
C GLY A 667 62.32 -42.78 72.66
N ALA A 668 62.60 -41.48 72.67
CA ALA A 668 63.57 -40.88 71.74
C ALA A 668 63.10 -39.46 71.46
N ILE A 669 63.03 -38.68 72.52
CA ILE A 669 62.56 -37.31 72.44
C ILE A 669 63.08 -36.36 71.33
N ILE A 670 64.39 -36.36 71.08
CA ILE A 670 65.00 -35.49 70.05
C ILE A 670 64.33 -34.16 69.74
N GLY A 671 64.96 -33.08 70.14
CA GLY A 671 64.40 -31.78 69.87
C GLY A 671 65.37 -30.97 69.02
N TRP A 672 64.89 -29.86 68.47
CA TRP A 672 65.70 -28.95 67.66
C TRP A 672 66.79 -29.58 66.81
N THR A 673 66.49 -29.84 65.55
CA THR A 673 67.45 -30.44 64.65
C THR A 673 67.43 -29.79 63.25
N ARG A 674 68.37 -28.88 63.02
CA ARG A 674 68.50 -28.14 61.75
C ARG A 674 68.58 -29.07 60.51
N GLY A 675 69.21 -28.59 59.44
CA GLY A 675 69.30 -29.38 58.22
C GLY A 675 67.89 -29.57 57.73
N THR A 676 67.28 -28.48 57.27
CA THR A 676 65.90 -28.49 56.81
C THR A 676 65.62 -28.98 55.39
N GLY A 677 64.50 -29.71 55.29
CA GLY A 677 64.02 -30.24 54.03
C GLY A 677 62.54 -29.88 54.06
N LEU A 678 61.93 -30.10 55.22
CA LEU A 678 60.51 -29.82 55.48
C LEU A 678 60.05 -30.46 56.78
N MET A 679 60.30 -29.79 57.89
CA MET A 679 59.92 -30.25 59.22
C MET A 679 60.96 -29.91 60.29
N SER A 680 61.96 -29.12 59.93
CA SER A 680 63.01 -28.73 60.86
C SER A 680 62.81 -27.32 61.43
N ALA A 681 62.52 -27.26 62.74
CA ALA A 681 62.27 -25.99 63.45
C ALA A 681 63.21 -24.84 63.09
N ASN A 682 62.72 -23.63 63.31
CA ASN A 682 63.42 -22.38 63.05
C ASN A 682 64.81 -22.45 62.45
N ASN A 683 64.94 -23.12 61.31
CA ASN A 683 66.21 -23.23 60.62
C ASN A 683 66.54 -21.77 60.36
N ILE A 684 67.07 -21.10 61.38
CA ILE A 684 67.40 -19.68 61.30
C ILE A 684 68.39 -19.34 62.39
N ILE A 685 67.83 -19.17 63.58
CA ILE A 685 68.56 -18.84 64.77
C ILE A 685 69.68 -19.85 64.96
N ALA A 686 69.39 -20.93 65.69
CA ALA A 686 70.38 -21.98 65.95
C ALA A 686 71.44 -21.46 66.89
N GLU A 687 72.42 -20.76 66.34
CA GLU A 687 73.47 -20.20 67.16
C GLU A 687 72.75 -19.43 68.26
N GLY A 688 71.72 -18.68 67.86
CA GLY A 688 70.93 -17.88 68.77
C GLY A 688 70.40 -18.61 69.98
N ILE A 689 70.67 -19.90 70.06
CA ILE A 689 70.23 -20.69 71.18
C ILE A 689 71.46 -21.42 71.71
N GLU A 690 72.42 -21.65 70.82
CA GLU A 690 73.67 -22.29 71.21
C GLU A 690 74.56 -21.21 71.81
N LYS A 691 73.93 -20.18 72.34
CA LYS A 691 74.64 -19.08 72.97
C LYS A 691 74.05 -18.89 74.35
N MET A 692 72.73 -18.72 74.42
CA MET A 692 72.04 -18.55 75.70
C MET A 692 72.17 -19.85 76.48
N GLY A 693 73.40 -20.37 76.54
CA GLY A 693 73.67 -21.60 77.25
C GLY A 693 74.21 -22.68 76.34
N VAL A 694 74.36 -22.36 75.05
CA VAL A 694 74.85 -23.32 74.06
C VAL A 694 74.19 -24.67 74.33
N ARG A 695 72.87 -24.63 74.51
CA ARG A 695 72.09 -25.84 74.78
C ARG A 695 72.13 -26.79 73.59
N THR A 696 73.32 -26.86 73.00
CA THR A 696 73.66 -27.72 71.86
C THR A 696 72.70 -27.85 70.68
N PHE A 697 73.21 -28.54 69.67
CA PHE A 697 72.52 -28.86 68.44
C PHE A 697 72.17 -27.85 67.38
N SER A 698 72.31 -28.33 66.16
CA SER A 698 72.06 -27.61 64.91
C SER A 698 72.64 -28.62 63.93
N GLN A 699 72.88 -29.82 64.46
CA GLN A 699 73.45 -30.92 63.70
C GLN A 699 72.31 -31.83 63.26
N LYS A 700 72.44 -32.42 62.07
CA LYS A 700 71.38 -33.27 61.57
C LYS A 700 71.68 -34.74 61.45
N GLU A 701 72.88 -35.11 61.02
CA GLU A 701 73.19 -36.52 60.90
C GLU A 701 73.05 -37.21 62.25
N MET A 702 72.35 -36.51 63.14
CA MET A 702 72.05 -36.98 64.47
C MET A 702 71.33 -38.33 64.38
N ALA A 703 70.80 -38.63 63.21
CA ALA A 703 70.10 -39.89 63.00
C ALA A 703 70.98 -40.92 63.65
N PHE A 704 72.27 -40.76 63.40
CA PHE A 704 73.30 -41.60 63.96
C PHE A 704 72.92 -41.95 65.41
N ASN A 705 72.31 -41.01 66.10
CA ASN A 705 71.89 -41.21 67.49
C ASN A 705 70.91 -42.33 67.58
N LEU A 706 69.66 -42.01 67.30
CA LEU A 706 68.62 -43.02 67.32
C LEU A 706 69.28 -44.25 66.72
N LEU A 707 69.81 -44.07 65.52
CA LEU A 707 70.50 -45.12 64.77
C LEU A 707 71.22 -46.10 65.69
N GLY A 708 71.90 -45.55 66.69
CA GLY A 708 72.61 -46.39 67.63
C GLY A 708 71.73 -46.70 68.83
N LEU A 709 70.80 -45.80 69.10
CA LEU A 709 69.86 -45.98 70.18
C LEU A 709 69.16 -47.31 69.92
N LEU A 710 69.61 -47.96 68.85
CA LEU A 710 69.08 -49.25 68.40
C LEU A 710 70.17 -50.34 68.26
N THR A 711 71.24 -50.21 69.03
CA THR A 711 72.32 -51.19 69.00
C THR A 711 72.03 -52.32 69.97
N PRO A 712 72.61 -53.52 69.77
CA PRO A 712 72.28 -54.56 70.76
C PRO A 712 72.51 -53.94 72.11
N GLU A 713 72.23 -54.67 73.18
CA GLU A 713 72.39 -54.08 74.49
C GLU A 713 71.24 -53.07 74.60
N VAL A 714 71.40 -51.90 73.98
CA VAL A 714 70.35 -50.90 74.03
C VAL A 714 69.06 -51.68 73.86
N VAL A 715 69.07 -52.56 72.85
CA VAL A 715 67.93 -53.43 72.55
C VAL A 715 67.69 -54.23 73.81
N GLU A 716 68.60 -55.16 74.04
CA GLU A 716 68.58 -56.03 75.20
C GLU A 716 68.01 -55.23 76.37
N LEU A 717 68.42 -53.98 76.48
CA LEU A 717 67.96 -53.13 77.56
C LEU A 717 66.48 -52.80 77.51
N CYS A 718 66.05 -52.12 76.45
CA CYS A 718 64.63 -51.80 76.36
C CYS A 718 63.93 -53.12 76.57
N GLN A 719 64.53 -54.14 75.99
CA GLN A 719 64.03 -55.49 76.07
C GLN A 719 63.79 -55.90 77.53
N LYS A 720 64.45 -55.21 78.45
CA LYS A 720 64.30 -55.48 79.88
C LYS A 720 63.13 -54.67 80.36
N SER A 721 63.04 -53.45 79.84
CA SER A 721 61.99 -52.52 80.22
C SER A 721 61.98 -51.32 79.27
N PRO A 722 60.92 -50.49 79.36
CA PRO A 722 60.84 -49.32 78.48
C PRO A 722 62.11 -48.48 78.59
N VAL A 723 62.27 -47.50 77.69
CA VAL A 723 63.46 -46.67 77.72
C VAL A 723 63.32 -45.22 77.22
N MET A 724 62.98 -44.30 78.12
CA MET A 724 62.89 -42.88 77.77
C MET A 724 64.36 -42.57 77.44
N ALA A 725 64.64 -41.69 76.49
CA ALA A 725 66.05 -41.40 76.17
C ALA A 725 66.26 -40.17 75.30
N ASP A 726 65.95 -38.99 75.86
CA ASP A 726 66.05 -37.71 75.16
C ASP A 726 67.33 -37.43 74.41
N LEU A 727 67.18 -36.71 73.31
CA LEU A 727 68.31 -36.31 72.50
C LEU A 727 68.13 -34.82 72.30
N ASN A 728 67.61 -34.17 73.34
CA ASN A 728 67.40 -32.71 73.33
C ASN A 728 68.63 -32.10 73.97
N GLY A 729 69.21 -31.11 73.30
CA GLY A 729 70.40 -30.47 73.85
C GLY A 729 70.14 -29.79 75.18
N GLY A 730 69.65 -30.55 76.15
CA GLY A 730 69.35 -29.98 77.44
C GLY A 730 68.49 -28.74 77.30
N LEU A 731 68.16 -28.39 76.07
CA LEU A 731 67.33 -27.23 75.80
C LEU A 731 66.35 -27.08 76.92
N GLN A 732 65.89 -28.24 77.38
CA GLN A 732 64.94 -28.38 78.48
C GLN A 732 65.28 -27.59 79.75
N PHE A 733 66.36 -26.79 79.70
CA PHE A 733 66.79 -25.99 80.85
C PHE A 733 66.51 -24.49 80.68
N VAL A 734 66.49 -24.08 79.43
CA VAL A 734 66.25 -22.69 79.08
C VAL A 734 64.91 -22.23 79.66
N PRO A 735 64.78 -20.93 79.95
CA PRO A 735 63.60 -20.25 80.51
C PRO A 735 62.67 -19.57 79.52
N GLU A 736 61.37 -19.86 79.63
CA GLU A 736 60.35 -19.30 78.75
C GLU A 736 60.81 -19.49 77.31
N LEU A 737 61.36 -20.68 77.08
CA LEU A 737 61.93 -21.04 75.79
C LEU A 737 61.29 -20.34 74.62
N LYS A 738 59.97 -20.18 74.66
CA LYS A 738 59.31 -19.50 73.56
C LYS A 738 59.88 -18.09 73.46
N GLU A 739 59.27 -17.18 74.23
CA GLU A 739 59.66 -15.79 74.28
C GLU A 739 61.14 -15.60 74.06
N PHE A 740 61.93 -16.55 74.56
CA PHE A 740 63.36 -16.45 74.35
C PHE A 740 63.57 -16.68 72.87
N THR A 741 63.28 -17.89 72.41
CA THR A 741 63.43 -18.23 70.99
C THR A 741 62.79 -17.10 70.19
N ALA A 742 61.61 -16.69 70.65
CA ALA A 742 60.87 -15.63 70.02
C ALA A 742 61.82 -14.46 69.77
N LYS A 743 62.07 -13.69 70.82
CA LYS A 743 62.96 -12.54 70.74
C LYS A 743 63.99 -12.80 69.66
N LEU A 744 64.83 -13.82 69.85
CA LEU A 744 65.87 -14.18 68.90
C LEU A 744 65.55 -13.80 67.47
N ARG A 745 64.50 -14.38 66.93
CA ARG A 745 64.11 -14.06 65.57
C ARG A 745 63.61 -12.62 65.52
N LYS A 746 62.63 -12.31 66.34
CA LYS A 746 62.04 -10.96 66.40
C LYS A 746 63.09 -9.86 66.39
N GLU A 747 64.26 -10.16 66.95
CA GLU A 747 65.37 -9.21 67.01
C GLU A 747 66.14 -9.35 65.71
N LEU A 748 66.64 -10.58 65.48
CA LEU A 748 67.40 -10.92 64.29
C LEU A 748 66.63 -10.53 63.04
N VAL A 749 65.32 -10.44 63.18
CA VAL A 749 64.44 -10.06 62.09
C VAL A 749 64.72 -8.60 61.77
N GLU A 750 64.22 -7.74 62.63
CA GLU A 750 64.38 -6.31 62.45
C GLU A 750 65.79 -5.92 62.04
N THR A 751 66.80 -6.54 62.66
CA THR A 751 68.18 -6.23 62.32
C THR A 751 68.33 -6.27 60.80
N SER A 752 67.79 -7.31 60.18
CA SER A 752 67.88 -7.44 58.73
C SER A 752 66.93 -6.50 58.02
N GLU A 753 65.70 -6.40 58.51
CA GLU A 753 64.70 -5.54 57.92
C GLU A 753 65.15 -4.08 57.99
N VAL A 754 66.09 -3.81 58.88
CA VAL A 754 66.58 -2.45 59.04
C VAL A 754 67.75 -2.16 58.10
N ARG A 755 68.81 -2.98 58.15
CA ARG A 755 69.96 -2.78 57.27
C ARG A 755 69.33 -2.64 55.90
N LYS A 756 68.57 -3.67 55.55
CA LYS A 756 67.86 -3.74 54.28
C LYS A 756 67.04 -2.46 54.07
N ALA A 757 66.48 -1.94 55.17
CA ALA A 757 65.67 -0.72 55.11
C ALA A 757 66.51 0.46 54.67
N VAL A 758 67.48 0.81 55.50
CA VAL A 758 68.40 1.92 55.21
C VAL A 758 68.80 1.85 53.75
N SER A 759 69.61 0.85 53.43
CA SER A 759 70.10 0.62 52.07
C SER A 759 69.46 1.50 51.01
N ILE A 760 68.19 1.24 50.73
CA ILE A 760 67.45 2.00 49.72
C ILE A 760 67.41 3.51 49.94
N GLU A 761 66.74 3.95 51.00
CA GLU A 761 66.64 5.38 51.27
C GLU A 761 68.00 6.06 51.20
N THR A 762 69.03 5.39 51.72
CA THR A 762 70.37 5.95 51.71
C THR A 762 70.84 6.20 50.28
N ALA A 763 71.22 5.12 49.58
CA ALA A 763 71.69 5.21 48.21
C ALA A 763 70.65 5.86 47.31
N LEU A 764 69.53 6.25 47.92
CA LEU A 764 68.47 6.93 47.19
C LEU A 764 68.87 8.41 47.12
N GLU A 765 69.21 9.00 48.27
CA GLU A 765 69.62 10.40 48.33
C GLU A 765 70.80 10.57 47.39
N HIS A 766 71.52 9.48 47.18
CA HIS A 766 72.68 9.44 46.32
C HIS A 766 72.32 9.64 44.86
N LYS A 767 71.39 8.82 44.36
CA LYS A 767 70.94 8.93 42.97
C LYS A 767 70.26 10.28 42.75
N VAL A 768 69.92 10.95 43.84
CA VAL A 768 69.27 12.26 43.79
C VAL A 768 70.36 13.29 43.53
N VAL A 769 71.23 13.43 44.52
CA VAL A 769 72.35 14.36 44.46
C VAL A 769 73.01 14.33 43.07
N ASN A 770 73.71 13.24 42.77
CA ASN A 770 74.38 13.09 41.49
C ASN A 770 73.42 13.03 40.32
N GLY A 771 73.90 12.48 39.21
CA GLY A 771 73.06 12.36 38.03
C GLY A 771 73.09 10.99 37.40
N ASN A 772 73.34 9.96 38.23
CA ASN A 772 73.43 8.55 37.82
C ASN A 772 74.87 8.10 37.49
N SER A 773 75.26 6.89 37.94
CA SER A 773 76.60 6.33 37.68
C SER A 773 76.95 5.03 38.46
N ALA A 774 76.98 3.89 37.76
CA ALA A 774 77.31 2.57 38.34
C ALA A 774 76.83 1.35 37.52
N ASP A 775 77.36 0.17 37.86
CA ASP A 775 77.02 -1.11 37.22
C ASP A 775 77.44 -1.28 35.76
N ALA A 776 78.06 -2.42 35.45
CA ALA A 776 78.49 -2.72 34.08
C ALA A 776 77.49 -3.64 33.40
N ALA A 777 77.82 -4.10 32.19
CA ALA A 777 76.94 -4.99 31.42
C ALA A 777 77.14 -6.44 31.88
N TYR A 778 76.22 -7.35 31.50
CA TYR A 778 76.31 -8.76 31.90
C TYR A 778 76.34 -9.76 30.74
N ALA A 779 75.70 -9.41 29.63
CA ALA A 779 75.65 -10.27 28.44
C ALA A 779 75.05 -11.67 28.69
N PRO A 785 73.78 -11.88 28.35
CA PRO A 785 73.09 -13.17 28.55
C PRO A 785 73.51 -14.23 27.50
N ARG A 786 73.54 -15.49 27.91
CA ARG A 786 73.95 -16.61 27.04
C ARG A 786 73.56 -16.55 25.56
N ALA A 787 73.91 -17.60 24.83
CA ALA A 787 73.58 -17.66 23.41
C ALA A 787 73.65 -19.10 22.88
N ASN A 788 72.94 -19.35 21.78
CA ASN A 788 72.85 -20.67 21.12
C ASN A 788 74.18 -21.41 20.84
N ILE A 789 74.54 -21.49 19.56
CA ILE A 789 75.77 -22.14 19.11
C ILE A 789 75.73 -23.65 19.04
N GLN A 790 74.62 -24.21 18.56
CA GLN A 790 74.54 -25.66 18.41
C GLN A 790 75.63 -25.95 17.40
N LEU A 791 76.83 -26.25 17.88
CA LEU A 791 77.98 -26.46 17.01
C LEU A 791 78.29 -27.86 16.48
N ASP A 792 77.55 -28.88 16.93
CA ASP A 792 77.74 -30.26 16.47
C ASP A 792 79.18 -30.81 16.34
N PHE A 793 79.45 -31.94 16.98
CA PHE A 793 80.76 -32.58 16.92
C PHE A 793 80.86 -33.23 15.54
N PRO A 794 82.05 -33.20 14.91
CA PRO A 794 83.41 -32.74 15.18
C PRO A 794 84.04 -33.33 16.40
N GLU A 795 84.77 -34.42 16.15
CA GLU A 795 85.47 -35.22 17.14
C GLU A 795 86.90 -34.80 17.50
N LEU A 796 87.29 -33.59 17.08
CA LEU A 796 88.62 -33.06 17.36
C LEU A 796 89.77 -34.02 17.04
N LYS A 797 90.60 -33.64 16.06
CA LYS A 797 91.76 -34.45 15.65
C LYS A 797 92.96 -34.04 16.48
N PRO A 798 93.39 -34.90 17.42
CA PRO A 798 94.57 -34.57 18.26
C PRO A 798 95.76 -34.39 17.35
N TYR A 799 96.90 -33.91 17.87
CA TYR A 799 98.00 -33.72 16.94
C TYR A 799 99.08 -34.78 16.84
N LYS A 800 99.37 -35.06 15.57
CA LYS A 800 100.35 -36.02 15.11
C LYS A 800 101.32 -36.52 16.13
N GLN A 801 101.86 -37.71 15.88
CA GLN A 801 102.82 -38.32 16.76
C GLN A 801 102.16 -38.55 18.13
N VAL A 802 101.51 -37.53 18.68
CA VAL A 802 100.82 -37.70 19.95
C VAL A 802 99.88 -38.85 19.61
N LYS A 803 99.69 -39.03 18.31
CA LYS A 803 98.86 -40.08 17.76
C LYS A 803 99.64 -41.39 17.69
N GLN A 804 100.86 -41.33 17.18
CA GLN A 804 101.70 -42.53 17.05
C GLN A 804 101.94 -43.18 18.40
N ILE A 805 101.47 -42.51 19.45
CA ILE A 805 101.61 -43.01 20.81
C ILE A 805 100.69 -44.24 20.93
N ALA A 806 99.43 -44.01 21.28
CA ALA A 806 98.44 -45.07 21.44
C ALA A 806 98.65 -46.21 20.44
N PRO A 807 98.37 -45.97 19.15
CA PRO A 807 98.58 -47.07 18.22
C PRO A 807 100.02 -47.60 18.19
N ALA A 808 100.16 -48.91 18.16
CA ALA A 808 101.47 -49.53 18.09
C ALA A 808 102.00 -49.08 16.74
N GLU A 809 102.83 -48.05 16.75
CA GLU A 809 103.38 -47.51 15.50
C GLU A 809 104.18 -48.52 14.71
N LEU A 810 104.34 -49.72 15.26
CA LEU A 810 105.06 -50.76 14.54
C LEU A 810 104.22 -51.13 13.32
N GLU A 811 103.25 -50.25 13.01
CA GLU A 811 102.30 -50.40 11.91
C GLU A 811 102.40 -49.40 10.75
N GLY A 812 102.39 -48.10 11.07
CA GLY A 812 102.45 -47.09 10.03
C GLY A 812 101.45 -47.56 9.00
N LEU A 813 101.90 -47.67 7.75
CA LEU A 813 101.02 -48.15 6.69
C LEU A 813 101.46 -49.61 6.51
N LEU A 814 100.56 -50.46 6.02
CA LEU A 814 100.88 -51.87 5.82
C LEU A 814 99.60 -52.65 5.56
N ASP A 815 98.52 -51.91 5.34
CA ASP A 815 97.20 -52.49 5.11
C ASP A 815 96.26 -51.70 4.17
N LEU A 816 95.63 -50.67 4.74
CA LEU A 816 94.71 -49.76 4.06
C LEU A 816 93.95 -50.12 2.78
N GLU A 817 92.98 -49.27 2.48
CA GLU A 817 92.12 -49.40 1.31
C GLU A 817 91.04 -50.43 1.60
N ARG A 818 91.25 -51.19 2.66
CA ARG A 818 90.33 -52.23 3.07
C ARG A 818 90.07 -52.13 4.56
N VAL A 819 90.10 -50.92 5.08
CA VAL A 819 89.81 -50.73 6.49
C VAL A 819 88.65 -49.74 6.40
N ILE A 820 87.57 -50.02 7.13
CA ILE A 820 86.36 -49.19 7.06
C ILE A 820 86.08 -48.24 8.20
N VAL A 821 85.52 -47.09 7.84
CA VAL A 821 85.21 -46.09 8.83
C VAL A 821 83.96 -45.25 8.55
N VAL A 822 83.37 -44.75 9.63
CA VAL A 822 82.17 -43.93 9.59
C VAL A 822 82.49 -42.48 9.32
N THR A 823 82.05 -42.03 8.16
CA THR A 823 82.28 -40.66 7.74
C THR A 823 81.17 -39.76 8.28
N GLY A 824 79.95 -40.29 8.29
CA GLY A 824 78.79 -39.55 8.79
C GLY A 824 77.67 -40.42 9.32
N PHE A 825 76.81 -39.82 10.14
CA PHE A 825 75.70 -40.57 10.71
C PHE A 825 74.71 -39.63 11.39
N ALA A 826 73.50 -40.13 11.61
CA ALA A 826 72.45 -39.36 12.26
C ALA A 826 71.20 -40.23 12.44
N GLU A 827 70.44 -39.90 13.46
CA GLU A 827 69.25 -40.66 13.80
C GLU A 827 68.01 -39.77 13.99
N VAL A 828 66.86 -40.23 13.47
CA VAL A 828 65.59 -39.51 13.62
C VAL A 828 64.67 -40.38 14.50
N GLY A 829 64.80 -40.20 15.81
CA GLY A 829 64.02 -40.98 16.74
C GLY A 829 63.56 -40.00 17.80
N PRO A 830 62.76 -40.45 18.78
CA PRO A 830 62.17 -39.74 19.92
C PRO A 830 62.81 -38.47 20.40
N TRP A 831 64.12 -38.34 20.23
CA TRP A 831 64.79 -37.13 20.64
C TRP A 831 65.57 -36.56 19.47
N GLY A 832 65.64 -35.24 19.43
CA GLY A 832 66.33 -34.55 18.36
C GLY A 832 67.48 -35.26 17.69
N SER A 833 67.45 -35.27 16.35
CA SER A 833 68.50 -35.90 15.54
C SER A 833 69.78 -36.04 16.37
N ALA A 834 70.21 -37.29 16.53
CA ALA A 834 71.41 -37.60 17.29
C ALA A 834 71.55 -36.53 18.37
N ARG A 835 72.69 -35.84 18.35
CA ARG A 835 73.03 -34.75 19.28
C ARG A 835 72.15 -34.72 20.53
N THR A 836 70.87 -34.50 20.27
CA THR A 836 69.88 -34.43 21.31
C THR A 836 69.87 -35.66 22.23
N ARG A 837 69.38 -36.78 21.71
CA ARG A 837 69.31 -37.99 22.54
C ARG A 837 70.61 -38.25 23.26
N TRP A 838 71.72 -38.07 22.56
CA TRP A 838 73.00 -38.29 23.18
C TRP A 838 72.97 -37.47 24.45
N GLU A 839 72.65 -36.19 24.32
CA GLU A 839 72.59 -35.34 25.49
C GLU A 839 71.77 -36.02 26.58
N MET A 840 70.77 -36.79 26.16
CA MET A 840 69.90 -37.52 27.11
C MET A 840 70.43 -38.90 27.49
N GLU A 841 70.90 -39.63 26.50
CA GLU A 841 71.46 -40.94 26.72
C GLU A 841 72.65 -40.76 27.61
N ALA A 842 73.26 -39.58 27.50
CA ALA A 842 74.45 -39.19 28.24
C ALA A 842 74.14 -38.63 29.63
N PHE A 843 73.55 -37.44 29.66
CA PHE A 843 73.19 -36.87 30.93
C PHE A 843 71.69 -36.60 30.93
N GLY A 844 71.26 -35.56 31.64
CA GLY A 844 69.85 -35.27 31.71
C GLY A 844 69.34 -34.12 30.87
N GLU A 845 69.80 -32.92 31.16
CA GLU A 845 69.37 -31.73 30.46
C GLU A 845 69.76 -31.64 28.99
N PHE A 846 69.44 -30.48 28.42
CA PHE A 846 69.72 -30.17 27.02
C PHE A 846 70.59 -28.93 26.93
N SER A 847 70.26 -27.94 27.75
CA SER A 847 70.97 -26.68 27.81
C SER A 847 71.07 -26.07 26.43
N LEU A 848 70.52 -24.86 26.32
CA LEU A 848 70.51 -24.11 25.09
C LEU A 848 70.92 -24.90 23.85
N GLU A 849 72.17 -24.73 23.42
CA GLU A 849 72.67 -25.42 22.21
C GLU A 849 71.99 -26.75 21.89
N GLY A 850 71.75 -27.56 22.91
CA GLY A 850 71.06 -28.81 22.65
C GLY A 850 69.57 -28.50 22.66
N CYS A 851 69.12 -28.05 23.82
CA CYS A 851 67.74 -27.67 24.08
C CYS A 851 67.07 -26.98 22.90
N VAL A 852 67.60 -25.83 22.52
CA VAL A 852 67.05 -25.08 21.43
C VAL A 852 66.69 -25.98 20.29
N GLU A 853 67.65 -26.79 19.85
CA GLU A 853 67.39 -27.70 18.72
C GLU A 853 66.07 -28.45 18.89
N MET A 854 65.82 -28.96 20.09
CA MET A 854 64.57 -29.64 20.35
C MET A 854 63.54 -28.59 20.03
N ALA A 855 63.58 -27.50 20.77
CA ALA A 855 62.67 -26.39 20.56
C ALA A 855 62.65 -25.92 19.10
N TRP A 856 63.64 -26.35 18.31
CA TRP A 856 63.65 -25.94 16.90
C TRP A 856 62.75 -26.88 16.14
N ILE A 857 62.86 -28.15 16.46
CA ILE A 857 62.02 -29.14 15.83
C ILE A 857 60.73 -28.93 16.60
N MET A 858 59.90 -29.96 16.67
CA MET A 858 58.64 -29.83 17.40
C MET A 858 57.79 -28.69 16.86
N GLY A 859 58.45 -27.71 16.22
CA GLY A 859 57.73 -26.61 15.64
C GLY A 859 57.48 -25.41 16.52
N PHE A 860 57.98 -25.42 17.74
CA PHE A 860 57.76 -24.29 18.62
C PHE A 860 58.25 -23.00 18.00
N ILE A 861 59.50 -22.66 18.30
CA ILE A 861 60.15 -21.45 17.79
C ILE A 861 60.64 -21.72 16.38
N SER A 862 60.78 -20.69 15.55
CA SER A 862 61.26 -20.96 14.22
C SER A 862 61.99 -19.81 13.53
N TYR A 863 62.30 -18.75 14.26
CA TYR A 863 63.05 -17.65 13.69
C TYR A 863 62.52 -17.22 12.33
N HIS A 864 63.18 -16.22 11.73
CA HIS A 864 62.81 -15.63 10.46
C HIS A 864 61.59 -14.76 10.66
N ASN A 865 61.64 -13.92 11.68
CA ASN A 865 60.55 -13.00 11.92
C ASN A 865 60.71 -12.12 10.68
N GLY A 866 61.43 -12.70 9.73
CA GLY A 866 61.81 -12.06 8.49
C GLY A 866 63.22 -11.81 8.95
N ASN A 867 64.16 -11.47 8.09
CA ASN A 867 65.45 -11.18 8.67
C ASN A 867 65.06 -10.00 9.58
N LEU A 868 63.97 -9.30 9.20
CA LEU A 868 63.40 -8.17 9.93
C LEU A 868 61.92 -7.86 9.58
N LYS A 869 61.60 -6.57 9.52
CA LYS A 869 60.25 -6.07 9.23
C LYS A 869 59.30 -6.47 10.36
N GLY A 870 59.67 -7.52 11.08
CA GLY A 870 58.85 -8.05 12.16
C GLY A 870 58.19 -7.09 13.13
N ARG A 871 58.17 -7.46 14.41
CA ARG A 871 57.56 -6.64 15.45
C ARG A 871 57.77 -5.20 15.01
N PRO A 872 56.72 -4.36 15.15
CA PRO A 872 56.81 -2.96 14.76
C PRO A 872 58.05 -2.59 13.94
N TYR A 873 58.99 -1.95 14.61
CA TYR A 873 60.24 -1.49 14.02
C TYR A 873 61.06 -2.58 13.32
N THR A 874 62.38 -2.44 13.43
CA THR A 874 63.32 -3.38 12.85
C THR A 874 63.80 -4.32 13.93
N GLY A 875 64.50 -5.35 13.52
CA GLY A 875 64.97 -6.34 14.46
C GLY A 875 64.42 -7.66 13.98
N TRP A 876 64.08 -8.54 14.91
CA TRP A 876 63.55 -9.86 14.61
C TRP A 876 63.77 -10.69 15.87
N VAL A 877 63.87 -12.02 15.72
CA VAL A 877 64.13 -12.98 16.82
C VAL A 877 63.94 -14.43 16.42
N ASP A 878 64.46 -15.35 17.25
CA ASP A 878 64.22 -16.77 16.99
C ASP A 878 62.82 -16.64 17.60
N SER A 879 61.82 -16.44 16.74
CA SER A 879 60.44 -16.27 17.16
C SER A 879 59.74 -17.59 17.39
N LYS A 880 59.00 -17.63 18.50
CA LYS A 880 58.31 -18.83 18.93
C LYS A 880 56.83 -18.95 18.67
N THR A 881 56.42 -20.22 18.67
CA THR A 881 55.05 -20.60 18.50
C THR A 881 54.41 -20.02 17.27
N LYS A 882 53.32 -20.66 16.85
CA LYS A 882 52.54 -20.26 15.69
C LYS A 882 53.07 -18.95 15.16
N GLU A 883 52.88 -17.91 15.94
CA GLU A 883 53.33 -16.56 15.63
C GLU A 883 52.74 -15.67 16.74
N PRO A 884 52.60 -16.23 17.96
CA PRO A 884 52.05 -15.43 19.05
C PRO A 884 53.04 -14.42 19.57
N VAL A 885 53.65 -14.76 20.69
CA VAL A 885 54.63 -13.90 21.33
C VAL A 885 55.93 -13.86 20.50
N ASP A 886 55.78 -13.86 19.18
CA ASP A 886 56.95 -13.78 18.30
C ASP A 886 57.81 -12.81 19.05
N ASP A 887 57.11 -11.79 19.55
CA ASP A 887 57.67 -10.72 20.35
C ASP A 887 58.88 -11.32 21.02
N LYS A 888 59.99 -11.27 20.31
CA LYS A 888 61.24 -11.78 20.78
C LYS A 888 61.28 -13.26 21.10
N ASP A 889 61.48 -13.51 22.38
CA ASP A 889 61.64 -14.83 22.91
C ASP A 889 62.99 -15.21 22.35
N VAL A 890 63.99 -14.67 23.05
CA VAL A 890 65.40 -14.84 22.75
C VAL A 890 65.97 -16.07 23.43
N LYS A 891 66.66 -16.89 22.64
CA LYS A 891 67.28 -18.13 23.08
C LYS A 891 67.69 -18.04 24.54
N ALA A 892 68.00 -16.83 24.95
CA ALA A 892 68.42 -16.50 26.30
C ALA A 892 67.60 -17.18 27.38
N LYS A 893 67.45 -16.47 28.50
CA LYS A 893 66.68 -16.95 29.65
C LYS A 893 65.46 -17.62 29.09
N TYR A 894 65.01 -17.08 27.97
CA TYR A 894 63.87 -17.62 27.29
C TYR A 894 64.26 -18.99 26.73
N GLU A 895 63.60 -19.44 25.67
CA GLU A 895 63.89 -20.77 25.16
C GLU A 895 63.41 -21.65 26.30
N THR A 896 64.33 -22.16 27.13
CA THR A 896 63.94 -22.96 28.27
C THR A 896 62.76 -22.21 28.89
N SER A 897 61.93 -22.91 29.65
CA SER A 897 60.77 -22.29 30.26
C SER A 897 59.68 -22.06 29.23
N ILE A 898 59.66 -20.87 28.64
CA ILE A 898 58.62 -20.58 27.66
C ILE A 898 58.65 -21.59 26.52
N LEU A 899 59.36 -22.70 26.74
CA LEU A 899 59.47 -23.79 25.77
C LEU A 899 60.17 -25.07 26.30
N GLU A 900 60.64 -25.10 27.55
CA GLU A 900 61.31 -26.32 27.99
C GLU A 900 60.34 -27.36 28.48
N HIS A 901 60.76 -28.13 29.49
CA HIS A 901 59.97 -29.26 30.02
C HIS A 901 59.03 -29.88 28.99
N SER A 902 57.88 -29.27 28.73
CA SER A 902 57.03 -29.82 27.71
C SER A 902 57.93 -29.86 26.46
N GLY A 903 58.99 -29.05 26.46
CA GLY A 903 59.93 -29.00 25.36
C GLY A 903 60.43 -30.40 25.19
N ILE A 904 59.91 -31.25 26.09
CA ILE A 904 60.18 -32.68 26.19
C ILE A 904 58.86 -33.43 26.14
N ARG A 905 58.29 -33.60 27.32
CA ARG A 905 57.05 -34.32 27.53
C ARG A 905 56.04 -34.15 26.43
N LEU A 906 56.12 -35.07 25.49
CA LEU A 906 55.31 -35.22 24.28
C LEU A 906 56.34 -35.96 23.40
N ILE A 907 57.56 -35.98 23.95
CA ILE A 907 58.75 -36.59 23.36
C ILE A 907 59.08 -37.98 23.94
N GLU A 908 58.11 -38.88 23.84
CA GLU A 908 58.18 -40.26 24.33
C GLU A 908 56.70 -40.76 24.61
N PRO A 909 56.38 -41.38 25.77
CA PRO A 909 55.02 -41.88 26.09
C PRO A 909 53.70 -41.39 25.51
N GLU A 910 52.71 -42.28 25.61
CA GLU A 910 51.32 -42.05 25.23
C GLU A 910 50.77 -42.39 23.85
N LEU A 911 51.66 -42.54 22.89
CA LEU A 911 51.25 -42.80 21.52
C LEU A 911 50.84 -41.45 21.06
N PHE A 912 50.33 -40.66 22.01
CA PHE A 912 49.86 -39.32 21.70
C PHE A 912 48.74 -39.71 20.78
N ASN A 913 48.42 -38.85 19.82
CA ASN A 913 47.41 -39.15 18.82
C ASN A 913 46.95 -37.95 18.09
N GLY A 914 46.33 -38.22 16.95
CA GLY A 914 45.96 -37.15 16.06
C GLY A 914 47.39 -37.14 15.55
N TYR A 915 47.99 -38.30 15.76
CA TYR A 915 49.36 -38.56 15.44
C TYR A 915 49.53 -39.57 14.36
N ASN A 916 49.15 -40.79 14.70
CA ASN A 916 49.33 -41.90 13.78
C ASN A 916 48.08 -42.67 13.25
N PRO A 917 46.99 -41.99 12.81
CA PRO A 917 46.57 -40.59 12.71
C PRO A 917 45.29 -40.54 13.57
N GLU A 918 44.99 -41.67 14.20
CA GLU A 918 43.83 -41.81 15.07
C GLU A 918 44.09 -42.91 16.09
N LYS A 919 44.77 -43.95 15.64
CA LYS A 919 45.09 -45.11 16.44
C LYS A 919 44.82 -44.96 17.93
N LYS A 920 43.61 -44.52 18.27
CA LYS A 920 43.24 -44.30 19.66
C LYS A 920 43.82 -45.29 20.64
N GLU A 921 43.90 -46.55 20.24
CA GLU A 921 44.44 -47.57 21.09
C GLU A 921 43.53 -47.69 22.30
N MET A 922 42.90 -46.57 22.69
CA MET A 922 41.95 -46.62 23.80
C MET A 922 40.78 -47.36 23.16
N ILE A 923 40.37 -46.91 21.96
CA ILE A 923 39.32 -47.58 21.21
C ILE A 923 39.81 -47.83 19.80
N GLN A 924 40.12 -49.09 19.52
CA GLN A 924 40.60 -49.45 18.20
C GLN A 924 39.36 -49.71 17.36
N GLU A 925 39.28 -49.03 16.24
CA GLU A 925 38.16 -49.19 15.34
C GLU A 925 38.31 -50.54 14.66
N VAL A 926 37.37 -51.44 14.90
CA VAL A 926 37.38 -52.78 14.30
C VAL A 926 35.91 -52.90 13.80
N ILE A 927 35.62 -53.82 12.89
CA ILE A 927 34.26 -54.03 12.39
C ILE A 927 33.82 -55.39 12.86
N VAL A 928 32.51 -55.60 12.95
CA VAL A 928 31.94 -56.92 13.29
C VAL A 928 30.89 -57.09 12.22
N GLU A 929 30.72 -58.30 11.73
CA GLU A 929 29.70 -58.50 10.72
C GLU A 929 28.51 -59.12 11.45
N GLU A 930 27.30 -58.80 10.98
CA GLU A 930 26.06 -59.29 11.57
C GLU A 930 25.16 -59.29 10.38
N ASP A 931 23.84 -59.46 10.58
CA ASP A 931 22.90 -59.45 9.45
C ASP A 931 21.38 -59.51 9.70
N LEU A 932 20.85 -58.62 10.55
CA LEU A 932 19.40 -58.56 10.89
C LEU A 932 18.39 -59.11 9.87
N GLU A 933 17.11 -59.12 10.26
CA GLU A 933 16.04 -59.64 9.42
C GLU A 933 15.03 -58.63 8.86
N PRO A 934 15.45 -57.36 8.67
CA PRO A 934 14.54 -56.37 8.14
C PRO A 934 14.84 -56.05 6.69
N PHE A 935 14.81 -54.76 6.39
CA PHE A 935 15.06 -54.20 5.08
C PHE A 935 15.32 -52.73 5.48
N GLU A 936 15.65 -51.83 4.54
CA GLU A 936 15.92 -50.44 4.94
C GLU A 936 15.39 -49.31 4.05
N ALA A 937 15.87 -49.29 2.80
CA ALA A 937 15.52 -48.34 1.74
C ALA A 937 16.42 -47.09 1.63
N SER A 938 17.68 -47.28 1.21
CA SER A 938 18.63 -46.14 1.08
C SER A 938 18.65 -45.54 -0.32
N LYS A 939 19.17 -44.31 -0.42
CA LYS A 939 19.28 -43.62 -1.70
C LYS A 939 20.75 -43.65 -2.11
N GLU A 940 21.08 -43.15 -3.30
CA GLU A 940 22.46 -43.23 -3.78
C GLU A 940 22.60 -42.84 -5.25
N THR A 941 23.32 -43.68 -6.02
CA THR A 941 23.54 -43.47 -7.45
C THR A 941 23.75 -44.77 -8.20
N ALA A 942 23.56 -44.70 -9.53
CA ALA A 942 23.73 -45.85 -10.40
C ALA A 942 25.10 -46.42 -10.10
N GLU A 943 25.39 -47.60 -10.62
CA GLU A 943 26.66 -48.21 -10.35
C GLU A 943 26.78 -48.39 -8.84
N GLN A 944 27.16 -47.32 -8.15
CA GLN A 944 27.31 -47.34 -6.70
C GLN A 944 26.45 -48.40 -6.09
N PHE A 945 25.28 -48.59 -6.66
CA PHE A 945 24.40 -49.59 -6.13
C PHE A 945 24.59 -50.86 -6.95
N LYS A 946 24.69 -50.70 -8.26
CA LYS A 946 24.85 -51.83 -9.15
C LYS A 946 25.74 -52.76 -8.41
N HIS A 947 26.83 -52.21 -7.89
CA HIS A 947 27.80 -52.98 -7.12
C HIS A 947 27.00 -53.53 -5.97
N GLN A 948 26.57 -52.61 -5.09
CA GLN A 948 25.76 -52.93 -3.93
C GLN A 948 24.89 -54.15 -4.34
N HIS A 949 24.45 -54.12 -5.59
CA HIS A 949 23.62 -55.17 -6.14
C HIS A 949 24.41 -56.39 -6.56
N GLY A 950 25.27 -56.22 -7.56
CA GLY A 950 26.09 -57.32 -8.05
C GLY A 950 26.69 -58.18 -6.96
N ASP A 951 26.38 -57.87 -5.70
CA ASP A 951 26.87 -58.61 -4.54
C ASP A 951 25.78 -59.47 -3.97
N LYS A 952 24.98 -58.88 -3.10
CA LYS A 952 23.88 -59.60 -2.52
C LYS A 952 22.85 -59.81 -3.63
N VAL A 953 22.92 -60.96 -4.27
CA VAL A 953 22.03 -61.30 -5.37
C VAL A 953 20.72 -60.54 -5.25
N ASP A 954 20.17 -60.13 -6.41
CA ASP A 954 18.90 -59.42 -6.43
C ASP A 954 18.00 -60.33 -5.56
N ILE A 955 18.36 -61.62 -5.52
CA ILE A 955 17.63 -62.60 -4.71
C ILE A 955 17.96 -62.36 -3.24
N PHE A 956 18.52 -61.19 -2.96
CA PHE A 956 18.88 -60.74 -1.63
C PHE A 956 19.11 -59.26 -1.79
N GLU A 957 18.04 -58.49 -1.77
CA GLU A 957 18.06 -57.03 -1.88
C GLU A 957 17.98 -56.51 -3.33
N ILE A 958 17.14 -55.50 -3.57
CA ILE A 958 16.96 -54.94 -4.91
C ILE A 958 17.28 -53.44 -5.00
N PRO A 959 17.71 -52.96 -6.19
CA PRO A 959 18.09 -51.57 -6.51
C PRO A 959 17.01 -50.55 -6.84
N GLU A 960 16.60 -50.58 -8.11
CA GLU A 960 15.58 -49.73 -8.75
C GLU A 960 16.05 -48.41 -9.18
N THR A 961 15.25 -47.77 -10.02
CA THR A 961 15.59 -46.48 -10.55
C THR A 961 14.63 -45.39 -10.06
N GLY A 962 15.14 -44.48 -9.24
CA GLY A 962 14.31 -43.39 -8.78
C GLY A 962 14.48 -42.44 -9.95
N GLU A 963 13.79 -42.72 -11.07
CA GLU A 963 13.87 -41.94 -12.31
C GLU A 963 14.03 -40.43 -12.15
N TYR A 964 14.27 -39.76 -13.28
CA TYR A 964 14.55 -38.31 -13.30
C TYR A 964 15.55 -38.01 -12.19
N SER A 965 16.41 -38.99 -11.92
CA SER A 965 17.42 -38.89 -10.87
C SER A 965 18.40 -40.09 -10.96
N VAL A 966 18.64 -40.75 -9.82
CA VAL A 966 19.57 -41.88 -9.73
C VAL A 966 18.83 -43.22 -9.60
N LYS A 967 18.97 -43.89 -8.46
CA LYS A 967 18.34 -45.19 -8.22
C LYS A 967 17.88 -45.40 -6.76
N LEU A 968 17.10 -46.46 -6.50
CA LEU A 968 16.61 -46.74 -5.16
C LEU A 968 17.61 -47.62 -4.45
N LEU A 969 17.16 -48.56 -3.61
CA LEU A 969 18.12 -49.43 -2.95
C LEU A 969 17.69 -50.34 -1.78
N LYS A 970 18.65 -51.18 -1.42
CA LYS A 970 18.61 -52.17 -0.36
C LYS A 970 17.35 -52.99 -0.23
N GLY A 971 17.45 -53.99 0.64
CA GLY A 971 16.35 -54.89 0.91
C GLY A 971 16.94 -56.11 1.57
N ALA A 972 16.60 -57.28 1.02
CA ALA A 972 17.06 -58.57 1.52
C ALA A 972 16.80 -58.75 2.99
N THR A 973 17.14 -59.93 3.49
CA THR A 973 16.97 -60.17 4.89
C THR A 973 18.36 -60.04 5.44
N LEU A 974 19.04 -59.03 4.90
CA LEU A 974 20.41 -58.66 5.26
C LEU A 974 21.56 -59.47 4.70
N TYR A 975 22.26 -60.20 5.56
CA TYR A 975 23.42 -60.95 5.11
C TYR A 975 24.31 -59.74 4.85
N ILE A 976 25.36 -59.60 5.67
CA ILE A 976 26.28 -58.45 5.68
C ILE A 976 25.59 -57.65 6.81
N PRO A 977 25.86 -56.35 7.04
CA PRO A 977 26.62 -55.22 6.54
C PRO A 977 27.76 -54.90 7.51
N LYS A 978 27.78 -55.63 8.62
CA LYS A 978 28.81 -55.42 9.62
C LYS A 978 28.65 -54.03 10.25
N ALA A 979 28.01 -53.95 11.43
CA ALA A 979 27.85 -52.66 12.13
C ALA A 979 29.29 -52.35 12.45
N LEU A 980 29.76 -52.78 13.63
CA LEU A 980 31.16 -52.62 14.05
C LEU A 980 31.51 -52.46 15.53
N ARG A 981 32.41 -53.36 15.93
CA ARG A 981 32.93 -53.46 17.28
C ARG A 981 33.77 -52.22 17.56
N PHE A 982 34.08 -52.01 18.84
CA PHE A 982 34.92 -50.91 19.30
C PHE A 982 35.75 -51.51 20.41
N ASP A 983 37.04 -51.65 20.13
CA ASP A 983 37.97 -52.27 21.05
C ASP A 983 38.91 -51.45 21.90
N ARG A 984 39.12 -51.91 23.13
CA ARG A 984 40.02 -51.25 24.06
C ARG A 984 41.28 -52.12 24.12
N LEU A 985 42.37 -51.69 23.47
CA LEU A 985 43.62 -52.46 23.46
C LEU A 985 44.55 -52.24 24.65
N VAL A 986 45.05 -53.35 25.18
CA VAL A 986 45.96 -53.35 26.33
C VAL A 986 47.25 -52.59 26.02
N ALA A 987 48.18 -53.25 25.34
CA ALA A 987 49.45 -52.62 24.99
C ALA A 987 49.22 -51.39 24.08
N GLY A 988 49.19 -50.21 24.68
CA GLY A 988 49.01 -49.00 23.90
C GLY A 988 49.81 -47.99 24.66
N GLN A 989 49.54 -46.69 24.46
CA GLN A 989 50.23 -45.58 25.15
C GLN A 989 51.75 -45.76 25.34
N ILE A 990 52.48 -45.82 24.25
CA ILE A 990 53.88 -46.08 24.38
C ILE A 990 54.93 -45.07 23.97
N PRO A 991 55.58 -45.17 22.78
CA PRO A 991 56.58 -44.13 22.56
C PRO A 991 56.18 -43.07 21.56
N THR A 992 57.13 -42.80 20.66
CA THR A 992 57.04 -41.80 19.61
C THR A 992 58.00 -40.74 20.11
N GLY A 993 57.49 -39.50 20.19
CA GLY A 993 58.26 -38.37 20.65
C GLY A 993 58.14 -37.25 19.66
N TRP A 994 59.20 -36.47 19.47
CA TRP A 994 59.21 -35.38 18.50
C TRP A 994 58.06 -34.38 18.68
N ASN A 995 57.23 -34.32 17.64
CA ASN A 995 56.06 -33.45 17.54
C ASN A 995 56.13 -32.51 16.35
N ALA A 996 56.67 -32.95 15.21
CA ALA A 996 56.75 -32.11 13.99
C ALA A 996 57.81 -32.58 13.01
N LYS A 997 57.63 -32.26 11.73
CA LYS A 997 58.61 -32.67 10.73
C LYS A 997 58.43 -32.11 9.30
N THR A 998 59.53 -31.53 8.81
CA THR A 998 59.73 -30.90 7.51
C THR A 998 60.82 -29.84 7.76
N TYR A 999 62.07 -30.32 7.75
CA TYR A 999 63.24 -29.50 7.94
C TYR A 999 63.15 -28.67 6.69
N GLY A 1000 63.76 -29.17 5.64
CA GLY A 1000 63.72 -28.51 4.36
C GLY A 1000 63.13 -29.48 3.36
N ILE A 1001 62.15 -30.27 3.81
CA ILE A 1001 61.52 -31.26 2.95
C ILE A 1001 60.56 -30.71 1.89
N SER A 1002 60.45 -31.47 0.80
CA SER A 1002 59.62 -31.12 -0.34
C SER A 1002 58.14 -31.39 -0.10
N ASP A 1003 57.38 -30.30 0.03
CA ASP A 1003 55.94 -30.34 0.27
C ASP A 1003 55.27 -31.14 -0.82
N ASP A 1004 54.73 -32.29 -0.43
CA ASP A 1004 54.01 -33.22 -1.31
C ASP A 1004 54.76 -34.54 -1.33
N ILE A 1005 56.10 -34.46 -1.37
CA ILE A 1005 56.89 -35.66 -1.31
C ILE A 1005 56.34 -36.20 0.00
N ILE A 1006 55.81 -35.26 0.77
CA ILE A 1006 55.17 -35.49 2.04
C ILE A 1006 53.71 -35.64 1.65
N SER A 1007 53.43 -36.67 0.89
CA SER A 1007 52.09 -36.93 0.41
C SER A 1007 52.27 -38.14 -0.46
N GLN A 1008 53.41 -38.16 -1.12
CA GLN A 1008 53.81 -39.27 -1.95
C GLN A 1008 54.70 -39.95 -0.95
N VAL A 1009 55.16 -41.16 -1.23
CA VAL A 1009 56.06 -41.87 -0.31
C VAL A 1009 55.53 -42.02 1.12
N ASP A 1010 55.08 -40.90 1.66
CA ASP A 1010 54.52 -40.74 3.01
C ASP A 1010 55.17 -41.29 4.30
N PRO A 1011 55.00 -42.59 4.58
CA PRO A 1011 55.57 -43.13 5.81
C PRO A 1011 56.92 -42.63 6.30
N ILE A 1012 57.86 -43.57 6.28
CA ILE A 1012 59.21 -43.41 6.72
C ILE A 1012 60.00 -42.66 5.70
N THR A 1013 59.68 -42.94 4.44
CA THR A 1013 60.34 -42.33 3.32
C THR A 1013 60.69 -40.92 3.68
N LEU A 1014 60.13 -40.45 4.78
CA LEU A 1014 60.44 -39.12 5.25
C LEU A 1014 61.73 -39.22 6.07
N PHE A 1015 61.64 -39.77 7.26
CA PHE A 1015 62.81 -39.91 8.12
C PHE A 1015 64.02 -40.23 7.29
N VAL A 1016 64.03 -41.41 6.69
CA VAL A 1016 65.13 -41.84 5.85
C VAL A 1016 65.77 -40.65 5.14
N LEU A 1017 64.95 -39.74 4.64
CA LEU A 1017 65.52 -38.58 3.96
C LEU A 1017 66.31 -37.75 4.95
N VAL A 1018 65.62 -37.07 5.86
CA VAL A 1018 66.34 -36.28 6.86
C VAL A 1018 67.61 -37.03 7.20
N SER A 1019 67.39 -38.23 7.69
CA SER A 1019 68.44 -39.13 8.09
C SER A 1019 69.63 -39.15 7.11
N VAL A 1020 69.41 -39.47 5.85
CA VAL A 1020 70.53 -39.50 4.91
C VAL A 1020 71.19 -38.14 4.83
N VAL A 1021 70.40 -37.09 4.82
CA VAL A 1021 70.97 -35.74 4.74
C VAL A 1021 71.69 -35.41 6.03
N GLU A 1022 70.99 -35.58 7.13
CA GLU A 1022 71.55 -35.32 8.44
C GLU A 1022 72.92 -36.03 8.57
N ALA A 1023 73.16 -37.01 7.69
CA ALA A 1023 74.42 -37.76 7.69
C ALA A 1023 75.49 -37.07 6.84
N PHE A 1024 75.21 -36.82 5.56
CA PHE A 1024 76.17 -36.12 4.72
C PHE A 1024 76.54 -34.77 5.32
N ILE A 1025 75.65 -34.22 6.12
CA ILE A 1025 75.89 -32.95 6.78
C ILE A 1025 76.58 -33.28 8.10
N ALA A 1026 76.91 -34.55 8.29
CA ALA A 1026 77.62 -35.03 9.48
C ALA A 1026 79.06 -35.21 9.02
N SER A 1027 79.20 -35.98 7.95
CA SER A 1027 80.48 -36.18 7.33
C SER A 1027 80.57 -34.88 6.53
N GLY A 1028 79.87 -33.86 7.04
CA GLY A 1028 79.85 -32.58 6.40
C GLY A 1028 80.27 -32.56 4.93
N ILE A 1029 79.32 -32.85 4.03
CA ILE A 1029 79.61 -32.82 2.61
C ILE A 1029 78.44 -32.17 1.87
N THR A 1030 78.25 -30.87 2.08
CA THR A 1030 77.17 -30.12 1.44
C THR A 1030 77.15 -30.47 -0.04
N ASP A 1031 76.02 -31.02 -0.50
CA ASP A 1031 75.82 -31.44 -1.87
C ASP A 1031 76.52 -32.74 -2.17
N PRO A 1032 75.88 -33.84 -1.80
CA PRO A 1032 76.36 -35.20 -1.99
C PRO A 1032 77.03 -35.41 -3.34
N TYR A 1033 76.80 -34.49 -4.26
CA TYR A 1033 77.41 -34.65 -5.56
C TYR A 1033 78.94 -34.57 -5.44
N GLU A 1034 79.44 -33.81 -4.47
CA GLU A 1034 80.89 -33.67 -4.27
C GLU A 1034 81.60 -35.01 -4.09
N MET A 1035 80.94 -36.08 -4.52
CA MET A 1035 81.52 -37.41 -4.40
C MET A 1035 82.10 -37.81 -5.72
N TYR A 1036 81.51 -37.30 -6.77
CA TYR A 1036 82.00 -37.66 -8.08
C TYR A 1036 83.28 -36.93 -8.35
N LYS A 1037 83.61 -35.98 -7.47
CA LYS A 1037 84.86 -35.25 -7.62
C LYS A 1037 85.93 -35.95 -6.76
N TYR A 1038 85.75 -37.25 -6.65
CA TYR A 1038 86.67 -38.08 -5.91
C TYR A 1038 86.78 -39.32 -6.74
N VAL A 1039 86.71 -39.13 -8.05
CA VAL A 1039 86.77 -40.20 -9.05
C VAL A 1039 85.80 -41.36 -8.76
N HIS A 1040 84.53 -41.15 -9.11
CA HIS A 1040 83.54 -42.17 -8.88
C HIS A 1040 82.53 -42.25 -9.99
N VAL A 1041 82.64 -43.30 -10.80
CA VAL A 1041 81.71 -43.49 -11.89
C VAL A 1041 80.38 -43.81 -11.27
N SER A 1042 80.14 -43.21 -10.11
CA SER A 1042 78.92 -43.41 -9.38
C SER A 1042 78.76 -44.91 -9.09
N GLU A 1043 79.58 -45.73 -9.74
CA GLU A 1043 79.54 -47.16 -9.53
C GLU A 1043 80.13 -47.34 -8.13
N VAL A 1044 79.66 -46.52 -7.19
CA VAL A 1044 80.12 -46.54 -5.81
C VAL A 1044 79.21 -45.75 -4.87
N GLY A 1045 78.17 -46.39 -4.36
CA GLY A 1045 77.32 -45.64 -3.47
C GLY A 1045 76.26 -46.31 -2.64
N ASN A 1046 75.02 -46.11 -3.07
CA ASN A 1046 73.80 -46.53 -2.38
C ASN A 1046 73.77 -47.58 -1.29
N CYS A 1047 73.19 -47.13 -0.18
CA CYS A 1047 73.03 -47.87 1.05
C CYS A 1047 72.57 -49.28 0.94
N SER A 1048 71.84 -49.64 1.98
CA SER A 1048 71.28 -50.95 2.13
C SER A 1048 70.28 -50.85 3.30
N GLY A 1049 69.68 -49.68 3.49
CA GLY A 1049 68.72 -49.52 4.57
C GLY A 1049 67.68 -50.61 4.47
N SER A 1050 66.73 -50.70 5.42
CA SER A 1050 65.69 -51.74 5.38
C SER A 1050 64.63 -51.75 6.49
N GLY A 1051 64.27 -52.95 6.92
CA GLY A 1051 63.28 -53.11 7.98
C GLY A 1051 62.05 -53.87 7.52
N MET A 1052 60.98 -53.80 8.29
CA MET A 1052 59.71 -54.44 7.97
C MET A 1052 58.80 -53.33 7.42
N GLY A 1053 59.24 -52.11 7.69
CA GLY A 1053 58.53 -50.90 7.32
C GLY A 1053 57.89 -50.73 5.96
N GLY A 1054 57.50 -49.48 5.72
CA GLY A 1054 56.82 -49.15 4.49
C GLY A 1054 55.42 -48.79 4.97
N VAL A 1055 54.61 -49.83 5.20
CA VAL A 1055 53.21 -49.71 5.67
C VAL A 1055 52.80 -48.28 5.78
N SER A 1056 52.23 -47.91 6.91
CA SER A 1056 51.82 -46.54 7.15
C SER A 1056 51.00 -46.04 5.96
N ALA A 1057 50.92 -46.88 4.92
CA ALA A 1057 50.19 -46.57 3.69
C ALA A 1057 49.96 -47.92 3.08
N LEU A 1058 50.83 -48.86 3.43
CA LEU A 1058 50.68 -50.21 2.96
C LEU A 1058 49.28 -50.55 3.48
N ARG A 1059 48.96 -49.99 4.65
CA ARG A 1059 47.67 -50.20 5.28
C ARG A 1059 46.65 -49.86 4.22
N GLY A 1060 46.88 -48.76 3.53
CA GLY A 1060 45.97 -48.35 2.48
C GLY A 1060 45.71 -49.51 1.55
N MET A 1061 46.74 -50.32 1.33
CA MET A 1061 46.60 -51.46 0.45
C MET A 1061 45.40 -52.35 0.80
N PHE A 1062 45.21 -52.56 2.10
CA PHE A 1062 44.14 -53.43 2.57
C PHE A 1062 42.98 -52.70 3.25
N LYS A 1063 43.22 -52.13 4.43
CA LYS A 1063 42.18 -51.42 5.17
C LYS A 1063 41.75 -50.07 4.61
N ASP A 1064 42.30 -49.62 3.50
CA ASP A 1064 41.91 -48.34 2.90
C ASP A 1064 41.62 -48.70 1.46
N ARG A 1065 40.42 -49.18 1.24
CA ARG A 1065 40.01 -49.66 -0.06
C ARG A 1065 39.29 -50.78 0.62
N PHE A 1066 38.55 -51.62 -0.09
CA PHE A 1066 37.78 -52.64 0.62
C PHE A 1066 37.11 -51.83 1.72
N LYS A 1067 36.94 -50.56 1.38
CA LYS A 1067 36.36 -49.54 2.21
C LYS A 1067 36.31 -48.45 1.17
N ASP A 1068 36.74 -48.84 -0.04
CA ASP A 1068 36.79 -47.95 -1.17
C ASP A 1068 36.88 -46.51 -0.72
N GLU A 1069 37.91 -46.23 0.07
CA GLU A 1069 38.16 -44.87 0.53
C GLU A 1069 39.03 -44.28 -0.60
N PRO A 1070 39.85 -43.25 -0.32
CA PRO A 1070 40.66 -42.72 -1.42
C PRO A 1070 42.17 -42.93 -1.24
N VAL A 1071 42.80 -43.63 -2.18
CA VAL A 1071 44.23 -43.84 -2.06
C VAL A 1071 44.93 -43.84 -3.40
N GLN A 1072 45.95 -42.98 -3.49
CA GLN A 1072 46.77 -42.81 -4.68
C GLN A 1072 47.11 -44.11 -5.40
N ASN A 1073 46.53 -44.30 -6.59
CA ASN A 1073 46.77 -45.49 -7.41
C ASN A 1073 48.19 -46.01 -7.17
N ASP A 1074 49.17 -45.17 -7.44
CA ASP A 1074 50.57 -45.53 -7.21
C ASP A 1074 50.69 -45.39 -5.70
N ILE A 1075 50.93 -46.49 -5.04
CA ILE A 1075 51.00 -46.43 -3.61
C ILE A 1075 51.62 -47.74 -3.22
N LEU A 1076 51.18 -48.80 -3.90
CA LEU A 1076 51.73 -50.10 -3.61
C LEU A 1076 53.22 -49.85 -3.66
N GLN A 1077 53.54 -48.76 -4.33
CA GLN A 1077 54.91 -48.28 -4.48
C GLN A 1077 55.55 -48.22 -3.09
N GLU A 1078 55.10 -47.33 -2.21
CA GLU A 1078 55.71 -47.22 -0.90
C GLU A 1078 55.59 -48.42 -0.03
N SER A 1079 55.08 -49.48 -0.58
CA SER A 1079 55.02 -50.66 0.22
C SER A 1079 56.49 -51.00 0.49
N PHE A 1080 57.18 -51.29 -0.62
CA PHE A 1080 58.60 -51.68 -0.74
C PHE A 1080 59.70 -51.06 0.08
N ILE A 1081 60.20 -51.83 1.02
CA ILE A 1081 61.30 -51.39 1.89
C ILE A 1081 62.35 -50.62 1.08
N ASN A 1082 62.83 -51.26 0.00
CA ASN A 1082 63.85 -50.70 -0.87
C ASN A 1082 63.41 -49.40 -1.55
N THR A 1083 62.19 -49.00 -1.27
CA THR A 1083 61.68 -47.76 -1.83
C THR A 1083 62.28 -46.62 -1.03
N MET A 1084 62.58 -46.87 0.23
CA MET A 1084 63.19 -45.82 1.01
C MET A 1084 64.45 -45.52 0.27
N SER A 1085 65.37 -46.47 0.34
CA SER A 1085 66.65 -46.34 -0.31
C SER A 1085 66.43 -45.78 -1.71
N ALA A 1086 65.48 -46.38 -2.42
CA ALA A 1086 65.19 -45.94 -3.78
C ALA A 1086 65.00 -44.42 -3.90
N TRP A 1087 64.24 -43.80 -3.00
CA TRP A 1087 64.04 -42.36 -3.12
C TRP A 1087 65.31 -41.68 -2.74
N VAL A 1088 65.85 -42.08 -1.61
CA VAL A 1088 67.10 -41.52 -1.09
C VAL A 1088 68.04 -41.23 -2.23
N ASN A 1089 67.87 -41.94 -3.33
CA ASN A 1089 68.70 -41.72 -4.49
C ASN A 1089 68.09 -40.66 -5.38
N MET A 1090 66.93 -40.94 -5.99
CA MET A 1090 66.28 -39.97 -6.88
C MET A 1090 66.26 -38.59 -6.32
N LEU A 1091 66.54 -38.49 -5.02
CA LEU A 1091 66.62 -37.22 -4.32
C LEU A 1091 68.02 -37.24 -3.71
N LEU A 1092 68.78 -36.17 -3.89
CA LEU A 1092 70.12 -36.12 -3.31
C LEU A 1092 71.01 -37.14 -4.00
N ILE A 1093 71.99 -37.64 -3.28
CA ILE A 1093 72.93 -38.65 -3.78
C ILE A 1093 72.40 -39.41 -5.00
N SER A 1094 72.81 -38.99 -6.21
CA SER A 1094 72.37 -39.66 -7.44
C SER A 1094 73.18 -40.91 -7.73
N SER A 1095 73.92 -41.32 -6.70
CA SER A 1095 74.78 -42.48 -6.78
C SER A 1095 74.14 -43.58 -7.59
N SER A 1096 74.69 -43.74 -8.77
CA SER A 1096 74.29 -44.75 -9.69
C SER A 1096 74.97 -46.04 -9.19
N GLY A 1097 75.17 -46.07 -7.86
CA GLY A 1097 75.85 -47.19 -7.25
C GLY A 1097 75.11 -48.51 -7.25
N PRO A 1098 75.43 -49.39 -6.29
CA PRO A 1098 74.75 -50.67 -6.22
C PRO A 1098 73.88 -50.50 -4.99
N ILE A 1099 72.79 -51.22 -4.91
CA ILE A 1099 71.94 -51.11 -3.74
C ILE A 1099 71.50 -52.47 -3.28
N LYS A 1100 71.53 -52.68 -1.96
CA LYS A 1100 71.14 -53.97 -1.40
C LYS A 1100 69.79 -53.90 -0.70
N THR A 1101 69.79 -53.41 0.54
CA THR A 1101 68.56 -53.28 1.29
C THR A 1101 68.14 -54.70 1.67
N PRO A 1102 68.36 -55.04 2.94
CA PRO A 1102 68.08 -56.31 3.62
C PRO A 1102 66.78 -56.42 4.42
N VAL A 1103 66.84 -57.16 5.52
CA VAL A 1103 65.68 -57.37 6.36
C VAL A 1103 66.07 -57.45 7.83
N GLY A 1104 66.04 -58.65 8.40
CA GLY A 1104 66.40 -58.85 9.78
C GLY A 1104 65.85 -57.82 10.73
N ALA A 1105 64.62 -57.41 10.50
CA ALA A 1105 64.00 -56.43 11.34
C ALA A 1105 64.35 -56.69 12.81
N CYS A 1106 64.19 -55.65 13.62
CA CYS A 1106 64.48 -55.72 15.04
C CYS A 1106 65.99 -55.70 15.10
N ALA A 1107 66.60 -56.71 14.48
CA ALA A 1107 68.07 -56.84 14.47
C ALA A 1107 68.69 -56.30 13.19
N THR A 1108 67.86 -55.77 12.31
CA THR A 1108 68.34 -55.25 11.05
C THR A 1108 69.32 -54.10 11.29
N SER A 1109 69.56 -53.28 10.26
CA SER A 1109 70.48 -52.15 10.31
C SER A 1109 71.92 -52.68 10.40
N VAL A 1110 72.22 -53.44 11.44
CA VAL A 1110 73.54 -54.02 11.59
C VAL A 1110 73.65 -55.03 10.49
N GLU A 1111 72.50 -55.60 10.16
CA GLU A 1111 72.43 -56.54 9.08
C GLU A 1111 72.97 -55.76 7.90
N SER A 1112 72.74 -54.45 7.90
CA SER A 1112 73.22 -53.62 6.80
C SER A 1112 74.74 -53.44 6.87
N VAL A 1113 75.19 -52.68 7.87
CA VAL A 1113 76.61 -52.41 8.07
C VAL A 1113 77.35 -53.49 7.35
N ASP A 1114 77.18 -54.71 7.86
CA ASP A 1114 77.81 -55.85 7.26
C ASP A 1114 77.65 -55.71 5.74
N ILE A 1115 76.45 -55.92 5.25
CA ILE A 1115 76.17 -55.84 3.82
C ILE A 1115 76.94 -54.76 3.06
N GLY A 1116 76.91 -53.53 3.56
CA GLY A 1116 77.62 -52.46 2.89
C GLY A 1116 79.12 -52.70 2.93
N VAL A 1117 79.64 -52.77 4.15
CA VAL A 1117 81.07 -53.01 4.34
C VAL A 1117 81.53 -54.19 3.49
N GLU A 1118 80.74 -55.25 3.49
CA GLU A 1118 81.08 -56.45 2.72
C GLU A 1118 80.99 -56.19 1.22
N THR A 1119 80.37 -55.07 0.86
CA THR A 1119 80.23 -54.73 -0.55
C THR A 1119 81.37 -53.79 -0.88
N ILE A 1120 81.86 -53.11 0.14
CA ILE A 1120 82.97 -52.20 -0.04
C ILE A 1120 84.15 -53.07 -0.37
N LEU A 1121 84.34 -54.13 0.42
CA LEU A 1121 85.42 -55.08 0.21
C LEU A 1121 85.51 -55.37 -1.28
N SER A 1122 84.77 -56.38 -1.73
CA SER A 1122 84.82 -56.68 -3.16
C SER A 1122 84.66 -55.33 -3.79
N GLY A 1123 85.49 -55.07 -4.78
CA GLY A 1123 85.47 -53.78 -5.46
C GLY A 1123 84.18 -53.46 -6.19
N LYS A 1124 83.05 -53.63 -5.51
CA LYS A 1124 81.77 -53.31 -6.12
C LYS A 1124 81.46 -51.85 -5.89
N ALA A 1125 82.10 -51.26 -4.88
CA ALA A 1125 81.93 -49.86 -4.55
C ALA A 1125 82.40 -49.54 -3.16
N ARG A 1126 82.88 -48.32 -3.00
CA ARG A 1126 83.33 -47.84 -1.71
C ARG A 1126 82.47 -46.65 -1.41
N ILE A 1127 82.28 -46.38 -0.12
CA ILE A 1127 81.43 -45.27 0.32
C ILE A 1127 79.97 -45.63 0.12
N CYS A 1128 79.47 -46.48 1.02
CA CYS A 1128 78.08 -46.92 1.02
C CYS A 1128 77.45 -46.09 2.13
N ILE A 1129 76.14 -46.20 2.27
CA ILE A 1129 75.46 -45.38 3.26
C ILE A 1129 74.71 -46.13 4.40
N VAL A 1130 75.03 -47.42 4.57
CA VAL A 1130 74.48 -48.28 5.63
C VAL A 1130 72.97 -48.61 5.56
N GLY A 1131 72.27 -48.62 6.71
CA GLY A 1131 70.86 -48.93 6.73
C GLY A 1131 70.16 -48.64 8.06
N GLY A 1132 68.90 -49.07 8.18
CA GLY A 1132 68.13 -48.86 9.40
C GLY A 1132 66.63 -48.60 9.15
N TYR A 1133 66.06 -47.66 9.91
CA TYR A 1133 64.64 -47.26 9.81
C TYR A 1133 63.51 -48.30 9.67
N ASP A 1134 62.35 -47.93 10.22
CA ASP A 1134 61.15 -48.75 10.22
C ASP A 1134 60.16 -47.89 10.97
N ASP A 1135 58.90 -48.33 11.16
CA ASP A 1135 57.94 -47.47 11.87
C ASP A 1135 56.88 -48.17 12.73
N PHE A 1136 56.09 -47.34 13.41
CA PHE A 1136 55.02 -47.76 14.32
C PHE A 1136 53.56 -47.36 13.98
N GLN A 1137 52.78 -48.34 13.52
CA GLN A 1137 51.40 -48.10 13.14
C GLN A 1137 50.38 -48.93 13.93
N GLU A 1138 49.09 -48.60 13.76
CA GLU A 1138 47.99 -49.30 14.46
C GLU A 1138 48.13 -50.81 14.37
N GLU A 1139 47.96 -51.33 13.16
CA GLU A 1139 48.10 -52.75 12.91
C GLU A 1139 49.43 -53.19 13.49
N GLY A 1140 50.41 -52.30 13.34
CA GLY A 1140 51.74 -52.55 13.85
C GLY A 1140 51.68 -53.01 15.30
N SER A 1141 51.76 -52.09 16.26
CA SER A 1141 51.66 -52.49 17.66
C SER A 1141 50.45 -53.36 17.62
N PHE A 1142 50.18 -54.08 18.70
CA PHE A 1142 49.05 -54.99 18.64
C PHE A 1142 49.74 -55.98 17.68
N GLU A 1143 49.27 -57.22 17.57
CA GLU A 1143 50.01 -58.17 16.73
C GLU A 1143 51.20 -58.36 17.66
N PHE A 1144 52.06 -57.36 17.77
CA PHE A 1144 53.14 -57.44 18.75
C PHE A 1144 52.19 -57.30 19.91
N GLY A 1145 52.65 -57.54 21.13
CA GLY A 1145 51.71 -57.44 22.23
C GLY A 1145 50.79 -58.64 22.05
N ASN A 1146 50.14 -58.72 20.89
CA ASN A 1146 49.27 -59.85 20.59
C ASN A 1146 50.25 -61.01 20.42
N MET A 1147 51.48 -60.66 20.09
CA MET A 1147 52.55 -61.61 19.88
C MET A 1147 53.14 -61.89 21.26
N LYS A 1148 52.52 -61.32 22.28
CA LYS A 1148 52.94 -61.46 23.67
C LYS A 1148 54.25 -60.78 24.01
N ALA A 1149 54.80 -60.05 23.04
CA ALA A 1149 56.06 -59.35 23.24
C ALA A 1149 55.91 -57.92 23.77
N THR A 1150 55.67 -56.98 22.86
CA THR A 1150 55.52 -55.55 23.19
C THR A 1150 55.93 -55.31 24.63
N SER A 1151 54.89 -55.24 25.46
CA SER A 1151 54.98 -55.02 26.88
C SER A 1151 53.52 -54.78 27.18
N ASN A 1152 53.25 -54.16 28.31
CA ASN A 1152 51.88 -53.89 28.66
C ASN A 1152 51.68 -52.65 29.49
N THR A 1153 51.38 -51.54 28.83
CA THR A 1153 51.09 -50.34 29.58
C THR A 1153 49.97 -50.94 30.40
N LEU A 1154 49.67 -50.41 31.59
CA LEU A 1154 48.63 -51.04 32.38
C LEU A 1154 49.41 -52.20 32.91
N GLU A 1155 49.16 -52.62 34.15
CA GLU A 1155 49.97 -53.69 34.72
C GLU A 1155 51.27 -52.97 35.00
N GLU A 1156 52.08 -52.82 33.94
CA GLU A 1156 53.35 -52.10 34.03
C GLU A 1156 52.95 -50.71 34.52
N PHE A 1157 51.64 -50.50 34.50
CA PHE A 1157 51.00 -49.25 34.92
C PHE A 1157 50.48 -49.48 36.32
N GLU A 1158 49.47 -50.33 36.41
CA GLU A 1158 48.87 -50.66 37.68
C GLU A 1158 49.97 -50.96 38.71
N HIS A 1159 51.12 -51.42 38.23
CA HIS A 1159 52.23 -51.73 39.11
C HIS A 1159 52.92 -50.46 39.56
N GLY A 1160 54.10 -50.20 39.00
CA GLY A 1160 54.86 -49.01 39.31
C GLY A 1160 54.68 -48.06 38.16
N ARG A 1161 53.63 -47.26 38.26
CA ARG A 1161 53.26 -46.29 37.25
C ARG A 1161 54.31 -45.98 36.17
N THR A 1162 54.67 -44.70 36.13
CA THR A 1162 55.63 -44.09 35.19
C THR A 1162 55.60 -44.66 33.79
N PRO A 1163 55.32 -43.79 32.83
CA PRO A 1163 55.29 -44.23 31.44
C PRO A 1163 56.77 -44.34 31.07
N ALA A 1164 57.58 -43.78 31.97
CA ALA A 1164 59.03 -43.73 31.87
C ALA A 1164 59.63 -45.12 32.01
N GLU A 1165 59.45 -45.72 33.19
CA GLU A 1165 59.94 -47.08 33.46
C GLU A 1165 59.58 -47.93 32.24
N MET A 1166 58.69 -48.90 32.41
CA MET A 1166 58.26 -49.72 31.29
C MET A 1166 59.35 -50.24 30.37
N SER A 1167 60.56 -49.69 30.47
CA SER A 1167 61.66 -50.14 29.64
C SER A 1167 62.87 -50.27 30.54
N ARG A 1168 63.14 -51.47 31.03
CA ARG A 1168 64.27 -51.66 31.93
C ARG A 1168 65.11 -52.89 31.61
N PRO A 1169 65.90 -52.85 30.53
CA PRO A 1169 66.73 -54.01 30.18
C PRO A 1169 67.38 -54.63 31.41
N ALA A 1170 66.99 -55.87 31.71
CA ALA A 1170 67.48 -56.57 32.89
C ALA A 1170 67.04 -55.80 34.11
N THR A 1171 66.35 -56.47 35.03
CA THR A 1171 65.86 -55.83 36.27
C THR A 1171 64.79 -56.63 36.98
N THR A 1172 64.29 -57.67 36.33
CA THR A 1172 63.21 -58.49 36.89
C THR A 1172 61.88 -57.86 36.45
N THR A 1173 61.68 -56.60 36.85
CA THR A 1173 60.48 -55.86 36.49
C THR A 1173 60.44 -55.66 34.98
N ARG A 1174 61.43 -56.25 34.31
CA ARG A 1174 61.53 -56.20 32.86
C ARG A 1174 60.22 -56.81 32.41
N ASN A 1175 59.76 -56.48 31.21
CA ASN A 1175 58.49 -57.05 30.77
C ASN A 1175 58.34 -57.08 29.26
N GLY A 1176 58.80 -56.03 28.60
CA GLY A 1176 58.70 -55.96 27.15
C GLY A 1176 59.11 -54.58 26.70
N PHE A 1177 59.41 -54.44 25.40
CA PHE A 1177 59.86 -53.17 24.84
C PHE A 1177 58.85 -52.10 24.61
N MET A 1178 58.62 -51.78 23.34
CA MET A 1178 57.66 -50.76 22.91
C MET A 1178 58.19 -49.90 21.77
N GLU A 1179 58.10 -50.42 20.55
CA GLU A 1179 58.63 -49.70 19.38
C GLU A 1179 58.44 -48.21 19.49
N ALA A 1180 59.20 -47.46 18.70
CA ALA A 1180 59.09 -45.99 18.65
C ALA A 1180 59.08 -45.74 17.14
N GLN A 1181 58.78 -44.52 16.70
CA GLN A 1181 58.75 -44.26 15.26
C GLN A 1181 60.03 -44.90 14.75
N GLY A 1182 61.14 -44.17 14.88
CA GLY A 1182 62.44 -44.70 14.49
C GLY A 1182 63.00 -44.58 13.07
N ALA A 1183 64.32 -44.36 13.01
CA ALA A 1183 65.06 -44.24 11.76
C ALA A 1183 66.42 -43.62 12.02
N GLY A 1184 67.46 -44.26 11.50
CA GLY A 1184 68.81 -43.76 11.67
C GLY A 1184 69.69 -44.30 10.55
N ILE A 1185 70.59 -43.46 10.04
CA ILE A 1185 71.47 -43.86 8.95
C ILE A 1185 72.91 -43.48 9.22
N GLN A 1186 73.84 -44.13 8.52
CA GLN A 1186 75.26 -43.85 8.70
C GLN A 1186 75.99 -44.08 7.39
N ILE A 1187 76.91 -43.18 7.03
CA ILE A 1187 77.70 -43.30 5.78
C ILE A 1187 79.12 -43.68 6.04
N ILE A 1188 79.56 -44.73 5.36
CA ILE A 1188 80.92 -45.16 5.56
C ILE A 1188 81.73 -45.14 4.27
N MET A 1189 83.05 -45.04 4.45
CA MET A 1189 83.98 -44.98 3.33
C MET A 1189 85.20 -45.89 3.47
N GLN A 1190 85.82 -46.15 2.33
CA GLN A 1190 87.01 -47.00 2.18
C GLN A 1190 88.29 -46.51 2.91
N ALA A 1191 88.13 -45.53 3.80
CA ALA A 1191 89.24 -44.96 4.58
C ALA A 1191 89.99 -43.87 3.82
N ASP A 1192 90.79 -44.29 2.87
CA ASP A 1192 91.55 -43.35 2.06
C ASP A 1192 90.65 -42.20 1.60
N LEU A 1193 89.60 -42.52 0.85
CA LEU A 1193 88.66 -41.53 0.32
C LEU A 1193 88.29 -40.48 1.35
N ALA A 1194 88.49 -40.83 2.61
CA ALA A 1194 88.18 -39.94 3.72
C ALA A 1194 89.34 -39.00 3.92
N LEU A 1195 90.40 -39.54 4.51
CA LEU A 1195 91.62 -38.78 4.77
C LEU A 1195 92.04 -38.07 3.50
N LYS A 1196 91.56 -38.57 2.37
CA LYS A 1196 91.83 -37.95 1.08
C LYS A 1196 90.78 -36.83 1.04
N MET A 1197 91.24 -35.60 1.26
CA MET A 1197 90.35 -34.45 1.28
C MET A 1197 89.30 -34.61 2.38
N GLY A 1198 89.46 -33.80 3.43
CA GLY A 1198 88.59 -33.79 4.60
C GLY A 1198 87.41 -34.74 4.62
N VAL A 1199 87.27 -35.47 5.71
CA VAL A 1199 86.15 -36.39 5.80
C VAL A 1199 85.06 -35.91 6.78
N PRO A 1200 85.25 -36.00 8.10
CA PRO A 1200 86.32 -36.49 8.98
C PRO A 1200 85.88 -37.87 9.43
N ILE A 1201 86.81 -38.64 9.97
CA ILE A 1201 86.49 -39.99 10.40
C ILE A 1201 86.11 -40.04 11.88
N TYR A 1202 84.95 -40.62 12.14
CA TYR A 1202 84.46 -40.78 13.50
C TYR A 1202 85.03 -42.10 13.98
N GLY A 1203 84.20 -43.13 14.08
CA GLY A 1203 84.71 -44.42 14.54
C GLY A 1203 85.33 -45.20 13.38
N ILE A 1204 85.85 -46.38 13.69
CA ILE A 1204 86.47 -47.26 12.70
C ILE A 1204 85.97 -48.70 12.77
N VAL A 1205 85.18 -49.04 11.76
CA VAL A 1205 84.55 -50.35 11.63
C VAL A 1205 85.42 -51.57 11.80
N ALA A 1206 84.97 -52.49 12.63
CA ALA A 1206 85.73 -53.71 12.87
C ALA A 1206 85.07 -54.99 12.35
N MET A 1207 84.15 -55.55 13.13
CA MET A 1207 83.45 -56.80 12.81
C MET A 1207 82.15 -56.62 12.00
N ALA A 1208 81.74 -57.65 11.26
CA ALA A 1208 80.54 -57.57 10.43
C ALA A 1208 79.46 -58.64 10.62
N ALA A 1209 78.80 -58.61 11.77
CA ALA A 1209 77.69 -59.51 12.16
C ALA A 1209 77.22 -60.65 11.25
N THR A 1210 75.90 -60.85 11.24
CA THR A 1210 75.16 -61.85 10.46
C THR A 1210 75.27 -63.33 10.85
N ALA A 1211 74.29 -63.79 11.62
CA ALA A 1211 74.27 -65.18 12.04
C ALA A 1211 72.86 -65.64 12.42
N THR A 1212 72.51 -66.85 11.98
CA THR A 1212 71.18 -67.46 12.20
C THR A 1212 71.27 -68.46 13.34
N ASP A 1213 71.63 -69.69 12.97
CA ASP A 1213 71.87 -70.78 13.91
C ASP A 1213 70.73 -71.52 14.62
N LYS A 1214 70.95 -72.82 14.83
CA LYS A 1214 70.04 -73.76 15.51
C LYS A 1214 68.82 -74.23 14.72
N ILE A 1215 68.13 -75.22 15.28
CA ILE A 1215 66.93 -75.75 14.67
C ILE A 1215 65.86 -75.83 15.72
N GLY A 1216 65.00 -74.81 15.77
CA GLY A 1216 63.93 -74.78 16.74
C GLY A 1216 62.60 -74.71 16.01
N ARG A 1217 61.54 -74.33 16.73
CA ARG A 1217 60.25 -74.25 16.10
C ARG A 1217 59.47 -73.09 16.69
N SER A 1218 59.99 -71.89 16.50
CA SER A 1218 59.36 -70.66 16.99
C SER A 1218 60.23 -69.45 16.69
N VAL A 1219 59.60 -68.30 16.64
CA VAL A 1219 60.36 -67.10 16.40
C VAL A 1219 59.61 -65.93 16.99
N PRO A 1220 60.34 -65.02 17.67
CA PRO A 1220 61.79 -65.11 17.84
C PRO A 1220 62.24 -66.31 18.65
N ALA A 1221 63.32 -66.09 19.38
CA ALA A 1221 63.98 -67.06 20.23
C ALA A 1221 65.43 -66.62 20.25
N PRO A 1222 65.67 -65.36 20.63
CA PRO A 1222 67.02 -64.83 20.68
C PRO A 1222 68.10 -65.90 20.57
N GLY A 1223 68.73 -65.96 19.40
CA GLY A 1223 69.77 -66.94 19.19
C GLY A 1223 70.89 -66.81 20.21
N LYS A 1224 71.00 -67.80 21.10
CA LYS A 1224 72.03 -67.83 22.14
C LYS A 1224 73.35 -67.92 21.39
N GLY A 1225 74.07 -69.01 21.61
CA GLY A 1225 75.30 -69.19 20.89
C GLY A 1225 74.77 -69.30 19.49
N ILE A 1226 73.44 -69.42 19.45
CA ILE A 1226 72.63 -69.54 18.24
C ILE A 1226 72.93 -68.37 17.31
N LEU A 1227 74.24 -68.12 17.13
CA LEU A 1227 74.82 -67.08 16.29
C LEU A 1227 75.84 -66.32 17.13
N THR A 1228 76.46 -65.30 16.55
CA THR A 1228 77.45 -64.47 17.25
C THR A 1228 78.55 -65.19 18.04
N THR A 1229 78.19 -66.08 18.95
CA THR A 1229 79.25 -66.82 19.61
C THR A 1229 79.59 -67.77 18.47
N ALA A 1230 78.91 -67.56 17.34
CA ALA A 1230 79.15 -68.30 16.12
C ALA A 1230 80.42 -67.57 15.66
N ARG A 1231 80.41 -66.25 15.86
CA ARG A 1231 81.55 -65.38 15.59
C ARG A 1231 82.29 -65.59 16.88
N GLU A 1232 83.42 -64.92 17.09
CA GLU A 1232 84.15 -65.13 18.32
C GLU A 1232 84.58 -66.59 18.22
N HIS A 1233 84.67 -67.03 16.97
CA HIS A 1233 85.05 -68.39 16.63
C HIS A 1233 86.24 -68.80 17.48
N HIS A 1234 87.43 -68.76 16.88
CA HIS A 1234 88.68 -69.08 17.58
C HIS A 1234 88.72 -70.53 18.06
N SER A 1235 89.90 -71.16 17.92
CA SER A 1235 90.09 -72.55 18.38
C SER A 1235 90.90 -72.47 19.66
N SER A 1236 91.42 -73.61 20.09
CA SER A 1236 92.22 -73.67 21.30
C SER A 1236 92.76 -75.08 21.43
N VAL A 1237 92.90 -75.74 20.28
CA VAL A 1237 93.42 -77.10 20.23
C VAL A 1237 94.89 -77.04 20.61
N LYS A 1238 95.20 -77.37 21.87
CA LYS A 1238 96.57 -77.35 22.39
C LYS A 1238 97.51 -76.39 21.65
N TYR A 1239 98.16 -75.51 22.39
CA TYR A 1239 99.06 -74.60 21.74
C TYR A 1239 100.25 -74.20 22.62
N ALA A 1240 100.00 -73.84 23.87
CA ALA A 1240 101.04 -73.43 24.82
C ALA A 1240 101.81 -72.19 24.34
N SER A 1241 102.49 -72.32 23.20
CA SER A 1241 103.26 -71.24 22.58
C SER A 1241 102.79 -71.09 21.14
N PRO A 1242 102.22 -69.93 20.77
CA PRO A 1242 101.74 -69.70 19.40
C PRO A 1242 102.39 -68.49 18.73
N ASN A 1243 101.54 -67.60 18.23
CA ASN A 1243 101.91 -66.34 17.60
C ASN A 1243 102.00 -66.14 16.10
N LEU A 1244 101.43 -65.00 15.74
CA LEU A 1244 101.32 -64.52 14.38
C LEU A 1244 100.84 -63.06 14.54
N ASN A 1245 100.56 -62.68 15.79
CA ASN A 1245 100.09 -61.33 16.10
C ASN A 1245 101.26 -60.36 16.05
N MET A 1246 102.11 -60.50 17.07
CA MET A 1246 103.30 -59.69 17.28
C MET A 1246 103.84 -58.97 16.06
N LYS A 1247 103.57 -57.67 16.03
CA LYS A 1247 103.97 -56.78 14.97
C LYS A 1247 105.04 -57.36 14.07
N TYR A 1248 104.60 -58.30 13.26
CA TYR A 1248 105.45 -58.95 12.32
C TYR A 1248 105.83 -57.82 11.41
N ARG A 1249 105.11 -57.74 10.30
CA ARG A 1249 105.35 -56.70 9.30
C ARG A 1249 106.68 -57.05 8.68
N LYS A 1250 107.48 -57.80 9.43
CA LYS A 1250 108.77 -58.22 8.95
C LYS A 1250 108.46 -58.88 7.64
N ARG A 1251 107.83 -60.04 7.73
CA ARG A 1251 107.46 -60.76 6.53
C ARG A 1251 106.78 -59.81 5.58
N GLN A 1252 106.23 -58.72 6.11
CA GLN A 1252 105.60 -57.73 5.26
C GLN A 1252 106.70 -57.03 4.47
N LEU A 1253 107.57 -56.31 5.15
CA LEU A 1253 108.64 -55.62 4.44
C LEU A 1253 109.43 -56.63 3.64
N VAL A 1254 109.53 -57.85 4.16
CA VAL A 1254 110.25 -58.91 3.47
C VAL A 1254 109.50 -59.28 2.20
N THR A 1255 108.77 -60.40 2.21
CA THR A 1255 108.01 -60.88 1.04
C THR A 1255 107.81 -59.76 0.03
N ARG A 1256 106.64 -59.13 0.02
CA ARG A 1256 106.47 -58.02 -0.88
C ARG A 1256 107.38 -56.96 -0.25
N GLU A 1257 107.68 -55.91 -0.99
CA GLU A 1257 108.60 -54.87 -0.53
C GLU A 1257 109.89 -55.45 -1.07
N ALA A 1258 110.03 -56.75 -0.85
CA ALA A 1258 111.18 -57.45 -1.36
C ALA A 1258 110.88 -57.58 -2.83
N GLN A 1259 110.52 -58.79 -3.25
CA GLN A 1259 110.23 -59.01 -4.66
C GLN A 1259 109.53 -57.87 -5.34
N ILE A 1260 108.72 -57.11 -4.60
CA ILE A 1260 108.03 -56.01 -5.25
C ILE A 1260 108.95 -54.83 -5.54
N LYS A 1261 109.57 -54.24 -4.52
CA LYS A 1261 110.46 -53.11 -4.76
C LYS A 1261 111.48 -53.46 -5.83
N ASP A 1262 111.76 -54.76 -5.93
CA ASP A 1262 112.70 -55.28 -6.92
C ASP A 1262 111.86 -55.47 -8.18
N TRP A 1263 111.26 -56.65 -8.31
CA TRP A 1263 110.41 -56.93 -9.45
C TRP A 1263 109.55 -55.67 -9.53
N VAL A 1264 110.01 -54.78 -10.39
CA VAL A 1264 109.40 -53.47 -10.65
C VAL A 1264 110.46 -52.98 -11.59
N GLU A 1265 111.60 -52.68 -10.99
CA GLU A 1265 112.76 -52.24 -11.73
C GLU A 1265 112.81 -53.31 -12.82
N ASN A 1266 112.69 -54.57 -12.39
CA ASN A 1266 112.69 -55.70 -13.29
C ASN A 1266 111.83 -55.42 -14.50
N GLU A 1267 110.61 -54.98 -14.26
CA GLU A 1267 109.71 -54.66 -15.35
C GLU A 1267 110.24 -53.44 -16.11
N LEU A 1268 110.35 -52.31 -15.39
CA LEU A 1268 110.83 -51.06 -15.98
C LEU A 1268 111.66 -51.38 -17.22
N GLU A 1269 112.68 -52.19 -16.98
CA GLU A 1269 113.62 -52.66 -17.98
C GLU A 1269 112.98 -53.49 -19.08
N ALA A 1270 112.32 -54.57 -18.69
CA ALA A 1270 111.66 -55.47 -19.62
C ALA A 1270 110.88 -54.75 -20.73
N LEU A 1271 110.44 -53.51 -20.48
CA LEU A 1271 109.71 -52.78 -21.52
C LEU A 1271 110.75 -52.21 -22.46
N LYS A 1272 111.77 -51.59 -21.87
CA LYS A 1272 112.85 -51.03 -22.64
C LYS A 1272 113.32 -52.17 -23.53
N LEU A 1273 113.17 -53.40 -23.03
CA LEU A 1273 113.56 -54.59 -23.79
C LEU A 1273 113.06 -54.40 -25.21
N GLU A 1274 111.80 -54.01 -25.34
CA GLU A 1274 111.26 -53.77 -26.65
C GLU A 1274 111.27 -52.27 -26.84
N ALA A 1275 111.64 -51.54 -25.78
CA ALA A 1275 111.71 -50.07 -25.79
C ALA A 1275 111.17 -49.56 -27.09
N GLU A 1276 112.03 -48.99 -27.93
CA GLU A 1276 111.55 -48.54 -29.24
C GLU A 1276 111.23 -49.87 -29.91
N GLU A 1277 112.18 -50.42 -30.66
CA GLU A 1277 111.92 -51.70 -31.31
C GLU A 1277 110.58 -51.68 -32.06
N ILE A 1278 110.61 -51.06 -33.26
CA ILE A 1278 109.50 -50.88 -34.22
C ILE A 1278 108.81 -49.49 -34.26
N PRO A 1279 108.80 -48.75 -33.14
CA PRO A 1279 108.14 -47.44 -33.18
C PRO A 1279 109.10 -46.33 -33.57
N SER A 1280 109.07 -45.27 -32.75
CA SER A 1280 109.86 -44.05 -32.91
C SER A 1280 108.86 -42.92 -32.68
N GLU A 1281 107.66 -43.12 -33.20
CA GLU A 1281 106.54 -42.17 -33.06
C GLU A 1281 105.62 -42.77 -32.00
N ASP A 1282 105.57 -44.09 -31.98
CA ASP A 1282 104.76 -44.84 -31.03
C ASP A 1282 105.44 -44.81 -29.66
N GLN A 1283 106.56 -44.08 -29.58
CA GLN A 1283 107.28 -43.98 -28.34
C GLN A 1283 106.37 -43.47 -27.22
N ASN A 1284 105.96 -42.21 -27.31
CA ASN A 1284 105.08 -41.63 -26.30
C ASN A 1284 103.88 -42.55 -26.09
N GLU A 1285 103.19 -42.93 -27.17
CA GLU A 1285 102.04 -43.83 -27.04
C GLU A 1285 102.40 -45.13 -26.32
N PHE A 1286 103.12 -46.01 -27.01
CA PHE A 1286 103.51 -47.29 -26.45
C PHE A 1286 104.19 -47.15 -25.09
N LEU A 1287 105.15 -46.24 -24.98
CA LEU A 1287 105.84 -46.07 -23.72
C LEU A 1287 104.85 -45.75 -22.60
N LEU A 1288 104.07 -44.70 -22.78
CA LEU A 1288 103.08 -44.27 -21.79
C LEU A 1288 102.00 -45.30 -21.48
N GLU A 1289 101.71 -46.19 -22.42
CA GLU A 1289 100.68 -47.21 -22.19
C GLU A 1289 101.11 -48.11 -21.04
N ARG A 1290 102.00 -49.06 -21.30
CA ARG A 1290 102.47 -49.98 -20.28
C ARG A 1290 103.06 -49.23 -19.10
N THR A 1291 103.80 -48.16 -19.38
CA THR A 1291 104.44 -47.39 -18.33
C THR A 1291 103.59 -47.29 -17.07
N ARG A 1292 102.28 -47.17 -17.24
CA ARG A 1292 101.38 -47.07 -16.11
C ARG A 1292 100.49 -48.29 -15.97
N GLU A 1293 100.07 -48.88 -17.09
CA GLU A 1293 99.23 -50.07 -17.02
C GLU A 1293 100.05 -51.17 -16.33
N ILE A 1294 101.26 -50.81 -15.93
CA ILE A 1294 102.17 -51.69 -15.20
C ILE A 1294 102.26 -51.05 -13.83
N HIS A 1295 102.27 -49.72 -13.81
CA HIS A 1295 102.29 -48.97 -12.57
C HIS A 1295 101.19 -49.61 -11.75
N ASN A 1296 100.05 -49.87 -12.40
CA ASN A 1296 98.92 -50.53 -11.72
C ASN A 1296 99.42 -51.90 -11.24
N GLU A 1297 99.96 -52.67 -12.17
CA GLU A 1297 100.50 -53.98 -11.84
C GLU A 1297 101.15 -53.86 -10.48
N ALA A 1298 101.93 -52.81 -10.32
CA ALA A 1298 102.64 -52.55 -9.08
C ALA A 1298 101.71 -52.39 -7.89
N GLU A 1299 101.18 -51.18 -7.72
CA GLU A 1299 100.28 -50.86 -6.63
C GLU A 1299 99.51 -52.10 -6.22
N SER A 1300 99.03 -52.84 -7.21
CA SER A 1300 98.28 -54.07 -6.97
C SER A 1300 99.08 -54.96 -6.03
N GLN A 1301 100.18 -55.50 -6.53
CA GLN A 1301 101.05 -56.37 -5.75
C GLN A 1301 101.35 -55.76 -4.39
N LEU A 1302 101.51 -54.45 -4.35
CA LEU A 1302 101.81 -53.72 -3.12
C LEU A 1302 100.74 -53.87 -2.06
N ARG A 1303 99.52 -53.45 -2.39
CA ARG A 1303 98.41 -53.54 -1.46
C ARG A 1303 98.19 -55.01 -1.10
N ALA A 1304 97.97 -55.86 -2.11
CA ALA A 1304 97.73 -57.29 -1.91
C ALA A 1304 98.61 -57.73 -0.75
N ALA A 1305 99.80 -57.16 -0.72
CA ALA A 1305 100.74 -57.44 0.34
C ALA A 1305 100.13 -56.82 1.57
N GLN A 1306 100.09 -55.49 1.57
CA GLN A 1306 99.53 -54.73 2.68
C GLN A 1306 98.35 -55.52 3.24
N GLN A 1307 97.61 -56.18 2.35
CA GLN A 1307 96.44 -56.98 2.74
C GLN A 1307 96.83 -58.03 3.75
N GLN A 1308 97.65 -59.00 3.33
CA GLN A 1308 98.08 -60.01 4.28
C GLN A 1308 98.95 -59.27 5.27
N TRP A 1309 98.95 -59.69 6.54
CA TRP A 1309 99.73 -59.00 7.57
C TRP A 1309 99.20 -57.57 7.71
N GLY A 1310 98.42 -57.33 8.75
CA GLY A 1310 97.84 -56.01 8.95
C GLY A 1310 96.35 -56.05 8.66
N ASN A 1311 95.98 -56.35 7.40
CA ASN A 1311 94.58 -56.42 7.02
C ASN A 1311 93.95 -57.76 7.36
N ASP A 1312 94.41 -58.80 6.66
CA ASP A 1312 93.90 -60.15 6.88
C ASP A 1312 94.88 -61.06 7.64
N PHE A 1313 95.53 -60.52 8.67
CA PHE A 1313 96.46 -61.31 9.48
C PHE A 1313 95.85 -62.70 9.52
N TYR A 1314 94.77 -62.78 10.30
CA TYR A 1314 94.01 -63.99 10.52
C TYR A 1314 93.25 -64.51 9.32
N LYS A 1315 91.93 -64.39 9.40
CA LYS A 1315 91.00 -64.86 8.39
C LYS A 1315 90.95 -66.37 8.56
N ARG A 1316 91.87 -67.07 7.91
CA ARG A 1316 91.94 -68.52 8.04
C ARG A 1316 92.42 -68.76 9.45
N ASP A 1317 93.63 -69.30 9.57
CA ASP A 1317 94.24 -69.55 10.88
C ASP A 1317 93.22 -69.75 12.01
N PRO A 1318 92.70 -70.98 12.15
CA PRO A 1318 91.72 -71.31 13.20
C PRO A 1318 92.18 -71.05 14.62
N ARG A 1319 93.45 -70.67 14.78
CA ARG A 1319 94.00 -70.36 16.10
C ARG A 1319 93.38 -69.02 16.49
N ILE A 1320 92.63 -68.45 15.56
CA ILE A 1320 91.95 -67.19 15.76
C ILE A 1320 91.39 -66.64 14.45
N ALA A 1321 90.09 -66.37 14.46
CA ALA A 1321 89.37 -65.81 13.32
C ALA A 1321 88.12 -65.03 13.79
N PRO A 1322 88.17 -64.40 14.98
CA PRO A 1322 86.98 -63.68 15.43
C PRO A 1322 87.20 -62.19 15.62
N LEU A 1323 86.85 -61.76 16.84
CA LEU A 1323 86.99 -60.38 17.29
C LEU A 1323 88.47 -60.18 17.48
N ARG A 1324 89.05 -61.09 18.25
CA ARG A 1324 90.46 -61.06 18.51
C ARG A 1324 90.99 -60.62 17.16
N GLY A 1325 90.52 -61.30 16.11
CA GLY A 1325 90.92 -60.97 14.75
C GLY A 1325 91.04 -59.47 14.51
N ALA A 1326 89.92 -58.75 14.53
CA ALA A 1326 89.98 -57.32 14.34
C ALA A 1326 90.77 -56.70 15.48
N LEU A 1327 90.44 -57.08 16.71
CA LEU A 1327 91.15 -56.57 17.88
C LEU A 1327 92.64 -56.88 17.83
N ALA A 1328 93.05 -57.46 16.72
CA ALA A 1328 94.45 -57.81 16.46
C ALA A 1328 95.00 -56.66 15.61
N THR A 1329 94.80 -56.78 14.30
CA THR A 1329 95.22 -55.75 13.39
C THR A 1329 95.07 -54.48 14.22
N TYR A 1330 96.19 -53.86 14.53
CA TYR A 1330 96.27 -52.68 15.40
C TYR A 1330 95.53 -52.91 16.68
N GLY A 1331 94.20 -52.76 16.61
CA GLY A 1331 93.35 -52.98 17.76
C GLY A 1331 94.17 -53.42 18.96
N LEU A 1332 94.45 -52.48 19.84
CA LEU A 1332 95.24 -52.80 21.00
C LEU A 1332 94.54 -53.89 21.79
N THR A 1333 94.58 -53.78 23.13
CA THR A 1333 93.99 -54.80 23.99
C THR A 1333 93.52 -55.97 23.17
N ILE A 1334 94.37 -56.99 23.06
CA ILE A 1334 94.06 -58.20 22.30
C ILE A 1334 92.55 -58.39 22.37
N ASP A 1335 91.97 -58.04 23.51
CA ASP A 1335 90.53 -58.14 23.70
C ASP A 1335 89.97 -57.53 24.98
N ASP A 1336 89.92 -56.20 25.02
CA ASP A 1336 89.32 -55.45 26.13
C ASP A 1336 88.60 -54.22 25.53
N LEU A 1337 87.38 -54.45 25.06
CA LEU A 1337 86.53 -53.45 24.45
C LEU A 1337 85.96 -52.59 25.55
N GLY A 1338 85.00 -53.15 26.28
CA GLY A 1338 84.37 -52.43 27.38
C GLY A 1338 82.99 -51.83 27.16
N VAL A 1339 82.29 -52.24 26.11
CA VAL A 1339 80.96 -51.69 25.90
C VAL A 1339 79.84 -52.63 25.42
N ALA A 1340 79.27 -52.35 24.24
CA ALA A 1340 78.15 -53.13 23.67
C ALA A 1340 76.81 -52.60 24.20
N SER A 1341 76.05 -51.91 23.35
CA SER A 1341 74.78 -51.34 23.76
C SER A 1341 73.74 -52.41 24.00
N PHE A 1342 74.11 -53.65 23.63
CA PHE A 1342 73.25 -54.81 23.81
C PHE A 1342 72.00 -54.96 22.93
N HIS A 1343 71.12 -53.96 22.95
CA HIS A 1343 69.87 -54.00 22.20
C HIS A 1343 68.83 -54.62 23.12
N GLY A 1344 69.31 -55.24 24.21
CA GLY A 1344 68.46 -55.86 25.20
C GLY A 1344 67.17 -55.10 25.42
N THR A 1345 66.18 -55.53 24.66
CA THR A 1345 64.86 -54.95 24.62
C THR A 1345 64.09 -54.83 25.94
N SER A 1346 64.75 -54.94 27.08
CA SER A 1346 64.01 -54.88 28.34
C SER A 1346 63.08 -56.08 28.45
N THR A 1347 63.14 -56.94 27.44
CA THR A 1347 62.33 -58.16 27.41
C THR A 1347 62.95 -59.09 28.44
N LYS A 1348 64.18 -58.75 28.81
CA LYS A 1348 65.04 -59.47 29.76
C LYS A 1348 64.85 -61.00 29.79
N ALA A 1349 64.29 -61.49 28.68
CA ALA A 1349 64.07 -62.90 28.41
C ALA A 1349 65.06 -63.13 27.25
N ASN A 1350 65.48 -62.02 26.64
CA ASN A 1350 66.45 -62.00 25.56
C ASN A 1350 67.70 -61.43 26.23
N ASP A 1351 67.47 -60.45 27.10
CA ASP A 1351 68.55 -59.81 27.84
C ASP A 1351 69.46 -60.89 28.38
N LYS A 1352 68.89 -61.82 29.14
CA LYS A 1352 69.68 -62.92 29.67
C LYS A 1352 70.51 -63.43 28.49
N ASN A 1353 69.90 -64.33 27.73
CA ASN A 1353 70.56 -64.88 26.57
C ASN A 1353 71.14 -63.79 25.67
N GLU A 1354 72.30 -63.30 26.08
CA GLU A 1354 73.05 -62.27 25.39
C GLU A 1354 74.07 -61.91 26.44
N SER A 1355 73.55 -61.43 27.56
CA SER A 1355 74.37 -61.07 28.71
C SER A 1355 74.82 -62.39 29.32
N ALA A 1356 75.18 -63.30 28.42
CA ALA A 1356 75.63 -64.65 28.74
C ALA A 1356 75.49 -65.31 27.38
N THR A 1357 76.11 -64.67 26.40
CA THR A 1357 76.13 -65.09 25.01
C THR A 1357 77.18 -64.17 24.48
N ILE A 1358 77.43 -63.17 25.29
CA ILE A 1358 78.44 -62.17 25.04
C ILE A 1358 79.41 -62.51 26.17
N ASN A 1359 78.86 -63.04 27.25
CA ASN A 1359 79.67 -63.42 28.39
C ASN A 1359 80.42 -64.69 28.02
N GLU A 1360 79.69 -65.75 27.73
CA GLU A 1360 80.29 -67.03 27.34
C GLU A 1360 80.82 -66.82 25.91
N MET A 1361 81.15 -65.57 25.64
CA MET A 1361 81.70 -65.16 24.36
C MET A 1361 83.00 -64.42 24.70
N MET A 1362 83.23 -64.23 25.99
CA MET A 1362 84.45 -63.59 26.44
C MET A 1362 85.40 -64.70 26.81
N LYS A 1363 84.94 -65.54 27.72
CA LYS A 1363 85.72 -66.66 28.21
C LYS A 1363 86.53 -67.39 27.15
N HIS A 1364 85.85 -67.98 26.17
CA HIS A 1364 86.55 -68.71 25.12
C HIS A 1364 87.50 -67.77 24.36
N LEU A 1365 87.67 -66.56 24.89
CA LEU A 1365 88.55 -65.59 24.25
C LEU A 1365 89.61 -64.99 25.19
N GLY A 1366 89.36 -65.09 26.50
CA GLY A 1366 90.32 -64.57 27.45
C GLY A 1366 89.71 -63.58 28.42
N ARG A 1367 90.10 -62.33 28.28
CA ARG A 1367 89.63 -61.25 29.14
C ARG A 1367 89.81 -61.61 30.61
N SER A 1368 90.67 -60.85 31.27
CA SER A 1368 90.96 -61.02 32.69
C SER A 1368 89.67 -60.99 33.47
N GLU A 1369 89.68 -61.57 34.66
CA GLU A 1369 88.48 -61.60 35.48
C GLU A 1369 88.31 -60.32 36.31
N GLY A 1370 88.70 -59.19 35.73
CA GLY A 1370 88.58 -57.92 36.42
C GLY A 1370 88.03 -56.80 35.53
N ASN A 1371 88.25 -56.94 34.22
CA ASN A 1371 87.80 -55.97 33.20
C ASN A 1371 86.64 -56.57 32.39
N PRO A 1372 85.46 -56.73 33.03
CA PRO A 1372 84.22 -57.30 32.47
C PRO A 1372 83.41 -56.29 31.67
N VAL A 1373 83.62 -56.34 30.36
CA VAL A 1373 82.94 -55.50 29.41
C VAL A 1373 81.75 -54.78 30.01
N ILE A 1374 81.74 -53.46 29.90
CA ILE A 1374 80.64 -52.66 30.43
C ILE A 1374 79.48 -52.65 29.46
N GLY A 1375 78.27 -52.81 29.98
CA GLY A 1375 77.09 -52.84 29.12
C GLY A 1375 76.47 -51.48 28.94
N VAL A 1376 75.69 -51.33 27.88
CA VAL A 1376 75.08 -50.04 27.64
C VAL A 1376 73.58 -50.03 27.82
N PHE A 1377 72.86 -50.41 26.76
CA PHE A 1377 71.40 -50.44 26.73
C PHE A 1377 70.82 -49.07 26.34
N GLN A 1378 70.98 -48.74 25.07
CA GLN A 1378 70.48 -47.47 24.51
C GLN A 1378 68.97 -47.60 24.32
N LYS A 1379 68.52 -48.85 24.32
CA LYS A 1379 67.11 -49.17 24.16
C LYS A 1379 66.27 -48.32 25.07
N PHE A 1380 66.43 -48.50 26.38
CA PHE A 1380 65.67 -47.72 27.32
C PHE A 1380 65.75 -46.26 27.02
N LEU A 1381 64.58 -45.63 27.01
CA LEU A 1381 64.47 -44.21 26.72
C LEU A 1381 64.34 -44.04 25.22
N THR A 1382 64.17 -45.14 24.49
CA THR A 1382 64.15 -44.98 23.05
C THR A 1382 63.83 -46.29 22.40
N GLY A 1383 64.90 -46.86 21.85
CA GLY A 1383 64.87 -48.13 21.16
C GLY A 1383 63.52 -48.76 21.00
N HIS A 1384 62.97 -48.64 19.79
CA HIS A 1384 61.69 -49.23 19.52
C HIS A 1384 61.63 -50.60 20.19
N PRO A 1385 62.42 -51.60 19.74
CA PRO A 1385 63.41 -51.69 18.66
C PRO A 1385 62.89 -52.48 17.48
N LYS A 1386 62.83 -51.84 16.32
CA LYS A 1386 62.37 -52.50 15.12
C LYS A 1386 62.92 -51.78 13.92
N GLY A 1387 64.06 -52.27 13.43
CA GLY A 1387 64.66 -51.68 12.27
C GLY A 1387 65.89 -50.87 12.59
N ALA A 1388 65.81 -49.56 12.39
CA ALA A 1388 66.91 -48.67 12.67
C ALA A 1388 67.36 -48.96 14.11
N ALA A 1389 66.70 -49.93 14.75
CA ALA A 1389 67.04 -50.34 16.09
C ALA A 1389 68.55 -50.48 16.22
N GLY A 1390 69.12 -51.40 15.43
CA GLY A 1390 70.56 -51.60 15.44
C GLY A 1390 71.27 -50.30 15.18
N ALA A 1391 71.34 -49.92 13.91
CA ALA A 1391 71.97 -48.68 13.49
C ALA A 1391 71.90 -47.58 14.55
N TRP A 1392 70.74 -47.41 15.17
CA TRP A 1392 70.53 -46.41 16.23
C TRP A 1392 71.59 -46.51 17.30
N MET A 1393 71.82 -47.74 17.78
CA MET A 1393 72.80 -48.02 18.82
C MET A 1393 74.19 -47.73 18.27
N MET A 1394 74.40 -48.13 17.02
CA MET A 1394 75.65 -47.93 16.32
C MET A 1394 75.99 -46.45 16.40
N ASN A 1395 74.96 -45.62 16.20
CA ASN A 1395 75.16 -44.19 16.29
C ASN A 1395 75.61 -43.93 17.71
N GLY A 1396 74.84 -44.46 18.65
CA GLY A 1396 75.17 -44.28 20.05
C GLY A 1396 76.56 -44.83 20.29
N ALA A 1397 76.92 -45.82 19.48
CA ALA A 1397 78.24 -46.47 19.57
C ALA A 1397 79.30 -45.41 19.35
N LEU A 1398 79.52 -45.06 18.09
CA LEU A 1398 80.49 -44.05 17.75
C LEU A 1398 80.42 -43.00 18.84
N GLN A 1399 79.22 -42.45 19.03
CA GLN A 1399 78.96 -41.43 20.03
C GLN A 1399 79.76 -41.58 21.34
N ILE A 1400 79.80 -42.79 21.89
CA ILE A 1400 80.54 -43.01 23.14
C ILE A 1400 82.03 -42.83 22.96
N LEU A 1401 82.57 -43.39 21.88
CA LEU A 1401 83.99 -43.26 21.59
C LEU A 1401 84.23 -41.78 21.47
N ASN A 1402 85.13 -41.38 20.58
CA ASN A 1402 85.41 -39.97 20.38
C ASN A 1402 85.25 -39.26 21.73
N SER A 1403 86.01 -39.75 22.71
CA SER A 1403 86.01 -39.22 24.08
C SER A 1403 84.60 -39.04 24.68
N GLY A 1404 83.62 -39.68 24.08
CA GLY A 1404 82.30 -39.57 24.65
C GLY A 1404 82.36 -40.26 25.99
N ILE A 1405 81.21 -40.63 26.52
CA ILE A 1405 81.14 -41.31 27.80
C ILE A 1405 80.63 -42.73 27.54
N ILE A 1406 80.05 -43.35 28.56
CA ILE A 1406 79.51 -44.68 28.36
C ILE A 1406 78.04 -44.63 27.91
N PRO A 1407 77.07 -44.30 28.80
CA PRO A 1407 77.02 -43.95 30.22
C PRO A 1407 75.99 -44.91 30.83
N GLY A 1408 75.35 -45.71 29.98
CA GLY A 1408 74.35 -46.67 30.43
C GLY A 1408 73.07 -46.13 31.04
N ASN A 1409 73.02 -44.83 31.36
CA ASN A 1409 71.89 -44.12 32.00
C ASN A 1409 71.02 -44.99 32.90
N ARG A 1410 69.91 -44.40 33.35
CA ARG A 1410 68.98 -45.06 34.22
C ARG A 1410 68.58 -46.39 33.62
N ASN A 1411 68.72 -47.44 34.40
CA ASN A 1411 68.34 -48.81 34.04
C ASN A 1411 67.80 -49.22 35.39
N ALA A 1412 68.57 -48.84 36.40
CA ALA A 1412 68.33 -49.06 37.83
C ALA A 1412 67.23 -50.02 38.21
N ASP A 1413 66.62 -49.78 39.36
CA ASP A 1413 65.53 -50.61 39.84
C ASP A 1413 66.08 -52.04 39.95
N ASN A 1414 67.07 -52.24 40.83
CA ASN A 1414 67.67 -53.56 41.02
C ASN A 1414 68.11 -54.14 39.67
N VAL A 1415 68.70 -55.33 39.63
CA VAL A 1415 69.15 -55.89 38.36
C VAL A 1415 68.68 -57.28 37.94
N ASP A 1416 68.29 -58.06 38.94
CA ASP A 1416 67.84 -59.43 38.74
C ASP A 1416 68.97 -60.37 39.11
N LYS A 1417 68.67 -61.34 39.96
CA LYS A 1417 69.69 -62.27 40.40
C LYS A 1417 70.15 -63.27 39.33
N ILE A 1418 69.25 -63.80 38.52
CA ILE A 1418 69.66 -64.79 37.53
C ILE A 1418 70.84 -64.34 36.68
N LEU A 1419 71.23 -63.07 36.84
CA LEU A 1419 72.36 -62.52 36.08
C LEU A 1419 73.72 -62.84 36.69
N GLU A 1420 74.62 -61.87 36.67
CA GLU A 1420 75.96 -62.06 37.23
C GLU A 1420 76.89 -62.98 36.43
N GLN A 1421 77.65 -62.30 35.56
CA GLN A 1421 78.66 -62.84 34.66
C GLN A 1421 79.66 -61.67 34.38
N PHE A 1422 79.25 -60.69 33.54
CA PHE A 1422 80.06 -59.49 33.23
C PHE A 1422 79.30 -58.16 33.26
N GLU A 1423 78.95 -57.83 34.50
CA GLU A 1423 78.24 -56.63 34.95
C GLU A 1423 77.30 -55.87 34.04
N TYR A 1424 76.44 -55.08 34.71
CA TYR A 1424 75.42 -54.22 34.10
C TYR A 1424 75.50 -52.87 34.75
N VAL A 1425 75.97 -51.90 33.96
CA VAL A 1425 76.16 -50.51 34.34
C VAL A 1425 75.09 -49.94 35.24
N LEU A 1426 74.82 -48.64 35.15
CA LEU A 1426 73.75 -48.07 35.95
C LEU A 1426 73.50 -46.58 35.78
N TYR A 1427 74.46 -45.85 35.21
CA TYR A 1427 74.29 -44.41 35.00
C TYR A 1427 75.52 -43.79 34.33
N PRO A 1428 75.38 -42.60 33.69
CA PRO A 1428 76.45 -41.87 33.00
C PRO A 1428 77.84 -42.40 33.21
N SER A 1429 78.11 -42.84 34.43
CA SER A 1429 79.41 -43.39 34.73
C SER A 1429 80.42 -42.33 34.35
N LYS A 1430 80.56 -41.36 35.25
CA LYS A 1430 81.46 -40.20 35.14
C LYS A 1430 82.58 -40.31 34.10
N THR A 1431 82.22 -40.82 32.93
CA THR A 1431 83.13 -41.02 31.81
C THR A 1431 84.56 -41.37 32.17
N LEU A 1432 84.94 -42.63 31.97
CA LEU A 1432 86.32 -42.98 32.26
C LEU A 1432 86.99 -42.38 31.04
N LYS A 1433 87.65 -41.25 31.29
CA LYS A 1433 88.34 -40.52 30.25
C LYS A 1433 89.24 -41.49 29.52
N THR A 1434 90.12 -42.14 30.27
CA THR A 1434 91.03 -43.11 29.67
C THR A 1434 90.18 -44.09 28.89
N ASP A 1435 89.48 -44.97 29.62
CA ASP A 1435 88.64 -45.98 28.97
C ASP A 1435 87.64 -45.39 27.97
N GLY A 1436 86.76 -46.25 27.49
CA GLY A 1436 85.80 -45.83 26.50
C GLY A 1436 86.64 -45.96 25.27
N VAL A 1437 87.13 -44.82 24.79
CA VAL A 1437 87.98 -44.80 23.64
C VAL A 1437 88.56 -46.20 23.52
N ARG A 1438 88.16 -46.94 22.50
CA ARG A 1438 88.65 -48.29 22.25
C ARG A 1438 87.73 -49.07 21.33
N ALA A 1439 87.01 -50.04 21.89
CA ALA A 1439 86.11 -50.89 21.10
C ALA A 1439 84.63 -50.67 21.49
N VAL A 1440 83.74 -51.54 21.00
CA VAL A 1440 82.32 -51.42 21.31
C VAL A 1440 81.47 -52.68 21.22
N SER A 1441 81.24 -53.13 19.98
CA SER A 1441 80.43 -54.30 19.69
C SER A 1441 79.06 -54.11 20.30
N ILE A 1442 78.18 -53.47 19.55
CA ILE A 1442 76.82 -53.20 19.95
C ILE A 1442 76.06 -54.46 20.37
N THR A 1443 75.59 -55.22 19.36
CA THR A 1443 74.85 -56.49 19.51
C THR A 1443 73.37 -56.39 19.16
N SER A 1444 72.83 -57.42 18.52
CA SER A 1444 71.41 -57.39 18.17
C SER A 1444 70.79 -58.76 17.90
N PHE A 1445 69.57 -58.94 18.39
CA PHE A 1445 68.85 -60.18 18.23
C PHE A 1445 67.43 -59.90 17.78
N GLY A 1446 67.10 -60.35 16.58
CA GLY A 1446 65.76 -60.12 16.07
C GLY A 1446 64.99 -61.39 15.83
N PHE A 1447 63.79 -61.23 15.27
CA PHE A 1447 62.91 -62.34 14.96
C PHE A 1447 63.53 -63.00 13.75
N GLY A 1448 62.81 -63.91 13.09
CA GLY A 1448 63.36 -64.58 11.92
C GLY A 1448 64.71 -65.17 12.22
N GLN A 1449 65.02 -65.17 13.50
CA GLN A 1449 66.27 -65.67 14.03
C GLN A 1449 67.48 -65.06 13.33
N LYS A 1450 67.51 -63.74 13.30
CA LYS A 1450 68.61 -63.01 12.72
C LYS A 1450 69.35 -62.36 13.87
N GLY A 1451 70.56 -62.86 14.14
CA GLY A 1451 71.33 -62.33 15.23
C GLY A 1451 72.53 -61.48 14.87
N GLY A 1452 73.50 -62.05 14.16
CA GLY A 1452 74.71 -61.33 13.76
C GLY A 1452 75.07 -60.03 14.50
N GLN A 1453 76.28 -59.92 15.02
CA GLN A 1453 76.68 -58.70 15.71
C GLN A 1453 77.98 -58.18 15.08
N ALA A 1454 78.20 -56.86 15.12
CA ALA A 1454 79.43 -56.29 14.56
C ALA A 1454 79.99 -55.23 15.48
N ILE A 1455 81.34 -55.18 15.59
CA ILE A 1455 82.03 -54.21 16.46
C ILE A 1455 82.93 -53.16 15.77
N VAL A 1456 83.06 -52.02 16.43
CA VAL A 1456 83.87 -50.92 15.91
C VAL A 1456 84.85 -50.50 16.97
N VAL A 1457 85.89 -49.79 16.53
CA VAL A 1457 86.94 -49.31 17.42
C VAL A 1457 87.15 -47.82 17.29
N HIS A 1458 87.71 -47.23 18.34
CA HIS A 1458 87.98 -45.80 18.38
C HIS A 1458 88.77 -45.41 17.15
N PRO A 1459 88.66 -44.15 16.69
CA PRO A 1459 89.44 -43.76 15.51
C PRO A 1459 90.88 -43.61 16.02
N ASP A 1460 91.65 -42.72 15.40
CA ASP A 1460 93.04 -42.53 15.83
C ASP A 1460 93.83 -43.81 15.58
N TYR A 1461 93.30 -44.95 16.01
CA TYR A 1461 93.98 -46.21 15.77
C TYR A 1461 94.10 -46.36 14.27
N LEU A 1462 93.57 -45.40 13.53
CA LEU A 1462 93.74 -45.41 12.11
C LEU A 1462 94.56 -44.19 11.84
N TYR A 1463 95.86 -44.32 12.07
CA TYR A 1463 96.77 -43.24 11.79
C TYR A 1463 98.17 -43.76 11.53
N GLY A 1464 98.24 -44.56 10.48
CA GLY A 1464 99.48 -45.10 10.00
C GLY A 1464 99.63 -44.09 8.89
N ALA A 1465 100.39 -44.38 7.84
CA ALA A 1465 100.57 -43.43 6.75
C ALA A 1465 101.16 -42.09 7.27
N ILE A 1466 102.40 -42.16 7.73
CA ILE A 1466 103.16 -41.03 8.30
C ILE A 1466 102.75 -40.73 9.75
N THR A 1467 102.20 -39.55 9.97
CA THR A 1467 101.76 -39.05 11.27
C THR A 1467 102.20 -37.62 11.15
N GLU A 1468 102.36 -37.25 9.90
CA GLU A 1468 102.77 -35.93 9.48
C GLU A 1468 102.37 -35.98 8.01
N ASP A 1469 102.60 -34.90 7.29
CA ASP A 1469 102.27 -34.82 5.86
C ASP A 1469 100.99 -35.60 5.47
N ARG A 1470 101.13 -36.89 5.13
CA ARG A 1470 99.96 -37.69 4.76
C ARG A 1470 99.12 -37.88 6.01
N TYR A 1471 98.73 -36.74 6.58
CA TYR A 1471 97.95 -36.69 7.78
C TYR A 1471 97.71 -35.22 8.00
N ASN A 1472 98.79 -34.45 8.07
CA ASN A 1472 98.62 -33.02 8.25
C ASN A 1472 98.02 -32.47 6.98
N GLU A 1473 98.07 -33.26 5.91
CA GLU A 1473 97.46 -32.82 4.67
C GLU A 1473 95.99 -32.91 5.03
N TYR A 1474 95.67 -34.00 5.70
CA TYR A 1474 94.31 -34.25 6.15
C TYR A 1474 93.84 -33.11 7.06
N VAL A 1475 94.27 -33.16 8.32
CA VAL A 1475 93.91 -32.17 9.33
C VAL A 1475 93.57 -30.79 8.82
N ALA A 1476 94.11 -30.44 7.65
CA ALA A 1476 93.80 -29.14 7.07
C ALA A 1476 92.42 -29.24 6.47
N LYS A 1477 92.34 -30.00 5.38
CA LYS A 1477 91.08 -30.21 4.68
C LYS A 1477 89.88 -30.50 5.60
N VAL A 1478 90.11 -31.22 6.69
CA VAL A 1478 89.03 -31.52 7.62
C VAL A 1478 88.55 -30.24 8.28
N SER A 1479 89.47 -29.41 8.76
CA SER A 1479 89.06 -28.16 9.36
C SER A 1479 88.58 -27.23 8.23
N ALA A 1480 88.37 -27.83 7.07
CA ALA A 1480 87.90 -27.13 5.87
C ALA A 1480 86.55 -27.75 5.53
N ARG A 1481 85.98 -28.42 6.50
CA ARG A 1481 84.70 -29.08 6.36
C ARG A 1481 83.88 -28.69 7.59
N GLU A 1482 84.15 -29.38 8.69
CA GLU A 1482 83.46 -29.13 9.95
C GLU A 1482 83.97 -27.78 10.42
N LYS A 1483 83.03 -26.87 10.66
CA LYS A 1483 83.32 -25.50 11.07
C LYS A 1483 83.60 -24.77 9.75
N SER A 1484 83.31 -25.48 8.66
CA SER A 1484 83.47 -24.96 7.30
C SER A 1484 82.16 -25.29 6.55
N ALA A 1485 81.40 -26.20 7.14
CA ALA A 1485 80.12 -26.60 6.60
C ALA A 1485 79.19 -26.32 7.78
N TYR A 1486 79.79 -25.84 8.87
CA TYR A 1486 79.09 -25.45 10.09
C TYR A 1486 78.30 -24.25 9.62
N LYS A 1487 78.71 -23.74 8.47
CA LYS A 1487 77.99 -22.65 7.84
C LYS A 1487 76.72 -23.35 7.38
N PHE A 1488 76.82 -24.04 6.24
CA PHE A 1488 75.71 -24.77 5.63
C PHE A 1488 74.64 -25.25 6.59
N PHE A 1489 75.07 -25.86 7.69
CA PHE A 1489 74.12 -26.35 8.68
C PHE A 1489 73.29 -25.19 9.16
N HIS A 1490 73.72 -24.54 10.24
CA HIS A 1490 72.98 -23.41 10.79
C HIS A 1490 72.17 -22.68 9.72
N ASN A 1491 72.74 -22.58 8.52
CA ASN A 1491 72.05 -21.95 7.42
C ASN A 1491 70.71 -22.62 7.27
N GLY A 1492 70.73 -23.81 6.69
CA GLY A 1492 69.52 -24.58 6.47
C GLY A 1492 68.58 -24.63 7.66
N MET A 1493 69.13 -24.91 8.84
CA MET A 1493 68.33 -25.02 10.05
C MET A 1493 67.39 -23.86 10.30
N ILE A 1494 67.83 -22.65 10.00
CA ILE A 1494 67.00 -21.48 10.25
C ILE A 1494 66.04 -21.17 9.12
N TYR A 1495 66.47 -21.41 7.89
CA TYR A 1495 65.61 -21.14 6.75
C TYR A 1495 65.01 -22.45 6.26
N ASN A 1496 65.25 -23.51 7.03
CA ASN A 1496 64.77 -24.84 6.69
C ASN A 1496 65.21 -25.23 5.28
N LYS A 1497 66.52 -25.28 5.09
CA LYS A 1497 67.06 -25.63 3.79
C LYS A 1497 67.86 -26.92 3.85
N LEU A 1498 68.11 -27.44 5.05
CA LEU A 1498 68.84 -28.69 5.17
C LEU A 1498 68.02 -29.62 4.30
N PHE A 1499 68.69 -30.35 3.42
CA PHE A 1499 68.01 -31.23 2.48
C PHE A 1499 67.47 -30.31 1.42
N VAL A 1500 67.61 -30.72 0.17
CA VAL A 1500 67.13 -29.92 -0.92
C VAL A 1500 66.91 -30.79 -2.13
N SER A 1501 66.07 -30.33 -3.04
CA SER A 1501 65.80 -31.08 -4.26
C SER A 1501 67.11 -31.25 -5.02
N LYS A 1502 67.03 -31.68 -6.28
CA LYS A 1502 68.22 -31.86 -7.11
C LYS A 1502 67.91 -31.77 -8.61
N GLU A 1503 67.12 -32.71 -9.12
CA GLU A 1503 66.76 -32.72 -10.55
C GLU A 1503 67.97 -32.68 -11.47
N HIS A 1504 67.84 -33.35 -12.62
CA HIS A 1504 68.90 -33.40 -13.63
C HIS A 1504 70.02 -34.37 -13.24
N ALA A 1505 70.44 -34.31 -11.97
CA ALA A 1505 71.51 -35.17 -11.47
C ALA A 1505 72.82 -34.72 -12.10
N PRO A 1506 73.91 -35.49 -11.93
CA PRO A 1506 75.15 -35.05 -12.53
C PRO A 1506 75.13 -34.98 -14.05
N TYR A 1507 75.12 -36.14 -14.70
CA TYR A 1507 75.09 -36.17 -16.15
C TYR A 1507 73.95 -35.39 -16.73
N THR A 1508 73.73 -35.66 -18.01
CA THR A 1508 72.70 -34.98 -18.73
C THR A 1508 72.28 -35.75 -19.96
N ASP A 1509 71.34 -36.65 -19.75
CA ASP A 1509 70.76 -37.45 -20.82
C ASP A 1509 71.71 -37.78 -21.97
N GLU A 1510 72.07 -36.78 -22.74
CA GLU A 1510 72.96 -36.98 -23.86
C GLU A 1510 74.31 -37.57 -23.45
N LEU A 1511 74.89 -37.05 -22.36
CA LEU A 1511 76.17 -37.53 -21.87
C LEU A 1511 75.96 -38.80 -21.06
N GLU A 1512 74.84 -38.85 -20.36
CA GLU A 1512 74.49 -39.99 -19.51
C GLU A 1512 75.21 -41.26 -19.95
N GLU A 1513 74.61 -41.97 -20.90
CA GLU A 1513 75.13 -43.21 -21.42
C GLU A 1513 76.63 -43.33 -21.27
N ASP A 1514 77.37 -42.36 -21.79
CA ASP A 1514 78.82 -42.36 -21.74
C ASP A 1514 79.37 -42.37 -20.31
N VAL A 1515 79.03 -41.35 -19.52
CA VAL A 1515 79.51 -41.26 -18.15
C VAL A 1515 79.46 -42.64 -17.53
N TYR A 1516 78.45 -43.39 -17.87
CA TYR A 1516 78.36 -44.72 -17.33
C TYR A 1516 79.51 -45.56 -17.88
N LEU A 1517 79.39 -45.96 -19.13
CA LEU A 1517 80.35 -46.80 -19.84
C LEU A 1517 81.83 -46.45 -19.58
N ASP A 1518 82.16 -45.16 -19.64
CA ASP A 1518 83.54 -44.67 -19.44
C ASP A 1518 84.03 -44.67 -18.01
N PRO A 1519 84.79 -45.70 -17.65
CA PRO A 1519 85.34 -45.82 -16.30
C PRO A 1519 85.82 -44.47 -15.80
N LEU A 1520 86.05 -43.60 -16.79
CA LEU A 1520 86.51 -42.25 -16.58
C LEU A 1520 85.80 -41.59 -15.41
N ALA A 1521 86.48 -41.58 -14.28
CA ALA A 1521 85.95 -41.01 -13.06
C ALA A 1521 85.62 -39.52 -13.13
N ARG A 1522 85.50 -38.93 -11.95
CA ARG A 1522 85.20 -37.52 -11.72
C ARG A 1522 84.17 -36.80 -12.58
N VAL A 1523 83.68 -35.67 -12.01
CA VAL A 1523 82.70 -34.74 -12.61
C VAL A 1523 83.19 -33.36 -12.15
N SER A 1524 83.32 -32.40 -13.06
CA SER A 1524 83.85 -31.06 -12.68
C SER A 1524 82.89 -29.87 -12.83
N LYS A 1525 83.17 -28.78 -12.11
CA LYS A 1525 82.36 -27.55 -12.13
C LYS A 1525 82.29 -26.82 -13.48
N ASP A 1526 81.22 -26.03 -13.70
CA ASP A 1526 81.04 -25.27 -14.95
C ASP A 1526 80.51 -23.86 -14.67
N LYS A 1527 79.46 -23.45 -15.38
CA LYS A 1527 78.88 -22.13 -15.16
C LYS A 1527 77.62 -22.29 -14.32
N LYS A 1528 77.73 -23.02 -13.22
CA LYS A 1528 76.61 -23.28 -12.29
C LYS A 1528 77.07 -23.96 -10.98
N SER A 1529 77.27 -25.29 -11.05
CA SER A 1529 77.72 -26.10 -9.91
C SER A 1529 78.09 -27.55 -10.32
N GLY A 1530 78.92 -28.19 -9.49
CA GLY A 1530 79.38 -29.56 -9.74
C GLY A 1530 78.57 -30.37 -10.74
N SER A 1531 79.23 -30.95 -11.73
CA SER A 1531 78.51 -31.73 -12.73
C SER A 1531 79.37 -32.21 -13.89
N LEU A 1532 79.56 -33.52 -13.99
CA LEU A 1532 80.33 -34.10 -15.08
C LEU A 1532 80.21 -33.17 -16.29
N THR A 1533 81.34 -32.56 -16.66
CA THR A 1533 81.41 -31.60 -17.77
C THR A 1533 81.87 -32.18 -19.11
N PHE A 1534 81.07 -31.89 -20.15
CA PHE A 1534 81.28 -32.34 -21.53
C PHE A 1534 82.37 -33.37 -21.79
N ASN A 1535 82.83 -33.41 -23.03
CA ASN A 1535 83.87 -34.37 -23.41
C ASN A 1535 85.26 -33.91 -23.01
N SER A 1536 85.35 -32.72 -22.42
CA SER A 1536 86.65 -32.18 -22.01
C SER A 1536 87.12 -32.83 -20.71
N LYS A 1537 86.66 -32.34 -19.56
CA LYS A 1537 87.07 -32.91 -18.29
C LYS A 1537 86.87 -34.41 -18.32
N ASN A 1538 86.17 -34.87 -19.36
CA ASN A 1538 85.95 -36.29 -19.52
C ASN A 1538 85.15 -36.76 -20.72
N ILE A 1539 85.67 -37.82 -21.31
CA ILE A 1539 85.16 -38.55 -22.48
C ILE A 1539 86.14 -39.70 -22.33
N GLN A 1540 86.80 -39.65 -21.18
CA GLN A 1540 87.83 -40.56 -20.75
C GLN A 1540 89.16 -39.87 -21.02
N SER A 1541 89.09 -38.77 -21.76
CA SER A 1541 90.25 -37.95 -22.12
C SER A 1541 91.59 -38.44 -21.58
N LYS A 1542 92.49 -38.80 -22.49
CA LYS A 1542 93.83 -39.27 -22.13
C LYS A 1542 94.42 -38.69 -20.86
N ASP A 1543 94.07 -37.44 -20.54
CA ASP A 1543 94.61 -36.78 -19.36
C ASP A 1543 94.22 -37.46 -18.04
N SER A 1544 93.99 -38.76 -18.11
CA SER A 1544 93.61 -39.56 -16.96
C SER A 1544 93.92 -40.99 -17.39
N TYR A 1545 94.91 -41.60 -16.74
CA TYR A 1545 95.38 -42.96 -17.04
C TYR A 1545 96.78 -42.78 -17.61
N UNK A 1546 97.04 -41.59 -18.11
CA UNK A 1546 98.33 -41.25 -18.70
C UNK A 1546 98.87 -40.02 -17.98
N UNK A 1547 98.02 -39.00 -17.87
CA UNK A 1547 98.40 -37.76 -17.20
C UNK A 1547 98.50 -37.97 -15.71
N UNK A 1548 98.59 -39.24 -15.30
CA UNK A 1548 98.71 -39.58 -13.89
C UNK A 1548 100.13 -39.24 -13.42
N UNK A 1549 100.56 -38.01 -13.70
CA UNK A 1549 101.88 -37.47 -13.35
C UNK A 1549 103.06 -38.41 -13.53
N UNK A 1550 103.40 -39.15 -12.47
CA UNK A 1550 104.50 -40.09 -12.50
C UNK A 1550 104.23 -41.26 -13.46
N UNK A 1551 103.33 -41.03 -14.40
CA UNK A 1551 102.98 -42.03 -15.40
C UNK A 1551 103.23 -41.33 -16.74
N UNK A 1552 103.72 -40.10 -16.64
CA UNK A 1552 104.03 -39.26 -17.80
C UNK A 1552 105.49 -38.84 -17.78
N UNK A 1553 106.01 -38.56 -16.58
CA UNK A 1553 107.41 -38.15 -16.41
C UNK A 1553 108.27 -39.40 -16.17
N UNK A 1554 107.63 -40.49 -15.76
CA UNK A 1554 108.32 -41.75 -15.52
C UNK A 1554 108.17 -42.62 -16.77
N UNK A 1555 107.56 -42.04 -17.80
CA UNK A 1555 107.35 -42.70 -19.08
C UNK A 1555 108.12 -41.93 -20.15
N UNK A 1556 108.81 -40.88 -19.69
CA UNK A 1556 109.62 -40.03 -20.55
C UNK A 1556 111.07 -40.20 -20.07
N UNK A 1557 111.24 -40.73 -18.85
CA UNK A 1557 112.55 -40.98 -18.25
C UNK A 1557 112.93 -42.43 -18.47
N UNK A 1558 112.14 -43.11 -19.31
CA UNK A 1558 112.36 -44.51 -19.68
C UNK A 1558 112.29 -44.61 -21.20
N UNK A 1559 112.12 -43.46 -21.84
CA UNK A 1559 112.04 -43.35 -23.30
C UNK A 1559 113.30 -42.66 -23.81
N UNK A 1560 113.90 -41.82 -22.96
CA UNK A 1560 115.12 -41.10 -23.29
C UNK A 1560 116.32 -41.98 -22.90
N UNK A 1561 116.02 -43.24 -22.62
CA UNK A 1561 117.03 -44.22 -22.25
C UNK A 1561 116.64 -45.50 -22.98
N UNK A 1562 116.05 -45.32 -24.17
CA UNK A 1562 115.60 -46.43 -25.00
C UNK A 1562 116.10 -46.29 -26.44
N UNK A 1563 116.23 -45.04 -26.89
CA UNK A 1563 116.69 -44.75 -28.24
C UNK A 1563 117.51 -43.46 -28.28
N UNK A 1564 118.68 -43.48 -27.62
CA UNK A 1564 119.56 -42.31 -27.58
C UNK A 1564 120.80 -42.50 -26.70
N UNK A 1565 121.14 -43.75 -26.40
CA UNK A 1565 122.32 -44.06 -25.56
C UNK A 1565 123.37 -44.89 -26.33
N UNK A 1566 124.59 -44.35 -26.44
CA UNK A 1566 125.70 -45.01 -27.16
C UNK A 1566 126.67 -45.78 -26.24
N UNK A 1567 127.35 -45.05 -25.35
CA UNK A 1567 128.31 -45.64 -24.41
C UNK A 1567 127.59 -46.32 -23.23
N UNK A 1568 128.06 -47.51 -22.86
CA UNK A 1568 127.47 -48.28 -21.76
C UNK A 1568 127.80 -47.72 -20.36
N UNK A 1569 126.76 -47.64 -19.51
CA UNK A 1569 126.88 -47.13 -18.14
C UNK A 1569 125.48 -46.88 -17.55
N UNK A 1570 124.57 -47.82 -17.81
CA UNK A 1570 123.19 -47.73 -17.37
C UNK A 1570 122.91 -48.24 -15.95
N UNK A 1571 121.72 -47.89 -15.45
CA UNK A 1571 121.28 -48.28 -14.12
C UNK A 1571 119.79 -48.68 -14.06
N UNK A 1572 118.92 -47.73 -13.74
CA UNK A 1572 117.48 -47.96 -13.64
C UNK A 1572 117.16 -48.80 -12.39
N UNK A 1573 116.90 -48.12 -11.27
CA UNK A 1573 116.59 -48.77 -9.99
C UNK A 1573 115.42 -48.09 -9.25
N UNK A 1574 114.37 -48.85 -8.92
CA UNK A 1574 113.18 -48.34 -8.23
C UNK A 1574 112.97 -48.90 -6.81
N UNK A 1575 112.21 -48.18 -6.00
CA UNK A 1575 111.93 -48.58 -4.62
C UNK A 1575 110.60 -47.99 -4.10
N UNK A 1576 109.79 -48.82 -3.44
CA UNK A 1576 108.47 -48.40 -2.90
C UNK A 1576 108.56 -47.11 -2.10
N UNK A 1577 107.65 -46.17 -2.37
CA UNK A 1577 107.62 -44.87 -1.69
C UNK A 1577 107.29 -44.90 -0.19
N UNK A 1578 106.72 -46.01 0.28
CA UNK A 1578 106.37 -46.18 1.70
C UNK A 1578 107.17 -47.31 2.32
N UNK A 1579 108.37 -47.52 1.77
CA UNK A 1579 109.31 -48.54 2.22
C UNK A 1579 110.63 -47.82 2.44
N UNK A 1580 110.86 -46.82 1.59
CA UNK A 1580 112.05 -45.99 1.66
C UNK A 1580 111.72 -44.95 2.72
N UNK A 1581 110.54 -44.35 2.60
CA UNK A 1581 110.09 -43.35 3.56
C UNK A 1581 109.81 -44.05 4.88
N UNK A 1582 110.11 -45.35 4.93
CA UNK A 1582 109.90 -46.17 6.13
C UNK A 1582 110.58 -45.56 7.35
N UNK A 1583 111.40 -44.54 7.10
CA UNK A 1583 112.12 -43.85 8.15
C UNK A 1583 112.19 -42.38 7.75
N UNK A 1584 111.10 -41.88 7.17
CA UNK A 1584 111.03 -40.49 6.73
C UNK A 1584 111.14 -39.55 7.92
N UNK A 1585 111.50 -40.12 9.08
CA UNK A 1585 111.67 -39.38 10.34
C UNK A 1585 111.75 -40.39 11.48
N UNK A 1586 111.59 -41.67 11.13
CA UNK A 1586 111.64 -42.78 12.08
C UNK A 1586 113.08 -43.21 12.39
N UNK A 1587 113.66 -44.04 11.53
CA UNK A 1587 115.05 -44.52 11.73
C UNK A 1587 116.06 -43.35 11.64
N UNK A 1588 116.53 -42.92 12.81
CA UNK A 1588 117.48 -41.81 12.93
C UNK A 1588 118.63 -41.79 11.92
N UNK A 1589 119.26 -42.94 11.70
CA UNK A 1589 120.39 -43.03 10.77
C UNK A 1589 120.16 -43.77 9.44
N UNK A 1590 118.89 -44.04 9.09
CA UNK A 1590 118.59 -44.73 7.84
C UNK A 1590 118.61 -43.70 6.69
N UNK A 1591 118.58 -42.43 7.05
CA UNK A 1591 118.62 -41.31 6.11
C UNK A 1591 119.75 -40.35 6.49
N UNK A 1592 120.68 -40.84 7.29
CA UNK A 1592 121.84 -40.07 7.76
C UNK A 1592 123.13 -40.72 7.24
N UNK A 1593 122.95 -41.64 6.30
CA UNK A 1593 124.05 -42.37 5.67
C UNK A 1593 123.62 -42.79 4.26
N UNK A 1594 123.41 -41.77 3.41
CA UNK A 1594 122.98 -41.98 2.03
C UNK A 1594 122.64 -40.62 1.37
N UNK A 1595 123.66 -39.97 0.79
CA UNK A 1595 123.50 -38.67 0.12
C UNK A 1595 122.97 -37.60 1.08
N UNK A 1596 122.77 -37.99 2.34
CA UNK A 1596 122.26 -37.13 3.39
C UNK A 1596 123.16 -35.97 3.78
N UNK A 1597 123.66 -35.26 2.77
CA UNK A 1597 124.53 -34.11 3.00
C UNK A 1597 123.63 -32.91 3.31
N UNK A 1598 124.14 -31.71 3.02
CA UNK A 1598 123.33 -30.51 3.22
C UNK A 1598 122.38 -30.53 2.03
N UNK A 1599 122.71 -31.39 1.06
CA UNK A 1599 121.93 -31.60 -0.17
C UNK A 1599 121.05 -32.83 0.05
N UNK A 1600 120.39 -32.85 1.21
CA UNK A 1600 119.50 -33.93 1.61
C UNK A 1600 118.55 -33.41 2.69
N UNK A 1601 118.61 -32.11 2.92
CA UNK A 1601 117.76 -31.42 3.89
C UNK A 1601 117.19 -30.20 3.14
N UNK A 1602 117.15 -30.33 1.80
CA UNK A 1602 116.65 -29.28 0.90
C UNK A 1602 115.97 -29.88 -0.35
N UNK A 1603 116.08 -31.20 -0.52
CA UNK A 1603 115.46 -31.90 -1.64
C UNK A 1603 114.54 -32.98 -1.08
N UNK A 1604 114.68 -33.26 0.22
CA UNK A 1604 113.88 -34.27 0.94
C UNK A 1604 113.17 -33.64 2.14
N UNK A 1605 112.47 -32.53 1.89
CA UNK A 1605 111.71 -31.79 2.89
C UNK A 1605 111.02 -30.63 2.16
N UNK A 1606 110.70 -30.87 0.90
CA UNK A 1606 110.05 -29.90 0.03
C UNK A 1606 108.53 -30.11 -0.06
N UNK A 1607 108.09 -30.94 -1.01
CA UNK A 1607 106.66 -31.20 -1.17
C UNK A 1607 106.29 -32.64 -0.81
N UNK A 1608 107.04 -33.25 0.11
CA UNK A 1608 106.79 -34.61 0.57
C UNK A 1608 107.74 -35.05 1.69
N UNK A 1609 108.16 -36.31 1.64
CA UNK A 1609 109.07 -36.91 2.62
C UNK A 1609 109.08 -38.39 2.31
N UNK A 1610 108.27 -38.74 1.32
CA UNK A 1610 108.12 -40.11 0.85
C UNK A 1610 108.03 -40.04 -0.67
N UNK A 1611 108.10 -38.83 -1.21
CA UNK A 1611 108.04 -38.58 -2.65
C UNK A 1611 109.31 -37.86 -3.10
N UNK A 1612 110.08 -37.43 -2.10
CA UNK A 1612 111.34 -36.71 -2.31
C UNK A 1612 112.50 -37.51 -1.69
N UNK A 1613 112.34 -37.93 -0.44
CA UNK A 1613 113.36 -38.73 0.22
C UNK A 1613 113.14 -40.16 -0.24
N UNK A 1614 112.48 -40.31 -1.39
CA UNK A 1614 112.17 -41.61 -1.99
C UNK A 1614 112.79 -41.70 -3.37
N UNK A 1615 113.49 -40.64 -3.76
CA UNK A 1615 114.18 -40.57 -5.04
C UNK A 1615 115.62 -40.26 -4.67
N UNK A 1616 115.81 -39.91 -3.40
CA UNK A 1616 117.14 -39.59 -2.88
C UNK A 1616 117.82 -40.90 -2.54
N UNK A 1617 117.02 -41.96 -2.36
CA UNK A 1617 117.53 -43.29 -2.06
C UNK A 1617 116.90 -44.30 -3.03
N UNK A 1618 116.64 -43.84 -4.25
CA UNK A 1618 116.05 -44.65 -5.32
C UNK A 1618 116.51 -44.13 -6.69
N UNK A 1619 116.98 -42.89 -6.70
CA UNK A 1619 117.48 -42.25 -7.92
C UNK A 1619 118.98 -41.95 -7.71
N UNK A 1620 119.45 -42.20 -6.49
CA UNK A 1620 120.85 -42.01 -6.08
C UNK A 1620 121.48 -43.37 -5.70
N UNK A 1621 120.81 -44.44 -6.11
CA UNK A 1621 121.26 -45.82 -5.88
C UNK A 1621 121.28 -46.48 -7.27
N UNK A 1622 121.38 -45.62 -8.28
CA UNK A 1622 121.45 -46.00 -9.69
C UNK A 1622 122.67 -45.27 -10.27
N UNK A 1623 123.24 -44.40 -9.45
CA UNK A 1623 124.44 -43.64 -9.80
C UNK A 1623 125.63 -44.50 -9.37
N UNK A 1624 125.42 -45.29 -8.32
CA UNK A 1624 126.43 -46.20 -7.80
C UNK A 1624 126.17 -47.60 -8.37
N UNK A 1625 125.33 -47.65 -9.40
CA UNK A 1625 124.95 -48.89 -10.09
C UNK A 1625 125.17 -48.69 -11.59
N UNK A 1626 125.54 -47.46 -11.94
CA UNK A 1626 125.82 -47.06 -13.31
C UNK A 1626 127.32 -46.74 -13.44
N UNK A 1627 128.12 -47.38 -12.57
CA UNK A 1627 129.57 -47.22 -12.53
C UNK A 1627 130.22 -48.61 -12.40
N UNK A 1628 129.85 -49.33 -11.34
CA UNK A 1628 130.32 -50.69 -11.03
C UNK A 1628 131.27 -50.84 -9.83
N UNK A 1629 131.05 -50.03 -8.79
CA UNK A 1629 131.89 -50.07 -7.58
C UNK A 1629 131.15 -50.76 -6.41
N UNK A 1630 131.67 -50.65 -5.19
CA UNK A 1630 131.03 -51.28 -4.02
C UNK A 1630 131.46 -50.64 -2.70
N UNK A 1631 130.71 -49.64 -2.24
CA UNK A 1631 131.00 -48.94 -0.98
C UNK A 1631 130.00 -49.27 0.15
N UNK A 1632 129.26 -48.25 0.61
CA UNK A 1632 128.25 -48.42 1.68
C UNK A 1632 127.32 -47.20 1.89
N UNK A 1633 126.89 -46.58 0.79
CA UNK A 1633 125.99 -45.41 0.80
C UNK A 1633 126.63 -44.05 1.11
N UNK A 1634 127.06 -43.35 0.07
CA UNK A 1634 127.69 -42.03 0.23
C UNK A 1634 127.88 -41.35 -1.12
N UNK A 1635 126.78 -40.89 -1.73
CA UNK A 1635 126.81 -40.20 -3.01
C UNK A 1635 126.31 -38.76 -2.86
N UNK A 1636 125.74 -38.19 -3.93
CA UNK A 1636 125.23 -36.82 -3.88
C UNK A 1636 123.77 -36.69 -4.32
N UNK A 1637 123.44 -35.51 -4.84
CA UNK A 1637 122.09 -35.20 -5.30
C UNK A 1637 122.08 -33.70 -5.58
N UNK A 1638 121.68 -33.32 -6.80
CA UNK A 1638 121.63 -31.92 -7.20
C UNK A 1638 120.70 -31.05 -6.34
N UNK A 1639 120.00 -30.13 -7.01
CA UNK A 1639 119.06 -29.23 -6.34
C UNK A 1639 118.13 -28.62 -7.39
N UNK A 1640 117.16 -27.83 -6.92
CA UNK A 1640 116.19 -27.19 -7.81
C UNK A 1640 115.32 -28.26 -8.49
N UNK A 1641 114.09 -28.45 -7.97
CA UNK A 1641 113.18 -29.47 -8.48
C UNK A 1641 112.35 -29.08 -9.72
N UNK A 1642 112.96 -29.24 -10.91
CA UNK A 1642 112.33 -28.93 -12.20
C UNK A 1642 111.78 -27.49 -12.40
N UNK A 1643 111.97 -26.63 -11.40
CA UNK A 1643 111.52 -25.24 -11.45
C UNK A 1643 112.64 -24.27 -11.05
N UNK A 1644 113.89 -24.66 -11.34
CA UNK A 1644 115.08 -23.85 -11.04
C UNK A 1644 116.36 -24.37 -11.72
N UNK A 1645 116.33 -25.64 -12.14
CA UNK A 1645 117.45 -26.28 -12.83
C UNK A 1645 117.04 -27.62 -13.44
N UNK A 1646 117.47 -28.71 -12.83
CA UNK A 1646 117.15 -30.06 -13.31
C UNK A 1646 117.76 -31.13 -12.40
N UNK A 1647 117.50 -32.39 -12.73
CA UNK A 1647 118.01 -33.53 -11.97
C UNK A 1647 119.46 -33.86 -12.32
N UNK A 1648 120.35 -33.70 -11.34
CA UNK A 1648 121.77 -33.99 -11.53
C UNK A 1648 122.46 -34.47 -10.24
N UNK A 1649 123.73 -34.83 -10.34
CA UNK A 1649 124.49 -35.31 -9.18
C UNK A 1649 125.99 -35.22 -9.46
N UNK A 1650 126.76 -36.14 -8.88
CA UNK A 1650 128.22 -36.18 -9.04
C UNK A 1650 128.91 -34.91 -8.55
N UNK A 1651 128.74 -34.63 -7.26
CA UNK A 1651 129.35 -33.47 -6.62
C UNK A 1651 129.59 -33.76 -5.13
N UNK A 1652 130.85 -33.60 -4.72
CA UNK A 1652 131.28 -33.86 -3.34
C UNK A 1652 131.39 -35.37 -3.11
N UNK A 1653 131.60 -36.12 -4.19
CA UNK A 1653 131.74 -37.57 -4.16
C UNK A 1653 133.18 -37.98 -3.79
N UNK A 1654 133.63 -37.56 -2.60
CA UNK A 1654 134.98 -37.87 -2.12
C UNK A 1654 135.00 -38.73 -0.87
N UNK A 1655 134.89 -40.05 -1.08
CA UNK A 1655 134.92 -41.04 0.00
C UNK A 1655 135.61 -42.30 -0.53
N UNK A 1656 134.92 -43.43 -0.49
CA UNK A 1656 135.48 -44.69 -0.99
C UNK A 1656 135.15 -44.82 -2.47
N UNK A 1657 134.46 -43.82 -3.01
CA UNK A 1657 134.06 -43.78 -4.42
C UNK A 1657 134.54 -42.49 -5.08
N UNK A 1658 135.76 -42.08 -4.75
CA UNK A 1658 136.38 -40.89 -5.31
C UNK A 1658 137.71 -41.29 -5.93
N UNK A 1659 138.19 -42.48 -5.53
CA UNK A 1659 139.45 -43.04 -6.00
C UNK A 1659 139.23 -44.41 -6.66
N UNK A 1660 137.99 -44.90 -6.59
CA UNK A 1660 137.59 -46.19 -7.19
C UNK A 1660 136.40 -45.97 -8.12
N UNK A 1661 136.04 -44.70 -8.30
CA UNK A 1661 134.94 -44.30 -9.16
C UNK A 1661 135.42 -43.26 -10.16
N UNK A 1662 135.91 -42.12 -9.65
CA UNK A 1662 136.43 -41.05 -10.51
C UNK A 1662 137.59 -41.59 -11.34
N UNK A 1663 138.09 -42.75 -10.93
CA UNK A 1663 139.19 -43.42 -11.62
C UNK A 1663 138.66 -44.66 -12.32
N UNK A 1664 137.62 -44.45 -13.13
CA UNK A 1664 136.98 -45.53 -13.89
C UNK A 1664 136.64 -45.10 -15.32
N UNK A 1665 135.85 -44.02 -15.46
CA UNK A 1665 135.45 -43.49 -16.78
C UNK A 1665 134.38 -42.40 -16.67
N UNK A 1666 134.43 -41.44 -17.61
CA UNK A 1666 133.47 -40.33 -17.67
C UNK A 1666 133.81 -39.13 -16.77
N UNK A 1667 133.16 -38.00 -17.06
CA UNK A 1667 133.37 -36.78 -16.28
C UNK A 1667 132.20 -36.56 -15.30
N UNK A 1668 131.04 -37.13 -15.62
CA UNK A 1668 129.86 -37.00 -14.78
C UNK A 1668 128.72 -37.91 -15.25
N UNK A 1669 128.09 -38.60 -14.29
CA UNK A 1669 126.98 -39.51 -14.56
C UNK A 1669 125.78 -39.09 -13.70
N UNK A 1670 124.77 -38.47 -14.32
CA UNK A 1670 123.58 -37.99 -13.60
C UNK A 1670 122.38 -38.98 -13.57
N UNK A 1671 121.18 -38.49 -13.89
CA UNK A 1671 119.98 -39.34 -13.90
C UNK A 1671 118.75 -38.67 -14.53
N UNK A 1672 117.58 -39.11 -14.10
CA UNK A 1672 116.30 -38.60 -14.60
C UNK A 1672 115.16 -39.29 -13.83
N UNK A 1673 115.16 -39.11 -12.50
CA UNK A 1673 114.17 -39.72 -11.62
C UNK A 1673 112.73 -39.39 -12.04
N UNK A 1674 111.77 -40.01 -11.35
CA UNK A 1674 110.35 -39.81 -11.62
C UNK A 1674 109.53 -40.01 -10.34
N UNK A 1675 109.46 -38.98 -9.50
CA UNK A 1675 108.72 -39.03 -8.23
C UNK A 1675 107.23 -39.41 -8.40
N UNK A 1676 106.64 -39.98 -7.34
CA UNK A 1676 105.24 -40.40 -7.32
C UNK A 1676 104.74 -40.75 -5.91
N UNK A 1677 103.43 -40.91 -5.77
CA UNK A 1677 102.86 -41.27 -4.48
C UNK A 1677 103.31 -42.71 -4.23
N UNK A 1678 103.19 -43.54 -5.26
CA UNK A 1678 103.60 -44.93 -5.17
C UNK A 1678 104.50 -45.25 -6.36
N UNK A 1679 105.76 -44.85 -6.25
CA UNK A 1679 106.77 -45.07 -7.28
C UNK A 1679 108.00 -44.20 -7.01
N UNK A 1680 109.09 -44.49 -7.73
CA UNK A 1680 110.35 -43.75 -7.61
C UNK A 1680 111.45 -44.51 -8.35
N UNK A 1681 111.47 -44.35 -9.67
CA UNK A 1681 112.45 -45.01 -10.52
C UNK A 1681 113.24 -43.99 -11.35
N UNK A 1682 114.57 -44.03 -11.22
CA UNK A 1682 115.45 -43.12 -11.95
C UNK A 1682 116.55 -43.84 -12.72
N UNK A 1683 116.41 -43.91 -14.04
CA UNK A 1683 117.41 -44.56 -14.89
C UNK A 1683 118.57 -43.58 -15.11
N UNK A 1684 119.70 -43.86 -14.47
CA UNK A 1684 120.92 -43.02 -14.54
C UNK A 1684 121.99 -43.51 -15.55
N UNK A 1685 122.36 -42.63 -16.48
CA UNK A 1685 123.35 -42.93 -17.52
C UNK A 1685 124.63 -42.09 -17.42
N UNK A 1686 125.77 -42.76 -17.30
CA UNK A 1686 127.08 -42.09 -17.19
C UNK A 1686 127.53 -41.46 -18.51
N UNK A 1687 128.83 -41.17 -18.62
CA UNK A 1687 129.39 -40.54 -19.83
C UNK A 1687 130.19 -41.47 -20.77
N UNK A 1688 131.52 -41.29 -20.81
CA UNK A 1688 132.38 -42.09 -21.70
C UNK A 1688 133.32 -43.09 -21.00
N MET B 1 18.49 66.45 -16.14
CA MET B 1 17.71 65.20 -16.42
C MET B 1 18.21 63.98 -15.65
N ASP B 2 18.08 62.81 -16.26
CA ASP B 2 18.47 61.56 -15.61
C ASP B 2 18.34 60.30 -16.48
N ALA B 3 19.37 59.99 -17.26
CA ALA B 3 19.34 58.80 -18.09
C ALA B 3 19.11 57.60 -17.18
N TYR B 4 17.94 56.97 -17.30
CA TYR B 4 17.60 55.84 -16.45
C TYR B 4 18.17 54.47 -16.86
N SER B 5 17.44 53.42 -16.49
CA SER B 5 17.78 52.03 -16.77
C SER B 5 18.52 51.47 -15.56
N THR B 6 18.12 51.94 -14.38
CA THR B 6 18.68 51.55 -13.08
C THR B 6 20.00 52.27 -12.77
N ARG B 7 20.65 52.79 -13.81
CA ARG B 7 21.92 53.51 -13.66
C ARG B 7 21.68 54.99 -13.99
N PRO B 8 21.94 55.88 -13.03
CA PRO B 8 21.75 57.33 -13.21
C PRO B 8 22.94 58.18 -13.69
N LEU B 9 22.66 59.13 -14.58
CA LEU B 9 23.65 60.07 -15.11
C LEU B 9 22.94 61.42 -15.27
N THR B 10 23.18 62.33 -14.33
CA THR B 10 22.57 63.64 -14.35
C THR B 10 22.75 64.35 -15.68
N LEU B 11 21.70 64.99 -16.15
CA LEU B 11 21.74 65.71 -17.41
C LEU B 11 21.20 67.12 -17.22
N SER B 12 21.99 67.94 -16.52
CA SER B 12 21.65 69.34 -16.22
C SER B 12 20.36 69.85 -16.85
N HIS B 13 19.28 69.80 -16.08
CA HIS B 13 17.98 70.29 -16.55
C HIS B 13 18.24 71.52 -17.40
N GLY B 14 18.13 71.38 -18.72
CA GLY B 14 18.35 72.52 -19.58
C GLY B 14 17.49 73.70 -19.16
N SER B 15 16.63 73.47 -18.18
CA SER B 15 15.72 74.48 -17.62
C SER B 15 14.79 75.13 -18.67
N LEU B 16 13.55 74.65 -18.70
CA LEU B 16 12.49 75.12 -19.61
C LEU B 16 12.66 74.91 -21.13
N GLU B 17 13.23 75.88 -21.84
CA GLU B 17 13.41 75.77 -23.28
C GLU B 17 14.05 74.46 -23.72
N HIS B 18 14.62 73.73 -22.76
CA HIS B 18 15.25 72.46 -23.00
C HIS B 18 14.35 71.31 -22.53
N VAL B 19 14.18 71.22 -21.22
CA VAL B 19 13.36 70.19 -20.56
C VAL B 19 12.03 69.86 -21.26
N LEU B 20 11.70 70.61 -22.31
CA LEU B 20 10.45 70.38 -23.05
C LEU B 20 10.72 69.54 -24.28
N LEU B 21 11.73 69.94 -25.05
CA LEU B 21 12.10 69.21 -26.26
C LEU B 21 13.01 68.07 -25.82
N VAL B 22 13.10 67.89 -24.51
CA VAL B 22 13.94 66.85 -23.92
C VAL B 22 13.23 65.52 -23.70
N PRO B 23 12.13 65.52 -22.92
CA PRO B 23 11.44 64.25 -22.70
C PRO B 23 11.11 63.56 -24.02
N THR B 24 11.16 64.33 -25.11
CA THR B 24 10.88 63.83 -26.45
C THR B 24 11.99 62.84 -26.78
N ALA B 25 13.01 62.86 -25.93
CA ALA B 25 14.15 61.98 -26.05
C ALA B 25 14.12 61.07 -24.84
N SER B 26 13.53 61.56 -23.75
CA SER B 26 13.44 60.81 -22.52
C SER B 26 12.64 59.51 -22.63
N PHE B 27 11.50 59.57 -23.32
CA PHE B 27 10.68 58.37 -23.49
C PHE B 27 11.06 57.68 -24.77
N PHE B 28 11.42 58.47 -25.78
CA PHE B 28 11.84 57.90 -27.04
C PHE B 28 13.09 57.09 -26.76
N ILE B 29 13.91 57.55 -25.80
CA ILE B 29 15.12 56.82 -25.44
C ILE B 29 14.63 55.67 -24.58
N ALA B 30 13.48 55.88 -23.93
CA ALA B 30 12.88 54.85 -23.12
C ALA B 30 12.36 53.83 -24.12
N SER B 31 12.91 53.91 -25.33
CA SER B 31 12.57 53.03 -26.44
C SER B 31 12.36 51.64 -25.91
N GLN B 32 11.09 51.22 -25.86
CA GLN B 32 10.67 49.91 -25.38
C GLN B 32 11.79 48.87 -25.18
N LEU B 33 12.69 48.79 -26.16
CA LEU B 33 13.81 47.85 -26.12
C LEU B 33 14.91 48.31 -25.17
N GLN B 34 14.57 49.23 -24.27
CA GLN B 34 15.54 49.74 -23.30
C GLN B 34 15.12 49.24 -21.91
N GLU B 35 13.81 49.15 -21.71
CA GLU B 35 13.23 48.70 -20.45
C GLU B 35 13.27 47.17 -20.30
N GLN B 36 13.08 46.47 -21.41
CA GLN B 36 13.15 45.02 -21.38
C GLN B 36 14.61 44.65 -21.54
N PHE B 37 15.41 45.63 -21.91
CA PHE B 37 16.84 45.44 -22.07
C PHE B 37 17.49 46.01 -20.82
N ASN B 38 16.65 46.34 -19.85
CA ASN B 38 17.10 46.86 -18.56
C ASN B 38 16.68 45.82 -17.52
N LYS B 39 15.77 44.94 -17.93
CA LYS B 39 15.29 43.86 -17.07
C LYS B 39 16.24 42.67 -17.20
N ILE B 40 17.03 42.69 -18.27
CA ILE B 40 18.02 41.65 -18.53
C ILE B 40 19.30 42.18 -17.90
N LEU B 41 19.13 43.14 -17.00
CA LEU B 41 20.27 43.75 -16.34
C LEU B 41 20.17 43.85 -14.81
N PRO B 42 18.95 43.76 -14.21
CA PRO B 42 18.88 43.85 -12.75
C PRO B 42 19.51 42.59 -12.15
N GLU B 43 19.58 41.55 -12.98
CA GLU B 43 20.19 40.27 -12.62
C GLU B 43 21.34 40.05 -13.61
N PRO B 44 21.04 39.81 -14.90
CA PRO B 44 22.16 39.62 -15.83
C PRO B 44 22.75 40.99 -16.19
N THR B 45 23.17 41.69 -15.14
CA THR B 45 23.77 43.02 -15.23
C THR B 45 24.18 43.47 -16.62
N GLU B 46 23.31 44.24 -17.26
CA GLU B 46 23.58 44.78 -18.59
C GLU B 46 23.88 43.71 -19.62
N GLY B 47 23.06 42.67 -19.62
CA GLY B 47 23.26 41.58 -20.56
C GLY B 47 23.78 42.08 -21.87
N PHE B 48 23.00 42.91 -22.55
CA PHE B 48 23.40 43.43 -23.85
C PHE B 48 22.96 44.88 -24.04
N ALA B 49 22.99 45.31 -25.30
CA ALA B 49 22.62 46.66 -25.75
C ALA B 49 22.59 47.78 -24.70
N ALA B 50 23.70 48.52 -24.62
CA ALA B 50 23.84 49.66 -23.70
C ALA B 50 23.85 49.32 -22.22
N ASP B 51 23.97 50.36 -21.40
CA ASP B 51 23.98 50.24 -19.94
C ASP B 51 25.30 49.76 -19.34
N ASP B 52 26.03 48.93 -20.08
CA ASP B 52 27.30 48.37 -19.59
C ASP B 52 27.96 49.20 -18.51
N GLU B 53 28.46 50.38 -18.89
CA GLU B 53 29.10 51.28 -17.94
C GLU B 53 28.09 52.31 -17.49
N PRO B 54 28.16 52.70 -16.21
CA PRO B 54 27.25 53.69 -15.63
C PRO B 54 27.05 54.94 -16.49
N THR B 55 28.11 55.38 -17.15
CA THR B 55 28.03 56.58 -17.98
C THR B 55 27.80 56.25 -19.46
N THR B 56 27.48 54.99 -19.73
CA THR B 56 27.20 54.57 -21.09
C THR B 56 25.79 55.00 -21.53
N PRO B 57 24.94 55.45 -20.59
CA PRO B 57 23.64 55.83 -21.11
C PRO B 57 23.85 57.00 -22.05
N ALA B 58 24.65 57.96 -21.59
CA ALA B 58 24.99 59.15 -22.34
C ALA B 58 25.32 58.74 -23.77
N GLU B 59 25.62 57.46 -23.95
CA GLU B 59 25.92 56.92 -25.27
C GLU B 59 24.70 57.04 -26.15
N LEU B 60 23.87 56.00 -26.11
CA LEU B 60 22.67 55.95 -26.92
C LEU B 60 21.77 57.20 -26.88
N VAL B 61 21.59 57.81 -25.72
CA VAL B 61 20.75 59.00 -25.69
C VAL B 61 21.50 60.00 -26.57
N GLY B 62 22.76 60.24 -26.21
CA GLY B 62 23.61 61.16 -26.94
C GLY B 62 24.03 60.58 -28.27
N LYS B 63 23.30 59.53 -28.68
CA LYS B 63 23.54 58.85 -29.93
C LYS B 63 22.24 58.86 -30.73
N PHE B 64 21.28 58.06 -30.26
CA PHE B 64 19.97 57.97 -30.88
C PHE B 64 19.57 59.38 -31.29
N LEU B 65 19.74 60.30 -30.35
CA LEU B 65 19.43 61.71 -30.56
C LEU B 65 20.42 62.26 -31.56
N GLY B 66 21.69 61.89 -31.39
CA GLY B 66 22.73 62.34 -32.29
C GLY B 66 22.56 61.81 -33.69
N TYR B 67 21.46 61.10 -33.95
CA TYR B 67 21.19 60.56 -35.29
C TYR B 67 19.84 60.99 -35.85
N VAL B 68 18.76 60.62 -35.17
CA VAL B 68 17.43 61.02 -35.61
C VAL B 68 17.47 62.52 -35.51
N SER B 69 18.66 63.00 -35.20
CA SER B 69 18.97 64.41 -35.05
C SER B 69 18.65 65.20 -36.31
N SER B 70 19.54 66.11 -36.64
CA SER B 70 19.43 66.97 -37.80
C SER B 70 19.13 66.21 -39.09
N LEU B 71 19.61 64.96 -39.15
CA LEU B 71 19.43 64.13 -40.34
C LEU B 71 20.00 64.85 -41.56
N VAL B 72 20.89 65.81 -41.29
CA VAL B 72 21.59 66.65 -42.29
C VAL B 72 22.35 67.70 -41.52
N GLU B 73 23.59 68.00 -41.94
CA GLU B 73 24.34 69.04 -41.24
C GLU B 73 23.58 70.37 -41.35
N PRO B 74 22.82 70.58 -42.44
CA PRO B 74 22.06 71.83 -42.58
C PRO B 74 20.92 71.85 -41.54
N SER B 75 21.31 71.98 -40.28
CA SER B 75 20.42 72.01 -39.12
C SER B 75 18.93 71.79 -39.36
N LYS B 76 18.40 70.70 -38.80
CA LYS B 76 16.99 70.40 -38.89
C LYS B 76 16.38 71.26 -37.78
N VAL B 77 17.04 72.39 -37.56
CA VAL B 77 16.67 73.37 -36.56
C VAL B 77 16.90 72.85 -35.14
N GLY B 78 16.94 73.78 -34.19
CA GLY B 78 17.15 73.46 -32.78
C GLY B 78 16.65 72.11 -32.32
N GLN B 79 15.50 71.71 -32.83
CA GLN B 79 14.89 70.43 -32.48
C GLN B 79 16.02 69.49 -32.08
N PHE B 80 16.76 69.05 -33.09
CA PHE B 80 17.86 68.14 -32.90
C PHE B 80 19.09 68.73 -33.60
N ASP B 81 19.51 69.91 -33.16
CA ASP B 81 20.67 70.55 -33.75
C ASP B 81 21.31 71.46 -32.70
N GLN B 82 20.76 71.41 -31.50
CA GLN B 82 21.23 72.20 -30.38
C GLN B 82 20.92 71.41 -29.11
N VAL B 83 19.72 70.87 -29.05
CA VAL B 83 19.33 70.07 -27.90
C VAL B 83 20.38 69.00 -27.79
N LEU B 84 20.93 68.66 -28.95
CA LEU B 84 21.97 67.67 -29.04
C LEU B 84 23.31 68.21 -28.56
N ASN B 85 23.50 69.52 -28.71
CA ASN B 85 24.77 70.12 -28.30
C ASN B 85 24.86 70.47 -26.82
N LEU B 86 23.74 70.74 -26.17
CA LEU B 86 23.78 71.07 -24.74
C LEU B 86 24.43 69.90 -24.01
N CYS B 87 24.12 68.71 -24.50
CA CYS B 87 24.62 67.48 -23.92
C CYS B 87 25.99 67.05 -24.42
N LEU B 88 26.23 67.20 -25.72
CA LEU B 88 27.51 66.79 -26.30
C LEU B 88 28.67 67.18 -25.40
N THR B 89 28.83 68.48 -25.16
CA THR B 89 29.91 68.96 -24.30
C THR B 89 29.59 68.43 -22.91
N GLU B 90 28.30 68.43 -22.57
CA GLU B 90 27.84 67.94 -21.28
C GLU B 90 28.48 66.58 -21.02
N PHE B 91 28.70 65.83 -22.10
CA PHE B 91 29.32 64.52 -22.00
C PHE B 91 30.83 64.69 -21.88
N GLU B 92 31.38 65.60 -22.67
CA GLU B 92 32.81 65.85 -22.67
C GLU B 92 33.30 66.32 -21.30
N ASN B 93 32.42 66.25 -20.29
CA ASN B 93 32.76 66.66 -18.93
C ASN B 93 32.19 65.69 -17.90
N CYS B 94 32.48 64.41 -18.10
CA CYS B 94 32.02 63.37 -17.20
C CYS B 94 33.17 62.42 -16.88
N TYR B 95 33.73 61.80 -17.91
CA TYR B 95 34.83 60.85 -17.71
C TYR B 95 35.74 60.82 -18.94
N LEU B 96 35.87 61.95 -19.62
CA LEU B 96 36.75 62.03 -20.79
C LEU B 96 37.69 63.24 -20.72
N GLU B 97 37.15 64.40 -20.38
CA GLU B 97 37.94 65.63 -20.27
C GLU B 97 38.85 65.70 -21.50
N GLY B 98 38.26 65.87 -22.68
CA GLY B 98 39.06 65.88 -23.87
C GLY B 98 39.64 64.48 -23.84
N ASN B 99 40.96 64.37 -23.89
CA ASN B 99 41.62 63.06 -23.84
C ASN B 99 41.16 62.11 -24.95
N ASP B 100 39.98 62.36 -25.52
CA ASP B 100 39.40 61.58 -26.61
C ASP B 100 38.61 60.35 -26.15
N ILE B 101 37.42 60.17 -26.73
CA ILE B 101 36.58 59.04 -26.41
C ILE B 101 37.37 57.74 -26.58
N HIS B 102 38.07 57.62 -27.70
CA HIS B 102 38.87 56.43 -27.99
C HIS B 102 39.73 56.05 -26.78
N ALA B 103 40.06 57.02 -25.94
CA ALA B 103 40.88 56.77 -24.75
C ALA B 103 40.00 56.34 -23.60
N LEU B 104 38.79 56.89 -23.56
CA LEU B 104 37.84 56.55 -22.53
C LEU B 104 37.39 55.11 -22.77
N ALA B 105 37.79 54.57 -23.91
CA ALA B 105 37.47 53.21 -24.28
C ALA B 105 38.27 52.27 -23.40
N ALA B 106 39.51 52.66 -23.14
CA ALA B 106 40.39 51.87 -22.29
C ALA B 106 39.74 51.78 -20.93
N LYS B 107 39.09 52.86 -20.52
CA LYS B 107 38.42 52.91 -19.23
C LYS B 107 37.18 52.02 -19.18
N LEU B 108 37.18 50.97 -20.00
CA LEU B 108 36.08 50.02 -20.06
C LEU B 108 36.62 48.61 -20.25
N LEU B 109 37.52 48.47 -21.21
CA LEU B 109 38.14 47.20 -21.51
C LEU B 109 38.77 46.61 -20.25
N GLN B 110 39.26 47.48 -19.37
CA GLN B 110 39.89 47.04 -18.13
C GLN B 110 39.04 47.27 -16.88
N GLU B 111 38.40 48.42 -16.79
CA GLU B 111 37.60 48.75 -15.61
C GLU B 111 36.32 47.95 -15.44
N ASN B 112 35.24 48.36 -16.09
CA ASN B 112 33.98 47.64 -15.95
C ASN B 112 33.86 46.48 -16.96
N ASP B 113 32.63 46.22 -17.42
CA ASP B 113 32.34 45.15 -18.37
C ASP B 113 33.38 45.02 -19.51
N THR B 114 34.17 43.94 -19.47
CA THR B 114 35.19 43.70 -20.51
C THR B 114 34.48 43.30 -21.82
N THR B 115 33.90 44.29 -22.50
CA THR B 115 33.17 44.06 -23.76
C THR B 115 33.77 44.83 -24.91
N LEU B 116 33.82 44.22 -26.09
CA LEU B 116 34.36 44.90 -27.26
C LEU B 116 33.27 45.63 -28.01
N VAL B 117 32.25 44.88 -28.40
CA VAL B 117 31.15 45.46 -29.16
C VAL B 117 30.42 46.55 -28.39
N LYS B 118 30.47 46.51 -27.06
CA LYS B 118 29.79 47.52 -26.26
C LYS B 118 30.59 48.82 -26.19
N THR B 119 31.86 48.74 -26.57
CA THR B 119 32.75 49.89 -26.57
C THR B 119 32.84 50.46 -27.99
N LYS B 120 32.82 49.58 -28.98
CA LYS B 120 32.88 50.03 -30.37
C LYS B 120 31.67 50.89 -30.66
N GLU B 121 30.49 50.42 -30.24
CA GLU B 121 29.24 51.16 -30.43
C GLU B 121 29.44 52.52 -29.76
N LEU B 122 29.86 52.46 -28.49
CA LEU B 122 30.11 53.65 -27.70
C LEU B 122 30.81 54.76 -28.50
N ILE B 123 31.87 54.39 -29.19
CA ILE B 123 32.62 55.32 -30.00
C ILE B 123 31.70 55.92 -31.05
N LYS B 124 31.19 55.07 -31.96
CA LYS B 124 30.30 55.53 -33.02
C LYS B 124 29.28 56.54 -32.48
N ASN B 125 28.75 56.26 -31.29
CA ASN B 125 27.80 57.16 -30.66
C ASN B 125 28.38 58.57 -30.64
N TYR B 126 29.52 58.69 -29.98
CA TYR B 126 30.20 59.98 -29.86
C TYR B 126 30.51 60.57 -31.23
N ILE B 127 31.69 60.24 -31.73
CA ILE B 127 32.17 60.70 -33.03
C ILE B 127 31.07 61.11 -33.99
N THR B 128 30.07 60.26 -34.16
CA THR B 128 28.97 60.56 -35.07
C THR B 128 28.12 61.71 -34.53
N ALA B 129 27.66 61.57 -33.29
CA ALA B 129 26.85 62.62 -32.66
C ALA B 129 27.56 63.95 -32.79
N ARG B 130 28.86 63.92 -32.51
CA ARG B 130 29.73 65.09 -32.58
C ARG B 130 29.59 65.74 -33.97
N ILE B 131 30.06 65.04 -35.01
CA ILE B 131 29.98 65.57 -36.36
C ILE B 131 28.56 65.80 -36.84
N MET B 132 27.56 65.36 -36.07
CA MET B 132 26.20 65.61 -36.49
C MET B 132 25.84 66.98 -35.94
N ALA B 133 26.01 67.99 -36.80
CA ALA B 133 25.73 69.40 -36.52
C ALA B 133 26.95 70.25 -36.19
N LYS B 134 27.21 70.43 -34.90
CA LYS B 134 28.31 71.26 -34.46
C LYS B 134 29.48 70.45 -33.92
N ARG B 135 30.51 71.18 -33.46
CA ARG B 135 31.71 70.59 -32.89
C ARG B 135 32.60 69.78 -33.85
N PRO B 136 32.43 69.93 -35.17
CA PRO B 136 33.27 69.16 -36.09
C PRO B 136 34.70 68.90 -35.63
N PHE B 137 35.16 67.68 -35.94
CA PHE B 137 36.48 67.13 -35.60
C PHE B 137 37.66 68.09 -35.49
N ASP B 138 37.61 69.20 -36.21
CA ASP B 138 38.70 70.15 -36.22
C ASP B 138 38.83 71.07 -35.00
N LYS B 139 40.03 71.05 -34.45
CA LYS B 139 40.44 71.83 -33.30
C LYS B 139 41.96 71.73 -33.38
N LYS B 140 42.40 70.74 -34.15
CA LYS B 140 43.81 70.47 -34.39
C LYS B 140 44.58 70.02 -33.15
N SER B 141 44.60 70.85 -32.12
CA SER B 141 45.31 70.54 -30.89
C SER B 141 45.03 69.12 -30.39
N ASN B 142 46.09 68.44 -29.96
CA ASN B 142 45.97 67.08 -29.44
C ASN B 142 46.62 67.00 -28.05
N SER B 143 46.38 65.89 -27.35
CA SER B 143 46.94 65.69 -26.02
C SER B 143 48.46 65.64 -26.07
N ALA B 144 48.99 64.44 -26.06
CA ALA B 144 50.43 64.24 -26.11
C ALA B 144 50.71 62.99 -26.92
N LEU B 145 51.56 62.14 -26.35
CA LEU B 145 51.98 60.87 -26.96
C LEU B 145 52.16 61.10 -28.46
N PHE B 146 52.25 62.36 -28.83
CA PHE B 146 52.44 62.72 -30.21
C PHE B 146 53.28 63.96 -30.33
N ARG B 147 53.34 64.77 -29.27
CA ARG B 147 54.18 65.96 -29.29
C ARG B 147 55.52 65.36 -29.67
N ALA B 148 55.95 64.41 -28.83
CA ALA B 148 57.20 63.69 -28.98
C ALA B 148 57.87 64.02 -30.29
N VAL B 149 57.50 63.32 -31.35
CA VAL B 149 58.06 63.59 -32.66
C VAL B 149 57.54 64.98 -33.05
N GLY B 150 58.23 65.99 -32.54
CA GLY B 150 57.87 67.38 -32.77
C GLY B 150 58.69 68.19 -31.79
N GLU B 151 59.05 67.53 -30.69
CA GLU B 151 59.87 68.10 -29.63
C GLU B 151 61.24 67.42 -29.62
N GLY B 152 61.41 66.44 -30.49
CA GLY B 152 62.67 65.72 -30.57
C GLY B 152 62.83 64.62 -29.56
N ASN B 153 61.80 64.39 -28.75
CA ASN B 153 61.83 63.34 -27.72
C ASN B 153 61.68 61.94 -28.32
N ALA B 154 61.11 61.86 -29.52
CA ALA B 154 60.92 60.59 -30.20
C ALA B 154 60.90 60.70 -31.72
N GLN B 155 60.71 59.57 -32.40
CA GLN B 155 60.65 59.53 -33.85
C GLN B 155 59.60 58.53 -34.29
N LEU B 156 58.76 58.93 -35.25
CA LEU B 156 57.70 58.07 -35.71
C LEU B 156 57.92 57.49 -37.11
N VAL B 157 57.40 56.29 -37.31
CA VAL B 157 57.48 55.58 -38.60
C VAL B 157 56.11 55.03 -38.94
N ALA B 158 55.86 54.79 -40.22
CA ALA B 158 54.58 54.26 -40.65
C ALA B 158 54.84 53.04 -41.52
N ILE B 159 53.90 52.11 -41.50
CA ILE B 159 54.01 50.89 -42.30
C ILE B 159 52.61 50.37 -42.60
N PHE B 160 52.51 49.59 -43.67
CA PHE B 160 51.25 49.02 -44.11
C PHE B 160 51.51 47.62 -44.62
N GLY B 161 50.70 46.68 -44.13
CA GLY B 161 50.86 45.30 -44.54
C GLY B 161 49.91 44.91 -45.65
N GLY B 162 49.84 43.60 -45.89
CA GLY B 162 48.98 43.06 -46.93
C GLY B 162 48.87 41.54 -46.83
N GLN B 163 47.70 41.01 -47.16
CA GLN B 163 47.51 39.58 -47.09
C GLN B 163 47.93 39.18 -45.69
N GLY B 164 47.91 40.16 -44.79
CA GLY B 164 48.29 39.92 -43.42
C GLY B 164 47.59 38.67 -42.93
N ASN B 165 48.03 38.17 -41.79
CA ASN B 165 47.47 36.96 -41.20
C ASN B 165 45.99 37.11 -40.84
N THR B 166 45.13 37.23 -41.85
CA THR B 166 43.69 37.37 -41.66
C THR B 166 42.91 36.84 -42.86
N ASP B 167 41.94 36.00 -42.59
CA ASP B 167 41.09 35.43 -43.63
C ASP B 167 39.76 36.15 -43.59
N ASP B 168 39.83 37.44 -43.30
CA ASP B 168 38.65 38.28 -43.19
C ASP B 168 38.62 39.42 -44.17
N TYR B 169 39.71 40.18 -44.23
CA TYR B 169 39.77 41.32 -45.12
C TYR B 169 38.58 42.15 -44.76
N PHE B 170 37.64 42.15 -45.69
CA PHE B 170 36.38 42.87 -45.62
C PHE B 170 35.81 42.93 -44.20
N GLU B 171 36.08 41.89 -43.42
CA GLU B 171 35.59 41.83 -42.05
C GLU B 171 36.21 42.93 -41.23
N GLU B 172 37.11 43.67 -41.84
CA GLU B 172 37.78 44.78 -41.17
C GLU B 172 37.14 46.07 -41.71
N LEU B 173 37.06 46.20 -43.03
CA LEU B 173 36.49 47.37 -43.69
C LEU B 173 35.04 47.60 -43.27
N ARG B 174 34.25 46.54 -43.23
CA ARG B 174 32.86 46.66 -42.84
C ARG B 174 32.89 47.13 -41.39
N ASP B 175 33.64 46.39 -40.57
CA ASP B 175 33.77 46.69 -39.15
C ASP B 175 34.70 47.91 -38.99
N LEU B 176 34.73 48.72 -40.03
CA LEU B 176 35.52 49.94 -40.07
C LEU B 176 34.52 50.98 -40.53
N TYR B 177 33.77 50.61 -41.56
CA TYR B 177 32.74 51.46 -42.13
C TYR B 177 31.72 51.68 -41.01
N GLN B 178 31.08 50.58 -40.62
CA GLN B 178 30.09 50.61 -39.56
C GLN B 178 30.63 51.37 -38.35
N THR B 179 31.84 51.01 -37.93
CA THR B 179 32.47 51.65 -36.77
C THR B 179 32.35 53.17 -36.81
N TYR B 180 32.96 53.79 -37.83
CA TYR B 180 32.91 55.23 -37.96
C TYR B 180 32.24 55.67 -39.26
N HIS B 181 30.92 55.84 -39.22
CA HIS B 181 30.15 56.28 -40.40
C HIS B 181 30.86 57.50 -40.98
N VAL B 182 31.03 58.48 -40.11
CA VAL B 182 31.66 59.75 -40.42
C VAL B 182 33.02 59.64 -41.10
N LEU B 183 34.03 59.47 -40.27
CA LEU B 183 35.43 59.40 -40.65
C LEU B 183 35.91 58.52 -41.80
N VAL B 184 35.10 58.29 -42.81
CA VAL B 184 35.58 57.48 -43.94
C VAL B 184 34.56 57.26 -45.03
N GLY B 185 33.32 57.72 -44.80
CA GLY B 185 32.32 57.59 -45.83
C GLY B 185 32.98 58.04 -47.10
N ASP B 186 33.95 58.94 -46.94
CA ASP B 186 34.75 59.48 -48.02
C ASP B 186 35.44 58.33 -48.74
N LEU B 187 36.72 58.11 -48.43
CA LEU B 187 37.50 57.05 -49.06
C LEU B 187 36.63 55.91 -49.49
N ILE B 188 35.71 55.55 -48.61
CA ILE B 188 34.78 54.50 -48.92
C ILE B 188 34.02 54.89 -50.18
N LYS B 189 32.92 55.61 -50.02
CA LYS B 189 32.11 56.06 -51.15
C LYS B 189 33.01 56.39 -52.33
N PHE B 190 34.11 57.07 -52.06
CA PHE B 190 35.08 57.47 -53.08
C PHE B 190 35.62 56.21 -53.76
N SER B 191 36.55 55.53 -53.11
CA SER B 191 37.14 54.31 -53.68
C SER B 191 36.07 53.45 -54.33
N ALA B 192 34.86 53.56 -53.79
CA ALA B 192 33.73 52.82 -54.32
C ALA B 192 33.61 53.22 -55.78
N GLU B 193 33.10 54.43 -56.00
CA GLU B 193 32.96 54.95 -57.35
C GLU B 193 34.21 54.50 -58.09
N THR B 194 35.34 55.01 -57.64
CA THR B 194 36.64 54.71 -58.22
C THR B 194 36.72 53.34 -58.86
N LEU B 195 36.82 52.31 -58.02
CA LEU B 195 36.91 50.95 -58.52
C LEU B 195 35.75 50.63 -59.46
N SER B 196 34.56 51.07 -59.08
CA SER B 196 33.36 50.84 -59.88
C SER B 196 33.54 51.31 -61.33
N GLU B 197 34.58 52.12 -61.54
CA GLU B 197 34.90 52.66 -62.86
C GLU B 197 36.03 51.88 -63.52
N LEU B 198 37.09 51.68 -62.75
CA LEU B 198 38.27 50.97 -63.24
C LEU B 198 37.92 49.63 -63.85
N ILE B 199 36.63 49.32 -63.90
CA ILE B 199 36.15 48.08 -64.48
C ILE B 199 35.80 48.26 -65.95
N ARG B 200 34.64 48.89 -66.18
CA ARG B 200 34.15 49.13 -67.53
C ARG B 200 35.25 49.75 -68.38
N THR B 201 36.22 50.39 -67.72
CA THR B 201 37.33 51.03 -68.41
C THR B 201 38.37 50.04 -68.89
N THR B 202 38.61 48.97 -68.11
CA THR B 202 39.59 47.98 -68.51
C THR B 202 38.87 46.82 -69.17
N LEU B 203 37.73 47.13 -69.78
CA LEU B 203 36.89 46.15 -70.47
C LEU B 203 37.65 44.86 -70.72
N ASP B 204 37.30 43.86 -69.92
CA ASP B 204 37.89 42.53 -69.95
C ASP B 204 37.94 42.12 -68.47
N ALA B 205 38.03 43.13 -67.62
CA ALA B 205 38.09 42.95 -66.17
C ALA B 205 36.73 42.55 -65.63
N GLU B 206 35.75 42.55 -66.53
CA GLU B 206 34.39 42.21 -66.19
C GLU B 206 34.23 40.69 -66.09
N LYS B 207 35.20 39.96 -66.64
CA LYS B 207 35.18 38.49 -66.62
C LYS B 207 36.04 37.96 -65.47
N VAL B 208 36.46 38.85 -64.58
CA VAL B 208 37.30 38.45 -63.45
C VAL B 208 36.62 38.80 -62.15
N PHE B 209 35.52 39.53 -62.24
CA PHE B 209 34.78 39.92 -61.06
C PHE B 209 33.35 39.37 -61.03
N THR B 210 33.21 38.12 -61.45
CA THR B 210 31.92 37.43 -61.48
C THR B 210 31.02 37.95 -60.38
N GLN B 211 31.58 38.02 -59.18
CA GLN B 211 30.84 38.53 -58.04
C GLN B 211 30.84 40.05 -58.15
N GLY B 212 29.72 40.59 -58.62
CA GLY B 212 29.59 42.03 -58.79
C GLY B 212 30.35 42.77 -57.71
N LEU B 213 31.35 43.55 -58.10
CA LEU B 213 32.17 44.29 -57.16
C LEU B 213 31.48 45.52 -56.54
N ASN B 214 30.15 45.45 -56.41
CA ASN B 214 29.36 46.54 -55.83
C ASN B 214 29.70 46.68 -54.34
N ILE B 215 30.99 46.87 -54.07
CA ILE B 215 31.51 47.00 -52.71
C ILE B 215 30.68 47.92 -51.84
N LEU B 216 29.73 48.57 -52.49
CA LEU B 216 28.84 49.49 -51.80
C LEU B 216 27.96 48.69 -50.84
N GLU B 217 26.74 48.37 -51.29
CA GLU B 217 25.76 47.63 -50.49
C GLU B 217 26.35 46.59 -49.58
N TRP B 218 27.40 45.95 -50.06
CA TRP B 218 28.08 44.93 -49.30
C TRP B 218 28.20 45.27 -47.84
N LEU B 219 28.08 46.55 -47.52
CA LEU B 219 28.20 46.98 -46.14
C LEU B 219 26.84 47.14 -45.45
N GLU B 220 26.00 48.00 -46.01
CA GLU B 220 24.67 48.30 -45.46
C GLU B 220 23.81 47.10 -45.16
N ASN B 221 23.83 46.13 -46.09
CA ASN B 221 23.05 44.92 -45.95
C ASN B 221 23.83 43.74 -46.56
N PRO B 222 24.82 43.21 -45.81
CA PRO B 222 25.65 42.09 -46.24
C PRO B 222 24.86 40.86 -46.64
N SER B 223 23.54 40.96 -46.46
CA SER B 223 22.64 39.88 -46.79
C SER B 223 23.03 39.19 -48.10
N ASN B 224 23.62 39.94 -49.02
CA ASN B 224 24.03 39.36 -50.30
C ASN B 224 25.51 39.60 -50.55
N THR B 225 26.28 39.68 -49.48
CA THR B 225 27.73 39.88 -49.57
C THR B 225 28.38 38.64 -50.16
N PRO B 226 28.92 38.75 -51.39
CA PRO B 226 29.59 37.69 -52.15
C PRO B 226 30.59 36.80 -51.42
N ASP B 227 30.10 35.68 -50.91
CA ASP B 227 30.92 34.71 -50.18
C ASP B 227 31.75 35.25 -49.03
N LYS B 228 32.76 34.46 -48.69
CA LYS B 228 33.71 34.74 -47.63
C LYS B 228 34.97 34.26 -48.33
N ASP B 229 34.73 33.41 -49.31
CA ASP B 229 35.76 32.81 -50.12
C ASP B 229 36.32 33.90 -51.01
N TYR B 230 35.84 33.95 -52.25
CA TYR B 230 36.30 34.91 -53.24
C TYR B 230 36.38 36.36 -52.80
N LEU B 231 35.75 36.71 -51.70
CA LEU B 231 35.86 38.08 -51.23
C LEU B 231 37.33 38.28 -50.94
N LEU B 232 38.06 37.16 -50.93
CA LEU B 232 39.49 37.18 -50.64
C LEU B 232 40.38 37.15 -51.89
N SER B 233 39.90 36.53 -52.97
CA SER B 233 40.70 36.45 -54.20
C SER B 233 41.36 37.78 -54.52
N ILE B 234 42.54 37.70 -55.13
CA ILE B 234 43.32 38.87 -55.46
C ILE B 234 42.55 40.09 -56.05
N PRO B 235 41.93 39.97 -57.23
CA PRO B 235 41.26 41.20 -57.63
C PRO B 235 40.10 41.39 -56.67
N ILE B 236 40.01 42.57 -56.08
CA ILE B 236 38.96 42.91 -55.10
C ILE B 236 39.52 42.95 -53.69
N SER B 237 40.42 42.02 -53.42
CA SER B 237 41.02 41.95 -52.12
C SER B 237 42.13 43.00 -52.07
N CYS B 238 42.97 42.99 -53.10
CA CYS B 238 44.08 43.91 -53.21
C CYS B 238 43.63 45.33 -52.92
N PRO B 239 42.61 45.81 -53.64
CA PRO B 239 42.13 47.17 -53.43
C PRO B 239 41.63 47.43 -52.01
N LEU B 240 40.42 46.95 -51.72
CA LEU B 240 39.82 47.13 -50.41
C LEU B 240 40.83 47.05 -49.27
N ILE B 241 41.86 46.24 -49.44
CA ILE B 241 42.88 46.11 -48.42
C ILE B 241 43.46 47.48 -48.10
N GLY B 242 44.13 48.09 -49.07
CA GLY B 242 44.70 49.40 -48.87
C GLY B 242 43.61 50.31 -48.36
N VAL B 243 42.47 50.27 -49.04
CA VAL B 243 41.32 51.09 -48.68
C VAL B 243 41.25 51.17 -47.17
N ILE B 244 41.38 50.01 -46.54
CA ILE B 244 41.35 49.91 -45.09
C ILE B 244 42.41 50.81 -44.48
N GLN B 245 43.67 50.38 -44.61
CA GLN B 245 44.82 51.10 -44.10
C GLN B 245 44.72 52.58 -44.47
N LEU B 246 44.29 52.86 -45.70
CA LEU B 246 44.14 54.24 -46.14
C LEU B 246 43.09 54.84 -45.24
N ALA B 247 41.91 54.22 -45.22
CA ALA B 247 40.81 54.68 -44.39
C ALA B 247 41.28 54.97 -42.97
N HIS B 248 42.14 54.11 -42.45
CA HIS B 248 42.68 54.28 -41.12
C HIS B 248 43.56 55.51 -41.05
N TYR B 249 44.61 55.51 -41.85
CA TYR B 249 45.53 56.66 -41.92
C TYR B 249 44.66 57.89 -41.91
N VAL B 250 43.49 57.76 -42.53
CA VAL B 250 42.50 58.84 -42.59
C VAL B 250 41.97 59.09 -41.20
N VAL B 251 41.36 58.06 -40.62
CA VAL B 251 40.81 58.19 -39.29
C VAL B 251 41.94 58.64 -38.36
N THR B 252 43.11 58.02 -38.53
CA THR B 252 44.27 58.38 -37.75
C THR B 252 44.36 59.89 -37.87
N ALA B 253 44.08 60.35 -39.08
CA ALA B 253 44.11 61.78 -39.39
C ALA B 253 42.88 62.47 -38.81
N LYS B 254 41.81 62.57 -39.60
CA LYS B 254 40.58 63.24 -39.18
C LYS B 254 40.45 63.32 -37.67
N LEU B 255 40.68 62.20 -36.98
CA LEU B 255 40.64 62.15 -35.52
C LEU B 255 41.60 63.16 -34.94
N LEU B 256 42.87 62.89 -35.19
CA LEU B 256 43.99 63.70 -34.74
C LEU B 256 43.84 65.17 -35.12
N GLY B 257 42.77 65.50 -35.84
CA GLY B 257 42.52 66.87 -36.24
C GLY B 257 43.61 67.37 -37.17
N PHE B 258 44.09 66.50 -38.05
CA PHE B 258 45.14 66.85 -38.99
C PHE B 258 44.67 66.78 -40.43
N THR B 259 45.65 66.57 -41.30
CA THR B 259 45.45 66.45 -42.73
C THR B 259 46.55 65.50 -43.17
N PRO B 260 46.34 64.77 -44.26
CA PRO B 260 47.35 63.83 -44.74
C PRO B 260 48.74 64.45 -44.81
N GLY B 261 48.79 65.78 -44.71
CA GLY B 261 50.06 66.47 -44.71
C GLY B 261 50.53 66.59 -43.28
N GLU B 262 49.60 66.92 -42.41
CA GLU B 262 49.88 67.07 -40.98
C GLU B 262 50.40 65.74 -40.45
N LEU B 263 50.24 64.69 -41.24
CA LEU B 263 50.70 63.35 -40.87
C LEU B 263 51.92 62.91 -41.66
N ARG B 264 51.90 63.11 -42.97
CA ARG B 264 53.06 62.75 -43.80
C ARG B 264 54.15 63.58 -43.14
N SER B 265 53.68 64.46 -42.26
CA SER B 265 54.51 65.35 -41.46
C SER B 265 55.20 64.52 -40.39
N TYR B 266 54.75 64.67 -39.15
CA TYR B 266 55.32 63.92 -38.03
C TYR B 266 55.59 62.53 -38.57
N LEU B 267 56.84 62.28 -38.97
CA LEU B 267 57.13 60.98 -39.55
C LEU B 267 58.61 60.84 -39.82
N LYS B 268 58.92 60.08 -40.86
CA LYS B 268 60.29 59.82 -41.26
C LYS B 268 60.36 58.48 -41.98
N GLY B 269 59.50 57.54 -41.59
CA GLY B 269 59.51 56.21 -42.19
C GLY B 269 58.54 55.93 -43.33
N ALA B 270 57.39 55.36 -43.00
CA ALA B 270 56.37 55.02 -44.00
C ALA B 270 56.88 54.01 -45.01
N THR B 271 56.73 52.73 -44.70
CA THR B 271 57.18 51.68 -45.60
C THR B 271 56.19 50.53 -45.56
N GLY B 272 55.52 50.31 -46.67
CA GLY B 272 54.54 49.24 -46.73
C GLY B 272 55.14 47.89 -47.03
N HIS B 273 54.30 46.86 -47.00
CA HIS B 273 54.72 45.49 -47.26
C HIS B 273 53.95 44.95 -48.46
N SER B 274 54.67 44.68 -49.55
CA SER B 274 54.08 44.18 -50.78
C SER B 274 52.81 44.97 -51.12
N GLN B 275 51.63 44.39 -50.90
CA GLN B 275 50.37 45.09 -51.19
C GLN B 275 50.19 46.21 -50.19
N GLY B 276 51.20 46.39 -49.35
CA GLY B 276 51.18 47.42 -48.33
C GLY B 276 52.10 48.58 -48.69
N LEU B 277 53.01 48.36 -49.64
CA LEU B 277 53.95 49.40 -50.05
C LEU B 277 53.20 50.45 -50.85
N VAL B 278 52.43 49.99 -51.84
CA VAL B 278 51.63 50.85 -52.69
C VAL B 278 50.93 51.89 -51.84
N THR B 279 50.62 51.54 -50.61
CA THR B 279 49.98 52.48 -49.73
C THR B 279 50.98 53.50 -49.21
N ALA B 280 52.12 53.01 -48.73
CA ALA B 280 53.15 53.89 -48.22
C ALA B 280 53.43 55.01 -49.22
N VAL B 281 53.87 54.62 -50.42
CA VAL B 281 54.16 55.58 -51.48
C VAL B 281 53.09 56.66 -51.51
N ALA B 282 51.96 56.32 -52.13
CA ALA B 282 50.83 57.24 -52.26
C ALA B 282 50.46 57.94 -50.95
N ILE B 283 51.07 57.51 -49.84
CA ILE B 283 50.77 58.15 -48.57
C ILE B 283 51.81 59.21 -48.24
N ALA B 284 53.05 58.95 -48.63
CA ALA B 284 54.15 59.88 -48.38
C ALA B 284 53.75 61.31 -48.68
N GLU B 285 53.46 61.59 -49.96
CA GLU B 285 53.09 62.93 -50.40
C GLU B 285 51.58 63.15 -50.52
N THR B 286 50.99 63.72 -49.47
CA THR B 286 49.57 64.00 -49.46
C THR B 286 49.32 65.21 -48.55
N ASP B 287 48.80 66.29 -49.10
CA ASP B 287 48.57 67.49 -48.29
C ASP B 287 47.18 67.60 -47.67
N SER B 288 46.32 68.42 -48.27
CA SER B 288 44.98 68.59 -47.74
C SER B 288 44.04 67.58 -48.38
N TRP B 289 42.82 67.50 -47.87
CA TRP B 289 41.84 66.55 -48.38
C TRP B 289 41.35 66.92 -49.77
N GLU B 290 42.07 67.80 -50.45
CA GLU B 290 41.71 68.21 -51.79
C GLU B 290 42.66 67.45 -52.70
N SER B 291 43.89 67.33 -52.23
CA SER B 291 44.96 66.63 -52.92
C SER B 291 44.87 65.16 -52.50
N PHE B 292 44.72 64.97 -51.20
CA PHE B 292 44.61 63.65 -50.61
C PHE B 292 43.72 62.68 -51.37
N PHE B 293 42.75 63.22 -52.09
CA PHE B 293 41.84 62.38 -52.84
C PHE B 293 42.41 61.64 -54.01
N VAL B 294 42.72 62.34 -55.10
CA VAL B 294 43.28 61.68 -56.27
C VAL B 294 44.49 60.88 -55.82
N SER B 295 45.09 61.34 -54.72
CA SER B 295 46.24 60.67 -54.14
C SER B 295 45.88 59.21 -53.93
N VAL B 296 44.65 58.98 -53.49
CA VAL B 296 44.15 57.64 -53.24
C VAL B 296 43.88 56.95 -54.57
N ARG B 297 43.24 57.70 -55.48
CA ARG B 297 42.90 57.19 -56.80
C ARG B 297 44.09 56.37 -57.28
N LYS B 298 45.29 56.87 -56.99
CA LYS B 298 46.51 56.21 -57.36
C LYS B 298 46.50 54.81 -56.75
N ALA B 299 46.91 54.74 -55.50
CA ALA B 299 46.97 53.49 -54.75
C ALA B 299 45.94 52.50 -55.24
N ILE B 300 44.69 52.94 -55.22
CA ILE B 300 43.59 52.10 -55.65
C ILE B 300 43.84 51.46 -57.02
N THR B 301 43.83 52.27 -58.07
CA THR B 301 44.03 51.74 -59.41
C THR B 301 45.28 50.85 -59.44
N VAL B 302 46.25 51.22 -58.62
CA VAL B 302 47.49 50.46 -58.54
C VAL B 302 47.14 49.03 -58.17
N LEU B 303 46.97 48.79 -56.87
CA LEU B 303 46.62 47.49 -56.36
C LEU B 303 45.57 46.87 -57.28
N PHE B 304 44.63 47.69 -57.70
CA PHE B 304 43.58 47.23 -58.60
C PHE B 304 44.21 46.45 -59.74
N PHE B 305 44.86 47.19 -60.64
CA PHE B 305 45.50 46.57 -61.80
C PHE B 305 46.49 45.45 -61.46
N ILE B 306 47.18 45.54 -60.34
CA ILE B 306 48.13 44.49 -59.99
C ILE B 306 47.30 43.23 -59.88
N GLY B 307 46.28 43.30 -59.03
CA GLY B 307 45.41 42.16 -58.85
C GLY B 307 44.87 41.67 -60.16
N VAL B 308 44.07 42.51 -60.80
CA VAL B 308 43.45 42.17 -62.06
C VAL B 308 44.37 41.43 -63.03
N ARG B 309 45.61 41.87 -63.10
CA ARG B 309 46.58 41.27 -64.00
C ARG B 309 47.23 40.04 -63.40
N CYS B 310 47.70 40.16 -62.17
CA CYS B 310 48.34 39.06 -61.50
C CYS B 310 47.41 37.85 -61.51
N TYR B 311 46.12 38.12 -61.44
CA TYR B 311 45.12 37.07 -61.45
C TYR B 311 45.15 36.32 -62.77
N GLU B 312 45.52 37.02 -63.84
CA GLU B 312 45.58 36.43 -65.17
C GLU B 312 46.84 35.59 -65.40
N ALA B 313 47.66 35.49 -64.36
CA ALA B 313 48.88 34.69 -64.44
C ALA B 313 48.49 33.23 -64.25
N TYR B 314 48.45 32.80 -62.98
CA TYR B 314 48.08 31.43 -62.60
C TYR B 314 47.00 31.56 -61.52
N PRO B 315 45.77 31.87 -61.94
CA PRO B 315 44.60 32.04 -61.06
C PRO B 315 44.15 30.79 -60.32
N ASN B 316 43.28 31.00 -59.34
CA ASN B 316 42.73 29.95 -58.48
C ASN B 316 42.44 28.63 -59.20
N THR B 317 43.41 27.72 -59.15
CA THR B 317 43.26 26.42 -59.79
C THR B 317 42.37 25.54 -58.94
N SER B 318 41.46 24.84 -59.61
CA SER B 318 40.52 23.93 -58.96
C SER B 318 41.29 22.93 -58.11
N LEU B 319 41.32 23.20 -56.81
CA LEU B 319 42.00 22.37 -55.80
C LEU B 319 41.51 20.93 -55.77
N PRO B 320 42.44 19.96 -55.71
CA PRO B 320 42.15 18.51 -55.67
C PRO B 320 41.78 17.97 -54.29
N PRO B 321 40.61 17.33 -54.18
CA PRO B 321 40.17 16.78 -52.90
C PRO B 321 41.17 15.74 -52.44
N SER B 322 41.69 15.02 -53.43
CA SER B 322 42.68 13.97 -53.22
C SER B 322 43.67 14.45 -52.17
N ILE B 323 43.79 15.77 -52.05
CA ILE B 323 44.69 16.38 -51.10
C ILE B 323 43.95 17.05 -49.97
N LEU B 324 42.92 17.82 -50.31
CA LEU B 324 42.17 18.51 -49.27
C LEU B 324 42.08 17.67 -48.00
N GLU B 325 41.94 16.37 -48.20
CA GLU B 325 41.84 15.47 -47.08
C GLU B 325 43.17 15.42 -46.33
N ASP B 326 44.09 14.60 -46.82
CA ASP B 326 45.40 14.42 -46.20
C ASP B 326 46.00 15.68 -45.58
N SER B 327 45.94 16.77 -46.32
CA SER B 327 46.49 18.03 -45.84
C SER B 327 45.69 18.51 -44.64
N LEU B 328 44.38 18.32 -44.69
CA LEU B 328 43.53 18.73 -43.59
C LEU B 328 43.68 17.82 -42.37
N GLU B 329 44.37 16.68 -42.55
CA GLU B 329 44.59 15.78 -41.43
C GLU B 329 45.83 16.20 -40.65
N ASN B 330 46.93 16.43 -41.36
CA ASN B 330 48.16 16.89 -40.70
C ASN B 330 47.74 18.21 -40.06
N ASN B 331 46.62 18.74 -40.55
CA ASN B 331 46.01 19.98 -40.10
C ASN B 331 46.68 21.21 -40.69
N GLU B 332 47.52 21.01 -41.70
CA GLU B 332 48.19 22.12 -42.36
C GLU B 332 47.03 23.01 -42.82
N GLY B 333 46.00 22.38 -43.37
CA GLY B 333 44.83 23.11 -43.81
C GLY B 333 44.86 23.78 -45.17
N VAL B 334 43.94 24.73 -45.35
CA VAL B 334 43.78 25.50 -46.57
C VAL B 334 45.07 25.36 -47.38
N PRO B 335 45.12 24.39 -48.31
CA PRO B 335 46.28 24.15 -49.16
C PRO B 335 46.97 25.42 -49.67
N SER B 336 46.19 26.50 -49.74
CA SER B 336 46.61 27.85 -50.19
C SER B 336 48.06 27.95 -50.76
N PRO B 337 48.21 28.46 -52.01
CA PRO B 337 49.52 28.60 -52.65
C PRO B 337 50.46 29.60 -52.00
N MET B 338 50.82 29.34 -50.75
CA MET B 338 51.72 30.19 -49.96
C MET B 338 51.78 29.60 -48.53
N LEU B 339 52.98 29.36 -48.02
CA LEU B 339 53.16 28.74 -46.70
C LEU B 339 54.05 29.49 -45.69
N SER B 340 53.72 29.37 -44.40
CA SER B 340 54.48 30.03 -43.34
C SER B 340 55.39 29.08 -42.55
N ILE B 341 56.59 28.82 -43.06
CA ILE B 341 57.52 27.92 -42.38
C ILE B 341 58.20 28.56 -41.16
N SER B 342 57.40 28.86 -40.15
CA SER B 342 57.91 29.47 -38.92
C SER B 342 59.08 28.73 -38.26
N ASN B 343 59.49 29.24 -37.11
CA ASN B 343 60.59 28.72 -36.30
C ASN B 343 61.67 27.91 -37.03
N LEU B 344 62.47 28.59 -37.84
CA LEU B 344 63.54 27.90 -38.55
C LEU B 344 64.50 28.89 -39.20
N THR B 345 65.35 28.39 -40.09
CA THR B 345 66.35 29.23 -40.75
C THR B 345 66.35 29.10 -42.26
N GLN B 346 66.74 30.19 -42.91
CA GLN B 346 66.82 30.21 -44.34
C GLN B 346 67.85 29.13 -44.61
N GLU B 347 68.09 28.82 -45.88
CA GLU B 347 69.02 27.76 -46.25
C GLU B 347 68.33 26.48 -45.78
N GLN B 348 68.08 26.39 -44.48
CA GLN B 348 67.38 25.24 -43.96
C GLN B 348 66.08 25.27 -44.74
N VAL B 349 65.40 26.41 -44.69
CA VAL B 349 64.17 26.55 -45.42
C VAL B 349 64.48 26.24 -46.87
N GLN B 350 65.67 26.63 -47.29
CA GLN B 350 66.11 26.42 -48.66
C GLN B 350 66.30 24.94 -48.99
N ASP B 351 67.39 24.35 -48.49
CA ASP B 351 67.70 22.93 -48.73
C ASP B 351 66.46 22.17 -49.15
N TYR B 352 65.48 22.16 -48.25
CA TYR B 352 64.22 21.48 -48.49
C TYR B 352 63.66 21.95 -49.82
N VAL B 353 63.46 23.26 -49.93
CA VAL B 353 62.94 23.84 -51.16
C VAL B 353 63.69 23.21 -52.32
N ASN B 354 65.01 23.32 -52.29
CA ASN B 354 65.85 22.77 -53.33
C ASN B 354 65.36 21.41 -53.78
N LYS B 355 65.83 20.38 -53.08
CA LYS B 355 65.47 18.99 -53.36
C LYS B 355 64.09 18.82 -54.00
N THR B 356 63.11 19.59 -53.54
CA THR B 356 61.76 19.50 -54.08
C THR B 356 61.72 19.88 -55.57
N ASN B 357 62.15 21.11 -55.88
CA ASN B 357 62.16 21.59 -57.26
C ASN B 357 62.96 20.61 -58.12
N SER B 358 64.09 20.17 -57.58
CA SER B 358 64.99 19.25 -58.25
C SER B 358 64.35 18.35 -59.28
N HIS B 359 63.40 17.54 -58.80
CA HIS B 359 62.68 16.58 -59.63
C HIS B 359 61.46 17.24 -60.26
N LEU B 360 61.00 18.30 -59.61
CA LEU B 360 59.85 19.07 -60.06
C LEU B 360 60.14 19.84 -61.35
N PRO B 361 59.19 19.82 -62.29
CA PRO B 361 59.39 20.54 -63.55
C PRO B 361 59.61 22.04 -63.24
N ALA B 362 60.28 22.76 -64.13
CA ALA B 362 60.56 24.18 -63.93
C ALA B 362 59.36 25.03 -63.50
N GLY B 363 58.32 25.02 -64.33
CA GLY B 363 57.13 25.80 -64.04
C GLY B 363 56.53 25.63 -62.66
N LYS B 364 56.39 24.39 -62.20
CA LYS B 364 55.79 24.11 -60.90
C LYS B 364 56.74 24.31 -59.71
N GLN B 365 57.99 24.68 -60.00
CA GLN B 365 58.97 24.90 -58.94
C GLN B 365 58.48 25.97 -57.95
N VAL B 366 59.21 26.18 -56.87
CA VAL B 366 58.79 27.16 -55.87
C VAL B 366 59.88 28.01 -55.23
N GLU B 367 59.53 29.26 -54.96
CA GLU B 367 60.42 30.26 -54.37
C GLU B 367 60.18 30.51 -52.88
N ILE B 368 61.12 31.21 -52.26
CA ILE B 368 61.04 31.57 -50.86
C ILE B 368 60.38 32.95 -50.75
N SER B 369 59.05 32.95 -50.86
CA SER B 369 58.20 34.13 -50.81
C SER B 369 58.64 35.34 -49.97
N LEU B 370 58.81 35.14 -48.67
CA LEU B 370 59.18 36.23 -47.77
C LEU B 370 60.33 35.85 -46.84
N VAL B 371 60.72 36.79 -45.99
CA VAL B 371 61.82 36.60 -45.03
C VAL B 371 61.59 37.45 -43.76
N ASN B 372 60.34 37.80 -43.51
CA ASN B 372 59.99 38.59 -42.33
C ASN B 372 60.34 37.81 -41.08
N GLY B 373 60.95 38.47 -40.11
CA GLY B 373 61.36 37.76 -38.91
C GLY B 373 62.75 37.15 -39.12
N ALA B 374 63.37 36.65 -38.05
CA ALA B 374 64.69 36.02 -38.15
C ALA B 374 64.51 34.53 -38.41
N LYS B 375 63.30 34.08 -38.11
CA LYS B 375 62.88 32.70 -38.24
C LYS B 375 61.87 32.58 -39.37
N ASN B 376 60.71 33.20 -39.18
CA ASN B 376 59.61 33.20 -40.15
C ASN B 376 60.13 33.24 -41.58
N LEU B 377 59.48 32.53 -42.50
CA LEU B 377 59.95 32.49 -43.88
C LEU B 377 58.92 31.97 -44.86
N VAL B 378 57.89 32.74 -45.15
CA VAL B 378 56.87 32.30 -46.09
C VAL B 378 57.44 31.87 -47.44
N VAL B 379 56.81 30.86 -48.06
CA VAL B 379 57.23 30.34 -49.36
C VAL B 379 55.97 30.20 -50.21
N SER B 380 56.12 30.09 -51.52
CA SER B 380 54.93 29.95 -52.37
C SER B 380 55.20 29.39 -53.75
N GLY B 381 54.15 28.82 -54.33
CA GLY B 381 54.21 28.23 -55.66
C GLY B 381 52.82 27.78 -56.00
N PRO B 382 52.61 26.99 -57.07
CA PRO B 382 51.23 26.57 -57.36
C PRO B 382 50.65 25.99 -56.08
N PRO B 383 49.31 26.02 -55.94
CA PRO B 383 48.75 25.47 -54.69
C PRO B 383 49.38 24.11 -54.36
N GLN B 384 49.30 23.21 -55.34
CA GLN B 384 49.82 21.85 -55.21
C GLN B 384 51.22 21.90 -54.69
N SER B 385 52.16 21.62 -55.57
CA SER B 385 53.57 21.62 -55.22
C SER B 385 53.83 21.96 -53.75
N LEU B 386 53.43 23.16 -53.35
CA LEU B 386 53.62 23.62 -51.98
C LEU B 386 53.42 22.53 -50.95
N TYR B 387 52.26 21.89 -51.00
CA TYR B 387 51.93 20.78 -50.09
C TYR B 387 52.95 19.66 -50.28
N GLY B 388 53.24 19.35 -51.55
CA GLY B 388 54.19 18.31 -51.89
C GLY B 388 55.53 18.53 -51.21
N LEU B 389 55.72 19.74 -50.71
CA LEU B 389 56.92 20.11 -49.99
C LEU B 389 56.61 19.74 -48.56
N ASN B 390 55.40 20.09 -48.14
CA ASN B 390 54.93 19.78 -46.80
C ASN B 390 55.10 18.31 -46.57
N LEU B 391 55.04 17.55 -47.65
CA LEU B 391 55.22 16.11 -47.58
C LEU B 391 56.53 15.85 -46.87
N THR B 392 57.64 16.02 -47.60
CA THR B 392 58.98 15.82 -47.04
C THR B 392 59.10 16.66 -45.77
N LEU B 393 58.42 17.81 -45.79
CA LEU B 393 58.40 18.74 -44.67
C LEU B 393 57.95 18.09 -43.35
N ARG B 394 56.85 17.35 -43.42
CA ARG B 394 56.32 16.66 -42.25
C ARG B 394 57.35 15.67 -41.75
N LYS B 395 57.61 14.64 -42.53
CA LYS B 395 58.57 13.61 -42.16
C LYS B 395 59.96 14.19 -41.97
N ALA B 396 60.31 14.39 -40.69
CA ALA B 396 61.59 14.94 -40.25
C ALA B 396 61.20 15.80 -39.05
N LYS B 397 60.01 16.39 -39.18
CA LYS B 397 59.45 17.24 -38.14
C LYS B 397 59.13 16.35 -36.94
N ALA B 398 59.33 16.87 -35.74
CA ALA B 398 59.05 16.14 -34.52
C ALA B 398 57.66 16.53 -33.98
N PRO B 399 56.89 15.54 -33.48
CA PRO B 399 55.54 15.73 -32.94
C PRO B 399 55.37 16.57 -31.67
N SER B 400 56.45 17.21 -31.22
CA SER B 400 56.47 18.05 -30.01
C SER B 400 56.37 17.22 -28.73
N GLY B 401 56.74 15.95 -28.82
CA GLY B 401 56.69 15.07 -27.66
C GLY B 401 58.03 15.02 -26.96
N LEU B 402 58.06 15.49 -25.71
CA LEU B 402 59.27 15.51 -24.89
C LEU B 402 60.40 14.63 -25.38
N ASP B 403 61.57 15.23 -25.55
CA ASP B 403 62.76 14.50 -26.00
C ASP B 403 63.99 15.13 -25.35
N GLN B 404 63.81 16.37 -24.89
CA GLN B 404 64.87 17.10 -24.22
C GLN B 404 64.85 16.60 -22.78
N SER B 405 63.72 16.03 -22.37
CA SER B 405 63.57 15.50 -21.03
C SER B 405 64.85 14.76 -20.67
N ARG B 406 65.50 14.20 -21.69
CA ARG B 406 66.75 13.47 -21.52
C ARG B 406 67.71 13.82 -22.67
N ILE B 407 68.70 14.66 -22.36
CA ILE B 407 69.71 15.18 -23.30
C ILE B 407 69.22 15.36 -24.73
N PRO B 408 69.12 16.63 -25.17
CA PRO B 408 68.68 17.07 -26.49
C PRO B 408 69.83 17.53 -27.39
N PHE B 409 69.96 18.85 -27.49
CA PHE B 409 70.99 19.48 -28.30
C PHE B 409 72.17 18.57 -28.55
N SER B 410 72.07 17.84 -29.65
CA SER B 410 73.09 16.90 -30.09
C SER B 410 72.42 15.85 -30.98
N GLU B 411 71.27 15.37 -30.54
CA GLU B 411 70.51 14.36 -31.29
C GLU B 411 69.07 14.87 -31.46
N ARG B 412 68.57 15.59 -30.45
CA ARG B 412 67.22 16.15 -30.44
C ARG B 412 66.78 16.65 -31.82
N LYS B 413 65.49 16.50 -32.13
CA LYS B 413 64.97 16.94 -33.42
C LYS B 413 64.22 18.27 -33.39
N LEU B 414 64.05 18.84 -34.58
CA LEU B 414 63.40 20.13 -34.80
C LEU B 414 61.90 20.22 -34.54
N LYS B 415 61.39 21.44 -34.60
CA LYS B 415 59.97 21.74 -34.39
C LYS B 415 59.55 22.81 -35.41
N PHE B 416 58.31 22.74 -35.90
CA PHE B 416 57.88 23.66 -36.95
C PHE B 416 56.62 24.49 -36.74
N SER B 417 55.83 24.47 -37.81
CA SER B 417 54.55 25.14 -38.01
C SER B 417 54.52 25.32 -39.53
N ASN B 418 53.74 24.49 -40.24
CA ASN B 418 53.68 24.56 -41.70
C ASN B 418 52.37 25.10 -42.29
N ARG B 419 51.59 25.82 -41.50
CA ARG B 419 50.32 26.32 -42.00
C ARG B 419 50.47 27.27 -43.19
N PHE B 420 49.38 27.45 -43.93
CA PHE B 420 49.34 28.36 -45.07
C PHE B 420 48.59 29.61 -44.65
N LEU B 421 48.57 30.61 -45.53
CA LEU B 421 47.92 31.86 -45.19
C LEU B 421 46.71 32.18 -46.07
N PRO B 422 45.97 33.23 -45.69
CA PRO B 422 44.78 33.71 -46.43
C PRO B 422 45.22 34.54 -47.62
N VAL B 423 45.58 33.86 -48.71
CA VAL B 423 46.04 34.54 -49.92
C VAL B 423 45.75 33.72 -51.16
N ALA B 424 44.78 34.16 -51.94
CA ALA B 424 44.42 33.45 -53.15
C ALA B 424 45.59 33.31 -54.13
N SER B 425 46.45 34.32 -54.17
CA SER B 425 47.56 34.32 -55.11
C SER B 425 48.96 34.15 -54.55
N PRO B 426 49.92 33.86 -55.43
CA PRO B 426 51.33 33.67 -55.08
C PRO B 426 52.18 34.92 -55.34
N PHE B 427 52.04 35.94 -54.50
CA PHE B 427 52.82 37.17 -54.65
C PHE B 427 54.32 36.84 -54.67
N HIS B 428 55.15 37.77 -55.15
CA HIS B 428 56.60 37.54 -55.18
C HIS B 428 56.81 36.10 -55.68
N SER B 429 56.60 35.87 -56.97
CA SER B 429 56.71 34.51 -57.45
C SER B 429 57.54 34.27 -58.69
N HIS B 430 57.54 33.00 -59.09
CA HIS B 430 58.24 32.49 -60.27
C HIS B 430 57.26 32.23 -61.41
N LEU B 431 56.04 32.70 -61.23
CA LEU B 431 55.01 32.52 -62.24
C LEU B 431 54.18 33.80 -62.35
N LEU B 432 54.48 34.75 -61.48
CA LEU B 432 53.78 36.02 -61.48
C LEU B 432 54.72 37.08 -62.04
N VAL B 433 55.09 36.92 -63.30
CA VAL B 433 55.98 37.85 -63.96
C VAL B 433 55.58 38.13 -65.40
N PRO B 434 55.29 37.09 -66.20
CA PRO B 434 54.90 37.37 -67.59
C PRO B 434 53.80 38.43 -67.72
N ALA B 435 53.03 38.61 -66.64
CA ALA B 435 51.97 39.60 -66.63
C ALA B 435 52.39 40.83 -65.84
N SER B 436 53.48 40.71 -65.08
CA SER B 436 53.99 41.81 -64.27
C SER B 436 54.21 43.08 -65.08
N ASP B 437 55.14 43.04 -66.03
CA ASP B 437 55.45 44.19 -66.86
C ASP B 437 54.19 44.84 -67.43
N LEU B 438 53.22 44.02 -67.81
CA LEU B 438 51.98 44.54 -68.38
C LEU B 438 51.33 45.59 -67.49
N ILE B 439 51.25 45.32 -66.19
CA ILE B 439 50.64 46.28 -65.29
C ILE B 439 51.41 47.61 -65.32
N ASN B 440 52.73 47.53 -65.42
CA ASN B 440 53.55 48.73 -65.48
C ASN B 440 52.97 49.65 -66.54
N LYS B 441 52.75 49.09 -67.72
CA LYS B 441 52.17 49.84 -68.82
C LYS B 441 50.73 50.15 -68.44
N ASP B 442 50.05 49.18 -67.82
CA ASP B 442 48.67 49.38 -67.39
C ASP B 442 48.55 50.56 -66.46
N LEU B 443 49.69 51.02 -65.96
CA LEU B 443 49.76 52.16 -65.06
C LEU B 443 49.66 53.46 -65.85
N VAL B 444 50.68 53.71 -66.67
CA VAL B 444 50.72 54.89 -67.51
C VAL B 444 49.40 55.03 -68.25
N LYS B 445 48.94 53.92 -68.80
CA LYS B 445 47.69 53.84 -69.58
C LYS B 445 46.47 54.41 -68.83
N ASN B 446 46.75 55.16 -67.76
CA ASN B 446 45.71 55.78 -66.96
C ASN B 446 46.29 56.96 -66.21
N ASN B 447 46.46 58.06 -66.95
CA ASN B 447 47.01 59.34 -66.48
C ASN B 447 47.08 59.54 -64.95
N VAL B 448 47.75 58.63 -64.25
CA VAL B 448 47.87 58.75 -62.80
C VAL B 448 49.10 58.02 -62.29
N SER B 449 49.60 57.10 -63.11
CA SER B 449 50.77 56.30 -62.74
C SER B 449 52.07 57.10 -62.69
N PHE B 450 52.26 57.88 -61.63
CA PHE B 450 53.49 58.64 -61.54
C PHE B 450 54.36 58.40 -60.31
N ASN B 451 54.18 59.22 -59.27
CA ASN B 451 54.97 59.15 -58.05
C ASN B 451 56.37 59.72 -58.37
N ALA B 452 56.40 61.03 -58.64
CA ALA B 452 57.62 61.74 -58.98
C ALA B 452 58.47 61.98 -57.74
N LYS B 453 59.35 62.97 -57.81
CA LYS B 453 60.22 63.30 -56.69
C LYS B 453 59.42 63.99 -55.57
N ASP B 454 58.10 63.81 -55.60
CA ASP B 454 57.23 64.40 -54.59
C ASP B 454 57.37 63.63 -53.27
N ILE B 455 58.28 62.66 -53.27
CA ILE B 455 58.55 61.83 -52.11
C ILE B 455 58.84 62.65 -50.87
N GLN B 456 57.82 62.88 -50.05
CA GLN B 456 58.02 63.64 -48.84
C GLN B 456 59.13 62.96 -48.04
N ILE B 457 58.70 62.18 -47.06
CA ILE B 457 59.59 61.43 -46.18
C ILE B 457 60.23 60.30 -46.96
N PRO B 458 61.25 59.65 -46.38
CA PRO B 458 61.94 58.53 -47.03
C PRO B 458 61.16 57.20 -46.91
N VAL B 459 60.43 56.84 -47.97
CA VAL B 459 59.64 55.59 -47.99
C VAL B 459 60.52 54.39 -48.38
N TYR B 460 61.09 53.72 -47.37
CA TYR B 460 61.97 52.58 -47.60
C TYR B 460 61.48 51.53 -48.57
N ASP B 461 62.43 50.83 -49.19
CA ASP B 461 62.13 49.79 -50.20
C ASP B 461 61.68 48.44 -49.69
N THR B 462 61.36 47.58 -50.66
CA THR B 462 60.95 46.21 -50.40
C THR B 462 62.26 45.46 -50.36
N PHE B 463 63.28 46.09 -50.90
CA PHE B 463 64.61 45.53 -50.94
C PHE B 463 65.65 46.63 -50.73
N ASP B 464 66.20 46.67 -49.52
CA ASP B 464 67.21 47.64 -49.10
C ASP B 464 66.58 49.02 -48.96
N GLY B 465 66.47 49.49 -47.71
CA GLY B 465 65.88 50.78 -47.45
C GLY B 465 66.55 52.01 -48.04
N SER B 466 66.19 52.33 -49.28
CA SER B 466 66.70 53.51 -49.97
C SER B 466 65.46 54.41 -50.08
N ASP B 467 65.64 55.73 -50.07
CA ASP B 467 64.50 56.64 -50.14
C ASP B 467 63.54 56.28 -51.27
N LEU B 468 63.84 55.19 -51.95
CA LEU B 468 63.02 54.71 -53.06
C LEU B 468 63.18 55.70 -54.21
N ARG B 469 63.75 56.87 -53.89
CA ARG B 469 63.96 57.88 -54.89
C ARG B 469 65.40 57.88 -55.35
N VAL B 470 65.61 57.19 -56.46
CA VAL B 470 66.90 57.07 -57.11
C VAL B 470 66.49 56.89 -58.57
N LEU B 471 65.28 57.39 -58.87
CA LEU B 471 64.68 57.34 -60.19
C LEU B 471 65.15 56.16 -61.05
N SER B 472 65.41 56.43 -62.33
CA SER B 472 65.87 55.44 -63.30
C SER B 472 64.95 54.22 -63.38
N GLY B 473 63.77 54.32 -62.78
CA GLY B 473 62.82 53.23 -62.80
C GLY B 473 61.37 53.64 -62.59
N SER B 474 61.13 54.94 -62.46
CA SER B 474 59.78 55.48 -62.26
C SER B 474 59.18 55.12 -60.90
N ILE B 475 59.75 54.09 -60.27
CA ILE B 475 59.25 53.63 -58.98
C ILE B 475 57.99 52.83 -59.27
N SER B 476 57.10 53.41 -60.07
CA SER B 476 55.87 52.72 -60.47
C SER B 476 56.23 51.70 -61.55
N GLU B 477 57.36 51.05 -61.33
CA GLU B 477 57.88 50.03 -62.26
C GLU B 477 58.75 49.13 -61.38
N ARG B 478 59.02 49.62 -60.17
CA ARG B 478 59.80 48.89 -59.17
C ARG B 478 58.80 48.41 -58.15
N ILE B 479 57.84 49.28 -57.85
CA ILE B 479 56.78 48.97 -56.90
C ILE B 479 55.90 47.94 -57.61
N VAL B 480 56.52 47.16 -58.47
CA VAL B 480 55.86 46.11 -59.22
C VAL B 480 56.74 44.90 -59.15
N ASP B 481 58.00 45.06 -59.57
CA ASP B 481 58.95 43.96 -59.53
C ASP B 481 59.36 43.65 -58.09
N CYS B 482 59.22 44.64 -57.20
CA CYS B 482 59.56 44.42 -55.79
C CYS B 482 58.44 43.62 -55.13
N ILE B 483 57.29 43.57 -55.81
CA ILE B 483 56.12 42.83 -55.34
C ILE B 483 56.02 41.51 -56.11
N ILE B 484 55.51 41.57 -57.34
CA ILE B 484 55.32 40.38 -58.14
C ILE B 484 56.59 39.84 -58.80
N ARG B 485 57.62 39.60 -57.99
CA ARG B 485 58.89 39.09 -58.50
C ARG B 485 59.98 38.96 -57.43
N LEU B 486 60.30 40.07 -56.75
CA LEU B 486 61.34 40.05 -55.73
C LEU B 486 60.86 39.82 -54.32
N PRO B 487 61.73 39.22 -53.48
CA PRO B 487 61.47 38.91 -52.07
C PRO B 487 61.09 40.13 -51.22
N VAL B 488 61.34 40.04 -49.92
CA VAL B 488 61.03 41.13 -49.01
C VAL B 488 62.12 41.36 -47.97
N LYS B 489 62.72 40.28 -47.48
CA LYS B 489 63.80 40.38 -46.48
C LYS B 489 63.47 41.35 -45.34
N TRP B 490 62.20 41.72 -45.22
CA TRP B 490 61.75 42.67 -44.21
C TRP B 490 62.79 43.15 -43.19
N GLU B 491 63.40 42.25 -42.43
CA GLU B 491 64.40 42.70 -41.45
C GLU B 491 65.33 43.69 -42.12
N THR B 492 65.52 43.52 -43.43
CA THR B 492 66.38 44.40 -44.22
C THR B 492 65.66 45.69 -44.58
N THR B 493 64.33 45.62 -44.68
CA THR B 493 63.53 46.78 -45.00
C THR B 493 63.31 47.63 -43.75
N THR B 494 63.43 47.04 -42.57
CA THR B 494 63.26 47.80 -41.35
C THR B 494 64.43 48.76 -41.17
N GLN B 495 65.56 48.26 -40.68
CA GLN B 495 66.76 49.08 -40.43
C GLN B 495 66.39 50.54 -40.21
N PHE B 496 65.48 50.74 -39.25
CA PHE B 496 64.97 52.05 -38.89
C PHE B 496 65.65 52.65 -37.67
N LYS B 497 65.52 53.96 -37.57
CA LYS B 497 66.05 54.72 -36.47
C LYS B 497 64.75 55.22 -35.86
N ALA B 498 63.96 54.32 -35.29
CA ALA B 498 62.68 54.72 -34.72
C ALA B 498 62.60 54.67 -33.20
N THR B 499 61.43 55.04 -32.72
CA THR B 499 61.10 55.04 -31.29
C THR B 499 59.71 54.41 -31.22
N HIS B 500 59.00 54.51 -32.33
CA HIS B 500 57.66 53.95 -32.47
C HIS B 500 57.46 53.60 -33.93
N ILE B 501 56.38 52.87 -34.21
CA ILE B 501 56.01 52.50 -35.57
C ILE B 501 54.50 52.39 -35.66
N LEU B 502 53.90 53.16 -36.54
CA LEU B 502 52.45 53.10 -36.69
C LEU B 502 52.04 52.22 -37.85
N ASP B 503 51.48 51.09 -37.47
CA ASP B 503 51.03 50.13 -38.46
C ASP B 503 49.52 50.02 -38.61
N PHE B 504 49.11 50.49 -39.77
CA PHE B 504 47.73 50.48 -40.17
C PHE B 504 47.65 49.13 -40.88
N GLY B 505 48.59 48.24 -40.49
CA GLY B 505 48.65 46.91 -41.04
C GLY B 505 47.23 46.42 -41.13
N PRO B 506 46.86 45.70 -42.20
CA PRO B 506 45.58 45.09 -42.59
C PRO B 506 44.81 44.29 -41.55
N GLY B 507 44.09 45.02 -40.70
CA GLY B 507 43.28 44.42 -39.64
C GLY B 507 44.03 43.70 -38.52
N GLY B 508 43.52 43.83 -37.30
CA GLY B 508 44.09 43.18 -36.13
C GLY B 508 45.58 43.09 -35.88
N ALA B 509 45.91 42.52 -34.73
CA ALA B 509 47.27 42.32 -34.23
C ALA B 509 47.88 41.09 -34.87
N SER B 510 47.91 41.06 -36.19
CA SER B 510 48.46 39.91 -36.90
C SER B 510 48.97 40.35 -38.26
N GLY B 511 48.82 41.63 -38.55
CA GLY B 511 49.27 42.19 -39.81
C GLY B 511 50.53 43.00 -39.65
N LEU B 512 51.67 42.30 -39.67
CA LEU B 512 53.01 42.90 -39.54
C LEU B 512 53.16 43.69 -38.24
N GLY B 513 52.13 44.48 -37.94
CA GLY B 513 52.12 45.32 -36.75
C GLY B 513 52.95 44.76 -35.64
N VAL B 514 52.74 43.50 -35.32
CA VAL B 514 53.49 42.86 -34.25
C VAL B 514 54.76 42.21 -34.78
N LEU B 515 54.68 41.52 -35.91
CA LEU B 515 55.85 40.85 -36.45
C LEU B 515 57.02 41.80 -36.44
N THR B 516 56.77 42.99 -36.95
CA THR B 516 57.79 44.02 -36.99
C THR B 516 58.44 44.04 -35.61
N HIS B 517 57.59 43.96 -34.59
CA HIS B 517 58.07 43.95 -33.22
C HIS B 517 58.94 42.74 -32.98
N ARG B 518 58.38 41.57 -33.25
CA ARG B 518 59.10 40.32 -33.06
C ARG B 518 60.60 40.51 -33.28
N ASN B 519 60.98 40.72 -34.54
CA ASN B 519 62.36 40.92 -34.94
C ASN B 519 63.22 41.77 -33.99
N LYS B 520 62.63 42.84 -33.46
CA LYS B 520 63.34 43.76 -32.58
C LYS B 520 62.75 43.77 -31.16
N ASP B 521 63.60 43.60 -30.16
CA ASP B 521 63.16 43.58 -28.77
C ASP B 521 64.01 44.47 -27.86
N GLY B 522 63.79 45.77 -27.98
CA GLY B 522 64.53 46.73 -27.18
C GLY B 522 64.72 48.01 -27.95
N THR B 523 63.67 48.39 -28.68
CA THR B 523 63.69 49.60 -29.49
C THR B 523 62.33 50.28 -29.55
N GLY B 524 61.72 50.31 -30.74
CA GLY B 524 60.42 50.94 -30.91
C GLY B 524 59.36 50.47 -29.94
N VAL B 525 58.12 50.90 -30.17
CA VAL B 525 56.99 50.49 -29.33
C VAL B 525 55.78 50.23 -30.22
N ARG B 526 56.04 49.87 -31.46
CA ARG B 526 55.04 49.55 -32.47
C ARG B 526 53.60 49.55 -31.96
N VAL B 527 52.83 50.54 -32.43
CA VAL B 527 51.44 50.69 -32.06
C VAL B 527 50.61 50.53 -33.33
N ILE B 528 49.45 49.88 -33.22
CA ILE B 528 48.62 49.66 -34.40
C ILE B 528 47.32 50.49 -34.39
N VAL B 529 46.56 50.40 -35.48
CA VAL B 529 45.31 51.15 -35.67
C VAL B 529 44.03 50.64 -35.01
N ALA B 530 43.09 50.19 -35.84
CA ALA B 530 41.81 49.67 -35.37
C ALA B 530 41.98 48.62 -34.29
N GLY B 531 40.91 48.35 -33.56
CA GLY B 531 41.01 47.37 -32.50
C GLY B 531 41.49 48.06 -31.25
N THR B 532 40.68 47.98 -30.21
CA THR B 532 41.01 48.61 -28.94
C THR B 532 41.60 47.62 -27.92
N LEU B 533 41.37 46.33 -28.13
CA LEU B 533 41.88 45.30 -27.21
C LEU B 533 43.32 45.63 -26.80
N ASP B 534 43.81 44.99 -25.74
CA ASP B 534 45.17 45.22 -25.29
C ASP B 534 45.83 43.91 -24.87
N ILE B 535 46.85 44.01 -24.04
CA ILE B 535 47.57 42.84 -23.55
C ILE B 535 48.22 43.23 -22.23
N ASN B 536 49.54 43.28 -22.28
CA ASN B 536 50.40 43.67 -21.18
C ASN B 536 51.35 44.63 -21.91
N PRO B 537 51.37 45.92 -21.51
CA PRO B 537 52.22 46.96 -22.12
C PRO B 537 53.41 46.42 -22.92
N ASP B 538 53.08 45.85 -24.08
CA ASP B 538 54.07 45.27 -24.96
C ASP B 538 54.05 46.06 -26.25
N ASP B 539 52.93 45.95 -26.95
CA ASP B 539 52.74 46.64 -28.20
C ASP B 539 51.49 47.50 -28.19
N ASP B 540 51.22 48.18 -27.07
CA ASP B 540 50.04 49.05 -26.97
C ASP B 540 49.64 49.63 -28.33
N TYR B 541 48.34 49.70 -28.59
CA TYR B 541 47.88 50.18 -29.89
C TYR B 541 46.46 50.71 -29.91
N GLY B 542 45.98 50.97 -31.11
CA GLY B 542 44.63 51.44 -31.32
C GLY B 542 44.18 52.65 -30.56
N PHE B 543 44.65 52.77 -29.31
CA PHE B 543 44.28 53.90 -28.47
C PHE B 543 45.44 54.83 -28.15
N LYS B 544 46.65 54.42 -28.49
CA LYS B 544 47.81 55.26 -28.24
C LYS B 544 47.81 56.48 -29.16
N GLN B 545 46.70 56.67 -29.87
CA GLN B 545 46.55 57.80 -30.78
C GLN B 545 46.23 59.00 -29.95
N UNK B 546 44.97 59.05 -29.51
CA UNK B 546 44.50 60.17 -28.73
C UNK B 546 44.81 60.08 -27.22
N UNK B 547 45.90 59.41 -26.87
CA UNK B 547 46.26 59.27 -25.46
C UNK B 547 46.68 60.61 -24.83
N UNK B 548 46.39 60.78 -23.55
CA UNK B 548 46.75 61.98 -22.81
C UNK B 548 47.32 61.56 -21.46
N UNK B 549 48.57 61.96 -21.20
CA UNK B 549 49.27 61.61 -19.95
C UNK B 549 49.66 60.13 -19.90
N UNK B 550 50.23 59.64 -21.00
CA UNK B 550 50.65 58.25 -21.09
C UNK B 550 51.53 58.10 -22.33
N UNK B 551 52.83 57.91 -22.11
CA UNK B 551 53.78 57.77 -23.22
C UNK B 551 54.35 56.36 -23.38
N UNK B 552 54.56 55.96 -24.63
CA UNK B 552 55.10 54.64 -24.96
C UNK B 552 56.62 54.59 -24.72
N UNK B 553 57.14 53.45 -24.28
CA UNK B 553 58.57 53.32 -24.01
C UNK B 553 59.03 51.88 -23.82
N UNK B 554 59.16 51.13 -24.91
CA UNK B 554 59.60 49.74 -24.85
C UNK B 554 61.10 49.60 -24.61
N UNK B 555 61.49 49.61 -23.33
CA UNK B 555 62.89 49.51 -22.90
C UNK B 555 63.89 48.92 -23.90
N UNK B 556 65.07 49.52 -23.98
CA UNK B 556 66.12 49.10 -24.89
C UNK B 556 67.02 48.05 -24.25
N UNK B 557 67.16 46.92 -24.93
CA UNK B 557 67.97 45.79 -24.45
C UNK B 557 69.48 46.03 -24.55
N UNK B 558 70.00 46.87 -23.65
CA UNK B 558 71.42 47.23 -23.57
C UNK B 558 71.46 48.56 -22.84
N UNK B 559 70.88 49.56 -23.49
CA UNK B 559 70.80 50.89 -22.92
C UNK B 559 70.07 50.72 -21.60
N UNK B 560 68.81 50.29 -21.67
CA UNK B 560 68.00 50.08 -20.47
C UNK B 560 68.74 49.22 -19.46
N UNK B 561 69.30 49.87 -18.45
CA UNK B 561 70.03 49.18 -17.40
C UNK B 561 71.16 48.33 -17.99
N UNK B 562 72.34 48.92 -18.11
CA UNK B 562 73.53 48.24 -18.63
C UNK B 562 74.52 48.27 -17.47
N UNK B 563 75.53 47.41 -17.50
CA UNK B 563 76.52 47.37 -16.41
C UNK B 563 76.92 48.78 -15.95
N UNK B 564 77.40 48.90 -14.71
CA UNK B 564 77.80 50.21 -14.15
C UNK B 564 79.04 50.13 -13.25
N UNK B 565 79.21 51.13 -12.39
CA UNK B 565 80.33 51.21 -11.45
C UNK B 565 80.08 52.32 -10.43
N UNK B 566 80.70 52.20 -9.26
CA UNK B 566 80.55 53.20 -8.18
C UNK B 566 81.55 52.96 -7.03
N UNK B 567 81.72 53.96 -6.16
CA UNK B 567 82.66 53.85 -5.03
C UNK B 567 82.04 54.22 -3.68
N UNK B 568 82.66 53.74 -2.60
CA UNK B 568 82.16 53.97 -1.24
C UNK B 568 82.59 55.28 -0.63
N UNK B 569 81.83 55.72 0.37
CA UNK B 569 82.13 56.96 1.08
C UNK B 569 83.38 56.76 1.95
N UNK B 570 84.08 55.66 1.70
CA UNK B 570 85.31 55.33 2.43
C UNK B 570 86.33 54.92 1.39
N UNK B 571 86.04 55.25 0.13
CA UNK B 571 86.90 54.95 -1.01
C UNK B 571 87.03 53.47 -1.32
N UNK B 572 86.01 52.91 -1.98
CA UNK B 572 86.01 51.51 -2.36
C UNK B 572 85.27 51.38 -3.68
N UNK B 573 85.82 50.58 -4.59
CA UNK B 573 85.17 50.38 -5.87
C UNK B 573 84.01 49.42 -5.66
N UNK B 574 83.23 49.19 -6.72
CA UNK B 574 82.07 48.29 -6.68
C UNK B 574 81.60 48.04 -8.11
N UNK B 575 81.59 46.78 -8.52
CA UNK B 575 81.15 46.42 -9.88
C UNK B 575 79.73 46.87 -10.20
N UNK B 576 78.96 47.19 -9.15
CA UNK B 576 77.57 47.66 -9.22
C UNK B 576 76.63 46.98 -10.23
N UNK B 577 76.17 45.76 -9.92
CA UNK B 577 75.25 45.03 -10.79
C UNK B 577 73.85 45.10 -10.21
N UNK B 578 72.85 44.67 -10.99
CA UNK B 578 71.45 44.69 -10.54
C UNK B 578 71.41 44.40 -9.06
N UNK B 579 72.29 43.48 -8.63
CA UNK B 579 72.41 43.10 -7.23
C UNK B 579 73.00 44.28 -6.46
N UNK B 580 72.40 45.45 -6.65
CA UNK B 580 72.80 46.67 -6.00
C UNK B 580 72.54 46.48 -4.52
N UNK B 581 71.32 46.04 -4.22
CA UNK B 581 70.86 45.78 -2.84
C UNK B 581 71.82 44.91 -2.04
N UNK B 582 72.53 44.02 -2.73
CA UNK B 582 73.49 43.13 -2.07
C UNK B 582 74.76 43.88 -1.65
N UNK B 583 75.76 43.90 -2.55
CA UNK B 583 77.06 44.58 -2.35
C UNK B 583 78.26 43.78 -2.88
N UNK B 584 78.34 43.61 -4.21
CA UNK B 584 79.43 42.89 -4.89
C UNK B 584 78.99 41.75 -5.80
N UNK B 585 78.18 42.09 -6.80
CA UNK B 585 77.64 41.11 -7.77
C UNK B 585 78.45 39.82 -8.06
N UNK B 586 78.02 38.69 -7.48
CA UNK B 586 78.65 37.38 -7.66
C UNK B 586 78.44 36.47 -6.42
N UNK B 587 78.30 35.16 -6.64
CA UNK B 587 78.08 34.22 -5.52
C UNK B 587 78.26 32.78 -5.96
N UNK B 588 78.68 31.90 -5.06
CA UNK B 588 78.86 30.49 -5.41
C UNK B 588 78.44 29.61 -4.24
N UNK B 589 77.50 28.70 -4.49
CA UNK B 589 76.97 27.77 -3.47
C UNK B 589 77.05 26.29 -3.91
N UNK B 590 78.00 25.55 -3.35
CA UNK B 590 78.23 24.14 -3.70
C UNK B 590 77.50 23.11 -2.82
N UNK B 591 77.23 21.94 -3.41
CA UNK B 591 76.55 20.84 -2.72
C UNK B 591 77.51 19.74 -2.21
N UNK B 592 78.31 20.10 -1.21
CA UNK B 592 79.32 19.23 -0.57
C UNK B 592 80.42 20.18 -0.10
N UNK B 593 80.88 20.99 -1.05
CA UNK B 593 81.90 22.01 -0.82
C UNK B 593 81.27 23.03 0.14
N UNK B 594 80.32 23.83 -0.39
CA UNK B 594 79.61 24.86 0.38
C UNK B 594 78.95 24.34 1.66
N UNK B 595 79.75 23.86 2.60
CA UNK B 595 79.23 23.32 3.86
C UNK B 595 80.32 23.18 4.91
N UNK B 596 80.54 24.24 5.71
CA UNK B 596 81.56 24.25 6.78
C UNK B 596 82.04 25.64 7.19
N UNK B 597 83.19 26.02 6.62
CA UNK B 597 83.84 27.30 6.86
C UNK B 597 84.36 27.97 5.58
N UNK B 598 84.64 27.17 4.54
CA UNK B 598 85.14 27.66 3.25
C UNK B 598 84.05 28.43 2.49
N UNK B 599 83.06 28.89 3.25
CA UNK B 599 81.92 29.67 2.78
C UNK B 599 81.50 30.46 4.01
N UNK B 600 82.10 30.10 5.14
CA UNK B 600 81.89 30.80 6.40
C UNK B 600 83.00 31.86 6.35
N UNK B 601 83.84 31.73 5.33
CA UNK B 601 84.94 32.66 5.08
C UNK B 601 84.88 33.10 3.62
N UNK B 602 84.46 32.20 2.74
CA UNK B 602 84.32 32.55 1.32
C UNK B 602 83.36 33.73 1.30
N UNK B 603 82.49 33.79 2.30
CA UNK B 603 81.52 34.87 2.46
C UNK B 603 82.06 35.88 3.46
N UNK B 604 82.74 35.40 4.50
CA UNK B 604 83.31 36.28 5.50
C UNK B 604 84.23 37.29 4.81
N UNK B 605 85.02 36.82 3.84
CA UNK B 605 85.91 37.70 3.09
C UNK B 605 85.04 38.80 2.49
N UNK B 606 84.37 38.51 1.39
CA UNK B 606 83.50 39.48 0.74
C UNK B 606 82.75 38.95 -0.48
N UNK B 607 81.49 38.55 -0.27
CA UNK B 607 80.64 38.03 -1.34
C UNK B 607 79.37 37.27 -0.89
N UNK B 608 79.07 36.19 -1.62
CA UNK B 608 77.91 35.36 -1.36
C UNK B 608 78.18 33.88 -1.66
N UNK B 609 78.29 33.11 -0.58
CA UNK B 609 78.50 31.68 -0.66
C UNK B 609 77.37 31.09 0.22
N UNK B 610 76.72 30.02 -0.27
CA UNK B 610 75.61 29.36 0.46
C UNK B 610 75.92 27.93 0.94
N UNK B 611 75.72 27.71 2.23
CA UNK B 611 75.95 26.40 2.86
C UNK B 611 74.63 25.81 3.37
N UNK B 612 74.29 24.61 2.88
CA UNK B 612 73.08 23.87 3.25
C UNK B 612 73.08 22.45 2.66
N UNK B 613 72.54 21.51 3.43
CA UNK B 613 72.43 20.08 3.11
C UNK B 613 73.48 19.33 3.92
N UNK B 614 73.65 19.77 5.17
CA UNK B 614 74.61 19.18 6.08
C UNK B 614 74.05 18.04 6.94
N UNK B 615 73.37 17.09 6.28
CA UNK B 615 72.76 15.90 6.91
C UNK B 615 71.43 16.07 7.66
N UNK B 616 71.40 15.64 8.93
CA UNK B 616 70.21 15.72 9.78
C UNK B 616 69.58 17.10 9.79
N UNK B 617 68.85 17.41 8.70
CA UNK B 617 68.15 18.68 8.46
C UNK B 617 67.56 19.44 9.66
N UNK B 618 68.35 19.58 10.73
CA UNK B 618 67.97 20.28 11.96
C UNK B 618 68.90 19.81 13.07
N UNK B 619 69.10 20.67 14.07
CA UNK B 619 69.97 20.35 15.18
C UNK B 619 71.42 20.32 14.72
N UNK B 620 71.62 20.15 13.41
CA UNK B 620 72.95 20.11 12.81
C UNK B 620 73.21 21.37 11.98
N UNK B 621 72.85 21.34 10.69
CA UNK B 621 73.03 22.50 9.82
C UNK B 621 72.09 23.60 10.32
N UNK B 622 71.92 23.64 11.65
CA UNK B 622 71.07 24.59 12.37
C UNK B 622 71.76 24.93 13.70
N UNK B 623 72.92 24.32 13.89
CA UNK B 623 73.73 24.51 15.08
C UNK B 623 75.13 24.75 14.56
N UNK B 624 75.44 24.10 13.44
CA UNK B 624 76.73 24.24 12.77
C UNK B 624 76.64 25.55 11.99
N UNK B 625 75.42 26.01 11.79
CA UNK B 625 75.19 27.27 11.10
C UNK B 625 75.34 28.29 12.21
N UNK B 626 74.97 27.88 13.43
CA UNK B 626 75.07 28.75 14.60
C UNK B 626 76.53 29.05 14.88
N UNK B 627 77.43 28.21 14.38
CA UNK B 627 78.89 28.39 14.60
C UNK B 627 79.53 29.20 13.46
N UNK B 628 79.32 28.76 12.23
CA UNK B 628 79.84 29.45 11.06
C UNK B 628 79.00 30.71 10.87
N UNK B 629 78.87 31.47 11.96
CA UNK B 629 78.11 32.72 12.00
C UNK B 629 78.69 33.53 13.17
N UNK B 630 79.03 32.83 14.24
CA UNK B 630 79.64 33.47 15.40
C UNK B 630 81.06 33.77 14.95
N UNK B 631 81.48 33.02 13.92
CA UNK B 631 82.81 33.14 13.35
C UNK B 631 82.82 33.90 12.00
N UNK B 632 81.97 34.91 11.86
CA UNK B 632 81.91 35.69 10.63
C UNK B 632 82.05 37.17 10.94
N UNK B 633 81.81 38.01 9.94
CA UNK B 633 81.91 39.45 10.11
C UNK B 633 80.88 39.88 11.16
N UNK B 634 81.22 40.85 12.00
CA UNK B 634 80.32 41.33 13.04
C UNK B 634 79.05 41.95 12.49
N UNK B 635 78.74 41.60 11.24
CA UNK B 635 77.56 42.09 10.56
C UNK B 635 77.56 41.51 9.14
N UNK B 636 77.53 40.18 9.04
CA UNK B 636 77.53 39.50 7.75
C UNK B 636 76.13 39.09 7.28
N UNK B 637 76.10 38.14 6.33
CA UNK B 637 74.85 37.63 5.77
C UNK B 637 75.12 36.24 5.19
N UNK B 638 74.61 35.20 5.85
CA UNK B 638 74.81 33.82 5.40
C UNK B 638 73.71 33.31 4.45
N UNK B 639 74.03 32.26 3.70
CA UNK B 639 73.09 31.67 2.74
C UNK B 639 72.88 30.16 2.93
N UNK B 640 71.61 29.75 3.02
CA UNK B 640 71.24 28.34 3.16
C UNK B 640 70.48 27.92 1.90
N UNK B 641 70.99 26.90 1.21
CA UNK B 641 70.38 26.41 0.00
C UNK B 641 70.06 24.93 0.09
N UNK B 642 68.87 24.60 0.61
CA UNK B 642 68.42 23.21 0.77
C UNK B 642 67.80 22.69 -0.53
N UNK B 643 68.01 21.39 -0.80
CA UNK B 643 67.50 20.72 -2.02
C UNK B 643 65.98 20.52 -2.08
N UNK B 644 65.34 21.07 -3.12
CA UNK B 644 63.88 20.97 -3.26
C UNK B 644 63.34 19.57 -3.34
N UNK B 645 64.08 18.69 -4.01
CA UNK B 645 63.66 17.30 -4.18
C UNK B 645 64.22 16.28 -3.18
N UNK B 646 64.30 16.64 -1.91
CA UNK B 646 64.78 15.73 -0.85
C UNK B 646 63.98 16.10 0.37
N UNK B 647 62.67 16.28 0.16
CA UNK B 647 61.70 16.68 1.17
C UNK B 647 62.09 16.30 2.61
N UNK B 648 62.76 15.17 2.77
CA UNK B 648 63.19 14.72 4.09
C UNK B 648 63.83 15.88 4.85
N UNK B 649 64.75 16.56 4.16
CA UNK B 649 65.44 17.71 4.72
C UNK B 649 64.56 18.92 4.50
N UNK B 650 64.12 19.09 3.25
CA UNK B 650 63.27 20.20 2.86
C UNK B 650 62.23 20.49 3.96
N UNK B 651 61.84 19.46 4.70
CA UNK B 651 60.86 19.60 5.77
C UNK B 651 61.55 20.22 6.98
N UNK B 652 62.41 19.43 7.63
CA UNK B 652 63.15 19.89 8.80
C UNK B 652 64.19 20.86 8.28
N UNK B 653 63.85 22.14 8.29
CA UNK B 653 64.72 23.21 7.80
C UNK B 653 63.86 24.40 7.42
N UNK B 654 62.94 24.20 6.48
CA UNK B 654 62.04 25.27 6.08
C UNK B 654 61.52 25.83 7.40
N UNK B 655 61.61 25.01 8.45
CA UNK B 655 61.19 25.40 9.78
C UNK B 655 62.40 25.98 10.49
N UNK B 656 63.52 25.27 10.45
CA UNK B 656 64.76 25.73 11.08
C UNK B 656 65.13 27.13 10.63
N UNK B 657 65.18 27.34 9.31
CA UNK B 657 65.50 28.65 8.74
C UNK B 657 64.56 29.66 9.38
N UNK B 658 63.28 29.57 9.05
CA UNK B 658 62.26 30.45 9.61
C UNK B 658 62.43 30.62 11.12
N UNK B 659 62.13 29.56 11.86
CA UNK B 659 62.23 29.56 13.32
C UNK B 659 63.48 30.26 13.80
N UNK B 660 64.54 30.22 12.99
CA UNK B 660 65.79 30.86 13.36
C UNK B 660 65.83 32.32 12.90
N UNK B 661 65.40 32.58 11.65
CA UNK B 661 65.38 33.93 11.07
C UNK B 661 64.50 34.89 11.85
N UNK B 662 63.98 34.40 12.99
CA UNK B 662 63.14 35.19 13.87
C UNK B 662 64.00 35.52 15.08
N UNK B 663 65.31 35.59 14.85
CA UNK B 663 66.26 35.90 15.90
C UNK B 663 67.59 36.54 15.41
N UNK B 664 68.19 36.04 14.34
CA UNK B 664 69.46 36.60 13.84
C UNK B 664 69.98 36.09 12.49
N UNK B 665 70.77 36.93 11.83
CA UNK B 665 71.38 36.61 10.55
C UNK B 665 70.44 36.07 9.48
N UNK B 666 71.04 35.45 8.46
CA UNK B 666 70.32 34.85 7.34
C UNK B 666 69.92 35.82 6.24
N UNK B 667 69.87 35.35 5.00
CA UNK B 667 69.49 36.22 3.88
C UNK B 667 69.07 35.56 2.57
N UNK B 668 69.90 34.67 2.04
CA UNK B 668 69.60 34.02 0.77
C UNK B 668 68.33 33.11 0.73
N UNK B 669 68.53 31.79 0.83
CA UNK B 669 67.46 30.77 0.78
C UNK B 669 67.37 30.18 -0.63
N UNK B 670 67.62 28.88 -0.75
CA UNK B 670 67.56 28.24 -2.07
C UNK B 670 66.70 26.96 -2.24
N UNK B 671 66.67 26.48 -3.49
CA UNK B 671 65.92 25.29 -3.87
C UNK B 671 66.49 24.60 -5.13
N UNK B 672 66.34 23.28 -5.19
CA UNK B 672 66.82 22.43 -6.30
C UNK B 672 65.83 22.22 -7.47
N UNK B 673 64.73 22.98 -7.46
CA UNK B 673 63.67 22.93 -8.50
C UNK B 673 62.49 23.87 -8.12
N UNK B 674 62.19 24.82 -8.99
CA UNK B 674 61.12 25.79 -8.79
C UNK B 674 59.97 25.38 -7.86
N UNK B 675 60.09 25.67 -6.56
CA UNK B 675 59.05 25.33 -5.60
C UNK B 675 57.65 25.58 -6.16
N UNK B 676 56.71 24.72 -5.81
CA UNK B 676 55.32 24.81 -6.28
C UNK B 676 54.77 26.21 -6.44
N UNK B 677 54.15 26.44 -7.60
CA UNK B 677 53.53 27.73 -7.93
C UNK B 677 52.93 28.27 -6.64
N UNK B 678 52.99 29.59 -6.50
CA UNK B 678 52.48 30.29 -5.32
C UNK B 678 52.63 29.45 -4.06
N UNK B 679 51.74 28.48 -3.90
CA UNK B 679 51.76 27.60 -2.75
C UNK B 679 53.16 27.43 -2.13
N UNK B 680 53.98 26.56 -2.71
CA UNK B 680 55.32 26.30 -2.18
C UNK B 680 56.11 27.57 -2.00
N UNK B 681 55.79 28.54 -2.83
CA UNK B 681 56.47 29.83 -2.79
C UNK B 681 55.89 30.74 -1.71
N UNK B 682 54.73 31.32 -1.99
CA UNK B 682 54.04 32.22 -1.08
C UNK B 682 54.27 31.86 0.38
N UNK B 683 54.27 30.55 0.68
CA UNK B 683 54.50 30.09 2.04
C UNK B 683 55.97 30.35 2.41
N UNK B 684 56.88 29.87 1.57
CA UNK B 684 58.30 30.05 1.82
C UNK B 684 58.63 31.54 1.80
N UNK B 685 57.96 32.30 0.92
CA UNK B 685 58.16 33.75 0.79
C UNK B 685 57.65 34.56 1.99
N UNK B 686 56.32 34.66 2.12
CA UNK B 686 55.67 35.41 3.20
C UNK B 686 56.26 35.21 4.61
N UNK B 687 56.30 33.97 5.10
CA UNK B 687 56.85 33.69 6.43
C UNK B 687 58.32 33.35 6.31
N UNK B 688 59.13 33.93 7.19
CA UNK B 688 60.57 33.70 7.18
C UNK B 688 61.18 34.17 5.86
N UNK B 689 61.99 35.22 5.90
CA UNK B 689 62.59 35.74 4.68
C UNK B 689 63.78 36.68 4.85
N UNK B 690 64.08 37.40 3.77
CA UNK B 690 65.16 38.37 3.67
C UNK B 690 65.13 39.05 2.30
N UNK B 691 64.52 38.36 1.33
CA UNK B 691 64.36 38.80 -0.06
C UNK B 691 65.36 38.03 -0.90
N UNK B 692 64.93 37.67 -2.11
CA UNK B 692 65.74 36.92 -3.08
C UNK B 692 65.59 35.40 -2.92
N UNK B 693 64.45 34.85 -3.32
CA UNK B 693 64.22 33.42 -3.24
C UNK B 693 65.06 32.75 -4.31
N UNK B 694 65.83 31.73 -3.92
CA UNK B 694 66.69 31.07 -4.88
C UNK B 694 65.97 30.10 -5.83
N UNK B 695 64.98 30.62 -6.53
CA UNK B 695 64.23 29.82 -7.51
C UNK B 695 65.20 29.51 -8.67
N UNK B 696 66.13 28.57 -8.43
CA UNK B 696 67.12 28.16 -9.41
C UNK B 696 66.54 27.37 -10.59
N UNK B 697 65.74 28.02 -11.45
CA UNK B 697 65.11 27.38 -12.63
C UNK B 697 66.16 26.59 -13.43
N UNK B 698 65.72 25.78 -14.40
CA UNK B 698 66.65 24.97 -15.21
C UNK B 698 66.06 24.25 -16.45
N UNK B 699 64.88 24.69 -16.88
CA UNK B 699 64.20 24.16 -18.05
C UNK B 699 63.36 25.29 -18.64
N UNK B 700 63.25 25.32 -19.97
CA UNK B 700 62.48 26.39 -20.62
C UNK B 700 61.25 26.71 -19.76
N UNK B 701 60.52 25.67 -19.39
CA UNK B 701 59.34 25.84 -18.56
C UNK B 701 59.79 26.38 -17.20
N UNK B 702 60.79 25.75 -16.60
CA UNK B 702 61.33 26.13 -15.29
C UNK B 702 61.56 27.62 -15.14
N UNK B 703 61.73 28.29 -16.26
CA UNK B 703 61.94 29.73 -16.26
C UNK B 703 60.58 30.36 -15.98
N UNK B 704 59.67 30.24 -16.95
CA UNK B 704 58.31 30.77 -16.85
C UNK B 704 57.72 30.29 -15.54
N UNK B 705 58.32 29.23 -14.99
CA UNK B 705 57.90 28.64 -13.72
C UNK B 705 58.31 29.59 -12.60
N UNK B 706 59.59 29.95 -12.60
CA UNK B 706 60.10 30.89 -11.60
C UNK B 706 59.49 32.23 -11.99
N UNK B 707 59.36 32.44 -13.29
CA UNK B 707 58.78 33.66 -13.85
C UNK B 707 57.45 33.91 -13.19
N UNK B 708 56.48 33.06 -13.47
CA UNK B 708 55.14 33.19 -12.90
C UNK B 708 55.24 33.27 -11.37
N UNK B 709 56.28 32.64 -10.80
CA UNK B 709 56.49 32.65 -9.35
C UNK B 709 56.69 34.10 -8.90
N UNK B 710 57.03 34.94 -9.88
CA UNK B 710 57.28 36.35 -9.68
C UNK B 710 56.02 37.17 -9.42
N UNK B 711 54.86 36.61 -9.71
CA UNK B 711 53.63 37.35 -9.44
C UNK B 711 53.70 37.50 -7.92
N UNK B 712 53.09 38.55 -7.39
CA UNK B 712 53.15 38.84 -5.95
C UNK B 712 54.59 39.35 -5.79
N UNK B 713 55.05 40.13 -6.77
CA UNK B 713 56.41 40.72 -6.85
C UNK B 713 56.66 42.04 -6.11
N UNK B 714 56.74 41.95 -4.80
CA UNK B 714 57.02 43.11 -3.95
C UNK B 714 58.23 42.71 -3.15
N UNK B 715 58.78 41.52 -3.47
CA UNK B 715 59.97 40.98 -2.81
C UNK B 715 60.99 40.60 -3.87
N UNK B 716 62.14 40.11 -3.41
CA UNK B 716 63.23 39.75 -4.31
C UNK B 716 63.23 38.33 -4.85
N UNK B 717 63.63 38.21 -6.12
CA UNK B 717 63.71 36.92 -6.80
C UNK B 717 65.17 36.70 -7.20
N UNK B 718 65.55 35.46 -7.54
CA UNK B 718 66.92 35.15 -7.89
C UNK B 718 67.13 33.97 -8.87
N UNK B 719 66.87 34.18 -10.16
CA UNK B 719 67.03 33.11 -11.19
C UNK B 719 68.40 32.39 -11.22
N UNK B 720 68.77 31.88 -12.39
CA UNK B 720 70.04 31.16 -12.58
C UNK B 720 70.08 30.21 -13.82
N UNK B 721 69.58 30.69 -14.97
CA UNK B 721 69.48 29.94 -16.25
C UNK B 721 70.50 28.86 -16.57
N UNK B 722 71.27 28.45 -15.55
CA UNK B 722 72.30 27.41 -15.62
C UNK B 722 71.89 26.24 -16.51
N UNK B 723 72.85 25.36 -16.81
CA UNK B 723 72.60 24.19 -17.68
C UNK B 723 73.78 23.21 -17.73
N UNK B 724 73.97 22.57 -18.89
CA UNK B 724 75.04 21.58 -19.12
C UNK B 724 76.38 22.02 -18.55
N UNK B 725 76.57 21.84 -17.23
CA UNK B 725 77.82 22.25 -16.61
C UNK B 725 78.31 21.45 -15.41
N UNK B 726 78.59 22.17 -14.32
CA UNK B 726 79.10 21.57 -13.07
C UNK B 726 78.16 21.46 -11.86
N UNK B 727 77.88 20.20 -11.48
CA UNK B 727 77.01 19.75 -10.37
C UNK B 727 76.12 18.57 -10.84
N UNK B 728 74.80 18.80 -10.92
CA UNK B 728 73.84 17.79 -11.40
C UNK B 728 73.36 18.26 -12.78
N UNK B 729 74.11 17.83 -13.80
CA UNK B 729 73.91 18.17 -15.21
C UNK B 729 72.49 18.27 -15.75
N UNK B 730 71.86 19.44 -15.56
CA UNK B 730 70.51 19.69 -16.06
C UNK B 730 70.61 19.70 -17.59
N UNK B 731 70.70 18.51 -18.18
CA UNK B 731 70.84 18.30 -19.62
C UNK B 731 69.85 18.96 -20.57
N UNK B 732 69.43 20.19 -20.26
CA UNK B 732 68.50 20.91 -21.12
C UNK B 732 69.19 22.12 -21.75
N UNK B 733 69.89 21.89 -22.87
CA UNK B 733 70.62 22.93 -23.62
C UNK B 733 71.79 23.58 -22.86
N UNK B 734 72.21 24.75 -23.31
CA UNK B 734 73.31 25.45 -22.66
C UNK B 734 73.02 26.94 -22.68
N UNK B 735 73.16 27.51 -23.86
CA UNK B 735 72.92 28.93 -24.07
C UNK B 735 71.52 29.11 -24.69
N UNK B 736 71.10 28.15 -25.51
CA UNK B 736 69.78 28.22 -26.15
C UNK B 736 68.73 28.51 -25.08
N UNK B 737 69.11 28.23 -23.83
CA UNK B 737 68.28 28.41 -22.66
C UNK B 737 67.69 29.81 -22.54
N UNK B 738 68.20 30.56 -21.57
CA UNK B 738 67.74 31.92 -21.31
C UNK B 738 67.54 32.66 -22.63
N UNK B 739 68.26 32.25 -23.67
CA UNK B 739 68.15 32.88 -24.97
C UNK B 739 66.71 33.20 -25.32
N UNK B 740 65.95 32.18 -25.66
CA UNK B 740 64.53 32.34 -26.02
C UNK B 740 63.72 33.02 -24.90
N UNK B 741 63.49 32.29 -23.82
CA UNK B 741 62.71 32.81 -22.70
C UNK B 741 63.40 33.94 -21.94
N UNK B 742 64.17 34.74 -22.67
CA UNK B 742 64.85 35.87 -22.06
C UNK B 742 63.95 37.08 -22.23
N UNK B 743 63.52 37.25 -23.49
CA UNK B 743 62.66 38.36 -23.89
C UNK B 743 61.67 38.77 -22.80
N UNK B 744 60.99 37.79 -22.23
CA UNK B 744 60.00 38.05 -21.19
C UNK B 744 60.58 37.89 -19.80
N UNK B 745 61.77 37.29 -19.73
CA UNK B 745 62.42 37.09 -18.44
C UNK B 745 62.48 38.46 -17.81
N UNK B 746 62.20 39.47 -18.64
CA UNK B 746 62.20 40.89 -18.27
C UNK B 746 60.91 41.43 -17.64
N UNK B 747 60.85 41.27 -16.33
CA UNK B 747 59.74 41.71 -15.49
C UNK B 747 60.42 41.97 -14.15
N UNK B 748 60.44 43.23 -13.72
CA UNK B 748 61.07 43.63 -12.48
C UNK B 748 60.75 42.68 -11.33
N UNK B 749 61.65 42.66 -10.34
CA UNK B 749 61.55 41.80 -9.16
C UNK B 749 62.35 40.52 -9.45
N UNK B 750 62.59 40.28 -10.73
CA UNK B 750 63.33 39.11 -11.20
C UNK B 750 64.80 39.49 -11.35
N UNK B 751 65.62 39.13 -10.37
CA UNK B 751 67.05 39.41 -10.44
C UNK B 751 67.68 38.17 -11.11
N UNK B 752 68.44 38.34 -12.21
CA UNK B 752 69.05 37.22 -12.92
C UNK B 752 70.43 36.78 -12.38
N UNK B 753 71.32 36.31 -13.27
CA UNK B 753 72.69 35.88 -12.89
C UNK B 753 73.28 34.66 -13.64
N UNK B 754 73.17 34.62 -14.98
CA UNK B 754 73.67 33.49 -15.79
C UNK B 754 74.87 32.77 -15.14
N UNK B 755 75.02 31.46 -15.41
CA UNK B 755 76.14 30.69 -14.81
C UNK B 755 76.65 29.47 -15.62
N UNK B 756 76.68 28.31 -14.96
CA UNK B 756 77.14 27.03 -15.53
C UNK B 756 78.56 26.68 -15.09
N UNK B 757 79.50 27.45 -15.62
CA UNK B 757 80.91 27.27 -15.32
C UNK B 757 81.65 28.21 -16.26
N UNK B 758 82.43 29.13 -15.72
CA UNK B 758 83.14 30.09 -16.54
C UNK B 758 84.44 30.59 -15.92
N UNK B 759 85.41 30.91 -16.77
CA UNK B 759 86.70 31.43 -16.31
C UNK B 759 86.49 32.85 -15.80
N UNK B 760 86.92 33.12 -14.58
CA UNK B 760 86.76 34.44 -13.93
C UNK B 760 86.81 35.67 -14.84
N UNK B 761 87.90 36.42 -14.75
CA UNK B 761 88.08 37.62 -15.54
C UNK B 761 87.48 37.57 -16.95
N UNK B 762 88.26 37.05 -17.90
CA UNK B 762 87.83 36.93 -19.30
C UNK B 762 86.76 35.87 -19.52
N UNK B 763 85.52 36.34 -19.68
CA UNK B 763 84.31 35.53 -19.88
C UNK B 763 83.32 36.10 -18.89
N UNK B 764 83.85 36.72 -17.85
CA UNK B 764 83.06 37.34 -16.79
C UNK B 764 82.12 38.37 -17.40
N UNK B 765 82.66 39.55 -17.63
CA UNK B 765 81.90 40.67 -18.19
C UNK B 765 81.26 40.33 -19.54
N UNK B 766 81.79 39.32 -20.24
CA UNK B 766 81.23 38.93 -21.53
C UNK B 766 79.71 38.89 -21.41
N UNK B 767 79.26 38.67 -20.17
CA UNK B 767 77.83 38.61 -19.80
C UNK B 767 77.29 39.99 -19.44
N UNK B 768 77.97 40.69 -18.54
CA UNK B 768 77.55 42.03 -18.15
C UNK B 768 77.74 42.94 -19.36
N UNK B 769 78.04 42.31 -20.50
CA UNK B 769 78.27 42.99 -21.77
C UNK B 769 77.27 42.59 -22.85
N UNK B 770 77.81 42.06 -23.96
CA UNK B 770 76.99 41.64 -25.09
C UNK B 770 76.86 40.13 -25.24
N UNK B 771 75.96 39.54 -24.44
CA UNK B 771 75.71 38.11 -24.51
C UNK B 771 74.75 37.85 -25.66
N UNK B 772 75.15 38.21 -26.88
CA UNK B 772 74.32 38.02 -28.06
C UNK B 772 75.04 38.03 -29.40
N UNK B 773 75.35 36.84 -29.88
CA UNK B 773 76.01 36.67 -31.17
C UNK B 773 74.99 35.97 -32.08
N UNK B 774 73.75 36.47 -32.10
CA UNK B 774 72.66 35.92 -32.91
C UNK B 774 71.60 36.98 -33.28
N UNK B 775 71.38 37.91 -32.35
CA UNK B 775 70.43 39.02 -32.52
C UNK B 775 70.35 39.70 -31.16
N UNK B 776 69.67 40.84 -31.07
CA UNK B 776 69.51 41.60 -29.82
C UNK B 776 70.79 41.64 -28.98
N UNK B 777 70.77 42.40 -27.89
CA UNK B 777 71.96 42.54 -27.04
C UNK B 777 72.04 41.55 -25.88
N UNK B 778 71.27 41.82 -24.84
CA UNK B 778 71.23 40.98 -23.63
C UNK B 778 72.35 41.33 -22.66
N UNK B 779 72.09 41.11 -21.38
CA UNK B 779 73.05 41.38 -20.33
C UNK B 779 72.58 40.65 -19.08
N UNK B 780 73.46 40.50 -18.08
CA UNK B 780 73.10 39.81 -16.84
C UNK B 780 72.92 40.79 -15.66
N UNK B 781 72.89 40.27 -14.43
CA UNK B 781 72.73 41.09 -13.25
C UNK B 781 73.72 40.65 -12.15
N UNK B 782 74.62 39.73 -12.53
CA UNK B 782 75.65 39.18 -11.64
C UNK B 782 76.36 37.98 -12.29
N UNK B 783 77.20 37.29 -11.52
CA UNK B 783 77.90 36.12 -12.03
C UNK B 783 78.34 35.19 -10.89
N UNK B 784 77.87 33.94 -10.97
CA UNK B 784 78.14 32.89 -9.99
C UNK B 784 78.91 31.72 -10.64
N UNK B 785 79.96 31.23 -9.97
CA UNK B 785 80.79 30.12 -10.49
C UNK B 785 80.39 28.69 -10.08
N UNK B 786 79.99 27.88 -11.08
CA UNK B 786 79.57 26.48 -10.88
C UNK B 786 80.68 25.52 -11.30
N UNK B 787 81.61 25.34 -10.38
CA UNK B 787 82.80 24.50 -10.49
C UNK B 787 83.76 25.27 -9.59
N UNK B 788 83.32 26.51 -9.34
CA UNK B 788 83.97 27.54 -8.53
C UNK B 788 85.30 27.26 -7.84
N UNK B 789 85.37 27.67 -6.58
CA UNK B 789 86.54 27.53 -5.73
C UNK B 789 86.88 26.08 -5.41
N UNK B 790 86.52 25.18 -6.33
CA UNK B 790 86.74 23.74 -6.13
C UNK B 790 88.16 23.31 -5.73
N UNK B 791 89.17 24.12 -6.03
CA UNK B 791 90.55 23.77 -5.68
C UNK B 791 91.11 24.63 -4.56
N UNK B 792 90.49 25.79 -4.34
CA UNK B 792 90.90 26.76 -3.32
C UNK B 792 91.13 26.24 -1.89
N UNK B 793 91.21 27.18 -0.96
CA UNK B 793 91.42 26.87 0.45
C UNK B 793 90.13 26.27 1.05
N UNK B 794 89.66 25.17 0.45
CA UNK B 794 88.42 24.51 0.87
C UNK B 794 88.35 22.96 0.74
N UNK B 795 88.43 22.45 -0.51
CA UNK B 795 88.35 21.02 -0.83
C UNK B 795 89.15 19.98 -0.02
N UNK B 796 90.02 19.24 -0.71
CA UNK B 796 90.83 18.21 -0.06
C UNK B 796 92.25 18.02 -0.62
N UNK B 797 93.14 17.48 0.23
CA UNK B 797 94.56 17.22 -0.08
C UNK B 797 94.87 16.84 -1.53
N UNK B 798 95.38 15.63 -1.73
CA UNK B 798 95.71 15.16 -3.08
C UNK B 798 94.45 15.22 -3.95
N UNK B 799 93.38 15.75 -3.37
CA UNK B 799 92.10 15.89 -4.04
C UNK B 799 92.15 17.09 -4.97
N UNK B 800 92.02 18.29 -4.39
CA UNK B 800 92.06 19.53 -5.16
C UNK B 800 93.12 19.34 -6.23
N UNK B 801 94.16 18.59 -5.88
CA UNK B 801 95.26 18.30 -6.80
C UNK B 801 94.69 17.62 -8.03
N UNK B 802 94.15 16.43 -7.83
CA UNK B 802 93.56 15.68 -8.93
C UNK B 802 92.44 16.51 -9.55
N UNK B 803 92.05 17.58 -8.87
CA UNK B 803 90.97 18.46 -9.32
C UNK B 803 91.36 19.46 -10.41
N UNK B 804 92.54 19.27 -11.01
CA UNK B 804 93.00 20.16 -12.06
C UNK B 804 93.20 19.38 -13.35
N UNK B 805 92.17 19.34 -14.18
CA UNK B 805 92.25 18.63 -15.47
C UNK B 805 91.78 19.62 -16.53
N UNK B 806 91.84 19.20 -17.79
CA UNK B 806 91.45 20.06 -18.90
C UNK B 806 90.18 19.62 -19.64
N UNK B 807 89.31 20.58 -19.96
CA UNK B 807 88.05 20.32 -20.67
C UNK B 807 87.64 21.44 -21.62
N UNK B 808 87.03 21.06 -22.73
CA UNK B 808 86.59 22.00 -23.77
C UNK B 808 85.69 23.16 -23.33
N UNK B 809 84.96 23.69 -24.31
CA UNK B 809 84.04 24.81 -24.08
C UNK B 809 82.63 24.44 -24.55
N UNK B 810 81.65 25.27 -24.19
CA UNK B 810 80.24 25.04 -24.54
C UNK B 810 79.94 24.99 -26.04
N UNK B 811 80.68 24.14 -26.75
CA UNK B 811 80.51 23.96 -28.20
C UNK B 811 80.61 22.47 -28.49
N UNK B 812 81.79 21.91 -28.23
CA UNK B 812 82.03 20.50 -28.42
C UNK B 812 81.98 19.86 -27.04
N UNK B 813 81.57 20.67 -26.06
CA UNK B 813 81.46 20.22 -24.68
C UNK B 813 80.00 20.33 -24.24
N UNK B 814 79.72 20.16 -22.95
CA UNK B 814 78.35 20.19 -22.41
C UNK B 814 77.64 19.03 -23.05
N UNK B 815 77.55 19.07 -24.38
CA UNK B 815 76.93 18.03 -25.18
C UNK B 815 77.99 17.00 -25.64
N UNK B 816 78.93 16.66 -24.76
CA UNK B 816 79.99 15.70 -25.06
C UNK B 816 80.57 15.12 -23.77
N UNK B 817 79.83 15.32 -22.67
CA UNK B 817 80.23 14.84 -21.36
C UNK B 817 79.65 13.44 -21.10
N UNK B 818 78.41 13.24 -21.53
CA UNK B 818 77.69 11.96 -21.36
C UNK B 818 78.63 10.76 -21.48
N UNK B 819 78.92 10.34 -22.71
CA UNK B 819 79.80 9.19 -22.95
C UNK B 819 81.28 9.59 -23.10
N UNK B 820 82.15 8.60 -23.29
CA UNK B 820 83.60 8.80 -23.46
C UNK B 820 84.16 10.04 -22.74
N UNK B 821 84.49 9.87 -21.47
CA UNK B 821 85.01 10.95 -20.63
C UNK B 821 85.95 11.95 -21.32
N UNK B 822 85.50 13.20 -21.44
CA UNK B 822 86.29 14.26 -22.05
C UNK B 822 86.84 15.10 -20.92
N UNK B 823 87.26 14.41 -19.86
CA UNK B 823 87.82 14.99 -18.62
C UNK B 823 86.73 15.02 -17.52
N UNK B 824 85.72 14.18 -17.70
CA UNK B 824 84.58 14.06 -16.79
C UNK B 824 83.52 13.14 -17.41
N UNK B 825 82.28 13.21 -16.97
CA UNK B 825 81.22 12.39 -17.54
C UNK B 825 79.85 12.61 -16.89
N UNK B 826 79.26 11.50 -16.47
CA UNK B 826 77.94 11.49 -15.81
C UNK B 826 77.40 10.06 -15.71
N UNK B 827 76.57 9.83 -14.70
CA UNK B 827 75.94 8.53 -14.47
C UNK B 827 74.52 8.74 -13.96
N UNK B 828 74.26 8.37 -12.70
CA UNK B 828 72.92 8.54 -12.12
C UNK B 828 72.78 8.05 -10.67
N UNK B 829 72.07 8.82 -9.85
CA UNK B 829 71.85 8.49 -8.44
C UNK B 829 70.35 8.36 -8.22
N UNK B 830 69.87 7.14 -8.04
CA UNK B 830 68.45 6.88 -7.86
C UNK B 830 67.79 7.19 -9.20
N UNK B 831 68.62 7.22 -10.24
CA UNK B 831 68.22 7.48 -11.63
C UNK B 831 68.26 8.96 -12.09
N UNK B 832 69.34 9.68 -11.73
CA UNK B 832 69.46 11.09 -12.12
C UNK B 832 70.40 11.27 -13.32
N UNK B 833 71.38 12.16 -13.18
CA UNK B 833 72.34 12.42 -14.23
C UNK B 833 73.34 13.53 -13.86
N UNK B 834 74.16 13.29 -12.83
CA UNK B 834 75.15 14.27 -12.38
C UNK B 834 76.48 14.09 -13.11
N UNK B 835 77.09 15.22 -13.50
CA UNK B 835 78.35 15.22 -14.22
C UNK B 835 79.55 15.62 -13.34
N UNK B 836 80.38 14.63 -13.01
CA UNK B 836 81.58 14.80 -12.20
C UNK B 836 82.73 14.27 -13.06
N UNK B 837 83.87 14.01 -12.46
CA UNK B 837 85.00 13.49 -13.22
C UNK B 837 85.87 12.68 -12.29
N UNK B 838 86.29 11.49 -12.76
CA UNK B 838 87.15 10.64 -11.95
C UNK B 838 87.68 9.40 -12.64
N UNK B 839 88.50 8.68 -11.89
CA UNK B 839 89.15 7.44 -12.32
C UNK B 839 88.23 6.25 -12.04
N UNK B 840 88.13 5.88 -10.76
CA UNK B 840 87.28 4.78 -10.36
C UNK B 840 85.86 5.13 -10.82
N UNK B 841 85.54 6.42 -10.81
CA UNK B 841 84.23 6.88 -11.23
C UNK B 841 83.82 6.26 -12.56
N UNK B 842 84.75 6.17 -13.50
CA UNK B 842 84.43 5.57 -14.81
C UNK B 842 83.77 4.20 -14.63
N UNK B 843 83.76 3.70 -13.39
CA UNK B 843 83.16 2.41 -13.08
C UNK B 843 81.69 2.58 -12.70
N UNK B 844 81.38 3.52 -11.81
CA UNK B 844 79.99 3.76 -11.42
C UNK B 844 79.23 4.26 -12.63
N UNK B 845 79.83 4.00 -13.79
CA UNK B 845 79.27 4.37 -15.09
C UNK B 845 79.26 3.10 -15.94
N UNK B 846 80.12 2.14 -15.59
CA UNK B 846 80.20 0.86 -16.29
C UNK B 846 79.28 -0.12 -15.54
N UNK B 847 79.47 -0.22 -14.22
CA UNK B 847 78.64 -1.08 -13.36
C UNK B 847 77.37 -0.27 -13.09
N UNK B 848 77.14 0.71 -13.96
CA UNK B 848 75.98 1.59 -13.92
C UNK B 848 75.40 1.53 -15.32
N UNK B 849 76.20 0.96 -16.22
CA UNK B 849 75.80 0.81 -17.60
C UNK B 849 75.24 -0.59 -17.80
N UNK B 850 75.93 -1.58 -17.24
CA UNK B 850 75.52 -2.97 -17.37
C UNK B 850 74.64 -3.41 -16.20
N UNK B 851 75.26 -3.60 -15.03
CA UNK B 851 74.52 -4.04 -13.86
C UNK B 851 73.42 -3.05 -13.44
N UNK B 852 73.78 -2.11 -12.57
CA UNK B 852 72.86 -1.09 -12.02
C UNK B 852 71.61 -0.66 -12.80
N UNK B 853 71.48 -1.09 -14.05
CA UNK B 853 70.31 -0.70 -14.84
C UNK B 853 69.95 -1.67 -15.98
N UNK B 854 69.70 -2.93 -15.61
CA UNK B 854 69.29 -3.95 -16.57
C UNK B 854 67.81 -4.23 -16.28
N UNK B 855 67.28 -5.36 -16.75
CA UNK B 855 65.89 -5.69 -16.47
C UNK B 855 65.77 -6.10 -15.00
N UNK B 856 64.92 -5.41 -14.24
CA UNK B 856 64.73 -5.68 -12.79
C UNK B 856 64.61 -7.15 -12.38
N UNK B 857 64.04 -7.97 -13.26
CA UNK B 857 63.89 -9.40 -13.00
C UNK B 857 64.95 -10.12 -13.86
N UNK B 858 66.21 -9.75 -13.65
CA UNK B 858 67.36 -10.31 -14.35
C UNK B 858 68.68 -9.78 -13.76
N UNK B 859 68.65 -8.57 -13.19
CA UNK B 859 69.83 -7.93 -12.60
C UNK B 859 70.29 -8.61 -11.32
N UNK B 860 69.40 -9.43 -10.75
CA UNK B 860 69.73 -10.16 -9.55
C UNK B 860 70.23 -11.51 -10.02
N UNK B 861 69.82 -11.89 -11.23
CA UNK B 861 70.24 -13.14 -11.82
C UNK B 861 71.57 -12.90 -12.51
N UNK B 862 71.92 -11.62 -12.65
CA UNK B 862 73.16 -11.22 -13.27
C UNK B 862 74.11 -10.73 -12.18
N UNK B 863 73.59 -10.02 -11.19
CA UNK B 863 74.42 -9.51 -10.11
C UNK B 863 75.33 -10.63 -9.64
N UNK B 864 74.75 -11.75 -9.22
CA UNK B 864 75.55 -12.88 -8.76
C UNK B 864 76.12 -13.63 -9.95
N UNK B 865 75.67 -13.27 -11.14
CA UNK B 865 76.15 -13.92 -12.36
C UNK B 865 77.66 -13.69 -12.46
N UNK B 866 78.07 -12.52 -12.94
CA UNK B 866 79.49 -12.21 -13.05
C UNK B 866 79.88 -11.53 -11.75
N UNK B 867 79.77 -12.27 -10.66
CA UNK B 867 80.07 -11.76 -9.32
C UNK B 867 81.57 -11.55 -9.02
N UNK B 868 82.34 -12.64 -9.04
CA UNK B 868 83.78 -12.55 -8.75
C UNK B 868 84.43 -11.30 -9.33
N UNK B 869 84.18 -11.01 -10.61
CA UNK B 869 84.73 -9.84 -11.30
C UNK B 869 84.18 -8.54 -10.72
N UNK B 870 82.91 -8.57 -10.35
CA UNK B 870 82.24 -7.41 -9.77
C UNK B 870 82.87 -7.21 -8.40
N UNK B 871 83.80 -8.08 -8.06
CA UNK B 871 84.50 -8.01 -6.79
C UNK B 871 85.90 -7.42 -6.96
N UNK B 872 86.67 -7.96 -7.92
CA UNK B 872 88.03 -7.49 -8.17
C UNK B 872 88.05 -5.97 -8.32
N UNK B 873 87.30 -5.45 -9.30
CA UNK B 873 87.23 -4.01 -9.56
C UNK B 873 86.54 -3.27 -8.42
N UNK B 874 85.65 -3.95 -7.71
CA UNK B 874 84.92 -3.36 -6.58
C UNK B 874 85.91 -3.12 -5.45
N UNK B 875 86.82 -4.07 -5.27
CA UNK B 875 87.84 -3.96 -4.25
C UNK B 875 89.12 -3.52 -4.98
N UNK B 876 89.21 -2.22 -5.22
CA UNK B 876 90.33 -1.56 -5.90
C UNK B 876 89.77 -0.39 -6.69
N UNK B 877 89.10 0.54 -5.99
CA UNK B 877 88.51 1.73 -6.61
C UNK B 877 87.39 2.38 -5.77
N UNK B 878 86.14 2.24 -6.23
CA UNK B 878 84.93 2.81 -5.59
C UNK B 878 85.12 3.61 -4.30
N UNK B 879 84.97 2.94 -3.17
CA UNK B 879 85.13 3.54 -1.85
C UNK B 879 84.66 2.48 -0.85
N UNK B 880 84.64 1.22 -1.31
CA UNK B 880 84.22 0.10 -0.49
C UNK B 880 84.59 -1.23 -1.17
N UNK B 881 84.55 -2.31 -0.41
CA UNK B 881 84.86 -3.65 -0.93
C UNK B 881 84.11 -4.74 -0.11
N UNK B 882 83.82 -5.88 -0.76
CA UNK B 882 83.09 -7.00 -0.13
C UNK B 882 83.81 -7.43 1.15
N UNK B 883 83.81 -6.55 2.15
CA UNK B 883 84.48 -6.78 3.43
C UNK B 883 85.28 -8.07 3.37
N UNK B 884 86.38 -8.02 2.60
CA UNK B 884 87.33 -9.12 2.39
C UNK B 884 88.74 -8.71 2.85
N UNK B 885 89.51 -9.70 3.35
CA UNK B 885 90.88 -9.49 3.87
C UNK B 885 91.91 -10.45 3.27
N UNK B 886 92.92 -9.86 2.64
CA UNK B 886 93.99 -10.61 1.99
C UNK B 886 93.52 -11.08 0.60
N UNK B 887 93.28 -12.39 0.46
CA UNK B 887 92.84 -12.97 -0.83
C UNK B 887 91.54 -12.39 -1.38
N UNK B 888 90.42 -12.75 -0.74
CA UNK B 888 89.07 -12.31 -1.11
C UNK B 888 88.03 -13.39 -0.81
N UNK B 889 87.22 -13.20 0.24
CA UNK B 889 86.22 -14.19 0.61
C UNK B 889 84.79 -13.64 0.81
N UNK B 890 83.86 -14.53 1.13
CA UNK B 890 82.44 -14.21 1.34
C UNK B 890 82.01 -13.89 2.79
N UNK B 891 81.01 -13.01 2.92
CA UNK B 891 80.51 -12.54 4.21
C UNK B 891 80.50 -13.54 5.35
N UNK B 892 80.18 -14.80 5.05
CA UNK B 892 80.14 -15.85 6.07
C UNK B 892 81.33 -16.79 5.97
N UNK B 893 82.08 -16.67 4.89
CA UNK B 893 83.27 -17.48 4.73
C UNK B 893 84.23 -17.04 5.83
N UNK B 894 84.23 -15.72 6.10
CA UNK B 894 85.07 -15.07 7.12
C UNK B 894 85.11 -15.79 8.48
N UNK B 895 85.81 -15.19 9.45
CA UNK B 895 85.91 -15.75 10.80
C UNK B 895 85.46 -14.69 11.79
N UNK B 896 84.45 -15.01 12.61
CA UNK B 896 83.90 -14.05 13.57
C UNK B 896 84.91 -13.01 14.06
N UNK B 897 86.00 -13.45 14.68
CA UNK B 897 87.02 -12.52 15.17
C UNK B 897 87.73 -11.97 13.94
N UNK B 898 88.02 -12.84 12.97
CA UNK B 898 88.69 -12.43 11.73
C UNK B 898 87.85 -11.40 10.97
N UNK B 899 86.60 -11.74 10.70
CA UNK B 899 85.69 -10.84 9.99
C UNK B 899 85.44 -9.58 10.82
N UNK B 900 86.12 -9.46 11.95
CA UNK B 900 86.01 -8.32 12.83
C UNK B 900 87.30 -7.51 12.73
N UNK B 901 88.30 -8.11 12.10
CA UNK B 901 89.59 -7.46 11.90
C UNK B 901 89.40 -6.37 10.88
N UNK B 902 89.02 -6.76 9.66
CA UNK B 902 88.81 -5.79 8.59
C UNK B 902 87.72 -4.84 9.07
N UNK B 903 86.91 -5.30 10.03
CA UNK B 903 85.83 -4.51 10.61
C UNK B 903 86.46 -3.33 11.35
N UNK B 904 87.73 -3.49 11.69
CA UNK B 904 88.51 -2.47 12.38
C UNK B 904 89.46 -1.85 11.36
N UNK B 905 90.12 -2.70 10.57
CA UNK B 905 91.06 -2.27 9.53
C UNK B 905 90.47 -1.13 8.72
N UNK B 906 89.49 -1.44 7.87
CA UNK B 906 88.85 -0.41 7.04
C UNK B 906 87.95 0.49 7.90
N UNK B 907 88.24 0.55 9.20
CA UNK B 907 87.44 1.34 10.14
C UNK B 907 88.18 2.48 10.87
N UNK B 908 89.23 2.17 11.63
CA UNK B 908 90.00 3.19 12.38
C UNK B 908 91.10 3.82 11.51
N UNK B 909 91.23 5.14 11.56
CA UNK B 909 92.23 5.85 10.76
C UNK B 909 93.43 6.38 11.57
N UNK B 910 94.31 7.12 10.91
CA UNK B 910 95.50 7.69 11.53
C UNK B 910 95.18 8.29 12.91
N UNK B 911 94.24 9.22 12.95
CA UNK B 911 93.83 9.85 14.20
C UNK B 911 93.24 8.82 15.16
N UNK B 912 92.01 8.36 14.88
CA UNK B 912 91.30 7.35 15.69
C UNK B 912 89.78 7.26 15.45
N UNK B 913 89.35 6.43 14.51
CA UNK B 913 87.92 6.26 14.18
C UNK B 913 87.31 7.59 13.66
N UNK B 914 86.91 7.59 12.39
CA UNK B 914 86.36 8.78 11.72
C UNK B 914 84.96 9.32 12.09
N UNK B 915 84.18 8.57 12.86
CA UNK B 915 82.83 8.99 13.29
C UNK B 915 82.18 7.96 14.21
N UNK B 916 82.03 8.32 15.48
CA UNK B 916 81.43 7.46 16.50
C UNK B 916 80.48 6.41 15.94
N UNK B 917 79.74 6.82 14.90
CA UNK B 917 78.79 5.95 14.23
C UNK B 917 79.54 4.77 13.64
N UNK B 918 80.37 5.03 12.62
CA UNK B 918 81.15 3.98 11.96
C UNK B 918 81.99 3.21 12.99
N UNK B 919 81.87 3.62 14.26
CA UNK B 919 82.60 3.02 15.39
C UNK B 919 81.65 2.24 16.31
N UNK B 920 80.60 2.93 16.76
CA UNK B 920 79.61 2.31 17.64
C UNK B 920 79.20 0.91 17.14
N UNK B 921 79.29 0.70 15.83
CA UNK B 921 78.95 -0.60 15.21
C UNK B 921 80.14 -1.54 15.32
N UNK B 922 81.07 -1.20 16.22
CA UNK B 922 82.24 -2.02 16.48
C UNK B 922 81.78 -2.88 17.66
N UNK B 923 81.02 -2.26 18.56
CA UNK B 923 80.42 -2.94 19.73
C UNK B 923 79.30 -3.71 19.03
N UNK B 924 79.74 -4.54 18.10
CA UNK B 924 78.86 -5.33 17.28
C UNK B 924 79.54 -6.65 16.99
N UNK B 925 79.95 -6.87 15.73
CA UNK B 925 80.59 -8.12 15.30
C UNK B 925 81.50 -8.56 16.41
N UNK B 926 81.83 -7.58 17.27
CA UNK B 926 82.66 -7.76 18.45
C UNK B 926 81.79 -7.83 19.71
N UNK B 927 81.30 -6.69 20.18
CA UNK B 927 80.47 -6.65 21.41
C UNK B 927 79.57 -7.86 21.58
N UNK B 928 78.95 -8.28 20.47
CA UNK B 928 78.06 -9.43 20.47
C UNK B 928 78.85 -10.70 20.35
N UNK B 929 79.86 -10.69 19.47
CA UNK B 929 80.69 -11.87 19.30
C UNK B 929 81.04 -12.31 20.71
N UNK B 930 80.92 -11.37 21.64
CA UNK B 930 81.18 -11.63 23.05
C UNK B 930 80.05 -12.54 23.57
N UNK B 931 78.83 -12.04 23.48
CA UNK B 931 77.66 -12.79 23.95
C UNK B 931 77.56 -14.13 23.25
N UNK B 932 78.08 -14.17 22.02
CA UNK B 932 78.06 -15.37 21.18
C UNK B 932 78.82 -16.58 21.71
N UNK B 933 80.04 -16.77 21.22
CA UNK B 933 80.85 -17.90 21.63
C UNK B 933 81.14 -17.95 23.14
N UNK B 934 80.17 -17.54 23.97
CA UNK B 934 80.29 -17.56 25.43
C UNK B 934 79.55 -18.77 26.01
N UNK B 935 79.24 -18.74 27.30
CA UNK B 935 78.54 -19.87 27.91
C UNK B 935 77.95 -19.65 29.31
N UNK B 936 77.68 -18.40 29.67
CA UNK B 936 77.11 -18.06 30.98
C UNK B 936 77.34 -16.59 31.21
N UNK B 937 76.59 -15.95 32.11
CA UNK B 937 76.80 -14.52 32.38
C UNK B 937 78.24 -14.34 32.89
N UNK B 938 78.95 -13.31 32.42
CA UNK B 938 80.32 -13.11 32.87
C UNK B 938 80.86 -11.69 32.81
N UNK B 939 80.00 -10.70 33.03
CA UNK B 939 80.39 -9.28 33.03
C UNK B 939 80.74 -8.61 31.68
N UNK B 940 80.95 -9.40 30.63
CA UNK B 940 81.25 -8.91 29.27
C UNK B 940 82.66 -8.42 28.97
N UNK B 941 82.86 -8.08 27.70
CA UNK B 941 84.15 -7.59 27.22
C UNK B 941 84.30 -6.12 27.65
N UNK B 942 83.84 -5.20 26.81
CA UNK B 942 83.92 -3.77 27.10
C UNK B 942 82.84 -3.39 28.09
N UNK B 943 82.95 -2.20 28.65
CA UNK B 943 81.96 -1.75 29.61
C UNK B 943 81.56 -0.30 29.28
N UNK B 944 82.19 0.26 28.24
CA UNK B 944 81.92 1.64 27.79
C UNK B 944 82.86 2.18 26.69
N UNK B 945 83.12 1.37 25.66
CA UNK B 945 83.98 1.78 24.54
C UNK B 945 85.46 2.01 24.82
N UNK B 946 86.26 0.94 24.72
CA UNK B 946 87.69 1.05 24.92
C UNK B 946 88.15 1.97 23.79
N UNK B 947 87.61 1.73 22.60
CA UNK B 947 87.91 2.51 21.41
C UNK B 947 89.38 2.37 21.01
N UNK B 948 90.14 1.64 21.81
CA UNK B 948 91.56 1.42 21.56
C UNK B 948 91.73 0.40 20.44
N UNK B 949 91.81 0.91 19.21
CA UNK B 949 91.98 0.06 18.05
C UNK B 949 92.98 -1.06 18.32
N UNK B 950 92.70 -2.24 17.76
CA UNK B 950 93.55 -3.43 17.91
C UNK B 950 93.73 -3.83 19.38
N UNK B 951 93.82 -2.83 20.25
CA UNK B 951 94.01 -3.05 21.69
C UNK B 951 92.96 -3.99 22.26
N UNK B 952 91.75 -3.48 22.47
CA UNK B 952 90.66 -4.28 23.00
C UNK B 952 90.30 -5.41 22.04
N UNK B 953 90.67 -5.26 20.76
CA UNK B 953 90.37 -6.28 19.76
C UNK B 953 90.80 -7.65 20.27
N UNK B 954 92.10 -7.84 20.40
CA UNK B 954 92.63 -9.11 20.89
C UNK B 954 92.51 -9.22 22.42
N UNK B 955 91.63 -8.42 23.01
CA UNK B 955 91.39 -8.44 24.44
C UNK B 955 90.12 -9.26 24.65
N UNK B 956 89.45 -9.52 23.52
CA UNK B 956 88.21 -10.30 23.47
C UNK B 956 88.39 -11.49 22.53
N UNK B 957 88.48 -11.22 21.24
CA UNK B 957 88.67 -12.26 20.23
C UNK B 957 90.00 -13.01 20.43
N UNK B 958 90.53 -12.90 21.65
CA UNK B 958 91.78 -13.53 22.07
C UNK B 958 91.71 -13.70 23.60
N UNK B 959 90.46 -13.77 24.08
CA UNK B 959 90.13 -13.95 25.48
C UNK B 959 89.13 -15.11 25.45
N UNK B 960 87.84 -14.80 25.29
CA UNK B 960 86.81 -15.84 25.20
C UNK B 960 87.05 -16.43 23.81
N UNK B 961 88.24 -16.12 23.29
CA UNK B 961 88.71 -16.57 21.99
C UNK B 961 88.42 -18.02 21.65
N UNK B 962 88.37 -18.27 20.35
CA UNK B 962 88.08 -19.56 19.74
C UNK B 962 87.36 -19.08 18.49
N UNK B 963 87.17 -17.76 18.46
CA UNK B 963 86.51 -17.09 17.36
C UNK B 963 87.51 -17.00 16.24
N UNK B 964 88.26 -18.07 16.03
CA UNK B 964 89.25 -18.11 14.97
C UNK B 964 89.29 -19.48 14.35
N UNK B 965 88.38 -20.35 14.79
CA UNK B 965 88.30 -21.71 14.27
C UNK B 965 87.08 -21.88 13.35
N UNK B 966 85.92 -21.42 13.82
CA UNK B 966 84.66 -21.50 13.08
C UNK B 966 84.24 -20.13 12.51
N UNK B 967 83.65 -20.11 11.31
CA UNK B 967 83.22 -18.86 10.69
C UNK B 967 82.16 -18.12 11.55
N UNK B 968 81.27 -17.35 10.92
CA UNK B 968 80.25 -16.62 11.67
C UNK B 968 78.92 -17.37 11.65
N UNK B 969 78.32 -17.56 12.83
CA UNK B 969 77.04 -18.27 12.96
C UNK B 969 76.01 -17.70 11.97
N UNK B 970 75.86 -18.37 10.84
CA UNK B 970 74.94 -17.95 9.78
C UNK B 970 73.86 -16.97 10.25
N UNK B 971 73.25 -17.27 11.40
CA UNK B 971 72.21 -16.40 11.93
C UNK B 971 72.80 -15.04 12.27
N UNK B 972 73.75 -15.02 13.20
CA UNK B 972 74.40 -13.76 13.62
C UNK B 972 74.84 -12.96 12.38
N UNK B 973 75.24 -13.68 11.32
CA UNK B 973 75.68 -13.06 10.07
C UNK B 973 74.68 -12.00 9.64
N UNK B 974 73.49 -12.05 10.21
CA UNK B 974 72.47 -11.08 9.87
C UNK B 974 72.54 -9.88 10.83
N UNK B 975 72.78 -10.14 12.12
CA UNK B 975 72.87 -9.06 13.12
C UNK B 975 73.99 -8.07 12.76
N UNK B 976 74.67 -8.34 11.64
CA UNK B 976 75.77 -7.53 11.13
C UNK B 976 75.39 -6.89 9.81
N UNK B 977 74.66 -7.63 8.99
CA UNK B 977 74.20 -7.09 7.72
C UNK B 977 73.09 -6.13 8.16
N UNK B 978 72.36 -6.56 9.19
CA UNK B 978 71.27 -5.76 9.75
C UNK B 978 71.87 -4.59 10.48
N UNK B 979 73.03 -4.83 11.11
CA UNK B 979 73.76 -3.80 11.85
C UNK B 979 74.41 -2.88 10.82
N UNK B 980 74.35 -3.30 9.56
CA UNK B 980 74.91 -2.54 8.46
C UNK B 980 73.87 -1.51 7.99
N UNK B 981 72.84 -1.94 7.28
CA UNK B 981 71.81 -1.01 6.78
C UNK B 981 71.00 -0.36 7.92
N UNK B 982 71.49 -0.48 9.14
CA UNK B 982 70.83 0.06 10.34
C UNK B 982 70.92 1.58 10.42
N UNK B 983 70.02 2.28 9.74
CA UNK B 983 70.01 3.73 9.74
C UNK B 983 70.14 4.26 11.17
N UNK B 984 70.27 5.57 11.29
CA UNK B 984 70.45 6.26 12.58
C UNK B 984 71.85 5.93 13.11
N UNK B 985 72.81 5.82 12.17
CA UNK B 985 74.22 5.51 12.44
C UNK B 985 75.13 5.59 11.19
N UNK B 986 75.23 6.79 10.61
CA UNK B 986 76.05 7.10 9.41
C UNK B 986 76.66 5.96 8.60
N UNK B 987 76.30 5.92 7.32
CA UNK B 987 76.76 4.92 6.35
C UNK B 987 78.01 4.13 6.67
N UNK B 988 78.01 2.87 6.21
CA UNK B 988 79.14 1.97 6.39
C UNK B 988 80.03 2.09 5.18
N UNK B 989 81.27 1.65 5.31
CA UNK B 989 82.21 1.75 4.21
C UNK B 989 82.35 0.45 3.44
N UNK B 990 81.89 -0.65 4.02
CA UNK B 990 81.99 -1.95 3.36
C UNK B 990 80.87 -2.10 2.30
N UNK B 991 80.80 -3.26 1.65
CA UNK B 991 79.78 -3.53 0.66
C UNK B 991 79.29 -4.94 0.93
N UNK B 992 78.54 -5.05 2.02
CA UNK B 992 77.94 -6.30 2.53
C UNK B 992 77.81 -7.51 1.60
N UNK B 993 76.70 -7.58 0.88
CA UNK B 993 76.44 -8.68 -0.01
C UNK B 993 76.41 -8.33 -1.49
N UNK B 994 77.19 -9.09 -2.27
CA UNK B 994 77.30 -8.92 -3.71
C UNK B 994 75.93 -8.68 -4.36
N UNK B 995 75.05 -9.66 -4.20
CA UNK B 995 73.73 -9.57 -4.77
C UNK B 995 72.74 -9.02 -3.75
N UNK B 996 73.10 -7.92 -3.09
CA UNK B 996 72.19 -7.34 -2.11
C UNK B 996 70.98 -6.87 -2.87
N UNK B 997 70.96 -7.20 -4.17
CA UNK B 997 69.88 -6.80 -5.07
C UNK B 997 69.78 -5.30 -4.84
N UNK B 998 70.85 -4.79 -4.21
CA UNK B 998 70.98 -3.40 -3.85
C UNK B 998 72.42 -2.96 -4.04
N UNK B 999 73.21 -3.77 -4.74
CA UNK B 999 74.61 -3.44 -4.99
C UNK B 999 74.59 -2.02 -5.53
N UNK B 1000 73.86 -1.81 -6.63
CA UNK B 1000 73.74 -0.48 -7.23
C UNK B 1000 72.62 0.26 -6.50
N UNK B 1001 72.66 0.16 -5.18
CA UNK B 1001 71.69 0.80 -4.31
C UNK B 1001 72.35 1.06 -2.96
N UNK B 1002 73.29 0.19 -2.62
CA UNK B 1002 74.05 0.33 -1.38
C UNK B 1002 75.37 0.98 -1.78
N UNK B 1003 75.78 0.75 -3.04
CA UNK B 1003 77.01 1.29 -3.61
C UNK B 1003 76.74 2.54 -4.40
N UNK B 1004 76.14 3.50 -3.71
CA UNK B 1004 75.79 4.81 -4.28
C UNK B 1004 75.46 5.76 -3.14
N UNK B 1005 75.42 5.20 -1.93
CA UNK B 1005 75.13 5.96 -0.71
C UNK B 1005 76.42 6.70 -0.28
N UNK B 1006 76.25 7.79 0.45
CA UNK B 1006 77.38 8.62 0.89
C UNK B 1006 77.87 9.40 -0.33
N UNK B 1007 78.66 8.76 -1.19
CA UNK B 1007 79.19 9.37 -2.42
C UNK B 1007 80.28 10.43 -2.20
N UNK B 1008 79.89 11.55 -1.57
CA UNK B 1008 80.82 12.64 -1.25
C UNK B 1008 81.55 12.35 0.06
N UNK B 1009 81.21 13.08 1.13
CA UNK B 1009 81.84 12.91 2.46
C UNK B 1009 82.77 11.70 2.55
N UNK B 1010 82.19 10.50 2.56
CA UNK B 1010 82.97 9.28 2.61
C UNK B 1010 83.60 9.05 1.24
N UNK B 1011 84.27 10.11 0.77
CA UNK B 1011 84.96 10.15 -0.52
C UNK B 1011 85.29 11.61 -0.88
N UNK B 1012 86.58 11.90 -1.14
CA UNK B 1012 87.05 13.23 -1.51
C UNK B 1012 87.41 14.18 -0.35
N UNK B 1013 86.44 14.97 0.12
CA UNK B 1013 86.65 15.93 1.21
C UNK B 1013 87.62 15.48 2.31
N UNK B 1014 87.10 15.12 3.49
CA UNK B 1014 87.97 14.68 4.57
C UNK B 1014 88.74 13.43 4.18
N UNK B 1015 88.44 12.90 2.99
CA UNK B 1015 89.05 11.67 2.44
C UNK B 1015 90.47 11.36 2.88
N UNK B 1016 90.58 10.86 4.11
CA UNK B 1016 91.86 10.50 4.68
C UNK B 1016 92.05 9.00 4.48
N UNK B 1017 91.29 8.22 5.25
CA UNK B 1017 91.33 6.77 5.19
C UNK B 1017 90.38 6.26 4.11
N UNK B 1018 90.90 5.45 3.19
CA UNK B 1018 90.10 4.92 2.10
C UNK B 1018 90.94 4.04 1.19
N UNK B 1019 92.14 3.71 1.66
CA UNK B 1019 93.12 2.90 0.92
C UNK B 1019 94.17 3.80 0.29
N UNK B 1020 93.99 4.07 -1.00
CA UNK B 1020 94.89 4.94 -1.74
C UNK B 1020 94.64 6.36 -1.24
N UNK B 1021 94.15 6.46 0.00
CA UNK B 1021 93.82 7.72 0.65
C UNK B 1021 92.81 8.57 -0.16
N UNK B 1022 92.86 8.47 -1.49
CA UNK B 1022 91.97 9.20 -2.41
C UNK B 1022 92.32 9.00 -3.89
N UNK B 1023 92.48 7.74 -4.33
CA UNK B 1023 92.81 7.46 -5.72
C UNK B 1023 91.65 7.70 -6.69
N UNK B 1024 90.45 7.90 -6.16
CA UNK B 1024 89.24 8.14 -6.96
C UNK B 1024 88.01 8.39 -6.07
N UNK B 1025 86.86 8.65 -6.71
CA UNK B 1025 85.58 8.92 -6.03
C UNK B 1025 84.99 10.27 -6.46
N UNK B 1026 85.68 10.93 -7.39
CA UNK B 1026 85.27 12.23 -7.92
C UNK B 1026 84.80 13.26 -6.89
N UNK B 1027 84.37 14.39 -7.40
CA UNK B 1027 83.86 15.46 -6.58
C UNK B 1027 82.93 16.31 -7.44
N UNK B 1028 82.93 16.03 -8.74
CA UNK B 1028 82.06 16.74 -9.68
C UNK B 1028 82.25 18.26 -9.68
N UNK B 1029 83.18 18.73 -10.53
CA UNK B 1029 83.46 20.17 -10.70
C UNK B 1029 83.98 20.33 -12.13
N UNK B 1030 83.34 19.60 -13.05
CA UNK B 1030 83.71 19.57 -14.47
C UNK B 1030 83.02 20.52 -15.43
N UNK B 1031 83.17 20.23 -16.72
CA UNK B 1031 82.63 21.02 -17.82
C UNK B 1031 83.61 22.14 -18.16
N UNK B 1032 83.11 23.36 -18.31
CA UNK B 1032 83.97 24.49 -18.62
C UNK B 1032 84.53 25.03 -17.32
N UNK B 1033 85.43 24.25 -16.70
CA UNK B 1033 86.06 24.64 -15.45
C UNK B 1033 87.54 24.27 -15.45
N UNK B 1034 87.98 23.59 -16.50
CA UNK B 1034 89.39 23.21 -16.66
C UNK B 1034 90.01 24.48 -17.21
N UNK B 1035 89.18 25.26 -17.88
CA UNK B 1035 89.55 26.55 -18.44
C UNK B 1035 89.29 27.55 -17.30
N UNK B 1036 89.79 27.19 -16.12
CA UNK B 1036 89.67 27.99 -14.89
C UNK B 1036 90.10 27.16 -13.69
N UNK B 1037 90.48 25.90 -13.96
CA UNK B 1037 90.95 24.96 -12.93
C UNK B 1037 92.47 24.89 -12.96
N UNK B 1038 93.12 25.89 -12.32
CA UNK B 1038 94.59 25.95 -12.29
C UNK B 1038 95.22 26.50 -10.99
N UNK B 1039 94.50 27.33 -10.24
CA UNK B 1039 95.03 27.90 -8.99
C UNK B 1039 95.25 26.82 -7.92
N UNK B 1040 95.74 25.67 -8.39
CA UNK B 1040 96.02 24.46 -7.61
C UNK B 1040 96.75 24.59 -6.29
N UNK B 1041 95.97 24.59 -5.21
CA UNK B 1041 96.41 24.72 -3.81
C UNK B 1041 95.73 25.98 -3.32
N UNK B 1042 95.29 25.95 -2.07
CA UNK B 1042 94.57 27.06 -1.44
C UNK B 1042 94.88 28.43 -2.09
N UNK B 1043 94.44 28.61 -3.33
CA UNK B 1043 94.66 29.85 -4.08
C UNK B 1043 93.87 31.01 -3.48
N UNK B 1044 93.77 31.01 -2.15
CA UNK B 1044 93.06 32.01 -1.34
C UNK B 1044 91.64 32.33 -1.80
N UNK B 1045 90.72 32.31 -0.84
CA UNK B 1045 89.32 32.59 -1.14
C UNK B 1045 89.17 33.94 -1.82
N UNK B 1046 89.26 35.02 -1.03
CA UNK B 1046 89.12 36.39 -1.53
C UNK B 1046 90.05 36.71 -2.71
N UNK B 1047 90.88 35.73 -3.08
CA UNK B 1047 91.82 35.90 -4.18
C UNK B 1047 91.15 35.59 -5.50
N UNK B 1048 91.27 34.34 -5.94
CA UNK B 1048 90.67 33.90 -7.19
C UNK B 1048 89.23 34.42 -7.26
N UNK B 1049 88.65 34.72 -6.10
CA UNK B 1049 87.26 35.23 -6.02
C UNK B 1049 87.17 36.72 -6.34
N UNK B 1050 87.78 37.55 -5.51
CA UNK B 1050 87.76 38.99 -5.75
C UNK B 1050 88.52 39.27 -7.04
N UNK B 1051 88.80 38.21 -7.80
CA UNK B 1051 89.52 38.30 -9.07
C UNK B 1051 88.75 39.05 -10.15
N UNK B 1052 87.99 38.32 -10.96
CA UNK B 1052 87.22 38.97 -12.01
C UNK B 1052 86.29 39.99 -11.37
N UNK B 1053 86.41 40.12 -10.04
CA UNK B 1053 85.61 41.04 -9.23
C UNK B 1053 86.17 42.46 -9.20
N UNK B 1054 87.49 42.55 -9.03
CA UNK B 1054 88.20 43.81 -8.99
C UNK B 1054 88.66 44.05 -10.43
N UNK B 1055 88.76 42.96 -11.17
CA UNK B 1055 89.17 43.00 -12.57
C UNK B 1055 87.97 43.43 -13.40
N UNK B 1056 86.77 43.17 -12.85
CA UNK B 1056 85.54 43.54 -13.54
C UNK B 1056 85.48 45.06 -13.62
N UNK B 1057 85.58 45.72 -12.47
CA UNK B 1057 85.56 47.17 -12.44
C UNK B 1057 86.50 47.66 -13.53
N UNK B 1058 87.55 46.89 -13.78
CA UNK B 1058 88.56 47.22 -14.77
C UNK B 1058 88.25 46.79 -16.20
N UNK B 1059 88.15 45.49 -16.44
CA UNK B 1059 87.85 44.97 -17.78
C UNK B 1059 86.81 45.88 -18.45
N UNK B 1060 85.92 46.42 -17.63
CA UNK B 1060 84.88 47.33 -18.09
C UNK B 1060 85.07 48.63 -17.31
N UNK B 1061 86.27 49.19 -17.43
CA UNK B 1061 86.63 50.45 -16.78
C UNK B 1061 86.97 51.36 -17.95
N UNK B 1062 87.77 50.81 -18.86
CA UNK B 1062 88.16 51.52 -20.06
C UNK B 1062 86.93 51.50 -20.96
N UNK B 1063 85.77 51.70 -20.36
CA UNK B 1063 84.50 51.73 -21.07
C UNK B 1063 83.62 52.76 -20.35
N UNK B 1064 84.04 53.15 -19.15
CA UNK B 1064 83.31 54.13 -18.36
C UNK B 1064 83.90 55.52 -18.59
N UNK B 1065 85.24 55.60 -18.55
CA UNK B 1065 86.02 56.84 -18.75
C UNK B 1065 87.53 56.61 -18.57
N UNK B 1066 87.96 56.70 -17.31
CA UNK B 1066 89.35 56.49 -16.90
C UNK B 1066 89.52 57.10 -15.51
N UNK B 1067 90.09 56.31 -14.59
CA UNK B 1067 90.35 56.69 -13.20
C UNK B 1067 89.49 57.79 -12.58
N UNK B 1068 88.97 57.51 -11.38
CA UNK B 1068 88.13 58.44 -10.62
C UNK B 1068 87.19 59.32 -11.44
N UNK B 1069 86.86 58.86 -12.64
CA UNK B 1069 85.95 59.57 -13.55
C UNK B 1069 84.64 58.76 -13.64
N UNK B 1070 84.16 58.30 -12.48
CA UNK B 1070 82.92 57.51 -12.41
C UNK B 1070 81.86 58.22 -11.56
N UNK B 1071 81.72 57.80 -10.30
CA UNK B 1071 80.76 58.38 -9.37
C UNK B 1071 80.85 57.58 -8.08
N UNK B 1072 80.06 57.95 -7.08
CA UNK B 1072 80.10 57.22 -5.82
C UNK B 1072 79.21 57.85 -4.74
N UNK B 1073 78.99 57.08 -3.68
CA UNK B 1073 78.18 57.51 -2.55
C UNK B 1073 78.64 56.89 -1.24
N UNK B 1074 77.77 56.97 -0.23
CA UNK B 1074 78.10 56.46 1.09
C UNK B 1074 77.62 55.03 1.44
N UNK B 1075 76.57 54.53 0.78
CA UNK B 1075 76.03 53.20 1.09
C UNK B 1075 76.12 52.10 0.00
N UNK B 1076 75.13 52.08 -0.90
CA UNK B 1076 75.03 51.10 -1.99
C UNK B 1076 74.28 49.83 -1.52
N UNK B 1077 72.94 49.96 -1.36
CA UNK B 1077 72.04 48.88 -0.92
C UNK B 1077 70.59 49.23 -1.32
N UNK B 1078 70.24 48.94 -2.58
CA UNK B 1078 68.93 49.25 -3.13
C UNK B 1078 67.82 48.21 -2.94
N UNK B 1079 66.93 48.14 -3.93
CA UNK B 1079 65.80 47.21 -3.96
C UNK B 1079 65.64 46.80 -5.41
N UNK B 1080 64.57 47.28 -6.03
CA UNK B 1080 64.31 47.00 -7.42
C UNK B 1080 62.95 47.61 -7.61
N UNK B 1081 62.81 48.42 -8.66
CA UNK B 1081 61.55 49.12 -8.98
C UNK B 1081 61.35 50.31 -8.04
N UNK B 1082 61.81 51.49 -8.47
CA UNK B 1082 61.68 52.72 -7.69
C UNK B 1082 60.42 53.51 -8.04
N UNK B 1083 60.39 54.80 -7.70
CA UNK B 1083 59.25 55.68 -7.99
C UNK B 1083 59.41 57.16 -7.56
N UNK B 1084 60.48 57.81 -8.01
CA UNK B 1084 60.75 59.22 -7.71
C UNK B 1084 62.12 59.70 -8.24
N UNK B 1085 62.10 60.71 -9.12
CA UNK B 1085 63.32 61.26 -9.70
C UNK B 1085 63.10 62.66 -10.31
N UNK B 1086 63.80 63.67 -9.78
CA UNK B 1086 63.69 65.05 -10.27
C UNK B 1086 64.68 66.02 -9.59
N UNK B 1087 64.51 66.22 -8.29
CA UNK B 1087 65.35 67.11 -7.48
C UNK B 1087 65.01 66.97 -5.98
N UNK B 1088 64.71 65.73 -5.57
CA UNK B 1088 64.33 65.34 -4.20
C UNK B 1088 64.26 66.40 -3.09
N UNK B 1089 64.98 66.16 -2.00
CA UNK B 1089 64.99 67.06 -0.85
C UNK B 1089 66.13 68.08 -0.84
N UNK B 1090 66.40 68.62 0.34
CA UNK B 1090 67.43 69.66 0.55
C UNK B 1090 66.80 70.99 0.13
N UNK B 1091 65.95 70.92 -0.91
CA UNK B 1091 65.23 72.08 -1.44
C UNK B 1091 63.99 72.30 -0.58
N UNK B 1092 64.22 72.36 0.72
CA UNK B 1092 63.17 72.58 1.72
C UNK B 1092 63.83 73.22 2.95
N UNK B 1093 64.97 72.65 3.35
CA UNK B 1093 65.78 73.11 4.49
C UNK B 1093 65.04 73.26 5.81
N UNK B 1094 63.72 73.26 5.76
CA UNK B 1094 62.87 73.38 6.92
C UNK B 1094 61.79 72.31 6.76
N UNK B 1095 61.86 71.26 7.58
CA UNK B 1095 60.92 70.13 7.49
C UNK B 1095 59.56 70.33 8.15
N UNK B 1096 58.53 69.77 7.51
CA UNK B 1096 57.15 69.84 7.99
C UNK B 1096 56.39 68.56 7.63
N UNK B 1097 55.07 68.68 7.66
CA UNK B 1097 54.14 67.59 7.35
C UNK B 1097 53.59 66.89 8.60
N UNK B 1098 52.38 66.35 8.45
CA UNK B 1098 51.69 65.63 9.52
C UNK B 1098 50.96 64.44 8.88
N UNK B 1099 50.08 63.75 9.63
CA UNK B 1099 49.36 62.60 9.05
C UNK B 1099 48.16 62.02 9.83
N UNK B 1100 47.23 61.44 9.07
CA UNK B 1100 46.03 60.81 9.58
C UNK B 1100 45.67 59.81 8.50
N UNK B 1101 45.93 60.21 7.25
CA UNK B 1101 45.70 59.38 6.10
C UNK B 1101 47.05 58.79 5.76
N UNK B 1102 48.11 59.48 6.19
CA UNK B 1102 49.49 59.06 5.98
C UNK B 1102 49.70 58.29 4.67
N UNK B 1103 49.89 56.98 4.78
CA UNK B 1103 50.07 56.09 3.63
C UNK B 1103 51.51 55.90 3.14
N UNK B 1104 52.40 55.44 4.03
CA UNK B 1104 53.81 55.18 3.73
C UNK B 1104 54.39 56.00 2.60
N UNK B 1105 55.66 55.77 2.28
CA UNK B 1105 56.32 56.52 1.22
C UNK B 1105 56.30 58.04 1.51
N UNK B 1106 55.14 58.55 1.90
CA UNK B 1106 54.97 59.97 2.23
C UNK B 1106 55.67 60.24 3.57
N UNK B 1107 55.00 59.93 4.69
CA UNK B 1107 55.61 60.13 6.01
C UNK B 1107 56.62 59.01 6.23
N UNK B 1108 57.23 58.55 5.15
CA UNK B 1108 58.22 57.48 5.16
C UNK B 1108 59.48 57.85 4.38
N UNK B 1109 59.30 58.47 3.20
CA UNK B 1109 60.44 58.88 2.38
C UNK B 1109 60.76 60.37 2.49
N UNK B 1110 60.12 61.03 3.46
CA UNK B 1110 60.33 62.45 3.72
C UNK B 1110 60.97 62.58 5.09
N UNK B 1111 61.74 61.56 5.46
CA UNK B 1111 62.46 61.51 6.71
C UNK B 1111 63.86 61.12 6.26
N UNK B 1112 64.09 61.32 4.96
CA UNK B 1112 65.34 61.02 4.28
C UNK B 1112 65.05 61.16 2.78
N UNK B 1113 65.94 61.79 2.04
CA UNK B 1113 65.76 61.97 0.60
C UNK B 1113 67.05 62.45 -0.08
N UNK B 1114 67.73 61.53 -0.76
CA UNK B 1114 68.98 61.82 -1.44
C UNK B 1114 70.04 62.17 -0.39
N UNK B 1115 70.41 61.18 0.43
CA UNK B 1115 71.39 61.40 1.50
C UNK B 1115 72.18 60.15 1.91
N UNK B 1116 72.59 60.13 3.18
CA UNK B 1116 73.36 59.03 3.74
C UNK B 1116 73.43 59.17 5.27
N UNK B 1117 73.71 58.07 5.95
CA UNK B 1117 73.82 58.00 7.41
C UNK B 1117 72.69 58.61 8.23
N UNK B 1118 73.04 59.51 9.15
CA UNK B 1118 72.05 60.15 10.03
C UNK B 1118 71.03 61.00 9.25
N UNK B 1119 70.64 60.51 8.07
CA UNK B 1119 69.67 61.19 7.21
C UNK B 1119 69.00 60.24 6.22
N UNK B 1120 69.55 59.03 6.09
CA UNK B 1120 69.01 57.99 5.21
C UNK B 1120 69.10 56.67 5.95
N UNK B 1121 68.73 56.72 7.23
CA UNK B 1121 68.68 55.55 8.11
C UNK B 1121 67.23 55.51 8.57
N UNK B 1122 66.63 56.68 8.69
CA UNK B 1122 65.24 56.78 9.08
C UNK B 1122 64.43 56.48 7.81
N UNK B 1123 64.80 55.41 7.13
CA UNK B 1123 64.15 54.96 5.89
C UNK B 1123 64.83 53.69 5.39
N UNK B 1124 66.10 53.54 5.73
CA UNK B 1124 66.88 52.38 5.35
C UNK B 1124 66.72 51.31 6.44
N UNK B 1125 65.81 51.58 7.37
CA UNK B 1125 65.51 50.66 8.46
C UNK B 1125 65.05 49.33 7.84
N UNK B 1126 64.87 49.33 6.52
CA UNK B 1126 64.43 48.18 5.75
C UNK B 1126 64.74 46.89 6.48
N UNK B 1127 65.98 46.45 6.41
CA UNK B 1127 66.39 45.23 7.07
C UNK B 1127 66.32 45.37 8.59
N UNK B 1128 67.36 45.97 9.18
CA UNK B 1128 67.38 46.12 10.62
C UNK B 1128 68.49 47.02 11.15
N UNK B 1129 68.72 46.92 12.46
CA UNK B 1129 69.74 47.70 13.13
C UNK B 1129 71.02 46.90 13.36
N UNK B 1130 70.93 45.58 13.34
CA UNK B 1130 72.08 44.71 13.54
C UNK B 1130 72.69 44.86 14.92
N UNK B 1131 72.01 44.31 15.93
CA UNK B 1131 72.48 44.35 17.31
C UNK B 1131 73.30 43.09 17.62
N UNK B 1132 74.62 43.20 17.51
CA UNK B 1132 75.57 42.10 17.77
C UNK B 1132 75.69 41.16 16.57
N UNK B 1133 74.58 41.02 15.85
CA UNK B 1133 74.46 40.16 14.66
C UNK B 1133 73.01 39.67 14.59
N UNK B 1134 72.12 40.51 14.04
CA UNK B 1134 70.70 40.15 13.96
C UNK B 1134 69.87 41.12 13.13
N UNK B 1135 68.74 41.53 13.72
CA UNK B 1135 67.82 42.45 13.06
C UNK B 1135 66.88 43.22 13.99
N UNK B 1136 66.01 44.03 13.39
CA UNK B 1136 65.01 44.85 14.10
C UNK B 1136 64.44 45.94 13.18
N UNK B 1137 65.33 46.80 12.66
CA UNK B 1137 64.99 47.91 11.76
C UNK B 1137 64.93 49.25 12.53
N UNK B 1138 64.51 49.18 13.78
CA UNK B 1138 64.40 50.33 14.68
C UNK B 1138 63.91 51.64 14.11
N UNK B 1139 63.45 52.52 15.02
CA UNK B 1139 62.95 53.84 14.66
C UNK B 1139 61.74 53.82 13.75
N UNK B 1140 60.65 54.41 14.22
CA UNK B 1140 59.42 54.48 13.43
C UNK B 1140 58.27 55.15 14.17
N UNK B 1141 57.17 55.34 13.42
CA UNK B 1141 55.91 55.95 13.88
C UNK B 1141 55.08 56.50 12.69
N UNK B 1142 53.91 57.08 12.98
CA UNK B 1142 53.02 57.67 11.96
C UNK B 1142 51.68 58.22 12.48
N UNK B 1143 51.72 59.16 13.43
CA UNK B 1143 50.50 59.76 14.01
C UNK B 1143 50.24 61.27 13.79
N UNK B 1144 51.29 62.12 13.92
CA UNK B 1144 51.15 63.58 13.72
C UNK B 1144 52.34 64.55 14.01
N UNK B 1145 52.87 65.21 12.95
CA UNK B 1145 53.97 66.24 13.01
C UNK B 1145 55.46 65.94 13.21
N UNK B 1146 56.27 66.26 12.19
CA UNK B 1146 57.72 66.04 12.22
C UNK B 1146 58.49 67.18 11.53
N UNK B 1147 59.69 67.52 12.04
CA UNK B 1147 60.53 68.62 11.48
C UNK B 1147 62.05 68.31 11.41
N UNK B 1148 62.80 69.14 10.68
CA UNK B 1148 64.27 68.95 10.51
C UNK B 1148 65.06 70.20 10.02
N UNK B 1149 66.25 69.97 9.45
CA UNK B 1149 67.13 71.04 8.90
C UNK B 1149 68.02 70.52 7.74
N UNK B 1150 67.74 70.95 6.51
CA UNK B 1150 68.47 70.49 5.31
C UNK B 1150 69.99 70.41 5.41
N UNK B 1151 70.61 70.04 4.28
CA UNK B 1151 72.06 69.90 4.18
C UNK B 1151 72.51 68.65 4.93
N UNK B 1152 73.68 68.13 4.54
CA UNK B 1152 74.25 66.90 5.13
C UNK B 1152 74.25 66.79 6.66
N UNK B 1153 75.30 66.16 7.20
CA UNK B 1153 75.46 65.93 8.63
C UNK B 1153 75.27 67.17 9.50
N UNK B 1154 74.13 67.83 9.34
CA UNK B 1154 73.82 69.03 10.09
C UNK B 1154 72.32 69.08 10.32
N UNK B 1155 71.62 68.13 9.71
CA UNK B 1155 70.17 68.06 9.84
C UNK B 1155 69.77 68.04 11.31
N UNK B 1156 68.53 68.43 11.58
CA UNK B 1156 68.00 68.46 12.93
C UNK B 1156 66.52 68.03 13.00
N UNK B 1157 66.27 66.73 12.88
CA UNK B 1157 64.90 66.19 12.90
C UNK B 1157 64.33 66.06 14.31
N UNK B 1158 63.12 66.58 14.50
CA UNK B 1158 62.44 66.54 15.79
C UNK B 1158 60.91 66.57 15.65
N UNK B 1159 60.26 65.41 15.78
CA UNK B 1159 58.81 65.34 15.66
C UNK B 1159 58.17 65.34 17.04
N UNK B 1160 56.85 65.46 17.07
CA UNK B 1160 56.12 65.48 18.34
C UNK B 1160 54.62 65.63 18.12
N UNK B 1161 53.83 65.04 19.02
CA UNK B 1161 52.36 65.10 18.95
C UNK B 1161 51.71 64.65 20.27
N UNK B 1162 50.51 65.15 20.54
CA UNK B 1162 49.77 64.79 21.75
C UNK B 1162 50.43 65.20 23.08
N UNK B 1163 49.65 65.06 24.15
CA UNK B 1163 50.03 65.41 25.53
C UNK B 1163 49.41 66.79 25.80
N UNK B 1164 49.22 67.52 24.70
CA UNK B 1164 48.64 68.88 24.63
C UNK B 1164 49.61 69.85 23.94
N UNK B 1165 50.88 69.45 23.83
CA UNK B 1165 51.91 70.30 23.22
C UNK B 1165 52.78 69.57 22.17
N UNK B 1166 53.95 69.10 22.61
CA UNK B 1166 54.89 68.39 21.74
C UNK B 1166 56.20 68.03 22.46
N UNK B 1167 57.24 67.69 21.70
CA UNK B 1167 58.56 67.30 22.21
C UNK B 1167 58.66 65.78 22.34
N UNK B 1168 58.50 65.08 21.21
CA UNK B 1168 58.53 63.61 21.17
C UNK B 1168 59.68 63.04 20.36
N UNK B 1169 60.82 62.82 21.03
CA UNK B 1169 62.01 62.24 20.41
C UNK B 1169 62.47 62.92 19.10
N UNK B 1170 63.75 63.30 19.05
CA UNK B 1170 64.37 63.95 17.88
C UNK B 1170 65.81 63.46 17.71
N UNK B 1171 66.17 62.99 16.52
CA UNK B 1171 67.52 62.49 16.33
C UNK B 1171 68.29 63.03 15.14
N UNK B 1172 69.60 63.17 15.34
CA UNK B 1172 70.56 63.67 14.33
C UNK B 1172 71.94 63.07 14.65
N UNK B 1173 72.93 63.31 13.78
CA UNK B 1173 74.28 62.77 13.99
C UNK B 1173 74.89 63.23 15.32
N UNK B 1174 75.94 62.54 15.76
CA UNK B 1174 76.62 62.87 17.01
C UNK B 1174 78.15 62.88 16.84
N UNK B 1175 78.81 61.75 17.12
CA UNK B 1175 80.27 61.65 17.00
C UNK B 1175 80.70 61.12 15.61
N UNK B 1176 81.87 60.48 15.55
CA UNK B 1176 82.39 59.94 14.28
C UNK B 1176 81.32 59.07 13.60
N UNK B 1177 80.36 58.65 14.40
CA UNK B 1177 79.24 57.82 13.97
C UNK B 1177 78.39 57.60 15.22
N UNK B 1178 77.20 58.20 15.27
CA UNK B 1178 76.31 58.05 16.42
C UNK B 1178 75.01 58.84 16.28
N UNK B 1179 73.90 58.14 16.13
CA UNK B 1179 72.61 58.81 16.02
C UNK B 1179 71.76 58.36 17.21
N UNK B 1180 70.80 59.19 17.64
CA UNK B 1180 69.93 58.83 18.78
C UNK B 1180 68.97 59.91 19.30
N UNK B 1181 68.31 59.59 20.42
CA UNK B 1181 67.35 60.44 21.15
C UNK B 1181 65.97 59.79 21.30
N UNK B 1182 65.27 60.14 22.37
CA UNK B 1182 63.94 59.61 22.63
C UNK B 1182 63.27 60.40 23.76
N UNK B 1183 62.59 61.48 23.40
CA UNK B 1183 61.92 62.34 24.37
C UNK B 1183 60.69 61.68 24.99
N UNK B 1184 60.75 61.41 26.29
CA UNK B 1184 59.62 60.79 26.99
C UNK B 1184 59.13 61.70 28.11
N UNK B 1185 58.36 62.71 27.73
CA UNK B 1185 57.83 63.66 28.70
C UNK B 1185 57.01 62.95 29.79
N UNK B 1186 56.62 63.72 30.81
CA UNK B 1186 55.84 63.24 31.94
C UNK B 1186 56.71 62.65 33.06
N UNK B 1187 56.53 63.16 34.28
CA UNK B 1187 57.26 62.73 35.47
C UNK B 1187 56.98 63.70 36.61
N UNK B 1188 57.92 63.79 37.54
CA UNK B 1188 57.80 64.70 38.67
C UNK B 1188 58.48 66.01 38.24
N UNK B 1189 59.77 65.91 37.93
CA UNK B 1189 60.57 67.04 37.45
C UNK B 1189 60.36 67.08 35.93
N UNK B 1190 59.13 67.42 35.54
CA UNK B 1190 58.65 67.51 34.16
C UNK B 1190 59.62 67.62 32.97
N UNK B 1191 60.50 66.63 32.80
CA UNK B 1191 61.47 66.60 31.68
C UNK B 1191 62.63 65.63 31.89
N UNK B 1192 62.77 64.68 30.97
CA UNK B 1192 63.84 63.68 31.00
C UNK B 1192 63.67 62.59 29.90
N UNK B 1193 64.79 61.95 29.54
CA UNK B 1193 64.80 60.89 28.52
C UNK B 1193 66.18 60.22 28.35
N UNK B 1194 66.27 59.29 27.41
CA UNK B 1194 67.51 58.58 27.13
C UNK B 1194 67.65 58.42 25.61
N UNK B 1195 68.75 57.82 25.17
CA UNK B 1195 68.96 57.65 23.73
C UNK B 1195 69.89 56.52 23.33
N UNK B 1196 69.84 56.21 22.04
CA UNK B 1196 70.59 55.12 21.44
C UNK B 1196 72.01 55.32 20.89
N UNK B 1197 72.58 54.21 20.42
CA UNK B 1197 73.90 54.12 19.82
C UNK B 1197 73.73 53.71 18.35
N UNK B 1198 74.44 54.37 17.45
CA UNK B 1198 74.33 54.08 16.01
C UNK B 1198 75.62 54.15 15.19
N UNK B 1199 76.53 53.20 15.42
CA UNK B 1199 77.80 53.14 14.69
C UNK B 1199 77.58 52.98 13.18
N UNK B 1200 77.33 54.10 12.48
CA UNK B 1200 77.06 54.11 11.04
C UNK B 1200 78.27 54.02 10.09
N UNK B 1201 79.14 53.03 10.33
CA UNK B 1201 80.36 52.80 9.54
C UNK B 1201 80.14 52.46 8.05
N UNK B 1202 79.35 53.29 7.36
CA UNK B 1202 79.02 53.11 5.94
C UNK B 1202 79.79 52.02 5.18
N UNK B 1203 79.18 50.84 5.14
CA UNK B 1203 79.74 49.67 4.44
C UNK B 1203 78.68 48.55 4.22
N UNK B 1204 77.62 48.88 3.47
CA UNK B 1204 76.51 47.97 3.13
C UNK B 1204 75.75 47.43 4.34
N UNK B 1205 76.48 47.25 5.45
CA UNK B 1205 75.91 46.76 6.69
C UNK B 1205 74.96 47.79 7.26
N UNK B 1206 73.81 47.92 6.60
CA UNK B 1206 72.78 48.89 7.00
C UNK B 1206 73.33 50.02 7.88
N UNK B 1207 73.02 50.01 9.18
CA UNK B 1207 73.47 51.08 10.07
C UNK B 1207 73.93 50.69 11.47
N UNK B 1208 73.27 51.31 12.44
CA UNK B 1208 73.49 51.19 13.90
C UNK B 1208 74.26 50.03 14.53
N UNK B 1209 74.27 50.05 15.87
CA UNK B 1209 74.94 49.07 16.73
C UNK B 1209 75.11 49.72 18.11
N UNK B 1210 74.45 49.16 19.12
CA UNK B 1210 74.53 49.71 20.47
C UNK B 1210 75.06 48.72 21.52
N UNK B 1211 76.16 49.10 22.17
CA UNK B 1211 76.76 48.29 23.23
C UNK B 1211 76.59 49.06 24.54
N UNK B 1212 77.18 48.55 25.63
CA UNK B 1212 77.09 49.17 26.96
C UNK B 1212 75.72 49.74 27.33
N UNK B 1213 74.70 49.32 26.59
CA UNK B 1213 73.32 49.76 26.80
C UNK B 1213 72.80 49.25 28.15
N UNK B 1214 71.50 48.97 28.20
CA UNK B 1214 70.87 48.48 29.42
C UNK B 1214 71.02 49.58 30.46
N UNK B 1215 72.26 49.80 30.86
CA UNK B 1215 72.58 50.83 31.84
C UNK B 1215 71.93 52.14 31.40
N UNK B 1216 72.24 52.55 30.16
CA UNK B 1216 71.70 53.78 29.61
C UNK B 1216 70.23 53.82 29.95
N UNK B 1217 69.58 52.69 29.77
CA UNK B 1217 68.16 52.57 30.05
C UNK B 1217 67.87 52.60 31.55
N UNK B 1218 68.48 51.66 32.27
CA UNK B 1218 68.29 51.56 33.71
C UNK B 1218 68.11 52.94 34.31
N UNK B 1219 69.14 53.78 34.17
CA UNK B 1219 69.09 55.12 34.72
C UNK B 1219 67.81 55.88 34.35
N UNK B 1220 67.42 55.81 33.08
CA UNK B 1220 66.22 56.50 32.59
C UNK B 1220 65.03 56.38 33.54
N UNK B 1221 65.16 55.48 34.50
CA UNK B 1221 64.11 55.27 35.47
C UNK B 1221 64.68 55.23 36.87
N UNK B 1222 66.00 54.99 36.98
CA UNK B 1222 66.70 54.90 38.27
C UNK B 1222 66.10 55.89 39.25
N UNK B 1223 65.43 56.88 38.65
CA UNK B 1223 64.75 57.95 39.35
C UNK B 1223 63.56 58.41 38.52
N UNK B 1224 63.31 57.74 37.38
CA UNK B 1224 62.16 58.14 36.57
C UNK B 1224 60.93 57.76 37.40
N UNK B 1225 61.19 57.13 38.55
CA UNK B 1225 60.15 56.70 39.48
C UNK B 1225 60.73 56.40 40.88
N UNK B 1226 62.02 56.09 40.94
CA UNK B 1226 62.70 55.76 42.20
C UNK B 1226 63.09 56.98 43.02
N UNK B 1227 62.71 56.97 44.30
CA UNK B 1227 62.99 58.04 45.26
C UNK B 1227 63.78 59.25 44.75
N UNK B 1228 65.06 59.31 45.09
CA UNK B 1228 65.90 60.40 44.64
C UNK B 1228 67.36 59.98 44.56
N UNK B 1229 67.71 58.89 45.23
CA UNK B 1229 69.10 58.41 45.22
C UNK B 1229 69.51 57.99 43.80
N UNK B 1230 70.04 58.94 43.02
CA UNK B 1230 70.47 58.68 41.65
C UNK B 1230 71.26 57.39 41.56
N UNK B 1231 71.34 56.86 40.34
CA UNK B 1231 72.06 55.61 40.05
C UNK B 1231 73.04 55.17 41.14
N UNK B 1232 73.00 53.89 41.47
CA UNK B 1232 73.87 53.30 42.49
C UNK B 1232 73.71 51.78 42.49
N UNK B 1233 74.79 51.07 42.13
CA UNK B 1233 74.78 49.60 42.08
C UNK B 1233 74.51 49.03 43.49
N UNK B 1234 73.23 48.97 43.85
CA UNK B 1234 72.79 48.47 45.15
C UNK B 1234 73.38 47.11 45.51
N UNK B 1235 72.98 46.58 46.66
CA UNK B 1235 73.46 45.28 47.14
C UNK B 1235 72.43 44.16 47.00
N UNK B 1236 72.48 43.43 45.90
CA UNK B 1236 71.56 42.33 45.67
C UNK B 1236 71.53 41.43 46.89
N UNK B 1237 70.54 41.67 47.77
CA UNK B 1237 70.32 40.93 49.02
C UNK B 1237 70.36 41.78 50.29
N UNK B 1238 69.34 42.62 50.50
CA UNK B 1238 69.26 43.49 51.69
C UNK B 1238 68.18 44.56 51.60
N UNK B 1239 68.02 45.13 50.40
CA UNK B 1239 67.06 46.21 50.10
C UNK B 1239 65.92 46.50 51.09
N UNK B 1240 65.48 47.76 51.08
CA UNK B 1240 64.42 48.29 51.93
C UNK B 1240 64.52 49.82 51.99
N UNK B 1241 63.39 50.52 52.14
CA UNK B 1241 63.40 51.99 52.21
C UNK B 1241 62.02 52.67 52.30
N UNK B 1242 62.05 54.00 52.23
CA UNK B 1242 60.87 54.87 52.28
C UNK B 1242 59.99 54.79 53.53
N UNK B 1243 58.81 55.40 53.42
CA UNK B 1243 57.81 55.45 54.49
C UNK B 1243 56.81 56.52 54.08
N UNK B 1244 55.68 56.11 53.52
CA UNK B 1244 54.67 57.05 53.11
C UNK B 1244 53.64 57.25 54.21
N UNK B 1245 52.75 58.21 54.00
CA UNK B 1245 51.71 58.53 54.97
C UNK B 1245 50.32 58.14 54.47
N UNK B 1246 49.51 57.61 55.37
CA UNK B 1246 48.15 57.19 55.02
C UNK B 1246 47.26 58.39 54.76
N UNK B 1247 47.69 59.23 53.81
CA UNK B 1247 47.01 60.45 53.38
C UNK B 1247 45.50 60.33 53.19
N UNK B 1248 44.87 61.43 52.78
CA UNK B 1248 43.45 61.45 52.47
C UNK B 1248 43.50 61.42 50.96
N UNK B 1249 44.69 61.06 50.47
CA UNK B 1249 45.02 60.95 49.06
C UNK B 1249 44.52 59.59 48.54
N UNK B 1250 43.56 59.02 49.27
CA UNK B 1250 42.97 57.74 48.91
C UNK B 1250 41.90 57.89 47.84
N UNK B 1251 40.91 58.73 48.11
CA UNK B 1251 39.82 58.96 47.15
C UNK B 1251 40.42 59.43 45.83
N UNK B 1252 41.75 59.57 45.82
CA UNK B 1252 42.49 60.00 44.64
C UNK B 1252 43.15 58.76 44.00
N UNK B 1253 43.41 57.74 44.82
CA UNK B 1253 44.00 56.49 44.33
C UNK B 1253 42.96 55.38 44.48
N UNK B 1254 41.75 55.79 44.85
CA UNK B 1254 40.62 54.89 45.04
C UNK B 1254 39.58 55.24 43.98
N UNK B 1255 38.89 56.36 44.18
CA UNK B 1255 37.87 56.82 43.24
C UNK B 1255 38.50 56.91 41.85
N UNK B 1256 39.80 56.57 41.80
CA UNK B 1256 40.59 56.57 40.56
C UNK B 1256 40.40 55.24 39.86
N UNK B 1257 40.96 54.18 40.43
CA UNK B 1257 40.83 52.86 39.87
C UNK B 1257 39.62 52.18 40.52
N UNK B 1258 38.47 52.30 39.87
CA UNK B 1258 37.22 51.70 40.36
C UNK B 1258 36.81 52.12 41.78
N UNK B 1259 35.56 52.55 41.91
CA UNK B 1259 34.99 53.00 43.19
C UNK B 1259 34.79 51.88 44.22
N UNK B 1260 35.90 51.26 44.64
CA UNK B 1260 35.87 50.16 45.61
C UNK B 1260 34.89 50.39 46.77
N UNK B 1261 34.75 49.38 47.62
CA UNK B 1261 33.85 49.46 48.77
C UNK B 1261 33.69 50.90 49.24
N UNK B 1262 32.46 51.38 49.21
CA UNK B 1262 32.18 52.75 49.62
C UNK B 1262 32.10 52.93 51.14
N UNK B 1263 31.06 52.39 51.76
CA UNK B 1263 30.89 52.51 53.21
C UNK B 1263 32.06 51.89 53.99
N UNK B 1264 33.20 51.77 53.31
CA UNK B 1264 34.43 51.23 53.88
C UNK B 1264 35.62 51.92 53.19
N UNK B 1265 35.39 53.17 52.77
CA UNK B 1265 36.42 53.96 52.10
C UNK B 1265 35.91 55.33 51.61
N UNK B 1266 35.48 56.21 52.53
CA UNK B 1266 34.98 57.54 52.18
C UNK B 1266 34.41 58.44 53.30
N UNK B 1267 33.18 58.91 53.05
CA UNK B 1267 32.35 59.80 53.89
C UNK B 1267 32.70 60.14 55.35
N UNK B 1268 31.66 60.16 56.19
CA UNK B 1268 31.73 60.51 57.61
C UNK B 1268 32.35 59.53 58.60
N UNK B 1269 32.22 59.88 59.88
CA UNK B 1269 32.71 59.13 61.04
C UNK B 1269 33.64 57.91 60.81
N UNK B 1270 34.90 58.17 60.46
CA UNK B 1270 35.94 57.16 60.22
C UNK B 1270 36.18 56.78 58.75
N UNK B 1271 37.40 56.98 58.27
CA UNK B 1271 37.79 56.67 56.89
C UNK B 1271 38.74 55.47 56.81
N UNK B 1272 38.25 54.39 56.20
CA UNK B 1272 39.02 53.14 56.04
C UNK B 1272 39.76 53.09 54.72
N UNK B 1273 41.04 52.75 54.78
CA UNK B 1273 41.88 52.69 53.60
C UNK B 1273 41.88 51.39 52.84
N UNK B 1274 41.23 51.41 51.68
CA UNK B 1274 41.15 50.25 50.82
C UNK B 1274 42.57 49.75 50.54
N UNK B 1275 42.84 48.50 50.91
CA UNK B 1275 44.16 47.89 50.72
C UNK B 1275 44.28 46.94 49.53
N UNK B 1276 43.38 47.06 48.56
CA UNK B 1276 43.42 46.21 47.36
C UNK B 1276 44.47 46.87 46.47
N UNK B 1277 45.08 47.89 47.04
CA UNK B 1277 46.14 48.67 46.41
C UNK B 1277 46.68 49.61 47.49
N UNK B 1278 47.06 50.82 47.08
CA UNK B 1278 47.61 51.82 48.00
C UNK B 1278 48.90 51.30 48.63
N UNK B 1279 49.00 49.97 48.74
CA UNK B 1279 50.18 49.31 49.30
C UNK B 1279 51.15 49.21 48.13
N UNK B 1280 50.59 49.11 46.93
CA UNK B 1280 51.40 49.04 45.72
C UNK B 1280 51.95 50.45 45.47
N UNK B 1281 51.28 51.43 46.08
CA UNK B 1281 51.69 52.81 45.97
C UNK B 1281 52.61 53.03 47.17
N UNK B 1282 52.16 52.53 48.32
CA UNK B 1282 52.91 52.63 49.56
C UNK B 1282 54.21 51.84 49.48
N UNK B 1283 54.63 51.50 48.27
CA UNK B 1283 55.86 50.76 48.09
C UNK B 1283 56.24 50.49 46.64
N UNK B 1284 55.52 51.06 45.67
CA UNK B 1284 55.88 50.85 44.27
C UNK B 1284 57.35 51.22 44.25
N UNK B 1285 57.65 52.36 44.87
CA UNK B 1285 59.01 52.86 45.00
C UNK B 1285 59.56 52.27 46.30
N UNK B 1286 59.60 50.94 46.35
CA UNK B 1286 60.09 50.20 47.50
C UNK B 1286 60.23 48.82 46.90
N UNK B 1287 59.14 48.40 46.28
CA UNK B 1287 59.08 47.12 45.62
C UNK B 1287 59.73 47.36 44.26
N UNK B 1288 59.08 48.21 43.45
CA UNK B 1288 59.59 48.53 42.12
C UNK B 1288 61.03 48.86 42.34
N UNK B 1289 61.35 49.23 43.58
CA UNK B 1289 62.71 49.52 43.95
C UNK B 1289 63.33 48.15 43.83
N UNK B 1290 63.53 47.51 44.97
CA UNK B 1290 64.10 46.19 45.03
C UNK B 1290 65.04 45.94 43.85
N UNK B 1291 65.30 44.67 43.58
CA UNK B 1291 66.18 44.29 42.48
C UNK B 1291 65.48 44.61 41.17
N UNK B 1292 64.31 45.26 41.27
CA UNK B 1292 63.59 45.62 40.08
C UNK B 1292 64.58 46.43 39.28
N UNK B 1293 65.04 47.55 39.86
CA UNK B 1293 66.02 48.44 39.25
C UNK B 1293 67.40 48.23 39.89
N UNK B 1294 67.39 47.81 41.16
CA UNK B 1294 68.63 47.56 41.91
C UNK B 1294 69.39 46.37 41.34
N UNK B 1295 68.71 45.57 40.54
CA UNK B 1295 69.32 44.42 39.91
C UNK B 1295 70.45 44.96 39.04
N UNK B 1296 70.14 46.01 38.29
CA UNK B 1296 71.12 46.63 37.40
C UNK B 1296 72.47 46.61 38.09
N UNK B 1297 73.39 45.83 37.53
CA UNK B 1297 74.75 45.64 38.02
C UNK B 1297 74.85 44.32 38.79
N UNK B 1298 74.32 44.28 40.02
CA UNK B 1298 74.34 43.08 40.85
C UNK B 1298 73.88 41.88 40.03
N UNK B 1299 73.15 42.17 38.95
CA UNK B 1299 72.60 41.21 38.00
C UNK B 1299 71.32 41.75 37.35
N UNK B 1300 71.44 42.22 36.11
CA UNK B 1300 70.29 42.76 35.37
C UNK B 1300 70.61 43.20 33.95
N UNK B 1301 69.57 43.19 33.11
CA UNK B 1301 69.69 43.57 31.72
C UNK B 1301 68.52 44.42 31.27
N UNK B 1302 68.61 44.92 30.03
CA UNK B 1302 67.61 45.79 29.38
C UNK B 1302 66.18 45.73 29.88
N UNK B 1303 65.97 46.10 31.14
CA UNK B 1303 64.64 46.09 31.73
C UNK B 1303 63.73 47.00 30.92
N UNK B 1304 64.03 47.10 29.63
CA UNK B 1304 63.24 47.87 28.70
C UNK B 1304 61.96 47.07 28.54
N UNK B 1305 62.14 45.74 28.44
CA UNK B 1305 61.02 44.82 28.29
C UNK B 1305 61.08 43.70 29.34
N UNK B 1306 60.52 43.97 30.52
CA UNK B 1306 60.46 43.00 31.63
C UNK B 1306 59.07 43.12 32.25
N UNK B 1307 58.35 42.01 32.36
CA UNK B 1307 56.99 42.04 32.92
C UNK B 1307 56.86 41.48 34.33
N UNK B 1308 55.80 41.90 35.04
CA UNK B 1308 55.54 41.46 36.40
C UNK B 1308 54.48 40.37 36.39
N UNK B 1309 54.81 39.22 36.96
CA UNK B 1309 53.90 38.09 37.01
C UNK B 1309 52.70 38.38 37.89
N UNK B 1310 52.86 38.22 39.20
CA UNK B 1310 51.77 38.44 40.14
C UNK B 1310 52.13 39.43 41.27
N UNK B 1311 51.12 40.16 41.78
CA UNK B 1311 51.32 41.13 42.86
C UNK B 1311 50.95 40.45 44.18
N UNK B 1312 50.52 41.21 45.19
CA UNK B 1312 50.16 40.60 46.47
C UNK B 1312 49.40 41.43 47.50
N UNK B 1313 49.06 40.74 48.58
CA UNK B 1313 48.32 41.27 49.73
C UNK B 1313 48.02 40.06 50.63
N UNK B 1314 48.28 40.18 51.94
CA UNK B 1314 48.03 39.10 52.90
C UNK B 1314 48.20 39.60 54.33
N UNK B 1315 47.19 40.29 54.84
CA UNK B 1315 47.21 40.86 56.20
C UNK B 1315 47.51 39.90 57.37
N UNK B 1316 48.79 39.53 57.50
CA UNK B 1316 49.31 38.62 58.54
C UNK B 1316 48.41 38.08 59.65
N UNK B 1317 47.68 38.96 60.35
CA UNK B 1317 46.80 38.53 61.43
C UNK B 1317 46.38 39.69 62.34
N UNK B 1318 46.31 40.90 61.77
CA UNK B 1318 45.96 42.09 62.56
C UNK B 1318 44.69 42.83 62.13
N UNK B 1319 44.70 44.16 62.33
CA UNK B 1319 43.58 45.02 61.98
C UNK B 1319 43.68 45.49 60.54
N UNK B 1320 42.68 46.26 60.10
CA UNK B 1320 42.62 46.77 58.73
C UNK B 1320 43.88 47.56 58.29
N UNK B 1321 43.63 48.71 57.68
CA UNK B 1321 44.68 49.63 57.22
C UNK B 1321 44.00 50.99 57.14
N UNK B 1322 43.89 51.66 58.28
CA UNK B 1322 43.24 52.98 58.40
C UNK B 1322 44.18 54.18 58.24
N UNK B 1323 43.67 55.25 57.64
CA UNK B 1323 44.41 56.48 57.38
C UNK B 1323 45.31 56.94 58.52
N UNK B 1324 46.52 56.38 58.61
CA UNK B 1324 47.49 56.74 59.66
C UNK B 1324 48.81 55.96 59.54
N UNK B 1325 49.92 56.62 59.90
CA UNK B 1325 51.27 56.03 59.86
C UNK B 1325 51.65 55.40 58.51
N UNK B 1326 52.54 54.39 58.55
CA UNK B 1326 53.02 53.65 57.37
C UNK B 1326 54.53 53.63 57.15
N UNK B 1327 55.05 52.46 56.80
CA UNK B 1327 56.47 52.27 56.54
C UNK B 1327 56.70 50.90 55.88
N UNK B 1328 57.26 50.91 54.67
CA UNK B 1328 57.52 49.68 53.89
C UNK B 1328 58.77 48.91 54.33
N UNK B 1329 59.30 48.10 53.40
CA UNK B 1329 60.49 47.29 53.62
C UNK B 1329 60.58 46.17 52.58
N UNK B 1330 61.41 46.36 51.56
CA UNK B 1330 61.59 45.38 50.48
C UNK B 1330 62.11 44.02 50.97
N UNK B 1331 62.56 43.17 50.03
CA UNK B 1331 63.08 41.86 50.38
C UNK B 1331 63.83 41.16 49.26
N UNK B 1332 63.28 41.19 48.04
CA UNK B 1332 63.90 40.55 46.89
C UNK B 1332 64.40 39.16 47.25
N UNK B 1333 63.51 38.35 47.84
CA UNK B 1333 63.83 36.97 48.23
C UNK B 1333 63.52 35.97 47.11
N UNK B 1334 64.58 35.59 46.38
CA UNK B 1334 64.54 34.65 45.26
C UNK B 1334 64.55 35.36 43.90
N UNK B 1335 65.43 34.88 43.03
CA UNK B 1335 65.59 35.42 41.67
C UNK B 1335 66.64 34.59 40.96
N UNK B 1336 66.24 33.86 39.92
CA UNK B 1336 67.16 33.02 39.16
C UNK B 1336 66.95 33.19 37.67
N UNK B 1337 67.73 32.44 36.89
CA UNK B 1337 67.68 32.53 35.43
C UNK B 1337 67.32 31.25 34.69
N UNK B 1338 66.06 31.15 34.28
CA UNK B 1338 65.58 29.99 33.53
C UNK B 1338 66.31 29.99 32.20
N UNK B 1339 66.02 29.00 31.36
CA UNK B 1339 66.67 28.95 30.07
C UNK B 1339 65.88 29.85 29.12
N UNK B 1340 64.62 30.10 29.46
CA UNK B 1340 63.75 30.92 28.64
C UNK B 1340 63.76 32.40 29.00
N UNK B 1341 64.36 32.73 30.13
CA UNK B 1341 64.45 34.11 30.61
C UNK B 1341 65.07 34.18 32.01
N UNK B 1342 64.69 35.19 32.79
CA UNK B 1342 65.16 35.37 34.16
C UNK B 1342 64.04 36.00 34.99
N UNK B 1343 64.01 35.69 36.29
CA UNK B 1343 62.97 36.23 37.14
C UNK B 1343 63.48 36.58 38.51
N UNK B 1344 62.70 37.38 39.22
CA UNK B 1344 63.06 37.79 40.56
C UNK B 1344 61.78 38.08 41.33
N UNK B 1345 61.51 37.23 42.32
CA UNK B 1345 60.31 37.38 43.15
C UNK B 1345 60.65 38.19 44.36
N UNK B 1346 60.32 39.48 44.32
CA UNK B 1346 60.60 40.32 45.46
C UNK B 1346 59.56 40.08 46.54
N UNK B 1347 60.01 39.92 47.78
CA UNK B 1347 59.11 39.70 48.91
C UNK B 1347 58.99 41.08 49.56
N UNK B 1348 58.24 41.20 50.64
CA UNK B 1348 58.10 42.49 51.30
C UNK B 1348 57.27 42.47 52.57
N UNK B 1349 57.14 43.64 53.21
CA UNK B 1349 56.38 43.77 54.44
C UNK B 1349 56.21 45.22 54.90
N UNK B 1350 54.99 45.73 54.80
CA UNK B 1350 54.72 47.09 55.23
C UNK B 1350 54.54 46.97 56.75
N UNK B 1351 54.99 47.97 57.52
CA UNK B 1351 54.88 47.94 58.99
C UNK B 1351 54.02 49.07 59.57
N UNK B 1352 53.30 48.77 60.65
CA UNK B 1352 52.43 49.74 61.32
C UNK B 1352 52.88 50.07 62.74
N UNK B 1353 52.03 50.79 63.47
CA UNK B 1353 52.30 51.19 64.85
C UNK B 1353 53.32 50.26 65.48
N UNK B 1354 52.93 49.01 65.67
CA UNK B 1354 53.82 48.00 66.25
C UNK B 1354 54.72 47.45 65.17
N UNK B 1355 54.31 46.32 64.58
CA UNK B 1355 55.06 45.67 63.52
C UNK B 1355 54.21 44.65 62.76
N UNK B 1356 54.50 44.46 61.48
CA UNK B 1356 53.76 43.52 60.64
C UNK B 1356 52.34 44.00 60.35
N UNK B 1357 51.99 44.08 59.07
CA UNK B 1357 50.65 44.53 58.68
C UNK B 1357 50.03 43.76 57.51
N UNK B 1358 50.64 43.84 56.32
CA UNK B 1358 50.13 43.14 55.14
C UNK B 1358 51.23 42.81 54.11
N UNK B 1359 52.13 41.90 54.49
CA UNK B 1359 53.24 41.47 53.62
C UNK B 1359 52.80 41.31 52.17
N UNK B 1360 53.43 42.06 51.26
CA UNK B 1360 53.09 41.99 49.84
C UNK B 1360 54.27 41.51 48.98
N UNK B 1361 53.97 40.67 47.99
CA UNK B 1361 54.98 40.11 47.07
C UNK B 1361 54.60 40.37 45.62
N UNK B 1362 55.57 40.28 44.71
CA UNK B 1362 55.28 40.51 43.30
C UNK B 1362 56.41 40.14 42.36
N UNK B 1363 56.73 38.85 42.31
CA UNK B 1363 57.77 38.33 41.45
C UNK B 1363 57.69 38.88 40.04
N UNK B 1364 58.73 39.60 39.61
CA UNK B 1364 58.79 40.15 38.26
C UNK B 1364 59.90 39.39 37.52
N UNK B 1365 60.00 39.57 36.20
CA UNK B 1365 61.02 38.88 35.41
C UNK B 1365 61.44 39.64 34.16
N UNK B 1366 62.65 39.33 33.69
CA UNK B 1366 63.24 39.97 32.52
C UNK B 1366 63.08 39.15 31.24
N UNK B 1367 63.71 39.62 30.17
CA UNK B 1367 63.64 38.96 28.88
C UNK B 1367 64.34 37.60 28.88
N UNK B 1368 64.39 36.98 27.70
CA UNK B 1368 65.02 35.67 27.51
C UNK B 1368 66.54 35.74 27.31
N UNK B 1369 67.25 34.68 27.67
CA UNK B 1369 68.71 34.64 27.54
C UNK B 1369 69.31 35.76 28.38
N UNK B 1370 68.44 36.49 29.08
CA UNK B 1370 68.83 37.62 29.94
C UNK B 1370 69.11 37.16 31.36
N UNK B 1371 70.31 36.62 31.54
CA UNK B 1371 70.86 36.08 32.78
C UNK B 1371 71.42 34.74 32.34
N UNK B 1372 71.38 34.53 31.02
CA UNK B 1372 71.87 33.32 30.38
C UNK B 1372 73.22 32.95 30.96
N UNK B 1373 74.17 33.87 30.88
CA UNK B 1373 75.49 33.66 31.42
C UNK B 1373 75.48 34.07 32.89
N UNK B 1374 74.67 35.07 33.22
CA UNK B 1374 74.55 35.59 34.58
C UNK B 1374 74.24 34.46 35.55
N UNK B 1375 74.08 33.25 35.01
CA UNK B 1375 73.80 32.06 35.80
C UNK B 1375 74.73 31.97 37.01
N UNK B 1376 75.86 32.67 36.91
CA UNK B 1376 76.84 32.69 37.98
C UNK B 1376 76.20 33.24 39.25
N UNK B 1377 76.94 34.04 40.01
CA UNK B 1377 76.41 34.62 41.22
C UNK B 1377 75.26 35.52 40.78
N UNK B 1378 74.09 34.92 40.68
CA UNK B 1378 72.90 35.65 40.29
C UNK B 1378 71.69 34.77 40.56
N UNK B 1379 71.90 33.45 40.54
CA UNK B 1379 70.81 32.53 40.80
C UNK B 1379 70.57 32.43 42.30
N UNK B 1380 69.80 33.38 42.83
CA UNK B 1380 69.50 33.40 44.27
C UNK B 1380 67.99 33.28 44.52
N UNK B 1381 67.50 32.03 44.52
CA UNK B 1381 66.09 31.73 44.76
C UNK B 1381 65.93 30.76 45.92
N UNK B 1382 65.00 31.08 46.81
CA UNK B 1382 64.76 30.23 47.96
C UNK B 1382 63.65 29.23 47.65
N UNK B 1383 62.93 28.83 48.69
CA UNK B 1383 61.81 27.88 48.59
C UNK B 1383 61.26 27.54 49.97
N UNK B 1384 59.93 27.52 50.09
CA UNK B 1384 59.29 27.22 51.37
C UNK B 1384 58.86 25.74 51.50
N UNK B 1385 59.03 24.97 50.43
CA UNK B 1385 58.66 23.55 50.37
C UNK B 1385 57.65 23.14 51.45
N UNK B 1386 56.37 23.35 51.18
CA UNK B 1386 55.27 23.04 52.11
C UNK B 1386 55.44 21.75 52.91
N UNK B 1387 54.94 21.79 54.14
CA UNK B 1387 54.99 20.72 55.14
C UNK B 1387 55.38 19.29 54.75
N UNK B 1388 54.89 18.37 55.57
CA UNK B 1388 55.11 16.93 55.44
C UNK B 1388 54.88 16.40 56.86
N UNK B 1389 54.23 15.23 57.00
CA UNK B 1389 53.96 14.66 58.34
C UNK B 1389 54.00 13.13 58.43
N UNK B 1390 55.19 12.56 58.54
CA UNK B 1390 55.36 11.12 58.66
C UNK B 1390 54.93 10.66 60.06
N UNK B 1391 54.26 9.52 60.14
CA UNK B 1391 53.81 8.98 61.43
C UNK B 1391 54.71 7.79 61.78
N UNK B 1392 55.45 7.91 62.87
CA UNK B 1392 56.37 6.86 63.29
C UNK B 1392 55.68 5.52 63.38
N UNK B 1393 56.14 4.57 62.56
CA UNK B 1393 55.57 3.23 62.54
C UNK B 1393 56.05 2.45 63.74
N UNK B 1394 57.29 2.00 63.67
CA UNK B 1394 57.88 1.24 64.76
C UNK B 1394 59.25 0.73 64.36
N UNK B 1395 60.15 0.73 65.35
CA UNK B 1395 61.51 0.23 65.16
C UNK B 1395 62.15 0.63 63.84
N UNK B 1396 61.95 -0.21 62.82
CA UNK B 1396 62.52 0.07 61.49
C UNK B 1396 62.07 1.43 60.99
N UNK B 1397 60.76 1.58 60.78
CA UNK B 1397 60.19 2.83 60.31
C UNK B 1397 60.36 3.94 61.36
N UNK B 1398 61.29 3.70 62.29
CA UNK B 1398 61.60 4.63 63.38
C UNK B 1398 63.11 4.68 63.58
N UNK B 1399 63.83 4.18 62.58
CA UNK B 1399 65.27 4.14 62.62
C UNK B 1399 65.77 5.03 61.50
N UNK B 1400 64.90 5.24 60.54
CA UNK B 1400 65.24 6.07 59.40
C UNK B 1400 65.57 7.48 59.86
N UNK B 1401 64.63 8.14 60.53
CA UNK B 1401 64.79 9.51 61.01
C UNK B 1401 66.00 9.74 61.89
N UNK B 1402 66.86 8.74 61.98
CA UNK B 1402 68.09 8.80 62.77
C UNK B 1402 69.24 8.26 61.91
N UNK B 1403 68.88 7.71 60.76
CA UNK B 1403 69.85 7.15 59.83
C UNK B 1403 70.25 8.13 58.75
N UNK B 1404 69.48 9.21 58.60
CA UNK B 1404 69.76 10.24 57.58
C UNK B 1404 70.16 11.62 58.14
N UNK B 1405 71.29 11.65 58.84
CA UNK B 1405 71.86 12.86 59.45
C UNK B 1405 70.88 14.02 59.57
N UNK B 1406 69.89 13.86 60.44
CA UNK B 1406 68.89 14.89 60.66
C UNK B 1406 68.60 14.95 62.15
N UNK B 1407 69.37 15.80 62.83
CA UNK B 1407 69.31 16.08 64.27
C UNK B 1407 68.33 15.36 65.21
N UNK B 1408 67.93 16.11 66.24
CA UNK B 1408 67.00 15.68 67.28
C UNK B 1408 67.21 16.65 68.44
N UNK B 1409 66.24 17.51 68.69
CA UNK B 1409 66.34 18.50 69.78
C UNK B 1409 66.70 17.90 71.13
N UNK B 1410 66.68 16.56 71.21
CA UNK B 1410 67.03 15.85 72.44
C UNK B 1410 67.45 14.42 72.15
N UNK B 1411 68.19 14.23 71.05
CA UNK B 1411 68.69 12.91 70.60
C UNK B 1411 68.29 11.69 71.43
N UNK B 1412 68.66 11.69 72.72
CA UNK B 1412 68.35 10.57 73.62
C UNK B 1412 66.88 10.51 74.08
N UNK B 1413 66.34 11.66 74.46
CA UNK B 1413 64.94 11.77 74.93
C UNK B 1413 63.94 11.59 73.80
N UNK B 1414 62.66 11.78 74.10
CA UNK B 1414 61.58 11.63 73.12
C UNK B 1414 61.90 10.50 72.13
N UNK B 1415 62.69 9.54 72.58
CA UNK B 1415 63.06 8.39 71.76
C UNK B 1415 62.03 7.34 72.11
N UNK B 1416 61.55 7.39 73.36
CA UNK B 1416 60.53 6.48 73.86
C UNK B 1416 59.18 6.99 73.34
N UNK B 1417 59.19 8.27 72.94
CA UNK B 1417 58.01 8.92 72.37
C UNK B 1417 58.15 8.80 70.85
N UNK B 1418 59.38 8.56 70.40
CA UNK B 1418 59.70 8.38 68.98
C UNK B 1418 59.23 6.98 68.58
N UNK B 1419 58.07 6.61 69.11
CA UNK B 1419 57.45 5.31 68.86
C UNK B 1419 56.14 5.54 68.09
N UNK B 1420 55.01 5.38 68.76
CA UNK B 1420 53.72 5.58 68.09
C UNK B 1420 53.31 7.04 68.10
N UNK B 1421 54.18 7.89 67.56
CA UNK B 1421 53.93 9.33 67.50
C UNK B 1421 53.67 9.82 66.08
N UNK B 1422 53.66 11.14 65.89
CA UNK B 1422 53.41 11.72 64.58
C UNK B 1422 54.20 13.02 64.35
N UNK B 1423 55.53 12.92 64.24
CA UNK B 1423 56.40 14.09 64.01
C UNK B 1423 55.96 14.88 62.77
N UNK B 1424 55.51 16.13 62.98
CA UNK B 1424 55.03 16.98 61.90
C UNK B 1424 56.13 17.66 61.07
N UNK B 1425 57.22 16.94 60.81
CA UNK B 1425 58.39 17.43 60.05
C UNK B 1425 58.11 18.35 58.82
N UNK B 1426 58.02 19.67 59.05
CA UNK B 1426 57.76 20.69 58.01
C UNK B 1426 58.93 21.71 57.85
N UNK B 1427 59.68 21.57 56.75
CA UNK B 1427 60.86 22.39 56.46
C UNK B 1427 60.78 23.67 55.61
N UNK B 1428 61.91 23.91 54.93
CA UNK B 1428 62.14 25.05 54.03
C UNK B 1428 63.50 24.77 53.34
N UNK B 1429 63.91 25.60 52.37
CA UNK B 1429 65.19 25.39 51.68
C UNK B 1429 65.52 26.40 50.55
N UNK B 1430 66.81 26.68 50.33
CA UNK B 1430 67.32 27.61 49.29
C UNK B 1430 68.59 27.04 48.62
N UNK B 1431 68.88 27.46 47.39
CA UNK B 1431 70.05 26.92 46.68
C UNK B 1431 71.09 27.91 46.17
N UNK B 1432 72.17 27.38 45.60
CA UNK B 1432 73.29 28.16 45.05
C UNK B 1432 73.18 28.40 43.56
N UNK B 1433 74.34 28.57 42.92
CA UNK B 1433 74.36 28.86 41.50
C UNK B 1433 74.53 27.68 40.55
N UNK B 1434 75.77 27.48 40.05
CA UNK B 1434 76.12 26.42 39.10
C UNK B 1434 75.40 26.56 37.75
N UNK B 1435 75.73 25.67 36.80
CA UNK B 1435 75.17 25.69 35.44
C UNK B 1435 73.65 25.66 35.38
N UNK B 1436 73.11 24.85 34.47
CA UNK B 1436 71.66 24.71 34.33
C UNK B 1436 71.23 23.71 35.40
N UNK B 1437 72.23 23.11 36.06
CA UNK B 1437 72.01 22.13 37.12
C UNK B 1437 73.10 22.25 38.21
N UNK B 1438 72.77 21.78 39.42
CA UNK B 1438 73.67 21.80 40.58
C UNK B 1438 73.50 23.06 41.45
N UNK B 1439 74.63 23.61 41.92
CA UNK B 1439 74.74 24.84 42.74
C UNK B 1439 75.40 24.69 44.12
N UNK B 1440 74.55 24.52 45.14
CA UNK B 1440 74.94 24.36 46.54
C UNK B 1440 73.77 24.85 47.41
N UNK B 1441 72.98 23.94 47.96
CA UNK B 1441 71.81 24.30 48.78
C UNK B 1441 71.69 23.60 50.13
N UNK B 1442 70.86 24.17 50.99
CA UNK B 1442 70.61 23.64 52.34
C UNK B 1442 69.14 23.84 52.71
N UNK B 1443 68.64 22.99 53.60
CA UNK B 1443 67.24 23.09 54.00
C UNK B 1443 67.04 23.40 55.47
N UNK B 1444 66.28 24.47 55.75
CA UNK B 1444 65.96 24.89 57.12
C UNK B 1444 65.08 23.79 57.69
N UNK B 1445 64.59 23.91 58.92
CA UNK B 1445 63.77 22.82 59.44
C UNK B 1445 62.89 23.07 60.65
N UNK B 1446 63.06 22.19 61.64
CA UNK B 1446 62.33 22.16 62.90
C UNK B 1446 61.22 21.10 62.80
N UNK B 1447 61.44 19.94 63.41
CA UNK B 1447 60.45 18.86 63.41
C UNK B 1447 59.39 19.20 64.45
N UNK B 1448 58.34 18.40 64.56
CA UNK B 1448 57.31 18.71 65.55
C UNK B 1448 56.33 17.59 65.84
N UNK B 1449 56.52 16.91 66.96
CA UNK B 1449 55.64 15.82 67.37
C UNK B 1449 54.24 16.35 67.73
N UNK B 1450 53.20 15.56 67.47
CA UNK B 1450 51.81 15.95 67.76
C UNK B 1450 51.48 15.80 69.24
N UNK B 1451 50.52 16.60 69.70
CA UNK B 1451 50.12 16.59 71.10
C UNK B 1451 48.91 15.70 71.41
N UNK B 1452 48.83 15.27 72.67
CA UNK B 1452 47.72 14.43 73.14
C UNK B 1452 46.41 15.22 73.04
N UNK B 1453 46.48 16.38 72.40
CA UNK B 1453 45.32 17.24 72.20
C UNK B 1453 45.47 17.82 70.81
N UNK B 1454 46.64 17.58 70.22
CA UNK B 1454 47.00 18.03 68.88
C UNK B 1454 47.62 19.44 68.79
N UNK B 1455 48.93 19.47 68.58
CA UNK B 1455 49.69 20.72 68.45
C UNK B 1455 51.09 20.34 68.01
N UNK B 1456 51.87 21.32 67.55
CA UNK B 1456 53.23 21.05 67.11
C UNK B 1456 54.28 21.66 68.03
N UNK B 1457 54.89 20.80 68.85
CA UNK B 1457 55.94 21.23 69.77
C UNK B 1457 57.28 20.78 69.21
N UNK B 1458 58.02 21.74 68.66
CA UNK B 1458 59.33 21.48 68.07
C UNK B 1458 60.12 20.40 68.80
N UNK B 1459 60.10 19.19 68.25
CA UNK B 1459 60.81 18.07 68.83
C UNK B 1459 62.28 18.08 68.39
N UNK B 1460 62.59 18.82 67.33
CA UNK B 1460 63.96 18.90 66.80
C UNK B 1460 64.11 19.87 65.61
N UNK B 1461 64.80 19.42 64.58
CA UNK B 1461 65.03 20.19 63.36
C UNK B 1461 66.12 19.51 62.53
N UNK B 1462 66.17 19.82 61.24
CA UNK B 1462 67.16 19.23 60.34
C UNK B 1462 67.74 20.25 59.35
N UNK B 1463 68.71 19.82 58.54
CA UNK B 1463 69.35 20.70 57.54
C UNK B 1463 70.60 20.10 56.87
N UNK B 1464 70.56 19.96 55.56
CA UNK B 1464 71.70 19.42 54.81
C UNK B 1464 72.27 20.56 54.00
N UNK B 1465 73.37 20.31 53.29
CA UNK B 1465 74.01 21.35 52.47
C UNK B 1465 75.25 20.85 51.69
N UNK B 1466 75.41 21.34 50.46
CA UNK B 1466 76.52 20.99 49.58
C UNK B 1466 76.20 21.38 48.13
N UNK B 1467 77.18 21.26 47.25
CA UNK B 1467 76.96 21.61 45.85
C UNK B 1467 76.63 20.34 45.06
N UNK B 1468 75.39 20.26 44.60
CA UNK B 1468 74.94 19.09 43.83
C UNK B 1468 73.54 19.26 43.24
N UNK B 1469 73.22 18.46 42.22
CA UNK B 1469 71.93 18.50 41.54
C UNK B 1469 70.80 17.91 42.41
N UNK B 1470 69.59 18.47 42.29
CA UNK B 1470 68.41 18.03 43.04
C UNK B 1470 68.50 18.14 44.57
N UNK B 1471 67.34 18.13 45.24
CA UNK B 1471 67.29 18.22 46.71
C UNK B 1471 67.82 16.96 47.38
N UNK B 1472 67.24 16.62 48.52
CA UNK B 1472 67.66 15.43 49.27
C UNK B 1472 66.85 15.54 50.54
N UNK B 1473 66.10 16.62 50.60
CA UNK B 1473 65.25 16.89 51.74
C UNK B 1473 63.91 16.21 51.49
N UNK B 1474 63.37 16.38 50.28
CA UNK B 1474 62.06 15.81 49.94
C UNK B 1474 62.02 14.35 49.52
N UNK B 1475 62.74 13.98 48.46
CA UNK B 1475 62.75 12.61 47.95
C UNK B 1475 62.98 11.58 49.05
N UNK B 1476 63.33 12.08 50.24
CA UNK B 1476 63.56 11.25 51.43
C UNK B 1476 62.60 11.61 52.57
N UNK B 1477 62.05 12.82 52.53
CA UNK B 1477 61.09 13.23 53.56
C UNK B 1477 59.71 13.09 52.94
N UNK B 1478 59.32 14.07 52.14
CA UNK B 1478 58.02 14.04 51.48
C UNK B 1478 57.72 12.72 50.75
N UNK B 1479 58.74 11.88 50.54
CA UNK B 1479 58.55 10.59 49.88
C UNK B 1479 57.88 9.58 50.82
N UNK B 1480 58.64 9.09 51.81
CA UNK B 1480 58.14 8.13 52.79
C UNK B 1480 57.19 8.77 53.82
N UNK B 1481 56.28 9.62 53.34
CA UNK B 1481 55.30 10.31 54.19
C UNK B 1481 54.17 11.02 53.41
N UNK B 1482 53.32 11.74 54.13
CA UNK B 1482 52.18 12.44 53.53
C UNK B 1482 52.31 13.94 53.50
N UNK B 1483 52.14 14.52 52.31
CA UNK B 1483 52.23 15.96 52.10
C UNK B 1483 50.98 16.66 52.62
N UNK B 1484 50.92 16.86 53.94
CA UNK B 1484 49.78 17.50 54.59
C UNK B 1484 49.59 18.93 54.05
N UNK B 1485 48.51 19.14 53.28
CA UNK B 1485 48.22 20.45 52.69
C UNK B 1485 46.99 21.12 53.30
N UNK B 1486 46.99 22.45 53.28
CA UNK B 1486 45.87 23.24 53.80
C UNK B 1486 45.10 23.74 52.58
N UNK B 1487 43.83 24.10 52.79
CA UNK B 1487 42.93 24.57 51.72
C UNK B 1487 42.12 23.36 51.22
N UNK B 1488 40.80 23.50 51.13
CA UNK B 1488 39.97 22.38 50.72
C UNK B 1488 39.47 22.32 49.27
N UNK B 1489 38.14 22.33 49.15
CA UNK B 1489 37.42 22.29 47.88
C UNK B 1489 35.98 22.05 48.33
N UNK B 1490 35.03 22.82 47.79
CA UNK B 1490 33.62 22.70 48.19
C UNK B 1490 32.93 21.39 47.78
N UNK B 1491 33.69 20.30 47.81
CA UNK B 1491 33.19 18.95 47.50
C UNK B 1491 32.63 18.76 46.09
N UNK B 1492 33.50 18.37 45.16
CA UNK B 1492 33.13 18.10 43.76
C UNK B 1492 32.13 19.14 43.26
N UNK B 1493 31.92 20.15 44.09
CA UNK B 1493 31.02 21.25 43.80
C UNK B 1493 31.95 22.43 43.70
N UNK B 1494 31.56 23.44 42.93
CA UNK B 1494 32.39 24.60 42.78
C UNK B 1494 31.55 25.86 42.91
N UNK B 1495 30.37 25.74 43.53
CA UNK B 1495 29.50 26.90 43.70
C UNK B 1495 29.60 27.84 42.50
N UNK B 1496 29.49 29.14 42.76
CA UNK B 1496 29.58 30.14 41.71
C UNK B 1496 29.22 31.52 42.24
N UNK B 1497 30.22 32.39 42.37
CA UNK B 1497 29.99 33.76 42.84
C UNK B 1497 29.14 34.43 41.78
N UNK B 1498 29.65 34.45 40.55
CA UNK B 1498 28.99 35.00 39.38
C UNK B 1498 30.00 35.61 38.43
N UNK B 1499 29.50 36.28 37.40
CA UNK B 1499 30.32 36.93 36.38
C UNK B 1499 29.84 38.35 36.11
N UNK B 1500 30.79 39.26 35.88
CA UNK B 1500 30.48 40.66 35.60
C UNK B 1500 31.42 41.24 34.54
N UNK B 1501 30.90 42.17 33.75
CA UNK B 1501 31.67 42.82 32.68
C UNK B 1501 32.31 44.11 33.17
N UNK B 1502 33.64 44.18 33.10
CA UNK B 1502 34.40 45.34 33.55
C UNK B 1502 35.21 45.98 32.43
N UNK B 1503 34.83 47.19 32.03
CA UNK B 1503 35.53 47.92 30.96
C UNK B 1503 37.00 48.13 31.37
N UNK B 1504 37.88 48.25 30.37
CA UNK B 1504 39.31 48.39 30.64
C UNK B 1504 39.87 49.80 30.58
N UNK B 1505 40.51 50.22 31.68
CA UNK B 1505 41.14 51.52 31.81
C UNK B 1505 40.57 52.53 30.82
N UNK B 1506 39.67 53.39 31.31
CA UNK B 1506 39.01 54.41 30.50
C UNK B 1506 39.92 55.19 29.54
N UNK B 1507 40.18 54.60 28.37
CA UNK B 1507 41.02 55.19 27.33
C UNK B 1507 41.91 56.34 27.80
N UNK B 1508 42.65 56.10 28.88
CA UNK B 1508 43.55 57.11 29.46
C UNK B 1508 44.46 56.44 30.47
N UNK B 1509 45.53 55.81 29.98
CA UNK B 1509 46.47 55.14 30.88
C UNK B 1509 47.03 56.14 31.91
N UNK B 1510 47.05 57.42 31.55
CA UNK B 1510 47.57 58.49 32.40
C UNK B 1510 46.92 58.64 33.78
N UNK B 1511 45.86 59.43 33.85
CA UNK B 1511 45.12 59.71 35.08
C UNK B 1511 45.17 58.58 36.10
N UNK B 1512 45.09 57.34 35.63
CA UNK B 1512 45.11 56.18 36.52
C UNK B 1512 46.52 55.80 36.97
N UNK B 1513 46.67 54.52 37.37
CA UNK B 1513 47.93 53.92 37.85
C UNK B 1513 49.04 54.94 38.03
N UNK B 1514 49.42 55.58 36.93
CA UNK B 1514 50.44 56.62 36.98
C UNK B 1514 50.17 57.42 38.25
N UNK B 1515 49.00 58.07 38.27
CA UNK B 1515 48.58 58.87 39.40
C UNK B 1515 48.32 58.03 40.66
N UNK B 1516 49.41 57.53 41.23
CA UNK B 1516 49.40 56.72 42.44
C UNK B 1516 50.65 55.83 42.58
N UNK B 1517 51.36 55.60 41.47
CA UNK B 1517 52.57 54.76 41.53
C UNK B 1517 53.49 54.78 40.30
N UNK B 1518 54.55 53.98 40.41
CA UNK B 1518 55.63 53.81 39.42
C UNK B 1518 55.24 53.87 37.94
N UNK B 1519 54.70 55.00 37.50
CA UNK B 1519 54.27 55.21 36.12
C UNK B 1519 55.40 55.10 35.08
N UNK B 1520 55.79 53.86 34.79
CA UNK B 1520 56.87 53.56 33.83
C UNK B 1520 56.68 54.07 32.40
N UNK B 1521 57.68 53.78 31.57
CA UNK B 1521 57.70 54.22 30.18
C UNK B 1521 56.47 53.83 29.35
N UNK B 1522 55.92 52.64 29.58
CA UNK B 1522 54.75 52.17 28.82
C UNK B 1522 53.41 52.82 29.20
N UNK B 1523 53.15 53.98 28.61
CA UNK B 1523 51.92 54.75 28.83
C UNK B 1523 52.00 56.04 28.01
N UNK B 1524 52.92 56.05 27.05
CA UNK B 1524 53.15 57.19 26.15
C UNK B 1524 53.59 56.68 24.78
N UNK B 1525 52.89 57.11 23.72
CA UNK B 1525 53.15 56.71 22.33
C UNK B 1525 54.63 56.51 21.97
N UNK B 1526 55.42 57.56 22.17
CA UNK B 1526 56.86 57.53 21.88
C UNK B 1526 57.52 56.30 22.51
N UNK B 1527 57.93 56.45 23.76
CA UNK B 1527 58.58 55.38 24.51
C UNK B 1527 57.92 54.02 24.27
N UNK B 1528 56.67 53.89 24.68
CA UNK B 1528 55.93 52.64 24.54
C UNK B 1528 56.09 51.93 23.19
N UNK B 1529 55.51 52.51 22.15
CA UNK B 1529 55.55 51.94 20.80
C UNK B 1529 56.87 51.26 20.42
N UNK B 1530 57.91 51.46 21.22
CA UNK B 1530 59.21 50.86 20.95
C UNK B 1530 59.14 49.34 20.99
N UNK B 1531 59.52 48.78 22.13
CA UNK B 1531 59.55 47.33 22.34
C UNK B 1531 58.24 46.57 22.04
N UNK B 1532 57.17 46.88 22.77
CA UNK B 1532 55.87 46.22 22.58
C UNK B 1532 55.32 46.35 21.16
N UNK B 1533 54.02 46.19 21.06
CA UNK B 1533 53.34 46.30 19.79
C UNK B 1533 51.92 46.70 20.12
N UNK B 1534 51.55 46.51 21.38
CA UNK B 1534 50.23 46.84 21.85
C UNK B 1534 49.92 48.32 21.58
N UNK B 1535 50.02 49.12 22.64
CA UNK B 1535 49.78 50.58 22.64
C UNK B 1535 49.98 50.96 24.10
N UNK B 1536 49.01 51.65 24.71
CA UNK B 1536 49.14 51.99 26.11
C UNK B 1536 49.25 50.70 26.98
N UNK B 1537 48.11 50.19 27.45
CA UNK B 1537 48.00 48.96 28.27
C UNK B 1537 47.31 49.22 29.60
N UNK B 1538 48.01 48.85 30.67
CA UNK B 1538 47.57 48.98 32.05
C UNK B 1538 48.30 47.85 32.76
N UNK B 1539 48.08 47.72 34.06
CA UNK B 1539 48.74 46.66 34.82
C UNK B 1539 47.82 46.26 35.96
N UNK B 1540 48.30 46.43 37.19
CA UNK B 1540 47.49 46.10 38.35
C UNK B 1540 46.19 46.88 38.15
N UNK B 1541 46.21 47.79 37.17
CA UNK B 1541 45.08 48.65 36.77
C UNK B 1541 43.86 47.77 36.70
N UNK B 1542 44.16 46.49 36.57
CA UNK B 1542 43.18 45.44 36.49
C UNK B 1542 43.29 44.64 37.79
N UNK B 1543 44.52 44.27 38.15
CA UNK B 1543 44.78 43.49 39.35
C UNK B 1543 43.85 43.89 40.48
N UNK B 1544 43.84 45.18 40.79
CA UNK B 1544 43.00 45.70 41.86
C UNK B 1544 41.66 46.23 41.34
N UNK B 1545 41.43 46.11 40.03
CA UNK B 1545 40.16 46.56 39.44
C UNK B 1545 39.23 45.35 39.51
N UNK B 1546 39.84 44.19 39.40
CA UNK B 1546 39.14 42.92 39.47
C UNK B 1546 39.07 42.57 40.95
N UNK B 1547 40.23 42.37 41.57
CA UNK B 1547 40.34 42.03 43.00
C UNK B 1547 39.76 43.19 43.82
N UNK B 1548 38.69 43.76 43.29
CA UNK B 1548 37.93 44.86 43.87
C UNK B 1548 36.50 44.50 43.55
N UNK B 1549 36.28 44.24 42.27
CA UNK B 1549 34.98 43.82 41.82
C UNK B 1549 34.75 42.53 42.62
N UNK B 1550 35.82 41.75 42.71
CA UNK B 1550 35.83 40.48 43.44
C UNK B 1550 35.83 40.73 44.94
N UNK B 1551 35.22 41.84 45.32
CA UNK B 1551 35.14 42.21 46.73
C UNK B 1551 33.76 42.83 46.92
N UNK B 1552 33.40 43.70 45.98
CA UNK B 1552 32.11 44.35 46.03
C UNK B 1552 31.10 43.23 45.92
N UNK B 1553 31.52 42.15 45.25
CA UNK B 1553 30.67 40.98 45.04
C UNK B 1553 31.08 39.78 45.90
N UNK B 1554 32.36 39.70 46.28
CA UNK B 1554 32.85 38.60 47.11
C UNK B 1554 32.31 38.68 48.55
N UNK B 1555 31.60 39.77 48.82
CA UNK B 1555 30.98 40.06 50.10
C UNK B 1555 30.49 41.51 50.00
N UNK B 1556 30.20 42.15 51.12
CA UNK B 1556 29.73 43.52 51.05
C UNK B 1556 30.78 44.53 51.59
N UNK B 1557 31.42 44.20 52.70
CA UNK B 1557 32.42 45.07 53.32
C UNK B 1557 33.85 44.67 53.00
N UNK B 1558 34.54 45.51 52.22
CA UNK B 1558 35.93 45.24 51.85
C UNK B 1558 36.73 45.02 53.10
N UNK B 1559 36.12 45.34 54.23
CA UNK B 1559 36.74 45.20 55.55
C UNK B 1559 37.19 43.77 55.83
N UNK B 1560 36.63 42.82 55.09
CA UNK B 1560 36.97 41.41 55.31
C UNK B 1560 37.89 40.78 54.27
N UNK B 1561 38.09 41.47 53.16
CA UNK B 1561 38.90 40.99 52.05
C UNK B 1561 40.30 40.41 52.36
N UNK B 1562 40.45 39.73 53.49
CA UNK B 1562 41.72 39.14 53.94
C UNK B 1562 42.93 38.96 53.00
N UNK B 1563 42.75 38.61 51.72
CA UNK B 1563 43.92 38.43 50.80
C UNK B 1563 43.68 37.95 49.34
N UNK B 1564 43.97 38.82 48.35
CA UNK B 1564 43.81 38.48 46.92
C UNK B 1564 45.14 38.06 46.30
N UNK B 1565 45.19 38.01 44.97
CA UNK B 1565 46.43 37.61 44.30
C UNK B 1565 46.24 37.42 42.81
N UNK B 1566 46.33 38.51 42.04
CA UNK B 1566 46.18 38.46 40.58
C UNK B 1566 47.36 37.66 39.99
N UNK B 1567 47.24 37.23 38.74
CA UNK B 1567 48.33 36.46 38.12
C UNK B 1567 48.77 37.00 36.75
N UNK B 1568 48.18 38.12 36.32
CA UNK B 1568 48.51 38.75 35.03
C UNK B 1568 48.69 37.72 33.92
N UNK B 1569 47.58 37.34 33.28
CA UNK B 1569 47.60 36.32 32.24
C UNK B 1569 48.39 36.70 30.99
N UNK B 1570 47.89 37.67 30.25
CA UNK B 1570 48.56 38.12 29.04
C UNK B 1570 48.30 39.62 28.83
N UNK B 1571 49.05 40.24 27.92
CA UNK B 1571 48.93 41.67 27.62
C UNK B 1571 47.50 42.22 27.66
N UNK B 1572 47.19 42.95 28.73
CA UNK B 1572 45.87 43.54 28.93
C UNK B 1572 45.63 44.80 28.09
N UNK B 1573 44.72 44.72 27.13
CA UNK B 1573 44.39 45.83 26.26
C UNK B 1573 44.23 47.18 26.97
N UNK B 1574 44.37 48.27 26.21
CA UNK B 1574 44.27 49.61 26.77
C UNK B 1574 42.84 50.02 27.12
N UNK B 1575 42.08 50.39 26.09
CA UNK B 1575 40.70 50.81 26.27
C UNK B 1575 39.71 49.70 25.95
N UNK B 1576 40.22 48.53 25.56
CA UNK B 1576 39.38 47.38 25.22
C UNK B 1576 38.72 46.69 26.42
N UNK B 1577 37.38 46.69 26.42
CA UNK B 1577 36.57 46.10 27.49
C UNK B 1577 36.98 44.68 27.90
N UNK B 1578 36.56 44.27 29.10
CA UNK B 1578 36.89 42.95 29.63
C UNK B 1578 35.67 42.23 30.27
N UNK B 1579 35.95 41.31 31.19
CA UNK B 1579 34.93 40.55 31.90
C UNK B 1579 35.57 39.43 32.71
N UNK B 1580 35.36 39.47 34.02
CA UNK B 1580 35.92 38.47 34.92
C UNK B 1580 34.81 37.79 35.73
N UNK B 1581 35.10 36.61 36.28
CA UNK B 1581 34.12 35.87 37.08
C UNK B 1581 34.75 35.01 38.18
N UNK B 1582 34.12 35.00 39.35
CA UNK B 1582 34.61 34.21 40.49
C UNK B 1582 33.53 33.28 40.99
N UNK B 1583 33.95 32.26 41.75
CA UNK B 1583 33.04 31.26 42.31
C UNK B 1583 33.69 30.64 43.55
N UNK B 1584 32.94 30.48 44.66
CA UNK B 1584 33.49 29.89 45.90
C UNK B 1584 34.34 28.67 45.56
N UNK B 1585 35.22 28.22 46.43
CA UNK B 1585 35.99 27.07 46.03
C UNK B 1585 36.70 26.27 47.10
N UNK B 1586 36.90 26.86 48.28
CA UNK B 1586 37.61 26.14 49.36
C UNK B 1586 37.53 26.69 50.80
N UNK B 1587 38.67 26.61 51.49
CA UNK B 1587 38.74 27.06 52.87
C UNK B 1587 40.14 27.47 53.38
N UNK B 1588 40.76 26.59 54.17
CA UNK B 1588 42.07 26.81 54.80
C UNK B 1588 41.88 27.44 56.19
N UNK B 1589 40.67 27.98 56.37
CA UNK B 1589 40.19 28.64 57.58
C UNK B 1589 39.30 29.78 57.08
N UNK B 1590 39.72 30.39 55.97
CA UNK B 1590 39.01 31.51 55.33
C UNK B 1590 37.90 31.10 54.36
N UNK B 1591 38.22 30.91 53.07
CA UNK B 1591 37.20 30.51 52.09
C UNK B 1591 37.62 30.22 50.63
N UNK B 1592 38.68 30.87 50.14
CA UNK B 1592 39.13 30.71 48.74
C UNK B 1592 38.04 31.30 47.86
N UNK B 1593 38.35 31.63 46.62
CA UNK B 1593 37.32 32.22 45.76
C UNK B 1593 37.82 32.56 44.39
N UNK B 1594 38.92 31.93 43.99
CA UNK B 1594 39.55 32.15 42.67
C UNK B 1594 38.62 32.64 41.53
N UNK B 1595 39.22 33.36 40.59
CA UNK B 1595 38.47 33.91 39.45
C UNK B 1595 39.34 34.27 38.24
N UNK B 1596 38.71 34.30 37.08
CA UNK B 1596 39.38 34.61 35.82
C UNK B 1596 38.71 35.79 35.12
N UNK B 1597 39.49 36.60 34.39
CA UNK B 1597 38.98 37.74 33.63
C UNK B 1597 39.48 37.56 32.20
N UNK B 1598 38.65 37.81 31.20
CA UNK B 1598 39.11 37.59 29.83
C UNK B 1598 38.82 38.68 28.81
N UNK B 1599 39.71 38.82 27.83
CA UNK B 1599 39.61 39.81 26.76
C UNK B 1599 38.26 39.79 26.08
N UNK B 1600 37.86 40.92 25.52
CA UNK B 1600 36.58 40.99 24.82
C UNK B 1600 36.81 40.13 23.60
N UNK B 1601 38.07 39.77 23.38
CA UNK B 1601 38.48 38.94 22.27
C UNK B 1601 38.36 37.47 22.68
N UNK B 1602 38.06 37.27 23.96
CA UNK B 1602 37.92 35.96 24.58
C UNK B 1602 39.31 35.39 24.84
N UNK B 1603 40.15 36.21 25.47
CA UNK B 1603 41.52 35.83 25.78
C UNK B 1603 41.70 35.73 27.28
N UNK B 1604 42.63 34.87 27.68
CA UNK B 1604 42.90 34.68 29.09
C UNK B 1604 43.87 35.74 29.61
N UNK B 1605 43.32 36.81 30.17
CA UNK B 1605 44.14 37.89 30.74
C UNK B 1605 43.73 38.01 32.20
N UNK B 1606 44.41 38.88 32.95
CA UNK B 1606 44.08 39.06 34.36
C UNK B 1606 44.38 37.79 35.15
N UNK B 1607 44.51 36.69 34.42
CA UNK B 1607 44.80 35.38 34.98
C UNK B 1607 44.10 34.97 36.28
N UNK B 1608 44.80 34.13 37.04
CA UNK B 1608 44.32 33.60 38.29
C UNK B 1608 43.70 34.62 39.25
N UNK B 1609 43.49 34.16 40.48
CA UNK B 1609 42.92 34.95 41.57
C UNK B 1609 42.85 34.00 42.77
N UNK B 1610 42.24 34.45 43.87
CA UNK B 1610 42.15 33.59 45.04
C UNK B 1610 41.11 34.06 46.05
N UNK B 1611 41.39 35.17 46.73
CA UNK B 1611 40.52 35.74 47.76
C UNK B 1611 40.70 35.00 49.09
N UNK B 1612 39.77 35.19 50.02
CA UNK B 1612 39.85 34.51 51.30
C UNK B 1612 38.88 35.08 52.33
N UNK B 1613 37.74 35.62 51.87
CA UNK B 1613 36.74 36.20 52.76
C UNK B 1613 36.37 35.35 54.01
N UNK B 1614 35.38 35.81 54.79
CA UNK B 1614 34.93 35.10 55.98
C UNK B 1614 33.59 35.66 56.45
N UNK B 1615 32.85 34.91 57.28
CA UNK B 1615 31.55 35.37 57.79
C UNK B 1615 31.52 35.56 59.32
N UNK B 1616 30.54 36.32 59.80
CA UNK B 1616 30.40 36.61 61.23
C UNK B 1616 29.90 35.42 62.04
N UNK B 1617 30.82 34.47 62.27
CA UNK B 1617 30.56 33.23 62.99
C UNK B 1617 29.93 33.35 64.39
N UNK B 1618 29.63 32.19 64.97
CA UNK B 1618 29.03 32.07 66.29
C UNK B 1618 28.44 30.66 66.46
N UNK B 1619 29.30 29.68 66.73
CA UNK B 1619 28.87 28.29 66.94
C UNK B 1619 28.25 28.10 68.34
N UNK B 1620 27.66 26.92 68.57
CA UNK B 1620 27.04 26.62 69.86
C UNK B 1620 27.37 25.20 70.36
N UNK B 1621 26.37 24.51 70.90
CA UNK B 1621 26.60 23.16 71.43
C UNK B 1621 25.35 22.32 71.76
N UNK B 1622 25.57 21.23 72.48
CA UNK B 1622 24.53 20.28 72.89
C UNK B 1622 23.45 20.85 73.78
N UNK B 1623 22.52 19.99 74.18
CA UNK B 1623 21.42 20.36 75.06
C UNK B 1623 21.21 19.32 76.15
N GLN B 1624 22.23 18.49 76.36
CA GLN B 1624 22.20 17.43 77.37
C GLN B 1624 20.80 16.82 77.55
N GLY B 1625 20.09 16.61 76.44
CA GLY B 1625 18.77 16.04 76.53
C GLY B 1625 18.15 15.79 75.17
N SER B 1626 19.00 15.74 74.15
CA SER B 1626 18.54 15.50 72.77
C SER B 1626 18.90 14.09 72.35
N GLN B 1627 20.08 13.65 72.77
CA GLN B 1627 20.64 12.33 72.48
C GLN B 1627 19.65 11.22 72.14
N GLU B 1628 20.08 10.29 71.29
CA GLU B 1628 19.26 9.15 70.88
C GLU B 1628 19.97 8.21 69.92
N GLN B 1629 19.57 6.94 69.98
CA GLN B 1629 20.13 5.86 69.17
C GLN B 1629 21.16 6.32 68.14
N GLY B 1630 20.73 6.43 66.88
CA GLY B 1630 21.62 6.83 65.80
C GLY B 1630 22.87 7.61 66.18
N MET B 1631 22.67 8.83 66.65
CA MET B 1631 23.77 9.69 67.06
C MET B 1631 24.89 9.74 66.01
N GLY B 1632 24.73 10.65 65.04
CA GLY B 1632 25.70 10.85 63.98
C GLY B 1632 26.65 9.73 63.59
N MET B 1633 26.24 8.49 63.83
CA MET B 1633 27.08 7.36 63.48
C MET B 1633 27.39 7.43 62.00
N ASP B 1634 26.37 7.77 61.22
CA ASP B 1634 26.49 7.89 59.77
C ASP B 1634 27.86 8.46 59.51
N LEU B 1635 28.10 9.61 60.13
CA LEU B 1635 29.35 10.30 60.00
C LEU B 1635 30.49 9.31 60.22
N TYR B 1636 30.50 8.69 61.39
CA TYR B 1636 31.57 7.74 61.75
C TYR B 1636 32.31 7.19 60.54
N LYS B 1637 31.64 6.41 59.71
CA LYS B 1637 32.31 5.83 58.56
C LYS B 1637 32.78 6.90 57.57
N THR B 1638 31.97 7.94 57.40
CA THR B 1638 32.25 9.04 56.46
C THR B 1638 33.67 9.64 56.44
N SER B 1639 34.02 10.42 57.48
CA SER B 1639 35.33 11.08 57.53
C SER B 1639 36.28 10.55 58.59
N LYS B 1640 37.53 10.35 58.17
CA LYS B 1640 38.56 9.85 59.08
C LYS B 1640 38.64 10.81 60.25
N ALA B 1641 38.04 11.99 60.06
CA ALA B 1641 38.02 13.00 61.10
C ALA B 1641 37.38 12.36 62.33
N ALA B 1642 36.07 12.56 62.45
CA ALA B 1642 35.32 11.99 63.55
C ALA B 1642 35.86 10.60 63.85
N GLN B 1643 36.21 9.89 62.78
CA GLN B 1643 36.71 8.53 62.88
C GLN B 1643 37.42 8.31 64.22
N ASP B 1644 38.73 8.53 64.23
CA ASP B 1644 39.53 8.33 65.44
C ASP B 1644 39.03 9.05 66.69
N VAL B 1645 38.23 10.11 66.53
CA VAL B 1645 37.71 10.81 67.69
C VAL B 1645 37.16 9.71 68.59
N TRP B 1646 36.13 9.03 68.10
CA TRP B 1646 35.53 7.95 68.87
C TRP B 1646 36.58 6.93 69.19
N ASN B 1647 37.07 6.25 68.16
CA ASN B 1647 38.10 5.23 68.34
C ASN B 1647 38.87 5.48 69.63
N ARG B 1648 39.61 6.59 69.65
CA ARG B 1648 40.37 6.93 70.83
C ARG B 1648 39.50 6.76 72.06
N ALA B 1649 38.45 7.60 72.16
CA ALA B 1649 37.54 7.56 73.30
C ALA B 1649 37.05 6.16 73.60
N ASP B 1650 36.27 5.61 72.68
CA ASP B 1650 35.73 4.28 72.84
C ASP B 1650 36.85 3.30 73.14
N ASN B 1651 38.00 3.48 72.52
CA ASN B 1651 39.11 2.57 72.76
C ASN B 1651 39.56 2.79 74.20
N HIS B 1652 40.15 3.95 74.46
CA HIS B 1652 40.62 4.30 75.79
C HIS B 1652 39.56 3.94 76.80
N PHE B 1653 38.31 3.86 76.35
CA PHE B 1653 37.24 3.54 77.27
C PHE B 1653 37.26 2.10 77.76
N LYS B 1654 36.73 1.19 76.95
CA LYS B 1654 36.72 -0.21 77.32
C LYS B 1654 38.12 -0.61 77.76
N ASP B 1655 39.08 0.27 77.46
CA ASP B 1655 40.48 0.06 77.80
C ASP B 1655 40.75 0.43 79.26
N THR B 1656 40.29 1.62 79.65
CA THR B 1656 40.43 2.11 81.02
C THR B 1656 39.28 1.56 81.83
N TYR B 1657 38.08 1.73 81.29
CA TYR B 1657 36.90 1.24 81.96
C TYR B 1657 36.10 0.41 80.98
N GLY B 1658 36.34 -0.91 80.99
CA GLY B 1658 35.67 -1.86 80.11
C GLY B 1658 34.33 -1.38 79.61
N PHE B 1659 33.98 -1.72 78.38
CA PHE B 1659 32.72 -1.30 77.75
C PHE B 1659 33.04 -0.17 76.78
N SER B 1660 32.29 -0.10 75.68
CA SER B 1660 32.52 0.91 74.65
C SER B 1660 31.38 1.89 74.40
N ILE B 1661 31.72 3.17 74.34
CA ILE B 1661 30.74 4.23 74.10
C ILE B 1661 29.99 3.84 72.85
N LEU B 1662 30.70 3.86 71.72
CA LEU B 1662 30.13 3.49 70.43
C LEU B 1662 29.06 2.44 70.64
N ASP B 1663 29.49 1.29 71.16
CA ASP B 1663 28.59 0.20 71.42
C ASP B 1663 27.29 0.82 71.94
N ILE B 1664 27.41 1.49 73.07
CA ILE B 1664 26.26 2.13 73.72
C ILE B 1664 25.59 3.17 72.85
N VAL B 1665 26.37 3.82 72.00
CA VAL B 1665 25.81 4.83 71.12
C VAL B 1665 24.98 4.21 70.01
N ILE B 1666 25.58 3.28 69.27
CA ILE B 1666 24.86 2.62 68.18
C ILE B 1666 23.56 2.06 68.76
N ASN B 1667 23.65 0.90 69.39
CA ASN B 1667 22.50 0.27 70.01
C ASN B 1667 22.47 0.69 71.47
N ASN B 1668 21.29 0.61 72.09
CA ASN B 1668 21.12 1.00 73.49
C ASN B 1668 21.03 -0.25 74.37
N PRO B 1669 22.17 -0.91 74.61
CA PRO B 1669 22.22 -2.13 75.42
C PRO B 1669 21.80 -1.95 76.87
N VAL B 1670 20.88 -1.04 77.13
CA VAL B 1670 20.44 -0.80 78.49
C VAL B 1670 19.90 -2.08 79.12
N ASN B 1671 18.72 -2.00 79.73
CA ASN B 1671 18.12 -3.15 80.38
C ASN B 1671 19.20 -3.63 81.38
N LEU B 1672 19.44 -4.93 81.41
CA LEU B 1672 20.47 -5.50 82.28
C LEU B 1672 21.78 -5.09 81.58
N THR B 1673 21.91 -3.79 81.31
CA THR B 1673 23.08 -3.24 80.63
C THR B 1673 24.39 -3.75 81.16
N ILE B 1674 25.47 -3.22 80.60
CA ILE B 1674 26.80 -3.60 80.99
C ILE B 1674 26.95 -3.84 82.48
N HIS B 1675 27.88 -4.71 82.81
CA HIS B 1675 28.17 -5.07 84.19
C HIS B 1675 29.63 -5.45 84.18
N PHE B 1676 30.13 -5.67 82.97
CA PHE B 1676 31.51 -6.04 82.75
C PHE B 1676 31.77 -7.38 83.37
N GLY B 1677 32.48 -8.23 82.65
CA GLY B 1677 32.81 -9.51 83.24
C GLY B 1677 33.90 -9.07 84.20
N GLY B 1678 34.36 -7.84 83.99
CA GLY B 1678 35.41 -7.26 84.81
C GLY B 1678 36.39 -8.33 85.20
N GLU B 1679 37.14 -8.79 84.20
CA GLU B 1679 38.11 -9.85 84.41
C GLU B 1679 38.68 -9.78 85.79
N LYS B 1680 38.92 -10.96 86.33
CA LYS B 1680 39.48 -11.11 87.65
C LYS B 1680 40.95 -11.45 87.43
N GLY B 1681 41.37 -11.35 86.16
CA GLY B 1681 42.74 -11.61 85.79
C GLY B 1681 43.29 -10.37 85.11
N LYS B 1682 44.61 -10.17 85.20
CA LYS B 1682 45.26 -9.03 84.59
C LYS B 1682 44.40 -7.77 84.45
N ARG B 1683 43.67 -7.65 83.35
CA ARG B 1683 42.82 -6.49 83.10
C ARG B 1683 41.83 -6.18 84.21
N ILE B 1684 41.82 -7.01 85.25
CA ILE B 1684 40.93 -6.78 86.37
C ILE B 1684 41.23 -5.43 86.98
N ARG B 1685 42.31 -5.39 87.77
CA ARG B 1685 42.76 -4.19 88.48
C ARG B 1685 42.48 -2.90 87.74
N GLU B 1686 43.24 -2.67 86.68
CA GLU B 1686 43.09 -1.46 85.89
C GLU B 1686 41.63 -1.03 85.73
N ASN B 1687 40.70 -1.95 86.00
CA ASN B 1687 39.27 -1.65 85.93
C ASN B 1687 38.68 -1.79 87.32
N TYR B 1688 38.47 -3.04 87.71
CA TYR B 1688 37.92 -3.38 89.02
C TYR B 1688 38.88 -2.92 90.11
N SER B 1689 39.11 -1.62 90.11
CA SER B 1689 39.99 -0.94 91.05
C SER B 1689 40.30 0.36 90.34
N ALA B 1690 41.34 0.34 89.51
CA ALA B 1690 41.71 1.53 88.77
C ALA B 1690 40.47 2.22 88.26
N MET B 1691 40.40 3.52 88.55
CA MET B 1691 39.31 4.39 88.17
C MET B 1691 37.95 4.02 88.78
N ILE B 1692 37.60 2.74 88.82
CA ILE B 1692 36.31 2.35 89.41
C ILE B 1692 36.54 1.98 90.87
N PHE B 1693 35.64 2.42 91.74
CA PHE B 1693 35.70 2.22 93.20
C PHE B 1693 36.38 3.44 93.76
N GLU B 1694 37.55 3.75 93.20
CA GLU B 1694 38.34 4.89 93.64
C GLU B 1694 37.57 6.18 93.33
N THR B 1695 36.40 6.04 92.74
CA THR B 1695 35.53 7.17 92.42
C THR B 1695 35.11 7.85 93.73
N ILE B 1696 35.15 9.17 93.76
CA ILE B 1696 34.80 9.88 94.99
C ILE B 1696 34.00 11.17 94.78
N VAL B 1697 32.80 11.21 95.36
CA VAL B 1697 31.94 12.40 95.26
C VAL B 1697 31.84 13.03 96.64
N ASP B 1698 31.56 14.33 96.67
CA ASP B 1698 31.47 15.03 97.94
C ASP B 1698 30.14 15.74 98.22
N GLY B 1699 29.03 15.19 97.72
CA GLY B 1699 27.74 15.80 97.98
C GLY B 1699 27.54 15.80 99.48
N LYS B 1700 27.84 14.65 100.09
CA LYS B 1700 27.75 14.44 101.53
C LYS B 1700 29.09 13.81 101.98
N LEU B 1701 29.59 14.24 103.14
CA LEU B 1701 30.88 13.76 103.69
C LEU B 1701 32.05 13.78 102.68
N LYS B 1702 33.26 13.57 103.18
CA LYS B 1702 34.48 13.58 102.34
C LYS B 1702 34.69 12.36 101.45
N THR B 1703 34.67 11.15 102.03
CA THR B 1703 34.88 9.94 101.24
C THR B 1703 33.66 9.02 101.07
N GLU B 1704 32.95 9.22 99.96
CA GLU B 1704 31.79 8.41 99.58
C GLU B 1704 32.17 7.88 98.21
N LYS B 1705 32.94 6.81 98.20
CA LYS B 1705 33.41 6.19 96.97
C LYS B 1705 32.25 5.63 96.15
N ILE B 1706 31.95 6.32 95.05
CA ILE B 1706 30.87 5.95 94.14
C ILE B 1706 30.40 4.52 94.30
N PHE B 1707 29.26 4.37 94.96
CA PHE B 1707 28.65 3.08 95.23
C PHE B 1707 29.72 2.02 95.47
N LYS B 1708 29.78 1.54 96.71
CA LYS B 1708 30.73 0.51 97.07
C LYS B 1708 30.48 -0.68 96.16
N GLU B 1709 30.42 -1.87 96.73
CA GLU B 1709 30.19 -3.07 95.95
C GLU B 1709 31.47 -3.36 95.20
N ILE B 1710 32.05 -2.31 94.62
CA ILE B 1710 33.28 -2.42 93.86
C ILE B 1710 34.32 -3.15 94.72
N ASN B 1711 33.97 -3.33 95.99
CA ASN B 1711 34.82 -3.98 96.96
C ASN B 1711 35.86 -4.94 96.38
N GLU B 1712 37.08 -4.81 96.91
CA GLU B 1712 38.23 -5.64 96.54
C GLU B 1712 37.96 -6.51 95.32
N HIS B 1713 37.87 -7.81 95.54
CA HIS B 1713 37.61 -8.75 94.46
C HIS B 1713 36.22 -8.48 93.90
N SER B 1714 35.21 -9.18 94.45
CA SER B 1714 33.81 -9.06 94.04
C SER B 1714 33.69 -8.61 92.58
N THR B 1715 33.58 -9.58 91.68
CA THR B 1715 33.49 -9.30 90.25
C THR B 1715 32.14 -8.89 89.73
N SER B 1716 32.16 -7.89 88.83
CA SER B 1716 30.99 -7.37 88.14
C SER B 1716 29.96 -6.45 88.78
N TYR B 1717 29.99 -5.18 88.39
CA TYR B 1717 29.00 -4.21 88.85
C TYR B 1717 27.97 -4.39 87.75
N THR B 1718 27.01 -3.47 87.61
CA THR B 1718 26.00 -3.60 86.58
C THR B 1718 25.11 -2.39 86.49
N PHE B 1719 25.54 -1.36 85.75
CA PHE B 1719 24.71 -0.17 85.62
C PHE B 1719 23.46 -0.72 84.94
N ARG B 1720 22.38 0.06 84.92
CA ARG B 1720 21.16 -0.38 84.25
C ARG B 1720 19.87 0.38 84.50
N SER B 1721 19.35 1.00 83.45
CA SER B 1721 18.08 1.68 83.53
C SER B 1721 17.24 0.62 82.84
N GLU B 1722 15.99 0.92 82.54
CA GLU B 1722 15.19 -0.09 81.87
C GLU B 1722 14.39 0.53 80.74
N LYS B 1723 14.87 1.69 80.29
CA LYS B 1723 14.20 2.42 79.23
C LYS B 1723 15.21 3.04 78.25
N GLY B 1724 16.50 2.86 78.53
CA GLY B 1724 17.54 3.40 77.66
C GLY B 1724 18.80 3.91 78.33
N LEU B 1725 19.68 3.00 78.75
CA LEU B 1725 20.93 3.37 79.42
C LEU B 1725 21.69 4.44 78.68
N LEU B 1726 21.40 4.62 77.40
CA LEU B 1726 22.06 5.65 76.62
C LEU B 1726 21.57 6.98 77.15
N SER B 1727 21.42 7.02 78.46
CA SER B 1727 21.00 8.19 79.20
C SER B 1727 21.62 8.06 80.61
N ALA B 1728 20.82 8.15 81.66
CA ALA B 1728 21.33 8.06 83.02
C ALA B 1728 22.40 9.14 83.18
N THR B 1729 22.46 10.04 82.19
CA THR B 1729 23.41 11.15 82.13
C THR B 1729 24.78 10.75 82.66
N GLN B 1730 24.99 9.45 82.76
CA GLN B 1730 26.23 8.89 83.26
C GLN B 1730 26.96 8.47 82.02
N PHE B 1731 26.17 8.39 80.95
CA PHE B 1731 26.65 8.01 79.65
C PHE B 1731 26.26 9.10 78.67
N THR B 1732 25.01 9.52 78.76
CA THR B 1732 24.50 10.56 77.87
C THR B 1732 25.62 11.50 77.51
N GLN B 1733 26.28 12.00 78.54
CA GLN B 1733 27.37 12.93 78.36
C GLN B 1733 28.43 12.33 77.45
N PRO B 1734 29.13 11.27 77.89
CA PRO B 1734 30.17 10.66 77.05
C PRO B 1734 29.85 10.70 75.56
N ALA B 1735 28.59 10.45 75.23
CA ALA B 1735 28.15 10.45 73.85
C ALA B 1735 27.96 11.86 73.30
N LEU B 1736 26.83 12.48 73.67
CA LEU B 1736 26.51 13.83 73.21
C LEU B 1736 27.75 14.69 73.16
N THR B 1737 28.67 14.43 74.08
CA THR B 1737 29.93 15.15 74.10
C THR B 1737 30.70 14.63 72.90
N LEU B 1738 31.34 13.48 73.10
CA LEU B 1738 32.13 12.82 72.08
C LEU B 1738 31.54 13.15 70.72
N MET B 1739 30.23 13.00 70.62
CA MET B 1739 29.53 13.28 69.39
C MET B 1739 29.98 14.58 68.75
N GLU B 1740 29.61 15.70 69.36
CA GLU B 1740 29.98 17.01 68.82
C GLU B 1740 31.45 17.10 68.45
N LYS B 1741 32.31 16.67 69.38
CA LYS B 1741 33.75 16.71 69.15
C LYS B 1741 34.04 16.25 67.74
N ALA B 1742 33.86 14.96 67.52
CA ALA B 1742 34.08 14.39 66.21
C ALA B 1742 33.56 15.42 65.21
N ALA B 1743 32.23 15.61 65.22
CA ALA B 1743 31.57 16.56 64.33
C ALA B 1743 32.46 17.74 64.08
N PHE B 1744 32.99 18.32 65.15
CA PHE B 1744 33.85 19.46 64.98
C PHE B 1744 35.01 19.10 64.08
N GLU B 1745 35.94 18.31 64.61
CA GLU B 1745 37.12 17.89 63.86
C GLU B 1745 36.87 18.02 62.37
N ASP B 1746 36.06 17.10 61.83
CA ASP B 1746 35.72 17.09 60.41
C ASP B 1746 35.69 18.50 59.86
N LEU B 1747 35.03 19.38 60.59
CA LEU B 1747 34.89 20.75 60.17
C LEU B 1747 36.22 21.42 59.93
N LYS B 1748 36.91 21.85 60.99
CA LYS B 1748 38.20 22.51 60.80
C LYS B 1748 39.07 21.63 59.91
N SER B 1749 38.82 20.32 59.95
CA SER B 1749 39.55 19.38 59.12
C SER B 1749 39.33 19.85 57.69
N LYS B 1750 38.07 19.83 57.26
CA LYS B 1750 37.73 20.27 55.92
C LYS B 1750 37.86 21.79 55.84
N GLY B 1751 38.30 22.40 56.94
CA GLY B 1751 38.47 23.85 56.98
C GLY B 1751 37.18 24.63 56.91
N LEU B 1752 36.61 24.96 58.07
CA LEU B 1752 35.35 25.68 58.09
C LEU B 1752 35.27 26.63 59.27
N ILE B 1753 36.05 26.35 60.30
CA ILE B 1753 36.06 27.18 61.50
C ILE B 1753 36.99 28.39 61.40
N PRO B 1754 36.41 29.59 61.54
CA PRO B 1754 37.07 30.91 61.50
C PRO B 1754 37.72 31.35 62.83
N ALA B 1755 39.05 31.21 62.90
CA ALA B 1755 39.84 31.57 64.08
C ALA B 1755 39.08 32.26 65.22
N ASP B 1756 38.41 33.36 64.88
CA ASP B 1756 37.64 34.13 65.85
C ASP B 1756 36.17 33.75 65.84
N ALA B 1757 35.75 32.98 66.82
CA ALA B 1757 34.37 32.57 66.87
C ALA B 1757 33.84 32.59 68.29
N THR B 1758 32.54 32.32 68.41
CA THR B 1758 31.87 32.33 69.70
C THR B 1758 31.68 30.95 70.31
N PHE B 1759 32.47 30.62 71.33
CA PHE B 1759 32.36 29.32 72.00
C PHE B 1759 31.07 29.32 72.82
N ALA B 1760 30.24 28.28 72.66
CA ALA B 1760 28.98 28.19 73.39
C ALA B 1760 28.74 26.83 74.04
N GLY B 1761 28.05 26.84 75.17
CA GLY B 1761 27.77 25.59 75.88
C GLY B 1761 26.39 25.51 76.51
N HIS B 1762 26.23 24.51 77.37
CA HIS B 1762 24.98 24.30 78.09
C HIS B 1762 25.08 23.02 78.90
N SER B 1763 25.11 23.18 80.23
CA SER B 1763 25.23 22.03 81.12
C SER B 1763 26.58 21.39 80.86
N LEU B 1764 26.62 20.58 79.80
CA LEU B 1764 27.82 19.89 79.38
C LEU B 1764 28.25 20.50 78.05
N GLY B 1765 27.25 20.94 77.29
CA GLY B 1765 27.48 21.55 76.01
C GLY B 1765 28.60 22.56 76.04
N GLU B 1766 29.05 22.91 77.22
CA GLU B 1766 30.13 23.86 77.31
C GLU B 1766 31.44 23.23 76.87
N TYR B 1767 31.68 21.98 77.26
CA TYR B 1767 32.93 21.33 76.85
C TYR B 1767 32.85 21.23 75.34
N ALA B 1768 31.61 21.23 74.85
CA ALA B 1768 31.30 21.13 73.42
C ALA B 1768 31.80 22.37 72.70
N ALA B 1769 32.94 22.84 73.16
CA ALA B 1769 33.60 24.02 72.63
C ALA B 1769 34.96 24.06 73.29
N LEU B 1770 34.96 24.37 74.59
CA LEU B 1770 36.22 24.41 75.34
C LEU B 1770 36.97 23.14 74.96
N ALA B 1771 36.26 22.01 74.97
CA ALA B 1771 36.86 20.75 74.59
C ALA B 1771 37.32 20.89 73.14
N SER B 1772 36.39 21.24 72.27
CA SER B 1772 36.69 21.43 70.86
C SER B 1772 37.37 22.78 70.67
N LEU B 1773 36.86 23.57 69.73
CA LEU B 1773 37.36 24.92 69.42
C LEU B 1773 38.61 25.29 70.20
N ALA B 1774 39.75 25.37 69.53
CA ALA B 1774 41.01 25.67 70.21
C ALA B 1774 41.02 24.75 71.44
N ASP B 1775 41.50 23.52 71.23
CA ASP B 1775 41.57 22.48 72.25
C ASP B 1775 41.86 22.96 73.67
N VAL B 1776 41.80 22.03 74.62
CA VAL B 1776 42.05 22.36 76.00
C VAL B 1776 42.55 21.11 76.71
N MET B 1777 41.68 20.10 76.73
CA MET B 1777 41.99 18.84 77.37
C MET B 1777 42.56 17.87 76.37
N SER B 1778 42.47 16.60 76.74
CA SER B 1778 42.95 15.52 75.89
C SER B 1778 41.70 14.91 75.28
N ILE B 1779 41.73 14.72 73.96
CA ILE B 1779 40.61 14.09 73.29
C ILE B 1779 40.21 12.98 74.24
N GLU B 1780 41.19 12.16 74.59
CA GLU B 1780 41.00 11.05 75.51
C GLU B 1780 40.28 11.56 76.75
N SER B 1781 41.10 11.96 77.72
CA SER B 1781 40.63 12.48 78.99
C SER B 1781 39.32 13.24 78.93
N LEU B 1782 39.07 13.96 77.84
CA LEU B 1782 37.83 14.72 77.75
C LEU B 1782 36.66 13.95 78.30
N VAL B 1783 36.40 12.78 77.73
CA VAL B 1783 35.28 11.97 78.19
C VAL B 1783 35.53 11.50 79.62
N GLU B 1784 36.75 11.03 79.86
CA GLU B 1784 37.18 10.55 81.17
C GLU B 1784 36.47 11.34 82.26
N VAL B 1785 36.44 12.66 82.11
CA VAL B 1785 35.80 13.55 83.07
C VAL B 1785 34.33 13.74 82.78
N VAL B 1786 34.03 14.05 81.52
CA VAL B 1786 32.66 14.22 81.12
C VAL B 1786 31.92 13.10 81.81
N PHE B 1787 32.58 11.95 81.84
CA PHE B 1787 32.09 10.73 82.45
C PHE B 1787 32.12 10.87 83.97
N TYR B 1788 33.24 11.37 84.47
CA TYR B 1788 33.43 11.58 85.91
C TYR B 1788 32.28 12.44 86.38
N ARG B 1789 32.21 13.64 85.81
CA ARG B 1789 31.16 14.58 86.12
C ARG B 1789 29.84 13.81 86.04
N GLY B 1790 29.85 12.79 85.19
CA GLY B 1790 28.68 11.97 85.04
C GLY B 1790 28.33 11.37 86.37
N MET B 1791 28.87 10.18 86.66
CA MET B 1791 28.60 9.51 87.93
C MET B 1791 28.40 10.51 89.07
N THR B 1792 29.37 11.41 89.23
CA THR B 1792 29.32 12.41 90.29
C THR B 1792 27.95 13.07 90.39
N MET B 1793 27.42 13.51 89.25
CA MET B 1793 26.12 14.17 89.24
C MET B 1793 25.00 13.22 89.68
N GLN B 1794 25.37 12.09 90.26
CA GLN B 1794 24.36 11.12 90.69
C GLN B 1794 24.41 10.66 92.14
N VAL B 1795 25.60 10.43 92.70
CA VAL B 1795 25.66 9.95 94.09
C VAL B 1795 25.74 11.06 95.14
N ALA B 1796 25.45 12.30 94.74
CA ALA B 1796 25.49 13.43 95.67
C ALA B 1796 24.17 13.53 96.46
N VAL B 1797 23.12 12.96 95.88
CA VAL B 1797 21.80 12.96 96.51
C VAL B 1797 21.35 11.53 96.76
N PRO B 1798 22.11 10.78 97.60
CA PRO B 1798 21.70 9.41 97.85
C PRO B 1798 20.26 9.44 98.38
N ARG B 1799 19.35 8.79 97.65
CA ARG B 1799 17.95 8.76 98.03
C ARG B 1799 17.23 7.50 97.53
N ASP B 1800 16.25 7.03 98.30
CA ASP B 1800 15.47 5.85 97.96
C ASP B 1800 16.37 4.73 97.42
N GLU B 1801 16.88 3.90 98.33
CA GLU B 1801 17.77 2.81 97.98
C GLU B 1801 17.04 1.72 97.19
N LEU B 1802 15.99 2.14 96.50
CA LEU B 1802 15.18 1.26 95.66
C LEU B 1802 15.43 1.74 94.23
N GLY B 1803 14.96 2.95 93.93
CA GLY B 1803 15.15 3.52 92.61
C GLY B 1803 14.41 4.82 92.33
N ARG B 1804 14.90 5.92 92.92
CA ARG B 1804 14.32 7.25 92.72
C ARG B 1804 14.86 8.27 93.72
N SER B 1805 14.19 9.40 93.82
CA SER B 1805 14.61 10.47 94.71
C SER B 1805 13.61 11.62 94.68
N ASN B 1806 13.52 12.37 95.79
CA ASN B 1806 12.60 13.51 95.87
C ASN B 1806 13.14 14.64 95.00
N TYR B 1807 13.77 14.29 93.88
CA TYR B 1807 14.35 15.27 92.98
C TYR B 1807 14.03 15.08 91.48
N GLY B 1808 14.37 16.11 90.72
CA GLY B 1808 14.15 16.14 89.29
C GLY B 1808 14.17 17.61 88.88
N MET B 1809 13.17 18.02 88.10
CA MET B 1809 13.03 19.41 87.66
C MET B 1809 12.04 19.61 86.51
N ILE B 1810 11.62 20.86 86.30
CA ILE B 1810 10.69 21.18 85.24
C ILE B 1810 11.09 22.48 84.54
N ALA B 1811 10.26 22.91 83.60
CA ALA B 1811 10.51 24.14 82.87
C ALA B 1811 9.17 24.81 82.73
N ILE B 1812 9.17 26.13 82.51
CA ILE B 1812 7.91 26.84 82.40
C ILE B 1812 7.95 28.10 81.55
N ASN B 1813 6.77 28.48 81.08
CA ASN B 1813 6.58 29.67 80.25
C ASN B 1813 5.41 30.49 80.80
N PRO B 1814 5.62 31.80 80.98
CA PRO B 1814 4.60 32.72 81.50
C PRO B 1814 3.21 32.56 80.89
N GLY B 1815 2.19 32.80 81.70
CA GLY B 1815 0.82 32.69 81.23
C GLY B 1815 0.00 33.90 81.68
N ARG B 1816 0.27 35.05 81.07
CA ARG B 1816 -0.38 36.36 81.32
C ARG B 1816 0.49 37.32 82.15
N VAL B 1817 1.39 38.05 81.49
CA VAL B 1817 2.29 39.00 82.16
C VAL B 1817 3.31 38.25 83.01
N ALA B 1818 4.59 38.59 82.90
CA ALA B 1818 5.59 37.89 83.69
C ALA B 1818 6.96 38.57 83.76
N ALA B 1819 8.01 37.79 83.51
CA ALA B 1819 9.41 38.25 83.55
C ALA B 1819 9.85 38.41 85.01
N SER B 1820 10.86 37.65 85.42
CA SER B 1820 11.34 37.66 86.81
C SER B 1820 10.11 37.31 87.65
N PHE B 1821 9.00 37.23 86.94
CA PHE B 1821 7.67 36.90 87.40
C PHE B 1821 7.73 35.96 88.60
N SER B 1822 8.53 34.91 88.47
CA SER B 1822 8.67 33.94 89.54
C SER B 1822 10.08 33.92 90.07
N GLN B 1823 10.95 34.79 89.55
CA GLN B 1823 12.32 34.83 90.05
C GLN B 1823 12.23 34.83 91.57
N GLU B 1824 11.11 35.37 92.07
CA GLU B 1824 10.83 35.43 93.49
C GLU B 1824 9.55 34.66 93.85
N ALA B 1825 8.60 34.56 92.92
CA ALA B 1825 7.38 33.80 93.20
C ALA B 1825 7.89 32.41 93.61
N LEU B 1826 9.14 32.16 93.22
CA LEU B 1826 9.86 30.93 93.54
C LEU B 1826 10.71 31.23 94.76
N GLN B 1827 11.56 32.24 94.62
CA GLN B 1827 12.47 32.69 95.66
C GLN B 1827 11.69 33.08 96.93
N TYR B 1828 10.37 32.92 96.87
CA TYR B 1828 9.49 33.21 97.99
C TYR B 1828 8.90 31.91 98.55
N VAL B 1829 9.38 30.79 98.02
CA VAL B 1829 8.94 29.48 98.46
C VAL B 1829 10.13 28.89 99.22
N VAL B 1830 11.33 29.31 98.80
CA VAL B 1830 12.61 28.89 99.40
C VAL B 1830 12.69 29.42 100.83
N GLU B 1831 11.87 30.44 101.08
CA GLU B 1831 11.76 31.07 102.38
C GLU B 1831 11.06 30.11 103.34
N ARG B 1832 10.48 29.04 102.79
CA ARG B 1832 9.75 28.06 103.61
C ARG B 1832 9.98 26.58 103.25
N VAL B 1833 10.78 26.29 102.22
CA VAL B 1833 11.02 24.90 101.82
C VAL B 1833 12.38 24.62 101.18
N GLY B 1834 12.58 25.02 99.92
CA GLY B 1834 13.87 24.79 99.26
C GLY B 1834 13.90 24.54 97.75
N LYS B 1835 14.49 25.49 97.00
CA LYS B 1835 14.63 25.39 95.53
C LYS B 1835 15.10 26.68 94.86
N ARG B 1836 15.85 26.53 93.76
CA ARG B 1836 16.39 27.66 92.99
C ARG B 1836 16.00 27.56 91.50
N THR B 1837 16.30 28.59 90.71
CA THR B 1837 15.98 28.57 89.27
C THR B 1837 17.13 27.89 88.52
N GLY B 1838 16.82 26.80 87.82
CA GLY B 1838 17.84 26.07 87.08
C GLY B 1838 18.55 26.96 86.08
N TRP B 1839 18.32 26.69 84.81
CA TRP B 1839 18.90 27.49 83.75
C TRP B 1839 17.72 28.37 83.36
N LEU B 1840 17.97 29.51 82.73
CA LEU B 1840 16.87 30.38 82.32
C LEU B 1840 17.00 30.72 80.83
N VAL B 1841 16.78 29.74 79.96
CA VAL B 1841 16.92 29.96 78.52
C VAL B 1841 16.16 31.14 77.91
N GLU B 1842 14.90 31.35 78.29
CA GLU B 1842 14.15 32.48 77.75
C GLU B 1842 12.83 32.84 78.43
N ILE B 1843 12.45 34.11 78.35
CA ILE B 1843 11.22 34.67 78.95
C ILE B 1843 9.98 33.79 78.92
N VAL B 1844 9.79 33.05 77.82
CA VAL B 1844 8.66 32.16 77.67
C VAL B 1844 9.16 30.71 77.78
N ASN B 1845 10.11 30.48 78.69
CA ASN B 1845 10.70 29.15 78.85
C ASN B 1845 11.82 29.15 79.91
N TYR B 1846 11.57 28.57 81.08
CA TYR B 1846 12.59 28.53 82.12
C TYR B 1846 12.86 27.17 82.79
N ASN B 1847 14.14 26.87 82.98
CA ASN B 1847 14.56 25.62 83.60
C ASN B 1847 14.43 25.72 85.11
N VAL B 1848 13.54 24.89 85.66
CA VAL B 1848 13.29 24.89 87.10
C VAL B 1848 14.02 23.76 87.82
N GLU B 1849 15.01 24.08 88.66
CA GLU B 1849 15.74 23.06 89.43
C GLU B 1849 14.66 22.36 90.27
N ASN B 1850 15.00 21.44 91.16
CA ASN B 1850 13.91 20.83 91.92
C ASN B 1850 14.15 20.12 93.26
N GLN B 1851 13.11 20.19 94.09
CA GLN B 1851 13.03 19.60 95.43
C GLN B 1851 11.60 19.05 95.60
N GLN B 1852 11.36 17.89 95.01
CA GLN B 1852 10.06 17.19 95.05
C GLN B 1852 8.83 18.03 95.40
N TYR B 1853 8.52 18.16 96.69
CA TYR B 1853 7.34 18.92 97.11
C TYR B 1853 7.37 20.36 96.62
N VAL B 1854 8.42 20.68 95.85
CA VAL B 1854 8.61 21.99 95.27
C VAL B 1854 7.73 22.04 94.01
N ALA B 1855 7.62 20.91 93.32
CA ALA B 1855 6.82 20.81 92.12
C ALA B 1855 5.33 20.76 92.47
N ALA B 1856 4.87 19.57 92.84
CA ALA B 1856 3.48 19.37 93.21
C ALA B 1856 3.10 20.37 94.29
N GLY B 1857 4.12 20.97 94.89
CA GLY B 1857 3.90 21.97 95.94
C GLY B 1857 3.81 23.36 95.35
N ASP B 1858 4.66 23.68 94.39
CA ASP B 1858 4.63 24.99 93.78
C ASP B 1858 3.58 25.07 92.68
N LEU B 1859 3.66 24.15 91.74
CA LEU B 1859 2.74 24.09 90.60
C LEU B 1859 1.42 24.81 90.79
N ARG B 1860 0.66 24.43 91.81
CA ARG B 1860 -0.64 25.05 92.08
C ARG B 1860 -0.52 26.57 92.12
N ALA B 1861 0.52 27.06 92.79
CA ALA B 1861 0.77 28.50 92.93
C ALA B 1861 0.61 29.20 91.58
N LEU B 1862 1.53 28.93 90.67
CA LEU B 1862 1.49 29.50 89.33
C LEU B 1862 0.16 29.12 88.70
N ASP B 1863 -0.27 27.89 88.99
CA ASP B 1863 -1.51 27.34 88.45
C ASP B 1863 -2.78 28.08 88.88
N THR B 1864 -2.71 28.84 89.97
CA THR B 1864 -3.87 29.60 90.44
C THR B 1864 -3.81 31.03 89.90
N VAL B 1865 -2.62 31.63 89.92
CA VAL B 1865 -2.43 32.98 89.44
C VAL B 1865 -3.07 33.08 88.06
N THR B 1866 -2.95 32.00 87.30
CA THR B 1866 -3.49 31.92 85.94
C THR B 1866 -5.02 32.01 85.91
N ASN B 1867 -5.66 32.07 87.07
CA ASN B 1867 -7.10 32.17 87.10
C ASN B 1867 -7.46 33.61 86.81
N VAL B 1868 -6.74 34.16 85.82
CA VAL B 1868 -6.86 35.52 85.31
C VAL B 1868 -6.69 36.70 86.30
N LEU B 1869 -5.46 36.88 86.81
CA LEU B 1869 -5.17 37.95 87.76
C LEU B 1869 -3.78 38.58 87.50
N ASN B 1870 -3.77 39.71 86.78
CA ASN B 1870 -2.56 40.46 86.39
C ASN B 1870 -1.60 40.93 87.49
N PHE B 1871 -1.12 42.17 87.35
CA PHE B 1871 -0.20 42.78 88.32
C PHE B 1871 -0.51 44.28 88.51
N ILE B 1872 -0.99 44.63 89.72
CA ILE B 1872 -1.36 46.01 90.11
C ILE B 1872 -1.19 46.22 91.64
N LYS B 1873 -2.18 46.91 92.24
CA LYS B 1873 -2.31 47.24 93.68
C LYS B 1873 -1.15 47.49 94.67
N LEU B 1874 -1.46 47.24 95.96
CA LEU B 1874 -0.58 47.41 97.13
C LEU B 1874 0.35 46.22 97.42
N GLN B 1875 1.66 46.46 97.30
CA GLN B 1875 2.68 45.42 97.50
C GLN B 1875 3.10 45.20 98.96
N LYS B 1876 4.04 44.27 99.16
CA LYS B 1876 4.59 43.89 100.47
C LYS B 1876 3.75 42.79 101.14
N ILE B 1877 2.60 43.19 101.69
CA ILE B 1877 1.67 42.31 102.39
C ILE B 1877 0.93 41.39 101.41
N ASP B 1878 1.67 40.49 100.77
CA ASP B 1878 1.09 39.57 99.81
C ASP B 1878 1.93 38.30 99.81
N ILE B 1879 1.80 37.54 98.73
CA ILE B 1879 2.52 36.27 98.54
C ILE B 1879 2.46 35.42 99.81
N ILE B 1880 3.16 34.29 99.79
CA ILE B 1880 3.20 33.36 100.92
C ILE B 1880 1.76 32.99 101.27
N GLU B 1881 0.83 33.45 100.42
CA GLU B 1881 -0.61 33.20 100.59
C GLU B 1881 -0.94 31.77 100.15
N LEU B 1882 -1.30 31.60 98.87
CA LEU B 1882 -1.61 30.26 98.36
C LEU B 1882 -0.35 29.40 98.36
N GLN B 1883 0.79 30.05 98.63
CA GLN B 1883 2.08 29.36 98.71
C GLN B 1883 1.88 28.34 99.82
N LYS B 1884 2.03 28.81 101.06
CA LYS B 1884 1.88 27.97 102.25
C LYS B 1884 0.47 27.34 102.32
N SER B 1885 -0.39 27.65 101.34
CA SER B 1885 -1.75 27.12 101.28
C SER B 1885 -1.79 25.69 100.76
N LEU B 1886 -1.44 25.51 99.48
CA LEU B 1886 -1.43 24.20 98.88
C LEU B 1886 -0.02 23.58 98.90
N SER B 1887 0.96 24.34 99.39
CA SER B 1887 2.36 23.86 99.47
C SER B 1887 2.52 22.88 100.61
N LEU B 1888 2.12 23.32 101.80
CA LEU B 1888 2.18 22.48 102.98
C LEU B 1888 0.95 21.58 102.93
N GLU B 1889 0.35 21.49 101.74
CA GLU B 1889 -0.85 20.68 101.50
C GLU B 1889 -0.51 19.40 100.72
N GLU B 1890 0.40 19.54 99.75
CA GLU B 1890 0.82 18.41 98.94
C GLU B 1890 2.11 17.77 99.42
N VAL B 1891 2.99 18.57 100.05
CA VAL B 1891 4.25 18.06 100.58
C VAL B 1891 3.95 16.90 101.54
N GLU B 1892 2.67 16.79 101.91
CA GLU B 1892 2.21 15.74 102.81
C GLU B 1892 1.10 14.95 102.11
N GLY B 1893 0.88 15.26 100.83
CA GLY B 1893 -0.13 14.57 100.04
C GLY B 1893 0.36 13.19 99.64
N HIS B 1894 1.54 12.83 100.15
CA HIS B 1894 2.15 11.53 99.90
C HIS B 1894 3.57 11.49 100.51
N LEU B 1895 4.45 10.67 99.93
CA LEU B 1895 5.82 10.51 100.38
C LEU B 1895 6.82 10.89 99.26
N PHE B 1896 6.78 10.15 98.15
CA PHE B 1896 7.64 10.39 97.00
C PHE B 1896 6.77 10.55 95.74
N UNK B 1897 5.93 11.58 95.74
CA UNK B 1897 5.00 11.86 94.64
C UNK B 1897 5.63 12.00 93.27
N UNK B 1898 4.89 12.59 92.34
CA UNK B 1898 5.36 12.77 90.97
C UNK B 1898 5.30 14.23 90.52
N UNK B 1899 4.56 14.47 89.44
CA UNK B 1899 4.40 15.81 88.89
C UNK B 1899 3.06 15.89 88.13
N UNK B 1900 2.76 17.06 87.58
CA UNK B 1900 1.51 17.28 86.84
C UNK B 1900 1.71 18.11 85.56
N UNK B 1901 0.64 18.76 85.09
CA UNK B 1901 0.72 19.58 83.87
C UNK B 1901 0.13 21.00 84.03
N UNK B 1902 -0.57 21.46 82.99
CA UNK B 1902 -1.18 22.79 82.97
C UNK B 1902 -0.19 23.93 83.23
N UNK B 1903 0.59 24.29 82.21
CA UNK B 1903 1.59 25.35 82.32
C UNK B 1903 2.72 24.93 83.26
N UNK B 1904 3.84 24.50 82.66
CA UNK B 1904 5.04 24.03 83.38
C UNK B 1904 5.09 22.50 83.39
N UNK B 1905 5.84 21.91 82.45
CA UNK B 1905 5.95 20.46 82.38
C UNK B 1905 7.23 19.96 83.05
N UNK B 1906 7.13 18.81 83.69
CA UNK B 1906 8.26 18.20 84.39
C UNK B 1906 9.26 17.56 83.45
N UNK B 1907 10.50 17.42 83.90
CA UNK B 1907 11.58 16.83 83.11
C UNK B 1907 11.61 15.30 83.20
N UNK B 1908 12.71 14.76 83.72
CA UNK B 1908 12.88 13.31 83.86
C UNK B 1908 14.30 12.92 84.31
N UNK B 1909 14.70 13.36 85.50
CA UNK B 1909 16.03 13.04 86.03
C UNK B 1909 16.05 12.90 87.56
N UNK B 1910 17.21 13.15 88.17
CA UNK B 1910 17.36 13.04 89.62
C UNK B 1910 18.56 13.84 90.16
N UNK B 1911 18.48 15.18 90.07
CA UNK B 1911 19.53 16.09 90.55
C UNK B 1911 19.20 17.59 90.33
N UNK B 1912 20.21 18.38 89.97
CA UNK B 1912 20.02 19.82 89.73
C UNK B 1912 21.32 20.57 89.35
N UNK B 1913 21.42 21.83 89.76
CA UNK B 1913 22.59 22.69 89.48
C UNK B 1913 22.50 24.01 90.25
N UNK B 1914 22.61 23.92 91.58
CA UNK B 1914 22.54 25.06 92.50
C UNK B 1914 22.53 24.50 93.92
N UNK B 1915 21.93 23.31 94.06
CA UNK B 1915 21.81 22.61 95.33
C UNK B 1915 23.12 21.89 95.67
N UNK B 1916 23.74 21.30 94.65
CA UNK B 1916 24.99 20.58 94.85
C UNK B 1916 25.89 21.45 95.71
N UNK B 1917 26.24 22.62 95.20
CA UNK B 1917 27.09 23.61 95.88
C UNK B 1917 28.19 22.99 96.76
N UNK B 1918 27.80 22.50 97.93
CA UNK B 1918 28.71 21.88 98.89
C UNK B 1918 29.05 20.47 98.41
N UNK B 1919 29.42 20.38 97.14
CA UNK B 1919 29.78 19.13 96.49
C UNK B 1919 30.87 19.47 95.47
N UNK B 1920 30.94 20.76 95.13
CA UNK B 1920 31.91 21.26 94.18
C UNK B 1920 33.32 20.95 94.67
N UNK B 1921 34.31 21.59 94.04
CA UNK B 1921 35.71 21.44 94.42
C UNK B 1921 36.22 20.01 94.48
N UNK B 1922 35.82 19.29 95.54
CA UNK B 1922 36.24 17.92 95.79
C UNK B 1922 36.20 16.97 94.58
N UNK B 1923 35.25 17.18 93.67
CA UNK B 1923 35.12 16.32 92.50
C UNK B 1923 35.48 16.99 91.17
N UNK B 1924 34.46 17.51 90.48
CA UNK B 1924 34.64 18.18 89.18
C UNK B 1924 35.72 19.27 89.17
N UNK B 1925 36.29 19.57 90.35
CA UNK B 1925 37.33 20.59 90.49
C UNK B 1925 38.69 19.97 90.85
N UNK B 1926 38.69 19.03 91.78
CA UNK B 1926 39.93 18.36 92.18
C UNK B 1926 40.23 17.40 91.03
N UNK B 1927 39.22 17.16 90.21
CA UNK B 1927 39.32 16.30 89.04
C UNK B 1927 39.63 17.21 87.87
N UNK B 1928 38.87 18.29 87.74
CA UNK B 1928 39.09 19.24 86.66
C UNK B 1928 40.58 19.51 86.64
N UNK B 1929 41.18 19.50 87.84
CA UNK B 1929 42.62 19.73 88.01
C UNK B 1929 43.41 18.85 87.05
N UNK B 1930 43.56 17.57 87.38
CA UNK B 1930 44.26 16.66 86.49
C UNK B 1930 43.38 16.62 85.23
N UNK B 1931 44.01 16.62 84.06
CA UNK B 1931 43.32 16.60 82.77
C UNK B 1931 43.26 18.00 82.12
N UNK B 1932 42.65 18.96 82.81
CA UNK B 1932 42.54 20.30 82.27
C UNK B 1932 43.83 21.15 82.39
N UNK B 1933 43.96 21.91 83.48
CA UNK B 1933 45.10 22.82 83.78
C UNK B 1933 46.50 22.54 83.22
N UNK B 1934 47.25 23.63 82.99
CA UNK B 1934 48.62 23.61 82.46
C UNK B 1934 48.71 23.36 80.95
N UNK B 1935 49.29 24.30 80.22
CA UNK B 1935 49.41 24.20 78.76
C UNK B 1935 47.99 24.34 78.22
N UNK B 1936 47.32 25.37 78.71
CA UNK B 1936 45.93 25.64 78.37
C UNK B 1936 45.71 26.59 77.19
N UNK B 1937 46.69 27.43 76.87
CA UNK B 1937 46.61 28.38 75.76
C UNK B 1937 46.06 29.76 76.11
N UNK B 1938 46.65 30.78 75.49
CA UNK B 1938 46.30 32.18 75.71
C UNK B 1938 44.88 32.56 75.29
N UNK B 1939 44.77 33.69 74.60
CA UNK B 1939 43.50 34.20 74.12
C UNK B 1939 42.89 33.21 73.17
N UNK B 1940 43.50 32.02 73.11
CA UNK B 1940 43.00 30.97 72.27
C UNK B 1940 41.60 30.77 72.83
N UNK B 1941 41.38 31.35 74.01
CA UNK B 1941 40.10 31.30 74.71
C UNK B 1941 39.63 32.73 75.02
N UNK B 1942 39.90 33.64 74.08
CA UNK B 1942 39.51 35.04 74.24
C UNK B 1942 38.01 35.25 74.18
N UNK B 1943 37.26 34.15 74.13
CA UNK B 1943 35.80 34.26 74.06
C UNK B 1943 35.01 33.02 74.52
N UNK B 1944 35.42 32.41 75.62
CA UNK B 1944 34.72 31.24 76.17
C UNK B 1944 33.55 31.66 77.05
N UNK B 1945 32.49 32.17 76.43
CA UNK B 1945 31.29 32.64 77.12
C UNK B 1945 30.66 31.58 78.03
N UNK B 1946 31.51 30.77 78.66
CA UNK B 1946 31.09 29.70 79.56
C UNK B 1946 30.01 30.22 80.52
N UNK B 1947 28.92 29.47 80.65
CA UNK B 1947 27.80 29.84 81.54
C UNK B 1947 28.27 30.41 82.89
N UNK B 1948 27.36 31.09 83.59
CA UNK B 1948 27.69 31.73 84.87
C UNK B 1948 28.76 32.78 84.58
N UNK B 1949 28.42 33.74 83.70
CA UNK B 1949 29.31 34.83 83.28
C UNK B 1949 28.85 35.49 81.96
N UNK B 1950 29.83 35.81 81.13
CA UNK B 1950 29.67 36.44 79.82
C UNK B 1950 31.08 36.95 79.49
N UNK B 1951 31.55 36.71 78.27
CA UNK B 1951 32.91 37.11 77.88
C UNK B 1951 33.88 36.43 78.86
N UNK B 1952 35.14 36.26 78.49
CA UNK B 1952 36.05 35.58 79.40
C UNK B 1952 37.48 36.10 79.43
N UNK B 1953 37.64 37.42 79.43
CA UNK B 1953 38.95 38.07 79.47
C UNK B 1953 39.66 37.92 80.85
N UNK B 1954 41.00 37.87 80.84
CA UNK B 1954 41.81 37.70 82.06
C UNK B 1954 42.47 38.98 82.59
N UNK B 1955 41.93 39.49 83.68
CA UNK B 1955 42.40 40.70 84.35
C UNK B 1955 41.43 40.97 85.49
N UNK B 1956 40.56 41.98 85.31
CA UNK B 1956 39.58 42.32 86.33
C UNK B 1956 38.57 41.18 86.40
N UNK B 1957 39.01 40.04 86.91
CA UNK B 1957 38.17 38.85 87.08
C UNK B 1957 37.00 39.25 87.95
N UNK B 1958 36.33 40.32 87.53
CA UNK B 1958 35.19 40.90 88.23
C UNK B 1958 34.34 39.90 89.01
N UNK B 1959 33.41 39.25 88.32
CA UNK B 1959 32.54 38.29 88.97
C UNK B 1959 33.24 37.03 89.51
N UNK B 1960 34.57 37.06 89.58
CA UNK B 1960 35.35 35.92 90.09
C UNK B 1960 34.68 35.32 91.31
N UNK B 1961 34.56 36.13 92.35
CA UNK B 1961 33.90 35.70 93.58
C UNK B 1961 32.40 36.02 93.55
N UNK B 1962 31.89 36.42 92.38
CA UNK B 1962 30.47 36.74 92.22
C UNK B 1962 29.73 35.43 92.11
N UNK B 1963 30.11 34.47 92.95
CA UNK B 1963 29.49 33.14 92.99
C UNK B 1963 30.20 32.31 94.05
N UNK B 1964 31.32 31.72 93.67
CA UNK B 1964 32.10 30.90 94.59
C UNK B 1964 33.44 31.60 94.83
N UNK B 1965 34.27 30.98 95.68
CA UNK B 1965 35.58 31.53 95.99
C UNK B 1965 36.39 30.51 96.77
N UNK B 1966 37.56 30.16 96.23
CA UNK B 1966 38.47 29.22 96.85
C UNK B 1966 39.83 29.85 96.59
N UNK B 1967 40.62 29.25 95.70
CA UNK B 1967 41.90 29.84 95.36
C UNK B 1967 41.50 31.09 94.58
N UNK B 1968 40.18 31.25 94.42
CA UNK B 1968 39.57 32.39 93.74
C UNK B 1968 39.55 33.56 94.70
N UNK B 1969 40.75 33.92 95.17
CA UNK B 1969 40.95 35.02 96.10
C UNK B 1969 42.43 35.14 96.52
N UNK B 1970 43.19 34.05 96.34
CA UNK B 1970 44.63 34.02 96.67
C UNK B 1970 45.43 34.46 95.46
N UNK B 1971 44.72 35.11 94.54
CA UNK B 1971 45.30 35.64 93.32
C UNK B 1971 44.56 36.95 93.04
N UNK B 1972 43.32 37.04 93.52
CA UNK B 1972 42.48 38.24 93.36
C UNK B 1972 43.18 39.49 93.88
N UNK B 1973 43.42 39.52 95.19
CA UNK B 1973 44.09 40.63 95.82
C UNK B 1973 45.62 40.46 95.69
N UNK B 1974 46.12 39.38 96.27
CA UNK B 1974 47.55 39.03 96.28
C UNK B 1974 48.41 39.55 95.12
N UNK B 1975 48.75 38.67 94.19
CA UNK B 1975 49.56 39.03 93.04
C UNK B 1975 49.19 40.43 92.51
N UNK B 1976 47.89 40.69 92.38
CA UNK B 1976 47.40 41.98 91.87
C UNK B 1976 48.32 42.32 90.70
N UNK B 1977 48.77 41.27 90.02
CA UNK B 1977 49.69 41.31 88.89
C UNK B 1977 51.11 41.02 89.44
N UNK B 1978 51.39 39.75 89.69
CA UNK B 1978 52.69 39.31 90.20
C UNK B 1978 53.74 39.63 89.13
N UNK B 1979 53.31 40.46 88.19
CA UNK B 1979 54.11 40.93 87.08
C UNK B 1979 53.28 42.07 86.49
N UNK B 1980 53.56 42.48 85.26
CA UNK B 1980 52.81 43.59 84.63
C UNK B 1980 52.21 43.30 83.24
N UNK B 1981 51.36 42.28 83.17
CA UNK B 1981 50.66 41.86 81.92
C UNK B 1981 51.55 41.08 80.94
N UNK B 1982 52.72 40.67 81.40
CA UNK B 1982 53.67 39.92 80.58
C UNK B 1982 53.06 38.63 80.05
N UNK B 1983 53.69 38.07 79.03
CA UNK B 1983 53.23 36.82 78.42
C UNK B 1983 53.51 35.68 79.41
N UNK B 1984 54.51 34.86 79.11
CA UNK B 1984 54.91 33.72 79.96
C UNK B 1984 53.73 33.10 80.71
N UNK B 1985 54.01 32.45 81.83
CA UNK B 1985 52.95 31.83 82.61
C UNK B 1985 52.12 32.94 83.28
N UNK B 1986 52.32 34.18 82.85
CA UNK B 1986 51.59 35.33 83.41
C UNK B 1986 50.09 35.18 83.18
N UNK B 1987 49.62 35.50 81.98
CA UNK B 1987 48.21 35.37 81.68
C UNK B 1987 47.85 33.87 81.64
N UNK B 1988 48.88 33.03 81.52
CA UNK B 1988 48.75 31.57 81.46
C UNK B 1988 48.32 30.93 82.77
N UNK B 1989 49.27 30.76 83.69
CA UNK B 1989 48.95 30.16 85.00
C UNK B 1989 47.72 30.87 85.56
N UNK B 1990 47.52 32.11 85.10
CA UNK B 1990 46.38 32.93 85.50
C UNK B 1990 45.10 32.33 84.95
N UNK B 1991 45.19 31.72 83.78
CA UNK B 1991 44.04 31.10 83.13
C UNK B 1991 43.83 29.65 83.54
N UNK B 1992 44.92 28.88 83.63
CA UNK B 1992 44.87 27.47 84.00
C UNK B 1992 44.12 27.31 85.33
N UNK B 1993 43.83 28.45 85.95
CA UNK B 1993 43.11 28.51 87.21
C UNK B 1993 41.89 29.41 86.98
N UNK B 1994 41.97 30.27 85.96
CA UNK B 1994 40.91 31.19 85.58
C UNK B 1994 39.70 30.40 85.13
N UNK B 1995 39.97 29.28 84.50
CA UNK B 1995 38.91 28.40 84.04
C UNK B 1995 38.87 27.23 85.01
N UNK B 1996 40.04 26.81 85.47
CA UNK B 1996 40.17 25.69 86.42
C UNK B 1996 39.14 25.84 87.53
N UNK B 1997 38.57 27.03 87.63
CA UNK B 1997 37.54 27.32 88.61
C UNK B 1997 36.34 27.89 87.87
N UNK B 1998 36.59 28.58 86.76
CA UNK B 1998 35.51 29.16 85.97
C UNK B 1998 34.52 28.06 85.68
N UNK B 1999 35.08 26.90 85.31
CA UNK B 1999 34.30 25.71 84.97
C UNK B 1999 33.93 24.87 86.19
N UNK B 2000 34.86 24.76 87.13
CA UNK B 2000 34.65 23.98 88.34
C UNK B 2000 33.32 24.36 89.02
N UNK B 2001 32.89 25.60 88.82
CA UNK B 2001 31.65 26.09 89.42
C UNK B 2001 30.42 25.67 88.63
N UNK B 2002 30.58 25.59 87.32
CA UNK B 2002 29.49 25.20 86.43
C UNK B 2002 28.82 23.91 86.91
N UNK B 2003 29.54 23.10 87.68
CA UNK B 2003 29.05 21.83 88.22
C UNK B 2003 27.83 22.06 89.12
N UNK B 2004 27.21 23.24 88.93
CA UNK B 2004 26.05 23.71 89.68
C UNK B 2004 25.64 25.12 89.24
N UNK B 2005 26.52 26.08 89.48
CA UNK B 2005 26.31 27.47 89.09
C UNK B 2005 25.24 27.60 88.00
N UNK B 2006 23.99 27.78 88.44
CA UNK B 2006 22.83 27.92 87.54
C UNK B 2006 23.09 28.83 86.33
N UNK C 1 24.20 29.68 82.80
CA UNK C 1 23.26 30.84 82.79
C UNK C 1 22.14 30.37 81.89
N UNK C 2 22.02 31.05 80.74
CA UNK C 2 21.05 30.71 79.70
C UNK C 2 20.96 31.75 78.57
N UNK C 3 19.82 32.42 78.49
CA UNK C 3 19.56 33.45 77.46
C UNK C 3 20.46 34.65 77.68
N UNK C 4 21.27 34.55 78.73
CA UNK C 4 22.24 35.56 79.11
C UNK C 4 23.39 35.34 78.14
N UNK C 5 23.80 34.08 78.02
CA UNK C 5 24.88 33.70 77.11
C UNK C 5 24.28 33.77 75.70
N UNK C 6 23.00 33.41 75.58
CA UNK C 6 22.29 33.41 74.31
C UNK C 6 22.11 34.84 73.79
N UNK C 7 21.79 35.77 74.68
CA UNK C 7 21.60 37.17 74.28
C UNK C 7 22.91 37.77 73.81
N UNK C 8 24.01 37.10 74.10
CA UNK C 8 25.35 37.55 73.73
C UNK C 8 25.67 37.26 72.26
N UNK C 9 24.79 36.52 71.59
CA UNK C 9 24.97 36.19 70.17
C UNK C 9 24.26 37.28 69.37
N UNK C 10 23.80 38.30 70.09
CA UNK C 10 23.11 39.45 69.52
C UNK C 10 23.92 40.70 69.88
N UNK C 11 24.68 40.61 70.97
CA UNK C 11 25.53 41.71 71.44
C UNK C 11 26.71 41.87 70.48
N UNK C 12 27.55 40.85 70.41
CA UNK C 12 28.70 40.86 69.51
C UNK C 12 28.16 40.77 68.06
N UNK C 13 26.91 41.18 67.89
CA UNK C 13 26.19 41.19 66.60
C UNK C 13 26.54 40.02 65.69
N UNK C 14 26.15 38.82 66.11
CA UNK C 14 26.44 37.60 65.34
C UNK C 14 25.59 37.56 64.06
N UNK C 15 26.17 37.01 63.01
CA UNK C 15 25.48 36.91 61.72
C UNK C 15 25.19 35.48 61.27
N UNK C 16 25.85 34.50 61.86
CA UNK C 16 25.62 33.09 61.47
C UNK C 16 25.75 32.07 62.61
N UNK C 17 24.61 31.53 63.05
CA UNK C 17 24.57 30.54 64.12
C UNK C 17 24.64 29.10 63.60
N UNK C 18 25.66 28.35 64.01
CA UNK C 18 25.85 26.96 63.58
C UNK C 18 24.92 25.97 64.33
N UNK C 19 25.49 25.21 65.27
CA UNK C 19 24.79 24.21 66.11
C UNK C 19 25.59 22.92 66.15
N UNK C 20 25.01 21.87 66.73
CA UNK C 20 25.70 20.57 66.81
C UNK C 20 24.97 19.45 67.60
N UNK C 21 23.99 18.78 67.00
CA UNK C 21 23.25 17.67 67.66
C UNK C 21 22.01 17.19 66.91
N UNK C 22 20.93 17.96 66.99
CA UNK C 22 19.68 17.63 66.33
C UNK C 22 18.73 18.82 66.37
N UNK C 23 17.46 18.53 66.60
CA UNK C 23 16.42 19.56 66.65
C UNK C 23 16.83 20.88 67.32
N UNK C 24 16.62 20.93 68.64
CA UNK C 24 16.91 22.09 69.49
C UNK C 24 18.23 22.81 69.30
N UNK C 25 18.61 23.59 70.31
CA UNK C 25 19.82 24.38 70.30
C UNK C 25 19.52 25.55 69.38
N UNK C 26 18.89 25.26 68.25
CA UNK C 26 18.53 26.25 67.24
C UNK C 26 17.22 26.96 67.57
N UNK C 27 16.26 26.23 68.13
CA UNK C 27 14.99 26.83 68.50
C UNK C 27 15.29 27.89 69.55
N UNK C 28 16.15 27.53 70.50
CA UNK C 28 16.57 28.42 71.60
C UNK C 28 17.37 29.60 71.02
N UNK C 29 17.25 29.77 69.71
CA UNK C 29 17.92 30.83 68.98
C UNK C 29 16.91 31.42 68.03
N UNK C 30 16.55 30.64 67.01
CA UNK C 30 15.59 31.07 66.02
C UNK C 30 14.43 31.80 66.69
N UNK C 31 13.97 31.26 67.82
CA UNK C 31 12.87 31.87 68.54
C UNK C 31 13.37 33.03 69.39
N UNK C 32 14.60 32.92 69.87
CA UNK C 32 15.21 33.98 70.68
C UNK C 32 15.23 35.24 69.83
N UNK C 33 15.76 35.10 68.60
CA UNK C 33 15.87 36.21 67.66
C UNK C 33 14.55 36.58 66.98
N UNK C 34 13.43 36.16 67.59
CA UNK C 34 12.11 36.49 67.06
C UNK C 34 11.61 37.68 67.86
N UNK C 35 12.29 37.91 68.99
CA UNK C 35 11.98 39.00 69.92
C UNK C 35 12.95 40.19 69.78
N UNK C 36 14.15 39.94 69.25
CA UNK C 36 15.11 41.03 69.02
C UNK C 36 14.71 41.49 67.63
N UNK C 37 13.39 41.66 67.48
CA UNK C 37 12.73 42.07 66.24
C UNK C 37 13.27 43.32 65.53
N UNK C 38 12.86 44.50 66.01
CA UNK C 38 13.26 45.79 65.43
C UNK C 38 14.74 45.95 65.06
N UNK C 39 15.56 44.93 65.33
CA UNK C 39 16.98 45.01 64.99
C UNK C 39 17.18 45.02 63.48
N UNK C 40 16.08 45.23 62.74
CA UNK C 40 16.10 45.28 61.28
C UNK C 40 16.77 46.58 60.79
N UNK C 41 18.10 46.58 60.80
CA UNK C 41 18.86 47.75 60.39
C UNK C 41 20.05 47.41 59.51
N UNK C 42 19.78 46.77 58.37
CA UNK C 42 20.81 46.39 57.39
C UNK C 42 21.63 45.17 57.80
N UNK C 43 21.01 44.26 58.55
CA UNK C 43 21.67 43.03 59.01
C UNK C 43 20.98 41.80 58.42
N UNK C 44 21.75 40.75 58.11
CA UNK C 44 21.19 39.51 57.53
C UNK C 44 21.20 38.33 58.48
N UNK C 45 20.13 37.52 58.41
CA UNK C 45 19.95 36.34 59.25
C UNK C 45 21.03 35.27 59.08
N UNK C 46 20.61 34.00 59.14
CA UNK C 46 21.45 32.80 58.99
C UNK C 46 21.64 31.96 60.27
N UNK C 47 20.59 31.24 60.67
CA UNK C 47 20.65 30.37 61.83
C UNK C 47 20.54 28.95 61.25
N UNK C 48 21.68 28.35 60.95
CA UNK C 48 21.78 27.01 60.33
C UNK C 48 20.97 25.86 60.94
N UNK C 49 21.67 24.89 61.53
CA UNK C 49 21.01 23.74 62.14
C UNK C 49 21.97 22.66 62.63
N UNK C 50 22.82 22.16 61.73
CA UNK C 50 23.81 21.09 61.98
C UNK C 50 23.24 19.80 61.42
N UNK C 51 21.91 19.80 61.29
CA UNK C 51 21.16 18.69 60.73
C UNK C 51 20.43 19.26 59.49
N UNK C 52 20.90 20.43 59.04
CA UNK C 52 20.40 21.14 57.84
C UNK C 52 21.66 21.64 57.11
N UNK C 53 22.62 20.71 56.97
CA UNK C 53 23.95 20.89 56.37
C UNK C 53 24.15 21.60 55.04
N UNK C 54 23.33 21.29 54.04
CA UNK C 54 23.47 21.96 52.76
C UNK C 54 23.45 23.44 53.11
N UNK C 55 24.64 24.03 53.07
CA UNK C 55 24.90 25.43 53.40
C UNK C 55 26.00 25.42 54.45
N UNK C 56 25.78 24.68 55.53
CA UNK C 56 26.75 24.56 56.62
C UNK C 56 28.06 23.98 56.08
N UNK C 57 28.05 22.69 55.72
CA UNK C 57 29.26 22.08 55.17
C UNK C 57 29.49 22.64 53.75
N UNK C 58 28.66 23.62 53.39
CA UNK C 58 28.69 24.32 52.09
C UNK C 58 28.86 23.46 50.84
N UNK C 59 27.75 22.91 50.35
CA UNK C 59 27.74 22.07 49.16
C UNK C 59 26.52 22.42 48.31
N UNK C 60 26.14 23.70 48.35
CA UNK C 60 24.98 24.25 47.62
C UNK C 60 24.30 23.31 46.62
N UNK C 61 22.99 23.19 46.79
CA UNK C 61 22.13 22.34 45.96
C UNK C 61 22.89 21.24 45.21
N UNK C 62 22.97 21.41 43.90
CA UNK C 62 23.62 20.49 42.96
C UNK C 62 22.66 20.42 41.79
N UNK C 63 21.42 20.83 42.06
CA UNK C 63 20.37 20.86 41.06
C UNK C 63 19.78 22.25 41.12
N UNK C 64 20.66 23.25 41.06
CA UNK C 64 20.25 24.64 41.11
C UNK C 64 21.25 25.55 40.39
N UNK C 65 20.72 26.41 39.51
CA UNK C 65 21.51 27.36 38.73
C UNK C 65 22.86 26.84 38.24
N UNK D 1 -19.52 -13.79 -2.82
CA UNK D 1 -19.08 -13.11 -4.08
C UNK D 1 -20.21 -12.27 -4.70
N UNK D 2 -21.43 -12.48 -4.20
CA UNK D 2 -22.62 -11.76 -4.68
C UNK D 2 -23.92 -12.29 -4.03
N UNK D 3 -25.03 -12.16 -4.75
CA UNK D 3 -26.32 -12.62 -4.26
C UNK D 3 -27.44 -12.24 -5.24
N UNK D 4 -28.68 -12.57 -4.87
CA UNK D 4 -29.85 -12.26 -5.69
C UNK D 4 -31.13 -12.36 -4.85
N UNK D 5 -31.84 -13.49 -5.00
CA UNK D 5 -33.09 -13.76 -4.29
C UNK D 5 -33.80 -14.90 -5.04
N UNK D 6 -34.66 -15.65 -4.35
CA UNK D 6 -35.40 -16.76 -4.98
C UNK D 6 -36.37 -16.23 -6.05
N UNK D 7 -36.28 -14.93 -6.34
CA UNK D 7 -37.13 -14.28 -7.33
C UNK D 7 -36.30 -13.89 -8.57
N UNK D 8 -34.98 -14.06 -8.46
CA UNK D 8 -34.04 -13.76 -9.55
C UNK D 8 -33.62 -15.08 -10.22
N UNK D 9 -34.46 -16.10 -10.02
CA UNK D 9 -34.27 -17.43 -10.57
C UNK D 9 -35.62 -18.15 -10.68
N UNK D 10 -36.30 -18.31 -9.55
CA UNK D 10 -37.60 -18.98 -9.51
C UNK D 10 -38.72 -17.98 -9.82
N UNK D 11 -38.68 -17.40 -11.02
CA UNK D 11 -39.67 -16.42 -11.45
C UNK D 11 -40.99 -17.08 -11.89
N UNK D 12 -41.08 -18.39 -11.64
CA UNK D 12 -42.25 -19.18 -11.97
C UNK D 12 -42.49 -19.38 -13.46
N UNK D 13 -42.71 -18.28 -14.19
CA UNK D 13 -42.98 -18.34 -15.62
C UNK D 13 -41.75 -18.07 -16.49
N UNK D 14 -40.83 -17.27 -15.96
CA UNK D 14 -39.62 -16.93 -16.70
C UNK D 14 -38.90 -18.18 -17.19
N UNK D 15 -38.93 -19.23 -16.39
CA UNK D 15 -38.28 -20.48 -16.75
C UNK D 15 -39.00 -21.72 -16.23
N UNK D 16 -39.46 -21.67 -14.98
CA UNK D 16 -40.15 -22.81 -14.39
C UNK D 16 -41.47 -23.18 -15.08
N UNK D 17 -41.70 -22.61 -16.27
CA UNK D 17 -42.91 -22.88 -17.04
C UNK D 17 -42.64 -22.88 -18.54
N UNK D 18 -41.50 -22.31 -18.94
CA UNK D 18 -41.09 -22.25 -20.34
C UNK D 18 -39.83 -23.07 -20.58
N UNK D 19 -39.24 -23.58 -19.50
CA UNK D 19 -38.03 -24.41 -19.59
C UNK D 19 -38.44 -25.86 -19.44
N UNK D 20 -39.73 -26.08 -19.22
CA UNK D 20 -40.28 -27.42 -19.07
C UNK D 20 -41.03 -27.75 -20.35
N UNK D 21 -41.38 -26.71 -21.10
CA UNK D 21 -42.10 -26.86 -22.37
C UNK D 21 -41.05 -26.90 -23.48
N UNK D 22 -39.79 -26.94 -23.06
CA UNK D 22 -38.65 -26.97 -23.98
C UNK D 22 -37.95 -28.34 -23.92
N UNK D 23 -37.29 -28.65 -22.79
CA UNK D 23 -36.58 -29.93 -22.61
C UNK D 23 -37.54 -31.11 -22.49
N UNK D 24 -38.66 -31.00 -23.20
CA UNK D 24 -39.72 -32.01 -23.26
C UNK D 24 -40.17 -32.19 -24.71
N UNK D 25 -40.22 -31.09 -25.46
CA UNK D 25 -40.62 -31.12 -26.86
C UNK D 25 -39.42 -31.01 -27.80
N UNK D 26 -38.22 -30.89 -27.21
CA UNK D 26 -36.97 -30.78 -27.95
C UNK D 26 -36.78 -29.39 -28.57
N UNK D 27 -36.81 -28.36 -27.72
CA UNK D 27 -36.65 -26.98 -28.16
C UNK D 27 -35.46 -26.29 -27.46
N UNK D 28 -35.41 -24.95 -27.52
CA UNK D 28 -34.33 -24.20 -26.90
C UNK D 28 -34.71 -22.82 -26.35
N UNK D 29 -34.28 -21.77 -27.03
CA UNK D 29 -34.56 -20.39 -26.63
C UNK D 29 -35.64 -19.79 -27.52
N UNK D 30 -36.11 -20.57 -28.49
CA UNK D 30 -37.15 -20.13 -29.42
C UNK D 30 -38.25 -21.18 -29.54
N UNK D 31 -38.88 -21.52 -28.42
CA UNK D 31 -39.94 -22.52 -28.40
C UNK D 31 -41.25 -21.86 -28.80
N UNK D 32 -41.48 -20.68 -28.24
CA UNK D 32 -42.69 -19.93 -28.52
C UNK D 32 -42.42 -18.46 -28.22
N UNK D 33 -42.19 -18.17 -26.94
CA UNK D 33 -41.93 -16.81 -26.46
C UNK D 33 -43.20 -15.95 -26.58
N UNK D 34 -44.32 -16.51 -26.13
CA UNK D 34 -45.64 -15.89 -26.15
C UNK D 34 -46.44 -16.30 -27.39
N UNK D 35 -47.46 -17.14 -27.17
CA UNK D 35 -48.36 -17.65 -28.22
C UNK D 35 -48.02 -19.01 -28.82
N UNK D 36 -48.28 -20.08 -28.05
CA UNK D 36 -48.06 -21.45 -28.47
C UNK D 36 -49.45 -22.09 -28.39
N UNK D 37 -50.16 -21.76 -27.32
CA UNK D 37 -51.53 -22.22 -27.04
C UNK D 37 -51.74 -23.73 -27.08
N UNK D 38 -50.93 -24.47 -26.31
CA UNK D 38 -51.02 -25.94 -26.26
C UNK D 38 -51.35 -26.53 -27.63
N UNK D 39 -50.72 -25.96 -28.66
CA UNK D 39 -50.89 -26.39 -30.05
C UNK D 39 -49.62 -26.04 -30.82
N UNK D 40 -48.46 -26.14 -30.16
CA UNK D 40 -47.17 -25.86 -30.76
C UNK D 40 -46.59 -27.18 -31.28
N UNK D 41 -47.49 -28.15 -31.46
CA UNK D 41 -47.17 -29.50 -31.94
C UNK D 41 -48.47 -30.34 -31.96
N UNK D 42 -48.68 -31.13 -33.01
CA UNK D 42 -49.88 -31.96 -33.14
C UNK D 42 -50.33 -32.60 -31.81
N UNK D 43 -51.65 -32.65 -31.61
CA UNK D 43 -52.32 -33.15 -30.40
C UNK D 43 -52.43 -34.68 -30.20
N UNK D 44 -53.26 -35.09 -29.25
CA UNK D 44 -53.47 -36.51 -28.93
C UNK D 44 -52.41 -37.17 -28.03
N UNK D 45 -51.15 -37.22 -28.49
CA UNK D 45 -50.05 -37.83 -27.70
C UNK D 45 -49.09 -36.76 -27.12
N UNK D 46 -49.20 -35.54 -27.64
CA UNK D 46 -48.35 -34.41 -27.25
C UNK D 46 -49.12 -33.26 -26.61
N UNK D 47 -50.29 -32.94 -27.16
CA UNK D 47 -51.13 -31.87 -26.63
C UNK D 47 -52.15 -32.50 -25.68
N UNK D 48 -51.82 -33.72 -25.26
CA UNK D 48 -52.64 -34.48 -24.33
C UNK D 48 -51.69 -35.14 -23.33
N UNK D 49 -50.45 -34.67 -23.32
CA UNK D 49 -49.42 -35.17 -22.42
C UNK D 49 -48.59 -34.02 -21.83
N UNK D 50 -48.48 -32.92 -22.58
CA UNK D 50 -47.74 -31.76 -22.13
C UNK D 50 -48.64 -30.85 -21.31
N UNK D 51 -49.67 -31.44 -20.72
CA UNK D 51 -50.64 -30.72 -19.89
C UNK D 51 -50.76 -31.32 -18.49
N UNK D 52 -50.31 -32.57 -18.35
CA UNK D 52 -50.33 -33.30 -17.07
C UNK D 52 -48.98 -33.07 -16.38
N UNK D 53 -48.05 -32.51 -17.15
CA UNK D 53 -46.71 -32.18 -16.68
C UNK D 53 -46.73 -30.69 -16.37
N UNK D 54 -47.46 -29.92 -17.19
CA UNK D 54 -47.60 -28.48 -17.00
C UNK D 54 -48.58 -28.24 -15.85
N UNK D 55 -49.07 -29.36 -15.30
CA UNK D 55 -50.00 -29.37 -14.19
C UNK D 55 -49.43 -30.26 -13.09
N UNK D 56 -48.41 -29.76 -12.41
CA UNK D 56 -47.74 -30.47 -11.31
C UNK D 56 -46.76 -29.52 -10.63
N UNK D 57 -45.94 -28.86 -11.44
CA UNK D 57 -44.97 -27.90 -10.94
C UNK D 57 -45.56 -26.50 -11.04
N UNK D 58 -46.39 -26.27 -12.05
CA UNK D 58 -47.04 -24.98 -12.25
C UNK D 58 -47.97 -24.77 -11.06
N UNK D 59 -48.48 -25.89 -10.53
CA UNK D 59 -49.39 -25.92 -9.37
C UNK D 59 -50.89 -25.76 -9.66
N UNK D 60 -51.63 -26.86 -9.47
CA UNK D 60 -53.09 -26.95 -9.67
C UNK D 60 -53.53 -27.35 -11.09
N UNK D 61 -54.30 -26.48 -11.74
CA UNK D 61 -54.81 -26.69 -13.10
C UNK D 61 -55.55 -25.42 -13.56
N UNK D 62 -54.92 -24.27 -13.32
CA UNK D 62 -55.44 -22.94 -13.66
C UNK D 62 -56.74 -22.93 -14.47
N UNK D 63 -56.60 -22.90 -15.79
CA UNK D 63 -57.76 -22.91 -16.70
C UNK D 63 -57.71 -24.16 -17.58
N UNK D 64 -57.72 -23.97 -18.90
CA UNK D 64 -57.66 -25.08 -19.85
C UNK D 64 -56.40 -24.89 -20.72
N UNK D 65 -56.20 -25.77 -21.70
CA UNK D 65 -55.05 -25.66 -22.59
C UNK D 65 -55.24 -24.51 -23.59
N UNK D 66 -55.24 -23.26 -23.09
CA UNK D 66 -55.44 -22.07 -23.92
C UNK D 66 -54.34 -20.99 -23.79
N UNK D 67 -53.73 -20.62 -24.92
CA UNK D 67 -52.66 -19.62 -24.99
C UNK D 67 -51.72 -19.59 -23.80
N UNK D 68 -50.52 -20.14 -23.98
CA UNK D 68 -49.52 -20.18 -22.92
C UNK D 68 -48.12 -19.71 -23.39
N UNK D 69 -47.08 -20.39 -22.90
CA UNK D 69 -45.69 -20.05 -23.24
C UNK D 69 -45.26 -18.73 -22.61
N UNK D 70 -46.25 -17.96 -22.15
CA UNK D 70 -46.05 -16.67 -21.52
C UNK D 70 -47.39 -16.09 -21.07
N UNK D 71 -48.48 -16.74 -21.51
CA UNK D 71 -49.84 -16.31 -21.17
C UNK D 71 -50.41 -17.03 -19.95
N UNK D 72 -49.78 -18.15 -19.59
CA UNK D 72 -50.18 -18.91 -18.41
C UNK D 72 -49.15 -18.55 -17.34
N UNK D 73 -48.62 -17.32 -17.46
CA UNK D 73 -47.60 -16.77 -16.57
C UNK D 73 -48.19 -15.93 -15.42
N UNK D 74 -49.01 -14.94 -15.79
CA UNK D 74 -49.66 -14.07 -14.80
C UNK D 74 -50.91 -14.77 -14.26
N UNK D 75 -51.20 -15.95 -14.83
CA UNK D 75 -52.35 -16.77 -14.43
C UNK D 75 -51.83 -17.96 -13.60
N UNK D 76 -50.59 -17.84 -13.13
CA UNK D 76 -49.93 -18.86 -12.32
C UNK D 76 -48.62 -18.34 -11.70
N UNK D 77 -48.44 -17.02 -11.72
CA UNK D 77 -47.25 -16.40 -11.14
C UNK D 77 -47.59 -15.89 -9.73
N UNK D 78 -48.89 -15.65 -9.51
CA UNK D 78 -49.39 -15.20 -8.22
C UNK D 78 -50.32 -16.29 -7.68
N UNK D 79 -50.06 -17.53 -8.10
CA UNK D 79 -50.85 -18.70 -7.69
C UNK D 79 -49.95 -19.86 -7.23
N UNK D 80 -48.63 -19.66 -7.34
CA UNK D 80 -47.64 -20.66 -6.94
C UNK D 80 -46.21 -20.25 -7.28
N UNK D 81 -45.64 -19.34 -6.49
CA UNK D 81 -44.27 -18.87 -6.70
C UNK D 81 -43.30 -19.63 -5.79
N UNK D 82 -43.17 -20.93 -6.05
CA UNK D 82 -42.27 -21.80 -5.29
C UNK D 82 -40.88 -21.82 -5.94
N UNK D 83 -40.21 -22.97 -5.94
CA UNK D 83 -38.89 -23.08 -6.52
C UNK D 83 -38.52 -24.53 -6.87
N UNK D 84 -39.14 -25.06 -7.93
CA UNK D 84 -38.91 -26.43 -8.39
C UNK D 84 -39.69 -27.47 -7.58
N UNK D 85 -40.76 -28.00 -8.16
CA UNK D 85 -41.60 -29.00 -7.50
C UNK D 85 -42.05 -30.12 -8.46
N UNK D 86 -42.91 -31.00 -7.95
CA UNK D 86 -43.47 -32.13 -8.71
C UNK D 86 -42.55 -32.69 -9.80
N UNK D 87 -42.88 -32.43 -11.07
CA UNK D 87 -42.09 -32.91 -12.21
C UNK D 87 -41.06 -31.89 -12.68
N UNK D 88 -40.33 -31.30 -11.74
CA UNK D 88 -39.29 -30.33 -12.02
C UNK D 88 -38.21 -30.43 -10.94
N UNK D 89 -38.44 -31.30 -9.95
CA UNK D 89 -37.51 -31.55 -8.84
C UNK D 89 -37.24 -33.06 -8.73
N UNK D 90 -38.01 -33.82 -9.50
CA UNK D 90 -37.90 -35.29 -9.58
C UNK D 90 -37.76 -35.64 -11.06
N UNK D 91 -37.63 -34.59 -11.87
CA UNK D 91 -37.47 -34.68 -13.32
C UNK D 91 -36.26 -33.84 -13.72
N UNK D 92 -36.02 -32.77 -12.98
CA UNK D 92 -34.89 -31.88 -13.22
C UNK D 92 -33.75 -32.24 -12.26
N UNK D 93 -34.05 -33.11 -11.29
CA UNK D 93 -33.08 -33.56 -10.30
C UNK D 93 -32.46 -34.87 -10.77
N UNK D 94 -32.97 -35.38 -11.88
CA UNK D 94 -32.49 -36.62 -12.47
C UNK D 94 -31.48 -36.32 -13.56
N UNK D 95 -31.71 -35.23 -14.29
CA UNK D 95 -30.81 -34.81 -15.38
C UNK D 95 -29.39 -34.51 -14.89
N UNK D 96 -29.25 -34.36 -13.57
CA UNK D 96 -27.95 -34.10 -12.96
C UNK D 96 -27.45 -35.41 -12.34
N UNK D 97 -28.04 -36.51 -12.79
CA UNK D 97 -27.68 -37.84 -12.32
C UNK D 97 -27.41 -38.80 -13.47
N UNK D 98 -27.56 -38.32 -14.70
CA UNK D 98 -27.32 -39.12 -15.91
C UNK D 98 -26.15 -38.51 -16.69
N UNK D 99 -26.07 -37.19 -16.66
CA UNK D 99 -25.02 -36.44 -17.33
C UNK D 99 -23.86 -36.16 -16.37
N UNK D 100 -23.78 -34.91 -15.88
CA UNK D 100 -22.72 -34.47 -14.95
C UNK D 100 -21.86 -35.62 -14.42
N UNK D 101 -20.58 -35.60 -14.81
CA UNK D 101 -19.60 -36.63 -14.44
C UNK D 101 -19.72 -37.19 -13.04
N UNK D 102 -18.98 -38.28 -12.81
CA UNK D 102 -18.97 -38.95 -11.51
C UNK D 102 -18.66 -37.93 -10.42
N UNK D 103 -19.13 -38.18 -9.21
CA UNK D 103 -18.91 -37.28 -8.08
C UNK D 103 -19.86 -36.08 -8.10
N UNK D 104 -19.59 -35.10 -8.95
CA UNK D 104 -20.40 -33.88 -9.09
C UNK D 104 -21.91 -34.14 -8.98
N UNK D 105 -22.39 -34.29 -7.75
CA UNK D 105 -23.80 -34.57 -7.46
C UNK D 105 -24.65 -33.31 -7.35
N UNK D 106 -25.97 -33.47 -7.45
CA UNK D 106 -26.90 -32.36 -7.38
C UNK D 106 -26.72 -31.52 -6.11
N UNK D 107 -26.09 -32.11 -5.10
CA UNK D 107 -25.86 -31.44 -3.82
C UNK D 107 -24.49 -30.79 -3.70
N UNK D 108 -23.46 -31.44 -4.25
CA UNK D 108 -22.11 -30.91 -4.20
C UNK D 108 -21.85 -30.11 -5.50
N UNK D 109 -22.94 -29.70 -6.14
CA UNK D 109 -22.87 -28.94 -7.40
C UNK D 109 -23.62 -27.61 -7.29
N UNK D 110 -24.59 -27.53 -6.39
CA UNK D 110 -25.35 -26.30 -6.20
C UNK D 110 -24.47 -25.33 -5.42
N UNK D 111 -23.36 -25.85 -4.91
CA UNK D 111 -22.38 -25.08 -4.15
C UNK D 111 -21.18 -24.72 -5.02
N UNK D 112 -20.91 -25.57 -6.01
CA UNK D 112 -19.81 -25.34 -6.96
C UNK D 112 -20.32 -24.41 -8.05
N UNK D 113 -21.55 -23.96 -7.84
CA UNK D 113 -22.25 -23.02 -8.71
C UNK D 113 -22.73 -21.93 -7.75
N UNK D 114 -21.91 -21.71 -6.73
CA UNK D 114 -22.17 -20.71 -5.69
C UNK D 114 -20.86 -20.00 -5.34
N UNK D 115 -19.74 -20.66 -5.56
CA UNK D 115 -18.42 -20.10 -5.28
C UNK D 115 -17.77 -19.52 -6.53
N UNK D 116 -17.68 -20.34 -7.59
CA UNK D 116 -17.08 -19.93 -8.86
C UNK D 116 -17.80 -18.75 -9.52
N UNK D 117 -18.67 -19.06 -10.48
CA UNK D 117 -19.43 -18.03 -11.18
C UNK D 117 -20.50 -17.44 -10.25
N UNK D 118 -20.07 -17.02 -9.05
CA UNK D 118 -20.92 -16.40 -8.03
C UNK D 118 -22.36 -16.92 -7.93
N UNK D 119 -23.32 -15.99 -7.78
CA UNK D 119 -24.75 -16.32 -7.67
C UNK D 119 -25.12 -17.03 -6.37
N UNK D 120 -26.24 -16.62 -5.76
CA UNK D 120 -26.70 -17.24 -4.52
C UNK D 120 -26.86 -18.73 -4.79
N UNK D 121 -26.72 -19.55 -3.74
CA UNK D 121 -26.82 -21.01 -3.87
C UNK D 121 -28.23 -21.59 -3.68
N UNK D 122 -29.09 -20.86 -2.97
CA UNK D 122 -30.46 -21.29 -2.72
C UNK D 122 -31.45 -20.32 -3.38
N UNK D 123 -30.93 -19.18 -3.81
CA UNK D 123 -31.74 -18.14 -4.44
C UNK D 123 -31.73 -18.28 -5.97
N UNK D 124 -30.77 -17.62 -6.61
CA UNK D 124 -30.65 -17.64 -8.07
C UNK D 124 -29.92 -18.86 -8.64
N UNK D 125 -29.87 -19.95 -7.87
CA UNK D 125 -29.20 -21.18 -8.29
C UNK D 125 -30.17 -22.15 -8.96
N UNK D 126 -31.47 -21.95 -8.71
CA UNK D 126 -32.49 -22.79 -9.31
C UNK D 126 -32.64 -22.30 -10.76
N UNK D 127 -31.75 -21.37 -11.13
CA UNK D 127 -31.71 -20.76 -12.47
C UNK D 127 -30.42 -21.21 -13.17
N UNK D 128 -29.43 -21.58 -12.36
CA UNK D 128 -28.15 -22.04 -12.89
C UNK D 128 -28.27 -23.52 -13.30
N UNK D 129 -29.45 -24.10 -13.06
CA UNK D 129 -29.72 -25.49 -13.39
C UNK D 129 -30.98 -25.61 -14.24
N UNK D 130 -32.02 -24.86 -13.89
CA UNK D 130 -33.28 -24.88 -14.63
C UNK D 130 -33.09 -24.18 -15.97
N UNK D 131 -31.93 -23.53 -16.12
CA UNK D 131 -31.58 -22.82 -17.34
C UNK D 131 -30.46 -23.55 -18.07
N UNK D 132 -30.06 -24.69 -17.51
CA UNK D 132 -29.01 -25.50 -18.11
C UNK D 132 -29.66 -26.80 -18.58
N UNK D 133 -30.92 -26.97 -18.21
CA UNK D 133 -31.70 -28.16 -18.59
C UNK D 133 -32.62 -27.85 -19.77
N UNK D 134 -32.85 -26.57 -20.03
CA UNK D 134 -33.72 -26.12 -21.12
C UNK D 134 -32.93 -25.85 -22.42
N UNK D 135 -32.06 -24.84 -22.39
CA UNK D 135 -31.24 -24.48 -23.56
C UNK D 135 -30.04 -25.42 -23.73
N UNK D 136 -29.93 -26.39 -22.82
CA UNK D 136 -28.86 -27.37 -22.83
C UNK D 136 -29.36 -28.70 -22.25
N UNK D 137 -28.79 -29.80 -22.73
CA UNK D 137 -29.18 -31.14 -22.27
C UNK D 137 -28.22 -32.18 -22.87
N UNK D 138 -26.94 -32.06 -22.52
CA UNK D 138 -25.88 -32.93 -23.03
C UNK D 138 -26.18 -34.43 -22.95
N UNK D 139 -25.15 -35.23 -23.24
CA UNK D 139 -25.26 -36.68 -23.20
C UNK D 139 -23.99 -37.30 -22.59
N UNK D 140 -23.97 -37.41 -21.27
CA UNK D 140 -22.86 -37.99 -20.50
C UNK D 140 -21.54 -37.22 -20.63
N UNK D 141 -21.54 -35.96 -20.21
CA UNK D 141 -20.34 -35.11 -20.27
C UNK D 141 -19.39 -35.42 -19.11
N UNK D 142 -18.42 -36.30 -19.34
CA UNK D 142 -17.46 -36.70 -18.30
C UNK D 142 -16.17 -35.86 -18.27
N UNK D 143 -15.70 -35.59 -17.05
CA UNK D 143 -14.49 -34.81 -16.74
C UNK D 143 -14.80 -33.92 -15.53
N UNK D 144 -13.97 -34.00 -14.48
CA UNK D 144 -14.21 -33.18 -13.29
C UNK D 144 -13.90 -31.71 -13.57
N UNK D 145 -14.02 -31.32 -14.84
CA UNK D 145 -13.77 -29.95 -15.28
C UNK D 145 -14.72 -29.56 -16.43
N UNK D 146 -14.79 -30.39 -17.45
CA UNK D 146 -15.67 -30.12 -18.59
C UNK D 146 -17.12 -30.19 -18.09
N UNK D 147 -17.25 -30.46 -16.79
CA UNK D 147 -18.54 -30.57 -16.12
C UNK D 147 -18.73 -29.39 -15.17
N UNK D 148 -17.64 -28.67 -14.92
CA UNK D 148 -17.66 -27.48 -14.06
C UNK D 148 -17.80 -26.28 -14.99
N UNK D 149 -18.00 -26.60 -16.27
CA UNK D 149 -18.17 -25.61 -17.33
C UNK D 149 -19.56 -25.77 -17.94
N UNK D 150 -20.23 -26.88 -17.65
CA UNK D 150 -21.58 -27.15 -18.15
C UNK D 150 -22.63 -26.56 -17.20
N UNK D 151 -22.22 -26.35 -15.95
CA UNK D 151 -23.08 -25.78 -14.92
C UNK D 151 -22.60 -24.37 -14.56
N UNK D 152 -21.80 -23.78 -15.46
CA UNK D 152 -21.25 -22.43 -15.30
C UNK D 152 -21.36 -21.68 -16.62
N UNK D 153 -21.59 -22.44 -17.70
CA UNK D 153 -21.75 -21.89 -19.05
C UNK D 153 -23.22 -21.55 -19.26
N UNK D 154 -24.08 -22.28 -18.56
CA UNK D 154 -25.52 -22.06 -18.62
C UNK D 154 -25.88 -21.21 -17.39
N UNK D 155 -24.84 -20.73 -16.71
CA UNK D 155 -24.97 -19.89 -15.51
C UNK D 155 -24.83 -18.43 -15.92
N UNK D 156 -24.35 -18.23 -17.14
CA UNK D 156 -24.18 -16.89 -17.71
C UNK D 156 -25.39 -16.68 -18.62
N UNK D 157 -26.17 -17.74 -18.80
CA UNK D 157 -27.38 -17.69 -19.61
C UNK D 157 -28.58 -17.55 -18.67
N UNK D 158 -28.31 -17.66 -17.36
CA UNK D 158 -29.33 -17.54 -16.31
C UNK D 158 -29.22 -16.15 -15.68
N UNK D 159 -28.23 -15.41 -16.18
CA UNK D 159 -27.94 -14.03 -15.76
C UNK D 159 -28.08 -13.25 -17.06
N UNK D 160 -28.71 -13.89 -18.03
CA UNK D 160 -28.97 -13.31 -19.35
C UNK D 160 -30.45 -13.50 -19.67
N UNK D 161 -31.16 -14.11 -18.73
CA UNK D 161 -32.59 -14.35 -18.85
C UNK D 161 -33.26 -13.99 -17.51
N UNK D 162 -32.43 -13.65 -16.53
CA UNK D 162 -32.90 -13.25 -15.20
C UNK D 162 -32.28 -11.89 -14.87
N UNK D 163 -32.48 -10.93 -15.78
CA UNK D 163 -31.97 -9.55 -15.70
C UNK D 163 -31.14 -9.18 -14.47
N UNK D 164 -29.83 -9.42 -14.54
CA UNK D 164 -28.90 -9.14 -13.45
C UNK D 164 -27.45 -9.21 -13.96
N UNK D 165 -26.52 -8.68 -13.17
CA UNK D 165 -25.10 -8.70 -13.54
C UNK D 165 -24.46 -10.07 -13.40
N UNK D 166 -23.27 -10.24 -13.98
CA UNK D 166 -22.54 -11.51 -13.92
C UNK D 166 -21.41 -11.44 -12.87
N UNK D 167 -21.61 -10.59 -11.86
CA UNK D 167 -20.69 -10.39 -10.74
C UNK D 167 -19.23 -10.11 -11.09
N UNK D 168 -18.39 -10.07 -10.05
CA UNK D 168 -16.96 -9.82 -10.18
C UNK D 168 -16.20 -11.15 -10.21
N UNK D 169 -15.92 -11.63 -11.41
CA UNK D 169 -15.21 -12.89 -11.68
C UNK D 169 -16.17 -14.00 -12.07
N UNK D 170 -7.04 -10.34 2.82
CA UNK D 170 -7.39 -11.28 1.74
C UNK D 170 -6.66 -12.63 1.85
N UNK D 171 -6.59 -13.17 3.08
CA UNK D 171 -5.94 -14.47 3.34
C UNK D 171 -6.96 -15.43 3.96
N UNK D 172 -8.17 -15.44 3.40
CA UNK D 172 -9.29 -16.28 3.86
C UNK D 172 -9.52 -17.51 2.97
N UNK D 173 -8.69 -17.67 1.93
CA UNK D 173 -8.77 -18.80 1.00
C UNK D 173 -7.34 -19.26 0.59
N UNK D 174 -6.34 -18.68 1.26
CA UNK D 174 -4.93 -18.99 1.04
C UNK D 174 -4.41 -19.77 2.25
N UNK D 175 -5.22 -19.77 3.30
CA UNK D 175 -4.91 -20.47 4.54
C UNK D 175 -6.03 -21.46 4.85
N UNK D 176 -7.12 -21.42 4.06
CA UNK D 176 -8.28 -22.31 4.26
C UNK D 176 -8.61 -23.18 3.03
N UNK D 177 -7.81 -23.06 1.98
CA UNK D 177 -8.01 -23.84 0.76
C UNK D 177 -7.57 -25.28 1.06
N UNK D 178 -6.47 -25.39 1.81
CA UNK D 178 -5.91 -26.67 2.19
C UNK D 178 -6.53 -27.14 3.50
N UNK D 179 -7.15 -26.21 4.23
CA UNK D 179 -7.80 -26.54 5.50
C UNK D 179 -8.88 -27.56 5.15
N UNK D 180 -9.05 -27.78 3.85
CA UNK D 180 -10.00 -28.73 3.32
C UNK D 180 -9.16 -29.88 2.79
N UNK D 181 -8.66 -29.73 1.56
CA UNK D 181 -7.85 -30.75 0.90
C UNK D 181 -6.95 -31.53 1.87
N UNK D 182 -6.42 -30.85 2.89
CA UNK D 182 -5.54 -31.46 3.88
C UNK D 182 -6.31 -32.10 5.04
N UNK D 183 -7.25 -31.36 5.60
CA UNK D 183 -8.06 -31.87 6.71
C UNK D 183 -9.01 -32.93 6.12
N UNK D 184 -9.56 -32.63 4.95
CA UNK D 184 -10.48 -33.52 4.27
C UNK D 184 -9.86 -34.89 4.00
N UNK D 185 -9.06 -34.96 2.96
CA UNK D 185 -8.41 -36.23 2.61
C UNK D 185 -8.13 -37.02 3.90
N UNK D 186 -7.44 -36.40 4.86
CA UNK D 186 -7.07 -37.04 6.15
C UNK D 186 -8.23 -37.73 6.83
N UNK D 187 -9.29 -36.96 7.06
CA UNK D 187 -10.49 -37.49 7.70
C UNK D 187 -10.96 -38.74 6.95
N UNK D 188 -10.92 -38.67 5.63
CA UNK D 188 -11.36 -39.81 4.85
C UNK D 188 -10.64 -41.09 5.30
N UNK D 189 -9.31 -41.02 5.42
CA UNK D 189 -8.51 -42.18 5.80
C UNK D 189 -9.10 -42.77 7.06
N UNK D 190 -9.82 -41.91 7.77
CA UNK D 190 -10.44 -42.28 9.03
C UNK D 190 -11.59 -43.18 8.78
N UNK D 191 -12.72 -42.54 8.54
CA UNK D 191 -13.94 -43.28 8.31
C UNK D 191 -13.57 -44.56 7.62
N UNK D 192 -12.85 -44.43 6.50
CA UNK D 192 -12.47 -45.60 5.74
C UNK D 192 -11.95 -46.65 6.73
N UNK D 193 -10.95 -46.27 7.48
CA UNK D 193 -10.40 -47.21 8.44
C UNK D 193 -11.42 -47.65 9.50
N UNK D 194 -12.19 -46.67 10.00
CA UNK D 194 -13.19 -46.92 11.05
C UNK D 194 -14.21 -47.94 10.59
N UNK D 195 -14.57 -47.81 9.32
CA UNK D 195 -15.53 -48.71 8.71
C UNK D 195 -14.84 -50.05 8.58
N UNK D 196 -13.61 -50.03 8.10
CA UNK D 196 -12.87 -51.27 7.92
C UNK D 196 -12.71 -52.04 9.24
N UNK D 197 -12.21 -51.32 10.26
CA UNK D 197 -11.99 -51.90 11.59
C UNK D 197 -13.38 -52.30 12.10
N UNK D 198 -14.41 -51.90 11.37
CA UNK D 198 -15.75 -52.24 11.76
C UNK D 198 -16.05 -53.69 11.43
N UNK D 199 -16.25 -53.96 10.16
CA UNK D 199 -16.54 -55.32 9.73
C UNK D 199 -15.62 -56.27 10.46
N UNK D 200 -14.33 -55.93 10.45
CA UNK D 200 -13.29 -56.74 11.09
C UNK D 200 -13.68 -57.16 12.50
N UNK D 201 -14.65 -56.41 13.04
CA UNK D 201 -15.22 -56.58 14.37
C UNK D 201 -16.66 -57.11 14.24
N UNK D 202 -17.22 -57.01 13.03
CA UNK D 202 -18.59 -57.48 12.74
C UNK D 202 -19.65 -56.69 13.52
N UNK D 203 -19.50 -55.36 13.54
CA UNK D 203 -20.44 -54.46 14.23
C UNK D 203 -21.35 -53.94 13.10
N UNK D 204 -22.64 -53.68 13.39
CA UNK D 204 -23.60 -53.20 12.37
C UNK D 204 -23.78 -51.69 12.33
N UNK D 205 -22.88 -50.99 13.00
CA UNK D 205 -22.90 -49.54 13.11
C UNK D 205 -24.28 -48.95 12.84
N UNK D 206 -24.52 -48.54 11.59
CA UNK D 206 -25.78 -47.90 11.21
C UNK D 206 -27.12 -48.51 11.71
N UNK D 207 -27.17 -49.82 12.00
CA UNK D 207 -28.42 -50.51 12.42
C UNK D 207 -29.22 -49.93 13.59
N UNK D 208 -28.83 -48.74 14.01
CA UNK D 208 -29.49 -48.05 15.12
C UNK D 208 -30.48 -47.04 14.58
N UNK D 209 -29.99 -45.99 13.92
CA UNK D 209 -30.87 -44.97 13.33
C UNK D 209 -31.77 -45.67 12.32
N UNK D 210 -31.70 -47.01 12.31
CA UNK D 210 -32.52 -47.85 11.44
C UNK D 210 -33.74 -48.07 12.31
N UNK D 211 -33.52 -48.46 13.55
CA UNK D 211 -34.63 -48.65 14.46
C UNK D 211 -35.33 -47.30 14.73
N UNK D 212 -34.57 -46.22 14.91
CA UNK D 212 -35.16 -44.92 15.18
C UNK D 212 -35.76 -44.35 13.92
N UNK D 213 -36.08 -45.26 13.00
CA UNK D 213 -36.71 -44.90 11.75
C UNK D 213 -37.98 -45.70 11.89
N UNK D 214 -37.87 -47.00 12.12
CA UNK D 214 -39.06 -47.84 12.29
C UNK D 214 -40.00 -47.24 13.33
N UNK D 215 -39.70 -47.46 14.62
CA UNK D 215 -40.56 -46.94 15.68
C UNK D 215 -41.04 -45.50 15.39
N UNK D 216 -40.25 -44.69 14.69
CA UNK D 216 -40.69 -43.33 14.38
C UNK D 216 -41.71 -43.27 13.22
N UNK D 217 -41.70 -44.29 12.36
CA UNK D 217 -42.66 -44.35 11.27
C UNK D 217 -43.93 -44.84 11.96
N UNK D 218 -43.77 -45.84 12.84
CA UNK D 218 -44.91 -46.37 13.58
C UNK D 218 -45.35 -45.30 14.55
N UNK D 219 -44.69 -44.14 14.53
CA UNK D 219 -45.07 -43.05 15.42
C UNK D 219 -46.28 -42.35 14.85
N UNK D 220 -46.07 -41.56 13.80
CA UNK D 220 -47.19 -40.83 13.17
C UNK D 220 -48.36 -41.71 12.72
N UNK D 221 -48.17 -43.03 12.72
CA UNK D 221 -49.23 -43.96 12.33
C UNK D 221 -50.25 -43.97 13.49
N UNK D 222 -49.74 -43.98 14.73
CA UNK D 222 -50.60 -43.94 15.91
C UNK D 222 -51.10 -42.50 16.01
N UNK D 223 -50.22 -41.54 16.29
CA UNK D 223 -50.60 -40.11 16.42
C UNK D 223 -51.53 -39.59 15.32
N UNK D 224 -51.87 -40.46 14.36
CA UNK D 224 -52.74 -40.13 13.24
C UNK D 224 -54.15 -40.71 13.42
N UNK D 225 -54.24 -41.83 14.15
CA UNK D 225 -55.54 -42.44 14.43
C UNK D 225 -56.03 -41.61 15.63
N UNK D 226 -55.18 -41.45 16.65
CA UNK D 226 -55.55 -40.66 17.81
C UNK D 226 -55.80 -39.23 17.32
N UNK D 227 -55.52 -38.99 16.05
CA UNK D 227 -55.75 -37.68 15.45
C UNK D 227 -57.18 -37.69 14.87
N UNK D 228 -57.59 -38.78 14.22
CA UNK D 228 -58.96 -38.85 13.67
C UNK D 228 -59.86 -38.96 14.89
N UNK D 229 -59.77 -40.08 15.61
CA UNK D 229 -60.59 -40.31 16.78
C UNK D 229 -60.76 -38.99 17.54
N UNK D 230 -59.69 -38.21 17.64
CA UNK D 230 -59.76 -36.91 18.33
C UNK D 230 -60.29 -35.85 17.38
N UNK D 231 -61.17 -36.25 16.49
CA UNK D 231 -61.74 -35.33 15.53
C UNK D 231 -63.11 -35.81 15.06
N UNK D 232 -63.44 -37.07 15.40
CA UNK D 232 -64.74 -37.68 15.07
C UNK D 232 -65.52 -37.44 16.35
N UNK D 233 -64.85 -37.74 17.48
CA UNK D 233 -65.44 -37.52 18.79
C UNK D 233 -65.14 -36.04 19.08
N UNK D 234 -65.58 -35.58 20.24
CA UNK D 234 -65.39 -34.18 20.63
C UNK D 234 -64.05 -33.79 21.26
N UNK D 235 -63.66 -32.53 21.06
CA UNK D 235 -62.43 -32.03 21.66
C UNK D 235 -62.71 -32.15 23.15
N UNK D 236 -63.93 -31.77 23.52
CA UNK D 236 -64.35 -31.89 24.91
C UNK D 236 -64.51 -33.41 25.17
N UNK D 237 -65.45 -34.08 24.48
CA UNK D 237 -65.70 -35.53 24.68
C UNK D 237 -64.43 -36.30 24.98
N UNK D 238 -63.39 -36.02 24.21
CA UNK D 238 -62.10 -36.69 24.35
C UNK D 238 -61.40 -36.15 25.58
N UNK D 239 -61.02 -34.88 25.53
CA UNK D 239 -60.36 -34.25 26.66
C UNK D 239 -61.37 -34.18 27.79
N UNK D 240 -62.31 -35.13 27.82
CA UNK D 240 -63.34 -35.18 28.86
C UNK D 240 -63.61 -36.57 29.36
N UNK D 241 -63.75 -37.53 28.44
CA UNK D 241 -64.01 -38.89 28.85
C UNK D 241 -62.88 -39.31 29.80
N UNK D 242 -62.91 -40.59 30.23
CA UNK D 242 -61.92 -41.17 31.15
C UNK D 242 -61.41 -40.21 32.24
N UNK D 243 -60.39 -40.66 32.98
CA UNK D 243 -59.76 -39.89 34.03
C UNK D 243 -60.30 -40.29 35.40
N UNK D 244 -60.48 -39.24 36.25
CA UNK D 244 -60.93 -39.29 37.66
C UNK D 244 -61.97 -40.33 38.06
N UNK D 245 -61.79 -40.93 39.24
CA UNK D 245 -62.73 -41.94 39.70
C UNK D 245 -62.17 -42.68 40.90
N UNK D 246 -60.84 -42.61 41.05
CA UNK D 246 -60.04 -43.25 42.11
C UNK D 246 -60.70 -44.20 43.13
N UNK D 247 -59.93 -44.58 44.12
CA UNK D 247 -60.44 -45.43 45.17
C UNK D 247 -59.75 -44.88 46.40
N UNK D 248 -59.37 -43.61 46.32
CA UNK D 248 -58.77 -42.94 47.46
C UNK D 248 -59.50 -41.60 47.63
N UNK D 249 -60.69 -41.72 48.20
CA UNK D 249 -61.60 -40.61 48.49
C UNK D 249 -62.01 -40.79 49.95
N UNK D 250 -61.80 -39.74 50.73
CA UNK D 250 -62.11 -39.75 52.16
C UNK D 250 -63.54 -40.16 52.56
N UNK D 251 -63.61 -40.94 53.63
CA UNK D 251 -64.88 -41.41 54.19
C UNK D 251 -64.99 -40.62 55.49
N UNK D 252 -65.65 -39.46 55.43
CA UNK D 252 -65.84 -38.57 56.59
C UNK D 252 -67.10 -38.98 57.33
N UNK D 253 -66.97 -39.60 58.50
CA UNK D 253 -68.15 -40.04 59.23
C UNK D 253 -67.94 -40.53 60.67
N UNK D 254 -68.24 -39.65 61.62
CA UNK D 254 -68.16 -39.93 63.05
C UNK D 254 -68.69 -38.77 63.89
N UNK D 255 -69.95 -38.89 64.33
CA UNK D 255 -70.59 -37.90 65.18
C UNK D 255 -70.15 -38.31 66.57
N UNK D 256 -69.68 -39.55 66.64
CA UNK D 256 -69.19 -40.17 67.86
C UNK D 256 -67.99 -39.38 68.38
N UNK D 257 -68.25 -38.12 68.75
CA UNK D 257 -67.27 -37.16 69.29
C UNK D 257 -67.29 -35.82 68.52
N UNK D 258 -68.21 -35.72 67.57
CA UNK D 258 -68.37 -34.49 66.80
C UNK D 258 -69.78 -34.12 67.23
N UNK D 259 -70.42 -33.15 66.56
CA UNK D 259 -71.77 -32.67 66.91
C UNK D 259 -71.71 -32.07 68.32
N UNK D 260 -71.17 -32.83 69.28
CA UNK D 260 -71.02 -32.40 70.67
C UNK D 260 -70.27 -31.06 70.66
N UNK D 261 -69.86 -30.66 69.47
CA UNK D 261 -69.14 -29.41 69.25
C UNK D 261 -70.22 -28.39 69.00
N UNK D 262 -70.98 -28.60 67.93
CA UNK D 262 -72.06 -27.69 67.56
C UNK D 262 -72.83 -27.22 68.81
N UNK D 263 -72.90 -28.08 69.83
CA UNK D 263 -73.59 -27.79 71.10
C UNK D 263 -72.66 -26.97 71.98
N UNK D 264 -71.43 -27.44 72.15
CA UNK D 264 -70.44 -26.72 72.96
C UNK D 264 -70.19 -25.37 72.28
N UNK D 265 -70.87 -25.14 71.15
CA UNK D 265 -70.76 -23.90 70.40
C UNK D 265 -72.02 -23.07 70.67
N UNK D 266 -73.18 -23.60 70.29
CA UNK D 266 -74.43 -22.88 70.52
C UNK D 266 -74.46 -22.35 71.94
N UNK D 267 -73.92 -23.12 72.88
CA UNK D 267 -73.90 -22.73 74.29
C UNK D 267 -72.79 -21.74 74.63
N UNK D 268 -71.91 -21.50 73.66
CA UNK D 268 -70.82 -20.55 73.81
C UNK D 268 -71.26 -19.39 72.92
N UNK D 269 -72.31 -19.69 72.15
CA UNK D 269 -72.92 -18.74 71.23
C UNK D 269 -74.10 -18.07 71.93
N UNK D 270 -74.99 -18.89 72.49
CA UNK D 270 -76.14 -18.36 73.22
C UNK D 270 -75.54 -17.47 74.30
N UNK D 271 -74.59 -18.02 75.05
CA UNK D 271 -73.90 -17.31 76.13
C UNK D 271 -73.26 -16.01 75.64
N UNK D 272 -73.52 -15.67 74.39
CA UNK D 272 -73.00 -14.47 73.78
C UNK D 272 -74.06 -13.96 72.82
N UNK D 273 -73.76 -12.86 72.14
CA UNK D 273 -74.70 -12.24 71.20
C UNK D 273 -74.87 -13.01 69.88
N UNK D 274 -74.87 -14.35 69.94
CA UNK D 274 -75.01 -15.18 68.74
C UNK D 274 -76.44 -15.14 68.19
N UNK D 275 -77.15 -16.24 68.36
CA UNK D 275 -78.53 -16.33 67.91
C UNK D 275 -79.34 -15.92 69.13
N UNK D 276 -80.42 -15.15 68.93
CA UNK D 276 -81.25 -14.68 70.03
C UNK D 276 -82.40 -15.62 70.43
N UNK D 277 -82.77 -15.55 71.71
CA UNK D 277 -83.80 -16.38 72.28
C UNK D 277 -85.11 -16.50 71.50
N UNK D 278 -85.76 -17.61 71.77
CA UNK D 278 -87.03 -18.02 71.18
C UNK D 278 -87.04 -19.46 71.65
N UNK D 279 -86.31 -19.66 72.76
CA UNK D 279 -86.18 -20.96 73.41
C UNK D 279 -87.58 -21.48 73.64
N UNK D 280 -88.55 -20.69 73.17
CA UNK D 280 -89.95 -21.02 73.26
C UNK D 280 -90.20 -22.24 72.36
N UNK D 281 -89.95 -22.07 71.06
CA UNK D 281 -90.14 -23.17 70.11
C UNK D 281 -89.05 -24.22 70.34
N UNK D 282 -88.15 -23.93 71.28
CA UNK D 282 -87.05 -24.83 71.59
C UNK D 282 -87.51 -26.26 71.78
N UNK D 283 -88.19 -26.52 72.89
CA UNK D 283 -88.67 -27.87 73.16
C UNK D 283 -89.94 -28.10 72.34
N UNK D 284 -90.27 -27.11 71.50
CA UNK D 284 -91.47 -27.15 70.64
C UNK D 284 -91.27 -27.99 69.37
N UNK D 285 -90.21 -28.78 69.36
CA UNK D 285 -89.87 -29.67 68.25
C UNK D 285 -89.60 -31.02 68.92
N UNK D 286 -89.30 -30.95 70.21
CA UNK D 286 -89.10 -32.14 71.03
C UNK D 286 -90.52 -32.55 71.32
N UNK D 287 -91.43 -31.59 71.12
CA UNK D 287 -92.87 -31.77 71.33
C UNK D 287 -93.63 -31.84 69.99
N UNK D 288 -93.11 -31.15 68.98
CA UNK D 288 -93.72 -31.16 67.64
C UNK D 288 -93.37 -32.52 67.06
N UNK D 289 -92.24 -33.06 67.50
CA UNK D 289 -91.74 -34.37 67.08
C UNK D 289 -92.11 -35.39 68.15
N UNK D 290 -93.10 -35.05 68.98
CA UNK D 290 -93.58 -35.93 70.03
C UNK D 290 -94.74 -36.71 69.45
N UNK D 291 -94.63 -36.99 68.15
CA UNK D 291 -95.64 -37.73 67.38
C UNK D 291 -96.84 -36.85 67.05
N UNK D 292 -96.56 -35.60 66.66
CA UNK D 292 -97.61 -34.64 66.31
C UNK D 292 -98.56 -35.26 65.28
N UNK D 293 -99.58 -35.97 65.76
CA UNK D 293 -100.56 -36.65 64.90
C UNK D 293 -101.55 -35.68 64.23
N UNK D 294 -101.77 -35.90 62.94
CA UNK D 294 -102.68 -35.08 62.13
C UNK D 294 -104.07 -34.94 62.74
N UNK D 295 -104.80 -33.91 62.30
CA UNK D 295 -106.15 -33.65 62.79
C UNK D 295 -107.16 -34.31 61.85
N UNK D 296 -107.64 -35.50 62.24
CA UNK D 296 -108.63 -36.28 61.47
C UNK D 296 -108.25 -36.52 60.01
N UNK D 297 -108.33 -35.47 59.19
CA UNK D 297 -108.01 -35.57 57.76
C UNK D 297 -106.63 -35.03 57.42
N UNK D 298 -106.48 -33.71 57.44
CA UNK D 298 -105.21 -33.04 57.13
C UNK D 298 -104.72 -33.40 55.74
N UNK D 299 -104.26 -34.64 55.60
CA UNK D 299 -103.74 -35.19 54.35
C UNK D 299 -104.43 -34.64 53.12
N UNK D 300 -104.95 -35.54 52.29
CA UNK D 300 -105.66 -35.12 51.09
C UNK D 300 -106.55 -33.99 51.55
N UNK D 301 -107.63 -34.36 52.23
CA UNK D 301 -108.58 -33.40 52.77
C UNK D 301 -108.41 -31.99 52.18
N UNK D 302 -107.93 -31.06 53.02
CA UNK D 302 -107.72 -29.66 52.64
C UNK D 302 -107.27 -29.50 51.20
N UNK D 303 -106.52 -30.48 50.74
CA UNK D 303 -106.01 -30.50 49.37
C UNK D 303 -107.10 -31.06 48.47
N UNK D 304 -107.49 -32.32 48.72
CA UNK D 304 -108.54 -32.97 47.93
C UNK D 304 -109.56 -31.88 47.68
N UNK D 305 -109.64 -30.96 48.63
CA UNK D 305 -110.53 -29.81 48.56
C UNK D 305 -110.30 -29.08 47.25
N UNK D 306 -109.41 -28.09 47.28
CA UNK D 306 -109.12 -27.33 46.06
C UNK D 306 -108.84 -28.30 44.93
N UNK D 307 -108.62 -29.56 45.28
CA UNK D 307 -108.33 -30.60 44.31
C UNK D 307 -109.52 -30.92 43.41
N UNK D 308 -110.34 -31.89 43.84
CA UNK D 308 -111.51 -32.28 43.07
C UNK D 308 -112.38 -31.06 42.76
N UNK D 309 -111.89 -29.89 43.14
CA UNK D 309 -112.57 -28.60 42.90
C UNK D 309 -111.91 -27.90 41.72
N UNK D 310 -110.60 -27.66 41.82
CA UNK D 310 -109.86 -27.01 40.75
C UNK D 310 -109.45 -28.10 39.75
N UNK D 311 -110.09 -29.27 39.91
CA UNK D 311 -109.87 -30.45 39.07
C UNK D 311 -111.24 -30.98 38.62
N UNK D 312 -112.25 -30.10 38.73
CA UNK D 312 -113.63 -30.38 38.34
C UNK D 312 -114.19 -29.15 37.60
N UNK D 313 -113.28 -28.36 37.03
CA UNK D 313 -113.61 -27.15 36.28
C UNK D 313 -112.36 -26.51 35.65
N UNK D 314 -111.28 -26.43 36.42
CA UNK D 314 -110.01 -25.85 35.94
C UNK D 314 -109.47 -26.73 34.83
N UNK D 315 -110.18 -27.84 34.60
CA UNK D 315 -109.82 -28.81 33.57
C UNK D 315 -110.93 -29.85 33.40
N UNK D 316 -112.19 -29.39 33.36
CA UNK D 316 -113.35 -30.28 33.19
C UNK D 316 -114.64 -29.48 33.00
N UNK D 317 -104.46 -28.10 59.32
CA UNK D 317 -104.61 -27.63 60.70
C UNK D 317 -103.92 -26.27 60.92
N UNK D 318 -103.42 -26.03 62.12
CA UNK D 318 -102.73 -24.78 62.48
C UNK D 318 -102.41 -24.73 63.99
N UNK D 319 -101.24 -24.19 64.34
CA UNK D 319 -100.84 -24.07 65.74
C UNK D 319 -100.08 -22.76 65.99
N UNK D 320 -99.01 -22.82 66.78
CA UNK D 320 -98.21 -21.62 67.08
C UNK D 320 -96.86 -21.62 66.36
N UNK D 321 -95.90 -20.87 66.90
CA UNK D 321 -94.56 -20.75 66.34
C UNK D 321 -93.76 -19.68 67.08
N UNK D 322 -92.78 -20.08 67.89
CA UNK D 322 -91.98 -19.11 68.64
C UNK D 322 -91.17 -18.21 67.74
N UNK D 323 -91.38 -18.37 66.43
CA UNK D 323 -90.71 -17.60 65.38
C UNK D 323 -90.00 -16.35 65.86
N UNK D 324 -88.82 -16.54 66.46
CA UNK D 324 -88.01 -15.45 66.97
C UNK D 324 -86.57 -15.57 66.46
N UNK D 325 -85.72 -14.61 66.84
CA UNK D 325 -84.32 -14.57 66.41
C UNK D 325 -83.61 -15.91 66.50
N UNK D 326 -84.22 -16.85 67.22
CA UNK D 326 -83.65 -18.17 67.35
C UNK D 326 -83.60 -18.87 65.99
N UNK D 327 -84.75 -18.93 65.31
CA UNK D 327 -84.84 -19.59 64.00
C UNK D 327 -83.86 -20.76 63.95
N UNK D 328 -82.62 -20.47 63.56
CA UNK D 328 -81.56 -21.49 63.48
C UNK D 328 -81.27 -22.10 64.85
N UNK D 329 -81.76 -21.48 65.92
CA UNK D 329 -81.53 -22.02 67.24
C UNK D 329 -82.44 -23.24 67.36
N UNK D 330 -83.11 -23.57 66.26
CA UNK D 330 -84.03 -24.70 66.19
C UNK D 330 -83.57 -25.68 65.14
N UNK D 331 -83.00 -25.16 64.07
CA UNK D 331 -82.46 -25.98 62.97
C UNK D 331 -81.19 -26.65 63.48
N UNK D 332 -80.36 -25.87 64.18
CA UNK D 332 -79.12 -26.38 64.79
C UNK D 332 -79.54 -27.07 66.08
N UNK D 333 -80.80 -26.85 66.46
CA UNK D 333 -81.35 -27.47 67.64
C UNK D 333 -81.81 -28.82 67.18
N UNK D 334 -82.70 -28.80 66.18
CA UNK D 334 -83.27 -30.01 65.59
C UNK D 334 -82.22 -31.10 65.45
N UNK D 335 -81.10 -30.76 64.80
CA UNK D 335 -79.99 -31.69 64.57
C UNK D 335 -79.28 -32.01 65.88
N UNK D 336 -79.12 -31.00 66.74
CA UNK D 336 -78.45 -31.21 68.02
C UNK D 336 -79.20 -32.36 68.66
N UNK D 337 -80.49 -32.46 68.34
CA UNK D 337 -81.37 -33.51 68.86
C UNK D 337 -81.25 -34.74 67.97
N UNK D 338 -81.23 -34.50 66.65
CA UNK D 338 -81.11 -35.55 65.64
C UNK D 338 -80.13 -36.61 66.13
N UNK D 339 -79.05 -36.13 66.75
CA UNK D 339 -78.01 -36.98 67.32
C UNK D 339 -78.37 -37.14 68.79
N UNK D 340 -78.60 -38.38 69.20
CA UNK D 340 -78.98 -38.67 70.59
C UNK D 340 -77.79 -38.66 71.52
N UNK D 341 -76.78 -39.45 71.18
CA UNK D 341 -75.61 -39.52 72.00
C UNK D 341 -76.05 -40.07 73.36
N UNK D 342 -76.50 -41.32 73.36
CA UNK D 342 -76.95 -42.00 74.56
C UNK D 342 -75.87 -42.03 75.65
N UNK D 343 -76.15 -41.40 76.79
CA UNK D 343 -75.22 -41.32 77.93
C UNK D 343 -73.99 -40.50 77.55
N UNK D 344 -73.96 -40.08 76.30
CA UNK D 344 -72.87 -39.28 75.76
C UNK D 344 -73.21 -37.80 75.92
N UNK D 345 -73.78 -37.22 74.86
CA UNK D 345 -74.16 -35.81 74.87
C UNK D 345 -75.12 -35.57 76.03
N UNK D 346 -75.72 -36.65 76.51
CA UNK D 346 -76.64 -36.56 77.63
C UNK D 346 -75.80 -36.10 78.83
N UNK D 347 -74.80 -36.89 79.19
CA UNK D 347 -73.94 -36.56 80.33
C UNK D 347 -73.19 -35.25 80.08
N UNK D 348 -73.03 -34.87 78.82
CA UNK D 348 -72.35 -33.62 78.50
C UNK D 348 -73.37 -32.50 78.46
N UNK D 349 -74.41 -32.64 77.64
CA UNK D 349 -75.44 -31.60 77.57
C UNK D 349 -75.99 -31.47 78.99
N UNK D 350 -75.40 -32.25 79.91
CA UNK D 350 -75.75 -32.28 81.33
C UNK D 350 -74.96 -31.23 82.12
N UNK D 351 -73.64 -31.13 81.91
CA UNK D 351 -72.88 -30.10 82.62
C UNK D 351 -73.21 -28.79 81.92
N UNK D 352 -74.47 -28.69 81.51
CA UNK D 352 -75.05 -27.52 80.84
C UNK D 352 -75.41 -26.63 82.02
N UNK D 353 -75.67 -27.30 83.14
CA UNK D 353 -75.98 -26.65 84.39
C UNK D 353 -74.56 -26.47 84.90
N UNK D 354 -74.04 -27.56 85.47
CA UNK D 354 -72.68 -27.68 86.04
C UNK D 354 -72.03 -26.42 86.68
N UNK D 355 -72.21 -25.26 86.05
CA UNK D 355 -71.68 -23.98 86.53
C UNK D 355 -72.42 -22.87 85.79
N UNK D 356 -73.64 -23.19 85.37
CA UNK D 356 -74.50 -22.25 84.65
C UNK D 356 -75.44 -21.59 85.66
N UNK D 357 -74.90 -20.66 86.45
CA UNK D 357 -75.65 -19.92 87.48
C UNK D 357 -76.01 -18.53 86.97
N UNK D 358 -77.08 -18.48 86.17
CA UNK D 358 -77.62 -17.29 85.52
C UNK D 358 -77.43 -15.92 86.15
N UNK D 359 -76.42 -15.76 87.01
CA UNK D 359 -76.14 -14.49 87.65
C UNK D 359 -75.72 -13.46 86.59
N UNK D 360 -76.06 -13.75 85.33
CA UNK D 360 -75.74 -12.87 84.21
C UNK D 360 -77.00 -12.56 83.36
N UNK D 361 -76.84 -11.67 82.38
CA UNK D 361 -77.92 -11.22 81.49
C UNK D 361 -78.68 -12.28 80.68
N UNK D 362 -78.19 -12.58 79.48
CA UNK D 362 -78.82 -13.58 78.64
C UNK D 362 -78.32 -14.97 79.02
N UNK D 363 -77.25 -15.00 79.81
CA UNK D 363 -76.65 -16.26 80.27
C UNK D 363 -77.72 -17.29 80.59
N UNK D 364 -78.81 -16.86 81.21
CA UNK D 364 -79.90 -17.77 81.55
C UNK D 364 -80.66 -18.14 80.28
N UNK D 365 -80.87 -17.16 79.40
CA UNK D 365 -81.60 -17.36 78.14
C UNK D 365 -81.19 -18.68 77.51
N UNK D 366 -80.00 -19.13 77.89
CA UNK D 366 -79.42 -20.37 77.43
C UNK D 366 -79.67 -21.41 78.51
N UNK D 367 -79.35 -21.06 79.75
CA UNK D 367 -79.56 -21.97 80.87
C UNK D 367 -80.96 -22.56 80.81
N UNK D 368 -81.85 -21.89 80.09
CA UNK D 368 -83.23 -22.33 79.92
C UNK D 368 -83.34 -23.19 78.65
N UNK D 369 -82.87 -22.66 77.53
CA UNK D 369 -82.90 -23.39 76.26
C UNK D 369 -82.07 -24.66 76.43
N UNK D 370 -81.24 -24.65 77.48
CA UNK D 370 -80.37 -25.77 77.83
C UNK D 370 -81.21 -26.84 78.51
N UNK D 371 -82.07 -26.39 79.42
CA UNK D 371 -82.95 -27.30 80.14
C UNK D 371 -83.77 -28.11 79.13
N UNK D 372 -84.34 -27.40 78.15
CA UNK D 372 -85.14 -28.03 77.10
C UNK D 372 -84.37 -29.17 76.45
N UNK D 373 -83.36 -28.84 75.67
CA UNK D 373 -82.57 -29.86 75.00
C UNK D 373 -82.08 -30.91 76.00
N UNK D 374 -81.78 -30.48 77.22
CA UNK D 374 -81.30 -31.38 78.27
C UNK D 374 -82.31 -32.51 78.48
N UNK D 375 -83.44 -32.42 77.79
CA UNK D 375 -84.48 -33.41 77.89
C UNK D 375 -85.12 -33.57 76.53
N UNK D 376 -85.40 -32.43 75.90
CA UNK D 376 -85.99 -32.42 74.57
C UNK D 376 -85.15 -33.38 73.76
N UNK D 377 -83.90 -33.54 74.20
CA UNK D 377 -82.93 -34.43 73.57
C UNK D 377 -82.68 -35.65 74.46
N UNK D 378 -83.11 -35.58 75.72
CA UNK D 378 -82.94 -36.68 76.66
C UNK D 378 -83.95 -37.79 76.38
N UNK D 379 -85.12 -37.37 75.90
CA UNK D 379 -86.18 -38.29 75.56
C UNK D 379 -85.95 -38.81 74.15
N UNK D 380 -85.44 -37.95 73.28
CA UNK D 380 -85.16 -38.32 71.89
C UNK D 380 -84.17 -39.49 71.82
N UNK D 381 -83.43 -39.69 72.91
CA UNK D 381 -82.46 -40.78 72.99
C UNK D 381 -83.08 -42.09 72.55
N UNK D 382 -82.25 -43.13 72.45
CA UNK D 382 -82.71 -44.44 72.02
C UNK D 382 -83.91 -44.40 71.05
N UNK D 383 -83.98 -43.38 70.20
CA UNK D 383 -85.07 -43.24 69.24
C UNK D 383 -84.50 -43.05 67.83
N UNK D 384 -85.24 -43.54 66.81
CA UNK D 384 -84.80 -43.42 65.42
C UNK D 384 -84.43 -41.96 65.11
N UNK D 385 -83.16 -41.73 64.80
CA UNK D 385 -82.60 -40.41 64.50
C UNK D 385 -83.39 -39.49 63.59
N UNK D 386 -83.18 -38.20 63.82
CA UNK D 386 -83.79 -37.06 63.14
C UNK D 386 -84.75 -37.26 61.96
N UNK D 387 -84.84 -36.20 61.17
CA UNK D 387 -85.70 -36.17 60.01
C UNK D 387 -85.19 -35.09 59.09
N UNK D 388 -85.51 -35.22 57.80
CA UNK D 388 -85.11 -34.24 56.81
C UNK D 388 -85.95 -32.97 57.03
N UNK D 389 -86.24 -32.70 58.31
CA UNK D 389 -87.05 -31.56 58.78
C UNK D 389 -86.44 -30.20 58.49
N UNK D 390 -86.89 -29.58 57.40
CA UNK D 390 -86.41 -28.27 56.96
C UNK D 390 -87.03 -27.13 57.77
N UNK D 391 -86.89 -27.22 59.10
CA UNK D 391 -87.40 -26.21 60.02
C UNK D 391 -86.75 -24.85 59.74
N UNK D 392 -87.15 -24.23 58.63
CA UNK D 392 -86.60 -22.94 58.25
C UNK D 392 -87.59 -22.18 57.41
N UNK D 393 -88.02 -21.04 57.92
CA UNK D 393 -88.98 -20.20 57.22
C UNK D 393 -88.59 -20.09 55.76
N UNK D 394 -89.40 -20.68 54.89
CA UNK D 394 -89.15 -20.66 53.44
C UNK D 394 -89.40 -19.26 52.85
N UNK D 395 -88.80 -18.98 51.69
CA UNK D 395 -88.94 -17.68 51.04
C UNK D 395 -89.53 -17.73 49.64
N UNK D 396 -89.21 -16.70 48.84
CA UNK D 396 -89.70 -16.60 47.48
C UNK D 396 -88.89 -15.61 46.63
N UNK D 397 -89.56 -14.92 45.73
CA UNK D 397 -88.91 -13.96 44.85
C UNK D 397 -89.09 -12.53 45.34
N UNK D 398 -88.09 -11.69 45.07
CA UNK D 398 -88.12 -10.27 45.50
C UNK D 398 -87.36 -9.34 44.54
N UNK D 399 -87.37 -9.68 43.25
CA UNK D 399 -86.68 -8.88 42.23
C UNK D 399 -87.33 -7.51 42.06
N UNK D 400 -86.55 -6.45 42.30
CA UNK D 400 -87.06 -5.09 42.19
C UNK D 400 -86.14 -4.13 41.43
N UNK D 401 -86.68 -3.50 40.39
CA UNK D 401 -85.92 -2.53 39.59
C UNK D 401 -86.01 -1.16 40.23
N UNK D 402 -84.86 -0.53 40.47
CA UNK D 402 -84.86 0.79 41.10
C UNK D 402 -84.98 1.90 40.08
N UNK D 403 -84.85 3.14 40.53
CA UNK D 403 -84.98 4.28 39.64
C UNK D 403 -83.63 4.81 39.18
N UNK D 404 -83.35 6.04 39.58
CA UNK D 404 -82.12 6.77 39.24
C UNK D 404 -80.90 5.89 39.00
N UNK D 405 -79.92 5.98 39.90
CA UNK D 405 -78.68 5.20 39.77
C UNK D 405 -78.78 3.81 40.41
N UNK D 406 -79.88 3.11 40.14
CA UNK D 406 -80.07 1.77 40.68
C UNK D 406 -80.81 0.90 39.66
N UNK D 407 -80.27 -0.28 39.42
CA UNK D 407 -80.84 -1.20 38.46
C UNK D 407 -81.58 -2.37 39.11
N UNK D 408 -80.94 -3.54 39.14
CA UNK D 408 -81.54 -4.74 39.71
C UNK D 408 -81.50 -4.82 41.24
N UNK D 409 -82.39 -5.64 41.80
CA UNK D 409 -82.47 -5.84 43.26
C UNK D 409 -81.87 -7.19 43.65
N UNK D 410 -82.71 -8.14 44.08
CA UNK D 410 -82.23 -9.46 44.48
C UNK D 410 -83.35 -10.49 44.57
N UNK D 411 -83.00 -11.70 44.98
CA UNK D 411 -83.97 -12.79 45.13
C UNK D 411 -84.40 -12.93 46.59
N UNK D 412 -84.94 -14.10 46.92
CA UNK D 412 -85.41 -14.45 48.28
C UNK D 412 -85.75 -13.29 49.21
N UNK D 413 -87.04 -13.19 49.57
CA UNK D 413 -87.53 -12.15 50.46
C UNK D 413 -87.98 -12.74 51.80
N UNK D 414 -89.21 -13.26 51.85
CA UNK D 414 -89.74 -13.85 53.07
C UNK D 414 -91.13 -14.46 52.90
N UNK D 415 -91.86 -13.97 51.90
CA UNK D 415 -93.22 -14.44 51.57
C UNK D 415 -94.14 -14.65 52.78
N UNK D 416 -95.25 -13.91 52.81
CA UNK D 416 -96.22 -14.01 53.90
C UNK D 416 -97.09 -15.27 53.77
N UNK D 417 -97.83 -15.60 54.83
CA UNK D 417 -98.71 -16.78 54.85
C UNK D 417 -97.89 -18.08 54.78
N UNK D 418 -96.59 -17.94 54.55
CA UNK D 418 -95.69 -19.09 54.48
C UNK D 418 -95.26 -19.38 55.91
N UNK D 419 -94.01 -19.07 56.23
CA UNK D 419 -93.46 -19.26 57.56
C UNK D 419 -93.29 -20.70 58.06
N UNK D 420 -94.37 -21.47 58.11
CA UNK D 420 -94.31 -22.85 58.60
C UNK D 420 -94.16 -23.90 57.52
N UNK D 421 -93.31 -24.89 57.78
CA UNK D 421 -93.09 -25.97 56.83
C UNK D 421 -94.45 -26.57 56.49
N UNK D 422 -95.25 -26.87 57.52
CA UNK D 422 -96.57 -27.45 57.35
C UNK D 422 -97.26 -26.76 56.18
N UNK D 423 -97.19 -25.43 56.20
CA UNK D 423 -97.80 -24.61 55.16
C UNK D 423 -97.36 -25.08 53.80
N UNK D 424 -96.04 -25.18 53.60
CA UNK D 424 -95.47 -25.60 52.32
C UNK D 424 -96.28 -26.73 51.69
N UNK D 425 -96.91 -27.54 52.54
CA UNK D 425 -97.74 -28.66 52.11
C UNK D 425 -99.08 -28.16 51.59
N UNK D 426 -99.96 -27.78 52.52
CA UNK D 426 -101.27 -27.27 52.15
C UNK D 426 -101.06 -26.20 51.08
N UNK D 427 -100.12 -25.29 51.36
CA UNK D 427 -99.80 -24.21 50.45
C UNK D 427 -99.84 -24.72 49.02
N UNK D 428 -98.91 -25.60 48.68
CA UNK D 428 -98.85 -26.15 47.34
C UNK D 428 -100.03 -27.11 47.13
N UNK D 429 -100.60 -27.62 48.23
CA UNK D 429 -101.72 -28.55 48.14
C UNK D 429 -102.81 -28.04 47.20
N UNK D 430 -103.18 -26.77 47.39
CA UNK D 430 -104.20 -26.12 46.57
C UNK D 430 -103.59 -25.00 45.73
N UNK D 431 -104.06 -24.81 44.51
CA UNK D 431 -103.51 -23.76 43.67
C UNK D 431 -104.55 -23.03 42.81
N UNK D 432 -104.40 -21.71 42.73
CA UNK D 432 -105.29 -20.83 41.98
C UNK D 432 -105.35 -21.21 40.50
N UNK D 433 -106.17 -20.49 39.75
CA UNK D 433 -106.35 -20.76 38.34
C UNK D 433 -106.43 -22.28 38.12
N UNK D 434 -106.22 -22.74 36.89
CA UNK D 434 -106.29 -24.16 36.63
C UNK D 434 -105.24 -24.82 37.53
N UNK D 435 -105.66 -25.83 38.30
CA UNK D 435 -104.75 -26.52 39.22
C UNK D 435 -105.35 -27.77 39.83
N UNK D 436 -104.59 -28.87 39.82
CA UNK D 436 -105.02 -30.14 40.41
C UNK D 436 -104.22 -30.34 41.69
N UNK D 437 -103.45 -29.30 42.01
CA UNK D 437 -102.57 -29.20 43.16
C UNK D 437 -101.15 -28.98 42.59
N UNK D 438 -100.49 -27.90 43.02
CA UNK D 438 -99.13 -27.60 42.56
C UNK D 438 -98.17 -28.59 43.22
N UNK D 439 -98.16 -29.80 42.65
CA UNK D 439 -97.36 -30.95 43.07
C UNK D 439 -98.23 -32.23 42.88
N UNK D 440 -98.52 -32.57 41.62
CA UNK D 440 -99.35 -33.74 41.27
C UNK D 440 -98.67 -35.10 41.51
N UNK D 441 -98.96 -36.05 40.63
CA UNK D 441 -98.39 -37.40 40.68
C UNK D 441 -99.37 -38.27 39.88
N UNK D 442 -99.21 -38.26 38.54
CA UNK D 442 -100.08 -39.00 37.61
C UNK D 442 -99.83 -40.50 37.52
N UNK D 443 -100.55 -41.18 36.62
CA UNK D 443 -100.38 -42.63 36.44
C UNK D 443 -100.71 -43.16 35.04
N UNK D 444 -100.58 -44.48 34.89
CA UNK D 444 -100.81 -45.19 33.64
C UNK D 444 -102.16 -44.94 32.97
N UNK D 445 -102.18 -44.14 31.90
CA UNK D 445 -103.43 -43.84 31.20
C UNK D 445 -104.03 -45.06 30.53
N UNK D 446 -103.57 -46.24 30.95
CA UNK D 446 -104.03 -47.53 30.43
C UNK D 446 -104.01 -47.61 28.90
N UNK D 447 -103.77 -46.46 28.27
CA UNK D 447 -103.72 -46.39 26.82
C UNK D 447 -103.09 -45.09 26.34
N UNK D 448 -102.81 -44.16 27.26
CA UNK D 448 -102.21 -42.87 26.89
C UNK D 448 -101.33 -42.23 27.95
N UNK D 449 -101.27 -40.90 27.92
CA UNK D 449 -100.47 -40.10 28.85
C UNK D 449 -100.61 -40.47 30.34
N UNK D 450 -100.58 -39.44 31.19
CA UNK D 450 -100.71 -39.64 32.63
C UNK D 450 -101.29 -38.40 33.29
N UNK D 451 -102.59 -38.43 33.58
CA UNK D 451 -103.28 -37.31 34.20
C UNK D 451 -103.18 -37.36 35.73
N UNK D 452 -103.48 -36.23 36.37
CA UNK D 452 -103.40 -36.07 37.83
C UNK D 452 -104.28 -36.96 38.70
N UNK D 453 -104.23 -38.28 38.48
CA UNK D 453 -105.01 -39.23 39.27
C UNK D 453 -104.57 -39.13 40.73
N UNK D 454 -104.98 -38.05 41.38
CA UNK D 454 -104.65 -37.78 42.76
C UNK D 454 -104.87 -39.03 43.60
N UNK D 455 -105.40 -40.07 42.96
CA UNK D 455 -105.66 -41.35 43.61
C UNK D 455 -104.51 -41.62 44.55
N UNK D 456 -103.30 -41.63 43.98
CA UNK D 456 -102.08 -41.86 44.75
C UNK D 456 -101.53 -40.51 45.17
N UNK D 457 -101.73 -39.49 44.32
CA UNK D 457 -101.27 -38.14 44.59
C UNK D 457 -101.65 -37.78 46.02
N UNK D 458 -102.56 -38.57 46.58
CA UNK D 458 -102.99 -38.39 47.95
C UNK D 458 -101.76 -38.63 48.80
N UNK D 459 -101.39 -39.91 48.93
CA UNK D 459 -100.24 -40.34 49.71
C UNK D 459 -99.00 -39.45 49.58
N UNK D 460 -98.67 -39.03 48.36
CA UNK D 460 -97.48 -38.19 48.08
C UNK D 460 -97.55 -36.80 48.73
N UNK D 461 -98.73 -36.18 48.70
CA UNK D 461 -98.93 -34.88 49.29
C UNK D 461 -99.21 -35.10 50.77
N UNK D 462 -99.91 -36.19 51.06
CA UNK D 462 -100.27 -36.56 52.43
C UNK D 462 -99.06 -36.71 53.34
N UNK D 463 -98.30 -37.79 53.14
CA UNK D 463 -97.11 -38.06 53.94
C UNK D 463 -96.10 -36.91 53.89
N UNK D 464 -95.94 -36.30 52.71
CA UNK D 464 -95.03 -35.18 52.55
C UNK D 464 -95.38 -34.24 53.72
N UNK D 465 -96.68 -34.09 53.95
CA UNK D 465 -97.16 -33.26 55.03
C UNK D 465 -96.79 -33.95 56.34
N UNK D 466 -97.08 -35.26 56.43
CA UNK D 466 -96.77 -36.06 57.62
C UNK D 466 -95.34 -35.82 58.07
N UNK D 467 -94.62 -34.98 57.32
CA UNK D 467 -93.25 -34.61 57.64
C UNK D 467 -93.36 -33.41 58.57
N UNK D 468 -93.04 -32.22 58.05
CA UNK D 468 -93.09 -30.97 58.82
C UNK D 468 -93.15 -31.12 60.34
N UNK D 469 -94.35 -31.30 60.90
CA UNK D 469 -94.52 -31.46 62.35
C UNK D 469 -93.81 -32.74 62.78
N UNK D 470 -94.43 -33.88 62.49
CA UNK D 470 -93.84 -35.18 62.83
C UNK D 470 -92.71 -35.49 61.86
N UNK D 471 -91.53 -35.75 62.44
CA UNK D 471 -90.30 -36.05 61.71
C UNK D 471 -90.37 -36.94 60.44
N VAL D 472 -89.20 -37.37 59.96
CA VAL D 472 -89.01 -38.23 58.78
C VAL D 472 -87.58 -38.77 58.79
N THR D 473 -87.37 -39.93 59.39
CA THR D 473 -86.02 -40.54 59.47
C THR D 473 -85.68 -41.31 58.18
N PHE D 474 -84.40 -41.57 57.97
CA PHE D 474 -83.93 -42.25 56.78
C PHE D 474 -82.98 -43.40 57.04
N LYS D 475 -82.48 -43.52 58.26
CA LYS D 475 -81.53 -44.57 58.56
C LYS D 475 -81.82 -45.80 57.75
N ASP D 476 -80.76 -46.51 57.40
CA ASP D 476 -80.89 -47.72 56.61
C ASP D 476 -81.51 -47.39 55.27
N LYS D 477 -80.70 -46.74 54.42
CA LYS D 477 -81.10 -46.36 53.07
C LYS D 477 -79.93 -46.48 52.07
N TYR D 478 -78.75 -45.98 52.43
CA TYR D 478 -77.61 -46.07 51.54
C TYR D 478 -77.89 -45.44 50.17
N VAL D 479 -77.20 -44.35 49.85
CA VAL D 479 -77.40 -43.72 48.55
C VAL D 479 -76.23 -42.92 47.99
N LEU D 480 -76.10 -42.95 46.66
CA LEU D 480 -75.07 -42.21 45.95
C LEU D 480 -75.73 -41.07 45.14
N ILE D 481 -75.06 -39.93 45.05
CA ILE D 481 -75.61 -38.78 44.36
C ILE D 481 -74.72 -38.21 43.28
N THR D 482 -75.30 -38.01 42.10
CA THR D 482 -74.59 -37.42 40.99
C THR D 482 -74.60 -35.94 41.30
N GLY D 483 -75.80 -35.41 41.48
CA GLY D 483 -75.99 -33.99 41.77
C GLY D 483 -74.91 -33.30 42.58
N ALA D 484 -74.62 -32.07 42.19
CA ALA D 484 -73.59 -31.25 42.83
C ALA D 484 -73.58 -31.27 44.36
N GLY D 485 -72.68 -30.47 44.91
CA GLY D 485 -72.53 -30.34 46.35
C GLY D 485 -72.94 -28.95 46.76
N LYS D 486 -71.99 -28.10 47.15
CA LYS D 486 -72.33 -26.74 47.54
C LYS D 486 -73.21 -26.16 46.45
N GLY D 487 -73.11 -26.75 45.26
CA GLY D 487 -73.91 -26.29 44.14
C GLY D 487 -75.36 -26.08 44.51
N SER D 488 -76.13 -27.17 44.57
CA SER D 488 -77.56 -27.06 44.87
C SER D 488 -78.29 -28.37 44.92
N ILE D 489 -79.62 -28.25 44.99
CA ILE D 489 -80.54 -29.37 44.99
C ILE D 489 -80.13 -30.51 45.91
N GLY D 490 -79.29 -31.40 45.41
CA GLY D 490 -78.82 -32.50 46.22
C GLY D 490 -78.16 -31.95 47.47
N ALA D 491 -77.51 -30.80 47.31
CA ALA D 491 -76.84 -30.12 48.41
C ALA D 491 -77.67 -30.35 49.66
N GLU D 492 -78.86 -29.77 49.66
CA GLU D 492 -79.81 -29.89 50.75
C GLU D 492 -80.15 -31.37 50.93
N VAL D 493 -80.61 -31.97 49.83
CA VAL D 493 -80.97 -33.37 49.80
C VAL D 493 -80.08 -34.16 50.72
N LEU D 494 -78.78 -34.08 50.46
CA LEU D 494 -77.79 -34.77 51.27
C LEU D 494 -77.97 -34.30 52.71
N GLN D 495 -77.81 -32.99 52.92
CA GLN D 495 -77.97 -32.43 54.25
C GLN D 495 -79.12 -33.21 54.85
N GLY D 496 -80.11 -33.50 54.01
CA GLY D 496 -81.26 -34.28 54.45
C GLY D 496 -80.87 -35.71 54.76
N LEU D 497 -80.65 -36.50 53.71
CA LEU D 497 -80.25 -37.90 53.83
C LEU D 497 -79.43 -38.10 55.09
N LEU D 498 -78.60 -37.10 55.37
CA LEU D 498 -77.71 -37.07 56.51
C LEU D 498 -78.44 -36.86 57.81
N GLN D 499 -79.13 -35.73 57.92
CA GLN D 499 -79.88 -35.47 59.14
C GLN D 499 -80.88 -36.61 59.18
N GLY D 500 -81.16 -37.16 58.01
CA GLY D 500 -82.08 -38.28 57.91
C GLY D 500 -81.51 -39.40 58.75
N GLY D 501 -80.20 -39.60 58.66
CA GLY D 501 -79.55 -40.65 59.42
C GLY D 501 -79.03 -41.78 58.56
N ALA D 502 -79.29 -41.68 57.27
CA ALA D 502 -78.86 -42.70 56.32
C ALA D 502 -77.33 -42.82 56.26
N LYS D 503 -76.85 -43.36 55.15
CA LYS D 503 -75.43 -43.53 54.92
C LYS D 503 -75.29 -43.23 53.45
N VAL D 504 -74.50 -42.21 53.13
CA VAL D 504 -74.35 -41.81 51.73
C VAL D 504 -72.95 -41.62 51.12
N VAL D 505 -72.93 -41.79 49.81
CA VAL D 505 -71.76 -41.71 48.96
C VAL D 505 -71.94 -40.59 47.94
N VAL D 506 -71.21 -39.50 48.10
CA VAL D 506 -71.38 -38.39 47.18
C VAL D 506 -70.36 -38.34 46.09
N THR D 507 -70.79 -37.83 44.93
CA THR D 507 -69.93 -37.72 43.75
C THR D 507 -69.54 -36.27 43.44
N THR D 508 -68.25 -36.02 43.20
CA THR D 508 -67.76 -34.68 42.91
C THR D 508 -67.14 -34.51 41.56
N SER D 509 -67.46 -33.40 40.91
CA SER D 509 -66.92 -33.10 39.60
C SER D 509 -65.52 -32.53 39.78
N ARG D 510 -65.23 -32.08 41.00
CA ARG D 510 -63.92 -31.54 41.31
C ARG D 510 -63.40 -32.28 42.52
N PHE D 511 -62.71 -31.54 43.37
CA PHE D 511 -62.16 -32.10 44.57
C PHE D 511 -61.40 -30.99 45.27
N SER D 512 -60.40 -31.38 46.03
CA SER D 512 -59.56 -30.45 46.78
C SER D 512 -60.08 -30.11 48.17
N LYS D 513 -59.19 -29.64 49.04
CA LYS D 513 -59.55 -29.25 50.40
C LYS D 513 -60.78 -28.34 50.29
N GLN D 514 -60.93 -27.74 49.11
CA GLN D 514 -62.05 -26.88 48.83
C GLN D 514 -63.26 -27.69 49.28
N VAL D 515 -63.34 -28.90 48.73
CA VAL D 515 -64.42 -29.79 49.05
C VAL D 515 -64.07 -30.83 50.10
N THR D 516 -62.80 -31.23 50.19
CA THR D 516 -62.43 -32.20 51.23
C THR D 516 -62.67 -31.46 52.54
N ASP D 517 -63.30 -30.30 52.44
CA ASP D 517 -63.64 -29.49 53.60
C ASP D 517 -65.10 -29.07 53.57
N TYR D 518 -65.69 -29.09 52.39
CA TYR D 518 -67.08 -28.74 52.31
C TYR D 518 -67.80 -29.87 53.00
N TYR D 519 -67.79 -31.04 52.36
CA TYR D 519 -68.43 -32.21 52.95
C TYR D 519 -67.67 -32.57 54.21
N GLN D 520 -67.19 -31.54 54.88
CA GLN D 520 -66.49 -31.71 56.13
C GLN D 520 -67.51 -31.25 57.14
N SER D 521 -67.72 -29.95 57.23
CA SER D 521 -68.69 -29.43 58.19
C SER D 521 -70.03 -30.06 57.82
N ILE D 522 -70.34 -30.04 56.53
CA ILE D 522 -71.60 -30.58 56.07
C ILE D 522 -71.95 -31.88 56.76
N TYR D 523 -70.95 -32.70 57.08
CA TYR D 523 -71.28 -33.90 57.81
C TYR D 523 -71.50 -33.41 59.22
N ALA D 524 -70.48 -33.53 60.06
CA ALA D 524 -70.57 -33.09 61.43
C ALA D 524 -71.32 -31.76 61.53
N LYS D 525 -72.66 -31.86 61.52
CA LYS D 525 -73.60 -30.75 61.64
C LYS D 525 -74.98 -31.16 61.14
N TYR D 526 -75.01 -32.18 60.29
CA TYR D 526 -76.26 -32.71 59.75
C TYR D 526 -76.16 -34.22 59.81
N GLY D 527 -74.95 -34.71 59.99
CA GLY D 527 -74.76 -36.13 60.07
C GLY D 527 -75.53 -36.60 61.28
N ALA D 528 -76.56 -37.41 61.04
CA ALA D 528 -77.40 -37.93 62.12
C ALA D 528 -76.78 -39.08 62.92
N LYS D 529 -77.34 -39.31 64.09
CA LYS D 529 -76.91 -40.37 65.00
C LYS D 529 -76.01 -41.43 64.36
N GLY D 530 -76.56 -42.17 63.40
CA GLY D 530 -75.81 -43.22 62.73
C GLY D 530 -75.58 -43.04 61.24
N SER D 531 -75.23 -41.83 60.85
CA SER D 531 -74.96 -41.53 59.45
C SER D 531 -73.50 -41.81 59.15
N THR D 532 -73.16 -41.78 57.86
CA THR D 532 -71.81 -42.01 57.37
C THR D 532 -71.72 -41.37 55.99
N LEU D 533 -70.71 -40.55 55.78
CA LEU D 533 -70.60 -39.87 54.50
C LEU D 533 -69.34 -40.16 53.72
N ILE D 534 -69.52 -40.70 52.52
CA ILE D 534 -68.37 -40.99 51.68
C ILE D 534 -68.38 -40.03 50.51
N VAL D 535 -67.30 -39.27 50.45
CA VAL D 535 -67.11 -38.28 49.40
C VAL D 535 -66.15 -38.87 48.39
N VAL D 536 -66.63 -38.96 47.17
CA VAL D 536 -65.82 -39.55 46.14
C VAL D 536 -65.78 -38.74 44.87
N PRO D 537 -64.61 -38.70 44.23
CA PRO D 537 -64.38 -37.98 42.99
C PRO D 537 -64.89 -38.90 41.88
N PHE D 538 -65.42 -38.33 40.81
CA PHE D 538 -65.98 -39.12 39.72
C PHE D 538 -66.51 -38.22 38.60
N ASN D 539 -66.46 -38.70 37.36
CA ASN D 539 -66.97 -37.94 36.21
C ASN D 539 -67.86 -38.87 35.45
N GLN D 540 -69.16 -38.61 35.47
CA GLN D 540 -70.10 -39.51 34.81
C GLN D 540 -69.82 -39.90 33.35
N GLY D 541 -68.83 -39.28 32.72
CA GLY D 541 -68.52 -39.61 31.34
C GLY D 541 -67.71 -40.90 31.23
N SER D 542 -67.68 -41.50 30.03
CA SER D 542 -66.96 -42.76 29.77
C SER D 542 -67.02 -43.75 30.92
N LYS D 543 -67.90 -44.74 30.80
CA LYS D 543 -68.09 -45.72 31.85
C LYS D 543 -66.91 -45.82 32.79
N GLN D 544 -66.11 -46.88 32.65
CA GLN D 544 -64.95 -47.06 33.52
C GLN D 544 -65.25 -46.43 34.86
N ASP D 545 -64.78 -45.19 35.05
CA ASP D 545 -64.99 -44.41 36.26
C ASP D 545 -66.35 -44.79 36.84
N VAL D 546 -67.31 -44.95 35.95
CA VAL D 546 -68.65 -45.36 36.31
C VAL D 546 -68.57 -46.80 36.80
N GLU D 547 -68.44 -47.72 35.86
CA GLU D 547 -68.36 -49.13 36.16
C GLU D 547 -67.66 -49.37 37.49
N ALA D 548 -66.64 -48.57 37.78
CA ALA D 548 -65.89 -48.72 39.01
C ALA D 548 -66.58 -48.10 40.22
N LEU D 549 -67.08 -46.89 40.05
CA LEU D 549 -67.76 -46.26 41.14
C LEU D 549 -68.75 -47.30 41.67
N ILE D 550 -69.71 -47.67 40.83
CA ILE D 550 -70.71 -48.66 41.19
C ILE D 550 -69.95 -49.76 41.87
N GLU D 551 -69.00 -50.30 41.12
CA GLU D 551 -68.15 -51.39 41.58
C GLU D 551 -67.68 -51.14 43.00
N PHE D 552 -66.76 -50.19 43.14
CA PHE D 552 -66.20 -49.84 44.43
C PHE D 552 -67.22 -49.87 45.59
N ILE D 553 -68.47 -49.59 45.26
CA ILE D 553 -69.53 -49.53 46.25
C ILE D 553 -69.98 -50.88 46.80
N TYR D 554 -69.73 -51.95 46.07
CA TYR D 554 -70.18 -53.23 46.55
C TYR D 554 -69.06 -54.12 47.08
N ASP D 555 -67.88 -54.02 46.48
CA ASP D 555 -66.77 -54.88 46.90
C ASP D 555 -66.60 -54.85 48.41
N THR D 556 -66.05 -55.92 48.97
CA THR D 556 -65.85 -56.03 50.41
C THR D 556 -64.76 -55.17 50.96
N GLU D 557 -64.96 -54.73 52.20
CA GLU D 557 -63.98 -53.91 52.88
C GLU D 557 -62.66 -54.67 52.89
N LYS D 558 -62.74 -55.99 52.90
CA LYS D 558 -61.54 -56.80 52.90
C LYS D 558 -60.84 -56.71 51.57
N ASN D 559 -61.55 -56.14 50.59
CA ASN D 559 -61.00 -55.92 49.27
C ASN D 559 -61.04 -54.41 49.08
N GLY D 560 -61.70 -53.94 48.02
CA GLY D 560 -61.79 -52.50 47.81
C GLY D 560 -62.36 -51.82 49.05
N GLY D 561 -63.64 -52.08 49.33
CA GLY D 561 -64.25 -51.45 50.49
C GLY D 561 -65.67 -51.06 50.17
N LEU D 562 -66.27 -50.30 51.08
CA LEU D 562 -67.64 -49.86 50.90
C LEU D 562 -68.50 -51.10 50.72
N GLY D 563 -68.49 -51.96 51.73
CA GLY D 563 -69.23 -53.19 51.67
C GLY D 563 -70.71 -52.94 51.78
N TRP D 564 -71.25 -52.24 50.80
CA TRP D 564 -72.65 -51.91 50.82
C TRP D 564 -73.52 -52.62 49.78
N ASP D 565 -74.76 -52.16 49.65
CA ASP D 565 -75.71 -52.73 48.71
C ASP D 565 -76.42 -51.63 47.95
N LEU D 566 -76.47 -50.43 48.53
CA LEU D 566 -77.13 -49.31 47.88
C LEU D 566 -78.63 -49.53 47.62
N ASP D 567 -79.48 -48.69 48.25
CA ASP D 567 -80.94 -48.79 48.11
C ASP D 567 -81.58 -47.68 47.30
N ALA D 568 -80.78 -46.74 46.81
CA ALA D 568 -81.34 -45.64 46.03
C ALA D 568 -80.31 -44.84 45.27
N ILE D 569 -80.72 -44.38 44.10
CA ILE D 569 -79.86 -43.61 43.22
C ILE D 569 -80.46 -42.28 42.82
N ILE D 570 -79.65 -41.24 42.96
CA ILE D 570 -80.07 -39.89 42.63
C ILE D 570 -79.00 -39.35 41.66
N PRO D 571 -79.11 -39.74 40.38
CA PRO D 571 -78.27 -39.43 39.21
C PRO D 571 -78.39 -38.10 38.53
N PHE D 572 -77.99 -37.02 39.18
CA PHE D 572 -78.18 -35.73 38.54
C PHE D 572 -76.93 -35.20 37.87
N ALA D 573 -76.96 -35.27 36.53
CA ALA D 573 -75.88 -34.86 35.64
C ALA D 573 -75.23 -33.53 36.02
N ALA D 574 -74.87 -32.77 35.00
CA ALA D 574 -74.24 -31.47 35.17
C ALA D 574 -73.98 -30.86 33.80
N ILE D 575 -73.04 -29.93 33.75
CA ILE D 575 -72.72 -29.27 32.51
C ILE D 575 -73.84 -28.38 32.05
N PRO D 576 -73.50 -27.21 31.51
CA PRO D 576 -74.47 -26.25 31.03
C PRO D 576 -75.17 -26.69 29.74
N GLU D 577 -74.87 -25.93 28.69
CA GLU D 577 -75.44 -26.10 27.37
C GLU D 577 -76.31 -24.87 27.15
N GLN D 578 -75.74 -23.84 26.52
CA GLN D 578 -76.46 -22.61 26.26
C GLN D 578 -75.98 -22.00 24.97
N GLY D 579 -76.90 -21.38 24.23
CA GLY D 579 -76.53 -20.75 22.97
C GLY D 579 -76.27 -21.78 21.89
N ILE D 580 -76.85 -22.96 22.08
CA ILE D 580 -76.68 -24.02 21.12
C ILE D 580 -77.99 -24.54 20.58
N GLU D 581 -78.31 -24.12 19.36
CA GLU D 581 -79.52 -24.56 18.69
C GLU D 581 -79.14 -25.83 17.93
N LEU D 582 -80.11 -26.45 17.28
CA LEU D 582 -79.83 -27.66 16.52
C LEU D 582 -78.48 -27.48 15.83
N GLU D 583 -78.35 -26.37 15.09
CA GLU D 583 -77.12 -26.04 14.36
C GLU D 583 -75.85 -26.49 15.05
N HIS D 584 -75.13 -25.52 15.60
CA HIS D 584 -73.89 -25.75 16.31
C HIS D 584 -74.27 -26.69 17.43
N ILE D 585 -73.59 -27.82 17.56
CA ILE D 585 -73.98 -28.73 18.61
C ILE D 585 -73.02 -29.81 19.04
N ASP D 586 -72.22 -30.37 18.12
CA ASP D 586 -71.28 -31.45 18.48
C ASP D 586 -70.51 -31.20 19.76
N SER D 587 -69.72 -32.18 20.16
CA SER D 587 -68.91 -32.06 21.35
C SER D 587 -69.76 -31.88 22.60
N LYS D 588 -69.30 -30.99 23.47
CA LYS D 588 -69.96 -30.69 24.73
C LYS D 588 -71.35 -31.30 24.83
N SER D 589 -72.28 -30.85 23.98
CA SER D 589 -73.64 -31.38 23.98
C SER D 589 -73.55 -32.89 23.99
N GLU D 590 -72.94 -33.41 22.93
CA GLU D 590 -72.75 -34.84 22.77
C GLU D 590 -72.26 -35.44 24.07
N PHE D 591 -71.23 -34.84 24.63
CA PHE D 591 -70.67 -35.29 25.89
C PHE D 591 -71.86 -35.36 26.83
N ALA D 592 -72.31 -34.18 27.21
CA ALA D 592 -73.45 -34.02 28.10
C ALA D 592 -74.42 -35.18 27.88
N HIS D 593 -75.14 -35.05 26.77
CA HIS D 593 -76.14 -36.03 26.32
C HIS D 593 -75.90 -37.42 26.90
N ARG D 594 -74.64 -37.84 26.85
CA ARG D 594 -74.22 -39.14 27.35
C ARG D 594 -74.09 -39.09 28.87
N ILE D 595 -73.32 -38.13 29.35
CA ILE D 595 -73.10 -37.99 30.77
C ILE D 595 -74.42 -37.67 31.41
N MET D 596 -75.30 -37.10 30.60
CA MET D 596 -76.61 -36.69 31.04
C MET D 596 -77.67 -37.76 30.91
N LEU D 597 -77.30 -38.94 30.43
CA LEU D 597 -78.25 -40.07 30.27
C LEU D 597 -77.61 -41.47 30.21
N THR D 598 -76.98 -41.74 29.08
CA THR D 598 -76.30 -43.00 28.79
C THR D 598 -75.77 -43.71 30.02
N ASN D 599 -74.55 -43.35 30.43
CA ASN D 599 -73.93 -43.97 31.59
C ASN D 599 -74.95 -44.20 32.68
N ILE D 600 -75.77 -43.19 32.95
CA ILE D 600 -76.80 -43.31 33.98
C ILE D 600 -77.42 -44.66 33.70
N LEU D 601 -77.86 -44.87 32.46
CA LEU D 601 -78.43 -46.16 32.07
C LEU D 601 -77.47 -47.20 32.63
N ARG D 602 -76.27 -47.23 32.04
CA ARG D 602 -75.22 -48.18 32.41
C ARG D 602 -75.08 -48.23 33.92
N MET D 603 -75.10 -47.05 34.55
CA MET D 603 -75.02 -46.92 36.00
C MET D 603 -75.99 -47.92 36.59
N MET D 604 -77.26 -47.73 36.23
CA MET D 604 -78.31 -48.62 36.66
C MET D 604 -77.83 -50.02 36.32
N GLY D 605 -77.51 -50.21 35.03
CA GLY D 605 -77.04 -51.49 34.55
C GLY D 605 -76.14 -52.17 35.55
N CYS D 606 -74.96 -51.59 35.75
CA CYS D 606 -74.00 -52.15 36.69
C CYS D 606 -74.65 -52.48 38.01
N VAL D 607 -75.41 -51.53 38.56
CA VAL D 607 -76.08 -51.76 39.82
C VAL D 607 -76.93 -52.99 39.68
N LYS D 608 -77.63 -53.09 38.56
CA LYS D 608 -78.48 -54.25 38.31
C LYS D 608 -77.65 -55.48 38.51
N LYS D 609 -76.72 -55.65 37.59
CA LYS D 609 -75.88 -56.80 37.64
C LYS D 609 -75.36 -56.97 39.04
N GLN D 610 -74.53 -56.03 39.47
CA GLN D 610 -73.95 -56.11 40.80
C GLN D 610 -74.87 -56.84 41.77
N LYS D 611 -76.11 -56.37 41.89
CA LYS D 611 -77.08 -57.03 42.77
C LYS D 611 -77.38 -58.39 42.18
N SER D 612 -78.15 -58.39 41.08
CA SER D 612 -78.53 -59.60 40.37
C SER D 612 -77.42 -60.64 40.43
N ALA D 613 -76.20 -60.14 40.47
CA ALA D 613 -75.05 -61.01 40.55
C ALA D 613 -75.22 -61.86 41.78
N ARG D 614 -75.02 -61.25 42.94
CA ARG D 614 -75.12 -61.95 44.21
C ARG D 614 -76.44 -62.70 44.42
N GLY D 615 -77.57 -61.99 44.39
CA GLY D 615 -78.86 -62.63 44.59
C GLY D 615 -79.83 -61.71 45.28
N ILE D 616 -79.50 -60.42 45.22
CA ILE D 616 -80.30 -59.36 45.82
C ILE D 616 -81.52 -59.03 44.96
N GLU D 617 -82.25 -60.06 44.54
CA GLU D 617 -83.43 -59.84 43.72
C GLU D 617 -84.66 -59.58 44.58
N THR D 618 -84.42 -59.26 45.85
CA THR D 618 -85.48 -58.97 46.81
C THR D 618 -85.17 -57.73 47.65
N ARG D 619 -84.79 -56.63 46.99
CA ARG D 619 -84.46 -55.37 47.68
C ARG D 619 -83.96 -54.37 46.65
N PRO D 620 -84.72 -54.17 45.57
CA PRO D 620 -84.28 -53.23 44.55
C PRO D 620 -83.95 -51.87 45.15
N ALA D 621 -83.42 -50.99 44.30
CA ALA D 621 -83.07 -49.63 44.72
C ALA D 621 -83.85 -48.64 43.84
N GLN D 622 -84.30 -47.54 44.45
CA GLN D 622 -85.07 -46.53 43.74
C GLN D 622 -84.15 -45.60 42.95
N VAL D 623 -84.66 -45.04 41.85
CA VAL D 623 -83.88 -44.13 41.03
C VAL D 623 -84.60 -42.84 40.58
N ILE D 624 -84.45 -41.81 41.40
CA ILE D 624 -85.08 -40.52 41.16
C ILE D 624 -84.58 -39.80 39.91
N LEU D 625 -84.93 -40.31 38.73
CA LEU D 625 -84.48 -39.66 37.51
C LEU D 625 -84.91 -38.22 37.39
N PRO D 626 -83.97 -37.28 37.46
CA PRO D 626 -84.44 -35.90 37.33
C PRO D 626 -85.04 -35.77 35.91
N MET D 627 -86.36 -35.59 35.85
CA MET D 627 -87.12 -35.45 34.60
C MET D 627 -87.21 -34.00 34.21
N SER D 628 -87.69 -33.75 33.00
CA SER D 628 -87.84 -32.35 32.59
C SER D 628 -89.24 -32.11 32.09
N PRO D 629 -89.83 -30.95 32.44
CA PRO D 629 -91.19 -30.63 31.99
C PRO D 629 -91.15 -29.94 30.64
N ASN D 630 -90.10 -29.15 30.43
CA ASN D 630 -89.96 -28.36 29.22
C ASN D 630 -88.78 -28.72 28.30
N HIS D 631 -88.90 -29.84 27.63
CA HIS D 631 -87.86 -30.28 26.71
C HIS D 631 -88.18 -29.92 25.28
N GLY D 632 -87.31 -29.12 24.68
CA GLY D 632 -87.50 -28.69 23.30
C GLY D 632 -88.28 -27.40 23.42
N THR D 633 -88.70 -27.15 24.65
CA THR D 633 -89.48 -25.98 25.00
C THR D 633 -88.81 -24.65 24.70
N PHE D 634 -87.95 -24.20 25.61
CA PHE D 634 -87.27 -22.91 25.44
C PHE D 634 -86.63 -22.69 24.08
N GLY D 635 -85.32 -22.44 24.07
CA GLY D 635 -84.60 -22.22 22.84
C GLY D 635 -83.32 -23.04 22.74
N GLY D 636 -82.19 -22.36 22.78
CA GLY D 636 -80.91 -23.05 22.69
C GLY D 636 -80.62 -24.00 23.83
N ASP D 637 -81.32 -25.12 23.87
CA ASP D 637 -81.14 -26.10 24.91
C ASP D 637 -79.86 -26.91 24.73
N GLY D 638 -79.56 -27.30 23.49
CA GLY D 638 -78.39 -28.10 23.24
C GLY D 638 -78.89 -29.52 23.09
N MET D 639 -78.90 -30.27 24.18
CA MET D 639 -79.42 -31.63 24.14
C MET D 639 -79.92 -31.99 25.52
N TYR D 640 -80.00 -30.96 26.36
CA TYR D 640 -80.52 -31.11 27.72
C TYR D 640 -81.94 -31.61 27.60
N SER D 641 -82.52 -31.29 26.46
CA SER D 641 -83.86 -31.71 26.18
C SER D 641 -83.80 -33.20 25.89
N GLU D 642 -83.45 -33.51 24.64
CA GLU D 642 -83.36 -34.89 24.19
C GLU D 642 -82.77 -35.81 25.23
N SER D 643 -81.86 -35.28 26.03
CA SER D 643 -81.24 -36.09 27.09
C SER D 643 -82.33 -36.51 28.05
N LYS D 644 -82.90 -35.51 28.71
CA LYS D 644 -83.97 -35.74 29.68
C LYS D 644 -85.04 -36.63 29.07
N LEU D 645 -85.78 -36.08 28.13
CA LEU D 645 -86.83 -36.79 27.42
C LEU D 645 -86.61 -38.29 27.36
N SER D 646 -85.44 -38.69 26.90
CA SER D 646 -85.14 -40.11 26.78
C SER D 646 -85.38 -40.84 28.10
N LEU D 647 -84.84 -40.30 29.19
CA LEU D 647 -84.99 -40.89 30.52
C LEU D 647 -86.33 -41.54 30.76
N GLU D 648 -87.36 -40.97 30.13
CA GLU D 648 -88.73 -41.46 30.26
C GLU D 648 -88.87 -42.86 29.71
N THR D 649 -87.98 -43.25 28.81
CA THR D 649 -88.03 -44.58 28.25
C THR D 649 -87.93 -45.53 29.42
N LEU D 650 -87.08 -45.14 30.36
CA LEU D 650 -86.86 -45.92 31.56
C LEU D 650 -88.14 -46.39 32.23
N PHE D 651 -89.26 -45.71 31.94
CA PHE D 651 -90.55 -46.08 32.52
C PHE D 651 -91.10 -47.35 31.86
N ASN D 652 -91.05 -47.40 30.54
CA ASN D 652 -91.53 -48.56 29.81
C ASN D 652 -90.46 -49.64 29.88
N ARG D 653 -89.28 -49.22 30.29
CA ARG D 653 -88.18 -50.16 30.43
C ARG D 653 -88.57 -51.08 31.58
N TRP D 654 -88.67 -50.50 32.77
CA TRP D 654 -89.00 -51.22 33.97
C TRP D 654 -89.88 -52.43 33.73
N HIS D 655 -90.71 -52.32 32.70
CA HIS D 655 -91.58 -53.42 32.33
C HIS D 655 -90.94 -54.09 31.11
N SER D 656 -90.84 -55.42 31.17
CA SER D 656 -90.27 -56.25 30.10
C SER D 656 -88.84 -56.71 30.34
N GLU D 657 -87.98 -55.79 30.77
CA GLU D 657 -86.58 -56.14 31.03
C GLU D 657 -86.41 -56.59 32.48
N SER D 658 -85.90 -57.80 32.63
CA SER D 658 -85.69 -58.41 33.94
C SER D 658 -84.75 -57.64 34.86
N TRP D 659 -85.31 -56.72 35.65
CA TRP D 659 -84.47 -55.94 36.56
C TRP D 659 -85.25 -55.09 37.52
N ALA D 660 -86.55 -55.27 37.51
CA ALA D 660 -87.40 -54.52 38.41
C ALA D 660 -87.19 -55.00 39.85
N ASN D 661 -86.38 -56.05 39.99
CA ASN D 661 -86.12 -56.62 41.32
C ASN D 661 -84.82 -56.08 41.91
N GLN D 662 -84.26 -55.07 41.25
CA GLN D 662 -83.02 -54.44 41.69
C GLN D 662 -83.14 -52.94 41.55
N LEU D 663 -83.91 -52.53 40.55
CA LEU D 663 -84.11 -51.11 40.32
C LEU D 663 -85.58 -50.71 40.32
N THR D 664 -85.82 -49.45 40.67
CA THR D 664 -87.17 -48.92 40.73
C THR D 664 -87.24 -47.54 40.12
N VAL D 665 -87.89 -47.44 38.97
CA VAL D 665 -88.03 -46.15 38.32
C VAL D 665 -88.77 -45.23 39.28
N CYS D 666 -88.83 -43.96 38.92
CA CYS D 666 -89.47 -42.97 39.76
C CYS D 666 -89.13 -41.61 39.17
N GLY D 667 -90.03 -41.06 38.37
CA GLY D 667 -89.79 -39.75 37.79
C GLY D 667 -89.46 -38.70 38.83
N ALA D 668 -89.72 -37.45 38.51
CA ALA D 668 -89.46 -36.33 39.42
C ALA D 668 -89.12 -35.12 38.56
N ILE D 669 -90.08 -34.72 37.74
CA ILE D 669 -89.90 -33.62 36.82
C ILE D 669 -89.29 -32.29 37.28
N ILE D 670 -89.71 -31.78 38.44
CA ILE D 670 -89.21 -30.51 39.00
C ILE D 670 -88.73 -29.45 38.02
N GLY D 671 -89.49 -28.38 37.92
CA GLY D 671 -89.11 -27.31 37.02
C GLY D 671 -88.92 -26.05 37.83
N TRP D 672 -88.32 -25.04 37.19
CA TRP D 672 -88.10 -23.73 37.79
C TRP D 672 -87.84 -23.68 39.29
N THR D 673 -86.57 -23.66 39.65
CA THR D 673 -86.20 -23.62 41.07
C THR D 673 -85.04 -22.67 41.34
N ARG D 674 -85.38 -21.47 41.82
CA ARG D 674 -84.40 -20.41 42.13
C ARG D 674 -83.28 -20.88 43.08
N GLY D 675 -82.71 -19.93 43.83
CA GLY D 675 -81.63 -20.27 44.74
C GLY D 675 -80.48 -20.75 43.87
N THR D 676 -79.90 -19.83 43.11
CA THR D 676 -78.81 -20.16 42.18
C THR D 676 -77.40 -20.29 42.75
N GLY D 677 -76.69 -21.28 42.19
CA GLY D 677 -75.32 -21.56 42.54
C GLY D 677 -74.65 -21.75 41.18
N LEU D 678 -75.34 -22.47 40.30
CA LEU D 678 -74.91 -22.75 38.93
C LEU D 678 -75.74 -23.86 38.30
N MET D 679 -76.90 -23.47 37.76
CA MET D 679 -77.82 -24.39 37.09
C MET D 679 -79.28 -24.05 37.38
N SER D 680 -79.54 -22.89 37.98
CA SER D 680 -80.91 -22.47 38.29
C SER D 680 -81.44 -21.43 37.29
N ALA D 681 -82.44 -21.84 36.50
CA ALA D 681 -83.04 -20.99 35.48
C ALA D 681 -83.30 -19.54 35.90
N ASN D 682 -83.37 -18.67 34.88
CA ASN D 682 -83.60 -17.24 35.03
C ASN D 682 -83.76 -16.69 36.44
N ASN D 683 -82.76 -16.92 37.28
CA ASN D 683 -82.77 -16.40 38.64
C ASN D 683 -82.84 -14.90 38.40
N ILE D 684 -84.06 -14.40 38.14
CA ILE D 684 -84.28 -12.99 37.85
C ILE D 684 -85.74 -12.68 38.05
N ILE D 685 -86.50 -13.05 37.04
CA ILE D 685 -87.93 -12.84 37.00
C ILE D 685 -88.54 -13.44 38.26
N ALA D 686 -88.94 -14.71 38.18
CA ALA D 686 -89.55 -15.42 39.30
C ALA D 686 -90.96 -14.88 39.56
N GLU D 687 -91.02 -13.77 40.27
CA GLU D 687 -92.30 -13.13 40.57
C GLU D 687 -92.98 -12.99 39.20
N GLY D 688 -92.19 -12.55 38.23
CA GLY D 688 -92.67 -12.34 36.87
C GLY D 688 -93.38 -13.52 36.25
N ILE D 689 -93.46 -14.61 36.99
CA ILE D 689 -94.13 -15.78 36.52
C ILE D 689 -95.12 -16.19 37.60
N GLU D 690 -94.79 -15.82 38.83
CA GLU D 690 -95.69 -16.11 39.94
C GLU D 690 -96.75 -15.01 39.97
N LYS D 691 -96.99 -14.44 38.80
CA LYS D 691 -97.99 -13.39 38.65
C LYS D 691 -98.93 -13.81 37.52
N MET D 692 -98.35 -14.11 36.36
CA MET D 692 -99.15 -14.53 35.22
C MET D 692 -99.77 -15.89 35.56
N GLY D 693 -100.37 -15.97 36.74
CA GLY D 693 -101.00 -17.20 37.19
C GLY D 693 -100.37 -17.74 38.46
N VAL D 694 -99.36 -17.04 38.97
CA VAL D 694 -98.64 -17.46 40.17
C VAL D 694 -98.43 -18.95 40.09
N ARG D 695 -97.94 -19.41 38.94
CA ARG D 695 -97.69 -20.83 38.72
C ARG D 695 -96.59 -21.34 39.64
N THR D 696 -96.64 -20.84 40.87
CA THR D 696 -95.75 -21.18 41.97
C THR D 696 -94.24 -21.28 41.74
N PHE D 697 -93.54 -21.46 42.86
CA PHE D 697 -92.10 -21.62 42.94
C PHE D 697 -91.11 -20.52 42.65
N SER D 698 -90.06 -20.57 43.46
CA SER D 698 -88.94 -19.65 43.47
C SER D 698 -88.28 -20.09 44.77
N GLN D 699 -88.74 -21.24 45.26
CA GLN D 699 -88.26 -21.84 46.49
C GLN D 699 -87.24 -22.90 46.14
N LYS D 700 -86.23 -23.06 46.98
CA LYS D 700 -85.18 -24.03 46.68
C LYS D 700 -85.08 -25.22 47.60
N GLU D 701 -85.26 -25.03 48.89
CA GLU D 701 -85.16 -26.18 49.79
C GLU D 701 -86.19 -27.22 49.40
N MET D 702 -86.68 -27.08 48.17
CA MET D 702 -87.64 -27.97 47.59
C MET D 702 -87.10 -29.38 47.63
N ALA D 703 -85.79 -29.50 47.80
CA ALA D 703 -85.16 -30.81 47.86
C ALA D 703 -86.06 -31.64 48.74
N PHE D 704 -86.50 -30.99 49.82
CA PHE D 704 -87.40 -31.58 50.78
C PHE D 704 -88.43 -32.42 50.04
N ASN D 705 -88.83 -31.97 48.86
CA ASN D 705 -89.80 -32.68 48.04
C ASN D 705 -89.30 -34.05 47.68
N LEU D 706 -88.48 -34.10 46.65
CA LEU D 706 -87.89 -35.36 46.22
C LEU D 706 -87.57 -36.09 47.52
N LEU D 707 -86.80 -35.40 48.36
CA LEU D 707 -86.38 -35.91 49.66
C LEU D 707 -87.45 -36.81 50.28
N GLY D 708 -88.70 -36.37 50.20
CA GLY D 708 -89.79 -37.16 50.75
C GLY D 708 -90.36 -38.07 49.69
N LEU D 709 -90.21 -37.64 48.43
CA LEU D 709 -90.68 -38.41 47.29
C LEU D 709 -89.98 -39.77 47.41
N LEU D 710 -89.23 -39.91 48.48
CA LEU D 710 -88.46 -41.11 48.78
C LEU D 710 -88.78 -41.70 50.17
N THR D 711 -89.98 -41.45 50.68
CA THR D 711 -90.39 -41.96 51.98
C THR D 711 -90.98 -43.35 51.81
N PRO D 712 -90.96 -44.20 52.88
CA PRO D 712 -91.56 -45.51 52.65
C PRO D 712 -92.91 -45.26 52.01
N GLU D 713 -93.63 -46.30 51.66
CA GLU D 713 -94.92 -46.08 51.01
C GLU D 713 -94.55 -45.60 49.61
N VAL D 714 -94.20 -44.32 49.50
CA VAL D 714 -93.80 -43.78 48.20
C VAL D 714 -92.94 -44.86 47.56
N VAL D 715 -91.99 -45.36 48.34
CA VAL D 715 -91.10 -46.43 47.91
C VAL D 715 -92.00 -47.59 47.53
N GLU D 716 -92.55 -48.20 48.57
CA GLU D 716 -93.47 -49.31 48.46
C GLU D 716 -94.29 -49.13 47.18
N LEU D 717 -94.69 -47.90 46.93
CA LEU D 717 -95.49 -47.57 45.77
C LEU D 717 -94.76 -47.74 44.45
N CYS D 718 -93.69 -46.98 44.25
CA CYS D 718 -92.95 -47.12 43.01
C CYS D 718 -92.68 -48.59 42.91
N GLN D 719 -92.37 -49.16 44.07
CA GLN D 719 -92.08 -50.58 44.20
C GLN D 719 -93.17 -51.43 43.59
N LYS D 720 -94.35 -50.86 43.45
CA LYS D 720 -95.48 -51.56 42.86
C LYS D 720 -95.42 -51.35 41.36
N SER D 721 -95.02 -50.14 40.99
CA SER D 721 -94.92 -49.74 39.59
C SER D 721 -94.21 -48.40 39.46
N PRO D 722 -93.85 -48.01 38.23
CA PRO D 722 -93.17 -46.74 38.01
C PRO D 722 -93.96 -45.59 38.64
N VAL D 723 -93.35 -44.40 38.73
CA VAL D 723 -94.04 -43.27 39.32
C VAL D 723 -93.68 -41.87 38.80
N MET D 724 -94.40 -41.41 37.79
CA MET D 724 -94.17 -40.06 37.25
C MET D 724 -94.64 -39.21 38.44
N ALA D 725 -94.03 -38.05 38.69
CA ALA D 725 -94.46 -37.23 39.83
C ALA D 725 -93.92 -35.80 39.84
N ASP D 726 -94.38 -35.01 38.87
CA ASP D 726 -93.94 -33.63 38.69
C ASP D 726 -93.94 -32.74 39.91
N LEU D 727 -92.98 -31.83 39.93
CA LEU D 727 -92.85 -30.87 41.00
C LEU D 727 -92.74 -29.51 40.32
N ASN D 728 -93.45 -29.39 39.20
CA ASN D 728 -93.47 -28.15 38.43
C ASN D 728 -94.69 -27.39 38.91
N GLY D 729 -94.51 -26.11 39.22
CA GLY D 729 -95.62 -25.30 39.70
C GLY D 729 -96.71 -25.14 38.66
N GLY D 730 -97.25 -26.26 38.18
CA GLY D 730 -98.28 -26.20 37.17
C GLY D 730 -97.86 -25.34 36.00
N LEU D 731 -96.66 -24.78 36.08
CA LEU D 731 -96.12 -23.93 35.03
C LEU D 731 -96.62 -24.44 33.71
N GLN D 732 -96.69 -25.76 33.64
CA GLN D 732 -97.16 -26.51 32.49
C GLN D 732 -98.51 -26.05 31.91
N PHE D 733 -99.06 -24.96 32.45
CA PHE D 733 -100.35 -24.42 32.00
C PHE D 733 -100.19 -23.13 31.21
N VAL D 734 -99.15 -22.38 31.55
CA VAL D 734 -98.86 -21.13 30.90
C VAL D 734 -98.75 -21.32 29.39
N PRO D 735 -99.06 -20.26 28.62
CA PRO D 735 -99.04 -20.20 27.13
C PRO D 735 -97.78 -19.60 26.50
N GLU D 736 -97.22 -20.31 25.52
CA GLU D 736 -95.99 -19.90 24.82
C GLU D 736 -94.96 -19.50 25.88
N LEU D 737 -94.91 -20.32 26.93
CA LEU D 737 -94.04 -20.12 28.07
C LEU D 737 -92.78 -19.37 27.73
N LYS D 738 -92.20 -19.66 26.58
CA LYS D 738 -90.99 -18.96 26.20
C LYS D 738 -91.32 -17.48 26.10
N GLU D 739 -91.77 -17.09 24.93
CA GLU D 739 -92.13 -15.72 24.62
C GLU D 739 -92.68 -15.00 25.83
N PHE D 740 -93.41 -15.73 26.67
CA PHE D 740 -93.93 -15.11 27.87
C PHE D 740 -92.72 -14.81 28.74
N THR D 741 -92.07 -15.87 29.20
CA THR D 741 -90.89 -15.74 30.04
C THR D 741 -89.99 -14.72 29.38
N ALA D 742 -89.85 -14.87 28.07
CA ALA D 742 -89.04 -13.96 27.29
C ALA D 742 -89.40 -12.53 27.65
N LYS D 743 -90.51 -12.05 27.10
CA LYS D 743 -90.97 -10.70 27.37
C LYS D 743 -90.50 -10.28 28.75
N LEU D 744 -90.99 -10.98 29.77
CA LEU D 744 -90.65 -10.68 31.16
C LEU D 744 -89.29 -10.04 31.32
N ARG D 745 -88.24 -10.75 30.94
CA ARG D 745 -86.91 -10.22 31.07
C ARG D 745 -86.77 -9.08 30.06
N LYS D 746 -87.04 -9.35 28.80
CA LYS D 746 -86.91 -8.35 27.73
C LYS D 746 -87.53 -7.01 28.11
N GLU D 747 -88.56 -7.07 28.95
CA GLU D 747 -89.23 -5.86 29.42
C GLU D 747 -88.47 -5.37 30.63
N LEU D 748 -88.40 -6.24 31.64
CA LEU D 748 -87.72 -5.96 32.89
C LEU D 748 -86.29 -5.50 32.63
N VAL D 749 -85.77 -5.90 31.46
CA VAL D 749 -84.43 -5.53 31.06
C VAL D 749 -84.42 -4.04 30.80
N GLU D 750 -85.02 -3.65 29.68
CA GLU D 750 -85.08 -2.27 29.28
C GLU D 750 -85.45 -1.33 30.42
N THR D 751 -86.41 -1.74 31.23
CA THR D 751 -86.83 -0.90 32.37
C THR D 751 -85.58 -0.45 33.11
N SER D 752 -84.68 -1.38 33.37
CA SER D 752 -83.45 -1.09 34.09
C SER D 752 -82.46 -0.35 33.22
N GLU D 753 -82.30 -0.81 31.98
CA GLU D 753 -81.37 -0.18 31.06
C GLU D 753 -81.79 1.26 30.78
N VAL D 754 -83.05 1.55 31.05
CA VAL D 754 -83.57 2.89 30.82
C VAL D 754 -83.36 3.81 32.02
N ARG D 755 -83.84 3.40 33.20
CA ARG D 755 -83.65 4.21 34.40
C ARG D 755 -82.16 4.53 34.39
N LYS D 756 -81.38 3.45 34.37
CA LYS D 756 -79.93 3.50 34.34
C LYS D 756 -79.47 4.45 33.22
N ALA D 757 -80.18 4.42 32.09
CA ALA D 757 -79.85 5.27 30.96
C ALA D 757 -80.01 6.75 31.32
N VAL D 758 -81.24 7.14 31.62
CA VAL D 758 -81.53 8.51 32.00
C VAL D 758 -80.45 8.99 32.94
N SER D 759 -80.47 8.45 34.15
CA SER D 759 -79.50 8.78 35.19
C SER D 759 -78.36 9.66 34.74
N ILE D 760 -77.47 9.10 33.94
CA ILE D 760 -76.31 9.82 33.46
C ILE D 760 -76.63 11.10 32.69
N GLU D 761 -77.25 10.98 31.52
CA GLU D 761 -77.58 12.16 30.72
C GLU D 761 -78.26 13.24 31.57
N THR D 762 -79.15 12.83 32.47
CA THR D 762 -79.84 13.78 33.32
C THR D 762 -78.86 14.57 34.18
N ALA D 763 -78.34 13.92 35.22
CA ALA D 763 -77.37 14.55 36.12
C ALA D 763 -76.16 15.04 35.37
N LEU D 764 -76.17 14.87 34.06
CA LEU D 764 -75.08 15.34 33.21
C LEU D 764 -75.35 16.81 32.94
N GLU D 765 -76.56 17.12 32.49
CA GLU D 765 -76.96 18.51 32.21
C GLU D 765 -76.73 19.32 33.47
N HIS D 766 -76.80 18.62 34.60
CA HIS D 766 -76.63 19.21 35.92
C HIS D 766 -75.19 19.69 36.13
N LYS D 767 -74.23 18.80 35.93
CA LYS D 767 -72.81 19.13 36.09
C LYS D 767 -72.41 20.18 35.06
N VAL D 768 -73.26 20.37 34.06
CA VAL D 768 -73.02 21.35 33.01
C VAL D 768 -73.43 22.71 33.56
N VAL D 769 -74.73 22.85 33.78
CA VAL D 769 -75.31 24.07 34.33
C VAL D 769 -74.42 24.66 35.43
N ASN D 770 -74.41 24.00 36.58
CA ASN D 770 -73.62 24.44 37.73
C ASN D 770 -72.11 24.38 37.45
N GLY D 771 -71.32 24.36 38.52
CA GLY D 771 -69.88 24.32 38.37
C GLY D 771 -69.22 23.27 39.25
N ASN D 772 -69.97 22.19 39.55
CA ASN D 772 -69.53 21.06 40.38
C ASN D 772 -69.90 21.22 41.87
N SER D 773 -70.36 20.12 42.50
CA SER D 773 -70.74 20.14 43.93
C SER D 773 -71.46 18.86 44.43
N ALA D 774 -70.75 18.04 45.23
CA ALA D 774 -71.30 16.79 45.82
C ALA D 774 -70.24 15.77 46.29
N ASP D 775 -70.70 14.79 47.07
CA ASP D 775 -69.86 13.70 47.61
C ASP D 775 -68.78 14.10 48.63
N ALA D 776 -68.70 13.36 49.73
CA ALA D 776 -67.70 13.63 50.77
C ALA D 776 -66.52 12.66 50.63
N ALA D 777 -65.58 12.70 51.58
CA ALA D 777 -64.40 11.82 51.56
C ALA D 777 -64.75 10.45 52.15
N TYR D 778 -63.89 9.45 51.94
CA TYR D 778 -64.15 8.08 52.45
C TYR D 778 -63.08 7.51 53.38
N ALA D 779 -61.83 7.92 53.16
CA ALA D 779 -60.69 7.47 53.97
C ALA D 779 -60.50 5.94 53.98
N PRO D 785 -59.54 5.44 53.18
CA PRO D 785 -59.25 4.00 53.08
C PRO D 785 -58.46 3.48 54.30
N ARG D 786 -58.70 2.22 54.69
CA ARG D 786 -58.06 1.59 55.84
C ARG D 786 -56.60 1.93 56.10
N ALA D 787 -56.04 1.31 57.12
CA ALA D 787 -54.63 1.54 57.48
C ALA D 787 -54.05 0.42 58.37
N ASN D 788 -52.73 0.28 58.35
CA ASN D 788 -52.00 -0.74 59.11
C ASN D 788 -52.33 -0.89 60.60
N ILE D 789 -51.40 -0.48 61.45
CA ILE D 789 -51.54 -0.53 62.90
C ILE D 789 -51.32 -1.89 63.55
N GLN D 790 -50.30 -2.62 63.09
CA GLN D 790 -49.99 -3.92 63.69
C GLN D 790 -49.61 -3.51 65.10
N LEU D 791 -50.59 -3.55 66.01
CA LEU D 791 -50.38 -3.10 67.38
C LEU D 791 -49.95 -4.11 68.46
N ASP D 792 -49.86 -5.40 68.10
CA ASP D 792 -49.43 -6.46 69.03
C ASP D 792 -49.97 -6.45 70.46
N PHE D 793 -50.56 -7.56 70.89
CA PHE D 793 -51.09 -7.71 72.26
C PHE D 793 -49.88 -7.84 73.18
N PRO D 794 -49.92 -7.26 74.40
CA PRO D 794 -50.86 -6.47 75.19
C PRO D 794 -52.19 -7.14 75.45
N GLU D 795 -52.22 -7.82 76.60
CA GLU D 795 -53.34 -8.59 77.09
C GLU D 795 -54.39 -7.84 77.91
N LEU D 796 -54.33 -6.50 77.89
CA LEU D 796 -55.27 -5.66 78.63
C LEU D 796 -55.46 -6.07 80.10
N LYS D 797 -55.05 -5.18 81.01
CA LYS D 797 -55.18 -5.41 82.45
C LYS D 797 -56.54 -4.88 82.92
N PRO D 798 -57.48 -5.78 83.24
CA PRO D 798 -58.81 -5.33 83.70
C PRO D 798 -58.63 -4.51 84.97
N TYR D 799 -59.66 -3.86 85.47
CA TYR D 799 -59.41 -3.06 86.66
C TYR D 799 -59.75 -3.63 88.02
N LYS D 800 -58.77 -3.44 88.90
CA LYS D 800 -58.76 -3.85 90.30
C LYS D 800 -60.08 -4.27 90.89
N GLN D 801 -60.00 -5.09 91.91
CA GLN D 801 -61.19 -5.57 92.59
C GLN D 801 -62.03 -6.38 91.60
N VAL D 802 -62.29 -5.85 90.40
CA VAL D 802 -63.05 -6.60 89.40
C VAL D 802 -62.19 -7.84 89.26
N LYS D 803 -60.95 -7.69 89.71
CA LYS D 803 -59.95 -8.75 89.71
C LYS D 803 -60.14 -9.66 90.91
N GLN D 804 -60.31 -9.05 92.10
CA GLN D 804 -60.50 -9.81 93.33
C GLN D 804 -61.74 -10.71 93.25
N ILE D 805 -62.47 -10.56 92.16
CA ILE D 805 -63.65 -11.35 91.92
C ILE D 805 -63.20 -12.78 91.66
N ALA D 806 -62.91 -13.08 90.39
CA ALA D 806 -62.47 -14.40 89.99
C ALA D 806 -61.59 -15.09 91.04
N PRO D 807 -60.36 -14.61 91.24
CA PRO D 807 -59.54 -15.27 92.26
C PRO D 807 -60.18 -15.26 93.65
N ALA D 808 -60.09 -16.39 94.34
CA ALA D 808 -60.62 -16.50 95.68
C ALA D 808 -59.75 -15.54 96.47
N GLU D 809 -60.26 -14.34 96.72
CA GLU D 809 -59.49 -13.32 97.45
C GLU D 809 -59.10 -13.74 98.85
N LEU D 810 -59.54 -14.92 99.25
CA LEU D 810 -59.19 -15.42 100.57
C LEU D 810 -57.68 -15.68 100.53
N GLU D 811 -57.02 -15.11 99.52
CA GLU D 811 -55.58 -15.25 99.26
C GLU D 811 -54.72 -14.00 99.40
N GLY D 812 -55.13 -12.92 98.72
CA GLY D 812 -54.35 -11.70 98.76
C GLY D 812 -52.92 -12.15 98.57
N LEU D 813 -52.04 -11.77 99.49
CA LEU D 813 -50.64 -12.19 99.42
C LEU D 813 -50.56 -13.30 100.46
N LEU D 814 -49.63 -14.22 100.28
CA LEU D 814 -49.49 -15.34 101.21
C LEU D 814 -48.56 -16.39 100.61
N ASP D 815 -47.90 -16.01 99.52
CA ASP D 815 -47.00 -16.91 98.80
C ASP D 815 -45.80 -16.24 98.09
N LEU D 816 -46.09 -15.67 96.92
CA LEU D 816 -45.14 -14.97 96.07
C LEU D 816 -43.62 -15.17 96.14
N GLU D 817 -42.95 -14.65 95.11
CA GLU D 817 -41.51 -14.71 94.94
C GLU D 817 -41.12 -16.07 94.38
N ARG D 818 -42.08 -16.99 94.44
CA ARG D 818 -41.89 -18.36 93.97
C ARG D 818 -43.06 -18.78 93.10
N VAL D 819 -43.66 -17.82 92.41
CA VAL D 819 -44.75 -18.12 91.52
C VAL D 819 -44.21 -17.60 90.19
N ILE D 820 -44.28 -18.42 89.14
CA ILE D 820 -43.72 -18.06 87.83
C ILE D 820 -44.66 -17.60 86.73
N VAL D 821 -44.20 -16.64 85.95
CA VAL D 821 -44.99 -16.11 84.86
C VAL D 821 -44.20 -15.70 83.62
N VAL D 822 -44.89 -15.74 82.49
CA VAL D 822 -44.34 -15.38 81.19
C VAL D 822 -44.39 -13.90 80.94
N THR D 823 -43.21 -13.31 80.88
CA THR D 823 -43.10 -11.90 80.66
C THR D 823 -43.11 -11.60 79.16
N GLY D 824 -42.48 -12.48 78.39
CA GLY D 824 -42.43 -12.31 76.94
C GLY D 824 -42.25 -13.61 76.18
N PHE D 825 -42.59 -13.59 74.90
CA PHE D 825 -42.47 -14.78 74.08
C PHE D 825 -42.64 -14.44 72.60
N ALA D 826 -42.21 -15.35 71.74
CA ALA D 826 -42.32 -15.19 70.30
C ALA D 826 -41.80 -16.43 69.57
N GLU D 827 -42.36 -16.68 68.40
CA GLU D 827 -41.99 -17.86 67.64
C GLU D 827 -41.64 -17.52 66.19
N VAL D 828 -40.61 -18.17 65.66
CA VAL D 828 -40.18 -17.97 64.27
C VAL D 828 -40.40 -19.29 63.54
N GLY D 829 -41.62 -19.47 63.05
CA GLY D 829 -42.00 -20.68 62.35
C GLY D 829 -42.79 -20.26 61.15
N PRO D 830 -43.18 -21.21 60.27
CA PRO D 830 -43.93 -21.09 59.02
C PRO D 830 -44.79 -19.87 58.81
N TRP D 831 -45.28 -19.29 59.90
CA TRP D 831 -46.09 -18.10 59.76
C TRP D 831 -45.50 -17.00 60.63
N GLY D 832 -45.62 -15.77 60.15
CA GLY D 832 -45.09 -14.61 60.83
C GLY D 832 -45.00 -14.69 62.34
N SER D 833 -43.84 -14.31 62.87
CA SER D 833 -43.59 -14.31 64.31
C SER D 833 -44.91 -14.25 65.07
N ALA D 834 -45.14 -15.28 65.89
CA ALA D 834 -46.37 -15.37 66.67
C ALA D 834 -47.49 -14.68 65.90
N ARG D 835 -48.08 -13.67 66.54
CA ARG D 835 -49.16 -12.86 65.97
C ARG D 835 -49.81 -13.46 64.74
N THR D 836 -48.99 -13.61 63.71
CA THR D 836 -49.40 -14.17 62.45
C THR D 836 -50.07 -15.54 62.58
N ARG D 837 -49.28 -16.58 62.87
CA ARG D 837 -49.85 -17.91 62.98
C ARG D 837 -51.09 -17.92 63.85
N TRP D 838 -51.05 -17.20 64.95
CA TRP D 838 -52.20 -17.15 65.82
C TRP D 838 -53.36 -16.78 64.94
N GLU D 839 -53.22 -15.69 64.20
CA GLU D 839 -54.29 -15.28 63.31
C GLU D 839 -54.75 -16.47 62.48
N MET D 840 -53.83 -17.38 62.17
CA MET D 840 -54.16 -18.57 61.38
C MET D 840 -54.62 -19.75 62.23
N GLU D 841 -53.93 -19.97 63.35
CA GLU D 841 -54.27 -21.05 64.26
C GLU D 841 -55.65 -20.75 64.79
N ALA D 842 -55.94 -19.45 64.84
CA ALA D 842 -57.21 -18.92 65.34
C ALA D 842 -58.30 -18.92 64.26
N PHE D 843 -58.16 -18.05 63.27
CA PHE D 843 -59.15 -18.01 62.20
C PHE D 843 -58.44 -18.27 60.87
N GLY D 844 -58.95 -17.66 59.80
CA GLY D 844 -58.34 -17.89 58.50
C GLY D 844 -57.48 -16.77 57.96
N GLU D 845 -58.09 -15.62 57.71
CA GLU D 845 -57.35 -14.50 57.15
C GLU D 845 -56.28 -13.87 58.02
N PHE D 846 -55.75 -12.76 57.51
CA PHE D 846 -54.69 -12.00 58.16
C PHE D 846 -55.17 -10.56 58.39
N SER D 847 -55.82 -10.03 57.37
CA SER D 847 -56.33 -8.67 57.39
C SER D 847 -55.22 -7.69 57.77
N LEU D 848 -54.96 -6.76 56.86
CA LEU D 848 -53.95 -5.73 57.03
C LEU D 848 -53.00 -5.95 58.21
N GLU D 849 -53.26 -5.27 59.33
CA GLU D 849 -52.40 -5.38 60.52
C GLU D 849 -51.68 -6.72 60.66
N GLY D 850 -52.37 -7.81 60.40
CA GLY D 850 -51.70 -9.09 60.47
C GLY D 850 -51.00 -9.30 59.14
N CYS D 851 -51.82 -9.37 58.10
CA CYS D 851 -51.41 -9.56 56.70
C CYS D 851 -50.12 -8.82 56.36
N VAL D 852 -50.18 -7.52 56.46
CA VAL D 852 -49.03 -6.71 56.14
C VAL D 852 -47.75 -7.31 56.71
N GLU D 853 -47.75 -7.60 58.01
CA GLU D 853 -46.56 -8.17 58.65
C GLU D 853 -45.99 -9.34 57.84
N MET D 854 -46.88 -10.22 57.36
CA MET D 854 -46.44 -11.33 56.52
C MET D 854 -45.74 -10.64 55.37
N ALA D 855 -46.51 -9.83 54.65
CA ALA D 855 -46.00 -9.07 53.53
C ALA D 855 -44.77 -8.23 53.91
N TRP D 856 -44.53 -8.06 55.20
CA TRP D 856 -43.36 -7.31 55.63
C TRP D 856 -42.17 -8.23 55.62
N ILE D 857 -42.39 -9.44 56.11
CA ILE D 857 -41.35 -10.42 56.10
C ILE D 857 -41.39 -10.88 54.65
N MET D 858 -40.92 -12.08 54.38
CA MET D 858 -40.96 -12.60 53.01
C MET D 858 -40.17 -11.71 52.07
N GLY D 859 -40.03 -10.44 52.46
CA GLY D 859 -39.27 -9.49 51.65
C GLY D 859 -40.04 -8.74 50.57
N PHE D 860 -41.34 -8.93 50.47
CA PHE D 860 -42.12 -8.23 49.46
C PHE D 860 -41.95 -6.73 49.57
N ILE D 861 -42.85 -6.11 50.33
CA ILE D 861 -42.83 -4.67 50.52
C ILE D 861 -41.82 -4.36 51.61
N SER D 862 -41.27 -3.16 51.63
CA SER D 862 -40.32 -2.85 52.68
C SER D 862 -40.19 -1.39 53.06
N TYR D 863 -41.08 -0.53 52.57
CA TYR D 863 -41.04 0.87 52.94
C TYR D 863 -39.64 1.48 52.88
N HIS D 864 -39.55 2.76 53.24
CA HIS D 864 -38.32 3.53 53.22
C HIS D 864 -37.99 3.84 51.78
N ASN D 865 -38.98 4.34 51.06
CA ASN D 865 -38.73 4.75 49.68
C ASN D 865 -37.82 5.94 49.95
N GLY D 866 -37.30 5.93 51.17
CA GLY D 866 -36.47 6.98 51.70
C GLY D 866 -37.59 7.52 52.55
N ASN D 867 -37.33 8.38 53.51
CA ASN D 867 -38.48 8.92 54.20
C ASN D 867 -39.19 9.59 53.01
N LEU D 868 -38.38 9.96 52.00
CA LEU D 868 -38.85 10.59 50.75
C LEU D 868 -37.85 10.50 49.58
N LYS D 869 -37.76 11.55 48.79
CA LYS D 869 -36.91 11.65 47.61
C LYS D 869 -37.37 10.67 46.54
N GLY D 870 -38.08 9.63 46.98
CA GLY D 870 -38.58 8.58 46.11
C GLY D 870 -39.18 8.95 44.77
N ARG D 871 -40.25 8.25 44.40
CA ARG D 871 -40.93 8.49 43.13
C ARG D 871 -40.78 9.98 42.86
N PRO D 872 -40.47 10.36 41.61
CA PRO D 872 -40.30 11.76 41.25
C PRO D 872 -40.23 12.73 42.43
N TYR D 873 -41.34 13.43 42.64
CA TYR D 873 -41.48 14.42 43.71
C TYR D 873 -41.17 13.90 45.11
N THR D 874 -41.92 14.42 46.07
CA THR D 874 -41.80 14.06 47.47
C THR D 874 -42.88 13.05 47.81
N GLY D 875 -42.78 12.47 48.99
CA GLY D 875 -43.74 11.47 49.40
C GLY D 875 -42.92 10.24 49.70
N TRP D 876 -43.48 9.07 49.41
CA TRP D 876 -42.82 7.80 49.67
C TRP D 876 -43.97 6.77 49.70
N VAL D 877 -43.75 5.65 50.40
CA VAL D 877 -44.75 4.56 50.58
C VAL D 877 -44.16 3.30 51.21
N ASP D 878 -45.04 2.40 51.66
CA ASP D 878 -44.56 1.12 52.17
C ASP D 878 -44.43 0.60 50.73
N SER D 879 -43.22 0.69 50.19
CA SER D 879 -42.92 0.27 48.82
C SER D 879 -42.65 -1.21 48.72
N LYS D 880 -43.26 -1.81 47.70
CA LYS D 880 -43.17 -3.24 47.46
C LYS D 880 -42.21 -3.74 46.44
N THR D 881 -41.89 -5.02 46.62
CA THR D 881 -41.04 -5.77 45.74
C THR D 881 -39.71 -5.10 45.49
N LYS D 882 -38.75 -5.91 45.05
CA LYS D 882 -37.39 -5.49 44.73
C LYS D 882 -37.31 -3.99 44.83
N GLU D 883 -38.01 -3.34 43.91
CA GLU D 883 -38.08 -1.89 43.83
C GLU D 883 -38.85 -1.60 42.54
N PRO D 884 -39.79 -2.48 42.16
CA PRO D 884 -40.53 -2.25 40.93
C PRO D 884 -41.56 -1.16 41.09
N VAL D 885 -42.81 -1.58 41.26
CA VAL D 885 -43.92 -0.66 41.42
C VAL D 885 -43.84 0.02 42.79
N ASP D 886 -42.62 0.34 43.22
CA ASP D 886 -42.43 1.05 44.50
C ASP D 886 -43.59 1.99 44.47
N ASP D 887 -43.79 2.54 43.27
CA ASP D 887 -44.85 3.46 42.93
C ASP D 887 -45.97 3.13 43.89
N LYS D 888 -45.89 3.75 45.06
CA LYS D 888 -46.87 3.56 46.10
C LYS D 888 -47.02 2.15 46.62
N ASP D 889 -48.21 1.63 46.35
CA ASP D 889 -48.62 0.34 46.84
C ASP D 889 -48.75 0.60 48.32
N VAL D 890 -49.91 1.23 48.61
CA VAL D 890 -50.33 1.62 49.95
C VAL D 890 -51.08 0.49 50.65
N LYS D 891 -50.65 0.21 51.87
CA LYS D 891 -51.20 -0.83 52.71
C LYS D 891 -52.68 -1.04 52.42
N ALA D 892 -53.31 0.06 52.00
CA ALA D 892 -54.71 0.09 51.66
C ALA D 892 -55.18 -1.10 50.82
N LYS D 893 -56.15 -0.83 49.94
CA LYS D 893 -56.74 -1.84 49.07
C LYS D 893 -55.58 -2.69 48.59
N TYR D 894 -54.45 -2.03 48.44
CA TYR D 894 -53.25 -2.69 48.03
C TYR D 894 -52.84 -3.63 49.15
N GLU D 895 -51.56 -3.94 49.24
CA GLU D 895 -51.13 -4.90 50.25
C GLU D 895 -51.81 -6.18 49.76
N THR D 896 -52.92 -6.56 50.38
CA THR D 896 -53.64 -7.74 49.94
C THR D 896 -53.67 -7.64 48.42
N SER D 897 -53.84 -8.75 47.74
CA SER D 897 -53.87 -8.76 46.28
C SER D 897 -52.47 -8.64 45.70
N ILE D 898 -52.05 -7.40 45.42
CA ILE D 898 -50.73 -7.19 44.85
C ILE D 898 -49.65 -7.77 45.80
N LEU D 899 -50.08 -8.62 46.74
CA LEU D 899 -49.18 -9.29 47.67
C LEU D 899 -49.87 -10.35 48.57
N GLU D 900 -51.19 -10.54 48.47
CA GLU D 900 -51.77 -11.55 49.35
C GLU D 900 -51.63 -12.97 48.81
N HIS D 901 -52.63 -13.82 49.05
CA HIS D 901 -52.61 -15.23 48.67
C HIS D 901 -51.20 -15.79 48.61
N SER D 902 -50.48 -15.54 47.52
CA SER D 902 -49.12 -16.02 47.49
C SER D 902 -48.46 -15.42 48.75
N GLY D 903 -49.07 -14.34 49.25
CA GLY D 903 -48.58 -13.68 50.44
C GLY D 903 -48.54 -14.74 51.51
N ILE D 904 -48.99 -15.92 51.08
CA ILE D 904 -49.06 -17.15 51.87
C ILE D 904 -48.29 -18.24 51.14
N ARG D 905 -49.03 -18.92 50.26
CA ARG D 905 -48.53 -20.02 49.47
C ARG D 905 -47.12 -19.90 49.02
N LEU D 906 -46.25 -20.44 49.87
CA LEU D 906 -44.80 -20.51 49.78
C LEU D 906 -44.47 -20.60 51.28
N ILE D 907 -45.53 -20.36 52.07
CA ILE D 907 -45.55 -20.35 53.52
C ILE D 907 -46.09 -21.65 54.13
N GLU D 908 -45.44 -22.74 53.75
CA GLU D 908 -45.77 -24.10 54.19
C GLU D 908 -45.24 -25.10 53.09
N PRO D 909 -46.03 -26.10 52.61
CA PRO D 909 -45.60 -27.11 51.61
C PRO D 909 -44.51 -26.94 50.56
N GLU D 910 -44.03 -28.10 50.09
CA GLU D 910 -43.03 -28.22 49.03
C GLU D 910 -41.54 -28.33 49.30
N LEU D 911 -41.11 -27.88 50.48
CA LEU D 911 -39.70 -27.88 50.84
C LEU D 911 -39.23 -26.65 50.12
N PHE D 912 -39.87 -26.38 48.99
CA PHE D 912 -39.51 -25.25 48.18
C PHE D 912 -38.11 -25.70 47.79
N ASN D 913 -37.21 -24.76 47.58
CA ASN D 913 -35.83 -25.08 47.31
C ASN D 913 -35.08 -23.94 46.73
N GLY D 914 -33.77 -24.07 46.77
CA GLY D 914 -32.91 -22.97 46.38
C GLY D 914 -33.16 -22.35 47.74
N TYR D 915 -33.53 -23.27 48.64
CA TYR D 915 -33.88 -22.96 50.00
C TYR D 915 -32.93 -23.51 51.01
N ASN D 916 -32.92 -24.83 51.08
CA ASN D 916 -32.12 -25.51 52.06
C ASN D 916 -30.97 -26.45 51.61
N PRO D 917 -30.13 -26.08 50.61
CA PRO D 917 -29.98 -24.94 49.73
C PRO D 917 -30.10 -25.56 48.33
N GLU D 918 -30.40 -26.85 48.31
CA GLU D 918 -30.58 -27.59 47.06
C GLU D 918 -31.47 -28.77 47.31
N LYS D 919 -31.32 -29.38 48.48
CA LYS D 919 -32.07 -30.56 48.91
C LYS D 919 -33.26 -30.96 48.01
N LYS D 920 -33.00 -31.06 46.71
CA LYS D 920 -34.02 -31.38 45.74
C LYS D 920 -35.03 -32.32 46.25
N GLU D 921 -34.59 -33.32 46.98
CA GLU D 921 -35.51 -34.30 47.50
C GLU D 921 -36.09 -35.04 46.32
N MET D 922 -36.24 -34.35 45.18
CA MET D 922 -36.76 -35.02 44.00
C MET D 922 -35.58 -35.89 43.65
N ILE D 923 -34.39 -35.26 43.63
CA ILE D 923 -33.16 -35.99 43.37
C ILE D 923 -32.15 -35.66 44.44
N GLN D 924 -31.93 -36.61 45.33
CA GLN D 924 -30.98 -36.43 46.40
C GLN D 924 -29.64 -36.84 45.84
N GLU D 925 -28.69 -35.93 45.95
CA GLU D 925 -27.35 -36.19 45.49
C GLU D 925 -26.69 -37.17 46.46
N VAL D 926 -26.34 -38.35 45.98
CA VAL D 926 -25.71 -39.38 46.79
C VAL D 926 -24.56 -39.82 45.86
N ILE D 927 -23.54 -40.51 46.39
CA ILE D 927 -22.43 -41.00 45.59
C ILE D 927 -22.49 -42.50 45.62
N VAL D 928 -21.91 -43.15 44.61
CA VAL D 928 -21.79 -44.62 44.57
C VAL D 928 -20.34 -44.80 44.24
N GLU D 929 -19.70 -45.82 44.81
CA GLU D 929 -18.30 -46.05 44.47
C GLU D 929 -18.29 -47.20 43.48
N GLU D 930 -17.33 -47.17 42.56
CA GLU D 930 -17.20 -48.19 41.50
C GLU D 930 -15.73 -48.17 41.26
N ASP D 931 -15.25 -48.81 40.19
CA ASP D 931 -13.81 -48.78 39.88
C ASP D 931 -13.28 -49.40 38.59
N LEU D 932 -13.83 -49.02 37.43
CA LEU D 932 -13.43 -49.53 36.11
C LEU D 932 -12.00 -50.08 35.93
N GLU D 933 -11.71 -50.61 34.74
CA GLU D 933 -10.41 -51.19 34.44
C GLU D 933 -9.54 -50.43 33.41
N PRO D 934 -9.70 -49.11 33.30
CA PRO D 934 -8.88 -48.36 32.34
C PRO D 934 -7.79 -47.57 33.06
N PHE D 935 -7.63 -46.34 32.60
CA PHE D 935 -6.66 -45.37 33.09
C PHE D 935 -7.27 -44.08 32.55
N GLU D 936 -6.71 -42.89 32.80
CA GLU D 936 -7.34 -41.66 32.29
C GLU D 936 -6.42 -40.58 31.74
N ALA D 937 -5.58 -40.03 32.65
CA ALA D 937 -4.58 -38.98 32.39
C ALA D 937 -5.03 -37.54 32.64
N SER D 938 -5.26 -37.17 33.91
CA SER D 938 -5.72 -35.81 34.23
C SER D 938 -4.59 -34.86 34.58
N LYS D 939 -4.88 -33.56 34.54
CA LYS D 939 -3.87 -32.55 34.86
C LYS D 939 -4.24 -31.98 36.22
N GLU D 940 -3.41 -31.09 36.76
CA GLU D 940 -3.66 -30.56 38.10
C GLU D 940 -2.49 -29.73 38.66
N THR D 941 -2.08 -30.05 39.89
CA THR D 941 -0.97 -29.37 40.56
C THR D 941 -0.29 -30.25 41.61
N ALA D 942 0.94 -29.89 41.96
CA ALA D 942 1.71 -30.62 42.95
C ALA D 942 0.84 -30.78 44.17
N GLU D 943 1.27 -31.60 45.10
CA GLU D 943 0.46 -31.81 46.28
C GLU D 943 -0.89 -32.35 45.82
N GLN D 944 -1.76 -31.46 45.40
CA GLN D 944 -3.08 -31.83 44.94
C GLN D 944 -3.10 -33.23 44.45
N PHE D 945 -2.02 -33.64 43.81
CA PHE D 945 -1.95 -34.98 43.31
C PHE D 945 -1.21 -35.85 44.32
N LYS D 946 -0.13 -35.29 44.86
CA LYS D 946 0.67 -36.01 45.83
C LYS D 946 -0.33 -36.77 46.66
N HIS D 947 -1.37 -36.06 47.11
CA HIS D 947 -2.46 -36.65 47.90
C HIS D 947 -3.02 -37.73 47.02
N GLN D 948 -3.64 -37.30 45.93
CA GLN D 948 -4.20 -38.18 44.92
C GLN D 948 -3.31 -39.43 44.90
N HIS D 949 -2.01 -39.19 45.04
CA HIS D 949 -1.04 -40.26 45.04
C HIS D 949 -0.94 -40.99 46.36
N GLY D 950 -0.51 -40.29 47.40
CA GLY D 950 -0.38 -40.89 48.71
C GLY D 950 -1.53 -41.77 49.13
N ASP D 951 -2.53 -41.92 48.25
CA ASP D 951 -3.71 -42.76 48.49
C ASP D 951 -3.56 -44.04 47.72
N LYS D 952 -4.00 -44.03 46.47
CA LYS D 952 -3.88 -45.21 45.64
C LYS D 952 -2.40 -45.41 45.36
N VAL D 953 -1.77 -46.26 46.15
CA VAL D 953 -0.35 -46.55 46.04
C VAL D 953 0.12 -46.32 44.61
N ASP D 954 1.34 -45.79 44.46
CA ASP D 954 1.92 -45.56 43.14
C ASP D 954 1.68 -46.92 42.45
N ILE D 955 1.60 -47.98 43.26
CA ILE D 955 1.35 -49.33 42.76
C ILE D 955 -0.12 -49.43 42.30
N PHE D 956 -0.73 -48.26 42.16
CA PHE D 956 -2.11 -48.12 41.71
C PHE D 956 -2.22 -46.65 41.36
N GLU D 957 -1.78 -46.33 40.14
CA GLU D 957 -1.82 -44.97 39.60
C GLU D 957 -0.56 -44.13 39.90
N ILE D 958 -0.06 -43.43 38.89
CA ILE D 958 1.13 -42.61 39.05
C ILE D 958 0.91 -41.11 38.72
N PRO D 959 1.69 -40.20 39.35
CA PRO D 959 1.64 -38.72 39.20
C PRO D 959 2.37 -38.08 38.03
N GLU D 960 3.67 -37.88 38.25
CA GLU D 960 4.62 -37.26 37.33
C GLU D 960 4.64 -35.78 37.31
N THR D 961 5.70 -35.24 36.73
CA THR D 961 5.89 -33.82 36.68
C THR D 961 5.83 -33.28 35.24
N GLY D 962 4.77 -32.54 34.93
CA GLY D 962 4.68 -31.95 33.61
C GLY D 962 5.51 -30.71 33.83
N GLU D 963 6.85 -30.88 33.85
CA GLU D 963 7.83 -29.79 34.09
C GLU D 963 7.46 -28.42 33.53
N TYR D 964 8.26 -27.42 33.90
CA TYR D 964 8.02 -26.01 33.53
C TYR D 964 6.53 -25.73 33.75
N SER D 965 5.97 -26.40 34.75
CA SER D 965 4.56 -26.30 35.09
C SER D 965 4.27 -27.02 36.43
N VAL D 966 3.23 -27.86 36.42
CA VAL D 966 2.82 -28.62 37.62
C VAL D 966 3.17 -30.10 37.52
N LYS D 967 2.17 -30.97 37.47
CA LYS D 967 2.41 -32.41 37.39
C LYS D 967 1.38 -33.17 36.50
N LEU D 968 1.64 -34.44 36.22
CA LEU D 968 0.74 -35.24 35.38
C LEU D 968 -0.28 -35.90 36.27
N LEU D 969 -0.70 -37.13 35.97
CA LEU D 969 -1.68 -37.81 36.84
C LEU D 969 -2.40 -39.09 36.41
N LYS D 970 -3.10 -39.63 37.40
CA LYS D 970 -3.91 -40.84 37.34
C LYS D 970 -3.34 -42.03 36.63
N GLY D 971 -4.05 -43.14 36.79
CA GLY D 971 -3.64 -44.37 36.18
C GLY D 971 -4.37 -45.46 36.89
N ALA D 972 -3.62 -46.49 37.31
CA ALA D 972 -4.16 -47.64 38.04
C ALA D 972 -5.29 -48.32 37.30
N THR D 973 -5.79 -49.40 37.85
CA THR D 973 -6.90 -50.08 37.25
C THR D 973 -8.07 -49.65 38.11
N LEU D 974 -8.01 -48.37 38.45
CA LEU D 974 -9.01 -47.69 39.25
C LEU D 974 -9.01 -47.88 40.75
N TYR D 975 -10.04 -48.55 41.27
CA TYR D 975 -10.15 -48.72 42.71
C TYR D 975 -10.48 -47.27 43.04
N ILE D 976 -11.72 -47.03 43.50
CA ILE D 976 -12.27 -45.69 43.76
C ILE D 976 -13.01 -45.52 42.41
N PRO D 977 -13.44 -44.33 41.96
CA PRO D 977 -13.49 -42.92 42.33
C PRO D 977 -14.91 -42.54 42.72
N LYS D 978 -15.83 -43.49 42.57
CA LYS D 978 -17.22 -43.23 42.91
C LYS D 978 -17.83 -42.23 41.92
N ALA D 979 -18.55 -42.72 40.89
CA ALA D 979 -19.19 -41.82 39.93
C ALA D 979 -20.21 -41.15 40.82
N LEU D 980 -21.40 -41.72 40.88
CA LEU D 980 -22.47 -41.23 41.76
C LEU D 980 -23.96 -41.41 41.38
N ARG D 981 -24.66 -42.02 42.32
CA ARG D 981 -26.08 -42.32 42.25
C ARG D 981 -26.84 -41.01 42.30
N PHE D 982 -28.11 -41.06 41.94
CA PHE D 982 -29.02 -39.91 41.97
C PHE D 982 -30.33 -40.48 42.46
N ASP D 983 -30.70 -40.10 43.67
CA ASP D 983 -31.89 -40.63 44.31
C ASP D 983 -33.17 -39.83 44.36
N ARG D 984 -34.30 -40.53 44.23
CA ARG D 984 -35.62 -39.90 44.28
C ARG D 984 -36.22 -40.30 45.64
N LEU D 985 -36.23 -39.36 46.60
CA LEU D 985 -36.77 -39.65 47.96
C LEU D 985 -38.26 -39.49 48.12
N VAL D 986 -38.85 -40.47 48.79
CA VAL D 986 -40.29 -40.50 49.05
C VAL D 986 -40.73 -39.30 49.90
N ALA D 987 -40.51 -39.39 51.22
CA ALA D 987 -40.89 -38.30 52.11
C ALA D 987 -40.13 -37.01 51.78
N GLY D 988 -40.74 -36.13 51.02
CA GLY D 988 -40.09 -34.88 50.67
C GLY D 988 -41.24 -33.91 50.58
N GLN D 989 -41.05 -32.78 49.90
CA GLN D 989 -42.09 -31.74 49.71
C GLN D 989 -42.99 -31.48 50.91
N ILE D 990 -42.39 -31.00 51.99
CA ILE D 990 -43.16 -30.80 53.18
C ILE D 990 -43.42 -29.42 53.77
N PRO D 991 -42.69 -28.96 54.83
CA PRO D 991 -43.09 -27.62 55.28
C PRO D 991 -42.12 -26.51 54.94
N THR D 992 -41.83 -25.71 55.96
CA THR D 992 -40.97 -24.54 55.88
C THR D 992 -41.97 -23.42 56.01
N GLY D 993 -41.90 -22.49 55.05
CA GLY D 993 -42.80 -21.34 55.01
C GLY D 993 -41.97 -20.07 54.86
N TRP D 994 -42.41 -18.97 55.46
CA TRP D 994 -41.67 -17.70 55.39
C TRP D 994 -41.36 -17.25 53.97
N ASN D 995 -40.06 -17.19 53.68
CA ASN D 995 -39.46 -16.76 52.39
C ASN D 995 -38.54 -15.53 52.52
N ALA D 996 -37.76 -15.43 53.61
CA ALA D 996 -36.85 -14.30 53.83
C ALA D 996 -36.50 -14.11 55.28
N LYS D 997 -35.32 -13.52 55.54
CA LYS D 997 -34.88 -13.28 56.93
C LYS D 997 -33.59 -12.43 57.15
N THR D 998 -33.78 -11.42 57.98
CA THR D 998 -32.81 -10.41 58.39
C THR D 998 -33.67 -9.17 58.72
N TYR D 999 -34.23 -9.19 59.94
CA TYR D 999 -35.05 -8.10 60.46
C TYR D 999 -34.01 -7.03 60.54
N GLY D 1000 -33.33 -6.99 61.69
CA GLY D 1000 -32.26 -6.04 61.89
C GLY D 1000 -31.01 -6.84 62.23
N ILE D 1001 -30.84 -7.99 61.57
CA ILE D 1001 -29.71 -8.86 61.84
C ILE D 1001 -28.39 -8.39 61.27
N SER D 1002 -27.31 -8.80 61.94
CA SER D 1002 -25.94 -8.42 61.60
C SER D 1002 -25.40 -9.23 60.41
N ASP D 1003 -25.24 -8.52 59.29
CA ASP D 1003 -24.74 -9.09 58.06
C ASP D 1003 -23.38 -9.72 58.29
N ASP D 1004 -23.34 -11.06 58.18
CA ASP D 1004 -22.13 -11.88 58.36
C ASP D 1004 -22.37 -12.82 59.53
N ILE D 1005 -23.01 -12.30 60.58
CA ILE D 1005 -23.34 -13.13 61.73
C ILE D 1005 -24.15 -14.17 60.97
N ILE D 1006 -24.63 -13.71 59.83
CA ILE D 1006 -25.41 -14.49 58.89
C ILE D 1006 -24.34 -14.99 57.93
N SER D 1007 -23.44 -15.79 58.46
CA SER D 1007 -22.34 -16.34 57.67
C SER D 1007 -21.57 -17.13 58.69
N GLN D 1008 -21.55 -16.58 59.89
CA GLN D 1008 -20.91 -17.20 61.02
C GLN D 1008 -22.17 -17.81 61.63
N VAL D 1009 -22.03 -18.67 62.61
CA VAL D 1009 -23.20 -19.29 63.26
C VAL D 1009 -24.17 -19.99 62.32
N ASP D 1010 -24.53 -19.29 61.25
CA ASP D 1010 -25.42 -19.72 60.17
C ASP D 1010 -26.80 -20.36 60.40
N PRO D 1011 -26.86 -21.67 60.68
CA PRO D 1011 -28.16 -22.32 60.89
C PRO D 1011 -29.29 -21.58 61.57
N ILE D 1012 -29.63 -22.11 62.74
CA ILE D 1012 -30.70 -21.63 63.57
C ILE D 1012 -30.28 -20.42 64.32
N THR D 1013 -29.01 -20.42 64.69
CA THR D 1013 -28.40 -19.34 65.43
C THR D 1013 -29.02 -18.04 64.97
N LEU D 1014 -29.74 -18.12 63.86
CA LEU D 1014 -30.43 -16.95 63.37
C LEU D 1014 -31.76 -16.84 64.11
N PHE D 1015 -32.69 -17.72 63.79
CA PHE D 1015 -33.99 -17.71 64.45
C PHE D 1015 -33.84 -17.35 65.90
N VAL D 1016 -33.20 -18.24 66.63
CA VAL D 1016 -32.98 -18.03 68.04
C VAL D 1016 -32.78 -16.55 68.36
N LEU D 1017 -32.02 -15.85 67.52
CA LEU D 1017 -31.84 -14.43 67.78
C LEU D 1017 -33.16 -13.70 67.65
N VAL D 1018 -33.69 -13.58 66.44
CA VAL D 1018 -34.97 -12.92 66.28
C VAL D 1018 -35.82 -13.26 67.48
N SER D 1019 -36.04 -14.56 67.59
CA SER D 1019 -36.81 -15.15 68.67
C SER D 1019 -36.56 -14.50 70.03
N VAL D 1020 -35.32 -14.50 70.53
CA VAL D 1020 -35.03 -13.88 71.83
C VAL D 1020 -35.43 -12.41 71.83
N VAL D 1021 -35.10 -11.71 70.74
CA VAL D 1021 -35.45 -10.30 70.67
C VAL D 1021 -36.94 -10.14 70.59
N GLU D 1022 -37.54 -10.83 69.63
CA GLU D 1022 -38.97 -10.79 69.44
C GLU D 1022 -39.67 -11.02 70.79
N ALA D 1023 -38.93 -11.55 71.76
CA ALA D 1023 -39.48 -11.81 73.09
C ALA D 1023 -39.34 -10.60 74.01
N PHE D 1024 -38.12 -10.12 74.19
CA PHE D 1024 -37.94 -8.94 75.03
C PHE D 1024 -38.79 -7.78 74.51
N ILE D 1025 -39.09 -7.81 73.22
CA ILE D 1025 -39.90 -6.76 72.63
C ILE D 1025 -41.35 -7.20 72.79
N ALA D 1026 -41.55 -8.29 73.52
CA ALA D 1026 -42.88 -8.82 73.80
C ALA D 1026 -43.16 -8.39 75.22
N SER D 1027 -42.23 -8.72 76.09
CA SER D 1027 -42.30 -8.31 77.47
C SER D 1027 -41.79 -6.89 77.34
N GLY D 1028 -41.95 -6.34 76.14
CA GLY D 1028 -41.52 -5.00 75.84
C GLY D 1028 -40.45 -4.44 76.75
N ILE D 1029 -39.18 -4.74 76.48
CA ILE D 1029 -38.09 -4.21 77.28
C ILE D 1029 -36.93 -3.82 76.37
N THR D 1030 -37.15 -2.78 75.56
CA THR D 1030 -36.14 -2.28 74.65
C THR D 1030 -34.81 -2.18 75.37
N ASP D 1031 -33.81 -2.91 74.87
CA ASP D 1031 -32.49 -2.95 75.47
C ASP D 1031 -32.46 -3.82 76.70
N PRO D 1032 -32.35 -5.13 76.50
CA PRO D 1032 -32.30 -6.14 77.55
C PRO D 1032 -31.44 -5.73 78.73
N TYR D 1033 -30.60 -4.73 78.54
CA TYR D 1033 -29.77 -4.28 79.62
C TYR D 1033 -30.62 -3.75 80.78
N GLU D 1034 -31.78 -3.18 80.47
CA GLU D 1034 -32.66 -2.63 81.51
C GLU D 1034 -33.05 -3.66 82.57
N MET D 1035 -32.27 -4.73 82.65
CA MET D 1035 -32.54 -5.76 83.62
C MET D 1035 -31.62 -5.55 84.82
N TYR D 1036 -30.46 -5.00 84.56
CA TYR D 1036 -29.54 -4.78 85.63
C TYR D 1036 -30.01 -3.62 86.47
N LYS D 1037 -31.02 -2.90 85.97
CA LYS D 1037 -31.56 -1.79 86.72
C LYS D 1037 -32.75 -2.32 87.53
N TYR D 1038 -32.64 -3.58 87.91
CA TYR D 1038 -33.66 -4.24 88.70
C TYR D 1038 -32.87 -5.09 89.66
N VAL D 1039 -31.71 -4.56 90.06
CA VAL D 1039 -30.79 -5.24 90.97
C VAL D 1039 -30.45 -6.68 90.56
N HIS D 1040 -29.55 -6.79 89.60
CA HIS D 1040 -29.16 -8.11 89.12
C HIS D 1040 -27.72 -8.19 88.79
N VAL D 1041 -26.96 -8.87 89.65
CA VAL D 1041 -25.53 -9.04 89.43
C VAL D 1041 -25.40 -9.96 88.22
N SER D 1042 -26.34 -9.84 87.32
CA SER D 1042 -26.35 -10.63 86.10
C SER D 1042 -26.39 -12.10 86.49
N GLU D 1043 -26.16 -12.38 87.77
CA GLU D 1043 -26.18 -13.75 88.26
C GLU D 1043 -27.66 -14.11 88.24
N VAL D 1044 -28.32 -13.79 87.13
CA VAL D 1044 -29.74 -14.04 86.94
C VAL D 1044 -30.19 -13.88 85.48
N GLY D 1045 -30.06 -14.95 84.70
CA GLY D 1045 -30.50 -14.80 83.33
C GLY D 1045 -30.64 -15.99 82.40
N ASN D 1046 -29.66 -16.10 81.51
CA ASN D 1046 -29.63 -17.08 80.42
C ASN D 1046 -30.45 -18.34 80.40
N CYS D 1047 -31.17 -18.44 79.28
CA CYS D 1047 -32.08 -19.51 78.96
C CYS D 1047 -31.62 -20.92 79.23
N SER D 1048 -32.14 -21.77 78.37
CA SER D 1048 -31.87 -23.17 78.41
C SER D 1048 -32.42 -23.74 77.08
N GLY D 1049 -32.41 -22.93 76.02
CA GLY D 1049 -32.90 -23.40 74.73
C GLY D 1049 -32.20 -24.71 74.40
N SER D 1050 -32.56 -25.36 73.28
CA SER D 1050 -31.91 -26.63 72.89
C SER D 1050 -32.35 -27.31 71.58
N GLY D 1051 -32.45 -28.64 71.62
CA GLY D 1051 -32.87 -29.41 70.48
C GLY D 1051 -31.80 -30.37 69.99
N MET D 1052 -31.95 -30.87 68.77
CA MET D 1052 -30.98 -31.77 68.14
C MET D 1052 -30.17 -30.92 67.16
N GLY D 1053 -30.72 -29.74 66.88
CA GLY D 1053 -30.17 -28.77 65.95
C GLY D 1053 -28.69 -28.45 65.91
N GLY D 1054 -28.40 -27.38 65.18
CA GLY D 1054 -27.04 -26.96 64.99
C GLY D 1054 -26.80 -27.24 63.52
N VAL D 1055 -26.53 -28.51 63.20
CA VAL D 1055 -26.27 -28.98 61.84
C VAL D 1055 -26.29 -27.85 60.84
N SER D 1056 -27.03 -28.04 59.76
CA SER D 1056 -27.16 -27.01 58.75
C SER D 1056 -25.77 -26.48 58.36
N ALA D 1057 -24.77 -26.96 59.07
CA ALA D 1057 -23.36 -26.59 58.88
C ALA D 1057 -22.59 -27.71 59.52
N LEU D 1058 -23.23 -28.37 60.45
CA LEU D 1058 -22.61 -29.50 61.09
C LEU D 1058 -22.36 -30.41 59.89
N ARG D 1059 -23.27 -30.35 58.94
CA ARG D 1059 -23.16 -31.14 57.71
C ARG D 1059 -21.78 -30.88 57.18
N GLY D 1060 -21.39 -29.62 57.19
CA GLY D 1060 -20.07 -29.26 56.70
C GLY D 1060 -19.03 -30.12 57.37
N MET D 1061 -19.28 -30.45 58.63
CA MET D 1061 -18.35 -31.26 59.36
C MET D 1061 -17.98 -32.55 58.62
N PHE D 1062 -18.98 -33.16 58.03
CA PHE D 1062 -18.79 -34.42 57.34
C PHE D 1062 -18.88 -34.32 55.82
N LYS D 1063 -20.06 -34.07 55.29
CA LYS D 1063 -20.27 -34.00 53.85
C LYS D 1063 -19.70 -32.78 53.14
N ASP D 1064 -19.07 -31.88 53.88
CA ASP D 1064 -18.47 -30.68 53.28
C ASP D 1064 -17.03 -30.69 53.76
N ARG D 1065 -16.21 -31.45 53.08
CA ARG D 1065 -14.83 -31.64 53.48
C ARG D 1065 -14.98 -33.07 53.09
N PHE D 1066 -13.93 -33.88 53.16
CA PHE D 1066 -14.08 -35.26 52.69
C PHE D 1066 -14.78 -35.04 51.33
N LYS D 1067 -14.51 -33.86 50.80
CA LYS D 1067 -15.05 -33.38 49.55
C LYS D 1067 -14.22 -32.11 49.47
N ASP D 1068 -13.35 -31.98 50.47
CA ASP D 1068 -12.46 -30.84 50.58
C ASP D 1068 -13.04 -29.64 49.88
N GLU D 1069 -14.26 -29.27 50.29
CA GLU D 1069 -14.90 -28.09 49.73
C GLU D 1069 -14.40 -26.96 50.63
N PRO D 1070 -15.14 -25.85 50.76
CA PRO D 1070 -14.64 -24.79 51.64
C PRO D 1070 -15.52 -24.54 52.87
N VAL D 1071 -14.95 -24.70 54.05
CA VAL D 1071 -15.73 -24.45 55.25
C VAL D 1071 -14.91 -23.83 56.36
N GLN D 1072 -15.41 -22.71 56.85
CA GLN D 1072 -14.78 -21.96 57.92
C GLN D 1072 -14.19 -22.81 59.05
N ASN D 1073 -12.86 -22.83 59.16
CA ASN D 1073 -12.16 -23.58 60.19
C ASN D 1073 -13.02 -23.66 61.47
N ASP D 1074 -13.34 -22.49 62.02
CA ASP D 1074 -14.18 -22.44 63.21
C ASP D 1074 -15.55 -22.70 62.63
N ILE D 1075 -16.13 -23.82 63.02
CA ILE D 1075 -17.41 -24.13 62.46
C ILE D 1075 -17.93 -25.22 63.34
N LEU D 1076 -17.03 -26.13 63.71
CA LEU D 1076 -17.43 -27.20 64.58
C LEU D 1076 -18.14 -26.47 65.71
N GLN D 1077 -17.83 -25.18 65.79
CA GLN D 1077 -18.40 -24.26 66.74
C GLN D 1077 -19.94 -24.39 66.69
N GLU D 1078 -20.58 -23.98 65.59
CA GLU D 1078 -22.03 -24.04 65.51
C GLU D 1078 -22.61 -25.40 65.57
N SER D 1079 -21.77 -26.39 65.79
CA SER D 1079 -22.33 -27.70 65.91
C SER D 1079 -23.25 -27.57 67.14
N PHE D 1080 -22.60 -27.30 68.27
CA PHE D 1080 -23.14 -27.16 69.63
C PHE D 1080 -24.46 -26.47 69.92
N ILE D 1081 -25.45 -27.27 70.28
CA ILE D 1081 -26.77 -26.77 70.64
C ILE D 1081 -26.64 -25.50 71.48
N ASN D 1082 -25.91 -25.63 72.58
CA ASN D 1082 -25.71 -24.53 73.52
C ASN D 1082 -25.02 -23.33 72.89
N THR D 1083 -24.71 -23.44 71.61
CA THR D 1083 -24.08 -22.35 70.90
C THR D 1083 -25.17 -21.34 70.58
N MET D 1084 -26.39 -21.82 70.43
CA MET D 1084 -27.47 -20.89 70.17
C MET D 1084 -27.48 -19.98 71.36
N SER D 1085 -27.89 -20.55 72.47
CA SER D 1085 -27.96 -19.83 73.73
C SER D 1085 -26.69 -19.01 73.87
N ALA D 1086 -25.56 -19.65 73.67
CA ALA D 1086 -24.29 -18.98 73.79
C ALA D 1086 -24.23 -17.64 73.04
N TRP D 1087 -24.67 -17.61 71.79
CA TRP D 1087 -24.60 -16.32 71.08
C TRP D 1087 -25.62 -15.39 71.66
N VAL D 1088 -26.84 -15.90 71.80
CA VAL D 1088 -27.95 -15.14 72.35
C VAL D 1088 -27.45 -14.23 73.46
N ASN D 1089 -26.34 -14.63 74.07
CA ASN D 1089 -25.76 -13.84 75.13
C ASN D 1089 -24.78 -12.82 74.55
N MET D 1090 -23.67 -13.29 73.98
CA MET D 1090 -22.68 -12.38 73.42
C MET D 1090 -23.30 -11.29 72.56
N LEU D 1091 -24.56 -11.48 72.24
CA LEU D 1091 -25.34 -10.50 71.47
C LEU D 1091 -26.54 -10.24 72.36
N LEU D 1092 -26.85 -8.98 72.59
CA LEU D 1092 -28.01 -8.65 73.41
C LEU D 1092 -27.75 -9.10 74.86
N ILE D 1093 -28.82 -9.42 75.57
CA ILE D 1093 -28.74 -9.88 76.96
C ILE D 1093 -27.34 -10.39 77.36
N SER D 1094 -26.54 -9.55 78.01
CA SER D 1094 -25.19 -9.95 78.42
C SER D 1094 -25.22 -10.72 79.72
N SER D 1095 -26.43 -11.13 80.06
CA SER D 1095 -26.67 -11.87 81.29
C SER D 1095 -25.56 -12.85 81.56
N SER D 1096 -24.79 -12.48 82.57
CA SER D 1096 -23.69 -13.26 83.05
C SER D 1096 -24.37 -14.32 83.93
N GLY D 1097 -25.60 -14.67 83.57
CA GLY D 1097 -26.37 -15.63 84.33
C GLY D 1097 -25.88 -17.06 84.30
N PRO D 1098 -26.77 -18.01 84.54
CA PRO D 1098 -26.36 -19.40 84.51
C PRO D 1098 -27.03 -19.88 83.24
N ILE D 1099 -26.51 -20.93 82.63
CA ILE D 1099 -27.12 -21.44 81.40
C ILE D 1099 -27.18 -22.96 81.44
N LYS D 1100 -28.30 -23.51 81.02
CA LYS D 1100 -28.47 -24.96 81.03
C LYS D 1100 -28.43 -25.54 79.62
N THR D 1101 -29.55 -25.43 78.91
CA THR D 1101 -29.61 -25.93 77.54
C THR D 1101 -29.60 -27.45 77.64
N PRO D 1102 -30.79 -28.06 77.46
CA PRO D 1102 -31.14 -29.48 77.50
C PRO D 1102 -31.18 -30.22 76.17
N VAL D 1103 -32.09 -31.19 76.08
CA VAL D 1103 -32.23 -31.99 74.87
C VAL D 1103 -33.67 -32.36 74.61
N GLY D 1104 -34.04 -33.61 74.88
CA GLY D 1104 -35.40 -34.07 74.68
C GLY D 1104 -36.05 -33.60 73.41
N ALA D 1105 -35.29 -33.56 72.34
CA ALA D 1105 -35.82 -33.11 71.07
C ALA D 1105 -37.24 -33.66 70.86
N CYS D 1106 -37.96 -32.99 69.95
CA CYS D 1106 -39.32 -33.37 69.65
C CYS D 1106 -40.12 -32.87 70.84
N ALA D 1107 -39.80 -33.40 72.01
CA ALA D 1107 -40.48 -33.02 73.24
C ALA D 1107 -39.73 -31.97 74.04
N THR D 1108 -38.61 -31.51 73.51
CA THR D 1108 -37.81 -30.52 74.19
C THR D 1108 -38.60 -29.24 74.39
N SER D 1109 -37.89 -28.14 74.65
CA SER D 1109 -38.48 -26.82 74.92
C SER D 1109 -39.22 -26.84 76.26
N VAL D 1110 -40.20 -27.72 76.41
CA VAL D 1110 -40.92 -27.86 77.68
C VAL D 1110 -39.92 -28.43 78.65
N GLU D 1111 -39.02 -29.23 78.11
CA GLU D 1111 -37.95 -29.79 78.88
C GLU D 1111 -37.27 -28.58 79.46
N SER D 1112 -37.27 -27.48 78.72
CA SER D 1112 -36.64 -26.26 79.20
C SER D 1112 -37.46 -25.61 80.31
N VAL D 1113 -38.61 -25.04 79.95
CA VAL D 1113 -39.50 -24.39 80.89
C VAL D 1113 -39.15 -24.94 82.26
N ASP D 1114 -39.39 -26.23 82.44
CA ASP D 1114 -39.08 -26.90 83.67
C ASP D 1114 -37.70 -26.38 84.11
N ILE D 1115 -36.65 -26.83 83.42
CA ILE D 1115 -35.28 -26.42 83.74
C ILE D 1115 -35.10 -24.99 84.20
N GLY D 1116 -35.62 -24.03 83.45
CA GLY D 1116 -35.47 -22.66 83.87
C GLY D 1116 -36.24 -22.40 85.16
N VAL D 1117 -37.55 -22.63 85.13
CA VAL D 1117 -38.38 -22.42 86.29
C VAL D 1117 -37.77 -23.10 87.52
N GLU D 1118 -37.29 -24.33 87.34
CA GLU D 1118 -36.69 -25.07 88.43
C GLU D 1118 -35.38 -24.45 88.85
N THR D 1119 -34.85 -23.56 88.02
CA THR D 1119 -33.60 -22.89 88.34
C THR D 1119 -33.94 -21.57 89.00
N ILE D 1120 -35.14 -21.09 88.70
CA ILE D 1120 -35.62 -19.85 89.29
C ILE D 1120 -35.83 -20.16 90.76
N LEU D 1121 -36.51 -21.28 91.01
CA LEU D 1121 -36.76 -21.70 92.38
C LEU D 1121 -35.48 -21.52 93.17
N SER D 1122 -34.62 -22.54 93.19
CA SER D 1122 -33.39 -22.39 93.93
C SER D 1122 -32.88 -21.05 93.50
N GLY D 1123 -32.45 -20.26 94.47
CA GLY D 1123 -31.98 -18.92 94.18
C GLY D 1123 -30.75 -18.84 93.30
N LYS D 1124 -30.77 -19.56 92.18
CA LYS D 1124 -29.65 -19.52 91.26
C LYS D 1124 -29.83 -18.36 90.29
N ALA D 1125 -31.07 -17.91 90.15
CA ALA D 1125 -31.40 -16.79 89.29
C ALA D 1125 -32.86 -16.75 88.95
N ARG D 1126 -33.36 -15.54 88.78
CA ARG D 1126 -34.75 -15.34 88.41
C ARG D 1126 -34.69 -14.65 87.07
N ILE D 1127 -35.75 -14.82 86.29
CA ILE D 1127 -35.82 -14.22 84.97
C ILE D 1127 -34.89 -14.96 84.02
N CYS D 1128 -35.35 -16.14 83.61
CA CYS D 1128 -34.63 -16.98 82.66
C CYS D 1128 -35.37 -16.76 81.34
N ILE D 1129 -34.85 -17.32 80.26
CA ILE D 1129 -35.46 -17.09 78.97
C ILE D 1129 -36.01 -18.31 78.23
N VAL D 1130 -36.18 -19.42 78.96
CA VAL D 1130 -36.75 -20.70 78.45
C VAL D 1130 -35.92 -21.49 77.40
N GLY D 1131 -36.57 -22.03 76.36
CA GLY D 1131 -35.88 -22.80 75.32
C GLY D 1131 -36.71 -23.15 74.09
N GLY D 1132 -36.17 -24.01 73.23
CA GLY D 1132 -36.87 -24.41 72.01
C GLY D 1132 -35.95 -24.58 70.81
N TYR D 1133 -36.40 -24.14 69.63
CA TYR D 1133 -35.66 -24.20 68.34
C TYR D 1133 -34.91 -25.47 67.92
N ASP D 1134 -34.82 -25.66 66.61
CA ASP D 1134 -34.17 -26.80 65.99
C ASP D 1134 -34.39 -26.55 64.50
N ASP D 1135 -33.91 -27.42 63.60
CA ASP D 1135 -34.14 -27.15 62.17
C ASP D 1135 -34.31 -28.37 61.27
N PHE D 1136 -34.60 -28.09 59.99
CA PHE D 1136 -34.83 -29.08 58.93
C PHE D 1136 -33.85 -29.11 57.73
N GLN D 1137 -33.00 -30.13 57.69
CA GLN D 1137 -32.01 -30.25 56.63
C GLN D 1137 -32.11 -31.55 55.82
N GLU D 1138 -31.38 -31.63 54.72
CA GLU D 1138 -31.38 -32.81 53.84
C GLU D 1138 -31.23 -34.10 54.62
N GLU D 1139 -30.05 -34.28 55.21
CA GLU D 1139 -29.75 -35.45 56.02
C GLU D 1139 -30.87 -35.58 57.05
N GLY D 1140 -31.31 -34.40 57.53
CA GLY D 1140 -32.38 -34.33 58.49
C GLY D 1140 -33.54 -35.19 58.05
N SER D 1141 -34.52 -34.60 57.35
CA SER D 1141 -35.64 -35.40 56.88
C SER D 1141 -34.94 -36.57 56.26
N PHE D 1142 -35.67 -37.60 55.90
CA PHE D 1142 -34.97 -38.78 55.39
C PHE D 1142 -34.38 -39.16 56.76
N GLU D 1143 -33.94 -40.39 56.96
CA GLU D 1143 -33.48 -40.77 58.30
C GLU D 1143 -34.85 -40.83 58.96
N PHE D 1144 -35.47 -39.68 59.19
CA PHE D 1144 -36.84 -39.69 59.68
C PHE D 1144 -37.41 -40.19 58.38
N GLY D 1145 -38.66 -40.60 58.35
CA GLY D 1145 -39.16 -41.11 57.10
C GLY D 1145 -38.42 -42.44 56.95
N ASN D 1146 -37.10 -42.40 56.92
CA ASN D 1146 -36.31 -43.61 56.82
C ASN D 1146 -36.53 -44.30 58.18
N MET D 1147 -36.89 -43.48 59.16
CA MET D 1147 -37.14 -43.94 60.52
C MET D 1147 -38.59 -44.39 60.56
N LYS D 1148 -39.23 -44.38 59.38
CA LYS D 1148 -40.64 -44.76 59.20
C LYS D 1148 -41.64 -43.81 59.84
N ALA D 1149 -41.13 -42.70 60.37
CA ALA D 1149 -42.01 -41.72 61.01
C ALA D 1149 -42.52 -40.64 60.07
N THR D 1150 -41.69 -39.61 59.85
CA THR D 1150 -42.03 -38.45 59.00
C THR D 1150 -43.50 -38.51 58.63
N SER D 1151 -43.73 -39.02 57.42
CA SER D 1151 -45.03 -39.20 56.82
C SER D 1151 -44.60 -39.55 55.43
N ASN D 1152 -45.50 -39.39 54.48
CA ASN D 1152 -45.16 -39.69 53.11
C ASN D 1152 -45.91 -38.86 52.09
N THR D 1153 -45.30 -37.76 51.65
CA THR D 1153 -45.92 -37.00 50.59
C THR D 1153 -46.00 -38.15 49.61
N LEU D 1154 -46.93 -38.10 48.64
CA LEU D 1154 -47.05 -39.24 47.75
C LEU D 1154 -47.79 -40.20 48.66
N GLU D 1155 -48.69 -41.01 48.13
CA GLU D 1155 -49.49 -41.86 49.00
C GLU D 1155 -50.44 -40.84 49.64
N GLU D 1156 -49.94 -40.16 50.66
CA GLU D 1156 -50.71 -39.12 51.35
C GLU D 1156 -51.06 -38.15 50.23
N PHE D 1157 -50.41 -38.37 49.10
CA PHE D 1157 -50.58 -37.58 47.88
C PHE D 1157 -51.54 -38.35 46.99
N GLU D 1158 -51.04 -39.48 46.50
CA GLU D 1158 -51.82 -40.34 45.63
C GLU D 1158 -53.20 -40.53 46.22
N HIS D 1159 -53.31 -40.41 47.53
CA HIS D 1159 -54.60 -40.57 48.21
C HIS D 1159 -55.45 -39.32 48.03
N GLY D 1160 -55.57 -38.56 49.11
CA GLY D 1160 -56.33 -37.33 49.11
C GLY D 1160 -55.31 -36.21 49.02
N ARG D 1161 -54.98 -35.85 47.79
CA ARG D 1161 -54.01 -34.81 47.50
C ARG D 1161 -53.60 -33.89 48.65
N THR D 1162 -53.87 -32.60 48.43
CA THR D 1162 -53.58 -31.48 49.32
C THR D 1162 -52.29 -31.60 50.12
N PRO D 1163 -51.40 -30.64 49.92
CA PRO D 1163 -50.14 -30.64 50.64
C PRO D 1163 -50.53 -30.15 52.03
N ALA D 1164 -51.76 -29.65 52.09
CA ALA D 1164 -52.39 -29.12 53.29
C ALA D 1164 -52.67 -30.22 54.28
N GLU D 1165 -53.55 -31.14 53.91
CA GLU D 1165 -53.90 -32.27 54.76
C GLU D 1165 -52.57 -32.80 55.32
N MET D 1166 -52.21 -34.02 54.97
CA MET D 1166 -50.95 -34.59 55.42
C MET D 1166 -50.64 -34.44 56.91
N SER D 1167 -51.36 -33.57 57.61
CA SER D 1167 -51.14 -33.38 59.04
C SER D 1167 -52.50 -33.32 59.71
N ARG D 1168 -52.95 -34.46 60.23
CA ARG D 1168 -54.28 -34.52 60.85
C ARG D 1168 -54.31 -35.26 62.17
N PRO D 1169 -53.75 -34.66 63.23
CA PRO D 1169 -53.76 -35.33 64.54
C PRO D 1169 -55.07 -36.03 64.82
N ALA D 1170 -55.03 -37.36 64.91
CA ALA D 1170 -56.21 -38.19 65.13
C ALA D 1170 -57.12 -37.98 63.95
N THR D 1171 -57.52 -39.07 63.29
CA THR D 1171 -58.40 -39.00 62.12
C THR D 1171 -58.43 -40.27 61.30
N THR D 1172 -57.52 -41.20 61.59
CA THR D 1172 -57.40 -42.45 60.85
C THR D 1172 -56.43 -42.18 59.69
N THR D 1173 -56.79 -41.23 58.84
CA THR D 1173 -55.96 -40.85 57.69
C THR D 1173 -54.66 -40.26 58.20
N ARG D 1174 -54.50 -40.28 59.51
CA ARG D 1174 -53.29 -39.79 60.17
C ARG D 1174 -52.20 -40.63 59.56
N ASN D 1175 -50.97 -40.15 59.54
CA ASN D 1175 -49.91 -40.96 58.95
C ASN D 1175 -48.53 -40.61 59.44
N GLY D 1176 -48.29 -39.32 59.64
CA GLY D 1176 -46.99 -38.88 60.12
C GLY D 1176 -46.92 -37.38 60.07
N PHE D 1177 -45.96 -36.79 60.79
CA PHE D 1177 -45.81 -35.34 60.86
C PHE D 1177 -45.22 -34.63 59.66
N MET D 1178 -44.04 -34.06 59.86
CA MET D 1178 -43.30 -33.34 58.83
C MET D 1178 -42.66 -32.08 59.36
N GLU D 1179 -41.50 -32.22 60.00
CA GLU D 1179 -40.80 -31.08 60.59
C GLU D 1179 -40.94 -29.82 59.76
N ALA D 1180 -40.71 -28.66 60.38
CA ALA D 1180 -40.73 -27.36 59.69
C ALA D 1180 -39.46 -26.71 60.19
N GLN D 1181 -39.05 -25.58 59.61
CA GLN D 1181 -37.81 -24.96 60.07
C GLN D 1181 -37.94 -24.98 61.58
N GLY D 1182 -38.65 -24.00 62.13
CA GLY D 1182 -38.89 -23.94 63.56
C GLY D 1182 -37.95 -23.23 64.54
N ALA D 1183 -38.57 -22.60 65.54
CA ALA D 1183 -37.86 -21.89 66.60
C ALA D 1183 -38.82 -20.95 67.33
N GLY D 1184 -38.80 -21.04 68.67
CA GLY D 1184 -39.65 -20.20 69.48
C GLY D 1184 -39.04 -20.08 70.86
N ILE D 1185 -39.11 -18.89 71.44
CA ILE D 1185 -38.55 -18.67 72.77
C ILE D 1185 -39.53 -17.93 73.68
N GLN D 1186 -39.31 -18.01 74.99
CA GLN D 1186 -40.18 -17.34 75.94
C GLN D 1186 -39.38 -16.93 77.18
N ILE D 1187 -39.60 -15.71 77.67
CA ILE D 1187 -38.89 -15.22 78.87
C ILE D 1187 -39.79 -15.15 80.08
N ILE D 1188 -39.32 -15.75 81.16
CA ILE D 1188 -40.13 -15.74 82.35
C ILE D 1188 -39.43 -15.08 83.51
N MET D 1189 -40.23 -14.63 84.47
CA MET D 1189 -39.73 -13.95 85.65
C MET D 1189 -40.37 -14.40 86.98
N GLN D 1190 -39.63 -14.11 88.06
CA GLN D 1190 -40.00 -14.45 89.43
C GLN D 1190 -41.30 -13.80 89.95
N ALA D 1191 -42.09 -13.24 89.03
CA ALA D 1191 -43.36 -12.57 89.37
C ALA D 1191 -43.15 -11.14 89.84
N ASP D 1192 -42.68 -10.98 91.06
CA ASP D 1192 -42.45 -9.65 91.60
C ASP D 1192 -41.73 -8.79 90.58
N LEU D 1193 -40.52 -9.20 90.18
CA LEU D 1193 -39.70 -8.46 89.23
C LEU D 1193 -40.50 -7.93 88.06
N ALA D 1194 -41.67 -8.54 87.84
CA ALA D 1194 -42.57 -8.15 86.76
C ALA D 1194 -43.40 -6.99 87.23
N LEU D 1195 -44.37 -7.29 88.09
CA LEU D 1195 -45.27 -6.29 88.64
C LEU D 1195 -44.45 -5.13 89.20
N LYS D 1196 -43.17 -5.41 89.48
CA LYS D 1196 -42.24 -4.40 89.95
C LYS D 1196 -41.79 -3.74 88.66
N MET D 1197 -42.34 -2.55 88.42
CA MET D 1197 -42.04 -1.80 87.20
C MET D 1197 -42.47 -2.60 85.97
N GLY D 1198 -43.53 -2.11 85.33
CA GLY D 1198 -44.12 -2.73 84.15
C GLY D 1198 -43.48 -3.97 83.58
N VAL D 1199 -44.28 -4.98 83.33
CA VAL D 1199 -43.71 -6.19 82.78
C VAL D 1199 -44.07 -6.39 81.30
N PRO D 1200 -45.32 -6.79 80.94
CA PRO D 1200 -46.55 -7.14 81.63
C PRO D 1200 -46.60 -8.66 81.70
N ILE D 1201 -47.44 -9.20 82.57
CA ILE D 1201 -47.54 -10.64 82.70
C ILE D 1201 -48.63 -11.24 81.82
N TYR D 1202 -48.23 -12.22 81.01
CA TYR D 1202 -49.15 -12.92 80.12
C TYR D 1202 -49.73 -14.04 80.95
N GLY D 1203 -49.32 -15.27 80.67
CA GLY D 1203 -49.83 -16.38 81.44
C GLY D 1203 -49.07 -16.54 82.74
N ILE D 1204 -49.47 -17.53 83.54
CA ILE D 1204 -48.83 -17.82 84.81
C ILE D 1204 -48.51 -19.31 84.99
N VAL D 1205 -47.21 -19.60 84.91
CA VAL D 1205 -46.65 -20.95 85.01
C VAL D 1205 -47.13 -21.82 86.16
N ALA D 1206 -47.54 -23.04 85.85
CA ALA D 1206 -48.01 -23.96 86.87
C ALA D 1206 -47.12 -25.18 87.10
N MET D 1207 -47.30 -26.22 86.26
CA MET D 1207 -46.55 -27.48 86.35
C MET D 1207 -45.23 -27.50 85.55
N ALA D 1208 -44.29 -28.37 85.95
CA ALA D 1208 -42.99 -28.45 85.29
C ALA D 1208 -42.53 -29.82 84.78
N ALA D 1209 -43.22 -30.35 83.78
CA ALA D 1209 -42.93 -31.63 83.11
C ALA D 1209 -41.80 -32.54 83.58
N THR D 1210 -41.13 -33.15 82.60
CA THR D 1210 -39.99 -34.06 82.74
C THR D 1210 -40.24 -35.47 83.29
N ALA D 1211 -40.38 -36.44 82.38
CA ALA D 1211 -40.61 -37.81 82.79
C ALA D 1211 -40.20 -38.80 81.70
N THR D 1212 -39.53 -39.88 82.12
CA THR D 1212 -39.03 -40.93 81.22
C THR D 1212 -39.96 -42.13 81.23
N ASP D 1213 -39.71 -43.01 82.19
CA ASP D 1213 -40.52 -44.18 82.47
C ASP D 1213 -40.50 -45.42 81.56
N LYS D 1214 -40.68 -46.58 82.20
CA LYS D 1214 -40.73 -47.92 81.57
C LYS D 1214 -39.41 -48.51 81.11
N ILE D 1215 -39.48 -49.78 80.72
CA ILE D 1215 -38.30 -50.48 80.23
C ILE D 1215 -38.70 -51.20 78.97
N GLY D 1216 -38.41 -50.58 77.84
CA GLY D 1216 -38.73 -51.18 76.56
C GLY D 1216 -37.45 -51.35 75.76
N ARG D 1217 -37.58 -51.56 74.46
CA ARG D 1217 -36.41 -51.72 73.63
C ARG D 1217 -36.64 -51.09 72.26
N SER D 1218 -36.84 -49.78 72.25
CA SER D 1218 -37.08 -49.05 71.02
C SER D 1218 -37.40 -47.61 71.33
N VAL D 1219 -37.16 -46.74 70.37
CA VAL D 1219 -37.42 -45.34 70.57
C VAL D 1219 -37.69 -44.71 69.23
N PRO D 1220 -38.70 -43.84 69.15
CA PRO D 1220 -39.53 -43.48 70.30
C PRO D 1220 -40.34 -44.65 70.84
N ALA D 1221 -41.53 -44.29 71.34
CA ALA D 1221 -42.49 -45.20 71.92
C ALA D 1221 -43.26 -44.34 72.89
N PRO D 1222 -43.83 -43.23 72.39
CA PRO D 1222 -44.60 -42.32 73.25
C PRO D 1222 -44.92 -42.90 74.62
N GLY D 1223 -44.22 -42.42 75.64
CA GLY D 1223 -44.43 -42.89 76.99
C GLY D 1223 -45.87 -42.71 77.42
N LYS D 1224 -46.61 -43.81 77.54
CA LYS D 1224 -48.01 -43.79 77.97
C LYS D 1224 -47.99 -43.23 79.38
N GLY D 1225 -48.47 -44.04 80.33
CA GLY D 1225 -48.41 -43.59 81.70
C GLY D 1225 -46.93 -43.48 81.88
N ILE D 1226 -46.23 -44.01 80.87
CA ILE D 1226 -44.79 -44.03 80.76
C ILE D 1226 -44.24 -42.62 80.88
N LEU D 1227 -44.73 -41.92 81.91
CA LEU D 1227 -44.38 -40.55 82.29
C LEU D 1227 -45.69 -39.78 82.45
N THR D 1228 -45.59 -38.49 82.77
CA THR D 1228 -46.75 -37.61 82.93
C THR D 1228 -47.89 -38.12 83.80
N THR D 1229 -48.42 -39.31 83.51
CA THR D 1229 -49.44 -39.81 84.40
C THR D 1229 -48.53 -40.23 85.54
N ALA D 1230 -47.24 -39.95 85.36
CA ALA D 1230 -46.22 -40.17 86.38
C ALA D 1230 -46.51 -38.97 87.27
N ARG D 1231 -46.81 -37.83 86.63
CA ARG D 1231 -47.21 -36.60 87.30
C ARG D 1231 -48.68 -36.92 87.47
N GLU D 1232 -49.47 -36.01 88.01
CA GLU D 1232 -50.88 -36.30 88.18
C GLU D 1232 -50.86 -37.44 89.20
N HIS D 1233 -49.78 -37.47 89.97
CA HIS D 1233 -49.55 -38.46 90.99
C HIS D 1233 -50.82 -38.69 91.79
N HIS D 1234 -50.89 -38.08 92.97
CA HIS D 1234 -52.07 -38.17 93.83
C HIS D 1234 -52.38 -39.61 94.29
N SER D 1235 -52.77 -39.75 95.55
CA SER D 1235 -53.14 -41.05 96.11
C SER D 1235 -54.65 -41.08 96.20
N SER D 1236 -55.17 -42.06 96.92
CA SER D 1236 -56.61 -42.19 97.09
C SER D 1236 -56.84 -43.33 98.07
N VAL D 1237 -55.86 -43.55 98.94
CA VAL D 1237 -55.94 -44.59 99.96
C VAL D 1237 -57.00 -44.17 100.97
N LYS D 1238 -58.21 -44.72 100.84
CA LYS D 1238 -59.33 -44.39 101.73
C LYS D 1238 -59.25 -43.02 102.38
N TYR D 1239 -60.29 -42.22 102.22
CA TYR D 1239 -60.24 -40.92 102.84
C TYR D 1239 -61.63 -40.42 103.27
N ALA D 1240 -62.62 -40.52 102.40
CA ALA D 1240 -63.99 -40.07 102.69
C ALA D 1240 -64.06 -38.57 102.98
N SER D 1241 -63.41 -38.15 104.05
CA SER D 1241 -63.36 -36.75 104.46
C SER D 1241 -61.88 -36.35 104.62
N PRO D 1242 -61.40 -35.39 103.81
CA PRO D 1242 -59.99 -34.96 103.90
C PRO D 1242 -59.84 -33.47 104.19
N ASN D 1243 -59.08 -32.81 103.32
CA ASN D 1243 -58.83 -31.37 103.35
C ASN D 1243 -57.59 -30.74 103.94
N LEU D 1244 -57.10 -29.79 103.16
CA LEU D 1244 -55.91 -29.00 103.43
C LEU D 1244 -55.96 -27.90 102.35
N ASN D 1245 -56.93 -28.00 101.46
CA ASN D 1245 -57.10 -27.02 100.37
C ASN D 1245 -57.73 -25.75 100.93
N MET D 1246 -59.01 -25.89 101.25
CA MET D 1246 -59.85 -24.82 101.79
C MET D 1246 -59.12 -23.65 102.43
N LYS D 1247 -59.09 -22.57 101.66
CA LYS D 1247 -58.45 -21.33 102.04
C LYS D 1247 -58.16 -21.26 103.52
N TYR D 1248 -57.14 -22.03 103.89
CA TYR D 1248 -56.68 -22.07 105.24
C TYR D 1248 -56.18 -20.66 105.46
N ARG D 1249 -54.86 -20.50 105.29
CA ARG D 1249 -54.22 -19.20 105.45
C ARG D 1249 -54.28 -18.91 106.94
N LYS D 1250 -55.26 -19.51 107.59
CA LYS D 1250 -55.44 -19.33 109.01
C LYS D 1250 -54.07 -19.67 109.58
N ARG D 1251 -53.72 -20.94 109.52
CA ARG D 1251 -52.44 -21.38 110.02
C ARG D 1251 -51.37 -20.47 109.47
N GLN D 1252 -51.68 -19.84 108.33
CA GLN D 1252 -50.72 -18.92 107.75
C GLN D 1252 -50.65 -17.70 108.68
N LEU D 1253 -51.74 -16.95 108.79
CA LEU D 1253 -51.71 -15.79 109.65
C LEU D 1253 -51.31 -16.21 111.05
N VAL D 1254 -51.71 -17.42 111.41
CA VAL D 1254 -51.36 -17.93 112.73
C VAL D 1254 -49.85 -18.15 112.79
N THR D 1255 -49.41 -19.40 112.66
CA THR D 1255 -47.97 -19.76 112.73
C THR D 1255 -47.09 -18.52 112.52
N ARG D 1256 -46.58 -18.33 111.31
CA ARG D 1256 -45.81 -17.13 111.07
C ARG D 1256 -46.91 -16.07 111.10
N GLU D 1257 -46.51 -14.81 111.21
CA GLU D 1257 -47.45 -13.69 111.33
C GLU D 1257 -47.56 -13.65 112.83
N ALA D 1258 -47.71 -14.83 113.41
CA ALA D 1258 -47.75 -14.93 114.85
C ALA D 1258 -46.32 -14.75 115.26
N GLN D 1259 -45.66 -15.83 115.66
CA GLN D 1259 -44.27 -15.74 116.11
C GLN D 1259 -43.45 -14.75 115.32
N ILE D 1260 -43.77 -14.54 114.04
CA ILE D 1260 -42.98 -13.58 113.28
C ILE D 1260 -43.29 -12.13 113.64
N LYS D 1261 -44.54 -11.68 113.47
CA LYS D 1261 -44.86 -10.30 113.80
C LYS D 1261 -44.40 -9.98 115.22
N ASP D 1262 -44.33 -11.03 116.06
CA ASP D 1262 -43.87 -10.92 117.43
C ASP D 1262 -42.34 -11.01 117.37
N TRP D 1263 -41.83 -12.23 117.43
CA TRP D 1263 -40.39 -12.44 117.33
C TRP D 1263 -40.02 -11.57 116.15
N VAL D 1264 -39.59 -10.36 116.48
CA VAL D 1264 -39.19 -9.32 115.55
C VAL D 1264 -38.95 -8.27 116.58
N GLU D 1265 -40.04 -7.79 117.13
CA GLU D 1265 -40.02 -6.80 118.18
C GLU D 1265 -39.00 -7.44 119.12
N ASN D 1266 -39.19 -8.73 119.37
CA ASN D 1266 -38.31 -9.49 120.22
C ASN D 1266 -36.86 -9.17 119.91
N GLU D 1267 -36.52 -9.23 118.63
CA GLU D 1267 -35.16 -8.94 118.22
C GLU D 1267 -34.88 -7.46 118.43
N LEU D 1268 -35.65 -6.61 117.75
CA LEU D 1268 -35.50 -5.16 117.85
C LEU D 1268 -34.81 -4.84 119.16
N GLU D 1269 -35.44 -5.30 120.23
CA GLU D 1269 -34.99 -5.13 121.60
C GLU D 1269 -33.63 -5.78 121.89
N ALA D 1270 -33.55 -7.08 121.64
CA ALA D 1270 -32.33 -7.83 121.88
C ALA D 1270 -31.06 -7.12 121.39
N LEU D 1271 -31.18 -6.23 120.41
CA LEU D 1271 -30.00 -5.52 119.93
C LEU D 1271 -29.74 -4.39 120.92
N LYS D 1272 -30.81 -3.67 121.24
CA LYS D 1272 -30.72 -2.58 122.19
C LYS D 1272 -30.07 -3.22 123.41
N LEU D 1273 -30.30 -4.52 123.60
CA LEU D 1273 -29.72 -5.26 124.73
C LEU D 1273 -28.26 -4.85 124.83
N GLU D 1274 -27.58 -4.86 123.71
CA GLU D 1274 -26.19 -4.45 123.69
C GLU D 1274 -26.18 -3.03 123.15
N ALA D 1275 -27.34 -2.56 122.71
CA ALA D 1275 -27.51 -1.21 122.15
C ALA D 1275 -26.15 -0.56 122.02
N GLU D 1276 -25.90 0.47 122.82
CA GLU D 1276 -24.59 1.09 122.79
C GLU D 1276 -23.72 -0.02 123.37
N GLU D 1277 -23.48 0.01 124.67
CA GLU D 1277 -22.67 -1.05 125.28
C GLU D 1277 -21.37 -1.25 124.50
N ILE D 1278 -20.41 -0.34 124.76
CA ILE D 1278 -19.04 -0.26 124.17
C ILE D 1278 -18.80 0.75 123.04
N PRO D 1279 -19.84 1.10 122.25
CA PRO D 1279 -19.61 2.08 121.19
C PRO D 1279 -19.84 3.51 121.63
N SER D 1280 -20.63 4.22 120.82
CA SER D 1280 -20.99 5.63 121.02
C SER D 1280 -20.82 6.25 119.65
N GLU D 1281 -19.75 5.82 118.97
CA GLU D 1281 -19.43 6.27 117.61
C GLU D 1281 -19.84 5.13 116.69
N ASP D 1282 -19.71 3.91 117.20
CA ASP D 1282 -20.06 2.71 116.47
C ASP D 1282 -21.58 2.57 116.44
N GLN D 1283 -22.27 3.56 117.01
CA GLN D 1283 -23.73 3.55 117.04
C GLN D 1283 -24.29 3.39 115.64
N ASN D 1284 -24.14 4.42 114.81
CA ASN D 1284 -24.62 4.37 113.43
C ASN D 1284 -24.15 3.07 112.76
N GLU D 1285 -22.84 2.81 112.83
CA GLU D 1285 -22.29 1.59 112.21
C GLU D 1285 -22.98 0.33 112.75
N PHE D 1286 -22.64 -0.02 113.99
CA PHE D 1286 -23.20 -1.20 114.61
C PHE D 1286 -24.72 -1.25 114.55
N LEU D 1287 -25.37 -0.14 114.89
CA LEU D 1287 -26.82 -0.12 114.88
C LEU D 1287 -27.33 -0.47 113.47
N LEU D 1288 -26.89 0.29 112.48
CA LEU D 1288 -27.31 0.07 111.09
C LEU D 1288 -26.96 -1.30 110.53
N GLU D 1289 -25.91 -1.95 111.06
CA GLU D 1289 -25.52 -3.27 110.57
C GLU D 1289 -26.65 -4.27 110.82
N ARG D 1290 -26.76 -4.76 112.05
CA ARG D 1290 -27.79 -5.72 112.38
C ARG D 1290 -29.17 -5.18 112.06
N THR D 1291 -29.40 -3.91 112.34
CA THR D 1291 -30.69 -3.29 112.09
C THR D 1291 -31.38 -3.84 110.85
N ARG D 1292 -30.59 -4.10 109.81
CA ARG D 1292 -31.14 -4.63 108.58
C ARG D 1292 -30.70 -6.06 108.32
N GLU D 1293 -29.47 -6.41 108.71
CA GLU D 1293 -29.01 -7.77 108.50
C GLU D 1293 -29.91 -8.70 109.33
N ILE D 1294 -30.89 -8.09 109.99
CA ILE D 1294 -31.89 -8.79 110.79
C ILE D 1294 -33.19 -8.58 110.02
N HIS D 1295 -33.34 -7.39 109.47
CA HIS D 1295 -34.49 -7.06 108.67
C HIS D 1295 -34.60 -8.24 107.72
N ASN D 1296 -33.46 -8.67 107.16
CA ASN D 1296 -33.44 -9.80 106.25
C ASN D 1296 -33.95 -10.99 107.03
N GLU D 1297 -33.34 -11.25 108.18
CA GLU D 1297 -33.77 -12.35 109.02
C GLU D 1297 -35.29 -12.42 108.94
N ALA D 1298 -35.90 -11.25 109.06
CA ALA D 1298 -37.34 -11.13 109.03
C ALA D 1298 -37.95 -11.65 107.73
N GLU D 1299 -37.94 -10.77 106.73
CA GLU D 1299 -38.47 -11.09 105.41
C GLU D 1299 -38.35 -12.58 105.13
N SER D 1300 -37.18 -13.13 105.46
CA SER D 1300 -36.91 -14.55 105.27
C SER D 1300 -38.03 -15.35 105.92
N GLN D 1301 -38.08 -15.33 107.25
CA GLN D 1301 -39.10 -16.04 108.01
C GLN D 1301 -40.48 -15.79 107.42
N LEU D 1302 -40.70 -14.56 106.98
CA LEU D 1302 -41.99 -14.17 106.42
C LEU D 1302 -42.37 -14.97 105.19
N ARG D 1303 -41.52 -14.88 104.16
CA ARG D 1303 -41.78 -15.59 102.92
C ARG D 1303 -41.85 -17.09 103.20
N ALA D 1304 -40.79 -17.62 103.79
CA ALA D 1304 -40.72 -19.05 104.14
C ALA D 1304 -42.11 -19.49 104.56
N ALA D 1305 -42.77 -18.60 105.26
CA ALA D 1305 -44.12 -18.84 105.71
C ALA D 1305 -44.95 -18.84 104.45
N GLN D 1306 -45.06 -17.64 103.85
CA GLN D 1306 -45.82 -17.46 102.62
C GLN D 1306 -45.65 -18.72 101.77
N GLN D 1307 -44.45 -19.30 101.80
CA GLN D 1307 -44.14 -20.52 101.05
C GLN D 1307 -45.12 -21.63 101.40
N GLN D 1308 -45.07 -22.11 102.63
CA GLN D 1308 -45.99 -23.15 103.02
C GLN D 1308 -47.35 -22.46 103.01
N TRP D 1309 -48.41 -23.21 102.66
CA TRP D 1309 -49.75 -22.62 102.59
C TRP D 1309 -49.74 -21.54 101.49
N GLY D 1310 -50.29 -21.88 100.33
CA GLY D 1310 -50.30 -20.94 99.22
C GLY D 1310 -49.32 -21.38 98.16
N ASN D 1311 -48.04 -21.41 98.50
CA ASN D 1311 -47.01 -21.83 97.55
C ASN D 1311 -46.88 -23.33 97.48
N ASP D 1312 -46.41 -23.93 98.57
CA ASP D 1312 -46.22 -25.38 98.64
C ASP D 1312 -47.27 -26.09 99.52
N PHE D 1313 -48.52 -25.69 99.39
CA PHE D 1313 -49.59 -26.32 100.14
C PHE D 1313 -49.20 -27.78 100.22
N TYR D 1314 -49.34 -28.42 99.08
CA TYR D 1314 -49.05 -29.84 98.86
C TYR D 1314 -47.58 -30.21 98.97
N LYS D 1315 -47.02 -30.57 97.81
CA LYS D 1315 -45.64 -31.01 97.67
C LYS D 1315 -45.62 -32.44 98.20
N ARG D 1316 -45.45 -32.58 99.51
CA ARG D 1316 -45.45 -33.91 100.13
C ARG D 1316 -46.90 -34.36 100.03
N ASP D 1317 -47.54 -34.48 101.19
CA ASP D 1317 -48.94 -34.87 101.25
C ASP D 1317 -49.41 -35.71 100.05
N PRO D 1318 -49.16 -37.02 100.09
CA PRO D 1318 -49.55 -37.93 99.01
C PRO D 1318 -51.05 -37.95 98.70
N ARG D 1319 -51.83 -37.23 99.50
CA ARG D 1319 -53.27 -37.15 99.27
C ARG D 1319 -53.44 -36.27 98.04
N ILE D 1320 -52.32 -35.74 97.58
CA ILE D 1320 -52.30 -34.89 96.40
C ILE D 1320 -50.94 -34.20 96.26
N ALA D 1321 -50.35 -34.37 95.08
CA ALA D 1321 -49.06 -33.78 94.74
C ALA D 1321 -48.92 -33.63 93.22
N PRO D 1322 -50.04 -33.38 92.51
CA PRO D 1322 -49.92 -33.25 91.06
C PRO D 1322 -50.34 -31.90 90.51
N LEU D 1323 -51.24 -31.96 89.54
CA LEU D 1323 -51.83 -30.80 88.88
C LEU D 1323 -52.72 -30.20 89.93
N ARG D 1324 -53.60 -31.04 90.46
CA ARG D 1324 -54.53 -30.63 91.48
C ARG D 1324 -53.65 -29.68 92.28
N GLY D 1325 -52.44 -30.13 92.59
CA GLY D 1325 -51.49 -29.32 93.34
C GLY D 1325 -51.48 -27.87 92.90
N ALA D 1326 -51.02 -27.60 91.69
CA ALA D 1326 -51.00 -26.22 91.23
C ALA D 1326 -52.44 -25.73 91.15
N LEU D 1327 -53.31 -26.53 90.54
CA LEU D 1327 -54.73 -26.17 90.41
C LEU D 1327 -55.39 -25.93 91.78
N ALA D 1328 -54.57 -26.01 92.81
CA ALA D 1328 -55.00 -25.79 94.18
C ALA D 1328 -54.64 -24.36 94.47
N THR D 1329 -53.40 -24.15 94.90
CA THR D 1329 -52.91 -22.83 95.19
C THR D 1329 -53.67 -21.99 94.18
N TYR D 1330 -54.55 -21.12 94.70
CA TYR D 1330 -55.45 -20.28 93.92
C TYR D 1330 -56.18 -21.11 92.89
N GLY D 1331 -55.49 -21.39 91.80
CA GLY D 1331 -56.05 -22.19 90.73
C GLY D 1331 -57.45 -22.65 91.09
N LEU D 1332 -58.43 -21.97 90.55
CA LEU D 1332 -59.81 -22.32 90.85
C LEU D 1332 -60.04 -23.75 90.41
N THR D 1333 -61.22 -24.01 89.84
CA THR D 1333 -61.58 -25.36 89.44
C THR D 1333 -60.52 -26.35 89.89
N ILE D 1334 -60.76 -26.96 91.05
CA ILE D 1334 -59.84 -27.94 91.63
C ILE D 1334 -59.15 -28.62 90.47
N ASP D 1335 -59.90 -28.81 89.38
CA ASP D 1335 -59.34 -29.41 88.20
C ASP D 1335 -60.22 -29.41 86.95
N ASP D 1336 -60.34 -28.25 86.32
CA ASP D 1336 -61.08 -28.11 85.06
C ASP D 1336 -60.35 -27.07 84.22
N LEU D 1337 -59.32 -27.55 83.53
CA LEU D 1337 -58.47 -26.74 82.68
C LEU D 1337 -59.22 -26.46 81.39
N GLY D 1338 -59.34 -27.47 80.54
CA GLY D 1338 -60.06 -27.33 79.29
C GLY D 1338 -59.25 -27.20 77.99
N VAL D 1339 -57.95 -27.51 78.03
CA VAL D 1339 -57.17 -27.39 76.80
C VAL D 1339 -56.12 -28.47 76.50
N ALA D 1340 -54.84 -28.08 76.38
CA ALA D 1340 -53.74 -29.00 76.06
C ALA D 1340 -53.58 -29.11 74.53
N SER D 1341 -52.55 -28.47 73.99
CA SER D 1341 -52.33 -28.50 72.55
C SER D 1341 -51.92 -29.87 72.08
N PHE D 1342 -51.66 -30.75 73.03
CA PHE D 1342 -51.29 -32.14 72.76
C PHE D 1342 -49.92 -32.44 72.18
N HIS D 1343 -49.60 -31.83 71.04
CA HIS D 1343 -48.34 -32.07 70.36
C HIS D 1343 -48.58 -33.22 69.37
N GLY D 1344 -49.69 -33.91 69.59
CA GLY D 1344 -50.08 -35.04 68.74
C GLY D 1344 -49.70 -34.84 67.30
N THR D 1345 -48.51 -35.34 66.99
CA THR D 1345 -47.89 -35.23 65.68
C THR D 1345 -48.65 -35.77 64.49
N SER D 1346 -49.95 -35.97 64.60
CA SER D 1346 -50.70 -36.52 63.46
C SER D 1346 -50.22 -37.94 63.16
N THR D 1347 -49.30 -38.42 64.00
CA THR D 1347 -48.75 -39.77 63.88
C THR D 1347 -49.86 -40.70 64.36
N LYS D 1348 -50.82 -40.08 65.06
CA LYS D 1348 -52.00 -40.71 65.66
C LYS D 1348 -51.79 -42.16 66.15
N ALA D 1349 -50.51 -42.46 66.37
CA ALA D 1349 -50.04 -43.72 66.89
C ALA D 1349 -49.50 -43.28 68.25
N ASN D 1350 -49.29 -41.97 68.37
CA ASN D 1350 -48.82 -41.34 69.59
C ASN D 1350 -50.04 -40.59 70.09
N ASP D 1351 -50.79 -40.06 69.13
CA ASP D 1351 -52.00 -39.32 69.42
C ASP D 1351 -52.82 -40.15 70.39
N LYS D 1352 -53.13 -41.39 70.01
CA LYS D 1352 -53.86 -42.29 70.91
C LYS D 1352 -53.20 -42.15 72.27
N ASN D 1353 -52.16 -42.94 72.50
CA ASN D 1353 -51.44 -42.89 73.74
C ASN D 1353 -51.02 -41.45 74.09
N GLU D 1354 -51.99 -40.74 74.66
CA GLU D 1354 -51.85 -39.35 75.10
C GLU D 1354 -53.30 -38.98 75.35
N SER D 1355 -54.08 -39.05 74.28
CA SER D 1355 -55.51 -38.80 74.32
C SER D 1355 -56.13 -40.03 74.98
N ALA D 1356 -55.46 -40.46 76.04
CA ALA D 1356 -55.82 -41.61 76.85
C ALA D 1356 -54.52 -41.88 77.59
N THR D 1357 -54.02 -40.81 78.20
CA THR D 1357 -52.79 -40.80 78.97
C THR D 1357 -52.92 -39.49 79.64
N ILE D 1358 -53.84 -38.71 79.08
CA ILE D 1358 -54.19 -37.40 79.57
C ILE D 1358 -55.62 -37.70 80.04
N ASN D 1359 -56.23 -38.69 79.39
CA ASN D 1359 -57.59 -39.09 79.74
C ASN D 1359 -57.53 -39.88 81.04
N GLU D 1360 -56.81 -41.00 81.00
CA GLU D 1360 -56.64 -41.84 82.18
C GLU D 1360 -55.70 -41.08 83.09
N MET D 1361 -55.74 -39.76 82.95
CA MET D 1361 -54.93 -38.85 83.74
C MET D 1361 -55.93 -37.86 84.34
N MET D 1362 -57.18 -37.98 83.93
CA MET D 1362 -58.23 -37.13 84.45
C MET D 1362 -58.90 -37.91 85.53
N LYS D 1363 -59.37 -39.09 85.15
CA LYS D 1363 -60.08 -39.98 86.05
C LYS D 1363 -59.49 -40.07 87.44
N HIS D 1364 -58.26 -40.54 87.56
CA HIS D 1364 -57.62 -40.66 88.86
C HIS D 1364 -57.51 -39.29 89.55
N LEU D 1365 -58.16 -38.29 88.97
CA LEU D 1365 -58.12 -36.95 89.53
C LEU D 1365 -59.51 -36.33 89.74
N GLY D 1366 -60.51 -36.86 89.05
CA GLY D 1366 -61.86 -36.34 89.21
C GLY D 1366 -62.51 -35.94 87.91
N ARG D 1367 -62.69 -34.63 87.75
CA ARG D 1367 -63.32 -34.06 86.56
C ARG D 1367 -64.66 -34.75 86.25
N SER D 1368 -65.73 -33.97 86.36
CA SER D 1368 -67.08 -34.44 86.09
C SER D 1368 -67.13 -35.06 84.71
N GLU D 1369 -68.11 -35.91 84.49
CA GLU D 1369 -68.23 -36.56 83.18
C GLU D 1369 -68.97 -35.69 82.16
N GLY D 1370 -68.78 -34.38 82.24
CA GLY D 1370 -69.44 -33.47 81.31
C GLY D 1370 -68.51 -32.39 80.76
N ASN D 1371 -67.46 -32.07 81.53
CA ASN D 1371 -66.44 -31.06 81.18
C ASN D 1371 -65.10 -31.75 80.82
N PRO D 1372 -65.07 -32.46 79.66
CA PRO D 1372 -63.94 -33.21 79.11
C PRO D 1372 -62.95 -32.36 78.36
N VAL D 1373 -61.92 -31.96 79.09
CA VAL D 1373 -60.83 -31.16 78.58
C VAL D 1373 -60.84 -31.08 77.06
N ILE D 1374 -60.86 -29.87 76.55
CA ILE D 1374 -60.86 -29.66 75.11
C ILE D 1374 -59.44 -29.74 74.57
N GLY D 1375 -59.29 -30.45 73.45
CA GLY D 1375 -57.98 -30.61 72.85
C GLY D 1375 -57.63 -29.54 71.85
N VAL D 1376 -56.35 -29.35 71.59
CA VAL D 1376 -55.97 -28.32 70.65
C VAL D 1376 -55.38 -28.84 69.35
N PHE D 1377 -54.09 -29.13 69.37
CA PHE D 1377 -53.35 -29.62 68.21
C PHE D 1377 -52.86 -28.47 67.32
N GLN D 1378 -51.86 -27.75 67.83
CA GLN D 1378 -51.25 -26.61 67.12
C GLN D 1378 -50.33 -27.17 66.04
N LYS D 1379 -49.98 -28.43 66.22
CA LYS D 1379 -49.12 -29.14 65.29
C LYS D 1379 -49.60 -28.90 63.87
N PHE D 1380 -50.79 -29.39 63.55
CA PHE D 1380 -51.32 -29.22 62.22
C PHE D 1380 -51.23 -27.77 61.78
N LEU D 1381 -50.70 -27.59 60.58
CA LEU D 1381 -50.53 -26.27 60.01
C LEU D 1381 -49.20 -25.74 60.46
N THR D 1382 -48.38 -26.58 61.07
CA THR D 1382 -47.13 -26.07 61.58
C THR D 1382 -46.29 -27.15 62.14
N GLY D 1383 -46.29 -27.16 63.47
CA GLY D 1383 -45.56 -28.13 64.27
C GLY D 1383 -44.69 -29.09 63.50
N HIS D 1384 -43.38 -28.82 63.50
CA HIS D 1384 -42.47 -29.68 62.81
C HIS D 1384 -42.90 -31.13 63.07
N PRO D 1385 -42.79 -31.64 64.32
CA PRO D 1385 -42.33 -31.09 65.60
C PRO D 1385 -40.96 -31.63 66.00
N LYS D 1386 -40.01 -30.75 66.15
CA LYS D 1386 -38.67 -31.15 66.54
C LYS D 1386 -37.97 -29.99 67.18
N GLY D 1387 -38.03 -29.92 68.50
CA GLY D 1387 -37.36 -28.85 69.20
C GLY D 1387 -38.34 -27.82 69.73
N ALA D 1388 -38.24 -26.61 69.19
CA ALA D 1388 -39.13 -25.53 69.58
C ALA D 1388 -40.56 -26.05 69.51
N ALA D 1389 -40.70 -27.31 69.10
CA ALA D 1389 -42.00 -27.97 69.01
C ALA D 1389 -42.84 -27.62 70.24
N GLY D 1390 -42.35 -28.03 71.41
CA GLY D 1390 -43.04 -27.75 72.64
C GLY D 1390 -43.29 -26.26 72.77
N ALA D 1391 -42.26 -25.55 73.20
CA ALA D 1391 -42.31 -24.11 73.36
C ALA D 1391 -43.31 -23.46 72.41
N TRP D 1392 -43.29 -23.87 71.15
CA TRP D 1392 -44.19 -23.32 70.14
C TRP D 1392 -45.64 -23.38 70.60
N MET D 1393 -46.04 -24.54 71.11
CA MET D 1393 -47.40 -24.75 71.58
C MET D 1393 -47.62 -23.88 72.78
N MET D 1394 -46.60 -23.82 73.63
CA MET D 1394 -46.60 -23.02 74.85
C MET D 1394 -46.98 -21.61 74.46
N ASN D 1395 -46.40 -21.14 73.38
CA ASN D 1395 -46.72 -19.80 72.89
C ASN D 1395 -48.19 -19.83 72.59
N GLY D 1396 -48.57 -20.82 71.79
CA GLY D 1396 -49.96 -20.97 71.42
C GLY D 1396 -50.79 -21.06 72.67
N ALA D 1397 -50.18 -21.62 73.72
CA ALA D 1397 -50.84 -21.77 75.00
C ALA D 1397 -51.26 -20.42 75.50
N LEU D 1398 -50.31 -19.67 76.02
CA LEU D 1398 -50.58 -18.35 76.54
C LEU D 1398 -51.59 -17.71 75.60
N GLN D 1399 -51.23 -17.71 74.32
CA GLN D 1399 -52.07 -17.14 73.27
C GLN D 1399 -53.58 -17.38 73.44
N ILE D 1400 -53.98 -18.61 73.77
CA ILE D 1400 -55.39 -18.93 73.95
C ILE D 1400 -55.99 -18.22 75.15
N LEU D 1401 -55.25 -18.24 76.26
CA LEU D 1401 -55.71 -17.57 77.48
C LEU D 1401 -55.87 -16.12 77.09
N ASN D 1402 -55.57 -15.22 78.02
CA ASN D 1402 -55.68 -13.80 77.71
C ASN D 1402 -56.83 -13.59 76.74
N SER D 1403 -58.00 -14.07 77.14
CA SER D 1403 -59.24 -13.98 76.37
C SER D 1403 -59.11 -14.44 74.92
N GLY D 1404 -58.05 -15.18 74.64
CA GLY D 1404 -57.89 -15.66 73.29
C GLY D 1404 -59.03 -16.65 73.10
N ILE D 1405 -58.90 -17.51 72.10
CA ILE D 1405 -59.92 -18.51 71.80
C ILE D 1405 -59.30 -19.87 72.09
N ILE D 1406 -59.84 -20.92 71.47
CA ILE D 1406 -59.27 -22.24 71.68
C ILE D 1406 -58.16 -22.55 70.64
N PRO D 1407 -58.48 -22.82 69.35
CA PRO D 1407 -59.72 -22.92 68.58
C PRO D 1407 -59.67 -24.30 67.89
N GLY D 1408 -58.54 -24.99 68.06
CA GLY D 1408 -58.36 -26.32 67.49
C GLY D 1408 -58.31 -26.43 65.99
N ASN D 1409 -58.67 -25.35 65.28
CA ASN D 1409 -58.73 -25.27 63.80
C ASN D 1409 -59.00 -26.59 63.09
N ARG D 1410 -58.91 -26.54 61.77
CA ARG D 1410 -59.15 -27.69 60.92
C ARG D 1410 -58.30 -28.85 61.42
N ASN D 1411 -58.96 -29.98 61.65
CA ASN D 1411 -58.34 -31.23 62.07
C ASN D 1411 -59.21 -32.16 61.24
N ALA D 1412 -60.51 -31.85 61.30
CA ALA D 1412 -61.60 -32.53 60.61
C ALA D 1412 -61.29 -33.85 59.97
N ASP D 1413 -62.04 -34.17 58.91
CA ASP D 1413 -61.83 -35.43 58.19
C ASP D 1413 -62.06 -36.58 59.19
N ASN D 1414 -63.29 -36.67 59.71
CA ASN D 1414 -63.63 -37.72 60.68
C ASN D 1414 -62.60 -37.73 61.83
N VAL D 1415 -62.76 -38.59 62.83
CA VAL D 1415 -61.81 -38.57 63.96
C VAL D 1415 -61.10 -39.84 64.33
N ASP D 1416 -61.70 -40.97 63.95
CA ASP D 1416 -61.17 -42.30 64.25
C ASP D 1416 -61.95 -42.88 65.40
N LYS D 1417 -62.47 -44.09 65.21
CA LYS D 1417 -63.26 -44.71 66.24
C LYS D 1417 -62.46 -45.14 67.48
N ILE D 1418 -61.27 -45.71 67.31
CA ILE D 1418 -60.50 -46.19 68.46
C ILE D 1418 -60.38 -45.14 69.57
N LEU D 1419 -60.85 -43.93 69.29
CA LEU D 1419 -60.78 -42.85 70.27
C LEU D 1419 -61.95 -42.87 71.25
N GLU D 1420 -62.45 -41.69 71.60
CA GLU D 1420 -63.57 -41.59 72.53
C GLU D 1420 -63.25 -41.88 74.01
N GLN D 1421 -62.93 -40.77 74.69
CA GLN D 1421 -62.60 -40.67 76.11
C GLN D 1421 -62.96 -39.21 76.53
N PHE D 1422 -62.12 -38.23 76.13
CA PHE D 1422 -62.36 -36.78 76.40
C PHE D 1422 -62.14 -35.85 75.21
N GLU D 1423 -63.08 -36.01 74.27
CA GLU D 1423 -63.23 -35.29 73.01
C GLU D 1423 -62.04 -34.66 72.29
N TYR D 1424 -62.27 -34.41 70.99
CA TYR D 1424 -61.32 -33.80 70.06
C TYR D 1424 -62.06 -32.73 69.29
N VAL D 1425 -61.69 -31.49 69.58
CA VAL D 1425 -62.25 -30.28 68.99
C VAL D 1425 -62.55 -30.39 67.51
N LEU D 1426 -62.47 -29.27 66.78
CA LEU D 1426 -62.70 -29.33 65.33
C LEU D 1426 -62.57 -28.02 64.57
N TYR D 1427 -62.61 -26.88 65.27
CA TYR D 1427 -62.47 -25.59 64.62
C TYR D 1427 -62.57 -24.44 65.62
N PRO D 1428 -62.06 -23.23 65.28
CA PRO D 1428 -62.05 -22.03 66.12
C PRO D 1428 -62.86 -22.11 67.38
N SER D 1429 -64.01 -22.76 67.30
CA SER D 1429 -64.85 -22.92 68.46
C SER D 1429 -65.11 -21.53 68.97
N LYS D 1430 -66.06 -20.86 68.31
CA LYS D 1430 -66.52 -19.48 68.58
C LYS D 1430 -66.16 -18.90 69.97
N THR D 1431 -64.92 -19.16 70.38
CA THR D 1431 -64.37 -18.72 71.65
C THR D 1431 -65.36 -18.68 72.80
N LEU D 1432 -65.24 -19.64 73.72
CA LEU D 1432 -66.13 -19.57 74.86
C LEU D 1432 -65.46 -18.47 75.64
N LYS D 1433 -66.09 -17.31 75.60
CA LYS D 1433 -65.60 -16.11 76.28
C LYS D 1433 -65.30 -16.50 77.73
N THR D 1434 -66.32 -17.00 78.41
CA THR D 1434 -66.17 -17.41 79.80
C THR D 1434 -64.98 -18.36 79.85
N ASP D 1435 -65.18 -19.58 79.36
CA ASP D 1435 -64.13 -20.60 79.36
C ASP D 1435 -62.83 -20.11 78.72
N GLY D 1436 -61.90 -21.05 78.57
CA GLY D 1436 -60.61 -20.71 78.02
C GLY D 1436 -59.95 -20.19 79.26
N VAL D 1437 -59.88 -18.88 79.36
CA VAL D 1437 -59.29 -18.24 80.51
C VAL D 1437 -59.34 -19.28 81.63
N ARG D 1438 -58.18 -19.77 82.03
CA ARG D 1438 -58.08 -20.76 83.10
C ARG D 1438 -56.77 -21.51 83.06
N ALA D 1439 -56.81 -22.77 82.67
CA ALA D 1439 -55.61 -23.62 82.60
C ALA D 1439 -55.23 -24.02 81.17
N VAL D 1440 -54.30 -24.95 81.02
CA VAL D 1440 -53.87 -25.40 79.70
C VAL D 1440 -53.25 -26.77 79.59
N SER D 1441 -52.03 -26.90 80.09
CA SER D 1441 -51.29 -28.15 80.03
C SER D 1441 -51.17 -28.62 78.59
N ILE D 1442 -50.15 -28.11 77.92
CA ILE D 1442 -49.86 -28.42 76.55
C ILE D 1442 -49.73 -29.93 76.31
N THR D 1443 -48.55 -30.48 76.66
CA THR D 1443 -48.20 -31.91 76.53
C THR D 1443 -47.17 -32.21 75.43
N SER D 1444 -46.25 -33.13 75.69
CA SER D 1444 -45.27 -33.48 74.67
C SER D 1444 -44.60 -34.83 74.86
N PHE D 1445 -44.41 -35.52 73.75
CA PHE D 1445 -43.80 -36.83 73.75
C PHE D 1445 -42.75 -36.93 72.67
N GLY D 1446 -41.50 -37.10 73.09
CA GLY D 1446 -40.43 -37.19 72.12
C GLY D 1446 -39.74 -38.53 72.10
N PHE D 1447 -38.66 -38.61 71.31
CA PHE D 1447 -37.85 -39.81 71.20
C PHE D 1447 -37.04 -39.86 72.48
N GLY D 1448 -36.04 -40.73 72.54
CA GLY D 1448 -35.22 -40.82 73.74
C GLY D 1448 -36.09 -40.99 74.96
N GLN D 1449 -37.36 -41.27 74.70
CA GLN D 1449 -38.39 -41.46 75.70
C GLN D 1449 -38.45 -40.32 76.70
N LYS D 1450 -38.54 -39.09 76.19
CA LYS D 1450 -38.64 -37.91 77.02
C LYS D 1450 -40.07 -37.40 76.87
N GLY D 1451 -40.85 -37.55 77.94
CA GLY D 1451 -42.22 -37.12 77.90
C GLY D 1451 -42.55 -35.85 78.66
N GLY D 1452 -42.37 -35.85 79.99
CA GLY D 1452 -42.67 -34.69 80.82
C GLY D 1452 -43.61 -33.62 80.27
N GLN D 1453 -44.65 -33.27 80.99
CA GLN D 1453 -45.58 -32.22 80.51
C GLN D 1453 -45.72 -31.15 81.59
N ALA D 1454 -46.01 -29.91 81.20
CA ALA D 1454 -46.16 -28.84 82.18
C ALA D 1454 -47.34 -27.95 81.82
N ILE D 1455 -48.08 -27.49 82.83
CA ILE D 1455 -49.27 -26.64 82.63
C ILE D 1455 -49.21 -25.21 83.19
N VAL D 1456 -49.96 -24.32 82.55
CA VAL D 1456 -50.01 -22.92 82.94
C VAL D 1456 -51.45 -22.52 83.13
N VAL D 1457 -51.64 -21.43 83.87
CA VAL D 1457 -52.96 -20.90 84.16
C VAL D 1457 -53.11 -19.44 83.73
N HIS D 1458 -54.34 -19.01 83.48
CA HIS D 1458 -54.64 -17.65 83.07
C HIS D 1458 -53.99 -16.69 84.07
N PRO D 1459 -53.66 -15.46 83.64
CA PRO D 1459 -53.06 -14.51 84.58
C PRO D 1459 -54.21 -14.05 85.49
N ASP D 1460 -54.13 -12.82 85.99
CA ASP D 1460 -55.21 -12.32 86.84
C ASP D 1460 -55.28 -13.15 88.11
N TYR D 1461 -55.28 -14.46 87.99
CA TYR D 1461 -55.29 -15.30 89.17
C TYR D 1461 -54.03 -14.98 89.95
N LEU D 1462 -53.21 -14.08 89.41
CA LEU D 1462 -52.04 -13.63 90.15
C LEU D 1462 -52.32 -12.18 90.41
N TYR D 1463 -53.15 -11.94 91.42
CA TYR D 1463 -53.47 -10.58 91.81
C TYR D 1463 -53.87 -10.52 93.26
N GLY D 1464 -52.91 -10.93 94.08
CA GLY D 1464 -53.03 -10.87 95.51
C GLY D 1464 -52.25 -9.60 95.66
N ALA D 1465 -51.70 -9.32 96.83
CA ALA D 1465 -50.94 -8.08 97.02
C ALA D 1465 -51.80 -6.84 96.70
N ILE D 1466 -52.80 -6.63 97.57
CA ILE D 1466 -53.77 -5.53 97.47
C ILE D 1466 -54.85 -5.79 96.42
N THR D 1467 -54.87 -4.97 95.37
CA THR D 1467 -55.84 -5.04 94.28
C THR D 1467 -56.09 -3.57 94.08
N GLU D 1468 -55.11 -2.82 94.57
CA GLU D 1468 -55.07 -1.38 94.52
C GLU D 1468 -53.61 -1.15 94.82
N ASP D 1469 -53.20 0.12 94.84
CA ASP D 1469 -51.81 0.49 95.12
C ASP D 1469 -50.77 -0.52 94.58
N ARG D 1470 -50.42 -1.55 95.35
CA ARG D 1470 -49.44 -2.56 94.90
C ARG D 1470 -50.10 -3.35 93.80
N TYR D 1471 -50.52 -2.62 92.78
CA TYR D 1471 -51.18 -3.17 91.63
C TYR D 1471 -51.40 -1.99 90.71
N ASN D 1472 -52.06 -0.96 91.24
CA ASN D 1472 -52.27 0.22 90.43
C ASN D 1472 -50.92 0.88 90.22
N GLU D 1473 -49.93 0.52 91.04
CA GLU D 1473 -48.60 1.06 90.87
C GLU D 1473 -48.17 0.39 89.58
N TYR D 1474 -48.50 -0.90 89.49
CA TYR D 1474 -48.20 -1.70 88.32
C TYR D 1474 -48.88 -1.10 87.09
N VAL D 1475 -50.19 -1.35 86.95
CA VAL D 1475 -50.98 -0.85 85.81
C VAL D 1475 -50.49 0.43 85.15
N ALA D 1476 -49.79 1.26 85.92
CA ALA D 1476 -49.26 2.49 85.37
C ALA D 1476 -48.05 2.10 84.55
N LYS D 1477 -46.98 1.72 85.24
CA LYS D 1477 -45.74 1.31 84.59
C LYS D 1477 -45.93 0.39 83.37
N VAL D 1478 -46.93 -0.49 83.42
CA VAL D 1478 -47.17 -1.38 82.30
C VAL D 1478 -47.62 -0.58 81.11
N SER D 1479 -48.56 0.34 81.31
CA SER D 1479 -49.01 1.16 80.21
C SER D 1479 -47.87 2.15 79.90
N ALA D 1480 -46.70 1.87 80.45
CA ALA D 1480 -45.51 2.69 80.25
C ALA D 1480 -44.50 1.79 79.56
N ARG D 1481 -45.02 0.72 78.99
CA ARG D 1481 -44.20 -0.26 78.29
C ARG D 1481 -44.90 -0.53 76.96
N GLU D 1482 -45.93 -1.37 77.01
CA GLU D 1482 -46.70 -1.73 75.83
C GLU D 1482 -47.48 -0.48 75.47
N LYS D 1483 -47.29 -0.03 74.23
CA LYS D 1483 -47.93 1.18 73.73
C LYS D 1483 -47.00 2.32 74.17
N SER D 1484 -45.84 1.90 74.68
CA SER D 1484 -44.80 2.80 75.15
C SER D 1484 -43.48 2.29 74.55
N ALA D 1485 -43.52 1.06 74.07
CA ALA D 1485 -42.39 0.42 73.42
C ALA D 1485 -42.99 0.03 72.07
N TYR D 1486 -44.27 0.35 71.92
CA TYR D 1486 -45.02 0.12 70.68
C TYR D 1486 -44.33 1.08 69.74
N LYS D 1487 -43.59 2.00 70.32
CA LYS D 1487 -42.82 2.91 69.53
C LYS D 1487 -41.72 2.01 68.98
N PHE D 1488 -40.73 1.73 69.83
CA PHE D 1488 -39.58 0.89 69.47
C PHE D 1488 -39.85 -0.16 68.42
N PHE D 1489 -40.95 -0.87 68.58
CA PHE D 1489 -41.30 -1.90 67.61
C PHE D 1489 -41.41 -1.27 66.24
N HIS D 1490 -42.62 -0.86 65.89
CA HIS D 1490 -42.84 -0.25 64.58
C HIS D 1490 -41.59 0.44 64.08
N ASN D 1491 -40.84 1.06 64.98
CA ASN D 1491 -39.61 1.72 64.61
C ASN D 1491 -38.74 0.71 63.89
N GLY D 1492 -38.15 -0.18 64.66
CA GLY D 1492 -37.29 -1.21 64.07
C GLY D 1492 -37.86 -1.90 62.85
N MET D 1493 -39.12 -2.30 62.93
CA MET D 1493 -39.78 -3.00 61.83
C MET D 1493 -39.65 -2.33 60.47
N ILE D 1494 -39.71 -1.01 60.43
CA ILE D 1494 -39.64 -0.30 59.17
C ILE D 1494 -38.22 -0.01 58.73
N TYR D 1495 -37.33 0.25 59.69
CA TYR D 1495 -35.95 0.53 59.34
C TYR D 1495 -35.10 -0.71 59.60
N ASN D 1496 -35.77 -1.80 59.93
CA ASN D 1496 -35.11 -3.06 60.23
C ASN D 1496 -34.09 -2.87 61.33
N LYS D 1497 -34.56 -2.44 62.49
CA LYS D 1497 -33.65 -2.22 63.61
C LYS D 1497 -33.98 -3.14 64.77
N LEU D 1498 -35.10 -3.85 64.70
CA LEU D 1498 -35.45 -4.77 65.76
C LEU D 1498 -34.21 -5.62 65.84
N PHE D 1499 -33.71 -5.83 67.06
CA PHE D 1499 -32.46 -6.56 67.26
C PHE D 1499 -31.35 -5.61 66.87
N VAL D 1500 -30.30 -5.58 67.66
CA VAL D 1500 -29.18 -4.71 67.38
C VAL D 1500 -27.97 -5.22 68.09
N SER D 1501 -26.82 -4.81 67.59
CA SER D 1501 -25.56 -5.23 68.18
C SER D 1501 -25.51 -4.75 69.63
N LYS D 1502 -24.35 -4.82 70.26
CA LYS D 1502 -24.18 -4.36 71.64
C LYS D 1502 -22.75 -3.95 71.97
N GLU D 1503 -21.83 -4.91 71.95
CA GLU D 1503 -20.42 -4.65 72.24
C GLU D 1503 -20.20 -3.95 73.59
N HIS D 1504 -19.07 -4.27 74.23
CA HIS D 1504 -18.71 -3.68 75.52
C HIS D 1504 -19.51 -4.29 76.68
N ALA D 1505 -20.83 -4.46 76.46
CA ALA D 1505 -21.70 -5.02 77.48
C ALA D 1505 -21.84 -4.00 78.62
N PRO D 1506 -22.46 -4.39 79.74
CA PRO D 1506 -22.58 -3.40 80.83
C PRO D 1506 -21.25 -2.93 81.39
N TYR D 1507 -20.56 -3.79 82.13
CA TYR D 1507 -19.29 -3.42 82.72
C TYR D 1507 -18.32 -2.93 81.70
N THR D 1508 -17.08 -2.88 82.14
CA THR D 1508 -16.01 -2.40 81.32
C THR D 1508 -14.66 -2.88 81.80
N ASP D 1509 -14.31 -4.07 81.36
CA ASP D 1509 -13.02 -4.69 81.68
C ASP D 1509 -12.46 -4.36 83.06
N GLU D 1510 -12.05 -3.11 83.25
CA GLU D 1510 -11.50 -2.66 84.51
C GLU D 1510 -12.47 -2.87 85.68
N LEU D 1511 -13.74 -2.51 85.48
CA LEU D 1511 -14.75 -2.67 86.53
C LEU D 1511 -15.23 -4.11 86.56
N GLU D 1512 -15.26 -4.73 85.38
CA GLU D 1512 -15.72 -6.12 85.22
C GLU D 1512 -15.57 -6.89 86.53
N GLU D 1513 -14.39 -7.46 86.72
CA GLU D 1513 -14.08 -8.26 87.89
C GLU D 1513 -14.93 -7.91 89.10
N ASP D 1514 -14.92 -6.63 89.49
CA ASP D 1514 -15.69 -6.19 90.65
C ASP D 1514 -17.19 -6.42 90.51
N VAL D 1515 -17.80 -5.84 89.48
CA VAL D 1515 -19.24 -5.99 89.27
C VAL D 1515 -19.65 -7.42 89.56
N TYR D 1516 -18.77 -8.34 89.22
CA TYR D 1516 -19.06 -9.73 89.48
C TYR D 1516 -19.10 -9.95 90.97
N LEU D 1517 -17.90 -9.99 91.56
CA LEU D 1517 -17.68 -10.23 92.99
C LEU D 1517 -18.65 -9.51 93.94
N ASP D 1518 -18.89 -8.22 93.69
CA ASP D 1518 -19.77 -7.37 94.52
C ASP D 1518 -21.26 -7.61 94.33
N PRO D 1519 -21.85 -8.41 95.21
CA PRO D 1519 -23.28 -8.72 95.15
C PRO D 1519 -24.07 -7.47 94.78
N LEU D 1520 -23.42 -6.34 94.99
CA LEU D 1520 -23.93 -5.03 94.72
C LEU D 1520 -24.65 -5.02 93.40
N ALA D 1521 -25.97 -5.10 93.48
CA ALA D 1521 -26.82 -5.12 92.30
C ALA D 1521 -26.75 -3.86 91.42
N ARG D 1522 -27.76 -3.71 90.57
CA ARG D 1522 -27.94 -2.58 89.65
C ARG D 1522 -26.76 -2.02 88.85
N VAL D 1523 -27.11 -1.33 87.76
CA VAL D 1523 -26.20 -0.65 86.81
C VAL D 1523 -26.97 0.63 86.44
N SER D 1524 -26.34 1.80 86.52
CA SER D 1524 -27.04 3.06 86.22
C SER D 1524 -26.56 3.88 85.00
N LYS D 1525 -27.44 4.75 84.49
CA LYS D 1525 -27.14 5.58 83.31
C LYS D 1525 -26.00 6.61 83.50
N ASP D 1526 -25.36 7.02 82.40
CA ASP D 1526 -24.26 8.00 82.44
C ASP D 1526 -24.38 9.02 81.30
N LYS D 1527 -23.29 9.25 80.57
CA LYS D 1527 -23.33 10.18 79.45
C LYS D 1527 -23.42 9.40 78.14
N LYS D 1528 -24.38 8.46 78.09
CA LYS D 1528 -24.62 7.61 76.91
C LYS D 1528 -25.89 6.78 77.05
N SER D 1529 -25.81 5.67 77.80
CA SER D 1529 -26.95 4.75 78.05
C SER D 1529 -26.64 3.68 79.12
N GLY D 1530 -27.70 3.14 79.73
CA GLY D 1530 -27.59 2.12 80.77
C GLY D 1530 -26.26 1.41 80.86
N SER D 1531 -25.66 1.40 82.04
CA SER D 1531 -24.36 0.74 82.21
C SER D 1531 -23.74 0.91 83.58
N LEU D 1532 -23.60 -0.18 84.33
CA LEU D 1532 -22.99 -0.15 85.65
C LEU D 1532 -21.96 1.00 85.66
N THR D 1533 -22.25 2.02 86.46
CA THR D 1533 -21.42 3.23 86.56
C THR D 1533 -20.42 3.24 87.71
N PHE D 1534 -19.16 3.53 87.38
CA PHE D 1534 -18.03 3.59 88.30
C PHE D 1534 -18.23 3.10 89.74
N ASN D 1535 -17.37 3.55 90.64
CA ASN D 1535 -17.45 3.13 92.03
C ASN D 1535 -18.53 3.88 92.80
N SER D 1536 -19.19 4.82 92.13
CA SER D 1536 -20.24 5.61 92.78
C SER D 1536 -21.53 4.80 92.91
N LYS D 1537 -22.35 4.78 91.87
CA LYS D 1537 -23.60 4.04 91.92
C LYS D 1537 -23.33 2.64 92.40
N ASN D 1538 -22.06 2.30 92.47
CA ASN D 1538 -21.68 0.99 92.96
C ASN D 1538 -20.19 0.66 93.01
N ILE D 1539 -19.84 0.04 94.12
CA ILE D 1539 -18.51 -0.45 94.46
C ILE D 1539 -19.00 -1.21 95.67
N GLN D 1540 -20.33 -1.29 95.71
CA GLN D 1540 -21.12 -1.90 96.76
C GLN D 1540 -21.60 -0.76 97.66
N SER D 1541 -21.03 0.42 97.44
CA SER D 1541 -21.37 1.64 98.17
C SER D 1541 -22.44 1.50 99.24
N LYS D 1542 -22.06 1.73 100.49
CA LYS D 1542 -22.97 1.63 101.62
C LYS D 1542 -24.42 1.98 101.35
N ASP D 1543 -24.64 2.90 100.41
CA ASP D 1543 -25.98 3.33 100.07
C ASP D 1543 -26.87 2.22 99.50
N SER D 1544 -26.57 1.00 99.89
CA SER D 1544 -27.32 -0.18 99.46
C SER D 1544 -26.95 -1.24 100.49
N TYR D 1545 -27.94 -1.65 101.28
CA TYR D 1545 -27.78 -2.62 102.37
C TYR D 1545 -27.99 -1.86 103.66
N UNK D 1546 -27.78 -0.54 103.57
CA UNK D 1546 -27.95 0.35 104.70
C UNK D 1546 -28.95 1.43 104.33
N UNK D 1547 -28.73 2.04 103.16
CA UNK D 1547 -29.62 3.09 102.68
C UNK D 1547 -30.96 2.50 102.23
N UNK D 1548 -31.24 1.29 102.68
CA UNK D 1548 -32.49 0.62 102.34
C UNK D 1548 -33.61 1.25 103.16
N UNK D 1549 -33.69 2.58 103.10
CA UNK D 1549 -34.69 3.40 103.79
C UNK D 1549 -35.03 2.99 105.22
N UNK D 1550 -36.03 2.13 105.37
CA UNK D 1550 -36.46 1.64 106.68
C UNK D 1550 -35.39 0.78 107.35
N UNK D 1551 -34.15 0.96 106.91
CA UNK D 1551 -33.02 0.23 107.46
C UNK D 1551 -32.05 1.32 107.90
N UNK D 1552 -32.49 2.56 107.74
CA UNK D 1552 -31.71 3.75 108.11
C UNK D 1552 -32.49 4.61 109.11
N UNK D 1553 -33.80 4.70 108.92
CA UNK D 1553 -34.68 5.47 109.81
C UNK D 1553 -35.19 4.56 110.93
N UNK D 1554 -35.12 3.25 110.71
CA UNK D 1554 -35.56 2.27 111.69
C UNK D 1554 -34.33 1.80 112.45
N UNK D 1555 -33.19 2.42 112.13
CA UNK D 1555 -31.91 2.12 112.78
C UNK D 1555 -31.43 3.37 113.50
N UNK D 1556 -32.27 4.41 113.42
CA UNK D 1556 -32.00 5.68 114.07
C UNK D 1556 -33.09 5.86 115.13
N UNK D 1557 -34.18 5.10 114.98
CA UNK D 1557 -35.32 5.13 115.90
C UNK D 1557 -35.17 4.00 116.92
N UNK D 1558 -33.99 3.38 116.93
CA UNK D 1558 -33.65 2.29 117.83
C UNK D 1558 -32.30 2.60 118.44
N UNK D 1559 -31.76 3.77 118.07
CA UNK D 1559 -30.46 4.26 118.56
C UNK D 1559 -30.69 5.46 119.50
N UNK D 1560 -31.80 6.16 119.28
CA UNK D 1560 -32.19 7.31 120.10
C UNK D 1560 -33.02 6.80 121.28
N UNK D 1561 -33.01 5.48 121.46
CA UNK D 1561 -33.73 4.80 122.53
C UNK D 1561 -32.79 3.73 123.05
N UNK D 1562 -31.49 4.03 123.00
CA UNK D 1562 -30.45 3.13 123.44
C UNK D 1562 -29.46 3.82 124.36
N UNK D 1563 -29.25 5.11 124.13
CA UNK D 1563 -28.33 5.91 124.94
C UNK D 1563 -28.82 7.35 125.06
N UNK D 1564 -29.95 7.54 125.74
CA UNK D 1564 -30.53 8.87 125.96
C UNK D 1564 -31.88 8.85 126.69
N UNK D 1565 -32.19 7.76 127.37
CA UNK D 1565 -33.46 7.63 128.11
C UNK D 1565 -33.23 7.44 129.61
N UNK D 1566 -33.78 8.35 130.42
CA UNK D 1566 -33.64 8.32 131.89
C UNK D 1566 -34.84 7.69 132.62
N UNK D 1567 -36.01 8.32 132.51
CA UNK D 1567 -37.24 7.83 133.15
C UNK D 1567 -37.86 6.66 132.37
N UNK D 1568 -38.29 5.63 133.10
CA UNK D 1568 -38.89 4.43 132.49
C UNK D 1568 -40.31 4.64 131.94
N UNK D 1569 -40.55 4.14 130.73
CA UNK D 1569 -41.86 4.24 130.04
C UNK D 1569 -41.68 3.84 128.57
N UNK D 1570 -40.93 2.77 128.35
CA UNK D 1570 -40.63 2.28 126.99
C UNK D 1570 -41.67 1.33 126.41
N UNK D 1571 -41.58 1.11 125.09
CA UNK D 1571 -42.49 0.23 124.35
C UNK D 1571 -41.77 -0.63 123.30
N UNK D 1572 -41.72 -0.14 122.06
CA UNK D 1572 -41.09 -0.85 120.95
C UNK D 1572 -41.94 -2.08 120.54
N UNK D 1573 -42.84 -1.85 119.58
CA UNK D 1573 -43.73 -2.91 119.07
C UNK D 1573 -43.86 -2.88 117.54
N UNK D 1574 -43.56 -4.01 116.89
CA UNK D 1574 -43.62 -4.13 115.42
C UNK D 1574 -44.70 -5.10 114.92
N UNK D 1575 -45.11 -4.93 113.65
CA UNK D 1575 -46.13 -5.79 113.04
C UNK D 1575 -45.98 -5.85 111.51
N UNK D 1576 -46.08 -7.05 110.92
CA UNK D 1576 -45.93 -7.25 109.47
C UNK D 1576 -46.80 -6.28 108.65
N UNK D 1577 -46.21 -5.66 107.64
CA UNK D 1577 -46.91 -4.69 106.79
C UNK D 1577 -48.06 -5.25 105.92
N UNK D 1578 -48.08 -6.57 105.73
CA UNK D 1578 -49.12 -7.24 104.93
C UNK D 1578 -49.94 -8.18 105.80
N UNK D 1579 -50.04 -7.81 107.08
CA UNK D 1579 -50.79 -8.54 108.09
C UNK D 1579 -51.68 -7.51 108.78
N UNK D 1580 -51.14 -6.30 108.89
CA UNK D 1580 -51.86 -5.18 109.47
C UNK D 1580 -52.72 -4.65 108.33
N UNK D 1581 -52.09 -4.47 107.17
CA UNK D 1581 -52.81 -3.99 105.99
C UNK D 1581 -53.75 -5.08 105.52
N UNK D 1582 -53.83 -6.17 106.29
CA UNK D 1582 -54.68 -7.33 105.98
C UNK D 1582 -56.14 -6.89 105.76
N UNK D 1583 -56.42 -5.65 106.10
CA UNK D 1583 -57.75 -5.07 105.96
C UNK D 1583 -57.57 -3.60 105.57
N UNK D 1584 -56.58 -3.33 104.72
CA UNK D 1584 -56.29 -1.98 104.27
C UNK D 1584 -57.48 -1.43 103.47
N UNK D 1585 -58.60 -2.15 103.52
CA UNK D 1585 -59.85 -1.81 102.83
C UNK D 1585 -60.78 -3.02 102.85
N UNK D 1586 -60.28 -4.13 103.40
CA UNK D 1586 -61.02 -5.38 103.51
C UNK D 1586 -61.95 -5.39 104.73
N UNK D 1587 -61.42 -5.69 105.91
CA UNK D 1587 -62.21 -5.73 107.15
C UNK D 1587 -62.73 -4.33 107.51
N UNK D 1588 -64.02 -4.11 107.24
CA UNK D 1588 -64.71 -2.84 107.48
C UNK D 1588 -64.39 -2.15 108.81
N UNK D 1589 -64.38 -2.92 109.90
CA UNK D 1589 -64.13 -2.36 111.23
C UNK D 1589 -62.80 -2.73 111.90
N UNK D 1590 -61.86 -3.29 111.14
CA UNK D 1590 -60.54 -3.65 111.69
C UNK D 1590 -59.65 -2.40 111.75
N UNK D 1591 -60.09 -1.36 111.04
CA UNK D 1591 -59.38 -0.08 110.98
C UNK D 1591 -60.35 1.04 111.34
N UNK D 1592 -61.47 0.68 111.97
CA UNK D 1592 -62.50 1.62 112.39
C UNK D 1592 -62.62 1.60 113.91
N UNK D 1593 -61.63 0.99 114.54
CA UNK D 1593 -61.56 0.87 115.99
C UNK D 1593 -60.08 0.76 116.39
N UNK D 1594 -59.34 1.84 116.14
CA UNK D 1594 -57.92 1.91 116.46
C UNK D 1594 -57.31 3.20 115.89
N UNK D 1595 -57.38 4.28 116.67
CA UNK D 1595 -56.84 5.59 116.27
C UNK D 1595 -57.51 6.12 115.01
N UNK D 1596 -58.47 5.34 114.50
CA UNK D 1596 -59.21 5.65 113.28
C UNK D 1596 -60.11 6.90 113.36
N UNK D 1597 -59.54 7.99 113.88
CA UNK D 1597 -60.28 9.23 114.00
C UNK D 1597 -60.19 9.94 112.65
N UNK D 1598 -60.31 11.26 112.65
CA UNK D 1598 -60.19 12.02 111.42
C UNK D 1598 -58.69 12.04 111.14
N UNK D 1599 -57.94 11.64 112.17
CA UNK D 1599 -56.49 11.55 112.12
C UNK D 1599 -56.13 10.09 111.82
N UNK D 1600 -56.81 9.52 110.83
CA UNK D 1600 -56.62 8.14 110.40
C UNK D 1600 -57.14 7.99 108.97
N UNK D 1601 -57.48 9.12 108.37
CA UNK D 1601 -57.97 9.18 107.01
C UNK D 1601 -57.16 10.31 106.35
N UNK D 1602 -55.98 10.55 106.91
CA UNK D 1602 -55.05 11.59 106.43
C UNK D 1602 -53.57 11.18 106.64
N UNK D 1603 -53.35 10.08 107.36
CA UNK D 1603 -52.01 9.56 107.61
C UNK D 1603 -51.94 8.13 107.09
N UNK D 1604 -53.12 7.55 106.79
CA UNK D 1604 -53.25 6.18 106.27
C UNK D 1604 -54.00 6.16 104.94
N UNK D 1605 -53.55 7.01 104.02
CA UNK D 1605 -54.11 7.14 102.68
C UNK D 1605 -53.26 8.17 101.95
N UNK D 1606 -51.97 8.21 102.31
CA UNK D 1606 -51.00 9.13 101.73
C UNK D 1606 -50.16 8.46 100.63
N UNK D 1607 -49.06 7.83 101.00
CA UNK D 1607 -48.19 7.16 100.03
C UNK D 1607 -48.18 5.64 100.18
N UNK D 1608 -49.28 5.08 100.66
CA UNK D 1608 -49.43 3.63 100.85
C UNK D 1608 -50.83 3.24 101.35
N UNK D 1609 -50.86 2.25 102.24
CA UNK D 1609 -52.11 1.74 102.83
C UNK D 1609 -51.71 0.49 103.60
N UNK D 1610 -50.42 0.19 103.49
CA UNK D 1610 -49.81 -0.95 104.14
C UNK D 1610 -48.44 -0.48 104.65
N UNK D 1611 -48.13 0.79 104.41
CA UNK D 1611 -46.88 1.39 104.85
C UNK D 1611 -47.19 2.59 105.75
N UNK D 1612 -48.46 2.95 105.79
CA UNK D 1612 -48.96 4.07 106.60
C UNK D 1612 -49.98 3.55 107.63
N UNK D 1613 -50.95 2.77 107.16
CA UNK D 1613 -51.95 2.20 108.06
C UNK D 1613 -51.31 0.95 108.66
N UNK D 1614 -49.98 0.94 108.65
CA UNK D 1614 -49.18 -0.17 109.20
C UNK D 1614 -48.26 0.35 110.31
N UNK D 1615 -48.37 1.64 110.59
CA UNK D 1615 -47.60 2.30 111.64
C UNK D 1615 -48.66 2.96 112.51
N UNK D 1616 -49.89 2.97 112.01
CA UNK D 1616 -51.02 3.54 112.72
C UNK D 1616 -51.53 2.48 113.71
N UNK D 1617 -51.19 1.21 113.43
CA UNK D 1617 -51.58 0.08 114.29
C UNK D 1617 -50.34 -0.75 114.61
N UNK D 1618 -49.20 -0.08 114.70
CA UNK D 1618 -47.90 -0.70 115.00
C UNK D 1618 -46.99 0.32 115.72
N UNK D 1619 -47.32 1.59 115.58
CA UNK D 1619 -46.57 2.67 116.20
C UNK D 1619 -47.51 3.37 117.21
N UNK D 1620 -48.77 2.94 117.18
CA UNK D 1620 -49.82 3.47 118.07
C UNK D 1620 -50.33 2.34 118.99
N UNK D 1621 -49.55 1.27 119.07
CA UNK D 1621 -49.85 0.12 119.92
C UNK D 1621 -48.60 -0.07 120.79
N UNK D 1622 -47.84 1.03 120.91
CA UNK D 1622 -46.62 1.11 121.71
C UNK D 1622 -46.78 2.32 122.62
N UNK D 1623 -47.86 3.07 122.39
CA UNK D 1623 -48.20 4.24 123.18
C UNK D 1623 -49.07 3.74 124.33
N UNK D 1624 -49.81 2.66 124.06
CA UNK D 1624 -50.68 2.02 125.05
C UNK D 1624 -49.93 0.82 125.66
N UNK D 1625 -48.61 0.81 125.43
CA UNK D 1625 -47.71 -0.24 125.94
C UNK D 1625 -46.55 0.44 126.65
N UNK D 1626 -46.53 1.76 126.56
CA UNK D 1626 -45.51 2.61 127.19
C UNK D 1626 -46.17 3.42 128.32
N UNK D 1627 -47.25 2.86 128.88
CA UNK D 1627 -48.00 3.47 129.97
C UNK D 1627 -48.30 2.40 131.02
N UNK D 1628 -48.98 1.32 130.59
CA UNK D 1628 -49.34 0.16 131.42
C UNK D 1628 -50.84 0.00 131.75
N UNK D 1629 -51.72 0.36 130.81
CA UNK D 1629 -53.17 0.26 131.01
C UNK D 1629 -53.75 -0.93 130.23
N UNK D 1630 -55.07 -1.01 130.10
CA UNK D 1630 -55.71 -2.11 129.37
C UNK D 1630 -57.15 -1.78 128.92
N UNK D 1631 -57.27 -1.25 127.70
CA UNK D 1631 -58.58 -0.88 127.13
C UNK D 1631 -59.03 -1.83 125.99
N UNK D 1632 -59.16 -1.29 124.77
CA UNK D 1632 -59.57 -2.07 123.59
C UNK D 1632 -59.41 -1.34 122.24
N UNK D 1633 -58.31 -0.60 122.07
CA UNK D 1633 -57.98 0.14 120.85
C UNK D 1633 -58.70 1.49 120.67
N UNK D 1634 -58.07 2.57 121.14
CA UNK D 1634 -58.64 3.91 121.03
C UNK D 1634 -57.63 4.98 121.45
N UNK D 1635 -56.62 5.19 120.61
CA UNK D 1635 -55.57 6.19 120.87
C UNK D 1635 -55.60 7.29 119.79
N UNK D 1636 -54.45 7.90 119.53
CA UNK D 1636 -54.37 8.96 118.53
C UNK D 1636 -53.28 8.73 117.47
N UNK D 1637 -52.77 9.83 116.91
CA UNK D 1637 -51.73 9.79 115.89
C UNK D 1637 -51.63 11.21 115.35
N UNK D 1638 -50.43 11.77 115.37
CA UNK D 1638 -50.20 13.14 114.89
C UNK D 1638 -50.56 13.38 113.42
N UNK D 1639 -49.73 14.15 112.73
CA UNK D 1639 -49.95 14.46 111.32
C UNK D 1639 -48.64 15.01 110.74
N UNK D 1640 -48.64 15.28 109.43
CA UNK D 1640 -47.46 15.79 108.74
C UNK D 1640 -46.35 14.73 108.76
N UNK D 1641 -46.19 14.01 107.65
CA UNK D 1641 -45.19 12.94 107.55
C UNK D 1641 -43.75 13.38 107.22
N UNK D 1642 -43.01 13.78 108.26
CA UNK D 1642 -41.60 14.22 108.15
C UNK D 1642 -41.31 15.39 107.18
N UNK D 1643 -42.35 15.94 106.57
CA UNK D 1643 -42.20 17.06 105.63
C UNK D 1643 -43.20 18.18 105.97
N UNK D 1644 -43.52 18.33 107.25
CA UNK D 1644 -44.44 19.36 107.74
C UNK D 1644 -44.42 19.50 109.28
N UNK D 1645 -43.92 18.47 109.97
CA UNK D 1645 -43.82 18.45 111.43
C UNK D 1645 -42.95 17.27 111.91
N UNK D 1646 -43.59 16.26 112.49
CA UNK D 1646 -42.89 15.08 112.99
C UNK D 1646 -43.87 14.06 113.57
N UNK D 1647 -43.34 12.94 114.03
CA UNK D 1647 -44.14 11.87 114.61
C UNK D 1647 -44.52 12.14 116.06
N UNK D 1648 -45.82 12.29 116.31
CA UNK D 1648 -46.32 12.56 117.66
C UNK D 1648 -47.73 11.98 117.87
N UNK D 1649 -48.23 12.09 119.09
CA UNK D 1649 -49.56 11.58 119.45
C UNK D 1649 -50.07 12.23 120.74
N UNK D 1650 -50.86 11.49 121.52
CA UNK D 1650 -51.42 11.98 122.79
C UNK D 1650 -52.32 13.22 122.62
N UNK D 1651 -53.38 13.05 121.82
CA UNK D 1651 -54.34 14.12 121.56
C UNK D 1651 -55.72 13.52 121.27
N UNK D 1652 -56.71 13.96 122.04
CA UNK D 1652 -58.09 13.48 121.94
C UNK D 1652 -58.20 12.09 122.57
N UNK D 1653 -57.29 11.79 123.50
CA UNK D 1653 -57.24 10.50 124.21
C UNK D 1653 -58.22 10.50 125.40
N UNK D 1654 -59.51 10.70 125.09
CA UNK D 1654 -60.55 10.73 126.12
C UNK D 1654 -61.57 9.58 125.99
N UNK D 1655 -61.21 8.43 126.55
CA UNK D 1655 -62.05 7.24 126.54
C UNK D 1655 -61.82 6.48 127.86
N UNK D 1656 -61.41 5.22 127.76
CA UNK D 1656 -61.14 4.42 128.95
C UNK D 1656 -59.68 4.60 129.35
N UNK D 1657 -58.98 5.44 128.58
CA UNK D 1657 -57.57 5.74 128.81
C UNK D 1657 -57.35 7.26 128.92
N UNK D 1658 -58.28 7.93 129.59
CA UNK D 1658 -58.22 9.37 129.82
C UNK D 1658 -58.30 9.60 131.33
N UNK D 1659 -58.77 8.58 132.05
CA UNK D 1659 -58.91 8.63 133.51
C UNK D 1659 -58.10 7.50 134.17
N UNK D 1660 -57.51 6.63 133.35
CA UNK D 1660 -56.68 5.51 133.82
C UNK D 1660 -55.30 5.57 133.15
N UNK D 1661 -55.08 6.65 132.40
CA UNK D 1661 -53.83 6.90 131.67
C UNK D 1661 -53.30 8.30 132.04
N UNK D 1662 -54.09 9.34 131.75
CA UNK D 1662 -53.70 10.71 132.06
C UNK D 1662 -53.51 10.85 133.58
N UNK D 1663 -53.98 9.84 134.31
CA UNK D 1663 -53.87 9.79 135.76
C UNK D 1663 -52.88 8.69 136.14
N UNK D 1664 -51.69 8.77 135.56
CA UNK D 1664 -50.61 7.81 135.80
C UNK D 1664 -49.23 8.49 135.94
N UNK D 1665 -48.83 9.24 134.90
CA UNK D 1665 -47.55 9.96 134.89
C UNK D 1665 -47.23 10.57 133.51
N UNK D 1666 -46.54 11.71 133.53
CA UNK D 1666 -46.11 12.41 132.31
C UNK D 1666 -47.16 13.34 131.71
N UNK D 1667 -46.71 14.23 130.82
CA UNK D 1667 -47.59 15.18 130.15
C UNK D 1667 -47.90 14.73 128.72
N UNK D 1668 -47.01 13.92 128.15
CA UNK D 1668 -47.17 13.41 126.79
C UNK D 1668 -46.12 12.34 126.45
N UNK D 1669 -46.58 11.24 125.84
CA UNK D 1669 -45.71 10.13 125.43
C UNK D 1669 -45.91 9.88 123.94
N UNK D 1670 -44.93 10.27 123.13
CA UNK D 1670 -45.00 10.11 121.67
C UNK D 1670 -44.36 8.82 121.10
N UNK D 1671 -43.54 8.95 120.06
CA UNK D 1671 -42.88 7.80 119.45
C UNK D 1671 -41.79 8.18 118.44
N UNK D 1672 -41.54 7.27 117.49
CA UNK D 1672 -40.55 7.45 116.43
C UNK D 1672 -40.60 6.25 115.48
N UNK D 1673 -41.76 6.03 114.87
CA UNK D 1673 -41.99 4.91 113.96
C UNK D 1673 -40.96 4.84 112.84
N UNK D 1674 -41.03 3.78 112.05
CA UNK D 1674 -40.11 3.57 110.92
C UNK D 1674 -40.78 2.76 109.81
N UNK D 1675 -41.57 3.43 108.99
CA UNK D 1675 -42.31 2.80 107.88
C UNK D 1675 -41.41 2.00 106.92
N UNK D 1676 -41.99 1.00 106.24
CA UNK D 1676 -41.27 0.15 105.28
C UNK D 1676 -42.22 -0.73 104.46
N UNK D 1677 -41.70 -1.34 103.39
CA UNK D 1677 -42.49 -2.23 102.56
C UNK D 1677 -42.80 -3.44 103.43
N UNK D 1678 -41.77 -3.93 104.10
CA UNK D 1678 -41.91 -5.08 104.98
C UNK D 1678 -41.30 -4.73 106.33
N UNK D 1679 -42.04 -3.98 107.13
CA UNK D 1679 -41.62 -3.55 108.47
C UNK D 1679 -42.54 -2.45 108.99
N UNK D 1680 -42.41 -2.15 110.28
CA UNK D 1680 -43.21 -1.12 110.94
C UNK D 1680 -43.03 -1.23 112.46
N UNK D 1681 -41.91 -0.69 112.94
CA UNK D 1681 -41.60 -0.73 114.37
C UNK D 1681 -41.35 0.68 114.91
N UNK D 1682 -42.12 1.05 115.94
CA UNK D 1682 -42.00 2.37 116.57
C UNK D 1682 -41.80 2.30 118.08
N UNK D 1683 -40.58 2.57 118.54
CA UNK D 1683 -40.26 2.56 119.97
C UNK D 1683 -40.73 3.88 120.59
N UNK D 1684 -41.83 3.82 121.36
CA UNK D 1684 -42.43 4.98 122.01
C UNK D 1684 -42.03 5.18 123.50
N UNK D 1685 -41.48 6.36 123.81
CA UNK D 1685 -41.04 6.70 125.16
C UNK D 1685 -41.83 7.86 125.80
N UNK D 1686 -42.44 7.59 126.96
CA UNK D 1686 -43.23 8.59 127.69
C UNK D 1686 -42.37 9.68 128.32
N UNK D 1687 -42.93 10.40 129.30
CA UNK D 1687 -42.22 11.48 129.97
C UNK D 1687 -41.72 11.18 131.40
N UNK D 1688 -42.35 11.79 132.42
CA UNK D 1688 -41.91 11.59 133.82
C UNK D 1688 -42.88 10.81 134.71
N MET E 1 -1.74 70.92 -7.23
CA MET E 1 -0.99 69.64 -7.22
C MET E 1 -1.78 68.48 -6.62
N ASP E 2 -1.07 67.55 -5.99
CA ASP E 2 -1.70 66.37 -5.42
C ASP E 2 -0.76 65.44 -4.64
N ALA E 3 -0.56 65.70 -3.36
CA ALA E 3 0.31 64.84 -2.55
C ALA E 3 -0.26 63.43 -2.61
N TYR E 4 0.48 62.52 -3.24
CA TYR E 4 0.01 61.15 -3.40
C TYR E 4 0.23 60.21 -2.20
N SER E 5 0.35 58.92 -2.50
CA SER E 5 0.56 57.86 -1.53
C SER E 5 -0.80 57.25 -1.18
N THR E 6 -1.67 57.21 -2.18
CA THR E 6 -3.03 56.67 -2.09
C THR E 6 -4.01 57.65 -1.44
N ARG E 7 -3.47 58.62 -0.69
CA ARG E 7 -4.27 59.65 -0.02
C ARG E 7 -4.01 60.99 -0.70
N PRO E 8 -5.06 61.63 -1.26
CA PRO E 8 -4.96 62.92 -1.95
C PRO E 8 -5.22 64.22 -1.14
N LEU E 9 -4.38 65.23 -1.41
CA LEU E 9 -4.49 66.55 -0.78
C LEU E 9 -4.14 67.58 -1.84
N THR E 10 -5.17 68.21 -2.40
CA THR E 10 -4.99 69.21 -3.45
C THR E 10 -3.98 70.29 -3.06
N LEU E 11 -3.13 70.66 -4.00
CA LEU E 11 -2.11 71.67 -3.75
C LEU E 11 -2.16 72.72 -4.86
N SER E 12 -3.24 73.52 -4.84
CA SER E 12 -3.49 74.59 -5.82
C SER E 12 -2.36 74.81 -6.83
N HIS E 13 -2.51 74.20 -8.00
CA HIS E 13 -1.53 74.35 -9.07
C HIS E 13 -1.03 75.80 -9.03
N GLY E 14 0.18 76.01 -8.53
CA GLY E 14 0.71 77.36 -8.47
C GLY E 14 0.64 78.02 -9.84
N SER E 15 0.23 77.26 -10.85
CA SER E 15 0.10 77.73 -12.23
C SER E 15 1.39 78.30 -12.83
N LEU E 16 2.07 77.47 -13.63
CA LEU E 16 3.33 77.80 -14.33
C LEU E 16 4.59 78.10 -13.48
N GLU E 17 4.82 79.36 -13.14
CA GLU E 17 6.01 79.74 -12.36
C GLU E 17 6.22 78.87 -11.12
N HIS E 18 5.18 78.13 -10.74
CA HIS E 18 5.23 77.24 -9.59
C HIS E 18 5.36 75.78 -10.03
N VAL E 19 4.29 75.27 -10.67
CA VAL E 19 4.21 73.89 -11.16
C VAL E 19 5.48 73.36 -11.83
N LEU E 20 6.49 74.22 -12.00
CA LEU E 20 7.74 73.82 -12.63
C LEU E 20 8.79 73.50 -11.55
N LEU E 21 8.92 74.40 -10.58
CA LEU E 21 9.87 74.21 -9.49
C LEU E 21 9.17 73.35 -8.45
N VAL E 22 8.00 72.86 -8.82
CA VAL E 22 7.19 72.02 -7.95
C VAL E 22 7.47 70.53 -8.06
N PRO E 23 7.32 69.94 -9.26
CA PRO E 23 7.59 68.50 -9.41
C PRO E 23 8.97 68.14 -8.86
N THR E 24 9.82 69.16 -8.70
CA THR E 24 11.17 69.00 -8.17
C THR E 24 11.02 68.55 -6.72
N ALA E 25 9.79 68.66 -6.24
CA ALA E 25 9.44 68.27 -4.90
C ALA E 25 8.49 67.09 -5.04
N SER E 26 7.77 67.05 -6.15
CA SER E 26 6.80 65.99 -6.41
C SER E 26 7.42 64.59 -6.48
N PHE E 27 8.56 64.47 -7.15
CA PHE E 27 9.21 63.17 -7.27
C PHE E 27 10.22 63.03 -6.14
N PHE E 28 10.84 64.15 -5.77
CA PHE E 28 11.79 64.12 -4.69
C PHE E 28 11.03 63.71 -3.44
N ILE E 29 9.77 64.13 -3.35
CA ILE E 29 8.93 63.76 -2.22
C ILE E 29 8.54 62.31 -2.48
N ALA E 30 8.49 61.95 -3.76
CA ALA E 30 8.17 60.58 -4.14
C ALA E 30 9.40 59.77 -3.74
N SER E 31 10.18 60.38 -2.85
CA SER E 31 11.40 59.79 -2.31
C SER E 31 11.19 58.30 -2.12
N GLN E 32 11.79 57.51 -3.00
CA GLN E 32 11.71 56.04 -2.99
C GLN E 32 11.11 55.42 -1.72
N LEU E 33 11.53 55.90 -0.55
CA LEU E 33 11.04 55.40 0.73
C LEU E 33 9.64 55.91 1.06
N GLN E 34 8.92 56.39 0.04
CA GLN E 34 7.55 56.89 0.21
C GLN E 34 6.59 55.92 -0.48
N GLU E 35 7.05 55.34 -1.60
CA GLU E 35 6.28 54.39 -2.40
C GLU E 35 6.27 52.99 -1.79
N GLN E 36 7.39 52.59 -1.20
CA GLN E 36 7.49 51.30 -0.55
C GLN E 36 6.97 51.48 0.87
N PHE E 37 6.81 52.73 1.26
CA PHE E 37 6.29 53.08 2.57
C PHE E 37 4.83 53.44 2.35
N ASN E 38 4.35 53.20 1.13
CA ASN E 38 2.97 53.46 0.77
C ASN E 38 2.36 52.09 0.44
N LYS E 39 3.24 51.11 0.24
CA LYS E 39 2.84 49.73 -0.06
C LYS E 39 2.61 49.00 1.27
N ILE E 40 3.16 49.57 2.35
CA ILE E 40 3.01 49.02 3.69
C ILE E 40 1.80 49.74 4.26
N LEU E 41 1.00 50.31 3.36
CA LEU E 41 -0.19 51.05 3.75
C LEU E 41 -1.50 50.68 3.00
N PRO E 42 -1.42 50.05 1.81
CA PRO E 42 -2.67 49.70 1.13
C PRO E 42 -3.37 48.59 1.92
N GLU E 43 -2.58 47.90 2.75
CA GLU E 43 -3.05 46.83 3.64
C GLU E 43 -2.71 47.28 5.08
N PRO E 44 -1.41 47.32 5.44
CA PRO E 44 -1.13 47.77 6.81
C PRO E 44 -1.24 49.30 6.87
N THR E 45 -2.43 49.78 6.51
CA THR E 45 -2.78 51.21 6.47
C THR E 45 -1.80 52.14 7.19
N GLU E 46 -0.90 52.75 6.41
CA GLU E 46 0.08 53.68 6.94
C GLU E 46 0.93 53.10 8.05
N GLY E 47 1.44 51.89 7.81
CA GLY E 47 2.27 51.23 8.79
C GLY E 47 3.11 52.22 9.55
N PHE E 48 4.01 52.90 8.84
CA PHE E 48 4.87 53.87 9.48
C PHE E 48 5.12 55.10 8.59
N ALA E 49 6.17 55.86 8.94
CA ALA E 49 6.59 57.08 8.25
C ALA E 49 5.59 57.79 7.34
N ALA E 50 4.91 58.79 7.90
CA ALA E 50 3.94 59.60 7.17
C ALA E 50 2.67 58.88 6.72
N ASP E 51 1.80 59.63 6.05
CA ASP E 51 0.54 59.13 5.52
C ASP E 51 -0.57 58.96 6.56
N ASP E 52 -0.21 58.64 7.81
CA ASP E 52 -1.18 58.42 8.88
C ASP E 52 -2.54 59.09 8.65
N GLU E 53 -2.55 60.41 8.71
CA GLU E 53 -3.77 61.16 8.47
C GLU E 53 -3.79 61.64 7.03
N PRO E 54 -4.98 61.65 6.42
CA PRO E 54 -5.14 62.09 5.03
C PRO E 54 -4.41 63.39 4.69
N THR E 55 -4.39 64.32 5.64
CA THR E 55 -3.75 65.61 5.41
C THR E 55 -2.32 65.64 5.95
N THR E 56 -1.81 64.49 6.32
CA THR E 56 -0.45 64.40 6.82
C THR E 56 0.57 64.46 5.68
N PRO E 57 0.12 64.32 4.42
CA PRO E 57 1.16 64.40 3.39
C PRO E 57 1.75 65.80 3.47
N ALA E 58 0.87 66.79 3.53
CA ALA E 58 1.25 68.18 3.62
C ALA E 58 2.38 68.32 4.62
N GLU E 59 2.52 67.30 5.48
CA GLU E 59 3.57 67.29 6.48
C GLU E 59 4.92 67.23 5.80
N LEU E 60 5.39 66.02 5.54
CA LEU E 60 6.69 65.81 4.92
C LEU E 60 6.96 66.64 3.65
N VAL E 61 5.98 66.80 2.77
CA VAL E 61 6.22 67.62 1.58
C VAL E 61 6.52 69.02 2.12
N GLY E 62 5.58 69.55 2.89
CA GLY E 62 5.73 70.86 3.48
C GLY E 62 6.74 70.82 4.60
N LYS E 63 7.56 69.76 4.62
CA LYS E 63 8.61 69.57 5.62
C LYS E 63 9.92 69.38 4.88
N PHE E 64 10.05 68.22 4.24
CA PHE E 64 11.24 67.89 3.45
C PHE E 64 11.63 69.14 2.71
N LEU E 65 10.64 69.77 2.08
CA LEU E 65 10.85 70.99 1.33
C LEU E 65 11.18 72.09 2.31
N GLY E 66 10.46 72.12 3.43
CA GLY E 66 10.71 73.11 4.44
C GLY E 66 12.07 72.96 5.09
N TYR E 67 12.90 72.04 4.58
CA TYR E 67 14.22 71.85 5.14
C TYR E 67 15.32 71.97 4.10
N VAL E 68 15.29 71.09 3.10
CA VAL E 68 16.28 71.13 2.02
C VAL E 68 16.02 72.48 1.39
N SER E 69 15.13 73.21 2.03
CA SER E 69 14.71 74.53 1.64
C SER E 69 15.88 75.50 1.54
N SER E 70 15.64 76.71 2.04
CA SER E 70 16.63 77.77 2.05
C SER E 70 17.97 77.34 2.65
N LEU E 71 17.92 76.40 3.59
CA LEU E 71 19.12 75.91 4.27
C LEU E 71 19.84 77.10 4.92
N VAL E 72 19.08 78.18 5.13
CA VAL E 72 19.53 79.43 5.75
C VAL E 72 18.38 80.42 5.62
N GLU E 73 18.13 81.21 6.66
CA GLU E 73 17.07 82.19 6.57
C GLU E 73 17.40 83.17 5.44
N PRO E 74 18.70 83.43 5.19
CA PRO E 74 19.07 84.35 4.10
C PRO E 74 18.71 83.71 2.75
N SER E 75 17.40 83.60 2.50
CA SER E 75 16.82 83.01 1.29
C SER E 75 17.77 82.41 0.26
N LYS E 76 17.63 81.10 0.06
CA LYS E 76 18.43 80.40 -0.93
C LYS E 76 17.67 80.66 -2.22
N VAL E 77 17.06 81.84 -2.24
CA VAL E 77 16.26 82.32 -3.36
C VAL E 77 14.96 81.52 -3.54
N GLY E 78 14.02 82.12 -4.27
CA GLY E 78 12.72 81.50 -4.53
C GLY E 78 12.69 79.99 -4.56
N GLN E 79 13.73 79.39 -5.13
CA GLN E 79 13.85 77.95 -5.22
C GLN E 79 13.06 77.35 -4.09
N PHE E 80 13.63 77.47 -2.90
CA PHE E 80 13.02 76.96 -1.69
C PHE E 80 12.97 78.08 -0.65
N ASP E 81 12.26 79.15 -0.99
CA ASP E 81 12.14 80.27 -0.06
C ASP E 81 10.84 81.01 -0.35
N GLN E 82 10.07 80.44 -1.26
CA GLN E 82 8.79 81.01 -1.65
C GLN E 82 7.91 79.87 -2.08
N VAL E 83 8.49 78.96 -2.86
CA VAL E 83 7.76 77.80 -3.32
C VAL E 83 7.26 77.15 -2.05
N LEU E 84 8.04 77.34 -0.99
CA LEU E 84 7.71 76.78 0.31
C LEU E 84 6.60 77.57 0.99
N ASN E 85 6.50 78.85 0.65
CA ASN E 85 5.49 79.68 1.27
C ASN E 85 4.11 79.62 0.61
N LEU E 86 4.06 79.34 -0.69
CA LEU E 86 2.77 79.25 -1.37
C LEU E 86 1.93 78.20 -0.64
N CYS E 87 2.62 77.16 -0.21
CA CYS E 87 2.00 76.04 0.49
C CYS E 87 1.83 76.23 1.99
N LEU E 88 2.84 76.80 2.63
CA LEU E 88 2.76 77.01 4.08
C LEU E 88 1.37 77.48 4.49
N THR E 89 0.96 78.63 3.98
CA THR E 89 -0.35 79.17 4.31
C THR E 89 -1.37 78.21 3.72
N GLU E 90 -1.05 77.71 2.52
CA GLU E 90 -1.91 76.76 1.84
C GLU E 90 -2.31 75.66 2.83
N PHE E 91 -1.40 75.36 3.75
CA PHE E 91 -1.65 74.35 4.77
C PHE E 91 -2.49 74.93 5.89
N GLU E 92 -2.16 76.17 6.27
CA GLU E 92 -2.88 76.86 7.33
C GLU E 92 -4.35 77.06 6.98
N ASN E 93 -4.80 76.44 5.89
CA ASN E 93 -6.19 76.53 5.44
C ASN E 93 -6.71 75.18 4.96
N CYS E 94 -6.55 74.17 5.81
CA CYS E 94 -7.00 72.83 5.51
C CYS E 94 -7.74 72.24 6.71
N TYR E 95 -7.05 72.14 7.85
CA TYR E 95 -7.65 71.58 9.06
C TYR E 95 -7.03 72.19 10.32
N LEU E 96 -6.61 73.45 10.24
CA LEU E 96 -6.04 74.15 11.38
C LEU E 96 -6.66 75.51 11.60
N GLU E 97 -6.79 76.31 10.53
CA GLU E 97 -7.39 77.63 10.63
C GLU E 97 -6.77 78.34 11.83
N GLY E 98 -5.48 78.64 11.75
CA GLY E 98 -4.83 79.25 12.90
C GLY E 98 -4.99 78.17 13.94
N ASN E 99 -5.58 78.50 15.08
CA ASN E 99 -5.82 77.52 16.15
C ASN E 99 -4.52 76.83 16.62
N ASP E 100 -3.49 76.82 15.77
CA ASP E 100 -2.18 76.22 16.06
C ASP E 100 -2.08 74.73 15.76
N ILE E 101 -0.99 74.36 15.10
CA ILE E 101 -0.75 72.97 14.76
C ILE E 101 -0.85 72.10 16.01
N HIS E 102 -0.20 72.54 17.08
CA HIS E 102 -0.23 71.81 18.34
C HIS E 102 -1.65 71.38 18.71
N ALA E 103 -2.65 72.13 18.24
CA ALA E 103 -4.04 71.83 18.53
C ALA E 103 -4.60 70.83 17.52
N LEU E 104 -4.09 70.93 16.29
CA LEU E 104 -4.51 70.03 15.26
C LEU E 104 -3.94 68.65 15.58
N ALA E 105 -3.08 68.61 16.60
CA ALA E 105 -2.45 67.37 17.04
C ALA E 105 -3.51 66.54 17.74
N ALA E 106 -4.37 67.23 18.49
CA ALA E 106 -5.46 66.56 19.19
C ALA E 106 -6.33 65.88 18.14
N LYS E 107 -6.48 66.54 16.99
CA LYS E 107 -7.29 66.00 15.89
C LYS E 107 -6.65 64.77 15.24
N LEU E 108 -5.84 64.06 16.00
CA LEU E 108 -5.16 62.86 15.53
C LEU E 108 -5.12 61.82 16.64
N LEU E 109 -4.70 62.26 17.82
CA LEU E 109 -4.61 61.38 18.97
C LEU E 109 -5.95 60.70 19.22
N GLN E 110 -7.04 61.41 18.92
CA GLN E 110 -8.39 60.87 19.11
C GLN E 110 -9.09 60.45 17.81
N GLU E 111 -8.98 61.27 16.77
CA GLU E 111 -9.66 60.97 15.50
C GLU E 111 -9.10 59.78 14.72
N ASN E 112 -8.04 60.00 13.94
CA ASN E 112 -7.49 58.89 13.16
C ASN E 112 -6.45 58.10 13.94
N ASP E 113 -5.44 57.59 13.25
CA ASP E 113 -4.36 56.80 13.85
C ASP E 113 -3.87 57.33 15.19
N THR E 114 -4.17 56.61 16.27
CA THR E 114 -3.74 57.01 17.61
C THR E 114 -2.22 56.78 17.73
N THR E 115 -1.45 57.69 17.14
CA THR E 115 0.02 57.60 17.14
C THR E 115 0.68 58.83 17.76
N LEU E 116 1.74 58.62 18.52
CA LEU E 116 2.45 59.72 19.15
C LEU E 116 3.56 60.24 18.28
N VAL E 117 4.46 59.34 17.91
CA VAL E 117 5.59 59.72 17.08
C VAL E 117 5.17 60.26 15.71
N LYS E 118 3.98 59.85 15.24
CA LYS E 118 3.51 60.33 13.94
C LYS E 118 2.93 61.72 14.03
N THR E 119 2.68 62.16 15.26
CA THR E 119 2.13 63.49 15.50
C THR E 119 3.25 64.43 15.90
N LYS E 120 4.22 63.91 16.65
CA LYS E 120 5.35 64.72 17.08
C LYS E 120 6.10 65.20 15.85
N GLU E 121 6.36 64.27 14.91
CA GLU E 121 7.06 64.60 13.67
C GLU E 121 6.23 65.69 12.99
N LEU E 122 4.94 65.43 12.84
CA LEU E 122 4.01 66.36 12.23
C LEU E 122 4.26 67.80 12.66
N ILE E 123 4.42 68.00 13.96
CA ILE E 123 4.65 69.33 14.50
C ILE E 123 5.95 69.88 13.95
N LYS E 124 7.05 69.20 14.24
CA LYS E 124 8.37 69.63 13.76
C LYS E 124 8.28 70.05 12.29
N ASN E 125 7.53 69.30 11.49
CA ASN E 125 7.35 69.60 10.07
C ASN E 125 6.91 71.06 9.95
N TYR E 126 5.78 71.37 10.57
CA TYR E 126 5.22 72.70 10.56
C TYR E 126 6.20 73.73 11.12
N ILE E 127 6.11 73.95 12.41
CA ILE E 127 6.97 74.89 13.13
C ILE E 127 8.30 75.19 12.44
N THR E 128 9.03 74.14 12.07
CA THR E 128 10.31 74.32 11.41
C THR E 128 10.13 74.93 10.02
N ALA E 129 9.29 74.31 9.20
CA ALA E 129 9.02 74.80 7.85
C ALA E 129 8.65 76.28 7.93
N ARG E 130 7.79 76.59 8.89
CA ARG E 130 7.32 77.95 9.13
C ARG E 130 8.53 78.87 9.31
N ILE E 131 9.28 78.67 10.40
CA ILE E 131 10.44 79.52 10.65
C ILE E 131 11.53 79.40 9.59
N MET E 132 11.38 78.46 8.66
CA MET E 132 12.38 78.37 7.61
C MET E 132 11.94 79.34 6.53
N ALA E 133 12.50 80.54 6.60
CA ALA E 133 12.25 81.64 5.65
C ALA E 133 11.29 82.71 6.17
N LYS E 134 10.02 82.60 5.78
CA LYS E 134 9.03 83.58 6.15
C LYS E 134 8.07 83.08 7.22
N ARG E 135 7.13 83.95 7.58
CA ARG E 135 6.11 83.64 8.58
C ARG E 135 6.59 83.46 10.02
N PRO E 136 7.81 83.92 10.35
CA PRO E 136 8.29 83.74 11.73
C PRO E 136 7.24 83.85 12.84
N PHE E 137 7.40 82.97 13.83
CA PHE E 137 6.52 82.82 14.99
C PHE E 137 5.75 84.04 15.52
N ASP E 138 6.31 85.23 15.31
CA ASP E 138 5.68 86.45 15.81
C ASP E 138 4.47 86.96 15.04
N LYS E 139 3.41 87.17 15.81
CA LYS E 139 2.14 87.70 15.34
C LYS E 139 1.49 88.13 16.65
N LYS E 140 2.05 87.59 17.74
CA LYS E 140 1.60 87.86 19.11
C LYS E 140 0.20 87.36 19.42
N SER E 141 -0.80 87.85 18.68
CA SER E 141 -2.19 87.44 18.88
C SER E 141 -2.36 85.92 19.05
N ASN E 142 -3.16 85.53 20.02
CA ASN E 142 -3.43 84.11 20.28
C ASN E 142 -4.93 83.86 20.29
N SER E 143 -5.33 82.58 20.27
CA SER E 143 -6.74 82.21 20.26
C SER E 143 -7.41 82.68 21.54
N ALA E 144 -7.56 81.75 22.47
CA ALA E 144 -8.18 82.05 23.75
C ALA E 144 -7.49 81.22 24.82
N LEU E 145 -8.31 80.57 25.64
CA LEU E 145 -7.84 79.73 26.74
C LEU E 145 -6.65 80.41 27.40
N PHE E 146 -6.51 81.70 27.12
CA PHE E 146 -5.43 82.47 27.67
C PHE E 146 -5.85 83.92 27.89
N ARG E 147 -6.88 84.36 27.17
CA ARG E 147 -7.37 85.72 27.36
C ARG E 147 -7.63 85.72 28.86
N ALA E 148 -8.47 84.77 29.26
CA ALA E 148 -8.87 84.55 30.65
C ALA E 148 -8.10 85.45 31.59
N VAL E 149 -6.92 84.98 32.00
CA VAL E 149 -6.08 85.77 32.88
C VAL E 149 -5.63 86.96 32.03
N GLY E 150 -6.51 87.96 31.96
CA GLY E 150 -6.26 89.17 31.19
C GLY E 150 -7.59 89.88 31.13
N GLU E 151 -8.66 89.09 31.27
CA GLU E 151 -10.03 89.59 31.25
C GLU E 151 -10.63 89.42 32.65
N GLY E 152 -9.86 88.82 33.55
CA GLY E 152 -10.32 88.60 34.91
C GLY E 152 -11.18 87.37 35.09
N ASN E 153 -11.38 86.60 34.02
CA ASN E 153 -12.18 85.38 34.07
C ASN E 153 -11.46 84.24 34.78
N ALA E 154 -10.12 84.32 34.84
CA ALA E 154 -9.31 83.28 35.49
C ALA E 154 -7.97 83.82 36.01
N GLN E 155 -7.19 82.92 36.60
CA GLN E 155 -5.89 83.28 37.15
C GLN E 155 -4.90 82.15 36.90
N LEU E 156 -3.72 82.51 36.43
CA LEU E 156 -2.70 81.52 36.11
C LEU E 156 -1.53 81.46 37.10
N VAL E 157 -0.98 80.25 37.24
CA VAL E 157 0.15 80.01 38.13
C VAL E 157 1.16 79.16 37.36
N ALA E 158 2.41 79.22 37.78
CA ALA E 158 3.46 78.44 37.14
C ALA E 158 4.23 77.67 38.20
N ILE E 159 4.76 76.52 37.81
CA ILE E 159 5.52 75.68 38.72
C ILE E 159 6.50 74.86 37.94
N PHE E 160 7.56 74.43 38.61
CA PHE E 160 8.60 73.62 38.01
C PHE E 160 9.07 72.56 39.01
N GLY E 161 9.12 71.32 38.55
CA GLY E 161 9.53 70.24 39.40
C GLY E 161 10.99 69.88 39.25
N GLY E 162 11.37 68.74 39.82
CA GLY E 162 12.74 68.27 39.76
C GLY E 162 12.85 66.85 40.27
N GLN E 163 13.75 66.07 39.67
CA GLN E 163 13.91 64.69 40.09
C GLN E 163 12.53 64.07 40.03
N GLY E 164 11.66 64.70 39.24
CA GLY E 164 10.31 64.22 39.10
C GLY E 164 10.34 62.72 38.85
N ASN E 165 9.18 62.11 38.96
CA ASN E 165 9.06 60.67 38.77
C ASN E 165 9.45 60.22 37.34
N THR E 166 10.73 60.35 37.02
CA THR E 166 11.25 59.96 35.70
C THR E 166 12.72 59.57 35.78
N ASP E 167 13.04 58.41 35.22
CA ASP E 167 14.40 57.89 35.19
C ASP E 167 14.95 58.11 33.78
N ASP E 168 14.53 59.22 33.19
CA ASP E 168 14.91 59.55 31.84
C ASP E 168 15.66 60.86 31.73
N TYR E 169 15.10 61.91 32.32
CA TYR E 169 15.74 63.22 32.25
C TYR E 169 15.92 63.51 30.79
N PHE E 170 17.18 63.45 30.39
CA PHE E 170 17.65 63.67 29.04
C PHE E 170 16.70 63.15 28.00
N GLU E 171 16.00 62.06 28.33
CA GLU E 171 15.05 61.46 27.39
C GLU E 171 13.91 62.43 27.11
N GLU E 172 13.95 63.57 27.79
CA GLU E 172 12.94 64.59 27.61
C GLU E 172 13.59 65.69 26.77
N LEU E 173 14.77 66.15 27.19
CA LEU E 173 15.50 67.21 26.49
C LEU E 173 15.80 66.85 25.04
N ARG E 174 16.26 65.62 24.83
CA ARG E 174 16.56 65.18 23.48
C ARG E 174 15.24 65.20 22.72
N ASP E 175 14.24 64.54 23.31
CA ASP E 175 12.90 64.46 22.74
C ASP E 175 12.20 65.81 22.91
N LEU E 176 13.02 66.85 23.02
CA LEU E 176 12.56 68.23 23.16
C LEU E 176 13.33 68.97 22.10
N TYR E 177 14.63 68.69 22.06
CA TYR E 177 15.53 69.28 21.10
C TYR E 177 15.03 68.84 19.74
N GLN E 178 15.10 67.52 19.51
CA GLN E 178 14.65 66.93 18.26
C GLN E 178 13.26 67.46 17.91
N THR E 179 12.35 67.41 18.87
CA THR E 179 10.98 67.87 18.65
C THR E 179 10.93 69.21 17.93
N TYR E 180 11.45 70.24 18.59
CA TYR E 180 11.44 71.56 18.00
C TYR E 180 12.86 72.09 17.78
N HIS E 181 13.44 71.82 16.62
CA HIS E 181 14.79 72.30 16.29
C HIS E 181 14.86 73.80 16.59
N VAL E 182 13.92 74.50 15.96
CA VAL E 182 13.76 75.93 16.07
C VAL E 182 13.73 76.48 17.50
N LEU E 183 12.52 76.42 18.06
CA LEU E 183 12.18 76.92 19.40
C LEU E 183 13.03 76.60 20.63
N VAL E 184 14.34 76.43 20.48
CA VAL E 184 15.15 76.18 21.65
C VAL E 184 16.60 75.94 21.34
N GLY E 185 16.95 75.89 20.06
CA GLY E 185 18.34 75.72 19.69
C GLY E 185 19.10 76.69 20.57
N ASP E 186 18.39 77.77 20.91
CA ASP E 186 18.90 78.83 21.78
C ASP E 186 19.31 78.21 23.12
N LEU E 187 18.44 78.34 24.13
CA LEU E 187 18.72 77.81 25.46
C LEU E 187 19.64 76.62 25.39
N ILE E 188 19.35 75.74 24.44
CA ILE E 188 20.17 74.57 24.24
C ILE E 188 21.60 75.04 23.96
N LYS E 189 21.91 75.29 22.70
CA LYS E 189 23.24 75.76 22.30
C LYS E 189 23.82 76.68 23.38
N PHE E 190 22.97 77.58 23.88
CA PHE E 190 23.37 78.52 24.91
C PHE E 190 23.83 77.75 26.16
N SER E 191 22.88 77.26 26.94
CA SER E 191 23.20 76.52 28.16
C SER E 191 24.36 75.58 27.89
N ALA E 192 24.48 75.13 26.65
CA ALA E 192 25.56 74.24 26.25
C ALA E 192 26.83 74.97 26.57
N GLU E 193 27.16 75.96 25.74
CA GLU E 193 28.35 76.76 25.95
C GLU E 193 28.45 76.97 27.46
N THR E 194 27.45 77.68 27.99
CA THR E 194 27.36 77.98 29.41
C THR E 194 28.01 76.94 30.30
N LEU E 195 27.34 75.81 30.48
CA LEU E 195 27.86 74.75 31.31
C LEU E 195 29.27 74.36 30.88
N SER E 196 29.46 74.26 29.56
CA SER E 196 30.76 73.88 29.02
C SER E 196 31.88 74.77 29.56
N GLU E 197 31.49 75.90 30.16
CA GLU E 197 32.44 76.85 30.73
C GLU E 197 32.55 76.70 32.23
N LEU E 198 31.38 76.65 32.88
CA LEU E 198 31.32 76.53 34.31
C LEU E 198 32.14 75.37 34.84
N ILE E 199 32.84 74.70 33.93
CA ILE E 199 33.69 73.58 34.29
C ILE E 199 35.12 74.05 34.50
N ARG E 200 35.82 74.31 33.40
CA ARG E 200 37.21 74.75 33.44
C ARG E 200 37.36 75.89 34.43
N THR E 201 36.25 76.59 34.69
CA THR E 201 36.27 77.73 35.60
C THR E 201 36.28 77.31 37.06
N THR E 202 35.59 76.21 37.38
CA THR E 202 35.56 75.74 38.77
C THR E 202 36.61 74.64 38.93
N LEU E 203 37.66 74.72 38.12
CA LEU E 203 38.76 73.75 38.13
C LEU E 203 38.75 72.90 39.39
N ASP E 204 38.32 71.65 39.19
CA ASP E 204 38.19 70.64 40.23
C ASP E 204 36.92 69.87 39.84
N ALA E 205 36.02 70.57 39.16
CA ALA E 205 34.74 70.02 38.70
C ALA E 205 34.97 69.07 37.53
N GLU E 206 36.22 69.02 37.10
CA GLU E 206 36.62 68.17 35.98
C GLU E 206 36.75 66.72 36.45
N LYS E 207 36.84 66.53 37.76
CA LYS E 207 36.96 65.20 38.36
C LYS E 207 35.61 64.68 38.83
N VAL E 208 34.54 65.36 38.43
CA VAL E 208 33.19 64.95 38.83
C VAL E 208 32.34 64.67 37.60
N PHE E 209 32.89 65.01 36.43
CA PHE E 209 32.19 64.80 35.18
C PHE E 209 32.90 63.84 34.24
N THR E 210 33.45 62.78 34.82
CA THR E 210 34.16 61.75 34.07
C THR E 210 33.58 61.63 32.67
N GLN E 211 32.26 61.53 32.61
CA GLN E 211 31.57 61.43 31.34
C GLN E 211 31.53 62.85 30.76
N GLY E 212 32.42 63.09 29.80
CA GLY E 212 32.49 64.40 29.18
C GLY E 212 31.11 65.00 29.05
N LEU E 213 30.89 66.15 29.70
CA LEU E 213 29.60 66.82 29.67
C LEU E 213 29.28 67.54 28.35
N ASN E 214 29.81 67.01 27.25
CA ASN E 214 29.58 67.56 25.93
C ASN E 214 28.11 67.38 25.55
N ILE E 215 27.23 67.91 26.41
CA ILE E 215 25.79 67.82 26.24
C ILE E 215 25.35 68.12 24.81
N LEU E 216 26.29 68.60 24.02
CA LEU E 216 26.04 68.93 22.64
C LEU E 216 25.70 67.66 21.87
N GLU E 217 26.70 67.10 21.18
CA GLU E 217 26.55 65.90 20.36
C GLU E 217 25.58 64.89 20.91
N TRP E 218 25.54 64.79 22.23
CA TRP E 218 24.65 63.87 22.91
C TRP E 218 23.28 63.80 22.29
N LEU E 219 22.94 64.83 21.53
CA LEU E 219 21.64 64.89 20.88
C LEU E 219 21.67 64.40 19.44
N GLU E 220 22.49 65.05 18.62
CA GLU E 220 22.62 64.75 17.19
C GLU E 220 22.91 63.28 16.87
N ASN E 221 23.80 62.67 17.65
CA ASN E 221 24.18 61.29 17.48
C ASN E 221 24.45 60.64 18.85
N PRO E 222 23.38 60.29 19.57
CA PRO E 222 23.46 59.67 20.88
C PRO E 222 24.30 58.42 20.89
N SER E 223 24.77 58.04 19.71
CA SER E 223 25.59 56.85 19.56
C SER E 223 26.61 56.72 20.68
N ASN E 224 27.05 57.85 21.22
CA ASN E 224 28.03 57.81 22.32
C ASN E 224 27.51 58.58 23.53
N THR E 225 26.18 58.61 23.69
CA THR E 225 25.57 59.28 24.82
C THR E 225 25.88 58.52 26.13
N PRO E 226 26.69 59.14 27.01
CA PRO E 226 27.13 58.61 28.31
C PRO E 226 26.11 57.93 29.21
N ASP E 227 25.99 56.62 29.05
CA ASP E 227 25.07 55.79 29.83
C ASP E 227 23.61 56.22 29.81
N LYS E 228 22.90 55.75 30.84
CA LYS E 228 21.50 56.02 31.06
C LYS E 228 21.54 56.17 32.58
N ASP E 229 22.60 55.61 33.13
CA ASP E 229 22.87 55.62 34.55
C ASP E 229 23.28 57.05 34.91
N TYR E 230 24.59 57.27 35.01
CA TYR E 230 25.12 58.57 35.38
C TYR E 230 24.58 59.79 34.67
N LEU E 231 23.88 59.60 33.55
CA LEU E 231 23.28 60.74 32.88
C LEU E 231 22.29 61.32 33.89
N LEU E 232 22.04 60.54 34.93
CA LEU E 232 21.10 60.93 35.98
C LEU E 232 21.76 61.53 37.21
N SER E 233 22.99 61.12 37.51
CA SER E 233 23.69 61.64 38.69
C SER E 233 23.52 63.15 38.81
N ILE E 234 23.50 63.64 40.05
CA ILE E 234 23.30 65.05 40.33
C ILE E 234 24.05 66.07 39.45
N PRO E 235 25.40 66.08 39.47
CA PRO E 235 25.97 67.09 38.56
C PRO E 235 25.67 66.62 37.15
N ILE E 236 25.07 67.49 36.35
CA ILE E 236 24.70 67.19 34.95
C ILE E 236 23.19 67.01 34.83
N SER E 237 22.61 66.37 35.84
CA SER E 237 21.18 66.15 35.84
C SER E 237 20.50 67.44 36.28
N CYS E 238 21.00 67.98 37.38
CA CYS E 238 20.47 69.21 37.94
C CYS E 238 20.29 70.27 36.87
N PRO E 239 21.36 70.58 36.13
CA PRO E 239 21.28 71.58 35.08
C PRO E 239 20.26 71.27 34.00
N LEU E 240 20.63 70.36 33.11
CA LEU E 240 19.77 69.96 32.01
C LEU E 240 18.30 69.92 32.41
N ILE E 241 18.05 69.56 33.67
CA ILE E 241 16.68 69.48 34.14
C ILE E 241 16.00 70.83 33.91
N GLY E 242 16.46 71.87 34.60
CA GLY E 242 15.86 73.16 34.43
C GLY E 242 15.85 73.50 32.95
N VAL E 243 17.00 73.28 32.31
CA VAL E 243 17.15 73.55 30.89
C VAL E 243 15.86 73.19 30.18
N ILE E 244 15.38 72.00 30.51
CA ILE E 244 14.13 71.49 29.96
C ILE E 244 13.00 72.49 30.21
N GLN E 245 12.55 72.53 31.47
CA GLN E 245 11.48 73.42 31.90
C GLN E 245 11.70 74.83 31.36
N LEU E 246 12.95 75.26 31.36
CA LEU E 246 13.27 76.58 30.84
C LEU E 246 12.93 76.54 29.37
N ALA E 247 13.55 75.61 28.67
CA ALA E 247 13.31 75.43 27.24
C ALA E 247 11.83 75.46 26.93
N HIS E 248 11.05 74.82 27.79
CA HIS E 248 9.61 74.76 27.62
C HIS E 248 9.02 76.15 27.81
N TYR E 249 9.20 76.71 29.00
CA TYR E 249 8.70 78.05 29.30
C TYR E 249 8.98 78.88 28.05
N VAL E 250 10.11 78.56 27.41
CA VAL E 250 10.53 79.23 26.19
C VAL E 250 9.54 78.90 25.09
N VAL E 251 9.42 77.61 24.79
CA VAL E 251 8.51 77.17 23.75
C VAL E 251 7.12 77.68 24.10
N THR E 252 6.77 77.55 25.38
CA THR E 252 5.49 78.03 25.88
C THR E 252 5.41 79.47 25.37
N ALA E 253 6.56 80.13 25.42
CA ALA E 253 6.68 81.50 24.98
C ALA E 253 6.68 81.58 23.46
N LYS E 254 7.88 81.54 22.86
CA LYS E 254 8.05 81.63 21.41
C LYS E 254 6.77 81.24 20.65
N LEU E 255 6.18 80.11 21.03
CA LEU E 255 4.93 79.64 20.41
C LEU E 255 3.85 80.71 20.55
N LEU E 256 3.50 80.95 21.81
CA LEU E 256 2.49 81.91 22.21
C LEU E 256 2.74 83.30 21.61
N GLY E 257 3.85 83.44 20.90
CA GLY E 257 4.18 84.72 20.29
C GLY E 257 4.42 85.79 21.33
N PHE E 258 5.04 85.39 22.44
CA PHE E 258 5.33 86.33 23.52
C PHE E 258 6.81 86.51 23.76
N THR E 259 7.11 86.88 25.00
CA THR E 259 8.47 87.11 25.45
C THR E 259 8.42 86.73 26.93
N PRO E 260 9.55 86.29 27.51
CA PRO E 260 9.57 85.91 28.92
C PRO E 260 8.89 86.92 29.84
N GLY E 261 8.65 88.11 29.29
CA GLY E 261 7.98 89.15 30.04
C GLY E 261 6.49 89.01 29.79
N GLU E 262 6.15 88.77 28.52
CA GLU E 262 4.77 88.61 28.12
C GLU E 262 4.18 87.43 28.89
N LEU E 263 5.07 86.64 29.51
CA LEU E 263 4.65 85.48 30.29
C LEU E 263 4.78 85.69 31.78
N ARG E 264 5.93 86.22 32.21
CA ARG E 264 6.12 86.51 33.64
C ARG E 264 4.93 87.42 33.91
N SER E 265 4.30 87.83 32.81
CA SER E 265 3.12 88.68 32.79
C SER E 265 1.94 87.85 33.27
N TYR E 266 1.05 87.49 32.35
CA TYR E 266 -0.12 86.69 32.67
C TYR E 266 0.36 85.67 33.69
N LEU E 267 0.13 85.94 34.97
CA LEU E 267 0.62 85.05 35.98
C LEU E 267 0.15 85.46 37.36
N LYS E 268 0.99 85.17 38.35
CA LYS E 268 0.72 85.49 39.74
C LYS E 268 1.43 84.50 40.65
N GLY E 269 1.61 83.27 40.17
CA GLY E 269 2.24 82.24 40.97
C GLY E 269 3.73 81.99 40.77
N ALA E 270 4.05 81.01 39.93
CA ALA E 270 5.44 80.65 39.63
C ALA E 270 6.19 80.19 40.88
N THR E 271 6.12 78.89 41.16
CA THR E 271 6.78 78.34 42.32
C THR E 271 7.35 76.97 41.99
N GLY E 272 8.67 76.87 41.97
CA GLY E 272 9.29 75.60 41.65
C GLY E 272 9.38 74.66 42.82
N HIS E 273 9.86 73.44 42.55
CA HIS E 273 10.01 72.42 43.58
C HIS E 273 11.48 72.01 43.65
N SER E 274 12.11 72.31 44.80
CA SER E 274 13.53 72.01 45.01
C SER E 274 14.36 72.41 43.78
N GLN E 275 14.79 71.44 42.98
CA GLN E 275 15.59 71.75 41.78
C GLN E 275 14.69 72.42 40.75
N GLY E 276 13.45 72.67 41.16
CA GLY E 276 12.48 73.33 40.31
C GLY E 276 12.21 74.76 40.71
N LEU E 277 12.64 75.13 41.92
CA LEU E 277 12.46 76.48 42.43
C LEU E 277 13.41 77.42 41.71
N VAL E 278 14.68 77.03 41.70
CA VAL E 278 15.72 77.79 41.02
C VAL E 278 15.21 78.27 39.68
N THR E 279 14.32 77.51 39.07
CA THR E 279 13.77 77.88 37.79
C THR E 279 12.73 78.98 37.98
N ALA E 280 11.81 78.78 38.91
CA ALA E 280 10.77 79.77 39.18
C ALA E 280 11.40 81.15 39.35
N VAL E 281 12.29 81.28 40.33
CA VAL E 281 12.99 82.54 40.61
C VAL E 281 13.42 83.18 39.31
N ALA E 282 14.53 82.69 38.78
CA ALA E 282 15.10 83.19 37.53
C ALA E 282 14.07 83.35 36.42
N ILE E 283 12.86 82.83 36.63
CA ILE E 283 11.82 82.95 35.62
C ILE E 283 10.92 84.15 35.89
N ALA E 284 10.70 84.43 37.17
CA ALA E 284 9.86 85.55 37.58
C ALA E 284 10.15 86.81 36.77
N GLU E 285 11.39 87.31 36.93
CA GLU E 285 11.83 88.52 36.25
C GLU E 285 12.65 88.29 34.97
N THR E 286 11.96 88.32 33.82
CA THR E 286 12.62 88.12 32.54
C THR E 286 11.81 88.86 31.48
N ASP E 287 12.43 89.83 30.83
CA ASP E 287 11.72 90.61 29.83
C ASP E 287 11.84 90.09 28.40
N SER E 288 12.69 90.72 27.59
CA SER E 288 12.86 90.29 26.22
C SER E 288 13.97 89.25 26.14
N TRP E 289 14.10 88.63 24.97
CA TRP E 289 15.12 87.59 24.76
C TRP E 289 16.56 88.16 24.77
N GLU E 290 16.70 89.38 25.26
CA GLU E 290 18.01 90.02 25.34
C GLU E 290 18.42 89.89 26.79
N SER E 291 17.42 90.05 27.65
CA SER E 291 17.57 89.96 29.10
C SER E 291 17.39 88.48 29.48
N PHE E 292 16.36 87.89 28.91
CA PHE E 292 16.00 86.50 29.13
C PHE E 292 17.20 85.55 29.12
N PHE E 293 18.24 85.91 28.39
CA PHE E 293 19.42 85.06 28.28
C PHE E 293 20.26 84.92 29.55
N VAL E 294 20.97 85.97 29.93
CA VAL E 294 21.79 85.88 31.14
C VAL E 294 20.89 85.43 32.28
N SER E 295 19.60 85.72 32.14
CA SER E 295 18.59 85.33 33.12
C SER E 295 18.73 83.83 33.35
N VAL E 296 18.96 83.11 32.26
CA VAL E 296 19.12 81.66 32.31
C VAL E 296 20.49 81.34 32.90
N ARG E 297 21.51 82.05 32.43
CA ARG E 297 22.87 81.85 32.91
C ARG E 297 22.81 81.62 34.41
N LYS E 298 21.93 82.38 35.06
CA LYS E 298 21.73 82.28 36.49
C LYS E 298 21.35 80.84 36.82
N ALA E 299 20.05 80.55 36.69
CA ALA E 299 19.49 79.24 36.96
C ALA E 299 20.52 78.15 36.72
N ILE E 300 21.06 78.14 35.52
CA ILE E 300 22.04 77.16 35.13
C ILE E 300 23.19 77.03 36.15
N THR E 301 24.01 78.06 36.23
CA THR E 301 25.13 78.02 37.16
C THR E 301 24.64 77.64 38.54
N VAL E 302 23.42 78.05 38.87
CA VAL E 302 22.84 77.73 40.16
C VAL E 302 22.82 76.22 40.32
N LEU E 303 21.79 75.60 39.76
CA LEU E 303 21.64 74.14 39.82
C LEU E 303 23.01 73.51 39.58
N PHE E 304 23.75 74.07 38.64
CA PHE E 304 25.07 73.57 38.34
C PHE E 304 25.85 73.39 39.64
N PHE E 305 26.25 74.51 40.23
CA PHE E 305 27.02 74.49 41.47
C PHE E 305 26.37 73.70 42.62
N ILE E 306 25.05 73.70 42.68
CA ILE E 306 24.37 72.95 43.74
C ILE E 306 24.80 71.51 43.55
N GLY E 307 24.55 71.00 42.35
CA GLY E 307 24.92 69.63 42.04
C GLY E 307 26.37 69.36 42.32
N VAL E 308 27.24 70.06 41.59
CA VAL E 308 28.68 69.92 41.72
C VAL E 308 29.16 69.81 43.17
N ARG E 309 28.57 70.64 44.04
CA ARG E 309 28.94 70.66 45.45
C ARG E 309 28.22 69.59 46.26
N CYS E 310 26.91 69.51 46.10
CA CYS E 310 26.14 68.52 46.82
C CYS E 310 26.70 67.15 46.56
N TYR E 311 27.23 66.95 45.35
CA TYR E 311 27.82 65.67 44.96
C TYR E 311 29.04 65.37 45.84
N GLU E 312 29.72 66.43 46.27
CA GLU E 312 30.91 66.29 47.11
C GLU E 312 30.59 66.00 48.57
N ALA E 313 29.30 65.88 48.88
CA ALA E 313 28.85 65.57 50.23
C ALA E 313 29.01 64.07 50.44
N TYR E 314 27.98 63.31 50.09
CA TYR E 314 27.96 61.85 50.20
C TYR E 314 27.53 61.31 48.84
N PRO E 315 28.46 61.31 47.86
CA PRO E 315 28.24 60.84 46.50
C PRO E 315 27.91 59.35 46.35
N ASN E 316 27.46 59.00 45.15
CA ASN E 316 27.09 57.63 44.78
C ASN E 316 27.97 56.55 45.39
N THR E 317 27.56 56.02 46.54
CA THR E 317 28.31 54.98 47.22
C THR E 317 28.10 53.66 46.52
N SER E 318 29.19 52.91 46.34
CA SER E 318 29.16 51.61 45.70
C SER E 318 28.13 50.71 46.40
N LEU E 319 26.97 50.60 45.77
CA LEU E 319 25.85 49.80 46.27
C LEU E 319 26.20 48.32 46.46
N PRO E 320 25.79 47.73 47.60
CA PRO E 320 26.04 46.32 47.94
C PRO E 320 25.07 45.32 47.30
N PRO E 321 25.60 44.33 46.56
CA PRO E 321 24.74 43.35 45.92
C PRO E 321 23.97 42.60 47.00
N SER E 322 24.65 42.40 48.13
CA SER E 322 24.10 41.70 49.30
C SER E 322 22.66 42.16 49.48
N ILE E 323 22.37 43.36 48.97
CA ILE E 323 21.04 43.92 49.06
C ILE E 323 20.34 43.99 47.72
N LEU E 324 21.06 44.43 46.69
CA LEU E 324 20.46 44.53 45.37
C LEU E 324 19.49 43.40 45.13
N GLU E 325 19.85 42.23 45.65
CA GLU E 325 18.99 41.07 45.50
C GLU E 325 17.70 41.24 46.30
N ASP E 326 17.77 40.93 47.60
CA ASP E 326 16.61 41.01 48.49
C ASP E 326 15.66 42.17 48.19
N SER E 327 16.22 43.35 48.02
CA SER E 327 15.43 44.53 47.74
C SER E 327 14.72 44.36 46.41
N LEU E 328 15.41 43.77 45.43
CA LEU E 328 14.83 43.57 44.11
C LEU E 328 13.78 42.45 44.13
N GLU E 329 13.73 41.71 45.24
CA GLU E 329 12.73 40.64 45.34
C GLU E 329 11.42 41.21 45.86
N ASN E 330 11.48 41.97 46.95
CA ASN E 330 10.27 42.60 47.48
C ASN E 330 9.77 43.49 46.35
N ASN E 331 10.69 43.74 45.40
CA ASN E 331 10.47 44.54 44.21
C ASN E 331 10.54 46.04 44.47
N GLU E 332 11.04 46.40 45.65
CA GLU E 332 11.19 47.80 46.00
C GLU E 332 12.06 48.37 44.88
N GLY E 333 13.09 47.63 44.51
CA GLY E 333 13.97 48.03 43.43
C GLY E 333 15.07 49.02 43.73
N VAL E 334 15.57 49.63 42.66
CA VAL E 334 16.63 50.61 42.71
C VAL E 334 16.73 51.13 44.13
N PRO E 335 17.62 50.54 44.94
CA PRO E 335 17.82 50.93 46.34
C PRO E 335 17.83 52.44 46.57
N SER E 336 18.16 53.19 45.52
CA SER E 336 18.22 54.66 45.49
C SER E 336 18.00 55.38 46.84
N PRO E 337 18.96 56.22 47.27
CA PRO E 337 18.87 56.96 48.54
C PRO E 337 17.74 57.99 48.62
N MET E 338 16.50 57.52 48.51
CA MET E 338 15.31 58.37 48.59
C MET E 338 14.11 57.46 48.30
N LEU E 339 13.10 57.49 49.17
CA LEU E 339 11.93 56.62 49.04
C LEU E 339 10.54 57.31 49.04
N SER E 340 9.60 56.73 48.31
CA SER E 340 8.22 57.25 48.22
C SER E 340 7.19 56.48 49.03
N ILE E 341 7.09 56.76 50.33
CA ILE E 341 6.14 56.06 51.19
C ILE E 341 4.69 56.51 51.00
N SER E 342 4.16 56.25 49.81
CA SER E 342 2.79 56.62 49.48
C SER E 342 1.73 56.15 50.48
N ASN E 343 0.47 56.41 50.14
CA ASN E 343 -0.71 56.08 50.92
C ASN E 343 -0.52 55.90 52.43
N LEU E 344 -0.26 56.99 53.13
CA LEU E 344 -0.08 56.92 54.58
C LEU E 344 -0.08 58.31 55.21
N THR E 345 0.33 58.38 56.48
CA THR E 345 0.34 59.64 57.19
C THR E 345 1.67 59.96 57.86
N GLN E 346 1.95 61.24 57.98
CA GLN E 346 3.16 61.70 58.63
C GLN E 346 3.02 61.13 60.03
N GLU E 347 4.04 61.29 60.86
CA GLU E 347 4.01 60.73 62.21
C GLU E 347 4.04 59.22 62.00
N GLN E 348 3.05 58.69 61.30
CA GLN E 348 3.04 57.28 61.00
C GLN E 348 4.34 57.09 60.24
N VAL E 349 4.51 57.88 59.20
CA VAL E 349 5.73 57.83 58.42
C VAL E 349 6.88 58.06 59.38
N GLN E 350 6.63 58.92 60.37
CA GLN E 350 7.63 59.26 61.36
C GLN E 350 7.97 58.07 62.27
N ASP E 351 7.07 57.75 63.20
CA ASP E 351 7.27 56.64 64.13
C ASP E 351 8.29 55.66 63.60
N TYR E 352 7.99 55.07 62.44
CA TYR E 352 8.88 54.11 61.80
C TYR E 352 10.27 54.73 61.68
N VAL E 353 10.34 55.88 61.01
CA VAL E 353 11.60 56.58 60.85
C VAL E 353 12.31 56.58 62.19
N ASN E 354 11.64 57.12 63.21
CA ASN E 354 12.20 57.18 64.54
C ASN E 354 12.95 55.90 64.89
N LYS E 355 12.21 54.92 65.42
CA LYS E 355 12.77 53.63 65.82
C LYS E 355 14.00 53.22 65.02
N THR E 356 14.00 53.48 63.72
CA THR E 356 15.12 53.11 62.87
C THR E 356 16.40 53.85 63.29
N ASN E 357 16.36 55.18 63.24
CA ASN E 357 17.51 56.01 63.62
C ASN E 357 17.98 55.62 65.02
N SER E 358 16.99 55.43 65.90
CA SER E 358 17.22 55.08 67.30
C SER E 358 18.53 54.34 67.56
N HIS E 359 18.65 53.18 66.93
CA HIS E 359 19.81 52.32 67.08
C HIS E 359 20.88 52.69 66.06
N LEU E 360 20.43 53.33 64.99
CA LEU E 360 21.30 53.77 63.92
C LEU E 360 22.20 54.92 64.35
N PRO E 361 23.49 54.86 63.96
CA PRO E 361 24.41 55.94 64.32
C PRO E 361 23.90 57.27 63.74
N ALA E 362 24.28 58.38 64.36
CA ALA E 362 23.83 59.70 63.93
C ALA E 362 23.96 59.95 62.42
N GLY E 363 25.18 59.84 61.90
CA GLY E 363 25.43 60.08 60.50
C GLY E 363 24.53 59.35 59.51
N LYS E 364 24.31 58.06 59.73
CA LYS E 364 23.48 57.25 58.84
C LYS E 364 21.97 57.41 59.06
N GLN E 365 21.58 58.23 60.03
CA GLN E 365 20.17 58.44 60.31
C GLN E 365 19.45 58.99 59.07
N VAL E 366 18.14 59.11 59.14
CA VAL E 366 17.37 59.58 57.98
C VAL E 366 16.21 60.53 58.27
N GLU E 367 16.01 61.47 57.34
CA GLU E 367 14.97 62.49 57.42
C GLU E 367 13.77 62.21 56.52
N ILE E 368 12.71 62.99 56.75
CA ILE E 368 11.48 62.88 55.97
C ILE E 368 11.57 63.89 54.82
N SER E 369 12.30 63.49 53.78
CA SER E 369 12.56 64.28 52.56
C SER E 369 11.50 65.27 52.07
N LEU E 370 10.30 64.77 51.78
CA LEU E 370 9.22 65.62 51.27
C LEU E 370 7.89 65.40 51.99
N VAL E 371 6.87 66.13 51.57
CA VAL E 371 5.53 66.04 52.17
C VAL E 371 4.46 66.38 51.12
N ASN E 372 4.80 66.23 49.84
CA ASN E 372 3.87 66.51 48.75
C ASN E 372 2.69 65.56 48.86
N GLY E 373 1.48 66.08 48.70
CA GLY E 373 0.31 65.25 48.84
C GLY E 373 -0.12 65.20 50.30
N ALA E 374 -1.30 64.65 50.59
CA ALA E 374 -1.80 64.54 51.97
C ALA E 374 -1.34 63.19 52.54
N LYS E 375 -0.97 62.31 51.62
CA LYS E 375 -0.51 60.96 51.90
C LYS E 375 0.98 60.84 51.60
N ASN E 376 1.31 60.96 50.32
CA ASN E 376 2.68 60.87 49.80
C ASN E 376 3.67 61.50 50.79
N LEU E 377 4.85 60.91 50.92
CA LEU E 377 5.84 61.41 51.88
C LEU E 377 7.25 60.87 51.67
N VAL E 378 7.92 61.30 50.61
CA VAL E 378 9.27 60.84 50.34
C VAL E 378 10.21 61.02 51.53
N VAL E 379 11.15 60.08 51.68
CA VAL E 379 12.13 60.09 52.77
C VAL E 379 13.49 59.79 52.14
N SER E 380 14.57 60.11 52.85
CA SER E 380 15.88 59.84 52.28
C SER E 380 17.03 59.82 53.28
N GLY E 381 18.08 59.12 52.90
CA GLY E 381 19.27 59.00 53.73
C GLY E 381 20.29 58.23 52.92
N PRO E 382 21.40 57.75 53.51
CA PRO E 382 22.34 57.01 52.68
C PRO E 382 21.58 55.92 51.92
N PRO E 383 22.09 55.49 50.76
CA PRO E 383 21.35 54.46 50.02
C PRO E 383 20.90 53.34 50.96
N GLN E 384 21.87 52.78 51.68
CA GLN E 384 21.66 51.70 52.62
C GLN E 384 20.50 52.03 53.52
N SER E 385 20.84 52.33 54.77
CA SER E 385 19.86 52.69 55.78
C SER E 385 18.43 52.67 55.25
N LEU E 386 18.14 53.52 54.26
CA LEU E 386 16.81 53.61 53.67
C LEU E 386 16.12 52.25 53.54
N TYR E 387 16.78 51.32 52.87
CA TYR E 387 16.24 49.99 52.71
C TYR E 387 16.04 49.35 54.08
N GLY E 388 17.02 49.52 54.97
CA GLY E 388 16.98 48.98 56.32
C GLY E 388 15.72 49.41 57.05
N LEU E 389 15.07 50.42 56.50
CA LEU E 389 13.83 50.94 57.03
C LEU E 389 12.78 50.11 56.34
N ASN E 390 12.96 49.92 55.03
CA ASN E 390 12.05 49.12 54.25
C ASN E 390 11.91 47.77 54.92
N LEU E 391 12.96 47.36 55.63
CA LEU E 391 12.95 46.09 56.35
C LEU E 391 11.71 46.08 57.24
N THR E 392 11.80 46.79 58.36
CA THR E 392 10.70 46.89 59.31
C THR E 392 9.45 47.35 58.53
N LEU E 393 9.67 48.17 57.51
CA LEU E 393 8.61 48.70 56.66
C LEU E 393 7.75 47.61 56.04
N ARG E 394 8.41 46.60 55.48
CA ARG E 394 7.73 45.48 54.85
C ARG E 394 6.88 44.77 55.91
N LYS E 395 7.54 44.13 56.87
CA LYS E 395 6.85 43.40 57.94
C LYS E 395 5.95 44.32 58.76
N ALA E 396 4.66 44.27 58.44
CA ALA E 396 3.59 45.06 59.06
C ALA E 396 2.67 45.37 57.91
N LYS E 397 3.29 45.55 56.74
CA LYS E 397 2.58 45.84 55.50
C LYS E 397 1.77 44.59 55.12
N ALA E 398 0.58 44.80 54.59
CA ALA E 398 -0.29 43.70 54.17
C ALA E 398 -0.12 43.47 52.67
N PRO E 399 -0.09 42.19 52.25
CA PRO E 399 0.07 41.77 50.85
C PRO E 399 -1.05 42.13 49.85
N SER E 400 -2.02 42.92 50.29
CA SER E 400 -3.15 43.35 49.46
C SER E 400 -4.15 42.20 49.21
N GLY E 401 -4.13 41.20 50.09
CA GLY E 401 -5.03 40.07 49.95
C GLY E 401 -6.27 40.25 50.78
N LEU E 402 -7.41 40.33 50.10
CA LEU E 402 -8.72 40.52 50.75
C LEU E 402 -8.74 40.22 52.23
N ASP E 403 -9.21 41.18 53.01
CA ASP E 403 -9.32 41.04 54.46
C ASP E 403 -10.54 41.84 54.94
N GLN E 404 -10.99 42.77 54.09
CA GLN E 404 -12.16 43.59 54.38
C GLN E 404 -13.36 42.72 54.00
N SER E 405 -13.12 41.73 53.14
CA SER E 405 -14.17 40.83 52.70
C SER E 405 -15.02 40.46 53.91
N ARG E 406 -14.39 40.46 55.08
CA ARG E 406 -15.07 40.15 56.34
C ARG E 406 -14.56 41.09 57.43
N ILE E 407 -15.38 42.10 57.75
CA ILE E 407 -15.11 43.15 58.75
C ILE E 407 -13.63 43.55 58.86
N PRO E 408 -13.33 44.79 58.41
CA PRO E 408 -12.01 45.42 58.40
C PRO E 408 -11.83 46.46 59.52
N PHE E 409 -11.92 47.73 59.11
CA PHE E 409 -11.77 48.86 60.02
C PHE E 409 -12.03 48.48 61.46
N SER E 410 -10.94 48.09 62.13
CA SER E 410 -10.96 47.70 63.53
C SER E 410 -9.76 46.78 63.79
N GLU E 411 -9.55 45.85 62.87
CA GLU E 411 -8.43 44.90 62.97
C GLU E 411 -7.63 44.95 61.66
N ARG E 412 -8.34 45.16 60.55
CA ARG E 412 -7.75 45.21 59.20
C ARG E 412 -6.39 45.91 59.19
N LYS E 413 -5.50 45.45 58.32
CA LYS E 413 -4.17 46.04 58.24
C LYS E 413 -3.97 46.99 57.06
N LEU E 414 -2.90 47.78 57.16
CA LEU E 414 -2.51 48.81 56.19
C LEU E 414 -2.04 48.31 54.82
N LYS E 415 -1.85 49.28 53.91
CA LYS E 415 -1.38 49.03 52.54
C LYS E 415 -0.40 50.15 52.17
N PHE E 416 0.64 49.83 51.39
CA PHE E 416 1.67 50.82 51.08
C PHE E 416 2.00 51.10 49.63
N SER E 417 3.32 51.12 49.43
CA SER E 417 4.05 51.37 48.19
C SER E 417 5.36 51.95 48.70
N ASN E 418 6.43 51.15 48.69
CA ASN E 418 7.73 51.60 49.20
C ASN E 418 8.82 51.81 48.15
N ARG E 419 8.44 52.00 46.89
CA ARG E 419 9.44 52.19 45.85
C ARG E 419 10.30 53.43 46.04
N PHE E 420 11.45 53.44 45.37
CA PHE E 420 12.37 54.57 45.42
C PHE E 420 12.24 55.36 44.12
N LEU E 421 12.92 56.50 44.04
CA LEU E 421 12.82 57.32 42.85
C LEU E 421 14.13 57.47 42.10
N PRO E 422 14.07 58.08 40.91
CA PRO E 422 15.22 58.33 40.03
C PRO E 422 15.97 59.56 40.53
N VAL E 423 16.81 59.37 41.54
CA VAL E 423 17.57 60.46 42.13
C VAL E 423 18.88 59.97 42.72
N ALA E 424 19.98 60.28 42.07
CA ALA E 424 21.29 59.84 42.55
C ALA E 424 21.60 60.37 43.96
N SER E 425 21.13 61.58 44.26
CA SER E 425 21.42 62.19 45.55
C SER E 425 20.26 62.34 46.55
N PRO E 426 20.61 62.65 47.80
CA PRO E 426 19.64 62.84 48.89
C PRO E 426 19.33 64.31 49.17
N PHE E 427 18.57 64.95 48.29
CA PHE E 427 18.20 66.35 48.48
C PHE E 427 17.53 66.53 49.83
N HIS E 428 17.45 67.77 50.30
CA HIS E 428 16.80 68.05 51.60
C HIS E 428 17.26 66.96 52.56
N SER E 429 18.51 67.03 53.01
CA SER E 429 19.03 65.98 53.87
C SER E 429 19.75 66.38 55.15
N HIS E 430 20.21 65.34 55.85
CA HIS E 430 20.94 65.45 57.10
C HIS E 430 22.41 65.21 56.87
N LEU E 431 22.81 65.20 55.60
CA LEU E 431 24.21 64.99 55.24
C LEU E 431 24.58 65.90 54.08
N LEU E 432 23.58 66.60 53.57
CA LEU E 432 23.80 67.53 52.48
C LEU E 432 23.73 68.94 53.02
N VAL E 433 24.67 69.27 53.91
CA VAL E 433 24.71 70.59 54.51
C VAL E 433 26.14 71.11 54.64
N PRO E 434 27.09 70.31 55.17
CA PRO E 434 28.45 70.82 55.29
C PRO E 434 28.98 71.47 54.01
N ALA E 435 28.40 71.08 52.88
CA ALA E 435 28.80 71.63 51.59
C ALA E 435 27.78 72.66 51.11
N SER E 436 26.62 72.68 51.74
CA SER E 436 25.56 73.61 51.36
C SER E 436 26.03 75.06 51.33
N ASP E 437 26.41 75.58 52.49
CA ASP E 437 26.89 76.96 52.59
C ASP E 437 27.92 77.29 51.53
N LEU E 438 28.80 76.34 51.24
CA LEU E 438 29.85 76.57 50.26
C LEU E 438 29.27 77.07 48.93
N ILE E 439 28.21 76.44 48.45
CA ILE E 439 27.61 76.85 47.19
C ILE E 439 27.15 78.31 47.27
N ASN E 440 26.59 78.70 48.42
CA ASN E 440 26.13 80.07 48.61
C ASN E 440 27.26 81.01 48.18
N LYS E 441 28.45 80.75 48.71
CA LYS E 441 29.61 81.54 48.36
C LYS E 441 29.94 81.27 46.91
N ASP E 442 29.83 80.01 46.51
CA ASP E 442 30.10 79.61 45.13
C ASP E 442 29.22 80.39 44.18
N LEU E 443 28.19 81.04 44.72
CA LEU E 443 27.26 81.83 43.93
C LEU E 443 27.88 83.19 43.62
N VAL E 444 28.08 83.97 44.67
CA VAL E 444 28.66 85.29 44.54
C VAL E 444 29.93 85.19 43.72
N LYS E 445 30.76 84.18 44.03
CA LYS E 445 32.02 83.93 43.35
C LYS E 445 31.91 83.84 41.84
N ASN E 446 30.78 84.32 41.31
CA ASN E 446 30.53 84.32 39.88
C ASN E 446 29.48 85.39 39.56
N ASN E 447 29.94 86.64 39.54
CA ASN E 447 29.12 87.83 39.26
C ASN E 447 27.74 87.60 38.63
N VAL E 448 26.89 86.81 39.27
CA VAL E 448 25.55 86.55 38.74
C VAL E 448 24.60 86.14 39.85
N SER E 449 25.15 85.71 40.97
CA SER E 449 24.35 85.25 42.09
C SER E 449 23.60 86.37 42.79
N PHE E 450 22.51 86.84 42.20
CA PHE E 450 21.76 87.91 42.84
C PHE E 450 20.31 87.62 43.14
N ASN E 451 19.41 88.02 42.25
CA ASN E 451 17.98 87.87 42.43
C ASN E 451 17.53 88.92 43.46
N ALA E 452 17.62 90.19 43.04
CA ALA E 452 17.24 91.32 43.89
C ALA E 452 15.74 91.47 43.98
N LYS E 453 15.28 92.67 44.32
CA LYS E 453 13.85 92.93 44.44
C LYS E 453 13.19 92.98 43.06
N ASP E 454 13.86 92.41 42.07
CA ASP E 454 13.35 92.37 40.69
C ASP E 454 12.21 91.35 40.60
N ILE E 455 11.86 90.76 41.75
CA ILE E 455 10.79 89.77 41.85
C ILE E 455 9.49 90.26 41.26
N GLN E 456 9.24 89.92 40.00
CA GLN E 456 8.02 90.33 39.34
C GLN E 456 6.85 89.85 40.20
N ILE E 457 6.27 88.73 39.79
CA ILE E 457 5.16 88.10 40.47
C ILE E 457 5.66 87.49 41.78
N PRO E 458 4.72 87.06 42.64
CA PRO E 458 5.07 86.45 43.94
C PRO E 458 5.47 84.97 43.81
N VAL E 459 6.77 84.70 43.79
CA VAL E 459 7.31 83.35 43.67
C VAL E 459 7.33 82.65 45.05
N TYR E 460 6.24 81.96 45.39
CA TYR E 460 6.12 81.28 46.68
C TYR E 460 7.33 80.44 47.10
N ASP E 461 7.48 80.27 48.41
CA ASP E 461 8.60 79.53 49.00
C ASP E 461 8.51 78.01 49.00
N THR E 462 9.59 77.40 49.48
CA THR E 462 9.71 75.95 49.61
C THR E 462 9.11 75.68 50.98
N PHE E 463 9.03 76.76 51.76
CA PHE E 463 8.47 76.68 53.10
C PHE E 463 7.68 77.95 53.40
N ASP E 464 6.35 77.83 53.36
CA ASP E 464 5.41 78.91 53.60
C ASP E 464 5.45 79.92 52.46
N GLY E 465 4.38 79.96 51.67
CA GLY E 465 4.30 80.86 50.54
C GLY E 465 4.38 82.36 50.80
N SER E 466 5.61 82.87 50.90
CA SER E 466 5.86 84.30 51.10
C SER E 466 6.44 84.74 49.75
N ASP E 467 6.23 85.99 49.35
CA ASP E 467 6.74 86.47 48.06
C ASP E 467 8.21 86.14 47.88
N LEU E 468 8.78 85.44 48.86
CA LEU E 468 10.19 85.05 48.83
C LEU E 468 11.01 86.31 49.01
N ARG E 469 10.35 87.46 48.86
CA ARG E 469 11.03 88.74 49.03
C ARG E 469 10.73 89.33 50.38
N VAL E 470 11.67 89.09 51.29
CA VAL E 470 11.62 89.58 52.65
C VAL E 470 13.09 89.69 52.97
N LEU E 471 13.89 89.84 51.91
CA LEU E 471 15.34 89.98 51.97
C LEU E 471 15.98 89.30 53.19
N SER E 472 16.94 90.00 53.81
CA SER E 472 17.66 89.51 54.98
C SER E 472 18.30 88.13 54.78
N GLY E 473 18.34 87.67 53.52
CA GLY E 473 18.93 86.38 53.22
C GLY E 473 19.40 86.22 51.78
N SER E 474 19.27 87.28 50.99
CA SER E 474 19.69 87.27 49.59
C SER E 474 18.83 86.37 48.71
N ILE E 475 18.09 85.46 49.34
CA ILE E 475 17.25 84.52 48.61
C ILE E 475 18.20 83.47 48.03
N SER E 476 19.26 83.93 47.39
CA SER E 476 20.27 83.03 46.82
C SER E 476 21.15 82.52 47.97
N GLU E 477 20.48 82.23 49.09
CA GLU E 477 21.13 81.74 50.29
C GLU E 477 20.03 80.95 51.01
N ARG E 478 18.80 81.14 50.55
CA ARG E 478 17.63 80.46 51.09
C ARG E 478 17.27 79.42 50.06
N ILE E 479 17.38 79.81 48.80
CA ILE E 479 17.08 78.91 47.68
C ILE E 479 18.23 77.90 47.68
N VAL E 480 18.76 77.65 48.86
CA VAL E 480 19.84 76.72 49.06
C VAL E 480 19.46 75.86 50.25
N ASP E 481 19.21 76.53 51.38
CA ASP E 481 18.84 75.82 52.59
C ASP E 481 17.40 75.27 52.47
N CYS E 482 16.59 75.86 51.59
CA CYS E 482 15.22 75.40 51.40
C CYS E 482 15.27 74.13 50.55
N ILE E 483 16.42 73.91 49.91
CA ILE E 483 16.65 72.74 49.07
C ILE E 483 17.49 71.73 49.85
N ILE E 484 18.80 71.96 49.90
CA ILE E 484 19.72 71.04 50.58
C ILE E 484 19.73 71.16 52.10
N ARG E 485 18.56 71.03 52.72
CA ARG E 485 18.45 71.12 54.17
C ARG E 485 16.99 71.07 54.68
N LEU E 486 16.15 71.97 54.20
CA LEU E 486 14.75 72.01 54.65
C LEU E 486 13.76 71.24 53.77
N PRO E 487 12.68 70.75 54.39
CA PRO E 487 11.61 69.98 53.74
C PRO E 487 10.94 70.73 52.59
N VAL E 488 9.69 70.38 52.31
CA VAL E 488 8.94 71.01 51.24
C VAL E 488 7.48 71.28 51.61
N LYS E 489 6.88 70.36 52.36
CA LYS E 489 5.48 70.50 52.78
C LYS E 489 4.56 70.97 51.66
N TRP E 490 5.02 70.87 50.42
CA TRP E 490 4.26 71.29 49.25
C TRP E 490 2.83 71.79 49.47
N GLU E 491 1.94 70.96 50.04
CA GLU E 491 0.57 71.39 50.26
C GLU E 491 0.61 72.79 50.89
N THR E 492 1.68 73.07 51.63
CA THR E 492 1.86 74.35 52.30
C THR E 492 2.40 75.38 51.32
N THR E 493 3.14 74.91 50.31
CA THR E 493 3.69 75.80 49.30
C THR E 493 2.63 76.16 48.27
N THR E 494 1.60 75.32 48.15
CA THR E 494 0.53 75.60 47.19
C THR E 494 -0.27 76.81 47.67
N GLN E 495 -1.20 76.58 48.60
CA GLN E 495 -2.07 77.64 49.13
C GLN E 495 -2.23 78.78 48.13
N PHE E 496 -2.65 78.39 46.93
CA PHE E 496 -2.85 79.30 45.82
C PHE E 496 -4.29 79.73 45.64
N LYS E 497 -4.44 80.85 44.94
CA LYS E 497 -5.74 81.39 44.60
C LYS E 497 -5.70 81.26 43.09
N ALA E 498 -5.72 80.02 42.60
CA ALA E 498 -5.63 79.83 41.16
C ALA E 498 -6.91 79.32 40.51
N THR E 499 -6.81 79.15 39.18
CA THR E 499 -7.89 78.64 38.35
C THR E 499 -7.23 77.62 37.46
N HIS E 500 -5.92 77.77 37.30
CA HIS E 500 -5.11 76.87 36.49
C HIS E 500 -3.70 76.89 37.06
N ILE E 501 -2.87 75.98 36.59
CA ILE E 501 -1.47 75.90 37.00
C ILE E 501 -0.65 75.34 35.85
N LEU E 502 0.35 76.09 35.40
CA LEU E 502 1.17 75.63 34.31
C LEU E 502 2.46 75.01 34.79
N ASP E 503 2.52 73.69 34.66
CA ASP E 503 3.68 72.95 35.08
C ASP E 503 4.55 72.41 33.98
N PHE E 504 5.70 73.03 33.90
CA PHE E 504 6.71 72.69 32.95
C PHE E 504 7.49 71.63 33.73
N GLY E 505 6.78 71.02 34.69
CA GLY E 505 7.36 69.99 35.53
C GLY E 505 8.18 69.11 34.61
N PRO E 506 9.37 68.65 35.04
CA PRO E 506 10.38 67.80 34.40
C PRO E 506 9.93 66.52 33.69
N GLY E 507 9.45 66.71 32.46
CA GLY E 507 8.98 65.62 31.61
C GLY E 507 7.72 64.91 32.07
N GLY E 508 6.89 64.52 31.11
CA GLY E 508 5.65 63.79 31.38
C GLY E 508 4.73 64.13 32.54
N ALA E 509 3.62 63.40 32.58
CA ALA E 509 2.55 63.50 33.56
C ALA E 509 2.94 62.76 34.83
N SER E 510 4.08 63.11 35.40
CA SER E 510 4.55 62.45 36.61
C SER E 510 5.45 63.39 37.40
N GLY E 511 5.65 64.58 36.85
CA GLY E 511 6.48 65.58 37.50
C GLY E 511 5.65 66.68 38.13
N LEU E 512 5.20 66.43 39.37
CA LEU E 512 4.37 67.35 40.14
C LEU E 512 3.10 67.76 39.41
N GLY E 513 3.25 68.07 38.12
CA GLY E 513 2.14 68.50 37.29
C GLY E 513 0.81 67.94 37.76
N VAL E 514 0.76 66.63 37.98
CA VAL E 514 -0.47 65.99 38.42
C VAL E 514 -0.57 65.96 39.94
N LEU E 515 0.52 65.62 40.62
CA LEU E 515 0.50 65.56 42.09
C LEU E 515 -0.16 66.79 42.64
N THR E 516 0.28 67.93 42.13
CA THR E 516 -0.26 69.20 42.55
C THR E 516 -1.77 69.04 42.51
N HIS E 517 -2.25 68.41 41.44
CA HIS E 517 -3.67 68.18 41.27
C HIS E 517 -4.16 67.29 42.40
N ARG E 518 -3.55 66.13 42.54
CA ARG E 518 -3.94 65.19 43.59
C ARG E 518 -4.49 65.90 44.80
N ASN E 519 -3.61 66.56 45.53
CA ASN E 519 -3.95 67.30 46.74
C ASN E 519 -5.27 68.07 46.72
N LYS E 520 -5.55 68.70 45.57
CA LYS E 520 -6.75 69.52 45.40
C LYS E 520 -7.70 68.95 44.35
N ASP E 521 -8.97 68.78 44.72
CA ASP E 521 -9.97 68.24 43.80
C ASP E 521 -11.26 69.06 43.76
N GLY E 522 -11.19 70.19 43.07
CA GLY E 522 -12.34 71.07 42.96
C GLY E 522 -11.87 72.50 42.87
N THR E 523 -10.76 72.71 42.18
CA THR E 523 -10.18 74.05 42.01
C THR E 523 -9.54 74.23 40.64
N GLY E 524 -8.22 74.40 40.61
CA GLY E 524 -7.50 74.60 39.36
C GLY E 524 -7.79 73.55 38.31
N VAL E 525 -7.03 73.60 37.21
CA VAL E 525 -7.18 72.65 36.11
C VAL E 525 -5.80 72.28 35.58
N ARG E 526 -4.81 72.39 36.47
CA ARG E 526 -3.42 72.05 36.18
C ARG E 526 -3.17 71.45 34.81
N VAL E 527 -2.49 72.23 33.96
CA VAL E 527 -2.15 71.81 32.60
C VAL E 527 -0.64 71.74 32.50
N ILE E 528 -0.11 70.75 31.80
CA ILE E 528 1.34 70.61 31.68
C ILE E 528 1.87 70.94 30.27
N VAL E 529 3.19 70.92 30.12
CA VAL E 529 3.88 71.25 28.87
C VAL E 529 3.98 70.18 27.77
N ALA E 530 5.21 69.71 27.53
CA ALA E 530 5.47 68.69 26.51
C ALA E 530 4.54 67.50 26.66
N GLY E 531 4.43 66.71 25.59
CA GLY E 531 3.56 65.55 25.65
C GLY E 531 2.17 65.98 25.26
N THR E 532 1.67 65.35 24.21
CA THR E 532 0.35 65.67 23.71
C THR E 532 -0.72 64.69 24.20
N LEU E 533 -0.33 63.50 24.64
CA LEU E 533 -1.27 62.48 25.12
C LEU E 533 -2.34 63.13 25.99
N ASP E 534 -3.43 62.41 26.23
CA ASP E 534 -4.51 62.93 27.05
C ASP E 534 -5.05 61.85 27.97
N ILE E 535 -6.28 62.04 28.42
CA ILE E 535 -6.93 61.07 29.30
C ILE E 535 -8.44 61.27 29.13
N ASN E 536 -9.03 61.76 30.21
CA ASN E 536 -10.44 62.08 30.29
C ASN E 536 -10.36 63.45 30.96
N PRO E 537 -10.85 64.51 30.28
CA PRO E 537 -10.82 65.89 30.80
C PRO E 537 -10.64 66.01 32.30
N ASP E 538 -9.43 65.71 32.74
CA ASP E 538 -9.08 65.74 34.15
C ASP E 538 -8.03 66.82 34.32
N ASP E 539 -6.87 66.56 33.73
CA ASP E 539 -5.75 67.48 33.80
C ASP E 539 -5.24 67.85 32.42
N ASP E 540 -6.15 68.08 31.47
CA ASP E 540 -5.77 68.45 30.11
C ASP E 540 -4.45 69.22 30.08
N TYR E 541 -3.59 68.93 29.11
CA TYR E 541 -2.27 69.57 29.06
C TYR E 541 -1.62 69.59 27.68
N GLY E 542 -0.37 70.02 27.66
CA GLY E 542 0.41 70.07 26.44
C GLY E 542 -0.17 70.82 25.26
N PHE E 543 -1.48 70.72 25.09
CA PHE E 543 -2.15 71.38 23.97
C PHE E 543 -3.08 72.50 24.41
N LYS E 544 -3.33 72.63 25.72
CA LYS E 544 -4.20 73.70 26.21
C LYS E 544 -3.51 75.06 26.08
N GLN E 545 -2.37 75.07 25.38
CA GLN E 545 -1.61 76.29 25.15
C GLN E 545 -2.30 77.04 24.04
N UNK E 546 -2.08 76.58 22.83
CA UNK E 546 -2.66 77.21 21.66
C UNK E 546 -4.11 76.80 21.34
N UNK E 547 -4.87 76.45 22.37
CA UNK E 547 -6.26 76.04 22.16
C UNK E 547 -7.14 77.20 21.71
N UNK E 548 -8.13 76.90 20.87
CA UNK E 548 -9.07 77.90 20.36
C UNK E 548 -10.48 77.32 20.47
N UNK E 549 -11.35 78.02 21.21
CA UNK E 549 -12.74 77.59 21.42
C UNK E 549 -12.82 76.36 22.32
N UNK E 550 -12.09 76.40 23.44
CA UNK E 550 -12.07 75.30 24.40
C UNK E 550 -11.41 75.80 25.68
N UNK E 551 -12.20 76.00 26.73
CA UNK E 551 -11.69 76.49 28.00
C UNK E 551 -11.68 75.45 29.12
N UNK E 552 -10.64 75.51 29.96
CA UNK E 552 -10.48 74.58 31.09
C UNK E 552 -11.41 74.95 32.25
N UNK E 553 -11.94 73.97 32.97
CA UNK E 553 -12.85 74.22 34.09
C UNK E 553 -13.11 73.01 34.99
N UNK E 554 -12.14 72.68 35.85
CA UNK E 554 -12.28 71.53 36.75
C UNK E 554 -13.19 71.84 37.93
N UNK E 555 -14.50 71.62 37.73
CA UNK E 555 -15.53 71.86 38.74
C UNK E 555 -15.07 71.93 40.20
N UNK E 556 -15.63 72.89 40.94
CA UNK E 556 -15.30 73.10 42.35
C UNK E 556 -16.18 72.26 43.26
N UNK E 557 -15.54 71.47 44.12
CA UNK E 557 -16.25 70.59 45.06
C UNK E 557 -16.92 71.32 46.23
N UNK E 558 -18.03 71.99 45.95
CA UNK E 558 -18.81 72.75 46.93
C UNK E 558 -19.60 73.76 46.11
N UNK E 559 -18.86 74.66 45.48
CA UNK E 559 -19.45 75.67 44.64
C UNK E 559 -20.25 74.92 43.57
N UNK E 560 -19.53 74.14 42.75
CA UNK E 560 -20.16 73.36 41.69
C UNK E 560 -21.32 72.52 42.24
N UNK E 561 -22.53 73.01 42.01
CA UNK E 561 -23.73 72.35 42.48
C UNK E 561 -23.67 72.10 43.98
N UNK E 562 -24.19 73.06 44.75
CA UNK E 562 -24.25 72.96 46.21
C UNK E 562 -25.73 72.99 46.53
N UNK E 563 -26.11 72.54 47.74
CA UNK E 563 -27.51 72.52 48.13
C UNK E 563 -28.26 73.79 47.67
N UNK E 564 -29.58 73.71 47.51
CA UNK E 564 -30.38 74.87 47.07
C UNK E 564 -31.76 74.96 47.75
N UNK E 565 -32.69 75.68 47.14
CA UNK E 565 -34.06 75.84 47.64
C UNK E 565 -34.94 76.47 46.56
N UNK E 566 -36.24 76.22 46.64
CA UNK E 566 -37.19 76.77 45.67
C UNK E 566 -38.66 76.54 46.12
N UNK E 567 -39.60 77.26 45.50
CA UNK E 567 -41.02 77.14 45.83
C UNK E 567 -41.95 76.91 44.63
N UNK E 568 -43.13 76.39 44.92
CA UNK E 568 -44.10 76.06 43.88
C UNK E 568 -44.97 77.21 43.43
N UNK E 569 -45.52 77.08 42.23
CA UNK E 569 -46.40 78.09 41.66
C UNK E 569 -47.73 78.07 42.40
N UNK E 570 -47.75 77.37 43.53
CA UNK E 570 -48.94 77.26 44.38
C UNK E 570 -48.48 77.52 45.81
N UNK E 571 -47.27 78.06 45.94
CA UNK E 571 -46.68 78.40 47.23
C UNK E 571 -46.31 77.18 48.07
N UNK E 572 -45.19 76.54 47.73
CA UNK E 572 -44.74 75.39 48.47
C UNK E 572 -43.22 75.40 48.46
N UNK E 573 -42.62 75.12 49.60
CA UNK E 573 -41.16 75.09 49.67
C UNK E 573 -40.69 73.80 49.03
N UNK E 574 -39.37 73.64 48.92
CA UNK E 574 -38.77 72.44 48.33
C UNK E 574 -37.28 72.44 48.63
N UNK E 575 -36.78 71.41 49.30
CA UNK E 575 -35.36 71.32 49.65
C UNK E 575 -34.44 71.36 48.42
N UNK E 576 -35.01 71.10 47.25
CA UNK E 576 -34.31 71.11 45.96
C UNK E 576 -32.91 70.48 45.89
N UNK E 577 -32.86 69.15 45.88
CA UNK E 577 -31.58 68.43 45.79
C UNK E 577 -31.43 67.87 44.39
N UNK E 578 -30.22 67.38 44.06
CA UNK E 578 -29.94 66.83 42.74
C UNK E 578 -31.20 66.14 42.23
N UNK E 579 -31.89 65.46 43.15
CA UNK E 579 -33.14 64.75 42.84
C UNK E 579 -34.20 65.80 42.53
N UNK E 580 -33.84 66.71 41.63
CA UNK E 580 -34.73 67.76 41.20
C UNK E 580 -35.87 67.08 40.47
N UNK E 581 -35.51 66.19 39.54
CA UNK E 581 -36.45 65.45 38.71
C UNK E 581 -37.54 64.74 39.54
N UNK E 582 -37.20 64.36 40.76
CA UNK E 582 -38.15 63.68 41.65
C UNK E 582 -39.20 64.67 42.19
N UNK E 583 -38.90 65.26 43.36
CA UNK E 583 -39.76 66.23 44.05
C UNK E 583 -39.80 66.02 45.57
N UNK E 584 -38.66 66.26 46.25
CA UNK E 584 -38.51 66.16 47.71
C UNK E 584 -37.39 65.23 48.18
N UNK E 585 -36.17 65.55 47.78
CA UNK E 585 -34.97 64.79 48.14
C UNK E 585 -34.98 63.97 49.45
N UNK E 586 -35.19 62.65 49.34
CA UNK E 586 -35.21 61.72 50.49
C UNK E 586 -36.09 60.49 50.18
N UNK E 587 -35.70 59.32 50.69
CA UNK E 587 -36.47 58.08 50.48
C UNK E 587 -36.03 56.95 51.41
N UNK E 588 -36.94 56.05 51.76
CA UNK E 588 -36.57 54.94 52.63
C UNK E 588 -37.31 53.69 52.17
N UNK E 589 -36.55 52.62 51.88
CA UNK E 589 -37.09 51.31 51.42
C UNK E 589 -36.59 50.13 52.29
N UNK E 590 -37.47 49.61 53.15
CA UNK E 590 -37.14 48.50 54.07
C UNK E 590 -37.46 47.09 53.56
N UNK E 591 -36.71 46.12 54.06
CA UNK E 591 -36.86 44.71 53.69
C UNK E 591 -37.66 43.88 54.73
N UNK E 592 -38.96 44.19 54.82
CA UNK E 592 -39.92 43.55 55.72
C UNK E 592 -40.94 44.63 56.03
N UNK E 593 -40.40 45.78 56.45
CA UNK E 593 -41.19 46.95 56.77
C UNK E 593 -41.82 47.39 55.44
N UNK E 594 -40.99 47.96 54.57
CA UNK E 594 -41.43 48.44 53.26
C UNK E 594 -42.17 47.41 52.44
N UNK E 595 -43.33 46.96 52.91
CA UNK E 595 -44.12 45.96 52.20
C UNK E 595 -45.55 45.91 52.73
N UNK E 596 -46.46 46.71 52.14
CA UNK E 596 -47.88 46.76 52.51
C UNK E 596 -48.61 48.06 52.16
N UNK E 597 -48.70 48.93 53.17
CA UNK E 597 -49.36 50.24 53.08
C UNK E 597 -48.55 51.35 53.73
N UNK E 598 -47.70 50.99 54.70
CA UNK E 598 -46.86 51.96 55.41
C UNK E 598 -45.76 52.52 54.53
N UNK E 599 -45.99 52.40 53.22
CA UNK E 599 -45.11 52.87 52.15
C UNK E 599 -46.06 53.12 51.00
N UNK E 600 -47.29 52.67 51.19
CA UNK E 600 -48.36 52.88 50.22
C UNK E 600 -48.96 54.21 50.69
N UNK E 601 -48.46 54.67 51.83
CA UNK E 601 -48.86 55.93 52.45
C UNK E 601 -47.60 56.71 52.80
N UNK E 602 -46.53 56.01 53.19
CA UNK E 602 -45.27 56.67 53.50
C UNK E 602 -44.91 57.45 52.25
N UNK E 603 -45.38 56.93 51.11
CA UNK E 603 -45.14 57.55 49.81
C UNK E 603 -46.38 58.35 49.43
N UNK E 604 -47.57 57.83 49.76
CA UNK E 604 -48.80 58.54 49.45
C UNK E 604 -48.73 59.94 50.05
N UNK E 605 -48.20 60.05 51.27
CA UNK E 605 -48.06 61.34 51.94
C UNK E 605 -47.24 62.23 51.02
N UNK E 606 -45.92 62.06 51.04
CA UNK E 606 -45.05 62.85 50.19
C UNK E 606 -43.57 62.46 50.29
N UNK E 607 -43.11 61.63 49.34
CA UNK E 607 -41.71 61.18 49.30
C UNK E 607 -41.41 59.96 48.39
N UNK E 608 -40.52 59.10 48.89
CA UNK E 608 -40.11 57.90 48.18
C UNK E 608 -39.83 56.73 49.14
N UNK E 609 -40.74 55.77 49.13
CA UNK E 609 -40.63 54.56 49.93
C UNK E 609 -40.78 53.42 48.93
N UNK E 610 -39.96 52.37 49.03
CA UNK E 610 -40.00 51.23 48.10
C UNK E 610 -40.44 49.90 48.75
N UNK E 611 -41.45 49.25 48.15
CA UNK E 611 -41.99 47.98 48.62
C UNK E 611 -41.75 46.88 47.59
N UNK E 612 -41.05 45.83 48.01
CA UNK E 612 -40.71 44.65 47.19
C UNK E 612 -40.05 43.53 48.01
N UNK E 613 -40.37 42.27 47.64
CA UNK E 613 -39.89 41.04 48.28
C UNK E 613 -41.01 40.47 49.11
N UNK E 614 -42.23 40.59 48.58
CA UNK E 614 -43.43 40.12 49.24
C UNK E 614 -43.79 38.66 48.92
N UNK E 615 -42.80 37.77 49.01
CA UNK E 615 -42.95 36.32 48.76
C UNK E 615 -42.99 35.84 47.31
N UNK E 616 -44.02 35.07 46.97
CA UNK E 616 -44.20 34.52 45.62
C UNK E 616 -44.04 35.56 44.51
N UNK E 617 -42.77 35.91 44.22
CA UNK E 617 -42.36 36.90 43.22
C UNK E 617 -43.20 37.05 41.94
N UNK E 618 -44.52 37.14 42.10
CA UNK E 618 -45.48 37.31 40.99
C UNK E 618 -46.85 36.87 41.50
N UNK E 619 -47.90 37.44 40.91
CA UNK E 619 -49.27 37.13 41.31
C UNK E 619 -49.56 37.70 42.69
N UNK E 620 -48.50 37.98 43.44
CA UNK E 620 -48.61 38.55 44.79
C UNK E 620 -48.12 40.01 44.81
N UNK E 621 -46.84 40.22 45.06
CA UNK E 621 -46.27 41.57 45.06
C UNK E 621 -46.36 42.12 43.63
N UNK E 622 -47.44 41.73 42.94
CA UNK E 622 -47.75 42.12 41.57
C UNK E 622 -49.26 42.26 41.46
N UNK E 623 -49.94 42.04 42.58
CA UNK E 623 -51.40 42.14 42.68
C UNK E 623 -51.66 42.96 43.95
N UNK E 624 -50.75 42.78 44.91
CA UNK E 624 -50.79 43.52 46.18
C UNK E 624 -50.19 44.88 45.88
N UNK E 625 -49.46 44.96 44.76
CA UNK E 625 -48.87 46.22 44.32
C UNK E 625 -50.02 46.88 43.57
N UNK E 626 -50.86 46.04 42.95
CA UNK E 626 -52.02 46.52 42.21
C UNK E 626 -53.01 47.18 43.15
N UNK E 627 -52.92 46.87 44.44
CA UNK E 627 -53.81 47.44 45.46
C UNK E 627 -53.21 48.70 46.09
N UNK E 628 -52.00 48.56 46.60
CA UNK E 628 -51.29 49.68 47.21
C UNK E 628 -50.84 50.60 46.07
N UNK E 629 -51.80 50.96 45.22
CA UNK E 629 -51.61 51.83 44.08
C UNK E 629 -52.98 52.43 43.75
N UNK E 630 -54.01 51.60 43.88
CA UNK E 630 -55.37 52.05 43.64
C UNK E 630 -55.69 52.90 44.85
N UNK E 631 -54.93 52.66 45.92
CA UNK E 631 -55.08 53.36 47.19
C UNK E 631 -53.98 54.41 47.42
N UNK E 632 -53.55 55.09 46.36
CA UNK E 632 -52.53 56.11 46.48
C UNK E 632 -53.00 57.42 45.87
N UNK E 633 -52.09 58.38 45.73
CA UNK E 633 -52.43 59.67 45.13
C UNK E 633 -52.89 59.42 43.68
N UNK E 634 -53.89 60.17 43.23
CA UNK E 634 -54.42 60.02 41.87
C UNK E 634 -53.39 60.34 40.80
N UNK E 635 -52.12 60.25 41.19
CA UNK E 635 -51.00 60.53 40.30
C UNK E 635 -49.72 60.40 41.12
N UNK E 636 -49.48 59.22 41.68
CA UNK E 636 -48.29 58.96 42.50
C UNK E 636 -47.16 58.26 41.72
N UNK E 637 -46.24 57.66 42.46
CA UNK E 637 -45.09 56.96 41.88
C UNK E 637 -44.58 55.95 42.91
N UNK E 638 -44.82 54.66 42.66
CA UNK E 638 -44.39 53.61 43.60
C UNK E 638 -42.98 53.06 43.29
N UNK E 639 -42.38 52.43 44.30
CA UNK E 639 -41.04 51.86 44.16
C UNK E 639 -40.94 50.36 44.55
N UNK E 640 -40.37 49.56 43.64
CA UNK E 640 -40.18 48.12 43.86
C UNK E 640 -38.68 47.86 43.92
N UNK E 641 -38.22 47.29 45.03
CA UNK E 641 -36.81 46.99 45.23
C UNK E 641 -36.59 45.52 45.54
N UNK E 642 -36.44 44.70 44.50
CA UNK E 642 -36.23 43.25 44.64
C UNK E 642 -34.75 42.93 44.88
N UNK E 643 -34.50 41.90 45.70
CA UNK E 643 -33.14 41.47 46.07
C UNK E 643 -32.32 40.82 44.93
N UNK E 644 -31.16 41.40 44.62
CA UNK E 644 -30.31 40.89 43.52
C UNK E 644 -29.86 39.45 43.69
N UNK E 645 -29.52 39.09 44.92
CA UNK E 645 -29.03 37.75 45.22
C UNK E 645 -30.08 36.71 45.70
N UNK E 646 -31.26 36.72 45.09
CA UNK E 646 -32.32 35.78 45.42
C UNK E 646 -33.04 35.52 44.12
N UNK E 647 -32.24 35.32 43.08
CA UNK E 647 -32.70 35.07 41.73
C UNK E 647 -34.10 34.47 41.63
N UNK E 648 -34.46 33.60 42.57
CA UNK E 648 -35.78 32.96 42.58
C UNK E 648 -36.86 34.00 42.34
N UNK E 649 -36.77 35.10 43.07
CA UNK E 649 -37.71 36.20 42.94
C UNK E 649 -37.19 37.06 41.80
N UNK E 650 -35.91 37.41 41.87
CA UNK E 650 -35.26 38.24 40.86
C UNK E 650 -35.73 37.89 39.45
N UNK E 651 -36.10 36.62 39.26
CA UNK E 651 -36.60 36.15 37.98
C UNK E 651 -38.05 36.58 37.80
N UNK E 652 -38.94 35.96 38.57
CA UNK E 652 -40.36 36.30 38.51
C UNK E 652 -40.50 37.66 39.17
N UNK E 653 -40.48 38.71 38.35
CA UNK E 653 -40.59 40.09 38.81
C UNK E 653 -39.96 41.00 37.77
N UNK E 654 -38.68 40.77 37.48
CA UNK E 654 -37.99 41.56 36.46
C UNK E 654 -38.95 41.53 35.27
N UNK E 655 -39.81 40.51 35.26
CA UNK E 655 -40.81 40.37 34.22
C UNK E 655 -42.06 41.10 34.70
N UNK E 656 -42.50 40.80 35.92
CA UNK E 656 -43.69 41.45 36.47
C UNK E 656 -43.60 42.98 36.38
N UNK E 657 -42.48 43.54 36.82
CA UNK E 657 -42.26 44.97 36.78
C UNK E 657 -42.49 45.41 35.36
N UNK E 658 -41.57 45.00 34.49
CA UNK E 658 -41.66 45.33 33.08
C UNK E 658 -43.09 45.11 32.54
N UNK E 659 -43.49 43.85 32.42
CA UNK E 659 -44.81 43.47 31.91
C UNK E 659 -45.90 44.38 32.45
N UNK E 660 -45.69 44.92 33.65
CA UNK E 660 -46.67 45.80 34.25
C UNK E 660 -46.42 47.25 33.85
N UNK E 661 -45.16 47.68 33.91
CA UNK E 661 -44.79 49.06 33.56
C UNK E 661 -45.14 49.42 32.13
N UNK E 662 -45.84 48.50 31.45
CA UNK E 662 -46.27 48.70 30.09
C UNK E 662 -47.78 48.95 30.16
N UNK E 663 -48.21 49.52 31.29
CA UNK E 663 -49.62 49.80 31.51
C UNK E 663 -49.89 50.94 32.52
N UNK E 664 -49.18 50.97 33.65
CA UNK E 664 -49.42 52.03 34.66
C UNK E 664 -48.44 52.11 35.83
N UNK E 665 -48.34 53.31 36.39
CA UNK E 665 -47.49 53.60 37.55
C UNK E 665 -46.05 53.10 37.44
N UNK E 666 -45.39 53.03 38.60
CA UNK E 666 -44.01 52.55 38.72
C UNK E 666 -42.95 53.61 38.42
N UNK E 667 -41.80 53.51 39.07
CA UNK E 667 -40.73 54.48 38.86
C UNK E 667 -39.31 54.12 39.32
N UNK E 668 -39.16 53.74 40.58
CA UNK E 668 -37.84 53.40 41.12
C UNK E 668 -37.10 52.20 40.49
N UNK E 669 -37.16 51.04 41.16
CA UNK E 669 -36.49 49.79 40.73
C UNK E 669 -35.17 49.61 41.45
N UNK E 670 -35.05 48.54 42.25
CA UNK E 670 -33.82 48.30 43.01
C UNK E 670 -33.14 46.93 42.91
N UNK E 671 -32.00 46.84 43.59
CA UNK E 671 -31.19 45.62 43.62
C UNK E 671 -30.29 45.54 44.87
N UNK E 672 -30.03 44.31 45.33
CA UNK E 672 -29.22 44.01 46.52
C UNK E 672 -27.70 43.83 46.28
N UNK E 673 -27.26 44.16 45.06
CA UNK E 673 -25.85 44.06 44.64
C UNK E 673 -25.72 44.42 43.15
N UNK E 674 -24.87 45.41 42.85
CA UNK E 674 -24.63 45.90 41.49
C UNK E 674 -24.83 44.89 40.35
N UNK E 675 -26.05 44.83 39.79
CA UNK E 675 -26.37 43.92 38.69
C UNK E 675 -25.23 43.85 37.67
N UNK E 676 -25.02 42.66 37.12
CA UNK E 676 -23.95 42.43 36.14
C UNK E 676 -23.67 43.56 35.17
N UNK E 677 -22.39 43.88 35.05
CA UNK E 677 -21.93 44.94 34.15
C UNK E 677 -22.81 44.89 32.92
N UNK E 678 -23.10 46.06 32.35
CA UNK E 678 -23.94 46.21 31.17
C UNK E 678 -25.04 45.15 31.13
N UNK E 679 -24.66 43.94 30.75
CA UNK E 679 -25.59 42.82 30.68
C UNK E 679 -26.77 42.94 31.65
N UNK E 680 -26.57 42.57 32.91
CA UNK E 680 -27.66 42.63 33.91
C UNK E 680 -28.32 44.00 33.95
N UNK E 681 -27.54 45.00 33.60
CA UNK E 681 -28.03 46.37 33.60
C UNK E 681 -28.79 46.70 32.32
N UNK E 682 -28.04 46.94 31.25
CA UNK E 682 -28.59 47.27 29.94
C UNK E 682 -29.95 46.61 29.70
N UNK E 683 -30.08 45.35 30.11
CA UNK E 683 -31.34 44.61 29.94
C UNK E 683 -32.38 45.22 30.87
N UNK E 684 -32.04 45.31 32.15
CA UNK E 684 -32.95 45.87 33.14
C UNK E 684 -33.24 47.34 32.78
N UNK E 685 -32.21 48.04 32.28
CA UNK E 685 -32.33 49.45 31.89
C UNK E 685 -33.20 49.67 30.65
N UNK E 686 -32.70 49.29 29.49
CA UNK E 686 -33.42 49.46 28.21
C UNK E 686 -34.90 49.08 28.19
N UNK E 687 -35.21 47.84 28.57
CA UNK E 687 -36.61 47.39 28.58
C UNK E 687 -37.18 47.59 29.98
N UNK E 688 -38.40 48.13 30.04
CA UNK E 688 -39.05 48.39 31.33
C UNK E 688 -38.24 49.39 32.15
N UNK E 689 -38.78 50.59 32.35
CA UNK E 689 -38.05 51.60 33.12
C UNK E 689 -38.89 52.79 33.61
N UNK E 690 -38.15 53.84 34.00
CA UNK E 690 -38.69 55.09 34.52
C UNK E 690 -37.53 56.07 34.76
N UNK E 691 -36.32 55.52 34.92
CA UNK E 691 -35.08 56.25 35.19
C UNK E 691 -34.75 56.12 36.66
N UNK E 692 -33.45 55.99 36.94
CA UNK E 692 -32.93 55.84 38.31
C UNK E 692 -32.85 54.39 38.76
N UNK E 693 -31.90 53.64 38.22
CA UNK E 693 -31.72 52.24 38.60
C UNK E 693 -31.13 52.21 40.01
N UNK E 694 -31.73 51.43 40.88
CA UNK E 694 -31.25 51.36 42.26
C UNK E 694 -29.99 50.52 42.46
N UNK E 695 -28.94 50.87 41.73
CA UNK E 695 -27.65 50.18 41.83
C UNK E 695 -27.08 50.52 43.21
N UNK E 696 -27.63 49.90 44.25
CA UNK E 696 -27.20 50.14 45.63
C UNK E 696 -25.83 49.55 45.97
N UNK E 697 -24.76 50.12 45.39
CA UNK E 697 -23.38 49.66 45.62
C UNK E 697 -23.10 49.52 47.12
N UNK E 698 -21.96 48.93 47.49
CA UNK E 698 -21.64 48.75 48.92
C UNK E 698 -20.21 48.25 49.22
N UNK E 699 -19.31 48.40 48.25
CA UNK E 699 -17.90 48.01 48.40
C UNK E 699 -17.10 48.92 47.49
N UNK E 700 -15.88 49.28 47.90
CA UNK E 700 -15.04 50.19 47.10
C UNK E 700 -15.24 49.85 45.63
N UNK E 701 -15.11 48.57 45.31
CA UNK E 701 -15.29 48.10 43.95
C UNK E 701 -16.73 48.36 43.53
N UNK E 702 -17.67 47.93 44.38
CA UNK E 702 -19.11 48.09 44.14
C UNK E 702 -19.50 49.48 43.66
N UNK E 703 -18.66 50.46 43.97
CA UNK E 703 -18.90 51.82 43.54
C UNK E 703 -18.54 51.87 42.05
N UNK E 704 -17.24 51.73 41.76
CA UNK E 704 -16.75 51.74 40.38
C UNK E 704 -17.56 50.76 39.56
N UNK E 705 -18.22 49.84 40.26
CA UNK E 705 -19.06 48.83 39.65
C UNK E 705 -20.31 49.51 39.14
N UNK E 706 -20.99 50.24 40.04
CA UNK E 706 -22.19 50.95 39.66
C UNK E 706 -21.69 52.06 38.76
N UNK E 707 -20.50 52.57 39.08
CA UNK E 707 -19.86 53.64 38.33
C UNK E 707 -19.82 53.27 36.87
N UNK E 708 -19.02 52.26 36.56
CA UNK E 708 -18.91 51.81 35.19
C UNK E 708 -20.30 51.47 34.64
N UNK E 709 -21.24 51.08 35.51
CA UNK E 709 -22.60 50.75 35.08
C UNK E 709 -23.22 51.98 34.47
N UNK E 710 -22.61 53.13 34.78
CA UNK E 710 -23.05 54.45 34.31
C UNK E 710 -22.74 54.72 32.85
N UNK E 711 -21.87 53.92 32.24
CA UNK E 711 -21.59 54.10 30.82
C UNK E 711 -22.97 53.82 30.21
N UNK E 712 -23.25 54.44 29.07
CA UNK E 712 -24.56 54.33 28.42
C UNK E 712 -25.46 55.22 29.30
N UNK E 713 -24.89 56.35 29.74
CA UNK E 713 -25.53 57.34 30.64
C UNK E 713 -26.42 58.39 30.00
N UNK E 714 -27.60 57.97 29.57
CA UNK E 714 -28.58 58.85 28.97
C UNK E 714 -29.83 58.66 29.81
N UNK E 715 -29.69 57.84 30.87
CA UNK E 715 -30.78 57.57 31.80
C UNK E 715 -30.30 57.86 33.23
N UNK E 716 -31.21 57.65 34.19
CA UNK E 716 -30.94 57.92 35.60
C UNK E 716 -30.32 56.79 36.41
N UNK E 717 -29.37 57.17 37.28
CA UNK E 717 -28.68 56.23 38.17
C UNK E 717 -29.03 56.62 39.61
N UNK E 718 -28.80 55.71 40.57
CA UNK E 718 -29.13 55.99 41.97
C UNK E 718 -28.27 55.25 43.00
N UNK E 719 -27.04 55.72 43.23
CA UNK E 719 -26.12 55.08 44.21
C UNK E 719 -26.68 54.87 45.64
N UNK E 720 -25.78 54.85 46.63
CA UNK E 720 -26.16 54.67 48.05
C UNK E 720 -25.00 54.18 48.97
N UNK E 721 -23.81 54.78 48.83
CA UNK E 721 -22.57 54.43 49.57
C UNK E 721 -22.67 53.85 50.99
N UNK E 722 -23.88 53.46 51.37
CA UNK E 722 -24.20 52.89 52.67
C UNK E 722 -23.12 51.95 53.19
N UNK E 723 -23.22 51.56 54.46
CA UNK E 723 -22.24 50.66 55.08
C UNK E 723 -22.66 50.16 56.47
N UNK E 724 -21.69 49.95 57.37
CA UNK E 724 -21.92 49.47 58.74
C UNK E 724 -23.11 50.14 59.43
N UNK E 725 -24.34 49.68 59.13
CA UNK E 725 -25.52 50.30 59.73
C UNK E 725 -26.73 49.39 59.98
N UNK E 726 -27.88 49.81 59.46
CA UNK E 726 -29.15 49.09 59.64
C UNK E 726 -29.74 48.35 58.42
N UNK E 727 -29.81 47.02 58.57
CA UNK E 727 -30.32 46.02 57.60
C UNK E 727 -29.36 44.79 57.54
N UNK E 728 -28.69 44.60 56.40
CA UNK E 728 -27.72 43.51 56.22
C UNK E 728 -26.32 44.16 56.20
N UNK E 729 -25.75 44.31 57.41
CA UNK E 729 -24.46 44.95 57.66
C UNK E 729 -23.30 44.73 56.69
N UNK E 730 -23.29 45.51 55.61
CA UNK E 730 -22.22 45.45 54.61
C UNK E 730 -20.93 45.92 55.31
N UNK E 731 -20.35 45.04 56.12
CA UNK E 731 -19.14 45.31 56.91
C UNK E 731 -17.90 45.85 56.20
N UNK E 732 -18.08 46.73 55.23
CA UNK E 732 -16.97 47.32 54.50
C UNK E 732 -16.87 48.82 54.81
N UNK E 733 -16.21 49.15 55.93
CA UNK E 733 -16.01 50.54 56.38
C UNK E 733 -17.30 51.28 56.77
N UNK E 734 -17.23 52.60 56.81
CA UNK E 734 -18.39 53.42 57.16
C UNK E 734 -18.38 54.67 56.31
N UNK E 735 -17.47 55.58 56.67
CA UNK E 735 -17.31 56.83 55.95
C UNK E 735 -16.12 56.71 54.99
N UNK E 736 -15.11 55.93 55.37
CA UNK E 736 -13.92 55.74 54.53
C UNK E 736 -14.37 55.36 53.12
N UNK E 737 -15.62 54.89 53.05
CA UNK E 737 -16.27 54.46 51.81
C UNK E 737 -16.22 55.50 50.71
N UNK E 738 -17.39 56.07 50.42
CA UNK E 738 -17.52 57.08 49.38
C UNK E 738 -16.35 58.05 49.43
N UNK E 739 -15.75 58.20 50.61
CA UNK E 739 -14.61 59.10 50.79
C UNK E 739 -13.65 59.03 49.61
N UNK E 740 -12.87 57.95 49.55
CA UNK E 740 -11.91 57.74 48.48
C UNK E 740 -12.55 57.79 47.10
N UNK E 741 -13.31 56.75 46.76
CA UNK E 741 -13.98 56.64 45.46
C UNK E 741 -15.08 57.68 45.25
N UNK E 742 -14.90 58.86 45.84
CA UNK E 742 -15.87 59.93 45.68
C UNK E 742 -15.38 60.77 44.52
N UNK E 743 -14.10 61.15 44.59
CA UNK E 743 -13.44 61.97 43.59
C UNK E 743 -13.94 61.72 42.17
N UNK E 744 -14.02 60.45 41.79
CA UNK E 744 -14.48 60.09 40.46
C UNK E 744 -15.96 59.75 40.45
N UNK E 745 -16.54 59.55 41.63
CA UNK E 745 -17.96 59.22 41.73
C UNK E 745 -18.68 60.32 40.96
N UNK E 746 -17.92 61.37 40.64
CA UNK E 746 -18.39 62.55 39.91
C UNK E 746 -18.37 62.42 38.38
N UNK E 747 -19.47 61.90 37.86
CA UNK E 747 -19.71 61.72 36.43
C UNK E 747 -21.23 61.81 36.34
N UNK E 748 -21.73 62.84 35.66
CA UNK E 748 -23.16 63.06 35.50
C UNK E 748 -23.91 61.77 35.20
N UNK E 749 -25.20 61.76 35.53
CA UNK E 749 -26.10 60.60 35.34
C UNK E 749 -26.11 59.79 36.63
N UNK E 750 -25.08 60.01 37.45
CA UNK E 750 -24.91 59.33 38.72
C UNK E 750 -25.52 60.18 39.82
N UNK E 751 -26.73 59.85 40.25
CA UNK E 751 -27.38 60.59 41.34
C UNK E 751 -26.97 59.84 42.62
N UNK E 752 -26.41 60.55 43.62
CA UNK E 752 -25.96 59.92 44.88
C UNK E 752 -27.04 59.84 45.96
N UNK E 753 -26.65 59.94 47.23
CA UNK E 753 -27.59 59.91 48.37
C UNK E 753 -27.11 59.22 49.66
N UNK E 754 -25.89 59.50 50.12
CA UNK E 754 -25.33 58.87 51.34
C UNK E 754 -26.40 58.41 52.36
N UNK E 755 -26.11 57.36 53.13
CA UNK E 755 -27.10 56.87 54.12
C UNK E 755 -26.52 56.15 55.36
N UNK E 756 -27.00 54.94 55.60
CA UNK E 756 -26.60 54.08 56.73
C UNK E 756 -27.63 54.10 57.85
N UNK E 757 -27.70 55.25 58.53
CA UNK E 757 -28.62 55.47 59.64
C UNK E 757 -28.23 56.83 60.22
N UNK E 758 -29.19 57.75 60.25
CA UNK E 758 -28.90 59.07 60.77
C UNK E 758 -30.12 59.77 61.37
N UNK E 759 -29.89 60.61 62.38
CA UNK E 759 -30.95 61.36 63.03
C UNK E 759 -31.42 62.44 62.05
N UNK E 760 -32.73 62.48 61.79
CA UNK E 760 -33.35 63.44 60.86
C UNK E 760 -32.70 64.82 60.75
N UNK E 761 -33.38 65.83 61.28
CA UNK E 761 -32.89 67.21 61.25
C UNK E 761 -31.36 67.35 61.36
N UNK E 762 -30.85 67.41 62.59
CA UNK E 762 -29.41 67.56 62.85
C UNK E 762 -28.60 66.31 62.51
N UNK E 763 -27.93 66.38 61.36
CA UNK E 763 -27.09 65.31 60.81
C UNK E 763 -27.53 65.23 59.36
N UNK E 764 -28.76 65.68 59.12
CA UNK E 764 -29.35 65.68 57.79
C UNK E 764 -28.48 66.47 56.83
N UNK E 765 -28.65 67.79 56.87
CA UNK E 765 -27.90 68.69 56.02
C UNK E 765 -26.39 68.57 56.17
N UNK E 766 -25.93 68.03 57.30
CA UNK E 766 -24.50 67.85 57.54
C UNK E 766 -23.88 67.28 56.26
N UNK E 767 -24.70 66.58 55.48
CA UNK E 767 -24.33 65.96 54.20
C UNK E 767 -24.51 66.94 53.05
N UNK E 768 -25.71 67.54 52.95
CA UNK E 768 -25.98 68.52 51.89
C UNK E 768 -25.10 69.74 52.15
N UNK E 769 -24.20 69.58 53.11
CA UNK E 769 -23.26 70.61 53.54
C UNK E 769 -21.81 70.23 53.33
N UNK E 770 -21.05 70.23 54.43
CA UNK E 770 -19.62 69.92 54.38
C UNK E 770 -19.28 68.55 54.96
N UNK E 771 -19.48 67.51 54.15
CA UNK E 771 -19.18 66.16 54.58
C UNK E 771 -17.67 65.93 54.36
N UNK E 772 -16.85 66.73 55.03
CA UNK E 772 -15.40 66.62 54.90
C UNK E 772 -14.58 67.24 56.03
N UNK E 773 -14.18 66.40 56.98
CA UNK E 773 -13.35 66.82 58.11
C UNK E 773 -12.01 66.12 57.96
N UNK E 774 -11.45 66.17 56.74
CA UNK E 774 -10.16 65.55 56.41
C UNK E 774 -9.44 66.27 55.25
N UNK E 775 -10.22 66.78 54.30
CA UNK E 775 -9.74 67.52 53.13
C UNK E 775 -10.96 67.72 52.23
N UNK E 776 -10.81 68.51 51.17
CA UNK E 776 -11.90 68.80 50.24
C UNK E 776 -13.27 69.02 50.92
N UNK E 777 -14.27 69.39 50.13
CA UNK E 777 -15.59 69.65 50.70
C UNK E 777 -16.54 68.47 50.72
N UNK E 778 -17.10 68.16 49.55
CA UNK E 778 -18.05 67.06 49.37
C UNK E 778 -19.48 67.47 49.75
N UNK E 779 -20.44 66.82 49.12
CA UNK E 779 -21.86 67.07 49.35
C UNK E 779 -22.65 65.90 48.76
N UNK E 780 -23.92 65.77 49.15
CA UNK E 780 -24.76 64.68 48.64
C UNK E 780 -25.79 65.18 47.62
N UNK E 781 -26.80 64.36 47.33
CA UNK E 781 -27.85 64.73 46.38
C UNK E 781 -29.22 64.34 46.92
N UNK E 782 -29.24 63.91 48.18
CA UNK E 782 -30.45 63.50 48.91
C UNK E 782 -30.10 62.83 50.24
N UNK E 783 -31.11 62.26 50.91
CA UNK E 783 -30.90 61.56 52.19
C UNK E 783 -32.01 60.54 52.46
N UNK E 784 -31.59 59.28 52.63
CA UNK E 784 -32.48 58.16 52.90
C UNK E 784 -32.17 57.52 54.27
N UNK E 785 -33.22 57.22 55.05
CA UNK E 785 -33.05 56.65 56.40
C UNK E 785 -33.07 55.11 56.50
N UNK E 786 -31.94 54.53 56.91
CA UNK E 786 -31.77 53.08 57.08
C UNK E 786 -31.85 52.69 58.54
N UNK E 787 -33.09 52.55 59.01
CA UNK E 787 -33.47 52.21 60.37
C UNK E 787 -34.77 52.96 60.47
N UNK E 788 -34.90 53.87 59.51
CA UNK E 788 -36.02 54.78 59.28
C UNK E 788 -37.24 54.78 60.21
N UNK E 789 -38.42 54.82 59.58
CA UNK E 789 -39.71 54.84 60.26
C UNK E 789 -40.00 53.55 61.00
N UNK E 790 -38.94 52.87 61.45
CA UNK E 790 -39.07 51.58 62.15
C UNK E 790 -40.07 51.54 63.34
N UNK E 791 -40.37 52.68 63.94
CA UNK E 791 -41.30 52.72 65.07
C UNK E 791 -42.63 53.36 64.71
N UNK E 792 -42.64 54.13 63.63
CA UNK E 792 -43.82 54.86 63.15
C UNK E 792 -45.12 54.07 62.98
N UNK E 793 -46.08 54.69 62.29
CA UNK E 793 -47.38 54.08 62.00
C UNK E 793 -47.21 52.96 60.98
N UNK E 794 -46.34 51.98 61.28
CA UNK E 794 -46.06 50.84 60.37
C UNK E 794 -45.75 49.46 61.01
N UNK E 795 -44.66 49.39 61.79
CA UNK E 795 -44.19 48.15 62.45
C UNK E 795 -45.19 47.25 63.20
N UNK E 796 -44.94 47.04 64.50
CA UNK E 796 -45.80 46.20 65.34
C UNK E 796 -45.97 46.64 66.81
N UNK E 797 -47.08 46.22 67.42
CA UNK E 797 -47.48 46.53 68.81
C UNK E 797 -46.32 46.69 69.80
N UNK E 798 -46.28 45.82 70.81
CA UNK E 798 -45.21 45.87 71.81
C UNK E 798 -43.84 45.78 71.11
N UNK E 799 -43.89 45.75 69.79
CA UNK E 799 -42.72 45.65 68.93
C UNK E 799 -42.05 47.00 68.86
N UNK E 800 -42.60 47.88 68.02
CA UNK E 800 -42.06 49.22 67.85
C UNK E 800 -41.62 49.69 69.22
N UNK E 801 -42.36 49.25 70.24
CA UNK E 801 -42.07 49.61 71.63
C UNK E 801 -40.66 49.15 71.94
N UNK E 802 -40.46 47.83 71.92
CA UNK E 802 -39.14 47.26 72.19
C UNK E 802 -38.12 47.83 71.19
N UNK E 803 -38.63 48.50 70.15
CA UNK E 803 -37.81 49.09 69.08
C UNK E 803 -37.15 50.43 69.42
N UNK E 804 -37.17 50.81 70.69
CA UNK E 804 -36.57 52.05 71.13
C UNK E 804 -35.47 51.76 72.13
N UNK E 805 -34.24 51.62 71.65
CA UNK E 805 -33.09 51.35 72.52
C UNK E 805 -32.04 52.40 72.17
N UNK E 806 -30.92 52.39 72.90
CA UNK E 806 -29.84 53.36 72.68
C UNK E 806 -28.56 52.76 72.12
N UNK E 807 -27.97 53.43 71.14
CA UNK E 807 -26.73 52.99 70.50
C UNK E 807 -25.80 54.14 70.07
N UNK E 808 -24.49 53.91 70.18
CA UNK E 808 -23.47 54.91 69.86
C UNK E 808 -23.53 55.53 68.47
N UNK E 809 -22.39 56.05 68.04
CA UNK E 809 -22.25 56.70 66.74
C UNK E 809 -21.11 56.04 65.94
N UNK E 810 -21.04 56.37 64.64
CA UNK E 810 -20.04 55.82 63.73
C UNK E 810 -18.58 56.08 64.11
N UNK E 811 -18.23 55.77 65.36
CA UNK E 811 -16.88 55.95 65.87
C UNK E 811 -16.52 54.71 66.69
N UNK E 812 -17.26 54.52 67.78
CA UNK E 812 -17.07 53.37 68.65
C UNK E 812 -18.19 52.40 68.32
N UNK E 813 -18.92 52.71 67.25
CA UNK E 813 -20.02 51.89 66.78
C UNK E 813 -19.71 51.40 65.37
N UNK E 814 -20.69 50.80 64.69
CA UNK E 814 -20.50 50.24 63.34
C UNK E 814 -19.49 49.14 63.51
N UNK E 815 -18.30 49.52 63.95
CA UNK E 815 -17.21 48.59 64.21
C UNK E 815 -17.21 48.14 65.69
N UNK E 816 -18.40 47.88 66.23
CA UNK E 816 -18.55 47.43 67.62
C UNK E 816 -19.90 46.73 67.80
N UNK E 817 -20.52 46.36 66.68
CA UNK E 817 -21.81 45.68 66.68
C UNK E 817 -21.62 44.17 66.69
N UNK E 818 -20.62 43.70 65.93
CA UNK E 818 -20.30 42.28 65.82
C UNK E 818 -20.54 41.53 67.13
N UNK E 819 -19.56 41.58 68.04
CA UNK E 819 -19.65 40.90 69.32
C UNK E 819 -20.27 41.80 70.43
N UNK E 820 -20.43 41.24 71.63
CA UNK E 820 -21.00 41.93 72.79
C UNK E 820 -22.02 43.03 72.43
N UNK E 821 -23.27 42.63 72.26
CA UNK E 821 -24.36 43.52 71.90
C UNK E 821 -24.30 44.92 72.53
N UNK E 822 -24.11 45.93 71.69
CA UNK E 822 -24.06 47.32 72.13
C UNK E 822 -25.40 47.95 71.76
N UNK E 823 -26.46 47.17 71.98
CA UNK E 823 -27.85 47.54 71.69
C UNK E 823 -28.28 46.92 70.36
N UNK E 824 -27.56 45.87 69.96
CA UNK E 824 -27.80 45.13 68.72
C UNK E 824 -26.65 44.12 68.50
N UNK E 825 -26.45 43.67 67.26
CA UNK E 825 -25.35 42.73 66.97
C UNK E 825 -25.28 42.31 65.51
N UNK E 826 -25.28 41.00 65.31
CA UNK E 826 -25.21 40.38 63.98
C UNK E 826 -24.89 38.88 64.09
N UNK E 827 -25.35 38.11 63.11
CA UNK E 827 -25.11 36.67 63.05
C UNK E 827 -24.90 36.25 61.59
N UNK E 828 -25.83 35.49 61.02
CA UNK E 828 -25.73 35.06 59.63
C UNK E 828 -26.87 34.17 59.14
N UNK E 829 -27.32 34.41 57.91
CA UNK E 829 -28.41 33.64 57.30
C UNK E 829 -27.86 32.99 56.04
N UNK E 830 -27.68 31.67 56.08
CA UNK E 830 -27.12 30.93 54.96
C UNK E 830 -25.67 31.37 54.83
N UNK E 831 -25.17 31.95 55.92
CA UNK E 831 -23.79 32.45 56.05
C UNK E 831 -23.57 33.91 55.65
N UNK E 832 -24.46 34.81 56.07
CA UNK E 832 -24.34 36.23 55.76
C UNK E 832 -23.75 37.04 56.92
N UNK E 833 -24.44 38.13 57.29
CA UNK E 833 -23.99 38.99 58.39
C UNK E 833 -24.90 40.19 58.60
N UNK E 834 -26.16 39.95 58.94
CA UNK E 834 -27.13 41.03 59.17
C UNK E 834 -27.11 41.50 60.62
N UNK E 835 -27.17 42.82 60.81
CA UNK E 835 -27.15 43.43 62.14
C UNK E 835 -28.53 43.94 62.59
N UNK E 836 -29.12 43.21 63.54
CA UNK E 836 -30.43 43.52 64.12
C UNK E 836 -30.17 43.66 65.61
N UNK E 837 -31.23 43.62 66.42
CA UNK E 837 -31.07 43.73 67.86
C UNK E 837 -32.20 43.03 68.54
N UNK E 838 -31.89 42.23 69.56
CA UNK E 838 -32.93 41.51 70.28
C UNK E 838 -32.47 40.74 71.51
N UNK E 839 -33.45 40.13 72.16
CA UNK E 839 -33.27 39.35 73.39
C UNK E 839 -32.96 37.92 73.02
N UNK E 840 -33.98 37.19 72.60
CA UNK E 840 -33.81 35.81 72.20
C UNK E 840 -32.76 35.79 71.09
N UNK E 841 -32.72 36.86 70.30
CA UNK E 841 -31.77 36.96 69.20
C UNK E 841 -30.34 36.64 69.66
N UNK E 842 -29.95 37.12 70.84
CA UNK E 842 -28.62 36.84 71.33
C UNK E 842 -28.33 35.34 71.30
N UNK E 843 -29.36 34.54 71.03
CA UNK E 843 -29.21 33.08 70.93
C UNK E 843 -28.86 32.65 69.51
N UNK E 844 -29.58 33.14 68.49
CA UNK E 844 -29.27 32.79 67.10
C UNK E 844 -27.89 33.35 66.76
N UNK E 845 -27.13 33.63 67.81
CA UNK E 845 -25.77 34.16 67.74
C UNK E 845 -24.90 33.26 68.60
N UNK E 846 -25.53 32.57 69.55
CA UNK E 846 -24.86 31.63 70.44
C UNK E 846 -24.95 30.24 69.80
N UNK E 847 -26.19 29.83 69.47
CA UNK E 847 -26.45 28.55 68.80
C UNK E 847 -26.16 28.79 67.32
N UNK E 848 -25.38 29.84 67.07
CA UNK E 848 -24.95 30.25 65.73
C UNK E 848 -23.45 30.41 65.86
N UNK E 849 -22.98 30.40 67.11
CA UNK E 849 -21.57 30.53 67.41
C UNK E 849 -21.00 29.15 67.62
N UNK E 850 -21.71 28.32 68.37
CA UNK E 850 -21.27 26.97 68.66
C UNK E 850 -21.83 25.96 67.66
N UNK E 851 -23.12 25.65 67.76
CA UNK E 851 -23.74 24.69 66.85
C UNK E 851 -23.67 25.10 65.39
N UNK E 852 -24.70 25.83 64.93
CA UNK E 852 -24.84 26.30 63.56
C UNK E 852 -23.60 26.50 62.67
N UNK E 853 -22.40 26.41 63.24
CA UNK E 853 -21.19 26.61 62.45
C UNK E 853 -19.94 25.94 63.01
N UNK E 854 -20.01 24.61 63.18
CA UNK E 854 -18.88 23.83 63.66
C UNK E 854 -18.40 23.01 62.46
N UNK E 855 -17.63 21.96 62.70
CA UNK E 855 -17.17 21.13 61.58
C UNK E 855 -18.37 20.31 61.07
N UNK E 856 -18.69 20.44 59.79
CA UNK E 856 -19.82 19.73 59.15
C UNK E 856 -19.98 18.25 59.50
N UNK E 857 -18.86 17.57 59.73
CA UNK E 857 -18.86 16.15 60.10
C UNK E 857 -18.55 16.08 61.60
N UNK E 858 -19.38 16.78 62.39
CA UNK E 858 -19.25 16.84 63.85
C UNK E 858 -20.45 17.60 64.46
N UNK E 859 -21.04 18.52 63.70
CA UNK E 859 -22.19 19.31 64.16
C UNK E 859 -23.46 18.48 64.31
N UNK E 860 -23.47 17.30 63.70
CA UNK E 860 -24.61 16.41 63.78
C UNK E 860 -24.32 15.48 64.93
N UNK E 861 -23.04 15.34 65.25
CA UNK E 861 -22.57 14.51 66.36
C UNK E 861 -22.63 15.35 67.62
N UNK E 862 -22.81 16.66 67.43
CA UNK E 862 -22.91 17.61 68.52
C UNK E 862 -24.35 18.05 68.67
N UNK E 863 -25.03 18.25 67.53
CA UNK E 863 -26.43 18.67 67.56
C UNK E 863 -27.19 17.82 68.58
N UNK E 864 -27.16 16.50 68.42
CA UNK E 864 -27.84 15.61 69.36
C UNK E 864 -27.00 15.45 70.62
N UNK E 865 -25.77 15.96 70.58
CA UNK E 865 -24.88 15.87 71.72
C UNK E 865 -25.53 16.58 72.90
N UNK E 866 -25.42 17.91 72.93
CA UNK E 866 -26.03 18.69 74.00
C UNK E 866 -27.42 19.07 73.51
N UNK E 867 -28.26 18.06 73.28
CA UNK E 867 -29.62 18.25 72.78
C UNK E 867 -30.61 18.82 73.80
N UNK E 868 -30.87 18.11 74.89
CA UNK E 868 -31.82 18.56 75.91
C UNK E 868 -31.76 20.08 76.16
N UNK E 869 -30.55 20.61 76.34
CA UNK E 869 -30.33 22.04 76.59
C UNK E 869 -30.68 22.87 75.36
N UNK E 870 -30.38 22.32 74.19
CA UNK E 870 -30.69 22.99 72.92
C UNK E 870 -32.19 22.99 72.80
N UNK E 871 -32.87 22.40 73.79
CA UNK E 871 -34.32 22.33 73.81
C UNK E 871 -34.89 23.37 74.79
N UNK E 872 -34.37 23.39 76.02
CA UNK E 872 -34.86 24.34 77.02
C UNK E 872 -34.90 25.78 76.47
N UNK E 873 -33.74 26.27 76.03
CA UNK E 873 -33.62 27.63 75.49
C UNK E 873 -34.35 27.77 74.15
N UNK E 874 -34.47 26.66 73.42
CA UNK E 874 -35.15 26.65 72.14
C UNK E 874 -36.63 26.85 72.39
N UNK E 875 -37.13 26.25 73.46
CA UNK E 875 -38.53 26.37 73.83
C UNK E 875 -38.54 27.37 74.99
N UNK E 876 -38.50 28.66 74.62
CA UNK E 876 -38.51 29.80 75.52
C UNK E 876 -37.67 30.91 74.90
N UNK E 877 -38.06 31.33 73.69
CA UNK E 877 -37.35 32.38 72.95
C UNK E 877 -37.61 32.38 71.42
N UNK E 878 -36.60 31.97 70.64
CA UNK E 878 -36.62 31.91 69.17
C UNK E 878 -37.91 32.35 68.48
N UNK E 879 -38.76 31.37 68.18
CA UNK E 879 -40.06 31.59 67.53
C UNK E 879 -40.59 30.21 67.19
N UNK E 880 -40.06 29.21 67.90
CA UNK E 880 -40.46 27.83 67.69
C UNK E 880 -39.92 26.95 68.82
N UNK E 881 -40.44 25.74 68.92
CA UNK E 881 -40.01 24.77 69.93
C UNK E 881 -40.25 23.32 69.45
N UNK E 882 -39.44 22.38 69.95
CA UNK E 882 -39.54 20.95 69.59
C UNK E 882 -40.96 20.44 69.83
N UNK E 883 -41.93 20.96 69.06
CA UNK E 883 -43.35 20.61 69.18
C UNK E 883 -43.55 19.71 70.40
N UNK E 884 -43.39 20.34 71.57
CA UNK E 884 -43.55 19.70 72.89
C UNK E 884 -44.68 20.39 73.68
N UNK E 885 -45.39 19.61 74.51
CA UNK E 885 -46.52 20.08 75.33
C UNK E 885 -46.40 19.72 76.80
N UNK E 886 -46.38 20.75 77.65
CA UNK E 886 -46.25 20.61 79.10
C UNK E 886 -44.78 20.43 79.48
N UNK E 887 -44.41 19.21 79.89
CA UNK E 887 -43.03 18.88 80.29
C UNK E 887 -41.98 19.14 79.21
N UNK E 888 -41.97 18.26 78.19
CA UNK E 888 -41.04 18.33 77.05
C UNK E 888 -40.69 16.93 76.53
N UNK E 889 -41.26 16.55 75.37
CA UNK E 889 -41.00 15.22 74.80
C UNK E 889 -40.53 15.21 73.33
N UNK E 890 -40.28 14.00 72.81
CA UNK E 890 -39.81 13.78 71.43
C UNK E 890 -40.92 13.55 70.38
N UNK E 891 -40.64 13.99 69.15
CA UNK E 891 -41.56 13.89 68.02
C UNK E 891 -42.45 12.66 67.98
N UNK E 892 -41.89 11.52 68.35
CA UNK E 892 -42.65 10.26 68.33
C UNK E 892 -43.06 9.82 69.74
N UNK E 893 -42.51 10.49 70.74
CA UNK E 893 -42.84 10.18 72.13
C UNK E 893 -44.31 10.58 72.29
N UNK E 894 -44.67 11.68 71.62
CA UNK E 894 -46.02 12.25 71.62
C UNK E 894 -47.15 11.24 71.40
N UNK E 895 -48.39 11.73 71.34
CA UNK E 895 -49.56 10.88 71.12
C UNK E 895 -50.32 11.41 69.91
N UNK E 896 -50.51 10.58 68.88
CA UNK E 896 -51.19 10.98 67.65
C UNK E 896 -52.20 12.11 67.84
N UNK E 897 -53.23 11.89 68.67
CA UNK E 897 -54.22 12.92 68.92
C UNK E 897 -53.55 14.00 69.75
N UNK E 898 -52.77 13.58 70.75
CA UNK E 898 -52.05 14.51 71.62
C UNK E 898 -51.08 15.39 70.81
N UNK E 899 -50.21 14.76 70.03
CA UNK E 899 -49.24 15.48 69.21
C UNK E 899 -49.96 16.30 68.14
N UNK E 900 -51.28 16.30 68.20
CA UNK E 900 -52.11 17.07 67.26
C UNK E 900 -52.71 18.25 68.01
N UNK E 901 -52.60 18.20 69.32
CA UNK E 901 -53.11 19.27 70.18
C UNK E 901 -52.24 20.48 69.99
N UNK E 902 -50.95 20.33 70.33
CA UNK E 902 -50.01 21.43 70.18
C UNK E 902 -50.00 21.79 68.70
N UNK E 903 -50.41 20.84 67.87
CA UNK E 903 -50.47 21.05 66.43
C UNK E 903 -51.52 22.11 66.15
N UNK E 904 -52.42 22.28 67.12
CA UNK E 904 -53.49 23.26 67.07
C UNK E 904 -53.12 24.43 67.99
N UNK E 905 -52.67 24.10 69.19
CA UNK E 905 -52.26 25.10 70.18
C UNK E 905 -51.37 26.16 69.55
N UNK E 906 -50.13 25.81 69.23
CA UNK E 906 -49.21 26.76 68.62
C UNK E 906 -49.61 27.03 67.17
N UNK E 907 -50.89 26.82 66.87
CA UNK E 907 -51.39 27.02 65.51
C UNK E 907 -52.49 28.07 65.34
N UNK E 908 -53.64 27.92 66.01
CA UNK E 908 -54.75 28.89 65.91
C UNK E 908 -54.59 30.05 66.90
N UNK E 909 -54.83 31.27 66.43
CA UNK E 909 -54.68 32.46 67.27
C UNK E 909 -56.01 33.09 67.70
N UNK E 910 -55.92 34.24 68.38
CA UNK E 910 -57.10 34.96 68.85
C UNK E 910 -58.20 35.01 67.79
N UNK E 911 -57.88 35.54 66.62
CA UNK E 911 -58.84 35.62 65.52
C UNK E 911 -59.30 34.23 65.08
N UNK E 912 -58.41 33.50 64.39
CA UNK E 912 -58.68 32.13 63.91
C UNK E 912 -57.73 31.63 62.80
N UNK E 913 -56.61 30.99 63.18
CA UNK E 913 -55.63 30.47 62.21
C UNK E 913 -55.00 31.61 61.37
N UNK E 914 -53.71 31.84 61.56
CA UNK E 914 -52.97 32.92 60.88
C UNK E 914 -52.68 32.86 59.36
N UNK E 915 -52.92 31.72 58.73
CA UNK E 915 -52.69 31.56 57.28
C UNK E 915 -53.07 30.16 56.81
N UNK E 916 -54.14 30.07 56.02
CA UNK E 916 -54.66 28.80 55.49
C UNK E 916 -53.60 27.71 55.36
N UNK E 917 -52.39 28.12 55.01
CA UNK E 917 -51.26 27.21 54.86
C UNK E 917 -50.99 26.56 56.20
N UNK E 918 -50.51 27.34 57.18
CA UNK E 918 -50.21 26.82 58.52
C UNK E 918 -51.44 26.13 59.12
N UNK E 919 -52.53 26.12 58.34
CA UNK E 919 -53.81 25.49 58.73
C UNK E 919 -54.07 24.24 57.92
N UNK E 920 -54.03 24.38 56.60
CA UNK E 920 -54.26 23.26 55.68
C UNK E 920 -53.49 22.01 56.14
N UNK E 921 -52.36 22.21 56.84
CA UNK E 921 -51.55 21.09 57.34
C UNK E 921 -52.12 20.58 58.65
N UNK E 922 -53.37 20.94 58.90
CA UNK E 922 -54.10 20.51 60.08
C UNK E 922 -54.82 19.25 59.60
N UNK E 923 -55.29 19.31 58.35
CA UNK E 923 -55.95 18.18 57.69
C UNK E 923 -54.74 17.32 57.37
N UNK E 924 -54.05 16.97 58.45
CA UNK E 924 -52.83 16.20 58.39
C UNK E 924 -52.77 15.30 59.61
N UNK E 925 -51.85 15.60 60.54
CA UNK E 925 -51.67 14.80 61.75
C UNK E 925 -53.05 14.37 62.23
N UNK E 926 -54.04 15.13 61.76
CA UNK E 926 -55.46 14.91 62.04
C UNK E 926 -56.11 14.20 60.86
N UNK E 927 -56.40 14.94 59.78
CA UNK E 927 -57.07 14.37 58.60
C UNK E 927 -56.66 12.95 58.30
N UNK E 928 -55.36 12.69 58.43
CA UNK E 928 -54.82 11.36 58.18
C UNK E 928 -54.97 10.49 59.40
N UNK E 929 -54.70 11.07 60.57
CA UNK E 929 -54.84 10.31 61.81
C UNK E 929 -56.19 9.63 61.72
N UNK E 930 -57.05 10.18 60.86
CA UNK E 930 -58.37 9.64 60.61
C UNK E 930 -58.19 8.33 59.86
N UNK E 931 -57.58 8.40 58.68
CA UNK E 931 -57.34 7.21 57.85
C UNK E 931 -56.54 6.16 58.62
N UNK E 932 -55.73 6.63 59.55
CA UNK E 932 -54.87 5.78 60.36
C UNK E 932 -55.57 4.77 61.27
N UNK E 933 -55.73 5.14 62.54
CA UNK E 933 -56.37 4.26 63.51
C UNK E 933 -57.82 3.88 63.16
N UNK E 934 -58.10 3.70 61.88
CA UNK E 934 -59.44 3.33 61.40
C UNK E 934 -59.47 1.83 61.07
N UNK E 935 -60.46 1.41 60.28
CA UNK E 935 -60.55 -0.02 59.94
C UNK E 935 -61.51 -0.39 58.80
N UNK E 936 -61.81 0.54 57.90
CA UNK E 936 -62.69 0.31 56.76
C UNK E 936 -63.15 1.66 56.26
N UNK E 937 -63.65 1.72 55.01
CA UNK E 937 -64.11 3.00 54.48
C UNK E 937 -65.26 3.49 55.37
N UNK E 938 -65.30 4.78 55.70
CA UNK E 938 -66.36 5.27 56.56
C UNK E 938 -66.70 6.75 56.42
N UNK E 939 -66.57 7.30 55.22
CA UNK E 939 -66.91 8.71 54.95
C UNK E 939 -65.97 9.80 55.51
N UNK E 940 -65.08 9.45 56.43
CA UNK E 940 -64.10 10.37 57.00
C UNK E 940 -64.55 11.35 58.09
N UNK E 941 -63.58 12.08 58.63
CA UNK E 941 -63.83 13.07 59.65
C UNK E 941 -64.41 14.34 59.00
N UNK E 942 -63.55 15.26 58.57
CA UNK E 942 -63.98 16.50 57.92
C UNK E 942 -64.37 16.23 56.50
N UNK E 943 -65.03 17.19 55.85
CA UNK E 943 -65.42 17.00 54.46
C UNK E 943 -65.09 18.26 53.67
N UNK E 944 -64.55 19.26 54.37
CA UNK E 944 -64.15 20.54 53.76
C UNK E 944 -63.70 21.65 54.74
N UNK E 945 -62.85 21.29 55.71
CA UNK E 945 -62.32 22.24 56.69
C UNK E 945 -63.30 22.85 57.71
N UNK E 946 -63.49 22.18 58.83
CA UNK E 946 -64.36 22.67 59.87
C UNK E 946 -63.69 23.95 60.32
N UNK E 947 -62.36 23.90 60.45
CA UNK E 947 -61.53 25.05 60.86
C UNK E 947 -61.88 25.52 62.27
N UNK E 948 -62.89 24.89 62.86
CA UNK E 948 -63.33 25.23 64.21
C UNK E 948 -62.35 24.67 65.23
N UNK E 949 -61.36 25.49 65.57
CA UNK E 949 -60.34 25.10 66.53
C UNK E 949 -60.95 24.32 67.72
N UNK E 950 -60.22 23.33 68.21
CA UNK E 950 -60.65 22.49 69.34
C UNK E 950 -61.97 21.78 69.05
N UNK E 951 -62.86 22.46 68.35
CA UNK E 951 -64.19 21.92 68.01
C UNK E 951 -64.09 20.57 67.33
N UNK E 952 -63.74 20.60 66.05
CA UNK E 952 -63.62 19.36 65.28
C UNK E 952 -62.48 18.51 65.84
N UNK E 953 -61.56 19.12 66.59
CA UNK E 953 -60.44 18.38 67.17
C UNK E 953 -60.96 17.13 67.88
N UNK E 954 -61.70 17.34 68.97
CA UNK E 954 -62.26 16.23 69.74
C UNK E 954 -63.51 15.65 69.09
N UNK E 955 -63.68 15.93 67.79
CA UNK E 955 -64.81 15.42 67.02
C UNK E 955 -64.29 14.22 66.25
N UNK E 956 -62.97 14.08 66.28
CA UNK E 956 -62.25 13.00 65.61
C UNK E 956 -61.41 12.26 66.63
N UNK E 957 -60.35 12.90 67.12
CA UNK E 957 -59.46 12.29 68.10
C UNK E 957 -60.20 11.98 69.41
N UNK E 958 -61.52 11.90 69.31
CA UNK E 958 -62.43 11.62 70.43
C UNK E 958 -63.69 11.02 69.81
N UNK E 959 -63.51 10.42 68.64
CA UNK E 959 -64.57 9.76 67.89
C UNK E 959 -63.96 8.40 67.57
N UNK E 960 -63.22 8.30 66.45
CA UNK E 960 -62.54 7.05 66.07
C UNK E 960 -61.38 6.98 67.07
N UNK E 961 -61.52 7.79 68.12
CA UNK E 961 -60.58 7.91 69.21
C UNK E 961 -60.00 6.60 69.71
N UNK E 962 -58.83 6.73 70.31
CA UNK E 962 -58.02 5.64 70.86
C UNK E 962 -56.64 6.19 70.57
N UNK E 963 -56.66 7.32 69.88
CA UNK E 963 -55.45 8.04 69.50
C UNK E 963 -54.95 8.76 70.73
N UNK E 964 -55.02 8.08 71.87
CA UNK E 964 -54.58 8.66 73.12
C UNK E 964 -53.91 7.60 73.98
N UNK E 965 -53.77 6.40 73.42
CA UNK E 965 -53.14 5.30 74.13
C UNK E 965 -51.74 5.02 73.57
N UNK E 966 -51.66 4.93 72.24
CA UNK E 966 -50.40 4.65 71.55
C UNK E 966 -49.83 5.91 70.88
N UNK E 967 -48.51 6.07 70.87
CA UNK E 967 -47.87 7.22 70.24
C UNK E 967 -48.18 7.30 68.72
N UNK E 968 -47.28 7.87 67.93
CA UNK E 968 -47.51 7.99 66.50
C UNK E 968 -46.78 6.89 65.74
N UNK E 969 -47.50 6.19 64.86
CA UNK E 969 -46.91 5.10 64.05
C UNK E 969 -45.64 5.58 63.39
N UNK E 970 -44.51 5.24 63.98
CA UNK E 970 -43.20 5.63 63.49
C UNK E 970 -43.18 6.03 62.02
N UNK E 971 -43.84 5.24 61.17
CA UNK E 971 -43.89 5.54 59.75
C UNK E 971 -44.60 6.87 59.53
N UNK E 972 -45.88 6.94 59.94
CA UNK E 972 -46.68 8.16 59.79
C UNK E 972 -45.90 9.37 60.32
N UNK E 973 -45.09 9.14 61.35
CA UNK E 973 -44.27 10.19 61.95
C UNK E 973 -43.51 10.95 60.86
N UNK E 974 -43.43 10.37 59.66
CA UNK E 974 -42.75 11.03 58.56
C UNK E 974 -43.74 11.86 57.74
N UNK E 975 -44.95 11.34 57.52
CA UNK E 975 -45.97 12.06 56.75
C UNK E 975 -46.29 13.40 57.39
N UNK E 976 -45.61 13.70 58.51
CA UNK E 976 -45.77 14.93 59.28
C UNK E 976 -44.49 15.75 59.26
N UNK E 977 -43.35 15.06 59.29
CA UNK E 977 -42.09 15.77 59.20
C UNK E 977 -42.04 16.15 57.72
N UNK E 978 -42.55 15.26 56.88
CA UNK E 978 -42.59 15.46 55.43
C UNK E 978 -43.64 16.51 55.13
N UNK E 979 -44.72 16.50 55.92
CA UNK E 979 -45.81 17.47 55.78
C UNK E 979 -45.32 18.80 56.35
N UNK E 980 -44.14 18.76 56.98
CA UNK E 980 -43.51 19.94 57.58
C UNK E 980 -42.72 20.66 56.50
N UNK E 981 -41.56 20.13 56.11
CA UNK E 981 -40.73 20.77 55.08
C UNK E 981 -41.39 20.77 53.69
N UNK E 982 -42.69 20.48 53.64
CA UNK E 982 -43.47 20.43 52.41
C UNK E 982 -43.74 21.80 51.82
N UNK E 983 -42.78 22.33 51.07
CA UNK E 983 -42.92 23.64 50.46
C UNK E 983 -44.28 23.75 49.77
N UNK E 984 -44.56 24.96 49.27
CA UNK E 984 -45.84 25.27 48.62
C UNK E 984 -46.93 25.27 49.69
N UNK E 985 -46.57 25.75 50.89
CA UNK E 985 -47.45 25.84 52.07
C UNK E 985 -46.81 26.58 53.28
N UNK E 986 -46.48 27.85 53.10
CA UNK E 986 -45.87 28.73 54.11
C UNK E 986 -45.33 28.13 55.41
N UNK E 987 -44.04 28.34 55.64
CA UNK E 987 -43.31 27.86 56.82
C UNK E 987 -44.12 27.45 58.04
N UNK E 988 -43.60 26.44 58.75
CA UNK E 988 -44.21 25.93 59.97
C UNK E 988 -43.58 26.68 61.13
N UNK E 989 -44.25 26.66 62.27
CA UNK E 989 -43.75 27.36 63.44
C UNK E 989 -43.03 26.43 64.41
N UNK E 990 -43.22 25.12 64.27
CA UNK E 990 -42.54 24.16 65.15
C UNK E 990 -41.07 23.97 64.74
N UNK E 991 -40.36 23.09 65.42
CA UNK E 991 -38.96 22.79 65.10
C UNK E 991 -38.83 21.27 65.18
N UNK E 992 -39.42 20.62 64.18
CA UNK E 992 -39.46 19.16 64.00
C UNK E 992 -38.47 18.29 64.77
N UNK E 993 -37.30 18.07 64.18
CA UNK E 993 -36.28 17.24 64.79
C UNK E 993 -35.01 17.97 65.21
N UNK E 994 -34.63 17.75 66.47
CA UNK E 994 -33.44 18.34 67.08
C UNK E 994 -32.24 18.29 66.15
N UNK E 995 -31.86 17.08 65.76
CA UNK E 995 -30.74 16.89 64.87
C UNK E 995 -31.21 16.77 63.42
N UNK E 996 -32.07 17.71 62.99
CA UNK E 996 -32.54 17.65 61.61
C UNK E 996 -31.34 17.90 60.74
N UNK E 997 -30.16 17.96 61.37
CA UNK E 997 -28.90 18.23 60.69
C UNK E 997 -29.22 19.48 59.90
N UNK E 998 -30.32 20.11 60.31
CA UNK E 998 -30.84 21.30 59.69
C UNK E 998 -31.42 22.22 60.77
N UNK E 999 -31.08 21.95 62.03
CA UNK E 999 -31.56 22.79 63.14
C UNK E 999 -31.21 24.21 62.74
N UNK E 1000 -29.93 24.47 62.51
CA UNK E 1000 -29.48 25.79 62.09
C UNK E 1000 -29.65 25.90 60.58
N UNK E 1001 -30.83 25.47 60.12
CA UNK E 1001 -31.18 25.49 58.71
C UNK E 1001 -32.70 25.53 58.59
N UNK E 1002 -33.37 24.97 59.59
CA UNK E 1002 -34.83 24.98 59.65
C UNK E 1002 -35.18 26.11 60.63
N UNK E 1003 -34.25 26.38 61.55
CA UNK E 1003 -34.42 27.43 62.56
C UNK E 1003 -33.73 28.71 62.12
N UNK E 1004 -34.11 29.20 60.96
CA UNK E 1004 -33.58 30.43 60.38
C UNK E 1004 -34.51 30.84 59.25
N UNK E 1005 -35.49 29.98 58.96
CA UNK E 1005 -36.48 30.23 57.91
C UNK E 1005 -37.52 31.20 58.47
N UNK E 1006 -38.21 31.93 57.59
CA UNK E 1006 -39.20 32.92 57.98
C UNK E 1006 -38.45 34.14 58.56
N UNK E 1007 -38.01 34.04 59.82
CA UNK E 1007 -37.25 35.12 60.49
C UNK E 1007 -38.09 36.36 60.84
N UNK E 1008 -38.58 37.06 59.82
CA UNK E 1008 -39.39 38.27 59.98
C UNK E 1008 -40.87 37.89 60.18
N UNK E 1009 -41.70 38.13 59.17
CA UNK E 1009 -43.13 37.81 59.20
C UNK E 1009 -43.54 36.99 60.44
N UNK E 1010 -43.16 35.71 60.45
CA UNK E 1010 -43.47 34.83 61.58
C UNK E 1010 -42.55 35.22 62.74
N UNK E 1011 -42.56 36.52 63.02
CA UNK E 1011 -41.78 37.15 64.10
C UNK E 1011 -41.77 38.69 63.89
N UNK E 1012 -42.18 39.43 64.93
CA UNK E 1012 -42.23 40.90 64.91
C UNK E 1012 -43.50 41.55 64.34
N UNK E 1013 -43.52 41.80 63.04
CA UNK E 1013 -44.66 42.44 62.38
C UNK E 1013 -46.05 42.03 62.91
N UNK E 1014 -46.77 41.21 62.17
CA UNK E 1014 -48.10 40.79 62.63
C UNK E 1014 -48.02 40.01 63.93
N UNK E 1015 -46.78 39.76 64.37
CA UNK E 1015 -46.47 39.01 65.60
C UNK E 1015 -47.50 39.06 66.71
N UNK E 1016 -48.58 38.32 66.52
CA UNK E 1016 -49.66 38.26 67.49
C UNK E 1016 -49.43 37.02 68.34
N UNK E 1017 -49.66 35.86 67.74
CA UNK E 1017 -49.48 34.56 68.39
C UNK E 1017 -48.04 34.08 68.27
N UNK E 1018 -47.40 33.79 69.41
CA UNK E 1018 -46.02 33.34 69.40
C UNK E 1018 -45.55 33.09 70.83
N UNK E 1019 -46.50 33.04 71.75
CA UNK E 1019 -46.26 32.83 73.19
C UNK E 1019 -46.30 34.16 73.94
N UNK E 1020 -45.12 34.72 74.19
CA UNK E 1020 -44.99 36.01 74.86
C UNK E 1020 -45.44 37.06 73.87
N UNK E 1021 -46.30 36.65 72.93
CA UNK E 1021 -46.83 37.51 71.87
C UNK E 1021 -45.72 38.16 71.01
N UNK E 1022 -44.57 38.48 71.64
CA UNK E 1022 -43.42 39.09 70.96
C UNK E 1022 -42.27 39.45 71.93
N UNK E 1023 -41.84 38.49 72.76
CA UNK E 1023 -40.76 38.73 73.71
C UNK E 1023 -39.37 38.83 73.06
N UNK E 1024 -39.28 38.47 71.78
CA UNK E 1024 -38.02 38.52 71.02
C UNK E 1024 -38.23 38.08 69.56
N UNK E 1025 -37.16 38.14 68.77
CA UNK E 1025 -37.16 37.79 67.33
C UNK E 1025 -36.64 38.92 66.46
N UNK E 1026 -36.22 40.01 67.11
CA UNK E 1026 -35.68 41.19 66.45
C UNK E 1026 -36.44 41.68 65.23
N UNK E 1027 -35.89 42.71 64.61
CA UNK E 1027 -36.49 43.30 63.43
C UNK E 1027 -35.37 43.99 62.67
N UNK E 1028 -34.21 44.11 63.31
CA UNK E 1028 -33.06 44.75 62.68
C UNK E 1028 -33.28 46.18 62.20
N UNK E 1029 -33.06 47.13 63.10
CA UNK E 1029 -33.19 48.58 62.82
C UNK E 1029 -32.19 49.30 63.74
N UNK E 1030 -31.01 48.69 63.89
CA UNK E 1030 -29.95 49.17 64.77
C UNK E 1030 -28.86 50.09 64.19
N UNK E 1031 -27.79 50.23 64.96
CA UNK E 1031 -26.64 51.07 64.63
C UNK E 1031 -26.92 52.50 65.12
N UNK E 1032 -26.68 53.48 64.26
CA UNK E 1032 -26.93 54.86 64.64
C UNK E 1032 -28.40 55.14 64.34
N UNK E 1033 -29.28 54.56 65.14
CA UNK E 1033 -30.71 54.76 64.98
C UNK E 1033 -31.38 54.92 66.34
N UNK E 1034 -30.60 54.75 67.40
CA UNK E 1034 -31.11 54.92 68.77
C UNK E 1034 -31.07 56.43 68.97
N UNK E 1035 -30.15 57.04 68.23
CA UNK E 1035 -29.98 58.48 68.22
C UNK E 1035 -30.93 58.98 67.14
N UNK E 1036 -32.18 58.50 67.24
CA UNK E 1036 -33.26 58.84 66.32
C UNK E 1036 -34.44 57.88 66.54
N UNK E 1037 -34.27 56.94 67.47
CA UNK E 1037 -35.30 55.95 67.83
C UNK E 1037 -36.01 56.40 69.10
N UNK E 1038 -36.96 57.33 68.96
CA UNK E 1038 -37.70 57.84 70.11
C UNK E 1038 -39.18 58.17 69.87
N UNK E 1039 -39.58 58.49 68.64
CA UNK E 1039 -40.99 58.82 68.34
C UNK E 1039 -41.91 57.60 68.53
N UNK E 1040 -41.63 56.86 69.60
CA UNK E 1040 -42.32 55.63 70.01
C UNK E 1040 -43.84 55.62 70.00
N UNK E 1041 -44.40 55.07 68.94
CA UNK E 1041 -45.84 54.94 68.69
C UNK E 1041 -46.07 55.72 67.42
N UNK E 1042 -46.95 55.20 66.56
CA UNK E 1042 -47.26 55.81 65.27
C UNK E 1042 -46.98 57.32 65.21
N UNK E 1043 -45.70 57.70 65.27
CA UNK E 1043 -45.29 59.10 65.24
C UNK E 1043 -45.53 59.70 63.87
N UNK E 1044 -46.65 59.30 63.26
CA UNK E 1044 -47.10 59.75 61.94
C UNK E 1044 -46.05 59.70 60.83
N UNK E 1045 -46.44 59.12 59.70
CA UNK E 1045 -45.54 59.01 58.57
C UNK E 1045 -44.99 60.38 58.13
N UNK E 1046 -45.84 61.17 57.46
CA UNK E 1046 -45.47 62.50 56.97
C UNK E 1046 -44.92 63.42 58.06
N UNK E 1047 -44.91 62.92 59.29
CA UNK E 1047 -44.41 63.67 60.43
C UNK E 1047 -42.91 63.54 60.54
N UNK E 1048 -42.46 62.57 61.34
CA UNK E 1048 -41.04 62.33 61.54
C UNK E 1048 -40.34 62.35 60.18
N UNK E 1049 -41.10 62.10 59.11
CA UNK E 1049 -40.56 62.09 57.76
C UNK E 1049 -40.39 63.51 57.20
N UNK E 1050 -41.49 64.24 57.01
CA UNK E 1050 -41.39 65.59 56.48
C UNK E 1050 -40.67 66.45 57.50
N UNK E 1051 -40.03 65.80 58.48
CA UNK E 1051 -39.28 66.46 59.55
C UNK E 1051 -38.05 67.20 59.03
N UNK E 1052 -36.90 66.52 59.05
CA UNK E 1052 -35.67 67.15 58.58
C UNK E 1052 -35.89 67.60 57.13
N UNK E 1053 -37.11 67.39 56.64
CA UNK E 1053 -37.53 67.73 55.27
C UNK E 1053 -37.98 69.17 55.14
N UNK E 1054 -38.76 69.63 56.10
CA UNK E 1054 -39.26 71.00 56.14
C UNK E 1054 -38.25 71.76 56.99
N UNK E 1055 -37.55 71.01 57.83
CA UNK E 1055 -36.53 71.58 58.70
C UNK E 1055 -35.27 71.79 57.88
N UNK E 1056 -35.13 71.03 56.80
CA UNK E 1056 -33.99 71.16 55.92
C UNK E 1056 -34.03 72.54 55.26
N UNK E 1057 -35.16 72.85 54.61
CA UNK E 1057 -35.31 74.14 53.96
C UNK E 1057 -34.85 75.20 54.96
N UNK E 1058 -35.08 74.92 56.24
CA UNK E 1058 -34.73 75.83 57.33
C UNK E 1058 -33.29 75.73 57.85
N UNK E 1059 -32.90 74.58 58.38
CA UNK E 1059 -31.54 74.39 58.91
C UNK E 1059 -30.54 75.06 57.97
N UNK E 1060 -30.88 75.04 56.68
CA UNK E 1060 -30.08 75.66 55.63
C UNK E 1060 -30.97 76.66 54.93
N UNK E 1061 -31.51 77.59 55.72
CA UNK E 1061 -32.38 78.67 55.23
C UNK E 1061 -31.61 79.93 55.60
N UNK E 1062 -31.14 79.96 56.84
CA UNK E 1062 -30.35 81.06 57.36
C UNK E 1062 -28.96 80.90 56.72
N UNK E 1063 -28.95 80.52 55.45
CA UNK E 1063 -27.73 80.33 54.68
C UNK E 1063 -28.02 80.77 53.25
N UNK E 1064 -29.31 80.92 52.95
CA UNK E 1064 -29.75 81.36 51.63
C UNK E 1064 -29.97 82.88 51.63
N UNK E 1065 -30.66 83.38 52.66
CA UNK E 1065 -30.97 84.81 52.86
C UNK E 1065 -31.85 85.03 54.12
N UNK E 1066 -33.16 84.90 53.94
CA UNK E 1066 -34.16 85.05 54.99
C UNK E 1066 -35.51 85.25 54.31
N UNK E 1067 -36.50 84.47 54.74
CA UNK E 1067 -37.88 84.51 54.24
C UNK E 1067 -38.13 85.06 52.82
N UNK E 1068 -38.90 84.31 52.03
CA UNK E 1068 -39.24 84.66 50.65
C UNK E 1068 -38.15 85.38 49.84
N UNK E 1069 -36.89 85.19 50.26
CA UNK E 1069 -35.74 85.78 49.59
C UNK E 1069 -34.95 84.68 48.90
N UNK E 1070 -35.67 83.78 48.22
CA UNK E 1070 -35.08 82.64 47.51
C UNK E 1070 -35.37 82.69 45.99
N UNK E 1071 -36.34 81.89 45.54
CA UNK E 1071 -36.75 81.86 44.14
C UNK E 1071 -37.84 80.81 44.03
N UNK E 1072 -38.38 80.60 42.83
CA UNK E 1072 -39.44 79.61 42.66
C UNK E 1072 -40.01 79.58 41.26
N UNK E 1073 -40.76 78.51 40.98
CA UNK E 1073 -41.39 78.33 39.68
C UNK E 1073 -42.70 77.56 39.77
N UNK E 1074 -43.16 77.08 38.63
CA UNK E 1074 -44.42 76.35 38.57
C UNK E 1074 -44.37 74.81 38.63
N UNK E 1075 -43.24 74.20 38.27
CA UNK E 1075 -43.11 72.74 38.26
C UNK E 1075 -42.09 72.07 39.22
N UNK E 1076 -40.83 71.99 38.78
CA UNK E 1076 -39.74 71.36 39.55
C UNK E 1076 -39.68 69.85 39.27
N UNK E 1077 -39.19 69.50 38.07
CA UNK E 1077 -39.02 68.09 37.62
C UNK E 1077 -38.01 68.05 36.44
N UNK E 1078 -36.73 68.02 36.78
CA UNK E 1078 -35.64 68.03 35.80
C UNK E 1078 -35.18 66.69 35.25
N UNK E 1079 -33.88 66.61 34.95
CA UNK E 1079 -33.22 65.41 34.44
C UNK E 1079 -31.83 65.39 35.06
N UNK E 1080 -30.82 65.66 34.25
CA UNK E 1080 -29.45 65.70 34.70
C UNK E 1080 -28.68 65.88 33.41
N UNK E 1081 -27.78 66.87 33.39
CA UNK E 1081 -26.99 67.17 32.21
C UNK E 1081 -27.83 67.93 31.15
N UNK E 1082 -27.78 69.26 31.22
CA UNK E 1082 -28.53 70.11 30.28
C UNK E 1082 -27.68 70.52 29.06
N UNK E 1083 -28.10 71.57 28.36
CA UNK E 1083 -27.37 72.06 27.19
C UNK E 1083 -27.97 73.34 26.53
N UNK E 1084 -28.16 74.40 27.32
CA UNK E 1084 -28.70 75.69 26.84
C UNK E 1084 -28.93 76.72 27.97
N UNK E 1085 -28.25 77.87 27.89
CA UNK E 1085 -28.39 78.94 28.90
C UNK E 1085 -27.88 80.30 28.39
N UNK E 1086 -28.78 81.29 28.31
CA UNK E 1086 -28.44 82.64 27.84
C UNK E 1086 -29.60 83.65 27.96
N UNK E 1087 -30.68 83.40 27.21
CA UNK E 1087 -31.87 84.26 27.21
C UNK E 1087 -33.00 83.61 26.38
N UNK E 1088 -33.10 82.27 26.49
CA UNK E 1088 -34.06 81.40 25.79
C UNK E 1088 -35.10 82.03 24.85
N UNK E 1089 -36.39 81.73 25.09
CA UNK E 1089 -37.49 82.23 24.27
C UNK E 1089 -38.13 83.52 24.76
N UNK E 1090 -39.35 83.76 24.28
CA UNK E 1090 -40.13 84.96 24.59
C UNK E 1090 -39.59 86.07 23.69
N UNK E 1091 -38.27 86.02 23.46
CA UNK E 1091 -37.57 86.98 22.60
C UNK E 1091 -37.74 86.55 21.15
N UNK E 1092 -39.00 86.33 20.79
CA UNK E 1092 -39.38 85.91 19.45
C UNK E 1092 -40.83 86.36 19.23
N UNK E 1093 -41.68 86.12 20.24
CA UNK E 1093 -43.09 86.47 20.23
C UNK E 1093 -43.91 86.00 19.03
N UNK E 1094 -43.21 85.58 17.98
CA UNK E 1094 -43.84 85.08 16.76
C UNK E 1094 -43.08 83.81 16.40
N UNK E 1095 -43.72 82.67 16.57
CA UNK E 1095 -43.08 81.38 16.30
C UNK E 1095 -43.01 80.92 14.85
N UNK E 1096 -41.91 80.26 14.50
CA UNK E 1096 -41.68 79.74 13.16
C UNK E 1096 -40.87 78.44 13.20
N UNK E 1097 -40.27 78.11 12.07
CA UNK E 1097 -39.44 76.91 11.89
C UNK E 1097 -40.19 75.75 11.22
N UNK E 1098 -39.43 74.92 10.52
CA UNK E 1098 -39.97 73.74 9.83
C UNK E 1098 -38.94 72.60 9.99
N UNK E 1099 -39.10 71.50 9.25
CA UNK E 1099 -38.15 70.38 9.37
C UNK E 1099 -38.20 69.24 8.33
N UNK E 1100 -37.04 68.63 8.13
CA UNK E 1100 -36.84 67.52 7.21
C UNK E 1100 -35.62 66.80 7.78
N UNK E 1101 -34.71 67.60 8.32
CA UNK E 1101 -33.51 67.10 8.94
C UNK E 1101 -33.81 67.10 10.42
N UNK E 1102 -34.75 67.94 10.81
CA UNK E 1102 -35.19 68.07 12.21
C UNK E 1102 -34.08 67.82 13.23
N UNK E 1103 -34.13 66.65 13.88
CA UNK E 1103 -33.13 66.24 14.87
C UNK E 1103 -33.37 66.66 16.32
N UNK E 1104 -34.52 66.28 16.87
CA UNK E 1104 -34.93 66.60 18.24
C UNK E 1104 -34.30 67.86 18.84
N UNK E 1105 -34.62 68.15 20.10
CA UNK E 1105 -34.07 69.33 20.74
C UNK E 1105 -34.45 70.60 19.98
N UNK E 1106 -34.29 70.58 18.66
CA UNK E 1106 -34.65 71.71 17.80
C UNK E 1106 -36.18 71.81 17.72
N UNK E 1107 -36.80 71.00 16.86
CA UNK E 1107 -38.25 71.00 16.74
C UNK E 1107 -38.83 70.24 17.93
N UNK E 1108 -38.12 70.33 19.06
CA UNK E 1108 -38.51 69.68 20.30
C UNK E 1108 -38.48 70.66 21.49
N UNK E 1109 -37.43 71.49 21.57
CA UNK E 1109 -37.30 72.46 22.67
C UNK E 1109 -37.70 73.87 22.25
N UNK E 1110 -38.30 73.99 21.07
CA UNK E 1110 -38.75 75.27 20.54
C UNK E 1110 -40.27 75.21 20.45
N UNK E 1111 -40.85 74.41 21.36
CA UNK E 1111 -42.29 74.26 21.47
C UNK E 1111 -42.54 74.50 22.96
N UNK E 1112 -41.53 75.11 23.58
CA UNK E 1112 -41.52 75.45 25.01
C UNK E 1112 -40.09 75.91 25.31
N UNK E 1113 -39.93 76.98 26.08
CA UNK E 1113 -38.60 77.48 26.42
C UNK E 1113 -38.67 78.52 27.55
N UNK E 1114 -38.32 78.10 28.76
CA UNK E 1114 -38.36 78.95 29.94
C UNK E 1114 -39.82 79.31 30.23
N UNK E 1115 -40.61 78.32 30.61
CA UNK E 1115 -42.03 78.52 30.90
C UNK E 1115 -42.65 77.52 31.88
N UNK E 1116 -43.94 77.28 31.71
CA UNK E 1116 -44.69 76.37 32.56
C UNK E 1116 -46.06 76.09 31.94
N UNK E 1117 -46.69 74.99 32.36
CA UNK E 1117 -48.02 74.57 31.89
C UNK E 1117 -48.26 74.53 30.38
N UNK E 1118 -49.32 75.20 29.93
CA UNK E 1118 -49.66 75.23 28.51
C UNK E 1118 -48.58 75.88 27.65
N UNK E 1119 -47.32 75.64 28.01
CA UNK E 1119 -46.17 76.18 27.28
C UNK E 1119 -44.89 75.39 27.53
N UNK E 1120 -44.93 74.51 28.52
CA UNK E 1120 -43.80 73.65 28.87
C UNK E 1120 -44.34 72.25 29.19
N UNK E 1121 -45.29 71.82 28.37
CA UNK E 1121 -45.93 70.51 28.46
C UNK E 1121 -45.62 69.86 27.11
N UNK E 1122 -45.55 70.70 26.08
CA UNK E 1122 -45.22 70.23 24.73
C UNK E 1122 -43.69 70.07 24.70
N UNK E 1123 -43.17 69.40 25.73
CA UNK E 1123 -41.75 69.14 25.88
C UNK E 1123 -41.53 68.34 27.18
N UNK E 1124 -42.42 68.53 28.14
CA UNK E 1124 -42.34 67.84 29.41
C UNK E 1124 -43.08 66.52 29.28
N UNK E 1125 -43.49 66.21 28.05
CA UNK E 1125 -44.22 64.97 27.76
C UNK E 1125 -43.33 63.79 28.18
N UNK E 1126 -42.09 64.12 28.57
CA UNK E 1126 -41.09 63.14 29.01
C UNK E 1126 -41.75 61.87 29.50
N UNK E 1127 -42.25 61.89 30.73
CA UNK E 1127 -42.91 60.72 31.29
C UNK E 1127 -44.22 60.40 30.57
N UNK E 1128 -45.28 61.11 30.92
CA UNK E 1128 -46.57 60.85 30.31
C UNK E 1128 -47.66 61.87 30.62
N UNK E 1129 -48.89 61.49 30.33
CA UNK E 1129 -50.05 62.34 30.56
C UNK E 1129 -50.77 61.97 31.85
N UNK E 1130 -50.58 60.75 32.32
CA UNK E 1130 -51.22 60.28 33.55
C UNK E 1130 -52.74 60.21 33.42
N UNK E 1131 -53.24 59.22 32.70
CA UNK E 1131 -54.67 59.04 32.51
C UNK E 1131 -55.21 58.07 33.57
N UNK E 1132 -55.77 58.62 34.65
CA UNK E 1132 -56.34 57.86 35.77
C UNK E 1132 -55.25 57.38 36.74
N UNK E 1133 -54.08 57.11 36.19
CA UNK E 1133 -52.90 56.64 36.92
C UNK E 1133 -52.10 55.75 35.98
N UNK E 1134 -51.29 56.37 35.12
CA UNK E 1134 -50.49 55.61 34.16
C UNK E 1134 -49.45 56.44 33.40
N UNK E 1135 -49.46 56.29 32.08
CA UNK E 1135 -48.52 57.01 31.20
C UNK E 1135 -48.97 57.13 29.73
N UNK E 1136 -48.10 57.74 28.93
CA UNK E 1136 -48.32 57.96 27.50
C UNK E 1136 -47.36 59.02 26.94
N UNK E 1137 -47.40 60.22 27.53
CA UNK E 1137 -46.57 61.37 27.13
C UNK E 1137 -47.35 62.34 26.22
N UNK E 1138 -48.23 61.79 25.40
CA UNK E 1138 -49.09 62.52 24.47
C UNK E 1138 -48.47 63.72 23.74
N UNK E 1139 -49.15 64.13 22.67
CA UNK E 1139 -48.72 65.26 21.85
C UNK E 1139 -47.32 65.11 21.25
N UNK E 1140 -47.25 65.16 19.92
CA UNK E 1140 -45.99 65.04 19.21
C UNK E 1140 -46.16 65.09 17.69
N UNK E 1141 -45.00 65.12 17.01
CA UNK E 1141 -44.85 65.13 15.54
C UNK E 1141 -43.47 65.69 15.12
N UNK E 1142 -43.21 65.75 13.81
CA UNK E 1142 -41.96 66.27 13.26
C UNK E 1142 -41.81 66.18 11.73
N UNK E 1143 -42.74 66.80 10.98
CA UNK E 1143 -42.73 66.78 9.51
C UNK E 1143 -42.57 68.15 8.75
N UNK E 1144 -43.26 69.21 9.19
CA UNK E 1144 -43.17 70.55 8.55
C UNK E 1144 -44.09 71.73 9.01
N UNK E 1145 -43.49 72.79 9.60
CA UNK E 1145 -44.18 74.04 10.03
C UNK E 1145 -45.03 74.19 11.30
N UNK E 1146 -44.57 75.03 12.23
CA UNK E 1146 -45.27 75.29 13.49
C UNK E 1146 -45.17 76.78 13.92
N UNK E 1147 -46.21 77.32 14.56
CA UNK E 1147 -46.24 78.73 15.01
C UNK E 1147 -46.88 78.97 16.41
N UNK E 1148 -46.68 80.18 16.97
CA UNK E 1148 -47.23 80.53 18.30
C UNK E 1148 -47.30 82.05 18.63
N UNK E 1149 -47.33 82.40 19.93
CA UNK E 1149 -47.39 83.79 20.43
C UNK E 1149 -46.74 83.91 21.84
N UNK E 1150 -45.58 84.55 21.93
CA UNK E 1150 -44.85 84.71 23.19
C UNK E 1150 -45.65 85.10 24.43
N UNK E 1151 -44.93 85.29 25.53
CA UNK E 1151 -45.52 85.66 26.82
C UNK E 1151 -46.26 84.48 27.41
N UNK E 1152 -46.44 84.48 28.74
CA UNK E 1152 -47.11 83.39 29.47
C UNK E 1152 -48.43 82.86 28.91
N UNK E 1153 -49.34 82.48 29.81
CA UNK E 1153 -50.64 81.92 29.43
C UNK E 1153 -51.44 82.74 28.43
N UNK E 1154 -50.81 83.01 27.29
CA UNK E 1154 -51.44 83.80 26.23
C UNK E 1154 -50.91 83.30 24.88
N UNK E 1155 -49.96 82.39 24.95
CA UNK E 1155 -49.37 81.82 23.76
C UNK E 1155 -50.46 81.26 22.84
N UNK E 1156 -50.13 81.13 21.56
CA UNK E 1156 -51.08 80.61 20.58
C UNK E 1156 -50.37 79.74 19.53
N UNK E 1157 -50.02 78.50 19.91
CA UNK E 1157 -49.33 77.57 19.01
C UNK E 1157 -50.26 76.86 18.03
N UNK E 1158 -49.88 76.90 16.75
CA UNK E 1158 -50.67 76.28 15.68
C UNK E 1158 -49.82 75.85 14.49
N UNK E 1159 -49.52 74.56 14.39
CA UNK E 1159 -48.71 74.05 13.29
C UNK E 1159 -49.61 73.46 12.21
N UNK E 1160 -49.02 73.12 11.07
CA UNK E 1160 -49.78 72.55 9.96
C UNK E 1160 -48.87 72.28 8.76
N UNK E 1161 -49.22 71.25 7.98
CA UNK E 1161 -48.47 70.85 6.79
C UNK E 1161 -49.26 69.86 5.93
N UNK E 1162 -48.97 69.84 4.63
CA UNK E 1162 -49.63 68.94 3.69
C UNK E 1162 -51.14 69.14 3.51
N UNK E 1163 -51.68 68.46 2.51
CA UNK E 1163 -53.09 68.51 2.12
C UNK E 1163 -53.16 69.48 0.94
N UNK E 1164 -52.18 70.39 0.92
CA UNK E 1164 -51.99 71.44 -0.08
C UNK E 1164 -51.95 72.83 0.58
N UNK E 1165 -52.42 72.92 1.82
CA UNK E 1165 -52.47 74.19 2.56
C UNK E 1165 -51.91 74.10 3.99
N UNK E 1166 -52.80 73.95 4.96
CA UNK E 1166 -52.42 73.85 6.38
C UNK E 1166 -53.65 73.73 7.29
N UNK E 1167 -53.45 73.97 8.59
CA UNK E 1167 -54.48 73.89 9.63
C UNK E 1167 -54.50 72.51 10.29
N UNK E 1168 -53.37 72.15 10.89
CA UNK E 1168 -53.22 70.86 11.54
C UNK E 1168 -53.00 70.93 13.06
N UNK E 1169 -54.10 70.90 13.81
CA UNK E 1169 -54.07 70.96 15.27
C UNK E 1169 -53.23 72.09 15.91
N UNK E 1170 -53.85 72.87 16.80
CA UNK E 1170 -53.20 73.99 17.49
C UNK E 1170 -53.68 74.05 18.94
N UNK E 1171 -52.78 74.05 19.91
CA UNK E 1171 -53.20 74.07 21.32
C UNK E 1171 -52.59 75.16 22.19
N UNK E 1172 -53.40 75.67 23.13
CA UNK E 1172 -53.04 76.72 24.11
C UNK E 1172 -53.90 76.54 25.37
N UNK E 1173 -53.65 77.33 26.42
CA UNK E 1173 -54.44 77.20 27.65
C UNK E 1173 -55.94 77.44 27.42
N UNK E 1174 -56.76 77.02 28.38
CA UNK E 1174 -58.23 77.20 28.28
C UNK E 1174 -58.81 77.75 29.59
N UNK E 1175 -59.26 76.86 30.49
CA UNK E 1175 -59.84 77.26 31.78
C UNK E 1175 -58.80 77.32 32.91
N UNK E 1176 -59.24 77.13 34.16
CA UNK E 1176 -58.33 77.16 35.32
C UNK E 1176 -57.12 76.23 35.08
N UNK E 1177 -57.32 75.31 34.15
CA UNK E 1177 -56.32 74.33 33.76
C UNK E 1177 -56.98 73.49 32.66
N UNK E 1178 -56.51 73.66 31.42
CA UNK E 1178 -57.08 72.92 30.29
C UNK E 1178 -56.41 73.26 28.95
N UNK E 1179 -55.67 72.30 28.39
CA UNK E 1179 -55.01 72.49 27.11
C UNK E 1179 -55.59 71.48 26.13
N UNK E 1180 -55.59 71.80 24.83
CA UNK E 1180 -56.14 70.88 23.81
C UNK E 1180 -56.23 71.41 22.36
N UNK E 1181 -56.87 70.58 21.52
CA UNK E 1181 -57.12 70.83 20.08
C UNK E 1181 -56.53 69.76 19.17
N UNK E 1182 -57.15 69.56 18.02
CA UNK E 1182 -56.69 68.57 17.04
C UNK E 1182 -57.44 68.75 15.72
N UNK E 1183 -56.89 69.60 14.86
CA UNK E 1183 -57.50 69.88 13.56
C UNK E 1183 -57.38 68.73 12.60
N UNK E 1184 -58.51 68.14 12.23
CA UNK E 1184 -58.53 67.03 11.29
C UNK E 1184 -59.35 67.38 10.06
N UNK E 1185 -58.76 68.14 9.15
CA UNK E 1185 -59.43 68.56 7.93
C UNK E 1185 -59.93 67.35 7.12
N UNK E 1186 -60.71 67.65 6.08
CA UNK E 1186 -61.28 66.65 5.18
C UNK E 1186 -62.61 66.09 5.68
N UNK E 1187 -63.63 66.16 4.82
CA UNK E 1187 -64.97 65.67 5.12
C UNK E 1187 -65.93 66.13 4.04
N UNK E 1188 -67.20 66.24 4.39
CA UNK E 1188 -68.22 66.70 3.46
C UNK E 1188 -68.30 68.23 3.65
N UNK E 1189 -68.64 68.65 4.86
CA UNK E 1189 -68.72 70.07 5.22
C UNK E 1189 -67.30 70.47 5.64
N UNK E 1190 -66.40 70.46 4.66
CA UNK E 1190 -64.97 70.78 4.80
C UNK E 1190 -64.40 71.52 6.03
N UNK E 1191 -64.59 70.96 7.23
CA UNK E 1191 -64.07 71.56 8.47
C UNK E 1191 -64.73 71.00 9.75
N UNK E 1192 -63.88 70.44 10.62
CA UNK E 1192 -64.34 69.86 11.90
C UNK E 1192 -63.20 69.14 12.66
N UNK E 1193 -63.35 69.03 13.98
CA UNK E 1193 -62.37 68.35 14.84
C UNK E 1193 -62.81 68.24 16.31
N UNK E 1194 -61.93 67.70 17.14
CA UNK E 1194 -62.21 67.54 18.57
C UNK E 1194 -60.94 67.86 19.36
N UNK E 1195 -61.01 67.79 20.68
CA UNK E 1195 -59.85 68.11 21.49
C UNK E 1195 -59.84 67.51 22.90
N UNK E 1196 -58.66 67.56 23.50
CA UNK E 1196 -58.41 66.98 24.82
C UNK E 1196 -58.63 67.77 26.11
N UNK E 1197 -58.38 67.09 27.22
CA UNK E 1197 -58.47 67.62 28.58
C UNK E 1197 -57.07 67.60 29.21
N UNK E 1198 -56.69 68.70 29.87
CA UNK E 1198 -55.36 68.78 30.47
C UNK E 1198 -55.27 69.49 31.83
N UNK E 1199 -55.81 68.85 32.88
CA UNK E 1199 -55.78 69.41 34.24
C UNK E 1199 -54.33 69.61 34.72
N UNK E 1200 -53.72 70.74 34.33
CA UNK E 1200 -52.34 71.06 34.69
C UNK E 1200 -52.11 71.64 36.09
N UNK E 1201 -52.61 70.95 37.12
CA UNK E 1201 -52.49 71.37 38.53
C UNK E 1201 -51.06 71.40 39.09
N UNK E 1202 -50.15 72.08 38.38
CA UNK E 1202 -48.74 72.22 38.75
C UNK E 1202 -48.33 71.72 40.13
N UNK E 1203 -47.89 70.46 40.17
CA UNK E 1203 -47.46 69.81 41.39
C UNK E 1203 -46.66 68.52 41.07
N UNK E 1204 -45.51 68.68 40.39
CA UNK E 1204 -44.61 67.59 40.00
C UNK E 1204 -45.24 66.51 39.11
N UNK E 1205 -46.53 66.27 39.33
CA UNK E 1205 -47.30 65.28 38.57
C UNK E 1205 -47.43 65.74 37.13
N UNK E 1206 -46.32 65.69 36.40
CA UNK E 1206 -46.27 66.11 35.01
C UNK E 1206 -47.42 67.06 34.63
N UNK E 1207 -48.39 66.57 33.86
CA UNK E 1207 -49.49 67.44 33.43
C UNK E 1207 -50.90 66.86 33.41
N UNK E 1208 -51.49 66.94 32.22
CA UNK E 1208 -52.86 66.51 31.86
C UNK E 1208 -53.66 65.53 32.73
N UNK E 1209 -54.83 65.17 32.18
CA UNK E 1209 -55.80 64.25 32.78
C UNK E 1209 -57.15 64.52 32.10
N UNK E 1210 -57.67 63.52 31.39
CA UNK E 1210 -58.94 63.66 30.68
C UNK E 1210 -60.01 62.64 31.09
N UNK E 1211 -61.15 63.14 31.56
CA UNK E 1211 -62.27 62.30 31.97
C UNK E 1211 -63.41 62.57 30.98
N UNK E 1212 -64.58 62.01 31.24
CA UNK E 1212 -65.77 62.17 30.38
C UNK E 1212 -65.48 62.13 28.86
N UNK E 1213 -64.30 61.63 28.51
CA UNK E 1213 -63.88 61.53 27.11
C UNK E 1213 -64.74 60.53 26.38
N UNK E 1214 -64.13 59.85 25.42
CA UNK E 1214 -64.85 58.87 24.61
C UNK E 1214 -65.94 59.61 23.85
N UNK E 1215 -66.92 60.10 24.60
CA UNK E 1215 -68.02 60.85 24.04
C UNK E 1215 -67.45 61.95 23.15
N UNK E 1216 -66.57 62.77 23.72
CA UNK E 1216 -65.94 63.87 23.00
C UNK E 1216 -65.54 63.34 21.63
N UNK E 1217 -64.94 62.15 21.64
CA UNK E 1217 -64.49 61.50 20.42
C UNK E 1217 -65.68 61.02 19.58
N UNK E 1218 -66.49 60.14 20.16
CA UNK E 1218 -67.65 59.59 19.48
C UNK E 1218 -68.23 60.63 18.52
N UNK E 1219 -68.68 61.75 19.06
CA UNK E 1219 -69.28 62.81 18.24
C UNK E 1219 -68.41 63.19 17.03
N UNK E 1220 -67.11 63.35 17.25
CA UNK E 1220 -66.16 63.73 16.18
C UNK E 1220 -66.41 62.96 14.88
N UNK E 1221 -67.22 61.92 14.97
CA UNK E 1221 -67.53 61.13 13.82
C UNK E 1221 -69.03 60.86 13.73
N UNK E 1222 -69.73 61.05 14.86
CA UNK E 1222 -71.19 60.84 14.95
C UNK E 1222 -71.85 61.26 13.66
N UNK E 1223 -71.12 62.12 12.95
CA UNK E 1223 -71.50 62.67 11.66
C UNK E 1223 -70.23 62.93 10.84
N UNK E 1224 -69.06 62.57 11.37
CA UNK E 1224 -67.84 62.77 10.60
C UNK E 1224 -67.93 61.78 9.43
N UNK E 1225 -69.00 60.99 9.43
CA UNK E 1225 -69.28 60.00 8.38
C UNK E 1225 -70.74 59.53 8.41
N UNK E 1226 -71.38 59.66 9.57
CA UNK E 1226 -72.77 59.23 9.76
C UNK E 1226 -73.79 60.23 9.24
N UNK E 1227 -74.73 59.74 8.42
CA UNK E 1227 -75.81 60.52 7.81
C UNK E 1227 -75.85 62.01 8.16
N UNK E 1228 -76.77 62.38 9.05
CA UNK E 1228 -76.91 63.76 9.46
C UNK E 1228 -77.48 63.88 10.86
N UNK E 1229 -78.15 62.82 11.33
CA UNK E 1229 -78.75 62.83 12.66
C UNK E 1229 -77.67 62.98 13.74
N UNK E 1230 -77.34 64.23 14.09
CA UNK E 1230 -76.32 64.52 15.10
C UNK E 1230 -76.50 63.63 16.31
N UNK E 1231 -75.42 63.53 17.09
CA UNK E 1231 -75.39 62.71 18.30
C UNK E 1231 -76.77 62.33 18.85
N UNK E 1232 -76.92 61.06 19.22
CA UNK E 1232 -78.17 60.53 19.77
C UNK E 1232 -77.94 59.10 20.28
N UNK E 1233 -78.08 58.91 21.60
CA UNK E 1233 -77.88 57.60 22.21
C UNK E 1233 -78.91 56.60 21.67
N UNK E 1234 -78.61 56.03 20.50
CA UNK E 1234 -79.48 55.06 19.82
C UNK E 1234 -79.94 53.93 20.72
N UNK E 1235 -80.69 52.99 20.15
CA UNK E 1235 -81.22 51.86 20.90
C UNK E 1235 -80.50 50.54 20.59
N UNK E 1236 -79.47 50.21 21.37
CA UNK E 1236 -78.73 48.98 21.17
C UNK E 1236 -79.70 47.81 21.03
N UNK E 1237 -80.02 47.46 19.77
CA UNK E 1237 -80.93 46.36 19.39
C UNK E 1237 -82.14 46.79 18.56
N UNK E 1238 -81.91 47.16 17.30
CA UNK E 1238 -82.98 47.58 16.40
C UNK E 1238 -82.50 48.23 15.10
N UNK E 1239 -81.43 49.04 15.22
CA UNK E 1239 -80.82 49.79 14.11
C UNK E 1239 -81.16 49.41 12.66
N UNK E 1240 -81.06 50.41 11.78
CA UNK E 1240 -81.34 50.30 10.35
C UNK E 1240 -81.59 51.70 9.76
N UNK E 1241 -81.24 51.92 8.49
CA UNK E 1241 -81.44 53.24 7.87
C UNK E 1241 -80.93 53.38 6.42
N UNK E 1242 -81.02 54.62 5.92
CA UNK E 1242 -80.58 55.00 4.58
C UNK E 1242 -81.25 54.29 3.39
N UNK E 1243 -80.67 54.51 2.21
CA UNK E 1243 -81.13 53.92 0.95
C UNK E 1243 -80.40 54.69 -0.16
N UNK E 1244 -79.33 54.10 -0.68
CA UNK E 1244 -78.54 54.73 -1.73
C UNK E 1244 -79.04 54.27 -3.10
N UNK E 1245 -78.51 54.93 -4.14
CA UNK E 1245 -78.90 54.60 -5.50
C UNK E 1245 -77.76 53.94 -6.27
N UNK E 1246 -78.09 52.95 -7.08
CA UNK E 1246 -77.09 52.24 -7.87
C UNK E 1246 -76.56 53.12 -9.00
N UNK E 1247 -76.02 54.27 -8.62
CA UNK E 1247 -75.46 55.27 -9.51
C UNK E 1247 -74.55 54.73 -10.60
N UNK E 1248 -73.99 55.65 -11.39
CA UNK E 1248 -73.04 55.27 -12.44
C UNK E 1248 -71.74 55.70 -11.78
N UNK E 1249 -71.85 55.88 -10.46
CA UNK E 1249 -70.76 56.27 -9.58
C UNK E 1249 -69.93 55.04 -9.23
N UNK E 1250 -70.06 54.00 -10.05
CA UNK E 1250 -69.34 52.75 -9.85
C UNK E 1250 -67.90 52.84 -10.35
N UNK E 1251 -67.73 53.20 -11.62
CA UNK E 1251 -66.40 53.33 -12.21
C UNK E 1251 -65.59 54.33 -11.40
N UNK E 1252 -66.22 54.88 -10.37
CA UNK E 1252 -65.61 55.84 -9.46
C UNK E 1252 -65.24 55.12 -8.17
N UNK E 1253 -65.97 54.05 -7.86
CA UNK E 1253 -65.71 53.25 -6.66
C UNK E 1253 -65.24 51.86 -7.11
N UNK E 1254 -65.01 51.74 -8.41
CA UNK E 1254 -64.54 50.50 -9.02
C UNK E 1254 -63.16 50.79 -9.57
N UNK E 1255 -63.11 51.52 -10.69
CA UNK E 1255 -61.84 51.87 -11.33
C UNK E 1255 -60.94 52.53 -10.29
N UNK E 1256 -61.49 52.67 -9.08
CA UNK E 1256 -60.80 53.26 -7.94
C UNK E 1256 -59.96 52.19 -7.26
N UNK E 1257 -60.65 51.27 -6.59
CA UNK E 1257 -59.96 50.19 -5.92
C UNK E 1257 -59.87 49.01 -6.89
N UNK E 1258 -58.76 48.92 -7.62
CA UNK E 1258 -58.52 47.83 -8.58
C UNK E 1258 -59.60 47.68 -9.66
N UNK E 1259 -59.16 47.62 -10.92
CA UNK E 1259 -60.05 47.49 -12.08
C UNK E 1259 -60.75 46.12 -12.19
N UNK E 1260 -61.59 45.80 -11.21
CA UNK E 1260 -62.32 44.52 -11.17
C UNK E 1260 -62.87 44.10 -12.52
N UNK E 1261 -63.44 42.90 -12.55
CA UNK E 1261 -64.01 42.36 -13.78
C UNK E 1261 -64.49 43.47 -14.69
N UNK E 1262 -63.92 43.53 -15.89
CA UNK E 1262 -64.27 44.56 -16.85
C UNK E 1262 -65.57 44.27 -17.60
N UNK E 1263 -65.57 43.26 -18.47
CA UNK E 1263 -66.76 42.91 -19.24
C UNK E 1263 -67.95 42.51 -18.34
N UNK E 1264 -67.89 42.97 -17.10
CA UNK E 1264 -68.92 42.71 -16.11
C UNK E 1264 -68.95 43.92 -15.16
N UNK E 1265 -68.61 45.09 -15.68
CA UNK E 1265 -68.59 46.34 -14.91
C UNK E 1265 -68.06 47.54 -15.70
N UNK E 1266 -68.74 47.92 -16.79
CA UNK E 1266 -68.31 49.08 -17.60
C UNK E 1266 -69.10 49.39 -18.89
N UNK E 1267 -68.34 49.48 -19.99
CA UNK E 1267 -68.76 49.79 -21.36
C UNK E 1267 -70.23 49.80 -21.82
N UNK E 1268 -70.46 49.25 -23.01
CA UNK E 1268 -71.78 49.20 -23.68
C UNK E 1268 -72.85 48.22 -23.17
N UNK E 1269 -73.94 48.14 -23.94
CA UNK E 1269 -75.11 47.30 -23.68
C UNK E 1269 -75.23 46.56 -22.33
N UNK E 1270 -75.57 47.32 -21.27
CA UNK E 1270 -75.77 46.80 -19.90
C UNK E 1270 -74.56 46.93 -18.95
N UNK E 1271 -74.75 47.65 -17.84
CA UNK E 1271 -73.69 47.88 -16.84
C UNK E 1271 -73.97 47.12 -15.55
N UNK E 1272 -73.08 46.16 -15.23
CA UNK E 1272 -73.19 45.33 -14.04
C UNK E 1272 -72.39 45.89 -12.87
N UNK E 1273 -73.04 45.98 -11.71
CA UNK E 1273 -72.41 46.53 -10.52
C UNK E 1273 -71.61 45.56 -9.67
N UNK E 1274 -70.30 45.68 -9.76
CA UNK E 1274 -69.39 44.85 -8.99
C UNK E 1274 -69.78 44.93 -7.52
N UNK E 1275 -70.11 43.79 -6.93
CA UNK E 1275 -70.53 43.71 -5.53
C UNK E 1275 -69.45 43.23 -4.54
N UNK E 1276 -68.18 43.31 -4.93
CA UNK E 1276 -67.07 42.91 -4.07
C UNK E 1276 -66.86 44.09 -3.11
N UNK E 1277 -67.76 45.05 -3.26
CA UNK E 1277 -67.78 46.28 -2.48
C UNK E 1277 -69.08 47.00 -2.86
N UNK E 1278 -69.02 48.33 -2.90
CA UNK E 1278 -70.19 49.15 -3.24
C UNK E 1278 -71.31 48.92 -2.24
N UNK E 1279 -71.33 47.73 -1.65
CA UNK E 1279 -72.31 47.35 -0.63
C UNK E 1279 -71.75 47.89 0.68
N UNK E 1280 -70.42 47.96 0.75
CA UNK E 1280 -69.74 48.50 1.92
C UNK E 1280 -69.92 50.03 1.89
N UNK E 1281 -70.23 50.54 0.70
CA UNK E 1281 -70.48 51.96 0.49
C UNK E 1281 -71.99 52.12 0.65
N UNK E 1282 -72.73 51.20 0.04
CA UNK E 1282 -74.19 51.19 0.11
C UNK E 1282 -74.66 50.90 1.52
N UNK E 1283 -73.78 51.08 2.49
CA UNK E 1283 -74.12 50.84 3.88
C UNK E 1283 -73.01 51.13 4.89
N UNK E 1284 -71.88 51.67 4.46
CA UNK E 1284 -70.81 52.00 5.41
C UNK E 1284 -71.55 52.82 6.46
N UNK E 1285 -72.35 53.77 5.97
CA UNK E 1285 -73.17 54.63 6.83
C UNK E 1285 -74.51 53.90 6.98
N UNK E 1286 -74.45 52.71 7.56
CA UNK E 1286 -75.60 51.86 7.82
C UNK E 1286 -75.02 50.83 8.74
N UNK E 1287 -73.91 50.27 8.28
CA UNK E 1287 -73.18 49.29 9.05
C UNK E 1287 -72.33 50.09 10.00
N UNK E 1288 -71.39 50.87 9.45
CA UNK E 1288 -70.50 51.71 10.28
C UNK E 1288 -71.42 52.41 11.24
N UNK E 1289 -72.68 52.50 10.83
CA UNK E 1289 -73.70 53.09 11.66
C UNK E 1289 -73.76 52.09 12.78
N UNK E 1290 -74.80 51.27 12.75
CA UNK E 1290 -74.99 50.22 13.75
C UNK E 1290 -74.39 50.63 15.09
N UNK E 1291 -74.15 49.64 15.94
CA UNK E 1291 -73.57 49.88 17.26
C UNK E 1291 -72.11 50.33 17.10
N UNK E 1292 -71.71 50.52 15.84
CA UNK E 1292 -70.36 50.95 15.57
C UNK E 1292 -70.21 52.22 16.37
N UNK E 1293 -71.05 53.21 16.03
CA UNK E 1293 -71.08 54.51 16.71
C UNK E 1293 -72.28 54.58 17.65
N UNK E 1294 -73.35 53.84 17.31
CA UNK E 1294 -74.57 53.81 18.12
C UNK E 1294 -74.32 53.14 19.46
N UNK E 1295 -73.20 52.42 19.55
CA UNK E 1295 -72.84 51.74 20.79
C UNK E 1295 -72.67 52.84 21.84
N UNK E 1296 -71.98 53.91 21.46
CA UNK E 1296 -71.74 55.04 22.36
C UNK E 1296 -73.00 55.28 23.19
N UNK E 1297 -72.87 55.03 24.49
CA UNK E 1297 -73.95 55.16 25.48
C UNK E 1297 -74.53 53.78 25.80
N UNK E 1298 -75.34 53.22 24.89
CA UNK E 1298 -75.95 51.90 25.08
C UNK E 1298 -74.90 50.88 25.51
N UNK E 1299 -73.63 51.22 25.24
CA UNK E 1299 -72.44 50.42 25.58
C UNK E 1299 -71.31 50.70 24.57
N UNK E 1300 -70.32 51.51 24.97
CA UNK E 1300 -69.19 51.83 24.11
C UNK E 1300 -68.15 52.72 24.75
N UNK E 1301 -66.92 52.62 24.25
CA UNK E 1301 -65.81 53.40 24.76
C UNK E 1301 -64.95 53.91 23.62
N UNK E 1302 -63.95 54.74 23.99
CA UNK E 1302 -63.00 55.39 23.09
C UNK E 1302 -62.73 54.71 21.74
N UNK E 1303 -63.77 54.63 20.90
CA UNK E 1303 -63.64 54.03 19.58
C UNK E 1303 -62.58 54.78 18.77
N UNK E 1304 -61.61 55.34 19.49
CA UNK E 1304 -60.48 56.05 18.90
C UNK E 1304 -59.66 54.95 18.26
N UNK E 1305 -59.52 53.85 19.00
CA UNK E 1305 -58.78 52.67 18.55
C UNK E 1305 -59.61 51.38 18.64
N UNK E 1306 -60.41 51.11 17.60
CA UNK E 1306 -61.27 49.92 17.51
C UNK E 1306 -61.16 49.40 16.08
N UNK E 1307 -60.78 48.14 15.91
CA UNK E 1307 -60.61 47.57 14.56
C UNK E 1307 -61.73 46.64 14.11
N UNK E 1308 -61.87 46.47 12.79
CA UNK E 1308 -62.89 45.60 12.20
C UNK E 1308 -62.26 44.28 11.79
N UNK E 1309 -62.81 43.19 12.32
CA UNK E 1309 -62.31 41.85 12.02
C UNK E 1309 -62.52 41.47 10.57
N UNK E 1310 -63.72 41.02 10.25
CA UNK E 1310 -64.03 40.61 8.89
C UNK E 1310 -65.27 41.30 8.31
N UNK E 1311 -65.29 41.49 6.98
CA UNK E 1311 -66.43 42.13 6.30
C UNK E 1311 -67.35 41.03 5.75
N UNK E 1312 -68.10 41.31 4.68
CA UNK E 1312 -68.98 40.28 4.11
C UNK E 1312 -69.61 40.49 2.73
N UNK E 1313 -70.31 39.44 2.30
CA UNK E 1313 -71.00 39.37 1.02
C UNK E 1313 -71.52 37.92 0.91
N UNK E 1314 -72.80 37.75 0.56
CA UNK E 1314 -73.42 36.43 0.43
C UNK E 1314 -74.81 36.53 -0.21
N UNK E 1315 -74.83 36.70 -1.54
CA UNK E 1315 -76.07 36.83 -2.31
C UNK E 1315 -77.14 35.73 -2.13
N UNK E 1316 -77.84 35.77 -1.00
CA UNK E 1316 -78.91 34.82 -0.60
C UNK E 1316 -79.38 33.73 -1.56
N UNK E 1317 -79.74 34.10 -2.80
CA UNK E 1317 -80.22 33.12 -3.78
C UNK E 1317 -80.92 33.80 -4.97
N UNK E 1318 -80.51 35.02 -5.31
CA UNK E 1318 -81.15 35.74 -6.40
C UNK E 1318 -80.24 36.12 -7.58
N UNK E 1319 -80.53 37.26 -8.19
CA UNK E 1319 -79.76 37.78 -9.33
C UNK E 1319 -78.59 38.65 -8.87
N UNK E 1320 -77.80 39.15 -9.82
CA UNK E 1320 -76.65 39.98 -9.52
C UNK E 1320 -76.95 41.21 -8.67
N UNK E 1321 -76.43 42.36 -9.10
CA UNK E 1321 -76.61 43.64 -8.44
C UNK E 1321 -76.35 44.67 -9.53
N UNK E 1322 -77.36 44.92 -10.37
CA UNK E 1322 -77.27 45.86 -11.49
C UNK E 1322 -77.70 47.30 -11.15
N UNK E 1323 -77.03 48.28 -11.78
CA UNK E 1323 -77.29 49.72 -11.57
C UNK E 1323 -78.77 50.12 -11.50
N UNK E 1324 -79.37 49.96 -10.32
CA UNK E 1324 -80.78 50.30 -10.08
C UNK E 1324 -81.25 50.05 -8.64
N UNK E 1325 -82.15 50.91 -8.15
CA UNK E 1325 -82.71 50.82 -6.79
C UNK E 1325 -81.64 50.76 -5.67
N UNK E 1326 -82.00 50.12 -4.55
CA UNK E 1326 -81.14 49.93 -3.36
C UNK E 1326 -81.68 50.46 -2.04
N UNK E 1327 -81.51 49.66 -0.99
CA UNK E 1327 -81.95 50.03 0.35
C UNK E 1327 -81.34 49.07 1.38
N UNK E 1328 -80.55 49.59 2.32
CA UNK E 1328 -79.89 48.78 3.34
C UNK E 1328 -80.77 48.37 4.52
N UNK E 1329 -80.14 48.06 5.66
CA UNK E 1329 -80.84 47.64 6.89
C UNK E 1329 -79.85 46.95 7.84
N UNK E 1330 -79.38 47.68 8.85
CA UNK E 1330 -78.42 47.15 9.83
C UNK E 1330 -78.98 45.96 10.62
N UNK E 1331 -78.30 45.60 11.72
CA UNK E 1331 -78.72 44.48 12.55
C UNK E 1331 -78.03 44.41 13.92
N UNK E 1332 -76.72 44.60 13.94
CA UNK E 1332 -75.95 44.54 15.19
C UNK E 1332 -76.36 43.35 16.03
N UNK E 1333 -76.37 42.17 15.40
CA UNK E 1333 -76.74 40.92 16.07
C UNK E 1333 -75.52 40.23 16.70
N UNK E 1334 -75.36 40.43 18.01
CA UNK E 1334 -74.27 39.89 18.82
C UNK E 1334 -73.16 40.91 19.08
N UNK E 1335 -72.76 41.00 20.34
CA UNK E 1335 -71.71 41.92 20.78
C UNK E 1335 -71.50 41.71 22.28
N UNK E 1336 -70.33 41.21 22.67
CA UNK E 1336 -70.04 40.97 24.08
C UNK E 1336 -68.66 41.47 24.44
N UNK E 1337 -68.28 41.27 25.70
CA UNK E 1337 -67.00 41.74 26.20
C UNK E 1337 -66.04 40.68 26.74
N UNK E 1338 -65.07 40.27 25.91
CA UNK E 1338 -64.09 39.28 26.31
C UNK E 1338 -63.29 39.88 27.44
N UNK E 1339 -62.31 39.14 27.95
CA UNK E 1339 -61.49 39.66 29.02
C UNK E 1339 -60.37 40.49 28.40
N UNK E 1340 -60.08 40.23 27.13
CA UNK E 1340 -59.02 40.92 26.40
C UNK E 1340 -59.48 42.15 25.65
N UNK E 1341 -60.80 42.32 25.55
CA UNK E 1341 -61.39 43.46 24.85
C UNK E 1341 -62.92 43.31 24.76
N UNK E 1342 -63.51 43.90 23.73
CA UNK E 1342 -64.96 43.83 23.49
C UNK E 1342 -65.20 43.79 21.99
N UNK E 1343 -66.28 43.15 21.57
CA UNK E 1343 -66.58 43.06 20.15
C UNK E 1343 -68.06 43.16 19.87
N UNK E 1344 -68.38 43.43 18.62
CA UNK E 1344 -69.75 43.53 18.18
C UNK E 1344 -69.84 43.17 16.72
N UNK E 1345 -70.49 42.05 16.44
CA UNK E 1345 -70.65 41.56 15.08
C UNK E 1345 -71.95 42.07 14.52
N UNK E 1346 -71.89 43.14 13.74
CA UNK E 1346 -73.11 43.68 13.16
C UNK E 1346 -73.51 42.82 11.97
N UNK E 1347 -74.80 42.47 11.91
CA UNK E 1347 -75.33 41.68 10.81
C UNK E 1347 -75.96 42.69 9.88
N UNK E 1348 -76.57 42.25 8.79
CA UNK E 1348 -77.19 43.20 7.86
C UNK E 1348 -77.90 42.54 6.68
N UNK E 1349 -78.52 43.38 5.84
CA UNK E 1349 -79.24 42.91 4.67
C UNK E 1349 -79.68 44.04 3.75
N UNK E 1350 -79.07 44.14 2.58
CA UNK E 1350 -79.45 45.15 1.60
C UNK E 1350 -80.67 44.56 0.89
N UNK E 1351 -81.65 45.39 0.54
CA UNK E 1351 -82.87 44.92 -0.13
C UNK E 1351 -83.08 45.52 -1.53
N UNK E 1352 -83.65 44.70 -2.43
CA UNK E 1352 -83.91 45.12 -3.80
C UNK E 1352 -85.41 45.15 -4.15
N UNK E 1353 -85.70 45.33 -5.44
CA UNK E 1353 -87.07 45.39 -5.94
C UNK E 1353 -88.02 44.69 -4.98
N UNK E 1354 -87.88 43.37 -4.85
CA UNK E 1354 -88.72 42.60 -3.95
C UNK E 1354 -88.14 42.69 -2.55
N UNK E 1355 -87.32 41.70 -2.18
CA UNK E 1355 -86.69 41.67 -0.86
C UNK E 1355 -85.52 40.68 -0.82
N UNK E 1356 -84.53 40.98 0.01
CA UNK E 1356 -83.35 40.12 0.14
C UNK E 1356 -82.45 40.18 -1.10
N UNK E 1357 -81.17 40.48 -0.91
CA UNK E 1357 -80.24 40.57 -2.03
C UNK E 1357 -78.86 40.00 -1.74
N UNK E 1358 -78.14 40.60 -0.80
CA UNK E 1358 -76.79 40.14 -0.44
C UNK E 1358 -76.39 40.47 1.00
N UNK E 1359 -77.05 39.84 1.96
CA UNK E 1359 -76.78 40.05 3.40
C UNK E 1359 -75.30 40.17 3.69
N UNK E 1360 -74.88 41.30 4.26
CA UNK E 1360 -73.46 41.50 4.58
C UNK E 1360 -73.22 41.70 6.08
N UNK E 1361 -72.14 41.12 6.59
CA UNK E 1361 -71.77 41.21 8.00
C UNK E 1361 -70.35 41.74 8.18
N UNK E 1362 -70.02 42.22 9.37
CA UNK E 1362 -68.68 42.74 9.61
C UNK E 1362 -68.37 43.03 11.08
N UNK E 1363 -68.35 41.97 11.88
CA UNK E 1363 -68.05 42.09 13.30
C UNK E 1363 -66.83 42.96 13.58
N UNK E 1364 -67.04 44.06 14.30
CA UNK E 1364 -65.93 44.94 14.65
C UNK E 1364 -65.74 44.82 16.17
N UNK E 1365 -64.66 45.39 16.70
CA UNK E 1365 -64.39 45.31 18.15
C UNK E 1365 -63.58 46.49 18.68
N UNK E 1366 -63.72 46.73 19.98
CA UNK E 1366 -63.04 47.83 20.66
C UNK E 1366 -61.77 47.38 21.39
N UNK E 1367 -61.20 48.32 22.14
CA UNK E 1367 -59.97 48.06 22.89
C UNK E 1367 -60.18 47.05 24.01
N UNK E 1368 -59.12 46.84 24.80
CA UNK E 1368 -59.12 45.91 25.93
C UNK E 1368 -59.67 46.54 27.22
N UNK E 1369 -60.22 45.70 28.10
CA UNK E 1369 -60.82 46.17 29.36
C UNK E 1369 -61.95 47.15 29.05
N UNK E 1370 -62.21 47.32 27.75
CA UNK E 1370 -63.26 48.23 27.24
C UNK E 1370 -64.59 47.50 27.10
N UNK E 1371 -65.26 47.36 28.24
CA UNK E 1371 -66.56 46.70 28.40
C UNK E 1371 -66.32 45.80 29.59
N UNK E 1372 -65.12 45.96 30.17
CA UNK E 1372 -64.68 45.20 31.33
C UNK E 1372 -65.82 45.15 32.35
N UNK E 1373 -66.28 46.32 32.78
CA UNK E 1373 -67.37 46.38 33.73
C UNK E 1373 -68.68 46.35 32.96
N UNK E 1374 -68.67 46.90 31.74
CA UNK E 1374 -69.84 46.94 30.88
C UNK E 1374 -70.44 45.55 30.72
N UNK E 1375 -69.77 44.57 31.32
CA UNK E 1375 -70.21 43.18 31.27
C UNK E 1375 -71.69 43.07 31.58
N UNK E 1376 -72.23 44.09 32.25
CA UNK E 1376 -73.64 44.12 32.60
C UNK E 1376 -74.49 44.06 31.33
N UNK E 1377 -75.59 44.81 31.31
CA UNK E 1377 -76.44 44.84 30.14
C UNK E 1377 -75.61 45.40 29.00
N UNK E 1378 -74.90 44.51 28.32
CA UNK E 1378 -74.04 44.88 27.21
C UNK E 1378 -73.60 43.61 26.49
N UNK E 1379 -73.56 42.50 27.21
CA UNK E 1379 -73.17 41.23 26.60
C UNK E 1379 -74.36 40.65 25.84
N UNK E 1380 -74.56 41.10 24.60
CA UNK E 1380 -75.66 40.63 23.77
C UNK E 1380 -75.15 39.96 22.51
N UNK E 1381 -74.79 38.68 22.62
CA UNK E 1381 -74.28 37.88 21.50
C UNK E 1381 -75.12 36.62 21.30
N UNK E 1382 -75.49 36.36 20.05
CA UNK E 1382 -76.29 35.19 19.73
C UNK E 1382 -75.40 34.03 19.37
N UNK E 1383 -75.91 33.14 18.53
CA UNK E 1383 -75.19 31.96 18.07
C UNK E 1383 -76.10 31.09 17.19
N UNK E 1384 -75.56 30.59 16.08
CA UNK E 1384 -76.33 29.74 15.16
C UNK E 1384 -76.09 28.23 15.36
N UNK E 1385 -75.16 27.89 16.26
CA UNK E 1385 -74.81 26.49 16.57
C UNK E 1385 -75.23 25.50 15.48
N UNK E 1386 -74.39 25.37 14.47
CA UNK E 1386 -74.65 24.48 13.33
C UNK E 1386 -75.31 23.15 13.70
N UNK E 1387 -76.14 22.69 12.77
CA UNK E 1387 -76.92 21.45 12.85
C UNK E 1387 -76.62 20.39 13.92
N UNK E 1388 -77.00 19.16 13.57
CA UNK E 1388 -76.86 17.97 14.40
C UNK E 1388 -77.94 17.00 13.86
N UNK E 1389 -77.64 15.69 13.78
CA UNK E 1389 -78.62 14.73 13.25
C UNK E 1389 -78.57 13.34 13.87
N UNK E 1390 -79.18 13.18 15.05
CA UNK E 1390 -79.22 11.89 15.74
C UNK E 1390 -80.18 10.95 15.00
N UNK E 1391 -79.83 9.67 14.89
CA UNK E 1391 -80.69 8.67 14.24
C UNK E 1391 -81.32 7.80 15.31
N UNK E 1392 -82.63 7.85 15.44
CA UNK E 1392 -83.33 7.07 16.46
C UNK E 1392 -82.94 5.61 16.41
N UNK E 1393 -82.36 5.13 17.51
CA UNK E 1393 -81.94 3.75 17.62
C UNK E 1393 -83.13 2.86 17.85
N UNK E 1394 -83.62 2.85 19.08
CA UNK E 1394 -84.77 2.04 19.43
C UNK E 1394 -85.05 2.14 20.93
N UNK E 1395 -86.33 2.15 21.28
CA UNK E 1395 -86.79 2.20 22.65
C UNK E 1395 -85.99 3.15 23.55
N UNK E 1396 -84.90 2.63 24.14
CA UNK E 1396 -84.03 3.42 25.01
C UNK E 1396 -83.51 4.65 24.28
N UNK E 1397 -82.69 4.42 23.25
CA UNK E 1397 -82.14 5.51 22.47
C UNK E 1397 -83.26 6.25 21.71
N UNK E 1398 -84.50 6.07 22.20
CA UNK E 1398 -85.69 6.70 21.61
C UNK E 1398 -86.58 7.19 22.75
N UNK E 1399 -86.01 7.24 23.95
CA UNK E 1399 -86.74 7.67 25.13
C UNK E 1399 -86.09 8.95 25.61
N UNK E 1400 -84.85 9.13 25.20
CA UNK E 1400 -84.11 10.30 25.58
C UNK E 1400 -84.82 11.56 25.07
N UNK E 1401 -85.01 11.65 23.76
CA UNK E 1401 -85.64 12.82 23.13
C UNK E 1401 -87.02 13.17 23.67
N UNK E 1402 -87.41 12.51 24.76
CA UNK E 1402 -88.70 12.74 25.42
C UNK E 1402 -88.45 12.87 26.91
N UNK E 1403 -87.22 12.58 27.32
CA UNK E 1403 -86.83 12.65 28.71
C UNK E 1403 -86.16 13.98 29.07
N UNK E 1404 -85.77 14.76 28.05
CA UNK E 1404 -85.12 16.05 28.28
C UNK E 1404 -85.92 17.27 27.80
N UNK E 1405 -87.10 17.47 28.42
CA UNK E 1405 -88.02 18.57 28.12
C UNK E 1405 -87.76 19.28 26.80
N UNK E 1406 -88.01 18.55 25.71
CA UNK E 1406 -87.83 19.11 24.38
C UNK E 1406 -89.00 18.65 23.51
N UNK E 1407 -90.04 19.48 23.51
CA UNK E 1407 -91.29 19.30 22.78
C UNK E 1407 -91.57 18.08 21.89
N UNK E 1408 -92.34 18.34 20.84
CA UNK E 1408 -92.77 17.36 19.84
C UNK E 1408 -93.98 17.98 19.14
N UNK E 1409 -93.82 18.38 17.88
CA UNK E 1409 -94.91 19.00 17.12
C UNK E 1409 -96.20 18.19 17.13
N UNK E 1410 -96.13 16.96 17.64
CA UNK E 1410 -97.30 16.09 17.71
C UNK E 1410 -97.11 15.00 18.77
N UNK E 1411 -96.49 15.36 19.89
CA UNK E 1411 -96.20 14.46 21.03
C UNK E 1411 -96.62 13.00 20.88
N UNK E 1412 -97.92 12.76 20.66
CA UNK E 1412 -98.45 11.40 20.51
C UNK E 1412 -98.14 10.75 19.17
N UNK E 1413 -98.32 11.50 18.08
CA UNK E 1413 -98.06 11.02 16.72
C UNK E 1413 -96.57 10.84 16.43
N UNK E 1414 -96.23 10.52 15.18
CA UNK E 1414 -94.84 10.31 14.76
C UNK E 1414 -94.02 9.67 15.88
N UNK E 1415 -94.71 8.93 16.74
CA UNK E 1415 -94.07 8.24 17.85
C UNK E 1415 -93.77 6.85 17.31
N UNK E 1416 -94.63 6.41 16.40
CA UNK E 1416 -94.49 5.11 15.74
C UNK E 1416 -93.44 5.28 14.62
N UNK E 1417 -93.22 6.55 14.27
CA UNK E 1417 -92.22 6.91 13.27
C UNK E 1417 -90.95 7.28 14.05
N UNK E 1418 -91.13 7.59 15.34
CA UNK E 1418 -90.02 7.92 16.23
C UNK E 1418 -89.31 6.62 16.60
N UNK E 1419 -89.17 5.75 15.60
CA UNK E 1419 -88.53 4.45 15.74
C UNK E 1419 -87.25 4.44 14.90
N UNK E 1420 -87.27 3.75 13.77
CA UNK E 1420 -86.08 3.71 12.92
C UNK E 1420 -86.05 4.90 11.97
N UNK E 1421 -86.08 6.10 12.53
CA UNK E 1421 -86.06 7.34 11.75
C UNK E 1421 -84.74 8.09 11.90
N UNK E 1422 -84.72 9.33 11.42
CA UNK E 1422 -83.52 10.16 11.51
C UNK E 1422 -83.82 11.66 11.69
N UNK E 1423 -84.36 12.03 12.85
CA UNK E 1423 -84.68 13.41 13.18
C UNK E 1423 -83.47 14.34 12.99
N UNK E 1424 -83.56 15.26 12.03
CA UNK E 1424 -82.47 16.19 11.71
C UNK E 1424 -82.34 17.37 12.67
N UNK E 1425 -82.58 17.16 13.96
CA UNK E 1425 -82.52 18.19 15.01
C UNK E 1425 -81.42 19.27 14.89
N UNK E 1426 -81.70 20.38 14.17
CA UNK E 1426 -80.75 21.50 13.97
C UNK E 1426 -81.27 22.83 14.55
N UNK E 1427 -80.64 23.28 15.64
CA UNK E 1427 -81.05 24.47 16.39
C UNK E 1427 -80.39 25.83 16.14
N UNK E 1428 -80.36 26.61 17.23
CA UNK E 1428 -79.80 27.97 17.33
C UNK E 1428 -79.83 28.35 18.85
N UNK E 1429 -79.27 29.51 19.21
CA UNK E 1429 -79.27 29.93 20.62
C UNK E 1429 -78.53 31.26 20.91
N UNK E 1430 -79.00 31.97 21.94
CA UNK E 1430 -78.43 33.27 22.39
C UNK E 1430 -78.40 33.37 23.93
N UNK E 1431 -77.50 34.18 24.49
CA UNK E 1431 -77.38 34.27 25.95
C UNK E 1431 -77.54 35.65 26.59
N UNK E 1432 -77.51 35.67 27.94
CA UNK E 1432 -77.65 36.90 28.73
C UNK E 1432 -76.32 37.49 29.14
N UNK E 1433 -76.33 38.20 30.27
CA UNK E 1433 -75.13 38.86 30.75
C UNK E 1433 -74.26 38.11 31.76
N UNK E 1434 -74.42 38.47 33.04
CA UNK E 1434 -73.65 37.89 34.15
C UNK E 1434 -72.14 38.17 34.04
N UNK E 1435 -71.39 37.75 35.07
CA UNK E 1435 -69.95 37.96 35.15
C UNK E 1435 -69.15 37.46 33.94
N UNK E 1436 -68.01 36.81 34.21
CA UNK E 1436 -67.18 36.26 33.14
C UNK E 1436 -67.81 34.90 32.79
N UNK E 1437 -68.81 34.51 33.58
CA UNK E 1437 -69.54 33.25 33.40
C UNK E 1437 -71.03 33.40 33.78
N UNK E 1438 -71.86 32.52 33.24
CA UNK E 1438 -73.32 32.51 33.49
C UNK E 1438 -74.10 33.37 32.50
N UNK E 1439 -75.12 34.09 33.00
CA UNK E 1439 -76.00 35.01 32.22
C UNK E 1439 -77.50 34.70 32.27
N UNK E 1440 -77.97 34.01 31.23
CA UNK E 1440 -79.36 33.59 31.05
C UNK E 1440 -79.61 33.43 29.54
N UNK E 1441 -79.62 32.18 29.05
CA UNK E 1441 -79.80 31.90 27.62
C UNK E 1441 -80.87 30.86 27.27
N UNK E 1442 -81.28 30.87 26.01
CA UNK E 1442 -82.28 29.93 25.48
C UNK E 1442 -81.92 29.53 24.06
N UNK E 1443 -82.36 28.34 23.63
CA UNK E 1443 -82.03 27.86 22.29
C UNK E 1443 -83.26 27.67 21.41
N UNK E 1444 -83.25 28.31 20.24
CA UNK E 1444 -84.34 28.20 19.26
C UNK E 1444 -84.29 26.76 18.79
N UNK E 1445 -85.14 26.37 17.84
CA UNK E 1445 -85.10 24.97 17.39
C UNK E 1445 -85.74 24.56 16.07
N UNK E 1446 -86.61 23.55 16.19
CA UNK E 1446 -87.35 22.94 15.08
C UNK E 1446 -86.62 21.66 14.68
N UNK E 1447 -87.14 20.51 15.09
CA UNK E 1447 -86.56 19.21 14.75
C UNK E 1447 -86.99 18.87 13.32
N UNK E 1448 -86.51 17.78 12.76
CA UNK E 1448 -86.90 17.46 11.39
C UNK E 1448 -86.57 16.03 10.94
N UNK E 1449 -87.58 15.17 10.91
CA UNK E 1449 -87.42 13.78 10.49
C UNK E 1449 -87.11 13.70 8.99
N UNK E 1450 -86.30 12.73 8.59
CA UNK E 1450 -85.93 12.55 7.17
C UNK E 1450 -87.04 11.90 6.36
N UNK E 1451 -87.07 12.18 5.06
CA UNK E 1451 -88.10 11.65 4.16
C UNK E 1451 -87.71 10.37 3.43
N UNK E 1452 -88.72 9.60 3.03
CA UNK E 1452 -88.50 8.37 2.30
C UNK E 1452 -87.86 8.68 0.95
N UNK E 1453 -87.46 9.93 0.77
CA UNK E 1453 -86.80 10.39 -0.45
C UNK E 1453 -85.73 11.35 -0.02
N UNK E 1454 -85.74 11.69 1.27
CA UNK E 1454 -84.79 12.58 1.91
C UNK E 1454 -85.14 14.08 1.86
N UNK E 1455 -85.59 14.59 3.01
CA UNK E 1455 -85.97 15.99 3.15
C UNK E 1455 -86.22 16.23 4.63
N UNK E 1456 -86.30 17.49 5.03
CA UNK E 1456 -86.53 17.80 6.44
C UNK E 1456 -87.90 18.42 6.67
N UNK E 1457 -88.82 17.63 7.20
CA UNK E 1457 -90.17 18.10 7.50
C UNK E 1457 -90.28 18.29 9.00
N UNK E 1458 -90.26 19.56 9.43
CA UNK E 1458 -90.35 19.90 10.85
C UNK E 1458 -91.26 18.98 11.66
N UNK E 1459 -90.64 18.03 12.36
CA UNK E 1459 -91.39 17.08 13.18
C UNK E 1459 -91.71 17.68 14.54
N UNK E 1460 -91.00 18.75 14.92
CA UNK E 1460 -91.21 19.42 16.22
C UNK E 1460 -90.34 20.68 16.42
N UNK E 1461 -89.72 20.78 17.59
CA UNK E 1461 -88.85 21.92 17.94
C UNK E 1461 -88.58 21.88 19.44
N UNK E 1462 -87.50 22.52 19.88
CA UNK E 1462 -87.14 22.56 21.30
C UNK E 1462 -86.67 23.95 21.74
N UNK E 1463 -86.39 24.10 23.05
CA UNK E 1463 -85.92 25.37 23.60
C UNK E 1463 -85.89 25.41 25.12
N UNK E 1464 -84.70 25.65 25.69
CA UNK E 1464 -84.53 25.74 27.13
C UNK E 1464 -84.22 27.20 27.46
N UNK E 1465 -84.10 27.53 28.75
CA UNK E 1465 -83.80 28.90 29.18
C UNK E 1465 -83.67 29.07 30.71
N UNK E 1466 -82.73 29.91 31.13
CA UNK E 1466 -82.47 30.20 32.54
C UNK E 1466 -81.08 30.84 32.69
N UNK E 1467 -80.76 31.30 33.90
CA UNK E 1467 -79.47 31.94 34.14
C UNK E 1467 -78.49 30.91 34.71
N UNK E 1468 -77.48 30.56 33.92
CA UNK E 1468 -76.48 29.58 34.34
C UNK E 1468 -75.31 29.44 33.36
N UNK E 1469 -74.19 28.90 33.86
CA UNK E 1469 -72.98 28.71 33.05
C UNK E 1469 -73.16 27.58 32.04
N UNK E 1470 -72.53 27.73 30.87
CA UNK E 1470 -72.56 26.73 29.79
C UNK E 1470 -73.95 26.43 29.19
N UNK E 1471 -73.97 25.85 27.99
CA UNK E 1471 -75.23 25.52 27.32
C UNK E 1471 -75.96 24.35 27.99
N UNK E 1472 -76.64 23.55 27.21
CA UNK E 1472 -77.38 22.40 27.73
C UNK E 1472 -78.12 21.88 26.52
N UNK E 1473 -77.90 22.60 25.43
CA UNK E 1473 -78.52 22.24 24.18
C UNK E 1473 -77.58 21.27 23.47
N UNK E 1474 -76.28 21.59 23.44
CA UNK E 1474 -75.29 20.76 22.76
C UNK E 1474 -74.77 19.52 23.50
N UNK E 1475 -74.15 19.73 24.66
CA UNK E 1475 -73.60 18.62 25.45
C UNK E 1475 -74.56 17.45 25.61
N UNK E 1476 -75.81 17.69 25.21
CA UNK E 1476 -76.86 16.68 25.27
C UNK E 1476 -77.42 16.38 23.88
N UNK E 1477 -77.24 17.31 22.95
CA UNK E 1477 -77.72 17.08 21.59
C UNK E 1477 -76.51 16.67 20.78
N UNK E 1478 -75.71 17.66 20.37
CA UNK E 1478 -74.52 17.40 19.57
C UNK E 1478 -73.62 16.31 20.17
N UNK E 1479 -73.85 15.93 21.43
CA UNK E 1479 -73.05 14.89 22.09
C UNK E 1479 -73.44 13.51 21.57
N UNK E 1480 -74.63 13.04 21.98
CA UNK E 1480 -75.16 11.74 21.58
C UNK E 1480 -75.68 11.73 20.15
N UNK E 1481 -74.90 12.32 19.24
CA UNK E 1481 -75.23 12.39 17.81
C UNK E 1481 -74.08 12.88 16.92
N UNK E 1482 -74.37 13.06 15.63
CA UNK E 1482 -73.37 13.49 14.65
C UNK E 1482 -73.55 14.91 14.15
N UNK E 1483 -72.49 15.71 14.25
CA UNK E 1483 -72.49 17.09 13.80
C UNK E 1483 -72.40 17.16 12.28
N UNK E 1484 -73.54 16.97 11.63
CA UNK E 1484 -73.62 17.01 10.16
C UNK E 1484 -73.20 18.37 9.62
N UNK E 1485 -72.03 18.42 8.97
CA UNK E 1485 -71.51 19.68 8.40
C UNK E 1485 -71.51 19.72 6.88
N UNK E 1486 -71.62 20.93 6.33
CA UNK E 1486 -71.62 21.13 4.88
C UNK E 1486 -70.24 21.68 4.54
N UNK E 1487 -69.84 21.53 3.28
CA UNK E 1487 -68.53 21.96 2.77
C UNK E 1487 -67.58 20.75 2.82
N UNK E 1488 -66.86 20.48 1.73
CA UNK E 1488 -65.99 19.31 1.69
C UNK E 1488 -64.49 19.52 1.88
N UNK E 1489 -63.75 19.13 0.84
CA UNK E 1489 -62.30 19.21 0.79
C UNK E 1489 -61.98 18.39 -0.47
N UNK E 1490 -61.13 18.93 -1.35
CA UNK E 1490 -60.78 18.25 -2.60
C UNK E 1490 -59.96 16.96 -2.44
N UNK E 1491 -60.27 16.20 -1.39
CA UNK E 1491 -59.62 14.92 -1.10
C UNK E 1491 -58.11 14.96 -0.89
N UNK E 1492 -57.67 15.14 0.35
CA UNK E 1492 -56.24 15.18 0.71
C UNK E 1492 -55.41 15.95 -0.33
N UNK E 1493 -56.12 16.56 -1.27
CA UNK E 1493 -55.55 17.35 -2.34
C UNK E 1493 -56.04 18.75 -2.06
N UNK E 1494 -55.28 19.74 -2.48
CA UNK E 1494 -55.68 21.09 -2.22
C UNK E 1494 -55.51 21.93 -3.47
N UNK E 1495 -55.48 21.28 -4.62
CA UNK E 1495 -55.32 22.00 -5.88
C UNK E 1495 -54.41 23.23 -5.71
N UNK E 1496 -54.70 24.29 -6.45
CA UNK E 1496 -53.91 25.50 -6.36
C UNK E 1496 -54.34 26.48 -7.45
N UNK E 1497 -55.01 27.56 -7.06
CA UNK E 1497 -55.45 28.59 -8.01
C UNK E 1497 -54.19 29.21 -8.57
N UNK E 1498 -53.36 29.72 -7.65
CA UNK E 1498 -52.07 30.34 -7.95
C UNK E 1498 -51.79 31.49 -6.98
N UNK E 1499 -50.73 32.24 -7.27
CA UNK E 1499 -50.31 33.36 -6.45
C UNK E 1499 -49.99 34.58 -7.32
N UNK E 1500 -50.34 35.77 -6.84
CA UNK E 1500 -50.08 37.01 -7.57
C UNK E 1500 -49.65 38.13 -6.62
N UNK E 1501 -48.79 39.03 -7.11
CA UNK E 1501 -48.30 40.14 -6.32
C UNK E 1501 -49.17 41.39 -6.52
N UNK E 1502 -49.76 41.90 -5.43
CA UNK E 1502 -50.62 43.07 -5.48
C UNK E 1502 -50.09 44.23 -4.63
N UNK E 1503 -49.68 45.31 -5.29
CA UNK E 1503 -49.16 46.49 -4.60
C UNK E 1503 -50.23 47.04 -3.65
N UNK E 1504 -49.81 47.70 -2.58
CA UNK E 1504 -50.74 48.23 -1.58
C UNK E 1504 -51.10 49.72 -1.69
N UNK E 1505 -52.40 49.98 -1.79
CA UNK E 1505 -52.95 51.35 -1.88
C UNK E 1505 -51.91 52.34 -2.35
N UNK E 1506 -52.00 52.69 -3.63
CA UNK E 1506 -51.07 53.62 -4.26
C UNK E 1506 -50.75 54.88 -3.45
N UNK E 1507 -49.79 54.76 -2.53
CA UNK E 1507 -49.35 55.85 -1.67
C UNK E 1507 -50.29 57.05 -1.62
N UNK E 1508 -51.57 56.77 -1.36
CA UNK E 1508 -52.60 57.80 -1.28
C UNK E 1508 -53.86 57.22 -0.67
N UNK E 1509 -53.90 57.13 0.65
CA UNK E 1509 -55.06 56.58 1.34
C UNK E 1509 -56.32 57.37 0.95
N UNK E 1510 -56.14 58.64 0.59
CA UNK E 1510 -57.24 59.55 0.23
C UNK E 1510 -58.14 59.08 -0.91
N UNK E 1511 -57.77 59.44 -2.13
CA UNK E 1511 -58.52 59.10 -3.35
C UNK E 1511 -59.32 57.80 -3.24
N UNK E 1512 -58.74 56.79 -2.60
CA UNK E 1512 -59.41 55.51 -2.47
C UNK E 1512 -60.45 55.50 -1.34
N UNK E 1513 -60.74 54.28 -0.84
CA UNK E 1513 -61.72 54.00 0.22
C UNK E 1513 -62.51 55.22 0.64
N UNK E 1514 -61.80 56.24 1.11
CA UNK E 1514 -62.42 57.49 1.51
C UNK E 1514 -63.46 57.76 0.45
N UNK E 1515 -62.98 57.97 -0.77
CA UNK E 1515 -63.85 58.24 -1.91
C UNK E 1515 -64.73 57.04 -2.27
N UNK E 1516 -65.72 56.79 -1.41
CA UNK E 1516 -66.68 55.71 -1.58
C UNK E 1516 -67.31 55.29 -0.26
N UNK E 1517 -66.67 55.63 0.87
CA UNK E 1517 -67.23 55.23 2.17
C UNK E 1517 -66.61 55.89 3.42
N UNK E 1518 -67.14 55.47 4.58
CA UNK E 1518 -66.76 55.94 5.93
C UNK E 1518 -65.28 56.27 6.20
N UNK E 1519 -64.75 57.26 5.45
CA UNK E 1519 -63.35 57.70 5.56
C UNK E 1519 -62.98 58.25 6.94
N UNK E 1520 -62.80 57.35 7.90
CA UNK E 1520 -62.46 57.70 9.29
C UNK E 1520 -61.17 58.49 9.49
N UNK E 1521 -60.90 58.79 10.75
CA UNK E 1521 -59.75 59.57 11.14
C UNK E 1521 -58.40 59.06 10.64
N UNK E 1522 -58.21 57.74 10.60
CA UNK E 1522 -56.94 57.16 10.16
C UNK E 1522 -56.70 57.20 8.64
N UNK E 1523 -56.17 58.33 8.19
CA UNK E 1523 -55.86 58.57 6.78
C UNK E 1523 -55.31 59.99 6.62
N UNK E 1524 -54.90 60.56 7.76
CA UNK E 1524 -54.33 61.91 7.83
C UNK E 1524 -53.28 61.98 8.97
N UNK E 1525 -52.08 62.45 8.64
CA UNK E 1525 -50.96 62.56 9.59
C UNK E 1525 -51.33 62.96 11.02
N UNK E 1526 -51.98 64.11 11.15
CA UNK E 1526 -52.42 64.63 12.44
C UNK E 1526 -53.17 63.56 13.23
N UNK E 1527 -54.49 63.47 13.01
CA UNK E 1527 -55.35 62.50 13.68
C UNK E 1527 -54.70 61.11 13.80
N UNK E 1528 -54.44 60.47 12.67
CA UNK E 1528 -53.84 59.14 12.65
C UNK E 1528 -52.68 58.93 13.63
N UNK E 1529 -51.53 59.58 13.34
CA UNK E 1529 -50.32 59.46 14.15
C UNK E 1529 -50.54 59.35 15.65
N UNK E 1530 -51.77 59.64 16.08
CA UNK E 1530 -52.11 59.59 17.49
C UNK E 1530 -51.95 58.20 18.06
N UNK E 1531 -53.07 57.49 18.14
CA UNK E 1531 -53.14 56.13 18.68
C UNK E 1531 -52.17 55.11 18.07
N UNK E 1532 -52.33 54.84 16.78
CA UNK E 1532 -51.48 53.86 16.09
C UNK E 1532 -49.99 54.18 16.15
N UNK E 1533 -49.24 53.65 15.20
CA UNK E 1533 -47.81 53.87 15.11
C UNK E 1533 -47.43 53.70 13.65
N UNK E 1534 -48.35 53.07 12.91
CA UNK E 1534 -48.17 52.83 11.49
C UNK E 1534 -47.93 54.14 10.71
N UNK E 1535 -48.98 54.59 10.05
CA UNK E 1535 -49.00 55.83 9.25
C UNK E 1535 -50.41 55.82 8.66
N UNK E 1536 -50.55 55.97 7.34
CA UNK E 1536 -51.88 55.94 6.75
C UNK E 1536 -52.55 54.57 7.04
N UNK E 1537 -52.37 53.61 6.13
CA UNK E 1537 -52.90 52.23 6.21
C UNK E 1537 -53.75 51.86 5.00
N UNK E 1538 -54.97 51.43 5.30
CA UNK E 1538 -55.98 51.03 4.32
C UNK E 1538 -56.85 50.06 5.10
N UNK E 1539 -57.88 49.51 4.45
CA UNK E 1539 -58.75 48.56 5.12
C UNK E 1539 -59.27 47.57 4.10
N UNK E 1540 -60.58 47.55 3.92
CA UNK E 1540 -61.17 46.66 2.93
C UNK E 1540 -60.44 46.99 1.63
N UNK E 1541 -59.69 48.10 1.66
CA UNK E 1541 -58.88 48.62 0.55
C UNK E 1541 -58.14 47.46 -0.06
N UNK E 1542 -58.06 46.42 0.76
CA UNK E 1542 -57.40 45.18 0.45
C UNK E 1542 -58.52 44.14 0.35
N UNK E 1543 -59.38 44.11 1.36
CA UNK E 1543 -60.49 43.15 1.42
C UNK E 1543 -61.07 42.90 0.03
N UNK E 1544 -61.46 43.98 -0.64
CA UNK E 1544 -62.03 43.86 -1.96
C UNK E 1544 -60.98 44.06 -3.07
N UNK E 1545 -59.72 44.24 -2.70
CA UNK E 1545 -58.64 44.39 -3.68
C UNK E 1545 -58.13 42.98 -3.97
N UNK E 1546 -58.22 42.16 -2.94
CA UNK E 1546 -57.82 40.76 -3.00
C UNK E 1546 -59.03 40.00 -3.51
N UNK E 1547 -60.11 40.02 -2.73
CA UNK E 1547 -61.37 39.35 -3.08
C UNK E 1547 -61.93 39.98 -4.36
N UNK E 1548 -61.02 40.29 -5.27
CA UNK E 1548 -61.27 40.90 -6.57
C UNK E 1548 -60.27 40.20 -7.46
N UNK E 1549 -59.02 40.25 -7.02
CA UNK E 1549 -57.95 39.57 -7.72
C UNK E 1549 -58.42 38.12 -7.69
N UNK E 1550 -58.95 37.72 -6.53
CA UNK E 1550 -59.47 36.38 -6.29
C UNK E 1550 -60.80 36.19 -6.99
N UNK E 1551 -60.95 36.88 -8.10
CA UNK E 1551 -62.15 36.80 -8.88
C UNK E 1551 -61.72 36.86 -10.33
N UNK E 1552 -60.82 37.79 -10.62
CA UNK E 1552 -60.29 37.95 -11.97
C UNK E 1552 -59.59 36.63 -12.28
N UNK E 1553 -59.10 35.99 -11.23
CA UNK E 1553 -58.40 34.72 -11.35
C UNK E 1553 -59.24 33.53 -10.87
N UNK E 1554 -60.19 33.76 -9.95
CA UNK E 1554 -61.04 32.70 -9.41
C UNK E 1554 -62.05 32.19 -10.46
N UNK E 1555 -62.04 32.87 -11.59
CA UNK E 1555 -62.89 32.58 -12.74
C UNK E 1555 -62.71 33.75 -13.69
N UNK E 1556 -63.61 33.91 -14.65
CA UNK E 1556 -63.46 35.01 -15.58
C UNK E 1556 -64.50 36.12 -15.36
N UNK E 1557 -65.75 35.71 -15.16
CA UNK E 1557 -66.86 36.66 -14.97
C UNK E 1557 -67.22 36.85 -13.50
N UNK E 1558 -66.99 38.06 -12.98
CA UNK E 1558 -67.30 38.37 -11.59
C UNK E 1558 -68.76 38.08 -11.34
N UNK E 1559 -69.49 37.86 -12.44
CA UNK E 1559 -70.91 37.56 -12.38
C UNK E 1559 -71.22 36.33 -11.54
N UNK E 1560 -70.23 35.49 -11.30
CA UNK E 1560 -70.44 34.26 -10.53
C UNK E 1560 -69.91 34.28 -9.10
N UNK E 1561 -69.09 35.27 -8.77
CA UNK E 1561 -68.46 35.41 -7.45
C UNK E 1561 -69.34 35.25 -6.19
N UNK E 1562 -70.33 34.38 -6.25
CA UNK E 1562 -71.28 34.13 -5.15
C UNK E 1562 -71.02 34.63 -3.71
N UNK E 1563 -69.78 34.60 -3.19
CA UNK E 1563 -69.54 35.07 -1.81
C UNK E 1563 -68.10 34.98 -1.21
N UNK E 1564 -67.47 36.13 -0.93
CA UNK E 1564 -66.11 36.18 -0.35
C UNK E 1564 -66.18 36.39 1.16
N UNK E 1565 -65.04 36.73 1.76
CA UNK E 1565 -65.01 36.96 3.21
C UNK E 1565 -63.58 37.16 3.72
N UNK E 1566 -63.07 38.38 3.66
CA UNK E 1566 -61.73 38.69 4.14
C UNK E 1566 -61.69 38.52 5.67
N UNK E 1567 -60.50 38.44 6.26
CA UNK E 1567 -60.41 38.28 7.71
C UNK E 1567 -59.50 39.29 8.40
N UNK E 1568 -58.95 40.23 7.63
CA UNK E 1568 -58.05 41.26 8.15
C UNK E 1568 -57.05 40.69 9.19
N UNK E 1569 -55.93 40.18 8.70
CA UNK E 1569 -54.93 39.55 9.57
C UNK E 1569 -54.25 40.49 10.56
N UNK E 1570 -53.48 41.43 10.03
CA UNK E 1570 -52.78 42.41 10.87
C UNK E 1570 -52.63 43.73 10.11
N UNK E 1571 -52.24 44.79 10.83
CA UNK E 1571 -52.08 46.12 10.26
C UNK E 1571 -51.49 46.12 8.86
N UNK E 1572 -52.34 46.40 7.87
CA UNK E 1572 -51.94 46.45 6.46
C UNK E 1572 -51.21 47.75 6.07
N UNK E 1573 -49.92 47.63 5.75
CA UNK E 1573 -49.10 48.79 5.37
C UNK E 1573 -49.78 49.76 4.41
N UNK E 1574 -49.30 51.00 4.38
CA UNK E 1574 -49.86 52.02 3.51
C UNK E 1574 -49.52 51.85 2.04
N UNK E 1575 -48.30 52.21 1.68
CA UNK E 1575 -47.84 52.11 0.30
C UNK E 1575 -46.98 50.86 0.09
N UNK E 1576 -46.76 50.08 1.15
CA UNK E 1576 -45.93 48.86 1.08
C UNK E 1576 -46.60 47.69 0.35
N UNK E 1577 -45.96 47.25 -0.74
CA UNK E 1577 -46.45 46.16 -1.59
C UNK E 1577 -46.87 44.89 -0.84
N UNK E 1578 -47.68 44.06 -1.50
CA UNK E 1578 -48.18 42.82 -0.90
C UNK E 1578 -48.07 41.61 -1.86
N UNK E 1579 -48.92 40.61 -1.61
CA UNK E 1579 -48.97 39.39 -2.40
C UNK E 1579 -49.88 38.35 -1.74
N UNK E 1580 -50.94 37.96 -2.44
CA UNK E 1580 -51.89 36.98 -1.93
C UNK E 1580 -51.99 35.79 -2.89
N UNK E 1581 -52.50 34.66 -2.38
CA UNK E 1581 -52.65 33.45 -3.20
C UNK E 1581 -53.81 32.57 -2.76
N UNK E 1582 -54.55 32.04 -3.75
CA UNK E 1582 -55.69 31.17 -3.48
C UNK E 1582 -55.52 29.82 -4.18
N UNK E 1583 -56.28 28.82 -3.71
CA UNK E 1583 -56.23 27.46 -4.26
C UNK E 1583 -57.57 26.75 -3.97
N UNK E 1584 -58.15 26.06 -4.96
CA UNK E 1584 -59.43 25.36 -4.77
C UNK E 1584 -59.39 24.61 -3.45
N UNK E 1585 -60.53 24.25 -2.89
CA UNK E 1585 -60.46 23.58 -1.60
C UNK E 1585 -61.67 22.80 -1.12
N UNK E 1586 -62.85 23.06 -1.68
CA UNK E 1586 -64.05 22.34 -1.25
C UNK E 1586 -65.32 22.41 -2.11
N UNK E 1587 -66.47 22.49 -1.43
CA UNK E 1587 -67.73 22.55 -2.14
C UNK E 1587 -68.89 23.21 -1.37
N UNK E 1588 -69.79 22.40 -0.81
CA UNK E 1588 -70.99 22.84 -0.07
C UNK E 1588 -72.18 22.96 -1.07
N UNK E 1589 -71.82 23.02 -2.34
CA UNK E 1589 -72.70 23.13 -3.51
C UNK E 1589 -71.94 24.00 -4.50
N UNK E 1590 -71.22 25.00 -3.97
CA UNK E 1590 -70.45 25.96 -4.75
C UNK E 1590 -69.03 25.51 -5.08
N UNK E 1591 -68.05 25.80 -4.23
CA UNK E 1591 -66.66 25.37 -4.49
C UNK E 1591 -65.57 25.66 -3.44
N UNK E 1592 -65.71 26.72 -2.66
CA UNK E 1592 -64.71 27.12 -1.66
C UNK E 1592 -63.48 27.56 -2.45
N UNK E 1593 -62.58 28.33 -1.84
CA UNK E 1593 -61.38 28.77 -2.58
C UNK E 1593 -60.44 29.62 -1.75
N UNK E 1594 -60.55 29.51 -0.43
CA UNK E 1594 -59.74 30.28 0.52
C UNK E 1594 -58.36 30.74 0.03
N UNK E 1595 -57.88 31.85 0.59
CA UNK E 1595 -56.60 32.41 0.21
C UNK E 1595 -56.00 33.35 1.25
N UNK E 1596 -54.68 33.49 1.20
CA UNK E 1596 -53.95 34.36 2.11
C UNK E 1596 -53.12 35.41 1.34
N UNK E 1597 -52.94 36.58 1.94
CA UNK E 1597 -52.13 37.67 1.35
C UNK E 1597 -51.11 38.05 2.41
N UNK E 1598 -49.85 38.28 2.04
CA UNK E 1598 -48.87 38.61 3.06
C UNK E 1598 -47.94 39.80 2.78
N UNK E 1599 -47.53 40.48 3.86
CA UNK E 1599 -46.66 41.65 3.79
C UNK E 1599 -45.41 41.39 2.97
N UNK E 1600 -44.85 42.44 2.38
CA UNK E 1600 -43.63 42.29 1.61
C UNK E 1600 -42.58 41.92 2.65
N UNK E 1601 -42.95 42.08 3.92
CA UNK E 1601 -42.09 41.76 5.05
C UNK E 1601 -42.27 40.29 5.38
N UNK E 1602 -43.23 39.65 4.71
CA UNK E 1602 -43.57 38.24 4.91
C UNK E 1602 -44.41 38.11 6.16
N UNK E 1603 -45.45 38.95 6.24
CA UNK E 1603 -46.33 38.95 7.38
C UNK E 1603 -47.70 38.48 6.98
N UNK E 1604 -48.42 37.88 7.91
CA UNK E 1604 -49.77 37.40 7.64
C UNK E 1604 -50.80 38.53 7.79
N UNK E 1605 -51.13 39.18 6.68
CA UNK E 1605 -52.11 40.27 6.67
C UNK E 1605 -53.21 39.85 5.70
N UNK E 1606 -54.27 40.65 5.59
CA UNK E 1606 -55.36 40.31 4.68
C UNK E 1606 -56.06 39.03 5.12
N UNK E 1607 -55.38 38.28 6.00
CA UNK E 1607 -55.89 37.03 6.57
C UNK E 1607 -56.63 36.08 5.63
N UNK E 1608 -57.55 35.34 6.25
CA UNK E 1608 -58.36 34.34 5.56
C UNK E 1608 -59.01 34.82 4.26
N UNK E 1609 -59.93 33.98 3.78
CA UNK E 1609 -60.68 34.21 2.56
C UNK E 1609 -61.60 32.98 2.41
N UNK E 1610 -62.31 32.89 1.29
CA UNK E 1610 -63.20 31.74 1.10
C UNK E 1610 -63.64 31.55 -0.36
N UNK E 1611 -64.46 32.45 -0.86
CA UNK E 1611 -65.00 32.39 -2.23
C UNK E 1611 -66.17 31.41 -2.30
N UNK E 1612 -66.56 31.04 -3.52
CA UNK E 1612 -67.66 30.09 -3.69
C UNK E 1612 -68.14 30.00 -5.13
N UNK E 1613 -67.25 30.25 -6.10
CA UNK E 1613 -67.61 30.20 -7.52
C UNK E 1613 -68.43 28.96 -7.97
N UNK E 1614 -68.68 28.85 -9.27
CA UNK E 1614 -69.43 27.72 -9.83
C UNK E 1614 -69.26 27.66 -11.35
N UNK E 1615 -69.54 26.51 -11.97
CA UNK E 1615 -69.40 26.37 -13.43
C UNK E 1615 -70.72 26.09 -14.14
N UNK E 1616 -70.75 26.34 -15.46
CA UNK E 1616 -71.96 26.15 -16.27
C UNK E 1616 -72.31 24.68 -16.50
N UNK E 1617 -72.84 24.03 -15.45
CA UNK E 1617 -73.21 22.63 -15.46
C UNK E 1617 -74.14 22.16 -16.58
N UNK E 1618 -74.40 20.85 -16.56
CA UNK E 1618 -75.28 20.18 -17.54
C UNK E 1618 -75.03 18.67 -17.50
N UNK E 1619 -75.57 17.99 -16.49
CA UNK E 1619 -75.40 16.54 -16.34
C UNK E 1619 -76.29 15.77 -17.33
N UNK E 1620 -76.10 14.45 -17.42
CA UNK E 1620 -76.89 13.61 -18.33
C UNK E 1620 -77.36 12.30 -17.68
N UNK E 1621 -77.29 11.19 -18.42
CA UNK E 1621 -77.73 9.90 -17.89
C UNK E 1621 -77.32 8.65 -18.69
N UNK E 1622 -77.95 7.53 -18.34
CA UNK E 1622 -77.70 6.21 -18.95
C UNK E 1622 -78.02 6.14 -20.42
N UNK E 1623 -77.84 4.95 -20.98
CA UNK E 1623 -78.10 4.68 -22.40
C UNK E 1623 -78.86 3.37 -22.58
N GLN E 1624 -79.44 2.88 -21.48
CA GLN E 1624 -80.21 1.63 -21.47
C GLN E 1624 -79.63 0.58 -22.42
N GLY E 1625 -78.30 0.47 -22.46
CA GLY E 1625 -77.68 -0.50 -23.34
C GLY E 1625 -76.17 -0.53 -23.19
N SER E 1626 -75.67 -0.03 -22.06
CA SER E 1626 -74.25 0.00 -21.79
C SER E 1626 -73.90 -1.04 -20.73
N GLN E 1627 -74.80 -1.18 -19.76
CA GLN E 1627 -74.68 -2.12 -18.65
C GLN E 1627 -73.80 -3.35 -18.86
N GLU E 1628 -73.19 -3.82 -17.78
CA GLU E 1628 -72.32 -4.99 -17.82
C GLU E 1628 -71.73 -5.34 -16.45
N GLN E 1629 -71.47 -6.63 -16.27
CA GLN E 1629 -70.92 -7.20 -15.04
C GLN E 1629 -70.57 -6.16 -13.97
N GLY E 1630 -69.28 -5.85 -13.86
CA GLY E 1630 -68.79 -4.89 -12.87
C GLY E 1630 -69.80 -3.89 -12.32
N MET E 1631 -70.23 -2.98 -13.18
CA MET E 1631 -71.20 -1.96 -12.81
C MET E 1631 -70.84 -1.26 -11.52
N GLY E 1632 -70.00 -0.21 -11.63
CA GLY E 1632 -69.55 0.58 -10.49
C GLY E 1632 -69.56 -0.02 -9.09
N MET E 1633 -69.46 -1.34 -9.01
CA MET E 1633 -69.45 -1.99 -7.71
C MET E 1633 -68.31 -1.42 -6.89
N ASP E 1634 -67.17 -1.23 -7.54
CA ASP E 1634 -65.98 -0.68 -6.91
C ASP E 1634 -66.49 0.37 -5.93
N LEU E 1635 -67.25 1.30 -6.46
CA LEU E 1635 -67.82 2.36 -5.66
C LEU E 1635 -68.45 1.77 -4.42
N TYR E 1636 -69.43 0.90 -4.62
CA TYR E 1636 -70.14 0.29 -3.52
C TYR E 1636 -69.38 0.35 -2.20
N LYS E 1637 -68.26 -0.35 -2.08
CA LYS E 1637 -67.53 -0.32 -0.83
C LYS E 1637 -66.99 1.08 -0.50
N THR E 1638 -66.58 1.81 -1.52
CA THR E 1638 -65.99 3.15 -1.36
C THR E 1638 -66.70 4.15 -0.46
N SER E 1639 -67.84 4.67 -0.91
CA SER E 1639 -68.59 5.68 -0.14
C SER E 1639 -69.92 5.21 0.46
N LYS E 1640 -70.15 5.56 1.71
CA LYS E 1640 -71.39 5.20 2.39
C LYS E 1640 -72.53 5.77 1.58
N ALA E 1641 -72.20 6.69 0.69
CA ALA E 1641 -73.21 7.30 -0.17
C ALA E 1641 -73.90 6.17 -0.92
N ALA E 1642 -73.39 5.89 -2.11
CA ALA E 1642 -73.94 4.84 -2.93
C ALA E 1642 -74.31 3.67 -2.04
N GLN E 1643 -73.47 3.43 -1.03
CA GLN E 1643 -73.67 2.34 -0.10
C GLN E 1643 -75.15 1.99 0.03
N ASP E 1644 -75.83 2.63 0.99
CA ASP E 1644 -77.24 2.36 1.25
C ASP E 1644 -78.16 2.50 0.03
N VAL E 1645 -77.73 3.24 -0.98
CA VAL E 1645 -78.57 3.36 -2.17
C VAL E 1645 -78.99 1.95 -2.52
N TRP E 1646 -78.01 1.14 -2.89
CA TRP E 1646 -78.26 -0.24 -3.23
C TRP E 1646 -78.95 -0.92 -2.08
N ASN E 1647 -78.22 -1.10 -0.98
CA ASN E 1647 -78.78 -1.75 0.21
C ASN E 1647 -80.29 -1.61 0.21
N ARG E 1648 -80.78 -0.38 0.34
CA ARG E 1648 -82.20 -0.15 0.34
C ARG E 1648 -82.84 -0.92 -0.80
N ALA E 1649 -82.51 -0.53 -2.03
CA ALA E 1649 -83.05 -1.17 -3.22
C ALA E 1649 -82.94 -2.69 -3.15
N ASP E 1650 -81.71 -3.18 -3.17
CA ASP E 1650 -81.47 -4.60 -3.12
C ASP E 1650 -82.17 -5.23 -1.93
N ASN E 1651 -82.19 -4.50 -0.82
CA ASN E 1651 -82.85 -5.03 0.37
C ASN E 1651 -84.34 -5.10 0.06
N HIS E 1652 -84.96 -3.93 -0.04
CA HIS E 1652 -86.39 -3.84 -0.34
C HIS E 1652 -86.72 -4.78 -1.48
N PHE E 1653 -85.72 -5.13 -2.28
CA PHE E 1653 -85.98 -6.03 -3.39
C PHE E 1653 -86.26 -7.46 -2.97
N LYS E 1654 -85.22 -8.22 -2.71
CA LYS E 1654 -85.40 -9.60 -2.28
C LYS E 1654 -86.42 -9.62 -1.14
N ASP E 1655 -86.71 -8.45 -0.60
CA ASP E 1655 -87.65 -8.27 0.49
C ASP E 1655 -89.09 -8.28 -0.04
N THR E 1656 -89.34 -7.46 -1.05
CA THR E 1656 -90.64 -7.35 -1.70
C THR E 1656 -90.75 -8.45 -2.74
N TYR E 1657 -89.72 -8.54 -3.57
CA TYR E 1657 -89.68 -9.54 -4.58
C TYR E 1657 -88.35 -10.28 -4.51
N GLY E 1658 -88.35 -11.39 -3.76
CA GLY E 1658 -87.16 -12.21 -3.57
C GLY E 1658 -86.13 -12.07 -4.66
N PHE E 1659 -84.86 -12.16 -4.30
CA PHE E 1659 -83.76 -12.02 -5.25
C PHE E 1659 -83.17 -10.62 -5.07
N SER E 1660 -81.86 -10.49 -5.27
CA SER E 1660 -81.16 -9.20 -5.07
C SER E 1660 -80.50 -8.60 -6.31
N ILE E 1661 -80.76 -7.31 -6.55
CA ILE E 1661 -80.17 -6.63 -7.69
C ILE E 1661 -78.68 -6.87 -7.62
N LEU E 1662 -78.04 -6.30 -6.60
CA LEU E 1662 -76.60 -6.46 -6.41
C LEU E 1662 -76.16 -7.82 -6.90
N ASP E 1663 -76.70 -8.86 -6.28
CA ASP E 1663 -76.38 -10.21 -6.68
C ASP E 1663 -76.26 -10.22 -8.20
N ILE E 1664 -77.37 -9.90 -8.86
CA ILE E 1664 -77.45 -9.87 -10.32
C ILE E 1664 -76.47 -8.90 -10.96
N VAL E 1665 -76.16 -7.82 -10.24
CA VAL E 1665 -75.24 -6.83 -10.76
C VAL E 1665 -73.81 -7.35 -10.72
N ILE E 1666 -73.38 -7.79 -9.56
CA ILE E 1666 -72.02 -8.33 -9.44
C ILE E 1666 -71.85 -9.40 -10.49
N ASN E 1667 -72.31 -10.61 -10.18
CA ASN E 1667 -72.24 -11.72 -11.11
C ASN E 1667 -73.54 -11.76 -11.90
N ASN E 1668 -73.50 -12.37 -13.09
CA ASN E 1668 -74.68 -12.48 -13.94
C ASN E 1668 -75.28 -13.88 -13.85
N PRO E 1669 -75.97 -14.17 -12.73
CA PRO E 1669 -76.58 -15.49 -12.53
C PRO E 1669 -77.67 -15.88 -13.52
N VAL E 1670 -77.55 -15.41 -14.75
CA VAL E 1670 -78.54 -15.72 -15.76
C VAL E 1670 -78.70 -17.23 -15.92
N ASN E 1671 -78.67 -17.71 -17.16
CA ASN E 1671 -78.83 -19.13 -17.44
C ASN E 1671 -80.16 -19.49 -16.76
N LEU E 1672 -80.17 -20.59 -16.02
CA LEU E 1672 -81.37 -21.02 -15.29
C LEU E 1672 -81.44 -20.04 -14.12
N THR E 1673 -81.39 -18.75 -14.45
CA THR E 1673 -81.41 -17.68 -13.45
C THR E 1673 -82.47 -17.86 -12.38
N ILE E 1674 -82.53 -16.89 -11.49
CA ILE E 1674 -83.49 -16.91 -10.41
C ILE E 1674 -84.83 -17.50 -10.81
N HIS E 1675 -85.50 -18.08 -9.82
CA HIS E 1675 -86.80 -18.69 -9.99
C HIS E 1675 -87.47 -18.57 -8.63
N PHE E 1676 -86.64 -18.27 -7.65
CA PHE E 1676 -87.07 -18.08 -6.28
C PHE E 1676 -87.59 -19.39 -5.77
N GLY E 1677 -87.23 -19.73 -4.55
CA GLY E 1677 -87.76 -20.93 -3.96
C GLY E 1677 -89.17 -20.45 -3.64
N GLY E 1678 -89.31 -19.13 -3.68
CA GLY E 1678 -90.59 -18.49 -3.41
C GLY E 1678 -91.30 -19.25 -2.32
N GLU E 1679 -90.74 -19.15 -1.12
CA GLU E 1679 -91.29 -19.86 0.02
C GLU E 1679 -92.77 -19.99 -0.10
N LYS E 1680 -93.25 -21.13 0.37
CA LYS E 1680 -94.65 -21.47 0.36
C LYS E 1680 -95.13 -21.24 1.79
N GLY E 1681 -94.26 -20.65 2.59
CA GLY E 1681 -94.56 -20.32 3.97
C GLY E 1681 -94.37 -18.84 4.18
N LYS E 1682 -95.08 -18.27 5.13
CA LYS E 1682 -94.97 -16.85 5.43
C LYS E 1682 -94.57 -15.96 4.26
N ARG E 1683 -93.27 -15.78 4.07
CA ARG E 1683 -92.76 -14.92 2.99
C ARG E 1683 -93.27 -15.28 1.59
N ILE E 1684 -94.09 -16.32 1.52
CA ILE E 1684 -94.67 -16.72 0.25
C ILE E 1684 -95.48 -15.56 -0.32
N ARG E 1685 -96.68 -15.40 0.23
CA ARG E 1685 -97.62 -14.37 -0.18
C ARG E 1685 -96.98 -13.10 -0.66
N GLU E 1686 -96.44 -12.34 0.30
CA GLU E 1686 -95.81 -11.07 -0.01
C GLU E 1686 -95.02 -11.11 -1.33
N ASN E 1687 -94.70 -12.32 -1.80
CA ASN E 1687 -93.98 -12.51 -3.05
C ASN E 1687 -94.90 -13.21 -4.04
N TYR E 1688 -95.02 -14.52 -3.84
CA TYR E 1688 -95.86 -15.36 -4.68
C TYR E 1688 -97.31 -14.95 -4.53
N SER E 1689 -97.56 -13.69 -4.89
CA SER E 1689 -98.85 -13.05 -4.84
C SER E 1689 -98.50 -11.57 -4.83
N ALA E 1690 -98.29 -11.03 -3.64
CA ALA E 1690 -97.96 -9.62 -3.53
C ALA E 1690 -96.97 -9.26 -4.63
N MET E 1691 -97.34 -8.19 -5.34
CA MET E 1691 -96.57 -7.64 -6.45
C MET E 1691 -96.41 -8.58 -7.65
N ILE E 1692 -96.14 -9.87 -7.42
CA ILE E 1692 -96.00 -10.80 -8.54
C ILE E 1692 -97.35 -11.48 -8.79
N PHE E 1693 -97.71 -11.60 -10.06
CA PHE E 1693 -98.98 -12.18 -10.51
C PHE E 1693 -99.92 -11.02 -10.69
N GLU E 1694 -100.03 -10.20 -9.65
CA GLU E 1694 -100.89 -9.04 -9.65
C GLU E 1694 -100.39 -8.04 -10.69
N THR E 1695 -99.29 -8.38 -11.34
CA THR E 1695 -98.72 -7.54 -12.38
C THR E 1695 -99.72 -7.43 -13.53
N ILE E 1696 -99.89 -6.23 -14.07
CA ILE E 1696 -100.86 -6.04 -15.15
C ILE E 1696 -100.42 -5.08 -16.25
N VAL E 1697 -100.37 -5.59 -17.48
CA VAL E 1697 -99.99 -4.78 -18.64
C VAL E 1697 -101.20 -4.63 -19.54
N ASP E 1698 -101.22 -3.55 -20.31
CA ASP E 1698 -102.34 -3.29 -21.21
C ASP E 1698 -102.02 -3.16 -22.69
N GLY E 1699 -100.99 -3.88 -23.16
CA GLY E 1699 -100.67 -3.82 -24.58
C GLY E 1699 -101.89 -4.31 -25.36
N LYS E 1700 -102.43 -5.43 -24.87
CA LYS E 1700 -103.62 -6.06 -25.43
C LYS E 1700 -104.58 -6.32 -24.26
N LEU E 1701 -105.88 -6.08 -24.49
CA LEU E 1701 -106.93 -6.26 -23.47
C LEU E 1701 -106.61 -5.58 -22.12
N LYS E 1702 -107.62 -5.51 -21.24
CA LYS E 1702 -107.47 -4.87 -19.93
C LYS E 1702 -106.68 -5.67 -18.88
N THR E 1703 -107.06 -6.93 -18.63
CA THR E 1703 -106.35 -7.72 -17.63
C THR E 1703 -105.52 -8.89 -18.18
N GLU E 1704 -104.24 -8.62 -18.40
CA GLU E 1704 -103.29 -9.63 -18.85
C GLU E 1704 -102.21 -9.60 -17.78
N LYS E 1705 -102.47 -10.32 -16.70
CA LYS E 1705 -101.56 -10.39 -15.56
C LYS E 1705 -100.23 -11.04 -15.93
N ILE E 1706 -99.20 -10.21 -16.03
CA ILE E 1706 -97.85 -10.65 -16.38
C ILE E 1706 -97.62 -12.13 -16.22
N PHE E 1707 -97.64 -12.82 -17.36
CA PHE E 1707 -97.44 -14.26 -17.43
C PHE E 1707 -98.06 -14.94 -16.23
N LYS E 1708 -99.13 -15.70 -16.48
CA LYS E 1708 -99.80 -16.42 -15.42
C LYS E 1708 -98.77 -17.32 -14.75
N GLU E 1709 -99.13 -18.58 -14.53
CA GLU E 1709 -98.21 -19.52 -13.91
C GLU E 1709 -98.14 -19.15 -12.44
N ILE E 1710 -98.01 -17.87 -12.18
CA ILE E 1710 -97.93 -17.35 -10.82
C ILE E 1710 -99.10 -17.91 -10.02
N ASN E 1711 -100.02 -18.55 -10.73
CA ASN E 1711 -101.22 -19.13 -10.15
C ASN E 1711 -101.13 -19.50 -8.68
N GLU E 1712 -102.19 -19.16 -7.95
CA GLU E 1712 -102.34 -19.42 -6.52
C GLU E 1712 -101.07 -19.94 -5.88
N HIS E 1713 -101.08 -21.21 -5.50
CA HIS E 1713 -99.92 -21.84 -4.89
C HIS E 1713 -98.81 -21.89 -5.91
N SER E 1714 -98.73 -22.99 -6.65
CA SER E 1714 -97.69 -23.21 -7.67
C SER E 1714 -96.41 -22.45 -7.38
N THR E 1715 -95.47 -23.11 -6.71
CA THR E 1715 -94.21 -22.49 -6.32
C THR E 1715 -93.15 -22.40 -7.39
N SER E 1716 -92.48 -21.25 -7.42
CA SER E 1716 -91.36 -20.95 -8.31
C SER E 1716 -91.51 -20.63 -9.79
N TYR E 1717 -91.31 -19.37 -10.14
CA TYR E 1717 -91.34 -18.95 -11.53
C TYR E 1717 -89.87 -19.13 -11.86
N THR E 1718 -89.39 -18.58 -12.96
CA THR E 1718 -87.98 -18.72 -13.32
C THR E 1718 -87.61 -17.89 -14.52
N PHE E 1719 -87.27 -16.62 -14.30
CA PHE E 1719 -86.87 -15.77 -15.43
C PHE E 1719 -85.62 -16.48 -15.94
N ARG E 1720 -85.15 -16.13 -17.13
CA ARG E 1720 -83.94 -16.74 -17.67
C ARG E 1720 -83.60 -16.54 -19.14
N SER E 1721 -82.50 -15.85 -19.38
CA SER E 1721 -82.02 -15.65 -20.74
C SER E 1721 -80.92 -16.69 -20.70
N GLU E 1722 -80.09 -16.76 -21.72
CA GLU E 1722 -79.02 -17.73 -21.69
C GLU E 1722 -77.72 -17.10 -22.16
N LYS E 1723 -77.67 -15.78 -22.07
CA LYS E 1723 -76.50 -15.03 -22.50
C LYS E 1723 -76.19 -13.88 -21.54
N GLY E 1724 -77.05 -13.70 -20.53
CA GLY E 1724 -76.83 -12.64 -19.54
C GLY E 1724 -78.09 -11.96 -19.00
N LEU E 1725 -78.77 -12.61 -18.06
CA LEU E 1725 -79.98 -12.07 -17.47
C LEU E 1725 -79.82 -10.65 -17.01
N LEU E 1726 -78.57 -10.22 -16.80
CA LEU E 1726 -78.32 -8.86 -16.38
C LEU E 1726 -78.68 -7.95 -17.55
N SER E 1727 -79.75 -8.34 -18.21
CA SER E 1727 -80.31 -7.63 -19.34
C SER E 1727 -81.81 -7.92 -19.34
N ALA E 1728 -82.35 -8.39 -20.46
CA ALA E 1728 -83.78 -8.68 -20.55
C ALA E 1728 -84.55 -7.41 -20.19
N THR E 1729 -83.80 -6.31 -20.12
CA THR E 1729 -84.31 -4.98 -19.79
C THR E 1729 -85.40 -5.05 -18.72
N GLN E 1730 -85.46 -6.20 -18.06
CA GLN E 1730 -86.43 -6.43 -17.01
C GLN E 1730 -85.66 -6.24 -15.73
N PHE E 1731 -84.35 -6.25 -15.91
CA PHE E 1731 -83.39 -6.07 -14.83
C PHE E 1731 -82.46 -4.94 -15.20
N THR E 1732 -81.98 -4.99 -16.43
CA THR E 1732 -81.06 -3.98 -16.93
C THR E 1732 -81.38 -2.68 -16.25
N GLN E 1733 -82.65 -2.31 -16.34
CA GLN E 1733 -83.10 -1.06 -15.76
C GLN E 1733 -82.78 -0.98 -14.27
N PRO E 1734 -83.38 -1.85 -13.46
CA PRO E 1734 -83.08 -1.83 -12.02
C PRO E 1734 -81.63 -1.47 -11.70
N ALA E 1735 -80.71 -2.02 -12.49
CA ALA E 1735 -79.29 -1.77 -12.28
C ALA E 1735 -78.86 -0.41 -12.80
N LEU E 1736 -78.71 -0.31 -14.13
CA LEU E 1736 -78.29 0.93 -14.78
C LEU E 1736 -78.92 2.13 -14.09
N THR E 1737 -80.13 1.93 -13.61
CA THR E 1737 -80.82 2.98 -12.90
C THR E 1737 -80.11 3.11 -11.57
N LEU E 1738 -80.48 2.21 -10.66
CA LEU E 1738 -79.91 2.16 -9.32
C LEU E 1738 -78.49 2.65 -9.39
N MET E 1739 -77.75 2.12 -10.36
CA MET E 1739 -76.37 2.49 -10.55
C MET E 1739 -76.16 3.99 -10.47
N GLU E 1740 -76.61 4.72 -11.48
CA GLU E 1740 -76.45 6.17 -11.51
C GLU E 1740 -76.84 6.83 -10.20
N LYS E 1741 -78.01 6.46 -9.69
CA LYS E 1741 -78.52 7.02 -8.45
C LYS E 1741 -77.39 7.11 -7.46
N ALA E 1742 -76.98 5.95 -6.97
CA ALA E 1742 -75.89 5.87 -6.02
C ALA E 1742 -74.87 6.90 -6.48
N ALA E 1743 -74.27 6.64 -7.64
CA ALA E 1743 -73.27 7.52 -8.23
C ALA E 1743 -73.58 8.96 -7.88
N PHE E 1744 -74.82 9.34 -8.12
CA PHE E 1744 -75.21 10.71 -7.83
C PHE E 1744 -74.94 11.02 -6.37
N GLU E 1745 -75.77 10.45 -5.49
CA GLU E 1745 -75.64 10.66 -4.06
C GLU E 1745 -74.23 11.11 -3.72
N ASP E 1746 -73.29 10.16 -3.76
CA ASP E 1746 -71.89 10.44 -3.47
C ASP E 1746 -71.53 11.84 -3.86
N LEU E 1747 -71.95 12.21 -5.05
CA LEU E 1747 -71.66 13.53 -5.57
C LEU E 1747 -72.15 14.65 -4.66
N LYS E 1748 -73.44 14.96 -4.71
CA LYS E 1748 -73.95 16.05 -3.86
C LYS E 1748 -73.51 15.77 -2.43
N SER E 1749 -73.30 14.49 -2.11
CA SER E 1749 -72.84 14.12 -0.80
C SER E 1749 -71.54 14.88 -0.59
N LYS E 1750 -70.55 14.57 -1.43
CA LYS E 1750 -69.26 15.23 -1.36
C LYS E 1750 -69.40 16.67 -1.86
N GLY E 1751 -70.63 17.05 -2.19
CA GLY E 1751 -70.91 18.40 -2.65
C GLY E 1751 -70.29 18.70 -4.00
N LEU E 1752 -71.06 18.49 -5.07
CA LEU E 1752 -70.54 18.72 -6.41
C LEU E 1752 -71.62 19.25 -7.35
N ILE E 1753 -72.87 18.96 -7.01
CA ILE E 1753 -73.99 19.37 -7.82
C ILE E 1753 -74.47 20.79 -7.54
N PRO E 1754 -74.42 21.66 -8.57
CA PRO E 1754 -74.83 23.07 -8.56
C PRO E 1754 -76.34 23.30 -8.75
N ALA E 1755 -77.02 23.58 -7.65
CA ALA E 1755 -78.47 23.83 -7.63
C ALA E 1755 -79.17 23.90 -8.99
N ASP E 1756 -78.68 24.77 -9.85
CA ASP E 1756 -79.23 24.96 -11.19
C ASP E 1756 -78.47 24.13 -12.22
N ALA E 1757 -79.06 23.02 -12.64
CA ALA E 1757 -78.39 22.18 -13.63
C ALA E 1757 -79.38 21.64 -14.64
N THR E 1758 -78.83 20.95 -15.64
CA THR E 1758 -79.62 20.38 -16.71
C THR E 1758 -79.93 18.89 -16.53
N PHE E 1759 -81.18 18.57 -16.18
CA PHE E 1759 -81.58 17.17 -15.99
C PHE E 1759 -81.67 16.54 -17.37
N ALA E 1760 -81.04 15.39 -17.54
CA ALA E 1760 -81.05 14.67 -18.82
C ALA E 1760 -81.36 13.18 -18.71
N GLY E 1761 -82.03 12.64 -19.73
CA GLY E 1761 -82.38 11.23 -19.71
C GLY E 1761 -82.26 10.53 -21.06
N HIS E 1762 -82.83 9.34 -21.13
CA HIS E 1762 -82.84 8.54 -22.36
C HIS E 1762 -83.48 7.20 -22.06
N SER E 1763 -84.65 6.97 -22.63
CA SER E 1763 -85.39 5.73 -22.41
C SER E 1763 -85.73 5.65 -20.94
N LEU E 1764 -84.75 5.24 -20.15
CA LEU E 1764 -84.90 5.10 -18.73
C LEU E 1764 -84.01 6.17 -18.10
N GLY E 1765 -82.92 6.46 -18.79
CA GLY E 1765 -81.96 7.45 -18.35
C GLY E 1765 -82.61 8.72 -17.87
N GLU E 1766 -83.90 8.85 -18.12
CA GLU E 1766 -84.59 10.03 -17.66
C GLU E 1766 -84.79 10.01 -16.15
N TYR E 1767 -85.12 8.85 -15.58
CA TYR E 1767 -85.30 8.79 -14.14
C TYR E 1767 -83.93 9.09 -13.54
N ALA E 1768 -82.90 8.80 -14.34
CA ALA E 1768 -81.49 9.02 -13.99
C ALA E 1768 -81.21 10.50 -13.80
N ALA E 1769 -82.22 11.18 -13.26
CA ALA E 1769 -82.19 12.60 -13.01
C ALA E 1769 -83.43 12.90 -12.18
N LEU E 1770 -84.59 12.81 -12.82
CA LEU E 1770 -85.85 13.05 -12.13
C LEU E 1770 -85.75 12.24 -10.84
N ALA E 1771 -85.31 10.99 -10.95
CA ALA E 1771 -85.15 10.15 -9.78
C ALA E 1771 -84.12 10.83 -8.88
N SER E 1772 -82.95 11.09 -9.43
CA SER E 1772 -81.89 11.75 -8.70
C SER E 1772 -82.19 13.25 -8.64
N LEU E 1773 -81.19 14.07 -9.01
CA LEU E 1773 -81.30 15.53 -9.02
C LEU E 1773 -82.62 16.05 -8.49
N ALA E 1774 -82.59 16.68 -7.32
CA ALA E 1774 -83.81 17.17 -6.69
C ALA E 1774 -84.80 15.99 -6.79
N ASP E 1775 -84.72 15.10 -5.80
CA ASP E 1775 -85.55 13.88 -5.74
C ASP E 1775 -86.96 14.02 -6.25
N VAL E 1776 -87.66 12.90 -6.31
CA VAL E 1776 -89.03 12.89 -6.78
C VAL E 1776 -89.77 11.73 -6.16
N MET E 1777 -89.27 10.53 -6.44
CA MET E 1777 -89.86 9.30 -5.93
C MET E 1777 -89.16 8.88 -4.66
N SER E 1778 -89.31 7.61 -4.34
CA SER E 1778 -88.70 7.03 -3.18
C SER E 1778 -87.51 6.25 -3.68
N ILE E 1779 -86.36 6.45 -3.04
CA ILE E 1779 -85.17 5.72 -3.42
C ILE E 1779 -85.70 4.31 -3.68
N GLU E 1780 -86.40 3.79 -2.68
CA GLU E 1780 -87.00 2.47 -2.75
C GLU E 1780 -87.80 2.34 -4.04
N SER E 1781 -89.06 2.70 -3.94
CA SER E 1781 -90.00 2.65 -5.03
C SER E 1781 -89.38 2.94 -6.40
N LEU E 1782 -88.39 3.82 -6.46
CA LEU E 1782 -87.79 4.12 -7.76
C LEU E 1782 -87.63 2.88 -8.62
N VAL E 1783 -86.90 1.91 -8.11
CA VAL E 1783 -86.68 0.69 -8.87
C VAL E 1783 -87.98 -0.05 -9.03
N GLU E 1784 -88.73 -0.13 -7.93
CA GLU E 1784 -90.02 -0.81 -7.91
C GLU E 1784 -90.71 -0.63 -9.27
N VAL E 1785 -90.70 0.60 -9.78
CA VAL E 1785 -91.32 0.94 -11.06
C VAL E 1785 -90.38 0.71 -12.22
N VAL E 1786 -89.18 1.24 -12.09
CA VAL E 1786 -88.18 1.06 -13.12
C VAL E 1786 -88.31 -0.39 -13.54
N PHE E 1787 -88.55 -1.22 -12.53
CA PHE E 1787 -88.72 -2.66 -12.66
C PHE E 1787 -90.07 -2.95 -13.31
N TYR E 1788 -91.10 -2.27 -12.81
CA TYR E 1788 -92.45 -2.42 -13.33
C TYR E 1788 -92.39 -2.14 -14.81
N ARG E 1789 -91.99 -0.92 -15.14
CA ARG E 1789 -91.85 -0.49 -16.51
C ARG E 1789 -91.07 -1.59 -17.22
N GLY E 1790 -90.26 -2.28 -16.44
CA GLY E 1790 -89.47 -3.37 -16.99
C GLY E 1790 -90.41 -4.41 -17.57
N MET E 1791 -90.79 -5.38 -16.75
CA MET E 1791 -91.69 -6.43 -17.22
C MET E 1791 -92.69 -5.91 -18.25
N THR E 1792 -93.36 -4.83 -17.89
CA THR E 1792 -94.37 -4.25 -18.77
C THR E 1792 -93.87 -4.11 -20.21
N MET E 1793 -92.67 -3.57 -20.37
CA MET E 1793 -92.10 -3.39 -21.70
C MET E 1793 -91.85 -4.73 -22.39
N GLN E 1794 -92.43 -5.80 -21.85
CA GLN E 1794 -92.22 -7.11 -22.43
C GLN E 1794 -93.46 -7.93 -22.79
N VAL E 1795 -94.49 -7.90 -21.96
CA VAL E 1795 -95.67 -8.70 -22.28
C VAL E 1795 -96.74 -7.96 -23.10
N ALA E 1796 -96.38 -6.83 -23.69
CA ALA E 1796 -97.33 -6.06 -24.50
C ALA E 1796 -97.39 -6.60 -25.92
N VAL E 1797 -96.32 -7.31 -26.32
CA VAL E 1797 -96.24 -7.90 -27.64
C VAL E 1797 -96.10 -9.39 -27.51
N PRO E 1798 -97.11 -10.06 -26.92
CA PRO E 1798 -97.01 -11.51 -26.80
C PRO E 1798 -96.77 -12.10 -28.19
N ARG E 1799 -95.65 -12.79 -28.36
CA ARG E 1799 -95.31 -13.37 -29.66
C ARG E 1799 -94.40 -14.59 -29.51
N ASP E 1800 -94.54 -15.54 -30.43
CA ASP E 1800 -93.76 -16.78 -30.43
C ASP E 1800 -93.61 -17.34 -29.01
N GLU E 1801 -94.58 -18.18 -28.63
CA GLU E 1801 -94.59 -18.79 -27.30
C GLU E 1801 -93.45 -19.79 -27.12
N LEU E 1802 -92.37 -19.56 -27.86
CA LEU E 1802 -91.17 -20.37 -27.83
C LEU E 1802 -90.09 -19.46 -27.25
N GLY E 1803 -89.73 -18.43 -28.02
CA GLY E 1803 -88.72 -17.49 -27.57
C GLY E 1803 -88.26 -16.47 -28.60
N ARG E 1804 -89.11 -15.49 -28.90
CA ARG E 1804 -88.80 -14.41 -29.84
C ARG E 1804 -90.01 -13.60 -30.22
N SER E 1805 -89.88 -12.81 -31.29
CA SER E 1805 -90.97 -11.97 -31.74
C SER E 1805 -90.58 -11.24 -33.03
N ASN E 1806 -91.56 -10.89 -33.85
CA ASN E 1806 -91.31 -10.19 -35.11
C ASN E 1806 -90.93 -8.75 -34.80
N TYR E 1807 -90.21 -8.56 -33.68
CA TYR E 1807 -89.81 -7.23 -33.26
C TYR E 1807 -88.34 -7.09 -32.83
N GLY E 1808 -87.93 -5.83 -32.69
CA GLY E 1808 -86.58 -5.46 -32.30
C GLY E 1808 -86.37 -4.02 -32.74
N MET E 1809 -85.25 -3.76 -33.41
CA MET E 1809 -84.94 -2.42 -33.93
C MET E 1809 -83.49 -2.24 -34.35
N ILE E 1810 -83.24 -1.18 -35.12
CA ILE E 1810 -81.89 -0.90 -35.58
C ILE E 1810 -81.60 0.60 -35.52
N ALA E 1811 -80.42 0.99 -35.99
CA ALA E 1811 -80.03 2.39 -36.01
C ALA E 1811 -79.33 2.62 -37.32
N ILE E 1812 -79.29 3.85 -37.78
CA ILE E 1812 -78.65 4.12 -39.05
C ILE E 1812 -78.04 5.52 -39.21
N ASN E 1813 -77.10 5.61 -40.14
CA ASN E 1813 -76.40 6.85 -40.46
C ASN E 1813 -76.39 7.06 -41.97
N PRO E 1814 -76.77 8.26 -42.42
CA PRO E 1814 -76.83 8.61 -43.84
C PRO E 1814 -75.61 8.18 -44.66
N GLY E 1815 -75.85 7.85 -45.92
CA GLY E 1815 -74.78 7.44 -46.81
C GLY E 1815 -74.90 8.14 -48.15
N ARG E 1816 -74.60 9.45 -48.16
CA ARG E 1816 -74.64 10.35 -49.35
C ARG E 1816 -75.88 11.26 -49.37
N VAL E 1817 -75.80 12.40 -48.68
CA VAL E 1817 -76.91 13.36 -48.61
C VAL E 1817 -78.07 12.77 -47.81
N ALA E 1818 -78.62 13.52 -46.86
CA ALA E 1818 -79.72 12.99 -46.06
C ALA E 1818 -80.51 14.02 -45.25
N ALA E 1819 -80.73 13.73 -43.97
CA ALA E 1819 -81.48 14.58 -43.06
C ALA E 1819 -82.98 14.47 -43.35
N SER E 1820 -83.75 13.97 -42.37
CA SER E 1820 -85.19 13.76 -42.55
C SER E 1820 -85.29 12.82 -43.74
N PHE E 1821 -84.12 12.58 -44.31
CA PHE E 1821 -83.86 11.73 -45.45
C PHE E 1821 -84.84 10.56 -45.48
N SER E 1822 -85.01 9.91 -44.34
CA SER E 1822 -85.91 8.78 -44.27
C SER E 1822 -87.06 9.06 -43.33
N GLN E 1823 -87.10 10.27 -42.78
CA GLN E 1823 -88.19 10.62 -41.88
C GLN E 1823 -89.47 10.15 -42.56
N GLU E 1824 -89.42 10.15 -43.90
CA GLU E 1824 -90.54 9.71 -44.73
C GLU E 1824 -90.16 8.50 -45.59
N ALA E 1825 -88.87 8.37 -45.94
CA ALA E 1825 -88.46 7.21 -46.72
C ALA E 1825 -88.94 6.01 -45.90
N LEU E 1826 -89.18 6.29 -44.63
CA LEU E 1826 -89.68 5.32 -43.65
C LEU E 1826 -91.17 5.53 -43.60
N GLN E 1827 -91.56 6.75 -43.25
CA GLN E 1827 -92.94 7.16 -43.13
C GLN E 1827 -93.71 6.91 -44.43
N TYR E 1828 -93.02 6.34 -45.41
CA TYR E 1828 -93.60 6.02 -46.71
C TYR E 1828 -93.67 4.49 -46.86
N VAL E 1829 -93.33 3.78 -45.80
CA VAL E 1829 -93.39 2.33 -45.79
C VAL E 1829 -94.56 1.98 -44.89
N VAL E 1830 -94.81 2.85 -43.92
CA VAL E 1830 -95.90 2.71 -42.94
C VAL E 1830 -97.23 2.82 -43.67
N GLU E 1831 -97.16 3.39 -44.87
CA GLU E 1831 -98.30 3.59 -45.72
C GLU E 1831 -98.69 2.22 -46.29
N ARG E 1832 -97.83 1.22 -46.08
CA ARG E 1832 -98.10 -0.12 -46.60
C ARG E 1832 -97.75 -1.29 -45.66
N VAL E 1833 -97.22 -1.01 -44.48
CA VAL E 1833 -96.86 -2.08 -43.55
C VAL E 1833 -96.93 -1.72 -42.05
N GLY E 1834 -95.96 -0.94 -41.55
CA GLY E 1834 -95.98 -0.55 -40.14
C GLY E 1834 -94.66 -0.33 -39.40
N LYS E 1835 -94.37 0.93 -39.03
CA LYS E 1835 -93.16 1.29 -38.28
C LYS E 1835 -92.93 2.81 -38.16
N ARG E 1836 -92.31 3.21 -37.05
CA ARG E 1836 -92.00 4.62 -36.76
C ARG E 1836 -90.50 4.82 -36.45
N THR E 1837 -90.07 6.07 -36.30
CA THR E 1837 -88.67 6.35 -35.97
C THR E 1837 -88.50 6.33 -34.46
N GLY E 1838 -87.62 5.44 -33.98
CA GLY E 1838 -87.40 5.33 -32.55
C GLY E 1838 -86.96 6.63 -31.93
N TRP E 1839 -85.72 6.67 -31.50
CA TRP E 1839 -85.15 7.87 -30.92
C TRP E 1839 -84.33 8.39 -32.09
N LEU E 1840 -84.01 9.68 -32.10
CA LEU E 1840 -83.22 10.23 -33.20
C LEU E 1840 -82.02 11.00 -32.62
N VAL E 1841 -81.06 10.29 -32.04
CA VAL E 1841 -79.89 10.94 -31.44
C VAL E 1841 -79.11 11.93 -32.31
N GLU E 1842 -78.86 11.60 -33.58
CA GLU E 1842 -78.14 12.55 -34.45
C GLU E 1842 -78.13 12.24 -35.95
N ILE E 1843 -78.00 13.31 -36.76
CA ILE E 1843 -78.00 13.24 -38.22
C ILE E 1843 -77.27 12.05 -38.87
N VAL E 1844 -76.17 11.62 -38.27
CA VAL E 1844 -75.39 10.49 -38.76
C VAL E 1844 -75.59 9.31 -37.80
N ASN E 1845 -76.81 9.14 -37.29
CA ASN E 1845 -77.11 8.08 -36.32
C ASN E 1845 -78.56 8.13 -35.83
N TYR E 1846 -79.40 7.20 -36.27
CA TYR E 1846 -80.80 7.22 -35.84
C TYR E 1846 -81.37 5.90 -35.33
N ASN E 1847 -82.12 5.99 -34.23
CA ASN E 1847 -82.76 4.82 -33.62
C ASN E 1847 -84.02 4.44 -34.38
N VAL E 1848 -84.00 3.25 -34.96
CA VAL E 1848 -85.12 2.75 -35.75
C VAL E 1848 -85.99 1.76 -34.98
N GLU E 1849 -87.23 2.15 -34.66
CA GLU E 1849 -88.16 1.25 -33.94
C GLU E 1849 -88.28 0.05 -34.88
N ASN E 1850 -89.14 -0.93 -34.58
CA ASN E 1850 -89.22 -2.04 -35.52
C ASN E 1850 -90.43 -2.98 -35.54
N GLN E 1851 -90.66 -3.48 -36.76
CA GLN E 1851 -91.72 -4.42 -37.12
C GLN E 1851 -91.14 -5.43 -38.13
N GLN E 1852 -90.39 -6.40 -37.60
CA GLN E 1852 -89.74 -7.44 -38.39
C GLN E 1852 -89.53 -7.19 -39.89
N TYR E 1853 -90.52 -7.54 -40.71
CA TYR E 1853 -90.39 -7.34 -42.15
C TYR E 1853 -90.12 -5.89 -42.53
N VAL E 1854 -89.99 -5.07 -41.50
CA VAL E 1854 -89.70 -3.66 -41.66
C VAL E 1854 -88.20 -3.54 -41.88
N ALA E 1855 -87.44 -4.41 -41.22
CA ALA E 1855 -85.98 -4.42 -41.36
C ALA E 1855 -85.58 -5.04 -42.68
N ALA E 1856 -85.55 -6.38 -42.72
CA ALA E 1856 -85.18 -7.11 -43.92
C ALA E 1856 -86.04 -6.62 -45.08
N GLY E 1857 -87.11 -5.92 -44.75
CA GLY E 1857 -88.01 -5.38 -45.75
C GLY E 1857 -87.61 -3.99 -46.19
N ASP E 1858 -87.21 -3.16 -45.23
CA ASP E 1858 -86.78 -1.81 -45.56
C ASP E 1858 -85.34 -1.76 -46.01
N LEU E 1859 -84.46 -2.31 -45.17
CA LEU E 1859 -83.03 -2.33 -45.43
C LEU E 1859 -82.63 -2.16 -46.89
N ARG E 1860 -83.11 -3.04 -47.76
CA ARG E 1860 -82.78 -2.98 -49.18
C ARG E 1860 -83.03 -1.57 -49.75
N ALA E 1861 -84.16 -0.98 -49.37
CA ALA E 1861 -84.53 0.36 -49.81
C ALA E 1861 -83.36 1.31 -49.70
N LEU E 1862 -82.99 1.62 -48.47
CA LEU E 1862 -81.86 2.50 -48.21
C LEU E 1862 -80.62 1.89 -48.86
N ASP E 1863 -80.55 0.56 -48.84
CA ASP E 1863 -79.43 -0.18 -49.39
C ASP E 1863 -79.26 -0.03 -50.90
N THR E 1864 -80.32 0.38 -51.60
CA THR E 1864 -80.25 0.55 -53.05
C THR E 1864 -79.94 2.01 -53.38
N VAL E 1865 -80.60 2.93 -52.67
CA VAL E 1865 -80.38 4.35 -52.88
C VAL E 1865 -78.89 4.60 -52.88
N THR E 1866 -78.18 3.87 -52.03
CA THR E 1866 -76.74 4.02 -51.89
C THR E 1866 -75.99 3.62 -53.15
N ASN E 1867 -76.70 3.14 -54.16
CA ASN E 1867 -76.04 2.77 -55.39
C ASN E 1867 -75.75 4.04 -56.18
N VAL E 1868 -75.29 5.04 -55.43
CA VAL E 1868 -74.92 6.37 -55.88
C VAL E 1868 -75.98 7.21 -56.64
N LEU E 1869 -77.03 7.63 -55.92
CA LEU E 1869 -78.10 8.44 -56.52
C LEU E 1869 -78.60 9.51 -55.53
N ASN E 1870 -78.09 10.74 -55.71
CA ASN E 1870 -78.40 11.92 -54.87
C ASN E 1870 -79.88 12.35 -54.73
N PHE E 1871 -80.11 13.67 -54.79
CA PHE E 1871 -81.46 14.25 -54.69
C PHE E 1871 -81.63 15.44 -55.66
N ILE E 1872 -82.49 15.27 -56.67
CA ILE E 1872 -82.78 16.29 -57.70
C ILE E 1872 -84.21 16.11 -58.26
N LYS E 1873 -84.31 16.24 -59.58
CA LYS E 1873 -85.53 16.10 -60.42
C LYS E 1873 -86.99 16.42 -59.98
N LEU E 1874 -87.93 15.74 -60.65
CA LEU E 1874 -89.40 15.84 -60.47
C LEU E 1874 -89.99 14.99 -59.34
N GLN E 1875 -90.53 15.66 -58.32
CA GLN E 1875 -91.10 14.99 -57.15
C GLN E 1875 -92.54 14.51 -57.31
N LYS E 1876 -93.09 13.93 -56.22
CA LYS E 1876 -94.46 13.39 -56.16
C LYS E 1876 -94.53 11.93 -56.64
N ILE E 1877 -94.50 11.78 -57.97
CA ILE E 1877 -94.56 10.47 -58.65
C ILE E 1877 -93.26 9.67 -58.48
N ASP E 1878 -92.98 9.28 -57.25
CA ASP E 1878 -91.78 8.52 -56.95
C ASP E 1878 -92.07 7.65 -55.74
N ILE E 1879 -90.98 7.23 -55.08
CA ILE E 1879 -91.03 6.39 -53.89
C ILE E 1879 -92.03 5.24 -54.10
N ILE E 1880 -92.25 4.45 -53.05
CA ILE E 1880 -93.15 3.30 -53.09
C ILE E 1880 -92.72 2.40 -54.25
N GLU E 1881 -91.58 2.75 -54.85
CA GLU E 1881 -91.00 2.01 -55.98
C GLU E 1881 -90.33 0.74 -55.48
N LEU E 1882 -89.03 0.82 -55.19
CA LEU E 1882 -88.31 -0.34 -54.68
C LEU E 1882 -88.82 -0.72 -53.29
N GLN E 1883 -89.67 0.16 -52.74
CA GLN E 1883 -90.29 -0.07 -51.45
C GLN E 1883 -91.05 -1.37 -51.62
N LYS E 1884 -92.24 -1.24 -52.20
CA LYS E 1884 -93.13 -2.38 -52.46
C LYS E 1884 -92.46 -3.42 -53.36
N SER E 1885 -91.22 -3.14 -53.78
CA SER E 1885 -90.46 -4.04 -54.66
C SER E 1885 -89.86 -5.19 -53.87
N LEU E 1886 -88.89 -4.88 -53.01
CA LEU E 1886 -88.24 -5.89 -52.20
C LEU E 1886 -88.86 -6.01 -50.81
N SER E 1887 -89.83 -5.14 -50.51
CA SER E 1887 -90.53 -5.15 -49.22
C SER E 1887 -91.51 -6.31 -49.15
N LEU E 1888 -92.41 -6.38 -50.13
CA LEU E 1888 -93.39 -7.45 -50.20
C LEU E 1888 -92.65 -8.65 -50.81
N GLU E 1889 -91.32 -8.59 -50.80
CA GLU E 1889 -90.45 -9.64 -51.33
C GLU E 1889 -89.82 -10.46 -50.21
N GLU E 1890 -89.43 -9.77 -49.13
CA GLU E 1890 -88.80 -10.41 -48.00
C GLU E 1890 -89.80 -10.72 -46.88
N VAL E 1891 -90.84 -9.90 -46.75
CA VAL E 1891 -91.86 -10.10 -45.73
C VAL E 1891 -92.42 -11.52 -45.87
N GLU E 1892 -92.14 -12.12 -47.01
CA GLU E 1892 -92.59 -13.48 -47.31
C GLU E 1892 -91.36 -14.35 -47.59
N GLY E 1893 -90.17 -13.78 -47.40
CA GLY E 1893 -88.94 -14.51 -47.61
C GLY E 1893 -88.70 -15.49 -46.47
N HIS E 1894 -89.67 -15.59 -45.57
CA HIS E 1894 -89.62 -16.48 -44.42
C HIS E 1894 -90.82 -16.23 -43.51
N LEU E 1895 -90.65 -16.53 -42.22
CA LEU E 1895 -91.70 -16.36 -41.22
C LEU E 1895 -91.23 -15.38 -40.11
N PHE E 1896 -90.17 -15.76 -39.39
CA PHE E 1896 -89.61 -14.94 -38.31
C PHE E 1896 -88.11 -14.73 -38.58
N UNK E 1897 -87.80 -14.05 -39.69
CA UNK E 1897 -86.43 -13.79 -40.13
C UNK E 1897 -85.55 -13.07 -39.12
N UNK E 1898 -84.43 -12.52 -39.59
CA UNK E 1898 -83.49 -11.82 -38.73
C UNK E 1898 -83.21 -10.40 -39.21
N UNK E 1899 -81.94 -10.12 -39.47
CA UNK E 1899 -81.50 -8.80 -39.94
C UNK E 1899 -80.22 -8.94 -40.76
N UNK E 1900 -79.71 -7.83 -41.27
CA UNK E 1900 -78.48 -7.84 -42.07
C UNK E 1900 -77.56 -6.67 -41.74
N UNK E 1901 -76.70 -6.28 -42.69
CA UNK E 1901 -75.76 -5.19 -42.50
C UNK E 1901 -75.76 -4.14 -43.62
N UNK E 1902 -74.56 -3.66 -43.98
CA UNK E 1902 -74.37 -2.64 -45.03
C UNK E 1902 -75.19 -1.37 -44.79
N UNK E 1903 -74.70 -0.51 -43.90
CA UNK E 1903 -75.37 0.73 -43.56
C UNK E 1903 -76.69 0.46 -42.85
N UNK E 1904 -76.66 0.61 -41.52
CA UNK E 1904 -77.82 0.37 -40.63
C UNK E 1904 -77.70 -1.00 -39.94
N UNK E 1905 -77.18 -1.03 -38.72
CA UNK E 1905 -77.04 -2.30 -38.00
C UNK E 1905 -78.19 -2.53 -37.02
N UNK E 1906 -78.60 -3.79 -36.89
CA UNK E 1906 -79.70 -4.15 -36.00
C UNK E 1906 -79.28 -4.14 -34.53
N UNK E 1907 -80.26 -3.97 -33.64
CA UNK E 1907 -80.02 -3.94 -32.19
C UNK E 1907 -79.97 -5.34 -31.55
N UNK E 1908 -80.91 -5.62 -30.64
CA UNK E 1908 -80.97 -6.91 -29.97
C UNK E 1908 -81.99 -6.93 -28.82
N UNK E 1909 -83.28 -6.73 -29.15
CA UNK E 1909 -84.35 -6.73 -28.15
C UNK E 1909 -85.67 -7.30 -28.68
N UNK E 1910 -86.79 -6.86 -28.10
CA UNK E 1910 -88.12 -7.32 -28.52
C UNK E 1910 -89.25 -6.37 -28.09
N UNK E 1911 -89.26 -5.17 -28.69
CA UNK E 1911 -90.27 -4.13 -28.40
C UNK E 1911 -90.08 -2.83 -29.21
N UNK E 1912 -90.31 -1.67 -28.56
CA UNK E 1912 -90.16 -0.38 -29.22
C UNK E 1912 -90.50 0.83 -28.32
N UNK E 1913 -91.04 1.89 -28.92
CA UNK E 1913 -91.44 3.12 -28.22
C UNK E 1913 -92.19 4.06 -29.17
N UNK E 1914 -93.41 3.65 -29.57
CA UNK E 1914 -94.28 4.40 -30.47
C UNK E 1914 -95.45 3.50 -30.83
N UNK E 1915 -95.17 2.19 -30.86
CA UNK E 1915 -96.16 1.17 -31.18
C UNK E 1915 -97.01 0.83 -29.95
N UNK E 1916 -96.37 0.78 -28.79
CA UNK E 1916 -97.08 0.48 -27.54
C UNK E 1916 -98.36 1.31 -27.52
N UNK E 1917 -98.19 2.64 -27.51
CA UNK E 1917 -99.29 3.60 -27.51
C UNK E 1917 -100.52 3.16 -26.71
N UNK E 1918 -101.30 2.26 -27.32
CA UNK E 1918 -102.51 1.72 -26.69
C UNK E 1918 -102.11 0.69 -25.64
N UNK E 1919 -101.17 1.09 -24.79
CA UNK E 1919 -100.65 0.26 -23.71
C UNK E 1919 -100.33 1.20 -22.55
N UNK E 1920 -100.21 2.49 -22.89
CA UNK E 1920 -99.89 3.53 -21.91
C UNK E 1920 -100.97 3.56 -20.84
N UNK E 1921 -100.96 4.64 -20.06
CA UNK E 1921 -101.94 4.84 -19.00
C UNK E 1921 -102.11 3.69 -18.01
N UNK E 1922 -102.77 2.63 -18.46
CA UNK E 1922 -103.04 1.44 -17.65
C UNK E 1922 -101.89 0.92 -16.80
N UNK E 1923 -100.66 1.07 -17.29
CA UNK E 1923 -99.49 0.56 -16.55
C UNK E 1923 -98.55 1.67 -16.01
N UNK E 1924 -97.51 2.01 -16.79
CA UNK E 1924 -96.54 3.03 -16.39
C UNK E 1924 -97.16 4.37 -15.97
N UNK E 1925 -98.48 4.49 -16.09
CA UNK E 1925 -99.20 5.72 -15.72
C UNK E 1925 -100.11 5.51 -14.51
N UNK E 1926 -100.83 4.39 -14.50
CA UNK E 1926 -101.70 4.07 -13.37
C UNK E 1926 -100.77 3.62 -12.26
N UNK E 1927 -99.54 3.29 -12.67
CA UNK E 1927 -98.49 2.88 -11.75
C UNK E 1927 -97.70 4.13 -11.40
N UNK E 1928 -97.33 4.90 -12.42
CA UNK E 1928 -96.60 6.14 -12.19
C UNK E 1928 -97.33 6.88 -11.08
N UNK E 1929 -98.65 6.72 -11.07
CA UNK E 1929 -99.52 7.34 -10.08
C UNK E 1929 -98.96 7.07 -8.69
N UNK E 1930 -99.19 5.86 -8.17
CA UNK E 1930 -98.66 5.51 -6.85
C UNK E 1930 -97.15 5.55 -7.05
N UNK E 1931 -96.42 6.08 -6.07
CA UNK E 1931 -94.95 6.20 -6.10
C UNK E 1931 -94.51 7.62 -6.47
N UNK E 1932 -94.92 8.09 -7.65
CA UNK E 1932 -94.52 9.44 -8.07
C UNK E 1932 -95.33 10.58 -7.41
N UNK E 1933 -96.42 11.00 -8.06
CA UNK E 1933 -97.32 12.11 -7.64
C UNK E 1933 -97.47 12.47 -6.14
N UNK E 1934 -97.75 13.77 -5.89
CA UNK E 1934 -97.94 14.33 -4.54
C UNK E 1934 -96.64 14.54 -3.77
N UNK E 1935 -96.39 15.80 -3.40
CA UNK E 1935 -95.17 16.16 -2.68
C UNK E 1935 -94.02 15.97 -3.67
N UNK E 1936 -94.22 16.56 -4.85
CA UNK E 1936 -93.28 16.46 -5.96
C UNK E 1936 -92.23 17.57 -6.06
N UNK E 1937 -92.52 18.73 -5.48
CA UNK E 1937 -91.60 19.88 -5.49
C UNK E 1937 -91.79 20.85 -6.66
N UNK E 1938 -91.63 22.13 -6.36
CA UNK E 1938 -91.79 23.22 -7.31
C UNK E 1938 -90.78 23.22 -8.46
N UNK E 1939 -90.24 24.40 -8.73
CA UNK E 1939 -89.26 24.57 -9.80
C UNK E 1939 -88.03 23.77 -9.47
N UNK E 1940 -88.16 22.91 -8.47
CA UNK E 1940 -87.07 22.04 -8.10
C UNK E 1940 -86.86 21.25 -9.38
N UNK E 1941 -87.85 21.36 -10.27
CA UNK E 1941 -87.86 20.71 -11.59
C UNK E 1941 -88.03 21.76 -12.69
N UNK E 1942 -87.45 22.93 -12.48
CA UNK E 1942 -87.54 24.03 -13.43
C UNK E 1942 -86.77 23.75 -14.73
N UNK E 1943 -86.26 22.52 -14.87
CA UNK E 1943 -85.50 22.17 -16.06
C UNK E 1943 -85.37 20.67 -16.38
N UNK E 1944 -86.48 19.94 -16.23
CA UNK E 1944 -86.50 18.49 -16.52
C UNK E 1944 -86.76 18.24 -18.01
N UNK E 1945 -85.78 18.56 -18.84
CA UNK E 1945 -85.86 18.40 -20.30
C UNK E 1945 -86.24 16.99 -20.74
N UNK E 1946 -87.12 16.35 -19.96
CA UNK E 1946 -87.59 14.99 -20.22
C UNK E 1946 -87.97 14.84 -21.70
N UNK E 1947 -87.48 13.78 -22.32
CA UNK E 1947 -87.74 13.51 -23.74
C UNK E 1947 -89.19 13.80 -24.14
N UNK E 1948 -89.43 13.93 -25.45
CA UNK E 1948 -90.76 14.25 -25.97
C UNK E 1948 -91.13 15.63 -25.41
N UNK E 1949 -90.29 16.61 -25.73
CA UNK E 1949 -90.47 18.00 -25.29
C UNK E 1949 -89.18 18.82 -25.41
N UNK E 1950 -88.95 19.66 -24.41
CA UNK E 1950 -87.80 20.55 -24.28
C UNK E 1950 -88.23 21.56 -23.21
N UNK E 1951 -87.37 21.83 -22.23
CA UNK E 1951 -87.73 22.75 -21.14
C UNK E 1951 -88.97 22.17 -20.44
N UNK E 1952 -89.22 22.53 -19.20
CA UNK E 1952 -90.39 21.97 -18.54
C UNK E 1952 -91.15 22.88 -17.61
N UNK E 1953 -91.37 24.12 -18.05
CA UNK E 1953 -92.10 25.11 -17.25
C UNK E 1953 -93.62 24.83 -17.17
N UNK E 1954 -94.25 25.21 -16.06
CA UNK E 1954 -95.69 24.98 -15.82
C UNK E 1954 -96.59 26.21 -16.03
N UNK E 1955 -97.33 26.18 -17.12
CA UNK E 1955 -98.27 27.24 -17.50
C UNK E 1955 -98.83 26.86 -18.86
N UNK E 1956 -98.35 27.53 -19.92
CA UNK E 1956 -98.80 27.24 -21.27
C UNK E 1956 -98.27 25.87 -21.65
N UNK E 1957 -98.82 24.83 -21.03
CA UNK E 1957 -98.45 23.44 -21.29
C UNK E 1957 -98.69 23.18 -22.76
N UNK E 1958 -98.12 24.05 -23.59
CA UNK E 1958 -98.23 24.02 -25.04
C UNK E 1958 -98.40 22.62 -25.61
N UNK E 1959 -97.29 21.92 -25.83
CA UNK E 1959 -97.34 20.58 -26.40
C UNK E 1959 -98.02 19.53 -25.53
N UNK E 1960 -98.72 19.98 -24.48
CA UNK E 1960 -99.42 19.06 -23.57
C UNK E 1960 -100.09 17.96 -24.38
N UNK E 1961 -101.02 18.34 -25.24
CA UNK E 1961 -101.73 17.40 -26.08
C UNK E 1961 -101.01 17.20 -27.41
N UNK E 1962 -99.80 17.75 -27.51
CA UNK E 1962 -99.02 17.60 -28.74
C UNK E 1962 -98.43 16.21 -28.76
N UNK E 1963 -99.26 15.24 -28.40
CA UNK E 1963 -98.87 13.83 -28.36
C UNK E 1963 -100.05 13.01 -27.86
N UNK E 1964 -100.20 12.93 -26.54
CA UNK E 1964 -101.28 12.18 -25.93
C UNK E 1964 -102.20 13.17 -25.25
N UNK E 1965 -103.27 12.66 -24.66
CA UNK E 1965 -104.24 13.48 -23.94
C UNK E 1965 -105.22 12.61 -23.17
N UNK E 1966 -105.26 12.82 -21.86
CA UNK E 1966 -106.15 12.09 -20.97
C UNK E 1966 -106.65 13.18 -20.01
N UNK E 1967 -106.19 13.14 -18.77
CA UNK E 1967 -106.57 14.19 -17.83
C UNK E 1967 -105.83 15.41 -18.36
N UNK E 1968 -105.07 15.17 -19.44
CA UNK E 1968 -104.29 16.20 -20.13
C UNK E 1968 -105.23 16.98 -21.01
N UNK E 1969 -106.24 17.57 -20.37
CA UNK E 1969 -107.26 18.37 -21.05
C UNK E 1969 -108.34 18.83 -20.06
N UNK E 1970 -108.43 18.13 -18.92
CA UNK E 1970 -109.42 18.46 -17.88
C UNK E 1970 -108.79 19.46 -16.93
N UNK E 1971 -107.72 20.08 -17.40
CA UNK E 1971 -106.98 21.09 -16.66
C UNK E 1971 -106.51 22.12 -17.70
N UNK E 1972 -106.36 21.67 -18.94
CA UNK E 1972 -105.93 22.51 -20.05
C UNK E 1972 -106.83 23.73 -20.21
N UNK E 1973 -108.09 23.47 -20.55
CA UNK E 1973 -109.07 24.53 -20.72
C UNK E 1973 -109.67 24.90 -19.35
N UNK E 1974 -110.32 23.93 -18.73
CA UNK E 1974 -110.99 24.07 -17.41
C UNK E 1974 -110.44 25.14 -16.47
N UNK E 1975 -109.70 24.71 -15.45
CA UNK E 1975 -109.12 25.62 -14.47
C UNK E 1975 -108.62 26.90 -15.14
N UNK E 1976 -107.90 26.76 -16.25
CA UNK E 1976 -107.35 27.90 -16.98
C UNK E 1976 -106.81 28.84 -15.92
N UNK E 1977 -106.34 28.22 -14.83
CA UNK E 1977 -105.80 28.88 -13.64
C UNK E 1977 -106.92 28.92 -12.60
N UNK E 1978 -107.17 27.78 -11.94
CA UNK E 1978 -108.19 27.67 -10.90
C UNK E 1978 -107.79 28.60 -9.76
N UNK E 1979 -106.85 29.47 -10.06
CA UNK E 1979 -106.31 30.48 -9.16
C UNK E 1979 -105.50 31.40 -10.08
N UNK E 1980 -104.59 32.21 -9.53
CA UNK E 1980 -103.80 33.13 -10.35
C UNK E 1980 -102.27 33.07 -10.16
N UNK E 1981 -101.69 31.89 -10.40
CA UNK E 1981 -100.25 31.64 -10.27
C UNK E 1981 -99.74 31.48 -8.83
N UNK E 1982 -100.67 31.37 -7.88
CA UNK E 1982 -100.33 31.22 -6.47
C UNK E 1982 -99.45 30.02 -6.21
N UNK E 1983 -98.80 29.99 -5.05
CA UNK E 1983 -97.94 28.89 -4.67
C UNK E 1983 -98.83 27.68 -4.37
N UNK E 1984 -98.97 27.34 -3.10
CA UNK E 1984 -99.78 26.21 -2.65
C UNK E 1984 -99.81 25.06 -3.65
N UNK E 1985 -100.86 24.25 -3.61
CA UNK E 1985 -100.97 23.14 -4.52
C UNK E 1985 -101.26 23.67 -5.91
N UNK E 1986 -101.10 24.98 -6.09
CA UNK E 1986 -101.36 25.62 -7.39
C UNK E 1986 -100.42 25.06 -8.46
N UNK E 1987 -99.18 25.53 -8.48
CA UNK E 1987 -98.21 25.03 -9.46
C UNK E 1987 -97.85 23.58 -9.11
N UNK E 1988 -98.17 23.18 -7.88
CA UNK E 1988 -97.90 21.84 -7.36
C UNK E 1988 -98.79 20.76 -7.97
N UNK E 1989 -100.02 20.66 -7.50
CA UNK E 1989 -100.95 19.66 -8.04
C UNK E 1989 -100.93 19.74 -9.56
N UNK E 1990 -100.55 20.93 -10.05
CA UNK E 1990 -100.44 21.18 -11.48
C UNK E 1990 -99.28 20.39 -12.07
N UNK E 1991 -98.24 20.20 -11.25
CA UNK E 1991 -97.05 19.45 -11.68
C UNK E 1991 -97.17 17.94 -11.41
N UNK E 1992 -97.70 17.58 -10.24
CA UNK E 1992 -97.86 16.16 -9.86
C UNK E 1992 -98.63 15.42 -10.93
N UNK E 1993 -99.15 16.17 -11.89
CA UNK E 1993 -99.90 15.65 -13.02
C UNK E 1993 -99.22 16.14 -14.29
N UNK E 1994 -98.46 17.23 -14.16
CA UNK E 1994 -97.72 17.83 -15.26
C UNK E 1994 -96.66 16.84 -15.73
N UNK E 1995 -96.11 16.08 -14.79
CA UNK E 1995 -95.12 15.07 -15.10
C UNK E 1995 -95.84 13.73 -15.04
N UNK E 1996 -96.76 13.61 -14.09
CA UNK E 1996 -97.53 12.38 -13.92
C UNK E 1996 -98.02 11.86 -15.26
N UNK E 1997 -97.96 12.74 -16.26
CA UNK E 1997 -98.35 12.39 -17.61
C UNK E 1997 -97.18 12.73 -18.54
N UNK E 1998 -96.41 13.75 -18.18
CA UNK E 1998 -95.27 14.15 -18.98
C UNK E 1998 -94.43 12.90 -19.21
N UNK E 1999 -94.25 12.14 -18.13
CA UNK E 1999 -93.46 10.90 -18.13
C UNK E 1999 -94.27 9.69 -18.56
N UNK E 2000 -95.52 9.63 -18.13
CA UNK E 2000 -96.39 8.51 -18.48
C UNK E 2000 -96.38 8.24 -19.98
N UNK E 2001 -96.12 9.28 -20.77
CA UNK E 2001 -96.11 9.15 -22.22
C UNK E 2001 -94.77 8.58 -22.73
N UNK E 2002 -93.69 8.93 -22.05
CA UNK E 2002 -92.36 8.46 -22.42
C UNK E 2002 -92.33 6.95 -22.62
N UNK E 2003 -93.27 6.23 -21.99
CA UNK E 2003 -93.37 4.78 -22.08
C UNK E 2003 -93.59 4.35 -23.55
N UNK E 2004 -93.26 5.27 -24.45
CA UNK E 2004 -93.40 5.10 -25.91
C UNK E 2004 -92.95 6.37 -26.65
N UNK E 2005 -93.68 7.47 -26.41
CA UNK E 2005 -93.38 8.76 -27.02
C UNK E 2005 -91.94 8.84 -27.51
N UNK E 2006 -91.72 8.49 -28.78
CA UNK E 2006 -90.39 8.49 -29.42
C UNK E 2006 -89.54 9.73 -29.11
N UNK F 1 -87.89 11.93 -27.30
CA UNK F 1 -87.53 12.67 -28.54
C UNK F 1 -86.15 12.12 -28.87
N UNK F 2 -85.17 13.01 -28.79
CA UNK F 2 -83.76 12.67 -29.00
C UNK F 2 -82.82 13.89 -29.05
N UNK F 3 -82.25 14.15 -30.23
CA UNK F 3 -81.33 15.25 -30.44
C UNK F 3 -82.05 16.58 -30.31
N UNK F 4 -83.35 16.46 -30.05
CA UNK F 4 -84.24 17.60 -29.85
C UNK F 4 -83.92 18.05 -28.43
N UNK F 5 -83.91 17.09 -27.51
CA UNK F 5 -83.59 17.35 -26.12
C UNK F 5 -82.08 17.60 -26.05
N UNK F 6 -81.34 16.87 -26.88
CA UNK F 6 -79.89 16.99 -26.95
C UNK F 6 -79.47 18.36 -27.49
N UNK F 7 -80.18 18.85 -28.49
CA UNK F 7 -79.85 20.15 -29.07
C UNK F 7 -80.12 21.27 -28.08
N UNK F 8 -80.86 20.95 -27.02
CA UNK F 8 -81.20 21.91 -25.98
C UNK F 8 -80.05 22.15 -25.00
N UNK F 9 -78.98 21.38 -25.13
CA UNK F 9 -77.80 21.52 -24.27
C UNK F 9 -76.86 22.48 -24.96
N UNK F 10 -77.35 23.05 -26.07
CA UNK F 10 -76.63 24.02 -26.86
C UNK F 10 -77.44 25.32 -26.89
N UNK F 11 -78.74 25.19 -26.68
CA UNK F 11 -79.66 26.34 -26.65
C UNK F 11 -79.40 27.15 -25.37
N UNK F 12 -79.66 26.51 -24.22
CA UNK F 12 -79.43 27.14 -22.93
C UNK F 12 -77.91 27.29 -22.74
N UNK F 13 -77.18 27.28 -23.86
CA UNK F 13 -75.72 27.41 -23.91
C UNK F 13 -74.99 26.71 -22.77
N UNK F 14 -75.07 25.38 -22.74
CA UNK F 14 -74.43 24.60 -21.69
C UNK F 14 -72.92 24.63 -21.84
N UNK F 15 -72.20 24.61 -20.71
CA UNK F 15 -70.75 24.64 -20.72
C UNK F 15 -70.09 23.37 -20.17
N UNK F 16 -70.83 22.54 -19.46
CA UNK F 16 -70.26 21.30 -18.90
C UNK F 16 -71.21 20.10 -18.81
N UNK F 17 -71.03 19.12 -19.70
CA UNK F 17 -71.86 17.92 -19.75
C UNK F 17 -71.31 16.80 -18.86
N UNK F 18 -72.10 16.34 -17.88
CA UNK F 18 -71.69 15.26 -16.98
C UNK F 18 -71.82 13.86 -17.62
N UNK F 19 -72.84 13.12 -17.21
CA UNK F 19 -73.15 11.76 -17.70
C UNK F 19 -73.46 10.83 -16.52
N UNK F 20 -73.59 9.52 -16.79
CA UNK F 20 -73.87 8.56 -15.72
C UNK F 20 -74.12 7.11 -16.17
N UNK F 21 -73.05 6.33 -16.44
CA UNK F 21 -73.20 4.92 -16.84
C UNK F 21 -71.91 4.27 -17.33
N UNK F 22 -71.52 4.59 -18.57
CA UNK F 22 -70.31 4.06 -19.16
C UNK F 22 -69.99 4.80 -20.46
N UNK F 23 -69.57 4.04 -21.48
CA UNK F 23 -69.21 4.62 -22.77
C UNK F 23 -70.10 5.75 -23.25
N UNK F 24 -71.15 5.37 -23.97
CA UNK F 24 -72.12 6.28 -24.57
C UNK F 24 -72.65 7.43 -23.73
N UNK F 25 -73.78 7.98 -24.18
CA UNK F 25 -74.40 9.10 -23.51
C UNK F 25 -73.56 10.32 -23.88
N UNK F 26 -72.25 10.14 -23.79
CA UNK F 26 -71.30 11.20 -24.10
C UNK F 26 -71.03 11.32 -25.58
N UNK F 27 -71.00 10.20 -26.27
CA UNK F 27 -70.77 10.21 -27.71
C UNK F 27 -71.92 10.98 -28.35
N UNK F 28 -73.13 10.66 -27.90
CA UNK F 28 -74.35 11.30 -28.38
C UNK F 28 -74.33 12.79 -28.00
N UNK F 29 -73.14 13.26 -27.63
CA UNK F 29 -72.92 14.64 -27.24
C UNK F 29 -71.65 15.10 -27.91
N UNK F 30 -70.52 14.55 -27.46
CA UNK F 30 -69.23 14.90 -28.03
C UNK F 30 -69.32 15.00 -29.54
N UNK F 31 -70.04 14.06 -30.15
CA UNK F 31 -70.20 14.04 -31.60
C UNK F 31 -71.28 15.03 -32.02
N UNK F 32 -72.29 15.19 -31.17
CA UNK F 32 -73.36 16.13 -31.46
C UNK F 32 -72.73 17.51 -31.63
N UNK F 33 -71.92 17.89 -30.65
CA UNK F 33 -71.24 19.19 -30.64
C UNK F 33 -70.05 19.27 -31.59
N UNK F 34 -69.99 18.36 -32.56
CA UNK F 34 -68.91 18.37 -33.55
C UNK F 34 -69.49 19.06 -34.78
N UNK F 35 -70.82 19.17 -34.79
CA UNK F 35 -71.57 19.80 -35.86
C UNK F 35 -72.02 21.22 -35.52
N UNK F 36 -72.11 21.55 -34.24
CA UNK F 36 -72.47 22.90 -33.82
C UNK F 36 -71.11 23.58 -33.78
N UNK F 37 -70.36 23.34 -34.85
CA UNK F 37 -68.99 23.83 -35.07
C UNK F 37 -68.75 25.33 -34.88
N UNK F 38 -69.07 26.12 -35.89
CA UNK F 38 -68.86 27.56 -35.88
C UNK F 38 -69.27 28.30 -34.59
N UNK F 39 -69.80 27.58 -33.60
CA UNK F 39 -70.19 28.21 -32.35
C UNK F 39 -68.96 28.72 -31.57
N UNK F 40 -67.81 28.74 -32.25
CA UNK F 40 -66.55 29.20 -31.66
C UNK F 40 -66.57 30.72 -31.48
N UNK F 41 -67.22 31.16 -30.41
CA UNK F 41 -67.33 32.58 -30.12
C UNK F 41 -67.10 32.92 -28.64
N UNK F 42 -65.92 32.57 -28.13
CA UNK F 42 -65.53 32.82 -26.74
C UNK F 42 -66.17 31.88 -25.71
N UNK F 43 -66.46 30.65 -26.13
CA UNK F 43 -67.08 29.64 -25.28
C UNK F 43 -66.12 28.45 -25.08
N UNK F 44 -66.13 27.85 -23.88
CA UNK F 44 -65.25 26.71 -23.59
C UNK F 44 -65.99 25.37 -23.48
N UNK F 45 -65.33 24.31 -23.97
CA UNK F 45 -65.88 22.95 -23.96
C UNK F 45 -66.16 22.38 -22.56
N UNK F 46 -65.88 21.08 -22.41
CA UNK F 46 -66.06 20.32 -21.15
C UNK F 46 -67.19 19.28 -21.17
N UNK F 47 -66.96 18.17 -21.86
CA UNK F 47 -67.93 17.09 -21.93
C UNK F 47 -67.26 15.95 -21.18
N UNK F 48 -67.50 15.86 -19.87
CA UNK F 48 -66.90 14.86 -18.97
C UNK F 48 -66.95 13.38 -19.39
N UNK F 49 -67.70 12.57 -18.66
CA UNK F 49 -67.82 11.14 -18.95
C UNK F 49 -68.63 10.33 -17.93
N UNK F 50 -68.20 10.41 -16.67
CA UNK F 50 -68.82 9.72 -15.53
C UNK F 50 -67.93 8.52 -15.22
N UNK F 51 -67.17 8.11 -16.23
CA UNK F 51 -66.22 7.01 -16.14
C UNK F 51 -64.85 7.61 -16.47
N UNK F 52 -64.78 8.95 -16.41
CA UNK F 52 -63.57 9.76 -16.63
C UNK F 52 -63.57 10.82 -15.52
N UNK F 53 -63.84 10.34 -14.30
CA UNK F 53 -63.97 11.11 -13.04
C UNK F 53 -62.96 12.17 -12.64
N UNK F 54 -61.67 11.89 -12.76
CA UNK F 54 -60.67 12.89 -12.41
C UNK F 54 -61.09 14.13 -13.18
N UNK F 55 -61.70 15.08 -12.45
CA UNK F 55 -62.23 16.34 -12.97
C UNK F 55 -63.69 16.41 -12.50
N UNK F 56 -64.46 15.37 -12.81
CA UNK F 56 -65.86 15.29 -12.41
C UNK F 56 -65.95 15.33 -10.89
N UNK F 57 -65.54 14.27 -10.21
CA UNK F 57 -65.57 14.26 -8.75
C UNK F 57 -64.49 15.23 -8.22
N UNK F 58 -63.87 15.96 -9.16
CA UNK F 58 -62.81 16.95 -8.91
C UNK F 58 -61.73 16.57 -7.90
N UNK F 59 -60.72 15.83 -8.37
CA UNK F 59 -59.60 15.39 -7.54
C UNK F 59 -58.31 15.53 -8.34
N UNK F 60 -58.26 16.55 -9.21
CA UNK F 60 -57.12 16.86 -10.07
C UNK F 60 -55.85 16.07 -9.82
N UNK F 61 -55.34 15.48 -10.90
CA UNK F 61 -54.13 14.65 -10.89
C UNK F 61 -53.75 14.12 -9.51
N UNK F 62 -52.65 14.65 -8.98
CA UNK F 62 -52.09 14.28 -7.70
C UNK F 62 -50.60 14.23 -7.96
N UNK F 63 -50.27 14.12 -9.25
CA UNK F 63 -48.90 14.06 -9.72
C UNK F 63 -48.78 15.11 -10.81
N UNK F 64 -49.22 16.32 -10.49
CA UNK F 64 -49.18 17.42 -11.43
C UNK F 64 -49.11 18.77 -10.70
N UNK F 65 -48.17 19.61 -11.13
CA UNK F 65 -47.96 20.94 -10.57
C UNK F 65 -48.13 21.05 -9.06
N UNK G 1 13.67 -18.10 -8.58
CA UNK G 1 14.49 -17.00 -7.98
C UNK G 1 15.49 -16.45 -8.98
N UNK G 2 15.67 -17.16 -10.09
CA UNK G 2 16.60 -16.76 -11.17
C UNK G 2 16.71 -17.84 -12.27
N UNK G 3 17.86 -17.88 -12.93
CA UNK G 3 18.11 -18.86 -13.99
C UNK G 3 19.48 -18.60 -14.65
N UNK G 4 19.80 -19.40 -15.66
CA UNK G 4 21.05 -19.28 -16.40
C UNK G 4 20.97 -20.02 -17.74
N UNK G 5 21.56 -21.22 -17.78
CA UNK G 5 21.56 -22.07 -18.97
C UNK G 5 22.66 -23.11 -18.78
N UNK G 6 22.55 -24.27 -19.44
CA UNK G 6 23.55 -25.33 -19.32
C UNK G 6 24.91 -24.88 -19.89
N UNK G 7 24.99 -23.60 -20.24
CA UNK G 7 26.20 -23.00 -20.79
C UNK G 7 26.84 -22.04 -19.77
N UNK G 8 26.11 -21.80 -18.67
CA UNK G 8 26.57 -20.92 -17.57
C UNK G 8 27.08 -21.79 -16.42
N UNK G 9 27.41 -23.04 -16.75
CA UNK G 9 27.92 -24.04 -15.81
C UNK G 9 28.73 -25.09 -16.56
N UNK G 10 28.10 -25.77 -17.52
CA UNK G 10 28.76 -26.80 -18.31
C UNK G 10 29.49 -26.18 -19.50
N UNK G 11 30.45 -25.29 -19.22
CA UNK G 11 31.22 -24.62 -20.26
C UNK G 11 32.30 -25.52 -20.87
N UNK G 12 32.25 -26.81 -20.50
CA UNK G 12 33.19 -27.82 -20.98
C UNK G 12 34.62 -27.66 -20.48
N UNK G 13 35.25 -26.54 -20.82
CA UNK G 13 36.64 -26.28 -20.41
C UNK G 13 36.76 -25.38 -19.18
N UNK G 14 35.78 -24.50 -18.98
CA UNK G 14 35.81 -23.60 -17.84
C UNK G 14 36.00 -24.36 -16.54
N UNK G 15 35.40 -25.55 -16.46
CA UNK G 15 35.51 -26.37 -15.26
C UNK G 15 35.53 -27.87 -15.54
N UNK G 16 34.67 -28.32 -16.44
CA UNK G 16 34.60 -29.74 -16.77
C UNK G 16 35.88 -30.29 -17.40
N UNK G 17 36.96 -29.52 -17.35
CA UNK G 17 38.24 -29.94 -17.90
C UNK G 17 39.41 -29.45 -17.05
N UNK G 18 39.14 -28.46 -16.20
CA UNK G 18 40.15 -27.89 -15.33
C UNK G 18 39.83 -28.16 -13.86
N UNK G 19 38.65 -28.72 -13.60
CA UNK G 19 38.21 -29.05 -12.25
C UNK G 19 38.42 -30.54 -12.03
N UNK G 20 38.88 -31.21 -13.07
CA UNK G 20 39.14 -32.65 -13.02
C UNK G 20 40.66 -32.84 -12.98
N UNK G 21 41.39 -31.80 -13.38
CA UNK G 21 42.85 -31.81 -13.38
C UNK G 21 43.31 -31.21 -12.06
N UNK G 22 42.33 -30.94 -11.19
CA UNK G 22 42.56 -30.36 -9.86
C UNK G 22 42.29 -31.38 -8.75
N UNK G 23 41.03 -31.76 -8.56
CA UNK G 23 40.64 -32.74 -7.52
C UNK G 23 41.11 -34.15 -7.86
N UNK G 24 42.27 -34.22 -8.52
CA UNK G 24 42.92 -35.46 -8.93
C UNK G 24 44.43 -35.36 -8.62
N UNK G 25 44.99 -34.17 -8.80
CA UNK G 25 46.41 -33.94 -8.55
C UNK G 25 46.62 -33.19 -7.23
N UNK G 26 45.53 -32.87 -6.55
CA UNK G 26 45.55 -32.15 -5.27
C UNK G 26 45.86 -30.66 -5.45
N UNK G 27 45.05 -29.98 -6.26
CA UNK G 27 45.22 -28.54 -6.53
C UNK G 27 43.97 -27.73 -6.15
N UNK G 28 43.88 -26.50 -6.63
CA UNK G 28 42.73 -25.65 -6.31
C UNK G 28 42.30 -24.68 -7.44
N UNK G 29 42.59 -23.39 -7.24
CA UNK G 29 42.27 -22.35 -8.21
C UNK G 29 43.50 -21.90 -8.97
N UNK G 30 44.66 -22.49 -8.63
CA UNK G 30 45.94 -22.16 -9.27
C UNK G 30 46.68 -23.44 -9.67
N UNK G 31 46.03 -24.27 -10.49
CA UNK G 31 46.63 -25.53 -10.95
C UNK G 31 47.55 -25.26 -12.13
N UNK G 32 47.08 -24.40 -13.03
CA UNK G 32 47.84 -24.03 -14.21
C UNK G 32 47.31 -22.71 -14.73
N UNK G 33 46.07 -22.72 -15.21
CA UNK G 33 45.39 -21.53 -15.75
C UNK G 33 46.03 -21.14 -17.08
N UNK G 34 46.24 -22.14 -17.94
CA UNK G 34 46.85 -21.99 -19.26
C UNK G 34 48.35 -22.28 -19.23
N UNK G 35 48.74 -23.43 -19.79
CA UNK G 35 50.14 -23.89 -19.88
C UNK G 35 50.62 -24.85 -18.78
N UNK G 36 50.17 -26.10 -18.88
CA UNK G 36 50.57 -27.17 -17.96
C UNK G 36 51.23 -28.23 -18.85
N UNK G 37 50.62 -28.45 -20.01
CA UNK G 37 51.08 -29.39 -21.03
C UNK G 37 51.35 -30.82 -20.56
N UNK G 38 50.36 -31.44 -19.91
CA UNK G 38 50.48 -32.80 -19.40
C UNK G 38 51.89 -33.06 -18.84
N UNK G 39 52.43 -32.06 -18.16
CA UNK G 39 53.75 -32.11 -17.53
C UNK G 39 53.78 -31.17 -16.33
N UNK G 40 52.65 -31.08 -15.63
CA UNK G 40 52.52 -30.23 -14.45
C UNK G 40 52.80 -31.09 -13.21
N UNK G 41 53.49 -32.21 -13.46
CA UNK G 41 53.87 -33.20 -12.44
C UNK G 41 54.59 -34.38 -13.14
N UNK G 42 55.69 -34.86 -12.55
CA UNK G 42 56.45 -35.97 -13.14
C UNK G 42 55.57 -37.05 -13.77
N UNK G 43 56.06 -37.58 -14.89
CA UNK G 43 55.37 -38.60 -15.72
C UNK G 43 55.39 -40.07 -15.26
N UNK G 44 55.01 -40.98 -16.15
CA UNK G 44 54.96 -42.43 -15.87
C UNK G 44 53.72 -42.93 -15.10
N UNK G 45 53.50 -42.45 -13.87
CA UNK G 45 52.35 -42.84 -13.05
C UNK G 45 51.28 -41.73 -12.95
N UNK G 46 51.68 -40.52 -13.33
CA UNK G 46 50.81 -39.33 -13.29
C UNK G 46 50.52 -38.69 -14.67
N UNK G 47 51.55 -38.63 -15.52
CA UNK G 47 51.40 -38.07 -16.86
C UNK G 47 51.14 -39.25 -17.81
N UNK G 48 50.72 -40.37 -17.21
CA UNK G 48 50.38 -41.59 -17.93
C UNK G 48 49.11 -42.16 -17.29
N UNK G 49 48.45 -41.32 -16.49
CA UNK G 49 47.22 -41.71 -15.81
C UNK G 49 46.20 -40.56 -15.86
N UNK G 50 46.69 -39.32 -15.93
CA UNK G 50 45.83 -38.15 -16.00
C UNK G 50 45.48 -37.84 -17.45
N UNK G 51 45.51 -38.88 -18.29
CA UNK G 51 45.19 -38.76 -19.71
C UNK G 51 44.10 -39.75 -20.12
N UNK G 52 43.88 -40.78 -19.31
CA UNK G 52 42.84 -41.79 -19.55
C UNK G 52 41.57 -41.35 -18.83
N UNK G 53 41.73 -40.32 -18.00
CA UNK G 53 40.64 -39.71 -17.24
C UNK G 53 40.24 -38.46 -18.01
N UNK G 54 41.24 -37.77 -18.58
CA UNK G 54 41.02 -36.57 -19.37
C UNK G 54 40.49 -36.99 -20.74
N UNK G 55 40.34 -38.30 -20.90
CA UNK G 55 39.83 -38.92 -22.11
C UNK G 55 38.67 -39.85 -21.73
N UNK G 56 37.54 -39.25 -21.39
CA UNK G 56 36.34 -39.98 -20.99
C UNK G 56 35.18 -38.99 -20.87
N UNK G 57 35.42 -37.91 -20.16
CA UNK G 57 34.41 -36.86 -19.97
C UNK G 57 34.65 -35.76 -21.00
N UNK G 58 35.92 -35.55 -21.34
CA UNK G 58 36.29 -34.54 -22.33
C UNK G 58 35.68 -34.97 -23.67
N UNK G 59 35.58 -36.28 -23.84
CA UNK G 59 35.02 -36.93 -25.03
C UNK G 59 35.99 -37.20 -26.19
N UNK G 60 36.30 -38.48 -26.41
CA UNK G 60 37.19 -38.97 -27.48
C UNK G 60 38.68 -39.09 -27.08
N UNK G 61 39.54 -38.38 -27.81
CA UNK G 61 40.98 -38.36 -27.57
C UNK G 61 41.62 -37.33 -28.51
N UNK G 62 40.99 -36.15 -28.59
CA UNK G 62 41.42 -35.02 -29.42
C UNK G 62 42.75 -35.21 -30.14
N UNK G 63 43.84 -34.76 -29.50
CA UNK G 63 45.19 -34.89 -30.05
C UNK G 63 46.05 -35.76 -29.13
N UNK G 64 47.17 -35.22 -28.67
CA UNK G 64 48.07 -35.92 -27.76
C UNK G 64 48.21 -35.11 -26.47
N UNK G 65 49.04 -35.57 -25.54
CA UNK G 65 49.25 -34.87 -24.28
C UNK G 65 50.10 -33.61 -24.51
N UNK G 66 49.55 -32.63 -25.23
CA UNK G 66 50.26 -31.38 -25.54
C UNK G 66 49.51 -30.10 -25.16
N UNK G 67 50.16 -29.25 -24.36
CA UNK G 67 49.61 -27.97 -23.88
C UNK G 67 48.10 -27.97 -23.62
N UNK G 68 47.73 -28.01 -22.34
CA UNK G 68 46.32 -28.03 -21.95
C UNK G 68 46.01 -27.02 -20.83
N UNK G 69 45.14 -27.43 -19.89
CA UNK G 69 44.73 -26.59 -18.75
C UNK G 69 43.86 -25.42 -19.22
N UNK G 70 43.88 -25.18 -20.54
CA UNK G 70 43.10 -24.12 -21.17
C UNK G 70 43.33 -24.15 -22.69
N UNK G 71 44.28 -24.98 -23.13
CA UNK G 71 44.62 -25.12 -24.55
C UNK G 71 43.90 -26.30 -25.21
N UNK G 72 43.38 -27.20 -24.38
CA UNK G 72 42.62 -28.34 -24.86
C UNK G 72 41.16 -27.97 -24.63
N UNK G 73 40.90 -26.67 -24.65
CA UNK G 73 39.56 -26.09 -24.43
C UNK G 73 38.80 -25.84 -25.73
N UNK G 74 39.41 -25.11 -26.66
CA UNK G 74 38.79 -24.81 -27.96
C UNK G 74 39.00 -26.00 -28.91
N UNK G 75 39.73 -27.00 -28.42
CA UNK G 75 40.02 -28.22 -29.16
C UNK G 75 39.16 -29.36 -28.59
N UNK G 76 38.13 -28.98 -27.82
CA UNK G 76 37.20 -29.92 -27.20
C UNK G 76 35.98 -29.20 -26.62
N UNK G 77 35.79 -27.94 -27.02
CA UNK G 77 34.65 -27.14 -26.54
C UNK G 77 33.56 -27.18 -27.60
N UNK G 78 33.96 -27.45 -28.84
CA UNK G 78 33.05 -27.57 -29.98
C UNK G 78 33.14 -28.99 -30.50
N UNK G 79 33.48 -29.93 -29.60
CA UNK G 79 33.62 -31.35 -29.91
C UNK G 79 32.88 -32.24 -28.88
N UNK G 80 32.33 -31.61 -27.86
CA UNK G 80 31.58 -32.30 -26.80
C UNK G 80 31.14 -31.37 -25.66
N UNK G 81 30.09 -30.59 -25.91
CA UNK G 81 29.56 -29.65 -24.91
C UNK G 81 28.37 -30.27 -24.18
N UNK G 82 28.65 -31.34 -23.43
CA UNK G 82 27.64 -32.05 -22.65
C UNK G 82 27.52 -31.42 -21.27
N UNK G 83 27.30 -32.25 -20.24
CA UNK G 83 27.17 -31.77 -18.87
C UNK G 83 27.43 -32.87 -17.82
N UNK G 84 28.69 -33.25 -17.68
CA UNK G 84 29.11 -34.28 -16.72
C UNK G 84 28.87 -35.69 -17.26
N UNK G 85 29.95 -36.36 -17.66
CA UNK G 85 29.88 -37.72 -18.20
C UNK G 85 31.04 -38.61 -17.71
N UNK G 86 31.10 -39.83 -18.26
CA UNK G 86 32.14 -40.82 -17.92
C UNK G 86 32.69 -40.72 -16.49
N UNK G 87 33.93 -40.24 -16.36
CA UNK G 87 34.57 -40.10 -15.05
C UNK G 87 34.39 -38.72 -14.43
N UNK G 88 33.16 -38.21 -14.48
CA UNK G 88 32.79 -36.91 -13.92
C UNK G 88 31.34 -36.95 -13.43
N UNK G 89 30.68 -38.09 -13.67
CA UNK G 89 29.28 -38.33 -13.26
C UNK G 89 29.20 -39.63 -12.47
N UNK G 90 30.31 -40.37 -12.45
CA UNK G 90 30.45 -41.63 -11.73
C UNK G 90 31.70 -41.49 -10.85
N UNK G 91 32.25 -40.27 -10.85
CA UNK G 91 33.44 -39.90 -10.08
C UNK G 91 33.12 -38.64 -9.29
N UNK G 92 32.27 -37.79 -9.86
CA UNK G 92 31.84 -36.55 -9.22
C UNK G 92 30.48 -36.79 -8.54
N UNK G 93 29.87 -37.93 -8.83
CA UNK G 93 28.58 -38.31 -8.25
C UNK G 93 28.80 -39.17 -7.01
N UNK G 94 30.07 -39.48 -6.75
CA UNK G 94 30.46 -40.28 -5.59
C UNK G 94 30.89 -39.38 -4.44
N UNK G 95 31.52 -38.26 -4.78
CA UNK G 95 31.99 -37.29 -3.79
C UNK G 95 30.83 -36.70 -2.97
N UNK G 96 29.62 -36.88 -3.46
CA UNK G 96 28.42 -36.39 -2.77
C UNK G 96 27.77 -37.58 -2.07
N UNK G 97 28.55 -38.63 -1.90
CA UNK G 97 28.09 -39.86 -1.25
C UNK G 97 29.06 -40.33 -0.15
N UNK G 98 30.15 -39.59 0.02
CA UNK G 98 31.15 -39.91 1.05
C UNK G 98 31.20 -38.77 2.06
N UNK G 99 31.02 -37.56 1.56
CA UNK G 99 31.02 -36.35 2.39
C UNK G 99 29.59 -35.98 2.82
N UNK G 100 29.01 -34.96 2.16
CA UNK G 100 27.65 -34.47 2.44
C UNK G 100 26.86 -35.37 3.41
N UNK G 101 26.58 -34.84 4.59
CA UNK G 101 25.87 -35.55 5.66
C UNK G 101 24.76 -36.49 5.23
N UNK G 102 24.30 -37.31 6.18
CA UNK G 102 23.22 -38.27 5.93
C UNK G 102 22.04 -37.55 5.32
N UNK G 103 21.24 -38.26 4.54
CA UNK G 103 20.07 -37.70 3.88
C UNK G 103 20.45 -36.90 2.61
N UNK G 104 20.97 -35.68 2.79
CA UNK G 104 21.37 -34.81 1.67
C UNK G 104 22.03 -35.57 0.51
N UNK G 105 21.21 -36.21 -0.34
CA UNK G 105 21.68 -36.99 -1.48
C UNK G 105 21.88 -36.16 -2.72
N UNK G 106 22.63 -36.71 -3.68
CA UNK G 106 22.92 -36.03 -4.94
C UNK G 106 21.65 -35.56 -5.65
N UNK G 107 20.52 -36.18 -5.32
CA UNK G 107 19.24 -35.83 -5.94
C UNK G 107 18.40 -34.83 -5.15
N UNK G 108 18.43 -34.94 -3.83
CA UNK G 108 17.69 -34.02 -2.97
C UNK G 108 18.62 -32.87 -2.55
N UNK G 109 19.67 -32.66 -3.34
CA UNK G 109 20.64 -31.61 -3.08
C UNK G 109 20.80 -30.68 -4.29
N UNK G 110 20.48 -31.18 -5.48
CA UNK G 110 20.58 -30.37 -6.69
C UNK G 110 19.38 -29.43 -6.70
N UNK G 111 18.45 -29.68 -5.79
CA UNK G 111 17.23 -28.87 -5.64
C UNK G 111 17.38 -27.91 -4.46
N UNK G 112 18.19 -28.32 -3.47
CA UNK G 112 18.44 -27.50 -2.29
C UNK G 112 19.55 -26.51 -2.66
N UNK G 113 19.94 -26.58 -3.92
CA UNK G 113 20.96 -25.71 -4.51
C UNK G 113 20.26 -25.15 -5.75
N UNK G 114 18.95 -24.96 -5.60
CA UNK G 114 18.08 -24.42 -6.65
C UNK G 114 17.06 -23.45 -6.04
N UNK G 115 16.78 -23.63 -4.75
CA UNK G 115 15.83 -22.77 -4.03
C UNK G 115 16.55 -21.69 -3.22
N UNK G 116 17.49 -22.11 -2.39
CA UNK G 116 18.27 -21.19 -1.54
C UNK G 116 19.08 -20.18 -2.35
N UNK G 117 20.38 -20.47 -2.53
CA UNK G 117 21.26 -19.59 -3.29
C UNK G 117 20.92 -19.65 -4.79
N UNK G 118 19.64 -19.46 -5.12
CA UNK G 118 19.10 -19.47 -6.49
C UNK G 118 19.77 -20.43 -7.48
N UNK G 119 20.02 -19.95 -8.69
CA UNK G 119 20.65 -20.73 -9.77
C UNK G 119 19.77 -21.85 -10.30
N UNK G 120 19.76 -22.02 -11.62
CA UNK G 120 18.97 -23.07 -12.25
C UNK G 120 19.41 -24.41 -11.64
N UNK G 121 18.50 -25.39 -11.63
CA UNK G 121 18.79 -26.71 -11.05
C UNK G 121 19.37 -27.74 -12.03
N UNK G 122 19.10 -27.56 -13.31
CA UNK G 122 19.59 -28.46 -14.36
C UNK G 122 20.56 -27.73 -15.30
N UNK G 123 20.57 -26.40 -15.17
CA UNK G 123 21.43 -25.55 -16.00
C UNK G 123 22.76 -25.24 -15.30
N UNK G 124 22.79 -24.15 -14.53
CA UNK G 124 24.00 -23.72 -13.82
C UNK G 124 24.25 -24.43 -12.47
N UNK G 125 23.66 -25.62 -12.31
CA UNK G 125 23.81 -26.41 -11.08
C UNK G 125 24.96 -27.41 -11.19
N UNK G 126 25.35 -27.72 -12.43
CA UNK G 126 26.46 -28.64 -12.66
C UNK G 126 27.73 -27.84 -12.39
N UNK G 127 27.54 -26.61 -11.90
CA UNK G 127 28.63 -25.69 -11.56
C UNK G 127 28.64 -25.48 -10.06
N UNK G 128 27.50 -25.71 -9.43
CA UNK G 128 27.36 -25.57 -7.99
C UNK G 128 27.91 -26.82 -7.31
N UNK G 129 28.33 -27.79 -8.12
CA UNK G 129 28.88 -29.04 -7.61
C UNK G 129 30.26 -29.34 -8.23
N UNK G 130 30.38 -29.10 -9.54
CA UNK G 130 31.64 -29.32 -10.23
C UNK G 130 32.64 -28.25 -9.82
N UNK G 131 32.15 -27.25 -9.10
CA UNK G 131 32.98 -26.15 -8.60
C UNK G 131 33.13 -26.24 -7.09
N UNK G 132 32.55 -27.30 -6.52
CA UNK G 132 32.64 -27.53 -5.09
C UNK G 132 33.49 -28.78 -4.88
N UNK G 133 33.80 -29.46 -5.99
CA UNK G 133 34.60 -30.68 -5.96
C UNK G 133 36.05 -30.37 -6.35
N UNK G 134 36.26 -29.20 -6.97
CA UNK G 134 37.59 -28.77 -7.41
C UNK G 134 38.31 -27.93 -6.35
N UNK G 135 37.78 -26.74 -6.07
CA UNK G 135 38.36 -25.82 -5.08
C UNK G 135 38.01 -26.24 -3.65
N UNK G 136 37.25 -27.32 -3.52
CA UNK G 136 36.83 -27.88 -2.23
C UNK G 136 36.68 -29.40 -2.33
N UNK G 137 36.92 -30.08 -1.21
CA UNK G 137 36.82 -31.53 -1.16
C UNK G 137 36.97 -32.00 0.29
N UNK G 138 36.04 -31.56 1.14
CA UNK G 138 36.06 -31.89 2.56
C UNK G 138 36.28 -33.35 2.92
N UNK G 139 36.08 -33.66 4.20
CA UNK G 139 36.24 -35.02 4.71
C UNK G 139 35.16 -35.34 5.74
N UNK G 140 34.01 -35.80 5.26
CA UNK G 140 32.85 -36.17 6.09
C UNK G 140 32.24 -35.01 6.89
N UNK G 141 31.77 -33.99 6.19
CA UNK G 141 31.16 -32.81 6.83
C UNK G 141 29.71 -33.09 7.25
N UNK G 142 29.52 -33.52 8.50
CA UNK G 142 28.18 -33.85 9.01
C UNK G 142 27.45 -32.69 9.69
N UNK G 143 26.14 -32.63 9.46
CA UNK G 143 25.21 -31.62 9.99
C UNK G 143 24.23 -31.26 8.88
N UNK G 144 22.93 -31.34 9.15
CA UNK G 144 21.92 -31.01 8.14
C UNK G 144 21.88 -29.50 7.88
N UNK G 145 23.01 -28.84 8.13
CA UNK G 145 23.15 -27.39 7.95
C UNK G 145 24.57 -27.03 7.49
N UNK G 146 25.58 -27.51 8.21
CA UNK G 146 26.97 -27.23 7.85
C UNK G 146 27.24 -27.92 6.50
N UNK G 147 26.20 -28.57 5.97
CA UNK G 147 26.26 -29.28 4.68
C UNK G 147 25.42 -28.54 3.65
N UNK G 148 24.60 -27.59 4.12
CA UNK G 148 23.76 -26.77 3.26
C UNK G 148 24.53 -25.47 3.04
N UNK G 149 25.77 -25.46 3.53
CA UNK G 149 26.68 -24.33 3.42
C UNK G 149 27.91 -24.75 2.61
N UNK G 150 28.08 -26.06 2.42
CA UNK G 150 29.21 -26.58 1.65
C UNK G 150 28.84 -26.66 0.16
N UNK G 151 27.54 -26.68 -0.11
CA UNK G 151 27.00 -26.73 -1.48
C UNK G 151 26.33 -25.41 -1.83
N UNK G 152 26.66 -24.37 -1.05
CA UNK G 152 26.12 -23.01 -1.23
C UNK G 152 27.27 -22.01 -1.09
N UNK G 153 28.37 -22.47 -0.52
CA UNK G 153 29.57 -21.65 -0.32
C UNK G 153 30.45 -21.77 -1.56
N UNK G 154 30.33 -22.90 -2.25
CA UNK G 154 31.07 -23.15 -3.48
C UNK G 154 30.10 -22.84 -4.63
N UNK G 155 28.94 -22.25 -4.27
CA UNK G 155 27.89 -21.86 -5.22
C UNK G 155 28.04 -20.38 -5.54
N UNK G 156 28.85 -19.71 -4.74
CA UNK G 156 29.13 -18.30 -4.93
C UNK G 156 30.50 -18.23 -5.63
N UNK G 157 31.13 -19.40 -5.75
CA UNK G 157 32.42 -19.53 -6.41
C UNK G 157 32.18 -20.05 -7.82
N UNK G 158 30.93 -20.42 -8.10
CA UNK G 158 30.50 -20.93 -9.41
C UNK G 158 29.77 -19.81 -10.15
N UNK G 159 29.65 -18.69 -9.47
CA UNK G 159 29.02 -17.46 -9.97
C UNK G 159 30.14 -16.43 -9.88
N UNK G 160 31.36 -16.94 -9.72
CA UNK G 160 32.58 -16.14 -9.62
C UNK G 160 33.58 -16.70 -10.62
N UNK G 161 33.18 -17.74 -11.33
CA UNK G 161 34.00 -18.39 -12.35
C UNK G 161 33.14 -18.65 -13.59
N UNK G 162 31.85 -18.35 -13.46
CA UNK G 162 30.88 -18.52 -14.54
C UNK G 162 30.17 -17.18 -14.74
N UNK G 163 30.97 -16.13 -14.93
CA UNK G 163 30.52 -14.73 -15.13
C UNK G 163 29.01 -14.46 -15.12
N UNK G 164 28.46 -14.25 -13.92
CA UNK G 164 27.04 -13.98 -13.74
C UNK G 164 26.79 -13.45 -12.33
N UNK G 165 25.60 -12.89 -12.11
CA UNK G 165 25.23 -12.33 -10.81
C UNK G 165 24.91 -13.41 -9.78
N UNK G 166 24.85 -13.01 -8.50
CA UNK G 166 24.55 -13.94 -7.40
C UNK G 166 23.09 -13.81 -6.95
N UNK G 167 22.24 -13.38 -7.89
CA UNK G 167 20.80 -13.21 -7.68
C UNK G 167 20.36 -12.37 -6.48
N UNK G 168 19.05 -12.37 -6.24
CA UNK G 168 18.44 -11.64 -5.13
C UNK G 168 18.21 -12.60 -3.95
N UNK G 169 19.17 -12.60 -3.01
CA UNK G 169 19.17 -13.43 -1.80
C UNK G 169 20.06 -14.65 -1.96
N UNK G 170 2.37 -12.51 -2.21
CA UNK G 170 3.56 -13.17 -1.67
C UNK G 170 3.23 -14.18 -0.56
N UNK G 171 2.18 -14.98 -0.78
CA UNK G 171 1.75 -16.02 0.18
C UNK G 171 1.78 -17.40 -0.49
N UNK G 172 2.87 -17.64 -1.24
CA UNK G 172 3.09 -18.90 -1.98
C UNK G 172 4.09 -19.84 -1.28
N UNK G 173 4.61 -19.42 -0.12
CA UNK G 173 5.55 -20.21 0.66
C UNK G 173 5.25 -20.05 2.16
N UNK G 174 4.14 -19.38 2.46
CA UNK G 174 3.67 -19.14 3.83
C UNK G 174 2.43 -20.01 4.07
N UNK G 175 1.91 -20.58 2.98
CA UNK G 175 0.75 -21.45 3.02
C UNK G 175 1.11 -22.80 2.38
N UNK G 176 2.32 -22.90 1.82
CA UNK G 176 2.81 -24.13 1.18
C UNK G 176 4.11 -24.68 1.77
N UNK G 177 4.63 -24.02 2.80
CA UNK G 177 5.85 -24.45 3.46
C UNK G 177 5.50 -25.68 4.29
N UNK G 178 4.33 -25.64 4.93
CA UNK G 178 3.84 -26.73 5.77
C UNK G 178 3.04 -27.72 4.92
N UNK G 179 2.63 -27.29 3.73
CA UNK G 179 1.89 -28.15 2.82
C UNK G 179 2.80 -29.32 2.50
N UNK G 180 4.02 -29.22 3.00
CA UNK G 180 5.04 -30.23 2.84
C UNK G 180 5.20 -30.85 4.23
N UNK G 181 6.02 -30.22 5.06
CA UNK G 181 6.28 -30.69 6.42
C UNK G 181 5.06 -31.37 7.08
N UNK G 182 3.88 -30.85 6.79
CA UNK G 182 2.65 -31.40 7.35
C UNK G 182 2.09 -32.57 6.52
N UNK G 183 1.97 -32.35 5.23
CA UNK G 183 1.46 -33.38 4.34
C UNK G 183 2.51 -34.49 4.26
N UNK G 184 3.77 -34.07 4.16
CA UNK G 184 4.88 -35.00 4.06
C UNK G 184 4.93 -35.94 5.22
N UNK G 185 5.44 -35.46 6.36
CA UNK G 185 5.54 -36.29 7.55
C UNK G 185 4.37 -37.27 7.59
N UNK G 186 3.15 -36.74 7.46
CA UNK G 186 1.91 -37.56 7.49
C UNK G 186 1.95 -38.75 6.55
N UNK G 187 2.19 -38.46 5.28
CA UNK G 187 2.27 -39.50 4.28
C UNK G 187 3.25 -40.58 4.72
N UNK G 188 4.38 -40.17 5.28
CA UNK G 188 5.38 -41.12 5.73
C UNK G 188 4.77 -42.17 6.68
N UNK G 189 4.00 -41.71 7.67
CA UNK G 189 3.37 -42.61 8.65
C UNK G 189 2.62 -43.67 7.90
N UNK G 190 2.27 -43.32 6.67
CA UNK G 190 1.54 -44.20 5.79
C UNK G 190 2.40 -45.33 5.33
N UNK G 191 3.12 -45.06 4.23
CA UNK G 191 3.97 -46.06 3.63
C UNK G 191 4.51 -46.91 4.76
N UNK G 192 5.11 -46.24 5.76
CA UNK G 192 5.69 -46.95 6.87
C UNK G 192 4.67 -48.00 7.32
N UNK G 193 3.47 -47.56 7.68
CA UNK G 193 2.46 -48.49 8.13
C UNK G 193 2.08 -49.51 7.03
N UNK G 194 1.92 -49.01 5.79
CA UNK G 194 1.54 -49.87 4.66
C UNK G 194 2.52 -51.00 4.47
N UNK G 195 3.80 -50.66 4.65
CA UNK G 195 4.89 -51.61 4.48
C UNK G 195 4.80 -52.56 5.64
N UNK G 196 4.60 -52.00 6.83
CA UNK G 196 4.52 -52.84 8.02
C UNK G 196 3.37 -53.85 7.92
N UNK G 197 2.17 -53.32 7.60
CA UNK G 197 0.97 -54.14 7.46
C UNK G 197 1.23 -55.09 6.31
N UNK G 198 2.35 -54.87 5.62
CA UNK G 198 2.69 -55.70 4.51
C UNK G 198 3.24 -57.00 5.01
N UNK G 199 4.47 -56.95 5.49
CA UNK G 199 5.10 -58.14 6.00
C UNK G 199 4.09 -58.90 6.85
N UNK G 200 3.46 -58.18 7.76
CA UNK G 200 2.47 -58.76 8.66
C UNK G 200 1.48 -59.67 7.93
N UNK G 201 1.42 -59.47 6.61
CA UNK G 201 0.55 -60.18 5.67
C UNK G 201 1.41 -61.09 4.79
N UNK G 202 2.72 -60.86 4.79
CA UNK G 202 3.68 -61.63 3.99
C UNK G 202 3.45 -61.49 2.48
N UNK G 203 3.25 -60.24 2.03
CA UNK G 203 3.03 -59.91 0.61
C UNK G 203 4.40 -59.42 0.11
N UNK G 204 4.74 -59.69 -1.15
CA UNK G 204 6.06 -59.28 -1.70
C UNK G 204 6.04 -57.97 -2.45
N UNK G 205 4.95 -57.22 -2.30
CA UNK G 205 4.75 -55.94 -2.96
C UNK G 205 5.60 -55.77 -4.22
N UNK G 206 6.75 -55.13 -4.08
CA UNK G 206 7.65 -54.86 -5.21
C UNK G 206 7.95 -56.00 -6.24
N UNK G 207 7.87 -57.28 -5.86
CA UNK G 207 8.17 -58.43 -6.77
C UNK G 207 7.47 -58.47 -8.13
N UNK G 208 6.79 -57.38 -8.48
CA UNK G 208 6.08 -57.30 -9.76
C UNK G 208 6.95 -56.55 -10.76
N UNK G 209 7.18 -55.25 -10.52
CA UNK G 209 8.02 -54.45 -11.41
C UNK G 209 9.40 -55.08 -11.42
N UNK G 210 9.50 -56.27 -10.81
CA UNK G 210 10.73 -57.06 -10.79
C UNK G 210 10.62 -57.92 -12.06
N UNK G 211 9.44 -58.53 -12.24
CA UNK G 211 9.21 -59.33 -13.42
C UNK G 211 9.21 -58.40 -14.65
N UNK G 212 8.57 -57.23 -14.53
CA UNK G 212 8.52 -56.29 -15.66
C UNK G 212 9.84 -55.64 -15.86
N UNK G 213 10.89 -56.30 -15.38
CA UNK G 213 12.25 -55.85 -15.53
C UNK G 213 12.83 -57.02 -16.28
N UNK G 214 12.67 -58.22 -15.75
CA UNK G 214 13.18 -59.42 -16.43
C UNK G 214 12.68 -59.47 -17.88
N UNK G 215 11.44 -59.92 -18.08
CA UNK G 215 10.88 -60.02 -19.43
C UNK G 215 11.24 -58.81 -20.30
N UNK G 216 11.40 -57.63 -19.72
CA UNK G 216 11.76 -56.45 -20.53
C UNK G 216 13.24 -56.40 -20.89
N UNK G 217 14.07 -57.07 -20.10
CA UNK G 217 15.50 -57.12 -20.40
C UNK G 217 15.56 -58.17 -21.52
N UNK G 218 14.82 -59.27 -21.32
CA UNK G 218 14.78 -60.32 -22.31
C UNK G 218 14.07 -59.77 -23.53
N UNK G 219 13.64 -58.51 -23.46
CA UNK G 219 12.97 -57.91 -24.57
C UNK G 219 14.00 -57.52 -25.60
N UNK G 220 14.74 -56.45 -25.32
CA UNK G 220 15.74 -55.97 -26.29
C UNK G 220 16.79 -57.01 -26.69
N UNK G 221 16.80 -58.14 -25.99
CA UNK G 221 17.73 -59.22 -26.31
C UNK G 221 17.22 -59.87 -27.61
N UNK G 222 15.90 -60.04 -27.70
CA UNK G 222 15.31 -60.61 -28.90
C UNK G 222 15.35 -59.52 -29.94
N UNK G 223 14.58 -58.44 -29.74
CA UNK G 223 14.54 -57.33 -30.69
C UNK G 223 15.90 -56.86 -31.23
N UNK G 224 16.95 -57.49 -30.73
CA UNK G 224 18.31 -57.17 -31.12
C UNK G 224 18.89 -58.20 -32.08
N UNK G 225 18.39 -59.43 -32.01
CA UNK G 225 18.84 -60.47 -32.92
C UNK G 225 17.99 -60.21 -34.16
N UNK G 226 16.68 -60.06 -33.94
CA UNK G 226 15.78 -59.79 -35.04
C UNK G 226 16.20 -58.46 -35.66
N UNK G 227 17.14 -57.80 -35.00
CA UNK G 227 17.65 -56.54 -35.51
C UNK G 227 18.87 -56.85 -36.43
N UNK G 228 19.73 -57.79 -36.04
CA UNK G 228 20.87 -58.13 -36.90
C UNK G 228 20.26 -58.85 -38.06
N UNK G 229 19.70 -60.03 -37.80
CA UNK G 229 19.10 -60.83 -38.86
C UNK G 229 18.41 -59.91 -39.87
N UNK G 230 17.73 -58.88 -39.37
CA UNK G 230 17.04 -57.94 -40.25
C UNK G 230 18.03 -56.90 -40.74
N UNK G 231 19.28 -57.30 -40.93
CA UNK G 231 20.30 -56.39 -41.37
C UNK G 231 21.41 -57.14 -42.08
N UNK G 232 21.40 -58.46 -41.97
CA UNK G 232 22.37 -59.35 -42.63
C UNK G 232 21.62 -59.75 -43.88
N UNK G 233 20.35 -60.10 -43.70
CA UNK G 233 19.49 -60.44 -44.80
C UNK G 233 18.94 -59.08 -45.29
N UNK G 234 18.10 -59.12 -46.31
CA UNK G 234 17.54 -57.91 -46.91
C UNK G 234 16.30 -57.31 -46.25
N UNK G 235 16.17 -55.99 -46.35
CA UNK G 235 15.01 -55.31 -45.81
C UNK G 235 13.89 -55.92 -46.64
N UNK G 236 14.12 -56.07 -47.94
CA UNK G 236 13.12 -56.69 -48.78
C UNK G 236 13.10 -58.18 -48.37
N UNK G 237 14.23 -58.90 -48.57
CA UNK G 237 14.30 -60.36 -48.25
C UNK G 237 13.50 -60.74 -47.01
N UNK G 238 13.63 -59.93 -45.97
CA UNK G 238 12.93 -60.16 -44.71
C UNK G 238 11.48 -59.77 -44.88
N UNK G 239 11.23 -58.49 -45.08
CA UNK G 239 9.87 -58.03 -45.27
C UNK G 239 9.37 -58.62 -46.60
N UNK G 240 9.88 -59.80 -46.96
CA UNK G 240 9.48 -60.43 -48.21
C UNK G 240 9.31 -61.94 -48.06
N UNK G 241 10.26 -62.58 -47.40
CA UNK G 241 10.16 -64.02 -47.21
C UNK G 241 8.82 -64.28 -46.51
N UNK G 242 8.58 -65.54 -46.17
CA UNK G 242 7.35 -66.01 -45.50
C UNK G 242 6.07 -65.30 -45.93
N UNK G 243 4.98 -65.56 -45.20
CA UNK G 243 3.68 -64.98 -45.47
C UNK G 243 2.78 -65.88 -46.33
N UNK G 244 2.02 -65.24 -47.23
CA UNK G 244 1.03 -65.84 -48.16
C UNK G 244 1.31 -67.22 -48.73
N UNK G 245 0.25 -68.02 -48.82
CA UNK G 245 0.40 -69.39 -49.35
C UNK G 245 -0.84 -70.23 -49.09
N UNK G 246 -1.62 -69.77 -48.10
CA UNK G 246 -2.88 -70.36 -47.60
C UNK G 246 -3.33 -71.71 -48.18
N UNK G 247 -4.54 -72.09 -47.83
CA UNK G 247 -5.12 -73.31 -48.36
C UNK G 247 -6.59 -72.93 -48.55
N UNK G 248 -6.84 -71.63 -48.72
CA UNK G 248 -8.20 -71.15 -48.95
C UNK G 248 -8.11 -70.24 -50.14
N UNK G 249 -7.99 -70.89 -51.30
CA UNK G 249 -7.91 -70.25 -52.61
C UNK G 249 -8.97 -70.93 -53.47
N UNK G 250 -9.82 -70.13 -54.07
CA UNK G 250 -10.90 -70.64 -54.89
C UNK G 250 -10.51 -71.58 -56.04
N UNK G 251 -11.32 -72.62 -56.22
CA UNK G 251 -11.16 -73.60 -57.29
C UNK G 251 -12.32 -73.29 -58.24
N UNK G 252 -12.05 -72.43 -59.24
CA UNK G 252 -13.04 -72.01 -60.24
C UNK G 252 -13.03 -73.00 -61.40
N UNK G 253 -14.06 -73.82 -61.51
CA UNK G 253 -14.09 -74.81 -62.59
C UNK G 253 -15.39 -75.59 -62.80
N UNK G 254 -16.14 -75.18 -63.81
CA UNK G 254 -17.40 -75.81 -64.21
C UNK G 254 -17.99 -75.16 -65.46
N UNK G 255 -17.74 -75.78 -66.61
CA UNK G 255 -18.27 -75.32 -67.91
C UNK G 255 -19.67 -75.92 -67.96
N UNK G 256 -19.84 -76.90 -67.09
CA UNK G 256 -21.08 -77.65 -66.93
C UNK G 256 -22.18 -76.70 -66.49
N UNK G 257 -22.48 -75.76 -67.39
CA UNK G 257 -23.51 -74.73 -67.22
C UNK G 257 -22.97 -73.32 -67.46
N UNK G 258 -21.70 -73.25 -67.86
CA UNK G 258 -21.05 -71.98 -68.20
C UNK G 258 -20.76 -72.23 -69.67
N UNK G 259 -19.98 -71.35 -70.30
CA UNK G 259 -19.67 -71.46 -71.75
C UNK G 259 -20.97 -71.30 -72.54
N UNK G 260 -22.00 -72.08 -72.19
CA UNK G 260 -23.31 -72.00 -72.82
C UNK G 260 -23.80 -70.58 -72.76
N UNK G 261 -22.99 -69.74 -72.10
CA UNK G 261 -23.26 -68.31 -71.95
C UNK G 261 -22.61 -67.68 -73.15
N UNK G 262 -21.30 -67.82 -73.23
CA UNK G 262 -20.53 -67.25 -74.33
C UNK G 262 -21.29 -67.41 -75.67
N UNK G 263 -22.06 -68.50 -75.78
CA UNK G 263 -22.86 -68.81 -76.98
C UNK G 263 -24.14 -68.01 -76.93
N UNK G 264 -24.86 -68.09 -75.80
CA UNK G 264 -26.09 -67.33 -75.63
C UNK G 264 -25.76 -65.85 -75.71
N UNK G 265 -24.47 -65.55 -75.90
CA UNK G 265 -23.98 -64.18 -76.03
C UNK G 265 -23.68 -63.91 -77.50
N UNK G 266 -22.73 -64.66 -78.07
CA UNK G 266 -22.38 -64.48 -79.46
C UNK G 266 -23.65 -64.40 -80.30
N UNK G 267 -24.66 -65.19 -79.93
CA UNK G 267 -25.95 -65.20 -80.65
C UNK G 267 -26.88 -64.05 -80.30
N UNK G 268 -26.49 -63.27 -79.28
CA UNK G 268 -27.23 -62.10 -78.85
C UNK G 268 -26.34 -60.94 -79.34
N UNK G 269 -25.13 -61.34 -79.74
CA UNK G 269 -24.10 -60.42 -80.26
C UNK G 269 -24.21 -60.40 -81.78
N UNK G 270 -24.19 -61.58 -82.40
CA UNK G 270 -24.31 -61.68 -83.85
C UNK G 270 -25.62 -60.98 -84.17
N UNK G 271 -26.69 -61.39 -83.47
CA UNK G 271 -28.03 -60.81 -83.66
C UNK G 271 -28.03 -59.31 -83.47
N UNK G 272 -26.85 -58.74 -83.30
CA UNK G 272 -26.69 -57.31 -83.14
C UNK G 272 -25.37 -56.94 -83.83
N UNK G 273 -25.04 -55.65 -83.79
CA UNK G 273 -23.82 -55.14 -84.41
C UNK G 273 -22.51 -55.52 -83.69
N UNK G 274 -22.45 -56.74 -83.15
CA UNK G 274 -21.26 -57.21 -82.42
C UNK G 274 -20.09 -57.48 -83.36
N UNK G 275 -19.78 -58.76 -83.54
CA UNK G 275 -18.72 -59.15 -84.45
C UNK G 275 -19.43 -59.38 -85.78
N UNK G 276 -18.79 -58.99 -86.89
CA UNK G 276 -19.39 -59.12 -88.22
C UNK G 276 -19.10 -60.45 -88.92
N UNK G 277 -20.03 -60.85 -89.78
CA UNK G 277 -19.94 -62.11 -90.52
C UNK G 277 -18.61 -62.42 -91.20
N UNK G 278 -18.42 -63.72 -91.39
CA UNK G 278 -17.26 -64.34 -92.00
C UNK G 278 -17.54 -65.77 -91.59
N UNK G 279 -18.84 -66.04 -91.38
CA UNK G 279 -19.34 -67.35 -90.98
C UNK G 279 -18.81 -68.33 -91.97
N UNK G 280 -18.02 -67.80 -92.90
CA UNK G 280 -17.37 -68.57 -93.94
C UNK G 280 -16.35 -69.50 -93.27
N UNK G 281 -15.36 -68.91 -92.60
CA UNK G 281 -14.34 -69.70 -91.92
C UNK G 281 -14.98 -70.35 -90.70
N UNK G 282 -16.27 -70.07 -90.47
CA UNK G 282 -17.00 -70.61 -89.33
C UNK G 282 -16.81 -72.11 -89.20
N UNK G 283 -17.42 -72.88 -90.09
CA UNK G 283 -17.28 -74.33 -90.02
C UNK G 283 -15.93 -74.72 -90.63
N UNK G 284 -15.13 -73.71 -90.96
CA UNK G 284 -13.80 -73.91 -91.56
C UNK G 284 -12.70 -74.24 -90.54
N UNK G 285 -13.13 -74.61 -89.33
CA UNK G 285 -12.26 -75.01 -88.23
C UNK G 285 -12.85 -76.33 -87.74
N UNK G 286 -14.12 -76.51 -88.04
CA UNK G 286 -14.83 -77.74 -87.72
C UNK G 286 -14.35 -78.66 -88.82
N UNK G 287 -13.82 -78.03 -89.88
CA UNK G 287 -13.29 -78.72 -91.05
C UNK G 287 -11.75 -78.65 -91.08
N UNK G 288 -11.19 -77.57 -90.53
CA UNK G 288 -9.73 -77.41 -90.47
C UNK G 288 -9.26 -78.37 -89.38
N UNK G 289 -10.15 -78.60 -88.41
CA UNK G 289 -9.90 -79.51 -87.30
C UNK G 289 -10.57 -80.86 -87.60
N UNK G 290 -10.83 -81.09 -88.89
CA UNK G 290 -11.44 -82.34 -89.36
C UNK G 290 -10.28 -83.27 -89.72
N UNK G 291 -9.19 -83.12 -88.99
CA UNK G 291 -7.97 -83.89 -89.18
C UNK G 291 -7.18 -83.40 -90.39
N UNK G 292 -7.08 -82.07 -90.52
CA UNK G 292 -6.36 -81.45 -91.62
C UNK G 292 -4.94 -82.03 -91.72
N UNK G 293 -4.79 -83.14 -92.45
CA UNK G 293 -3.52 -83.82 -92.61
C UNK G 293 -2.53 -83.09 -93.54
N UNK G 294 -1.27 -83.01 -93.10
CA UNK G 294 -0.21 -82.34 -93.84
C UNK G 294 -0.07 -82.83 -95.27
N UNK G 295 0.56 -82.01 -96.11
CA UNK G 295 0.78 -82.36 -97.51
C UNK G 295 2.14 -83.02 -97.67
N UNK G 296 2.15 -84.35 -97.72
CA UNK G 296 3.36 -85.15 -97.88
C UNK G 296 4.47 -84.83 -96.88
N UNK G 297 5.12 -83.69 -97.05
CA UNK G 297 6.21 -83.28 -96.16
C UNK G 297 5.78 -82.25 -95.11
N UNK G 298 5.59 -81.02 -95.55
CA UNK G 298 5.17 -79.92 -94.68
C UNK G 298 6.18 -79.71 -93.56
N UNK G 299 6.19 -80.65 -92.61
CA UNK G 299 7.07 -80.63 -91.44
C UNK G 299 8.43 -80.01 -91.72
N UNK G 300 9.49 -80.75 -91.43
CA UNK G 300 10.83 -80.26 -91.67
C UNK G 300 10.76 -79.66 -93.06
N UNK G 301 10.72 -80.53 -94.06
CA UNK G 301 10.63 -80.12 -95.45
C UNK G 301 10.93 -78.64 -95.66
N UNK G 302 9.89 -77.88 -96.02
CA UNK G 302 9.99 -76.44 -96.28
C UNK G 302 11.01 -75.75 -95.38
N UNK G 303 11.14 -76.28 -94.17
CA UNK G 303 12.07 -75.74 -93.19
C UNK G 303 13.43 -76.34 -93.47
N UNK G 304 13.53 -77.66 -93.35
CA UNK G 304 14.77 -78.37 -93.60
C UNK G 304 15.40 -77.64 -94.79
N UNK G 305 14.52 -77.10 -95.63
CA UNK G 305 14.91 -76.34 -96.80
C UNK G 305 15.87 -75.25 -96.38
N UNK G 306 15.33 -74.07 -96.07
CA UNK G 306 16.17 -72.95 -95.66
C UNK G 306 17.10 -73.43 -94.56
N UNK G 307 16.80 -74.59 -94.00
CA UNK G 307 17.60 -75.16 -92.93
C UNK G 307 18.99 -75.59 -93.40
N UNK G 308 19.11 -76.84 -93.83
CA UNK G 308 20.39 -77.37 -94.32
C UNK G 308 20.98 -76.46 -95.40
N UNK G 309 20.29 -75.35 -95.64
CA UNK G 309 20.72 -74.36 -96.61
C UNK G 309 21.35 -73.17 -95.89
N UNK G 310 20.60 -72.57 -94.97
CA UNK G 310 21.11 -71.43 -94.20
C UNK G 310 21.86 -72.01 -93.02
N UNK G 311 22.15 -73.31 -93.12
CA UNK G 311 22.89 -74.07 -92.12
C UNK G 311 24.00 -74.87 -92.81
N UNK G 312 24.32 -74.44 -94.04
CA UNK G 312 25.35 -75.03 -94.87
C UNK G 312 26.16 -73.90 -95.54
N UNK G 313 26.14 -72.72 -94.90
CA UNK G 313 26.85 -71.52 -95.37
C UNK G 313 26.72 -70.36 -94.36
N UNK G 314 25.51 -70.16 -93.82
CA UNK G 314 25.26 -69.10 -92.85
C UNK G 314 26.04 -69.42 -91.58
N UNK G 315 26.69 -70.58 -91.59
CA UNK G 315 27.50 -71.07 -90.47
C UNK G 315 28.28 -72.32 -90.87
N UNK G 316 28.88 -72.30 -92.06
CA UNK G 316 29.68 -73.43 -92.56
C UNK G 316 30.41 -73.08 -93.86
N UNK G 317 2.46 -75.81 -97.04
CA UNK G 317 1.30 -75.83 -97.91
C UNK G 317 0.66 -74.43 -98.02
N UNK G 318 -0.67 -74.39 -98.20
CA UNK G 318 -1.43 -73.13 -98.32
C UNK G 318 -2.90 -73.39 -98.70
N UNK G 319 -3.82 -72.63 -98.12
CA UNK G 319 -5.25 -72.78 -98.42
C UNK G 319 -5.95 -71.42 -98.44
N UNK G 320 -7.15 -71.34 -97.88
CA UNK G 320 -7.92 -70.08 -97.85
C UNK G 320 -7.96 -69.44 -96.45
N UNK G 321 -8.97 -68.61 -96.22
CA UNK G 321 -9.15 -67.93 -94.95
C UNK G 321 -10.27 -66.89 -95.07
N UNK G 322 -11.42 -67.16 -94.43
CA UNK G 322 -12.55 -66.23 -94.50
C UNK G 322 -12.23 -64.89 -93.86
N UNK G 323 -10.98 -64.74 -93.42
CA UNK G 323 -10.46 -63.55 -92.75
C UNK G 323 -11.34 -62.32 -92.91
N UNK G 324 -12.41 -62.27 -92.11
CA UNK G 324 -13.35 -61.16 -92.11
C UNK G 324 -13.61 -60.67 -90.68
N UNK G 325 -14.43 -59.63 -90.56
CA UNK G 325 -14.74 -59.01 -89.26
C UNK G 325 -15.04 -60.02 -88.16
N UNK G 326 -15.27 -61.27 -88.55
CA UNK G 326 -15.56 -62.33 -87.60
C UNK G 326 -14.34 -62.57 -86.72
N UNK G 327 -13.19 -62.81 -87.34
CA UNK G 327 -11.95 -63.07 -86.61
C UNK G 327 -12.29 -63.79 -85.31
N UNK G 328 -12.55 -63.03 -84.26
CA UNK G 328 -12.91 -63.58 -82.96
C UNK G 328 -14.19 -64.42 -83.01
N UNK G 329 -14.94 -64.32 -84.11
CA UNK G 329 -16.15 -65.09 -84.24
C UNK G 329 -15.71 -66.51 -84.52
N UNK G 330 -14.39 -66.72 -84.48
CA UNK G 330 -13.79 -68.03 -84.72
C UNK G 330 -13.01 -68.49 -83.49
N UNK G 331 -12.40 -67.53 -82.79
CA UNK G 331 -11.63 -67.80 -81.59
C UNK G 331 -12.65 -68.14 -80.49
N UNK G 332 -13.72 -67.34 -80.42
CA UNK G 332 -14.79 -67.56 -79.45
C UNK G 332 -15.64 -68.67 -80.04
N UNK G 333 -15.38 -68.99 -81.31
CA UNK G 333 -16.09 -70.06 -81.98
C UNK G 333 -15.33 -71.31 -81.62
N UNK G 334 -14.04 -71.29 -81.91
CA UNK G 334 -13.13 -72.40 -81.64
C UNK G 334 -13.43 -73.01 -80.28
N UNK G 335 -13.44 -72.16 -79.25
CA UNK G 335 -13.71 -72.57 -77.87
C UNK G 335 -15.17 -72.98 -77.70
N UNK G 336 -16.09 -72.27 -78.35
CA UNK G 336 -17.51 -72.61 -78.25
C UNK G 336 -17.60 -74.08 -78.64
N UNK G 337 -16.68 -74.48 -79.51
CA UNK G 337 -16.60 -75.86 -79.99
C UNK G 337 -15.76 -76.70 -79.01
N UNK G 338 -14.65 -76.12 -78.55
CA UNK G 338 -13.72 -76.75 -77.59
C UNK G 338 -14.53 -77.53 -76.55
N UNK G 339 -15.64 -76.91 -76.15
CA UNK G 339 -16.59 -77.49 -75.19
C UNK G 339 -17.68 -78.15 -76.03
N UNK G 340 -17.81 -79.46 -75.86
CA UNK G 340 -18.78 -80.24 -76.61
C UNK G 340 -20.18 -80.11 -76.03
N UNK G 341 -20.30 -80.39 -74.73
CA UNK G 341 -21.60 -80.32 -74.08
C UNK G 341 -22.52 -81.32 -74.76
N UNK G 342 -22.16 -82.60 -74.63
CA UNK G 342 -22.94 -83.69 -75.21
C UNK G 342 -24.41 -83.67 -74.77
N UNK G 343 -25.31 -83.52 -75.74
CA UNK G 343 -26.76 -83.47 -75.49
C UNK G 343 -27.09 -82.22 -74.69
N UNK G 344 -26.05 -81.48 -74.31
CA UNK G 344 -26.18 -80.26 -73.55
C UNK G 344 -26.27 -79.07 -74.49
N UNK G 345 -25.14 -78.43 -74.76
CA UNK G 345 -25.11 -77.28 -75.65
C UNK G 345 -25.67 -77.70 -77.01
N UNK G 346 -25.71 -79.01 -77.25
CA UNK G 346 -26.24 -79.54 -78.48
C UNK G 346 -27.72 -79.18 -78.49
N UNK G 347 -28.47 -79.67 -77.50
CA UNK G 347 -29.90 -79.40 -77.40
C UNK G 347 -30.20 -77.89 -77.25
N UNK G 348 -29.21 -77.15 -76.76
CA UNK G 348 -29.37 -75.72 -76.60
C UNK G 348 -28.93 -75.03 -77.88
N UNK G 349 -27.69 -75.25 -78.32
CA UNK G 349 -27.22 -74.63 -79.56
C UNK G 349 -28.20 -75.08 -80.64
N UNK G 350 -29.21 -75.85 -80.21
CA UNK G 350 -30.28 -76.38 -81.06
C UNK G 350 -31.45 -75.40 -81.19
N UNK G 351 -31.92 -74.83 -80.07
CA UNK G 351 -33.00 -73.86 -80.17
C UNK G 351 -32.34 -72.59 -80.70
N UNK G 352 -31.37 -72.79 -81.61
CA UNK G 352 -30.62 -71.74 -82.31
C UNK G 352 -31.54 -71.37 -83.46
N UNK G 353 -32.32 -72.36 -83.84
CA UNK G 353 -33.32 -72.23 -84.86
C UNK G 353 -34.49 -71.76 -84.01
N UNK G 354 -35.14 -72.73 -83.36
CA UNK G 354 -36.29 -72.55 -82.46
C UNK G 354 -37.27 -71.38 -82.71
N UNK G 355 -36.73 -70.22 -83.09
CA UNK G 355 -37.52 -69.02 -83.38
C UNK G 355 -36.62 -68.04 -84.14
N UNK G 356 -35.62 -68.60 -84.81
CA UNK G 356 -34.67 -67.84 -85.61
C UNK G 356 -35.16 -67.83 -87.05
N UNK G 357 -36.19 -67.02 -87.33
CA UNK G 357 -36.79 -66.88 -88.66
C UNK G 357 -36.30 -65.59 -89.33
N UNK G 358 -35.09 -65.68 -89.89
CA UNK G 358 -34.36 -64.62 -90.56
C UNK G 358 -35.14 -63.48 -91.23
N UNK G 359 -36.38 -63.26 -90.82
CA UNK G 359 -37.19 -62.19 -91.39
C UNK G 359 -36.58 -60.84 -91.05
N UNK G 360 -35.29 -60.87 -90.67
CA UNK G 360 -34.53 -59.66 -90.32
C UNK G 360 -33.22 -59.54 -91.13
N UNK G 361 -32.52 -58.41 -90.97
CA UNK G 361 -31.27 -58.09 -91.68
C UNK G 361 -30.10 -59.08 -91.52
N UNK G 362 -29.28 -58.85 -90.51
CA UNK G 362 -28.13 -59.72 -90.26
C UNK G 362 -28.61 -60.93 -89.42
N UNK G 363 -29.82 -60.83 -88.86
CA UNK G 363 -30.39 -61.90 -88.04
C UNK G 363 -30.05 -63.27 -88.61
N UNK G 364 -30.09 -63.39 -89.93
CA UNK G 364 -29.77 -64.66 -90.58
C UNK G 364 -28.26 -64.90 -90.53
N UNK G 365 -27.49 -63.84 -90.74
CA UNK G 365 -26.02 -63.91 -90.73
C UNK G 365 -25.55 -64.80 -89.59
N UNK G 366 -26.43 -64.91 -88.59
CA UNK G 366 -26.19 -65.73 -87.40
C UNK G 366 -26.89 -67.06 -87.62
N UNK G 367 -28.15 -67.00 -88.01
CA UNK G 367 -28.95 -68.20 -88.26
C UNK G 367 -28.18 -69.18 -89.14
N UNK G 368 -27.17 -68.65 -89.83
CA UNK G 368 -26.31 -69.44 -90.70
C UNK G 368 -25.08 -69.90 -89.90
N UNK G 369 -24.39 -68.95 -89.26
CA UNK G 369 -23.21 -69.26 -88.45
C UNK G 369 -23.63 -70.17 -87.33
N UNK G 370 -24.94 -70.18 -87.10
CA UNK G 370 -25.56 -71.01 -86.07
C UNK G 370 -25.65 -72.45 -86.60
N UNK G 371 -26.04 -72.58 -87.86
CA UNK G 371 -26.17 -73.89 -88.51
C UNK G 371 -24.82 -74.61 -88.41
N UNK G 372 -23.75 -73.89 -88.76
CA UNK G 372 -22.40 -74.42 -88.72
C UNK G 372 -22.12 -75.03 -87.36
N UNK G 373 -21.95 -74.18 -86.35
CA UNK G 373 -21.67 -74.66 -84.99
C UNK G 373 -22.68 -75.74 -84.57
N UNK G 374 -23.93 -75.60 -85.01
CA UNK G 374 -24.99 -76.54 -84.68
C UNK G 374 -24.58 -77.94 -85.12
N UNK G 375 -23.43 -78.02 -85.79
CA UNK G 375 -22.93 -79.30 -86.25
C UNK G 375 -21.41 -79.26 -86.15
N UNK G 376 -20.83 -78.15 -86.59
CA UNK G 376 -19.39 -77.98 -86.54
C UNK G 376 -19.02 -78.35 -85.12
N UNK G 377 -20.00 -78.21 -84.23
CA UNK G 377 -19.85 -78.53 -82.82
C UNK G 377 -20.62 -79.79 -82.46
N UNK G 378 -21.51 -80.23 -83.36
CA UNK G 378 -22.31 -81.43 -83.13
C UNK G 378 -21.48 -82.67 -83.38
N UNK G 379 -20.53 -82.53 -84.30
CA UNK G 379 -19.62 -83.62 -84.65
C UNK G 379 -18.46 -83.61 -83.67
N UNK G 380 -18.04 -82.42 -83.26
CA UNK G 380 -16.94 -82.29 -82.31
C UNK G 380 -17.25 -83.00 -80.99
N UNK G 381 -18.54 -83.26 -80.74
CA UNK G 381 -19.00 -83.94 -79.53
C UNK G 381 -18.19 -85.21 -79.29
N UNK G 382 -18.42 -85.85 -78.15
CA UNK G 382 -17.70 -87.06 -77.80
C UNK G 382 -16.28 -87.15 -78.40
N UNK G 383 -15.59 -86.00 -78.53
CA UNK G 383 -14.22 -85.96 -79.08
C UNK G 383 -13.30 -85.22 -78.13
N UNK G 384 -12.02 -85.61 -78.10
CA UNK G 384 -11.02 -84.97 -77.22
C UNK G 384 -11.07 -83.46 -77.41
N UNK G 385 -11.41 -82.76 -76.33
CA UNK G 385 -11.57 -81.30 -76.30
C UNK G 385 -10.47 -80.47 -76.96
N UNK G 386 -10.90 -79.29 -77.42
CA UNK G 386 -10.10 -78.28 -78.11
C UNK G 386 -8.60 -78.44 -78.31
N UNK G 387 -7.97 -77.30 -78.51
CA UNK G 387 -6.55 -77.23 -78.74
C UNK G 387 -6.09 -75.83 -78.41
N UNK G 388 -4.82 -75.69 -78.07
CA UNK G 388 -4.24 -74.40 -77.76
C UNK G 388 -4.13 -73.58 -79.04
N UNK G 389 -5.11 -73.80 -79.93
CA UNK G 389 -5.23 -73.15 -81.25
C UNK G 389 -5.40 -71.64 -81.18
N UNK G 390 -4.29 -70.92 -81.38
CA UNK G 390 -4.29 -69.46 -81.36
C UNK G 390 -4.80 -68.85 -82.66
N UNK G 391 -6.00 -69.24 -83.06
CA UNK G 391 -6.65 -68.76 -84.27
C UNK G 391 -6.83 -67.26 -84.18
N UNK G 392 -5.73 -66.52 -84.31
CA UNK G 392 -5.78 -65.06 -84.24
C UNK G 392 -4.64 -64.46 -85.03
N UNK G 393 -4.99 -63.72 -86.07
CA UNK G 393 -3.99 -63.09 -86.92
C UNK G 393 -2.92 -62.44 -86.05
N UNK G 394 -1.70 -63.00 -86.09
CA UNK G 394 -0.59 -62.49 -85.30
C UNK G 394 -0.09 -61.14 -85.84
N UNK G 395 0.61 -60.38 -84.99
CA UNK G 395 1.12 -59.05 -85.38
C UNK G 395 2.64 -58.90 -85.24
N UNK G 396 3.08 -57.66 -85.10
CA UNK G 396 4.51 -57.36 -84.97
C UNK G 396 4.75 -55.97 -84.38
N UNK G 397 5.80 -55.30 -84.84
CA UNK G 397 6.16 -53.98 -84.35
C UNK G 397 5.68 -52.88 -85.30
N UNK G 398 5.33 -51.71 -84.73
CA UNK G 398 4.85 -50.56 -85.52
C UNK G 398 5.23 -49.22 -84.90
N UNK G 399 6.39 -49.16 -84.25
CA UNK G 399 6.86 -47.95 -83.60
C UNK G 399 7.21 -46.86 -84.64
N UNK G 400 6.52 -45.72 -84.54
CA UNK G 400 6.75 -44.62 -85.47
C UNK G 400 6.85 -43.24 -84.81
N UNK G 401 7.96 -42.55 -85.08
CA UNK G 401 8.20 -41.23 -84.53
C UNK G 401 7.55 -40.18 -85.45
N UNK G 402 6.74 -39.31 -84.87
CA UNK G 402 6.08 -38.29 -85.67
C UNK G 402 6.92 -37.02 -85.81
N UNK G 403 6.34 -36.00 -86.40
CA UNK G 403 7.07 -34.76 -86.62
C UNK G 403 6.77 -33.72 -85.57
N UNK G 404 6.17 -32.63 -86.02
CA UNK G 404 5.80 -31.48 -85.20
C UNK G 404 5.50 -31.81 -83.74
N UNK G 405 4.23 -31.67 -83.35
CA UNK G 405 3.81 -31.93 -81.97
C UNK G 405 3.43 -33.39 -81.73
N UNK G 406 4.26 -34.31 -82.22
CA UNK G 406 4.01 -35.74 -82.04
C UNK G 406 5.34 -36.47 -81.86
N UNK G 407 5.39 -37.29 -80.83
CA UNK G 407 6.58 -38.05 -80.51
C UNK G 407 6.49 -39.53 -80.89
N UNK G 408 6.26 -40.39 -79.90
CA UNK G 408 6.18 -41.83 -80.11
C UNK G 408 4.83 -42.31 -80.68
N UNK G 409 4.85 -43.50 -81.29
CA UNK G 409 3.66 -44.11 -81.88
C UNK G 409 3.14 -45.23 -80.99
N UNK G 410 3.24 -46.48 -81.46
CA UNK G 410 2.79 -47.64 -80.69
C UNK G 410 3.35 -48.96 -81.19
N UNK G 411 2.94 -50.06 -80.57
CA UNK G 411 3.38 -51.38 -80.96
C UNK G 411 2.34 -52.05 -81.85
N UNK G 412 2.41 -53.38 -81.94
CA UNK G 412 1.50 -54.22 -82.74
C UNK G 412 0.75 -53.54 -83.88
N UNK G 413 1.06 -53.97 -85.10
CA UNK G 413 0.43 -53.44 -86.30
C UNK G 413 -0.45 -54.49 -86.97
N UNK G 414 0.15 -55.38 -87.77
CA UNK G 414 -0.60 -56.43 -88.44
C UNK G 414 0.29 -57.38 -89.25
N UNK G 415 1.48 -56.90 -89.63
CA UNK G 415 2.45 -57.67 -90.41
C UNK G 415 1.88 -58.50 -91.57
N UNK G 416 2.32 -58.20 -92.79
CA UNK G 416 1.86 -58.91 -93.99
C UNK G 416 2.52 -60.29 -94.11
N UNK G 417 1.98 -61.13 -95.01
CA UNK G 417 2.50 -62.48 -95.25
C UNK G 417 2.29 -63.35 -94.01
N UNK G 418 1.83 -62.75 -92.93
CA UNK G 418 1.57 -63.47 -91.69
C UNK G 418 0.15 -64.00 -91.79
N UNK G 419 -0.76 -63.40 -91.03
CA UNK G 419 -2.18 -63.78 -91.05
C UNK G 419 -2.57 -65.16 -90.52
N UNK G 420 -2.02 -66.22 -91.11
CA UNK G 420 -2.35 -67.59 -90.69
C UNK G 420 -1.38 -68.19 -89.68
N UNK G 421 -1.94 -68.89 -88.69
CA UNK G 421 -1.12 -69.53 -87.66
C UNK G 421 -0.10 -70.42 -88.37
N UNK G 422 -0.58 -71.22 -89.32
CA UNK G 422 0.27 -72.12 -90.09
C UNK G 422 1.55 -71.40 -90.46
N UNK G 423 1.38 -70.18 -90.96
CA UNK G 423 2.50 -69.35 -91.37
C UNK G 423 3.52 -69.26 -90.26
N UNK G 424 3.05 -68.88 -89.07
CA UNK G 424 3.91 -68.71 -87.89
C UNK G 424 4.98 -69.80 -87.83
N UNK G 425 4.63 -70.97 -88.36
CA UNK G 425 5.51 -72.13 -88.39
C UNK G 425 6.55 -71.98 -89.49
N UNK G 426 6.13 -72.18 -90.72
CA UNK G 426 7.03 -72.04 -91.85
C UNK G 426 7.76 -70.72 -91.67
N UNK G 427 6.99 -69.68 -91.39
CA UNK G 427 7.53 -68.34 -91.20
C UNK G 427 8.86 -68.41 -90.44
N UNK G 428 8.77 -68.81 -89.19
CA UNK G 428 9.96 -68.89 -88.36
C UNK G 428 10.81 -70.07 -88.83
N UNK G 429 10.18 -71.02 -89.53
CA UNK G 429 10.88 -72.20 -90.02
C UNK G 429 12.18 -71.84 -90.72
N UNK G 430 12.09 -70.87 -91.62
CA UNK G 430 13.24 -70.41 -92.39
C UNK G 430 13.55 -68.96 -92.01
N UNK G 431 14.83 -68.62 -91.99
CA UNK G 431 15.19 -67.25 -91.63
C UNK G 431 16.38 -66.70 -92.42
N UNK G 432 16.25 -65.43 -92.81
CA UNK G 432 17.27 -64.71 -93.60
C UNK G 432 18.61 -64.66 -92.88
N UNK G 433 19.59 -64.06 -93.54
CA UNK G 433 20.93 -63.96 -92.98
C UNK G 433 21.29 -65.30 -92.33
N UNK G 434 22.29 -65.29 -91.45
CA UNK G 434 22.68 -66.54 -90.79
C UNK G 434 21.45 -67.05 -90.05
N UNK G 435 21.09 -68.31 -90.29
CA UNK G 435 19.92 -68.90 -89.64
C UNK G 435 19.79 -70.41 -89.86
N UNK G 436 19.52 -71.15 -88.78
CA UNK G 436 19.35 -72.61 -88.84
C UNK G 436 17.86 -72.88 -88.65
N UNK G 437 17.11 -71.78 -88.58
CA UNK G 437 15.67 -71.71 -88.38
C UNK G 437 15.44 -70.89 -87.11
N UNK G 438 14.64 -69.83 -87.19
CA UNK G 438 14.34 -68.98 -86.04
C UNK G 438 13.40 -69.77 -85.11
N UNK G 439 14.00 -70.69 -84.38
CA UNK G 439 13.35 -71.60 -83.41
C UNK G 439 14.07 -72.96 -83.49
N UNK G 440 15.34 -73.01 -83.06
CA UNK G 440 16.16 -74.23 -83.08
C UNK G 440 15.74 -75.32 -82.08
N UNK G 441 16.72 -76.04 -81.56
CA UNK G 441 16.53 -77.11 -80.55
C UNK G 441 17.77 -77.96 -80.67
N UNK G 442 18.84 -77.55 -79.98
CA UNK G 442 20.16 -78.23 -80.00
C UNK G 442 20.26 -79.49 -79.14
N UNK G 443 21.45 -80.09 -79.08
CA UNK G 443 21.66 -81.31 -78.28
C UNK G 443 23.08 -81.49 -77.73
N UNK G 444 23.28 -82.61 -77.02
CA UNK G 444 24.55 -82.99 -76.39
C UNK G 444 25.77 -82.99 -77.31
N UNK G 445 26.63 -81.99 -77.20
CA UNK G 445 27.80 -81.93 -78.06
C UNK G 445 28.80 -83.04 -77.77
N UNK G 446 28.32 -84.07 -77.06
CA UNK G 446 29.11 -85.25 -76.69
C UNK G 446 30.43 -84.90 -76.02
N UNK G 447 30.76 -83.61 -76.04
CA UNK G 447 31.99 -83.11 -75.43
C UNK G 447 32.00 -81.58 -75.26
N UNK G 448 30.97 -80.90 -75.81
CA UNK G 448 30.88 -79.43 -75.71
C UNK G 448 29.45 -78.86 -75.70
N UNK G 449 29.33 -77.63 -76.18
CA UNK G 449 28.06 -76.91 -76.24
C UNK G 449 26.88 -77.70 -76.82
N UNK G 450 26.03 -77.01 -77.58
CA UNK G 450 24.86 -77.63 -78.18
C UNK G 450 24.45 -76.90 -79.45
N UNK G 451 24.86 -77.43 -80.60
CA UNK G 451 24.53 -76.83 -81.91
C UNK G 451 23.16 -77.27 -82.43
N UNK G 452 22.65 -76.51 -83.41
CA UNK G 452 21.33 -76.73 -84.01
C UNK G 452 21.09 -78.06 -84.72
N UNK G 453 21.37 -79.17 -84.03
CA UNK G 453 21.16 -80.50 -84.60
C UNK G 453 19.66 -80.68 -84.88
N UNK G 454 19.20 -80.00 -85.93
CA UNK G 454 17.81 -80.04 -86.33
C UNK G 454 17.32 -81.47 -86.34
N UNK G 455 18.22 -82.41 -86.07
CA UNK G 455 17.90 -83.83 -86.01
C UNK G 455 16.55 -83.95 -85.35
N UNK G 456 16.47 -83.43 -84.12
CA UNK G 456 15.23 -83.44 -83.36
C UNK G 456 14.46 -82.15 -83.65
N UNK G 457 15.20 -81.07 -83.88
CA UNK G 457 14.59 -79.77 -84.19
C UNK G 457 13.51 -79.98 -85.23
N UNK G 458 13.55 -81.14 -85.86
CA UNK G 458 12.56 -81.50 -86.86
C UNK G 458 11.24 -81.56 -86.10
N UNK G 459 11.07 -82.62 -85.32
CA UNK G 459 9.86 -82.86 -84.55
C UNK G 459 9.28 -81.61 -83.88
N UNK G 460 10.14 -80.78 -83.28
CA UNK G 460 9.73 -79.56 -82.56
C UNK G 460 9.06 -78.52 -83.44
N UNK G 461 9.59 -78.34 -84.65
CA UNK G 461 9.06 -77.37 -85.59
C UNK G 461 7.93 -78.08 -86.32
N UNK G 462 8.14 -79.37 -86.57
CA UNK G 462 7.17 -80.19 -87.28
C UNK G 462 5.79 -80.19 -86.59
N UNK G 463 5.71 -80.87 -85.46
CA UNK G 463 4.46 -80.96 -84.71
C UNK G 463 3.91 -79.55 -84.35
N UNK G 464 4.81 -78.62 -84.02
CA UNK G 464 4.38 -77.28 -83.67
C UNK G 464 3.47 -76.88 -84.80
N UNK G 465 3.89 -77.24 -86.02
CA UNK G 465 3.11 -76.96 -87.21
C UNK G 465 1.86 -77.81 -87.15
N UNK G 466 2.04 -79.10 -86.88
CA UNK G 466 0.92 -80.03 -86.79
C UNK G 466 -0.20 -79.48 -85.89
N UNK G 467 0.02 -78.28 -85.37
CA UNK G 467 -0.95 -77.59 -84.54
C UNK G 467 -1.81 -76.81 -85.50
N UNK G 468 -1.61 -75.49 -85.53
CA UNK G 468 -2.37 -74.59 -86.40
C UNK G 468 -3.66 -75.17 -87.04
N UNK G 469 -3.54 -75.88 -88.16
CA UNK G 469 -4.72 -76.48 -88.82
C UNK G 469 -5.32 -77.52 -87.88
N UNK G 470 -4.68 -78.68 -87.80
CA UNK G 470 -5.14 -79.76 -86.92
C UNK G 470 -4.83 -79.40 -85.47
N UNK G 471 -5.86 -79.40 -84.65
CA UNK G 471 -5.80 -79.08 -83.22
C UNK G 471 -4.58 -79.55 -82.38
N VAL G 472 -4.69 -79.43 -81.05
CA VAL G 472 -3.69 -79.84 -80.05
C VAL G 472 -4.32 -79.86 -78.66
N THR G 473 -4.86 -81.01 -78.26
CA THR G 473 -5.52 -81.14 -76.96
C THR G 473 -4.50 -81.36 -75.85
N PHE G 474 -4.93 -81.13 -74.61
CA PHE G 474 -4.06 -81.24 -73.44
C PHE G 474 -4.64 -82.04 -72.30
N LYS G 475 -5.94 -82.33 -72.35
CA LYS G 475 -6.57 -83.05 -71.27
C LYS G 475 -5.61 -84.05 -70.65
N ASP G 476 -5.75 -84.26 -69.35
CA ASP G 476 -4.89 -85.17 -68.62
C ASP G 476 -3.45 -84.71 -68.70
N LYS G 477 -3.17 -83.64 -67.97
CA LYS G 477 -1.84 -83.04 -67.91
C LYS G 477 -1.53 -82.49 -66.50
N TYR G 478 -2.46 -81.74 -65.91
CA TYR G 478 -2.23 -81.21 -64.57
C TYR G 478 -0.97 -80.34 -64.49
N VAL G 479 -1.13 -79.05 -64.25
CA VAL G 479 0.04 -78.19 -64.15
C VAL G 479 -0.12 -76.93 -63.31
N LEU G 480 0.97 -76.54 -62.64
CA LEU G 480 1.02 -75.34 -61.83
C LEU G 480 1.94 -74.31 -62.51
N ILE G 481 1.59 -73.03 -62.39
CA ILE G 481 2.36 -71.97 -63.04
C ILE G 481 2.81 -70.86 -62.11
N THR G 482 4.09 -70.54 -62.19
CA THR G 482 4.65 -69.48 -61.39
C THR G 482 4.26 -68.23 -62.13
N GLY G 483 4.63 -68.20 -63.40
CA GLY G 483 4.34 -67.05 -64.27
C GLY G 483 3.04 -66.30 -64.02
N ALA G 484 3.13 -64.98 -64.12
CA ALA G 484 2.00 -64.09 -63.89
C ALA G 484 0.67 -64.53 -64.52
N GLY G 485 -0.32 -63.66 -64.35
CA GLY G 485 -1.65 -63.90 -64.88
C GLY G 485 -1.93 -62.88 -65.97
N LYS G 486 -2.81 -61.92 -65.71
CA LYS G 486 -3.11 -60.91 -66.71
C LYS G 486 -1.79 -60.35 -67.21
N GLY G 487 -0.76 -60.53 -66.40
CA GLY G 487 0.55 -60.05 -66.77
C GLY G 487 0.94 -60.44 -68.19
N SER G 488 1.36 -61.69 -68.39
CA SER G 488 1.79 -62.13 -69.71
C SER G 488 2.23 -63.58 -69.78
N ILE G 489 2.80 -63.92 -70.94
CA ILE G 489 3.34 -65.23 -71.21
C ILE G 489 2.43 -66.40 -70.78
N GLY G 490 2.55 -66.78 -69.51
CA GLY G 490 1.74 -67.85 -69.00
C GLY G 490 0.30 -67.47 -69.22
N ALA G 491 0.01 -66.18 -69.09
CA ALA G 491 -1.33 -65.67 -69.31
C ALA G 491 -2.00 -66.50 -70.40
N GLU G 492 -1.45 -66.37 -71.61
CA GLU G 492 -1.94 -67.08 -72.79
C GLU G 492 -1.80 -68.56 -72.53
N VAL G 493 -0.57 -68.94 -72.20
CA VAL G 493 -0.24 -70.33 -71.89
C VAL G 493 -1.42 -71.02 -71.20
N LEU G 494 -1.84 -70.45 -70.07
CA LEU G 494 -2.97 -70.96 -69.31
C LEU G 494 -4.16 -71.00 -70.24
N GLN G 495 -4.55 -69.83 -70.73
CA GLN G 495 -5.67 -69.74 -71.66
C GLN G 495 -5.56 -71.01 -72.53
N GLY G 496 -4.32 -71.35 -72.86
CA GLY G 496 -4.08 -72.53 -73.66
C GLY G 496 -4.40 -73.76 -72.86
N LEU G 497 -3.51 -74.13 -71.94
CA LEU G 497 -3.68 -75.30 -71.07
C LEU G 497 -5.15 -75.56 -70.83
N LEU G 498 -5.89 -74.47 -70.70
CA LEU G 498 -7.33 -74.47 -70.45
C LEU G 498 -8.13 -74.86 -71.67
N GLN G 499 -7.98 -74.12 -72.75
CA GLN G 499 -8.69 -74.46 -73.96
C GLN G 499 -8.15 -75.83 -74.32
N GLY G 500 -6.93 -76.10 -73.85
CA GLY G 500 -6.32 -77.38 -74.09
C GLY G 500 -7.21 -78.46 -73.52
N GLY G 501 -7.76 -78.20 -72.32
CA GLY G 501 -8.64 -79.16 -71.66
C GLY G 501 -8.05 -79.76 -70.41
N ALA G 502 -6.80 -79.40 -70.13
CA ALA G 502 -6.09 -79.89 -68.96
C ALA G 502 -6.78 -79.49 -67.65
N LYS G 503 -6.00 -79.51 -66.58
CA LYS G 503 -6.48 -79.14 -65.26
C LYS G 503 -5.29 -78.39 -64.67
N VAL G 504 -5.50 -77.12 -64.32
CA VAL G 504 -4.39 -76.35 -63.80
C VAL G 504 -4.55 -75.57 -62.50
N VAL G 505 -3.40 -75.35 -61.87
CA VAL G 505 -3.25 -74.64 -60.60
C VAL G 505 -2.38 -73.41 -60.80
N VAL G 506 -2.97 -72.23 -60.71
CA VAL G 506 -2.21 -71.01 -60.92
C VAL G 506 -1.76 -70.33 -59.66
N THR G 507 -0.59 -69.70 -59.75
CA THR G 507 -0.01 -69.01 -58.62
C THR G 507 -0.05 -67.48 -58.79
N THR G 508 -0.49 -66.78 -57.74
CA THR G 508 -0.60 -65.32 -57.78
C THR G 508 0.26 -64.59 -56.77
N SER G 509 0.88 -63.52 -57.23
CA SER G 509 1.72 -62.71 -56.38
C SER G 509 0.81 -61.78 -55.58
N ARG G 510 -0.42 -61.61 -56.02
CA ARG G 510 -1.37 -60.76 -55.31
C ARG G 510 -2.59 -61.59 -55.09
N PHE G 511 -3.74 -60.95 -55.20
CA PHE G 511 -5.00 -61.63 -55.02
C PHE G 511 -6.07 -60.57 -55.16
N SER G 512 -7.20 -60.80 -54.49
CA SER G 512 -8.36 -59.90 -54.50
C SER G 512 -9.34 -60.15 -55.64
N LYS G 513 -10.57 -59.68 -55.46
CA LYS G 513 -11.61 -59.82 -56.47
C LYS G 513 -11.00 -59.37 -57.80
N GLN G 514 -9.95 -58.57 -57.68
CA GLN G 514 -9.23 -58.07 -58.83
C GLN G 514 -8.97 -59.31 -59.66
N VAL G 515 -8.34 -60.28 -59.00
CA VAL G 515 -8.00 -61.53 -59.63
C VAL G 515 -9.00 -62.63 -59.35
N THR G 516 -9.66 -62.62 -58.19
CA THR G 516 -10.64 -63.67 -57.91
C THR G 516 -11.74 -63.43 -58.96
N ASP G 517 -11.44 -62.57 -59.92
CA ASP G 517 -12.36 -62.26 -61.00
C ASP G 517 -11.67 -62.36 -62.33
N TYR G 518 -10.34 -62.21 -62.33
CA TYR G 518 -9.63 -62.33 -63.59
C TYR G 518 -9.77 -63.79 -63.99
N TYR G 519 -9.12 -64.68 -63.23
CA TYR G 519 -9.21 -66.12 -63.50
C TYR G 519 -10.65 -66.53 -63.25
N GLN G 520 -11.56 -65.62 -63.56
CA GLN G 520 -12.97 -65.89 -63.43
C GLN G 520 -13.37 -66.10 -64.86
N SER G 521 -13.47 -65.00 -65.62
CA SER G 521 -13.86 -65.11 -67.01
C SER G 521 -12.85 -66.01 -67.70
N ILE G 522 -11.58 -65.74 -67.43
CA ILE G 522 -10.52 -66.51 -68.03
C ILE G 522 -10.84 -67.97 -68.05
N TYR G 523 -11.53 -68.47 -67.02
CA TYR G 523 -11.90 -69.87 -67.08
C TYR G 523 -13.06 -69.89 -68.07
N ALA G 524 -14.28 -69.90 -67.53
CA ALA G 524 -15.47 -69.92 -68.36
C ALA G 524 -15.31 -69.00 -69.57
N LYS G 525 -14.63 -69.52 -70.58
CA LYS G 525 -14.38 -68.85 -71.85
C LYS G 525 -13.23 -69.52 -72.59
N TYR G 526 -12.38 -70.22 -71.84
CA TYR G 526 -11.25 -70.95 -72.42
C TYR G 526 -11.22 -72.32 -71.76
N GLY G 527 -11.91 -72.41 -70.64
CA GLY G 527 -11.94 -73.67 -69.91
C GLY G 527 -12.56 -74.68 -70.84
N ALA G 528 -11.79 -75.68 -71.24
CA ALA G 528 -12.27 -76.71 -72.15
C ALA G 528 -13.14 -77.77 -71.49
N LYS G 529 -13.88 -78.49 -72.33
CA LYS G 529 -14.80 -79.55 -71.91
C LYS G 529 -14.59 -80.04 -70.49
N GLY G 530 -13.42 -80.62 -70.25
CA GLY G 530 -13.09 -81.15 -68.92
C GLY G 530 -11.93 -80.50 -68.19
N SER G 531 -11.86 -79.17 -68.24
CA SER G 531 -10.81 -78.42 -67.57
C SER G 531 -11.24 -78.12 -66.15
N THR G 532 -10.29 -77.63 -65.36
CA THR G 532 -10.50 -77.27 -63.97
C THR G 532 -9.42 -76.28 -63.62
N LEU G 533 -9.81 -75.15 -63.04
CA LEU G 533 -8.81 -74.14 -62.70
C LEU G 533 -8.73 -73.78 -61.22
N ILE G 534 -7.55 -74.00 -60.64
CA ILE G 534 -7.34 -73.65 -59.25
C ILE G 534 -6.41 -72.47 -59.17
N VAL G 535 -6.95 -71.40 -58.60
CA VAL G 535 -6.23 -70.16 -58.44
C VAL G 535 -5.77 -70.10 -57.01
N VAL G 536 -4.46 -70.01 -56.85
CA VAL G 536 -3.90 -70.00 -55.52
C VAL G 536 -2.90 -68.90 -55.31
N PRO G 537 -2.92 -68.30 -54.10
CA PRO G 537 -2.03 -67.22 -53.68
C PRO G 537 -0.73 -67.91 -53.25
N PHE G 538 0.41 -67.26 -53.50
CA PHE G 538 1.71 -67.86 -53.20
C PHE G 538 2.86 -66.90 -53.53
N ASN G 539 3.96 -67.00 -52.80
CA ASN G 539 5.14 -66.15 -53.04
C ASN G 539 6.31 -67.09 -53.07
N GLN G 540 6.91 -67.25 -54.23
CA GLN G 540 8.01 -68.19 -54.33
C GLN G 540 9.19 -68.04 -53.35
N GLY G 541 9.21 -66.98 -52.55
CA GLY G 541 10.29 -66.81 -51.58
C GLY G 541 10.12 -67.69 -50.36
N SER G 542 11.18 -67.89 -49.59
CA SER G 542 11.16 -68.72 -48.37
C SER G 542 10.28 -69.97 -48.48
N LYS G 543 10.91 -71.12 -48.75
CA LYS G 543 10.18 -72.36 -48.93
C LYS G 543 8.80 -72.33 -48.30
N GLN G 544 8.61 -72.98 -47.15
CA GLN G 544 7.31 -73.01 -46.50
C GLN G 544 6.23 -72.90 -47.55
N ASP G 545 5.72 -71.68 -47.74
CA ASP G 545 4.70 -71.38 -48.75
C ASP G 545 4.90 -72.33 -49.92
N VAL G 546 6.17 -72.54 -50.26
CA VAL G 546 6.55 -73.44 -51.32
C VAL G 546 6.19 -74.84 -50.86
N GLU G 547 7.05 -75.37 -50.01
CA GLU G 547 6.87 -76.71 -49.48
C GLU G 547 5.40 -77.05 -49.36
N ALA G 548 4.58 -76.08 -49.00
CA ALA G 548 3.17 -76.34 -48.82
C ALA G 548 2.39 -76.33 -50.12
N LEU G 549 2.70 -75.36 -50.96
CA LEU G 549 2.01 -75.29 -52.23
C LEU G 549 2.12 -76.70 -52.82
N ILE G 550 3.35 -77.11 -53.11
CA ILE G 550 3.62 -78.45 -53.65
C ILE G 550 2.76 -79.40 -52.85
N GLU G 551 2.98 -79.37 -51.54
CA GLU G 551 2.26 -80.20 -50.59
C GLU G 551 0.79 -80.20 -50.90
N PHE G 552 0.14 -79.08 -50.59
CA PHE G 552 -1.29 -78.94 -50.83
C PHE G 552 -1.80 -79.60 -52.11
N ILE G 553 -0.92 -79.69 -53.11
CA ILE G 553 -1.28 -80.26 -54.41
C ILE G 553 -1.41 -81.78 -54.45
N TYR G 554 -0.82 -82.47 -53.50
CA TYR G 554 -0.89 -83.91 -53.51
C TYR G 554 -1.77 -84.48 -52.44
N ASP G 555 -1.83 -83.85 -51.28
CA ASP G 555 -2.66 -84.37 -50.21
C ASP G 555 -4.08 -84.72 -50.71
N THR G 556 -4.75 -85.66 -50.04
CA THR G 556 -6.09 -86.10 -50.42
C THR G 556 -7.20 -85.14 -50.11
N GLU G 557 -8.20 -85.14 -50.98
CA GLU G 557 -9.34 -84.27 -50.80
C GLU G 557 -9.91 -84.52 -49.43
N LYS G 558 -9.75 -85.75 -48.95
CA LYS G 558 -10.27 -86.08 -47.64
C LYS G 558 -9.46 -85.41 -46.57
N ASN G 559 -8.34 -84.85 -46.98
CA ASN G 559 -7.47 -84.10 -46.08
C ASN G 559 -7.43 -82.70 -46.66
N GLY G 560 -6.22 -82.19 -46.93
CA GLY G 560 -6.12 -80.87 -47.52
C GLY G 560 -6.99 -80.78 -48.79
N GLY G 561 -6.59 -81.49 -49.83
CA GLY G 561 -7.35 -81.46 -51.06
C GLY G 561 -6.42 -81.47 -52.26
N LEU G 562 -6.98 -81.23 -53.44
CA LEU G 562 -6.21 -81.23 -54.67
C LEU G 562 -5.52 -82.57 -54.76
N GLY G 563 -6.33 -83.62 -54.82
CA GLY G 563 -5.80 -84.97 -54.87
C GLY G 563 -5.20 -85.26 -56.21
N TRP G 564 -4.13 -84.53 -56.53
CA TRP G 564 -3.49 -84.68 -57.82
C TRP G 564 -2.10 -85.32 -57.79
N ASP G 565 -1.44 -85.28 -58.95
CA ASP G 565 -0.10 -85.84 -59.11
C ASP G 565 0.81 -84.86 -59.84
N LEU G 566 0.21 -83.97 -60.62
CA LEU G 566 1.00 -82.97 -61.35
C LEU G 566 1.98 -83.57 -62.36
N ASP G 567 1.76 -83.27 -63.64
CA ASP G 567 2.60 -83.78 -64.73
C ASP G 567 3.51 -82.76 -65.40
N ALA G 568 3.46 -81.52 -64.94
CA ALA G 568 4.31 -80.50 -65.51
C ALA G 568 4.41 -79.22 -64.69
N ILE G 569 5.59 -78.62 -64.73
CA ILE G 569 5.86 -77.41 -64.00
C ILE G 569 6.35 -76.28 -64.87
N ILE G 570 5.76 -75.11 -64.70
CA ILE G 570 6.13 -73.94 -65.47
C ILE G 570 6.39 -72.85 -64.44
N PRO G 571 7.59 -72.87 -63.84
CA PRO G 571 8.18 -72.00 -62.80
C PRO G 571 8.71 -70.65 -63.18
N PHE G 572 7.86 -69.73 -63.57
CA PHE G 572 8.38 -68.42 -63.99
C PHE G 572 8.30 -67.35 -62.92
N ALA G 573 9.48 -67.05 -62.38
CA ALA G 573 9.68 -66.07 -61.32
C ALA G 573 8.92 -64.78 -61.51
N ALA G 574 9.57 -63.69 -61.10
CA ALA G 574 8.98 -62.37 -61.21
C ALA G 574 10.00 -61.35 -60.68
N ILE G 575 9.50 -60.18 -60.28
CA ILE G 575 10.37 -59.15 -59.77
C ILE G 575 11.24 -58.58 -60.86
N PRO G 576 11.42 -57.25 -60.85
CA PRO G 576 12.23 -56.58 -61.85
C PRO G 576 13.72 -56.84 -61.70
N GLU G 577 14.43 -55.76 -61.36
CA GLU G 577 15.87 -55.73 -61.19
C GLU G 577 16.36 -54.85 -62.31
N GLN G 578 16.54 -53.56 -62.02
CA GLN G 578 17.00 -52.60 -63.02
C GLN G 578 17.84 -51.54 -62.35
N GLY G 579 18.86 -51.07 -63.05
CA GLY G 579 19.70 -50.04 -62.49
C GLY G 579 20.60 -50.57 -61.40
N ILE G 580 20.84 -51.88 -61.46
CA ILE G 580 21.69 -52.54 -60.49
C ILE G 580 22.85 -53.29 -61.11
N GLU G 581 24.03 -52.68 -61.04
CA GLU G 581 25.24 -53.28 -61.57
C GLU G 581 25.83 -54.08 -60.42
N LEU G 582 26.93 -54.77 -60.67
CA LEU G 582 27.56 -55.56 -59.64
C LEU G 582 27.48 -54.74 -58.34
N GLU G 583 27.96 -53.50 -58.39
CA GLU G 583 27.97 -52.61 -57.24
C GLU G 583 26.80 -52.80 -56.29
N HIS G 584 25.88 -51.85 -56.36
CA HIS G 584 24.68 -51.86 -55.53
C HIS G 584 23.97 -53.14 -55.90
N ILE G 585 23.65 -53.98 -54.93
CA ILE G 585 23.01 -55.22 -55.31
C ILE G 585 22.26 -56.01 -54.25
N ASP G 586 22.74 -55.99 -53.00
CA ASP G 586 22.05 -56.76 -51.94
C ASP G 586 20.54 -56.65 -51.94
N SER G 587 19.89 -57.37 -51.04
CA SER G 587 18.45 -57.34 -50.94
C SER G 587 17.78 -57.79 -52.22
N LYS G 588 16.71 -57.09 -52.58
CA LYS G 588 15.92 -57.37 -53.75
C LYS G 588 16.57 -58.41 -54.67
N SER G 589 17.72 -58.06 -55.24
CA SER G 589 18.42 -58.99 -56.14
C SER G 589 18.50 -60.33 -55.44
N GLU G 590 19.15 -60.31 -54.28
CA GLU G 590 19.33 -61.50 -53.46
C GLU G 590 18.01 -62.26 -53.35
N PHE G 591 16.97 -61.52 -52.98
CA PHE G 591 15.65 -62.10 -52.86
C PHE G 591 15.44 -62.80 -54.20
N ALA G 592 15.20 -61.98 -55.21
CA ALA G 592 14.99 -62.46 -56.56
C ALA G 592 15.76 -63.75 -56.79
N HIS G 593 17.05 -63.57 -56.98
CA HIS G 593 18.01 -64.64 -57.20
C HIS G 593 17.52 -65.98 -56.65
N ARG G 594 16.99 -65.93 -55.43
CA ARG G 594 16.47 -67.10 -54.73
C ARG G 594 15.08 -67.45 -55.28
N ILE G 595 14.20 -66.46 -55.25
CA ILE G 595 12.85 -66.68 -55.72
C ILE G 595 12.91 -67.00 -57.19
N MET G 596 13.99 -66.54 -57.82
CA MET G 596 14.21 -66.72 -59.23
C MET G 596 14.92 -68.01 -59.61
N LEU G 597 15.29 -68.81 -58.61
CA LEU G 597 15.99 -70.09 -58.84
C LEU G 597 15.85 -71.13 -57.70
N THR G 598 16.56 -70.87 -56.61
CA THR G 598 16.59 -71.71 -55.42
C THR G 598 15.33 -72.51 -55.20
N ASN G 599 14.36 -71.90 -54.56
CA ASN G 599 13.11 -72.57 -54.26
C ASN G 599 12.68 -73.41 -55.44
N ILE G 600 12.77 -72.83 -56.63
CA ILE G 600 12.38 -73.56 -57.83
C ILE G 600 13.03 -74.92 -57.66
N LEU G 601 14.34 -74.91 -57.42
CA LEU G 601 15.07 -76.14 -57.19
C LEU G 601 14.21 -76.92 -56.20
N ARG G 602 14.15 -76.41 -54.97
CA ARG G 602 13.39 -77.02 -53.88
C ARG G 602 12.00 -77.44 -54.36
N MET G 603 11.36 -76.56 -55.15
CA MET G 603 10.05 -76.83 -55.72
C MET G 603 10.12 -78.21 -56.33
N MET G 604 11.03 -78.35 -57.28
CA MET G 604 11.26 -79.62 -57.95
C MET G 604 11.45 -80.63 -56.83
N GLY G 605 12.42 -80.34 -55.97
CA GLY G 605 12.72 -81.22 -54.85
C GLY G 605 11.48 -81.81 -54.25
N CYS G 606 10.67 -80.96 -53.61
CA CYS G 606 9.44 -81.41 -52.99
C CYS G 606 8.64 -82.29 -53.93
N VAL G 607 8.45 -81.83 -55.17
CA VAL G 607 7.71 -82.62 -56.14
C VAL G 607 8.37 -83.97 -56.27
N LYS G 608 9.69 -83.98 -56.36
CA LYS G 608 10.41 -85.23 -56.46
C LYS G 608 9.94 -86.12 -55.34
N LYS G 609 10.31 -85.72 -54.13
CA LYS G 609 9.96 -86.50 -52.97
C LYS G 609 8.50 -86.87 -53.06
N GLN G 610 7.65 -85.87 -52.96
CA GLN G 610 6.21 -86.11 -53.01
C GLN G 610 5.89 -87.35 -53.84
N LYS G 611 6.36 -87.36 -55.09
CA LYS G 611 6.12 -88.50 -55.96
C LYS G 611 6.92 -89.68 -55.39
N SER G 612 8.23 -89.61 -55.59
CA SER G 612 9.14 -90.65 -55.11
C SER G 612 8.63 -91.24 -53.79
N ALA G 613 7.96 -90.39 -53.01
CA ALA G 613 7.40 -90.82 -51.75
C ALA G 613 6.51 -91.99 -52.04
N ARG G 614 5.35 -91.70 -52.61
CA ARG G 614 4.37 -92.73 -52.92
C ARG G 614 4.89 -93.90 -53.77
N GLY G 615 5.39 -93.61 -54.96
CA GLY G 615 5.90 -94.68 -55.83
C GLY G 615 5.70 -94.34 -57.29
N ILE G 616 5.47 -93.06 -57.54
CA ILE G 616 5.24 -92.52 -58.87
C ILE G 616 6.57 -92.37 -59.63
N GLU G 617 7.38 -93.41 -59.62
CA GLU G 617 8.65 -93.36 -60.33
C GLU G 617 8.47 -93.76 -61.79
N THR G 618 7.23 -93.76 -62.25
CA THR G 618 6.89 -94.11 -63.63
C THR G 618 5.89 -93.11 -64.25
N ARG G 619 6.18 -91.82 -64.13
CA ARG G 619 5.32 -90.77 -64.67
C ARG G 619 5.86 -89.42 -64.27
N PRO G 620 7.15 -89.19 -64.51
CA PRO G 620 7.74 -87.90 -64.14
C PRO G 620 6.95 -86.74 -64.70
N ALA G 621 7.34 -85.53 -64.28
CA ALA G 621 6.69 -84.30 -64.72
C ALA G 621 7.72 -83.42 -65.40
N GLN G 622 7.31 -82.75 -66.47
CA GLN G 622 8.21 -81.90 -67.22
C GLN G 622 8.37 -80.53 -66.53
N VAL G 623 9.52 -79.88 -66.73
CA VAL G 623 9.77 -78.56 -66.12
C VAL G 623 10.40 -77.52 -67.08
N ILE G 624 9.53 -76.75 -67.73
CA ILE G 624 9.92 -75.73 -68.67
C ILE G 624 10.69 -74.57 -68.07
N LEU G 625 11.93 -74.81 -67.67
CA LEU G 625 12.71 -73.74 -67.06
C LEU G 625 12.89 -72.54 -67.95
N PRO G 626 12.31 -71.39 -67.60
CA PRO G 626 12.53 -70.27 -68.50
C PRO G 626 14.02 -69.94 -68.45
N MET G 627 14.70 -70.20 -69.57
CA MET G 627 16.13 -69.99 -69.71
C MET G 627 16.37 -68.59 -70.22
N SER G 628 17.63 -68.18 -70.25
CA SER G 628 17.94 -66.86 -70.80
C SER G 628 19.03 -66.95 -71.82
N PRO G 629 18.91 -66.18 -72.91
CA PRO G 629 19.94 -66.22 -73.95
C PRO G 629 21.04 -65.21 -73.66
N ASN G 630 20.64 -64.11 -73.04
CA ASN G 630 21.55 -63.01 -72.77
C ASN G 630 21.80 -62.70 -71.30
N HIS G 631 22.56 -63.56 -70.65
CA HIS G 631 22.87 -63.36 -69.25
C HIS G 631 24.24 -62.74 -69.06
N GLY G 632 24.27 -61.57 -68.43
CA GLY G 632 25.51 -60.86 -68.20
C GLY G 632 25.68 -59.97 -69.42
N THR G 633 24.78 -60.21 -70.36
CA THR G 633 24.75 -59.51 -71.63
C THR G 633 24.56 -58.01 -71.52
N PHE G 634 23.31 -57.58 -71.39
CA PHE G 634 23.00 -56.16 -71.32
C PHE G 634 23.86 -55.37 -70.32
N GLY G 635 23.19 -54.72 -69.37
CA GLY G 635 23.91 -53.94 -68.37
C GLY G 635 23.45 -54.26 -66.96
N GLY G 636 22.79 -53.29 -66.33
CA GLY G 636 22.30 -53.46 -64.96
C GLY G 636 21.25 -54.54 -64.79
N ASP G 637 21.68 -55.78 -64.92
CA ASP G 637 20.77 -56.91 -64.79
C ASP G 637 20.39 -57.17 -63.34
N GLY G 638 21.34 -57.07 -62.43
CA GLY G 638 21.06 -57.35 -61.03
C GLY G 638 21.56 -58.75 -60.77
N MET G 639 20.69 -59.73 -60.93
CA MET G 639 21.08 -61.11 -60.76
C MET G 639 20.18 -61.99 -61.59
N TYR G 640 19.40 -61.33 -62.45
CA TYR G 640 18.48 -62.00 -63.37
C TYR G 640 19.33 -62.89 -64.28
N SER G 641 20.57 -62.48 -64.41
CA SER G 641 21.52 -63.22 -65.22
C SER G 641 21.88 -64.45 -64.40
N GLU G 642 22.81 -64.28 -63.47
CA GLU G 642 23.28 -65.35 -62.63
C GLU G 642 22.17 -66.28 -62.21
N SER G 643 20.98 -65.73 -61.98
CA SER G 643 19.85 -66.57 -61.60
C SER G 643 19.58 -67.57 -62.72
N LYS G 644 19.19 -67.04 -63.87
CA LYS G 644 18.89 -67.85 -65.04
C LYS G 644 20.02 -68.84 -65.29
N LEU G 645 21.15 -68.32 -65.74
CA LEU G 645 22.34 -69.12 -66.00
C LEU G 645 22.43 -70.40 -65.15
N SER G 646 22.31 -70.25 -63.85
CA SER G 646 22.39 -71.40 -62.98
C SER G 646 21.42 -72.48 -63.41
N LEU G 647 20.16 -72.12 -63.62
CA LEU G 647 19.13 -73.08 -64.05
C LEU G 647 19.65 -74.17 -64.97
N GLU G 648 20.64 -73.83 -65.77
CA GLU G 648 21.24 -74.75 -66.74
C GLU G 648 21.91 -75.92 -66.06
N THR G 649 22.28 -75.72 -64.82
CA THR G 649 22.92 -76.78 -64.08
C THR G 649 21.94 -77.91 -64.11
N LEU G 650 20.67 -77.56 -63.94
CA LEU G 650 19.61 -78.53 -63.92
C LEU G 650 19.69 -79.55 -65.05
N PHE G 651 20.44 -79.21 -66.10
CA PHE G 651 20.59 -80.13 -67.22
C PHE G 651 21.54 -81.27 -66.89
N ASN G 652 22.67 -80.93 -66.27
CA ASN G 652 23.65 -81.94 -65.87
C ASN G 652 23.17 -82.60 -64.58
N ARG G 653 22.21 -81.95 -63.95
CA ARG G 653 21.61 -82.48 -62.74
C ARG G 653 20.90 -83.75 -63.15
N TRP G 654 19.86 -83.59 -63.96
CA TRP G 654 19.04 -84.69 -64.44
C TRP G 654 19.79 -85.99 -64.55
N HIS G 655 21.08 -85.88 -64.84
CA HIS G 655 21.94 -87.05 -64.94
C HIS G 655 22.74 -87.12 -63.65
N SER G 656 22.75 -88.30 -63.03
CA SER G 656 23.48 -88.58 -61.78
C SER G 656 22.61 -88.59 -60.51
N GLU G 657 21.73 -87.60 -60.37
CA GLU G 657 20.87 -87.54 -59.21
C GLU G 657 19.57 -88.30 -59.47
N SER G 658 19.30 -89.27 -58.62
CA SER G 658 18.12 -90.11 -58.75
C SER G 658 16.80 -89.35 -58.67
N TRP G 659 16.28 -88.94 -59.82
CA TRP G 659 15.02 -88.22 -59.84
C TRP G 659 14.47 -87.95 -61.23
N ALA G 660 15.12 -88.56 -62.21
CA ALA G 660 14.71 -88.40 -63.58
C ALA G 660 13.40 -89.16 -63.80
N ASN G 661 12.97 -89.87 -62.77
CA ASN G 661 11.75 -90.66 -62.86
C ASN G 661 10.54 -89.91 -62.27
N GLN G 662 10.75 -88.64 -61.97
CA GLN G 662 9.71 -87.81 -61.42
C GLN G 662 9.78 -86.45 -62.08
N LEU G 663 10.97 -86.05 -62.47
CA LEU G 663 11.13 -84.78 -63.12
C LEU G 663 11.80 -84.88 -64.47
N THR G 664 11.50 -83.92 -65.35
CA THR G 664 12.07 -83.88 -66.69
C THR G 664 12.50 -82.48 -67.08
N VAL G 665 13.81 -82.29 -67.19
CA VAL G 665 14.33 -80.98 -67.56
C VAL G 665 13.79 -80.67 -68.92
N CYS G 666 13.99 -79.43 -69.34
CA CYS G 666 13.48 -78.97 -70.62
C CYS G 666 13.70 -77.47 -70.66
N GLY G 667 14.78 -77.05 -71.32
CA GLY G 667 15.06 -75.64 -71.42
C GLY G 667 13.89 -74.88 -72.01
N ALA G 668 14.17 -73.72 -72.62
CA ALA G 668 13.16 -72.87 -73.26
C ALA G 668 13.64 -71.44 -73.12
N ILE G 669 14.77 -71.16 -73.73
CA ILE G 669 15.40 -69.85 -73.66
C ILE G 669 14.58 -68.58 -73.92
N ILE G 670 13.72 -68.58 -74.94
CA ILE G 670 12.89 -67.42 -75.30
C ILE G 670 13.41 -66.03 -74.95
N GLY G 671 13.78 -65.28 -75.97
CA GLY G 671 14.26 -63.94 -75.73
C GLY G 671 13.36 -62.96 -76.45
N TRP G 672 13.52 -61.69 -76.10
CA TRP G 672 12.77 -60.60 -76.72
C TRP G 672 11.35 -60.89 -77.15
N THR G 673 10.40 -60.56 -76.27
CA THR G 673 8.99 -60.78 -76.56
C THR G 673 8.11 -59.61 -76.14
N ARG G 674 7.75 -58.77 -77.10
CA ARG G 674 6.91 -57.58 -76.89
C ARG G 674 5.58 -57.91 -76.18
N GLY G 675 4.56 -57.08 -76.42
CA GLY G 675 3.27 -57.28 -75.78
C GLY G 675 3.52 -57.11 -74.30
N THR G 676 3.81 -55.87 -73.88
CA THR G 676 4.11 -55.57 -72.50
C THR G 676 2.94 -55.39 -71.53
N GLY G 677 3.17 -55.90 -70.32
CA GLY G 677 2.23 -55.80 -69.23
C GLY G 677 3.09 -55.39 -68.05
N LEU G 678 4.26 -56.02 -67.95
CA LEU G 678 5.25 -55.75 -66.91
C LEU G 678 6.31 -56.84 -66.87
N MET G 679 7.30 -56.72 -67.75
CA MET G 679 8.41 -57.65 -67.84
C MET G 679 8.87 -57.90 -69.27
N SER G 680 8.36 -57.11 -70.21
CA SER G 680 8.71 -57.25 -71.62
C SER G 680 9.74 -56.21 -72.07
N ALA G 681 10.94 -56.68 -72.40
CA ALA G 681 12.06 -55.84 -72.82
C ALA G 681 11.69 -54.72 -73.81
N ASN G 682 12.52 -53.68 -73.81
CA ASN G 682 12.38 -52.50 -74.65
C ASN G 682 11.19 -52.43 -75.58
N ASN G 683 9.98 -52.55 -75.03
CA ASN G 683 8.76 -52.48 -75.81
C ASN G 683 8.86 -51.07 -76.40
N ILE G 684 9.64 -50.94 -77.48
CA ILE G 684 9.88 -49.65 -78.12
C ILE G 684 10.40 -49.89 -79.52
N ILE G 685 11.69 -50.20 -79.56
CA ILE G 685 12.40 -50.47 -80.79
C ILE G 685 11.66 -51.57 -81.56
N ALA G 686 12.04 -52.82 -81.32
CA ALA G 686 11.42 -53.96 -82.00
C ALA G 686 11.83 -54.01 -83.45
N GLU G 687 11.13 -53.21 -84.26
CA GLU G 687 11.44 -53.13 -85.68
C GLU G 687 12.94 -52.83 -85.72
N GLY G 688 13.36 -51.90 -84.86
CA GLY G 688 14.76 -51.50 -84.80
C GLY G 688 15.75 -52.64 -84.62
N ILE G 689 15.24 -53.86 -84.53
CA ILE G 689 16.10 -55.00 -84.39
C ILE G 689 15.69 -55.98 -85.47
N GLU G 690 14.42 -55.92 -85.87
CA GLU G 690 13.91 -56.77 -86.94
C GLU G 690 14.30 -56.12 -88.27
N LYS G 691 15.39 -55.36 -88.24
CA LYS G 691 15.92 -54.69 -89.42
C LYS G 691 17.38 -55.06 -89.52
N MET G 692 18.13 -54.81 -88.46
CA MET G 692 19.55 -55.14 -88.46
C MET G 692 19.67 -56.66 -88.52
N GLY G 693 18.94 -57.25 -89.47
CA GLY G 693 18.99 -58.69 -89.64
C GLY G 693 17.63 -59.32 -89.43
N VAL G 694 16.63 -58.50 -89.13
CA VAL G 694 15.28 -58.99 -88.87
C VAL G 694 15.38 -60.26 -88.03
N ARG G 695 16.19 -60.20 -86.98
CA ARG G 695 16.38 -61.34 -86.09
C ARG G 695 15.09 -61.69 -85.37
N THR G 696 14.00 -61.59 -86.13
CA THR G 696 12.64 -61.91 -85.72
C THR G 696 12.12 -61.45 -84.35
N PHE G 697 10.82 -61.70 -84.17
CA PHE G 697 10.06 -61.40 -82.97
C PHE G 697 9.74 -60.00 -82.51
N SER G 698 8.52 -59.94 -81.98
CA SER G 698 7.88 -58.74 -81.45
C SER G 698 6.46 -59.29 -81.27
N GLN G 699 6.37 -60.61 -81.36
CA GLN G 699 5.12 -61.35 -81.23
C GLN G 699 5.03 -61.89 -79.80
N LYS G 700 3.83 -61.93 -79.25
CA LYS G 700 3.67 -62.38 -77.88
C LYS G 700 2.92 -63.67 -77.68
N GLU G 701 1.87 -63.93 -78.45
CA GLU G 701 1.15 -65.18 -78.27
C GLU G 701 2.09 -66.36 -78.53
N MET G 702 3.38 -66.05 -78.47
CA MET G 702 4.43 -67.01 -78.64
C MET G 702 4.26 -68.11 -77.63
N ALA G 703 3.49 -67.84 -76.58
CA ALA G 703 3.25 -68.84 -75.54
C ALA G 703 2.99 -70.13 -76.29
N PHE G 704 2.22 -69.98 -77.36
CA PHE G 704 1.87 -71.06 -78.24
C PHE G 704 3.10 -71.95 -78.41
N ASN G 705 4.27 -71.34 -78.44
CA ASN G 705 5.53 -72.07 -78.58
C ASN G 705 5.73 -73.06 -77.45
N LEU G 706 6.23 -72.54 -76.34
CA LEU G 706 6.43 -73.37 -75.18
C LEU G 706 5.20 -74.27 -75.15
N LEU G 707 4.03 -73.64 -75.15
CA LEU G 707 2.73 -74.33 -75.15
C LEU G 707 2.79 -75.68 -75.89
N GLY G 708 3.44 -75.68 -77.04
CA GLY G 708 3.58 -76.89 -77.82
C GLY G 708 4.86 -77.59 -77.47
N LEU G 709 5.84 -76.81 -77.03
CA LEU G 709 7.12 -77.35 -76.62
C LEU G 709 6.80 -78.38 -75.53
N LEU G 710 5.51 -78.57 -75.31
CA LEU G 710 5.00 -79.47 -74.31
C LEU G 710 3.99 -80.49 -74.88
N THR G 711 4.13 -80.79 -76.17
CA THR G 711 3.24 -81.75 -76.82
C THR G 711 3.80 -83.16 -76.65
N PRO G 712 2.95 -84.21 -76.72
CA PRO G 712 3.56 -85.53 -76.57
C PRO G 712 4.75 -85.56 -77.52
N GLU G 713 5.50 -86.65 -77.52
CA GLU G 713 6.66 -86.68 -78.38
C GLU G 713 7.64 -85.74 -77.71
N VAL G 714 7.47 -84.43 -77.92
CA VAL G 714 8.35 -83.46 -77.29
C VAL G 714 8.58 -83.98 -75.88
N VAL G 715 7.48 -84.33 -75.22
CA VAL G 715 7.50 -84.90 -73.86
C VAL G 715 8.38 -86.14 -73.96
N GLU G 716 7.80 -87.15 -74.58
CA GLU G 716 8.46 -88.43 -74.81
C GLU G 716 9.95 -88.17 -75.03
N LEU G 717 10.26 -87.12 -75.77
CA LEU G 717 11.63 -86.75 -76.07
C LEU G 717 12.42 -86.31 -74.87
N CYS G 718 12.02 -85.23 -74.23
CA CYS G 718 12.74 -84.76 -73.06
C CYS G 718 12.83 -85.98 -72.19
N GLN G 719 11.72 -86.72 -72.16
CA GLN G 719 11.60 -87.92 -71.39
C GLN G 719 12.73 -88.89 -71.67
N LYS G 720 13.40 -88.71 -72.81
CA LYS G 720 14.53 -89.54 -73.21
C LYS G 720 15.78 -88.92 -72.63
N SER G 721 15.79 -87.60 -72.66
CA SER G 721 16.92 -86.83 -72.17
C SER G 721 16.55 -85.35 -72.11
N PRO G 722 17.40 -84.53 -71.46
CA PRO G 722 17.13 -83.10 -71.34
C PRO G 722 16.87 -82.50 -72.71
N VAL G 723 16.40 -81.25 -72.75
CA VAL G 723 16.11 -80.62 -74.03
C VAL G 723 16.26 -79.09 -74.10
N MET G 724 17.45 -78.60 -74.45
CA MET G 724 17.69 -77.17 -74.62
C MET G 724 16.81 -76.88 -75.85
N ALA G 725 16.18 -75.71 -75.94
CA ALA G 725 15.33 -75.43 -77.10
C ALA G 725 14.93 -73.96 -77.24
N ASP G 726 15.93 -73.13 -77.56
CA ASP G 726 15.75 -71.69 -77.71
C ASP G 726 14.60 -71.23 -78.59
N LEU G 727 14.02 -70.10 -78.20
CA LEU G 727 12.94 -69.48 -78.94
C LEU G 727 13.36 -68.02 -79.12
N ASN G 728 14.67 -67.84 -79.30
CA ASN G 728 15.25 -66.52 -79.51
C ASN G 728 15.36 -66.35 -81.02
N GLY G 729 14.87 -65.22 -81.54
CA GLY G 729 14.93 -64.99 -82.97
C GLY G 729 16.35 -64.91 -83.49
N GLY G 730 17.13 -65.96 -83.25
CA GLY G 730 18.50 -65.96 -83.69
C GLY G 730 19.22 -64.72 -83.24
N LEU G 731 18.52 -63.85 -82.52
CA LEU G 731 19.09 -62.60 -81.99
C LEU G 731 20.53 -62.86 -81.66
N GLN G 732 20.75 -64.07 -81.13
CA GLN G 732 22.05 -64.57 -80.71
C GLN G 732 23.16 -64.43 -81.77
N PHE G 733 22.85 -63.78 -82.89
CA PHE G 733 23.83 -63.58 -83.98
C PHE G 733 24.32 -62.14 -84.07
N VAL G 734 23.46 -61.22 -83.67
CA VAL G 734 23.76 -59.82 -83.70
C VAL G 734 25.03 -59.54 -82.90
N PRO G 735 25.77 -58.47 -83.27
CA PRO G 735 27.03 -57.99 -82.68
C PRO G 735 26.92 -56.85 -81.64
N GLU G 736 27.56 -57.06 -80.48
CA GLU G 736 27.53 -56.08 -79.39
C GLU G 736 26.07 -55.69 -79.15
N LEU G 737 25.23 -56.72 -79.19
CA LEU G 737 23.79 -56.57 -79.03
C LEU G 737 23.41 -55.38 -78.19
N LYS G 738 24.15 -55.14 -77.13
CA LYS G 738 23.82 -54.00 -76.29
C LYS G 738 23.94 -52.75 -77.13
N GLU G 739 25.14 -52.21 -77.17
CA GLU G 739 25.44 -51.00 -77.91
C GLU G 739 24.60 -50.88 -79.16
N PHE G 740 24.29 -52.00 -79.78
CA PHE G 740 23.45 -51.94 -80.96
C PHE G 740 22.07 -51.53 -80.46
N THR G 741 21.44 -52.40 -79.67
CA THR G 741 20.12 -52.12 -79.11
C THR G 741 20.15 -50.73 -78.54
N ALA G 742 21.24 -50.45 -77.84
CA ALA G 742 21.45 -49.14 -77.24
C ALA G 742 21.18 -48.08 -78.28
N LYS G 743 22.17 -47.83 -79.13
CA LYS G 743 22.04 -46.85 -80.19
C LYS G 743 20.56 -46.70 -80.57
N LEU G 744 19.97 -47.77 -81.08
CA LEU G 744 18.58 -47.78 -81.50
C LEU G 744 17.72 -46.80 -80.74
N ARG G 745 17.61 -47.00 -79.42
CA ARG G 745 16.80 -46.11 -78.61
C ARG G 745 17.48 -44.75 -78.56
N LYS G 746 18.74 -44.74 -78.14
CA LYS G 746 19.51 -43.50 -78.03
C LYS G 746 19.37 -42.59 -79.24
N GLU G 747 19.15 -43.21 -80.40
CA GLU G 747 18.97 -42.48 -81.65
C GLU G 747 17.47 -42.12 -81.74
N LEU G 748 16.65 -43.15 -81.73
CA LEU G 748 15.20 -43.03 -81.81
C LEU G 748 14.69 -42.09 -80.73
N VAL G 749 15.48 -41.96 -79.67
CA VAL G 749 15.15 -41.08 -78.57
C VAL G 749 15.25 -39.65 -79.08
N GLU G 750 16.48 -39.19 -79.26
CA GLU G 750 16.73 -37.84 -79.72
C GLU G 750 15.84 -37.43 -80.88
N THR G 751 15.63 -38.34 -81.83
CA THR G 751 14.78 -38.03 -82.97
C THR G 751 13.48 -37.43 -82.47
N SER G 752 12.89 -38.06 -81.45
CA SER G 752 11.64 -37.59 -80.87
C SER G 752 11.85 -36.35 -80.02
N GLU G 753 12.89 -36.37 -79.19
CA GLU G 753 13.18 -35.24 -78.32
C GLU G 753 13.52 -34.00 -79.15
N VAL G 754 13.86 -34.21 -80.41
CA VAL G 754 14.19 -33.11 -81.29
C VAL G 754 12.95 -32.54 -81.99
N ARG G 755 12.21 -33.39 -82.70
CA ARG G 755 10.99 -32.92 -83.37
C ARG G 755 10.24 -32.16 -82.29
N LYS G 756 9.97 -32.88 -81.21
CA LYS G 756 9.28 -32.35 -80.03
C LYS G 756 9.96 -31.03 -79.59
N ALA G 757 11.29 -30.98 -79.71
CA ALA G 757 12.04 -29.79 -79.32
C ALA G 757 11.67 -28.61 -80.20
N VAL G 758 11.96 -28.74 -81.48
CA VAL G 758 11.66 -27.70 -82.45
C VAL G 758 10.26 -27.18 -82.17
N SER G 759 9.26 -28.01 -82.47
CA SER G 759 7.86 -27.68 -82.25
C SER G 759 7.60 -26.39 -81.50
N ILE G 760 7.93 -26.40 -80.20
CA ILE G 760 7.72 -25.22 -79.37
C ILE G 760 8.42 -23.94 -79.85
N GLU G 761 9.75 -23.93 -79.83
CA GLU G 761 10.50 -22.76 -80.25
C GLU G 761 9.99 -22.24 -81.59
N THR G 762 9.67 -23.14 -82.52
CA THR G 762 9.19 -22.73 -83.83
C THR G 762 7.88 -21.95 -83.71
N ALA G 763 6.79 -22.66 -83.44
CA ALA G 763 5.48 -22.03 -83.30
C ALA G 763 5.50 -20.98 -82.21
N LEU G 764 6.67 -20.79 -81.60
CA LEU G 764 6.83 -19.79 -80.56
C LEU G 764 7.06 -18.45 -81.29
N GLU G 765 8.00 -18.44 -82.23
CA GLU G 765 8.31 -17.24 -83.01
C GLU G 765 7.04 -16.78 -83.69
N HIS G 766 6.16 -17.75 -83.92
CA HIS G 766 4.88 -17.51 -84.56
C HIS G 766 3.95 -16.68 -83.68
N LYS G 767 3.74 -17.12 -82.45
CA LYS G 767 2.87 -16.40 -81.51
C LYS G 767 3.48 -15.03 -81.20
N VAL G 768 4.74 -14.87 -81.55
CA VAL G 768 5.45 -13.61 -81.33
C VAL G 768 5.04 -12.67 -82.45
N VAL G 769 5.46 -13.02 -83.66
CA VAL G 769 5.16 -12.26 -84.86
C VAL G 769 3.73 -11.75 -84.85
N ASN G 770 2.78 -12.66 -85.02
CA ASN G 770 1.36 -12.33 -85.04
C ASN G 770 0.86 -11.81 -83.69
N GLY G 771 -0.45 -11.87 -83.48
CA GLY G 771 -1.01 -11.40 -82.23
C GLY G 771 -2.01 -12.38 -81.62
N ASN G 772 -1.79 -13.67 -81.91
CA ASN G 772 -2.62 -14.78 -81.41
C ASN G 772 -3.75 -15.17 -82.40
N SER G 773 -3.98 -16.47 -82.57
CA SER G 773 -5.04 -16.98 -83.46
C SER G 773 -5.01 -18.52 -83.73
N ALA G 774 -5.96 -19.26 -83.14
CA ALA G 774 -6.09 -20.72 -83.30
C ALA G 774 -6.92 -21.43 -82.21
N ASP G 775 -7.30 -22.69 -82.49
CA ASP G 775 -8.07 -23.55 -81.58
C ASP G 775 -9.52 -23.12 -81.29
N ALA G 776 -10.45 -24.08 -81.37
CA ALA G 776 -11.86 -23.79 -81.10
C ALA G 776 -12.22 -24.26 -79.69
N ALA G 777 -13.50 -24.18 -79.34
CA ALA G 777 -13.98 -24.59 -78.01
C ALA G 777 -14.20 -26.10 -77.97
N TYR G 778 -14.33 -26.68 -76.76
CA TYR G 778 -14.53 -28.13 -76.61
C TYR G 778 -15.80 -28.56 -75.88
N ALA G 779 -16.27 -27.72 -74.95
CA ALA G 779 -17.50 -27.98 -74.16
C ALA G 779 -17.45 -29.29 -73.38
N PRO G 785 -17.18 -29.22 -72.07
CA PRO G 785 -17.10 -30.41 -71.21
C PRO G 785 -18.49 -30.95 -70.84
N ARG G 786 -18.59 -32.28 -70.66
CA ARG G 786 -19.86 -32.96 -70.36
C ARG G 786 -20.85 -32.25 -69.43
N ALA G 787 -21.95 -32.91 -69.13
CA ALA G 787 -22.96 -32.35 -68.24
C ALA G 787 -23.91 -33.42 -67.67
N ASN G 788 -24.53 -33.11 -66.53
CA ASN G 788 -25.45 -34.02 -65.82
C ASN G 788 -26.56 -34.67 -66.63
N ILE G 789 -27.81 -34.22 -66.41
CA ILE G 789 -29.00 -34.71 -67.10
C ILE G 789 -29.56 -36.04 -66.62
N GLN G 790 -29.57 -36.25 -65.30
CA GLN G 790 -30.12 -37.49 -64.78
C GLN G 790 -31.56 -37.39 -65.23
N LEU G 791 -31.87 -38.00 -66.37
CA LEU G 791 -33.19 -37.91 -66.93
C LEU G 791 -34.25 -38.98 -66.58
N ASP G 792 -33.86 -40.02 -65.85
CA ASP G 792 -34.78 -41.10 -65.43
C ASP G 792 -35.76 -41.67 -66.47
N PHE G 793 -35.75 -42.98 -66.66
CA PHE G 793 -36.67 -43.65 -67.59
C PHE G 793 -38.05 -43.66 -66.92
N PRO G 794 -39.14 -43.46 -67.71
CA PRO G 794 -39.44 -43.27 -69.13
C PRO G 794 -38.96 -44.39 -70.03
N GLU G 795 -39.88 -45.33 -70.24
CA GLU G 795 -39.69 -46.52 -71.04
C GLU G 795 -39.97 -46.40 -72.54
N LEU G 796 -40.09 -45.18 -73.03
CA LEU G 796 -40.36 -44.93 -74.46
C LEU G 796 -41.51 -45.76 -75.05
N LYS G 797 -42.58 -45.08 -75.46
CA LYS G 797 -43.74 -45.73 -76.06
C LYS G 797 -43.53 -45.82 -77.58
N PRO G 798 -43.27 -47.03 -78.11
CA PRO G 798 -43.05 -47.19 -79.56
C PRO G 798 -44.32 -46.75 -80.26
N TYR G 799 -44.31 -46.64 -81.59
CA TYR G 799 -45.53 -46.17 -82.20
C TYR G 799 -46.50 -47.16 -82.79
N LYS G 800 -47.76 -46.91 -82.45
CA LYS G 800 -48.95 -47.65 -82.84
C LYS G 800 -48.77 -48.63 -83.98
N GLN G 801 -49.62 -49.63 -83.99
CA GLN G 801 -49.58 -50.64 -85.03
C GLN G 801 -48.24 -51.38 -84.97
N VAL G 802 -47.13 -50.63 -84.92
CA VAL G 802 -45.82 -51.28 -84.80
C VAL G 802 -46.00 -52.09 -83.52
N LYS G 803 -47.03 -51.68 -82.76
CA LYS G 803 -47.40 -52.32 -81.51
C LYS G 803 -48.27 -53.53 -81.80
N GLN G 804 -49.27 -53.36 -82.67
CA GLN G 804 -50.17 -54.46 -83.02
C GLN G 804 -49.42 -55.65 -83.61
N ILE G 805 -48.13 -55.45 -83.82
CA ILE G 805 -47.28 -56.49 -84.35
C ILE G 805 -47.15 -57.56 -83.28
N ALA G 806 -46.17 -57.38 -82.40
CA ALA G 806 -45.90 -58.34 -81.32
C ALA G 806 -47.18 -58.95 -80.77
N PRO G 807 -48.00 -58.17 -80.05
CA PRO G 807 -49.21 -58.79 -79.53
C PRO G 807 -50.11 -59.37 -80.62
N ALA G 808 -50.66 -60.55 -80.35
CA ALA G 808 -51.56 -61.20 -81.28
C ALA G 808 -52.76 -60.26 -81.30
N GLU G 809 -52.83 -59.41 -82.32
CA GLU G 809 -53.92 -58.44 -82.42
C GLU G 809 -55.29 -59.09 -82.50
N LEU G 810 -55.33 -60.41 -82.53
CA LEU G 810 -56.59 -61.11 -82.59
C LEU G 810 -57.28 -60.85 -81.25
N GLU G 811 -56.75 -59.84 -80.53
CA GLU G 811 -57.22 -59.44 -79.21
C GLU G 811 -57.88 -58.06 -79.10
N GLY G 812 -57.19 -57.03 -79.58
CA GLY G 812 -57.72 -55.68 -79.48
C GLY G 812 -58.21 -55.56 -78.05
N LEU G 813 -59.48 -55.19 -77.88
CA LEU G 813 -60.06 -55.09 -76.55
C LEU G 813 -60.91 -56.37 -76.44
N LEU G 814 -61.13 -56.85 -75.23
CA LEU G 814 -61.92 -58.07 -75.04
C LEU G 814 -61.74 -58.56 -73.60
N ASP G 815 -61.16 -57.69 -72.77
CA ASP G 815 -60.88 -58.02 -71.36
C ASP G 815 -60.91 -56.82 -70.39
N LEU G 816 -59.81 -56.08 -70.36
CA LEU G 816 -59.59 -54.89 -69.54
C LEU G 816 -60.36 -54.61 -68.26
N GLU G 817 -59.84 -53.62 -67.52
CA GLU G 817 -60.38 -53.17 -66.25
C GLU G 817 -59.96 -54.12 -65.14
N ARG G 818 -59.47 -55.28 -65.55
CA ARG G 818 -59.02 -56.32 -64.63
C ARG G 818 -57.66 -56.83 -65.04
N VAL G 819 -56.87 -55.97 -65.65
CA VAL G 819 -55.53 -56.35 -66.05
C VAL G 819 -54.70 -55.33 -65.27
N ILE G 820 -53.68 -55.81 -64.55
CA ILE G 820 -52.86 -54.93 -63.70
C ILE G 820 -51.48 -54.53 -64.20
N VAL G 821 -51.12 -53.29 -63.90
CA VAL G 821 -49.81 -52.78 -64.33
C VAL G 821 -49.17 -51.81 -63.34
N VAL G 822 -47.84 -51.75 -63.45
CA VAL G 822 -47.00 -50.89 -62.62
C VAL G 822 -46.90 -49.49 -63.18
N THR G 823 -47.48 -48.56 -62.44
CA THR G 823 -47.48 -47.16 -62.84
C THR G 823 -46.20 -46.50 -62.35
N GLY G 824 -45.78 -46.88 -61.15
CA GLY G 824 -44.55 -46.32 -60.60
C GLY G 824 -43.85 -47.24 -59.59
N PHE G 825 -42.57 -46.97 -59.35
CA PHE G 825 -41.81 -47.77 -58.41
C PHE G 825 -40.47 -47.12 -58.09
N ALA G 826 -39.84 -47.56 -57.00
CA ALA G 826 -38.56 -47.05 -56.58
C ALA G 826 -38.07 -47.80 -55.33
N GLU G 827 -36.76 -47.87 -55.20
CA GLU G 827 -36.17 -48.60 -54.09
C GLU G 827 -35.12 -47.78 -53.35
N VAL G 828 -35.12 -47.89 -52.02
CA VAL G 828 -34.14 -47.19 -51.19
C VAL G 828 -33.26 -48.26 -50.53
N GLY G 829 -32.21 -48.67 -51.23
CA GLY G 829 -31.33 -49.70 -50.70
C GLY G 829 -29.95 -49.25 -51.03
N PRO G 830 -28.91 -49.98 -50.61
CA PRO G 830 -27.45 -49.78 -50.77
C PRO G 830 -26.96 -48.90 -51.90
N TRP G 831 -27.69 -48.84 -53.00
CA TRP G 831 -27.30 -47.98 -54.09
C TRP G 831 -28.44 -47.03 -54.42
N GLY G 832 -28.07 -45.82 -54.81
CA GLY G 832 -29.04 -44.79 -55.15
C GLY G 832 -30.39 -45.25 -55.68
N SER G 833 -31.46 -44.68 -55.10
CA SER G 833 -32.83 -45.00 -55.50
C SER G 833 -32.85 -45.59 -56.91
N ALA G 834 -33.36 -46.81 -57.00
CA ALA G 834 -33.43 -47.52 -58.28
C ALA G 834 -32.28 -47.02 -59.15
N ARG G 835 -32.64 -46.49 -60.31
CA ARG G 835 -31.68 -45.94 -61.28
C ARG G 835 -30.24 -46.37 -61.05
N THR G 836 -29.73 -45.94 -59.91
CA THR G 836 -28.39 -46.24 -59.50
C THR G 836 -28.06 -47.72 -59.52
N ARG G 837 -28.60 -48.48 -58.58
CA ARG G 837 -28.30 -49.92 -58.52
C ARG G 837 -28.45 -50.57 -59.88
N TRP G 838 -29.49 -50.18 -60.61
CA TRP G 838 -29.69 -50.75 -61.91
C TRP G 838 -28.40 -50.55 -62.63
N GLU G 839 -27.92 -49.31 -62.67
CA GLU G 839 -26.66 -49.05 -63.33
C GLU G 839 -25.60 -50.07 -62.89
N MET G 840 -25.69 -50.51 -61.63
CA MET G 840 -24.73 -51.48 -61.08
C MET G 840 -25.14 -52.92 -61.32
N GLU G 841 -26.42 -53.21 -61.10
CA GLU G 841 -26.95 -54.54 -61.31
C GLU G 841 -26.77 -54.86 -62.78
N ALA G 842 -26.79 -53.79 -63.57
CA ALA G 842 -26.65 -53.86 -65.03
C ALA G 842 -25.19 -53.90 -65.48
N PHE G 843 -24.48 -52.81 -65.31
CA PHE G 843 -23.07 -52.79 -65.70
C PHE G 843 -22.24 -52.43 -64.46
N GLY G 844 -21.12 -51.75 -64.67
CA GLY G 844 -20.27 -51.40 -63.54
C GLY G 844 -20.32 -49.97 -63.08
N GLU G 845 -19.91 -49.05 -63.95
CA GLU G 845 -19.89 -47.64 -63.60
C GLU G 845 -21.22 -46.97 -63.36
N PHE G 846 -21.14 -45.65 -63.18
CA PHE G 846 -22.28 -44.80 -62.92
C PHE G 846 -22.38 -43.73 -63.99
N SER G 847 -21.23 -43.16 -64.32
CA SER G 847 -21.12 -42.10 -65.31
C SER G 847 -22.09 -40.96 -64.99
N LEU G 848 -21.52 -39.79 -64.80
CA LEU G 848 -22.24 -38.56 -64.48
C LEU G 848 -23.70 -38.80 -64.10
N GLU G 849 -24.62 -38.57 -65.05
CA GLU G 849 -26.05 -38.73 -64.79
C GLU G 849 -26.41 -39.74 -63.71
N GLY G 850 -25.74 -40.87 -63.70
CA GLY G 850 -26.02 -41.81 -62.64
C GLY G 850 -25.17 -41.42 -61.45
N CYS G 851 -23.86 -41.46 -61.66
CA CYS G 851 -22.85 -41.13 -60.65
C CYS G 851 -23.25 -39.96 -59.79
N VAL G 852 -23.40 -38.80 -60.41
CA VAL G 852 -23.78 -37.61 -59.68
C VAL G 852 -24.84 -37.90 -58.65
N GLU G 853 -25.92 -38.54 -59.06
CA GLU G 853 -27.01 -38.85 -58.14
C GLU G 853 -26.47 -39.49 -56.86
N MET G 854 -25.55 -40.44 -57.02
CA MET G 854 -24.95 -41.05 -55.84
C MET G 854 -24.35 -39.88 -55.09
N ALA G 855 -23.41 -39.21 -55.75
CA ALA G 855 -22.76 -38.05 -55.18
C ALA G 855 -23.76 -37.01 -54.70
N TRP G 856 -25.02 -37.14 -55.11
CA TRP G 856 -26.04 -36.19 -54.65
C TRP G 856 -26.51 -36.64 -53.29
N ILE G 857 -26.74 -37.94 -53.17
CA ILE G 857 -27.15 -38.48 -51.89
C ILE G 857 -25.84 -38.52 -51.15
N MET G 858 -25.72 -39.37 -50.15
CA MET G 858 -24.48 -39.48 -49.40
C MET G 858 -24.11 -38.14 -48.76
N GLY G 859 -24.63 -37.05 -49.34
CA GLY G 859 -24.36 -35.74 -48.79
C GLY G 859 -23.14 -34.99 -49.29
N PHE G 860 -22.40 -35.57 -50.22
CA PHE G 860 -21.21 -34.91 -50.73
C PHE G 860 -21.52 -33.52 -51.26
N ILE G 861 -21.79 -33.46 -52.55
CA ILE G 861 -22.11 -32.20 -53.22
C ILE G 861 -23.57 -31.89 -52.98
N SER G 862 -23.96 -30.63 -53.05
CA SER G 862 -25.38 -30.35 -52.84
C SER G 862 -25.91 -29.08 -53.50
N TYR G 863 -25.11 -28.47 -54.37
CA TYR G 863 -25.58 -27.28 -55.08
C TYR G 863 -26.26 -26.26 -54.19
N HIS G 864 -26.75 -25.18 -54.79
CA HIS G 864 -27.40 -24.07 -54.10
C HIS G 864 -26.35 -23.28 -53.36
N ASN G 865 -25.27 -22.95 -54.07
CA ASN G 865 -24.23 -22.14 -53.47
C ASN G 865 -25.02 -20.83 -53.34
N GLY G 866 -26.34 -21.01 -53.41
CA GLY G 866 -27.30 -19.93 -53.40
C GLY G 866 -27.54 -20.03 -54.88
N ASN G 867 -28.57 -19.44 -55.43
CA ASN G 867 -28.65 -19.53 -56.88
C ASN G 867 -27.33 -18.82 -57.24
N LEU G 868 -26.89 -17.94 -56.33
CA LEU G 868 -25.63 -17.18 -56.45
C LEU G 868 -25.10 -16.63 -55.13
N LYS G 869 -24.55 -15.41 -55.17
CA LYS G 869 -23.96 -14.72 -54.03
C LYS G 869 -22.71 -15.47 -53.56
N GLY G 870 -22.66 -16.76 -53.90
CA GLY G 870 -21.56 -17.62 -53.49
C GLY G 870 -20.14 -17.10 -53.58
N ARG G 871 -19.23 -18.00 -53.99
CA ARG G 871 -17.83 -17.64 -54.12
C ARG G 871 -17.80 -16.17 -54.51
N PRO G 872 -16.89 -15.38 -53.90
CA PRO G 872 -16.79 -13.96 -54.21
C PRO G 872 -17.94 -13.38 -55.04
N TYR G 873 -17.65 -13.17 -56.32
CA TYR G 873 -18.59 -12.62 -57.28
C TYR G 873 -19.91 -13.37 -57.39
N THR G 874 -20.42 -13.40 -58.61
CA THR G 874 -21.66 -14.07 -58.92
C THR G 874 -21.35 -15.44 -59.52
N GLY G 875 -22.37 -16.26 -59.67
CA GLY G 875 -22.18 -17.59 -60.20
C GLY G 875 -22.72 -18.53 -59.16
N TRP G 876 -22.09 -19.68 -59.00
CA TRP G 876 -22.51 -20.68 -58.05
C TRP G 876 -21.88 -21.99 -58.55
N VAL G 877 -22.50 -23.14 -58.21
CA VAL G 877 -22.07 -24.49 -58.63
C VAL G 877 -22.79 -25.62 -57.87
N ASP G 878 -22.67 -26.85 -58.40
CA ASP G 878 -23.23 -28.00 -57.70
C ASP G 878 -22.00 -28.02 -56.79
N SER G 879 -22.15 -27.38 -55.63
CA SER G 879 -21.05 -27.29 -54.66
C SER G 879 -20.96 -28.51 -53.78
N LYS G 880 -19.72 -28.95 -53.59
CA LYS G 880 -19.42 -30.16 -52.83
C LYS G 880 -18.94 -30.03 -51.41
N THR G 881 -19.16 -31.14 -50.71
CA THR G 881 -18.74 -31.30 -49.34
C THR G 881 -19.23 -30.20 -48.43
N LYS G 882 -19.25 -30.52 -47.14
CA LYS G 882 -19.66 -29.59 -46.09
C LYS G 882 -19.92 -28.23 -46.68
N GLU G 883 -18.84 -27.61 -47.14
CA GLU G 883 -18.87 -26.29 -47.77
C GLU G 883 -17.40 -25.92 -47.99
N PRO G 884 -16.54 -26.93 -48.22
CA PRO G 884 -15.13 -26.62 -48.42
C PRO G 884 -14.86 -26.00 -49.78
N VAL G 885 -14.36 -26.84 -50.68
CA VAL G 885 -14.04 -26.41 -52.03
C VAL G 885 -15.34 -26.14 -52.81
N ASP G 886 -16.33 -25.57 -52.13
CA ASP G 886 -17.59 -25.23 -52.80
C ASP G 886 -17.09 -24.74 -54.12
N ASP G 887 -16.00 -23.97 -54.00
CA ASP G 887 -15.28 -23.39 -55.12
C ASP G 887 -15.54 -24.33 -56.28
N LYS G 888 -16.64 -24.07 -56.96
CA LYS G 888 -17.05 -24.86 -58.10
C LYS G 888 -17.29 -26.32 -57.84
N ASP G 889 -16.44 -27.10 -58.49
CA ASP G 889 -16.54 -28.53 -58.49
C ASP G 889 -17.79 -28.74 -59.31
N VAL G 890 -17.55 -28.63 -60.62
CA VAL G 890 -18.53 -28.78 -61.69
C VAL G 890 -18.67 -30.25 -62.12
N LYS G 891 -19.91 -30.70 -62.16
CA LYS G 891 -20.28 -32.05 -62.52
C LYS G 891 -19.29 -32.63 -63.49
N ALA G 892 -18.72 -31.73 -64.28
CA ALA G 892 -17.73 -32.06 -65.30
C ALA G 892 -16.67 -33.06 -64.84
N LYS G 893 -15.46 -32.89 -65.37
CA LYS G 893 -14.31 -33.74 -65.07
C LYS G 893 -14.38 -34.00 -63.58
N TYR G 894 -14.87 -33.00 -62.88
CA TYR G 894 -15.03 -33.11 -61.46
C TYR G 894 -16.13 -34.14 -61.20
N GLU G 895 -16.80 -34.04 -60.07
CA GLU G 895 -17.81 -35.03 -59.73
C GLU G 895 -16.93 -36.28 -59.54
N THR G 896 -16.89 -37.15 -60.54
CA THR G 896 -16.04 -38.33 -60.45
C THR G 896 -14.73 -37.82 -59.89
N SER G 897 -13.95 -38.70 -59.30
CA SER G 897 -12.67 -38.29 -58.72
C SER G 897 -12.87 -37.56 -57.42
N ILE G 898 -12.94 -36.23 -57.48
CA ILE G 898 -13.11 -35.46 -56.26
C ILE G 898 -14.39 -35.91 -55.52
N LEU G 899 -14.93 -37.06 -55.92
CA LEU G 899 -16.12 -37.65 -55.30
C LEU G 899 -16.45 -39.07 -55.78
N GLU G 900 -15.71 -39.65 -56.73
CA GLU G 900 -16.09 -41.00 -57.12
C GLU G 900 -15.57 -42.08 -56.20
N HIS G 901 -15.22 -43.23 -56.75
CA HIS G 901 -14.77 -44.40 -55.98
C HIS G 901 -15.35 -44.45 -54.57
N SER G 902 -14.79 -43.70 -53.64
CA SER G 902 -15.38 -43.69 -52.33
C SER G 902 -16.83 -43.27 -52.57
N GLY G 903 -17.08 -42.65 -53.73
CA GLY G 903 -18.41 -42.22 -54.10
C GLY G 903 -19.26 -43.45 -54.06
N ILE G 904 -18.58 -44.54 -53.75
CA ILE G 904 -19.11 -45.89 -53.62
C ILE G 904 -18.75 -46.43 -52.24
N ARG G 905 -17.57 -47.03 -52.20
CA ARG G 905 -17.02 -47.66 -51.02
C ARG G 905 -17.33 -46.95 -49.73
N LEU G 906 -18.45 -47.40 -49.16
CA LEU G 906 -19.06 -46.95 -47.91
C LEU G 906 -20.52 -47.35 -48.22
N ILE G 907 -20.69 -47.68 -49.51
CA ILE G 907 -21.95 -48.10 -50.14
C ILE G 907 -22.09 -49.62 -50.28
N GLU G 908 -21.99 -50.30 -49.13
CA GLU G 908 -22.08 -51.76 -49.02
C GLU G 908 -21.30 -52.19 -47.71
N PRO G 909 -20.41 -53.22 -47.73
CA PRO G 909 -19.66 -53.71 -46.55
C PRO G 909 -19.30 -52.92 -45.31
N GLU G 910 -19.03 -53.68 -44.25
CA GLU G 910 -18.59 -53.17 -42.95
C GLU G 910 -19.54 -52.86 -41.82
N LEU G 911 -20.81 -52.64 -42.15
CA LEU G 911 -21.78 -52.27 -41.15
C LEU G 911 -21.51 -50.81 -40.97
N PHE G 912 -20.24 -50.46 -41.14
CA PHE G 912 -19.82 -49.08 -40.97
C PHE G 912 -20.14 -48.95 -39.51
N ASN G 913 -20.45 -47.75 -39.07
CA ASN G 913 -20.86 -47.50 -37.71
C ASN G 913 -20.82 -46.07 -37.35
N GLY G 914 -21.51 -45.77 -36.26
CA GLY G 914 -21.69 -44.39 -35.88
C GLY G 914 -22.80 -44.30 -36.89
N TYR G 915 -23.32 -45.49 -37.17
CA TYR G 915 -24.34 -45.70 -38.15
C TYR G 915 -25.63 -46.17 -37.56
N ASN G 916 -25.58 -47.38 -37.02
CA ASN G 916 -26.77 -48.02 -36.49
C ASN G 916 -26.85 -48.37 -34.98
N PRO G 917 -26.43 -47.49 -34.04
CA PRO G 917 -25.85 -46.16 -34.02
C PRO G 917 -24.52 -46.38 -33.29
N GLU G 918 -24.23 -47.65 -33.00
CA GLU G 918 -22.99 -48.01 -32.32
C GLU G 918 -22.66 -49.44 -32.66
N LYS G 919 -23.71 -50.27 -32.75
CA LYS G 919 -23.60 -51.69 -33.03
C LYS G 919 -22.21 -52.17 -33.46
N LYS G 920 -21.19 -51.82 -32.67
CA LYS G 920 -19.82 -52.16 -32.98
C LYS G 920 -19.67 -53.50 -33.63
N GLU G 921 -20.44 -54.47 -33.16
CA GLU G 921 -20.34 -55.79 -33.70
C GLU G 921 -18.96 -56.32 -33.38
N MET G 922 -17.97 -55.45 -33.33
CA MET G 922 -16.63 -55.89 -32.98
C MET G 922 -16.82 -56.18 -31.50
N ILE G 923 -17.46 -55.23 -30.79
CA ILE G 923 -17.76 -55.42 -29.37
C ILE G 923 -19.20 -55.09 -29.13
N GLN G 924 -19.99 -56.13 -28.93
CA GLN G 924 -21.40 -55.96 -28.66
C GLN G 924 -21.54 -55.74 -27.19
N GLU G 925 -22.19 -54.63 -26.85
CA GLU G 925 -22.41 -54.31 -25.47
C GLU G 925 -23.47 -55.25 -24.94
N VAL G 926 -23.12 -56.08 -23.95
CA VAL G 926 -24.05 -57.02 -23.34
C VAL G 926 -23.76 -56.81 -21.84
N ILE G 927 -24.66 -57.20 -20.96
CA ILE G 927 -24.47 -57.06 -19.50
C ILE G 927 -24.33 -58.44 -18.93
N VAL G 928 -23.67 -58.56 -17.78
CA VAL G 928 -23.56 -59.86 -17.06
C VAL G 928 -23.95 -59.49 -15.67
N GLU G 929 -24.66 -60.36 -14.98
CA GLU G 929 -25.03 -60.01 -13.63
C GLU G 929 -24.07 -60.75 -12.72
N GLU G 930 -23.75 -60.17 -11.57
CA GLU G 930 -22.81 -60.75 -10.60
C GLU G 930 -23.33 -60.19 -9.33
N ASP G 931 -22.57 -60.32 -8.23
CA ASP G 931 -23.01 -59.74 -6.93
C ASP G 931 -22.09 -59.77 -5.69
N LEU G 932 -20.84 -59.32 -5.83
CA LEU G 932 -19.82 -59.26 -4.75
C LEU G 932 -20.33 -59.25 -3.31
N GLU G 933 -19.39 -59.30 -2.36
CA GLU G 933 -19.71 -59.30 -0.92
C GLU G 933 -19.34 -58.06 -0.12
N PRO G 934 -19.27 -56.88 -0.76
CA PRO G 934 -18.92 -55.68 -0.02
C PRO G 934 -20.12 -54.81 0.24
N PHE G 935 -19.93 -53.52 0.03
CA PHE G 935 -20.91 -52.47 0.21
C PHE G 935 -20.26 -51.34 -0.60
N GLU G 936 -20.88 -50.16 -0.74
CA GLU G 936 -20.23 -49.11 -1.53
C GLU G 936 -20.32 -47.66 -1.02
N ALA G 937 -21.55 -47.15 -0.93
CA ALA G 937 -21.91 -45.81 -0.45
C ALA G 937 -22.02 -44.71 -1.53
N SER G 938 -23.04 -44.82 -2.40
CA SER G 938 -23.22 -43.81 -3.46
C SER G 938 -24.15 -42.68 -3.08
N LYS G 939 -24.09 -41.58 -3.83
CA LYS G 939 -24.96 -40.43 -3.57
C LYS G 939 -26.02 -40.41 -4.66
N GLU G 940 -26.98 -39.49 -4.58
CA GLU G 940 -28.07 -39.47 -5.57
C GLU G 940 -29.21 -38.49 -5.20
N THR G 941 -30.44 -38.99 -5.25
CA THR G 941 -31.63 -38.20 -4.90
C THR G 941 -32.78 -39.08 -4.41
N ALA G 942 -33.73 -38.43 -3.72
CA ALA G 942 -34.90 -39.12 -3.18
C ALA G 942 -35.51 -39.89 -4.33
N GLU G 943 -36.46 -40.75 -4.03
CA GLU G 943 -37.08 -41.53 -5.08
C GLU G 943 -35.97 -42.34 -5.75
N GLN G 944 -35.26 -41.70 -6.66
CA GLN G 944 -34.17 -42.34 -7.40
C GLN G 944 -33.60 -43.49 -6.62
N PHE G 945 -33.54 -43.33 -5.32
CA PHE G 945 -33.01 -44.38 -4.48
C PHE G 945 -34.18 -45.18 -3.95
N LYS G 946 -35.25 -44.50 -3.54
CA LYS G 946 -36.40 -45.15 -3.00
C LYS G 946 -36.58 -46.39 -3.81
N HIS G 947 -36.51 -46.21 -5.13
CA HIS G 947 -36.62 -47.30 -6.08
C HIS G 947 -35.48 -48.22 -5.70
N GLN G 948 -34.27 -47.73 -5.95
CA GLN G 948 -33.03 -48.43 -5.64
C GLN G 948 -33.32 -49.27 -4.39
N HIS G 949 -34.11 -48.69 -3.51
CA HIS G 949 -34.50 -49.33 -2.27
C HIS G 949 -35.61 -50.32 -2.44
N GLY G 950 -36.78 -49.83 -2.82
CA GLY G 950 -37.94 -50.67 -3.02
C GLY G 950 -37.65 -51.96 -3.75
N ASP G 951 -36.38 -52.19 -4.09
CA ASP G 951 -35.95 -53.40 -4.78
C ASP G 951 -35.24 -54.31 -3.82
N LYS G 952 -33.94 -54.08 -3.67
CA LYS G 952 -33.17 -54.89 -2.74
C LYS G 952 -33.63 -54.51 -1.35
N VAL G 953 -34.56 -55.29 -0.82
CA VAL G 953 -35.12 -55.06 0.51
C VAL G 953 -34.12 -54.31 1.38
N ASP G 954 -34.64 -53.40 2.22
CA ASP G 954 -33.79 -52.63 3.14
C ASP G 954 -32.96 -53.74 3.79
N ILE G 955 -33.52 -54.97 3.82
CA ILE G 955 -32.84 -56.13 4.39
C ILE G 955 -31.74 -56.57 3.42
N PHE G 956 -31.43 -55.68 2.50
CA PHE G 956 -30.39 -55.85 1.51
C PHE G 956 -30.13 -54.47 0.95
N GLU G 957 -29.34 -53.69 1.67
CA GLU G 957 -28.96 -52.34 1.30
C GLU G 957 -29.91 -51.26 1.83
N ILE G 958 -29.34 -50.18 2.38
CA ILE G 958 -30.14 -49.08 2.94
C ILE G 958 -29.88 -47.70 2.27
N PRO G 959 -30.90 -46.81 2.27
CA PRO G 959 -30.88 -45.46 1.68
C PRO G 959 -30.27 -44.30 2.48
N GLU G 960 -31.10 -43.75 3.38
CA GLU G 960 -30.83 -42.62 4.28
C GLU G 960 -30.97 -41.30 3.67
N THR G 961 -31.03 -40.31 4.55
CA THR G 961 -31.19 -38.94 4.11
C THR G 961 -29.96 -38.07 4.44
N GLY G 962 -29.23 -37.64 3.41
CA GLY G 962 -28.10 -36.78 3.63
C GLY G 962 -28.80 -35.44 3.70
N GLU G 963 -29.47 -35.18 4.84
CA GLU G 963 -30.26 -33.95 5.07
C GLU G 963 -29.72 -32.67 4.44
N TYR G 964 -30.52 -31.61 4.52
CA TYR G 964 -30.21 -30.32 3.89
C TYR G 964 -29.71 -30.61 2.47
N SER G 965 -30.25 -31.67 1.88
CA SER G 965 -29.86 -32.11 0.55
C SER G 965 -30.81 -33.22 0.06
N VAL G 966 -30.24 -34.33 -0.42
CA VAL G 966 -31.00 -35.48 -0.94
C VAL G 966 -30.97 -36.69 0.01
N LYS G 967 -30.34 -37.78 -0.42
CA LYS G 967 -30.25 -39.00 0.40
C LYS G 967 -28.91 -39.77 0.24
N LEU G 968 -28.66 -40.76 1.10
CA LEU G 968 -27.41 -41.52 1.05
C LEU G 968 -27.64 -42.70 0.13
N LEU G 969 -27.08 -43.87 0.43
CA LEU G 969 -27.31 -45.04 -0.43
C LEU G 969 -26.47 -46.31 -0.30
N LYS G 970 -26.94 -47.31 -1.04
CA LYS G 970 -26.39 -48.65 -1.18
C LYS G 970 -25.94 -49.35 0.08
N GLY G 971 -25.61 -50.62 -0.11
CA GLY G 971 -25.16 -51.43 1.00
C GLY G 971 -25.31 -52.86 0.56
N ALA G 972 -25.95 -53.65 1.43
CA ALA G 972 -26.21 -55.06 1.17
C ALA G 972 -24.95 -55.84 0.83
N THR G 973 -25.11 -57.14 0.66
CA THR G 973 -23.98 -57.95 0.29
C THR G 973 -24.20 -58.19 -1.19
N LEU G 974 -24.62 -57.10 -1.82
CA LEU G 974 -24.88 -57.03 -3.25
C LEU G 974 -26.16 -57.62 -3.78
N TYR G 975 -26.06 -58.70 -4.55
CA TYR G 975 -27.24 -59.29 -5.16
C TYR G 975 -27.50 -58.17 -6.18
N ILE G 976 -27.32 -58.49 -7.47
CA ILE G 976 -27.41 -57.53 -8.58
C ILE G 976 -25.90 -57.24 -8.68
N PRO G 977 -25.41 -56.18 -9.36
CA PRO G 977 -25.83 -55.02 -10.13
C PRO G 977 -25.49 -55.24 -11.61
N LYS G 978 -24.84 -56.36 -11.88
CA LYS G 978 -24.48 -56.67 -13.26
C LYS G 978 -23.41 -55.68 -13.76
N ALA G 979 -22.12 -56.05 -13.73
CA ALA G 979 -21.05 -55.18 -14.24
C ALA G 979 -21.39 -55.15 -15.70
N LEU G 980 -20.83 -56.08 -16.45
CA LEU G 980 -21.12 -56.23 -17.89
C LEU G 980 -20.05 -56.75 -18.85
N ARG G 981 -20.47 -57.80 -19.57
CA ARG G 981 -19.68 -58.51 -20.56
C ARG G 981 -19.47 -57.59 -21.76
N PHE G 982 -18.51 -57.96 -22.60
CA PHE G 982 -18.21 -57.23 -23.83
C PHE G 982 -17.94 -58.31 -24.83
N ASP G 983 -18.84 -58.42 -25.79
CA ASP G 983 -18.76 -59.46 -26.80
C ASP G 983 -18.25 -59.16 -28.20
N ARG G 984 -17.53 -60.12 -28.76
CA ARG G 984 -16.99 -60.02 -30.12
C ARG G 984 -17.85 -60.95 -31.00
N LEU G 985 -18.76 -60.38 -31.81
CA LEU G 985 -19.66 -61.19 -32.66
C LEU G 985 -19.08 -61.55 -33.99
N VAL G 986 -19.28 -62.81 -34.35
CA VAL G 986 -18.81 -63.37 -35.61
C VAL G 986 -19.45 -62.67 -36.83
N ALA G 987 -20.68 -63.04 -37.16
CA ALA G 987 -21.35 -62.43 -38.30
C ALA G 987 -21.57 -60.91 -38.05
N GLY G 988 -20.69 -60.11 -38.60
CA GLY G 988 -20.83 -58.68 -38.45
C GLY G 988 -20.27 -58.15 -39.75
N GLN G 989 -19.87 -56.88 -39.79
CA GLN G 989 -19.29 -56.24 -41.00
C GLN G 989 -19.92 -56.62 -42.34
N ILE G 990 -21.19 -56.29 -42.50
CA ILE G 990 -21.86 -56.68 -43.70
C ILE G 990 -22.38 -55.68 -44.73
N PRO G 991 -23.70 -55.32 -44.77
CA PRO G 991 -24.03 -54.36 -45.83
C PRO G 991 -24.29 -52.95 -45.35
N THR G 992 -25.39 -52.41 -45.89
CA THR G 992 -25.86 -51.06 -45.63
C THR G 992 -25.57 -50.40 -46.96
N GLY G 993 -24.87 -49.27 -46.90
CA GLY G 993 -24.50 -48.52 -48.10
C GLY G 993 -24.88 -47.07 -47.90
N TRP G 994 -25.28 -46.38 -48.97
CA TRP G 994 -25.70 -44.98 -48.87
C TRP G 994 -24.66 -44.06 -48.22
N ASN G 995 -25.06 -43.49 -47.07
CA ASN G 995 -24.28 -42.57 -46.24
C ASN G 995 -24.95 -41.21 -46.05
N ALA G 996 -26.29 -41.17 -45.90
CA ALA G 996 -27.02 -39.90 -45.72
C ALA G 996 -28.49 -40.01 -46.09
N LYS G 997 -29.33 -39.16 -45.50
CA LYS G 997 -30.75 -39.19 -45.83
C LYS G 997 -31.64 -38.07 -45.22
N THR G 998 -32.36 -37.44 -46.15
CA THR G 998 -33.31 -36.35 -45.95
C THR G 998 -33.30 -35.58 -47.29
N TYR G 999 -34.07 -36.12 -48.23
CA TYR G 999 -34.23 -35.54 -49.57
C TYR G 999 -34.91 -34.25 -49.20
N GLY G 1000 -36.22 -34.32 -49.14
CA GLY G 1000 -37.01 -33.17 -48.75
C GLY G 1000 -37.85 -33.58 -47.56
N ILE G 1001 -37.25 -34.40 -46.67
CA ILE G 1001 -37.96 -34.89 -45.50
C ILE G 1001 -38.15 -33.86 -44.38
N SER G 1002 -39.22 -34.08 -43.62
CA SER G 1002 -39.62 -33.21 -42.52
C SER G 1002 -38.79 -33.43 -41.26
N ASP G 1003 -37.95 -32.43 -40.96
CA ASP G 1003 -37.07 -32.44 -39.81
C ASP G 1003 -37.89 -32.64 -38.54
N ASP G 1004 -37.68 -33.78 -37.91
CA ASP G 1004 -38.34 -34.19 -36.67
C ASP G 1004 -39.17 -35.43 -36.95
N ILE G 1005 -39.81 -35.46 -38.11
CA ILE G 1005 -40.57 -36.64 -38.50
C ILE G 1005 -39.42 -37.64 -38.43
N ILE G 1006 -38.24 -37.06 -38.54
CA ILE G 1006 -36.98 -37.77 -38.46
C ILE G 1006 -36.61 -37.62 -36.99
N SER G 1007 -37.44 -38.19 -36.13
CA SER G 1007 -37.24 -38.11 -34.69
C SER G 1007 -38.43 -38.86 -34.15
N GLN G 1008 -39.53 -38.66 -34.85
CA GLN G 1008 -40.77 -39.33 -34.55
C GLN G 1008 -40.63 -40.46 -35.56
N VAL G 1009 -41.47 -41.50 -35.50
CA VAL G 1009 -41.42 -42.60 -36.47
C VAL G 1009 -40.07 -43.30 -36.57
N ASP G 1010 -39.03 -42.49 -36.71
CA ASP G 1010 -37.62 -42.85 -36.81
C ASP G 1010 -37.08 -43.95 -37.77
N PRO G 1011 -37.17 -45.24 -37.38
CA PRO G 1011 -36.65 -46.29 -38.24
C PRO G 1011 -36.76 -46.17 -39.75
N ILE G 1012 -37.54 -47.09 -40.29
CA ILE G 1012 -37.80 -47.24 -41.71
C ILE G 1012 -38.77 -46.20 -42.18
N THR G 1013 -39.73 -45.89 -41.31
CA THR G 1013 -40.76 -44.92 -41.56
C THR G 1013 -40.17 -43.82 -42.41
N LEU G 1014 -38.85 -43.82 -42.51
CA LEU G 1014 -38.21 -42.85 -43.34
C LEU G 1014 -38.22 -43.39 -44.76
N PHE G 1015 -37.40 -44.39 -45.03
CA PHE G 1015 -37.33 -44.99 -46.36
C PHE G 1015 -38.68 -45.02 -46.99
N VAL G 1016 -39.56 -45.83 -46.41
CA VAL G 1016 -40.92 -45.95 -46.89
C VAL G 1016 -41.43 -44.65 -47.48
N LEU G 1017 -41.15 -43.53 -46.81
CA LEU G 1017 -41.58 -42.26 -47.35
C LEU G 1017 -40.88 -41.99 -48.69
N VAL G 1018 -39.58 -41.72 -48.66
CA VAL G 1018 -38.87 -41.48 -49.90
C VAL G 1018 -39.47 -42.43 -50.91
N SER G 1019 -39.36 -43.69 -50.60
CA SER G 1019 -39.85 -44.74 -51.43
C SER G 1019 -41.23 -44.47 -52.05
N VAL G 1020 -42.25 -44.20 -51.24
CA VAL G 1020 -43.57 -43.93 -51.81
C VAL G 1020 -43.51 -42.71 -52.75
N VAL G 1021 -42.78 -41.68 -52.36
CA VAL G 1021 -42.69 -40.48 -53.18
C VAL G 1021 -41.90 -40.79 -54.45
N GLU G 1022 -40.72 -41.34 -54.26
CA GLU G 1022 -39.85 -41.71 -55.37
C GLU G 1022 -40.66 -42.53 -56.38
N ALA G 1023 -41.80 -43.05 -55.95
CA ALA G 1023 -42.65 -43.84 -56.83
C ALA G 1023 -43.63 -42.95 -57.59
N PHE G 1024 -44.44 -42.18 -56.88
CA PHE G 1024 -45.38 -41.27 -57.56
C PHE G 1024 -44.62 -40.34 -58.52
N ILE G 1025 -43.35 -40.13 -58.24
CA ILE G 1025 -42.53 -39.28 -59.07
C ILE G 1025 -41.93 -40.19 -60.12
N ALA G 1026 -42.37 -41.45 -60.12
CA ALA G 1026 -41.91 -42.44 -61.09
C ALA G 1026 -43.06 -42.54 -62.10
N SER G 1027 -44.24 -42.76 -61.57
CA SER G 1027 -45.45 -42.80 -62.37
C SER G 1027 -45.69 -41.30 -62.50
N GLY G 1028 -44.63 -40.54 -62.38
CA GLY G 1028 -44.69 -39.11 -62.46
C GLY G 1028 -46.07 -38.52 -62.19
N ILE G 1029 -46.40 -38.30 -60.93
CA ILE G 1029 -47.68 -37.69 -60.57
C ILE G 1029 -47.48 -36.69 -59.42
N THR G 1030 -46.78 -35.59 -59.71
CA THR G 1030 -46.52 -34.56 -58.71
C THR G 1030 -47.82 -34.24 -57.99
N ASP G 1031 -47.80 -34.45 -56.67
CA ASP G 1031 -48.96 -34.22 -55.82
C ASP G 1031 -49.97 -35.34 -55.95
N PRO G 1032 -49.73 -36.42 -55.23
CA PRO G 1032 -50.58 -37.61 -55.19
C PRO G 1032 -52.07 -37.29 -55.16
N TYR G 1033 -52.39 -36.05 -54.81
CA TYR G 1033 -53.78 -35.68 -54.76
C TYR G 1033 -54.42 -35.80 -56.15
N GLU G 1034 -53.62 -35.59 -57.20
CA GLU G 1034 -54.14 -35.67 -58.59
C GLU G 1034 -54.76 -37.02 -58.90
N MET G 1035 -55.15 -37.75 -57.87
CA MET G 1035 -55.77 -39.04 -58.05
C MET G 1035 -57.25 -38.88 -57.88
N TYR G 1036 -57.65 -37.92 -57.07
CA TYR G 1036 -59.05 -37.73 -56.84
C TYR G 1036 -59.67 -37.07 -58.06
N LYS G 1037 -58.81 -36.60 -58.96
CA LYS G 1037 -59.29 -35.99 -60.19
C LYS G 1037 -59.38 -37.08 -61.27
N TYR G 1038 -59.64 -38.29 -60.81
CA TYR G 1038 -59.77 -39.44 -61.69
C TYR G 1038 -60.91 -40.22 -61.08
N VAL G 1039 -61.87 -39.47 -60.53
CA VAL G 1039 -63.06 -40.03 -59.87
C VAL G 1039 -62.73 -41.10 -58.82
N HIS G 1040 -62.31 -40.65 -57.64
CA HIS G 1040 -61.98 -41.57 -56.60
C HIS G 1040 -62.38 -41.10 -55.25
N VAL G 1041 -63.44 -41.70 -54.71
CA VAL G 1041 -63.93 -41.33 -53.38
C VAL G 1041 -62.88 -41.79 -52.39
N SER G 1042 -61.63 -41.73 -52.85
CA SER G 1042 -60.49 -42.12 -52.03
C SER G 1042 -60.68 -43.56 -51.60
N GLU G 1043 -61.87 -44.09 -51.81
CA GLU G 1043 -62.16 -45.47 -51.47
C GLU G 1043 -61.39 -46.29 -52.52
N VAL G 1044 -60.14 -45.90 -52.72
CA VAL G 1044 -59.25 -46.55 -53.69
C VAL G 1044 -57.78 -46.14 -53.52
N GLY G 1045 -57.05 -46.85 -52.66
CA GLY G 1045 -55.68 -46.47 -52.50
C GLY G 1045 -54.70 -47.33 -51.74
N ASN G 1046 -54.39 -46.86 -50.53
CA ASN G 1046 -53.38 -47.44 -49.66
C ASN G 1046 -52.84 -48.85 -49.80
N CYS G 1047 -51.52 -48.86 -49.88
CA CYS G 1047 -50.69 -50.03 -50.05
C CYS G 1047 -51.02 -51.24 -49.19
N SER G 1048 -49.93 -51.94 -48.90
CA SER G 1048 -49.98 -53.14 -48.10
C SER G 1048 -48.51 -53.45 -47.76
N GLY G 1049 -47.67 -52.42 -47.67
CA GLY G 1049 -46.27 -52.66 -47.33
C GLY G 1049 -46.20 -53.52 -46.10
N SER G 1050 -44.99 -53.90 -45.64
CA SER G 1050 -44.84 -54.73 -44.42
C SER G 1050 -43.42 -55.12 -43.97
N GLY G 1051 -43.29 -56.36 -43.50
CA GLY G 1051 -42.02 -56.88 -43.05
C GLY G 1051 -42.05 -57.27 -41.58
N MET G 1052 -40.87 -57.43 -41.00
CA MET G 1052 -40.71 -57.76 -39.58
C MET G 1052 -40.33 -56.45 -38.86
N GLY G 1053 -39.94 -55.48 -39.70
CA GLY G 1053 -39.50 -54.17 -39.27
C GLY G 1053 -40.21 -53.37 -38.19
N GLY G 1054 -39.83 -52.12 -38.11
CA GLY G 1054 -40.36 -51.25 -37.09
C GLY G 1054 -39.16 -51.05 -36.18
N VAL G 1055 -38.90 -52.01 -35.29
CA VAL G 1055 -37.80 -51.97 -34.31
C VAL G 1055 -37.02 -50.68 -34.38
N SER G 1056 -35.70 -50.79 -34.47
CA SER G 1056 -34.85 -49.62 -34.59
C SER G 1056 -35.24 -48.60 -33.52
N ALA G 1057 -36.32 -48.90 -32.80
CA ALA G 1057 -36.85 -48.04 -31.76
C ALA G 1057 -37.67 -48.98 -30.92
N LEU G 1058 -38.11 -50.05 -31.56
CA LEU G 1058 -38.86 -51.05 -30.85
C LEU G 1058 -37.88 -51.45 -29.78
N ARG G 1059 -36.60 -51.41 -30.13
CA ARG G 1059 -35.52 -51.74 -29.22
C ARG G 1059 -35.75 -50.93 -27.98
N GLY G 1060 -36.06 -49.65 -28.20
CA GLY G 1060 -36.33 -48.77 -27.09
C GLY G 1060 -37.34 -49.40 -26.15
N MET G 1061 -38.30 -50.11 -26.71
CA MET G 1061 -39.31 -50.76 -25.91
C MET G 1061 -38.73 -51.60 -24.79
N PHE G 1062 -37.66 -52.33 -25.10
CA PHE G 1062 -37.05 -53.22 -24.13
C PHE G 1062 -35.69 -52.74 -23.62
N LYS G 1063 -34.67 -52.75 -24.48
CA LYS G 1063 -33.34 -52.35 -24.07
C LYS G 1063 -33.11 -50.86 -23.83
N ASP G 1064 -34.13 -50.03 -23.99
CA ASP G 1064 -34.01 -48.57 -23.76
C ASP G 1064 -35.13 -48.29 -22.80
N ARG G 1065 -34.88 -48.53 -21.54
CA ARG G 1065 -35.88 -48.37 -20.53
C ARG G 1065 -35.34 -49.60 -19.87
N PHE G 1066 -35.83 -49.99 -18.70
CA PHE G 1066 -35.22 -51.14 -18.05
C PHE G 1066 -33.73 -50.80 -18.15
N LYS G 1067 -33.50 -49.49 -18.20
CA LYS G 1067 -32.18 -48.90 -18.32
C LYS G 1067 -32.63 -47.46 -18.14
N ASP G 1068 -33.93 -47.34 -17.90
CA ASP G 1068 -34.59 -46.07 -17.72
C ASP G 1068 -33.80 -44.96 -18.40
N GLU G 1069 -33.59 -45.11 -19.71
CA GLU G 1069 -32.89 -44.10 -20.49
C GLU G 1069 -34.02 -43.18 -20.93
N PRO G 1070 -33.87 -42.46 -22.06
CA PRO G 1070 -34.97 -41.59 -22.45
C PRO G 1070 -35.65 -41.98 -23.76
N VAL G 1071 -36.94 -42.26 -23.72
CA VAL G 1071 -37.63 -42.62 -24.94
C VAL G 1071 -39.06 -42.11 -25.00
N GLN G 1072 -39.34 -41.38 -26.08
CA GLN G 1072 -40.65 -40.80 -26.32
C GLN G 1072 -41.83 -41.69 -25.97
N ASN G 1073 -42.55 -41.32 -24.92
CA ASN G 1073 -43.73 -42.07 -24.46
C ASN G 1073 -44.42 -42.75 -25.64
N ASP G 1074 -44.84 -41.96 -26.61
CA ASP G 1074 -45.48 -42.51 -27.81
C ASP G 1074 -44.29 -43.03 -28.57
N ILE G 1075 -44.23 -44.33 -28.74
CA ILE G 1075 -43.09 -44.88 -29.43
C ILE G 1075 -43.51 -46.27 -29.76
N LEU G 1076 -44.20 -46.90 -28.80
CA LEU G 1076 -44.66 -48.25 -29.04
C LEU G 1076 -45.36 -48.13 -30.38
N GLN G 1077 -45.69 -46.89 -30.70
CA GLN G 1077 -46.31 -46.50 -31.94
C GLN G 1077 -45.50 -47.10 -33.09
N GLU G 1078 -44.27 -46.64 -33.32
CA GLU G 1078 -43.49 -47.14 -34.44
C GLU G 1078 -43.12 -48.57 -34.35
N SER G 1079 -43.64 -49.25 -33.37
CA SER G 1079 -43.36 -50.65 -33.33
C SER G 1079 -43.99 -51.20 -34.64
N PHE G 1080 -45.32 -51.04 -34.70
CA PHE G 1080 -46.25 -51.47 -35.77
C PHE G 1080 -45.93 -51.34 -37.23
N ILE G 1081 -45.68 -52.49 -37.85
CA ILE G 1081 -45.38 -52.56 -39.28
C ILE G 1081 -46.30 -51.60 -40.04
N ASN G 1082 -47.60 -51.78 -39.84
CA ASN G 1082 -48.61 -51.00 -40.52
C ASN G 1082 -48.51 -49.51 -40.21
N THR G 1083 -47.53 -49.16 -39.39
CA THR G 1083 -47.33 -47.76 -39.04
C THR G 1083 -46.62 -47.11 -40.21
N MET G 1084 -45.85 -47.89 -40.93
CA MET G 1084 -45.18 -47.32 -42.08
C MET G 1084 -46.30 -46.84 -42.97
N SER G 1085 -47.01 -47.80 -43.53
CA SER G 1085 -48.12 -47.53 -44.41
C SER G 1085 -48.95 -46.42 -43.77
N ALA G 1086 -49.25 -46.58 -42.48
CA ALA G 1086 -50.05 -45.59 -41.78
C ALA G 1086 -49.54 -44.16 -41.98
N TRP G 1087 -48.24 -43.91 -41.86
CA TRP G 1087 -47.78 -42.54 -42.05
C TRP G 1087 -47.86 -42.17 -43.51
N VAL G 1088 -47.37 -43.07 -44.34
CA VAL G 1088 -47.38 -42.91 -45.79
C VAL G 1088 -48.66 -42.23 -46.21
N ASN G 1089 -49.69 -42.39 -45.39
CA ASN G 1089 -50.95 -41.78 -45.69
C ASN G 1089 -51.01 -40.37 -45.10
N MET G 1090 -51.04 -40.29 -43.76
CA MET G 1090 -51.12 -38.98 -43.10
C MET G 1090 -50.19 -37.97 -43.69
N LEU G 1091 -49.27 -38.46 -44.52
CA LEU G 1091 -48.31 -37.63 -45.23
C LEU G 1091 -48.52 -38.02 -46.67
N LEU G 1092 -48.67 -37.04 -47.56
CA LEU G 1092 -48.86 -37.36 -48.96
C LEU G 1092 -50.20 -38.09 -49.15
N ILE G 1093 -50.28 -38.91 -50.19
CA ILE G 1093 -51.47 -39.68 -50.50
C ILE G 1093 -52.45 -39.82 -49.33
N SER G 1094 -53.47 -38.98 -49.30
CA SER G 1094 -54.46 -39.00 -48.22
C SER G 1094 -55.49 -40.07 -48.45
N SER G 1095 -55.16 -40.94 -49.40
CA SER G 1095 -56.05 -42.01 -49.79
C SER G 1095 -56.75 -42.60 -48.59
N SER G 1096 -58.03 -42.30 -48.54
CA SER G 1096 -58.89 -42.79 -47.52
C SER G 1096 -59.24 -44.22 -47.97
N GLY G 1097 -58.30 -44.82 -48.69
CA GLY G 1097 -58.50 -46.16 -49.22
C GLY G 1097 -58.60 -47.28 -48.22
N PRO G 1098 -58.24 -48.50 -48.64
CA PRO G 1098 -58.29 -49.61 -47.72
C PRO G 1098 -56.82 -49.90 -47.54
N ILE G 1099 -56.45 -50.52 -46.42
CA ILE G 1099 -55.05 -50.84 -46.21
C ILE G 1099 -54.93 -52.24 -45.65
N LYS G 1100 -53.95 -52.97 -46.16
CA LYS G 1100 -53.74 -54.34 -45.69
C LYS G 1100 -52.49 -54.46 -44.83
N THR G 1101 -51.33 -54.53 -45.49
CA THR G 1101 -50.07 -54.64 -44.77
C THR G 1101 -50.01 -56.03 -44.17
N PRO G 1102 -49.22 -56.90 -44.81
CA PRO G 1102 -48.95 -58.31 -44.51
C PRO G 1102 -47.72 -58.65 -43.68
N VAL G 1103 -47.11 -59.78 -43.98
CA VAL G 1103 -45.92 -60.24 -43.26
C VAL G 1103 -44.95 -60.96 -44.17
N GLY G 1104 -44.89 -62.28 -44.04
CA GLY G 1104 -44.01 -63.09 -44.88
C GLY G 1104 -42.64 -62.51 -45.09
N ALA G 1105 -42.10 -61.93 -44.04
CA ALA G 1105 -40.78 -61.34 -44.14
C ALA G 1105 -39.86 -62.22 -44.98
N CYS G 1106 -38.77 -61.62 -45.46
CA CYS G 1106 -37.81 -62.31 -46.28
C CYS G 1106 -38.49 -62.45 -47.64
N ALA G 1107 -39.63 -63.15 -47.64
CA ALA G 1107 -40.40 -63.38 -48.86
C ALA G 1107 -41.57 -62.42 -49.00
N THR G 1108 -41.69 -61.49 -48.07
CA THR G 1108 -42.76 -60.52 -48.11
C THR G 1108 -42.66 -59.67 -49.37
N SER G 1109 -43.34 -58.53 -49.37
CA SER G 1109 -43.39 -57.60 -50.50
C SER G 1109 -44.20 -58.23 -51.64
N VAL G 1110 -43.76 -59.39 -52.13
CA VAL G 1110 -44.49 -60.09 -53.18
C VAL G 1110 -45.78 -60.54 -52.52
N GLU G 1111 -45.66 -60.84 -51.24
CA GLU G 1111 -46.80 -61.21 -50.46
C GLU G 1111 -47.74 -60.05 -50.65
N SER G 1112 -47.19 -58.86 -50.83
CA SER G 1112 -48.05 -57.69 -51.03
C SER G 1112 -48.66 -57.68 -52.41
N VAL G 1113 -47.83 -57.45 -53.42
CA VAL G 1113 -48.29 -57.40 -54.80
C VAL G 1113 -49.59 -58.15 -54.86
N ASP G 1114 -49.51 -59.45 -54.59
CA ASP G 1114 -50.68 -60.28 -54.57
C ASP G 1114 -51.79 -59.51 -53.84
N ILE G 1115 -51.67 -59.39 -52.53
CA ILE G 1115 -52.65 -58.67 -51.72
C ILE G 1115 -53.28 -57.43 -52.35
N GLY G 1116 -52.46 -56.53 -52.87
CA GLY G 1116 -53.00 -55.34 -53.50
C GLY G 1116 -53.79 -55.70 -54.76
N VAL G 1117 -53.09 -56.33 -55.70
CA VAL G 1117 -53.70 -56.75 -56.95
C VAL G 1117 -55.01 -57.50 -56.66
N GLU G 1118 -54.97 -58.40 -55.70
CA GLU G 1118 -56.15 -59.18 -55.34
C GLU G 1118 -57.22 -58.30 -54.70
N THR G 1119 -56.84 -57.09 -54.32
CA THR G 1119 -57.78 -56.18 -53.71
C THR G 1119 -58.29 -55.29 -54.80
N ILE G 1120 -57.49 -55.15 -55.84
CA ILE G 1120 -57.88 -54.35 -56.98
C ILE G 1120 -59.03 -55.11 -57.62
N LEU G 1121 -58.83 -56.41 -57.82
CA LEU G 1121 -59.86 -57.26 -58.42
C LEU G 1121 -61.19 -56.90 -57.78
N SER G 1122 -61.53 -57.54 -56.68
CA SER G 1122 -62.79 -57.22 -56.05
C SER G 1122 -62.79 -55.72 -56.02
N GLY G 1123 -63.91 -55.13 -56.40
CA GLY G 1123 -64.02 -53.69 -56.46
C GLY G 1123 -63.85 -52.96 -55.13
N LYS G 1124 -62.79 -53.30 -54.39
CA LYS G 1124 -62.54 -52.66 -53.11
C LYS G 1124 -61.74 -51.40 -53.35
N ALA G 1125 -61.06 -51.36 -54.49
CA ALA G 1125 -60.25 -50.22 -54.86
C ALA G 1125 -59.26 -50.55 -55.94
N ARG G 1126 -58.96 -49.56 -56.77
CA ARG G 1126 -57.99 -49.74 -57.83
C ARG G 1126 -56.92 -48.72 -57.52
N ILE G 1127 -55.71 -48.99 -57.98
CA ILE G 1127 -54.57 -48.11 -57.73
C ILE G 1127 -54.12 -48.24 -56.26
N CYS G 1128 -53.43 -49.34 -55.99
CA CYS G 1128 -52.88 -49.60 -54.67
C CYS G 1128 -51.42 -49.28 -54.82
N ILE G 1129 -50.67 -49.30 -53.72
CA ILE G 1129 -49.28 -48.94 -53.78
C ILE G 1129 -48.24 -50.01 -53.41
N VAL G 1130 -48.67 -51.28 -53.38
CA VAL G 1130 -47.84 -52.47 -53.10
C VAL G 1130 -47.25 -52.62 -51.67
N GLY G 1131 -45.99 -53.05 -51.55
CA GLY G 1131 -45.36 -53.21 -50.24
C GLY G 1131 -43.86 -53.47 -50.26
N GLY G 1132 -43.29 -53.82 -49.11
CA GLY G 1132 -41.85 -54.07 -49.01
C GLY G 1132 -41.24 -53.59 -47.68
N TYR G 1133 -40.04 -53.01 -47.77
CA TYR G 1133 -39.28 -52.48 -46.61
C TYR G 1133 -39.18 -53.27 -45.29
N ASP G 1134 -38.06 -53.05 -44.61
CA ASP G 1134 -37.75 -53.69 -43.34
C ASP G 1134 -36.35 -53.14 -43.02
N ASP G 1135 -35.74 -53.51 -41.89
CA ASP G 1135 -34.40 -52.96 -41.60
C ASP G 1135 -33.43 -53.86 -40.85
N PHE G 1136 -32.20 -53.36 -40.70
CA PHE G 1136 -31.08 -54.03 -40.02
C PHE G 1136 -30.52 -53.41 -38.74
N GLN G 1137 -30.81 -54.04 -37.60
CA GLN G 1137 -30.36 -53.53 -36.31
C GLN G 1137 -29.48 -54.52 -35.52
N GLU G 1138 -28.88 -54.05 -34.43
CA GLU G 1138 -28.01 -54.87 -33.57
C GLU G 1138 -28.67 -56.20 -33.24
N GLU G 1139 -29.73 -56.14 -32.44
CA GLU G 1139 -30.46 -57.33 -32.05
C GLU G 1139 -30.80 -58.08 -33.32
N GLY G 1140 -31.11 -57.31 -34.36
CA GLY G 1140 -31.44 -57.85 -35.66
C GLY G 1140 -30.39 -58.88 -36.07
N SER G 1141 -29.35 -58.47 -36.82
CA SER G 1141 -28.33 -59.43 -37.19
C SER G 1141 -28.04 -60.09 -35.90
N PHE G 1142 -27.25 -61.15 -35.90
CA PHE G 1142 -27.05 -61.85 -34.65
C PHE G 1142 -28.49 -62.39 -34.55
N GLU G 1143 -28.77 -63.43 -33.77
CA GLU G 1143 -30.12 -63.99 -33.80
C GLU G 1143 -30.01 -64.66 -35.17
N PHE G 1144 -30.02 -63.89 -36.24
CA PHE G 1144 -29.78 -64.48 -37.55
C PHE G 1144 -28.33 -64.75 -37.27
N GLY G 1145 -27.65 -65.51 -38.09
CA GLY G 1145 -26.27 -65.79 -37.77
C GLY G 1145 -26.36 -66.72 -36.56
N ASN G 1146 -27.01 -66.25 -35.49
CA ASN G 1146 -27.19 -67.06 -34.30
C ASN G 1146 -28.20 -68.13 -34.75
N MET G 1147 -28.97 -67.78 -35.78
CA MET G 1147 -29.97 -68.64 -36.36
C MET G 1147 -29.27 -69.53 -37.38
N LYS G 1148 -27.95 -69.41 -37.41
CA LYS G 1148 -27.06 -70.18 -38.32
C LYS G 1148 -27.22 -69.80 -39.79
N ALA G 1149 -28.03 -68.78 -40.06
CA ALA G 1149 -28.25 -68.36 -41.43
C ALA G 1149 -27.27 -67.28 -41.92
N THR G 1150 -27.58 -66.02 -41.58
CA THR G 1150 -26.77 -64.85 -41.98
C THR G 1150 -25.73 -65.28 -43.00
N SER G 1151 -24.53 -65.48 -42.47
CA SER G 1151 -23.35 -65.89 -43.19
C SER G 1151 -22.33 -65.67 -42.11
N ASN G 1152 -21.07 -65.58 -42.52
CA ASN G 1152 -20.01 -65.36 -41.57
C ASN G 1152 -18.83 -64.56 -42.11
N THR G 1153 -18.84 -63.26 -41.89
CA THR G 1153 -17.71 -62.46 -42.29
C THR G 1153 -16.70 -63.26 -41.48
N LEU G 1154 -15.43 -63.25 -41.85
CA LEU G 1154 -14.48 -64.09 -41.10
C LEU G 1154 -14.83 -65.43 -41.68
N GLU G 1155 -13.86 -66.30 -41.85
CA GLU G 1155 -14.14 -67.57 -42.49
C GLU G 1155 -14.33 -67.14 -43.94
N GLU G 1156 -15.52 -66.64 -44.24
CA GLU G 1156 -15.84 -66.13 -45.58
C GLU G 1156 -14.79 -65.07 -45.83
N PHE G 1157 -14.08 -64.75 -44.75
CA PHE G 1157 -13.03 -63.75 -44.72
C PHE G 1157 -11.72 -64.50 -44.79
N GLU G 1158 -11.44 -65.24 -43.72
CA GLU G 1158 -10.22 -66.01 -43.64
C GLU G 1158 -10.04 -66.81 -44.91
N HIS G 1159 -11.14 -67.11 -45.60
CA HIS G 1159 -11.08 -67.86 -46.84
C HIS G 1159 -10.63 -66.96 -47.98
N GLY G 1160 -11.59 -66.60 -48.82
CA GLY G 1160 -11.33 -65.72 -49.95
C GLY G 1160 -11.86 -64.36 -49.56
N ARG G 1161 -10.99 -63.59 -48.94
CA ARG G 1161 -11.29 -62.25 -48.46
C ARG G 1161 -12.58 -61.61 -48.99
N THR G 1162 -12.37 -60.47 -49.65
CA THR G 1162 -13.37 -59.61 -50.26
C THR G 1162 -14.67 -59.51 -49.50
N PRO G 1163 -15.04 -58.30 -49.10
CA PRO G 1163 -16.28 -58.09 -48.38
C PRO G 1163 -17.33 -58.16 -49.47
N ALA G 1164 -16.82 -58.12 -50.70
CA ALA G 1164 -17.61 -58.17 -51.93
C ALA G 1164 -18.25 -59.53 -52.11
N GLU G 1165 -17.41 -60.55 -52.29
CA GLU G 1165 -17.89 -61.94 -52.44
C GLU G 1165 -18.96 -62.15 -51.36
N MET G 1166 -18.72 -63.03 -50.41
CA MET G 1166 -19.68 -63.25 -49.35
C MET G 1166 -21.14 -63.43 -49.76
N SER G 1167 -21.46 -63.08 -51.00
CA SER G 1167 -22.83 -63.23 -51.49
C SER G 1167 -22.75 -63.82 -52.89
N ARG G 1168 -22.89 -65.14 -53.01
CA ARG G 1168 -22.76 -65.78 -54.30
C ARG G 1168 -23.84 -66.83 -54.56
N PRO G 1169 -25.08 -66.39 -54.79
CA PRO G 1169 -26.14 -67.38 -55.04
C PRO G 1169 -25.69 -68.52 -55.95
N ALA G 1170 -25.67 -69.72 -55.40
CA ALA G 1170 -25.21 -70.91 -56.12
C ALA G 1170 -23.75 -70.68 -56.45
N THR G 1171 -22.88 -71.62 -56.05
CA THR G 1171 -21.43 -71.52 -56.30
C THR G 1171 -20.60 -72.45 -55.46
N THR G 1172 -21.22 -73.05 -54.46
CA THR G 1172 -20.52 -73.94 -53.53
C THR G 1172 -20.00 -73.07 -52.38
N THR G 1173 -19.17 -72.10 -52.71
CA THR G 1173 -18.61 -71.19 -51.72
C THR G 1173 -19.76 -70.37 -51.11
N ARG G 1174 -20.97 -70.70 -51.53
CA ARG G 1174 -22.16 -70.05 -51.03
C ARG G 1174 -22.08 -70.29 -49.54
N ASN G 1175 -22.72 -69.45 -48.74
CA ASN G 1175 -22.65 -69.67 -47.30
C ASN G 1175 -23.80 -69.04 -46.53
N GLY G 1176 -24.22 -67.85 -46.95
CA GLY G 1176 -25.31 -67.18 -46.29
C GLY G 1176 -25.42 -65.77 -46.83
N PHE G 1177 -26.57 -65.13 -46.60
CA PHE G 1177 -26.82 -63.78 -47.11
C PHE G 1177 -26.13 -62.61 -46.43
N MET G 1178 -26.93 -61.76 -45.78
CA MET G 1178 -26.45 -60.58 -45.05
C MET G 1178 -27.35 -59.38 -45.28
N GLU G 1179 -28.45 -59.30 -44.54
CA GLU G 1179 -29.42 -58.22 -44.70
C GLU G 1179 -28.76 -56.90 -45.01
N ALA G 1180 -29.52 -55.96 -45.55
CA ALA G 1180 -29.03 -54.61 -45.83
C ALA G 1180 -30.15 -53.74 -45.26
N GLN G 1181 -29.95 -52.43 -45.16
CA GLN G 1181 -31.00 -51.58 -44.61
C GLN G 1181 -32.25 -52.05 -45.33
N GLY G 1182 -32.47 -51.54 -46.54
CA GLY G 1182 -33.60 -51.97 -47.36
C GLY G 1182 -34.98 -51.32 -47.29
N ALA G 1183 -35.61 -51.22 -48.46
CA ALA G 1183 -36.93 -50.65 -48.63
C ALA G 1183 -37.17 -50.30 -50.10
N GLY G 1184 -38.32 -50.75 -50.60
CA GLY G 1184 -38.70 -50.48 -51.98
C GLY G 1184 -40.21 -50.55 -52.10
N ILE G 1185 -40.78 -49.66 -52.90
CA ILE G 1185 -42.22 -49.67 -53.07
C ILE G 1185 -42.60 -49.56 -54.56
N GLN G 1186 -43.84 -49.91 -54.90
CA GLN G 1186 -44.31 -49.85 -56.27
C GLN G 1186 -45.81 -49.56 -56.30
N ILE G 1187 -46.24 -48.68 -57.19
CA ILE G 1187 -47.66 -48.33 -57.31
C ILE G 1187 -48.29 -48.90 -58.56
N ILE G 1188 -49.40 -49.59 -58.39
CA ILE G 1188 -50.04 -50.17 -59.53
C ILE G 1188 -51.45 -49.67 -59.70
N MET G 1189 -51.94 -49.79 -60.94
CA MET G 1189 -53.28 -49.34 -61.29
C MET G 1189 -54.08 -50.32 -62.17
N GLN G 1190 -55.40 -50.13 -62.14
CA GLN G 1190 -56.38 -50.93 -62.87
C GLN G 1190 -56.25 -50.91 -64.41
N ALA G 1191 -55.13 -50.40 -64.90
CA ALA G 1191 -54.87 -50.30 -66.34
C ALA G 1191 -55.49 -49.06 -66.97
N ASP G 1192 -56.80 -49.11 -67.16
CA ASP G 1192 -57.51 -47.97 -67.75
C ASP G 1192 -57.05 -46.67 -67.11
N LEU G 1193 -57.25 -46.56 -65.79
CA LEU G 1193 -56.88 -45.36 -65.03
C LEU G 1193 -55.53 -44.82 -65.43
N ALA G 1194 -54.73 -45.69 -66.03
CA ALA G 1194 -53.40 -45.33 -66.48
C ALA G 1194 -53.50 -44.67 -67.84
N LEU G 1195 -53.72 -45.49 -68.85
CA LEU G 1195 -53.86 -45.03 -70.22
C LEU G 1195 -54.84 -43.87 -70.26
N LYS G 1196 -55.68 -43.80 -69.22
CA LYS G 1196 -56.64 -42.71 -69.09
C LYS G 1196 -55.81 -41.60 -68.48
N MET G 1197 -55.44 -40.63 -69.31
CA MET G 1197 -54.60 -39.51 -68.88
C MET G 1197 -53.25 -40.04 -68.39
N GLY G 1198 -52.22 -39.76 -69.19
CA GLY G 1198 -50.85 -40.17 -68.91
C GLY G 1198 -50.56 -40.94 -67.65
N VAL G 1199 -49.85 -42.05 -67.76
CA VAL G 1199 -49.53 -42.81 -66.58
C VAL G 1199 -48.04 -42.70 -66.17
N PRO G 1200 -47.11 -43.37 -66.87
CA PRO G 1200 -47.09 -44.27 -68.02
C PRO G 1200 -47.00 -45.67 -67.45
N ILE G 1201 -47.26 -46.68 -68.26
CA ILE G 1201 -47.20 -48.05 -67.80
C ILE G 1201 -45.84 -48.71 -68.06
N TYR G 1202 -45.24 -49.24 -67.00
CA TYR G 1202 -43.95 -49.92 -67.09
C TYR G 1202 -44.29 -51.36 -67.43
N GLY G 1203 -44.14 -52.25 -66.47
CA GLY G 1203 -44.45 -53.64 -66.75
C GLY G 1203 -45.94 -53.90 -66.58
N ILE G 1204 -46.34 -55.15 -66.84
CA ILE G 1204 -47.74 -55.56 -66.71
C ILE G 1204 -47.89 -56.84 -65.89
N VAL G 1205 -48.44 -56.67 -64.70
CA VAL G 1205 -48.67 -57.74 -63.73
C VAL G 1205 -49.36 -59.00 -64.22
N ALA G 1206 -48.77 -60.14 -63.92
CA ALA G 1206 -49.36 -61.41 -64.33
C ALA G 1206 -49.88 -62.28 -63.17
N MET G 1207 -48.98 -63.05 -62.57
CA MET G 1207 -49.31 -63.97 -61.47
C MET G 1207 -49.27 -63.36 -60.06
N ALA G 1208 -49.98 -63.94 -59.11
CA ALA G 1208 -50.04 -63.40 -57.74
C ALA G 1208 -49.72 -64.34 -56.59
N ALA G 1209 -48.46 -64.76 -56.53
CA ALA G 1209 -47.91 -65.65 -55.48
C ALA G 1209 -48.78 -66.24 -54.36
N THR G 1210 -48.19 -66.31 -53.17
CA THR G 1210 -48.79 -66.81 -51.93
C THR G 1210 -49.02 -68.32 -51.78
N ALA G 1211 -48.08 -68.97 -51.11
CA ALA G 1211 -48.18 -70.41 -50.88
C ALA G 1211 -47.35 -70.86 -49.68
N THR G 1212 -47.94 -71.75 -48.86
CA THR G 1212 -47.30 -72.28 -47.66
C THR G 1212 -46.75 -73.68 -47.93
N ASP G 1213 -47.63 -74.66 -47.73
CA ASP G 1213 -47.35 -76.06 -48.02
C ASP G 1213 -46.46 -76.91 -47.12
N LYS G 1214 -46.82 -78.19 -47.02
CA LYS G 1214 -46.13 -79.25 -46.26
C LYS G 1214 -46.33 -79.23 -44.76
N ILE G 1215 -45.85 -80.29 -44.12
CA ILE G 1215 -45.93 -80.41 -42.68
C ILE G 1215 -44.58 -80.85 -42.18
N GLY G 1216 -43.80 -79.87 -41.72
CA GLY G 1216 -42.48 -80.16 -41.21
C GLY G 1216 -42.38 -79.67 -39.78
N ARG G 1217 -41.16 -79.54 -39.26
CA ARG G 1217 -40.99 -79.08 -37.91
C ARG G 1217 -39.76 -78.24 -37.79
N SER G 1218 -39.76 -77.11 -38.50
CA SER G 1218 -38.63 -76.17 -38.50
C SER G 1218 -38.88 -75.04 -39.49
N VAL G 1219 -38.25 -73.90 -39.23
CA VAL G 1219 -38.44 -72.80 -40.12
C VAL G 1219 -37.21 -71.94 -40.05
N PRO G 1220 -36.73 -71.45 -41.22
CA PRO G 1220 -37.35 -71.72 -42.52
C PRO G 1220 -37.31 -73.18 -42.91
N ALA G 1221 -37.20 -73.37 -44.22
CA ALA G 1221 -37.15 -74.68 -44.86
C ALA G 1221 -37.69 -74.42 -46.25
N PRO G 1222 -37.08 -73.47 -46.98
CA PRO G 1222 -37.53 -73.13 -48.33
C PRO G 1222 -38.50 -74.15 -48.91
N GLY G 1223 -39.77 -73.76 -48.96
CA GLY G 1223 -40.79 -74.63 -49.49
C GLY G 1223 -40.49 -75.06 -50.91
N LYS G 1224 -40.14 -76.33 -51.09
CA LYS G 1224 -39.83 -76.89 -52.41
C LYS G 1224 -41.10 -76.77 -53.20
N GLY G 1225 -41.64 -77.90 -53.63
CA GLY G 1225 -42.90 -77.87 -54.34
C GLY G 1225 -43.79 -77.33 -53.27
N ILE G 1226 -43.20 -77.31 -52.07
CA ILE G 1226 -43.81 -76.83 -50.84
C ILE G 1226 -44.32 -75.41 -51.04
N LEU G 1227 -45.04 -75.22 -52.16
CA LEU G 1227 -45.66 -73.98 -52.60
C LEU G 1227 -45.24 -73.74 -54.05
N THR G 1228 -45.68 -72.64 -54.62
CA THR G 1228 -45.33 -72.26 -56.00
C THR G 1228 -45.49 -73.33 -57.08
N THR G 1229 -44.87 -74.49 -56.90
CA THR G 1229 -45.10 -75.53 -57.89
C THR G 1229 -46.50 -75.92 -57.45
N ALA G 1230 -46.99 -75.20 -56.44
CA ALA G 1230 -48.34 -75.37 -55.94
C ALA G 1230 -49.08 -74.63 -57.03
N ARG G 1231 -48.47 -73.53 -57.48
CA ARG G 1231 -48.97 -72.72 -58.60
C ARG G 1231 -48.36 -73.52 -59.72
N GLU G 1232 -48.53 -73.10 -60.96
CA GLU G 1232 -47.98 -73.87 -62.06
C GLU G 1232 -48.76 -75.18 -61.99
N HIS G 1233 -49.96 -75.07 -61.43
CA HIS G 1233 -50.86 -76.17 -61.25
C HIS G 1233 -50.91 -77.01 -62.51
N HIS G 1234 -51.96 -76.80 -63.30
CA HIS G 1234 -52.13 -77.51 -64.57
C HIS G 1234 -52.24 -79.03 -64.41
N SER G 1235 -53.15 -79.65 -65.18
CA SER G 1235 -53.34 -81.09 -65.16
C SER G 1235 -52.67 -81.64 -66.43
N SER G 1236 -52.96 -82.90 -66.74
CA SER G 1236 -52.40 -83.53 -67.92
C SER G 1236 -53.02 -84.90 -68.03
N VAL G 1237 -54.24 -85.02 -67.51
CA VAL G 1237 -54.98 -86.27 -67.55
C VAL G 1237 -55.39 -86.52 -69.01
N LYS G 1238 -54.64 -87.37 -69.70
CA LYS G 1238 -54.89 -87.70 -71.11
C LYS G 1238 -55.62 -86.60 -71.88
N TYR G 1239 -55.05 -86.16 -72.99
CA TYR G 1239 -55.72 -85.14 -73.76
C TYR G 1239 -55.47 -85.25 -75.27
N ALA G 1240 -54.21 -85.44 -75.67
CA ALA G 1240 -53.83 -85.55 -77.09
C ALA G 1240 -54.19 -84.30 -77.90
N SER G 1241 -55.48 -83.99 -77.98
CA SER G 1241 -55.99 -82.82 -78.69
C SER G 1241 -56.89 -82.04 -77.73
N PRO G 1242 -56.52 -80.79 -77.40
CA PRO G 1242 -57.32 -79.98 -76.47
C PRO G 1242 -57.78 -78.65 -77.09
N ASN G 1243 -57.47 -77.57 -76.38
CA ASN G 1243 -57.73 -76.20 -76.79
C ASN G 1243 -58.91 -75.39 -76.30
N LEU G 1244 -58.57 -74.15 -75.98
CA LEU G 1244 -59.45 -73.13 -75.46
C LEU G 1244 -58.61 -71.84 -75.52
N ASN G 1245 -57.33 -72.00 -75.89
CA ASN G 1245 -56.39 -70.87 -76.00
C ASN G 1245 -56.69 -70.08 -77.26
N MET G 1246 -56.33 -70.72 -78.37
CA MET G 1246 -56.49 -70.17 -79.72
C MET G 1246 -57.50 -69.07 -79.88
N LYS G 1247 -56.95 -67.86 -80.00
CA LYS G 1247 -57.70 -66.63 -80.16
C LYS G 1247 -59.14 -66.87 -80.55
N TYR G 1248 -59.88 -67.34 -79.56
CA TYR G 1248 -61.27 -67.60 -79.72
C TYR G 1248 -61.83 -66.23 -79.99
N ARG G 1249 -62.33 -65.61 -78.92
CA ARG G 1249 -62.91 -64.28 -79.00
C ARG G 1249 -64.19 -64.43 -79.80
N LYS G 1250 -64.23 -65.49 -80.60
CA LYS G 1250 -65.40 -65.78 -81.40
C LYS G 1250 -66.52 -65.79 -80.40
N ARG G 1251 -66.52 -66.83 -79.55
CA ARG G 1251 -67.53 -66.95 -78.53
C ARG G 1251 -67.66 -65.63 -77.82
N GLN G 1252 -66.60 -64.82 -77.87
CA GLN G 1252 -66.64 -63.52 -77.24
C GLN G 1252 -67.59 -62.65 -78.06
N LEU G 1253 -67.22 -62.35 -79.30
CA LEU G 1253 -68.09 -61.53 -80.12
C LEU G 1253 -69.47 -62.18 -80.20
N VAL G 1254 -69.49 -63.51 -80.16
CA VAL G 1254 -70.75 -64.23 -80.21
C VAL G 1254 -71.52 -63.95 -78.93
N THR G 1255 -71.53 -64.91 -77.99
CA THR G 1255 -72.25 -64.77 -76.70
C THR G 1255 -72.59 -63.32 -76.42
N ARG G 1256 -71.81 -62.64 -75.59
CA ARG G 1256 -72.08 -61.25 -75.37
C ARG G 1256 -71.67 -60.64 -76.71
N GLU G 1257 -72.07 -59.41 -76.96
CA GLU G 1257 -71.82 -58.73 -78.23
C GLU G 1257 -73.08 -59.14 -78.95
N ALA G 1258 -73.40 -60.42 -78.82
CA ALA G 1258 -74.61 -60.93 -79.41
C ALA G 1258 -75.70 -60.40 -78.50
N GLN G 1259 -76.26 -61.27 -77.67
CA GLN G 1259 -77.33 -60.87 -76.77
C GLN G 1259 -77.13 -59.48 -76.19
N ILE G 1260 -75.89 -59.05 -76.01
CA ILE G 1260 -75.70 -57.72 -75.45
C ILE G 1260 -75.99 -56.60 -76.46
N LYS G 1261 -75.29 -56.57 -77.58
CA LYS G 1261 -75.54 -55.51 -78.56
C LYS G 1261 -77.03 -55.47 -78.90
N ASP G 1262 -77.69 -56.61 -78.75
CA ASP G 1262 -79.12 -56.75 -79.00
C ASP G 1262 -79.79 -56.32 -77.70
N TRP G 1263 -79.99 -57.27 -76.79
CA TRP G 1263 -80.58 -56.97 -75.50
C TRP G 1263 -79.81 -55.74 -75.08
N VAL G 1264 -80.42 -54.60 -75.36
CA VAL G 1264 -79.90 -53.27 -75.10
C VAL G 1264 -81.01 -52.52 -75.76
N GLU G 1265 -80.99 -52.60 -77.08
CA GLU G 1265 -82.01 -51.99 -77.90
C GLU G 1265 -83.27 -52.49 -77.18
N ASN G 1266 -83.28 -53.79 -76.92
CA ASN G 1266 -84.38 -54.44 -76.22
C ASN G 1266 -84.84 -53.58 -75.06
N GLU G 1267 -83.88 -53.18 -74.23
CA GLU G 1267 -84.23 -52.36 -73.08
C GLU G 1267 -84.68 -50.99 -73.55
N LEU G 1268 -83.79 -50.28 -74.25
CA LEU G 1268 -84.08 -48.94 -74.77
C LEU G 1268 -85.59 -48.78 -74.89
N GLU G 1269 -86.18 -49.71 -75.65
CA GLU G 1269 -87.61 -49.79 -75.93
C GLU G 1269 -88.45 -50.02 -74.68
N ALA G 1270 -88.17 -51.11 -73.97
CA ALA G 1270 -88.90 -51.45 -72.76
C ALA G 1270 -89.16 -50.27 -71.82
N LEU G 1271 -88.33 -49.22 -71.89
CA LEU G 1271 -88.55 -48.06 -71.03
C LEU G 1271 -89.64 -47.24 -71.68
N LYS G 1272 -89.47 -47.02 -72.99
CA LYS G 1272 -90.43 -46.28 -73.77
C LYS G 1272 -91.76 -46.98 -73.48
N LEU G 1273 -91.69 -48.29 -73.21
CA LEU G 1273 -92.89 -49.08 -72.91
C LEU G 1273 -93.72 -48.26 -71.94
N GLU G 1274 -93.07 -47.75 -70.90
CA GLU G 1274 -93.77 -46.90 -69.94
C GLU G 1274 -93.44 -45.47 -70.29
N ALA G 1275 -92.53 -45.30 -71.25
CA ALA G 1275 -92.08 -43.98 -71.73
C ALA G 1275 -92.69 -42.91 -70.84
N GLU G 1276 -93.60 -42.12 -71.40
CA GLU G 1276 -94.28 -41.12 -70.58
C GLU G 1276 -95.11 -42.02 -69.66
N GLU G 1277 -96.36 -42.27 -70.00
CA GLU G 1277 -97.18 -43.13 -69.17
C GLU G 1277 -97.11 -42.67 -67.70
N ILE G 1278 -97.88 -41.62 -67.40
CA ILE G 1278 -98.06 -40.95 -66.09
C ILE G 1278 -97.28 -39.63 -65.85
N PRO G 1279 -96.13 -39.42 -66.52
CA PRO G 1279 -95.40 -38.17 -66.30
C PRO G 1279 -95.81 -37.07 -67.27
N SER G 1280 -94.79 -36.47 -67.87
CA SER G 1280 -94.90 -35.36 -68.84
C SER G 1280 -93.85 -34.36 -68.39
N GLU G 1281 -93.75 -34.22 -67.06
CA GLU G 1281 -92.76 -33.34 -66.43
C GLU G 1281 -91.66 -34.24 -65.91
N ASP G 1282 -92.06 -35.45 -65.49
CA ASP G 1282 -91.14 -36.46 -64.99
C ASP G 1282 -90.37 -37.06 -66.14
N GLN G 1283 -90.61 -36.53 -67.35
CA GLN G 1283 -89.93 -37.03 -68.53
C GLN G 1283 -88.41 -36.95 -68.34
N ASN G 1284 -87.87 -35.75 -68.31
CA ASN G 1284 -86.43 -35.58 -68.13
C ASN G 1284 -85.96 -36.40 -66.93
N GLU G 1285 -86.63 -36.25 -65.78
CA GLU G 1285 -86.26 -37.01 -64.59
C GLU G 1285 -86.29 -38.50 -64.83
N PHE G 1286 -87.49 -39.06 -64.91
CA PHE G 1286 -87.65 -40.49 -65.13
C PHE G 1286 -86.86 -41.00 -66.32
N LEU G 1287 -86.93 -40.30 -67.45
CA LEU G 1287 -86.20 -40.74 -68.63
C LEU G 1287 -84.70 -40.83 -68.33
N LEU G 1288 -84.12 -39.73 -67.86
CA LEU G 1288 -82.69 -39.67 -67.54
C LEU G 1288 -82.24 -40.65 -66.45
N GLU G 1289 -83.15 -41.05 -65.56
CA GLU G 1289 -82.80 -41.98 -64.48
C GLU G 1289 -82.38 -43.32 -65.08
N ARG G 1290 -83.35 -44.13 -65.47
CA ARG G 1290 -83.06 -45.44 -66.05
C ARG G 1290 -82.16 -45.32 -67.27
N THR G 1291 -82.39 -44.31 -68.11
CA THR G 1291 -81.60 -44.10 -69.32
C THR G 1291 -80.12 -44.47 -69.13
N ARG G 1292 -79.59 -44.17 -67.95
CA ARG G 1292 -78.20 -44.49 -67.67
C ARG G 1292 -78.06 -45.57 -66.61
N GLU G 1293 -78.95 -45.59 -65.61
CA GLU G 1293 -78.86 -46.62 -64.58
C GLU G 1293 -79.08 -47.97 -65.28
N ILE G 1294 -79.23 -47.92 -66.60
CA ILE G 1294 -79.39 -49.10 -67.43
C ILE G 1294 -78.11 -49.12 -68.25
N HIS G 1295 -77.68 -47.93 -68.65
CA HIS G 1295 -76.44 -47.77 -69.39
C HIS G 1295 -75.45 -48.62 -68.60
N ASN G 1296 -75.50 -48.48 -67.28
CA ASN G 1296 -74.62 -49.25 -66.40
C ASN G 1296 -74.93 -50.72 -66.65
N GLU G 1297 -76.20 -51.07 -66.53
CA GLU G 1297 -76.63 -52.44 -66.76
C GLU G 1297 -75.82 -52.97 -67.92
N ALA G 1298 -75.72 -52.14 -68.95
CA ALA G 1298 -74.99 -52.49 -70.16
C ALA G 1298 -73.51 -52.78 -69.89
N GLU G 1299 -72.72 -51.72 -69.84
CA GLU G 1299 -71.29 -51.82 -69.60
C GLU G 1299 -70.99 -53.04 -68.76
N SER G 1300 -71.79 -53.25 -67.72
CA SER G 1300 -71.62 -54.40 -66.83
C SER G 1300 -71.57 -55.67 -67.67
N GLN G 1301 -72.71 -56.04 -68.27
CA GLN G 1301 -72.80 -57.22 -69.10
C GLN G 1301 -71.64 -57.28 -70.11
N LEU G 1302 -71.26 -56.12 -70.63
CA LEU G 1302 -70.18 -56.03 -71.60
C LEU G 1302 -68.83 -56.53 -71.06
N ARG G 1303 -68.36 -55.90 -70.00
CA ARG G 1303 -67.09 -56.28 -69.39
C ARG G 1303 -67.18 -57.73 -68.95
N ALA G 1304 -68.15 -58.04 -68.09
CA ALA G 1304 -68.36 -59.40 -67.58
C ALA G 1304 -68.02 -60.36 -68.70
N ALA G 1305 -68.37 -59.95 -69.90
CA ALA G 1305 -68.08 -60.75 -71.07
C ALA G 1305 -66.59 -60.66 -71.23
N GLN G 1306 -66.13 -59.45 -71.54
CA GLN G 1306 -64.71 -59.18 -71.73
C GLN G 1306 -63.94 -60.03 -70.73
N GLN G 1307 -64.51 -60.18 -69.53
CA GLN G 1307 -63.88 -60.98 -68.47
C GLN G 1307 -63.60 -62.39 -68.94
N GLN G 1308 -64.66 -63.16 -69.21
CA GLN G 1308 -64.46 -64.51 -69.69
C GLN G 1308 -63.85 -64.33 -71.08
N TRP G 1309 -62.96 -65.24 -71.49
CA TRP G 1309 -62.29 -65.12 -72.80
C TRP G 1309 -61.43 -63.86 -72.79
N GLY G 1310 -60.13 -64.02 -72.60
CA GLY G 1310 -59.27 -62.87 -72.55
C GLY G 1310 -58.78 -62.65 -71.13
N ASN G 1311 -59.70 -62.34 -70.21
CA ASN G 1311 -59.35 -62.13 -68.81
C ASN G 1311 -59.20 -63.42 -68.05
N ASP G 1312 -60.33 -64.10 -67.86
CA ASP G 1312 -60.35 -65.37 -67.14
C ASP G 1312 -60.53 -66.60 -68.05
N PHE G 1313 -59.83 -66.61 -69.20
CA PHE G 1313 -59.90 -67.74 -70.11
C PHE G 1313 -60.03 -68.95 -69.22
N TYR G 1314 -58.91 -69.27 -68.59
CA TYR G 1314 -58.74 -70.39 -67.66
C TYR G 1314 -59.52 -70.29 -66.35
N LYS G 1315 -58.76 -70.10 -65.28
CA LYS G 1315 -59.27 -70.01 -63.92
C LYS G 1315 -59.61 -71.44 -63.55
N ARG G 1316 -60.82 -71.88 -63.88
CA ARG G 1316 -61.22 -73.24 -63.58
C ARG G 1316 -60.39 -74.11 -64.52
N ASP G 1317 -61.07 -74.74 -65.47
CA ASP G 1317 -60.40 -75.56 -66.46
C ASP G 1317 -59.06 -76.14 -66.00
N PRO G 1318 -59.09 -77.26 -65.27
CA PRO G 1318 -57.88 -77.91 -64.76
C PRO G 1318 -56.88 -78.32 -65.84
N ARG G 1319 -57.25 -78.15 -67.10
CA ARG G 1319 -56.36 -78.49 -68.21
C ARG G 1319 -55.30 -77.41 -68.20
N ILE G 1320 -55.50 -76.42 -67.32
CA ILE G 1320 -54.57 -75.33 -67.17
C ILE G 1320 -55.17 -74.24 -66.31
N ALA G 1321 -54.43 -73.87 -65.27
CA ALA G 1321 -54.81 -72.82 -64.33
C ALA G 1321 -53.56 -72.22 -63.65
N PRO G 1322 -52.42 -72.15 -64.38
CA PRO G 1322 -51.24 -71.58 -63.73
C PRO G 1322 -50.68 -70.35 -64.42
N LEU G 1323 -49.39 -70.43 -64.72
CA LEU G 1323 -48.63 -69.40 -65.42
C LEU G 1323 -49.15 -69.43 -66.83
N ARG G 1324 -49.11 -70.62 -67.40
CA ARG G 1324 -49.59 -70.81 -68.75
C ARG G 1324 -50.80 -69.91 -68.76
N GLY G 1325 -51.62 -70.01 -67.71
CA GLY G 1325 -52.80 -69.17 -67.59
C GLY G 1325 -52.57 -67.74 -68.02
N ALA G 1326 -51.78 -67.01 -67.25
CA ALA G 1326 -51.51 -65.64 -67.62
C ALA G 1326 -50.77 -65.66 -68.98
N LEU G 1327 -49.74 -66.49 -69.09
CA LEU G 1327 -48.98 -66.57 -70.33
C LEU G 1327 -49.85 -66.94 -71.49
N ALA G 1328 -51.14 -67.04 -71.22
CA ALA G 1328 -52.14 -67.36 -72.22
C ALA G 1328 -52.71 -66.02 -72.66
N THR G 1329 -53.70 -65.55 -71.91
CA THR G 1329 -54.31 -64.27 -72.20
C THR G 1329 -53.16 -63.48 -72.75
N TYR G 1330 -53.27 -63.13 -74.03
CA TYR G 1330 -52.21 -62.45 -74.79
C TYR G 1330 -50.89 -63.15 -74.63
N GLY G 1331 -50.23 -62.88 -73.49
CA GLY G 1331 -48.95 -63.48 -73.17
C GLY G 1331 -48.54 -64.44 -74.26
N LEU G 1332 -47.66 -64.00 -75.13
CA LEU G 1332 -47.22 -64.85 -76.21
C LEU G 1332 -46.59 -66.11 -75.63
N THR G 1333 -45.51 -66.57 -76.25
CA THR G 1333 -44.85 -67.80 -75.82
C THR G 1333 -45.67 -68.47 -74.74
N ILE G 1334 -46.51 -69.43 -75.15
CA ILE G 1334 -47.37 -70.17 -74.24
C ILE G 1334 -46.65 -70.24 -72.90
N ASP G 1335 -45.32 -70.35 -72.97
CA ASP G 1335 -44.50 -70.39 -71.78
C ASP G 1335 -42.98 -70.34 -71.99
N ASP G 1336 -42.49 -69.15 -72.33
CA ASP G 1336 -41.05 -68.90 -72.46
C ASP G 1336 -40.77 -67.48 -71.95
N LEU G 1337 -40.62 -67.39 -70.63
CA LEU G 1337 -40.37 -66.15 -69.92
C LEU G 1337 -38.90 -65.78 -70.12
N GLY G 1338 -38.03 -66.51 -69.44
CA GLY G 1338 -36.60 -66.27 -69.57
C GLY G 1338 -35.90 -65.53 -68.45
N VAL G 1339 -36.53 -65.38 -67.28
CA VAL G 1339 -35.86 -64.69 -66.20
C VAL G 1339 -36.01 -65.22 -64.77
N ALA G 1340 -36.58 -64.42 -63.86
CA ALA G 1340 -36.76 -64.79 -62.44
C ALA G 1340 -35.49 -64.43 -61.65
N SER G 1341 -35.57 -63.38 -60.83
CA SER G 1341 -34.41 -62.94 -60.05
C SER G 1341 -34.06 -63.92 -58.94
N PHE G 1342 -34.94 -64.90 -58.76
CA PHE G 1342 -34.78 -65.96 -57.78
C PHE G 1342 -34.92 -65.61 -56.31
N HIS G 1343 -34.13 -64.65 -55.84
CA HIS G 1343 -34.14 -64.26 -54.44
C HIS G 1343 -33.07 -65.11 -53.75
N GLY G 1344 -32.63 -66.15 -54.44
CA GLY G 1344 -31.62 -67.07 -53.94
C GLY G 1344 -30.57 -66.38 -53.11
N THR G 1345 -30.83 -66.36 -51.82
CA THR G 1345 -30.01 -65.71 -50.83
C THR G 1345 -28.55 -66.10 -50.73
N SER G 1346 -27.99 -66.74 -51.76
CA SER G 1346 -26.59 -67.14 -51.67
C SER G 1346 -26.44 -68.19 -50.55
N THR G 1347 -27.57 -68.56 -49.95
CA THR G 1347 -27.61 -69.56 -48.91
C THR G 1347 -27.38 -70.90 -49.60
N LYS G 1348 -27.58 -70.85 -50.93
CA LYS G 1348 -27.47 -71.99 -51.86
C LYS G 1348 -27.87 -73.36 -51.28
N ALA G 1349 -28.65 -73.28 -50.22
CA ALA G 1349 -29.22 -74.41 -49.51
C ALA G 1349 -30.71 -74.21 -49.81
N ASN G 1350 -31.04 -72.99 -50.24
CA ASN G 1350 -32.39 -72.60 -50.64
C ASN G 1350 -32.28 -72.48 -52.16
N ASP G 1351 -31.14 -71.95 -52.60
CA ASP G 1351 -30.86 -71.78 -54.01
C ASP G 1351 -31.24 -73.06 -54.72
N LYS G 1352 -30.65 -74.17 -54.29
CA LYS G 1352 -30.97 -75.46 -54.88
C LYS G 1352 -32.49 -75.48 -54.94
N ASN G 1353 -33.11 -75.92 -53.87
CA ASN G 1353 -34.54 -75.98 -53.80
C ASN G 1353 -35.20 -74.66 -54.24
N GLU G 1354 -35.30 -74.49 -55.54
CA GLU G 1354 -35.88 -73.33 -56.20
C GLU G 1354 -35.43 -73.54 -57.62
N SER G 1355 -34.11 -73.54 -57.78
CA SER G 1355 -33.46 -73.77 -59.07
C SER G 1355 -33.63 -75.27 -59.35
N ALA G 1356 -34.84 -75.73 -59.05
CA ALA G 1356 -35.26 -77.12 -59.20
C ALA G 1356 -36.51 -77.13 -58.33
N THR G 1357 -37.37 -76.17 -58.61
CA THR G 1357 -38.62 -75.99 -57.92
C THR G 1357 -39.25 -75.02 -58.86
N ILE G 1358 -38.39 -74.49 -59.69
CA ILE G 1358 -38.78 -73.56 -60.72
C ILE G 1358 -38.47 -74.43 -61.94
N ASN G 1359 -37.53 -75.34 -61.77
CA ASN G 1359 -37.13 -76.25 -62.84
C ASN G 1359 -38.21 -77.28 -63.00
N GLU G 1360 -38.43 -78.05 -61.94
CA GLU G 1360 -39.45 -79.08 -61.95
C GLU G 1360 -40.78 -78.33 -61.89
N MET G 1361 -40.76 -77.11 -62.40
CA MET G 1361 -41.93 -76.26 -62.47
C MET G 1361 -42.05 -75.85 -63.93
N MET G 1362 -41.07 -76.26 -64.72
CA MET G 1362 -41.09 -75.97 -66.13
C MET G 1362 -41.61 -77.20 -66.80
N LYS G 1363 -40.94 -78.31 -66.53
CA LYS G 1363 -41.30 -79.58 -67.10
C LYS G 1363 -42.79 -79.85 -67.15
N HIS G 1364 -43.45 -79.90 -65.98
CA HIS G 1364 -44.89 -80.18 -65.97
C HIS G 1364 -45.67 -79.11 -66.72
N LEU G 1365 -44.95 -78.25 -67.44
CA LEU G 1365 -45.56 -77.17 -68.21
C LEU G 1365 -45.13 -77.13 -69.69
N GLY G 1366 -43.98 -77.73 -70.01
CA GLY G 1366 -43.52 -77.75 -71.37
C GLY G 1366 -42.11 -77.23 -71.52
N ARG G 1367 -41.99 -76.08 -72.17
CA ARG G 1367 -40.71 -75.42 -72.42
C ARG G 1367 -39.74 -76.39 -73.08
N SER G 1368 -39.39 -76.06 -74.32
CA SER G 1368 -38.44 -76.84 -75.09
C SER G 1368 -37.16 -77.05 -74.31
N GLU G 1369 -36.40 -78.07 -74.66
CA GLU G 1369 -35.16 -78.34 -73.95
C GLU G 1369 -33.97 -77.51 -74.50
N GLY G 1370 -34.26 -76.29 -74.91
CA GLY G 1370 -33.21 -75.42 -75.44
C GLY G 1370 -33.30 -74.00 -74.91
N ASN G 1371 -34.50 -73.58 -74.51
CA ASN G 1371 -34.79 -72.23 -73.97
C ASN G 1371 -35.07 -72.32 -72.46
N PRO G 1372 -34.02 -72.64 -71.67
CA PRO G 1372 -34.03 -72.79 -70.21
C PRO G 1372 -33.95 -71.49 -69.45
N VAL G 1373 -35.11 -71.00 -69.08
CA VAL G 1373 -35.28 -69.78 -68.31
C VAL G 1373 -33.96 -69.29 -67.74
N ILE G 1374 -33.60 -68.05 -68.05
CA ILE G 1374 -32.38 -67.48 -67.54
C ILE G 1374 -32.58 -66.96 -66.14
N GLY G 1375 -31.61 -67.23 -65.26
CA GLY G 1375 -31.72 -66.79 -63.87
C GLY G 1375 -31.11 -65.42 -63.62
N VAL G 1376 -31.53 -64.76 -62.56
CA VAL G 1376 -31.00 -63.44 -62.29
C VAL G 1376 -30.12 -63.36 -61.07
N PHE G 1377 -30.76 -63.20 -59.91
CA PHE G 1377 -30.07 -63.09 -58.62
C PHE G 1377 -29.65 -61.64 -58.34
N GLN G 1378 -30.63 -60.81 -58.04
CA GLN G 1378 -30.42 -59.39 -57.73
C GLN G 1378 -29.88 -59.29 -56.31
N LYS G 1379 -30.07 -60.38 -55.57
CA LYS G 1379 -29.62 -60.48 -54.20
C LYS G 1379 -28.18 -60.03 -54.09
N PHE G 1380 -27.27 -60.76 -54.72
CA PHE G 1380 -25.86 -60.40 -54.68
C PHE G 1380 -25.65 -58.97 -55.02
N LEU G 1381 -24.88 -58.29 -54.19
CA LEU G 1381 -24.60 -56.87 -54.37
C LEU G 1381 -25.70 -56.09 -53.69
N THR G 1382 -26.54 -56.75 -52.92
CA THR G 1382 -27.64 -56.01 -52.34
C THR G 1382 -28.44 -56.89 -51.44
N GLY G 1383 -29.60 -57.27 -51.97
CA GLY G 1383 -30.56 -58.13 -51.30
C GLY G 1383 -30.25 -58.50 -49.87
N HIS G 1384 -30.92 -57.85 -48.93
CA HIS G 1384 -30.68 -58.13 -47.55
C HIS G 1384 -30.56 -59.64 -47.42
N PRO G 1385 -31.64 -60.40 -47.64
CA PRO G 1385 -33.02 -60.12 -48.01
C PRO G 1385 -33.97 -60.28 -46.83
N LYS G 1386 -34.65 -59.21 -46.46
CA LYS G 1386 -35.61 -59.25 -45.38
C LYS G 1386 -36.62 -58.15 -45.56
N GLY G 1387 -37.74 -58.47 -46.20
CA GLY G 1387 -38.78 -57.48 -46.41
C GLY G 1387 -38.86 -57.02 -47.84
N ALA G 1388 -38.54 -55.74 -48.05
CA ALA G 1388 -38.54 -55.15 -49.37
C ALA G 1388 -37.73 -56.06 -50.27
N ALA G 1389 -37.21 -57.13 -49.70
CA ALA G 1389 -36.44 -58.11 -50.45
C ALA G 1389 -37.14 -58.42 -51.78
N GLY G 1390 -38.35 -58.97 -51.69
CA GLY G 1390 -39.10 -59.31 -52.88
C GLY G 1390 -39.23 -58.08 -53.75
N ALA G 1391 -40.15 -57.20 -53.38
CA ALA G 1391 -40.42 -55.96 -54.09
C ALA G 1391 -39.15 -55.41 -54.79
N TRP G 1392 -38.03 -55.42 -54.08
CA TRP G 1392 -36.76 -54.95 -54.61
C TRP G 1392 -36.45 -55.59 -55.96
N MET G 1393 -36.60 -56.91 -56.01
CA MET G 1393 -36.34 -57.70 -57.23
C MET G 1393 -37.37 -57.33 -58.28
N MET G 1394 -38.60 -57.17 -57.81
CA MET G 1394 -39.72 -56.78 -58.65
C MET G 1394 -39.33 -55.52 -59.38
N ASN G 1395 -38.73 -54.59 -58.65
CA ASN G 1395 -38.27 -53.36 -59.26
C ASN G 1395 -37.27 -53.78 -60.32
N GLY G 1396 -36.31 -54.58 -59.90
CA GLY G 1396 -35.29 -55.05 -60.82
C GLY G 1396 -35.97 -55.77 -61.95
N ALA G 1397 -37.11 -56.37 -61.66
CA ALA G 1397 -37.88 -57.08 -62.65
C ALA G 1397 -38.23 -56.12 -63.77
N LEU G 1398 -39.22 -55.28 -63.53
CA LEU G 1398 -39.66 -54.31 -64.52
C LEU G 1398 -38.41 -53.79 -65.21
N GLN G 1399 -37.47 -53.32 -64.40
CA GLN G 1399 -36.21 -52.78 -64.87
C GLN G 1399 -35.60 -53.54 -66.07
N ILE G 1400 -35.58 -54.87 -66.02
CA ILE G 1400 -35.01 -55.67 -67.12
C ILE G 1400 -35.83 -55.57 -68.38
N LEU G 1401 -37.15 -55.65 -68.23
CA LEU G 1401 -38.03 -55.54 -69.38
C LEU G 1401 -37.75 -54.17 -69.95
N ASN G 1402 -38.78 -53.50 -70.46
CA ASN G 1402 -38.61 -52.17 -71.02
C ASN G 1402 -37.22 -52.07 -71.64
N SER G 1403 -36.96 -53.00 -72.55
CA SER G 1403 -35.69 -53.10 -73.28
C SER G 1403 -34.45 -53.08 -72.38
N GLY G 1404 -34.66 -53.34 -71.09
CA GLY G 1404 -33.52 -53.35 -70.22
C GLY G 1404 -32.71 -54.55 -70.65
N ILE G 1405 -31.83 -54.99 -69.76
CA ILE G 1405 -30.98 -56.15 -70.03
C ILE G 1405 -31.40 -57.26 -69.07
N ILE G 1406 -30.52 -58.22 -68.84
CA ILE G 1406 -30.85 -59.30 -67.93
C ILE G 1406 -30.46 -58.92 -66.47
N PRO G 1407 -29.16 -58.91 -66.10
CA PRO G 1407 -27.88 -59.19 -66.74
C PRO G 1407 -27.19 -60.23 -65.85
N GLY G 1408 -27.82 -60.54 -64.72
CA GLY G 1408 -27.30 -61.52 -63.77
C GLY G 1408 -25.99 -61.19 -63.05
N ASN G 1409 -25.30 -60.13 -63.50
CA ASN G 1409 -23.99 -59.67 -62.98
C ASN G 1409 -23.12 -60.77 -62.36
N ARG G 1410 -22.03 -60.32 -61.76
CA ARG G 1410 -21.07 -61.21 -61.14
C ARG G 1410 -21.80 -62.13 -60.17
N ASN G 1411 -21.58 -63.42 -60.33
CA ASN G 1411 -22.15 -64.47 -59.47
C ASN G 1411 -20.93 -65.36 -59.45
N ALA G 1412 -20.37 -65.51 -60.64
CA ALA G 1412 -19.16 -66.29 -60.96
C ALA G 1412 -18.63 -67.20 -59.90
N ASP G 1413 -17.31 -67.43 -59.94
CA ASP G 1413 -16.67 -68.30 -58.96
C ASP G 1413 -17.32 -69.69 -59.09
N ASN G 1414 -17.17 -70.32 -60.24
CA ASN G 1414 -17.76 -71.65 -60.48
C ASN G 1414 -19.25 -71.65 -60.11
N VAL G 1415 -19.97 -72.75 -60.30
CA VAL G 1415 -21.41 -72.74 -60.00
C VAL G 1415 -21.97 -73.76 -59.05
N ASP G 1416 -21.25 -74.87 -58.90
CA ASP G 1416 -21.64 -76.00 -58.05
C ASP G 1416 -22.21 -77.10 -58.93
N LYS G 1417 -21.69 -78.30 -58.74
CA LYS G 1417 -22.15 -79.40 -59.55
C LYS G 1417 -23.56 -79.87 -59.23
N ILE G 1418 -23.93 -79.93 -57.96
CA ILE G 1418 -25.26 -80.44 -57.61
C ILE G 1418 -26.38 -79.76 -58.42
N LEU G 1419 -26.02 -78.74 -59.17
CA LEU G 1419 -27.01 -78.03 -59.99
C LEU G 1419 -27.30 -78.70 -61.32
N GLU G 1420 -27.44 -77.90 -62.37
CA GLU G 1420 -27.72 -78.42 -63.70
C GLU G 1420 -29.14 -78.99 -63.93
N GLN G 1421 -29.98 -78.08 -64.42
CA GLN G 1421 -31.40 -78.28 -64.77
C GLN G 1421 -31.71 -77.19 -65.83
N PHE G 1422 -31.87 -75.92 -65.39
CA PHE G 1422 -32.11 -74.76 -66.29
C PHE G 1422 -31.27 -73.51 -66.03
N GLU G 1423 -29.98 -73.71 -66.33
CA GLU G 1423 -28.87 -72.76 -66.24
C GLU G 1423 -28.88 -71.61 -65.25
N TYR G 1424 -27.67 -71.10 -65.01
CA TYR G 1424 -27.38 -69.98 -64.12
C TYR G 1424 -26.45 -69.04 -64.85
N VAL G 1425 -26.99 -67.87 -65.18
CA VAL G 1425 -26.32 -66.79 -65.90
C VAL G 1425 -24.89 -66.57 -65.51
N LEU G 1426 -24.40 -65.33 -65.60
CA LEU G 1426 -23.03 -65.06 -65.16
C LEU G 1426 -22.55 -63.63 -65.27
N TYR G 1427 -23.24 -62.81 -66.07
CA TYR G 1427 -22.87 -61.41 -66.23
C TYR G 1427 -23.80 -60.68 -67.21
N PRO G 1428 -23.85 -59.32 -67.14
CA PRO G 1428 -24.68 -58.47 -67.97
C PRO G 1428 -25.38 -59.16 -69.12
N SER G 1429 -24.67 -60.08 -69.75
CA SER G 1429 -25.25 -60.82 -70.85
C SER G 1429 -25.70 -59.80 -71.85
N LYS G 1430 -24.73 -59.32 -72.63
CA LYS G 1430 -24.88 -58.29 -73.69
C LYS G 1430 -26.30 -58.05 -74.20
N THR G 1431 -27.24 -57.99 -73.26
CA THR G 1431 -28.66 -57.76 -73.53
C THR G 1431 -29.18 -58.36 -74.82
N LEU G 1432 -29.95 -59.43 -74.71
CA LEU G 1432 -30.51 -59.98 -75.92
C LEU G 1432 -31.62 -58.98 -76.15
N LYS G 1433 -31.37 -58.12 -77.14
CA LYS G 1433 -32.31 -57.08 -77.51
C LYS G 1433 -33.67 -57.72 -77.70
N THR G 1434 -33.72 -58.71 -78.61
CA THR G 1434 -34.97 -59.40 -78.88
C THR G 1434 -35.51 -59.90 -77.53
N ASP G 1435 -34.88 -60.94 -76.99
CA ASP G 1435 -35.31 -61.51 -75.72
C ASP G 1435 -35.42 -60.47 -74.60
N GLY G 1436 -35.66 -60.97 -73.40
CA GLY G 1436 -35.83 -60.10 -72.28
C GLY G 1436 -37.29 -59.76 -72.45
N VAL G 1437 -37.53 -58.58 -72.99
CA VAL G 1437 -38.88 -58.13 -73.25
C VAL G 1437 -39.73 -59.39 -73.32
N ARG G 1438 -40.59 -59.58 -72.32
CA ARG G 1438 -41.47 -60.74 -72.27
C ARG G 1438 -42.03 -60.98 -70.88
N ALA G 1439 -41.54 -62.01 -70.22
CA ALA G 1439 -42.01 -62.36 -68.88
C ALA G 1439 -40.89 -62.21 -67.83
N VAL G 1440 -41.13 -62.72 -66.61
CA VAL G 1440 -40.13 -62.63 -65.54
C VAL G 1440 -40.22 -63.66 -64.42
N SER G 1441 -41.24 -63.52 -63.59
CA SER G 1441 -41.45 -64.37 -62.43
C SER G 1441 -40.21 -64.36 -61.57
N ILE G 1442 -40.19 -63.39 -60.66
CA ILE G 1442 -39.10 -63.19 -59.72
C ILE G 1442 -38.83 -64.44 -58.88
N THR G 1443 -39.65 -64.66 -57.85
CA THR G 1443 -39.59 -65.79 -56.92
C THR G 1443 -39.11 -65.43 -55.52
N SER G 1444 -39.70 -66.04 -54.49
CA SER G 1444 -39.25 -65.75 -53.14
C SER G 1444 -39.63 -66.81 -52.12
N PHE G 1445 -38.69 -67.06 -51.21
CA PHE G 1445 -38.87 -68.04 -50.18
C PHE G 1445 -38.44 -67.50 -48.83
N GLY G 1446 -39.39 -67.37 -47.91
CA GLY G 1446 -39.06 -66.83 -46.61
C GLY G 1446 -39.28 -67.80 -45.48
N PHE G 1447 -39.09 -67.32 -44.26
CA PHE G 1447 -39.28 -68.13 -43.05
C PHE G 1447 -40.78 -68.25 -42.91
N GLY G 1448 -41.24 -68.73 -41.76
CA GLY G 1448 -42.67 -68.88 -41.55
C GLY G 1448 -43.31 -69.65 -42.68
N GLN G 1449 -42.43 -70.24 -43.49
CA GLN G 1449 -42.79 -71.01 -44.66
C GLN G 1449 -43.74 -70.27 -45.57
N LYS G 1450 -43.34 -69.06 -45.95
CA LYS G 1450 -44.11 -68.25 -46.86
C LYS G 1450 -43.32 -68.21 -48.18
N GLY G 1451 -43.86 -68.89 -49.18
CA GLY G 1451 -43.20 -68.93 -50.46
C GLY G 1451 -43.82 -68.11 -51.58
N GLY G 1452 -45.06 -68.40 -51.95
CA GLY G 1452 -45.73 -67.69 -53.04
C GLY G 1452 -44.87 -66.88 -54.02
N GLN G 1453 -45.03 -67.12 -55.32
CA GLN G 1453 -44.27 -66.35 -56.31
C GLN G 1453 -45.24 -65.71 -57.32
N ALA G 1454 -44.89 -64.56 -57.89
CA ALA G 1454 -45.76 -63.91 -58.86
C ALA G 1454 -44.94 -63.39 -60.05
N ILE G 1455 -45.50 -63.51 -61.27
CA ILE G 1455 -44.83 -63.07 -62.51
C ILE G 1455 -45.47 -61.92 -63.30
N VAL G 1456 -44.64 -61.16 -63.99
CA VAL G 1456 -45.10 -60.04 -64.77
C VAL G 1456 -44.60 -60.19 -66.18
N VAL G 1457 -45.22 -59.44 -67.09
CA VAL G 1457 -44.86 -59.48 -68.51
C VAL G 1457 -44.58 -58.09 -69.05
N HIS G 1458 -43.80 -58.05 -70.13
CA HIS G 1458 -43.43 -56.80 -70.78
C HIS G 1458 -44.69 -55.99 -71.07
N PRO G 1459 -44.57 -54.66 -71.15
CA PRO G 1459 -45.78 -53.87 -71.44
C PRO G 1459 -46.03 -54.06 -72.93
N ASP G 1460 -46.62 -53.08 -73.58
CA ASP G 1460 -46.88 -53.21 -75.01
C ASP G 1460 -47.90 -54.32 -75.24
N TYR G 1461 -47.67 -55.49 -74.65
CA TYR G 1461 -48.61 -56.58 -74.78
C TYR G 1461 -49.93 -56.10 -74.21
N LEU G 1462 -49.95 -54.86 -73.72
CA LEU G 1462 -51.18 -54.29 -73.26
C LEU G 1462 -51.41 -53.14 -74.20
N TYR G 1463 -51.90 -53.48 -75.39
CA TYR G 1463 -52.21 -52.48 -76.38
C TYR G 1463 -53.29 -52.95 -77.34
N GLY G 1464 -54.43 -53.24 -76.71
CA GLY G 1464 -55.62 -53.63 -77.42
C GLY G 1464 -56.25 -52.25 -77.38
N ALA G 1465 -57.57 -52.14 -77.53
CA ALA G 1465 -58.22 -50.81 -77.50
C ALA G 1465 -57.64 -49.89 -78.59
N ILE G 1466 -57.90 -50.25 -79.84
CA ILE G 1466 -57.45 -49.55 -81.04
C ILE G 1466 -55.99 -49.85 -81.38
N THR G 1467 -55.15 -48.83 -81.31
CA THR G 1467 -53.72 -48.90 -81.62
C THR G 1467 -53.57 -47.60 -82.35
N GLU G 1468 -54.53 -46.73 -82.07
CA GLU G 1468 -54.63 -45.39 -82.62
C GLU G 1468 -55.62 -44.79 -81.65
N ASP G 1469 -55.95 -43.53 -81.85
CA ASP G 1469 -56.91 -42.82 -81.00
C ASP G 1469 -56.85 -43.25 -79.50
N ARG G 1470 -57.61 -44.27 -79.11
CA ARG G 1470 -57.61 -44.74 -77.72
C ARG G 1470 -56.25 -45.37 -77.47
N TYR G 1471 -55.24 -44.55 -77.70
CA TYR G 1471 -53.86 -44.95 -77.54
C TYR G 1471 -53.08 -43.71 -77.83
N ASN G 1472 -53.31 -43.14 -79.00
CA ASN G 1472 -52.60 -41.92 -79.34
C ASN G 1472 -53.15 -40.81 -78.43
N GLU G 1473 -54.30 -41.07 -77.80
CA GLU G 1473 -54.85 -40.09 -76.89
C GLU G 1473 -53.87 -40.22 -75.74
N TYR G 1474 -53.53 -41.46 -75.42
CA TYR G 1474 -52.57 -41.76 -74.37
C TYR G 1474 -51.22 -41.09 -74.67
N VAL G 1475 -50.44 -41.70 -75.56
CA VAL G 1475 -49.12 -41.19 -75.95
C VAL G 1475 -48.90 -39.70 -75.82
N ALA G 1476 -49.98 -38.93 -75.91
CA ALA G 1476 -49.88 -37.50 -75.75
C ALA G 1476 -49.72 -37.23 -74.27
N LYS G 1477 -50.81 -37.41 -73.52
CA LYS G 1477 -50.82 -37.18 -72.08
C LYS G 1477 -49.59 -37.75 -71.35
N VAL G 1478 -49.06 -38.88 -71.82
CA VAL G 1478 -47.88 -39.46 -71.19
C VAL G 1478 -46.69 -38.54 -71.40
N SER G 1479 -46.48 -38.09 -72.63
CA SER G 1479 -45.38 -37.17 -72.87
C SER G 1479 -45.74 -35.82 -72.25
N ALA G 1480 -46.78 -35.86 -71.40
CA ALA G 1480 -47.28 -34.67 -70.69
C ALA G 1480 -47.09 -34.97 -69.20
N ARG G 1481 -46.25 -35.94 -68.93
CA ARG G 1481 -45.95 -36.35 -67.58
C ARG G 1481 -44.43 -36.45 -67.49
N GLU G 1482 -43.90 -37.56 -68.00
CA GLU G 1482 -42.46 -37.81 -68.00
C GLU G 1482 -41.89 -36.84 -69.01
N LYS G 1483 -40.93 -36.03 -68.55
CA LYS G 1483 -40.29 -35.01 -69.34
C LYS G 1483 -41.24 -33.80 -69.23
N SER G 1484 -42.21 -33.95 -68.34
CA SER G 1484 -43.22 -32.93 -68.06
C SER G 1484 -43.30 -32.79 -66.53
N ALA G 1485 -42.74 -33.79 -65.86
CA ALA G 1485 -42.66 -33.82 -64.40
C ALA G 1485 -41.16 -33.98 -64.16
N TYR G 1486 -40.43 -34.07 -65.27
CA TYR G 1486 -38.97 -34.18 -65.28
C TYR G 1486 -38.57 -32.83 -64.71
N LYS G 1487 -39.54 -31.92 -64.75
CA LYS G 1487 -39.31 -30.62 -64.18
C LYS G 1487 -39.28 -30.95 -62.70
N PHE G 1488 -40.47 -31.10 -62.13
CA PHE G 1488 -40.65 -31.39 -60.71
C PHE G 1488 -39.53 -32.14 -60.05
N PHE G 1489 -39.05 -33.18 -60.72
CA PHE G 1489 -37.95 -33.94 -60.17
C PHE G 1489 -36.77 -33.04 -59.98
N HIS G 1490 -35.91 -32.96 -60.98
CA HIS G 1490 -34.73 -32.13 -60.87
C HIS G 1490 -34.95 -30.96 -59.92
N ASN G 1491 -36.15 -30.39 -59.94
CA ASN G 1491 -36.49 -29.28 -59.06
C ASN G 1491 -36.18 -29.72 -57.64
N GLY G 1492 -37.07 -30.55 -57.10
CA GLY G 1492 -36.89 -31.04 -55.74
C GLY G 1492 -35.49 -31.52 -55.41
N MET G 1493 -34.91 -32.30 -56.31
CA MET G 1493 -33.57 -32.85 -56.09
C MET G 1493 -32.51 -31.83 -55.70
N ILE G 1494 -32.57 -30.64 -56.30
CA ILE G 1494 -31.58 -29.62 -56.00
C ILE G 1494 -31.91 -28.78 -54.79
N TYR G 1495 -33.19 -28.52 -54.57
CA TYR G 1495 -33.60 -27.72 -53.43
C TYR G 1495 -34.14 -28.64 -52.36
N ASN G 1496 -33.98 -29.94 -52.58
CA ASN G 1496 -34.45 -30.95 -51.66
C ASN G 1496 -35.90 -30.74 -51.35
N LYS G 1497 -36.73 -30.81 -52.40
CA LYS G 1497 -38.15 -30.64 -52.21
C LYS G 1497 -38.94 -31.91 -52.56
N LEU G 1498 -38.26 -32.89 -53.14
CA LEU G 1498 -38.94 -34.14 -53.47
C LEU G 1498 -39.53 -34.52 -52.15
N PHE G 1499 -40.81 -34.88 -52.14
CA PHE G 1499 -41.53 -35.20 -50.91
C PHE G 1499 -41.81 -33.87 -50.26
N VAL G 1500 -43.02 -33.73 -49.75
CA VAL G 1500 -43.41 -32.50 -49.10
C VAL G 1500 -44.58 -32.77 -48.18
N SER G 1501 -44.75 -31.89 -47.20
CA SER G 1501 -45.83 -32.02 -46.25
C SER G 1501 -47.15 -31.99 -47.01
N LYS G 1502 -48.25 -31.83 -46.29
CA LYS G 1502 -49.55 -31.74 -46.92
C LYS G 1502 -50.59 -31.01 -46.05
N GLU G 1503 -50.93 -31.57 -44.90
CA GLU G 1503 -51.91 -30.96 -43.99
C GLU G 1503 -53.24 -30.63 -44.66
N HIS G 1504 -54.31 -30.73 -43.88
CA HIS G 1504 -55.66 -30.43 -44.37
C HIS G 1504 -56.21 -31.56 -45.26
N ALA G 1505 -55.37 -32.08 -46.15
CA ALA G 1505 -55.79 -33.15 -47.04
C ALA G 1505 -56.80 -32.59 -48.05
N PRO G 1506 -57.45 -33.44 -48.84
CA PRO G 1506 -58.41 -32.90 -49.80
C PRO G 1506 -59.59 -32.20 -49.15
N TYR G 1507 -60.49 -32.98 -48.56
CA TYR G 1507 -61.65 -32.38 -47.92
C TYR G 1507 -61.31 -31.34 -46.91
N THR G 1508 -62.30 -31.02 -46.11
CA THR G 1508 -62.14 -30.01 -45.10
C THR G 1508 -63.17 -30.15 -44.02
N ASP G 1509 -62.85 -30.98 -43.04
CA ASP G 1509 -63.69 -31.20 -41.88
C ASP G 1509 -65.20 -31.09 -42.13
N GLU G 1510 -65.68 -29.89 -42.40
CA GLU G 1510 -67.09 -29.66 -42.63
C GLU G 1510 -67.60 -30.48 -43.82
N LEU G 1511 -66.85 -30.51 -44.91
CA LEU G 1511 -67.24 -31.28 -46.10
C LEU G 1511 -66.91 -32.75 -45.91
N GLU G 1512 -65.80 -33.00 -45.21
CA GLU G 1512 -65.32 -34.35 -44.94
C GLU G 1512 -66.46 -35.36 -45.02
N GLU G 1513 -67.14 -35.56 -43.90
CA GLU G 1513 -68.23 -36.51 -43.80
C GLU G 1513 -68.90 -36.80 -45.14
N ASP G 1514 -69.35 -35.74 -45.83
CA ASP G 1514 -70.03 -35.90 -47.12
C ASP G 1514 -69.15 -36.56 -48.17
N VAL G 1515 -68.03 -35.94 -48.47
CA VAL G 1515 -67.13 -36.49 -49.48
C VAL G 1515 -67.06 -37.99 -49.34
N TYR G 1516 -67.11 -38.43 -48.10
CA TYR G 1516 -67.07 -39.86 -47.87
C TYR G 1516 -68.34 -40.48 -48.41
N LEU G 1517 -69.43 -40.30 -47.66
CA LEU G 1517 -70.74 -40.85 -47.97
C LEU G 1517 -71.16 -40.77 -49.45
N ASP G 1518 -70.93 -39.61 -50.10
CA ASP G 1518 -71.31 -39.37 -51.51
C ASP G 1518 -70.40 -40.02 -52.53
N PRO G 1519 -70.81 -41.17 -53.05
CA PRO G 1519 -70.03 -41.92 -54.04
C PRO G 1519 -69.43 -40.95 -55.05
N LEU G 1520 -70.06 -39.78 -55.09
CA LEU G 1520 -69.67 -38.67 -55.95
C LEU G 1520 -68.15 -38.52 -56.00
N ALA G 1521 -67.58 -39.05 -57.07
CA ALA G 1521 -66.15 -39.01 -57.26
C ALA G 1521 -65.54 -37.59 -57.37
N ARG G 1522 -64.32 -37.55 -57.92
CA ARG G 1522 -63.54 -36.34 -58.14
C ARG G 1522 -63.47 -35.22 -57.09
N VAL G 1523 -62.41 -34.41 -57.20
CA VAL G 1523 -62.09 -33.25 -56.36
C VAL G 1523 -61.50 -32.23 -57.36
N SER G 1524 -62.00 -30.99 -57.38
CA SER G 1524 -61.51 -29.99 -58.34
C SER G 1524 -60.78 -28.76 -57.79
N LYS G 1525 -59.97 -28.11 -58.65
CA LYS G 1525 -59.17 -26.93 -58.28
C LYS G 1525 -59.98 -25.71 -57.85
N ASP G 1526 -59.38 -24.81 -57.06
CA ASP G 1526 -60.04 -23.58 -56.59
C ASP G 1526 -59.07 -22.38 -56.64
N LYS G 1527 -59.00 -21.62 -55.55
CA LYS G 1527 -58.10 -20.47 -55.50
C LYS G 1527 -56.85 -20.86 -54.70
N LYS G 1528 -56.25 -21.98 -55.06
CA LYS G 1528 -55.04 -22.52 -54.42
C LYS G 1528 -54.44 -23.73 -55.19
N SER G 1529 -55.02 -24.91 -54.95
CA SER G 1529 -54.60 -26.17 -55.60
C SER G 1529 -55.58 -27.34 -55.34
N GLY G 1530 -55.56 -28.34 -56.22
CA GLY G 1530 -56.42 -29.52 -56.13
C GLY G 1530 -57.09 -29.74 -54.78
N SER G 1531 -58.41 -29.89 -54.78
CA SER G 1531 -59.12 -30.11 -53.53
C SER G 1531 -60.63 -30.12 -53.67
N LEU G 1532 -61.25 -31.27 -53.42
CA LEU G 1532 -62.71 -31.42 -53.49
C LEU G 1532 -63.31 -30.06 -53.13
N THR G 1533 -63.96 -29.45 -54.13
CA THR G 1533 -64.56 -28.13 -53.99
C THR G 1533 -66.06 -28.10 -53.66
N PHE G 1534 -66.41 -27.34 -52.62
CA PHE G 1534 -67.77 -27.18 -52.10
C PHE G 1534 -68.85 -28.09 -52.66
N ASN G 1535 -70.10 -27.65 -52.53
CA ASN G 1535 -71.22 -28.44 -52.99
C ASN G 1535 -71.43 -28.31 -54.49
N SER G 1536 -70.62 -27.50 -55.15
CA SER G 1536 -70.75 -27.31 -56.59
C SER G 1536 -70.17 -28.48 -57.36
N LYS G 1537 -68.85 -28.49 -57.58
CA LYS G 1537 -68.22 -29.58 -58.30
C LYS G 1537 -68.64 -30.88 -57.69
N ASN G 1538 -69.29 -30.80 -56.54
CA ASN G 1538 -69.78 -31.99 -55.89
C ASN G 1538 -70.50 -31.84 -54.56
N ILE G 1539 -71.59 -32.58 -54.47
CA ILE G 1539 -72.50 -32.70 -53.33
C ILE G 1539 -73.26 -33.88 -53.92
N GLN G 1540 -72.64 -34.39 -54.99
CA GLN G 1540 -73.10 -35.49 -55.80
C GLN G 1540 -73.74 -34.88 -57.04
N SER G 1541 -73.94 -33.56 -56.98
CA SER G 1541 -74.52 -32.76 -58.07
C SER G 1541 -74.91 -33.54 -59.32
N LYS G 1542 -76.22 -33.55 -59.62
CA LYS G 1542 -76.74 -34.26 -60.78
C LYS G 1542 -75.82 -34.32 -62.00
N ASP G 1543 -74.98 -33.30 -62.17
CA ASP G 1543 -74.07 -33.25 -63.31
C ASP G 1543 -73.03 -34.38 -63.32
N SER G 1544 -73.41 -35.51 -62.74
CA SER G 1544 -72.57 -36.69 -62.67
C SER G 1544 -73.54 -37.83 -62.34
N TYR G 1545 -73.71 -38.73 -63.31
CA TYR G 1545 -74.64 -39.87 -63.21
C TYR G 1545 -75.72 -39.60 -64.25
N UNK G 1546 -75.87 -38.32 -64.58
CA UNK G 1546 -76.86 -37.88 -65.56
C UNK G 1546 -76.14 -37.12 -66.66
N UNK G 1547 -75.30 -36.17 -66.26
CA UNK G 1547 -74.54 -35.37 -67.21
C UNK G 1547 -73.45 -36.20 -67.86
N UNK G 1548 -73.58 -37.52 -67.76
CA UNK G 1548 -72.62 -38.44 -68.37
C UNK G 1548 -72.84 -38.46 -69.89
N UNK G 1549 -72.87 -37.26 -70.48
CA UNK G 1549 -73.06 -37.04 -71.92
C UNK G 1549 -74.10 -37.92 -72.60
N UNK G 1550 -73.66 -39.06 -73.12
CA UNK G 1550 -74.54 -40.00 -73.80
C UNK G 1550 -75.56 -40.62 -72.84
N UNK G 1551 -75.80 -39.95 -71.73
CA UNK G 1551 -76.77 -40.38 -70.75
C UNK G 1551 -77.74 -39.21 -70.59
N UNK G 1552 -77.49 -38.18 -71.41
CA UNK G 1552 -78.30 -36.95 -71.42
C UNK G 1552 -78.87 -36.71 -72.82
N UNK G 1553 -78.06 -37.00 -73.84
CA UNK G 1553 -78.48 -36.83 -75.23
C UNK G 1553 -79.12 -38.13 -75.73
N UNK G 1554 -78.84 -39.23 -75.04
CA UNK G 1554 -79.40 -40.53 -75.39
C UNK G 1554 -80.61 -40.77 -74.50
N UNK G 1555 -80.95 -39.75 -73.70
CA UNK G 1555 -82.10 -39.80 -72.81
C UNK G 1555 -83.08 -38.72 -73.25
N UNK G 1556 -82.71 -38.02 -74.32
CA UNK G 1556 -83.52 -36.97 -74.90
C UNK G 1556 -83.92 -37.44 -76.30
N UNK G 1557 -83.19 -38.45 -76.80
CA UNK G 1557 -83.43 -39.03 -78.12
C UNK G 1557 -84.28 -40.30 -77.94
N UNK G 1558 -84.81 -40.48 -76.74
CA UNK G 1558 -85.65 -41.60 -76.38
C UNK G 1558 -86.88 -41.05 -75.66
N UNK G 1559 -86.93 -39.73 -75.58
CA UNK G 1559 -88.02 -39.00 -74.93
C UNK G 1559 -88.83 -38.26 -76.00
N UNK G 1560 -88.17 -37.92 -77.09
CA UNK G 1560 -88.80 -37.24 -78.21
C UNK G 1560 -89.37 -38.29 -79.16
N UNK G 1561 -89.40 -39.53 -78.68
CA UNK G 1561 -89.93 -40.66 -79.43
C UNK G 1561 -90.73 -41.47 -78.43
N UNK G 1562 -91.35 -40.75 -77.49
CA UNK G 1562 -92.16 -41.36 -76.44
C UNK G 1562 -93.51 -40.67 -76.31
N UNK G 1563 -93.53 -39.36 -76.59
CA UNK G 1563 -94.75 -38.58 -76.51
C UNK G 1563 -94.76 -37.47 -77.56
N UNK G 1564 -94.81 -37.86 -78.83
CA UNK G 1564 -94.83 -36.90 -79.94
C UNK G 1564 -94.80 -37.55 -81.34
N UNK G 1565 -95.14 -38.84 -81.41
CA UNK G 1565 -95.16 -39.56 -82.69
C UNK G 1565 -96.56 -40.07 -83.04
N UNK G 1566 -97.08 -39.65 -84.20
CA UNK G 1566 -98.41 -40.04 -84.68
C UNK G 1566 -98.41 -41.21 -85.69
N UNK G 1567 -97.79 -40.99 -86.85
CA UNK G 1567 -97.71 -42.00 -87.91
C UNK G 1567 -96.63 -43.05 -87.59
N UNK G 1568 -96.95 -44.32 -87.81
CA UNK G 1568 -96.03 -45.43 -87.55
C UNK G 1568 -94.87 -45.54 -88.56
N UNK G 1569 -93.66 -45.74 -88.05
CA UNK G 1569 -92.44 -45.88 -88.86
C UNK G 1569 -91.21 -45.77 -87.97
N UNK G 1570 -91.28 -46.43 -86.81
CA UNK G 1570 -90.20 -46.42 -85.82
C UNK G 1570 -89.09 -47.46 -86.01
N UNK G 1571 -87.98 -47.25 -85.30
CA UNK G 1571 -86.82 -48.14 -85.37
C UNK G 1571 -86.17 -48.39 -83.99
N UNK G 1572 -85.18 -47.58 -83.64
CA UNK G 1572 -84.46 -47.71 -82.37
C UNK G 1572 -83.57 -48.97 -82.38
N UNK G 1573 -82.32 -48.82 -82.81
CA UNK G 1573 -81.35 -49.91 -82.89
C UNK G 1573 -79.94 -49.51 -82.38
N UNK G 1574 -79.43 -50.25 -81.40
CA UNK G 1574 -78.12 -49.97 -80.79
C UNK G 1574 -77.06 -51.06 -81.06
N UNK G 1575 -75.78 -50.69 -80.93
CA UNK G 1575 -74.68 -51.62 -81.15
C UNK G 1575 -73.40 -51.19 -80.37
N UNK G 1576 -72.75 -52.15 -79.70
CA UNK G 1576 -71.53 -51.89 -78.92
C UNK G 1576 -70.49 -51.07 -79.68
N UNK G 1577 -69.95 -50.03 -79.04
CA UNK G 1577 -68.96 -49.15 -79.66
C UNK G 1577 -67.61 -49.79 -79.99
N UNK G 1578 -67.32 -50.94 -79.38
CA UNK G 1578 -66.05 -51.66 -79.63
C UNK G 1578 -66.33 -53.02 -80.27
N UNK G 1579 -67.41 -53.07 -81.03
CA UNK G 1579 -67.85 -54.27 -81.75
C UNK G 1579 -68.10 -53.81 -83.19
N UNK G 1580 -68.56 -52.57 -83.31
CA UNK G 1580 -68.82 -51.95 -84.61
C UNK G 1580 -67.47 -51.43 -85.06
N UNK G 1581 -66.79 -50.74 -84.14
CA UNK G 1581 -65.47 -50.21 -84.43
C UNK G 1581 -64.50 -51.38 -84.53
N UNK G 1582 -65.04 -52.60 -84.46
CA UNK G 1582 -64.23 -53.83 -84.55
C UNK G 1582 -63.38 -53.86 -85.82
N UNK G 1583 -63.66 -52.91 -86.71
CA UNK G 1583 -62.94 -52.78 -87.97
C UNK G 1583 -62.82 -51.28 -88.26
N UNK G 1584 -62.58 -50.48 -87.23
CA UNK G 1584 -62.44 -49.05 -87.37
C UNK G 1584 -61.22 -48.70 -88.22
N UNK G 1585 -60.64 -49.73 -88.85
CA UNK G 1585 -59.47 -49.63 -89.72
C UNK G 1585 -58.92 -51.04 -89.99
N UNK G 1586 -59.54 -52.03 -89.35
CA UNK G 1586 -59.16 -53.44 -89.48
C UNK G 1586 -59.77 -54.09 -90.73
N UNK G 1587 -61.03 -54.52 -90.65
CA UNK G 1587 -61.71 -55.15 -91.79
C UNK G 1587 -61.90 -54.15 -92.96
N UNK G 1588 -61.06 -54.29 -93.98
CA UNK G 1588 -61.04 -53.43 -95.16
C UNK G 1588 -62.41 -53.07 -95.74
N UNK G 1589 -63.29 -54.07 -95.88
CA UNK G 1589 -64.62 -53.85 -96.43
C UNK G 1589 -65.82 -53.94 -95.47
N UNK G 1590 -65.57 -53.94 -94.15
CA UNK G 1590 -66.67 -54.00 -93.17
C UNK G 1590 -67.27 -52.60 -93.00
N UNK G 1591 -66.54 -51.60 -93.49
CA UNK G 1591 -66.94 -50.19 -93.43
C UNK G 1591 -66.88 -49.59 -94.84
N UNK G 1592 -66.85 -50.46 -95.85
CA UNK G 1592 -66.79 -50.05 -97.25
C UNK G 1592 -68.05 -50.53 -97.96
N UNK G 1593 -69.04 -50.94 -97.16
CA UNK G 1593 -70.32 -51.42 -97.65
C UNK G 1593 -71.37 -51.16 -96.58
N UNK G 1594 -71.61 -49.87 -96.33
CA UNK G 1594 -72.58 -49.42 -95.33
C UNK G 1594 -72.51 -47.89 -95.13
N UNK G 1595 -73.25 -47.15 -95.97
CA UNK G 1595 -73.29 -45.69 -95.92
C UNK G 1595 -71.91 -45.08 -96.16
N UNK G 1596 -70.93 -45.96 -96.38
CA UNK G 1596 -69.54 -45.58 -96.62
C UNK G 1596 -69.31 -44.78 -97.89
N UNK G 1597 -70.12 -43.75 -98.09
CA UNK G 1597 -69.98 -42.89 -99.27
C UNK G 1597 -68.91 -41.85 -98.95
N UNK G 1598 -68.97 -40.69 -99.60
CA UNK G 1598 -68.03 -39.62 -99.32
C UNK G 1598 -68.53 -39.04 -97.99
N UNK G 1599 -69.75 -39.45 -97.63
CA UNK G 1599 -70.42 -39.05 -96.40
C UNK G 1599 -70.21 -40.17 -95.37
N UNK G 1600 -68.96 -40.64 -95.29
CA UNK G 1600 -68.54 -41.71 -94.38
C UNK G 1600 -67.03 -41.62 -94.15
N UNK G 1601 -66.45 -40.54 -94.66
CA UNK G 1601 -65.03 -40.25 -94.51
C UNK G 1601 -64.95 -38.79 -94.05
N UNK G 1602 -66.05 -38.33 -93.43
CA UNK G 1602 -66.18 -36.96 -92.90
C UNK G 1602 -67.04 -36.91 -91.62
N UNK G 1603 -67.67 -38.03 -91.28
CA UNK G 1603 -68.50 -38.14 -90.08
C UNK G 1603 -67.95 -39.29 -89.21
N UNK G 1604 -67.07 -40.10 -89.80
CA UNK G 1604 -66.43 -41.24 -89.13
C UNK G 1604 -64.90 -41.12 -89.19
N UNK G 1605 -64.39 -39.95 -88.78
CA UNK G 1605 -62.96 -39.64 -88.75
C UNK G 1605 -62.84 -38.22 -88.18
N UNK G 1606 -63.78 -37.88 -87.31
CA UNK G 1606 -63.84 -36.57 -86.67
C UNK G 1606 -63.23 -36.59 -85.26
N UNK G 1607 -64.04 -36.91 -84.25
CA UNK G 1607 -63.56 -36.97 -82.87
C UNK G 1607 -63.56 -38.39 -82.28
N UNK G 1608 -63.39 -39.39 -83.15
CA UNK G 1608 -63.35 -40.79 -82.74
C UNK G 1608 -63.06 -41.74 -83.91
N UNK G 1609 -63.72 -42.89 -83.90
CA UNK G 1609 -63.57 -43.92 -84.94
C UNK G 1609 -64.32 -45.14 -84.41
N UNK G 1610 -64.84 -44.96 -83.19
CA UNK G 1610 -65.60 -45.98 -82.49
C UNK G 1610 -66.75 -45.26 -81.79
N UNK G 1611 -66.81 -43.94 -81.97
CA UNK G 1611 -67.87 -43.11 -81.39
C UNK G 1611 -68.60 -42.38 -82.50
N UNK G 1612 -68.04 -42.47 -83.71
CA UNK G 1612 -68.60 -41.85 -84.92
C UNK G 1612 -68.96 -42.92 -85.95
N UNK G 1613 -68.00 -43.82 -86.22
CA UNK G 1613 -68.23 -44.90 -87.16
C UNK G 1613 -68.96 -45.99 -86.36
N UNK G 1614 -69.61 -45.57 -85.27
CA UNK G 1614 -70.37 -46.46 -84.39
C UNK G 1614 -71.82 -46.00 -84.32
N UNK G 1615 -72.13 -44.95 -85.06
CA UNK G 1615 -73.47 -44.41 -85.14
C UNK G 1615 -73.78 -44.40 -86.63
N UNK G 1616 -72.75 -44.64 -87.43
CA UNK G 1616 -72.87 -44.70 -88.88
C UNK G 1616 -73.37 -46.10 -89.26
N UNK G 1617 -73.20 -47.04 -88.35
CA UNK G 1617 -73.63 -48.43 -88.53
C UNK G 1617 -74.44 -48.88 -87.31
N UNK G 1618 -75.15 -47.92 -86.70
CA UNK G 1618 -75.98 -48.13 -85.52
C UNK G 1618 -77.13 -47.12 -85.49
N UNK G 1619 -76.95 -46.03 -86.23
CA UNK G 1619 -77.97 -44.99 -86.34
C UNK G 1619 -78.44 -44.95 -87.79
N UNK G 1620 -77.77 -45.74 -88.65
CA UNK G 1620 -78.07 -45.85 -90.07
C UNK G 1620 -78.53 -47.28 -90.41
N UNK G 1621 -78.88 -48.02 -89.36
CA UNK G 1621 -79.37 -49.40 -89.46
C UNK G 1621 -80.72 -49.41 -88.73
N UNK G 1622 -81.30 -48.21 -88.63
CA UNK G 1622 -82.59 -47.96 -88.00
C UNK G 1622 -83.42 -47.17 -89.01
N UNK G 1623 -82.75 -46.78 -90.10
CA UNK G 1623 -83.37 -46.03 -91.20
C UNK G 1623 -83.90 -47.10 -92.16
N UNK G 1624 -83.20 -48.23 -92.20
CA UNK G 1624 -83.58 -49.37 -93.05
C UNK G 1624 -84.37 -50.38 -92.19
N UNK G 1625 -84.81 -49.90 -91.01
CA UNK G 1625 -85.60 -50.69 -90.06
C UNK G 1625 -86.85 -49.89 -89.68
N UNK G 1626 -86.91 -48.67 -90.19
CA UNK G 1626 -88.02 -47.75 -89.98
C UNK G 1626 -88.75 -47.54 -91.31
N UNK G 1627 -88.66 -48.55 -92.18
CA UNK G 1627 -89.30 -48.55 -93.50
C UNK G 1627 -89.97 -49.92 -93.73
N UNK G 1628 -89.17 -51.00 -93.65
CA UNK G 1628 -89.59 -52.40 -93.80
C UNK G 1628 -89.15 -53.11 -95.09
N UNK G 1629 -87.94 -52.80 -95.57
CA UNK G 1629 -87.38 -53.41 -96.78
C UNK G 1629 -86.31 -54.47 -96.42
N UNK G 1630 -85.55 -54.93 -97.42
CA UNK G 1630 -84.50 -55.94 -97.18
C UNK G 1630 -83.45 -55.98 -98.29
N UNK G 1631 -82.37 -55.20 -98.11
CA UNK G 1631 -81.27 -55.13 -99.08
C UNK G 1631 -79.97 -55.81 -98.59
N UNK G 1632 -78.90 -55.02 -98.41
CA UNK G 1632 -77.61 -55.54 -97.95
C UNK G 1632 -76.59 -54.45 -97.57
N UNK G 1633 -77.06 -53.39 -96.91
CA UNK G 1633 -76.23 -52.27 -96.45
C UNK G 1633 -75.83 -51.24 -97.52
N UNK G 1634 -76.65 -50.19 -97.65
CA UNK G 1634 -76.40 -49.13 -98.63
C UNK G 1634 -77.36 -47.95 -98.44
N UNK G 1635 -77.13 -47.19 -97.36
CA UNK G 1635 -77.96 -46.03 -97.04
C UNK G 1635 -77.11 -44.75 -97.07
N UNK G 1636 -77.49 -43.75 -96.28
CA UNK G 1636 -76.76 -42.48 -96.24
C UNK G 1636 -76.35 -42.04 -94.83
N UNK G 1637 -76.20 -40.75 -94.64
CA UNK G 1637 -75.81 -40.15 -93.37
C UNK G 1637 -75.53 -38.68 -93.66
N UNK G 1638 -76.19 -37.78 -92.92
CA UNK G 1638 -76.02 -36.34 -93.11
C UNK G 1638 -74.59 -35.84 -92.89
N UNK G 1639 -74.47 -34.68 -92.27
CA UNK G 1639 -73.18 -34.07 -91.98
C UNK G 1639 -73.36 -32.99 -90.91
N UNK G 1640 -72.24 -32.38 -90.48
CA UNK G 1640 -72.26 -31.36 -89.45
C UNK G 1640 -72.73 -31.97 -88.13
N UNK G 1641 -71.78 -32.26 -87.24
CA UNK G 1641 -72.08 -32.88 -85.94
C UNK G 1641 -72.54 -31.92 -84.82
N UNK G 1642 -73.83 -31.61 -84.81
CA UNK G 1642 -74.47 -30.72 -83.81
C UNK G 1642 -73.88 -29.31 -83.65
N UNK G 1643 -72.89 -28.97 -84.48
CA UNK G 1643 -72.25 -27.64 -84.46
C UNK G 1643 -72.16 -27.04 -85.87
N UNK G 1644 -73.13 -27.36 -86.71
CA UNK G 1644 -73.20 -26.85 -88.09
C UNK G 1644 -74.56 -27.16 -88.75
N UNK G 1645 -75.30 -28.10 -88.19
CA UNK G 1645 -76.62 -28.50 -88.70
C UNK G 1645 -77.34 -29.41 -87.71
N UNK G 1646 -77.43 -30.70 -88.05
CA UNK G 1646 -78.10 -31.70 -87.20
C UNK G 1646 -78.03 -33.10 -87.81
N UNK G 1647 -78.60 -34.07 -87.10
CA UNK G 1647 -78.61 -35.46 -87.53
C UNK G 1647 -79.73 -35.73 -88.56
N UNK G 1648 -79.33 -36.08 -89.79
CA UNK G 1648 -80.28 -36.38 -90.85
C UNK G 1648 -79.73 -37.43 -91.84
N UNK G 1649 -80.55 -37.82 -92.80
CA UNK G 1649 -80.16 -38.81 -93.81
C UNK G 1649 -81.08 -38.74 -95.03
N UNK G 1650 -81.30 -39.88 -95.69
CA UNK G 1650 -82.16 -39.98 -96.86
C UNK G 1650 -81.69 -39.10 -98.02
N UNK G 1651 -80.47 -39.36 -98.50
CA UNK G 1651 -79.87 -38.63 -99.61
C UNK G 1651 -78.91 -39.56 -100.36
N UNK G 1652 -79.14 -39.69 -101.67
CA UNK G 1652 -78.32 -40.55 -102.54
C UNK G 1652 -78.69 -42.02 -102.30
N UNK G 1653 -79.92 -42.25 -101.84
CA UNK G 1653 -80.45 -43.59 -101.57
C UNK G 1653 -80.99 -44.25 -102.85
N UNK G 1654 -80.12 -44.40 -103.85
CA UNK G 1654 -80.50 -45.00 -105.13
C UNK G 1654 -79.78 -46.32 -105.42
N UNK G 1655 -80.34 -47.40 -104.88
CA UNK G 1655 -79.80 -48.75 -105.07
C UNK G 1655 -80.98 -49.72 -105.10
N UNK G 1656 -80.99 -50.70 -104.20
CA UNK G 1656 -82.09 -51.68 -104.13
C UNK G 1656 -83.17 -51.16 -103.18
N UNK G 1657 -82.93 -49.96 -102.64
CA UNK G 1657 -83.84 -49.28 -101.72
C UNK G 1657 -84.19 -47.87 -102.21
N UNK G 1658 -84.38 -47.74 -103.52
CA UNK G 1658 -84.74 -46.48 -104.17
C UNK G 1658 -86.03 -46.71 -104.97
N UNK G 1659 -86.33 -47.99 -105.22
CA UNK G 1659 -87.53 -48.41 -105.95
C UNK G 1659 -88.40 -49.36 -105.09
N UNK G 1660 -87.90 -49.73 -103.91
CA UNK G 1660 -88.60 -50.60 -102.95
C UNK G 1660 -88.69 -49.91 -101.59
N UNK G 1661 -88.24 -48.65 -101.55
CA UNK G 1661 -88.25 -47.82 -100.35
C UNK G 1661 -88.95 -46.49 -100.64
N UNK G 1662 -88.41 -45.72 -101.60
CA UNK G 1662 -89.00 -44.43 -101.99
C UNK G 1662 -90.43 -44.67 -102.51
N UNK G 1663 -90.75 -45.93 -102.78
CA UNK G 1663 -92.05 -46.35 -103.27
C UNK G 1663 -92.76 -47.13 -102.16
N UNK G 1664 -92.84 -46.50 -100.99
CA UNK G 1664 -93.48 -47.10 -99.83
C UNK G 1664 -94.32 -46.07 -99.06
N UNK G 1665 -93.69 -44.98 -98.62
CA UNK G 1665 -94.38 -43.91 -97.86
C UNK G 1665 -93.40 -42.87 -97.30
N UNK G 1666 -93.86 -41.62 -97.19
CA UNK G 1666 -93.07 -40.50 -96.65
C UNK G 1666 -92.12 -39.84 -97.65
N UNK G 1667 -91.65 -38.64 -97.29
CA UNK G 1667 -90.73 -37.88 -98.12
C UNK G 1667 -89.29 -38.00 -97.58
N UNK G 1668 -89.17 -38.28 -96.29
CA UNK G 1668 -87.86 -38.41 -95.65
C UNK G 1668 -87.97 -38.94 -94.22
N UNK G 1669 -87.12 -39.91 -93.88
CA UNK G 1669 -87.09 -40.52 -92.56
C UNK G 1669 -85.67 -40.39 -92.00
N UNK G 1670 -85.47 -39.50 -91.03
CA UNK G 1670 -84.15 -39.27 -90.43
C UNK G 1670 -83.86 -40.06 -89.14
N UNK G 1671 -83.36 -39.39 -88.10
CA UNK G 1671 -83.05 -40.05 -86.83
C UNK G 1671 -82.74 -39.07 -85.69
N UNK G 1672 -81.96 -39.55 -84.72
CA UNK G 1672 -81.55 -38.77 -83.56
C UNK G 1672 -80.59 -39.62 -82.70
N UNK G 1673 -79.48 -40.03 -83.31
CA UNK G 1673 -78.48 -40.85 -82.64
C UNK G 1673 -78.00 -40.26 -81.31
N UNK G 1674 -77.17 -41.03 -80.60
CA UNK G 1674 -76.62 -40.61 -79.32
C UNK G 1674 -75.26 -41.26 -79.07
N UNK G 1675 -74.21 -40.68 -79.64
CA UNK G 1675 -72.84 -41.18 -79.51
C UNK G 1675 -72.36 -41.34 -78.06
N UNK G 1676 -71.41 -42.25 -77.85
CA UNK G 1676 -70.83 -42.51 -76.51
C UNK G 1676 -69.58 -43.39 -76.57
N UNK G 1677 -68.87 -43.48 -75.45
CA UNK G 1677 -67.68 -44.32 -75.38
C UNK G 1677 -68.17 -45.76 -75.47
N UNK G 1678 -69.21 -46.05 -74.71
CA UNK G 1678 -69.80 -47.38 -74.71
C UNK G 1678 -71.30 -47.24 -74.90
N UNK G 1679 -71.71 -47.03 -76.16
CA UNK G 1679 -73.11 -46.88 -76.55
C UNK G 1679 -73.22 -46.33 -77.98
N UNK G 1680 -74.43 -46.39 -78.53
CA UNK G 1680 -74.70 -45.88 -79.88
C UNK G 1680 -76.09 -46.33 -80.31
N UNK G 1681 -77.11 -45.64 -79.82
CA UNK G 1681 -78.50 -45.95 -80.14
C UNK G 1681 -79.22 -44.76 -80.76
N UNK G 1682 -79.78 -44.95 -81.96
CA UNK G 1682 -80.49 -43.89 -82.66
C UNK G 1682 -81.90 -44.31 -83.09
N UNK G 1683 -82.92 -43.80 -82.39
CA UNK G 1683 -84.31 -44.10 -82.73
C UNK G 1683 -84.75 -43.23 -83.92
N UNK G 1684 -84.88 -43.86 -85.09
CA UNK G 1684 -85.26 -43.18 -86.34
C UNK G 1684 -86.74 -43.28 -86.71
N UNK G 1685 -87.39 -42.12 -86.88
CA UNK G 1685 -88.81 -42.02 -87.23
C UNK G 1685 -89.10 -41.41 -88.61
N UNK G 1686 -89.78 -42.17 -89.47
CA UNK G 1686 -90.11 -41.73 -90.82
C UNK G 1686 -91.18 -40.64 -90.84
N UNK G 1687 -91.82 -40.46 -91.99
CA UNK G 1687 -92.87 -39.43 -92.15
C UNK G 1687 -94.32 -39.94 -92.22
N UNK G 1688 -94.95 -39.88 -93.39
CA UNK G 1688 -96.35 -40.30 -93.54
C UNK G 1688 -96.58 -41.57 -94.35
N MET H 1 -0.05 65.44 -28.34
CA MET H 1 -0.32 64.53 -27.21
C MET H 1 -0.34 63.06 -27.60
N ASP H 2 -1.15 62.26 -26.90
CA ASP H 2 -1.22 60.83 -27.15
C ASP H 2 -2.28 60.08 -26.32
N ALA H 3 -3.51 60.03 -26.81
CA ALA H 3 -4.56 59.32 -26.09
C ALA H 3 -4.10 57.87 -25.92
N TYR H 4 -3.85 57.46 -24.69
CA TYR H 4 -3.36 56.12 -24.42
C TYR H 4 -4.42 55.01 -24.35
N SER H 5 -4.10 53.98 -23.57
CA SER H 5 -4.95 52.81 -23.36
C SER H 5 -4.54 51.72 -24.33
N THR H 6 -3.22 51.68 -24.59
CA THR H 6 -2.58 50.72 -25.49
C THR H 6 -2.75 51.10 -26.96
N ARG H 7 -3.74 51.96 -27.24
CA ARG H 7 -4.01 52.42 -28.61
C ARG H 7 -3.66 53.91 -28.69
N PRO H 8 -2.73 54.28 -29.57
CA PRO H 8 -2.29 55.68 -29.75
C PRO H 8 -2.98 56.54 -30.84
N LEU H 9 -3.25 57.80 -30.49
CA LEU H 9 -3.85 58.77 -31.41
C LEU H 9 -3.20 60.11 -31.11
N THR H 10 -2.26 60.51 -31.96
CA THR H 10 -1.53 61.77 -31.80
C THR H 10 -2.47 62.96 -31.63
N LEU H 11 -2.11 63.84 -30.69
CA LEU H 11 -2.92 65.02 -30.42
C LEU H 11 -2.03 66.25 -30.44
N SER H 12 -1.59 66.61 -31.65
CA SER H 12 -0.73 67.76 -31.88
C SER H 12 -0.42 68.62 -30.66
N HIS H 13 0.72 68.36 -30.02
CA HIS H 13 1.14 69.13 -28.85
C HIS H 13 0.74 70.58 -29.09
N GLY H 14 -0.32 71.03 -28.41
CA GLY H 14 -0.76 72.40 -28.57
C GLY H 14 0.39 73.36 -28.34
N SER H 15 1.53 72.82 -27.91
CA SER H 15 2.76 73.58 -27.63
C SER H 15 2.59 74.69 -26.59
N LEU H 16 3.00 74.39 -25.36
CA LEU H 16 2.94 75.30 -24.20
C LEU H 16 1.56 75.74 -23.66
N GLU H 17 1.03 76.87 -24.16
CA GLU H 17 -0.27 77.38 -23.70
C GLU H 17 -1.37 76.31 -23.69
N HIS H 18 -1.10 75.19 -24.35
CA HIS H 18 -2.04 74.09 -24.44
C HIS H 18 -1.60 72.94 -23.54
N VAL H 19 -0.48 72.32 -23.90
CA VAL H 19 0.12 71.18 -23.17
C VAL H 19 0.10 71.31 -21.64
N LEU H 20 -0.32 72.47 -21.13
CA LEU H 20 -0.38 72.70 -19.69
C LEU H 20 -1.80 72.45 -19.17
N LEU H 21 -2.79 73.02 -19.85
CA LEU H 21 -4.19 72.86 -19.47
C LEU H 21 -4.65 71.56 -20.11
N VAL H 22 -3.70 70.83 -20.68
CA VAL H 22 -3.97 69.57 -21.34
C VAL H 22 -3.89 68.35 -20.44
N PRO H 23 -2.72 68.11 -19.80
CA PRO H 23 -2.61 66.94 -18.92
C PRO H 23 -3.73 66.90 -17.88
N THR H 24 -4.38 68.06 -17.71
CA THR H 24 -5.50 68.21 -16.77
C THR H 24 -6.64 67.34 -17.32
N ALA H 25 -6.45 66.90 -18.55
CA ALA H 25 -7.40 66.06 -19.24
C ALA H 25 -6.70 64.72 -19.44
N SER H 26 -5.38 64.76 -19.52
CA SER H 26 -4.57 63.56 -19.74
C SER H 26 -4.70 62.52 -18.62
N PHE H 27 -4.67 62.98 -17.37
CA PHE H 27 -4.79 62.06 -16.26
C PHE H 27 -6.26 61.95 -15.86
N PHE H 28 -6.97 63.06 -15.99
CA PHE H 28 -8.38 63.03 -15.67
C PHE H 28 -9.05 62.06 -16.64
N ILE H 29 -8.53 62.00 -17.86
CA ILE H 29 -9.07 61.07 -18.85
C ILE H 29 -8.51 59.71 -18.44
N ALA H 30 -7.35 59.74 -17.78
CA ALA H 30 -6.74 58.51 -17.30
C ALA H 30 -7.63 58.08 -16.13
N SER H 31 -8.84 58.62 -16.14
CA SER H 31 -9.86 58.35 -15.15
C SER H 31 -9.78 56.88 -14.77
N GLN H 32 -9.25 56.61 -13.58
CA GLN H 32 -9.09 55.24 -13.03
C GLN H 32 -9.83 54.12 -13.78
N LEU H 33 -11.09 54.37 -14.13
CA LEU H 33 -11.90 53.39 -14.85
C LEU H 33 -11.54 53.29 -16.34
N GLN H 34 -10.35 53.79 -16.68
CA GLN H 34 -9.86 53.73 -18.06
C GLN H 34 -8.71 52.75 -18.13
N GLU H 35 -7.92 52.71 -17.05
CA GLU H 35 -6.75 51.81 -16.92
C GLU H 35 -7.16 50.39 -16.59
N GLN H 36 -8.20 50.23 -15.76
CA GLN H 36 -8.69 48.90 -15.41
C GLN H 36 -9.67 48.49 -16.50
N PHE H 37 -10.03 49.46 -17.34
CA PHE H 37 -10.92 49.23 -18.46
C PHE H 37 -10.05 49.15 -19.70
N ASN H 38 -8.73 49.12 -19.46
CA ASN H 38 -7.75 48.99 -20.54
C ASN H 38 -7.04 47.65 -20.31
N LYS H 39 -7.21 47.11 -19.09
CA LYS H 39 -6.63 45.81 -18.72
C LYS H 39 -7.60 44.71 -19.13
N ILE H 40 -8.86 45.10 -19.38
CA ILE H 40 -9.89 44.18 -19.84
C ILE H 40 -9.85 44.27 -21.36
N LEU H 41 -8.72 44.77 -21.85
CA LEU H 41 -8.52 44.94 -23.29
C LEU H 41 -7.20 44.39 -23.86
N PRO H 42 -6.16 44.17 -23.03
CA PRO H 42 -4.92 43.64 -23.60
C PRO H 42 -5.15 42.20 -24.02
N GLU H 43 -6.21 41.60 -23.45
CA GLU H 43 -6.64 40.23 -23.75
C GLU H 43 -8.08 40.34 -24.27
N PRO H 44 -9.06 40.70 -23.40
CA PRO H 44 -10.42 40.81 -23.94
C PRO H 44 -10.55 42.13 -24.70
N THR H 45 -9.68 42.28 -25.69
CA THR H 45 -9.61 43.45 -26.56
C THR H 45 -10.79 44.42 -26.48
N GLU H 46 -10.62 45.47 -25.69
CA GLU H 46 -11.65 46.50 -25.53
C GLU H 46 -12.98 45.93 -25.06
N GLY H 47 -12.91 45.08 -24.05
CA GLY H 47 -14.11 44.48 -23.51
C GLY H 47 -15.28 45.44 -23.57
N PHE H 48 -15.16 46.55 -22.85
CA PHE H 48 -16.23 47.53 -22.84
C PHE H 48 -15.71 48.97 -22.79
N ALA H 49 -16.60 49.89 -22.42
CA ALA H 49 -16.33 51.33 -22.30
C ALA H 49 -15.12 51.90 -23.02
N ALA H 50 -15.35 52.41 -24.23
CA ALA H 50 -14.30 53.03 -25.05
C ALA H 50 -13.22 52.09 -25.56
N ASP H 51 -12.26 52.67 -26.29
CA ASP H 51 -11.13 51.95 -26.87
C ASP H 51 -11.46 51.13 -28.12
N ASP H 52 -12.68 50.62 -28.23
CA ASP H 52 -13.12 49.80 -29.38
C ASP H 52 -12.30 50.02 -30.64
N GLU H 53 -12.46 51.19 -31.24
CA GLU H 53 -11.71 51.53 -32.44
C GLU H 53 -10.50 52.36 -32.05
N PRO H 54 -9.37 52.16 -32.75
CA PRO H 54 -8.14 52.89 -32.47
C PRO H 54 -8.33 54.41 -32.30
N THR H 55 -9.24 54.99 -33.08
CA THR H 55 -9.47 56.43 -33.02
C THR H 55 -10.67 56.78 -32.12
N THR H 56 -11.14 55.80 -31.37
CA THR H 56 -12.24 56.02 -30.44
C THR H 56 -11.75 56.73 -29.17
N PRO H 57 -10.42 56.82 -28.95
CA PRO H 57 -10.07 57.51 -27.71
C PRO H 57 -10.56 58.94 -27.85
N ALA H 58 -10.28 59.53 -29.02
CA ALA H 58 -10.67 60.90 -29.34
C ALA H 58 -12.11 61.11 -28.91
N GLU H 59 -12.82 60.00 -28.73
CA GLU H 59 -14.22 60.04 -28.31
C GLU H 59 -14.28 60.64 -26.92
N LEU H 60 -14.19 59.77 -25.91
CA LEU H 60 -14.27 60.18 -24.52
C LEU H 60 -13.38 61.37 -24.11
N VAL H 61 -12.15 61.44 -24.61
CA VAL H 61 -11.31 62.59 -24.26
C VAL H 61 -12.05 63.79 -24.84
N GLY H 62 -12.30 63.74 -26.14
CA GLY H 62 -13.01 64.80 -26.83
C GLY H 62 -14.48 64.78 -26.46
N LYS H 63 -14.80 64.09 -25.37
CA LYS H 63 -16.17 63.99 -24.87
C LYS H 63 -16.16 64.47 -23.43
N PHE H 64 -15.57 63.65 -22.55
CA PHE H 64 -15.45 63.95 -21.14
C PHE H 64 -15.12 65.43 -21.04
N LEU H 65 -14.13 65.84 -21.83
CA LEU H 65 -13.71 67.22 -21.88
C LEU H 65 -14.83 68.05 -22.49
N GLY H 66 -15.42 67.52 -23.55
CA GLY H 66 -16.51 68.22 -24.20
C GLY H 66 -17.73 68.35 -23.31
N TYR H 67 -17.63 67.92 -22.06
CA TYR H 67 -18.77 68.02 -21.13
C TYR H 67 -18.43 68.78 -19.86
N VAL H 68 -17.46 68.26 -19.10
CA VAL H 68 -17.03 68.93 -17.87
C VAL H 68 -16.47 70.24 -18.39
N SER H 69 -16.65 70.44 -19.69
CA SER H 69 -16.21 71.61 -20.42
C SER H 69 -16.80 72.88 -19.85
N SER H 70 -17.23 73.76 -20.75
CA SER H 70 -17.82 75.04 -20.41
C SER H 70 -18.96 74.92 -19.40
N LEU H 71 -19.67 73.79 -19.44
CA LEU H 71 -20.80 73.55 -18.55
C LEU H 71 -21.83 74.67 -18.75
N VAL H 72 -21.73 75.33 -19.91
CA VAL H 72 -22.61 76.43 -20.34
C VAL H 72 -22.01 76.98 -21.63
N GLU H 73 -22.84 77.31 -22.60
CA GLU H 73 -22.33 77.87 -23.85
C GLU H 73 -21.59 79.19 -23.53
N PRO H 74 -22.05 79.93 -22.48
CA PRO H 74 -21.37 81.19 -22.12
C PRO H 74 -19.96 80.87 -21.57
N SER H 75 -19.09 80.40 -22.46
CA SER H 75 -17.72 80.01 -22.17
C SER H 75 -17.25 80.06 -20.72
N LYS H 76 -16.89 78.91 -20.19
CA LYS H 76 -16.38 78.82 -18.83
C LYS H 76 -14.91 79.18 -19.00
N VAL H 77 -14.68 80.04 -19.99
CA VAL H 77 -13.37 80.53 -20.37
C VAL H 77 -12.51 79.44 -21.00
N GLY H 78 -11.45 79.87 -21.69
CA GLY H 78 -10.53 78.96 -22.36
C GLY H 78 -10.34 77.60 -21.73
N GLN H 79 -10.31 77.57 -20.40
CA GLN H 79 -10.17 76.32 -19.65
C GLN H 79 -10.70 75.20 -20.52
N PHE H 80 -12.02 75.16 -20.61
CA PHE H 80 -12.73 74.16 -21.39
C PHE H 80 -13.70 74.87 -22.35
N ASP H 81 -13.16 75.70 -23.23
CA ASP H 81 -13.99 76.43 -24.18
C ASP H 81 -13.16 76.74 -25.41
N GLN H 82 -11.94 76.22 -25.42
CA GLN H 82 -11.01 76.42 -26.52
C GLN H 82 -10.10 75.22 -26.56
N VAL H 83 -9.62 74.81 -25.39
CA VAL H 83 -8.76 73.64 -25.29
C VAL H 83 -9.56 72.53 -25.93
N LEU H 84 -10.87 72.66 -25.85
CA LEU H 84 -11.79 71.70 -26.42
C LEU H 84 -11.88 71.85 -27.93
N ASN H 85 -11.65 73.07 -28.41
CA ASN H 85 -11.75 73.31 -29.84
C ASN H 85 -10.49 73.00 -30.63
N LEU H 86 -9.31 73.09 -30.01
CA LEU H 86 -8.08 72.78 -30.73
C LEU H 86 -8.20 71.35 -31.26
N CYS H 87 -8.82 70.51 -30.44
CA CYS H 87 -9.01 69.10 -30.75
C CYS H 87 -10.24 68.79 -31.60
N LEU H 88 -11.35 69.45 -31.31
CA LEU H 88 -12.58 69.21 -32.06
C LEU H 88 -12.29 69.06 -33.55
N THR H 89 -11.76 70.11 -34.16
CA THR H 89 -11.42 70.07 -35.59
C THR H 89 -10.32 69.03 -35.74
N GLU H 90 -9.40 69.02 -34.77
CA GLU H 90 -8.30 68.08 -34.76
C GLU H 90 -8.87 66.69 -35.03
N PHE H 91 -10.08 66.45 -34.56
CA PHE H 91 -10.75 65.17 -34.77
C PHE H 91 -11.35 65.12 -36.16
N GLU H 92 -11.93 66.22 -36.58
CA GLU H 92 -12.55 66.31 -37.90
C GLU H 92 -11.53 66.10 -39.02
N ASN H 93 -10.33 65.69 -38.65
CA ASN H 93 -9.25 65.45 -39.62
C ASN H 93 -8.46 64.19 -39.27
N CYS H 94 -9.19 63.10 -39.06
CA CYS H 94 -8.58 61.82 -38.73
C CYS H 94 -9.19 60.71 -39.57
N TYR H 95 -10.51 60.54 -39.46
CA TYR H 95 -11.20 59.50 -40.21
C TYR H 95 -12.65 59.89 -40.50
N LEU H 96 -12.89 61.19 -40.66
CA LEU H 96 -14.23 61.68 -40.96
C LEU H 96 -14.23 62.65 -42.15
N GLU H 97 -13.31 63.62 -42.14
CA GLU H 97 -13.22 64.60 -43.24
C GLU H 97 -14.62 65.11 -43.54
N GLY H 98 -15.23 65.81 -42.59
CA GLY H 98 -16.59 66.25 -42.82
C GLY H 98 -17.32 64.92 -42.93
N ASN H 99 -18.04 64.70 -44.01
CA ASN H 99 -18.75 63.44 -44.23
C ASN H 99 -19.74 63.11 -43.10
N ASP H 100 -19.52 63.68 -41.93
CA ASP H 100 -20.38 63.49 -40.75
C ASP H 100 -20.03 62.27 -39.90
N ILE H 101 -19.98 62.48 -38.58
CA ILE H 101 -19.68 61.39 -37.66
C ILE H 101 -20.62 60.22 -37.90
N HIS H 102 -21.91 60.53 -38.02
CA HIS H 102 -22.92 59.51 -38.26
C HIS H 102 -22.50 58.55 -39.39
N ALA H 103 -21.66 59.04 -40.30
CA ALA H 103 -21.19 58.23 -41.42
C ALA H 103 -19.96 57.44 -41.01
N LEU H 104 -19.16 58.04 -40.13
CA LEU H 104 -17.97 57.38 -39.64
C LEU H 104 -18.41 56.24 -38.74
N ALA H 105 -19.72 56.19 -38.46
CA ALA H 105 -20.31 55.15 -37.63
C ALA H 105 -20.31 53.86 -38.42
N ALA H 106 -20.58 53.97 -39.71
CA ALA H 106 -20.59 52.83 -40.58
C ALA H 106 -19.19 52.22 -40.54
N LYS H 107 -18.18 53.09 -40.47
CA LYS H 107 -16.78 52.65 -40.43
C LYS H 107 -16.43 51.95 -39.13
N LEU H 108 -17.43 51.35 -38.49
CA LEU H 108 -17.25 50.62 -37.24
C LEU H 108 -18.14 49.39 -37.22
N LEU H 109 -19.40 49.58 -37.58
CA LEU H 109 -20.36 48.51 -37.62
C LEU H 109 -19.85 47.38 -38.52
N GLN H 110 -19.10 47.74 -39.55
CA GLN H 110 -18.56 46.76 -40.48
C GLN H 110 -17.05 46.52 -40.32
N GLU H 111 -16.28 47.58 -40.15
CA GLU H 111 -14.82 47.44 -40.03
C GLU H 111 -14.32 46.78 -38.74
N ASN H 112 -14.18 47.54 -37.66
CA ASN H 112 -13.69 46.95 -36.42
C ASN H 112 -14.83 46.35 -35.57
N ASP H 113 -14.68 46.42 -34.26
CA ASP H 113 -15.66 45.89 -33.31
C ASP H 113 -17.11 46.17 -33.71
N THR H 114 -17.83 45.12 -34.11
CA THR H 114 -19.24 45.23 -34.50
C THR H 114 -20.08 45.49 -33.23
N THR H 115 -20.04 46.73 -32.74
CA THR H 115 -20.76 47.13 -31.52
C THR H 115 -21.73 48.27 -31.79
N LEU H 116 -22.90 48.21 -31.16
CA LEU H 116 -23.89 49.27 -31.34
C LEU H 116 -23.73 50.35 -30.30
N VAL H 117 -23.79 49.95 -29.04
CA VAL H 117 -23.68 50.88 -27.93
C VAL H 117 -22.33 51.60 -27.92
N LYS H 118 -21.30 51.00 -28.50
CA LYS H 118 -19.98 51.63 -28.53
C LYS H 118 -19.89 52.69 -29.63
N THR H 119 -20.86 52.66 -30.54
CA THR H 119 -20.92 53.60 -31.64
C THR H 119 -21.93 54.70 -31.32
N LYS H 120 -23.00 54.34 -30.64
CA LYS H 120 -24.00 55.33 -30.26
C LYS H 120 -23.34 56.36 -29.33
N GLU H 121 -22.59 55.88 -28.34
CA GLU H 121 -21.88 56.74 -27.39
C GLU H 121 -21.00 57.65 -28.23
N LEU H 122 -20.21 57.03 -29.09
CA LEU H 122 -19.30 57.73 -29.97
C LEU H 122 -19.93 58.98 -30.57
N ILE H 123 -21.14 58.84 -31.07
CA ILE H 123 -21.84 59.96 -31.67
C ILE H 123 -22.07 61.04 -30.63
N LYS H 124 -22.80 60.70 -29.58
CA LYS H 124 -23.07 61.66 -28.51
C LYS H 124 -21.81 62.43 -28.14
N ASN H 125 -20.68 61.73 -28.08
CA ASN H 125 -19.39 62.36 -27.76
C ASN H 125 -19.21 63.56 -28.68
N TYR H 126 -19.19 63.29 -29.98
CA TYR H 126 -19.02 64.32 -30.98
C TYR H 126 -20.07 65.41 -30.87
N ILE H 127 -21.17 65.21 -31.58
CA ILE H 127 -22.29 66.13 -31.60
C ILE H 127 -22.40 67.02 -30.36
N THR H 128 -22.33 66.42 -29.18
CA THR H 128 -22.43 67.18 -27.95
C THR H 128 -21.19 68.06 -27.77
N ALA H 129 -20.00 67.47 -27.84
CA ALA H 129 -18.75 68.20 -27.69
C ALA H 129 -18.76 69.39 -28.65
N ARG H 130 -19.19 69.12 -29.87
CA ARG H 130 -19.30 70.12 -30.93
C ARG H 130 -20.14 71.30 -30.42
N ILE H 131 -21.44 71.07 -30.20
CA ILE H 131 -22.31 72.14 -29.75
C ILE H 131 -21.93 72.69 -28.38
N MET H 132 -20.96 72.06 -27.71
CA MET H 132 -20.55 72.60 -26.43
C MET H 132 -19.47 73.64 -26.73
N ALA H 133 -19.91 74.89 -26.81
CA ALA H 133 -19.07 76.06 -27.09
C ALA H 133 -19.13 76.57 -28.52
N LYS H 134 -18.16 76.17 -29.33
CA LYS H 134 -18.07 76.62 -30.71
C LYS H 134 -18.48 75.55 -31.71
N ARG H 135 -18.39 75.91 -32.98
CA ARG H 135 -18.71 75.02 -34.10
C ARG H 135 -20.17 74.61 -34.24
N PRO H 136 -21.12 75.33 -33.59
CA PRO H 136 -22.52 74.94 -33.71
C PRO H 136 -22.96 74.36 -35.07
N PHE H 137 -23.82 73.35 -34.99
CA PHE H 137 -24.38 72.59 -36.11
C PHE H 137 -24.56 73.29 -37.46
N ASP H 138 -24.76 74.60 -37.43
CA ASP H 138 -24.99 75.36 -38.66
C ASP H 138 -23.76 75.64 -39.52
N LYS H 139 -23.91 75.28 -40.79
CA LYS H 139 -22.92 75.45 -41.84
C LYS H 139 -23.77 75.27 -43.09
N LYS H 140 -24.93 74.65 -42.87
CA LYS H 140 -25.91 74.36 -43.91
C LYS H 140 -25.43 73.36 -44.96
N SER H 141 -24.34 73.68 -45.64
CA SER H 141 -23.79 72.81 -46.68
C SER H 141 -23.71 71.35 -46.23
N ASN H 142 -24.13 70.45 -47.13
CA ASN H 142 -24.09 69.01 -46.87
C ASN H 142 -23.32 68.27 -47.97
N SER H 143 -23.00 67.01 -47.72
CA SER H 143 -22.26 66.20 -48.70
C SER H 143 -23.06 66.05 -49.98
N ALA H 144 -23.71 64.90 -50.10
CA ALA H 144 -24.51 64.61 -51.27
C ALA H 144 -25.72 63.79 -50.81
N LEU H 145 -25.96 62.70 -51.53
CA LEU H 145 -27.07 61.79 -51.27
C LEU H 145 -28.30 62.60 -50.88
N PHE H 146 -28.24 63.89 -51.19
CA PHE H 146 -29.32 64.78 -50.89
C PHE H 146 -29.43 65.89 -51.92
N ARG H 147 -28.33 66.15 -52.63
CA ARG H 147 -28.37 67.15 -53.67
C ARG H 147 -29.53 66.64 -54.51
N ALA H 148 -29.38 65.40 -54.95
CA ALA H 148 -30.35 64.68 -55.77
C ALA H 148 -31.63 65.47 -55.91
N VAL H 149 -32.52 65.32 -54.95
CA VAL H 149 -33.77 66.06 -54.99
C VAL H 149 -33.36 67.51 -54.77
N GLY H 150 -32.97 68.15 -55.87
CA GLY H 150 -32.53 69.54 -55.87
C GLY H 150 -31.87 69.77 -57.21
N GLU H 151 -31.39 68.67 -57.78
CA GLU H 151 -30.74 68.68 -59.08
C GLU H 151 -31.62 67.93 -60.08
N GLY H 152 -32.74 67.39 -59.58
CA GLY H 152 -33.66 66.65 -60.44
C GLY H 152 -33.29 65.20 -60.69
N ASN H 153 -32.20 64.75 -60.06
CA ASN H 153 -31.72 63.38 -60.21
C ASN H 153 -32.61 62.38 -59.44
N ALA H 154 -33.32 62.88 -58.43
CA ALA H 154 -34.19 62.04 -57.62
C ALA H 154 -35.36 62.81 -57.01
N GLN H 155 -36.19 62.09 -56.25
CA GLN H 155 -37.34 62.67 -55.58
C GLN H 155 -37.52 62.04 -54.21
N LEU H 156 -37.74 62.90 -53.20
CA LEU H 156 -37.88 62.43 -51.84
C LEU H 156 -39.31 62.47 -51.29
N VAL H 157 -39.60 61.53 -50.40
CA VAL H 157 -40.90 61.43 -49.76
C VAL H 157 -40.68 61.21 -48.27
N ALA H 158 -41.67 61.57 -47.46
CA ALA H 158 -41.56 61.38 -46.02
C ALA H 158 -42.79 60.64 -45.53
N ILE H 159 -42.62 59.90 -44.45
CA ILE H 159 -43.72 59.13 -43.87
C ILE H 159 -43.45 58.94 -42.39
N PHE H 160 -44.52 58.70 -41.65
CA PHE H 160 -44.44 58.49 -40.21
C PHE H 160 -45.44 57.42 -39.82
N GLY H 161 -44.96 56.44 -39.05
CA GLY H 161 -45.82 55.36 -38.62
C GLY H 161 -46.38 55.56 -37.24
N GLY H 162 -46.97 54.50 -36.69
CA GLY H 162 -47.55 54.53 -35.36
C GLY H 162 -47.92 53.15 -34.89
N GLN H 163 -47.77 52.91 -33.59
CA GLN H 163 -48.11 51.61 -33.05
C GLN H 163 -47.32 50.61 -33.86
N GLY H 164 -46.25 51.11 -34.49
CA GLY H 164 -45.39 50.27 -35.30
C GLY H 164 -45.07 49.01 -34.54
N ASN H 165 -44.54 48.04 -35.26
CA ASN H 165 -44.20 46.76 -34.67
C ASN H 165 -43.12 46.89 -33.57
N THR H 166 -43.49 47.51 -32.46
CA THR H 166 -42.58 47.70 -31.33
C THR H 166 -43.33 47.81 -30.02
N ASP H 167 -42.92 47.01 -29.04
CA ASP H 167 -43.53 47.01 -27.71
C ASP H 167 -42.61 47.79 -26.78
N ASP H 168 -41.98 48.82 -27.34
CA ASP H 168 -41.02 49.62 -26.59
C ASP H 168 -41.44 51.09 -26.50
N TYR H 169 -41.74 51.69 -27.64
CA TYR H 169 -42.13 53.10 -27.65
C TYR H 169 -40.98 53.82 -27.02
N PHE H 170 -41.27 54.30 -25.81
CA PHE H 170 -40.37 55.02 -24.96
C PHE H 170 -38.94 54.53 -25.06
N GLU H 171 -38.77 53.23 -25.30
CA GLU H 171 -37.45 52.64 -25.43
C GLU H 171 -36.72 53.22 -26.63
N GLU H 172 -37.42 54.08 -27.36
CA GLU H 172 -36.86 54.72 -28.54
C GLU H 172 -36.55 56.17 -28.14
N LEU H 173 -37.54 56.85 -27.56
CA LEU H 173 -37.39 58.24 -27.13
C LEU H 173 -36.26 58.41 -26.13
N ARG H 174 -36.18 57.51 -25.16
CA ARG H 174 -35.13 57.59 -24.15
C ARG H 174 -33.83 57.39 -24.88
N ASP H 175 -33.78 56.31 -25.66
CA ASP H 175 -32.61 55.97 -26.45
C ASP H 175 -32.53 56.91 -27.66
N LEU H 176 -33.14 58.07 -27.51
CA LEU H 176 -33.15 59.12 -28.52
C LEU H 176 -32.69 60.35 -27.76
N TYR H 177 -33.27 60.54 -26.59
CA TYR H 177 -32.95 61.64 -25.72
C TYR H 177 -31.48 61.46 -25.35
N GLN H 178 -31.20 60.36 -24.64
CA GLN H 178 -29.84 60.03 -24.21
C GLN H 178 -28.88 60.15 -25.40
N THR H 179 -29.26 59.54 -26.52
CA THR H 179 -28.43 59.56 -27.73
C THR H 179 -27.90 60.96 -28.03
N TYR H 180 -28.82 61.86 -28.33
CA TYR H 180 -28.43 63.23 -28.65
C TYR H 180 -29.01 64.23 -27.65
N HIS H 181 -28.27 64.51 -26.57
CA HIS H 181 -28.69 65.47 -25.55
C HIS H 181 -29.12 66.76 -26.26
N VAL H 182 -28.18 67.25 -27.06
CA VAL H 182 -28.31 68.47 -27.84
C VAL H 182 -29.57 68.54 -28.71
N LEU H 183 -29.45 67.93 -29.88
CA LEU H 183 -30.47 67.90 -30.93
C LEU H 183 -31.93 67.55 -30.63
N VAL H 184 -32.42 67.85 -29.44
CA VAL H 184 -33.83 67.56 -29.16
C VAL H 184 -34.27 67.92 -27.75
N GLY H 185 -33.33 68.35 -26.91
CA GLY H 185 -33.70 68.75 -25.58
C GLY H 185 -34.92 69.64 -25.76
N ASP H 186 -34.95 70.28 -26.92
CA ASP H 186 -36.05 71.16 -27.33
C ASP H 186 -37.36 70.37 -27.30
N LEU H 187 -37.80 69.91 -28.47
CA LEU H 187 -39.05 69.14 -28.59
C LEU H 187 -39.34 68.39 -27.33
N ILE H 188 -38.29 67.78 -26.77
CA ILE H 188 -38.42 67.04 -25.55
C ILE H 188 -38.94 68.00 -24.49
N LYS H 189 -38.02 68.70 -23.81
CA LYS H 189 -38.39 69.66 -22.79
C LYS H 189 -39.68 70.37 -23.17
N PHE H 190 -39.77 70.77 -24.43
CA PHE H 190 -40.95 71.45 -24.95
C PHE H 190 -42.19 70.57 -24.78
N SER H 191 -42.35 69.58 -25.66
CA SER H 191 -43.49 68.68 -25.59
C SER H 191 -43.76 68.29 -24.15
N ALA H 192 -42.71 68.26 -23.34
CA ALA H 192 -42.83 67.93 -21.94
C ALA H 192 -43.81 68.92 -21.35
N GLU H 193 -43.34 70.15 -21.16
CA GLU H 193 -44.18 71.21 -20.63
C GLU H 193 -45.55 71.00 -21.28
N THR H 194 -45.58 71.16 -22.60
CA THR H 194 -46.77 71.01 -23.40
C THR H 194 -47.78 70.03 -22.81
N LEU H 195 -47.49 68.74 -22.95
CA LEU H 195 -48.39 67.72 -22.43
C LEU H 195 -48.66 67.95 -20.94
N SER H 196 -47.63 68.31 -20.20
CA SER H 196 -47.77 68.56 -18.76
C SER H 196 -48.86 69.57 -18.48
N GLU H 197 -49.29 70.29 -19.51
CA GLU H 197 -50.34 71.30 -19.39
C GLU H 197 -51.68 70.78 -19.88
N LEU H 198 -51.66 70.17 -21.05
CA LEU H 198 -52.86 69.63 -21.67
C LEU H 198 -53.61 68.70 -20.74
N ILE H 199 -53.12 68.58 -19.51
CA ILE H 199 -53.75 67.74 -18.51
C ILE H 199 -54.70 68.58 -17.64
N ARG H 200 -54.12 69.35 -16.73
CA ARG H 200 -54.89 70.18 -15.82
C ARG H 200 -55.91 70.99 -16.60
N THR H 201 -55.65 71.19 -17.89
CA THR H 201 -56.54 71.95 -18.75
C THR H 201 -57.77 71.16 -19.18
N THR H 202 -57.61 69.86 -19.40
CA THR H 202 -58.74 69.04 -19.80
C THR H 202 -59.30 68.35 -18.57
N LEU H 203 -59.13 69.00 -17.41
CA LEU H 203 -59.60 68.48 -16.13
C LEU H 203 -60.60 67.35 -16.31
N ASP H 204 -60.11 66.14 -16.04
CA ASP H 204 -60.85 64.89 -16.15
C ASP H 204 -59.82 63.91 -16.68
N ALA H 205 -58.85 64.44 -17.42
CA ALA H 205 -57.76 63.64 -18.02
C ALA H 205 -56.79 63.20 -16.94
N GLU H 206 -57.03 63.67 -15.73
CA GLU H 206 -56.20 63.35 -14.59
C GLU H 206 -56.55 61.96 -14.06
N LYS H 207 -57.71 61.45 -14.45
CA LYS H 207 -58.16 60.12 -14.04
C LYS H 207 -57.84 59.07 -15.10
N VAL H 208 -57.03 59.44 -16.08
CA VAL H 208 -56.65 58.53 -17.16
C VAL H 208 -55.15 58.35 -17.19
N PHE H 209 -54.43 59.15 -16.41
CA PHE H 209 -52.98 59.09 -16.38
C PHE H 209 -52.45 58.71 -15.01
N THR H 210 -53.12 57.78 -14.35
CA THR H 210 -52.75 57.30 -13.02
C THR H 210 -51.25 57.39 -12.86
N GLN H 211 -50.53 56.89 -13.85
CA GLN H 211 -49.08 56.94 -13.82
C GLN H 211 -48.69 58.36 -14.21
N GLY H 212 -48.33 59.14 -13.20
CA GLY H 212 -47.94 60.53 -13.43
C GLY H 212 -47.19 60.65 -14.75
N LEU H 213 -47.75 61.43 -15.67
CA LEU H 213 -47.14 61.62 -16.98
C LEU H 213 -45.90 62.53 -16.99
N ASN H 214 -45.17 62.53 -15.88
CA ASN H 214 -43.96 63.34 -15.74
C ASN H 214 -42.88 62.79 -16.69
N ILE H 215 -43.23 62.74 -17.97
CA ILE H 215 -42.35 62.23 -19.02
C ILE H 215 -40.94 62.77 -18.90
N LEU H 216 -40.77 63.74 -18.02
CA LEU H 216 -39.48 64.35 -17.78
C LEU H 216 -38.52 63.30 -17.18
N GLU H 217 -38.38 63.32 -15.86
CA GLU H 217 -37.49 62.42 -15.13
C GLU H 217 -37.39 61.03 -15.71
N TRP H 218 -38.51 60.56 -16.25
CA TRP H 218 -38.58 59.24 -16.86
C TRP H 218 -37.34 58.90 -17.67
N LEU H 219 -36.61 59.93 -18.05
CA LEU H 219 -35.42 59.74 -18.84
C LEU H 219 -34.15 59.72 -18.00
N GLU H 220 -33.90 60.83 -17.28
CA GLU H 220 -32.71 60.99 -16.44
C GLU H 220 -32.44 59.85 -15.46
N ASN H 221 -33.50 59.38 -14.82
CA ASN H 221 -33.42 58.29 -13.87
C ASN H 221 -34.67 57.42 -13.96
N PRO H 222 -34.74 56.54 -14.97
CA PRO H 222 -35.87 55.64 -15.20
C PRO H 222 -36.18 54.78 -14.00
N SER H 223 -35.36 54.91 -12.95
CA SER H 223 -35.54 54.16 -11.72
C SER H 223 -37.01 54.05 -11.31
N ASN H 224 -37.80 55.06 -11.67
CA ASN H 224 -39.21 55.05 -11.34
C ASN H 224 -40.08 55.23 -12.58
N THR H 225 -39.56 54.76 -13.72
CA THR H 225 -40.28 54.86 -14.99
C THR H 225 -41.48 53.92 -14.95
N PRO H 226 -42.71 54.48 -14.94
CA PRO H 226 -44.00 53.79 -14.90
C PRO H 226 -44.21 52.59 -15.83
N ASP H 227 -43.90 51.40 -15.29
CA ASP H 227 -44.04 50.14 -16.01
C ASP H 227 -43.33 50.05 -17.35
N LYS H 228 -43.81 49.10 -18.14
CA LYS H 228 -43.34 48.83 -19.48
C LYS H 228 -44.68 48.56 -20.15
N ASP H 229 -45.63 48.24 -19.29
CA ASP H 229 -46.99 47.95 -19.69
C ASP H 229 -47.63 49.26 -20.13
N TYR H 230 -48.39 49.86 -19.21
CA TYR H 230 -49.10 51.10 -19.49
C TYR H 230 -48.31 52.21 -20.15
N LEU H 231 -46.98 52.12 -20.15
CA LEU H 231 -46.21 53.15 -20.83
C LEU H 231 -46.64 53.07 -22.28
N LEU H 232 -47.35 51.99 -22.59
CA LEU H 232 -47.82 51.73 -23.94
C LEU H 232 -49.26 52.16 -24.19
N SER H 233 -50.09 52.10 -23.16
CA SER H 233 -51.51 52.46 -23.32
C SER H 233 -51.65 53.73 -24.15
N ILE H 234 -52.75 53.81 -24.90
CA ILE H 234 -53.03 54.94 -25.78
C ILE H 234 -52.73 56.36 -25.22
N PRO H 235 -53.42 56.80 -24.17
CA PRO H 235 -53.02 58.16 -23.78
C PRO H 235 -51.61 58.02 -23.22
N ILE H 236 -50.68 58.84 -23.73
CA ILE H 236 -49.26 58.84 -23.30
C ILE H 236 -48.39 58.22 -24.38
N SER H 237 -48.92 57.18 -24.99
CA SER H 237 -48.20 56.50 -26.04
C SER H 237 -48.35 57.32 -27.32
N CYS H 238 -49.60 57.66 -27.62
CA CYS H 238 -49.93 58.45 -28.80
C CYS H 238 -49.02 59.65 -28.95
N PRO H 239 -48.94 60.47 -27.89
CA PRO H 239 -48.07 61.66 -27.95
C PRO H 239 -46.60 61.34 -28.18
N LEU H 240 -45.94 60.89 -27.12
CA LEU H 240 -44.52 60.56 -27.18
C LEU H 240 -44.14 59.91 -28.50
N ILE H 241 -45.05 59.15 -29.09
CA ILE H 241 -44.77 58.49 -30.37
C ILE H 241 -44.35 59.54 -31.40
N GLY H 242 -45.27 60.45 -31.74
CA GLY H 242 -44.93 61.48 -32.71
C GLY H 242 -43.70 62.21 -32.24
N VAL H 243 -43.69 62.57 -30.97
CA VAL H 243 -42.57 63.27 -30.35
C VAL H 243 -41.28 62.70 -30.94
N ILE H 244 -41.22 61.38 -30.97
CA ILE H 244 -40.07 60.67 -31.49
C ILE H 244 -39.82 61.11 -32.93
N GLN H 245 -40.68 60.66 -33.83
CA GLN H 245 -40.60 60.98 -35.23
C GLN H 245 -40.37 62.48 -35.43
N LEU H 246 -41.05 63.28 -34.62
CA LEU H 246 -40.88 64.72 -34.72
C LEU H 246 -39.44 64.98 -34.36
N ALA H 247 -39.04 64.54 -33.17
CA ALA H 247 -37.69 64.70 -32.67
C ALA H 247 -36.68 64.33 -33.76
N HIS H 248 -36.97 63.24 -34.47
CA HIS H 248 -36.10 62.78 -35.54
C HIS H 248 -36.07 63.78 -36.68
N TYR H 249 -37.25 64.03 -37.27
CA TYR H 249 -37.37 64.99 -38.34
C TYR H 249 -36.52 66.18 -37.95
N VAL H 250 -36.50 66.45 -36.66
CA VAL H 250 -35.71 67.52 -36.09
C VAL H 250 -34.24 67.20 -36.28
N VAL H 251 -33.81 66.10 -35.69
CA VAL H 251 -32.41 65.69 -35.80
C VAL H 251 -32.09 65.61 -37.28
N THR H 252 -33.00 65.01 -38.05
CA THR H 252 -32.84 64.89 -39.47
C THR H 252 -32.48 66.30 -39.93
N ALA H 253 -33.16 67.25 -39.33
CA ALA H 253 -32.95 68.65 -39.63
C ALA H 253 -31.65 69.15 -39.03
N LYS H 254 -31.73 69.67 -37.80
CA LYS H 254 -30.56 70.21 -37.09
C LYS H 254 -29.23 69.67 -37.63
N LEU H 255 -29.17 68.35 -37.78
CA LEU H 255 -27.97 67.68 -38.30
C LEU H 255 -27.65 68.26 -39.68
N LEU H 256 -28.58 68.01 -40.59
CA LEU H 256 -28.52 68.42 -41.98
C LEU H 256 -28.25 69.92 -42.12
N GLY H 257 -28.20 70.62 -40.98
CA GLY H 257 -27.95 72.05 -41.01
C GLY H 257 -29.06 72.79 -41.72
N PHE H 258 -30.29 72.33 -41.52
CA PHE H 258 -31.45 72.95 -42.14
C PHE H 258 -32.41 73.55 -41.14
N THR H 259 -33.66 73.62 -41.57
CA THR H 259 -34.75 74.15 -40.77
C THR H 259 -35.96 73.38 -41.27
N PRO H 260 -36.98 73.19 -40.41
CA PRO H 260 -38.17 72.45 -40.83
C PRO H 260 -38.71 72.89 -42.18
N GLY H 261 -38.22 74.04 -42.66
CA GLY H 261 -38.63 74.55 -43.95
C GLY H 261 -37.66 74.00 -44.96
N GLU H 262 -36.39 74.03 -44.61
CA GLU H 262 -35.33 73.53 -45.47
C GLU H 262 -35.60 72.05 -45.76
N LEU H 263 -36.51 71.46 -44.98
CA LEU H 263 -36.86 70.05 -45.17
C LEU H 263 -38.25 69.88 -45.78
N ARG H 264 -39.23 70.61 -45.28
CA ARG H 264 -40.57 70.52 -45.85
C ARG H 264 -40.30 70.87 -47.29
N SER H 265 -39.09 71.35 -47.51
CA SER H 265 -38.56 71.73 -48.80
C SER H 265 -38.31 70.46 -49.61
N TYR H 266 -37.03 70.11 -49.77
CA TYR H 266 -36.66 68.91 -50.51
C TYR H 266 -37.69 67.88 -50.11
N LEU H 267 -38.70 67.69 -50.95
CA LEU H 267 -39.74 66.75 -50.61
C LEU H 267 -40.72 66.59 -51.73
N LYS H 268 -41.97 66.31 -51.35
CA LYS H 268 -43.05 66.10 -52.29
C LYS H 268 -44.10 65.19 -51.69
N GLY H 269 -43.66 64.29 -50.82
CA GLY H 269 -44.58 63.33 -50.21
C GLY H 269 -45.12 63.66 -48.83
N ALA H 270 -44.49 63.10 -47.81
CA ALA H 270 -44.89 63.32 -46.43
C ALA H 270 -46.29 62.81 -46.17
N THR H 271 -46.39 61.53 -45.77
CA THR H 271 -47.67 60.93 -45.49
C THR H 271 -47.53 59.98 -44.32
N GLY H 272 -48.17 60.31 -43.21
CA GLY H 272 -48.10 59.47 -42.04
C GLY H 272 -49.07 58.32 -42.05
N HIS H 273 -48.97 57.46 -41.05
CA HIS H 273 -49.84 56.30 -40.91
C HIS H 273 -50.61 56.39 -39.59
N SER H 274 -51.93 56.55 -39.69
CA SER H 274 -52.79 56.68 -38.52
C SER H 274 -52.18 57.67 -37.51
N GLN H 275 -51.64 57.17 -36.41
CA GLN H 275 -51.02 58.04 -35.41
C GLN H 275 -49.75 58.64 -35.99
N GLY H 276 -49.51 58.36 -37.26
CA GLY H 276 -48.34 58.86 -37.95
C GLY H 276 -48.70 59.96 -38.94
N LEU H 277 -49.99 60.07 -39.27
CA LEU H 277 -50.44 61.08 -40.20
C LEU H 277 -50.38 62.45 -39.53
N VAL H 278 -50.97 62.51 -38.34
CA VAL H 278 -50.97 63.73 -37.56
C VAL H 278 -49.59 64.38 -37.60
N THR H 279 -48.56 63.57 -37.73
CA THR H 279 -47.21 64.09 -37.79
C THR H 279 -46.96 64.69 -39.17
N ALA H 280 -47.29 63.93 -40.21
CA ALA H 280 -47.10 64.41 -41.58
C ALA H 280 -47.68 65.82 -41.72
N VAL H 281 -48.98 65.95 -41.49
CA VAL H 281 -49.67 67.23 -41.59
C VAL H 281 -48.82 68.33 -40.96
N ALA H 282 -48.87 68.39 -39.63
CA ALA H 282 -48.13 69.38 -38.87
C ALA H 282 -46.66 69.49 -39.29
N ILE H 283 -46.19 68.58 -40.13
CA ILE H 283 -44.81 68.64 -40.58
C ILE H 283 -44.70 69.35 -41.92
N ALA H 284 -45.72 69.17 -42.76
CA ALA H 284 -45.76 69.79 -44.08
C ALA H 284 -45.34 71.25 -44.03
N GLU H 285 -46.13 72.06 -43.33
CA GLU H 285 -45.86 73.49 -43.21
C GLU H 285 -45.14 73.90 -41.93
N THR H 286 -43.82 74.02 -42.01
CA THR H 286 -43.02 74.42 -40.86
C THR H 286 -41.77 75.12 -41.36
N ASP H 287 -41.61 76.39 -41.01
CA ASP H 287 -40.45 77.15 -41.49
C ASP H 287 -39.23 77.11 -40.56
N SER H 288 -39.01 78.19 -39.81
CA SER H 288 -37.87 78.26 -38.91
C SER H 288 -38.25 77.69 -37.55
N TRP H 289 -37.26 77.51 -36.67
CA TRP H 289 -37.50 76.97 -35.34
C TRP H 289 -38.27 77.95 -34.43
N GLU H 290 -38.88 78.96 -35.04
CA GLU H 290 -39.66 79.95 -34.30
C GLU H 290 -41.12 79.55 -34.52
N SER H 291 -41.38 79.12 -35.76
CA SER H 291 -42.70 78.67 -36.19
C SER H 291 -42.81 77.18 -35.88
N PHE H 292 -41.75 76.47 -36.21
CA PHE H 292 -41.64 75.04 -36.00
C PHE H 292 -42.14 74.57 -34.63
N PHE H 293 -42.06 75.45 -33.64
CA PHE H 293 -42.48 75.11 -32.30
C PHE H 293 -43.96 74.89 -32.09
N VAL H 294 -44.74 75.96 -32.13
CA VAL H 294 -46.18 75.81 -31.96
C VAL H 294 -46.67 74.79 -32.96
N SER H 295 -45.94 74.67 -34.06
CA SER H 295 -46.24 73.71 -35.10
C SER H 295 -46.38 72.35 -34.46
N VAL H 296 -45.48 72.07 -33.51
CA VAL H 296 -45.49 70.81 -32.80
C VAL H 296 -46.66 70.79 -31.82
N ARG H 297 -46.83 71.90 -31.10
CA ARG H 297 -47.90 72.03 -30.12
C ARG H 297 -49.14 71.39 -30.71
N LYS H 298 -49.33 71.59 -32.01
CA LYS H 298 -50.46 71.04 -32.73
C LYS H 298 -50.44 69.53 -32.57
N ALA H 299 -49.64 68.88 -33.42
CA ALA H 299 -49.47 67.44 -33.42
C ALA H 299 -49.68 66.86 -32.04
N ILE H 300 -48.90 67.37 -31.09
CA ILE H 300 -48.98 66.90 -29.71
C ILE H 300 -50.41 66.88 -29.18
N THR H 301 -51.00 68.06 -29.00
CA THR H 301 -52.36 68.13 -28.47
C THR H 301 -53.28 67.23 -29.29
N VAL H 302 -53.00 67.12 -30.57
CA VAL H 302 -53.78 66.27 -31.44
C VAL H 302 -53.78 64.86 -30.88
N LEU H 303 -52.73 64.11 -31.21
CA LEU H 303 -52.57 62.73 -30.74
C LEU H 303 -52.99 62.68 -29.27
N PHE H 304 -52.61 63.70 -28.52
CA PHE H 304 -52.96 63.76 -27.12
C PHE H 304 -54.44 63.50 -26.97
N PHE H 305 -55.25 64.46 -27.39
CA PHE H 305 -56.69 64.34 -27.27
C PHE H 305 -57.28 63.11 -27.93
N ILE H 306 -56.68 62.65 -29.04
CA ILE H 306 -57.21 61.46 -29.69
C ILE H 306 -57.12 60.35 -28.66
N GLY H 307 -55.92 60.14 -28.14
CA GLY H 307 -55.72 59.11 -27.14
C GLY H 307 -56.66 59.27 -25.97
N VAL H 308 -56.52 60.39 -25.26
CA VAL H 308 -57.34 60.70 -24.10
C VAL H 308 -58.81 60.35 -24.29
N ARG H 309 -59.33 60.65 -25.46
CA ARG H 309 -60.74 60.39 -25.77
C ARG H 309 -60.99 58.97 -26.24
N CYS H 310 -60.18 58.52 -27.19
CA CYS H 310 -60.33 57.17 -27.70
C CYS H 310 -60.26 56.19 -26.55
N TYR H 311 -59.47 56.52 -25.53
CA TYR H 311 -59.32 55.67 -24.35
C TYR H 311 -60.66 55.55 -23.63
N GLU H 312 -61.47 56.60 -23.71
CA GLU H 312 -62.77 56.64 -23.05
C GLU H 312 -63.86 55.86 -23.79
N ALA H 313 -63.46 55.24 -24.90
CA ALA H 313 -64.38 54.44 -25.70
C ALA H 313 -64.51 53.07 -25.02
N TYR H 314 -63.62 52.15 -25.38
CA TYR H 314 -63.58 50.81 -24.81
C TYR H 314 -62.15 50.56 -24.36
N PRO H 315 -61.77 51.13 -23.20
CA PRO H 315 -60.44 51.03 -22.61
C PRO H 315 -60.02 49.62 -22.17
N ASN H 316 -58.73 49.49 -21.88
CA ASN H 316 -58.10 48.24 -21.45
C ASN H 316 -58.98 47.39 -20.53
N THR H 317 -59.72 46.46 -21.12
CA THR H 317 -60.59 45.58 -20.36
C THR H 317 -59.75 44.50 -19.68
N SER H 318 -60.08 44.25 -18.42
CA SER H 318 -59.39 43.24 -17.63
C SER H 318 -59.40 41.89 -18.37
N LEU H 319 -58.27 41.57 -18.99
CA LEU H 319 -58.07 40.34 -19.75
C LEU H 319 -58.27 39.08 -18.93
N PRO H 320 -59.01 38.10 -19.48
CA PRO H 320 -59.30 36.81 -18.83
C PRO H 320 -58.18 35.78 -18.92
N PRO H 321 -57.72 35.27 -17.77
CA PRO H 321 -56.65 34.28 -17.77
C PRO H 321 -57.13 33.05 -18.53
N SER H 322 -58.43 32.76 -18.36
CA SER H 322 -59.08 31.63 -19.01
C SER H 322 -58.56 31.52 -20.43
N ILE H 323 -58.09 32.64 -20.95
CA ILE H 323 -57.56 32.69 -22.30
C ILE H 323 -56.06 32.89 -22.33
N LEU H 324 -55.56 33.82 -21.51
CA LEU H 324 -54.14 34.09 -21.48
C LEU H 324 -53.35 32.81 -21.67
N GLU H 325 -53.87 31.73 -21.12
CA GLU H 325 -53.22 30.44 -21.22
C GLU H 325 -53.28 29.95 -22.67
N ASP H 326 -54.40 29.33 -23.04
CA ASP H 326 -54.60 28.78 -24.37
C ASP H 326 -53.97 29.59 -25.50
N SER H 327 -54.21 30.90 -25.47
CA SER H 327 -53.67 31.77 -26.49
C SER H 327 -52.15 31.76 -26.45
N LEU H 328 -51.60 31.74 -25.23
CA LEU H 328 -50.16 31.73 -25.05
C LEU H 328 -49.55 30.37 -25.42
N GLU H 329 -50.41 29.36 -25.61
CA GLU H 329 -49.91 28.04 -26.01
C GLU H 329 -49.76 27.97 -27.52
N ASN H 330 -50.80 28.38 -28.26
CA ASN H 330 -50.71 28.39 -29.72
C ASN H 330 -49.56 29.36 -30.01
N ASN H 331 -49.23 30.15 -28.99
CA ASN H 331 -48.15 31.14 -29.00
C ASN H 331 -48.55 32.44 -29.69
N GLU H 332 -49.85 32.60 -29.94
CA GLU H 332 -50.35 33.82 -30.56
C GLU H 332 -49.87 34.93 -29.64
N GLY H 333 -50.00 34.70 -28.33
CA GLY H 333 -49.54 35.65 -27.34
C GLY H 333 -50.44 36.83 -26.99
N VAL H 334 -49.81 37.84 -26.40
CA VAL H 334 -50.47 39.07 -25.98
C VAL H 334 -51.79 39.17 -26.73
N PRO H 335 -52.89 38.69 -26.11
CA PRO H 335 -54.22 38.71 -26.71
C PRO H 335 -54.56 40.02 -27.44
N SER H 336 -53.89 41.10 -27.04
CA SER H 336 -54.02 42.45 -27.61
C SER H 336 -55.15 42.64 -28.65
N PRO H 337 -56.07 43.60 -28.42
CA PRO H 337 -57.18 43.87 -29.34
C PRO H 337 -56.79 44.41 -30.71
N MET H 338 -56.03 43.62 -31.46
CA MET H 338 -55.57 43.95 -32.81
C MET H 338 -54.63 42.82 -33.27
N LEU H 339 -54.89 42.27 -34.45
CA LEU H 339 -54.11 41.14 -34.98
C LEU H 339 -53.49 41.29 -36.38
N SER H 340 -52.32 40.68 -36.58
CA SER H 340 -51.62 40.75 -37.87
C SER H 340 -51.75 39.48 -38.71
N ILE H 341 -52.84 39.34 -39.46
CA ILE H 341 -53.05 38.15 -40.29
C ILE H 341 -52.20 38.13 -41.57
N SER H 342 -50.89 38.05 -41.40
CA SER H 342 -49.93 38.03 -42.51
C SER H 342 -50.23 36.96 -43.57
N ASN H 343 -49.33 36.89 -44.55
CA ASN H 343 -49.38 35.97 -45.69
C ASN H 343 -50.76 35.45 -46.09
N LEU H 344 -51.59 36.32 -46.64
CA LEU H 344 -52.92 35.91 -47.07
C LEU H 344 -53.58 36.99 -47.91
N THR H 345 -54.88 36.83 -48.15
CA THR H 345 -55.63 37.77 -48.97
C THR H 345 -56.90 38.29 -48.34
N GLN H 346 -57.25 39.52 -48.70
CA GLN H 346 -58.47 40.14 -48.20
C GLN H 346 -59.54 39.18 -48.66
N GLU H 347 -60.78 39.43 -48.26
CA GLU H 347 -61.87 38.53 -48.63
C GLU H 347 -61.58 37.25 -47.86
N GLN H 348 -60.43 36.64 -48.15
CA GLN H 348 -60.05 35.44 -47.43
C GLN H 348 -60.02 35.91 -45.98
N VAL H 349 -59.28 36.99 -45.73
CA VAL H 349 -59.21 37.55 -44.39
C VAL H 349 -60.63 37.88 -43.98
N GLN H 350 -61.44 38.28 -44.96
CA GLN H 350 -62.84 38.63 -44.72
C GLN H 350 -63.69 37.42 -44.34
N ASP H 351 -64.01 36.58 -45.31
CA ASP H 351 -64.82 35.37 -45.07
C ASP H 351 -64.78 34.98 -43.61
N TYR H 352 -63.58 34.67 -43.13
CA TYR H 352 -63.38 34.27 -41.74
C TYR H 352 -64.02 35.33 -40.83
N VAL H 353 -63.59 36.57 -40.98
CA VAL H 353 -64.13 37.67 -40.20
C VAL H 353 -65.64 37.52 -40.19
N ASN H 354 -66.23 37.50 -41.38
CA ASN H 354 -67.67 37.35 -41.53
C ASN H 354 -68.22 36.35 -40.53
N LYS H 355 -68.23 35.08 -40.93
CA LYS H 355 -68.73 33.99 -40.10
C LYS H 355 -68.63 34.26 -38.60
N THR H 356 -67.52 34.85 -38.16
CA THR H 356 -67.32 35.12 -36.75
C THR H 356 -68.38 36.09 -36.21
N ASN H 357 -68.45 37.29 -36.79
CA ASN H 357 -69.41 38.31 -36.38
C ASN H 357 -70.82 37.72 -36.43
N SER H 358 -71.07 36.99 -37.50
CA SER H 358 -72.36 36.34 -37.76
C SER H 358 -73.17 36.03 -36.51
N HIS H 359 -72.59 35.19 -35.66
CA HIS H 359 -73.22 34.76 -34.42
C HIS H 359 -72.90 35.74 -33.31
N LEU H 360 -71.81 36.47 -33.48
CA LEU H 360 -71.36 37.46 -32.51
C LEU H 360 -72.28 38.66 -32.46
N PRO H 361 -72.59 39.15 -31.25
CA PRO H 361 -73.46 40.33 -31.11
C PRO H 361 -72.82 41.51 -31.84
N ALA H 362 -73.64 42.47 -32.26
CA ALA H 362 -73.16 43.64 -33.00
C ALA H 362 -71.95 44.32 -32.37
N GLY H 363 -72.10 44.77 -31.13
CA GLY H 363 -71.03 45.47 -30.45
C GLY H 363 -69.67 44.79 -30.45
N LYS H 364 -69.64 43.49 -30.16
CA LYS H 364 -68.39 42.74 -30.10
C LYS H 364 -67.84 42.32 -31.47
N GLN H 365 -68.55 42.66 -32.55
CA GLN H 365 -68.10 42.31 -33.88
C GLN H 365 -66.73 42.92 -34.17
N VAL H 366 -66.14 42.57 -35.31
CA VAL H 366 -64.81 43.08 -35.64
C VAL H 366 -64.54 43.47 -37.09
N GLU H 367 -63.73 44.50 -37.26
CA GLU H 367 -63.37 45.05 -38.56
C GLU H 367 -61.98 44.66 -39.02
N ILE H 368 -61.72 44.95 -40.30
CA ILE H 368 -60.43 44.69 -40.90
C ILE H 368 -59.57 45.96 -40.77
N SER H 369 -59.00 46.12 -39.58
CA SER H 369 -58.15 47.25 -39.20
C SER H 369 -57.29 47.93 -40.27
N LEU H 370 -56.37 47.18 -40.88
CA LEU H 370 -55.47 47.74 -41.89
C LEU H 370 -55.42 46.90 -43.18
N VAL H 371 -54.62 47.36 -44.14
CA VAL H 371 -54.45 46.67 -45.44
C VAL H 371 -53.04 46.90 -45.99
N ASN H 372 -52.11 47.24 -45.11
CA ASN H 372 -50.73 47.49 -45.52
C ASN H 372 -50.16 46.22 -46.11
N GLY H 373 -49.46 46.33 -47.24
CA GLY H 373 -48.92 45.16 -47.88
C GLY H 373 -49.96 44.56 -48.81
N ALA H 374 -49.58 43.60 -49.64
CA ALA H 374 -50.52 42.94 -50.58
C ALA H 374 -51.11 41.72 -49.88
N LYS H 375 -50.43 41.31 -48.82
CA LYS H 375 -50.78 40.16 -48.00
C LYS H 375 -51.24 40.63 -46.63
N ASN H 376 -50.31 41.20 -45.87
CA ASN H 376 -50.54 41.73 -44.53
C ASN H 376 -51.95 42.33 -44.41
N LEU H 377 -52.60 42.15 -43.27
CA LEU H 377 -53.95 42.66 -43.10
C LEU H 377 -54.43 42.70 -41.66
N VAL H 378 -53.89 43.62 -40.87
CA VAL H 378 -54.29 43.73 -39.46
C VAL H 378 -55.81 43.87 -39.28
N VAL H 379 -56.33 43.28 -38.19
CA VAL H 379 -57.76 43.30 -37.86
C VAL H 379 -57.86 43.65 -36.38
N SER H 380 -59.02 44.10 -35.94
CA SER H 380 -59.16 44.45 -34.53
C SER H 380 -60.59 44.53 -34.03
N GLY H 381 -60.74 44.34 -32.73
CA GLY H 381 -62.04 44.39 -32.08
C GLY H 381 -61.78 44.25 -30.59
N PRO H 382 -62.80 44.01 -29.75
CA PRO H 382 -62.48 43.89 -28.33
C PRO H 382 -61.33 42.87 -28.16
N PRO H 383 -60.56 42.98 -27.08
CA PRO H 383 -59.47 42.02 -26.94
C PRO H 383 -59.96 40.60 -27.21
N GLN H 384 -61.01 40.22 -26.49
CA GLN H 384 -61.62 38.90 -26.60
C GLN H 384 -61.86 38.56 -28.05
N SER H 385 -63.13 38.60 -28.43
CA SER H 385 -63.54 38.31 -29.80
C SER H 385 -62.37 37.97 -30.71
N LEU H 386 -61.45 38.93 -30.89
CA LEU H 386 -60.28 38.74 -31.75
C LEU H 386 -59.71 37.32 -31.67
N TYR H 387 -59.39 36.87 -30.46
CA TYR H 387 -58.86 35.54 -30.25
C TYR H 387 -59.89 34.51 -30.72
N GLY H 388 -61.15 34.75 -30.37
CA GLY H 388 -62.24 33.85 -30.76
C GLY H 388 -62.28 33.62 -32.26
N LEU H 389 -61.58 34.49 -32.98
CA LEU H 389 -61.47 34.39 -34.42
C LEU H 389 -60.27 33.47 -34.61
N ASN H 390 -59.22 33.75 -33.85
CA ASN H 390 -58.01 32.95 -33.89
C ASN H 390 -58.39 31.50 -33.72
N LEU H 391 -59.50 31.29 -33.01
CA LEU H 391 -60.00 29.94 -32.78
C LEU H 391 -60.15 29.28 -34.13
N THR H 392 -61.22 29.64 -34.84
CA THR H 392 -61.50 29.09 -36.16
C THR H 392 -60.25 29.29 -37.02
N LEU H 393 -59.56 30.40 -36.78
CA LEU H 393 -58.34 30.77 -37.49
C LEU H 393 -57.28 29.66 -37.44
N ARG H 394 -57.02 29.13 -36.26
CA ARG H 394 -56.04 28.07 -36.07
C ARG H 394 -56.47 26.86 -36.89
N LYS H 395 -57.58 26.23 -36.49
CA LYS H 395 -58.09 25.06 -37.19
C LYS H 395 -58.42 25.37 -38.64
N ALA H 396 -57.51 24.98 -39.52
CA ALA H 396 -57.58 25.17 -40.97
C ALA H 396 -56.14 25.46 -41.37
N LYS H 397 -55.46 26.16 -40.47
CA LYS H 397 -54.06 26.53 -40.64
C LYS H 397 -53.22 25.25 -40.60
N ALA H 398 -52.18 25.20 -41.42
CA ALA H 398 -51.30 24.04 -41.47
C ALA H 398 -50.06 24.30 -40.59
N PRO H 399 -49.61 23.28 -39.83
CA PRO H 399 -48.45 23.36 -38.94
C PRO H 399 -47.07 23.59 -39.56
N SER H 400 -47.03 23.86 -40.87
CA SER H 400 -45.78 24.10 -41.63
C SER H 400 -44.96 22.82 -41.84
N GLY H 401 -45.64 21.68 -41.76
CA GLY H 401 -44.98 20.40 -41.94
C GLY H 401 -45.10 19.93 -43.38
N LEU H 402 -43.95 19.82 -44.05
CA LEU H 402 -43.86 19.38 -45.44
C LEU H 402 -45.10 18.68 -45.95
N ASP H 403 -45.61 19.18 -47.07
CA ASP H 403 -46.79 18.61 -47.70
C ASP H 403 -46.67 18.79 -49.20
N GLN H 404 -45.80 19.72 -49.58
CA GLN H 404 -45.55 19.98 -51.00
C GLN H 404 -44.54 18.91 -51.43
N SER H 405 -43.84 18.34 -50.45
CA SER H 405 -42.86 17.30 -50.74
C SER H 405 -43.44 16.35 -51.77
N ARG H 406 -44.76 16.23 -51.77
CA ARG H 406 -45.50 15.37 -52.71
C ARG H 406 -46.78 16.08 -53.16
N ILE H 407 -46.74 16.61 -54.38
CA ILE H 407 -47.82 17.38 -55.02
C ILE H 407 -48.68 18.19 -54.06
N PRO H 408 -48.56 19.54 -54.16
CA PRO H 408 -49.26 20.54 -53.36
C PRO H 408 -50.39 21.23 -54.13
N PHE H 409 -50.11 22.44 -54.57
CA PHE H 409 -51.06 23.26 -55.31
C PHE H 409 -52.14 22.44 -55.97
N SER H 410 -53.22 22.24 -55.21
CA SER H 410 -54.39 21.49 -55.66
C SER H 410 -55.12 20.98 -54.41
N GLU H 411 -54.35 20.48 -53.44
CA GLU H 411 -54.91 19.97 -52.19
C GLU H 411 -54.19 20.64 -51.02
N ARG H 412 -52.90 20.91 -51.22
CA ARG H 412 -52.05 21.53 -50.20
C ARG H 412 -52.78 22.61 -49.41
N LYS H 413 -52.44 22.74 -48.13
CA LYS H 413 -53.08 23.73 -47.28
C LYS H 413 -52.25 24.99 -47.02
N LEU H 414 -52.93 26.02 -46.55
CA LEU H 414 -52.38 27.34 -46.26
C LEU H 414 -51.41 27.45 -45.09
N LYS H 415 -50.79 28.63 -44.97
CA LYS H 415 -49.83 28.95 -43.91
C LYS H 415 -50.10 30.39 -43.44
N PHE H 416 -49.92 30.66 -42.15
CA PHE H 416 -50.23 31.97 -41.61
C PHE H 416 -49.18 32.74 -40.85
N SER H 417 -49.66 33.24 -39.71
CA SER H 417 -48.98 34.06 -38.72
C SER H 417 -50.14 34.87 -38.11
N ASN H 418 -50.58 34.50 -36.91
CA ASN H 418 -51.71 35.19 -36.29
C ASN H 418 -51.37 36.04 -35.07
N ARG H 419 -50.11 36.44 -34.92
CA ARG H 419 -49.73 37.24 -33.76
C ARG H 419 -50.44 38.59 -33.67
N PHE H 420 -50.44 39.17 -32.48
CA PHE H 420 -51.05 40.48 -32.24
C PHE H 420 -49.94 41.50 -32.11
N LEU H 421 -50.31 42.77 -32.03
CA LEU H 421 -49.30 43.81 -31.95
C LEU H 421 -49.31 44.59 -30.66
N PRO H 422 -48.29 45.45 -30.47
CA PRO H 422 -48.14 46.29 -29.28
C PRO H 422 -49.05 47.52 -29.42
N VAL H 423 -50.33 47.34 -29.08
CA VAL H 423 -51.31 48.42 -29.18
C VAL H 423 -52.44 48.24 -28.16
N ALA H 424 -52.45 49.07 -27.14
CA ALA H 424 -53.48 48.97 -26.12
C ALA H 424 -54.89 49.15 -26.67
N SER H 425 -55.02 49.99 -27.69
CA SER H 425 -56.34 50.27 -28.27
C SER H 425 -56.62 49.73 -29.66
N PRO H 426 -57.90 49.77 -30.05
CA PRO H 426 -58.37 49.31 -31.36
C PRO H 426 -58.60 50.46 -32.36
N PHE H 427 -57.52 51.04 -32.87
CA PHE H 427 -57.61 52.13 -33.85
C PHE H 427 -58.46 51.69 -35.04
N HIS H 428 -58.94 52.65 -35.82
CA HIS H 428 -59.75 52.33 -37.00
C HIS H 428 -60.72 51.24 -36.57
N SER H 429 -61.74 51.59 -35.80
CA SER H 429 -62.65 50.57 -35.31
C SER H 429 -64.15 50.80 -35.43
N HIS H 430 -64.88 49.83 -34.91
CA HIS H 430 -66.34 49.80 -34.89
C HIS H 430 -66.86 50.12 -33.50
N LEU H 431 -65.98 50.61 -32.64
CA LEU H 431 -66.35 50.96 -31.28
C LEU H 431 -65.61 52.23 -30.88
N LEU H 432 -64.73 52.69 -31.77
CA LEU H 432 -63.96 53.91 -31.53
C LEU H 432 -64.53 55.01 -32.42
N VAL H 433 -65.79 55.35 -32.18
CA VAL H 433 -66.44 56.39 -32.95
C VAL H 433 -67.33 57.31 -32.10
N PRO H 434 -68.17 56.73 -31.22
CA PRO H 434 -69.01 57.61 -30.39
C PRO H 434 -68.21 58.73 -29.69
N ALA H 435 -66.92 58.51 -29.52
CA ALA H 435 -66.05 59.49 -28.88
C ALA H 435 -65.22 60.22 -29.92
N SER H 436 -65.20 59.69 -31.14
CA SER H 436 -64.43 60.27 -32.23
C SER H 436 -64.76 61.75 -32.45
N ASP H 437 -66.00 62.02 -32.86
CA ASP H 437 -66.44 63.37 -33.11
C ASP H 437 -66.07 64.34 -31.98
N LEU H 438 -66.18 63.85 -30.74
CA LEU H 438 -65.87 64.69 -29.59
C LEU H 438 -64.48 65.32 -29.69
N ILE H 439 -63.48 64.53 -30.08
CA ILE H 439 -62.12 65.07 -30.20
C ILE H 439 -62.10 66.21 -31.22
N ASN H 440 -62.85 66.04 -32.31
CA ASN H 440 -62.92 67.08 -33.34
C ASN H 440 -63.18 68.40 -32.66
N LYS H 441 -64.21 68.42 -31.82
CA LYS H 441 -64.56 69.61 -31.08
C LYS H 441 -63.45 69.88 -30.08
N ASP H 442 -62.93 68.81 -29.48
CA ASP H 442 -61.85 68.93 -28.52
C ASP H 442 -60.65 69.62 -29.15
N LEU H 443 -60.66 69.71 -30.47
CA LEU H 443 -59.58 70.34 -31.22
C LEU H 443 -59.74 71.86 -31.17
N VAL H 444 -60.83 72.33 -31.79
CA VAL H 444 -61.12 73.75 -31.82
C VAL H 444 -61.03 74.32 -30.42
N LYS H 445 -61.63 73.59 -29.46
CA LYS H 445 -61.66 73.97 -28.05
C LYS H 445 -60.28 74.29 -27.48
N ASN H 446 -59.31 74.48 -28.37
CA ASN H 446 -57.95 74.81 -27.97
C ASN H 446 -57.23 75.51 -29.12
N ASN H 447 -57.56 76.80 -29.28
CA ASN H 447 -57.01 77.68 -30.31
C ASN H 447 -55.76 77.21 -31.05
N VAL H 448 -55.82 76.04 -31.67
CA VAL H 448 -54.67 75.50 -32.40
C VAL H 448 -55.12 74.51 -33.47
N SER H 449 -56.32 73.98 -33.31
CA SER H 449 -56.85 73.00 -34.23
C SER H 449 -57.18 73.57 -35.60
N PHE H 450 -56.17 73.80 -36.42
CA PHE H 450 -56.45 74.33 -37.75
C PHE H 450 -55.96 73.50 -38.94
N ASN H 451 -54.77 73.82 -39.44
CA ASN H 451 -54.20 73.15 -40.61
C ASN H 451 -54.95 73.68 -41.84
N ALA H 452 -54.75 74.96 -42.14
CA ALA H 452 -55.39 75.62 -43.26
C ALA H 452 -54.73 75.24 -44.59
N LYS H 453 -54.90 76.07 -45.60
CA LYS H 453 -54.31 75.81 -46.91
C LYS H 453 -52.79 76.03 -46.86
N ASP H 454 -52.23 76.00 -45.67
CA ASP H 454 -50.79 76.18 -45.48
C ASP H 454 -50.05 74.91 -45.92
N ILE H 455 -50.81 73.96 -46.44
CA ILE H 455 -50.28 72.68 -46.92
C ILE H 455 -49.16 72.88 -47.92
N GLN H 456 -47.92 72.83 -47.44
CA GLN H 456 -46.78 72.98 -48.33
C GLN H 456 -46.90 71.92 -49.42
N ILE H 457 -46.16 70.85 -49.23
CA ILE H 457 -46.15 69.71 -50.14
C ILE H 457 -47.47 68.96 -50.04
N PRO H 458 -47.71 68.03 -50.97
CA PRO H 458 -48.94 67.24 -50.97
C PRO H 458 -48.89 66.08 -49.96
N VAL H 459 -49.51 66.27 -48.80
CA VAL H 459 -49.54 65.24 -47.75
C VAL H 459 -50.67 64.23 -48.02
N TYR H 460 -50.36 63.15 -48.73
CA TYR H 460 -51.35 62.12 -49.07
C TYR H 460 -52.24 61.64 -47.93
N ASP H 461 -53.43 61.18 -48.30
CA ASP H 461 -54.45 60.71 -47.35
C ASP H 461 -54.26 59.32 -46.78
N THR H 462 -55.16 58.98 -45.86
CA THR H 462 -55.21 57.67 -45.21
C THR H 462 -56.07 56.84 -46.14
N PHE H 463 -56.79 57.56 -46.99
CA PHE H 463 -57.67 56.94 -47.97
C PHE H 463 -57.64 57.76 -49.27
N ASP H 464 -56.95 57.22 -50.26
CA ASP H 464 -56.78 57.82 -51.57
C ASP H 464 -55.90 59.06 -51.48
N GLY H 465 -54.70 58.97 -52.05
CA GLY H 465 -53.74 60.06 -52.02
C GLY H 465 -54.15 61.37 -52.69
N SER H 466 -54.88 62.21 -51.96
CA SER H 466 -55.31 63.52 -52.45
C SER H 466 -54.49 64.49 -51.60
N ASP H 467 -54.14 65.66 -52.14
CA ASP H 467 -53.32 66.62 -51.39
C ASP H 467 -53.87 66.87 -49.99
N LEU H 468 -54.94 66.15 -49.65
CA LEU H 468 -55.58 66.25 -48.35
C LEU H 468 -56.25 67.61 -48.31
N ARG H 469 -55.89 68.47 -49.25
CA ARG H 469 -56.49 69.80 -49.32
C ARG H 469 -57.56 69.86 -50.38
N VAL H 470 -58.79 69.69 -49.90
CA VAL H 470 -59.98 69.73 -50.72
C VAL H 470 -61.01 70.22 -49.72
N LEU H 471 -60.50 70.92 -48.70
CA LEU H 471 -61.29 71.51 -47.62
C LEU H 471 -62.60 70.76 -47.34
N SER H 472 -63.67 71.52 -47.11
CA SER H 472 -65.00 70.99 -46.82
C SER H 472 -65.03 70.03 -45.64
N GLY H 473 -63.92 69.98 -44.89
CA GLY H 473 -63.83 69.09 -43.74
C GLY H 473 -62.81 69.50 -42.69
N SER H 474 -62.16 70.64 -42.92
CA SER H 474 -61.16 71.16 -41.99
C SER H 474 -59.90 70.32 -41.91
N ILE H 475 -59.99 69.08 -42.38
CA ILE H 475 -58.86 68.17 -42.36
C ILE H 475 -58.74 67.71 -40.91
N SER H 476 -58.77 68.66 -39.98
CA SER H 476 -58.69 68.32 -38.57
C SER H 476 -60.09 67.83 -38.14
N GLU H 477 -60.69 67.04 -39.01
CA GLU H 477 -62.01 66.46 -38.79
C GLU H 477 -62.02 65.19 -39.63
N ARG H 478 -61.02 65.08 -40.49
CA ARG H 478 -60.83 63.93 -41.38
C ARG H 478 -59.67 63.15 -40.80
N ILE H 479 -58.66 63.90 -40.34
CA ILE H 479 -57.48 63.31 -39.73
C ILE H 479 -57.97 62.79 -38.39
N VAL H 480 -59.23 62.40 -38.35
CA VAL H 480 -59.85 61.85 -37.18
C VAL H 480 -60.62 60.62 -37.61
N ASP H 481 -61.52 60.83 -38.57
CA ASP H 481 -62.32 59.72 -39.07
C ASP H 481 -61.46 58.80 -39.93
N CYS H 482 -60.35 59.32 -40.47
CA CYS H 482 -59.46 58.50 -41.28
C CYS H 482 -58.63 57.61 -40.35
N ILE H 483 -58.64 57.96 -39.06
CA ILE H 483 -57.93 57.21 -38.05
C ILE H 483 -58.92 56.37 -37.26
N ILE H 484 -59.65 56.99 -36.34
CA ILE H 484 -60.59 56.27 -35.51
C ILE H 484 -61.93 55.94 -36.18
N ARG H 485 -61.87 55.26 -37.33
CA ARG H 485 -63.08 54.89 -38.06
C ARG H 485 -62.79 54.22 -39.40
N LEU H 486 -62.04 54.89 -40.28
CA LEU H 486 -61.72 54.35 -41.60
C LEU H 486 -60.39 53.57 -41.69
N PRO H 487 -60.35 52.61 -42.62
CA PRO H 487 -59.18 51.76 -42.87
C PRO H 487 -57.94 52.54 -43.26
N VAL H 488 -57.03 51.90 -43.99
CA VAL H 488 -55.79 52.53 -44.41
C VAL H 488 -55.41 52.18 -45.85
N LYS H 489 -55.66 50.94 -46.25
CA LYS H 489 -55.34 50.49 -47.61
C LYS H 489 -53.95 50.92 -48.08
N TRP H 490 -53.11 51.33 -47.14
CA TRP H 490 -51.76 51.80 -47.45
C TRP H 490 -51.29 51.71 -48.90
N GLU H 491 -51.26 50.51 -49.47
CA GLU H 491 -50.81 50.39 -50.86
C GLU H 491 -51.49 51.49 -51.69
N THR H 492 -52.70 51.87 -51.25
CA THR H 492 -53.46 52.90 -51.94
C THR H 492 -52.97 54.29 -51.53
N THR H 493 -52.43 54.38 -50.33
CA THR H 493 -51.93 55.64 -49.84
C THR H 493 -50.55 55.91 -50.40
N THR H 494 -49.85 54.87 -50.82
CA THR H 494 -48.52 55.05 -51.39
C THR H 494 -48.64 55.73 -52.76
N GLN H 495 -48.96 54.95 -53.79
CA GLN H 495 -49.08 55.47 -55.16
C GLN H 495 -48.23 56.73 -55.35
N PHE H 496 -46.96 56.59 -55.02
CA PHE H 496 -45.98 57.66 -55.10
C PHE H 496 -45.14 57.62 -56.36
N LYS H 497 -44.55 58.77 -56.65
CA LYS H 497 -43.66 58.93 -57.79
C LYS H 497 -42.36 59.25 -57.06
N ALA H 498 -41.81 58.28 -56.35
CA ALA H 498 -40.60 58.54 -55.60
C ALA H 498 -39.36 57.85 -56.13
N THR H 499 -38.26 58.10 -55.42
CA THR H 499 -36.97 57.51 -55.73
C THR H 499 -36.43 57.05 -54.38
N HIS H 500 -36.96 57.68 -53.33
CA HIS H 500 -36.60 57.35 -51.95
C HIS H 500 -37.80 57.68 -51.08
N ILE H 501 -37.73 57.25 -49.82
CA ILE H 501 -38.78 57.54 -48.84
C ILE H 501 -38.14 57.62 -47.47
N LEU H 502 -38.31 58.75 -46.80
CA LEU H 502 -37.74 58.91 -45.47
C LEU H 502 -38.74 58.64 -44.38
N ASP H 503 -38.54 57.50 -43.72
CA ASP H 503 -39.40 57.09 -42.64
C ASP H 503 -38.84 57.21 -41.26
N PHE H 504 -39.41 58.16 -40.56
CA PHE H 504 -39.06 58.46 -39.22
C PHE H 504 -40.03 57.56 -38.48
N GLY H 505 -40.47 56.51 -39.18
CA GLY H 505 -41.38 55.53 -38.62
C GLY H 505 -40.91 55.27 -37.20
N PRO H 506 -41.83 55.10 -36.23
CA PRO H 506 -41.71 54.85 -34.80
C PRO H 506 -40.78 53.76 -34.32
N GLY H 507 -39.48 54.11 -34.27
CA GLY H 507 -38.42 53.21 -33.83
C GLY H 507 -38.12 52.02 -34.74
N GLY H 508 -36.83 51.68 -34.84
CA GLY H 508 -36.39 50.53 -35.63
C GLY H 508 -36.98 50.20 -36.99
N ALA H 509 -36.39 49.16 -37.58
CA ALA H 509 -36.72 48.64 -38.89
C ALA H 509 -37.93 47.74 -38.81
N SER H 510 -39.02 48.28 -38.29
CA SER H 510 -40.23 47.50 -38.14
C SER H 510 -41.45 48.41 -38.16
N GLY H 511 -41.17 49.70 -38.26
CA GLY H 511 -42.24 50.69 -38.30
C GLY H 511 -42.46 51.23 -39.70
N LEU H 512 -43.27 50.50 -40.48
CA LEU H 512 -43.62 50.86 -41.85
C LEU H 512 -42.40 51.02 -42.73
N GLY H 513 -41.39 51.71 -42.20
CA GLY H 513 -40.16 51.95 -42.93
C GLY H 513 -39.85 50.89 -43.96
N VAL H 514 -39.90 49.63 -43.53
CA VAL H 514 -39.61 48.52 -44.43
C VAL H 514 -40.88 48.03 -45.14
N LEU H 515 -41.97 47.88 -44.40
CA LEU H 515 -43.21 47.41 -45.01
C LEU H 515 -43.46 48.15 -46.30
N THR H 516 -43.34 49.47 -46.21
CA THR H 516 -43.55 50.31 -47.35
C THR H 516 -42.75 49.69 -48.49
N HIS H 517 -41.53 49.26 -48.15
CA HIS H 517 -40.66 48.64 -49.13
C HIS H 517 -41.31 47.36 -49.63
N ARG H 518 -41.64 46.47 -48.69
CA ARG H 518 -42.25 45.19 -49.04
C ARG H 518 -43.10 45.33 -50.30
N ASN H 519 -44.23 46.02 -50.17
CA ASN H 519 -45.15 46.22 -51.27
C ASN H 519 -44.55 46.49 -52.65
N LYS H 520 -43.48 47.29 -52.66
CA LYS H 520 -42.81 47.67 -53.90
C LYS H 520 -41.37 47.15 -53.99
N ASP H 521 -41.04 46.47 -55.09
CA ASP H 521 -39.70 45.91 -55.27
C ASP H 521 -39.10 46.25 -56.63
N GLY H 522 -38.65 47.49 -56.77
CA GLY H 522 -38.06 47.92 -58.01
C GLY H 522 -38.35 49.40 -58.21
N THR H 523 -38.31 50.15 -57.10
CA THR H 523 -38.57 51.58 -57.15
C THR H 523 -37.73 52.35 -56.12
N GLY H 524 -38.38 52.93 -55.12
CA GLY H 524 -37.67 53.70 -54.11
C GLY H 524 -36.53 52.96 -53.45
N VAL H 525 -35.96 53.57 -52.41
CA VAL H 525 -34.86 52.98 -51.66
C VAL H 525 -35.06 53.24 -50.18
N ARG H 526 -36.32 53.42 -49.80
CA ARG H 526 -36.74 53.65 -48.42
C ARG H 526 -35.62 53.58 -47.38
N VAL H 527 -35.30 54.72 -46.81
CA VAL H 527 -34.25 54.84 -45.79
C VAL H 527 -34.93 55.31 -44.51
N ILE H 528 -34.48 54.79 -43.37
CA ILE H 528 -35.09 55.18 -42.11
C ILE H 528 -34.19 56.05 -41.23
N VAL H 529 -34.73 56.52 -40.10
CA VAL H 529 -34.01 57.39 -39.16
C VAL H 529 -33.02 56.77 -38.16
N ALA H 530 -33.38 56.80 -36.87
CA ALA H 530 -32.53 56.27 -35.81
C ALA H 530 -32.10 54.83 -36.10
N GLY H 531 -31.06 54.40 -35.41
CA GLY H 531 -30.58 53.06 -35.64
C GLY H 531 -29.57 53.09 -36.77
N THR H 532 -28.37 52.65 -36.46
CA THR H 532 -27.31 52.66 -37.45
C THR H 532 -27.11 51.28 -38.09
N LEU H 533 -27.60 50.21 -37.45
CA LEU H 533 -27.44 48.85 -37.98
C LEU H 533 -27.71 48.83 -39.48
N ASP H 534 -27.30 47.76 -40.15
CA ASP H 534 -27.52 47.64 -41.58
C ASP H 534 -27.93 46.23 -41.95
N ILE H 535 -27.73 45.87 -43.20
CA ILE H 535 -28.09 44.54 -43.69
C ILE H 535 -27.22 44.28 -44.92
N ASN H 536 -27.90 44.21 -46.04
CA ASN H 536 -27.29 44.01 -47.35
C ASN H 536 -28.02 45.09 -48.14
N PRO H 537 -27.28 46.08 -48.71
CA PRO H 537 -27.85 47.19 -49.49
C PRO H 537 -29.25 46.93 -50.03
N ASP H 538 -30.22 46.94 -49.12
CA ASP H 538 -31.61 46.68 -49.45
C ASP H 538 -32.38 47.95 -49.12
N ASP H 539 -32.43 48.27 -47.83
CA ASP H 539 -33.13 49.44 -47.36
C ASP H 539 -32.23 50.34 -46.53
N ASP H 540 -30.97 50.50 -46.94
CA ASP H 540 -30.00 51.34 -46.22
C ASP H 540 -30.72 52.49 -45.48
N TYR H 541 -30.27 52.79 -44.27
CA TYR H 541 -30.95 53.81 -43.47
C TYR H 541 -30.09 54.43 -42.39
N GLY H 542 -30.73 55.24 -41.55
CA GLY H 542 -30.07 55.87 -40.43
C GLY H 542 -28.84 56.68 -40.72
N PHE H 543 -28.02 56.22 -41.65
CA PHE H 543 -26.79 56.92 -41.99
C PHE H 543 -26.80 57.51 -43.40
N LYS H 544 -27.80 57.15 -44.19
CA LYS H 544 -27.89 57.68 -45.55
C LYS H 544 -28.24 59.17 -45.51
N GLN H 545 -28.20 59.75 -44.31
CA GLN H 545 -28.50 61.16 -44.14
C GLN H 545 -27.28 61.93 -44.54
N UNK H 546 -26.29 61.93 -43.66
CA UNK H 546 -25.05 62.64 -43.89
C UNK H 546 -24.02 61.90 -44.74
N UNK H 547 -24.49 61.03 -45.64
CA UNK H 547 -23.58 60.27 -46.49
C UNK H 547 -22.85 61.17 -47.50
N UNK H 548 -21.61 60.79 -47.83
CA UNK H 548 -20.80 61.53 -48.78
C UNK H 548 -20.13 60.51 -49.72
N UNK H 549 -20.41 60.64 -51.02
CA UNK H 549 -19.85 59.74 -52.03
C UNK H 549 -20.48 58.35 -51.95
N UNK H 550 -21.81 58.31 -51.86
CA UNK H 550 -22.55 57.06 -51.78
C UNK H 550 -24.03 57.36 -52.00
N UNK H 551 -24.54 56.98 -53.17
CA UNK H 551 -25.95 57.24 -53.51
C UNK H 551 -26.82 55.98 -53.52
N UNK H 552 -28.08 56.14 -53.08
CA UNK H 552 -29.03 55.03 -53.03
C UNK H 552 -29.60 54.74 -54.42
N UNK H 553 -29.88 53.47 -54.72
CA UNK H 553 -30.42 53.10 -56.03
C UNK H 553 -30.96 51.67 -56.09
N UNK H 554 -32.14 51.45 -55.55
CA UNK H 554 -32.75 50.12 -55.54
C UNK H 554 -33.34 49.75 -56.90
N UNK H 555 -32.51 49.18 -57.77
CA UNK H 555 -32.87 48.77 -59.14
C UNK H 555 -34.36 48.57 -59.42
N UNK H 556 -34.80 49.04 -60.58
CA UNK H 556 -36.21 48.94 -61.01
C UNK H 556 -36.49 47.64 -61.73
N UNK H 557 -37.49 46.89 -61.25
CA UNK H 557 -37.86 45.61 -61.83
C UNK H 557 -38.60 45.72 -63.17
N UNK H 558 -37.85 46.04 -64.23
CA UNK H 558 -38.37 46.18 -65.59
C UNK H 558 -37.37 47.06 -66.30
N UNK H 559 -37.28 48.30 -65.83
CA UNK H 559 -36.34 49.25 -66.37
C UNK H 559 -34.96 48.61 -66.24
N UNK H 560 -34.55 48.37 -65.00
CA UNK H 560 -33.26 47.77 -64.72
C UNK H 560 -33.08 46.49 -65.52
N UNK H 561 -32.33 46.60 -66.61
CA UNK H 561 -32.07 45.47 -67.48
C UNK H 561 -33.38 44.84 -67.97
N UNK H 562 -33.85 45.31 -69.12
CA UNK H 562 -35.06 44.80 -69.74
C UNK H 562 -34.62 44.24 -71.08
N UNK H 563 -35.41 43.38 -71.68
CA UNK H 563 -35.04 42.77 -72.97
C UNK H 563 -34.40 43.81 -73.91
N UNK H 564 -33.60 43.35 -74.88
CA UNK H 564 -32.91 44.25 -75.83
C UNK H 564 -32.83 43.69 -77.26
N UNK H 565 -31.89 44.20 -78.05
CA UNK H 565 -31.66 43.75 -79.43
C UNK H 565 -30.34 44.33 -79.93
N UNK H 566 -29.74 43.66 -80.91
CA UNK H 566 -28.47 44.13 -81.50
C UNK H 566 -28.11 43.32 -82.76
N UNK H 567 -27.17 43.84 -83.56
CA UNK H 567 -26.75 43.17 -84.80
C UNK H 567 -25.24 42.98 -84.93
N UNK H 568 -24.84 42.03 -85.78
CA UNK H 568 -23.43 41.71 -85.98
C UNK H 568 -22.72 42.59 -87.00
N UNK H 569 -21.39 42.64 -86.87
CA UNK H 569 -20.55 43.43 -87.78
C UNK H 569 -20.53 42.76 -89.14
N UNK H 570 -21.43 41.82 -89.33
CA UNK H 570 -21.56 41.10 -90.60
C UNK H 570 -23.03 41.07 -90.94
N UNK H 571 -23.79 41.92 -90.25
CA UNK H 571 -25.22 42.05 -90.45
C UNK H 571 -26.04 40.84 -90.00
N UNK H 572 -26.23 40.72 -88.69
CA UNK H 572 -27.01 39.61 -88.14
C UNK H 572 -27.75 40.11 -86.93
N UNK H 573 -29.02 39.72 -86.80
CA UNK H 573 -29.81 40.17 -85.67
C UNK H 573 -29.37 39.33 -84.47
N UNK H 574 -29.90 39.66 -83.29
CA UNK H 574 -29.60 38.94 -82.04
C UNK H 574 -30.61 39.37 -80.97
N UNK H 575 -31.36 38.41 -80.43
CA UNK H 575 -32.36 38.70 -79.40
C UNK H 575 -31.76 39.37 -78.16
N UNK H 576 -30.44 39.29 -78.02
CA UNK H 576 -29.67 39.88 -76.91
C UNK H 576 -30.24 39.80 -75.50
N UNK H 577 -30.15 38.62 -74.89
CA UNK H 577 -30.65 38.39 -73.52
C UNK H 577 -29.46 38.35 -72.56
N UNK H 578 -29.75 38.40 -71.25
CA UNK H 578 -28.70 38.37 -70.23
C UNK H 578 -27.58 37.48 -70.73
N UNK H 579 -27.97 36.38 -71.39
CA UNK H 579 -27.02 35.43 -71.97
C UNK H 579 -26.32 36.12 -73.13
N UNK H 580 -25.79 37.31 -72.85
CA UNK H 580 -25.05 38.08 -73.83
C UNK H 580 -23.78 37.31 -74.14
N UNK H 581 -23.08 36.89 -73.09
CA UNK H 581 -21.83 36.12 -73.18
C UNK H 581 -21.93 34.90 -74.11
N UNK H 582 -23.12 34.31 -74.18
CA UNK H 582 -23.36 33.14 -75.03
C UNK H 582 -23.41 33.54 -76.52
N UNK H 583 -24.61 33.84 -77.03
CA UNK H 583 -24.86 34.24 -78.41
C UNK H 583 -26.14 33.62 -78.99
N UNK H 584 -27.31 34.01 -78.45
CA UNK H 584 -28.64 33.56 -78.91
C UNK H 584 -29.51 32.96 -77.82
N UNK H 585 -29.82 33.77 -76.81
CA UNK H 585 -30.66 33.36 -75.67
C UNK H 585 -31.71 32.25 -75.87
N UNK H 586 -31.39 31.04 -75.44
CA UNK H 586 -32.28 29.87 -75.55
C UNK H 586 -31.47 28.55 -75.62
N UNK H 587 -32.00 27.47 -75.01
CA UNK H 587 -31.32 26.17 -75.00
C UNK H 587 -32.25 25.02 -74.56
N UNK H 588 -32.02 23.81 -75.06
CA UNK H 588 -32.86 22.67 -74.67
C UNK H 588 -31.99 21.44 -74.56
N UNK H 589 -32.04 20.80 -73.38
CA UNK H 589 -31.25 19.58 -73.07
C UNK H 589 -32.13 18.44 -72.53
N UNK H 590 -32.38 17.43 -73.38
CA UNK H 590 -33.24 16.30 -73.02
C UNK H 590 -32.52 15.06 -72.46
N UNK H 591 -33.25 14.28 -71.65
CA UNK H 591 -32.72 13.06 -71.02
C UNK H 591 -33.14 11.77 -71.74
N UNK H 592 -32.59 11.59 -72.94
CA UNK H 592 -32.86 10.44 -73.83
C UNK H 592 -32.70 11.01 -75.23
N UNK H 593 -33.45 12.09 -75.47
CA UNK H 593 -33.42 12.81 -76.75
C UNK H 593 -32.01 13.39 -76.88
N UNK H 594 -31.72 14.42 -76.08
CA UNK H 594 -30.41 15.07 -76.08
C UNK H 594 -29.23 14.12 -75.88
N UNK H 595 -29.02 13.20 -76.82
CA UNK H 595 -27.93 12.23 -76.74
C UNK H 595 -27.65 11.56 -78.09
N UNK H 596 -26.78 12.16 -78.91
CA UNK H 596 -26.40 11.63 -80.23
C UNK H 596 -25.85 12.68 -81.19
N UNK H 597 -26.74 13.15 -82.05
CA UNK H 597 -26.43 14.13 -83.09
C UNK H 597 -27.50 15.23 -83.18
N UNK H 598 -28.73 14.91 -82.76
CA UNK H 598 -29.87 15.85 -82.81
C UNK H 598 -29.72 16.96 -81.79
N UNK H 599 -28.45 17.14 -81.39
CA UNK H 599 -28.01 18.15 -80.44
C UNK H 599 -26.56 18.39 -80.83
N UNK H 600 -26.07 17.52 -81.71
CA UNK H 600 -24.73 17.64 -82.23
C UNK H 600 -24.95 18.52 -83.46
N UNK H 601 -26.23 18.75 -83.74
CA UNK H 601 -26.66 19.59 -84.85
C UNK H 601 -27.66 20.62 -84.32
N UNK H 602 -28.48 20.23 -83.34
CA UNK H 602 -29.43 21.15 -82.75
C UNK H 602 -28.59 22.31 -82.25
N UNK H 603 -27.33 22.02 -81.94
CA UNK H 603 -26.39 23.01 -81.47
C UNK H 603 -25.51 23.44 -82.63
N UNK H 604 -25.16 22.49 -83.50
CA UNK H 604 -24.34 22.82 -84.66
C UNK H 604 -25.02 23.95 -85.46
N UNK H 605 -26.33 23.87 -85.60
CA UNK H 605 -27.09 24.90 -86.32
C UNK H 605 -26.77 26.22 -85.65
N UNK H 606 -27.44 26.49 -84.53
CA UNK H 606 -27.21 27.73 -83.79
C UNK H 606 -28.01 27.85 -82.48
N UNK H 607 -27.34 27.52 -81.36
CA UNK H 607 -27.96 27.59 -80.04
C UNK H 607 -27.22 26.82 -78.92
N UNK H 608 -28.01 26.19 -78.04
CA UNK H 608 -27.51 25.44 -76.92
C UNK H 608 -28.38 24.22 -76.59
N UNK H 609 -27.82 23.05 -76.90
CA UNK H 609 -28.47 21.77 -76.63
C UNK H 609 -27.41 20.99 -75.86
N UNK H 610 -27.82 20.28 -74.79
CA UNK H 610 -26.91 19.50 -73.95
C UNK H 610 -27.14 17.96 -74.00
N UNK H 611 -26.06 17.22 -74.29
CA UNK H 611 -26.08 15.77 -74.38
C UNK H 611 -25.22 15.16 -73.29
N UNK H 612 -25.85 14.32 -72.46
CA UNK H 612 -25.21 13.61 -71.33
C UNK H 612 -26.14 12.57 -70.66
N UNK H 613 -25.55 11.45 -70.23
CA UNK H 613 -26.23 10.32 -69.59
C UNK H 613 -26.34 9.18 -70.61
N UNK H 614 -25.28 9.04 -71.41
CA UNK H 614 -25.20 8.02 -72.47
C UNK H 614 -24.61 6.70 -72.00
N UNK H 615 -25.11 6.19 -70.87
CA UNK H 615 -24.70 4.91 -70.25
C UNK H 615 -23.39 4.86 -69.45
N UNK H 616 -22.50 3.93 -69.82
CA UNK H 616 -21.20 3.76 -69.16
C UNK H 616 -20.42 5.06 -69.01
N UNK H 617 -20.83 5.87 -68.03
CA UNK H 617 -20.26 7.17 -67.70
C UNK H 617 -18.75 7.40 -67.91
N UNK H 618 -18.24 7.00 -69.07
CA UNK H 618 -16.84 7.14 -69.45
C UNK H 618 -16.55 6.17 -70.57
N UNK H 619 -15.58 6.52 -71.41
CA UNK H 619 -15.20 5.68 -72.54
C UNK H 619 -16.31 5.71 -73.59
N UNK H 620 -17.51 6.09 -73.17
CA UNK H 620 -18.66 6.17 -74.07
C UNK H 620 -19.03 7.63 -74.30
N UNK H 621 -19.91 8.18 -73.46
CA UNK H 621 -20.32 9.58 -73.59
C UNK H 621 -19.09 10.45 -73.29
N UNK H 622 -17.92 9.94 -73.69
CA UNK H 622 -16.62 10.58 -73.54
C UNK H 622 -15.76 10.25 -74.76
N UNK H 623 -16.38 9.52 -75.69
CA UNK H 623 -15.75 9.12 -76.94
C UNK H 623 -16.79 9.41 -78.01
N UNK H 624 -18.06 9.27 -77.62
CA UNK H 624 -19.18 9.54 -78.50
C UNK H 624 -19.33 11.06 -78.48
N UNK H 625 -18.74 11.68 -77.48
CA UNK H 625 -18.77 13.13 -77.36
C UNK H 625 -17.62 13.56 -78.24
N UNK H 626 -16.59 12.71 -78.29
CA UNK H 626 -15.42 12.98 -79.11
C UNK H 626 -15.81 12.98 -80.57
N UNK H 627 -16.93 12.36 -80.91
CA UNK H 627 -17.41 12.30 -82.30
C UNK H 627 -18.37 13.45 -82.62
N UNK H 628 -19.41 13.58 -81.80
CA UNK H 628 -20.38 14.65 -81.97
C UNK H 628 -19.70 15.97 -81.51
N UNK H 629 -18.51 16.20 -82.08
CA UNK H 629 -17.69 17.37 -81.80
C UNK H 629 -16.80 17.56 -83.01
N UNK H 630 -16.31 16.44 -83.55
CA UNK H 630 -15.47 16.47 -84.73
C UNK H 630 -16.44 16.78 -85.87
N UNK H 631 -17.72 16.50 -85.60
CA UNK H 631 -18.80 16.72 -86.55
C UNK H 631 -19.64 17.96 -86.22
N UNK H 632 -18.99 19.01 -85.71
CA UNK H 632 -19.69 20.24 -85.37
C UNK H 632 -19.04 21.44 -86.05
N UNK H 633 -19.47 22.63 -85.68
CA UNK H 633 -18.90 23.85 -86.25
C UNK H 633 -17.40 23.89 -85.90
N UNK H 634 -16.58 24.36 -86.83
CA UNK H 634 -15.12 24.45 -86.62
C UNK H 634 -14.74 25.39 -85.48
N UNK H 635 -15.71 25.61 -84.58
CA UNK H 635 -15.51 26.46 -83.42
C UNK H 635 -16.84 26.55 -82.67
N UNK H 636 -17.34 25.39 -82.24
CA UNK H 636 -18.62 25.34 -81.52
C UNK H 636 -18.46 25.31 -79.99
N UNK H 637 -19.51 24.86 -79.30
CA UNK H 637 -19.52 24.75 -77.84
C UNK H 637 -20.58 23.71 -77.43
N UNK H 638 -20.13 22.55 -76.96
CA UNK H 638 -21.03 21.48 -76.55
C UNK H 638 -21.43 21.53 -75.07
N UNK H 639 -22.54 20.88 -74.75
CA UNK H 639 -23.05 20.83 -73.37
C UNK H 639 -23.31 19.40 -72.83
N UNK H 640 -22.75 19.13 -71.65
CA UNK H 640 -22.90 17.84 -70.99
C UNK H 640 -23.68 18.09 -69.71
N UNK H 641 -24.81 17.41 -69.58
CA UNK H 641 -25.67 17.55 -68.39
C UNK H 641 -25.93 16.20 -67.72
N UNK H 642 -25.02 15.80 -66.81
CA UNK H 642 -25.12 14.53 -66.08
C UNK H 642 -26.04 14.65 -64.86
N UNK H 643 -26.78 13.58 -64.56
CA UNK H 643 -27.74 13.54 -63.44
C UNK H 643 -27.10 13.55 -62.05
N UNK H 644 -27.44 14.54 -61.22
CA UNK H 644 -26.87 14.66 -59.87
C UNK H 644 -27.12 13.47 -58.96
N UNK H 645 -28.32 12.89 -59.04
CA UNK H 645 -28.71 11.76 -58.21
C UNK H 645 -28.52 10.36 -58.80
N UNK H 646 -27.42 10.14 -59.51
CA UNK H 646 -27.09 8.84 -60.12
C UNK H 646 -25.58 8.73 -60.03
N UNK H 647 -25.06 9.10 -58.86
CA UNK H 647 -23.63 9.11 -58.56
C UNK H 647 -22.79 8.15 -59.37
N UNK H 648 -23.35 6.99 -59.68
CA UNK H 648 -22.65 5.98 -60.47
C UNK H 648 -21.98 6.63 -61.68
N UNK H 649 -22.77 7.44 -62.40
CA UNK H 649 -22.28 8.17 -63.56
C UNK H 649 -21.62 9.44 -63.04
N UNK H 650 -22.36 10.15 -62.17
CA UNK H 650 -21.88 11.39 -61.58
C UNK H 650 -20.41 11.31 -61.22
N UNK H 651 -19.95 10.10 -60.89
CA UNK H 651 -18.55 9.88 -60.56
C UNK H 651 -17.72 9.86 -61.84
N UNK H 652 -17.88 8.79 -62.61
CA UNK H 652 -17.14 8.65 -63.87
C UNK H 652 -17.76 9.63 -64.83
N UNK H 653 -17.16 10.82 -64.90
CA UNK H 653 -17.63 11.89 -65.77
C UNK H 653 -17.12 13.21 -65.21
N UNK H 654 -17.49 13.50 -63.96
CA UNK H 654 -17.02 14.72 -63.33
C UNK H 654 -15.52 14.71 -63.59
N UNK H 655 -14.99 13.52 -63.84
CA UNK H 655 -13.60 13.36 -64.14
C UNK H 655 -13.44 13.49 -65.66
N UNK H 656 -14.24 12.73 -66.40
CA UNK H 656 -14.19 12.76 -67.87
C UNK H 656 -14.27 14.18 -68.40
N UNK H 657 -15.28 14.92 -67.92
CA UNK H 657 -15.48 16.31 -68.34
C UNK H 657 -14.17 17.05 -68.10
N UNK H 658 -13.84 17.21 -66.82
CA UNK H 658 -12.61 17.86 -66.44
C UNK H 658 -11.42 17.36 -67.27
N UNK H 659 -11.01 16.13 -67.01
CA UNK H 659 -9.89 15.51 -67.69
C UNK H 659 -9.88 15.81 -69.19
N UNK H 660 -11.07 16.03 -69.75
CA UNK H 660 -11.16 16.32 -71.18
C UNK H 660 -11.08 17.82 -71.43
N UNK H 661 -11.78 18.61 -70.61
CA UNK H 661 -11.80 20.07 -70.74
C UNK H 661 -10.41 20.69 -70.57
N UNK H 662 -9.41 19.82 -70.46
CA UNK H 662 -8.03 20.24 -70.32
C UNK H 662 -7.37 19.94 -71.67
N UNK H 663 -8.18 19.99 -72.72
CA UNK H 663 -7.69 19.73 -74.08
C UNK H 663 -8.53 20.39 -75.20
N UNK H 664 -9.86 20.33 -75.13
CA UNK H 664 -10.70 20.92 -76.18
C UNK H 664 -12.20 20.98 -75.93
N UNK H 665 -12.84 21.95 -76.58
CA UNK H 665 -14.29 22.16 -76.50
C UNK H 665 -14.87 22.21 -75.10
N UNK H 666 -16.19 22.03 -75.02
CA UNK H 666 -16.94 22.02 -73.76
C UNK H 666 -17.31 23.41 -73.24
N UNK H 667 -18.45 23.50 -72.55
CA UNK H 667 -18.87 24.79 -72.03
C UNK H 667 -19.93 24.78 -70.93
N UNK H 668 -21.07 24.11 -71.17
CA UNK H 668 -22.15 24.11 -70.20
C UNK H 668 -21.87 23.45 -68.84
N UNK H 669 -22.31 22.20 -68.67
CA UNK H 669 -22.16 21.41 -67.43
C UNK H 669 -23.44 21.49 -66.58
N UNK H 670 -24.10 20.34 -66.38
CA UNK H 670 -25.35 20.34 -65.61
C UNK H 670 -25.49 19.35 -64.43
N UNK H 671 -26.64 19.45 -63.75
CA UNK H 671 -26.95 18.61 -62.60
C UNK H 671 -28.47 18.49 -62.37
N UNK H 672 -28.89 17.31 -61.85
CA UNK H 672 -30.30 16.98 -61.56
C UNK H 672 -30.83 17.36 -60.17
N UNK H 673 -30.04 18.16 -59.45
CA UNK H 673 -30.36 18.66 -58.11
C UNK H 673 -29.18 19.45 -57.50
N UNK H 674 -29.42 20.70 -57.15
CA UNK H 674 -28.41 21.60 -56.59
C UNK H 674 -27.24 20.95 -55.84
N UNK H 675 -26.15 20.67 -56.55
CA UNK H 675 -24.95 20.06 -55.95
C UNK H 675 -24.64 20.67 -54.57
N UNK H 676 -24.19 19.82 -53.65
CA UNK H 676 -23.87 20.22 -52.29
C UNK H 676 -23.27 21.60 -52.16
N UNK H 677 -23.81 22.37 -51.21
CA UNK H 677 -23.37 23.72 -50.92
C UNK H 677 -21.85 23.73 -51.08
N UNK H 678 -21.32 24.85 -51.57
CA UNK H 678 -19.89 25.03 -51.82
C UNK H 678 -19.21 23.73 -52.24
N UNK H 679 -18.97 22.86 -51.26
CA UNK H 679 -18.34 21.57 -51.49
C UNK H 679 -18.58 21.03 -52.92
N UNK H 680 -19.73 20.40 -53.13
CA UNK H 680 -20.05 19.81 -54.43
C UNK H 680 -19.87 20.82 -55.55
N UNK H 681 -20.07 22.08 -55.20
CA UNK H 681 -19.94 23.14 -56.18
C UNK H 681 -18.50 23.55 -56.39
N UNK H 682 -17.97 24.31 -55.43
CA UNK H 682 -16.61 24.81 -55.47
C UNK H 682 -15.66 23.84 -56.17
N UNK H 683 -15.83 22.54 -55.91
CA UNK H 683 -15.00 21.52 -56.53
C UNK H 683 -15.34 21.45 -58.02
N UNK H 684 -16.62 21.29 -58.34
CA UNK H 684 -17.07 21.22 -59.72
C UNK H 684 -16.76 22.55 -60.43
N UNK H 685 -16.88 23.66 -59.70
CA UNK H 685 -16.62 25.00 -60.22
C UNK H 685 -15.13 25.28 -60.50
N UNK H 686 -14.34 25.43 -59.45
CA UNK H 686 -12.89 25.70 -59.55
C UNK H 686 -12.10 24.87 -60.57
N UNK H 687 -12.15 23.55 -60.45
CA UNK H 687 -11.43 22.67 -61.39
C UNK H 687 -12.37 22.26 -62.52
N UNK H 688 -11.88 22.35 -63.75
CA UNK H 688 -12.68 22.00 -64.92
C UNK H 688 -13.88 22.93 -65.04
N UNK H 689 -13.89 23.79 -66.06
CA UNK H 689 -15.00 24.72 -66.23
C UNK H 689 -15.13 25.37 -67.60
N UNK H 690 -15.92 26.44 -67.61
CA UNK H 690 -16.20 27.25 -68.80
C UNK H 690 -17.08 28.44 -68.40
N UNK H 691 -17.78 28.28 -67.27
CA UNK H 691 -18.68 29.28 -66.71
C UNK H 691 -20.11 28.85 -66.99
N UNK H 692 -20.98 29.09 -66.03
CA UNK H 692 -22.40 28.74 -66.12
C UNK H 692 -22.71 27.33 -65.63
N UNK H 693 -22.65 27.13 -64.31
CA UNK H 693 -22.95 25.82 -63.71
C UNK H 693 -24.45 25.59 -63.83
N UNK H 694 -24.85 24.44 -64.34
CA UNK H 694 -26.27 24.15 -64.51
C UNK H 694 -27.00 23.75 -63.24
N UNK H 695 -26.90 24.61 -62.23
CA UNK H 695 -27.58 24.38 -60.97
C UNK H 695 -29.09 24.49 -61.23
N UNK H 696 -29.65 23.46 -61.86
CA UNK H 696 -31.07 23.43 -62.19
C UNK H 696 -32.01 23.28 -60.98
N UNK H 697 -32.09 24.30 -60.12
CA UNK H 697 -32.94 24.26 -58.92
C UNK H 697 -34.35 23.81 -59.26
N UNK H 698 -35.18 23.53 -58.25
CA UNK H 698 -36.56 23.06 -58.51
C UNK H 698 -37.51 23.00 -57.28
N UNK H 699 -37.15 23.70 -56.21
CA UNK H 699 -37.95 23.77 -54.99
C UNK H 699 -37.63 25.12 -54.35
N UNK H 700 -38.63 25.72 -53.71
CA UNK H 700 -38.42 27.04 -53.08
C UNK H 700 -37.02 27.08 -52.47
N UNK H 701 -36.69 26.08 -51.67
CA UNK H 701 -35.39 25.99 -51.05
C UNK H 701 -34.32 25.86 -52.14
N UNK H 702 -34.55 24.94 -53.07
CA UNK H 702 -33.63 24.66 -54.18
C UNK H 702 -33.14 25.93 -54.88
N UNK H 703 -33.92 26.98 -54.75
CA UNK H 703 -33.56 28.25 -55.34
C UNK H 703 -32.46 28.83 -54.45
N UNK H 704 -32.84 29.21 -53.23
CA UNK H 704 -31.90 29.79 -52.27
C UNK H 704 -30.71 28.86 -52.16
N UNK H 705 -30.92 27.62 -52.59
CA UNK H 705 -29.88 26.59 -52.58
C UNK H 705 -28.87 26.93 -53.67
N UNK H 706 -29.36 27.12 -54.89
CA UNK H 706 -28.50 27.49 -56.00
C UNK H 706 -28.07 28.91 -55.69
N UNK H 707 -29.00 29.67 -55.09
CA UNK H 707 -28.76 31.06 -54.70
C UNK H 707 -27.48 31.15 -53.90
N UNK H 708 -27.53 30.58 -52.70
CA UNK H 708 -26.37 30.60 -51.83
C UNK H 708 -25.17 30.01 -52.58
N UNK H 709 -25.43 29.09 -53.53
CA UNK H 709 -24.34 28.46 -54.30
C UNK H 709 -23.61 29.55 -55.09
N UNK H 710 -24.29 30.70 -55.22
CA UNK H 710 -23.77 31.87 -55.92
C UNK H 710 -22.70 32.63 -55.17
N UNK H 711 -22.54 32.36 -53.88
CA UNK H 711 -21.47 33.01 -53.14
C UNK H 711 -20.21 32.48 -53.85
N UNK H 712 -19.15 33.27 -53.87
CA UNK H 712 -17.93 32.92 -54.59
C UNK H 712 -18.31 33.20 -56.06
N UNK H 713 -19.09 34.28 -56.27
CA UNK H 713 -19.61 34.69 -57.59
C UNK H 713 -18.73 35.53 -58.48
N UNK H 714 -17.72 34.88 -59.06
CA UNK H 714 -16.80 35.52 -59.97
C UNK H 714 -16.89 34.71 -61.26
N UNK H 715 -17.79 33.72 -61.25
CA UNK H 715 -18.03 32.84 -62.39
C UNK H 715 -19.52 32.86 -62.73
N UNK H 716 -19.88 32.11 -63.77
CA UNK H 716 -21.25 32.05 -64.25
C UNK H 716 -22.15 31.00 -63.60
N UNK H 717 -23.41 31.38 -63.39
CA UNK H 717 -24.43 30.52 -62.81
C UNK H 717 -25.54 30.35 -63.85
N UNK H 718 -26.39 29.34 -63.69
CA UNK H 718 -27.47 29.09 -64.67
C UNK H 718 -28.75 28.42 -64.11
N UNK H 719 -29.61 29.19 -63.41
CA UNK H 719 -30.84 28.64 -62.82
C UNK H 719 -31.77 27.87 -63.78
N UNK H 720 -33.07 27.87 -63.46
CA UNK H 720 -34.09 27.18 -64.28
C UNK H 720 -35.40 26.85 -63.53
N UNK H 721 -35.94 27.82 -62.78
CA UNK H 721 -37.16 27.70 -61.94
C UNK H 721 -38.29 26.76 -62.37
N UNK H 722 -37.99 25.88 -63.34
CA UNK H 722 -38.89 24.87 -63.91
C UNK H 722 -39.79 24.23 -62.85
N UNK H 723 -40.80 23.48 -63.32
CA UNK H 723 -41.74 22.82 -62.41
C UNK H 723 -42.69 21.85 -63.13
N UNK H 724 -43.92 21.73 -62.63
CA UNK H 724 -44.95 20.84 -63.18
C UNK H 724 -45.00 20.87 -64.70
N UNK H 725 -44.11 20.14 -65.36
CA UNK H 725 -44.08 20.14 -66.82
C UNK H 725 -43.62 18.85 -67.51
N UNK H 726 -42.64 19.00 -68.41
CA UNK H 726 -42.09 17.89 -69.19
C UNK H 726 -40.67 17.37 -68.83
N UNK H 727 -40.65 16.10 -68.38
CA UNK H 727 -39.47 15.31 -67.95
C UNK H 727 -39.79 14.53 -66.64
N UNK H 728 -39.13 14.89 -65.54
CA UNK H 728 -39.38 14.27 -64.24
C UNK H 728 -40.11 15.32 -63.38
N UNK H 729 -41.45 15.30 -63.49
CA UNK H 729 -42.37 16.23 -62.83
C UNK H 729 -42.09 16.70 -61.41
N UNK H 730 -41.25 17.71 -61.29
CA UNK H 730 -40.91 18.29 -59.98
C UNK H 730 -42.18 18.94 -59.45
N UNK H 731 -43.09 18.12 -58.94
CA UNK H 731 -44.39 18.52 -58.42
C UNK H 731 -44.45 19.62 -57.36
N UNK H 732 -43.58 20.62 -57.46
CA UNK H 732 -43.57 21.74 -56.52
C UNK H 732 -44.03 23.02 -57.19
N UNK H 733 -45.35 23.22 -57.27
CA UNK H 733 -45.98 24.41 -57.89
C UNK H 733 -45.74 24.55 -59.41
N UNK H 734 -45.91 25.77 -59.93
CA UNK H 734 -45.71 26.01 -61.35
C UNK H 734 -45.08 27.39 -61.52
N UNK H 735 -45.92 28.40 -61.32
CA UNK H 735 -45.50 29.78 -61.42
C UNK H 735 -45.27 30.35 -60.02
N UNK H 736 -46.02 29.87 -59.03
CA UNK H 736 -45.88 30.33 -57.66
C UNK H 736 -44.41 30.24 -57.27
N UNK H 737 -43.69 29.40 -58.02
CA UNK H 737 -42.26 29.15 -57.83
C UNK H 737 -41.41 30.42 -57.78
N UNK H 738 -40.64 30.64 -58.83
CA UNK H 738 -39.76 31.79 -58.94
C UNK H 738 -40.47 33.04 -58.42
N UNK H 739 -41.79 33.04 -58.51
CA UNK H 739 -42.60 34.17 -58.06
C UNK H 739 -42.05 34.76 -56.76
N UNK H 740 -42.28 34.06 -55.65
CA UNK H 740 -41.84 34.49 -54.34
C UNK H 740 -40.33 34.72 -54.29
N UNK H 741 -39.58 33.61 -54.32
CA UNK H 741 -38.12 33.66 -54.28
C UNK H 741 -37.48 34.30 -55.51
N UNK H 742 -38.18 35.26 -56.10
CA UNK H 742 -37.65 35.96 -57.27
C UNK H 742 -36.97 37.21 -56.76
N UNK H 743 -37.69 37.94 -55.93
CA UNK H 743 -37.22 39.19 -55.32
C UNK H 743 -35.73 39.19 -55.01
N UNK H 744 -35.25 38.14 -54.37
CA UNK H 744 -33.85 38.03 -54.01
C UNK H 744 -33.06 37.24 -55.06
N UNK H 745 -33.77 36.54 -55.94
CA UNK H 745 -33.13 35.76 -56.99
C UNK H 745 -32.21 36.73 -57.72
N UNK H 746 -32.40 38.01 -57.42
CA UNK H 746 -31.64 39.13 -57.98
C UNK H 746 -30.32 39.46 -57.26
N UNK H 747 -29.27 38.78 -57.70
CA UNK H 747 -27.90 38.94 -57.21
C UNK H 747 -27.08 38.53 -58.42
N UNK H 748 -26.35 39.49 -58.99
CA UNK H 748 -25.52 39.25 -60.16
C UNK H 748 -24.76 37.92 -60.07
N UNK H 749 -24.39 37.38 -61.24
CA UNK H 749 -23.69 36.11 -61.38
C UNK H 749 -24.73 35.01 -61.57
N UNK H 750 -25.96 35.33 -61.20
CA UNK H 750 -27.08 34.40 -61.32
C UNK H 750 -27.80 34.65 -62.63
N UNK H 751 -27.53 33.85 -63.65
CA UNK H 751 -28.21 34.00 -64.94
C UNK H 751 -29.47 33.11 -64.84
N UNK H 752 -30.66 33.66 -65.10
CA UNK H 752 -31.91 32.89 -65.01
C UNK H 752 -32.29 32.13 -66.31
N UNK H 753 -33.60 31.98 -66.57
CA UNK H 753 -34.10 31.32 -67.80
C UNK H 753 -35.38 30.48 -67.65
N UNK H 754 -36.42 31.00 -66.99
CA UNK H 754 -37.70 30.28 -66.78
C UNK H 754 -38.00 29.24 -67.87
N UNK H 755 -38.72 28.17 -67.53
CA UNK H 755 -39.04 27.11 -68.52
C UNK H 755 -40.34 26.31 -68.28
N UNK H 756 -40.21 24.98 -68.24
CA UNK H 756 -41.31 24.03 -68.03
C UNK H 756 -41.77 23.40 -69.35
N UNK H 757 -42.40 24.21 -70.17
CA UNK H 757 -42.93 23.79 -71.46
C UNK H 757 -43.73 24.97 -71.98
N UNK H 758 -43.36 25.49 -73.15
CA UNK H 758 -44.07 26.64 -73.70
C UNK H 758 -44.04 26.70 -75.22
N UNK H 759 -45.10 27.25 -75.81
CA UNK H 759 -45.20 27.40 -77.26
C UNK H 759 -44.21 28.49 -77.69
N UNK H 760 -43.34 28.16 -78.65
CA UNK H 760 -42.31 29.08 -79.16
C UNK H 760 -42.67 30.57 -79.17
N UNK H 761 -42.88 31.10 -80.37
CA UNK H 761 -43.21 32.51 -80.54
C UNK H 761 -44.08 33.12 -79.43
N UNK H 762 -45.40 32.99 -79.57
CA UNK H 762 -46.35 33.54 -78.59
C UNK H 762 -46.35 32.76 -77.26
N UNK H 763 -45.71 33.37 -76.26
CA UNK H 763 -45.54 32.83 -74.90
C UNK H 763 -44.08 33.02 -74.61
N UNK H 764 -43.30 33.09 -75.68
CA UNK H 764 -41.86 33.27 -75.60
C UNK H 764 -41.54 34.55 -74.84
N UNK H 765 -41.61 35.68 -75.54
CA UNK H 765 -41.33 36.98 -74.97
C UNK H 765 -42.20 37.32 -73.77
N UNK H 766 -43.35 36.65 -73.66
CA UNK H 766 -44.25 36.91 -72.53
C UNK H 766 -43.41 36.96 -71.26
N UNK H 767 -42.27 36.27 -71.31
CA UNK H 767 -41.30 36.20 -70.21
C UNK H 767 -40.30 37.35 -70.29
N UNK H 768 -39.67 37.53 -71.45
CA UNK H 768 -38.70 38.62 -71.64
C UNK H 768 -39.48 39.93 -71.57
N UNK H 769 -40.75 39.81 -71.17
CA UNK H 769 -41.66 40.93 -71.04
C UNK H 769 -42.18 41.13 -69.62
N UNK H 770 -43.51 41.06 -69.47
CA UNK H 770 -44.16 41.25 -68.18
C UNK H 770 -44.70 39.97 -67.58
N UNK H 771 -43.83 39.19 -66.94
CA UNK H 771 -44.22 37.95 -66.30
C UNK H 771 -44.76 38.29 -64.91
N UNK H 772 -45.82 39.10 -64.87
CA UNK H 772 -46.43 39.52 -63.60
C UNK H 772 -47.87 40.02 -63.68
N UNK H 773 -48.80 39.13 -63.41
CA UNK H 773 -50.22 39.47 -63.40
C UNK H 773 -50.69 39.32 -61.95
N UNK H 774 -49.93 39.91 -61.02
CA UNK H 774 -50.23 39.86 -59.58
C UNK H 774 -49.66 41.08 -58.81
N UNK H 775 -48.50 41.54 -59.26
CA UNK H 775 -47.79 42.69 -58.70
C UNK H 775 -46.43 42.73 -59.38
N UNK H 776 -45.66 43.80 -59.16
CA UNK H 776 -44.33 43.98 -59.76
C UNK H 776 -44.26 43.54 -61.23
N UNK H 777 -43.12 43.76 -61.87
CA UNK H 777 -42.97 43.40 -63.28
C UNK H 777 -42.40 42.01 -63.56
N UNK H 778 -41.09 41.87 -63.38
CA UNK H 778 -40.37 40.61 -63.61
C UNK H 778 -40.03 40.42 -65.08
N UNK H 779 -38.94 39.68 -65.31
CA UNK H 779 -38.46 39.38 -66.65
C UNK H 779 -37.46 38.23 -66.54
N UNK H 780 -37.13 37.59 -67.66
CA UNK H 780 -36.19 36.48 -67.67
C UNK H 780 -34.83 36.86 -68.28
N UNK H 781 -34.00 35.87 -68.61
CA UNK H 781 -32.68 36.13 -69.20
C UNK H 781 -32.43 35.18 -70.36
N UNK H 782 -33.47 34.42 -70.71
CA UNK H 782 -33.45 33.47 -71.82
C UNK H 782 -34.72 32.58 -71.82
N UNK H 783 -34.73 31.55 -72.67
CA UNK H 783 -35.87 30.65 -72.73
C UNK H 783 -35.48 29.28 -73.32
N UNK H 784 -35.72 28.24 -72.52
CA UNK H 784 -35.41 26.85 -72.87
C UNK H 784 -36.68 25.98 -72.94
N UNK H 785 -36.82 25.16 -73.99
CA UNK H 785 -38.00 24.32 -74.18
C UNK H 785 -37.96 22.89 -73.59
N UNK H 786 -38.83 22.64 -72.60
CA UNK H 786 -38.95 21.34 -71.91
C UNK H 786 -40.14 20.55 -72.41
N UNK H 787 -39.91 19.89 -73.55
CA UNK H 787 -40.86 19.06 -74.28
C UNK H 787 -40.37 19.29 -75.70
N UNK H 788 -39.54 20.34 -75.78
CA UNK H 788 -38.86 20.87 -76.97
C UNK H 788 -39.06 20.19 -78.33
N UNK H 789 -37.93 20.00 -79.03
CA UNK H 789 -37.87 19.40 -80.36
C UNK H 789 -38.24 17.94 -80.36
N UNK H 790 -39.09 17.55 -79.41
CA UNK H 790 -39.52 16.15 -79.27
C UNK H 790 -40.05 15.45 -80.54
N UNK H 791 -40.51 16.22 -81.53
CA UNK H 791 -41.02 15.62 -82.75
C UNK H 791 -40.11 15.86 -83.94
N UNK H 792 -39.25 16.87 -83.82
CA UNK H 792 -38.31 17.27 -84.88
C UNK H 792 -37.45 16.18 -85.52
N UNK H 793 -36.42 16.63 -86.25
CA UNK H 793 -35.47 15.74 -86.92
C UNK H 793 -34.57 15.07 -85.87
N UNK H 794 -35.17 14.36 -84.91
CA UNK H 794 -34.44 13.70 -83.81
C UNK H 794 -35.02 12.37 -83.24
N UNK H 795 -36.23 12.43 -82.67
CA UNK H 795 -36.93 11.29 -82.04
C UNK H 795 -37.01 9.94 -82.76
N UNK H 796 -38.24 9.48 -83.04
CA UNK H 796 -38.45 8.20 -83.71
C UNK H 796 -39.67 8.12 -84.65
N UNK H 797 -39.59 7.20 -85.62
CA UNK H 797 -40.62 6.96 -86.65
C UNK H 797 -42.06 7.20 -86.21
N UNK H 798 -42.88 6.15 -86.22
CA UNK H 798 -44.28 6.25 -85.82
C UNK H 798 -44.35 6.80 -84.38
N UNK H 799 -43.17 7.14 -83.85
CA UNK H 799 -43.01 7.69 -82.52
C UNK H 799 -43.41 9.14 -82.51
N UNK H 800 -42.49 9.98 -83.00
CA UNK H 800 -42.74 11.42 -83.07
C UNK H 800 -44.19 11.61 -83.49
N UNK H 801 -44.66 10.69 -84.33
CA UNK H 801 -46.04 10.71 -84.81
C UNK H 801 -46.98 10.68 -83.62
N UNK H 802 -46.95 9.58 -82.88
CA UNK H 802 -47.77 9.41 -81.70
C UNK H 802 -47.45 10.53 -80.71
N UNK H 803 -46.36 11.25 -80.97
CA UNK H 803 -45.90 12.35 -80.10
C UNK H 803 -46.64 13.67 -80.28
N UNK H 804 -47.76 13.65 -81.01
CA UNK H 804 -48.54 14.86 -81.23
C UNK H 804 -49.95 14.67 -80.64
N UNK H 805 -50.13 15.10 -79.39
CA UNK H 805 -51.43 14.99 -78.73
C UNK H 805 -51.75 16.37 -78.18
N UNK H 806 -52.93 16.52 -77.59
CA UNK H 806 -53.36 17.81 -77.04
C UNK H 806 -53.48 17.85 -75.52
N UNK H 807 -52.99 18.93 -74.92
CA UNK H 807 -53.02 19.12 -73.45
C UNK H 807 -53.22 20.58 -73.03
N UNK H 808 -53.93 20.75 -71.93
CA UNK H 808 -54.25 22.08 -71.39
C UNK H 808 -53.07 23.02 -71.11
N UNK H 809 -53.32 24.00 -70.25
CA UNK H 809 -52.33 25.00 -69.87
C UNK H 809 -52.15 25.00 -68.35
N UNK H 810 -51.10 25.69 -67.88
CA UNK H 810 -50.75 25.77 -66.45
C UNK H 810 -51.84 26.37 -65.56
N UNK H 811 -53.06 25.86 -65.67
CA UNK H 811 -54.20 26.32 -64.88
C UNK H 811 -54.98 25.10 -64.42
N UNK H 812 -55.53 24.38 -65.38
CA UNK H 812 -56.28 23.15 -65.11
C UNK H 812 -55.34 22.00 -65.45
N UNK H 813 -54.08 22.34 -65.73
CA UNK H 813 -53.05 21.36 -66.07
C UNK H 813 -51.94 21.42 -65.01
N UNK H 814 -50.82 20.75 -65.26
CA UNK H 814 -49.70 20.69 -64.31
C UNK H 814 -50.25 19.98 -63.09
N UNK H 815 -51.26 20.60 -62.48
CA UNK H 815 -51.94 20.06 -61.33
C UNK H 815 -53.17 19.23 -61.75
N UNK H 816 -53.03 18.46 -62.85
CA UNK H 816 -54.10 17.60 -63.35
C UNK H 816 -53.54 16.48 -64.20
N UNK H 817 -52.23 16.27 -64.09
CA UNK H 817 -51.52 15.22 -64.83
C UNK H 817 -51.50 13.92 -64.03
N UNK H 818 -51.30 14.04 -62.72
CA UNK H 818 -51.24 12.90 -61.82
C UNK H 818 -52.19 11.77 -62.23
N UNK H 819 -53.46 11.89 -61.85
CA UNK H 819 -54.46 10.87 -62.18
C UNK H 819 -55.17 11.17 -63.50
N UNK H 820 -56.07 10.27 -63.90
CA UNK H 820 -56.85 10.37 -65.15
C UNK H 820 -56.15 11.13 -66.28
N UNK H 821 -55.34 10.40 -67.04
CA UNK H 821 -54.57 10.97 -68.15
C UNK H 821 -55.26 12.06 -68.97
N UNK H 822 -54.72 13.27 -68.89
CA UNK H 822 -55.26 14.41 -69.62
C UNK H 822 -54.34 14.65 -70.81
N UNK H 823 -53.92 13.53 -71.41
CA UNK H 823 -53.00 13.48 -72.56
C UNK H 823 -51.57 13.16 -72.08
N UNK H 824 -51.48 12.57 -70.88
CA UNK H 824 -50.23 12.17 -70.24
C UNK H 824 -50.53 11.70 -68.81
N UNK H 825 -49.52 11.70 -67.94
CA UNK H 825 -49.73 11.30 -66.55
C UNK H 825 -48.47 11.37 -65.70
N UNK H 826 -48.19 10.24 -65.04
CA UNK H 826 -47.02 10.09 -64.17
C UNK H 826 -47.14 8.81 -63.32
N UNK H 827 -45.99 8.25 -62.95
CA UNK H 827 -45.93 7.05 -62.13
C UNK H 827 -44.75 7.15 -61.15
N UNK H 828 -43.73 6.31 -61.34
CA UNK H 828 -42.56 6.35 -60.48
C UNK H 828 -41.48 5.31 -60.81
N UNK H 829 -40.22 5.73 -60.77
CA UNK H 829 -39.07 4.85 -61.06
C UNK H 829 -38.19 4.80 -59.81
N UNK H 830 -38.21 3.66 -59.12
CA UNK H 830 -37.45 3.50 -57.90
C UNK H 830 -38.11 4.40 -56.86
N UNK H 831 -39.36 4.78 -57.16
CA UNK H 831 -40.20 5.64 -56.32
C UNK H 831 -40.09 7.16 -56.59
N UNK H 832 -40.10 7.55 -57.87
CA UNK H 832 -40.02 8.97 -58.23
C UNK H 832 -41.39 9.55 -58.60
N UNK H 833 -41.47 10.20 -59.76
CA UNK H 833 -42.71 10.81 -60.23
C UNK H 833 -42.53 11.55 -61.58
N UNK H 834 -42.18 10.82 -62.63
CA UNK H 834 -41.98 11.42 -63.95
C UNK H 834 -43.29 11.43 -64.74
N UNK H 835 -43.53 12.54 -65.43
CA UNK H 835 -44.74 12.73 -66.23
C UNK H 835 -44.49 12.61 -67.75
N UNK H 836 -44.93 11.49 -68.32
CA UNK H 836 -44.82 11.18 -69.75
C UNK H 836 -46.24 10.97 -70.24
N UNK H 837 -46.41 10.35 -71.40
CA UNK H 837 -47.74 10.09 -71.90
C UNK H 837 -47.69 8.89 -72.81
N UNK H 838 -48.67 7.99 -72.64
CA UNK H 838 -48.71 6.79 -73.46
C UNK H 838 -49.93 5.91 -73.29
N UNK H 839 -49.96 4.86 -74.10
CA UNK H 839 -51.03 3.86 -74.13
C UNK H 839 -50.74 2.77 -73.13
N UNK H 840 -49.79 1.90 -73.48
CA UNK H 840 -49.41 0.83 -72.57
C UNK H 840 -48.98 1.48 -71.26
N UNK H 841 -48.40 2.67 -71.34
CA UNK H 841 -47.95 3.39 -70.17
C UNK H 841 -49.02 3.44 -69.08
N UNK H 842 -50.27 3.66 -69.47
CA UNK H 842 -51.35 3.71 -68.49
C UNK H 842 -51.33 2.45 -67.60
N UNK H 843 -50.51 1.48 -67.97
CA UNK H 843 -50.38 0.25 -67.19
C UNK H 843 -49.28 0.37 -66.12
N UNK H 844 -48.09 0.87 -66.48
CA UNK H 844 -47.01 1.04 -65.50
C UNK H 844 -47.46 2.08 -64.50
N UNK H 845 -48.78 2.29 -64.45
CA UNK H 845 -49.44 3.23 -63.55
C UNK H 845 -50.53 2.45 -62.82
N UNK H 846 -50.98 1.37 -63.44
CA UNK H 846 -52.01 0.50 -62.88
C UNK H 846 -51.28 -0.60 -62.09
N UNK H 847 -50.33 -1.27 -62.77
CA UNK H 847 -49.50 -2.33 -62.18
C UNK H 847 -48.41 -1.59 -61.42
N UNK H 848 -48.69 -0.32 -61.14
CA UNK H 848 -47.79 0.56 -60.40
C UNK H 848 -48.67 1.15 -59.32
N UNK H 849 -49.96 0.95 -59.47
CA UNK H 849 -50.93 1.45 -58.51
C UNK H 849 -51.27 0.33 -57.54
N UNK H 850 -51.50 -0.86 -58.10
CA UNK H 850 -51.84 -2.02 -57.28
C UNK H 850 -50.61 -2.83 -56.88
N UNK H 851 -50.03 -3.56 -57.82
CA UNK H 851 -48.86 -4.38 -57.54
C UNK H 851 -47.66 -3.56 -57.04
N UNK H 852 -46.83 -3.11 -57.98
CA UNK H 852 -45.60 -2.34 -57.72
C UNK H 852 -45.48 -1.50 -56.44
N UNK H 853 -46.56 -1.36 -55.68
CA UNK H 853 -46.50 -0.57 -54.46
C UNK H 853 -47.54 -0.92 -53.40
N UNK H 854 -47.54 -2.17 -52.98
CA UNK H 854 -48.44 -2.65 -51.93
C UNK H 854 -47.58 -2.88 -50.68
N UNK H 855 -48.07 -3.65 -49.72
CA UNK H 855 -47.28 -3.92 -48.53
C UNK H 855 -46.16 -4.92 -48.93
N UNK H 856 -44.90 -4.54 -48.70
CA UNK H 856 -43.73 -5.37 -49.05
C UNK H 856 -43.82 -6.86 -48.69
N UNK H 857 -44.50 -7.16 -47.59
CA UNK H 857 -44.72 -8.54 -47.15
C UNK H 857 -46.16 -8.93 -47.49
N UNK H 858 -46.48 -8.80 -48.79
CA UNK H 858 -47.80 -9.12 -49.35
C UNK H 858 -47.79 -9.01 -50.89
N UNK H 859 -46.91 -8.17 -51.43
CA UNK H 859 -46.81 -7.97 -52.87
C UNK H 859 -46.25 -9.17 -53.59
N UNK H 860 -45.62 -10.05 -52.85
CA UNK H 860 -45.05 -11.26 -53.42
C UNK H 860 -46.11 -12.33 -53.27
N UNK H 861 -47.00 -12.11 -52.31
CA UNK H 861 -48.10 -13.04 -52.07
C UNK H 861 -49.23 -12.65 -53.02
N UNK H 862 -49.10 -11.48 -53.63
CA UNK H 862 -50.09 -10.98 -54.57
C UNK H 862 -49.52 -11.08 -55.98
N UNK H 863 -48.23 -10.81 -56.13
CA UNK H 863 -47.59 -10.90 -57.44
C UNK H 863 -48.03 -12.19 -58.11
N UNK H 864 -47.78 -13.32 -57.45
CA UNK H 864 -48.16 -14.62 -58.01
C UNK H 864 -49.66 -14.84 -57.80
N UNK H 865 -50.27 -13.97 -57.01
CA UNK H 865 -51.69 -14.07 -56.74
C UNK H 865 -52.44 -13.99 -58.08
N UNK H 866 -52.64 -12.77 -58.57
CA UNK H 866 -53.32 -12.56 -59.84
C UNK H 866 -52.24 -12.54 -60.91
N UNK H 867 -51.54 -13.66 -61.05
CA UNK H 867 -50.46 -13.79 -62.01
C UNK H 867 -50.89 -13.88 -63.48
N UNK H 868 -51.63 -14.92 -63.83
CA UNK H 868 -52.08 -15.11 -65.22
C UNK H 868 -52.45 -13.79 -65.91
N UNK H 869 -53.27 -12.97 -65.24
CA UNK H 869 -53.72 -11.68 -65.78
C UNK H 869 -52.56 -10.70 -65.91
N UNK H 870 -51.64 -10.77 -64.95
CA UNK H 870 -50.46 -9.91 -64.96
C UNK H 870 -49.59 -10.36 -66.12
N UNK H 871 -50.06 -11.39 -66.81
CA UNK H 871 -49.36 -11.94 -67.95
C UNK H 871 -50.01 -11.48 -69.26
N UNK H 872 -51.33 -11.63 -69.38
CA UNK H 872 -52.04 -11.21 -70.59
C UNK H 872 -51.68 -9.78 -70.99
N UNK H 873 -51.92 -8.84 -70.08
CA UNK H 873 -51.63 -7.43 -70.33
C UNK H 873 -50.12 -7.16 -70.41
N UNK H 874 -49.34 -7.99 -69.72
CA UNK H 874 -47.89 -7.85 -69.73
C UNK H 874 -47.37 -8.22 -71.12
N UNK H 875 -48.00 -9.24 -71.71
CA UNK H 875 -47.64 -9.69 -73.05
C UNK H 875 -48.71 -9.11 -73.97
N UNK H 876 -48.50 -7.84 -74.35
CA UNK H 876 -49.40 -7.07 -75.21
C UNK H 876 -49.37 -5.62 -74.74
N UNK H 877 -48.17 -5.03 -74.71
CA UNK H 877 -47.99 -3.63 -74.28
C UNK H 877 -46.55 -3.30 -73.84
N UNK H 878 -46.35 -3.11 -72.54
CA UNK H 878 -45.05 -2.76 -71.92
C UNK H 878 -43.86 -2.59 -72.83
N UNK H 879 -43.09 -3.66 -72.97
CA UNK H 879 -41.91 -3.70 -73.83
C UNK H 879 -41.22 -5.03 -73.52
N UNK H 880 -42.00 -5.96 -72.96
CA UNK H 880 -41.50 -7.28 -72.61
C UNK H 880 -42.66 -8.21 -72.28
N UNK H 881 -42.38 -9.52 -72.24
CA UNK H 881 -43.39 -10.53 -71.92
C UNK H 881 -42.73 -11.78 -71.29
N UNK H 882 -43.48 -12.50 -70.45
CA UNK H 882 -42.98 -13.70 -69.77
C UNK H 882 -42.43 -14.72 -70.77
N UNK H 883 -41.33 -14.35 -71.45
CA UNK H 883 -40.70 -15.17 -72.47
C UNK H 883 -41.58 -16.39 -72.78
N UNK H 884 -42.71 -16.11 -73.44
CA UNK H 884 -43.71 -17.09 -73.85
C UNK H 884 -43.90 -17.06 -75.39
N UNK H 885 -44.19 -18.23 -75.97
CA UNK H 885 -44.38 -18.39 -77.43
C UNK H 885 -45.68 -19.09 -77.79
N UNK H 886 -46.50 -18.40 -78.58
CA UNK H 886 -47.81 -18.90 -79.00
C UNK H 886 -48.85 -18.71 -77.91
N UNK H 887 -49.28 -19.80 -77.27
CA UNK H 887 -50.29 -19.75 -76.21
C UNK H 887 -49.90 -18.87 -75.01
N UNK H 888 -48.94 -19.36 -74.21
CA UNK H 888 -48.44 -18.67 -73.02
C UNK H 888 -48.04 -19.66 -71.92
N UNK H 889 -46.73 -19.86 -71.71
CA UNK H 889 -46.25 -20.81 -70.69
C UNK H 889 -45.22 -20.26 -69.71
N UNK H 890 -44.79 -21.11 -68.77
CA UNK H 890 -43.82 -20.77 -67.72
C UNK H 890 -42.34 -21.05 -68.07
N UNK H 891 -41.46 -20.23 -67.49
CA UNK H 891 -40.02 -20.30 -67.72
C UNK H 891 -39.42 -21.69 -67.90
N UNK H 892 -39.91 -22.65 -67.12
CA UNK H 892 -39.41 -24.02 -67.21
C UNK H 892 -40.38 -24.95 -67.94
N UNK H 893 -41.59 -24.44 -68.20
CA UNK H 893 -42.58 -25.22 -68.91
C UNK H 893 -42.02 -25.39 -70.32
N UNK H 894 -41.36 -24.32 -70.79
CA UNK H 894 -40.73 -24.25 -72.12
C UNK H 894 -39.89 -25.48 -72.51
N UNK H 895 -39.26 -25.43 -73.69
CA UNK H 895 -38.41 -26.51 -74.18
C UNK H 895 -37.04 -25.94 -74.49
N UNK H 896 -35.99 -26.48 -73.87
CA UNK H 896 -34.63 -25.98 -74.06
C UNK H 896 -34.38 -25.34 -75.44
N UNK H 897 -34.54 -26.11 -76.51
CA UNK H 897 -34.36 -25.57 -77.85
C UNK H 897 -35.52 -24.61 -78.11
N UNK H 898 -36.74 -25.03 -77.73
CA UNK H 898 -37.93 -24.20 -77.92
C UNK H 898 -37.79 -22.86 -77.18
N UNK H 899 -37.49 -22.93 -75.89
CA UNK H 899 -37.32 -21.73 -75.08
C UNK H 899 -36.11 -20.91 -75.54
N UNK H 900 -35.52 -21.36 -76.64
CA UNK H 900 -34.37 -20.68 -77.22
C UNK H 900 -34.83 -20.04 -78.51
N UNK H 901 -36.02 -20.41 -78.96
CA UNK H 901 -36.59 -19.87 -80.18
C UNK H 901 -36.98 -18.43 -79.92
N UNK H 902 -37.89 -18.24 -78.96
CA UNK H 902 -38.32 -16.89 -78.62
C UNK H 902 -37.09 -16.13 -78.14
N UNK H 903 -36.08 -16.88 -77.69
CA UNK H 903 -34.82 -16.30 -77.23
C UNK H 903 -34.17 -15.60 -78.42
N UNK H 904 -34.57 -16.03 -79.61
CA UNK H 904 -34.05 -15.47 -80.87
C UNK H 904 -35.13 -14.57 -81.45
N UNK H 905 -36.37 -15.07 -81.46
CA UNK H 905 -37.52 -14.32 -81.97
C UNK H 905 -37.51 -12.88 -81.46
N UNK H 906 -37.82 -12.71 -80.17
CA UNK H 906 -37.84 -11.37 -79.57
C UNK H 906 -36.42 -10.86 -79.39
N UNK H 907 -35.51 -11.38 -80.21
CA UNK H 907 -34.10 -10.99 -80.13
C UNK H 907 -33.50 -10.34 -81.39
N UNK H 908 -33.50 -11.05 -82.54
CA UNK H 908 -32.93 -10.51 -83.79
C UNK H 908 -33.96 -9.69 -84.57
N UNK H 909 -33.54 -8.55 -85.09
CA UNK H 909 -34.45 -7.67 -85.82
C UNK H 909 -34.22 -7.65 -87.34
N UNK H 910 -34.95 -6.79 -88.05
CA UNK H 910 -34.84 -6.65 -89.50
C UNK H 910 -33.38 -6.66 -89.95
N UNK H 911 -32.58 -5.73 -89.43
CA UNK H 911 -31.15 -5.67 -89.78
C UNK H 911 -30.42 -6.95 -89.36
N UNK H 912 -30.21 -7.13 -88.04
CA UNK H 912 -29.54 -8.31 -87.48
C UNK H 912 -29.01 -8.15 -86.02
N UNK H 913 -29.84 -8.45 -85.03
CA UNK H 913 -29.44 -8.32 -83.61
C UNK H 913 -29.13 -6.85 -83.25
N UNK H 914 -29.95 -6.27 -82.38
CA UNK H 914 -29.84 -4.86 -81.96
C UNK H 914 -28.67 -4.39 -81.07
N UNK H 915 -27.92 -5.32 -80.49
CA UNK H 915 -26.77 -4.98 -79.63
C UNK H 915 -26.04 -6.24 -79.14
N UNK H 916 -24.81 -6.44 -79.64
CA UNK H 916 -23.98 -7.60 -79.29
C UNK H 916 -24.31 -8.21 -77.93
N UNK H 917 -24.64 -7.34 -76.98
CA UNK H 917 -24.99 -7.76 -75.63
C UNK H 917 -26.23 -8.63 -75.70
N UNK H 918 -27.38 -8.05 -76.06
CA UNK H 918 -28.64 -8.79 -76.17
C UNK H 918 -28.48 -10.00 -77.11
N UNK H 919 -27.27 -10.16 -77.64
CA UNK H 919 -26.91 -11.24 -78.56
C UNK H 919 -25.97 -12.22 -77.90
N UNK H 920 -24.86 -11.71 -77.37
CA UNK H 920 -23.87 -12.54 -76.70
C UNK H 920 -24.54 -13.54 -75.74
N UNK H 921 -25.72 -13.18 -75.21
CA UNK H 921 -26.46 -14.06 -74.29
C UNK H 921 -27.27 -15.08 -75.11
N UNK H 922 -26.88 -15.24 -76.37
CA UNK H 922 -27.50 -16.21 -77.27
C UNK H 922 -26.62 -17.43 -77.11
N UNK H 923 -25.30 -17.19 -77.00
CA UNK H 923 -24.31 -18.24 -76.76
C UNK H 923 -24.57 -18.53 -75.27
N UNK H 924 -25.81 -18.93 -75.02
CA UNK H 924 -26.28 -19.19 -73.70
C UNK H 924 -27.28 -20.32 -73.78
N UNK H 925 -28.57 -20.02 -73.56
CA UNK H 925 -29.64 -21.04 -73.58
C UNK H 925 -29.33 -21.99 -74.70
N UNK H 926 -28.50 -21.51 -75.64
CA UNK H 926 -28.02 -22.24 -76.80
C UNK H 926 -26.60 -22.77 -76.54
N UNK H 927 -25.59 -21.89 -76.62
CA UNK H 927 -24.17 -22.29 -76.42
C UNK H 927 -24.00 -23.36 -75.36
N UNK H 928 -24.72 -23.20 -74.25
CA UNK H 928 -24.67 -24.14 -73.15
C UNK H 928 -25.59 -25.32 -73.41
N UNK H 929 -26.79 -25.05 -73.93
CA UNK H 929 -27.71 -26.13 -74.23
C UNK H 929 -26.89 -27.16 -75.00
N UNK H 930 -25.78 -26.69 -75.57
CA UNK H 930 -24.84 -27.55 -76.30
C UNK H 930 -24.17 -28.47 -75.28
N UNK H 931 -23.46 -27.88 -74.32
CA UNK H 931 -22.77 -28.64 -73.28
C UNK H 931 -23.74 -29.54 -72.52
N UNK H 932 -24.99 -29.10 -72.46
CA UNK H 932 -26.05 -29.81 -71.74
C UNK H 932 -26.38 -31.19 -72.26
N UNK H 933 -27.44 -31.28 -73.07
CA UNK H 933 -27.88 -32.56 -73.61
C UNK H 933 -26.82 -33.28 -74.48
N UNK H 934 -25.55 -33.16 -74.10
CA UNK H 934 -24.43 -33.81 -74.81
C UNK H 934 -24.01 -35.07 -74.06
N UNK H 935 -22.80 -35.56 -74.33
CA UNK H 935 -22.32 -36.78 -73.64
C UNK H 935 -20.83 -37.11 -73.77
N UNK H 936 -20.00 -36.11 -74.04
CA UNK H 936 -18.55 -36.29 -74.18
C UNK H 936 -18.00 -35.08 -74.91
N UNK H 937 -16.70 -34.84 -74.81
CA UNK H 937 -16.13 -33.68 -75.49
C UNK H 937 -16.36 -33.88 -77.00
N UNK H 938 -16.73 -32.81 -77.71
CA UNK H 938 -17.00 -32.96 -79.15
C UNK H 938 -16.84 -31.70 -79.99
N UNK H 939 -15.91 -30.82 -79.62
CA UNK H 939 -15.64 -29.59 -80.37
C UNK H 939 -16.67 -28.46 -80.32
N UNK H 940 -17.88 -28.75 -79.84
CA UNK H 940 -18.95 -27.75 -79.70
C UNK H 940 -19.75 -27.32 -80.93
N UNK H 941 -20.76 -26.51 -80.67
CA UNK H 941 -21.61 -25.97 -81.72
C UNK H 941 -20.87 -24.85 -82.45
N UNK H 942 -21.01 -23.61 -81.96
CA UNK H 942 -20.35 -22.45 -82.56
C UNK H 942 -18.89 -22.42 -82.15
N UNK H 943 -18.10 -21.59 -82.81
CA UNK H 943 -16.69 -21.50 -82.47
C UNK H 943 -16.29 -20.03 -82.42
N UNK H 944 -17.25 -19.15 -82.71
CA UNK H 944 -17.03 -17.69 -82.68
C UNK H 944 -18.20 -16.81 -83.20
N UNK H 945 -19.42 -17.13 -82.77
CA UNK H 945 -20.62 -16.37 -83.18
C UNK H 945 -21.04 -16.43 -84.66
N UNK H 946 -21.87 -17.42 -84.99
CA UNK H 946 -22.39 -17.56 -86.34
C UNK H 946 -23.22 -16.31 -86.51
N UNK H 947 -24.00 -15.96 -85.48
CA UNK H 947 -24.86 -14.78 -85.48
C UNK H 947 -25.94 -14.87 -86.56
N UNK H 948 -25.91 -15.94 -87.34
CA UNK H 948 -26.86 -16.16 -88.41
C UNK H 948 -28.18 -16.63 -87.81
N UNK H 949 -29.05 -15.67 -87.51
CA UNK H 949 -30.35 -15.96 -86.93
C UNK H 949 -30.99 -17.18 -87.59
N UNK H 950 -31.69 -17.97 -86.78
CA UNK H 950 -32.37 -19.19 -87.23
C UNK H 950 -31.40 -20.18 -87.87
N UNK H 951 -30.42 -19.66 -88.60
CA UNK H 951 -29.43 -20.49 -89.29
C UNK H 951 -28.76 -21.47 -88.35
N UNK H 952 -27.84 -20.97 -87.54
CA UNK H 952 -27.14 -21.83 -86.59
C UNK H 952 -28.10 -22.40 -85.54
N UNK H 953 -29.26 -21.76 -85.39
CA UNK H 953 -30.26 -22.20 -84.43
C UNK H 953 -30.50 -23.69 -84.61
N UNK H 954 -31.10 -24.07 -85.74
CA UNK H 954 -31.38 -25.46 -86.05
C UNK H 954 -30.13 -26.21 -86.53
N UNK H 955 -28.95 -25.66 -86.23
CA UNK H 955 -27.67 -26.26 -86.61
C UNK H 955 -27.16 -26.94 -85.36
N UNK H 956 -27.83 -26.64 -84.25
CA UNK H 956 -27.52 -27.19 -82.94
C UNK H 956 -28.75 -27.88 -82.37
N UNK H 957 -29.75 -27.10 -82.01
CA UNK H 957 -31.01 -27.63 -81.45
C UNK H 957 -31.75 -28.51 -82.48
N UNK H 958 -30.99 -29.00 -83.47
CA UNK H 958 -31.47 -29.87 -84.54
C UNK H 958 -30.25 -30.64 -85.04
N UNK H 959 -29.28 -30.80 -84.14
CA UNK H 959 -28.05 -31.53 -84.37
C UNK H 959 -27.96 -32.46 -83.16
N UNK H 960 -27.36 -31.99 -82.07
CA UNK H 960 -27.27 -32.78 -80.82
C UNK H 960 -28.70 -32.77 -80.30
N UNK H 961 -29.60 -32.37 -81.19
CA UNK H 961 -31.01 -32.26 -80.94
C UNK H 961 -31.59 -33.40 -80.13
N UNK H 962 -32.71 -33.07 -79.50
CA UNK H 962 -33.50 -33.93 -78.63
C UNK H 962 -33.98 -32.90 -77.64
N UNK H 963 -33.48 -31.68 -77.84
CA UNK H 963 -33.83 -30.55 -77.02
C UNK H 963 -35.21 -30.09 -77.45
N UNK H 964 -36.10 -31.05 -77.68
CA UNK H 964 -37.44 -30.71 -78.10
C UNK H 964 -38.42 -31.70 -77.48
N UNK H 965 -37.90 -32.56 -76.61
CA UNK H 965 -38.73 -33.56 -75.95
C UNK H 965 -38.93 -33.21 -74.48
N UNK H 966 -37.81 -32.88 -73.81
CA UNK H 966 -37.82 -32.52 -72.39
C UNK H 966 -37.62 -31.00 -72.19
N UNK H 967 -38.30 -30.42 -71.19
CA UNK H 967 -38.18 -28.99 -70.92
C UNK H 967 -36.74 -28.59 -70.57
N UNK H 968 -36.55 -27.56 -69.75
CA UNK H 968 -35.21 -27.12 -69.38
C UNK H 968 -34.82 -27.65 -68.00
N UNK H 969 -33.63 -28.27 -67.91
CA UNK H 969 -33.15 -28.84 -66.65
C UNK H 969 -33.25 -27.81 -65.54
N UNK H 970 -34.31 -27.92 -64.73
CA UNK H 970 -34.56 -26.99 -63.63
C UNK H 970 -33.33 -26.21 -63.17
N UNK H 971 -32.21 -26.90 -63.02
CA UNK H 971 -30.98 -26.24 -62.58
C UNK H 971 -30.55 -25.21 -63.62
N UNK H 972 -30.26 -25.68 -64.84
CA UNK H 972 -29.83 -24.80 -65.94
C UNK H 972 -30.78 -23.61 -66.04
N UNK H 973 -32.06 -23.84 -65.73
CA UNK H 973 -33.09 -22.80 -65.76
C UNK H 973 -32.60 -21.55 -65.03
N UNK H 974 -31.57 -21.71 -64.21
CA UNK H 974 -31.02 -20.59 -63.48
C UNK H 974 -29.89 -19.94 -64.28
N UNK H 975 -29.04 -20.74 -64.93
CA UNK H 975 -27.92 -20.20 -65.74
C UNK H 975 -28.44 -19.26 -66.85
N UNK H 976 -29.77 -19.11 -66.91
CA UNK H 976 -30.46 -18.26 -67.89
C UNK H 976 -31.14 -17.08 -67.20
N UNK H 977 -31.66 -17.33 -66.00
CA UNK H 977 -32.30 -16.27 -65.24
C UNK H 977 -31.08 -15.48 -64.74
N UNK H 978 -30.03 -16.24 -64.40
CA UNK H 978 -28.79 -15.64 -63.93
C UNK H 978 -28.10 -14.96 -65.09
N UNK H 979 -28.24 -15.55 -66.27
CA UNK H 979 -27.65 -15.02 -67.50
C UNK H 979 -28.50 -13.81 -67.91
N UNK H 980 -29.63 -13.64 -67.21
CA UNK H 980 -30.56 -12.55 -67.46
C UNK H 980 -30.08 -11.33 -66.68
N UNK H 981 -30.28 -11.32 -65.36
CA UNK H 981 -29.86 -10.18 -64.53
C UNK H 981 -28.34 -10.00 -64.47
N UNK H 982 -27.64 -10.68 -65.37
CA UNK H 982 -26.18 -10.62 -65.46
C UNK H 982 -25.65 -9.31 -66.01
N UNK H 983 -25.54 -8.30 -65.15
CA UNK H 983 -25.06 -6.99 -65.56
C UNK H 983 -23.79 -7.13 -66.41
N UNK H 984 -23.32 -6.00 -66.95
CA UNK H 984 -22.15 -5.94 -67.83
C UNK H 984 -22.52 -6.61 -69.16
N UNK H 985 -23.79 -6.41 -69.58
CA UNK H 985 -24.37 -6.95 -70.83
C UNK H 985 -25.79 -6.43 -71.12
N UNK H 986 -25.92 -5.11 -71.32
CA UNK H 986 -27.17 -4.39 -71.62
C UNK H 986 -28.51 -5.12 -71.48
N UNK H 987 -29.37 -4.58 -70.63
CA UNK H 987 -30.72 -5.11 -70.35
C UNK H 987 -31.35 -6.09 -71.33
N UNK H 988 -32.13 -7.03 -70.77
CA UNK H 988 -32.82 -8.05 -71.56
C UNK H 988 -34.20 -7.51 -71.87
N UNK H 989 -34.84 -8.05 -72.88
CA UNK H 989 -36.15 -7.58 -73.27
C UNK H 989 -37.26 -8.45 -72.70
N UNK H 990 -36.93 -9.65 -72.24
CA UNK H 990 -37.95 -10.55 -71.68
C UNK H 990 -38.31 -10.11 -70.24
N UNK H 991 -39.17 -10.88 -69.57
CA UNK H 991 -39.57 -10.59 -68.19
C UNK H 991 -39.57 -11.94 -67.47
N UNK H 992 -38.36 -12.43 -67.25
CA UNK H 992 -38.07 -13.71 -66.60
C UNK H 992 -39.16 -14.39 -65.76
N UNK H 993 -39.21 -14.04 -64.48
CA UNK H 993 -40.16 -14.63 -63.56
C UNK H 993 -41.22 -13.68 -63.03
N UNK H 994 -42.47 -14.10 -63.15
CA UNK H 994 -43.63 -13.36 -62.70
C UNK H 994 -43.42 -12.74 -61.32
N UNK H 995 -43.17 -13.61 -60.36
CA UNK H 995 -42.96 -13.16 -59.01
C UNK H 995 -41.47 -13.01 -58.73
N UNK H 996 -40.75 -12.32 -59.63
CA UNK H 996 -39.33 -12.13 -59.40
C UNK H 996 -39.20 -11.25 -58.16
N UNK H 997 -40.34 -10.99 -57.52
CA UNK H 997 -40.41 -10.15 -56.34
C UNK H 997 -39.68 -8.91 -56.79
N UNK H 998 -39.54 -8.81 -58.11
CA UNK H 998 -38.84 -7.71 -58.76
C UNK H 998 -39.57 -7.38 -60.07
N UNK H 999 -40.80 -7.89 -60.23
CA UNK H 999 -41.57 -7.61 -61.44
C UNK H 999 -41.53 -6.12 -61.61
N UNK H 1000 -41.98 -5.39 -60.59
CA UNK H 1000 -41.96 -3.92 -60.61
C UNK H 1000 -40.58 -3.47 -60.14
N UNK H 1001 -39.56 -4.12 -60.69
CA UNK H 1001 -38.17 -3.82 -60.39
C UNK H 1001 -37.33 -4.21 -61.59
N UNK H 1002 -37.80 -5.22 -62.32
CA UNK H 1002 -37.14 -5.71 -63.52
C UNK H 1002 -37.90 -5.10 -64.69
N UNK H 1003 -39.18 -4.81 -64.45
CA UNK H 1003 -40.06 -4.21 -65.45
C UNK H 1003 -40.15 -2.70 -65.26
N UNK H 1004 -38.98 -2.06 -65.28
CA UNK H 1004 -38.87 -0.63 -65.13
C UNK H 1004 -37.47 -0.24 -65.60
N UNK H 1005 -36.65 -1.25 -65.87
CA UNK H 1005 -35.29 -1.04 -66.34
C UNK H 1005 -35.33 -0.67 -67.83
N UNK H 1006 -34.30 0.02 -68.31
CA UNK H 1006 -34.21 0.47 -69.70
C UNK H 1006 -35.19 1.65 -69.85
N UNK H 1007 -36.48 1.35 -69.98
CA UNK H 1007 -37.52 2.37 -70.12
C UNK H 1007 -37.52 3.12 -71.45
N UNK H 1008 -36.46 3.89 -71.70
CA UNK H 1008 -36.31 4.66 -72.94
C UNK H 1008 -35.71 3.77 -74.05
N UNK H 1009 -34.44 4.01 -74.40
CA UNK H 1009 -33.75 3.23 -75.43
C UNK H 1009 -34.52 2.00 -75.92
N UNK H 1010 -34.61 0.98 -75.08
CA UNK H 1010 -35.35 -0.22 -75.43
C UNK H 1010 -36.84 0.10 -75.36
N UNK H 1011 -37.20 1.18 -76.05
CA UNK H 1011 -38.57 1.70 -76.15
C UNK H 1011 -38.54 3.14 -76.70
N UNK H 1012 -39.28 3.37 -77.79
CA UNK H 1012 -39.38 4.69 -78.42
C UNK H 1012 -38.31 5.02 -79.47
N UNK H 1013 -37.20 5.62 -79.05
CA UNK H 1013 -36.11 6.02 -79.96
C UNK H 1013 -35.85 5.04 -81.11
N UNK H 1014 -34.77 4.26 -81.03
CA UNK H 1014 -34.47 3.33 -82.11
C UNK H 1014 -35.57 2.29 -82.27
N UNK H 1015 -36.54 2.33 -81.35
CA UNK H 1015 -37.68 1.41 -81.29
C UNK H 1015 -38.12 0.82 -82.63
N UNK H 1016 -37.35 -0.16 -83.10
CA UNK H 1016 -37.64 -0.84 -84.33
C UNK H 1016 -38.39 -2.13 -83.98
N UNK H 1017 -37.66 -3.08 -83.41
CA UNK H 1017 -38.21 -4.37 -83.01
C UNK H 1017 -38.78 -4.29 -81.59
N UNK H 1018 -40.05 -4.68 -81.44
CA UNK H 1018 -40.69 -4.61 -80.15
C UNK H 1018 -42.13 -5.09 -80.25
N UNK H 1019 -42.45 -5.71 -81.39
CA UNK H 1019 -43.80 -6.24 -81.70
C UNK H 1019 -44.53 -5.25 -82.61
N UNK H 1020 -45.39 -4.44 -82.00
CA UNK H 1020 -46.14 -3.42 -82.72
C UNK H 1020 -45.15 -2.33 -83.12
N UNK H 1021 -43.88 -2.73 -83.25
CA UNK H 1021 -42.78 -1.83 -83.60
C UNK H 1021 -42.66 -0.64 -82.63
N UNK H 1022 -43.81 -0.16 -82.11
CA UNK H 1022 -43.86 0.98 -81.16
C UNK H 1022 -45.30 1.40 -80.78
N UNK H 1023 -46.13 0.44 -80.39
CA UNK H 1023 -47.51 0.74 -80.02
C UNK H 1023 -47.65 1.48 -78.67
N UNK H 1024 -46.55 1.56 -77.92
CA UNK H 1024 -46.53 2.22 -76.61
C UNK H 1024 -45.14 2.18 -75.99
N UNK H 1025 -44.99 2.80 -74.82
CA UNK H 1025 -43.72 2.88 -74.06
C UNK H 1025 -43.34 4.33 -73.75
N UNK H 1026 -44.20 5.26 -74.16
CA UNK H 1026 -44.01 6.68 -73.95
C UNK H 1026 -42.63 7.21 -74.26
N UNK H 1027 -42.45 8.49 -73.99
CA UNK H 1027 -41.18 9.16 -74.21
C UNK H 1027 -41.15 10.38 -73.29
N UNK H 1028 -42.29 10.69 -72.69
CA UNK H 1028 -42.38 11.81 -71.76
C UNK H 1028 -41.98 13.17 -72.35
N UNK H 1029 -42.94 13.87 -72.94
CA UNK H 1029 -42.76 15.20 -73.53
C UNK H 1029 -44.11 15.91 -73.44
N UNK H 1030 -44.79 15.71 -72.30
CA UNK H 1030 -46.13 16.25 -72.03
C UNK H 1030 -46.26 17.58 -71.31
N UNK H 1031 -47.47 17.83 -70.83
CA UNK H 1031 -47.83 19.06 -70.13
C UNK H 1031 -48.24 20.11 -71.16
N UNK H 1032 -47.71 21.32 -71.02
CA UNK H 1032 -48.01 22.39 -71.97
C UNK H 1032 -47.06 22.26 -73.14
N UNK H 1033 -47.25 21.21 -73.93
CA UNK H 1033 -46.41 20.96 -75.10
C UNK H 1033 -47.26 20.50 -76.28
N UNK H 1034 -48.55 20.28 -76.03
CA UNK H 1034 -49.48 19.89 -77.08
C UNK H 1034 -49.82 21.20 -77.77
N UNK H 1035 -49.70 22.27 -76.99
CA UNK H 1035 -49.92 23.63 -77.46
C UNK H 1035 -48.55 24.09 -78.00
N UNK H 1036 -47.95 23.21 -78.81
CA UNK H 1036 -46.65 23.42 -79.44
C UNK H 1036 -46.17 22.10 -80.08
N UNK H 1037 -46.98 21.05 -79.92
CA UNK H 1037 -46.68 19.72 -80.47
C UNK H 1037 -47.47 19.54 -81.76
N UNK H 1038 -46.95 20.09 -82.86
CA UNK H 1038 -47.61 20.00 -84.16
C UNK H 1038 -46.70 19.87 -85.40
N UNK H 1039 -45.47 20.37 -85.33
CA UNK H 1039 -44.54 20.30 -86.46
C UNK H 1039 -44.13 18.84 -86.77
N UNK H 1040 -45.13 17.95 -86.67
CA UNK H 1040 -45.02 16.51 -86.88
C UNK H 1040 -44.27 16.00 -88.10
N UNK H 1041 -43.02 15.63 -87.86
CA UNK H 1041 -42.08 15.11 -88.86
C UNK H 1041 -40.94 16.10 -88.83
N UNK H 1042 -39.72 15.58 -88.94
CA UNK H 1042 -38.51 16.39 -88.90
C UNK H 1042 -38.73 17.86 -89.30
N UNK H 1043 -39.45 18.61 -88.46
CA UNK H 1043 -39.75 20.02 -88.71
C UNK H 1043 -38.49 20.88 -88.60
N UNK H 1044 -37.38 20.32 -89.06
CA UNK H 1044 -36.06 20.95 -89.07
C UNK H 1044 -35.62 21.55 -87.74
N UNK H 1045 -34.41 21.22 -87.32
CA UNK H 1045 -33.86 21.74 -86.07
C UNK H 1045 -33.90 23.27 -86.04
N UNK H 1046 -32.95 23.90 -86.75
CA UNK H 1046 -32.84 25.36 -86.83
C UNK H 1046 -34.14 26.04 -87.25
N UNK H 1047 -35.16 25.26 -87.52
CA UNK H 1047 -36.46 25.78 -87.93
C UNK H 1047 -37.28 26.12 -86.73
N UNK H 1048 -38.11 25.16 -86.31
CA UNK H 1048 -38.96 25.35 -85.14
C UNK H 1048 -38.15 25.97 -84.01
N UNK H 1049 -36.82 25.82 -84.07
CA UNK H 1049 -35.92 26.37 -83.07
C UNK H 1049 -35.65 27.86 -83.28
N UNK H 1050 -35.00 28.22 -84.39
CA UNK H 1050 -34.71 29.62 -84.69
C UNK H 1050 -36.04 30.34 -84.91
N UNK H 1051 -37.14 29.69 -84.52
CA UNK H 1051 -38.50 30.23 -84.66
C UNK H 1051 -38.73 31.44 -83.75
N UNK H 1052 -39.26 31.20 -82.56
CA UNK H 1052 -39.51 32.30 -81.64
C UNK H 1052 -38.20 33.05 -81.39
N UNK H 1053 -37.15 32.60 -82.07
CA UNK H 1053 -35.80 33.16 -81.97
C UNK H 1053 -35.58 34.35 -82.89
N UNK H 1054 -36.07 34.22 -84.12
CA UNK H 1054 -35.97 35.29 -85.11
C UNK H 1054 -37.27 36.06 -84.98
N UNK H 1055 -38.29 35.39 -84.45
CA UNK H 1055 -39.59 35.99 -84.25
C UNK H 1055 -39.53 36.84 -82.99
N UNK H 1056 -38.60 36.49 -82.10
CA UNK H 1056 -38.42 37.22 -80.86
C UNK H 1056 -37.96 38.64 -81.21
N UNK H 1057 -36.87 38.74 -81.97
CA UNK H 1057 -36.35 40.03 -82.37
C UNK H 1057 -37.52 40.86 -82.87
N UNK H 1058 -38.49 40.16 -83.46
CA UNK H 1058 -39.69 40.78 -84.03
C UNK H 1058 -40.84 41.03 -83.05
N UNK H 1059 -41.40 39.96 -82.48
CA UNK H 1059 -42.50 40.09 -81.53
C UNK H 1059 -42.25 41.29 -80.62
N UNK H 1060 -40.97 41.53 -80.34
CA UNK H 1060 -40.52 42.64 -79.52
C UNK H 1060 -39.55 43.46 -80.38
N UNK H 1061 -40.05 43.90 -81.53
CA UNK H 1061 -39.30 44.72 -82.48
C UNK H 1061 -40.11 46.00 -82.56
N UNK H 1062 -41.42 45.82 -82.70
CA UNK H 1062 -42.35 46.94 -82.75
C UNK H 1062 -42.49 47.43 -81.31
N UNK H 1063 -41.36 47.45 -80.60
CA UNK H 1063 -41.29 47.90 -79.21
C UNK H 1063 -39.95 48.61 -79.03
N UNK H 1064 -39.06 48.42 -80.01
CA UNK H 1064 -37.74 49.04 -79.99
C UNK H 1064 -37.76 50.32 -80.82
N UNK H 1065 -38.37 50.25 -82.01
CA UNK H 1065 -38.50 51.37 -82.95
C UNK H 1065 -39.17 50.93 -84.27
N UNK H 1066 -38.33 50.44 -85.18
CA UNK H 1066 -38.76 49.94 -86.49
C UNK H 1066 -37.52 49.88 -87.38
N UNK H 1067 -37.32 48.74 -88.02
CA UNK H 1067 -36.20 48.46 -88.93
C UNK H 1067 -34.91 49.27 -88.76
N UNK H 1068 -33.78 48.56 -88.72
CA UNK H 1068 -32.45 49.16 -88.58
C UNK H 1068 -32.36 50.40 -87.68
N UNK H 1069 -33.32 50.51 -86.76
CA UNK H 1069 -33.37 51.62 -85.82
C UNK H 1069 -33.07 51.06 -84.42
N UNK H 1070 -32.05 50.22 -84.34
CA UNK H 1070 -31.63 49.59 -83.08
C UNK H 1070 -30.18 49.97 -82.70
N UNK H 1071 -29.25 49.06 -82.95
CA UNK H 1071 -27.83 49.27 -82.66
C UNK H 1071 -27.11 48.01 -83.04
N UNK H 1072 -25.78 47.99 -82.88
CA UNK H 1072 -25.03 46.80 -83.24
C UNK H 1072 -23.51 46.98 -83.09
N UNK H 1073 -22.80 45.86 -83.12
CA UNK H 1073 -21.34 45.86 -83.00
C UNK H 1073 -20.73 44.70 -83.76
N UNK H 1074 -19.45 44.44 -83.46
CA UNK H 1074 -18.71 43.38 -84.13
C UNK H 1074 -18.64 41.99 -83.46
N UNK H 1075 -18.84 41.92 -82.14
CA UNK H 1075 -18.78 40.64 -81.42
C UNK H 1075 -20.04 40.11 -80.72
N UNK H 1076 -20.30 40.57 -79.50
CA UNK H 1076 -21.45 40.14 -78.69
C UNK H 1076 -21.12 38.88 -77.86
N UNK H 1077 -20.29 39.06 -76.82
CA UNK H 1077 -19.86 37.99 -75.90
C UNK H 1077 -19.35 38.61 -74.58
N UNK H 1078 -20.27 38.90 -73.68
CA UNK H 1078 -19.98 39.55 -72.40
C UNK H 1078 -19.61 38.65 -71.22
N UNK H 1079 -20.00 39.10 -70.03
CA UNK H 1079 -19.77 38.39 -68.77
C UNK H 1079 -21.01 38.65 -67.91
N UNK H 1080 -20.82 39.44 -66.88
CA UNK H 1080 -21.89 39.80 -65.98
C UNK H 1080 -21.19 40.57 -64.90
N UNK H 1081 -21.70 41.75 -64.59
CA UNK H 1081 -21.11 42.62 -63.57
C UNK H 1081 -19.87 43.34 -64.13
N UNK H 1082 -20.05 44.53 -64.68
CA UNK H 1082 -18.96 45.32 -65.25
C UNK H 1082 -18.37 46.30 -64.24
N UNK H 1083 -17.65 47.31 -64.73
CA UNK H 1083 -17.04 48.34 -63.87
C UNK H 1083 -16.29 49.48 -64.60
N UNK H 1084 -16.97 50.14 -65.54
CA UNK H 1084 -16.39 51.27 -66.31
C UNK H 1084 -17.34 51.78 -67.40
N UNK H 1085 -17.71 53.07 -67.32
CA UNK H 1085 -18.60 53.70 -68.30
C UNK H 1085 -18.52 55.25 -68.26
N UNK H 1086 -18.10 55.85 -69.37
CA UNK H 1086 -17.99 57.32 -69.48
C UNK H 1086 -17.61 57.82 -70.89
N UNK H 1087 -16.41 57.45 -71.33
CA UNK H 1087 -15.88 57.83 -72.65
C UNK H 1087 -14.55 57.12 -72.92
N UNK H 1088 -14.48 55.86 -72.48
CA UNK H 1088 -13.32 54.95 -72.60
C UNK H 1088 -12.03 55.44 -73.30
N UNK H 1089 -11.58 54.68 -74.30
CA UNK H 1089 -10.36 55.00 -75.04
C UNK H 1089 -10.58 55.81 -76.33
N UNK H 1090 -9.57 55.77 -77.20
CA UNK H 1090 -9.57 56.51 -78.46
C UNK H 1090 -9.17 57.94 -78.12
N UNK H 1091 -9.62 58.40 -76.94
CA UNK H 1091 -9.32 59.73 -76.43
C UNK H 1091 -7.94 59.68 -75.77
N UNK H 1092 -6.98 59.17 -76.53
CA UNK H 1092 -5.59 59.05 -76.10
C UNK H 1092 -4.71 59.04 -77.36
N UNK H 1093 -5.14 58.26 -78.36
CA UNK H 1093 -4.46 58.11 -79.64
C UNK H 1093 -2.98 57.77 -79.59
N UNK H 1094 -2.39 57.91 -78.41
CA UNK H 1094 -0.98 57.60 -78.20
C UNK H 1094 -0.95 56.82 -76.90
N UNK H 1095 -0.66 55.52 -76.99
CA UNK H 1095 -0.64 54.63 -75.82
C UNK H 1095 0.63 54.65 -74.96
N UNK H 1096 0.44 54.52 -73.65
CA UNK H 1096 1.53 54.51 -72.69
C UNK H 1096 1.19 53.60 -71.51
N UNK H 1097 1.91 53.81 -70.41
CA UNK H 1097 1.75 53.05 -69.17
C UNK H 1097 2.81 51.95 -69.00
N UNK H 1098 3.11 51.64 -67.74
CA UNK H 1098 4.07 50.61 -67.37
C UNK H 1098 3.51 49.87 -66.13
N UNK H 1099 4.33 49.04 -65.48
CA UNK H 1099 3.85 48.31 -64.29
C UNK H 1099 4.88 47.56 -63.41
N UNK H 1100 4.52 47.45 -62.13
CA UNK H 1100 5.32 46.78 -61.11
C UNK H 1100 4.29 46.37 -60.06
N UNK H 1101 3.30 47.24 -59.90
CA UNK H 1101 2.20 47.00 -58.98
C UNK H 1101 1.07 46.47 -59.86
N UNK H 1102 1.12 46.81 -61.14
CA UNK H 1102 0.13 46.39 -62.13
C UNK H 1102 -1.29 46.24 -61.56
N UNK H 1103 -1.71 44.99 -61.38
CA UNK H 1103 -3.02 44.66 -60.81
C UNK H 1103 -4.17 44.56 -61.80
N UNK H 1104 -4.05 43.69 -62.79
CA UNK H 1104 -5.06 43.45 -63.83
C UNK H 1104 -5.99 44.63 -64.12
N UNK H 1105 -6.95 44.42 -65.01
CA UNK H 1105 -7.89 45.49 -65.37
C UNK H 1105 -7.15 46.71 -65.89
N UNK H 1106 -6.09 47.12 -65.19
CA UNK H 1106 -5.27 48.27 -65.59
C UNK H 1106 -4.46 47.87 -66.81
N UNK H 1107 -3.33 47.19 -66.60
CA UNK H 1107 -2.50 46.74 -67.72
C UNK H 1107 -3.17 45.54 -68.37
N UNK H 1108 -4.50 45.53 -68.32
CA UNK H 1108 -5.33 44.47 -68.89
C UNK H 1108 -6.46 45.02 -69.77
N UNK H 1109 -7.13 46.09 -69.32
CA UNK H 1109 -8.22 46.70 -70.08
C UNK H 1109 -7.79 47.97 -70.84
N UNK H 1110 -6.48 48.22 -70.86
CA UNK H 1110 -5.90 49.37 -71.55
C UNK H 1110 -5.06 48.83 -72.69
N UNK H 1111 -5.50 47.68 -73.21
CA UNK H 1111 -4.85 47.03 -74.35
C UNK H 1111 -6.04 46.75 -75.28
N UNK H 1112 -7.13 47.45 -74.99
CA UNK H 1112 -8.39 47.36 -75.73
C UNK H 1112 -9.41 48.13 -74.89
N UNK H 1113 -10.25 48.94 -75.55
CA UNK H 1113 -11.26 49.73 -74.84
C UNK H 1113 -12.27 50.33 -75.81
N UNK H 1114 -13.45 49.71 -75.85
CA UNK H 1114 -14.53 50.14 -76.74
C UNK H 1114 -14.08 49.90 -78.19
N UNK H 1115 -13.93 48.63 -78.56
CA UNK H 1115 -13.49 48.28 -79.90
C UNK H 1115 -13.95 46.90 -80.39
N UNK H 1116 -13.13 46.30 -81.25
CA UNK H 1116 -13.41 45.00 -81.83
C UNK H 1116 -12.17 44.48 -82.55
N UNK H 1117 -12.11 43.17 -82.77
CA UNK H 1117 -11.00 42.47 -83.45
C UNK H 1117 -9.59 42.80 -82.99
N UNK H 1118 -8.73 43.17 -83.94
CA UNK H 1118 -7.33 43.49 -83.64
C UNK H 1118 -7.19 44.66 -82.68
N UNK H 1119 -8.10 44.76 -81.71
CA UNK H 1119 -8.09 45.84 -80.71
C UNK H 1119 -8.86 45.47 -79.45
N UNK H 1120 -9.63 44.38 -79.54
CA UNK H 1120 -10.42 43.88 -78.41
C UNK H 1120 -10.30 42.37 -78.37
N UNK H 1121 -9.07 41.89 -78.60
CA UNK H 1121 -8.72 40.48 -78.59
C UNK H 1121 -7.66 40.38 -77.52
N UNK H 1122 -6.88 41.43 -77.38
CA UNK H 1122 -5.85 41.49 -76.35
C UNK H 1122 -6.55 41.85 -75.07
N UNK H 1123 -7.64 41.14 -74.80
CA UNK H 1123 -8.47 41.33 -73.60
C UNK H 1123 -9.63 40.33 -73.62
N UNK H 1124 -10.01 39.93 -74.82
CA UNK H 1124 -11.09 38.97 -75.00
C UNK H 1124 -10.50 37.57 -74.99
N UNK H 1125 -9.21 37.51 -74.67
CA UNK H 1125 -8.49 36.24 -74.60
C UNK H 1125 -9.19 35.37 -73.56
N UNK H 1126 -10.18 35.95 -72.88
CA UNK H 1126 -10.96 35.28 -71.84
C UNK H 1126 -10.94 33.77 -72.04
N UNK H 1127 -11.75 33.28 -72.96
CA UNK H 1127 -11.81 31.85 -73.23
C UNK H 1127 -10.51 31.33 -73.84
N UNK H 1128 -10.36 31.53 -75.15
CA UNK H 1128 -9.15 31.04 -75.81
C UNK H 1128 -8.96 31.51 -77.24
N UNK H 1129 -8.05 30.85 -77.95
CA UNK H 1129 -7.76 31.18 -79.33
C UNK H 1129 -8.48 30.25 -80.31
N UNK H 1130 -8.89 29.07 -79.83
CA UNK H 1130 -9.58 28.08 -80.65
C UNK H 1130 -8.70 27.56 -81.80
N UNK H 1131 -7.73 26.70 -81.46
CA UNK H 1131 -6.84 26.12 -82.46
C UNK H 1131 -7.40 24.77 -82.92
N UNK H 1132 -8.09 24.78 -84.05
CA UNK H 1132 -8.71 23.58 -84.65
C UNK H 1132 -10.05 23.24 -84.01
N UNK H 1133 -10.14 23.52 -82.71
CA UNK H 1133 -11.32 23.27 -81.88
C UNK H 1133 -10.81 23.00 -80.47
N UNK H 1134 -10.53 24.07 -79.72
CA UNK H 1134 -10.04 23.92 -78.36
C UNK H 1134 -9.97 25.23 -77.56
N UNK H 1135 -8.81 25.46 -76.94
CA UNK H 1135 -8.59 26.66 -76.12
C UNK H 1135 -7.13 27.04 -75.90
N UNK H 1136 -6.92 28.12 -75.14
CA UNK H 1136 -5.60 28.65 -74.80
C UNK H 1136 -5.69 30.07 -74.25
N UNK H 1137 -6.28 30.97 -75.04
CA UNK H 1137 -6.46 32.40 -74.71
C UNK H 1137 -5.39 33.29 -75.36
N UNK H 1138 -4.17 32.73 -75.47
CA UNK H 1138 -3.00 33.37 -76.07
C UNK H 1138 -2.79 34.86 -75.77
N UNK H 1139 -1.57 35.31 -76.03
CA UNK H 1139 -1.18 36.69 -75.84
C UNK H 1139 -1.35 37.17 -74.39
N UNK H 1140 -0.24 37.61 -73.80
CA UNK H 1140 -0.24 38.13 -72.44
C UNK H 1140 1.16 38.53 -71.96
N UNK H 1141 1.16 39.15 -70.77
CA UNK H 1141 2.35 39.62 -70.04
C UNK H 1141 1.97 40.70 -68.98
N UNK H 1142 2.96 41.21 -68.25
CA UNK H 1142 2.75 42.26 -67.23
C UNK H 1142 4.02 42.65 -66.43
N UNK H 1143 5.08 43.11 -67.13
CA UNK H 1143 6.35 43.52 -66.49
C UNK H 1143 6.80 45.01 -66.62
N UNK H 1144 6.68 45.62 -67.81
CA UNK H 1144 7.07 47.03 -68.05
C UNK H 1144 7.03 47.68 -69.49
N UNK H 1145 6.13 48.66 -69.69
CA UNK H 1145 5.98 49.45 -70.95
C UNK H 1145 5.29 48.94 -72.25
N UNK H 1146 4.17 49.59 -72.61
CA UNK H 1146 3.42 49.23 -73.83
C UNK H 1146 2.87 50.48 -74.54
N UNK H 1147 2.79 50.44 -75.88
CA UNK H 1147 2.29 51.59 -76.70
C UNK H 1147 1.39 51.20 -77.89
N UNK H 1148 0.70 52.19 -78.49
CA UNK H 1148 -0.22 51.94 -79.62
C UNK H 1148 -0.60 53.20 -80.47
N UNK H 1149 -1.72 53.12 -81.20
CA UNK H 1149 -2.25 54.22 -82.05
C UNK H 1149 -3.80 54.16 -82.18
N UNK H 1150 -4.50 55.09 -81.55
CA UNK H 1150 -5.99 55.13 -81.56
C UNK H 1150 -6.68 54.87 -82.88
N UNK H 1151 -8.01 54.96 -82.85
CA UNK H 1151 -8.86 54.73 -84.02
C UNK H 1151 -8.88 53.24 -84.37
N UNK H 1152 -9.94 52.82 -85.06
CA UNK H 1152 -10.14 51.41 -85.44
C UNK H 1152 -8.94 50.65 -86.03
N UNK H 1153 -9.23 49.75 -86.98
CA UNK H 1153 -8.22 48.93 -87.65
C UNK H 1153 -7.03 49.70 -88.20
N UNK H 1154 -6.38 50.48 -87.34
CA UNK H 1154 -5.23 51.28 -87.73
C UNK H 1154 -4.30 51.37 -86.54
N UNK H 1155 -4.76 50.84 -85.41
CA UNK H 1155 -3.96 50.86 -84.19
C UNK H 1155 -2.58 50.26 -84.43
N UNK H 1156 -1.63 50.61 -83.58
CA UNK H 1156 -0.27 50.11 -83.70
C UNK H 1156 0.37 49.85 -82.33
N UNK H 1157 -0.02 48.76 -81.69
CA UNK H 1157 0.49 48.40 -80.37
C UNK H 1157 1.87 47.73 -80.39
N UNK H 1158 2.77 48.24 -79.57
CA UNK H 1158 4.13 47.72 -79.49
C UNK H 1158 4.77 47.96 -78.13
N UNK H 1159 4.81 46.91 -77.29
CA UNK H 1159 5.41 47.04 -75.96
C UNK H 1159 6.85 46.52 -75.98
N UNK H 1160 7.57 46.73 -74.88
CA UNK H 1160 8.96 46.29 -74.78
C UNK H 1160 9.57 46.66 -73.44
N UNK H 1161 10.49 45.82 -72.95
CA UNK H 1161 11.16 46.06 -71.67
C UNK H 1161 12.41 45.15 -71.52
N UNK H 1162 13.38 45.60 -70.73
CA UNK H 1162 14.61 44.84 -70.49
C UNK H 1162 15.50 44.58 -71.71
N UNK H 1163 16.69 44.06 -71.44
CA UNK H 1163 17.73 43.76 -72.44
C UNK H 1163 18.69 44.95 -72.40
N UNK H 1164 18.14 46.09 -72.00
CA UNK H 1164 18.80 47.40 -71.86
C UNK H 1164 18.10 48.48 -72.70
N UNK H 1165 17.25 48.04 -73.63
CA UNK H 1165 16.52 48.96 -74.51
C UNK H 1165 15.02 48.65 -74.63
N UNK H 1166 14.64 47.95 -75.69
CA UNK H 1166 13.24 47.57 -75.94
C UNK H 1166 13.09 46.81 -77.26
N UNK H 1167 11.84 46.74 -77.75
CA UNK H 1167 11.49 46.04 -78.99
C UNK H 1167 11.05 44.60 -78.68
N UNK H 1168 9.98 44.47 -77.88
CA UNK H 1168 9.45 43.17 -77.49
C UNK H 1168 8.03 42.87 -77.98
N UNK H 1169 7.93 42.28 -79.17
CA UNK H 1169 6.66 41.92 -79.79
C UNK H 1169 5.59 43.04 -79.85
N UNK H 1170 5.06 43.28 -81.06
CA UNK H 1170 4.03 44.32 -81.30
C UNK H 1170 3.02 43.81 -82.32
N UNK H 1171 1.74 43.83 -82.00
CA UNK H 1171 0.74 43.32 -82.93
C UNK H 1171 -0.43 44.25 -83.28
N UNK H 1172 -0.87 44.17 -84.55
CA UNK H 1172 -1.98 44.96 -85.11
C UNK H 1172 -2.61 44.16 -86.27
N UNK H 1173 -3.71 44.65 -86.83
CA UNK H 1173 -4.37 43.93 -87.93
C UNK H 1173 -3.44 43.72 -89.14
N UNK H 1174 -3.83 42.81 -90.03
CA UNK H 1174 -3.05 42.51 -91.23
C UNK H 1174 -3.93 42.45 -92.48
N UNK H 1175 -4.40 41.25 -92.84
CA UNK H 1175 -5.25 41.06 -94.02
C UNK H 1175 -6.75 41.14 -93.68
N UNK H 1176 -7.59 40.47 -94.48
CA UNK H 1176 -9.04 40.46 -94.25
C UNK H 1176 -9.35 40.08 -92.80
N UNK H 1177 -8.37 39.46 -92.17
CA UNK H 1177 -8.45 39.02 -90.79
C UNK H 1177 -7.10 38.37 -90.51
N UNK H 1178 -6.29 39.01 -89.67
CA UNK H 1178 -4.97 38.47 -89.35
C UNK H 1178 -4.18 39.37 -88.39
N UNK H 1179 -3.99 38.90 -87.15
CA UNK H 1179 -3.23 39.65 -86.16
C UNK H 1179 -1.99 38.82 -85.78
N UNK H 1180 -0.89 39.48 -85.39
CA UNK H 1180 0.34 38.77 -85.00
C UNK H 1180 1.59 39.61 -84.71
N UNK H 1181 2.70 38.91 -84.49
CA UNK H 1181 4.03 39.46 -84.20
C UNK H 1181 4.61 38.95 -82.88
N UNK H 1182 5.95 38.88 -82.82
CA UNK H 1182 6.66 38.41 -81.62
C UNK H 1182 8.15 38.70 -81.73
N UNK H 1183 8.55 39.90 -81.29
CA UNK H 1183 9.94 40.32 -81.36
C UNK H 1183 10.83 39.60 -80.37
N UNK H 1184 11.76 38.81 -80.88
CA UNK H 1184 12.68 38.06 -80.03
C UNK H 1184 14.12 38.46 -80.33
N UNK H 1185 14.53 39.59 -79.78
CA UNK H 1185 15.88 40.09 -79.98
C UNK H 1185 16.93 39.05 -79.53
N UNK H 1186 18.19 39.37 -79.82
CA UNK H 1186 19.34 38.52 -79.48
C UNK H 1186 19.62 37.43 -80.52
N UNK H 1187 20.86 37.40 -81.02
CA UNK H 1187 21.31 36.43 -82.01
C UNK H 1187 22.69 36.84 -82.53
N UNK H 1188 23.02 36.42 -83.75
CA UNK H 1188 24.29 36.78 -84.37
C UNK H 1188 24.03 38.09 -85.15
N UNK H 1189 23.10 38.01 -86.11
CA UNK H 1189 22.70 39.16 -86.92
C UNK H 1189 21.60 39.86 -86.13
N UNK H 1190 22.00 40.43 -84.99
CA UNK H 1190 21.15 41.14 -84.03
C UNK H 1190 19.74 41.65 -84.43
N UNK H 1191 18.84 40.75 -84.84
CA UNK H 1191 17.45 41.12 -85.19
C UNK H 1191 16.73 40.04 -86.00
N UNK H 1192 15.60 39.56 -85.47
CA UNK H 1192 14.78 38.55 -86.13
C UNK H 1192 13.63 38.06 -85.23
N UNK H 1193 12.58 37.53 -85.87
CA UNK H 1193 11.40 37.00 -85.16
C UNK H 1193 10.37 36.34 -86.09
N UNK H 1194 9.25 35.88 -85.50
CA UNK H 1194 8.18 35.24 -86.26
C UNK H 1194 6.84 35.71 -85.71
N UNK H 1195 5.74 35.26 -86.31
CA UNK H 1195 4.44 35.69 -85.85
C UNK H 1195 3.28 34.75 -86.17
N UNK H 1196 2.16 35.03 -85.50
CA UNK H 1196 0.94 34.23 -85.59
C UNK H 1196 -0.13 34.52 -86.64
N UNK H 1197 -1.15 33.67 -86.61
CA UNK H 1197 -2.32 33.72 -87.49
C UNK H 1197 -3.55 34.00 -86.62
N UNK H 1198 -4.42 34.91 -87.07
CA UNK H 1198 -5.61 35.26 -86.30
C UNK H 1198 -6.89 35.55 -87.10
N UNK H 1199 -7.47 34.50 -87.70
CA UNK H 1199 -8.70 34.64 -88.48
C UNK H 1199 -9.86 35.15 -87.62
N UNK H 1200 -9.94 36.47 -87.42
CA UNK H 1200 -10.97 37.11 -86.59
C UNK H 1200 -12.34 37.31 -87.23
N UNK H 1201 -12.90 36.24 -87.80
CA UNK H 1201 -14.21 36.26 -88.47
C UNK H 1201 -15.43 36.60 -87.57
N UNK H 1202 -15.31 37.71 -86.84
CA UNK H 1202 -16.36 38.20 -85.93
C UNK H 1202 -17.70 37.47 -85.98
N UNK H 1203 -17.83 36.48 -85.11
CA UNK H 1203 -19.05 35.68 -84.98
C UNK H 1203 -19.07 34.87 -83.66
N UNK H 1204 -19.06 35.58 -82.52
CA UNK H 1204 -19.08 35.00 -81.16
C UNK H 1204 -17.90 34.08 -80.84
N UNK H 1205 -17.43 33.37 -81.87
CA UNK H 1205 -16.31 32.44 -81.74
C UNK H 1205 -15.05 33.23 -81.43
N UNK H 1206 -14.97 33.77 -80.22
CA UNK H 1206 -13.84 34.55 -79.78
C UNK H 1206 -13.01 35.12 -80.93
N UNK H 1207 -11.80 34.60 -81.18
CA UNK H 1207 -10.96 35.14 -82.24
C UNK H 1207 -10.18 34.15 -83.10
N UNK H 1208 -8.87 34.36 -83.12
CA UNK H 1208 -7.85 33.62 -83.89
C UNK H 1208 -8.10 32.23 -84.49
N UNK H 1209 -7.02 31.68 -85.04
CA UNK H 1209 -6.98 30.37 -85.69
C UNK H 1209 -5.74 30.36 -86.58
N UNK H 1210 -4.77 29.49 -86.29
CA UNK H 1210 -3.54 29.41 -87.08
C UNK H 1210 -3.28 28.01 -87.67
N UNK H 1211 -3.16 27.97 -89.00
CA UNK H 1211 -2.87 26.72 -89.73
C UNK H 1211 -1.47 26.87 -90.32
N UNK H 1212 -1.07 25.90 -91.14
CA UNK H 1212 0.25 25.91 -91.80
C UNK H 1212 1.40 26.41 -90.92
N UNK H 1213 1.18 26.44 -89.61
CA UNK H 1213 2.18 26.87 -88.64
C UNK H 1213 3.34 25.90 -88.59
N UNK H 1214 3.93 25.75 -87.41
CA UNK H 1214 5.06 24.86 -87.21
C UNK H 1214 6.19 25.38 -88.08
N UNK H 1215 5.99 25.30 -89.39
CA UNK H 1215 6.95 25.78 -90.37
C UNK H 1215 7.35 27.20 -90.00
N UNK H 1216 6.34 28.06 -89.89
CA UNK H 1216 6.56 29.46 -89.55
C UNK H 1216 7.59 29.49 -88.43
N UNK H 1217 7.37 28.62 -87.45
CA UNK H 1217 8.26 28.52 -86.30
C UNK H 1217 9.61 27.95 -86.69
N UNK H 1218 9.59 26.74 -87.22
CA UNK H 1218 10.80 26.06 -87.62
C UNK H 1218 11.85 27.07 -88.12
N UNK H 1219 11.50 27.78 -89.20
CA UNK H 1219 12.41 28.76 -89.78
C UNK H 1219 12.99 29.71 -88.72
N UNK H 1220 12.13 30.23 -87.84
CA UNK H 1220 12.54 31.17 -86.79
C UNK H 1220 13.85 30.77 -86.11
N UNK H 1221 14.26 29.55 -86.37
CA UNK H 1221 15.49 29.04 -85.79
C UNK H 1221 16.32 28.35 -86.85
N UNK H 1222 15.69 27.97 -87.97
CA UNK H 1222 16.36 27.27 -89.08
C UNK H 1222 17.77 27.81 -89.26
N UNK H 1223 17.95 29.02 -88.73
CA UNK H 1223 19.20 29.76 -88.74
C UNK H 1223 19.26 30.65 -87.48
N UNK H 1224 18.26 30.56 -86.61
CA UNK H 1224 18.30 31.35 -85.39
C UNK H 1224 19.44 30.78 -84.56
N UNK H 1225 20.04 29.70 -85.07
CA UNK H 1225 21.16 29.00 -84.43
C UNK H 1225 21.91 28.09 -85.41
N UNK H 1226 21.21 27.66 -86.47
CA UNK H 1226 21.77 26.78 -87.49
C UNK H 1226 22.65 27.50 -88.52
N UNK H 1227 23.86 26.97 -88.72
CA UNK H 1227 24.86 27.49 -89.66
C UNK H 1227 24.44 28.72 -90.48
N UNK H 1228 24.11 28.49 -91.74
CA UNK H 1228 23.70 29.59 -92.60
C UNK H 1228 22.78 29.10 -93.71
N UNK H 1229 22.79 27.81 -93.97
CA UNK H 1229 21.94 27.25 -95.02
C UNK H 1229 20.46 27.43 -94.68
N UNK H 1230 19.89 28.56 -95.10
CA UNK H 1230 18.49 28.87 -94.83
C UNK H 1230 17.61 27.67 -95.10
N UNK H 1231 16.41 27.71 -94.52
CA UNK H 1231 15.42 26.64 -94.66
C UNK H 1231 15.67 25.67 -95.83
N UNK H 1232 15.53 24.39 -95.56
CA UNK H 1232 15.72 23.35 -96.57
C UNK H 1232 15.30 22.00 -95.99
N UNK H 1233 14.26 21.41 -96.58
CA UNK H 1233 13.75 20.11 -96.13
C UNK H 1233 14.82 19.04 -96.31
N UNK H 1234 15.72 18.94 -95.33
CA UNK H 1234 16.82 17.98 -95.34
C UNK H 1234 16.37 16.54 -95.61
N UNK H 1235 17.32 15.61 -95.58
CA UNK H 1235 17.04 14.20 -95.83
C UNK H 1235 17.07 13.34 -94.55
N UNK H 1236 15.92 13.16 -93.93
CA UNK H 1236 15.82 12.35 -92.71
C UNK H 1236 16.54 11.03 -92.94
N UNK H 1237 17.80 10.96 -92.52
CA UNK H 1237 18.68 9.78 -92.62
C UNK H 1237 19.96 10.00 -93.43
N UNK H 1238 20.90 10.77 -92.87
CA UNK H 1238 22.18 11.05 -93.52
C UNK H 1238 23.00 12.16 -92.85
N UNK H 1239 22.30 13.20 -92.39
CA UNK H 1239 22.88 14.39 -91.76
C UNK H 1239 24.34 14.34 -91.26
N UNK H 1240 24.96 15.53 -91.24
CA UNK H 1240 26.35 15.74 -90.81
C UNK H 1240 26.85 17.08 -91.37
N UNK H 1241 27.76 17.75 -90.65
CA UNK H 1241 28.28 19.05 -91.11
C UNK H 1241 29.27 19.75 -90.16
N UNK H 1242 29.62 20.99 -90.52
CA UNK H 1242 30.52 21.86 -89.77
C UNK H 1242 31.94 21.34 -89.50
N UNK H 1243 32.65 22.06 -88.64
CA UNK H 1243 34.01 21.74 -88.23
C UNK H 1243 34.54 22.96 -87.51
N UNK H 1244 34.50 22.94 -86.19
CA UNK H 1244 34.98 24.06 -85.38
C UNK H 1244 36.44 23.87 -85.01
N UNK H 1245 37.02 24.91 -84.41
CA UNK H 1245 38.42 24.90 -84.02
C UNK H 1245 38.55 24.90 -82.52
N UNK H 1246 39.51 24.12 -82.02
CA UNK H 1246 39.76 24.03 -80.58
C UNK H 1246 40.39 25.32 -80.04
N UNK H 1247 39.69 26.43 -80.26
CA UNK H 1247 40.09 27.77 -79.85
C UNK H 1247 40.62 27.88 -78.43
N UNK H 1248 40.96 29.10 -78.04
CA UNK H 1248 41.42 29.38 -76.68
C UNK H 1248 40.15 29.99 -76.08
N UNK H 1249 39.05 29.76 -76.80
CA UNK H 1249 37.70 30.21 -76.48
C UNK H 1249 37.10 29.27 -75.46
N UNK H 1250 37.97 28.54 -74.76
CA UNK H 1250 37.55 27.59 -73.75
C UNK H 1250 37.26 28.29 -72.42
N UNK H 1251 38.24 29.03 -71.91
CA UNK H 1251 38.06 29.74 -70.64
C UNK H 1251 36.87 30.68 -70.74
N UNK H 1252 36.25 30.68 -71.93
CA UNK H 1252 35.07 31.50 -72.22
C UNK H 1252 33.82 30.60 -72.15
N UNK H 1253 34.01 29.31 -72.42
CA UNK H 1253 32.93 28.33 -72.38
C UNK H 1253 33.21 27.35 -71.22
N UNK H 1254 34.23 27.69 -70.44
CA UNK H 1254 34.65 26.91 -69.28
C UNK H 1254 34.42 27.79 -68.06
N UNK H 1255 35.30 28.77 -67.86
CA UNK H 1255 35.18 29.69 -66.73
C UNK H 1255 33.78 30.29 -66.73
N UNK H 1256 33.00 29.90 -67.73
CA UNK H 1256 31.61 30.32 -67.92
C UNK H 1256 30.69 29.44 -67.08
N UNK H 1257 30.54 28.19 -67.51
CA UNK H 1257 29.70 27.25 -66.78
C UNK H 1257 30.60 26.49 -65.82
N UNK H 1258 30.67 26.97 -64.57
CA UNK H 1258 31.48 26.35 -63.52
C UNK H 1258 32.96 26.16 -63.87
N UNK H 1259 33.84 26.61 -62.96
CA UNK H 1259 35.29 26.53 -63.14
C UNK H 1259 35.85 25.11 -63.07
N UNK H 1260 35.45 24.26 -64.02
CA UNK H 1260 35.88 22.87 -64.07
C UNK H 1260 37.38 22.70 -63.78
N UNK H 1261 37.81 21.44 -63.70
CA UNK H 1261 39.19 21.10 -63.42
C UNK H 1261 40.13 22.21 -63.89
N UNK H 1262 40.87 22.78 -62.95
CA UNK H 1262 41.79 23.85 -63.28
C UNK H 1262 43.11 23.39 -63.87
N UNK H 1263 43.94 22.73 -63.08
CA UNK H 1263 45.23 22.25 -63.56
C UNK H 1263 45.07 21.24 -64.70
N UNK H 1264 43.93 21.32 -65.37
CA UNK H 1264 43.61 20.47 -66.52
C UNK H 1264 42.70 21.27 -67.45
N UNK H 1265 42.89 22.59 -67.45
CA UNK H 1265 42.11 23.49 -68.28
C UNK H 1265 42.42 24.97 -68.03
N UNK H 1266 43.67 25.40 -68.28
CA UNK H 1266 44.06 26.81 -68.09
C UNK H 1266 45.54 27.20 -68.31
N UNK H 1267 46.09 27.84 -67.28
CA UNK H 1267 47.46 28.36 -67.18
C UNK H 1267 48.57 28.02 -68.17
N UNK H 1268 49.76 27.79 -67.62
CA UNK H 1268 51.00 27.51 -68.37
C UNK H 1268 51.18 26.14 -69.03
N UNK H 1269 52.39 25.93 -69.56
CA UNK H 1269 52.82 24.70 -70.24
C UNK H 1269 51.79 23.62 -70.60
N UNK H 1270 50.98 23.88 -71.63
CA UNK H 1270 49.95 22.96 -72.14
C UNK H 1270 48.51 23.22 -71.62
N UNK H 1271 47.58 23.49 -72.55
CA UNK H 1271 46.17 23.75 -72.24
C UNK H 1271 45.25 22.62 -72.69
N UNK H 1272 44.64 21.94 -71.70
CA UNK H 1272 43.74 20.81 -71.94
C UNK H 1272 42.29 21.25 -72.01
N UNK H 1273 41.60 20.81 -73.06
CA UNK H 1273 40.21 21.17 -73.29
C UNK H 1273 39.15 20.32 -72.59
N UNK H 1274 38.56 20.89 -71.55
CA UNK H 1274 37.52 20.23 -70.79
C UNK H 1274 36.44 19.76 -71.77
N UNK H 1275 36.19 18.45 -71.79
CA UNK H 1275 35.20 17.86 -72.69
C UNK H 1275 33.87 17.48 -72.02
N UNK H 1276 33.57 18.09 -70.87
CA UNK H 1276 32.30 17.85 -70.17
C UNK H 1276 31.28 18.70 -70.91
N UNK H 1277 31.78 19.31 -71.99
CA UNK H 1277 31.02 20.20 -72.87
C UNK H 1277 31.93 20.53 -74.05
N UNK H 1278 31.81 21.75 -74.55
CA UNK H 1278 32.60 22.22 -75.69
C UNK H 1278 32.31 21.37 -76.91
N UNK H 1279 31.91 20.11 -76.66
CA UNK H 1279 31.55 19.17 -77.71
C UNK H 1279 30.10 19.46 -78.04
N UNK H 1280 29.37 19.94 -77.04
CA UNK H 1280 27.97 20.31 -77.22
C UNK H 1280 27.97 21.62 -78.00
N UNK H 1281 29.11 22.31 -77.96
CA UNK H 1281 29.28 23.57 -78.67
C UNK H 1281 29.87 23.17 -80.01
N UNK H 1282 30.85 22.28 -79.95
CA UNK H 1282 31.53 21.79 -81.15
C UNK H 1282 30.57 20.99 -82.00
N UNK H 1283 29.26 21.16 -81.77
CA UNK H 1283 28.26 20.44 -82.55
C UNK H 1283 26.82 20.77 -82.21
N UNK H 1284 26.58 21.76 -81.35
CA UNK H 1284 25.19 22.13 -81.03
C UNK H 1284 24.58 22.33 -82.41
N UNK H 1285 25.32 23.06 -83.25
CA UNK H 1285 24.92 23.33 -84.62
C UNK H 1285 25.51 22.20 -85.46
N UNK H 1286 25.07 20.99 -85.14
CA UNK H 1286 25.50 19.76 -85.82
C UNK H 1286 24.50 18.76 -85.29
N UNK H 1287 24.40 18.74 -83.97
CA UNK H 1287 23.49 17.88 -83.30
C UNK H 1287 22.17 18.61 -83.36
N UNK H 1288 22.10 19.79 -82.72
CA UNK H 1288 20.88 20.59 -82.70
C UNK H 1288 20.45 20.66 -84.15
N UNK H 1289 21.43 20.45 -85.03
CA UNK H 1289 21.15 20.43 -86.45
C UNK H 1289 20.29 19.19 -86.54
N UNK H 1290 20.91 18.11 -86.99
CA UNK H 1290 20.24 16.83 -87.11
C UNK H 1290 18.74 17.01 -87.38
N UNK H 1291 17.98 15.95 -87.12
CA UNK H 1291 16.54 15.99 -87.33
C UNK H 1291 15.93 16.91 -86.28
N UNK H 1292 16.78 17.55 -85.50
CA UNK H 1292 16.31 18.46 -84.49
C UNK H 1292 15.44 19.44 -85.25
N UNK H 1293 16.06 20.14 -86.20
CA UNK H 1293 15.38 21.12 -87.04
C UNK H 1293 15.14 20.53 -88.43
N UNK H 1294 16.03 19.60 -88.84
CA UNK H 1294 15.94 18.94 -90.15
C UNK H 1294 14.72 18.05 -90.24
N UNK H 1295 14.14 17.74 -89.08
CA UNK H 1295 12.95 16.90 -89.01
C UNK H 1295 11.88 17.64 -89.78
N UNK H 1296 11.76 18.94 -89.52
CA UNK H 1296 10.78 19.78 -90.18
C UNK H 1296 10.68 19.34 -91.64
N UNK H 1297 9.50 18.78 -91.98
CA UNK H 1297 9.18 18.27 -93.31
C UNK H 1297 9.32 16.75 -93.33
N UNK H 1298 10.56 16.24 -93.36
CA UNK H 1298 10.81 14.79 -93.38
C UNK H 1298 9.99 14.10 -92.29
N UNK H 1299 9.58 14.91 -91.31
CA UNK H 1299 8.76 14.50 -90.16
C UNK H 1299 9.05 15.40 -88.94
N UNK H 1300 8.15 16.34 -88.67
CA UNK H 1300 8.30 17.24 -87.52
C UNK H 1300 7.14 18.20 -87.34
N UNK H 1301 6.95 18.65 -86.10
CA UNK H 1301 5.88 19.58 -85.74
C UNK H 1301 6.38 20.66 -84.80
N UNK H 1302 5.50 21.60 -84.51
CA UNK H 1302 5.75 22.76 -83.63
C UNK H 1302 6.84 22.63 -82.57
N UNK H 1303 8.09 22.46 -83.01
CA UNK H 1303 9.22 22.31 -82.09
C UNK H 1303 9.31 23.55 -81.22
N UNK H 1304 8.16 24.17 -80.99
CA UNK H 1304 8.04 25.35 -80.14
C UNK H 1304 8.28 24.81 -78.75
N UNK H 1305 7.68 23.66 -78.47
CA UNK H 1305 7.80 23.00 -77.18
C UNK H 1305 8.26 21.52 -77.34
N UNK H 1306 9.58 21.32 -77.42
CA UNK H 1306 10.18 19.99 -77.56
C UNK H 1306 11.42 19.97 -76.65
N UNK H 1307 11.49 19.00 -75.74
CA UNK H 1307 12.61 18.91 -74.79
C UNK H 1307 13.63 17.82 -75.09
N UNK H 1308 14.85 18.01 -74.60
CA UNK H 1308 15.94 17.04 -74.81
C UNK H 1308 16.09 16.18 -73.57
N UNK H 1309 15.99 14.86 -73.75
CA UNK H 1309 16.11 13.91 -72.66
C UNK H 1309 17.51 13.91 -72.07
N UNK H 1310 18.45 13.21 -72.71
CA UNK H 1310 19.83 13.12 -72.22
C UNK H 1310 20.88 13.49 -73.26
N UNK H 1311 22.02 14.03 -72.80
CA UNK H 1311 23.12 14.42 -73.70
C UNK H 1311 24.15 13.30 -73.73
N UNK H 1312 25.41 13.60 -74.00
CA UNK H 1312 26.42 12.54 -74.03
C UNK H 1312 27.91 12.92 -74.04
N UNK H 1313 28.71 11.86 -73.98
CA UNK H 1313 30.17 11.92 -73.98
C UNK H 1313 30.66 10.47 -73.74
N UNK H 1314 31.62 10.00 -74.55
CA UNK H 1314 32.16 8.65 -74.42
C UNK H 1314 33.40 8.47 -75.29
N UNK H 1315 34.54 8.99 -74.82
CA UNK H 1315 35.81 8.93 -75.55
C UNK H 1315 36.30 7.52 -76.03
N UNK H 1316 35.67 7.01 -77.08
CA UNK H 1316 35.93 5.69 -77.71
C UNK H 1316 37.11 4.81 -77.23
N UNK H 1317 38.30 5.38 -77.14
CA UNK H 1317 39.47 4.62 -76.69
C UNK H 1317 40.78 5.33 -77.04
N UNK H 1318 40.76 6.67 -77.08
CA UNK H 1318 41.96 7.43 -77.44
C UNK H 1318 42.48 8.41 -76.39
N UNK H 1319 43.06 9.51 -76.86
CA UNK H 1319 43.63 10.55 -76.00
C UNK H 1319 42.58 11.59 -75.61
N UNK H 1320 42.96 12.56 -74.80
CA UNK H 1320 42.05 13.60 -74.33
C UNK H 1320 41.33 14.37 -75.46
N UNK H 1321 41.34 15.70 -75.34
CA UNK H 1321 40.74 16.62 -76.31
C UNK H 1321 41.46 17.94 -76.09
N UNK H 1322 42.67 18.06 -76.64
CA UNK H 1322 43.51 19.26 -76.50
C UNK H 1322 43.31 20.31 -77.59
N UNK H 1323 43.44 21.60 -77.21
CA UNK H 1323 43.26 22.74 -78.10
C UNK H 1323 43.90 22.59 -79.49
N UNK H 1324 43.18 21.93 -80.41
CA UNK H 1324 43.67 21.71 -81.78
C UNK H 1324 42.67 20.93 -82.65
N UNK H 1325 42.62 21.25 -83.95
CA UNK H 1325 41.74 20.61 -84.94
C UNK H 1325 40.26 20.58 -84.54
N UNK H 1326 39.53 19.56 -85.02
CA UNK H 1326 38.09 19.34 -84.73
C UNK H 1326 37.17 19.29 -85.95
N UNK H 1327 36.26 18.32 -85.92
CA UNK H 1327 35.27 18.13 -86.99
C UNK H 1327 34.17 17.16 -86.53
N UNK H 1328 32.92 17.64 -86.51
CA UNK H 1328 31.78 16.83 -86.07
C UNK H 1328 31.25 15.83 -87.11
N UNK H 1329 29.98 15.45 -86.96
CA UNK H 1329 29.31 14.51 -87.85
C UNK H 1329 28.06 13.94 -87.17
N UNK H 1330 26.89 14.47 -87.53
CA UNK H 1330 25.61 14.03 -86.95
C UNK H 1330 25.30 12.55 -87.21
N UNK H 1331 24.05 12.13 -86.97
CA UNK H 1331 23.65 10.74 -87.19
C UNK H 1331 22.13 10.51 -87.18
N UNK H 1332 21.44 11.10 -86.21
CA UNK H 1332 19.99 10.95 -86.10
C UNK H 1332 19.57 9.49 -86.28
N UNK H 1333 20.22 8.62 -85.53
CA UNK H 1333 19.94 7.18 -85.58
C UNK H 1333 18.86 6.79 -84.57
N UNK H 1334 17.62 6.66 -85.07
CA UNK H 1334 16.43 6.30 -84.30
C UNK H 1334 15.55 7.50 -83.96
N UNK H 1335 14.26 7.36 -84.22
CA UNK H 1335 13.29 8.40 -83.94
C UNK H 1335 11.91 7.85 -84.31
N UNK H 1336 11.04 7.67 -83.31
CA UNK H 1336 9.70 7.16 -83.57
C UNK H 1336 8.64 7.96 -82.82
N UNK H 1337 7.39 7.54 -82.97
CA UNK H 1337 6.27 8.25 -82.36
C UNK H 1337 5.43 7.46 -81.37
N UNK H 1338 5.70 7.65 -80.08
CA UNK H 1338 4.95 6.97 -79.03
C UNK H 1338 3.50 7.45 -79.11
N UNK H 1339 2.64 6.95 -78.24
CA UNK H 1339 1.26 7.39 -78.26
C UNK H 1339 1.18 8.68 -77.45
N UNK H 1340 2.15 8.90 -76.56
CA UNK H 1340 2.19 10.08 -75.70
C UNK H 1340 2.97 11.24 -76.28
N UNK H 1341 3.69 11.00 -77.37
CA UNK H 1341 4.48 12.03 -78.03
C UNK H 1341 5.33 11.43 -79.16
N UNK H 1342 6.48 12.06 -79.45
CA UNK H 1342 7.39 11.58 -80.48
C UNK H 1342 8.82 11.89 -80.02
N UNK H 1343 9.78 11.06 -80.43
CA UNK H 1343 11.16 11.28 -80.04
C UNK H 1343 12.13 10.96 -81.15
N UNK H 1344 13.35 11.47 -80.99
CA UNK H 1344 14.39 11.24 -81.97
C UNK H 1344 15.74 11.29 -81.25
N UNK H 1345 16.40 10.15 -81.19
CA UNK H 1345 17.69 10.05 -80.54
C UNK H 1345 18.79 10.24 -81.57
N UNK H 1346 19.34 11.43 -81.64
CA UNK H 1346 20.40 11.69 -82.59
C UNK H 1346 21.71 11.13 -82.06
N UNK H 1347 22.43 10.42 -82.91
CA UNK H 1347 23.70 9.83 -82.54
C UNK H 1347 24.73 10.81 -83.09
N UNK H 1348 26.02 10.51 -82.94
CA UNK H 1348 27.04 11.41 -83.45
C UNK H 1348 28.46 10.92 -83.25
N UNK H 1349 29.42 11.71 -83.73
CA UNK H 1349 30.84 11.38 -83.60
C UNK H 1349 31.76 12.52 -84.06
N UNK H 1350 32.44 13.15 -83.12
CA UNK H 1350 33.38 14.21 -83.45
C UNK H 1350 34.66 13.48 -83.87
N UNK H 1351 35.38 14.00 -84.87
CA UNK H 1351 36.61 13.35 -85.36
C UNK H 1351 37.87 14.21 -85.20
N UNK H 1352 39.00 13.54 -84.93
CA UNK H 1352 40.29 14.21 -84.73
C UNK H 1352 41.31 13.85 -85.79
N UNK H 1353 42.56 14.29 -85.56
CA UNK H 1353 43.67 14.04 -86.49
C UNK H 1353 43.38 12.84 -87.37
N UNK H 1354 43.31 11.67 -86.74
CA UNK H 1354 43.01 10.43 -87.46
C UNK H 1354 41.50 10.31 -87.63
N UNK H 1355 40.87 9.58 -86.71
CA UNK H 1355 39.42 9.39 -86.74
C UNK H 1355 38.91 8.87 -85.40
N UNK H 1356 37.67 9.22 -85.06
CA UNK H 1356 37.04 8.79 -83.81
C UNK H 1356 37.67 9.50 -82.61
N UNK H 1357 36.83 10.14 -81.79
CA UNK H 1357 37.32 10.84 -80.61
C UNK H 1357 36.43 10.70 -79.38
N UNK H 1358 35.20 11.21 -79.44
CA UNK H 1358 34.27 11.13 -78.32
C UNK H 1358 32.81 11.15 -78.75
N UNK H 1359 32.35 10.09 -79.41
CA UNK H 1359 30.97 9.96 -79.90
C UNK H 1359 29.96 10.48 -78.88
N UNK H 1360 29.16 11.48 -79.26
CA UNK H 1360 28.15 12.05 -78.37
C UNK H 1360 26.73 11.89 -78.89
N UNK H 1361 25.80 11.57 -77.99
CA UNK H 1361 24.38 11.35 -78.32
C UNK H 1361 23.48 12.26 -77.48
N UNK H 1362 22.24 12.45 -77.92
CA UNK H 1362 21.33 13.29 -77.16
C UNK H 1362 19.89 13.24 -77.63
N UNK H 1363 19.28 12.06 -77.52
CA UNK H 1363 17.88 11.87 -77.92
C UNK H 1363 16.94 12.98 -77.43
N UNK H 1364 16.34 13.71 -78.35
CA UNK H 1364 15.42 14.78 -77.98
C UNK H 1364 14.04 14.29 -78.43
N UNK H 1365 12.98 14.98 -78.03
CA UNK H 1365 11.60 14.61 -78.38
C UNK H 1365 10.64 15.79 -78.48
N UNK H 1366 9.56 15.58 -79.25
CA UNK H 1366 8.53 16.62 -79.45
C UNK H 1366 7.32 16.43 -78.55
N UNK H 1367 6.29 17.24 -78.80
CA UNK H 1367 5.06 17.20 -78.03
C UNK H 1367 4.27 15.92 -78.24
N UNK H 1368 3.09 15.87 -77.63
CA UNK H 1368 2.20 14.71 -77.71
C UNK H 1368 1.33 14.71 -78.97
N UNK H 1369 0.93 13.52 -79.42
CA UNK H 1369 0.09 13.39 -80.61
C UNK H 1369 0.83 13.99 -81.79
N UNK H 1370 2.06 14.43 -81.53
CA UNK H 1370 2.93 15.05 -82.55
C UNK H 1370 3.79 14.01 -83.26
N UNK H 1371 3.16 13.33 -84.21
CA UNK H 1371 3.72 12.27 -85.04
C UNK H 1371 2.65 11.20 -84.96
N UNK H 1372 1.55 11.57 -84.31
CA UNK H 1372 0.38 10.70 -84.13
C UNK H 1372 0.07 9.99 -85.43
N UNK H 1373 -0.16 10.77 -86.48
CA UNK H 1373 -0.44 10.22 -87.78
C UNK H 1373 0.89 9.95 -88.50
N UNK H 1374 1.88 10.80 -88.20
CA UNK H 1374 3.22 10.70 -88.81
C UNK H 1374 3.78 9.31 -88.64
N UNK H 1375 3.01 8.47 -87.94
CA UNK H 1375 3.39 7.08 -87.69
C UNK H 1375 3.86 6.40 -88.96
N UNK H 1376 3.46 6.95 -90.09
CA UNK H 1376 3.86 6.43 -91.39
C UNK H 1376 5.38 6.45 -91.51
N UNK H 1377 5.87 6.77 -92.69
CA UNK H 1377 7.31 6.85 -92.89
C UNK H 1377 7.83 7.96 -91.98
N UNK H 1378 8.14 7.57 -90.76
CA UNK H 1378 8.64 8.50 -89.76
C UNK H 1378 9.16 7.70 -88.57
N UNK H 1379 8.61 6.52 -88.36
CA UNK H 1379 9.05 5.68 -87.26
C UNK H 1379 10.35 4.98 -87.66
N UNK H 1380 11.48 5.68 -87.49
CA UNK H 1380 12.79 5.12 -87.82
C UNK H 1380 13.69 5.04 -86.59
N UNK H 1381 13.54 3.96 -85.80
CA UNK H 1381 14.32 3.72 -84.58
C UNK H 1381 15.01 2.37 -84.64
N UNK H 1382 16.29 2.37 -84.30
CA UNK H 1382 17.06 1.15 -84.32
C UNK H 1382 17.04 0.49 -82.95
N UNK H 1383 18.10 -0.24 -82.63
CA UNK H 1383 18.25 -0.94 -81.36
C UNK H 1383 19.53 -1.79 -81.35
N UNK H 1384 20.28 -1.72 -80.25
CA UNK H 1384 21.53 -2.49 -80.12
C UNK H 1384 21.36 -3.82 -79.36
N UNK H 1385 20.15 -4.08 -78.86
CA UNK H 1385 19.81 -5.32 -78.11
C UNK H 1385 21.04 -6.03 -77.57
N UNK H 1386 21.53 -5.59 -76.41
CA UNK H 1386 22.71 -6.16 -75.75
C UNK H 1386 22.86 -7.68 -75.86
N UNK H 1387 24.12 -8.11 -75.94
CA UNK H 1387 24.54 -9.51 -76.09
C UNK H 1387 23.56 -10.68 -75.85
N UNK H 1388 24.16 -11.81 -75.50
CA UNK H 1388 23.46 -13.07 -75.23
C UNK H 1388 24.55 -14.14 -75.46
N UNK H 1389 24.59 -15.19 -74.62
CA UNK H 1389 25.61 -16.24 -74.78
C UNK H 1389 25.19 -17.64 -74.42
N UNK H 1390 24.50 -18.32 -75.34
CA UNK H 1390 24.04 -19.70 -75.12
C UNK H 1390 25.23 -20.65 -75.19
N UNK H 1391 25.26 -21.66 -74.31
CA UNK H 1391 26.34 -22.65 -74.28
C UNK H 1391 25.79 -23.94 -74.87
N UNK H 1392 26.34 -24.38 -76.00
CA UNK H 1392 25.89 -25.60 -76.67
C UNK H 1392 25.87 -26.78 -75.72
N UNK H 1393 24.67 -27.32 -75.50
CA UNK H 1393 24.47 -28.47 -74.60
C UNK H 1393 24.96 -29.73 -75.28
N UNK H 1394 24.14 -30.23 -76.20
CA UNK H 1394 24.48 -31.43 -76.94
C UNK H 1394 23.33 -31.84 -77.82
N UNK H 1395 23.67 -32.36 -79.00
CA UNK H 1395 22.70 -32.85 -79.97
C UNK H 1395 21.44 -31.99 -80.09
N UNK H 1396 20.44 -32.27 -79.26
CA UNK H 1396 19.18 -31.53 -79.27
C UNK H 1396 19.45 -30.05 -79.07
N UNK H 1397 19.96 -29.71 -77.88
CA UNK H 1397 20.28 -28.31 -77.57
C UNK H 1397 21.40 -27.79 -78.47
N UNK H 1398 21.61 -28.50 -79.58
CA UNK H 1398 22.64 -28.16 -80.57
C UNK H 1398 22.06 -28.34 -81.97
N UNK H 1399 20.75 -28.44 -82.04
CA UNK H 1399 20.07 -28.62 -83.29
C UNK H 1399 19.21 -27.40 -83.51
N UNK H 1400 18.93 -26.70 -82.43
CA UNK H 1400 18.12 -25.52 -82.51
C UNK H 1400 18.80 -24.47 -83.39
N UNK H 1401 20.02 -24.07 -83.03
CA UNK H 1401 20.78 -23.04 -83.76
C UNK H 1401 20.98 -23.33 -85.24
N UNK H 1402 20.29 -24.35 -85.73
CA UNK H 1402 20.34 -24.76 -87.13
C UNK H 1402 18.91 -24.99 -87.62
N UNK H 1403 17.97 -24.96 -86.68
CA UNK H 1403 16.57 -25.18 -86.98
C UNK H 1403 15.82 -23.86 -87.17
N UNK H 1404 16.43 -22.75 -86.76
CA UNK H 1404 15.80 -21.42 -86.87
C UNK H 1404 16.50 -20.45 -87.83
N UNK H 1405 16.52 -20.83 -89.12
CA UNK H 1405 17.14 -20.05 -90.20
C UNK H 1405 18.10 -18.94 -89.73
N UNK H 1406 19.23 -19.37 -89.18
CA UNK H 1406 20.24 -18.43 -88.70
C UNK H 1406 21.61 -19.00 -89.08
N UNK H 1407 22.05 -18.59 -90.26
CA UNK H 1407 23.33 -18.96 -90.90
C UNK H 1407 24.34 -19.91 -90.21
N UNK H 1408 25.62 -19.63 -90.50
CA UNK H 1408 26.77 -20.38 -90.01
C UNK H 1408 27.92 -20.01 -90.95
N UNK H 1409 28.89 -19.25 -90.45
CA UNK H 1409 30.04 -18.83 -91.27
C UNK H 1409 30.75 -20.00 -91.97
N UNK H 1410 30.39 -21.22 -91.62
CA UNK H 1410 30.98 -22.42 -92.22
C UNK H 1410 30.07 -23.64 -92.06
N UNK H 1411 28.76 -23.42 -92.18
CA UNK H 1411 27.72 -24.46 -92.05
C UNK H 1411 28.19 -25.87 -91.71
N UNK H 1412 29.04 -26.45 -92.55
CA UNK H 1412 29.54 -27.80 -92.33
C UNK H 1412 30.61 -27.90 -91.23
N UNK H 1413 31.56 -26.97 -91.24
CA UNK H 1413 32.66 -26.95 -90.25
C UNK H 1413 32.17 -26.53 -88.85
N UNK H 1414 33.12 -26.37 -87.93
CA UNK H 1414 32.81 -25.99 -86.54
C UNK H 1414 31.50 -26.60 -86.09
N UNK H 1415 31.15 -27.72 -86.69
CA UNK H 1415 29.94 -28.45 -86.35
C UNK H 1415 30.38 -29.45 -85.29
N UNK H 1416 31.64 -29.89 -85.40
CA UNK H 1416 32.25 -30.83 -84.47
C UNK H 1416 32.65 -30.01 -83.25
N UNK H 1417 32.74 -28.69 -83.45
CA UNK H 1417 33.08 -27.75 -82.39
C UNK H 1417 31.75 -27.22 -81.84
N UNK H 1418 30.70 -27.37 -82.66
CA UNK H 1418 29.35 -26.95 -82.29
C UNK H 1418 28.80 -28.00 -81.33
N UNK H 1419 29.67 -28.45 -80.44
CA UNK H 1419 29.36 -29.45 -79.42
C UNK H 1419 29.43 -28.80 -78.03
N UNK H 1420 30.49 -29.11 -77.29
CA UNK H 1420 30.63 -28.54 -75.96
C UNK H 1420 31.32 -27.19 -76.04
N UNK H 1421 30.75 -26.28 -76.82
CA UNK H 1421 31.29 -24.93 -77.00
C UNK H 1421 30.42 -23.84 -76.32
N UNK H 1422 30.72 -22.57 -76.60
CA UNK H 1422 29.97 -21.46 -76.02
C UNK H 1422 29.82 -20.27 -76.98
N UNK H 1423 29.06 -20.45 -78.05
CA UNK H 1423 28.84 -19.41 -79.05
C UNK H 1423 28.32 -18.13 -78.39
N UNK H 1424 29.10 -17.04 -78.45
CA UNK H 1424 28.75 -15.76 -77.85
C UNK H 1424 27.76 -14.91 -78.67
N UNK H 1425 26.78 -15.55 -79.32
CA UNK H 1425 25.76 -14.89 -80.17
C UNK H 1425 25.20 -13.52 -79.67
N UNK H 1426 25.88 -12.43 -80.05
CA UNK H 1426 25.48 -11.05 -79.66
C UNK H 1426 25.11 -10.17 -80.90
N UNK H 1427 23.81 -9.88 -81.04
CA UNK H 1427 23.25 -9.13 -82.19
C UNK H 1427 23.03 -7.63 -82.13
N UNK H 1428 22.01 -7.22 -82.89
CA UNK H 1428 21.52 -5.84 -83.07
C UNK H 1428 20.21 -5.93 -83.87
N UNK H 1429 19.51 -4.81 -84.06
CA UNK H 1429 18.25 -4.83 -84.83
C UNK H 1429 17.52 -3.47 -84.94
N UNK H 1430 16.81 -3.26 -86.06
CA UNK H 1430 16.02 -2.03 -86.34
C UNK H 1430 14.67 -2.37 -87.00
N UNK H 1431 13.66 -1.50 -86.86
CA UNK H 1431 12.33 -1.79 -87.42
C UNK H 1431 11.74 -0.79 -88.41
N UNK H 1432 10.56 -1.13 -88.95
CA UNK H 1432 9.84 -0.30 -89.92
C UNK H 1432 8.76 0.53 -89.28
N UNK H 1433 7.73 0.85 -90.06
CA UNK H 1433 6.66 1.70 -89.57
C UNK H 1433 5.42 1.04 -88.99
N UNK H 1434 4.37 0.96 -89.79
CA UNK H 1434 3.07 0.38 -89.41
C UNK H 1434 2.38 1.15 -88.27
N UNK H 1435 1.16 0.72 -87.92
CA UNK H 1435 0.35 1.37 -86.87
C UNK H 1435 1.05 1.52 -85.53
N UNK H 1436 0.31 1.22 -84.46
CA UNK H 1436 0.86 1.29 -83.11
C UNK H 1436 1.61 -0.02 -82.89
N UNK H 1437 1.45 -0.92 -83.86
CA UNK H 1437 2.08 -2.24 -83.83
C UNK H 1437 2.46 -2.71 -85.25
N UNK H 1438 3.45 -3.62 -85.32
CA UNK H 1438 3.95 -4.18 -86.58
C UNK H 1438 5.14 -3.40 -87.15
N UNK H 1439 5.16 -3.22 -88.48
CA UNK H 1439 6.18 -2.47 -89.25
C UNK H 1439 6.91 -3.25 -90.34
N UNK H 1440 8.10 -3.73 -89.99
CA UNK H 1440 8.98 -4.52 -90.86
C UNK H 1440 10.42 -4.32 -90.36
N UNK H 1441 10.95 -5.31 -89.63
CA UNK H 1441 12.31 -5.22 -89.05
C UNK H 1441 13.24 -6.41 -89.31
N UNK H 1442 14.53 -6.17 -89.13
CA UNK H 1442 15.56 -7.20 -89.32
C UNK H 1442 16.64 -7.04 -88.25
N UNK H 1443 17.33 -8.14 -87.91
CA UNK H 1443 18.37 -8.09 -86.89
C UNK H 1443 19.76 -8.41 -87.43
N UNK H 1444 20.71 -7.51 -87.20
CA UNK H 1444 22.10 -7.67 -87.61
C UNK H 1444 22.63 -8.81 -86.77
N UNK H 1445 23.91 -9.18 -86.89
CA UNK H 1445 24.39 -10.30 -86.08
C UNK H 1445 25.88 -10.51 -85.86
N UNK H 1446 26.30 -11.74 -86.16
CA UNK H 1446 27.67 -12.23 -86.03
C UNK H 1446 27.77 -13.04 -84.74
N UNK H 1447 27.78 -14.37 -84.84
CA UNK H 1447 27.90 -15.23 -83.67
C UNK H 1447 29.37 -15.27 -83.29
N UNK H 1448 29.72 -15.92 -82.19
CA UNK H 1448 31.13 -15.96 -81.80
C UNK H 1448 31.48 -17.01 -80.73
N UNK H 1449 32.09 -18.12 -81.16
CA UNK H 1449 32.49 -19.20 -80.26
C UNK H 1449 33.64 -18.74 -79.36
N UNK H 1450 33.66 -19.23 -78.12
CA UNK H 1450 34.71 -18.84 -77.16
C UNK H 1450 36.02 -19.57 -77.45
N UNK H 1451 37.14 -18.97 -77.03
CA UNK H 1451 38.48 -19.55 -77.26
C UNK H 1451 39.03 -20.36 -76.09
N UNK H 1452 39.94 -21.27 -76.41
CA UNK H 1452 40.57 -22.11 -75.41
C UNK H 1452 41.37 -21.25 -74.45
N UNK H 1453 41.22 -19.94 -74.58
CA UNK H 1453 41.90 -18.97 -73.73
C UNK H 1453 40.90 -17.87 -73.45
N UNK H 1454 39.77 -17.95 -74.16
CA UNK H 1454 38.65 -17.01 -74.04
C UNK H 1454 38.74 -15.76 -74.95
N UNK H 1455 37.94 -15.77 -76.01
CA UNK H 1455 37.87 -14.67 -76.96
C UNK H 1455 36.70 -14.96 -77.89
N UNK H 1456 36.29 -13.97 -78.66
CA UNK H 1456 35.17 -14.16 -79.58
C UNK H 1456 35.60 -14.10 -81.04
N UNK H 1457 35.67 -15.26 -81.66
CA UNK H 1457 36.05 -15.34 -83.06
C UNK H 1457 34.79 -15.64 -83.87
N UNK H 1458 34.30 -14.62 -84.55
CA UNK H 1458 33.08 -14.74 -85.36
C UNK H 1458 32.93 -16.11 -86.04
N UNK H 1459 32.11 -16.96 -85.45
CA UNK H 1459 31.86 -18.28 -86.00
C UNK H 1459 30.79 -18.24 -87.10
N UNK H 1460 30.01 -17.15 -87.14
CA UNK H 1460 28.94 -16.98 -88.13
C UNK H 1460 28.22 -15.61 -88.04
N UNK H 1461 26.88 -15.66 -88.09
CA UNK H 1461 26.05 -14.46 -88.01
C UNK H 1461 24.64 -14.83 -88.41
N UNK H 1462 23.66 -14.02 -87.99
CA UNK H 1462 22.25 -14.27 -88.32
C UNK H 1462 21.50 -12.97 -88.72
N UNK H 1463 20.23 -13.11 -89.11
CA UNK H 1463 19.39 -11.96 -89.51
C UNK H 1463 18.05 -12.34 -90.15
N UNK H 1464 16.96 -11.90 -89.52
CA UNK H 1464 15.62 -12.17 -90.03
C UNK H 1464 15.07 -10.85 -90.54
N UNK H 1465 13.88 -10.88 -91.12
CA UNK H 1465 13.23 -9.66 -91.65
C UNK H 1465 11.84 -9.90 -92.26
N UNK H 1466 10.93 -8.95 -92.03
CA UNK H 1466 9.55 -8.99 -92.53
C UNK H 1466 8.67 -7.99 -91.75
N UNK H 1467 7.42 -7.82 -92.20
CA UNK H 1467 6.51 -6.90 -91.53
C UNK H 1467 5.63 -7.67 -90.56
N UNK H 1468 5.83 -7.43 -89.26
CA UNK H 1468 5.05 -8.11 -88.23
C UNK H 1468 5.32 -7.57 -86.84
N UNK H 1469 4.40 -7.84 -85.92
CA UNK H 1469 4.50 -7.40 -84.53
C UNK H 1469 5.57 -8.18 -83.75
N UNK H 1470 6.24 -7.51 -82.81
CA UNK H 1470 7.28 -8.10 -81.95
C UNK H 1470 8.51 -8.66 -82.71
N UNK H 1471 9.63 -8.85 -81.98
CA UNK H 1471 10.86 -9.37 -82.57
C UNK H 1471 10.74 -10.85 -82.94
N UNK H 1472 11.83 -11.59 -82.80
CA UNK H 1472 11.84 -13.01 -83.13
C UNK H 1472 13.28 -13.36 -82.97
N UNK H 1473 14.07 -12.34 -82.65
CA UNK H 1473 15.49 -12.51 -82.47
C UNK H 1473 15.72 -12.89 -81.02
N UNK H 1474 15.07 -12.17 -80.10
CA UNK H 1474 15.25 -12.41 -78.68
C UNK H 1474 14.46 -13.57 -78.05
N UNK H 1475 13.13 -13.51 -78.14
CA UNK H 1475 12.25 -14.53 -77.55
C UNK H 1475 12.70 -15.93 -77.88
N UNK H 1476 13.65 -16.01 -78.82
CA UNK H 1476 14.22 -17.29 -79.26
C UNK H 1476 15.73 -17.34 -79.00
N UNK H 1477 16.36 -16.19 -78.84
CA UNK H 1477 17.77 -16.17 -78.56
C UNK H 1477 17.91 -15.91 -77.07
N UNK H 1478 17.79 -14.66 -76.68
CA UNK H 1478 17.91 -14.28 -75.27
C UNK H 1478 17.05 -15.14 -74.34
N UNK H 1479 16.10 -15.89 -74.91
CA UNK H 1479 15.22 -16.75 -74.09
C UNK H 1479 15.98 -17.98 -73.61
N UNK H 1480 16.27 -18.90 -74.54
CA UNK H 1480 16.98 -20.14 -74.24
C UNK H 1480 18.48 -19.92 -74.03
N UNK H 1481 18.82 -18.87 -73.28
CA UNK H 1481 20.21 -18.52 -72.99
C UNK H 1481 20.35 -17.45 -71.89
N UNK H 1482 21.60 -17.02 -71.67
CA UNK H 1482 21.90 -16.03 -70.64
C UNK H 1482 22.29 -14.65 -71.17
N UNK H 1483 21.61 -13.62 -70.70
CA UNK H 1483 21.88 -12.24 -71.10
C UNK H 1483 23.15 -11.72 -70.43
N UNK H 1484 24.30 -12.08 -70.99
CA UNK H 1484 25.59 -11.67 -70.44
C UNK H 1484 25.73 -10.15 -70.46
N UNK H 1485 25.70 -9.54 -69.27
CA UNK H 1485 25.80 -8.08 -69.14
C UNK H 1485 27.13 -7.60 -68.53
N UNK H 1486 27.54 -6.39 -68.90
CA UNK H 1486 28.77 -5.81 -68.38
C UNK H 1486 28.33 -4.77 -67.35
N UNK H 1487 29.24 -4.42 -66.43
CA UNK H 1487 28.99 -3.47 -65.35
C UNK H 1487 28.60 -4.26 -64.09
N UNK H 1488 29.21 -3.96 -62.95
CA UNK H 1488 28.91 -4.71 -61.73
C UNK H 1488 27.96 -4.08 -60.68
N UNK H 1489 28.52 -3.89 -59.50
CA UNK H 1489 27.83 -3.32 -58.35
C UNK H 1489 28.82 -3.59 -57.21
N UNK H 1490 29.12 -2.58 -56.40
CA UNK H 1490 30.08 -2.73 -55.31
C UNK H 1490 29.65 -3.66 -54.17
N UNK H 1491 28.95 -4.73 -54.53
CA UNK H 1491 28.50 -5.76 -53.58
C UNK H 1491 27.56 -5.28 -52.46
N UNK H 1492 26.26 -5.33 -52.71
CA UNK H 1492 25.23 -4.93 -51.74
C UNK H 1492 25.64 -3.68 -50.97
N UNK H 1493 26.75 -3.11 -51.40
CA UNK H 1493 27.33 -1.91 -50.83
C UNK H 1493 27.20 -0.87 -51.94
N UNK H 1494 27.11 0.38 -51.57
CA UNK H 1494 26.97 1.40 -52.57
C UNK H 1494 27.89 2.54 -52.27
N UNK H 1495 28.93 2.30 -51.47
CA UNK H 1495 29.86 3.36 -51.11
C UNK H 1495 29.16 4.70 -50.96
N UNK H 1496 29.84 5.78 -51.34
CA UNK H 1496 29.28 7.12 -51.28
C UNK H 1496 30.33 8.17 -51.58
N UNK H 1497 30.23 8.81 -52.76
CA UNK H 1497 31.18 9.85 -53.14
C UNK H 1497 30.97 10.99 -52.15
N UNK H 1498 29.72 11.47 -52.09
CA UNK H 1498 29.28 12.54 -51.19
C UNK H 1498 28.20 13.39 -51.86
N UNK H 1499 27.84 14.49 -51.19
CA UNK H 1499 26.83 15.42 -51.69
C UNK H 1499 27.33 16.87 -51.57
N UNK H 1500 26.99 17.68 -52.56
CA UNK H 1500 27.37 19.09 -52.58
C UNK H 1500 26.23 19.98 -53.13
N UNK H 1501 26.15 21.21 -52.61
CA UNK H 1501 25.13 22.15 -53.02
C UNK H 1501 25.63 23.05 -54.16
N UNK H 1502 24.94 23.01 -55.29
CA UNK H 1502 25.31 23.81 -56.45
C UNK H 1502 24.21 24.78 -56.88
N UNK H 1503 24.48 26.08 -56.74
CA UNK H 1503 23.51 27.11 -57.11
C UNK H 1503 23.19 26.99 -58.61
N UNK H 1504 21.99 27.41 -59.00
CA UNK H 1504 21.52 27.31 -60.40
C UNK H 1504 21.66 28.55 -61.26
N UNK H 1505 22.38 28.39 -62.37
CA UNK H 1505 22.62 29.45 -63.34
C UNK H 1505 22.43 30.84 -62.73
N UNK H 1506 23.55 31.48 -62.41
CA UNK H 1506 23.55 32.81 -61.80
C UNK H 1506 22.58 33.83 -62.42
N UNK H 1507 21.32 33.78 -61.98
CA UNK H 1507 20.25 34.67 -62.45
C UNK H 1507 20.58 35.42 -63.76
N UNK H 1508 21.01 34.67 -64.77
CA UNK H 1508 21.37 35.23 -66.06
C UNK H 1508 21.50 34.11 -67.08
N UNK H 1509 20.39 33.65 -67.62
CA UNK H 1509 20.43 32.58 -68.60
C UNK H 1509 21.32 32.98 -69.78
N UNK H 1510 21.42 34.29 -70.03
CA UNK H 1510 22.22 34.84 -71.15
C UNK H 1510 23.71 34.44 -71.20
N UNK H 1511 24.54 35.24 -70.53
CA UNK H 1511 25.98 35.03 -70.49
C UNK H 1511 26.40 33.57 -70.64
N UNK H 1512 25.66 32.68 -70.01
CA UNK H 1512 25.99 31.27 -70.07
C UNK H 1512 25.55 30.60 -71.35
N UNK H 1513 25.38 29.27 -71.29
CA UNK H 1513 24.96 28.39 -72.39
C UNK H 1513 24.89 29.11 -73.73
N UNK H 1514 24.03 30.14 -73.78
CA UNK H 1514 23.90 30.94 -74.98
C UNK H 1514 25.31 31.14 -75.49
N UNK H 1515 26.09 31.84 -74.68
CA UNK H 1515 27.49 32.13 -75.00
C UNK H 1515 28.35 30.86 -75.05
N UNK H 1516 28.10 30.06 -76.09
CA UNK H 1516 28.82 28.81 -76.33
C UNK H 1516 28.02 27.84 -77.21
N UNK H 1517 26.71 28.03 -77.31
CA UNK H 1517 25.90 27.13 -78.14
C UNK H 1517 24.47 27.57 -78.44
N UNK H 1518 23.77 26.70 -79.19
CA UNK H 1518 22.38 26.87 -79.65
C UNK H 1518 21.38 27.58 -78.72
N UNK H 1519 21.66 28.85 -78.40
CA UNK H 1519 20.84 29.69 -77.53
C UNK H 1519 19.42 29.91 -78.03
N UNK H 1520 18.57 28.89 -77.91
CA UNK H 1520 17.18 28.91 -78.36
C UNK H 1520 16.30 29.99 -77.74
N UNK H 1521 15.04 29.99 -78.19
CA UNK H 1521 14.06 30.97 -77.76
C UNK H 1521 13.87 31.10 -76.25
N UNK H 1522 13.92 29.98 -75.52
CA UNK H 1522 13.71 30.00 -74.08
C UNK H 1522 14.88 30.54 -73.27
N UNK H 1523 14.93 31.87 -73.13
CA UNK H 1523 15.96 32.58 -72.38
C UNK H 1523 15.70 34.08 -72.48
N UNK H 1524 14.48 34.42 -72.88
CA UNK H 1524 14.00 35.80 -73.03
C UNK H 1524 12.50 35.87 -72.70
N UNK H 1525 12.13 36.78 -71.79
CA UNK H 1525 10.74 36.96 -71.33
C UNK H 1525 9.67 36.79 -72.40
N UNK H 1526 9.79 37.58 -73.47
CA UNK H 1526 8.85 37.55 -74.59
C UNK H 1526 8.63 36.13 -75.05
N UNK H 1527 9.49 35.68 -75.98
CA UNK H 1527 9.42 34.34 -76.55
C UNK H 1527 9.10 33.28 -75.48
N UNK H 1528 10.01 33.11 -74.52
CA UNK H 1528 9.84 32.12 -73.46
C UNK H 1528 8.45 32.03 -72.84
N UNK H 1529 8.08 33.06 -72.08
CA UNK H 1529 6.79 33.11 -71.40
C UNK H 1529 5.61 32.53 -72.18
N UNK H 1530 5.81 32.28 -73.48
CA UNK H 1530 4.76 31.72 -74.32
C UNK H 1530 4.31 30.35 -73.84
N UNK H 1531 4.87 29.32 -74.47
CA UNK H 1531 4.56 27.91 -74.17
C UNK H 1531 4.70 27.47 -72.70
N UNK H 1532 5.92 27.55 -72.17
CA UNK H 1532 6.19 27.14 -70.79
C UNK H 1532 5.36 27.90 -69.78
N UNK H 1533 5.85 27.93 -68.55
CA UNK H 1533 5.19 28.64 -67.46
C UNK H 1533 6.29 29.01 -66.46
N UNK H 1534 7.44 28.35 -66.62
CA UNK H 1534 8.60 28.58 -65.77
C UNK H 1534 9.02 30.05 -65.79
N UNK H 1535 10.08 30.32 -66.56
CA UNK H 1535 10.67 31.66 -66.76
C UNK H 1535 11.87 31.35 -67.63
N UNK H 1536 13.05 31.81 -67.24
CA UNK H 1536 14.23 31.51 -68.04
C UNK H 1536 14.45 29.98 -68.12
N UNK H 1537 15.22 29.42 -67.18
CA UNK H 1537 15.54 27.99 -67.07
C UNK H 1537 17.04 27.71 -67.10
N UNK H 1538 17.44 26.86 -68.04
CA UNK H 1538 18.82 26.44 -68.26
C UNK H 1538 18.68 25.05 -68.88
N UNK H 1539 19.79 24.41 -69.19
CA UNK H 1539 19.72 23.08 -69.77
C UNK H 1539 20.94 22.30 -69.33
N UNK H 1540 21.76 21.89 -70.31
CA UNK H 1540 22.99 21.18 -69.98
C UNK H 1540 23.72 22.09 -68.99
N UNK H 1541 23.22 23.32 -68.86
CA UNK H 1541 23.74 24.37 -67.97
C UNK H 1541 24.00 23.75 -66.62
N UNK H 1542 23.33 22.62 -66.46
CA UNK H 1542 23.39 21.79 -65.29
C UNK H 1542 24.11 20.50 -65.68
N UNK H 1543 23.69 19.91 -66.81
CA UNK H 1543 24.28 18.68 -67.31
C UNK H 1543 25.77 18.65 -67.08
N UNK H 1544 26.45 19.68 -67.58
CA UNK H 1544 27.89 19.77 -67.42
C UNK H 1544 28.32 20.58 -66.20
N UNK H 1545 27.35 21.07 -65.43
CA UNK H 1545 27.64 21.84 -64.21
C UNK H 1545 27.75 20.83 -63.09
N UNK H 1546 26.97 19.76 -63.25
CA UNK H 1546 26.95 18.65 -62.31
C UNK H 1546 28.07 17.70 -62.75
N UNK H 1547 27.92 17.15 -63.96
CA UNK H 1547 28.92 16.23 -64.53
C UNK H 1547 30.25 16.97 -64.70
N UNK H 1548 30.53 17.82 -63.71
CA UNK H 1548 31.73 18.64 -63.62
C UNK H 1548 32.05 18.59 -62.15
N UNK H 1549 31.06 18.92 -61.35
CA UNK H 1549 31.19 18.85 -59.91
C UNK H 1549 31.53 17.37 -59.69
N UNK H 1550 30.83 16.53 -60.43
CA UNK H 1550 30.99 15.07 -60.37
C UNK H 1550 32.28 14.67 -61.04
N UNK H 1551 33.26 15.55 -60.99
CA UNK H 1551 34.54 15.29 -61.60
C UNK H 1551 35.57 15.89 -60.67
N UNK H 1552 35.29 17.12 -60.23
CA UNK H 1552 36.18 17.81 -59.31
C UNK H 1552 36.21 16.96 -58.06
N UNK H 1553 35.11 16.22 -57.85
CA UNK H 1553 34.99 15.36 -56.68
C UNK H 1553 35.08 13.89 -57.06
N UNK H 1554 34.74 13.54 -58.30
CA UNK H 1554 34.80 12.14 -58.76
C UNK H 1554 36.25 11.65 -58.90
N UNK H 1555 37.17 12.58 -58.71
CA UNK H 1555 38.61 12.35 -58.79
C UNK H 1555 39.24 13.73 -58.74
N UNK H 1556 40.50 13.85 -59.11
CA UNK H 1556 41.12 15.16 -59.09
C UNK H 1556 41.37 15.75 -60.49
N UNK H 1557 41.86 14.92 -61.41
CA UNK H 1557 42.15 15.35 -62.79
C UNK H 1557 41.07 14.99 -63.78
N UNK H 1558 40.37 16.01 -64.30
CA UNK H 1558 39.29 15.79 -65.27
C UNK H 1558 39.83 14.98 -66.42
N UNK H 1559 41.16 14.87 -66.45
CA UNK H 1559 41.85 14.12 -67.48
C UNK H 1559 41.38 12.66 -67.57
N UNK H 1560 40.74 12.17 -66.51
CA UNK H 1560 40.29 10.77 -66.48
C UNK H 1560 38.81 10.56 -66.68
N UNK H 1561 38.03 11.63 -66.58
CA UNK H 1561 36.58 11.58 -66.70
C UNK H 1561 35.95 10.79 -67.86
N UNK H 1562 36.58 9.69 -68.25
CA UNK H 1562 36.12 8.86 -69.37
C UNK H 1562 34.70 8.97 -69.98
N UNK H 1563 33.64 9.20 -69.19
CA UNK H 1563 32.29 9.32 -69.78
C UNK H 1563 31.06 9.53 -68.85
N UNK H 1564 30.38 10.69 -68.94
CA UNK H 1564 29.19 11.02 -68.12
C UNK H 1564 27.92 10.76 -68.91
N UNK H 1565 26.81 11.27 -68.39
CA UNK H 1565 25.52 11.09 -69.07
C UNK H 1565 24.35 11.59 -68.23
N UNK H 1566 24.04 12.89 -68.32
CA UNK H 1566 22.92 13.47 -67.57
C UNK H 1566 21.60 12.91 -68.10
N UNK H 1567 20.52 13.04 -67.35
CA UNK H 1567 19.24 12.51 -67.82
C UNK H 1567 18.10 13.54 -67.81
N UNK H 1568 18.40 14.78 -67.44
CA UNK H 1568 17.41 15.88 -67.38
C UNK H 1568 16.07 15.41 -66.79
N UNK H 1569 15.97 15.44 -65.46
CA UNK H 1569 14.79 14.97 -64.75
C UNK H 1569 13.52 15.75 -65.03
N UNK H 1570 13.49 17.00 -64.57
CA UNK H 1570 12.33 17.87 -64.79
C UNK H 1570 12.80 19.33 -64.91
N UNK H 1571 11.89 20.19 -65.38
CA UNK H 1571 12.19 21.62 -65.57
C UNK H 1571 13.10 22.22 -64.49
N UNK H 1572 14.35 22.46 -64.86
CA UNK H 1572 15.35 23.03 -63.97
C UNK H 1572 15.21 24.54 -63.77
N UNK H 1573 14.86 24.96 -62.56
CA UNK H 1573 14.67 26.39 -62.24
C UNK H 1573 15.76 27.30 -62.77
N UNK H 1574 15.44 28.58 -62.89
CA UNK H 1574 16.39 29.56 -63.42
C UNK H 1574 17.49 29.94 -62.45
N UNK H 1575 17.16 30.77 -61.48
CA UNK H 1575 18.13 31.22 -60.49
C UNK H 1575 18.00 30.44 -59.18
N UNK H 1576 17.06 29.49 -59.14
CA UNK H 1576 16.81 28.68 -57.94
C UNK H 1576 17.87 27.62 -57.66
N UNK H 1577 18.52 27.74 -56.50
CA UNK H 1577 19.60 26.84 -56.06
C UNK H 1577 19.26 25.35 -56.17
N UNK H 1578 20.31 24.52 -56.17
CA UNK H 1578 20.14 23.07 -56.29
C UNK H 1578 21.02 22.29 -55.31
N UNK H 1579 21.31 21.03 -55.67
CA UNK H 1579 22.13 20.14 -54.86
C UNK H 1579 22.10 18.71 -55.43
N UNK H 1580 23.28 18.23 -55.81
CA UNK H 1580 23.41 16.88 -56.37
C UNK H 1580 24.40 16.06 -55.55
N UNK H 1581 24.33 14.73 -55.69
CA UNK H 1581 25.21 13.81 -54.95
C UNK H 1581 25.50 12.51 -55.70
N UNK H 1582 26.74 12.06 -55.64
CA UNK H 1582 27.16 10.83 -56.30
C UNK H 1582 27.80 9.88 -55.31
N UNK H 1583 27.86 8.60 -55.70
CA UNK H 1583 28.43 7.54 -54.86
C UNK H 1583 28.91 6.39 -55.74
N UNK H 1584 30.11 5.84 -55.49
CA UNK H 1584 30.65 4.72 -56.31
C UNK H 1584 29.56 3.69 -56.53
N UNK H 1585 29.67 2.86 -57.56
CA UNK H 1585 28.59 1.91 -57.74
C UNK H 1585 28.85 0.68 -58.56
N UNK H 1586 29.91 0.68 -59.38
CA UNK H 1586 30.20 -0.50 -60.22
C UNK H 1586 31.57 -0.62 -60.90
N UNK H 1587 31.54 -1.11 -62.14
CA UNK H 1587 32.77 -1.29 -62.89
C UNK H 1587 32.63 -1.27 -64.41
N UNK H 1588 32.66 -2.46 -65.04
CA UNK H 1588 32.60 -2.65 -66.50
C UNK H 1588 34.04 -2.66 -67.09
N UNK H 1589 34.95 -2.14 -66.27
CA UNK H 1589 36.38 -2.01 -66.55
C UNK H 1589 36.79 -0.68 -65.89
N UNK H 1590 35.89 0.30 -65.98
CA UNK H 1590 36.08 1.66 -65.43
C UNK H 1590 35.69 1.81 -63.95
N UNK H 1591 34.44 2.15 -63.64
CA UNK H 1591 34.02 2.28 -62.23
C UNK H 1591 32.55 2.62 -61.93
N UNK H 1592 31.85 3.31 -62.83
CA UNK H 1592 30.45 3.72 -62.61
C UNK H 1592 30.46 4.75 -61.48
N UNK H 1593 29.42 5.56 -61.34
CA UNK H 1593 29.43 6.53 -60.25
C UNK H 1593 28.18 7.36 -60.22
N UNK H 1594 27.10 6.85 -60.82
CA UNK H 1594 25.81 7.55 -60.88
C UNK H 1594 25.50 8.58 -59.75
N UNK H 1595 24.69 9.59 -60.07
CA UNK H 1595 24.34 10.64 -59.13
C UNK H 1595 23.05 11.38 -59.47
N UNK H 1596 22.41 11.95 -58.45
CA UNK H 1596 21.17 12.70 -58.60
C UNK H 1596 21.33 14.14 -58.08
N UNK H 1597 20.62 15.09 -58.68
CA UNK H 1597 20.64 16.49 -58.27
C UNK H 1597 19.18 16.88 -58.07
N UNK H 1598 18.86 17.60 -56.99
CA UNK H 1598 17.45 17.95 -56.78
C UNK H 1598 17.13 19.41 -56.39
N UNK H 1599 15.94 19.85 -56.81
CA UNK H 1599 15.44 21.20 -56.57
C UNK H 1599 15.56 21.60 -55.12
N UNK H 1600 15.70 22.89 -54.87
CA UNK H 1600 15.77 23.39 -53.50
C UNK H 1600 14.38 23.09 -52.95
N UNK H 1601 13.47 22.74 -53.86
CA UNK H 1601 12.09 22.44 -53.50
C UNK H 1601 12.00 20.96 -53.15
N UNK H 1602 13.12 20.27 -53.37
CA UNK H 1602 13.26 18.83 -53.12
C UNK H 1602 12.60 18.06 -54.28
N UNK H 1603 12.97 18.45 -55.49
CA UNK H 1603 12.41 17.83 -56.69
C UNK H 1603 13.49 17.08 -57.44
N UNK H 1604 13.09 16.05 -58.16
CA UNK H 1604 14.04 15.26 -58.91
C UNK H 1604 14.34 15.90 -60.27
N UNK H 1605 15.40 16.69 -60.34
CA UNK H 1605 15.81 17.35 -61.58
C UNK H 1605 17.22 16.89 -61.87
N UNK H 1606 17.78 17.29 -63.01
CA UNK H 1606 19.15 16.88 -63.35
C UNK H 1606 19.23 15.37 -63.58
N UNK H 1607 18.22 14.67 -63.09
CA UNK H 1607 18.08 13.22 -63.20
C UNK H 1607 19.34 12.37 -63.00
N UNK H 1608 19.33 11.23 -63.68
CA UNK H 1608 20.41 10.28 -63.62
C UNK H 1608 21.81 10.85 -63.80
N UNK H 1609 22.75 9.93 -63.97
CA UNK H 1609 24.17 10.23 -64.16
C UNK H 1609 24.85 8.86 -64.30
N UNK H 1610 26.18 8.85 -64.38
CA UNK H 1610 26.90 7.59 -64.52
C UNK H 1610 28.40 7.68 -64.17
N UNK H 1611 29.16 8.37 -65.00
CA UNK H 1611 30.61 8.52 -64.83
C UNK H 1611 31.35 7.28 -65.32
N UNK H 1612 32.61 7.15 -64.95
CA UNK H 1612 33.38 5.99 -65.35
C UNK H 1612 34.88 6.16 -65.10
N UNK H 1613 35.24 6.95 -64.09
CA UNK H 1613 36.65 7.20 -63.76
C UNK H 1613 37.57 5.94 -63.72
N UNK H 1614 38.83 6.11 -63.32
CA UNK H 1614 39.79 5.00 -63.21
C UNK H 1614 41.03 5.44 -62.39
N UNK H 1615 41.80 4.48 -61.87
CA UNK H 1615 42.99 4.81 -61.08
C UNK H 1615 44.29 4.34 -61.74
N UNK H 1616 45.43 4.90 -61.31
CA UNK H 1616 46.75 4.58 -61.86
C UNK H 1616 47.25 3.21 -61.42
N UNK H 1617 46.67 2.17 -62.01
CA UNK H 1617 46.99 0.75 -61.72
C UNK H 1617 48.45 0.34 -61.79
N UNK H 1618 48.68 -0.92 -61.46
CA UNK H 1618 50.01 -1.54 -61.46
C UNK H 1618 49.99 -2.83 -60.63
N UNK H 1619 49.46 -3.90 -61.21
CA UNK H 1619 49.36 -5.19 -60.52
C UNK H 1619 50.73 -5.90 -60.50
N UNK H 1620 50.83 -6.99 -59.73
CA UNK H 1620 52.09 -7.75 -59.63
C UNK H 1620 51.88 -9.27 -59.74
N UNK H 1621 52.58 -10.04 -58.89
CA UNK H 1621 52.45 -11.49 -58.92
C UNK H 1621 53.05 -12.27 -57.72
N UNK H 1622 53.16 -13.59 -57.90
CA UNK H 1622 53.67 -14.51 -56.87
C UNK H 1622 55.10 -14.27 -56.48
N UNK H 1623 55.60 -15.14 -55.60
CA UNK H 1623 56.97 -15.05 -55.09
C UNK H 1623 57.62 -16.44 -55.07
N GLN H 1624 57.01 -17.37 -55.80
CA GLN H 1624 57.50 -18.75 -55.89
C GLN H 1624 58.13 -19.24 -54.58
N GLY H 1625 57.51 -18.90 -53.46
CA GLY H 1625 58.04 -19.32 -52.17
C GLY H 1625 57.16 -18.90 -51.01
N SER H 1626 55.90 -18.61 -51.31
CA SER H 1626 54.97 -18.18 -50.28
C SER H 1626 53.98 -19.31 -50.02
N GLN H 1627 53.59 -20.00 -51.09
CA GLN H 1627 52.65 -21.12 -51.06
C GLN H 1627 52.49 -21.88 -49.75
N GLU H 1628 51.29 -22.40 -49.53
CA GLU H 1628 50.99 -23.16 -48.31
C GLU H 1628 49.56 -23.68 -48.27
N GLN H 1629 49.39 -24.81 -47.58
CA GLN H 1629 48.11 -25.49 -47.42
C GLN H 1629 46.93 -24.73 -48.02
N GLY H 1630 46.17 -24.06 -47.16
CA GLY H 1630 45.00 -23.30 -47.59
C GLY H 1630 44.93 -22.91 -49.06
N MET H 1631 45.81 -21.98 -49.44
CA MET H 1631 45.87 -21.49 -50.81
C MET H 1631 44.50 -21.10 -51.36
N GLY H 1632 44.09 -19.87 -51.07
CA GLY H 1632 42.82 -19.32 -51.53
C GLY H 1632 41.67 -20.26 -51.87
N MET H 1633 41.65 -21.44 -51.27
CA MET H 1633 40.58 -22.38 -51.53
C MET H 1633 39.26 -21.73 -51.20
N ASP H 1634 39.25 -21.00 -50.09
CA ASP H 1634 38.06 -20.28 -49.63
C ASP H 1634 37.36 -19.78 -50.89
N LEU H 1635 38.12 -19.04 -51.68
CA LEU H 1635 37.63 -18.48 -52.92
C LEU H 1635 36.93 -19.56 -53.69
N TYR H 1636 37.67 -20.63 -54.02
CA TYR H 1636 37.13 -21.74 -54.80
C TYR H 1636 35.60 -21.81 -54.79
N LYS H 1637 35.01 -22.09 -53.64
CA LYS H 1637 33.55 -22.18 -53.59
C LYS H 1637 32.88 -20.83 -53.88
N THR H 1638 33.49 -19.75 -53.42
CA THR H 1638 32.94 -18.40 -53.60
C THR H 1638 32.43 -17.99 -54.98
N SER H 1639 33.34 -17.77 -55.92
CA SER H 1639 32.96 -17.33 -57.26
C SER H 1639 33.17 -18.35 -58.38
N LYS H 1640 32.16 -18.46 -59.24
CA LYS H 1640 32.23 -19.38 -60.37
C LYS H 1640 33.44 -19.02 -61.19
N ALA H 1641 33.97 -17.83 -60.94
CA ALA H 1641 35.15 -17.37 -61.64
C ALA H 1641 36.23 -18.40 -61.40
N ALA H 1642 37.03 -18.14 -60.38
CA ALA H 1642 38.11 -19.04 -60.02
C ALA H 1642 37.63 -20.47 -60.20
N GLN H 1643 36.37 -20.70 -59.85
CA GLN H 1643 35.77 -22.01 -59.94
C GLN H 1643 36.42 -22.85 -61.04
N ASP H 1644 35.88 -22.76 -62.24
CA ASP H 1644 36.39 -23.54 -63.36
C ASP H 1644 37.88 -23.38 -63.64
N VAL H 1645 38.47 -22.28 -63.21
CA VAL H 1645 39.89 -22.10 -63.42
C VAL H 1645 40.53 -23.42 -63.02
N TRP H 1646 40.44 -23.72 -61.73
CA TRP H 1646 40.99 -24.96 -61.22
C TRP H 1646 40.38 -26.12 -61.97
N ASN H 1647 39.09 -26.33 -61.77
CA ASN H 1647 38.40 -27.44 -62.44
C ASN H 1647 39.14 -27.81 -63.72
N ARG H 1648 39.17 -26.90 -64.67
CA ARG H 1648 39.86 -27.16 -65.90
C ARG H 1648 41.22 -27.74 -65.62
N ALA H 1649 42.08 -26.95 -65.00
CA ALA H 1649 43.42 -27.39 -64.67
C ALA H 1649 43.44 -28.74 -63.96
N ASP H 1650 42.90 -28.75 -62.74
CA ASP H 1650 42.87 -29.97 -61.97
C ASP H 1650 42.24 -31.11 -62.76
N ASN H 1651 41.25 -30.77 -63.56
CA ASN H 1651 40.60 -31.81 -64.36
C ASN H 1651 41.62 -32.27 -65.40
N HIS H 1652 41.92 -31.39 -66.36
CA HIS H 1652 42.87 -31.70 -67.42
C HIS H 1652 44.10 -32.34 -66.81
N PHE H 1653 44.32 -32.10 -65.54
CA PHE H 1653 45.47 -32.67 -64.90
C PHE H 1653 45.37 -34.17 -64.69
N LYS H 1654 44.70 -34.60 -63.63
CA LYS H 1654 44.55 -36.02 -63.36
C LYS H 1654 44.08 -36.70 -64.65
N ASP H 1655 43.67 -35.88 -65.61
CA ASP H 1655 43.18 -36.33 -66.91
C ASP H 1655 44.34 -36.65 -67.85
N THR H 1656 45.27 -35.70 -67.95
CA THR H 1656 46.46 -35.86 -68.78
C THR H 1656 47.51 -36.59 -67.96
N TYR H 1657 47.72 -36.10 -66.75
CA TYR H 1657 48.67 -36.71 -65.86
C TYR H 1657 48.00 -36.96 -64.51
N GLY H 1658 47.45 -38.17 -64.34
CA GLY H 1658 46.75 -38.59 -63.14
C GLY H 1658 47.16 -37.81 -61.91
N PHE H 1659 46.24 -37.57 -60.99
CA PHE H 1659 46.49 -36.80 -59.77
C PHE H 1659 45.92 -35.40 -59.97
N SER H 1660 45.42 -34.78 -58.89
CA SER H 1660 44.81 -33.46 -58.97
C SER H 1660 45.49 -32.36 -58.17
N ILE H 1661 45.71 -31.22 -58.81
CA ILE H 1661 46.33 -30.09 -58.17
C ILE H 1661 45.55 -29.85 -56.89
N LEU H 1662 44.31 -29.40 -57.06
CA LEU H 1662 43.44 -29.13 -55.93
C LEU H 1662 43.79 -30.07 -54.77
N ASP H 1663 43.62 -31.36 -55.03
CA ASP H 1663 43.91 -32.35 -54.03
C ASP H 1663 45.16 -31.90 -53.29
N ILE H 1664 46.25 -31.78 -54.04
CA ILE H 1664 47.54 -31.36 -53.51
C ILE H 1664 47.51 -29.99 -52.87
N VAL H 1665 46.66 -29.11 -53.38
CA VAL H 1665 46.56 -27.77 -52.83
C VAL H 1665 45.86 -27.78 -51.48
N ILE H 1666 44.67 -28.37 -51.42
CA ILE H 1666 43.92 -28.45 -50.17
C ILE H 1666 44.85 -29.06 -49.13
N ASN H 1667 44.92 -30.38 -49.13
CA ASN H 1667 45.78 -31.11 -48.21
C ASN H 1667 47.12 -31.36 -48.89
N ASN H 1668 48.18 -31.56 -48.10
CA ASN H 1668 49.52 -31.78 -48.65
C ASN H 1668 49.85 -33.26 -48.57
N PRO H 1669 49.28 -34.07 -49.47
CA PRO H 1669 49.51 -35.51 -49.50
C PRO H 1669 50.94 -35.94 -49.79
N VAL H 1670 51.90 -35.14 -49.38
CA VAL H 1670 53.30 -35.47 -49.61
C VAL H 1670 53.66 -36.83 -49.04
N ASN H 1671 54.74 -36.89 -48.28
CA ASN H 1671 55.18 -38.16 -47.70
C ASN H 1671 55.30 -39.11 -48.89
N LEU H 1672 54.78 -40.33 -48.75
CA LEU H 1672 54.78 -41.30 -49.84
C LEU H 1672 53.72 -40.77 -50.80
N THR H 1673 53.86 -39.50 -51.16
CA THR H 1673 52.92 -38.83 -52.05
C THR H 1673 52.53 -39.65 -53.27
N ILE H 1674 51.72 -39.03 -54.12
CA ILE H 1674 51.27 -39.67 -55.33
C ILE H 1674 52.32 -40.52 -55.98
N HIS H 1675 51.84 -41.54 -56.68
CA HIS H 1675 52.70 -42.47 -57.40
C HIS H 1675 51.86 -42.96 -58.56
N PHE H 1676 50.56 -42.70 -58.43
CA PHE H 1676 49.59 -43.07 -59.42
C PHE H 1676 49.51 -44.56 -59.52
N GLY H 1677 48.31 -45.08 -59.59
CA GLY H 1677 48.18 -46.51 -59.77
C GLY H 1677 48.56 -46.64 -61.22
N GLY H 1678 48.57 -45.48 -61.89
CA GLY H 1678 48.91 -45.40 -63.29
C GLY H 1678 48.39 -46.62 -64.00
N GLU H 1679 47.06 -46.69 -64.10
CA GLU H 1679 46.42 -47.83 -64.71
C GLU H 1679 47.28 -48.39 -65.81
N LYS H 1680 47.21 -49.71 -65.90
CA LYS H 1680 47.95 -50.47 -66.87
C LYS H 1680 46.92 -50.84 -67.96
N GLY H 1681 45.75 -50.23 -67.84
CA GLY H 1681 44.68 -50.45 -68.79
C GLY H 1681 44.26 -49.10 -69.36
N LYS H 1682 43.74 -49.10 -70.58
CA LYS H 1682 43.31 -47.87 -71.22
C LYS H 1682 44.04 -46.60 -70.79
N ARG H 1683 43.55 -45.95 -69.74
CA ARG H 1683 44.15 -44.71 -69.23
C ARG H 1683 45.64 -44.81 -68.91
N ILE H 1684 46.20 -46.00 -69.10
CA ILE H 1684 47.61 -46.18 -68.85
C ILE H 1684 48.40 -45.25 -69.75
N ARG H 1685 48.51 -45.65 -71.02
CA ARG H 1685 49.25 -44.93 -72.03
C ARG H 1685 49.23 -43.42 -71.85
N GLU H 1686 48.07 -42.83 -72.14
CA GLU H 1686 47.91 -41.40 -72.04
C GLU H 1686 48.65 -40.81 -70.83
N ASN H 1687 49.02 -41.65 -69.88
CA ASN H 1687 49.76 -41.22 -68.69
C ASN H 1687 51.12 -41.87 -68.72
N TYR H 1688 51.14 -43.15 -68.34
CA TYR H 1688 52.36 -43.95 -68.30
C TYR H 1688 52.92 -44.09 -69.71
N SER H 1689 53.24 -42.95 -70.28
CA SER H 1689 53.78 -42.81 -71.62
C SER H 1689 53.48 -41.37 -71.97
N ALA H 1690 52.29 -41.15 -72.53
CA ALA H 1690 51.90 -39.80 -72.90
C ALA H 1690 52.33 -38.83 -71.81
N MET H 1691 53.01 -37.78 -72.25
CA MET H 1691 53.54 -36.72 -71.39
C MET H 1691 54.58 -37.19 -70.35
N ILE H 1692 54.37 -38.34 -69.72
CA ILE H 1692 55.35 -38.80 -68.73
C ILE H 1692 56.27 -39.78 -69.42
N PHE H 1693 57.57 -39.66 -69.12
CA PHE H 1693 58.64 -40.47 -69.70
C PHE H 1693 59.17 -39.67 -70.88
N GLU H 1694 58.26 -39.28 -71.76
CA GLU H 1694 58.60 -38.51 -72.94
C GLU H 1694 59.17 -37.16 -72.53
N THR H 1695 59.20 -36.92 -71.23
CA THR H 1695 59.71 -35.69 -70.69
C THR H 1695 61.20 -35.59 -71.06
N ILE H 1696 61.64 -34.40 -71.48
CA ILE H 1696 63.04 -34.24 -71.88
C ILE H 1696 63.69 -32.92 -71.46
N VAL H 1697 64.76 -33.01 -70.68
CA VAL H 1697 65.50 -31.84 -70.23
C VAL H 1697 66.87 -31.84 -70.88
N ASP H 1698 67.46 -30.66 -71.04
CA ASP H 1698 68.76 -30.55 -71.67
C ASP H 1698 69.87 -29.90 -70.83
N GLY H 1699 69.83 -30.08 -69.52
CA GLY H 1699 70.88 -29.51 -68.68
C GLY H 1699 72.19 -30.13 -69.13
N LYS H 1700 72.15 -31.45 -69.30
CA LYS H 1700 73.29 -32.24 -69.76
C LYS H 1700 72.78 -33.11 -70.92
N LEU H 1701 73.60 -33.28 -71.95
CA LEU H 1701 73.27 -34.06 -73.15
C LEU H 1701 71.87 -33.74 -73.75
N LYS H 1702 71.62 -34.26 -74.95
CA LYS H 1702 70.36 -34.00 -75.65
C LYS H 1702 69.13 -34.76 -75.13
N THR H 1703 69.21 -36.08 -75.00
CA THR H 1703 68.06 -36.85 -74.51
C THR H 1703 68.22 -37.49 -73.12
N GLU H 1704 67.75 -36.77 -72.10
CA GLU H 1704 67.75 -37.24 -70.72
C GLU H 1704 66.29 -37.17 -70.33
N LYS H 1705 65.55 -38.21 -70.69
CA LYS H 1705 64.14 -38.28 -70.41
C LYS H 1705 63.84 -38.33 -68.91
N ILE H 1706 63.34 -37.21 -68.40
CA ILE H 1706 63.01 -37.05 -66.98
C ILE H 1706 62.90 -38.36 -66.23
N PHE H 1707 63.94 -38.67 -65.48
CA PHE H 1707 64.04 -39.87 -64.69
C PHE H 1707 63.37 -41.04 -65.40
N LYS H 1708 64.18 -42.00 -65.82
CA LYS H 1708 63.66 -43.18 -66.50
C LYS H 1708 62.66 -43.84 -65.56
N GLU H 1709 62.76 -45.15 -65.42
CA GLU H 1709 61.85 -45.86 -64.54
C GLU H 1709 60.51 -45.93 -65.26
N ILE H 1710 60.12 -44.79 -65.83
CA ILE H 1710 58.85 -44.70 -66.55
C ILE H 1710 58.79 -45.80 -67.60
N ASN H 1711 59.92 -46.48 -67.76
CA ASN H 1711 60.08 -47.58 -68.72
C ASN H 1711 58.79 -48.29 -69.10
N GLU H 1712 58.67 -48.53 -70.41
CA GLU H 1712 57.53 -49.22 -71.01
C GLU H 1712 56.39 -49.45 -70.03
N HIS H 1713 56.18 -50.71 -69.67
CA HIS H 1713 55.13 -51.07 -68.73
C HIS H 1713 55.46 -50.46 -67.37
N SER H 1714 56.16 -51.22 -66.53
CA SER H 1714 56.54 -50.80 -65.17
C SER H 1714 55.57 -49.76 -64.59
N THR H 1715 54.58 -50.24 -63.84
CA THR H 1715 53.58 -49.38 -63.28
C THR H 1715 53.97 -48.65 -62.01
N SER H 1716 53.57 -47.37 -61.96
CA SER H 1716 53.74 -46.49 -60.82
C SER H 1716 55.06 -45.83 -60.47
N TYR H 1717 55.14 -44.52 -60.68
CA TYR H 1717 56.32 -43.77 -60.29
C TYR H 1717 55.89 -43.37 -58.89
N THR H 1718 56.55 -42.40 -58.27
CA THR H 1718 56.17 -41.97 -56.93
C THR H 1718 56.95 -40.74 -56.46
N PHE H 1719 56.48 -39.55 -56.82
CA PHE H 1719 57.17 -38.34 -56.39
C PHE H 1719 57.05 -38.42 -54.88
N ARG H 1720 57.81 -37.59 -54.16
CA ARG H 1720 57.73 -37.60 -52.71
C ARG H 1720 58.81 -36.90 -51.90
N SER H 1721 58.41 -35.85 -51.20
CA SER H 1721 59.33 -35.14 -50.32
C SER H 1721 58.84 -35.72 -49.02
N GLU H 1722 59.29 -35.21 -47.89
CA GLU H 1722 58.82 -35.76 -46.64
C GLU H 1722 58.50 -34.64 -45.68
N LYS H 1723 58.29 -33.44 -46.23
CA LYS H 1723 58.01 -32.27 -45.42
C LYS H 1723 56.92 -31.40 -46.07
N GLY H 1724 56.46 -31.81 -47.24
CA GLY H 1724 55.43 -31.06 -47.95
C GLY H 1724 55.52 -31.03 -49.47
N LEU H 1725 55.12 -32.10 -50.13
CA LEU H 1725 55.17 -32.17 -51.58
C LEU H 1725 54.56 -30.96 -52.27
N LEU H 1726 53.72 -30.24 -51.54
CA LEU H 1726 53.10 -29.04 -52.10
C LEU H 1726 54.20 -28.01 -52.28
N SER H 1727 55.35 -28.53 -52.68
CA SER H 1727 56.53 -27.75 -52.94
C SER H 1727 57.30 -28.51 -54.03
N ALA H 1728 58.59 -28.79 -53.78
CA ALA H 1728 59.41 -29.49 -54.77
C ALA H 1728 59.37 -28.69 -56.07
N THR H 1729 58.84 -27.47 -55.97
CA THR H 1729 58.69 -26.53 -57.08
C THR H 1729 58.32 -27.26 -58.37
N GLN H 1730 57.87 -28.50 -58.22
CA GLN H 1730 57.47 -29.32 -59.35
C GLN H 1730 55.97 -29.24 -59.35
N PHE H 1731 55.48 -28.79 -58.21
CA PHE H 1731 54.07 -28.63 -57.97
C PHE H 1731 53.83 -27.21 -57.56
N THR H 1732 54.66 -26.74 -56.63
CA THR H 1732 54.53 -25.39 -56.12
C THR H 1732 53.98 -24.49 -57.22
N GLN H 1733 54.66 -24.55 -58.36
CA GLN H 1733 54.28 -23.74 -59.49
C GLN H 1733 52.81 -23.99 -59.87
N PRO H 1734 52.49 -25.19 -60.34
CA PRO H 1734 51.11 -25.48 -60.72
C PRO H 1734 50.07 -24.78 -59.84
N ALA H 1735 50.34 -24.74 -58.54
CA ALA H 1735 49.45 -24.12 -57.58
C ALA H 1735 49.57 -22.60 -57.60
N LEU H 1736 50.62 -22.09 -56.96
CA LEU H 1736 50.85 -20.65 -56.88
C LEU H 1736 50.49 -19.97 -58.18
N THR H 1737 50.68 -20.69 -59.28
CA THR H 1737 50.31 -20.17 -60.58
C THR H 1737 48.80 -20.19 -60.61
N LEU H 1738 48.28 -21.38 -60.91
CA LEU H 1738 46.84 -21.62 -60.99
C LEU H 1738 46.14 -20.67 -60.03
N MET H 1739 46.66 -20.64 -58.80
CA MET H 1739 46.10 -19.80 -57.76
C MET H 1739 45.78 -18.40 -58.28
N GLU H 1740 46.82 -17.62 -58.51
CA GLU H 1740 46.63 -16.25 -58.99
C GLU H 1740 45.64 -16.16 -60.14
N LYS H 1741 45.82 -17.03 -61.14
CA LYS H 1741 44.96 -17.03 -62.31
C LYS H 1741 43.54 -16.85 -61.86
N ALA H 1742 43.02 -17.90 -61.25
CA ALA H 1742 41.67 -17.88 -60.72
C ALA H 1742 41.46 -16.49 -60.16
N ALA H 1743 42.17 -16.20 -59.07
CA ALA H 1743 42.10 -14.90 -58.40
C ALA H 1743 41.85 -13.81 -59.41
N PHE H 1744 42.64 -13.82 -60.47
CA PHE H 1744 42.45 -12.81 -61.48
C PHE H 1744 41.04 -12.86 -62.02
N GLU H 1745 40.75 -13.88 -62.81
CA GLU H 1745 39.43 -14.03 -63.40
C GLU H 1745 38.38 -13.27 -62.61
N ASP H 1746 38.04 -13.80 -61.43
CA ASP H 1746 37.06 -13.17 -60.53
C ASP H 1746 37.08 -11.66 -60.68
N LEU H 1747 38.29 -11.12 -60.67
CA LEU H 1747 38.47 -9.69 -60.78
C LEU H 1747 37.85 -9.11 -62.02
N LYS H 1748 38.50 -9.25 -63.17
CA LYS H 1748 37.93 -8.69 -64.39
C LYS H 1748 36.50 -9.19 -64.53
N SER H 1749 36.23 -10.36 -63.95
CA SER H 1749 34.89 -10.92 -63.97
C SER H 1749 34.01 -9.87 -63.33
N LYS H 1750 34.27 -9.59 -62.05
CA LYS H 1750 33.51 -8.60 -61.34
C LYS H 1750 33.88 -7.20 -61.86
N GLY H 1751 34.75 -7.17 -62.87
CA GLY H 1751 35.17 -5.91 -63.46
C GLY H 1751 36.00 -5.06 -62.54
N LEU H 1752 37.31 -5.19 -62.62
CA LEU H 1752 38.18 -4.43 -61.73
C LEU H 1752 39.49 -4.05 -62.41
N ILE H 1753 39.85 -4.82 -63.44
CA ILE H 1753 41.09 -4.59 -64.16
C ILE H 1753 40.95 -3.54 -65.27
N PRO H 1754 41.75 -2.46 -65.17
CA PRO H 1754 41.82 -1.32 -66.10
C PRO H 1754 42.72 -1.55 -67.32
N ALA H 1755 42.08 -1.82 -68.46
CA ALA H 1755 42.75 -2.09 -69.74
C ALA H 1755 44.27 -1.88 -69.76
N ASP H 1756 44.69 -0.68 -69.36
CA ASP H 1756 46.09 -0.32 -69.33
C ASP H 1756 46.68 -0.53 -67.94
N ALA H 1757 47.43 -1.60 -67.75
CA ALA H 1757 48.02 -1.85 -66.45
C ALA H 1757 49.43 -2.38 -66.60
N THR H 1758 50.09 -2.52 -65.45
CA THR H 1758 51.46 -3.00 -65.38
C THR H 1758 51.60 -4.51 -65.06
N PHE H 1759 51.93 -5.31 -66.08
CA PHE H 1759 52.10 -6.76 -65.89
C PHE H 1759 53.37 -6.97 -65.12
N ALA H 1760 53.31 -7.76 -64.04
CA ALA H 1760 54.47 -8.03 -63.21
C ALA H 1760 54.68 -9.52 -62.87
N GLY H 1761 55.94 -9.93 -62.79
CA GLY H 1761 56.24 -11.32 -62.46
C GLY H 1761 57.41 -11.52 -61.50
N HIS H 1762 57.87 -12.77 -61.42
CA HIS H 1762 58.97 -13.14 -60.58
C HIS H 1762 59.15 -14.65 -60.64
N SER H 1763 60.25 -15.07 -61.25
CA SER H 1763 60.54 -16.50 -61.38
C SER H 1763 59.45 -17.10 -62.25
N LEU H 1764 58.32 -17.36 -61.62
CA LEU H 1764 57.17 -17.94 -62.27
C LEU H 1764 56.10 -16.86 -62.29
N GLY H 1765 56.12 -16.05 -61.24
CA GLY H 1765 55.17 -14.96 -61.07
C GLY H 1765 54.96 -14.17 -62.35
N GLU H 1766 55.82 -14.40 -63.33
CA GLU H 1766 55.68 -13.69 -64.57
C GLU H 1766 54.47 -14.22 -65.36
N TYR H 1767 54.25 -15.53 -65.38
CA TYR H 1767 53.09 -16.05 -66.10
C TYR H 1767 51.87 -15.49 -65.39
N ALA H 1768 52.08 -15.18 -64.11
CA ALA H 1768 51.05 -14.62 -63.20
C ALA H 1768 50.63 -13.25 -63.69
N ALA H 1769 50.59 -13.14 -65.00
CA ALA H 1769 50.23 -11.92 -65.69
C ALA H 1769 50.11 -12.31 -67.16
N LEU H 1770 51.26 -12.58 -67.78
CA LEU H 1770 51.27 -12.97 -69.19
C LEU H 1770 50.18 -14.01 -69.30
N ALA H 1771 50.17 -14.96 -68.37
CA ALA H 1771 49.15 -15.99 -68.37
C ALA H 1771 47.79 -15.31 -68.23
N SER H 1772 47.66 -14.52 -67.16
CA SER H 1772 46.44 -13.79 -66.90
C SER H 1772 46.40 -12.56 -67.79
N LEU H 1773 46.15 -11.39 -67.18
CA LEU H 1773 46.09 -10.09 -67.88
C LEU H 1773 46.23 -10.22 -69.40
N ALA H 1774 45.16 -9.97 -70.14
CA ALA H 1774 45.18 -10.11 -71.60
C ALA H 1774 45.88 -11.46 -71.85
N ASP H 1775 45.07 -12.52 -71.82
CA ASP H 1775 45.53 -13.90 -71.99
C ASP H 1775 46.67 -14.09 -72.98
N VAL H 1776 47.16 -15.31 -73.04
CA VAL H 1776 48.25 -15.65 -73.92
C VAL H 1776 48.18 -17.13 -74.29
N MET H 1777 48.29 -17.96 -73.26
CA MET H 1777 48.25 -19.41 -73.42
C MET H 1777 46.84 -19.92 -73.23
N SER H 1778 46.77 -21.22 -72.93
CA SER H 1778 45.50 -21.85 -72.69
C SER H 1778 45.42 -22.03 -71.19
N ILE H 1779 44.28 -21.65 -70.62
CA ILE H 1779 44.07 -21.81 -69.19
C ILE H 1779 44.67 -23.17 -68.92
N GLU H 1780 44.22 -24.15 -69.69
CA GLU H 1780 44.69 -25.51 -69.58
C GLU H 1780 46.20 -25.52 -69.60
N SER H 1781 46.71 -25.64 -70.83
CA SER H 1781 48.13 -25.68 -71.09
C SER H 1781 48.97 -24.84 -70.15
N LEU H 1782 48.46 -23.70 -69.71
CA LEU H 1782 49.24 -22.87 -68.80
C LEU H 1782 50.01 -23.70 -67.79
N VAL H 1783 49.29 -24.48 -66.99
CA VAL H 1783 49.94 -25.29 -65.98
C VAL H 1783 50.80 -26.35 -66.64
N GLU H 1784 50.24 -26.98 -67.66
CA GLU H 1784 50.94 -28.01 -68.43
C GLU H 1784 52.44 -27.70 -68.50
N VAL H 1785 52.76 -26.44 -68.79
CA VAL H 1785 54.15 -25.99 -68.89
C VAL H 1785 54.71 -25.55 -67.56
N VAL H 1786 53.95 -24.71 -66.86
CA VAL H 1786 54.35 -24.24 -65.56
C VAL H 1786 54.88 -25.48 -64.88
N PHE H 1787 54.21 -26.58 -65.14
CA PHE H 1787 54.54 -27.89 -64.61
C PHE H 1787 55.79 -28.42 -65.31
N TYR H 1788 55.82 -28.29 -66.63
CA TYR H 1788 56.95 -28.73 -67.43
C TYR H 1788 58.19 -28.04 -66.88
N ARG H 1789 58.16 -26.71 -66.94
CA ARG H 1789 59.23 -25.90 -66.43
C ARG H 1789 59.54 -26.43 -65.03
N GLY H 1790 58.53 -27.00 -64.40
CA GLY H 1790 58.71 -27.56 -63.08
C GLY H 1790 59.77 -28.64 -63.15
N MET H 1791 59.35 -29.88 -63.40
CA MET H 1791 60.29 -30.99 -63.49
C MET H 1791 61.62 -30.56 -64.07
N THR H 1792 61.56 -29.91 -65.22
CA THR H 1792 62.77 -29.46 -65.90
C THR H 1792 63.74 -28.76 -64.96
N MET H 1793 63.24 -27.83 -64.16
CA MET H 1793 64.08 -27.11 -63.20
C MET H 1793 64.66 -28.04 -62.15
N GLN H 1794 64.59 -29.35 -62.38
CA GLN H 1794 65.11 -30.29 -61.42
C GLN H 1794 66.11 -31.33 -61.92
N VAL H 1795 65.90 -31.89 -63.12
CA VAL H 1795 66.84 -32.90 -63.59
C VAL H 1795 68.00 -32.38 -64.40
N ALA H 1796 68.24 -31.07 -64.34
CA ALA H 1796 69.34 -30.46 -65.08
C ALA H 1796 70.65 -30.57 -64.30
N VAL H 1797 70.52 -30.74 -62.99
CA VAL H 1797 71.68 -30.87 -62.12
C VAL H 1797 71.63 -32.22 -61.42
N PRO H 1798 71.68 -33.31 -62.19
CA PRO H 1798 71.64 -34.62 -61.55
C PRO H 1798 72.76 -34.68 -60.54
N ARG H 1799 72.41 -34.88 -59.27
CA ARG H 1799 73.42 -34.92 -58.20
C ARG H 1799 72.95 -35.78 -57.03
N ASP H 1800 73.90 -36.42 -56.35
CA ASP H 1800 73.61 -37.27 -55.19
C ASP H 1800 72.36 -38.13 -55.42
N GLU H 1801 72.59 -39.31 -56.01
CA GLU H 1801 71.51 -40.24 -56.31
C GLU H 1801 70.87 -40.81 -55.05
N LEU H 1802 70.96 -40.03 -53.97
CA LEU H 1802 70.39 -40.39 -52.68
C LEU H 1802 69.28 -39.38 -52.45
N GLY H 1803 69.67 -38.12 -52.27
CA GLY H 1803 68.70 -37.07 -52.05
C GLY H 1803 69.27 -35.72 -51.67
N ARG H 1804 69.87 -35.02 -52.65
CA ARG H 1804 70.43 -33.68 -52.45
C ARG H 1804 71.29 -33.23 -53.62
N SER H 1805 72.07 -32.18 -53.40
CA SER H 1805 72.94 -31.64 -54.45
C SER H 1805 73.78 -30.49 -53.89
N ASN H 1806 74.95 -30.28 -54.49
CA ASN H 1806 75.85 -29.21 -54.05
C ASN H 1806 75.25 -27.86 -54.48
N TYR H 1807 73.93 -27.78 -54.47
CA TYR H 1807 73.24 -26.56 -54.87
C TYR H 1807 72.14 -26.08 -53.94
N GLY H 1808 71.68 -24.85 -54.21
CA GLY H 1808 70.64 -24.18 -53.45
C GLY H 1808 70.78 -22.69 -53.71
N MET H 1809 70.80 -21.90 -52.65
CA MET H 1809 70.97 -20.45 -52.74
C MET H 1809 70.60 -19.68 -51.47
N ILE H 1810 71.04 -18.43 -51.37
CA ILE H 1810 70.74 -17.60 -50.21
C ILE H 1810 70.39 -16.18 -50.65
N ALA H 1811 70.18 -15.30 -49.68
CA ALA H 1811 69.87 -13.92 -49.96
C ALA H 1811 70.66 -13.12 -48.94
N ILE H 1812 70.91 -11.85 -49.23
CA ILE H 1812 71.67 -11.03 -48.30
C ILE H 1812 71.38 -9.53 -48.33
N ASN H 1813 71.71 -8.88 -47.23
CA ASN H 1813 71.53 -7.45 -47.05
C ASN H 1813 72.82 -6.84 -46.51
N PRO H 1814 73.29 -5.77 -47.13
CA PRO H 1814 74.51 -5.07 -46.73
C PRO H 1814 74.64 -4.82 -45.23
N GLY H 1815 75.88 -4.85 -44.75
CA GLY H 1815 76.14 -4.60 -43.35
C GLY H 1815 77.30 -3.62 -43.18
N ARG H 1816 77.04 -2.33 -43.48
CA ARG H 1816 77.99 -1.21 -43.40
C ARG H 1816 78.55 -0.77 -44.77
N VAL H 1817 77.81 0.09 -45.48
CA VAL H 1817 78.23 0.56 -46.80
C VAL H 1817 78.19 -0.58 -47.82
N ALA H 1818 77.56 -0.36 -48.97
CA ALA H 1818 77.47 -1.41 -49.97
C ALA H 1818 77.07 -0.98 -51.39
N ALA H 1819 76.09 -1.68 -51.97
CA ALA H 1819 75.60 -1.41 -53.33
C ALA H 1819 76.61 -1.94 -54.35
N SER H 1820 76.19 -2.90 -55.17
CA SER H 1820 77.09 -3.51 -56.16
C SER H 1820 78.25 -4.07 -55.34
N PHE H 1821 78.18 -3.72 -54.06
CA PHE H 1821 79.11 -4.08 -53.01
C PHE H 1821 79.74 -5.44 -53.29
N SER H 1822 78.91 -6.41 -53.64
CA SER H 1822 79.39 -7.74 -53.90
C SER H 1822 79.13 -8.13 -55.35
N GLN H 1823 78.57 -7.21 -56.12
CA GLN H 1823 78.29 -7.52 -57.52
C GLN H 1823 79.57 -8.16 -58.05
N GLU H 1824 80.69 -7.77 -57.45
CA GLU H 1824 81.99 -8.30 -57.81
C GLU H 1824 82.65 -9.02 -56.62
N ALA H 1825 82.33 -8.62 -55.39
CA ALA H 1825 82.90 -9.32 -54.24
C ALA H 1825 82.54 -10.78 -54.46
N LEU H 1826 81.53 -10.97 -55.31
CA LEU H 1826 81.03 -12.27 -55.71
C LEU H 1826 81.71 -12.60 -57.03
N GLN H 1827 81.49 -11.72 -57.99
CA GLN H 1827 82.04 -11.85 -59.34
C GLN H 1827 83.56 -11.96 -59.30
N TYR H 1828 84.11 -11.96 -58.09
CA TYR H 1828 85.55 -12.07 -57.87
C TYR H 1828 85.84 -13.42 -57.21
N VAL H 1829 84.82 -14.26 -57.10
CA VAL H 1829 84.97 -15.59 -56.52
C VAL H 1829 84.82 -16.55 -57.68
N VAL H 1830 84.03 -16.12 -58.67
CA VAL H 1830 83.74 -16.88 -59.90
C VAL H 1830 85.03 -17.01 -60.71
N GLU H 1831 85.97 -16.12 -60.38
CA GLU H 1831 87.27 -16.09 -61.02
C GLU H 1831 88.07 -17.29 -60.52
N ARG H 1832 87.56 -17.96 -59.49
CA ARG H 1832 88.24 -19.11 -58.91
C ARG H 1832 87.37 -20.32 -58.54
N VAL H 1833 86.06 -20.21 -58.72
CA VAL H 1833 85.19 -21.33 -58.38
C VAL H 1833 83.89 -21.45 -59.21
N GLY H 1834 82.90 -20.58 -58.98
CA GLY H 1834 81.66 -20.64 -59.75
C GLY H 1834 80.34 -20.21 -59.09
N LYS H 1835 79.77 -19.10 -59.56
CA LYS H 1835 78.49 -18.57 -59.05
C LYS H 1835 78.12 -17.16 -59.56
N ARG H 1836 76.83 -16.91 -59.72
CA ARG H 1836 76.31 -15.61 -60.19
C ARG H 1836 75.27 -15.03 -59.21
N THR H 1837 74.82 -13.79 -59.45
CA THR H 1837 73.81 -13.18 -58.58
C THR H 1837 72.43 -13.58 -59.08
N GLY H 1838 71.66 -14.23 -58.21
CA GLY H 1838 70.32 -14.68 -58.58
C GLY H 1838 69.45 -13.53 -59.03
N TRP H 1839 68.45 -13.20 -58.23
CA TRP H 1839 67.58 -12.09 -58.52
C TRP H 1839 68.13 -11.02 -57.59
N LEU H 1840 67.88 -9.75 -57.87
CA LEU H 1840 68.37 -8.68 -57.00
C LEU H 1840 67.20 -7.75 -56.62
N VAL H 1841 66.29 -8.25 -55.79
CA VAL H 1841 65.13 -7.46 -55.38
C VAL H 1841 65.40 -6.07 -54.82
N GLU H 1842 66.39 -5.91 -53.93
CA GLU H 1842 66.70 -4.58 -53.39
C GLU H 1842 68.02 -4.42 -52.63
N ILE H 1843 68.55 -3.19 -52.64
CA ILE H 1843 69.82 -2.83 -51.99
C ILE H 1843 70.13 -3.49 -50.64
N VAL H 1844 69.10 -3.68 -49.83
CA VAL H 1844 69.24 -4.32 -48.51
C VAL H 1844 68.61 -5.72 -48.57
N ASN H 1845 68.79 -6.41 -49.70
CA ASN H 1845 68.19 -7.74 -49.90
C ASN H 1845 68.49 -8.29 -51.30
N TYR H 1846 69.36 -9.28 -51.40
CA TYR H 1846 69.69 -9.85 -52.70
C TYR H 1846 69.66 -11.37 -52.81
N ASN H 1847 69.08 -11.86 -53.90
CA ASN H 1847 68.96 -13.28 -54.17
C ASN H 1847 70.28 -13.83 -54.70
N VAL H 1848 70.87 -14.72 -53.93
CA VAL H 1848 72.15 -15.32 -54.29
C VAL H 1848 72.02 -16.72 -54.90
N GLU H 1849 72.32 -16.87 -56.19
CA GLU H 1849 72.26 -18.19 -56.86
C GLU H 1849 73.23 -19.06 -56.05
N ASN H 1850 73.48 -20.30 -56.46
CA ASN H 1850 74.44 -21.07 -55.66
C ASN H 1850 75.15 -22.30 -56.20
N GLN H 1851 76.36 -22.48 -55.67
CA GLN H 1851 77.28 -23.58 -55.98
C GLN H 1851 77.95 -24.00 -54.66
N GLN H 1852 77.21 -24.78 -53.87
CA GLN H 1852 77.66 -25.29 -52.57
C GLN H 1852 78.82 -24.57 -51.88
N TYR H 1853 80.05 -24.96 -52.18
CA TYR H 1853 81.21 -24.35 -51.55
C TYR H 1853 81.26 -22.85 -51.79
N VAL H 1854 80.25 -22.35 -52.47
CA VAL H 1854 80.11 -20.94 -52.76
C VAL H 1854 79.54 -20.28 -51.51
N ALA H 1855 78.68 -21.00 -50.81
CA ALA H 1855 78.07 -20.48 -49.60
C ALA H 1855 79.07 -20.54 -48.45
N ALA H 1856 79.21 -21.72 -47.85
CA ALA H 1856 80.13 -21.92 -46.73
C ALA H 1856 81.50 -21.44 -47.14
N GLY H 1857 81.69 -21.26 -48.44
CA GLY H 1857 82.95 -20.79 -48.96
C GLY H 1857 82.99 -19.26 -49.03
N ASP H 1858 81.89 -18.65 -49.47
CA ASP H 1858 81.86 -17.21 -49.56
C ASP H 1858 81.52 -16.57 -48.23
N LEU H 1859 80.41 -17.00 -47.66
CA LEU H 1859 79.94 -16.48 -46.40
C LEU H 1859 80.97 -15.79 -45.53
N ARG H 1860 82.03 -16.50 -45.19
CA ARG H 1860 83.08 -15.93 -44.34
C ARG H 1860 83.55 -14.60 -44.90
N ALA H 1861 83.75 -14.55 -46.21
CA ALA H 1861 84.21 -13.33 -46.89
C ALA H 1861 83.44 -12.11 -46.39
N LEU H 1862 82.16 -12.05 -46.74
CA LEU H 1862 81.30 -10.97 -46.33
C LEU H 1862 81.30 -10.91 -44.80
N ASP H 1863 81.37 -12.10 -44.20
CA ASP H 1863 81.36 -12.24 -42.75
C ASP H 1863 82.55 -11.63 -42.04
N THR H 1864 83.65 -11.40 -42.77
CA THR H 1864 84.84 -10.82 -42.16
C THR H 1864 84.84 -9.31 -42.40
N VAL H 1865 84.47 -8.91 -43.62
CA VAL H 1865 84.43 -7.51 -43.98
C VAL H 1865 83.67 -6.78 -42.88
N THR H 1866 82.64 -7.44 -42.37
CA THR H 1866 81.79 -6.89 -41.32
C THR H 1866 82.54 -6.64 -40.02
N ASN H 1867 83.81 -7.02 -39.97
CA ASN H 1867 84.58 -6.79 -38.76
C ASN H 1867 84.99 -5.32 -38.75
N VAL H 1868 84.03 -4.49 -39.12
CA VAL H 1868 84.11 -3.03 -39.20
C VAL H 1868 85.22 -2.41 -40.09
N LEU H 1869 85.08 -2.58 -41.41
CA LEU H 1869 86.06 -2.04 -42.36
C LEU H 1869 85.37 -1.51 -43.63
N ASN H 1870 85.15 -0.19 -43.67
CA ASN H 1870 84.48 0.54 -44.76
C ASN H 1870 85.06 0.41 -46.18
N PHE H 1871 85.11 1.54 -46.89
CA PHE H 1871 85.64 1.60 -48.27
C PHE H 1871 86.45 2.88 -48.49
N ILE H 1872 87.78 2.72 -48.68
CA ILE H 1872 88.72 3.83 -48.91
C ILE H 1872 89.94 3.35 -49.74
N LYS H 1873 91.13 3.81 -49.33
CA LYS H 1873 92.47 3.52 -49.90
C LYS H 1873 92.79 3.22 -51.39
N LEU H 1874 93.89 2.47 -51.57
CA LEU H 1874 94.47 2.04 -52.88
C LEU H 1874 93.86 0.76 -53.46
N GLN H 1875 93.20 0.89 -54.61
CA GLN H 1875 92.52 -0.22 -55.28
C GLN H 1875 93.41 -1.09 -56.17
N LYS H 1876 92.79 -2.10 -56.81
CA LYS H 1876 93.48 -3.05 -57.70
C LYS H 1876 94.05 -4.23 -56.94
N ILE H 1877 95.19 -3.99 -56.29
CA ILE H 1877 95.92 -4.99 -55.51
C ILE H 1877 95.21 -5.33 -54.21
N ASP H 1878 94.04 -5.94 -54.34
CA ASP H 1878 93.25 -6.31 -53.19
C ASP H 1878 92.43 -7.54 -53.55
N ILE H 1879 91.37 -7.74 -52.78
CA ILE H 1879 90.45 -8.86 -52.95
C ILE H 1879 91.23 -10.17 -53.16
N ILE H 1880 90.50 -11.26 -53.44
CA ILE H 1880 91.09 -12.58 -53.67
C ILE H 1880 91.96 -12.92 -52.46
N GLU H 1881 91.87 -12.06 -51.44
CA GLU H 1881 92.62 -12.21 -50.20
C GLU H 1881 91.95 -13.28 -49.33
N LEU H 1882 91.04 -12.86 -48.46
CA LEU H 1882 90.34 -13.82 -47.60
C LEU H 1882 89.46 -14.71 -48.44
N GLN H 1883 89.32 -14.35 -49.71
CA GLN H 1883 88.53 -15.13 -50.64
C GLN H 1883 89.19 -16.50 -50.63
N LYS H 1884 90.26 -16.62 -51.40
CA LYS H 1884 91.02 -17.86 -51.53
C LYS H 1884 91.55 -18.32 -50.16
N SER H 1885 91.28 -17.54 -49.12
CA SER H 1885 91.72 -17.86 -47.76
C SER H 1885 90.86 -18.93 -47.11
N LEU H 1886 89.61 -18.58 -46.85
CA LEU H 1886 88.68 -19.50 -46.22
C LEU H 1886 87.82 -20.22 -47.26
N SER H 1887 87.97 -19.82 -48.53
CA SER H 1887 87.20 -20.42 -49.61
C SER H 1887 87.72 -21.80 -49.93
N LEU H 1888 89.01 -21.88 -50.21
CA LEU H 1888 89.65 -23.16 -50.51
C LEU H 1888 89.92 -23.83 -49.16
N GLU H 1889 89.24 -23.34 -48.13
CA GLU H 1889 89.36 -23.84 -46.77
C GLU H 1889 88.15 -24.70 -46.38
N GLU H 1890 86.97 -24.25 -46.81
CA GLU H 1890 85.73 -24.95 -46.51
C GLU H 1890 85.28 -25.87 -47.65
N VAL H 1891 85.62 -25.50 -48.88
CA VAL H 1891 85.26 -26.31 -50.05
C VAL H 1891 85.80 -27.73 -49.84
N GLU H 1892 86.69 -27.86 -48.87
CA GLU H 1892 87.30 -29.14 -48.53
C GLU H 1892 87.01 -29.44 -47.05
N GLY H 1893 86.19 -28.58 -46.44
CA GLY H 1893 85.83 -28.78 -45.05
C GLY H 1893 84.82 -29.91 -44.93
N HIS H 1894 84.54 -30.57 -46.05
CA HIS H 1894 83.59 -31.70 -46.10
C HIS H 1894 83.38 -32.12 -47.56
N LEU H 1895 82.21 -32.71 -47.83
CA LEU H 1895 81.85 -33.17 -49.16
C LEU H 1895 80.57 -32.46 -49.66
N PHE H 1896 79.46 -32.65 -48.96
CA PHE H 1896 78.18 -32.02 -49.32
C PHE H 1896 77.64 -31.26 -48.10
N UNK H 1897 78.38 -30.25 -47.66
CA UNK H 1897 78.06 -29.42 -46.49
C UNK H 1897 76.67 -28.79 -46.52
N UNK H 1898 76.49 -27.79 -45.66
CA UNK H 1898 75.21 -27.09 -45.55
C UNK H 1898 75.35 -25.57 -45.74
N UNK H 1899 74.93 -24.83 -44.72
CA UNK H 1899 74.99 -23.37 -44.73
C UNK H 1899 75.07 -22.84 -43.30
N UNK H 1900 75.16 -21.52 -43.14
CA UNK H 1900 75.24 -20.92 -41.82
C UNK H 1900 74.39 -19.64 -41.71
N UNK H 1901 74.75 -18.75 -40.78
CA UNK H 1901 74.00 -17.51 -40.58
C UNK H 1901 74.87 -16.23 -40.55
N UNK H 1902 74.54 -15.31 -39.65
CA UNK H 1902 75.26 -14.05 -39.48
C UNK H 1902 75.35 -13.23 -40.78
N UNK H 1903 74.27 -12.55 -41.13
CA UNK H 1903 74.21 -11.74 -42.35
C UNK H 1903 74.27 -12.63 -43.59
N UNK H 1904 73.11 -12.86 -44.20
CA UNK H 1904 72.95 -13.70 -45.39
C UNK H 1904 72.43 -15.08 -45.00
N UNK H 1905 71.11 -15.29 -45.08
CA UNK H 1905 70.52 -16.59 -44.73
C UNK H 1905 70.27 -17.46 -45.97
N UNK H 1906 70.45 -18.76 -45.81
CA UNK H 1906 70.28 -19.71 -46.91
C UNK H 1906 68.81 -19.98 -47.20
N UNK H 1907 68.52 -20.41 -48.43
CA UNK H 1907 67.15 -20.70 -48.86
C UNK H 1907 66.70 -22.12 -48.49
N UNK H 1908 66.41 -22.93 -49.50
CA UNK H 1908 65.96 -24.33 -49.29
C UNK H 1908 65.49 -25.01 -50.59
N UNK H 1909 66.39 -25.15 -51.57
CA UNK H 1909 66.07 -25.79 -52.86
C UNK H 1909 67.24 -26.57 -53.46
N UNK H 1910 67.24 -26.72 -54.79
CA UNK H 1910 68.31 -27.44 -55.48
C UNK H 1910 68.41 -27.06 -56.96
N UNK H 1911 68.84 -25.82 -57.24
CA UNK H 1911 69.01 -25.31 -58.61
C UNK H 1911 69.50 -23.84 -58.67
N UNK H 1912 68.96 -23.07 -59.62
CA UNK H 1912 69.33 -21.66 -59.78
C UNK H 1912 68.62 -20.94 -60.94
N UNK H 1913 69.32 -19.99 -61.57
CA UNK H 1913 68.80 -19.20 -62.70
C UNK H 1913 69.91 -18.32 -63.31
N UNK H 1914 70.89 -18.98 -63.93
CA UNK H 1914 72.04 -18.35 -64.58
C UNK H 1914 73.02 -19.45 -64.98
N UNK H 1915 73.01 -20.52 -64.18
CA UNK H 1915 73.88 -21.68 -64.41
C UNK H 1915 73.27 -22.60 -65.47
N UNK H 1916 71.95 -22.77 -65.41
CA UNK H 1916 71.27 -23.61 -66.38
C UNK H 1916 71.81 -23.30 -67.75
N UNK H 1917 71.60 -22.05 -68.18
CA UNK H 1917 72.05 -21.54 -69.49
C UNK H 1917 72.01 -22.57 -70.63
N UNK H 1918 72.99 -23.47 -70.63
CA UNK H 1918 73.11 -24.53 -71.64
C UNK H 1918 72.10 -25.63 -71.32
N UNK H 1919 70.87 -25.18 -71.10
CA UNK H 1919 69.76 -26.07 -70.77
C UNK H 1919 68.52 -25.43 -71.41
N UNK H 1920 68.64 -24.15 -71.70
CA UNK H 1920 67.55 -23.40 -72.30
C UNK H 1920 67.15 -24.03 -73.62
N UNK H 1921 66.38 -23.27 -74.40
CA UNK H 1921 65.91 -23.70 -75.72
C UNK H 1921 65.26 -25.07 -75.79
N UNK H 1922 66.08 -26.11 -75.67
CA UNK H 1922 65.62 -27.49 -75.73
C UNK H 1922 64.36 -27.82 -74.94
N UNK H 1923 64.16 -27.15 -73.81
CA UNK H 1923 62.99 -27.42 -72.98
C UNK H 1923 61.96 -26.28 -72.92
N UNK H 1924 62.08 -25.42 -71.91
CA UNK H 1924 61.15 -24.30 -71.71
C UNK H 1924 60.97 -23.42 -72.96
N UNK H 1925 61.73 -23.72 -74.03
CA UNK H 1925 61.67 -22.95 -75.28
C UNK H 1925 61.10 -23.79 -76.42
N UNK H 1926 61.55 -25.03 -76.54
CA UNK H 1926 61.04 -25.91 -77.58
C UNK H 1926 59.64 -26.32 -77.10
N UNK H 1927 59.41 -26.09 -75.82
CA UNK H 1927 58.13 -26.38 -75.18
C UNK H 1927 57.33 -25.08 -75.23
N UNK H 1928 57.96 -23.99 -74.81
CA UNK H 1928 57.29 -22.70 -74.85
C UNK H 1928 56.64 -22.59 -76.21
N UNK H 1929 57.30 -23.18 -77.21
CA UNK H 1929 56.81 -23.18 -78.58
C UNK H 1929 55.36 -23.63 -78.60
N UNK H 1930 55.13 -24.94 -78.51
CA UNK H 1930 53.76 -25.45 -78.49
C UNK H 1930 53.18 -24.87 -77.22
N UNK H 1931 51.93 -24.44 -77.28
CA UNK H 1931 51.22 -23.83 -76.15
C UNK H 1931 51.18 -22.29 -76.23
N UNK H 1932 52.36 -21.65 -76.25
CA UNK H 1932 52.40 -20.20 -76.32
C UNK H 1932 52.15 -19.64 -77.74
N UNK H 1933 53.22 -19.41 -78.51
CA UNK H 1933 53.19 -18.85 -79.88
C UNK H 1933 51.95 -18.99 -80.79
N UNK H 1934 51.76 -17.99 -81.66
CA UNK H 1934 50.65 -17.91 -82.62
C UNK H 1934 49.31 -17.50 -82.00
N UNK H 1935 48.75 -16.39 -82.49
CA UNK H 1935 47.49 -15.87 -81.95
C UNK H 1935 47.80 -15.40 -80.53
N UNK H 1936 48.86 -14.61 -80.44
CA UNK H 1936 49.34 -14.08 -79.18
C UNK H 1936 48.81 -12.72 -78.77
N UNK H 1937 48.36 -11.91 -79.73
CA UNK H 1937 47.81 -10.57 -79.49
C UNK H 1937 48.82 -9.42 -79.56
N UNK H 1938 48.37 -8.30 -80.12
CA UNK H 1938 49.19 -7.10 -80.30
C UNK H 1938 49.69 -6.45 -79.01
N UNK H 1939 49.56 -5.12 -78.95
CA UNK H 1939 49.96 -4.35 -77.78
C UNK H 1939 49.14 -4.77 -76.59
N UNK H 1940 48.41 -5.88 -76.76
CA UNK H 1940 47.60 -6.41 -75.67
C UNK H 1940 48.67 -6.69 -74.64
N UNK H 1941 49.93 -6.65 -75.11
CA UNK H 1941 51.13 -6.87 -74.28
C UNK H 1941 52.07 -5.67 -74.41
N UNK H 1942 51.49 -4.48 -74.53
CA UNK H 1942 52.26 -3.24 -74.66
C UNK H 1942 53.02 -2.89 -73.39
N UNK H 1943 53.00 -3.76 -72.39
CA UNK H 1943 53.69 -3.49 -71.13
C UNK H 1943 54.04 -4.73 -70.26
N UNK H 1944 54.53 -5.80 -70.90
CA UNK H 1944 54.91 -7.02 -70.18
C UNK H 1944 56.33 -6.91 -69.66
N UNK H 1945 56.53 -6.06 -68.65
CA UNK H 1945 57.84 -5.83 -68.02
C UNK H 1945 58.53 -7.10 -67.55
N UNK H 1946 58.36 -8.18 -68.32
CA UNK H 1946 58.93 -9.50 -68.01
C UNK H 1946 60.40 -9.33 -67.63
N UNK H 1947 60.79 -9.95 -66.51
CA UNK H 1947 62.17 -9.88 -66.01
C UNK H 1947 63.23 -9.98 -67.14
N UNK H 1948 64.47 -9.59 -66.83
CA UNK H 1948 65.55 -9.59 -67.82
C UNK H 1948 65.13 -8.62 -68.94
N UNK H 1949 64.91 -7.36 -68.56
CA UNK H 1949 64.48 -6.28 -69.48
C UNK H 1949 63.86 -5.08 -68.73
N UNK H 1950 62.81 -4.55 -69.34
CA UNK H 1950 62.04 -3.42 -68.83
C UNK H 1950 61.26 -2.95 -70.05
N UNK H 1951 59.96 -2.70 -69.89
CA UNK H 1951 59.10 -2.30 -71.01
C UNK H 1951 59.18 -3.43 -72.04
N UNK H 1952 58.19 -3.54 -72.93
CA UNK H 1952 58.27 -4.62 -73.90
C UNK H 1952 57.78 -4.30 -75.30
N UNK H 1953 58.14 -3.13 -75.83
CA UNK H 1953 57.74 -2.68 -77.18
C UNK H 1953 58.46 -3.46 -78.31
N UNK H 1954 57.78 -3.63 -79.45
CA UNK H 1954 58.31 -4.39 -80.59
C UNK H 1954 58.82 -3.54 -81.75
N UNK H 1955 60.15 -3.49 -81.87
CA UNK H 1955 60.83 -2.73 -82.91
C UNK H 1955 62.33 -2.87 -82.64
N UNK H 1956 62.94 -1.82 -82.10
CA UNK H 1956 64.36 -1.84 -81.76
C UNK H 1956 64.55 -2.79 -80.59
N UNK H 1957 64.38 -4.09 -80.85
CA UNK H 1957 64.53 -5.15 -79.85
C UNK H 1957 65.95 -5.04 -79.33
N UNK H 1958 66.28 -3.84 -78.88
CA UNK H 1958 67.59 -3.49 -78.34
C UNK H 1958 68.31 -4.65 -77.64
N UNK H 1959 68.01 -4.85 -76.36
CA UNK H 1959 68.65 -5.91 -75.60
C UNK H 1959 68.32 -7.34 -76.07
N UNK H 1960 67.74 -7.46 -77.27
CA UNK H 1960 67.38 -8.77 -77.82
C UNK H 1960 68.50 -9.76 -77.53
N UNK H 1961 69.67 -9.46 -78.08
CA UNK H 1961 70.81 -10.32 -77.90
C UNK H 1961 71.62 -9.88 -76.69
N UNK H 1962 71.06 -8.96 -75.91
CA UNK H 1962 71.74 -8.49 -74.71
C UNK H 1962 71.59 -9.55 -73.62
N UNK H 1963 71.78 -10.80 -74.02
CA UNK H 1963 71.69 -11.95 -73.12
C UNK H 1963 71.91 -13.22 -73.92
N UNK H 1964 70.86 -13.70 -74.58
CA UNK H 1964 70.95 -14.90 -75.39
C UNK H 1964 70.73 -14.51 -76.85
N UNK H 1965 70.80 -15.49 -77.73
CA UNK H 1965 70.59 -15.26 -79.16
C UNK H 1965 70.49 -16.59 -79.89
N UNK H 1966 69.37 -16.77 -80.57
CA UNK H 1966 69.10 -17.97 -81.37
C UNK H 1966 68.42 -17.44 -82.62
N UNK H 1967 67.13 -17.69 -82.77
CA UNK H 1967 66.42 -17.14 -83.90
C UNK H 1967 66.41 -15.64 -83.58
N UNK H 1968 66.97 -15.31 -82.43
CA UNK H 1968 67.07 -13.93 -81.94
C UNK H 1968 68.24 -13.29 -82.66
N UNK H 1969 68.14 -13.27 -84.00
CA UNK H 1969 69.15 -12.70 -84.86
C UNK H 1969 68.79 -12.90 -86.34
N UNK H 1970 67.94 -13.89 -86.62
CA UNK H 1970 67.50 -14.19 -87.99
C UNK H 1970 66.28 -13.34 -88.31
N UNK H 1971 66.09 -12.31 -87.49
CA UNK H 1971 65.01 -11.37 -87.64
C UNK H 1971 65.58 -10.01 -87.28
N UNK H 1972 66.60 -10.01 -86.43
CA UNK H 1972 67.27 -8.78 -85.98
C UNK H 1972 67.75 -7.95 -87.16
N UNK H 1973 68.69 -8.50 -87.91
CA UNK H 1973 69.23 -7.82 -89.06
C UNK H 1973 68.31 -8.06 -90.27
N UNK H 1974 68.19 -9.34 -90.65
CA UNK H 1974 67.38 -9.80 -91.78
C UNK H 1974 66.20 -8.91 -92.19
N UNK H 1975 65.00 -9.34 -91.85
CA UNK H 1975 63.78 -8.61 -92.19
C UNK H 1975 63.99 -7.09 -92.05
N UNK H 1976 64.63 -6.68 -90.95
CA UNK H 1976 64.86 -5.26 -90.70
C UNK H 1976 63.59 -4.54 -91.12
N UNK H 1977 62.47 -5.25 -90.93
CA UNK H 1977 61.13 -4.81 -91.28
C UNK H 1977 60.78 -5.44 -92.63
N UNK H 1978 60.43 -6.72 -92.62
CA UNK H 1978 60.05 -7.46 -93.82
C UNK H 1978 58.78 -6.83 -94.38
N UNK H 1979 58.50 -5.63 -93.88
CA UNK H 1979 57.36 -4.80 -94.25
C UNK H 1979 57.67 -3.45 -93.61
N UNK H 1980 56.67 -2.59 -93.44
CA UNK H 1980 56.90 -1.26 -92.86
C UNK H 1980 55.97 -0.87 -91.68
N UNK H 1981 56.00 -1.68 -90.62
CA UNK H 1981 55.20 -1.46 -89.41
C UNK H 1981 53.73 -1.84 -89.54
N UNK H 1982 53.38 -2.51 -90.64
CA UNK H 1982 52.01 -2.93 -90.90
C UNK H 1982 51.45 -3.80 -89.78
N UNK H 1983 50.13 -3.93 -89.75
CA UNK H 1983 49.47 -4.75 -88.75
C UNK H 1983 49.76 -6.21 -89.07
N UNK H 1984 48.74 -6.93 -89.58
CA UNK H 1984 48.86 -8.34 -89.95
C UNK H 1984 49.85 -9.11 -89.06
N UNK H 1985 50.41 -10.20 -89.57
CA UNK H 1985 51.36 -10.97 -88.79
C UNK H 1985 52.66 -10.18 -88.68
N UNK H 1986 52.62 -8.90 -89.03
CA UNK H 1986 53.80 -8.06 -88.95
C UNK H 1986 54.31 -7.95 -87.52
N UNK H 1987 53.66 -7.12 -86.72
CA UNK H 1987 54.07 -6.97 -85.32
C UNK H 1987 53.73 -8.25 -84.57
N UNK H 1988 52.86 -9.07 -85.18
CA UNK H 1988 52.40 -10.34 -84.60
C UNK H 1988 53.47 -11.43 -84.59
N UNK H 1989 53.69 -12.06 -85.73
CA UNK H 1989 54.70 -13.12 -85.82
C UNK H 1989 55.99 -12.60 -85.18
N UNK H 1990 56.11 -11.28 -85.19
CA UNK H 1990 57.27 -10.62 -84.61
C UNK H 1990 57.26 -10.79 -83.09
N UNK H 1991 56.07 -10.86 -82.52
CA UNK H 1991 55.92 -11.02 -81.08
C UNK H 1991 55.88 -12.47 -80.65
N UNK H 1992 55.17 -13.29 -81.42
CA UNK H 1992 55.03 -14.72 -81.11
C UNK H 1992 56.40 -15.34 -80.96
N UNK H 1993 57.42 -14.55 -81.31
CA UNK H 1993 58.81 -14.96 -81.21
C UNK H 1993 59.52 -13.94 -80.31
N UNK H 1994 58.93 -12.75 -80.23
CA UNK H 1994 59.46 -11.67 -79.40
C UNK H 1994 59.44 -12.07 -77.95
N UNK H 1995 58.43 -12.84 -77.60
CA UNK H 1995 58.28 -13.33 -76.24
C UNK H 1995 58.71 -14.78 -76.27
N UNK H 1996 58.36 -15.45 -77.36
CA UNK H 1996 58.69 -16.86 -77.54
C UNK H 1996 60.13 -17.10 -77.13
N UNK H 1997 60.87 -16.01 -77.02
CA UNK H 1997 62.26 -16.11 -76.61
C UNK H 1997 62.45 -15.17 -75.44
N UNK H 1998 61.66 -14.09 -75.41
CA UNK H 1998 61.76 -13.13 -74.32
C UNK H 1998 61.65 -13.92 -73.03
N UNK H 1999 60.70 -14.85 -73.01
CA UNK H 1999 60.41 -15.71 -71.86
C UNK H 1999 61.29 -16.94 -71.81
N UNK H 2000 61.55 -17.52 -72.96
CA UNK H 2000 62.39 -18.71 -73.04
C UNK H 2000 63.71 -18.53 -72.29
N UNK H 2001 64.17 -17.29 -72.19
CA UNK H 2001 65.43 -16.99 -71.51
C UNK H 2001 65.25 -16.93 -69.99
N UNK H 2002 64.09 -16.43 -69.56
CA UNK H 2002 63.80 -16.32 -68.13
C UNK H 2002 64.07 -17.62 -67.38
N UNK H 2003 64.07 -18.74 -68.10
CA UNK H 2003 64.33 -20.07 -67.52
C UNK H 2003 65.73 -20.12 -66.91
N UNK H 2004 66.26 -18.92 -66.64
CA UNK H 2004 67.60 -18.69 -66.07
C UNK H 2004 67.91 -17.19 -65.94
N UNK H 2005 67.98 -16.53 -67.09
CA UNK H 2005 68.24 -15.09 -67.14
C UNK H 2005 67.93 -14.41 -65.81
N UNK H 2006 68.95 -14.31 -64.96
CA UNK H 2006 68.84 -13.70 -63.62
C UNK H 2006 68.03 -12.40 -63.60
N UNK I 1 65.54 -10.54 -64.09
CA UNK I 1 66.35 -9.40 -63.58
C UNK I 1 66.01 -9.36 -62.11
N UNK I 2 65.36 -8.26 -61.72
CA UNK I 2 64.88 -8.06 -60.36
C UNK I 2 64.35 -6.64 -60.09
N UNK I 3 65.07 -5.90 -59.24
CA UNK I 3 64.71 -4.53 -58.87
C UNK I 3 64.86 -3.60 -60.06
N UNK I 4 65.26 -4.20 -61.16
CA UNK I 4 65.43 -3.51 -62.43
C UNK I 4 64.01 -3.41 -62.95
N UNK I 5 63.30 -4.54 -62.92
CA UNK I 5 61.92 -4.58 -63.37
C UNK I 5 61.09 -3.89 -62.29
N UNK I 6 61.51 -4.07 -61.03
CA UNK I 6 60.83 -3.47 -59.89
C UNK I 6 60.97 -1.95 -59.91
N UNK I 7 62.16 -1.46 -60.27
CA UNK I 7 62.38 -0.01 -60.31
C UNK I 7 61.56 0.64 -61.40
N UNK I 8 61.03 -0.19 -62.30
CA UNK I 8 60.21 0.29 -63.40
C UNK I 8 58.77 0.62 -63.00
N UNK I 9 58.43 0.30 -61.75
CA UNK I 9 57.09 0.58 -61.23
C UNK I 9 57.15 1.95 -60.57
N UNK I 10 58.29 2.59 -60.75
CA UNK I 10 58.53 3.93 -60.23
C UNK I 10 58.85 4.86 -61.43
N UNK I 11 59.33 4.26 -62.51
CA UNK I 11 59.66 4.99 -63.75
C UNK I 11 58.36 5.45 -64.41
N UNK I 12 57.54 4.48 -64.83
CA UNK I 12 56.24 4.76 -65.44
C UNK I 12 55.31 5.34 -64.36
N UNK I 13 55.93 5.87 -63.31
CA UNK I 13 55.25 6.48 -62.15
C UNK I 13 53.96 5.76 -61.77
N UNK I 14 54.09 4.52 -61.29
CA UNK I 14 52.93 3.72 -60.87
C UNK I 14 52.30 4.29 -59.60
N UNK I 15 50.98 4.18 -59.50
CA UNK I 15 50.26 4.69 -58.34
C UNK I 15 49.58 3.61 -57.51
N UNK I 16 49.41 2.41 -58.06
CA UNK I 16 48.75 1.32 -57.32
C UNK I 16 49.25 -0.09 -57.63
N UNK I 17 50.01 -0.67 -56.70
CA UNK I 17 50.57 -2.01 -56.83
C UNK I 17 49.61 -3.10 -56.31
N UNK I 18 49.20 -4.03 -57.16
CA UNK I 18 48.29 -5.12 -56.75
C UNK I 18 49.02 -6.25 -56.00
N UNK I 19 49.26 -7.37 -56.69
CA UNK I 19 49.97 -8.57 -56.16
C UNK I 19 49.17 -9.83 -56.51
N UNK I 20 49.56 -10.97 -55.96
CA UNK I 20 48.86 -12.24 -56.22
C UNK I 20 49.49 -13.53 -55.63
N UNK I 21 49.28 -13.79 -54.33
CA UNK I 21 49.82 -15.01 -53.69
C UNK I 21 49.67 -15.05 -52.16
N UNK I 22 50.52 -14.30 -51.48
CA UNK I 22 50.48 -14.22 -50.02
C UNK I 22 51.38 -13.09 -49.53
N UNK I 23 52.11 -13.34 -48.44
CA UNK I 23 52.99 -12.34 -47.85
C UNK I 23 53.76 -11.45 -48.84
N UNK I 24 54.95 -11.93 -49.24
CA UNK I 24 55.88 -11.25 -50.15
C UNK I 24 55.30 -10.63 -51.43
N UNK I 25 56.19 -10.38 -52.38
CA UNK I 25 55.83 -9.77 -53.65
C UNK I 25 55.63 -8.30 -53.31
N UNK I 26 54.92 -8.05 -52.21
CA UNK I 26 54.62 -6.71 -51.76
C UNK I 26 55.76 -6.08 -50.96
N UNK I 27 56.44 -6.90 -50.17
CA UNK I 27 57.58 -6.41 -49.38
C UNK I 27 58.61 -5.90 -50.37
N UNK I 28 58.86 -6.71 -51.39
CA UNK I 28 59.81 -6.39 -52.45
C UNK I 28 59.34 -5.14 -53.22
N UNK I 29 58.40 -4.44 -52.60
CA UNK I 29 57.84 -3.25 -53.18
C UNK I 29 57.76 -2.24 -52.06
N UNK I 30 56.85 -2.49 -51.12
CA UNK I 30 56.66 -1.60 -49.99
C UNK I 30 58.02 -1.12 -49.46
N UNK I 31 58.98 -2.03 -49.39
CA UNK I 31 60.32 -1.69 -48.90
C UNK I 31 61.14 -1.03 -50.01
N UNK I 32 60.88 -1.45 -51.25
CA UNK I 32 61.57 -0.88 -52.39
C UNK I 32 61.29 0.62 -52.38
N UNK I 33 60.01 0.97 -52.30
CA UNK I 33 59.54 2.36 -52.29
C UNK I 33 59.77 3.08 -50.97
N UNK I 34 60.66 2.54 -50.14
CA UNK I 34 60.99 3.16 -48.86
C UNK I 34 62.29 3.93 -49.09
N UNK I 35 62.94 3.61 -50.22
CA UNK I 35 64.19 4.24 -50.63
C UNK I 35 64.00 5.29 -51.75
N UNK I 36 62.90 5.20 -52.49
CA UNK I 36 62.58 6.20 -53.52
C UNK I 36 61.82 7.25 -52.72
N UNK I 37 62.42 7.57 -51.56
CA UNK I 37 61.87 8.50 -50.57
C UNK I 37 61.45 9.89 -51.08
N UNK I 38 62.42 10.79 -51.24
CA UNK I 38 62.17 12.17 -51.69
C UNK I 38 61.20 12.34 -52.86
N UNK I 39 60.67 11.25 -53.40
CA UNK I 39 59.72 11.33 -54.52
C UNK I 39 58.41 11.95 -54.06
N UNK I 40 58.42 12.54 -52.85
CA UNK I 40 57.25 13.19 -52.27
C UNK I 40 56.97 14.51 -53.01
N UNK I 41 56.32 14.42 -54.17
CA UNK I 41 56.00 15.59 -54.98
C UNK I 41 54.59 15.56 -55.55
N UNK I 42 53.59 15.48 -54.66
CA UNK I 42 52.17 15.46 -55.04
C UNK I 42 51.68 14.12 -55.59
N UNK I 43 52.30 13.03 -55.12
CA UNK I 43 51.96 11.67 -55.55
C UNK I 43 51.42 10.84 -54.37
N UNK I 44 50.45 9.96 -54.63
CA UNK I 44 49.84 9.14 -53.57
C UNK I 44 50.21 7.66 -53.65
N UNK I 45 50.40 7.06 -52.48
CA UNK I 45 50.79 5.65 -52.36
C UNK I 45 49.77 4.66 -52.93
N UNK I 46 49.60 3.53 -52.23
CA UNK I 46 48.67 2.43 -52.57
C UNK I 46 49.34 1.14 -53.05
N UNK I 47 49.93 0.39 -52.11
CA UNK I 47 50.56 -0.88 -52.41
C UNK I 47 49.67 -1.89 -51.69
N UNK I 48 48.67 -2.41 -52.40
CA UNK I 48 47.68 -3.38 -51.88
C UNK I 48 48.20 -4.61 -51.10
N UNK I 49 48.02 -5.80 -51.69
CA UNK I 49 48.46 -7.04 -51.06
C UNK I 49 48.05 -8.31 -51.81
N UNK I 50 46.74 -8.45 -52.03
CA UNK I 50 46.10 -9.59 -52.71
C UNK I 50 45.49 -10.49 -51.63
N UNK I 51 46.03 -10.32 -50.43
CA UNK I 51 45.60 -11.03 -49.23
C UNK I 51 45.16 -9.95 -48.26
N UNK I 52 44.96 -8.75 -48.80
CA UNK I 52 44.47 -7.56 -48.06
C UNK I 52 43.42 -6.90 -48.98
N UNK I 53 42.53 -7.76 -49.50
CA UNK I 53 41.43 -7.46 -50.44
C UNK I 53 40.49 -6.28 -50.24
N UNK I 54 39.97 -6.09 -49.03
CA UNK I 54 39.09 -4.95 -48.80
C UNK I 54 39.88 -3.75 -49.33
N UNK I 55 39.46 -3.30 -50.52
CA UNK I 55 40.06 -2.19 -51.25
C UNK I 55 40.37 -2.73 -52.64
N UNK I 56 41.10 -3.84 -52.70
CA UNK I 56 41.46 -4.47 -53.96
C UNK I 56 40.21 -4.89 -54.71
N UNK I 57 39.50 -5.88 -54.19
CA UNK I 57 38.25 -6.31 -54.84
C UNK I 57 37.18 -5.23 -54.60
N UNK I 58 37.61 -4.12 -53.99
CA UNK I 58 36.79 -2.94 -53.67
C UNK I 58 35.41 -3.19 -53.05
N UNK I 59 35.40 -3.41 -51.74
CA UNK I 59 34.16 -3.66 -51.00
C UNK I 59 34.19 -2.91 -49.69
N UNK I 60 34.81 -1.73 -49.73
CA UNK I 60 34.96 -0.85 -48.58
C UNK I 60 34.19 -1.21 -47.32
N UNK I 61 34.92 -1.29 -46.21
CA UNK I 61 34.39 -1.64 -44.90
C UNK I 61 33.06 -2.37 -44.95
N UNK I 62 32.03 -1.68 -44.50
CA UNK I 62 30.66 -2.19 -44.43
C UNK I 62 30.18 -1.68 -43.09
N UNK I 63 31.13 -1.33 -42.24
CA UNK I 63 30.85 -0.80 -40.91
C UNK I 63 31.64 0.49 -40.79
N UNK I 64 31.48 1.34 -41.81
CA UNK I 64 32.18 2.62 -41.84
C UNK I 64 31.41 3.66 -42.65
N UNK I 65 31.23 4.84 -42.06
CA UNK I 65 30.53 5.96 -42.67
C UNK I 65 29.29 5.58 -43.49
#